data_9D9W
#
_entry.id   9D9W
#
_symmetry.space_group_name_H-M   'P 1'
#
loop_
_entity.id
_entity.type
_entity.pdbx_description
1 polymer 'Major capsid protein'
2 polymer 'Portal protein'
#
loop_
_entity_poly.entity_id
_entity_poly.type
_entity_poly.pdbx_seq_one_letter_code
_entity_poly.pdbx_strand_id
1 'polypeptide(L)'
;MGFSADHSQIAQTKDTMFTGYLDPVQAKDYFAEAEKTSIVQRVAQKIPMGATGIVIPHWTGDVSAQWIGEGDMKPITKGN
MTKRDVHPAKIATIFVASAETVRANPANYLGTMRTKVATAIAMAFDNAALHGTNAPSAFQGYLDQSNKTQSISPNAYQGL
GVSGLTKLVTDGKKWTHTLLDDTVEPVLNGSVDANGRPLFVESTYESLTTPFREGRILGRPTILSDHVAEGDVVGYAGDF
SQIIWGQVGGLSFDVTDQATLNLGSQESPNFVSLWQHNLVAVRVEAEYGLLINDVNAFVKLTFDPVLTTYALDLDGASAG
NFTLSLDGKTSANIAYNASTATVKSAIVAIDDGVSADDVTVTGSAGDYTITVPGTLTADFSGLTDGEGASISVVSVG
;
Aa,Ab,Ac,Ad,Ae,Af,Ba,Bb,Bc,Bd,Be,Bf,Ca,Cb,Cc,Cd,Ce,Cf,Da,Db,Dc,Dd,De,Df,Ea,Eb,Ec,Ed,Ee,Ef
2 'polypeptide(L)'
;MAETESIDPEKLRDQLLDAFENKQNELKSSKAYYDAERRPDAIGLAVPLDMRKYLAHVGYPRTYVDAIAERQELEGFRIP
SANGEEPESGGENDPASELWDWWQANNLDIEATLGHTDALIYGTAYITISMPDPEVDFDVDPEVPLIRVEPPTALYAEVD
PRTRKVLYAIRAIYGADGNEIVSATLYLPDTTMTWLRAEGEWEAPTSTPHGLEMVPVIPISNRTRLSDLYGTSEISPELR
SVTDAAAQILMNMQGTANLMAIPQRLIFGAKPEELGINAETGQRMFDAYMARILAFEGGEGAHAEQFSAAELRNFVDALD
ALDRKAASYSGLPPQYLSSSSDNPASAEAIKAAESRLVKKVERKNKIFGGAWEQAMRLAYKMVKGGDIPTEYYRMETVWR
DPSTPTYAAKADAAAKLFANGAGLIPRERGWVDMGYTIVEREQMRQWLEQDQKQGLGLIGSLYGASTPEGKPGEAPVGEP
PAPEPDAA
;
Fa,Fb,Fc,Fd,Fe,Ff,Fg,Fh,Fi,Fj,Fk,Fl
#
# COMPACT_ATOMS: atom_id res chain seq x y z
N SER A 4 10.13 -50.71 -36.65
CA SER A 4 10.75 -51.58 -37.67
C SER A 4 11.08 -50.77 -38.92
N ALA A 5 10.15 -50.60 -39.85
CA ALA A 5 10.40 -49.93 -41.13
C ALA A 5 9.12 -49.29 -41.71
N ASP A 6 9.30 -48.37 -42.66
CA ASP A 6 8.24 -48.04 -43.61
C ASP A 6 7.98 -49.22 -44.58
N HIS A 7 6.89 -49.18 -45.33
CA HIS A 7 6.50 -50.09 -46.42
C HIS A 7 6.31 -51.60 -46.12
N SER A 8 6.51 -52.06 -44.88
CA SER A 8 6.55 -53.49 -44.55
C SER A 8 5.35 -54.27 -45.11
N GLN A 9 5.62 -55.35 -45.82
CA GLN A 9 4.59 -56.14 -46.51
C GLN A 9 3.72 -56.97 -45.57
N ILE A 10 4.05 -57.06 -44.28
CA ILE A 10 3.30 -57.82 -43.27
C ILE A 10 2.62 -56.94 -42.20
N ALA A 11 3.18 -55.77 -41.87
CA ALA A 11 2.67 -54.92 -40.77
C ALA A 11 2.42 -53.46 -41.20
N GLN A 12 1.41 -52.80 -40.63
CA GLN A 12 1.07 -51.41 -40.94
C GLN A 12 1.84 -50.40 -40.07
N THR A 13 2.90 -49.84 -40.64
CA THR A 13 3.41 -48.50 -40.26
C THR A 13 2.50 -47.44 -40.92
N LYS A 14 2.80 -46.14 -40.80
CA LYS A 14 2.20 -45.05 -41.61
C LYS A 14 2.65 -45.07 -43.07
N ASP A 15 2.39 -46.20 -43.70
CA ASP A 15 2.82 -46.58 -45.05
C ASP A 15 2.19 -45.70 -46.14
N THR A 16 2.81 -45.70 -47.32
CA THR A 16 2.41 -45.08 -48.59
C THR A 16 0.90 -44.98 -48.78
N MET A 17 0.18 -46.09 -48.64
CA MET A 17 -1.25 -46.16 -48.91
C MET A 17 -2.08 -45.20 -48.05
N PHE A 18 -1.68 -44.87 -46.82
CA PHE A 18 -2.43 -43.92 -46.00
C PHE A 18 -2.28 -42.46 -46.43
N THR A 19 -1.26 -42.11 -47.21
CA THR A 19 -0.76 -40.73 -47.36
C THR A 19 -1.80 -39.61 -47.47
N GLY A 20 -2.85 -39.77 -48.27
CA GLY A 20 -3.86 -38.71 -48.44
C GLY A 20 -4.76 -38.46 -47.23
N TYR A 21 -4.94 -39.43 -46.34
CA TYR A 21 -6.11 -39.52 -45.45
C TYR A 21 -5.96 -38.74 -44.14
N LEU A 22 -5.49 -37.50 -44.28
CA LEU A 22 -5.44 -36.46 -43.27
C LEU A 22 -5.93 -35.10 -43.83
N ASP A 23 -5.99 -34.92 -45.16
CA ASP A 23 -6.45 -33.68 -45.81
C ASP A 23 -7.95 -33.41 -45.60
N PRO A 24 -8.42 -32.15 -45.69
CA PRO A 24 -9.84 -31.83 -45.70
C PRO A 24 -10.55 -32.21 -47.01
N VAL A 25 -9.79 -32.65 -48.02
CA VAL A 25 -10.24 -32.94 -49.39
C VAL A 25 -10.90 -34.32 -49.51
N GLN A 26 -10.84 -35.15 -48.46
CA GLN A 26 -11.36 -36.53 -48.45
C GLN A 26 -12.85 -36.63 -48.79
N ALA A 27 -13.27 -37.80 -49.24
CA ALA A 27 -14.66 -38.14 -49.54
C ALA A 27 -14.95 -39.61 -49.18
N LYS A 28 -16.22 -40.02 -49.25
CA LYS A 28 -16.56 -41.45 -49.30
C LYS A 28 -15.91 -42.13 -50.50
N ASP A 29 -15.67 -43.44 -50.41
CA ASP A 29 -15.54 -44.24 -51.62
C ASP A 29 -16.92 -44.42 -52.26
N TYR A 30 -17.22 -43.60 -53.27
CA TYR A 30 -18.50 -43.65 -53.98
C TYR A 30 -18.72 -44.95 -54.78
N PHE A 31 -17.76 -45.87 -54.82
CA PHE A 31 -17.82 -47.07 -55.66
C PHE A 31 -17.57 -48.37 -54.88
N ALA A 32 -17.54 -48.32 -53.55
CA ALA A 32 -17.25 -49.48 -52.71
C ALA A 32 -18.24 -50.65 -52.90
N GLU A 33 -17.74 -51.88 -52.89
CA GLU A 33 -18.59 -53.08 -52.89
C GLU A 33 -19.27 -53.32 -51.53
N ALA A 34 -20.48 -53.87 -51.54
CA ALA A 34 -21.06 -54.48 -50.34
C ALA A 34 -20.41 -55.85 -50.07
N GLU A 35 -20.31 -56.25 -48.81
CA GLU A 35 -19.61 -57.49 -48.45
C GLU A 35 -20.33 -58.77 -48.90
N LYS A 36 -19.58 -59.74 -49.40
CA LYS A 36 -20.09 -61.05 -49.84
C LYS A 36 -20.26 -61.98 -48.64
N THR A 37 -21.40 -61.95 -47.97
CA THR A 37 -21.72 -62.90 -46.90
C THR A 37 -21.82 -64.34 -47.43
N SER A 38 -21.66 -65.34 -46.56
CA SER A 38 -21.74 -66.75 -46.95
C SER A 38 -23.08 -67.09 -47.56
N ILE A 39 -23.10 -67.91 -48.61
CA ILE A 39 -24.32 -68.50 -49.13
C ILE A 39 -24.64 -69.85 -48.52
N VAL A 40 -23.63 -70.67 -48.21
CA VAL A 40 -23.95 -72.01 -47.69
C VAL A 40 -24.62 -71.91 -46.32
N GLN A 41 -24.19 -70.99 -45.47
CA GLN A 41 -24.81 -70.74 -44.17
C GLN A 41 -26.27 -70.27 -44.27
N ARG A 42 -26.71 -69.81 -45.45
CA ARG A 42 -28.07 -69.34 -45.68
C ARG A 42 -29.02 -70.43 -46.16
N VAL A 43 -28.53 -71.55 -46.66
CA VAL A 43 -29.37 -72.62 -47.25
C VAL A 43 -29.32 -73.94 -46.49
N ALA A 44 -28.17 -74.33 -45.96
CA ALA A 44 -28.02 -75.56 -45.20
C ALA A 44 -28.52 -75.37 -43.76
N GLN A 45 -29.22 -76.34 -43.18
CA GLN A 45 -29.70 -76.20 -41.81
C GLN A 45 -28.54 -76.16 -40.82
N LYS A 46 -28.62 -75.24 -39.85
CA LYS A 46 -27.56 -75.07 -38.84
C LYS A 46 -27.82 -75.99 -37.68
N ILE A 47 -26.79 -76.73 -37.24
CA ILE A 47 -26.84 -77.73 -36.18
C ILE A 47 -26.05 -77.25 -34.98
N PRO A 48 -26.53 -77.47 -33.75
CA PRO A 48 -25.80 -77.12 -32.53
C PRO A 48 -24.60 -78.05 -32.36
N MET A 49 -23.41 -77.49 -32.18
CA MET A 49 -22.17 -78.27 -32.15
C MET A 49 -21.24 -77.80 -31.04
N GLY A 50 -20.70 -78.73 -30.25
CA GLY A 50 -19.67 -78.47 -29.26
C GLY A 50 -18.26 -78.70 -29.82
N ALA A 51 -17.24 -78.23 -29.13
CA ALA A 51 -15.85 -78.36 -29.56
C ALA A 51 -15.39 -79.82 -29.73
N THR A 52 -15.97 -80.79 -29.02
CA THR A 52 -15.64 -82.21 -29.16
C THR A 52 -16.33 -82.89 -30.33
N GLY A 53 -17.13 -82.18 -31.12
CA GLY A 53 -17.87 -82.74 -32.25
C GLY A 53 -19.11 -83.53 -31.84
N ILE A 54 -19.87 -84.00 -32.82
CA ILE A 54 -21.16 -84.69 -32.59
C ILE A 54 -21.20 -86.06 -33.25
N VAL A 55 -21.97 -86.98 -32.70
CA VAL A 55 -22.25 -88.30 -33.27
C VAL A 55 -23.67 -88.32 -33.83
N ILE A 56 -23.82 -88.71 -35.09
CA ILE A 56 -25.12 -88.81 -35.75
C ILE A 56 -25.39 -90.29 -36.04
N PRO A 57 -26.42 -90.90 -35.45
CA PRO A 57 -26.80 -92.28 -35.70
C PRO A 57 -27.68 -92.40 -36.94
N HIS A 58 -27.73 -93.58 -37.53
CA HIS A 58 -28.59 -93.95 -38.64
C HIS A 58 -29.06 -95.40 -38.50
N TRP A 59 -30.34 -95.67 -38.67
CA TRP A 59 -30.84 -97.04 -38.78
C TRP A 59 -30.42 -97.65 -40.11
N THR A 60 -30.24 -98.97 -40.20
CA THR A 60 -29.86 -99.61 -41.47
C THR A 60 -30.39 -101.02 -41.68
N GLY A 61 -30.75 -101.76 -40.63
CA GLY A 61 -31.17 -103.15 -40.77
C GLY A 61 -32.47 -103.32 -41.55
N ASP A 62 -32.47 -104.26 -42.48
CA ASP A 62 -33.65 -104.66 -43.26
C ASP A 62 -34.53 -105.64 -42.46
N VAL A 63 -35.25 -105.11 -41.48
CA VAL A 63 -36.21 -105.89 -40.68
C VAL A 63 -37.30 -106.45 -41.58
N SER A 64 -37.68 -107.72 -41.43
CA SER A 64 -38.54 -108.41 -42.39
C SER A 64 -39.57 -109.35 -41.75
N ALA A 65 -40.60 -109.68 -42.53
CA ALA A 65 -41.67 -110.58 -42.18
C ALA A 65 -42.08 -111.40 -43.40
N GLN A 66 -42.68 -112.58 -43.21
CA GLN A 66 -43.04 -113.48 -44.31
C GLN A 66 -44.49 -113.89 -44.22
N TRP A 67 -45.12 -114.14 -45.36
CA TRP A 67 -46.43 -114.80 -45.37
C TRP A 67 -46.29 -116.23 -44.89
N ILE A 68 -47.29 -116.76 -44.19
CA ILE A 68 -47.28 -118.11 -43.60
C ILE A 68 -48.63 -118.80 -43.74
N GLY A 69 -48.64 -120.13 -43.68
CA GLY A 69 -49.85 -120.93 -43.48
C GLY A 69 -50.06 -121.28 -42.00
N GLU A 70 -51.22 -121.82 -41.64
CA GLU A 70 -51.48 -122.24 -40.26
C GLU A 70 -50.42 -123.25 -39.81
N GLY A 71 -49.80 -122.99 -38.65
CA GLY A 71 -48.80 -123.88 -38.06
C GLY A 71 -47.42 -123.85 -38.73
N ASP A 72 -47.19 -123.05 -39.77
CA ASP A 72 -45.83 -122.81 -40.24
C ASP A 72 -45.04 -122.05 -39.19
N MET A 73 -43.89 -122.59 -38.79
CA MET A 73 -43.17 -122.07 -37.65
C MET A 73 -42.50 -120.75 -38.00
N LYS A 74 -42.84 -119.71 -37.24
CA LYS A 74 -42.73 -118.30 -37.63
C LYS A 74 -41.26 -117.85 -37.72
N PRO A 75 -40.85 -117.11 -38.76
CA PRO A 75 -39.45 -116.78 -39.01
C PRO A 75 -38.91 -115.74 -38.04
N ILE A 76 -37.58 -115.69 -37.88
CA ILE A 76 -36.88 -114.76 -36.98
C ILE A 76 -36.21 -113.64 -37.76
N THR A 77 -36.23 -112.41 -37.25
CA THR A 77 -35.61 -111.22 -37.86
C THR A 77 -34.82 -110.39 -36.84
N LYS A 78 -33.90 -109.53 -37.29
CA LYS A 78 -33.05 -108.68 -36.44
C LYS A 78 -32.74 -107.35 -37.11
N GLY A 79 -32.79 -106.25 -36.37
CA GLY A 79 -32.43 -104.91 -36.85
C GLY A 79 -30.93 -104.63 -36.82
N ASN A 80 -30.51 -103.46 -37.30
CA ASN A 80 -29.12 -103.00 -37.27
C ASN A 80 -29.04 -101.48 -37.37
N MET A 81 -28.02 -100.85 -36.79
CA MET A 81 -27.84 -99.40 -36.82
C MET A 81 -26.36 -99.02 -36.74
N THR A 82 -26.00 -97.87 -37.29
CA THR A 82 -24.61 -97.39 -37.37
C THR A 82 -24.54 -95.89 -37.07
N LYS A 83 -23.35 -95.32 -36.94
CA LYS A 83 -23.18 -93.89 -36.68
C LYS A 83 -21.92 -93.34 -37.31
N ARG A 84 -21.92 -92.04 -37.58
CA ARG A 84 -20.74 -91.26 -37.98
C ARG A 84 -20.56 -90.07 -37.08
N ASP A 85 -19.36 -89.56 -36.93
CA ASP A 85 -19.07 -88.39 -36.09
C ASP A 85 -18.47 -87.24 -36.89
N VAL A 86 -18.81 -86.02 -36.52
CA VAL A 86 -18.40 -84.79 -37.20
C VAL A 86 -17.62 -83.91 -36.23
N HIS A 87 -16.39 -83.54 -36.59
CA HIS A 87 -15.49 -82.73 -35.76
C HIS A 87 -15.29 -81.35 -36.36
N PRO A 88 -15.39 -80.27 -35.58
CA PRO A 88 -15.14 -78.94 -36.10
C PRO A 88 -13.66 -78.70 -36.38
N ALA A 89 -13.35 -78.08 -37.51
CA ALA A 89 -12.05 -77.49 -37.83
C ALA A 89 -11.99 -76.02 -37.41
N LYS A 90 -10.82 -75.37 -37.49
CA LYS A 90 -10.65 -73.95 -37.19
C LYS A 90 -9.97 -73.20 -38.32
N ILE A 91 -10.37 -71.95 -38.49
CA ILE A 91 -9.82 -71.02 -39.47
C ILE A 91 -9.37 -69.78 -38.73
N ALA A 92 -8.20 -69.23 -39.06
CA ALA A 92 -7.64 -68.13 -38.29
C ALA A 92 -6.76 -67.19 -39.12
N THR A 93 -6.56 -65.98 -38.63
CA THR A 93 -5.61 -65.01 -39.19
C THR A 93 -5.17 -63.98 -38.17
N ILE A 94 -4.04 -63.33 -38.41
CA ILE A 94 -3.48 -62.29 -37.55
C ILE A 94 -3.14 -61.07 -38.41
N PHE A 95 -3.35 -59.86 -37.91
CA PHE A 95 -2.90 -58.64 -38.58
C PHE A 95 -2.34 -57.64 -37.57
N VAL A 96 -1.48 -56.73 -38.03
CA VAL A 96 -0.58 -55.96 -37.15
C VAL A 96 -0.43 -54.51 -37.62
N ALA A 97 -0.41 -53.56 -36.69
CA ALA A 97 -0.18 -52.14 -36.98
C ALA A 97 0.64 -51.47 -35.86
N SER A 98 1.29 -50.33 -36.12
CA SER A 98 1.99 -49.61 -35.05
C SER A 98 1.00 -49.02 -34.04
N ALA A 99 1.38 -48.88 -32.78
CA ALA A 99 0.50 -48.35 -31.74
C ALA A 99 -0.02 -46.95 -32.09
N GLU A 100 0.82 -46.10 -32.68
CA GLU A 100 0.40 -44.80 -33.18
C GLU A 100 -0.61 -44.91 -34.33
N THR A 101 -0.48 -45.91 -35.21
CA THR A 101 -1.50 -46.18 -36.23
C THR A 101 -2.82 -46.56 -35.56
N VAL A 102 -2.80 -47.35 -34.48
CA VAL A 102 -4.02 -47.71 -33.74
C VAL A 102 -4.63 -46.52 -33.00
N ARG A 103 -3.81 -45.64 -32.42
CA ARG A 103 -4.29 -44.39 -31.80
C ARG A 103 -4.91 -43.45 -32.82
N ALA A 104 -4.31 -43.33 -34.00
CA ALA A 104 -4.81 -42.48 -35.07
C ALA A 104 -6.05 -43.04 -35.78
N ASN A 105 -6.12 -44.37 -35.96
CA ASN A 105 -7.14 -45.07 -36.74
C ASN A 105 -7.41 -44.42 -38.12
N PRO A 106 -6.39 -44.26 -38.97
CA PRO A 106 -6.50 -43.50 -40.21
C PRO A 106 -7.52 -44.15 -41.14
N ALA A 107 -8.45 -43.36 -41.68
CA ALA A 107 -9.53 -43.82 -42.56
C ALA A 107 -10.32 -45.03 -42.01
N ASN A 108 -10.45 -45.11 -40.68
CA ASN A 108 -11.00 -46.26 -39.95
C ASN A 108 -10.41 -47.61 -40.38
N TYR A 109 -9.09 -47.67 -40.58
CA TYR A 109 -8.45 -48.89 -41.06
C TYR A 109 -8.69 -50.08 -40.14
N LEU A 110 -8.57 -49.91 -38.82
CA LEU A 110 -8.79 -51.01 -37.89
C LEU A 110 -10.21 -51.55 -38.03
N GLY A 111 -11.21 -50.68 -38.00
CA GLY A 111 -12.59 -51.08 -38.21
C GLY A 111 -12.82 -51.77 -39.56
N THR A 112 -12.24 -51.23 -40.63
CA THR A 112 -12.35 -51.82 -41.96
C THR A 112 -11.78 -53.22 -41.98
N MET A 113 -10.64 -53.43 -41.34
CA MET A 113 -9.97 -54.72 -41.28
C MET A 113 -10.83 -55.76 -40.57
N ARG A 114 -11.45 -55.40 -39.44
CA ARG A 114 -12.37 -56.29 -38.71
C ARG A 114 -13.49 -56.78 -39.63
N THR A 115 -14.08 -55.91 -40.44
CA THR A 115 -15.11 -56.34 -41.39
C THR A 115 -14.54 -57.17 -42.52
N LYS A 116 -13.36 -56.83 -43.06
CA LYS A 116 -12.76 -57.60 -44.14
C LYS A 116 -12.37 -59.01 -43.72
N VAL A 117 -11.73 -59.25 -42.58
CA VAL A 117 -11.47 -60.63 -42.14
C VAL A 117 -12.77 -61.39 -41.88
N ALA A 118 -13.79 -60.75 -41.31
CA ALA A 118 -15.07 -61.41 -41.08
C ALA A 118 -15.68 -61.90 -42.39
N THR A 119 -15.60 -61.08 -43.43
CA THR A 119 -16.06 -61.45 -44.76
C THR A 119 -15.17 -62.51 -45.41
N ALA A 120 -13.85 -62.39 -45.29
CA ALA A 120 -12.93 -63.35 -45.88
C ALA A 120 -13.12 -64.74 -45.29
N ILE A 121 -13.39 -64.87 -44.00
CA ILE A 121 -13.72 -66.15 -43.37
C ILE A 121 -15.04 -66.70 -43.92
N ALA A 122 -16.08 -65.87 -44.07
CA ALA A 122 -17.34 -66.33 -44.64
C ALA A 122 -17.17 -66.87 -46.07
N MET A 123 -16.46 -66.18 -46.96
CA MET A 123 -16.17 -66.70 -48.30
C MET A 123 -15.31 -67.97 -48.26
N ALA A 124 -14.37 -68.09 -47.32
CA ALA A 124 -13.59 -69.30 -47.19
C ALA A 124 -14.47 -70.49 -46.80
N PHE A 125 -15.50 -70.31 -45.98
CA PHE A 125 -16.41 -71.39 -45.65
C PHE A 125 -17.27 -71.83 -46.83
N ASP A 126 -17.79 -70.90 -47.64
CA ASP A 126 -18.42 -71.28 -48.90
C ASP A 126 -17.47 -72.08 -49.80
N ASN A 127 -16.27 -71.55 -50.08
CA ASN A 127 -15.34 -72.19 -51.00
C ASN A 127 -14.90 -73.59 -50.51
N ALA A 128 -14.85 -73.80 -49.21
CA ALA A 128 -14.57 -75.12 -48.65
C ALA A 128 -15.76 -76.07 -48.76
N ALA A 129 -16.99 -75.56 -48.72
CA ALA A 129 -18.19 -76.39 -48.81
C ALA A 129 -18.60 -76.70 -50.26
N LEU A 130 -18.42 -75.76 -51.17
CA LEU A 130 -18.85 -75.88 -52.56
C LEU A 130 -17.73 -76.44 -53.44
N HIS A 131 -16.83 -75.60 -53.97
CA HIS A 131 -15.69 -76.03 -54.78
C HIS A 131 -14.76 -77.02 -54.07
N GLY A 132 -14.65 -76.95 -52.75
CA GLY A 132 -13.73 -77.75 -51.96
C GLY A 132 -12.28 -77.25 -52.03
N THR A 133 -12.04 -75.94 -52.11
CA THR A 133 -10.70 -75.42 -52.45
C THR A 133 -9.60 -75.81 -51.47
N ASN A 134 -9.86 -75.82 -50.17
CA ASN A 134 -8.85 -76.05 -49.14
C ASN A 134 -9.42 -76.82 -47.93
N ALA A 135 -10.50 -77.56 -48.13
CA ALA A 135 -11.28 -78.07 -47.02
C ALA A 135 -10.41 -78.88 -46.05
N PRO A 136 -10.39 -78.55 -44.76
CA PRO A 136 -9.63 -79.32 -43.79
C PRO A 136 -10.26 -80.70 -43.66
N SER A 137 -9.47 -81.70 -43.31
CA SER A 137 -9.85 -83.12 -43.44
C SER A 137 -11.16 -83.47 -42.75
N ALA A 138 -11.54 -82.73 -41.72
CA ALA A 138 -12.75 -82.97 -40.95
C ALA A 138 -14.07 -82.62 -41.67
N PHE A 139 -14.06 -81.89 -42.79
CA PHE A 139 -15.28 -81.62 -43.54
C PHE A 139 -15.67 -82.85 -44.36
N GLN A 140 -16.78 -83.49 -44.05
CA GLN A 140 -17.22 -84.70 -44.74
C GLN A 140 -17.86 -84.35 -46.08
N GLY A 141 -17.04 -84.33 -47.13
CA GLY A 141 -17.45 -84.08 -48.52
C GLY A 141 -17.61 -82.60 -48.90
N TYR A 142 -17.65 -82.31 -50.19
CA TYR A 142 -17.87 -80.97 -50.73
C TYR A 142 -18.66 -81.02 -52.04
N LEU A 143 -19.45 -80.01 -52.32
CA LEU A 143 -20.59 -80.13 -53.23
C LEU A 143 -20.19 -80.40 -54.69
N ASP A 144 -19.03 -79.92 -55.09
CA ASP A 144 -18.49 -80.16 -56.42
C ASP A 144 -18.20 -81.65 -56.70
N GLN A 145 -18.13 -82.52 -55.68
CA GLN A 145 -17.84 -83.94 -55.86
C GLN A 145 -18.96 -84.75 -56.53
N SER A 146 -20.12 -84.15 -56.82
CA SER A 146 -21.20 -84.90 -57.45
C SER A 146 -20.83 -85.44 -58.82
N ASN A 147 -21.21 -86.68 -59.11
CA ASN A 147 -21.04 -87.31 -60.41
C ASN A 147 -22.16 -86.98 -61.42
N LYS A 148 -22.91 -85.89 -61.21
CA LYS A 148 -24.01 -85.47 -62.09
C LYS A 148 -23.80 -84.06 -62.60
N THR A 149 -24.08 -83.81 -63.87
CA THR A 149 -24.04 -82.45 -64.46
C THR A 149 -25.19 -82.24 -65.44
N GLN A 150 -25.52 -80.99 -65.70
CA GLN A 150 -26.55 -80.61 -66.67
C GLN A 150 -26.18 -79.29 -67.34
N SER A 151 -26.62 -79.13 -68.58
CA SER A 151 -26.43 -77.90 -69.35
C SER A 151 -27.71 -77.10 -69.41
N ILE A 152 -27.62 -75.82 -69.10
CA ILE A 152 -28.77 -74.89 -69.06
C ILE A 152 -28.93 -74.14 -70.38
N SER A 153 -27.86 -73.87 -71.11
CA SER A 153 -27.79 -72.71 -72.03
C SER A 153 -28.92 -72.58 -73.05
N PRO A 154 -29.28 -73.60 -73.84
CA PRO A 154 -30.21 -73.40 -74.94
C PRO A 154 -31.65 -73.14 -74.50
N ASN A 155 -32.08 -73.68 -73.35
CA ASN A 155 -33.40 -73.47 -72.78
C ASN A 155 -33.37 -73.89 -71.30
N ALA A 156 -33.49 -72.93 -70.39
CA ALA A 156 -33.35 -73.23 -68.97
C ALA A 156 -34.45 -74.14 -68.42
N TYR A 157 -35.70 -74.04 -68.91
CA TYR A 157 -36.79 -74.86 -68.40
C TYR A 157 -36.57 -76.34 -68.72
N GLN A 158 -36.25 -76.66 -69.97
CA GLN A 158 -35.88 -78.02 -70.35
C GLN A 158 -34.65 -78.50 -69.59
N GLY A 159 -33.69 -77.61 -69.35
CA GLY A 159 -32.49 -77.91 -68.59
C GLY A 159 -32.77 -78.29 -67.14
N LEU A 160 -33.37 -77.39 -66.36
CA LEU A 160 -33.67 -77.63 -64.95
C LEU A 160 -34.73 -78.70 -64.78
N GLY A 161 -35.92 -78.47 -65.32
CA GLY A 161 -37.14 -79.15 -64.92
C GLY A 161 -37.37 -80.50 -65.60
N VAL A 162 -36.60 -80.83 -66.64
CA VAL A 162 -36.78 -82.06 -67.40
C VAL A 162 -35.49 -82.85 -67.46
N SER A 163 -34.50 -82.42 -68.24
CA SER A 163 -33.26 -83.18 -68.39
C SER A 163 -32.54 -83.32 -67.06
N GLY A 164 -32.33 -82.21 -66.34
CA GLY A 164 -31.64 -82.21 -65.06
C GLY A 164 -32.41 -83.00 -64.00
N LEU A 165 -33.71 -82.78 -63.91
CA LEU A 165 -34.52 -83.49 -62.93
C LEU A 165 -34.54 -85.00 -63.19
N THR A 166 -34.49 -85.44 -64.46
CA THR A 166 -34.50 -86.86 -64.80
C THR A 166 -33.38 -87.61 -64.11
N LYS A 167 -32.17 -87.07 -64.14
CA LYS A 167 -31.01 -87.72 -63.54
C LYS A 167 -30.92 -87.59 -62.01
N LEU A 168 -31.80 -86.81 -61.38
CA LEU A 168 -32.02 -86.86 -59.93
C LEU A 168 -33.02 -87.97 -59.59
N VAL A 169 -34.25 -87.89 -60.09
CA VAL A 169 -35.33 -88.78 -59.63
C VAL A 169 -35.07 -90.24 -59.98
N THR A 170 -34.25 -90.52 -61.00
CA THR A 170 -33.82 -91.90 -61.31
C THR A 170 -33.13 -92.57 -60.12
N ASP A 171 -32.48 -91.80 -59.25
CA ASP A 171 -31.84 -92.30 -58.02
C ASP A 171 -32.67 -92.02 -56.75
N GLY A 172 -33.90 -91.55 -56.91
CA GLY A 172 -34.79 -91.22 -55.79
C GLY A 172 -34.44 -89.94 -55.03
N LYS A 173 -33.40 -89.21 -55.42
CA LYS A 173 -32.98 -87.98 -54.77
C LYS A 173 -33.99 -86.87 -55.05
N LYS A 174 -34.69 -86.35 -54.04
CA LYS A 174 -35.73 -85.32 -54.22
C LYS A 174 -35.12 -83.96 -54.60
N TRP A 175 -35.61 -83.28 -55.63
CA TRP A 175 -35.20 -81.90 -55.94
C TRP A 175 -35.92 -80.91 -55.02
N THR A 176 -35.23 -80.26 -54.09
CA THR A 176 -35.87 -79.38 -53.07
C THR A 176 -35.52 -77.91 -53.17
N HIS A 177 -34.31 -77.54 -53.60
CA HIS A 177 -33.91 -76.16 -53.90
C HIS A 177 -33.09 -76.09 -55.17
N THR A 178 -32.94 -74.89 -55.74
CA THR A 178 -31.86 -74.62 -56.66
C THR A 178 -31.15 -73.33 -56.31
N LEU A 179 -29.82 -73.36 -56.36
CA LEU A 179 -28.90 -72.29 -56.04
C LEU A 179 -28.19 -71.88 -57.32
N LEU A 180 -28.30 -70.62 -57.73
CA LEU A 180 -27.81 -70.13 -59.00
C LEU A 180 -26.84 -68.96 -58.81
N ASP A 181 -25.84 -68.84 -59.67
CA ASP A 181 -24.97 -67.67 -59.69
C ASP A 181 -25.66 -66.47 -60.36
N ASP A 182 -25.43 -65.26 -59.85
CA ASP A 182 -25.95 -64.01 -60.43
C ASP A 182 -25.61 -63.85 -61.93
N THR A 183 -24.54 -64.46 -62.40
CA THR A 183 -24.14 -64.43 -63.82
C THR A 183 -25.01 -65.30 -64.72
N VAL A 184 -25.91 -66.12 -64.20
CA VAL A 184 -26.78 -66.97 -65.04
C VAL A 184 -27.92 -66.20 -65.70
N GLU A 185 -28.20 -64.96 -65.27
CA GLU A 185 -29.38 -64.20 -65.71
C GLU A 185 -29.62 -64.18 -67.22
N PRO A 186 -28.62 -64.02 -68.10
CA PRO A 186 -28.85 -64.03 -69.53
C PRO A 186 -29.51 -65.31 -70.04
N VAL A 187 -29.12 -66.50 -69.58
CA VAL A 187 -29.72 -67.74 -70.13
C VAL A 187 -31.12 -67.99 -69.61
N LEU A 188 -31.58 -67.28 -68.57
CA LEU A 188 -32.99 -67.25 -68.24
C LEU A 188 -33.73 -66.28 -69.15
N ASN A 189 -33.22 -65.07 -69.35
CA ASN A 189 -33.86 -64.12 -70.27
C ASN A 189 -33.91 -64.67 -71.70
N GLY A 190 -32.93 -65.48 -72.08
CA GLY A 190 -32.87 -66.15 -73.38
C GLY A 190 -33.65 -67.46 -73.45
N SER A 191 -34.28 -67.91 -72.37
CA SER A 191 -35.17 -69.07 -72.45
C SER A 191 -36.47 -68.67 -73.14
N VAL A 192 -36.65 -69.12 -74.37
CA VAL A 192 -37.76 -68.71 -75.23
C VAL A 192 -38.47 -69.91 -75.82
N ASP A 193 -39.74 -69.73 -76.13
CA ASP A 193 -40.51 -70.70 -76.90
C ASP A 193 -40.23 -70.58 -78.41
N ALA A 194 -40.85 -71.42 -79.23
CA ALA A 194 -40.65 -71.40 -80.67
C ALA A 194 -41.23 -70.15 -81.36
N ASN A 195 -42.11 -69.41 -80.69
CA ASN A 195 -42.57 -68.10 -81.18
C ASN A 195 -41.62 -66.97 -80.78
N GLY A 196 -40.60 -67.24 -79.98
CA GLY A 196 -39.66 -66.23 -79.51
C GLY A 196 -40.13 -65.42 -78.30
N ARG A 197 -41.22 -65.80 -77.61
CA ARG A 197 -41.56 -65.17 -76.33
C ARG A 197 -40.72 -65.78 -75.21
N PRO A 198 -40.41 -65.05 -74.13
CA PRO A 198 -39.75 -65.61 -72.96
C PRO A 198 -40.59 -66.68 -72.26
N LEU A 199 -39.96 -67.55 -71.48
CA LEU A 199 -40.68 -68.38 -70.50
C LEU A 199 -40.85 -67.67 -69.16
N PHE A 200 -39.76 -67.32 -68.46
CA PHE A 200 -39.80 -66.89 -67.07
C PHE A 200 -40.20 -65.42 -66.82
N VAL A 201 -40.85 -64.75 -67.76
CA VAL A 201 -41.43 -63.40 -67.58
C VAL A 201 -42.59 -63.19 -68.56
N GLU A 202 -43.54 -62.30 -68.26
CA GLU A 202 -44.82 -62.22 -68.98
C GLU A 202 -45.16 -60.78 -69.42
N SER A 203 -46.12 -60.65 -70.33
CA SER A 203 -46.66 -59.38 -70.84
C SER A 203 -45.62 -58.48 -71.50
N THR A 204 -45.85 -57.18 -71.57
CA THR A 204 -44.77 -56.23 -71.78
C THR A 204 -43.72 -56.41 -70.69
N TYR A 205 -42.48 -56.74 -71.05
CA TYR A 205 -41.50 -57.31 -70.14
C TYR A 205 -40.87 -56.31 -69.16
N GLU A 206 -41.65 -55.82 -68.20
CA GLU A 206 -41.22 -54.84 -67.22
C GLU A 206 -40.41 -55.42 -66.05
N SER A 207 -40.86 -56.51 -65.43
CA SER A 207 -40.23 -57.04 -64.22
C SER A 207 -38.96 -57.86 -64.49
N LEU A 208 -38.20 -58.16 -63.44
CA LEU A 208 -37.22 -59.25 -63.46
C LEU A 208 -37.91 -60.58 -63.78
N THR A 209 -37.18 -61.55 -64.33
CA THR A 209 -37.69 -62.93 -64.44
C THR A 209 -37.94 -63.52 -63.07
N THR A 210 -38.94 -64.40 -62.93
CA THR A 210 -39.36 -64.84 -61.60
C THR A 210 -38.26 -65.47 -60.75
N PRO A 211 -37.30 -66.24 -61.26
CA PRO A 211 -36.19 -66.73 -60.44
C PRO A 211 -35.32 -65.61 -59.87
N PHE A 212 -35.12 -64.52 -60.61
CA PHE A 212 -34.37 -63.36 -60.12
C PHE A 212 -35.18 -62.45 -59.20
N ARG A 213 -36.45 -62.76 -58.93
CA ARG A 213 -37.14 -62.26 -57.73
C ARG A 213 -37.02 -63.23 -56.54
N GLU A 214 -36.09 -64.17 -56.60
CA GLU A 214 -35.97 -65.31 -55.68
C GLU A 214 -37.28 -66.10 -55.57
N GLY A 215 -38.09 -66.08 -56.63
CA GLY A 215 -39.32 -66.84 -56.74
C GLY A 215 -39.10 -68.33 -56.86
N ARG A 216 -40.19 -69.08 -56.87
CA ARG A 216 -40.16 -70.53 -57.05
C ARG A 216 -39.99 -70.90 -58.52
N ILE A 217 -39.31 -71.99 -58.82
CA ILE A 217 -39.32 -72.65 -60.13
C ILE A 217 -39.96 -74.02 -59.92
N LEU A 218 -41.04 -74.36 -60.62
CA LEU A 218 -41.70 -75.66 -60.47
C LEU A 218 -41.88 -76.06 -59.00
N GLY A 219 -42.30 -75.12 -58.17
CA GLY A 219 -42.49 -75.30 -56.72
C GLY A 219 -41.23 -75.22 -55.86
N ARG A 220 -40.03 -75.43 -56.40
CA ARG A 220 -38.77 -75.35 -55.63
C ARG A 220 -38.33 -73.90 -55.48
N PRO A 221 -37.91 -73.41 -54.31
CA PRO A 221 -37.35 -72.07 -54.18
C PRO A 221 -36.10 -71.89 -55.01
N THR A 222 -35.81 -70.65 -55.41
CA THR A 222 -34.55 -70.29 -56.05
C THR A 222 -33.72 -69.44 -55.10
N ILE A 223 -32.46 -69.77 -54.88
CA ILE A 223 -31.53 -68.95 -54.12
C ILE A 223 -30.48 -68.37 -55.07
N LEU A 224 -30.21 -67.07 -55.00
CA LEU A 224 -29.24 -66.39 -55.88
C LEU A 224 -28.07 -65.85 -55.07
N SER A 225 -26.86 -65.92 -55.61
CA SER A 225 -25.70 -65.20 -55.06
C SER A 225 -24.63 -64.93 -56.12
N ASP A 226 -23.76 -63.96 -55.89
CA ASP A 226 -22.81 -63.42 -56.87
C ASP A 226 -21.47 -64.16 -56.97
N HIS A 227 -21.30 -65.29 -56.27
CA HIS A 227 -20.01 -66.01 -56.21
C HIS A 227 -20.20 -67.53 -56.09
N VAL A 228 -21.27 -68.06 -56.64
CA VAL A 228 -21.54 -69.50 -56.68
C VAL A 228 -20.79 -70.15 -57.84
N ALA A 229 -20.54 -69.42 -58.92
CA ALA A 229 -19.80 -69.93 -60.06
C ALA A 229 -18.33 -70.19 -59.70
N GLU A 230 -17.80 -71.30 -60.16
CA GLU A 230 -16.48 -71.83 -59.74
C GLU A 230 -15.62 -72.26 -60.92
N GLY A 231 -16.07 -71.98 -62.14
CA GLY A 231 -15.42 -72.37 -63.38
C GLY A 231 -16.45 -72.48 -64.48
N ASP A 232 -16.56 -73.67 -65.09
CA ASP A 232 -17.68 -74.04 -65.95
C ASP A 232 -18.99 -74.27 -65.18
N VAL A 233 -18.92 -74.61 -63.89
CA VAL A 233 -20.08 -74.74 -63.01
C VAL A 233 -20.59 -73.37 -62.58
N VAL A 234 -21.89 -73.12 -62.72
CA VAL A 234 -22.56 -71.84 -62.40
C VAL A 234 -23.79 -71.98 -61.51
N GLY A 235 -24.04 -73.15 -60.94
CA GLY A 235 -25.13 -73.35 -60.01
C GLY A 235 -25.30 -74.81 -59.60
N TYR A 236 -26.22 -75.06 -58.69
CA TYR A 236 -26.48 -76.37 -58.12
C TYR A 236 -27.98 -76.57 -57.97
N ALA A 237 -28.46 -77.79 -58.06
CA ALA A 237 -29.85 -78.14 -57.80
C ALA A 237 -29.90 -79.48 -57.11
N GLY A 238 -30.72 -79.66 -56.09
CA GLY A 238 -30.77 -80.95 -55.44
C GLY A 238 -31.47 -80.96 -54.10
N ASP A 239 -31.12 -81.94 -53.27
CA ASP A 239 -31.66 -82.10 -51.94
C ASP A 239 -30.82 -81.37 -50.88
N PHE A 240 -30.98 -80.05 -50.78
CA PHE A 240 -30.35 -79.26 -49.74
C PHE A 240 -30.75 -79.63 -48.30
N SER A 241 -31.60 -80.64 -48.05
CA SER A 241 -31.70 -81.17 -46.69
C SER A 241 -30.49 -82.03 -46.31
N GLN A 242 -29.77 -82.59 -47.28
CA GLN A 242 -28.64 -83.50 -47.05
C GLN A 242 -27.38 -82.82 -46.53
N ILE A 243 -27.32 -81.49 -46.47
CA ILE A 243 -26.16 -80.73 -46.01
C ILE A 243 -26.45 -80.05 -44.69
N ILE A 244 -25.61 -80.28 -43.68
CA ILE A 244 -25.72 -79.69 -42.35
C ILE A 244 -24.39 -79.13 -41.91
N TRP A 245 -24.40 -78.08 -41.10
CA TRP A 245 -23.19 -77.40 -40.65
C TRP A 245 -23.35 -76.84 -39.26
N GLY A 246 -22.25 -76.55 -38.58
CA GLY A 246 -22.29 -75.92 -37.27
C GLY A 246 -21.08 -75.06 -37.02
N GLN A 247 -21.24 -74.08 -36.13
CA GLN A 247 -20.18 -73.19 -35.68
C GLN A 247 -20.02 -73.32 -34.18
N VAL A 248 -18.81 -73.61 -33.70
CA VAL A 248 -18.54 -73.60 -32.26
C VAL A 248 -18.33 -72.16 -31.81
N GLY A 249 -19.06 -71.69 -30.82
CA GLY A 249 -18.89 -70.33 -30.32
C GLY A 249 -19.12 -69.27 -31.40
N GLY A 250 -18.24 -68.29 -31.51
CA GLY A 250 -18.36 -67.17 -32.46
C GLY A 250 -17.02 -66.57 -32.86
N LEU A 251 -17.04 -65.60 -33.77
CA LEU A 251 -15.85 -64.96 -34.31
C LEU A 251 -15.10 -64.15 -33.24
N SER A 252 -13.95 -64.67 -32.81
CA SER A 252 -13.14 -64.07 -31.73
C SER A 252 -12.23 -62.95 -32.22
N PHE A 253 -11.76 -62.09 -31.31
CA PHE A 253 -10.80 -61.03 -31.60
C PHE A 253 -9.93 -60.74 -30.37
N ASP A 254 -8.95 -61.59 -30.07
CA ASP A 254 -7.97 -61.24 -29.03
C ASP A 254 -7.03 -60.14 -29.51
N VAL A 255 -6.48 -59.32 -28.59
CA VAL A 255 -5.59 -58.20 -28.91
C VAL A 255 -4.37 -58.16 -28.00
N THR A 256 -3.20 -57.79 -28.53
CA THR A 256 -1.95 -57.68 -27.76
C THR A 256 -1.01 -56.61 -28.33
N ASP A 257 -0.16 -56.05 -27.48
CA ASP A 257 0.97 -55.19 -27.87
C ASP A 257 2.32 -55.81 -27.48
N GLN A 258 2.35 -57.04 -26.94
CA GLN A 258 3.50 -57.53 -26.16
C GLN A 258 3.85 -59.01 -26.38
N ALA A 259 3.03 -59.77 -27.10
CA ALA A 259 3.44 -61.08 -27.59
C ALA A 259 4.58 -60.97 -28.62
N THR A 260 5.05 -62.10 -29.14
CA THR A 260 6.07 -62.16 -30.18
C THR A 260 5.57 -62.92 -31.39
N LEU A 261 5.76 -62.40 -32.60
CA LEU A 261 5.26 -63.01 -33.83
C LEU A 261 6.40 -63.55 -34.69
N ASN A 262 6.30 -64.79 -35.17
CA ASN A 262 7.18 -65.29 -36.21
C ASN A 262 6.67 -64.79 -37.58
N LEU A 263 7.35 -63.85 -38.24
CA LEU A 263 6.95 -63.41 -39.58
C LEU A 263 7.36 -64.40 -40.69
N GLY A 264 8.18 -65.39 -40.38
CA GLY A 264 8.73 -66.37 -41.31
C GLY A 264 7.87 -67.64 -41.38
N SER A 265 8.47 -68.76 -41.00
CA SER A 265 7.85 -70.09 -41.01
C SER A 265 8.30 -70.89 -39.78
N GLN A 266 7.58 -71.95 -39.41
CA GLN A 266 8.01 -72.85 -38.32
C GLN A 266 9.42 -73.41 -38.55
N GLU A 267 9.76 -73.68 -39.82
CA GLU A 267 11.07 -74.20 -40.22
C GLU A 267 12.15 -73.13 -40.38
N SER A 268 11.77 -71.85 -40.43
CA SER A 268 12.63 -70.71 -40.76
C SER A 268 12.18 -69.47 -40.01
N PRO A 269 12.51 -69.34 -38.72
CA PRO A 269 12.02 -68.26 -37.88
C PRO A 269 12.46 -66.87 -38.32
N ASN A 270 11.62 -65.88 -38.05
CA ASN A 270 11.92 -64.46 -38.19
C ASN A 270 11.13 -63.68 -37.14
N PHE A 271 11.49 -63.83 -35.87
CA PHE A 271 10.70 -63.29 -34.76
C PHE A 271 10.77 -61.76 -34.69
N VAL A 272 9.61 -61.15 -34.47
CA VAL A 272 9.45 -59.73 -34.11
C VAL A 272 8.73 -59.65 -32.78
N SER A 273 9.34 -59.04 -31.77
CA SER A 273 8.62 -58.72 -30.53
C SER A 273 7.71 -57.53 -30.78
N LEU A 274 6.42 -57.66 -30.50
CA LEU A 274 5.48 -56.55 -30.64
C LEU A 274 5.83 -55.40 -29.70
N TRP A 275 6.34 -55.73 -28.51
CA TRP A 275 6.72 -54.70 -27.55
C TRP A 275 7.92 -53.88 -28.04
N GLN A 276 8.95 -54.53 -28.57
CA GLN A 276 10.18 -53.83 -28.97
C GLN A 276 9.95 -52.84 -30.11
N HIS A 277 9.10 -53.16 -31.08
CA HIS A 277 8.77 -52.27 -32.19
C HIS A 277 7.53 -51.41 -31.95
N ASN A 278 6.96 -51.42 -30.74
CA ASN A 278 5.75 -50.69 -30.39
C ASN A 278 4.57 -50.98 -31.33
N LEU A 279 4.38 -52.26 -31.67
CA LEU A 279 3.30 -52.77 -32.50
C LEU A 279 2.11 -53.25 -31.68
N VAL A 280 0.94 -53.32 -32.32
CA VAL A 280 -0.29 -53.90 -31.80
C VAL A 280 -0.83 -54.90 -32.81
N ALA A 281 -1.26 -56.07 -32.34
CA ALA A 281 -1.71 -57.17 -33.18
C ALA A 281 -3.06 -57.71 -32.71
N VAL A 282 -3.81 -58.26 -33.65
CA VAL A 282 -5.13 -58.84 -33.42
C VAL A 282 -5.11 -60.29 -33.88
N ARG A 283 -5.70 -61.21 -33.10
CA ARG A 283 -5.78 -62.64 -33.43
C ARG A 283 -7.23 -63.02 -33.62
N VAL A 284 -7.59 -63.45 -34.82
CA VAL A 284 -8.98 -63.71 -35.22
C VAL A 284 -9.18 -65.18 -35.50
N GLU A 285 -10.18 -65.80 -34.89
CA GLU A 285 -10.43 -67.22 -35.06
C GLU A 285 -11.91 -67.58 -34.93
N ALA A 286 -12.32 -68.60 -35.68
CA ALA A 286 -13.64 -69.22 -35.66
C ALA A 286 -13.50 -70.72 -35.91
N GLU A 287 -14.44 -71.55 -35.45
CA GLU A 287 -14.38 -73.00 -35.64
C GLU A 287 -15.67 -73.52 -36.27
N TYR A 288 -15.59 -74.34 -37.31
CA TYR A 288 -16.72 -74.80 -38.11
C TYR A 288 -16.70 -76.30 -38.35
N GLY A 289 -17.85 -76.94 -38.43
CA GLY A 289 -17.99 -78.32 -38.91
C GLY A 289 -19.03 -78.42 -40.02
N LEU A 290 -18.89 -79.41 -40.91
CA LEU A 290 -19.75 -79.58 -42.09
C LEU A 290 -19.90 -81.06 -42.43
N LEU A 291 -21.08 -81.47 -42.89
CA LEU A 291 -21.34 -82.82 -43.36
C LEU A 291 -22.35 -82.78 -44.50
N ILE A 292 -22.02 -83.42 -45.62
CA ILE A 292 -22.98 -83.69 -46.69
C ILE A 292 -23.26 -85.19 -46.65
N ASN A 293 -24.49 -85.58 -46.34
CA ASN A 293 -24.84 -86.99 -46.13
C ASN A 293 -24.76 -87.79 -47.44
N ASP A 294 -25.07 -87.17 -48.58
CA ASP A 294 -24.92 -87.80 -49.89
C ASP A 294 -24.62 -86.76 -50.98
N VAL A 295 -23.35 -86.70 -51.35
CA VAL A 295 -22.84 -85.82 -52.40
C VAL A 295 -23.52 -86.03 -53.75
N ASN A 296 -24.04 -87.23 -54.04
CA ASN A 296 -24.68 -87.50 -55.32
C ASN A 296 -26.08 -86.86 -55.43
N ALA A 297 -26.63 -86.33 -54.34
CA ALA A 297 -27.98 -85.75 -54.32
C ALA A 297 -28.07 -84.33 -54.91
N PHE A 298 -27.04 -83.88 -55.63
CA PHE A 298 -26.98 -82.55 -56.24
C PHE A 298 -26.49 -82.64 -57.68
N VAL A 299 -27.07 -81.88 -58.60
CA VAL A 299 -26.64 -81.78 -59.99
C VAL A 299 -25.91 -80.47 -60.17
N LYS A 300 -24.71 -80.50 -60.74
CA LYS A 300 -23.95 -79.28 -61.05
C LYS A 300 -24.48 -78.68 -62.35
N LEU A 301 -24.79 -77.39 -62.37
CA LEU A 301 -25.38 -76.73 -63.53
C LEU A 301 -24.32 -75.97 -64.30
N THR A 302 -24.33 -76.07 -65.61
CA THR A 302 -23.29 -75.55 -66.50
C THR A 302 -23.91 -74.93 -67.74
N PHE A 303 -23.19 -74.10 -68.51
CA PHE A 303 -23.75 -73.58 -69.75
C PHE A 303 -23.77 -74.63 -70.87
N ASP A 304 -22.61 -75.12 -71.29
CA ASP A 304 -22.42 -75.97 -72.48
C ASP A 304 -22.48 -77.47 -72.17
N PRO A 305 -22.64 -78.37 -73.17
CA PRO A 305 -22.68 -79.83 -72.99
C PRO A 305 -21.30 -80.46 -72.74
N VAL A 306 -20.68 -80.10 -71.61
CA VAL A 306 -19.34 -80.55 -71.19
C VAL A 306 -19.30 -82.01 -70.71
N LEU A 307 -18.13 -82.66 -70.86
CA LEU A 307 -17.81 -83.99 -70.31
C LEU A 307 -17.41 -83.89 -68.81
N THR A 308 -17.35 -85.03 -68.11
CA THR A 308 -16.91 -85.13 -66.71
C THR A 308 -15.68 -86.02 -66.59
N THR A 309 -14.77 -85.73 -65.66
CA THR A 309 -13.51 -86.46 -65.47
C THR A 309 -13.36 -87.04 -64.07
N TYR A 310 -12.79 -88.24 -63.98
CA TYR A 310 -12.86 -89.12 -62.82
C TYR A 310 -11.52 -89.82 -62.55
N ALA A 311 -11.32 -90.25 -61.31
CA ALA A 311 -10.28 -91.19 -60.91
C ALA A 311 -10.93 -92.50 -60.39
N LEU A 312 -10.57 -93.62 -60.99
CA LEU A 312 -10.95 -94.98 -60.58
C LEU A 312 -9.72 -95.63 -59.96
N ASP A 313 -9.79 -95.99 -58.69
CA ASP A 313 -8.68 -96.51 -57.89
C ASP A 313 -8.94 -97.96 -57.43
N LEU A 314 -8.07 -98.91 -57.78
CA LEU A 314 -8.18 -100.32 -57.36
C LEU A 314 -7.57 -100.59 -55.96
N ASP A 315 -7.09 -99.57 -55.25
CA ASP A 315 -6.62 -99.69 -53.86
C ASP A 315 -5.53 -100.78 -53.67
N GLY A 316 -4.67 -100.96 -54.66
CA GLY A 316 -3.60 -101.96 -54.64
C GLY A 316 -4.08 -103.42 -54.68
N ALA A 317 -5.32 -103.69 -55.12
CA ALA A 317 -5.86 -105.05 -55.24
C ALA A 317 -4.95 -105.96 -56.10
N SER A 318 -4.81 -107.22 -55.68
CA SER A 318 -3.92 -108.20 -56.33
C SER A 318 -4.62 -109.27 -57.19
N ALA A 319 -5.95 -109.45 -57.06
CA ALA A 319 -6.70 -110.41 -57.87
C ALA A 319 -8.20 -110.11 -57.94
N GLY A 320 -8.84 -110.46 -59.07
CA GLY A 320 -10.28 -110.38 -59.29
C GLY A 320 -10.68 -109.42 -60.41
N ASN A 321 -11.97 -109.10 -60.47
CA ASN A 321 -12.59 -108.34 -61.54
C ASN A 321 -13.55 -107.26 -60.98
N PHE A 322 -13.80 -106.21 -61.76
CA PHE A 322 -14.66 -105.08 -61.39
C PHE A 322 -15.50 -104.64 -62.58
N THR A 323 -16.51 -103.81 -62.33
CA THR A 323 -17.49 -103.41 -63.35
C THR A 323 -17.73 -101.90 -63.34
N LEU A 324 -17.98 -101.34 -64.51
CA LEU A 324 -18.35 -99.94 -64.71
C LEU A 324 -19.81 -99.86 -65.16
N SER A 325 -20.41 -98.69 -64.98
CA SER A 325 -21.72 -98.33 -65.51
C SER A 325 -21.74 -96.84 -65.88
N LEU A 326 -22.55 -96.49 -66.89
CA LEU A 326 -22.54 -95.17 -67.52
C LEU A 326 -23.98 -94.79 -67.91
N ASP A 327 -24.56 -93.81 -67.21
CA ASP A 327 -25.99 -93.48 -67.31
C ASP A 327 -26.92 -94.71 -67.18
N GLY A 328 -26.54 -95.66 -66.32
CA GLY A 328 -27.30 -96.88 -66.04
C GLY A 328 -27.05 -98.06 -66.99
N LYS A 329 -26.43 -97.86 -68.16
CA LYS A 329 -25.89 -98.97 -68.97
C LYS A 329 -24.72 -99.62 -68.23
N THR A 330 -24.38 -100.88 -68.50
CA THR A 330 -23.40 -101.65 -67.69
C THR A 330 -22.31 -102.29 -68.55
N SER A 331 -21.07 -102.30 -68.07
CA SER A 331 -19.91 -102.84 -68.81
C SER A 331 -19.87 -104.37 -68.87
N ALA A 332 -18.97 -104.91 -69.69
CA ALA A 332 -18.43 -106.26 -69.48
C ALA A 332 -17.68 -106.36 -68.13
N ASN A 333 -17.41 -107.57 -67.65
CA ASN A 333 -16.67 -107.78 -66.41
C ASN A 333 -15.15 -107.63 -66.65
N ILE A 334 -14.49 -106.69 -65.98
CA ILE A 334 -13.11 -106.24 -66.31
C ILE A 334 -12.09 -106.70 -65.27
N ALA A 335 -10.99 -107.33 -65.71
CA ALA A 335 -9.92 -107.76 -64.82
C ALA A 335 -9.20 -106.56 -64.16
N TYR A 336 -8.83 -106.69 -62.88
CA TYR A 336 -8.36 -105.56 -62.08
C TYR A 336 -7.18 -104.78 -62.69
N ASN A 337 -6.19 -105.48 -63.23
CA ASN A 337 -4.97 -104.94 -63.83
C ASN A 337 -5.08 -104.69 -65.34
N ALA A 338 -6.27 -104.34 -65.83
CA ALA A 338 -6.52 -103.96 -67.22
C ALA A 338 -5.54 -102.87 -67.74
N SER A 339 -5.16 -102.95 -69.01
CA SER A 339 -4.43 -101.85 -69.65
C SER A 339 -5.34 -100.64 -69.86
N THR A 340 -4.78 -99.45 -70.05
CA THR A 340 -5.57 -98.26 -70.39
C THR A 340 -6.40 -98.47 -71.66
N ALA A 341 -5.85 -99.13 -72.68
CA ALA A 341 -6.57 -99.51 -73.88
C ALA A 341 -7.70 -100.52 -73.61
N THR A 342 -7.49 -101.47 -72.69
CA THR A 342 -8.54 -102.39 -72.25
C THR A 342 -9.66 -101.65 -71.53
N VAL A 343 -9.35 -100.67 -70.67
CA VAL A 343 -10.37 -99.85 -70.00
C VAL A 343 -11.13 -98.96 -70.99
N LYS A 344 -10.46 -98.33 -71.96
CA LYS A 344 -11.16 -97.60 -73.03
C LYS A 344 -12.07 -98.53 -73.83
N SER A 345 -11.60 -99.72 -74.20
CA SER A 345 -12.42 -100.75 -74.84
C SER A 345 -13.64 -101.12 -74.00
N ALA A 346 -13.47 -101.31 -72.69
CA ALA A 346 -14.56 -101.61 -71.77
C ALA A 346 -15.65 -100.54 -71.73
N ILE A 347 -15.30 -99.25 -71.86
CA ILE A 347 -16.27 -98.16 -71.98
C ILE A 347 -16.90 -98.13 -73.37
N VAL A 348 -16.16 -98.16 -74.47
CA VAL A 348 -16.76 -98.06 -75.81
C VAL A 348 -17.59 -99.29 -76.20
N ALA A 349 -17.42 -100.41 -75.50
CA ALA A 349 -18.27 -101.59 -75.64
C ALA A 349 -19.70 -101.39 -75.05
N ILE A 350 -19.94 -100.34 -74.28
CA ILE A 350 -21.26 -100.02 -73.70
C ILE A 350 -22.25 -99.62 -74.81
N ASP A 351 -23.54 -99.85 -74.57
CA ASP A 351 -24.57 -99.95 -75.61
C ASP A 351 -24.67 -98.75 -76.57
N ASP A 352 -24.61 -97.50 -76.10
CA ASP A 352 -24.90 -96.33 -76.94
C ASP A 352 -24.08 -95.07 -76.58
N GLY A 353 -23.84 -94.22 -77.58
CA GLY A 353 -23.28 -92.87 -77.43
C GLY A 353 -21.79 -92.81 -77.12
N VAL A 354 -21.15 -93.95 -76.81
CA VAL A 354 -19.75 -94.05 -76.40
C VAL A 354 -18.79 -94.06 -77.60
N SER A 355 -18.71 -92.93 -78.31
CA SER A 355 -17.83 -92.78 -79.47
C SER A 355 -16.34 -92.76 -79.07
N ALA A 356 -15.51 -93.45 -79.85
CA ALA A 356 -14.10 -93.67 -79.52
C ALA A 356 -13.21 -92.42 -79.64
N ASP A 357 -13.73 -91.33 -80.20
CA ASP A 357 -13.08 -90.01 -80.23
C ASP A 357 -13.38 -89.16 -78.97
N ASP A 358 -14.59 -89.23 -78.43
CA ASP A 358 -14.97 -88.50 -77.20
C ASP A 358 -14.51 -89.19 -75.91
N VAL A 359 -14.74 -90.51 -75.78
CA VAL A 359 -14.36 -91.28 -74.59
C VAL A 359 -12.83 -91.31 -74.43
N THR A 360 -12.33 -91.00 -73.23
CA THR A 360 -10.89 -90.81 -72.98
C THR A 360 -10.43 -91.53 -71.71
N VAL A 361 -9.29 -92.22 -71.75
CA VAL A 361 -8.65 -92.87 -70.59
C VAL A 361 -7.16 -92.55 -70.61
N THR A 362 -6.55 -92.21 -69.47
CA THR A 362 -5.22 -91.58 -69.41
C THR A 362 -4.31 -92.01 -68.25
N GLY A 363 -4.72 -93.01 -67.45
CA GLY A 363 -3.99 -93.43 -66.24
C GLY A 363 -2.96 -94.55 -66.47
N SER A 364 -2.93 -95.51 -65.54
CA SER A 364 -2.11 -96.72 -65.60
C SER A 364 -2.77 -97.88 -64.84
N ALA A 365 -2.27 -99.10 -64.96
CA ALA A 365 -2.91 -100.29 -64.36
C ALA A 365 -3.18 -100.13 -62.86
N GLY A 366 -4.43 -100.31 -62.45
CA GLY A 366 -4.90 -100.12 -61.08
C GLY A 366 -5.16 -98.66 -60.65
N ASP A 367 -4.95 -97.67 -61.52
CA ASP A 367 -5.10 -96.23 -61.24
C ASP A 367 -5.49 -95.48 -62.52
N TYR A 368 -6.76 -95.57 -62.91
CA TYR A 368 -7.24 -95.06 -64.18
C TYR A 368 -7.86 -93.66 -64.02
N THR A 369 -7.25 -92.63 -64.58
CA THR A 369 -7.94 -91.36 -64.85
C THR A 369 -8.78 -91.52 -66.11
N ILE A 370 -10.07 -91.18 -66.04
CA ILE A 370 -11.09 -91.44 -67.06
C ILE A 370 -11.85 -90.15 -67.35
N THR A 371 -12.22 -89.89 -68.60
CA THR A 371 -13.11 -88.76 -68.96
C THR A 371 -14.18 -89.24 -69.93
N VAL A 372 -15.44 -88.87 -69.69
CA VAL A 372 -16.58 -89.42 -70.44
C VAL A 372 -17.78 -88.46 -70.45
N PRO A 373 -18.63 -88.45 -71.49
CA PRO A 373 -19.92 -87.78 -71.46
C PRO A 373 -20.94 -88.64 -70.69
N GLY A 374 -21.00 -88.49 -69.36
CA GLY A 374 -22.06 -89.08 -68.54
C GLY A 374 -21.70 -89.31 -67.08
N THR A 375 -22.67 -89.80 -66.31
CA THR A 375 -22.48 -90.25 -64.93
C THR A 375 -21.84 -91.63 -64.91
N LEU A 376 -20.53 -91.69 -64.66
CA LEU A 376 -19.80 -92.93 -64.47
C LEU A 376 -19.98 -93.44 -63.04
N THR A 377 -20.15 -94.74 -62.85
CA THR A 377 -20.17 -95.40 -61.54
C THR A 377 -19.59 -96.82 -61.64
N ALA A 378 -19.23 -97.43 -60.52
CA ALA A 378 -18.51 -98.70 -60.51
C ALA A 378 -19.00 -99.64 -59.39
N ASP A 379 -18.84 -100.94 -59.60
CA ASP A 379 -19.04 -101.96 -58.57
C ASP A 379 -17.87 -102.96 -58.60
N PHE A 380 -17.21 -103.08 -57.44
CA PHE A 380 -16.04 -103.91 -57.20
C PHE A 380 -16.39 -105.30 -56.63
N SER A 381 -17.66 -105.70 -56.65
CA SER A 381 -18.06 -107.08 -56.40
C SER A 381 -17.38 -108.03 -57.41
N GLY A 382 -16.72 -109.08 -56.91
CA GLY A 382 -15.82 -109.92 -57.71
C GLY A 382 -14.34 -109.51 -57.67
N LEU A 383 -14.01 -108.38 -57.04
CA LEU A 383 -12.63 -108.03 -56.67
C LEU A 383 -12.31 -108.66 -55.31
N THR A 384 -11.21 -109.40 -55.21
CA THR A 384 -10.88 -110.21 -54.01
C THR A 384 -10.05 -109.44 -52.97
N ASP A 385 -9.71 -108.19 -53.25
CA ASP A 385 -8.65 -107.43 -52.59
C ASP A 385 -8.87 -105.92 -52.82
N GLY A 386 -8.15 -105.04 -52.11
CA GLY A 386 -8.34 -103.59 -52.22
C GLY A 386 -9.71 -103.15 -51.71
N GLU A 387 -9.98 -103.37 -50.42
CA GLU A 387 -11.30 -103.10 -49.81
C GLU A 387 -11.73 -101.62 -49.86
N GLY A 388 -10.83 -100.69 -50.17
CA GLY A 388 -11.11 -99.29 -50.45
C GLY A 388 -11.24 -98.94 -51.94
N ALA A 389 -11.31 -99.92 -52.86
CA ALA A 389 -11.42 -99.65 -54.29
C ALA A 389 -12.66 -98.77 -54.60
N SER A 390 -12.48 -97.71 -55.37
CA SER A 390 -13.40 -96.55 -55.36
C SER A 390 -13.29 -95.65 -56.59
N ILE A 391 -14.29 -94.77 -56.74
CA ILE A 391 -14.50 -93.89 -57.89
C ILE A 391 -14.81 -92.48 -57.36
N SER A 392 -14.21 -91.44 -57.95
CA SER A 392 -14.50 -90.04 -57.65
C SER A 392 -14.36 -89.16 -58.88
N VAL A 393 -15.11 -88.06 -58.96
CA VAL A 393 -14.81 -86.95 -59.86
C VAL A 393 -13.54 -86.22 -59.37
N VAL A 394 -12.80 -85.56 -60.26
CA VAL A 394 -11.59 -84.78 -59.92
C VAL A 394 -11.52 -83.45 -60.68
N SER A 395 -10.87 -82.43 -60.10
CA SER A 395 -10.74 -81.11 -60.74
C SER A 395 -9.75 -81.12 -61.91
N VAL A 396 -10.06 -80.38 -62.96
CA VAL A 396 -9.08 -79.99 -64.00
C VAL A 396 -8.14 -78.89 -63.45
N GLY A 397 -6.98 -78.72 -64.08
CA GLY A 397 -5.98 -77.69 -63.73
C GLY A 397 -4.91 -77.53 -64.80
N GLY B 2 2.78 -78.18 -36.95
CA GLY B 2 2.23 -78.38 -35.60
C GLY B 2 3.20 -79.10 -34.70
N PHE B 3 2.72 -80.07 -33.92
CA PHE B 3 3.52 -80.88 -33.01
C PHE B 3 3.11 -82.36 -33.10
N SER B 4 3.93 -83.24 -32.55
CA SER B 4 3.72 -84.68 -32.60
C SER B 4 2.42 -85.12 -31.90
N ALA B 5 2.00 -86.37 -32.16
CA ALA B 5 0.70 -86.86 -31.73
C ALA B 5 0.52 -86.92 -30.21
N ASP B 6 1.60 -87.05 -29.44
CA ASP B 6 1.56 -86.94 -27.98
C ASP B 6 2.88 -86.35 -27.48
N HIS B 7 3.07 -85.06 -27.77
CA HIS B 7 4.35 -84.40 -27.60
C HIS B 7 4.76 -84.31 -26.15
N SER B 8 5.99 -84.67 -25.81
CA SER B 8 6.42 -84.84 -24.42
C SER B 8 6.48 -83.54 -23.61
N GLN B 9 6.43 -82.37 -24.26
CA GLN B 9 6.48 -81.07 -23.58
C GLN B 9 5.16 -80.30 -23.56
N ILE B 10 4.13 -80.69 -24.32
CA ILE B 10 2.91 -79.89 -24.51
C ILE B 10 1.67 -80.76 -24.34
N ALA B 11 0.66 -80.30 -23.60
CA ALA B 11 -0.65 -80.93 -23.56
C ALA B 11 -1.54 -80.50 -24.74
N GLN B 12 -2.17 -81.47 -25.40
CA GLN B 12 -3.02 -81.23 -26.56
C GLN B 12 -4.26 -82.13 -26.48
N THR B 13 -5.38 -81.72 -27.06
CA THR B 13 -6.58 -82.59 -27.11
C THR B 13 -6.33 -83.88 -27.86
N LYS B 14 -5.32 -83.88 -28.73
CA LYS B 14 -4.80 -85.01 -29.49
C LYS B 14 -4.20 -86.11 -28.59
N ASP B 15 -3.72 -85.77 -27.41
CA ASP B 15 -2.88 -86.66 -26.61
C ASP B 15 -3.61 -87.92 -26.11
N THR B 16 -2.85 -89.00 -25.94
CA THR B 16 -3.41 -90.31 -25.54
C THR B 16 -4.00 -90.28 -24.14
N MET B 17 -3.38 -89.53 -23.23
CA MET B 17 -3.81 -89.43 -21.84
C MET B 17 -5.24 -88.93 -21.65
N PHE B 18 -5.83 -88.23 -22.63
CA PHE B 18 -7.20 -87.75 -22.53
C PHE B 18 -8.24 -88.67 -23.18
N THR B 19 -7.86 -89.81 -23.75
CA THR B 19 -8.86 -90.77 -24.25
C THR B 19 -9.82 -91.18 -23.15
N GLY B 20 -11.12 -91.23 -23.46
CA GLY B 20 -12.20 -91.40 -22.49
C GLY B 20 -12.77 -90.09 -21.94
N TYR B 21 -12.05 -88.98 -22.12
CA TYR B 21 -12.62 -87.64 -22.09
C TYR B 21 -12.76 -87.13 -23.52
N LEU B 22 -13.34 -85.94 -23.71
CA LEU B 22 -13.44 -85.31 -25.03
C LEU B 22 -14.18 -86.17 -26.07
N ASP B 23 -15.11 -87.02 -25.66
CA ASP B 23 -15.95 -87.77 -26.59
C ASP B 23 -16.88 -86.84 -27.38
N PRO B 24 -17.20 -87.16 -28.64
CA PRO B 24 -18.22 -86.45 -29.37
C PRO B 24 -19.60 -86.74 -28.76
N VAL B 25 -20.52 -85.79 -28.90
CA VAL B 25 -21.81 -85.77 -28.19
C VAL B 25 -22.95 -86.24 -29.09
N GLN B 26 -23.84 -87.11 -28.59
CA GLN B 26 -24.87 -87.71 -29.44
C GLN B 26 -25.96 -86.70 -29.83
N ALA B 27 -26.47 -86.82 -31.05
CA ALA B 27 -27.53 -85.97 -31.61
C ALA B 27 -28.60 -86.78 -32.35
N LYS B 28 -29.78 -86.20 -32.62
CA LYS B 28 -30.83 -86.86 -33.41
C LYS B 28 -30.42 -87.09 -34.86
N ASP B 29 -31.04 -88.03 -35.54
CA ASP B 29 -30.74 -88.30 -36.95
C ASP B 29 -31.34 -87.24 -37.87
N TYR B 30 -30.56 -86.22 -38.22
CA TYR B 30 -30.98 -85.18 -39.14
C TYR B 30 -31.30 -85.66 -40.56
N PHE B 31 -30.98 -86.91 -40.91
CA PHE B 31 -31.19 -87.49 -42.22
C PHE B 31 -32.21 -88.63 -42.23
N ALA B 32 -32.94 -88.83 -41.14
CA ALA B 32 -34.06 -89.75 -41.12
C ALA B 32 -35.14 -89.37 -42.15
N GLU B 33 -35.92 -90.35 -42.57
CA GLU B 33 -37.12 -90.19 -43.39
C GLU B 33 -38.26 -91.01 -42.81
N ALA B 34 -39.49 -90.63 -43.10
CA ALA B 34 -40.68 -91.19 -42.45
C ALA B 34 -40.89 -92.68 -42.75
N GLU B 35 -41.57 -93.35 -41.83
CA GLU B 35 -42.01 -94.75 -41.98
C GLU B 35 -43.13 -94.83 -43.01
N LYS B 36 -42.77 -94.99 -44.29
CA LYS B 36 -43.70 -94.78 -45.39
C LYS B 36 -44.88 -95.76 -45.40
N THR B 37 -46.07 -95.22 -45.64
CA THR B 37 -47.34 -95.95 -45.63
C THR B 37 -47.47 -96.94 -46.79
N SER B 38 -48.30 -97.96 -46.62
CA SER B 38 -48.89 -98.65 -47.76
C SER B 38 -49.66 -97.66 -48.63
N ILE B 39 -49.55 -97.76 -49.95
CA ILE B 39 -50.41 -97.02 -50.88
C ILE B 39 -51.71 -97.77 -51.15
N VAL B 40 -51.68 -99.10 -51.20
CA VAL B 40 -52.87 -99.86 -51.55
C VAL B 40 -53.95 -99.64 -50.52
N GLN B 41 -53.61 -99.61 -49.24
CA GLN B 41 -54.58 -99.36 -48.19
C GLN B 41 -55.26 -97.98 -48.29
N ARG B 42 -54.66 -97.02 -49.01
CA ARG B 42 -55.27 -95.70 -49.30
C ARG B 42 -56.14 -95.74 -50.54
N VAL B 43 -55.70 -96.41 -51.60
CA VAL B 43 -56.40 -96.42 -52.90
C VAL B 43 -57.58 -97.40 -52.92
N ALA B 44 -57.45 -98.57 -52.31
CA ALA B 44 -58.41 -99.66 -52.39
C ALA B 44 -59.53 -99.58 -51.34
N GLN B 45 -60.73 -100.03 -51.70
CA GLN B 45 -61.88 -100.09 -50.78
C GLN B 45 -61.70 -101.16 -49.70
N LYS B 46 -61.68 -100.78 -48.42
CA LYS B 46 -61.60 -101.74 -47.32
C LYS B 46 -62.94 -102.41 -47.11
N ILE B 47 -62.97 -103.73 -47.17
CA ILE B 47 -64.15 -104.58 -47.03
C ILE B 47 -64.07 -105.41 -45.75
N PRO B 48 -65.11 -105.45 -44.91
CA PRO B 48 -65.06 -106.15 -43.65
C PRO B 48 -65.00 -107.65 -43.88
N MET B 49 -64.03 -108.31 -43.26
CA MET B 49 -63.68 -109.70 -43.57
C MET B 49 -63.46 -110.51 -42.31
N GLY B 50 -64.05 -111.70 -42.24
CA GLY B 50 -63.82 -112.66 -41.17
C GLY B 50 -62.68 -113.62 -41.49
N ALA B 51 -62.18 -114.34 -40.49
CA ALA B 51 -61.09 -115.30 -40.69
C ALA B 51 -61.43 -116.40 -41.71
N THR B 52 -62.70 -116.76 -41.89
CA THR B 52 -63.11 -117.79 -42.86
C THR B 52 -63.30 -117.25 -44.27
N GLY B 53 -63.04 -115.97 -44.54
CA GLY B 53 -63.15 -115.39 -45.87
C GLY B 53 -64.59 -115.08 -46.29
N ILE B 54 -64.79 -114.61 -47.52
CA ILE B 54 -66.09 -114.16 -48.01
C ILE B 54 -66.39 -114.65 -49.42
N VAL B 55 -67.68 -114.67 -49.78
CA VAL B 55 -68.17 -115.04 -51.11
C VAL B 55 -68.85 -113.85 -51.76
N ILE B 56 -68.41 -113.50 -52.97
CA ILE B 56 -68.97 -112.43 -53.78
C ILE B 56 -69.84 -113.05 -54.88
N PRO B 57 -71.16 -112.83 -54.89
CA PRO B 57 -72.05 -113.27 -55.95
C PRO B 57 -72.01 -112.29 -57.13
N HIS B 58 -72.41 -112.74 -58.32
CA HIS B 58 -72.43 -111.93 -59.53
C HIS B 58 -73.51 -112.40 -60.51
N TRP B 59 -74.07 -111.49 -61.30
CA TRP B 59 -75.04 -111.80 -62.36
C TRP B 59 -74.36 -111.80 -63.72
N THR B 60 -74.72 -112.73 -64.60
CA THR B 60 -73.97 -112.98 -65.83
C THR B 60 -74.83 -113.49 -66.99
N GLY B 61 -76.15 -113.40 -66.90
CA GLY B 61 -77.06 -113.88 -67.94
C GLY B 61 -77.35 -112.82 -69.00
N ASP B 62 -77.22 -113.19 -70.26
CA ASP B 62 -77.70 -112.40 -71.40
C ASP B 62 -79.18 -112.70 -71.67
N VAL B 63 -80.06 -112.12 -70.86
CA VAL B 63 -81.52 -112.24 -70.99
C VAL B 63 -81.99 -111.59 -72.30
N SER B 64 -82.90 -112.23 -73.03
CA SER B 64 -83.24 -111.87 -74.42
C SER B 64 -84.73 -111.75 -74.69
N ALA B 65 -85.08 -110.90 -75.64
CA ALA B 65 -86.45 -110.66 -76.11
C ALA B 65 -86.44 -110.37 -77.61
N GLN B 66 -87.57 -110.59 -78.29
CA GLN B 66 -87.66 -110.40 -79.73
C GLN B 66 -88.97 -109.73 -80.14
N TRP B 67 -88.92 -108.94 -81.20
CA TRP B 67 -90.14 -108.46 -81.85
C TRP B 67 -90.88 -109.62 -82.48
N ILE B 68 -92.20 -109.63 -82.42
CA ILE B 68 -93.04 -110.70 -82.95
C ILE B 68 -94.27 -110.12 -83.66
N GLY B 69 -94.73 -110.76 -84.72
CA GLY B 69 -96.02 -110.45 -85.33
C GLY B 69 -97.18 -111.03 -84.53
N GLU B 70 -98.40 -110.62 -84.83
CA GLU B 70 -99.57 -111.23 -84.21
C GLU B 70 -99.62 -112.73 -84.54
N GLY B 71 -99.68 -113.59 -83.51
CA GLY B 71 -99.68 -115.04 -83.67
C GLY B 71 -98.32 -115.68 -83.95
N ASP B 72 -97.22 -114.93 -84.01
CA ASP B 72 -95.88 -115.52 -83.95
C ASP B 72 -95.59 -115.98 -82.52
N MET B 73 -95.76 -117.26 -82.22
CA MET B 73 -95.75 -117.73 -80.83
C MET B 73 -94.38 -117.55 -80.15
N LYS B 74 -94.46 -117.11 -78.89
CA LYS B 74 -93.44 -116.33 -78.16
C LYS B 74 -92.20 -117.15 -77.77
N PRO B 75 -90.98 -116.58 -77.85
CA PRO B 75 -89.72 -117.29 -77.60
C PRO B 75 -89.41 -117.46 -76.12
N ILE B 76 -88.46 -118.33 -75.78
CA ILE B 76 -88.04 -118.63 -74.40
C ILE B 76 -86.62 -118.12 -74.13
N THR B 77 -86.35 -117.63 -72.91
CA THR B 77 -85.05 -117.11 -72.48
C THR B 77 -84.75 -117.48 -71.03
N LYS B 78 -83.48 -117.51 -70.61
CA LYS B 78 -83.04 -117.98 -69.27
C LYS B 78 -81.85 -117.15 -68.78
N GLY B 79 -81.97 -116.50 -67.63
CA GLY B 79 -80.85 -115.78 -66.99
C GLY B 79 -79.85 -116.72 -66.32
N ASN B 80 -78.71 -116.18 -65.87
CA ASN B 80 -77.61 -116.95 -65.29
C ASN B 80 -76.83 -116.16 -64.22
N MET B 81 -76.21 -116.87 -63.28
CA MET B 81 -75.52 -116.34 -62.10
C MET B 81 -74.17 -117.03 -61.91
N THR B 82 -73.27 -116.42 -61.15
CA THR B 82 -71.98 -116.99 -60.78
C THR B 82 -71.46 -116.41 -59.47
N LYS B 83 -70.42 -116.98 -58.87
CA LYS B 83 -69.83 -116.46 -57.64
C LYS B 83 -68.34 -116.78 -57.52
N ARG B 84 -67.63 -116.02 -56.69
CA ARG B 84 -66.19 -116.15 -56.42
C ARG B 84 -65.93 -115.92 -54.94
N ASP B 85 -64.98 -116.63 -54.35
CA ASP B 85 -64.67 -116.55 -52.93
C ASP B 85 -63.20 -116.18 -52.68
N VAL B 86 -62.91 -115.54 -51.55
CA VAL B 86 -61.55 -115.10 -51.20
C VAL B 86 -61.28 -115.34 -49.70
N HIS B 87 -60.04 -115.69 -49.36
CA HIS B 87 -59.61 -116.04 -48.02
C HIS B 87 -58.42 -115.19 -47.58
N PRO B 88 -58.32 -114.75 -46.33
CA PRO B 88 -57.20 -113.95 -45.87
C PRO B 88 -55.96 -114.80 -45.61
N ALA B 89 -54.78 -114.21 -45.75
CA ALA B 89 -53.47 -114.80 -45.52
C ALA B 89 -52.78 -114.15 -44.32
N LYS B 90 -52.08 -114.95 -43.52
CA LYS B 90 -51.33 -114.52 -42.34
C LYS B 90 -49.94 -114.04 -42.74
N ILE B 91 -49.40 -113.07 -42.03
CA ILE B 91 -48.01 -112.61 -42.13
C ILE B 91 -47.45 -112.41 -40.73
N ALA B 92 -46.23 -112.85 -40.49
CA ALA B 92 -45.69 -112.92 -39.14
C ALA B 92 -44.17 -112.74 -39.08
N THR B 93 -43.66 -112.39 -37.91
CA THR B 93 -42.22 -112.40 -37.63
C THR B 93 -41.93 -112.45 -36.13
N ILE B 94 -40.75 -112.88 -35.73
CA ILE B 94 -40.29 -112.95 -34.34
C ILE B 94 -38.95 -112.24 -34.23
N PHE B 95 -38.69 -111.50 -33.16
CA PHE B 95 -37.36 -110.97 -32.89
C PHE B 95 -36.96 -111.17 -31.43
N VAL B 96 -35.66 -111.29 -31.19
CA VAL B 96 -35.12 -111.84 -29.93
C VAL B 96 -34.00 -110.97 -29.40
N ALA B 97 -33.93 -110.77 -28.08
CA ALA B 97 -32.88 -109.99 -27.46
C ALA B 97 -32.41 -110.60 -26.13
N SER B 98 -31.19 -110.30 -25.68
CA SER B 98 -30.75 -110.76 -24.35
C SER B 98 -31.49 -110.02 -23.25
N ALA B 99 -31.68 -110.63 -22.08
CA ALA B 99 -32.27 -109.92 -20.93
C ALA B 99 -31.50 -108.65 -20.57
N GLU B 100 -30.17 -108.63 -20.71
CA GLU B 100 -29.37 -107.43 -20.48
C GLU B 100 -29.70 -106.32 -21.49
N THR B 101 -29.94 -106.67 -22.75
CA THR B 101 -30.45 -105.73 -23.77
C THR B 101 -31.83 -105.23 -23.40
N VAL B 102 -32.72 -106.07 -22.86
CA VAL B 102 -34.05 -105.64 -22.42
C VAL B 102 -33.99 -104.70 -21.24
N ARG B 103 -33.20 -105.02 -20.22
CA ARG B 103 -33.05 -104.17 -19.02
C ARG B 103 -32.49 -102.80 -19.37
N ALA B 104 -31.52 -102.74 -20.27
CA ALA B 104 -30.89 -101.50 -20.68
C ALA B 104 -31.66 -100.72 -21.75
N ASN B 105 -32.29 -101.41 -22.71
CA ASN B 105 -32.95 -100.86 -23.89
C ASN B 105 -32.10 -99.79 -24.62
N PRO B 106 -30.92 -100.15 -25.15
CA PRO B 106 -30.02 -99.21 -25.79
C PRO B 106 -30.67 -98.57 -27.01
N ALA B 107 -30.50 -97.27 -27.18
CA ALA B 107 -30.99 -96.52 -28.34
C ALA B 107 -32.49 -96.68 -28.63
N ASN B 108 -33.26 -97.10 -27.64
CA ASN B 108 -34.64 -97.56 -27.78
C ASN B 108 -34.84 -98.57 -28.93
N TYR B 109 -33.90 -99.50 -29.09
CA TYR B 109 -33.95 -100.55 -30.12
C TYR B 109 -35.24 -101.35 -30.04
N LEU B 110 -35.60 -101.87 -28.86
CA LEU B 110 -36.77 -102.74 -28.74
C LEU B 110 -38.08 -102.01 -29.03
N GLY B 111 -38.14 -100.70 -28.82
CA GLY B 111 -39.30 -99.91 -29.22
C GLY B 111 -39.28 -99.56 -30.72
N THR B 112 -38.11 -99.24 -31.25
CA THR B 112 -37.92 -98.95 -32.67
C THR B 112 -38.28 -100.14 -33.53
N MET B 113 -37.89 -101.35 -33.14
CA MET B 113 -38.21 -102.58 -33.86
C MET B 113 -39.72 -102.74 -34.07
N ARG B 114 -40.56 -102.42 -33.09
CA ARG B 114 -42.02 -102.51 -33.28
C ARG B 114 -42.53 -101.64 -34.41
N THR B 115 -41.95 -100.45 -34.60
CA THR B 115 -42.30 -99.64 -35.76
C THR B 115 -41.76 -100.24 -37.04
N LYS B 116 -40.51 -100.75 -37.03
CA LYS B 116 -39.91 -101.31 -38.24
C LYS B 116 -40.66 -102.53 -38.73
N VAL B 117 -41.05 -103.46 -37.87
CA VAL B 117 -41.85 -104.61 -38.32
C VAL B 117 -43.20 -104.16 -38.85
N ALA B 118 -43.82 -103.13 -38.29
CA ALA B 118 -45.07 -102.61 -38.82
C ALA B 118 -44.87 -102.06 -40.24
N THR B 119 -43.84 -101.25 -40.48
CA THR B 119 -43.52 -100.76 -41.82
C THR B 119 -43.20 -101.90 -42.77
N ALA B 120 -42.42 -102.89 -42.33
CA ALA B 120 -42.12 -104.04 -43.16
C ALA B 120 -43.40 -104.76 -43.60
N ILE B 121 -44.33 -105.00 -42.68
CA ILE B 121 -45.60 -105.67 -42.98
C ILE B 121 -46.47 -104.81 -43.92
N ALA B 122 -46.58 -103.51 -43.69
CA ALA B 122 -47.33 -102.65 -44.60
C ALA B 122 -46.71 -102.60 -45.99
N MET B 123 -45.40 -102.55 -46.12
CA MET B 123 -44.75 -102.60 -47.43
C MET B 123 -44.92 -103.95 -48.10
N ALA B 124 -44.88 -105.05 -47.34
CA ALA B 124 -45.11 -106.38 -47.90
C ALA B 124 -46.50 -106.46 -48.52
N PHE B 125 -47.50 -105.82 -47.93
CA PHE B 125 -48.84 -105.78 -48.49
C PHE B 125 -48.91 -104.98 -49.81
N ASP B 126 -48.21 -103.85 -49.95
CA ASP B 126 -48.10 -103.20 -51.25
C ASP B 126 -47.44 -104.11 -52.29
N ASN B 127 -46.26 -104.65 -52.00
CA ASN B 127 -45.53 -105.43 -53.00
C ASN B 127 -46.24 -106.72 -53.37
N ALA B 128 -47.04 -107.30 -52.47
CA ALA B 128 -47.87 -108.45 -52.76
C ALA B 128 -49.08 -108.11 -53.64
N ALA B 129 -49.47 -106.85 -53.75
CA ALA B 129 -50.66 -106.42 -54.47
C ALA B 129 -50.34 -105.68 -55.77
N LEU B 130 -49.29 -104.86 -55.80
CA LEU B 130 -48.85 -104.18 -57.00
C LEU B 130 -48.16 -105.19 -57.92
N HIS B 131 -46.88 -105.47 -57.67
CA HIS B 131 -46.06 -106.31 -58.52
C HIS B 131 -46.18 -107.81 -58.22
N GLY B 132 -46.89 -108.20 -57.18
CA GLY B 132 -47.11 -109.60 -56.83
C GLY B 132 -45.85 -110.33 -56.39
N THR B 133 -44.90 -109.64 -55.76
CA THR B 133 -43.51 -110.14 -55.62
C THR B 133 -43.38 -111.43 -54.82
N ASN B 134 -44.19 -111.59 -53.77
CA ASN B 134 -44.16 -112.75 -52.90
C ASN B 134 -45.58 -113.13 -52.45
N ALA B 135 -46.59 -112.83 -53.26
CA ALA B 135 -47.98 -112.93 -52.86
C ALA B 135 -48.32 -114.33 -52.35
N PRO B 136 -48.99 -114.48 -51.20
CA PRO B 136 -49.42 -115.77 -50.73
C PRO B 136 -50.50 -116.32 -51.66
N SER B 137 -50.62 -117.62 -51.75
CA SER B 137 -51.54 -118.28 -52.69
C SER B 137 -52.99 -117.86 -52.53
N ALA B 138 -53.38 -117.36 -51.37
CA ALA B 138 -54.74 -116.90 -51.10
C ALA B 138 -55.09 -115.51 -51.70
N PHE B 139 -54.11 -114.67 -52.05
CA PHE B 139 -54.40 -113.43 -52.76
C PHE B 139 -54.79 -113.73 -54.21
N GLN B 140 -55.77 -113.02 -54.76
CA GLN B 140 -56.23 -113.26 -56.13
C GLN B 140 -55.99 -112.05 -57.03
N GLY B 141 -55.18 -112.24 -58.06
CA GLY B 141 -54.73 -111.18 -58.96
C GLY B 141 -53.69 -110.25 -58.32
N TYR B 142 -52.92 -109.57 -59.15
CA TYR B 142 -52.04 -108.48 -58.73
C TYR B 142 -51.97 -107.43 -59.83
N LEU B 143 -51.79 -106.17 -59.45
CA LEU B 143 -52.10 -105.05 -60.33
C LEU B 143 -51.25 -105.04 -61.58
N ASP B 144 -50.02 -105.53 -61.48
CA ASP B 144 -49.10 -105.62 -62.61
C ASP B 144 -49.44 -106.73 -63.62
N GLN B 145 -50.36 -107.62 -63.29
CA GLN B 145 -50.74 -108.75 -64.15
C GLN B 145 -51.55 -108.34 -65.40
N SER B 146 -51.88 -107.07 -65.57
CA SER B 146 -52.63 -106.56 -66.72
C SER B 146 -51.99 -106.86 -68.08
N ASN B 147 -52.83 -107.13 -69.08
CA ASN B 147 -52.40 -107.32 -70.46
C ASN B 147 -52.12 -106.02 -71.25
N LYS B 148 -52.31 -104.83 -70.68
CA LYS B 148 -52.16 -103.53 -71.38
C LYS B 148 -51.01 -102.68 -70.88
N THR B 149 -50.13 -102.25 -71.78
CA THR B 149 -49.08 -101.26 -71.51
C THR B 149 -49.24 -100.06 -72.44
N GLN B 150 -48.91 -98.86 -71.95
CA GLN B 150 -48.97 -97.63 -72.71
C GLN B 150 -47.71 -96.81 -72.45
N SER B 151 -47.16 -96.17 -73.49
CA SER B 151 -46.07 -95.22 -73.30
C SER B 151 -46.61 -93.87 -72.83
N ILE B 152 -45.99 -93.29 -71.82
CA ILE B 152 -46.26 -91.92 -71.37
C ILE B 152 -45.11 -90.95 -71.72
N SER B 153 -44.06 -91.42 -72.41
CA SER B 153 -42.76 -90.75 -72.44
C SER B 153 -42.71 -89.39 -73.16
N PRO B 154 -43.02 -89.26 -74.46
CA PRO B 154 -42.78 -88.02 -75.16
C PRO B 154 -43.76 -86.91 -74.79
N ASN B 155 -45.02 -87.26 -74.49
CA ASN B 155 -46.07 -86.30 -74.13
C ASN B 155 -47.16 -87.02 -73.31
N ALA B 156 -47.30 -86.67 -72.04
CA ALA B 156 -48.23 -87.34 -71.15
C ALA B 156 -49.70 -87.18 -71.56
N TYR B 157 -50.12 -86.02 -72.06
CA TYR B 157 -51.52 -85.83 -72.47
C TYR B 157 -51.87 -86.78 -73.60
N GLN B 158 -51.05 -86.82 -74.64
CA GLN B 158 -51.22 -87.72 -75.78
C GLN B 158 -50.99 -89.19 -75.42
N GLY B 159 -50.42 -89.48 -74.25
CA GLY B 159 -50.25 -90.83 -73.73
C GLY B 159 -51.42 -91.29 -72.86
N LEU B 160 -52.01 -90.40 -72.06
CA LEU B 160 -53.09 -90.73 -71.13
C LEU B 160 -54.47 -90.37 -71.68
N GLY B 161 -54.71 -89.09 -71.96
CA GLY B 161 -56.03 -88.58 -72.36
C GLY B 161 -56.46 -89.04 -73.76
N VAL B 162 -55.50 -89.51 -74.54
CA VAL B 162 -55.62 -90.15 -75.85
C VAL B 162 -54.69 -91.35 -75.82
N SER B 163 -54.90 -92.36 -76.67
CA SER B 163 -54.14 -93.61 -76.68
C SER B 163 -54.34 -94.45 -75.42
N GLY B 164 -53.83 -94.05 -74.26
CA GLY B 164 -54.07 -94.77 -73.01
C GLY B 164 -55.56 -94.94 -72.74
N LEU B 165 -56.32 -93.86 -72.75
CA LEU B 165 -57.76 -93.94 -72.61
C LEU B 165 -58.39 -94.76 -73.74
N THR B 166 -57.89 -94.66 -74.98
CA THR B 166 -58.43 -95.43 -76.12
C THR B 166 -58.45 -96.92 -75.83
N LYS B 167 -57.39 -97.46 -75.22
CA LYS B 167 -57.33 -98.86 -74.83
C LYS B 167 -58.42 -99.21 -73.82
N LEU B 168 -58.56 -98.41 -72.77
CA LEU B 168 -59.55 -98.68 -71.72
C LEU B 168 -60.97 -98.69 -72.27
N VAL B 169 -61.38 -97.70 -73.06
CA VAL B 169 -62.75 -97.69 -73.59
C VAL B 169 -62.95 -98.74 -74.68
N THR B 170 -61.92 -99.10 -75.45
CA THR B 170 -62.04 -100.16 -76.45
C THR B 170 -62.37 -101.51 -75.82
N ASP B 171 -61.79 -101.81 -74.66
CA ASP B 171 -62.13 -103.00 -73.89
C ASP B 171 -63.42 -102.85 -73.06
N GLY B 172 -64.17 -101.75 -73.22
CA GLY B 172 -65.41 -101.52 -72.47
C GLY B 172 -65.22 -101.22 -70.98
N LYS B 173 -64.01 -100.85 -70.56
CA LYS B 173 -63.68 -100.45 -69.18
C LYS B 173 -63.97 -98.97 -68.96
N LYS B 174 -63.47 -98.38 -67.86
CA LYS B 174 -63.52 -96.93 -67.61
C LYS B 174 -62.26 -96.44 -66.89
N TRP B 175 -61.91 -95.18 -67.04
CA TRP B 175 -60.77 -94.57 -66.36
C TRP B 175 -61.24 -93.71 -65.19
N THR B 176 -60.88 -94.07 -63.95
CA THR B 176 -61.40 -93.42 -62.74
C THR B 176 -60.36 -92.68 -61.93
N HIS B 177 -59.13 -93.19 -61.87
CA HIS B 177 -58.00 -92.61 -61.16
C HIS B 177 -56.72 -92.91 -61.93
N THR B 178 -55.63 -92.26 -61.59
CA THR B 178 -54.30 -92.71 -61.99
C THR B 178 -53.34 -92.64 -60.82
N LEU B 179 -52.50 -93.65 -60.67
CA LEU B 179 -51.53 -93.78 -59.60
C LEU B 179 -50.15 -93.63 -60.22
N LEU B 180 -49.43 -92.57 -59.86
CA LEU B 180 -48.13 -92.24 -60.47
C LEU B 180 -47.01 -92.42 -59.45
N ASP B 181 -45.93 -93.06 -59.86
CA ASP B 181 -44.70 -93.01 -59.10
C ASP B 181 -44.08 -91.62 -59.18
N ASP B 182 -43.43 -91.17 -58.12
CA ASP B 182 -42.74 -89.88 -58.06
C ASP B 182 -41.76 -89.66 -59.22
N THR B 183 -41.17 -90.71 -59.77
CA THR B 183 -40.29 -90.64 -60.93
C THR B 183 -40.98 -90.20 -62.22
N VAL B 184 -42.32 -90.08 -62.28
CA VAL B 184 -43.05 -89.57 -63.46
C VAL B 184 -42.95 -88.05 -63.60
N GLU B 185 -42.60 -87.34 -62.55
CA GLU B 185 -42.49 -85.88 -62.52
C GLU B 185 -41.85 -85.25 -63.78
N PRO B 186 -40.65 -85.66 -64.24
CA PRO B 186 -40.03 -85.01 -65.38
C PRO B 186 -40.79 -85.21 -66.68
N VAL B 187 -41.53 -86.31 -66.91
CA VAL B 187 -42.25 -86.44 -68.19
C VAL B 187 -43.52 -85.61 -68.21
N LEU B 188 -44.12 -85.30 -67.06
CA LEU B 188 -45.17 -84.29 -67.00
C LEU B 188 -44.58 -82.92 -67.29
N ASN B 189 -43.48 -82.54 -66.62
CA ASN B 189 -42.81 -81.27 -66.88
C ASN B 189 -42.37 -81.12 -68.34
N GLY B 190 -41.96 -82.22 -68.97
CA GLY B 190 -41.49 -82.25 -70.35
C GLY B 190 -42.58 -82.35 -71.40
N SER B 191 -43.85 -82.46 -71.01
CA SER B 191 -44.94 -82.47 -71.98
C SER B 191 -45.25 -81.06 -72.47
N VAL B 192 -45.19 -80.83 -73.78
CA VAL B 192 -45.19 -79.48 -74.37
C VAL B 192 -46.06 -79.37 -75.62
N ASP B 193 -46.47 -78.14 -75.92
CA ASP B 193 -46.97 -77.75 -77.23
C ASP B 193 -45.91 -77.92 -78.32
N ALA B 194 -46.29 -77.87 -79.59
CA ALA B 194 -45.37 -77.52 -80.65
C ALA B 194 -44.81 -76.09 -80.52
N ASN B 195 -45.48 -75.19 -79.80
CA ASN B 195 -44.89 -73.92 -79.38
C ASN B 195 -43.65 -74.13 -78.49
N GLY B 196 -43.57 -75.24 -77.75
CA GLY B 196 -42.58 -75.46 -76.70
C GLY B 196 -43.00 -74.98 -75.30
N ARG B 197 -44.16 -74.34 -75.10
CA ARG B 197 -44.70 -74.12 -73.75
C ARG B 197 -45.09 -75.47 -73.13
N PRO B 198 -44.96 -75.70 -71.83
CA PRO B 198 -45.44 -76.91 -71.18
C PRO B 198 -46.95 -76.90 -70.98
N LEU B 199 -47.56 -78.08 -70.91
CA LEU B 199 -49.02 -78.22 -70.80
C LEU B 199 -49.57 -77.96 -69.38
N PHE B 200 -49.04 -78.64 -68.36
CA PHE B 200 -49.71 -78.77 -67.06
C PHE B 200 -49.33 -77.69 -66.03
N VAL B 201 -48.99 -76.47 -66.44
CA VAL B 201 -48.51 -75.43 -65.51
C VAL B 201 -48.77 -74.01 -66.01
N GLU B 202 -48.94 -73.07 -65.09
CA GLU B 202 -49.28 -71.66 -65.38
C GLU B 202 -48.15 -70.88 -66.08
N SER B 203 -48.49 -69.72 -66.63
CA SER B 203 -47.71 -69.01 -67.65
C SER B 203 -46.29 -68.54 -67.27
N THR B 204 -45.93 -68.57 -65.98
CA THR B 204 -44.59 -68.23 -65.49
C THR B 204 -43.92 -69.32 -64.67
N TYR B 205 -44.48 -70.52 -64.65
CA TYR B 205 -43.77 -71.73 -64.24
C TYR B 205 -43.31 -71.77 -62.77
N GLU B 206 -43.93 -71.01 -61.88
CA GLU B 206 -43.58 -71.02 -60.47
C GLU B 206 -44.19 -72.18 -59.67
N SER B 207 -45.39 -72.68 -59.97
CA SER B 207 -46.01 -73.76 -59.19
C SER B 207 -45.50 -75.15 -59.59
N LEU B 208 -45.74 -76.18 -58.77
CA LEU B 208 -45.75 -77.56 -59.27
C LEU B 208 -46.75 -77.72 -60.43
N THR B 209 -46.59 -78.75 -61.27
CA THR B 209 -47.60 -79.08 -62.29
C THR B 209 -48.87 -79.61 -61.66
N THR B 210 -50.03 -79.38 -62.28
CA THR B 210 -51.32 -79.71 -61.64
C THR B 210 -51.47 -81.15 -61.14
N PRO B 211 -51.05 -82.19 -61.87
CA PRO B 211 -51.14 -83.55 -61.35
C PRO B 211 -50.34 -83.73 -60.06
N PHE B 212 -49.12 -83.19 -59.97
CA PHE B 212 -48.27 -83.40 -58.80
C PHE B 212 -48.65 -82.55 -57.60
N ARG B 213 -49.59 -81.60 -57.76
CA ARG B 213 -50.35 -81.00 -56.64
C ARG B 213 -51.43 -81.95 -56.08
N GLU B 214 -51.42 -83.20 -56.51
CA GLU B 214 -52.46 -84.22 -56.29
C GLU B 214 -53.80 -83.82 -56.91
N GLY B 215 -53.78 -82.95 -57.92
CA GLY B 215 -54.94 -82.52 -58.69
C GLY B 215 -55.41 -83.56 -59.70
N ARG B 216 -56.54 -83.32 -60.36
CA ARG B 216 -57.05 -84.19 -61.42
C ARG B 216 -56.50 -83.84 -62.80
N ILE B 217 -56.46 -84.85 -63.68
CA ILE B 217 -56.24 -84.72 -65.12
C ILE B 217 -57.56 -85.10 -65.80
N LEU B 218 -58.09 -84.27 -66.70
CA LEU B 218 -59.30 -84.60 -67.48
C LEU B 218 -60.42 -85.21 -66.63
N GLY B 219 -60.63 -84.67 -65.43
CA GLY B 219 -61.65 -85.13 -64.48
C GLY B 219 -61.25 -86.29 -63.56
N ARG B 220 -60.15 -87.00 -63.80
CA ARG B 220 -59.74 -88.15 -62.99
C ARG B 220 -58.64 -87.77 -62.00
N PRO B 221 -58.76 -88.03 -60.69
CA PRO B 221 -57.76 -87.63 -59.71
C PRO B 221 -56.45 -88.37 -59.88
N THR B 222 -55.34 -87.66 -59.67
CA THR B 222 -54.00 -88.26 -59.54
C THR B 222 -53.79 -88.72 -58.10
N ILE B 223 -53.22 -89.89 -57.91
CA ILE B 223 -52.66 -90.34 -56.64
C ILE B 223 -51.15 -90.42 -56.79
N LEU B 224 -50.36 -89.84 -55.90
CA LEU B 224 -48.89 -89.90 -55.96
C LEU B 224 -48.32 -90.86 -54.93
N SER B 225 -47.25 -91.56 -55.29
CA SER B 225 -46.48 -92.38 -54.35
C SER B 225 -45.00 -92.41 -54.72
N ASP B 226 -44.11 -92.59 -53.77
CA ASP B 226 -42.67 -92.67 -54.01
C ASP B 226 -42.15 -94.08 -54.33
N HIS B 227 -43.00 -95.12 -54.30
CA HIS B 227 -42.54 -96.52 -54.40
C HIS B 227 -43.46 -97.42 -55.24
N VAL B 228 -44.07 -96.88 -56.28
CA VAL B 228 -44.95 -97.63 -57.18
C VAL B 228 -44.20 -98.20 -58.39
N ALA B 229 -43.11 -97.57 -58.80
CA ALA B 229 -42.32 -98.06 -59.94
C ALA B 229 -41.59 -99.38 -59.64
N GLU B 230 -41.46 -100.20 -60.67
CA GLU B 230 -40.68 -101.44 -60.66
C GLU B 230 -40.30 -101.76 -62.10
N GLY B 231 -39.04 -102.09 -62.36
CA GLY B 231 -38.56 -102.23 -63.73
C GLY B 231 -38.82 -100.96 -64.55
N ASP B 232 -39.53 -101.11 -65.66
CA ASP B 232 -39.91 -100.01 -66.57
C ASP B 232 -41.36 -99.52 -66.37
N VAL B 233 -42.13 -100.10 -65.45
CA VAL B 233 -43.47 -99.61 -65.09
C VAL B 233 -43.36 -98.48 -64.09
N VAL B 234 -44.09 -97.39 -64.31
CA VAL B 234 -44.00 -96.17 -63.48
C VAL B 234 -45.34 -95.69 -62.94
N GLY B 235 -46.42 -96.41 -63.18
CA GLY B 235 -47.73 -96.05 -62.68
C GLY B 235 -48.85 -96.83 -63.35
N TYR B 236 -50.09 -96.54 -62.98
CA TYR B 236 -51.25 -97.27 -63.44
C TYR B 236 -52.42 -96.32 -63.68
N ALA B 237 -53.36 -96.69 -64.53
CA ALA B 237 -54.62 -95.98 -64.71
C ALA B 237 -55.74 -97.00 -64.94
N GLY B 238 -56.92 -96.80 -64.38
CA GLY B 238 -58.00 -97.77 -64.55
C GLY B 238 -59.21 -97.54 -63.67
N ASP B 239 -60.06 -98.55 -63.57
CA ASP B 239 -61.20 -98.56 -62.68
C ASP B 239 -60.81 -99.07 -61.29
N PHE B 240 -60.37 -98.17 -60.41
CA PHE B 240 -60.02 -98.54 -59.04
C PHE B 240 -61.21 -98.90 -58.15
N SER B 241 -62.42 -99.01 -58.71
CA SER B 241 -63.52 -99.71 -58.03
C SER B 241 -63.31 -101.22 -58.01
N GLN B 242 -62.55 -101.77 -58.97
CA GLN B 242 -62.39 -103.22 -59.15
C GLN B 242 -61.49 -103.90 -58.12
N ILE B 243 -60.86 -103.16 -57.22
CA ILE B 243 -59.91 -103.67 -56.22
C ILE B 243 -60.50 -103.51 -54.82
N ILE B 244 -60.58 -104.59 -54.05
CA ILE B 244 -61.01 -104.60 -52.65
C ILE B 244 -60.01 -105.33 -51.78
N TRP B 245 -59.96 -104.98 -50.50
CA TRP B 245 -59.06 -105.61 -49.53
C TRP B 245 -59.71 -105.74 -48.18
N GLY B 246 -59.21 -106.63 -47.34
CA GLY B 246 -59.71 -106.85 -45.99
C GLY B 246 -58.59 -107.10 -45.01
N GLN B 247 -58.87 -106.90 -43.73
CA GLN B 247 -57.95 -107.18 -42.64
C GLN B 247 -58.69 -107.86 -41.51
N VAL B 248 -58.13 -108.91 -40.93
CA VAL B 248 -58.74 -109.66 -39.85
C VAL B 248 -58.11 -109.20 -38.55
N GLY B 249 -58.91 -108.79 -37.57
CA GLY B 249 -58.40 -108.28 -36.30
C GLY B 249 -57.50 -107.07 -36.50
N GLY B 250 -56.23 -107.18 -36.10
CA GLY B 250 -55.22 -106.15 -36.32
C GLY B 250 -53.82 -106.65 -35.96
N LEU B 251 -52.81 -105.87 -36.32
CA LEU B 251 -51.40 -106.19 -36.06
C LEU B 251 -51.19 -106.28 -34.55
N SER B 252 -50.75 -107.42 -34.03
CA SER B 252 -50.68 -107.70 -32.59
C SER B 252 -49.34 -108.28 -32.15
N PHE B 253 -48.85 -107.86 -30.97
CA PHE B 253 -47.57 -108.29 -30.39
C PHE B 253 -47.75 -109.16 -29.14
N ASP B 254 -47.16 -110.35 -29.10
CA ASP B 254 -46.90 -111.06 -27.85
C ASP B 254 -45.48 -110.82 -27.38
N VAL B 255 -45.18 -111.14 -26.13
CA VAL B 255 -43.80 -111.18 -25.60
C VAL B 255 -43.65 -112.37 -24.67
N THR B 256 -42.47 -112.99 -24.62
CA THR B 256 -42.24 -114.18 -23.80
C THR B 256 -40.81 -114.26 -23.29
N ASP B 257 -40.66 -114.88 -22.13
CA ASP B 257 -39.39 -115.18 -21.45
C ASP B 257 -39.19 -116.69 -21.27
N GLN B 258 -40.02 -117.53 -21.90
CA GLN B 258 -40.15 -118.94 -21.51
C GLN B 258 -40.24 -119.93 -22.66
N ALA B 259 -40.64 -119.52 -23.87
CA ALA B 259 -40.70 -120.45 -25.00
C ALA B 259 -39.32 -121.04 -25.37
N THR B 260 -39.33 -122.03 -26.26
CA THR B 260 -38.13 -122.52 -26.95
C THR B 260 -38.21 -122.11 -28.41
N LEU B 261 -37.18 -121.47 -28.97
CA LEU B 261 -37.18 -121.06 -30.37
C LEU B 261 -36.24 -121.92 -31.19
N ASN B 262 -36.70 -122.40 -32.34
CA ASN B 262 -35.82 -123.05 -33.29
C ASN B 262 -35.12 -122.01 -34.15
N LEU B 263 -33.84 -121.74 -33.90
CA LEU B 263 -33.06 -120.77 -34.67
C LEU B 263 -32.70 -121.26 -36.08
N GLY B 264 -32.77 -122.58 -36.32
CA GLY B 264 -32.44 -123.20 -37.60
C GLY B 264 -33.63 -123.22 -38.55
N SER B 265 -34.11 -124.40 -38.89
CA SER B 265 -35.33 -124.60 -39.69
C SER B 265 -36.13 -125.78 -39.15
N GLN B 266 -37.37 -125.93 -39.58
CA GLN B 266 -38.17 -127.10 -39.20
C GLN B 266 -37.49 -128.42 -39.54
N GLU B 267 -36.82 -128.53 -40.69
CA GLU B 267 -36.16 -129.78 -41.10
C GLU B 267 -34.72 -129.91 -40.60
N SER B 268 -34.11 -128.82 -40.12
CA SER B 268 -32.77 -128.77 -39.55
C SER B 268 -32.79 -127.92 -38.27
N PRO B 269 -33.22 -128.51 -37.15
CA PRO B 269 -33.48 -127.77 -35.93
C PRO B 269 -32.20 -127.35 -35.22
N ASN B 270 -32.26 -126.20 -34.56
CA ASN B 270 -31.21 -125.66 -33.71
C ASN B 270 -31.87 -124.83 -32.59
N PHE B 271 -32.33 -125.50 -31.55
CA PHE B 271 -33.15 -124.88 -30.51
C PHE B 271 -32.35 -124.01 -29.55
N VAL B 272 -32.96 -122.95 -29.04
CA VAL B 272 -32.53 -122.24 -27.84
C VAL B 272 -33.71 -122.14 -26.88
N SER B 273 -33.47 -122.44 -25.61
CA SER B 273 -34.45 -122.17 -24.56
C SER B 273 -34.35 -120.71 -24.20
N LEU B 274 -35.39 -119.91 -24.42
CA LEU B 274 -35.31 -118.50 -24.06
C LEU B 274 -35.00 -118.34 -22.58
N TRP B 275 -35.53 -119.21 -21.73
CA TRP B 275 -35.33 -119.14 -20.30
C TRP B 275 -33.91 -119.52 -19.90
N GLN B 276 -33.42 -120.69 -20.33
CA GLN B 276 -32.15 -121.19 -19.80
C GLN B 276 -30.95 -120.34 -20.25
N HIS B 277 -31.05 -119.64 -21.36
CA HIS B 277 -30.05 -118.66 -21.80
C HIS B 277 -30.46 -117.22 -21.51
N ASN B 278 -31.59 -117.00 -20.84
CA ASN B 278 -32.21 -115.70 -20.57
C ASN B 278 -32.22 -114.73 -21.77
N LEU B 279 -32.66 -115.20 -22.92
CA LEU B 279 -33.17 -114.33 -23.97
C LEU B 279 -34.63 -113.94 -23.68
N VAL B 280 -35.14 -112.95 -24.38
CA VAL B 280 -36.54 -112.53 -24.39
C VAL B 280 -36.97 -112.35 -25.84
N ALA B 281 -38.19 -112.73 -26.20
CA ALA B 281 -38.64 -112.70 -27.59
C ALA B 281 -40.00 -112.03 -27.76
N VAL B 282 -40.18 -111.35 -28.88
CA VAL B 282 -41.43 -110.70 -29.29
C VAL B 282 -41.93 -111.39 -30.53
N ARG B 283 -43.25 -111.64 -30.61
CA ARG B 283 -43.90 -112.34 -31.71
C ARG B 283 -44.98 -111.46 -32.29
N VAL B 284 -44.95 -111.22 -33.60
CA VAL B 284 -45.81 -110.23 -34.25
C VAL B 284 -46.54 -110.86 -35.41
N GLU B 285 -47.84 -110.64 -35.55
CA GLU B 285 -48.57 -111.12 -36.73
C GLU B 285 -49.78 -110.26 -37.09
N ALA B 286 -50.21 -110.38 -38.35
CA ALA B 286 -51.38 -109.75 -38.93
C ALA B 286 -51.96 -110.66 -40.02
N GLU B 287 -53.16 -110.38 -40.51
CA GLU B 287 -53.86 -111.24 -41.45
C GLU B 287 -54.71 -110.43 -42.42
N TYR B 288 -54.40 -110.50 -43.72
CA TYR B 288 -54.96 -109.63 -44.76
C TYR B 288 -55.55 -110.44 -45.92
N GLY B 289 -56.52 -109.91 -46.65
CA GLY B 289 -57.00 -110.47 -47.91
C GLY B 289 -57.08 -109.41 -49.00
N LEU B 290 -56.86 -109.77 -50.26
CA LEU B 290 -56.96 -108.84 -51.39
C LEU B 290 -57.48 -109.55 -52.64
N LEU B 291 -58.34 -108.87 -53.40
CA LEU B 291 -58.98 -109.40 -54.59
C LEU B 291 -59.10 -108.29 -55.62
N ILE B 292 -58.60 -108.52 -56.82
CA ILE B 292 -58.86 -107.66 -57.97
C ILE B 292 -59.84 -108.38 -58.86
N ASN B 293 -61.00 -107.78 -59.10
CA ASN B 293 -62.06 -108.42 -59.86
C ASN B 293 -61.67 -108.64 -61.32
N ASP B 294 -60.87 -107.74 -61.90
CA ASP B 294 -60.38 -107.85 -63.27
C ASP B 294 -59.04 -107.12 -63.46
N VAL B 295 -57.93 -107.87 -63.47
CA VAL B 295 -56.60 -107.28 -63.66
C VAL B 295 -56.43 -106.64 -65.04
N ASN B 296 -57.26 -106.96 -66.02
CA ASN B 296 -57.23 -106.29 -67.32
C ASN B 296 -57.95 -104.94 -67.30
N ALA B 297 -58.57 -104.51 -66.20
CA ALA B 297 -59.23 -103.21 -66.10
C ALA B 297 -58.26 -102.03 -65.94
N PHE B 298 -56.96 -102.27 -65.93
CA PHE B 298 -55.93 -101.26 -65.69
C PHE B 298 -54.92 -101.20 -66.84
N VAL B 299 -54.43 -100.01 -67.17
CA VAL B 299 -53.32 -99.80 -68.10
C VAL B 299 -52.05 -99.57 -67.29
N LYS B 300 -50.99 -100.30 -67.59
CA LYS B 300 -49.65 -100.10 -67.03
C LYS B 300 -48.99 -98.94 -67.77
N LEU B 301 -48.40 -97.98 -67.08
CA LEU B 301 -47.73 -96.84 -67.69
C LEU B 301 -46.22 -97.07 -67.73
N THR B 302 -45.56 -96.75 -68.83
CA THR B 302 -44.12 -97.00 -69.04
C THR B 302 -43.46 -95.88 -69.83
N PHE B 303 -42.15 -95.73 -69.75
CA PHE B 303 -41.39 -94.80 -70.60
C PHE B 303 -40.97 -95.40 -71.96
N ASP B 304 -41.50 -96.57 -72.34
CA ASP B 304 -41.14 -97.31 -73.55
C ASP B 304 -41.27 -96.45 -74.81
N PRO B 305 -40.24 -96.32 -75.67
CA PRO B 305 -40.40 -95.65 -76.96
C PRO B 305 -41.31 -96.48 -77.87
N VAL B 306 -42.07 -95.83 -78.74
CA VAL B 306 -42.99 -96.52 -79.65
C VAL B 306 -42.23 -97.20 -80.79
N LEU B 307 -42.34 -98.53 -80.90
CA LEU B 307 -41.73 -99.33 -81.95
C LEU B 307 -42.50 -99.18 -83.27
N THR B 308 -41.79 -99.11 -84.40
CA THR B 308 -42.37 -99.20 -85.74
C THR B 308 -42.08 -100.56 -86.35
N THR B 309 -43.10 -101.26 -86.84
CA THR B 309 -42.95 -102.53 -87.56
C THR B 309 -42.71 -102.26 -89.06
N TYR B 310 -41.44 -102.19 -89.45
CA TYR B 310 -41.05 -102.09 -90.85
C TYR B 310 -41.16 -103.44 -91.57
N ALA B 311 -41.40 -103.42 -92.88
CA ALA B 311 -41.41 -104.60 -93.74
C ALA B 311 -40.34 -104.48 -94.84
N LEU B 312 -39.39 -105.42 -94.84
CA LEU B 312 -38.23 -105.50 -95.72
C LEU B 312 -38.40 -106.68 -96.69
N ASP B 313 -38.25 -106.41 -97.99
CA ASP B 313 -38.37 -107.41 -99.05
C ASP B 313 -37.12 -107.43 -99.94
N LEU B 314 -36.41 -108.56 -100.00
CA LEU B 314 -35.27 -108.78 -100.90
C LEU B 314 -35.67 -109.38 -102.27
N ASP B 315 -36.95 -109.70 -102.46
CA ASP B 315 -37.50 -110.37 -103.66
C ASP B 315 -36.75 -111.66 -104.06
N GLY B 316 -36.29 -112.43 -103.07
CA GLY B 316 -35.57 -113.69 -103.27
C GLY B 316 -34.14 -113.56 -103.81
N ALA B 317 -33.51 -112.37 -103.75
CA ALA B 317 -32.13 -112.14 -104.20
C ALA B 317 -31.13 -113.14 -103.59
N SER B 318 -30.20 -113.63 -104.40
CA SER B 318 -29.44 -114.87 -104.17
C SER B 318 -27.92 -114.70 -103.99
N ALA B 319 -27.41 -113.47 -103.91
CA ALA B 319 -25.98 -113.19 -103.75
C ALA B 319 -25.71 -111.83 -103.09
N GLY B 320 -24.55 -111.70 -102.46
CA GLY B 320 -24.08 -110.46 -101.85
C GLY B 320 -24.63 -110.17 -100.46
N ASN B 321 -24.48 -108.92 -100.01
CA ASN B 321 -24.72 -108.48 -98.63
C ASN B 321 -25.36 -107.08 -98.57
N PHE B 322 -26.08 -106.78 -97.50
CA PHE B 322 -26.68 -105.48 -97.21
C PHE B 322 -26.46 -105.11 -95.74
N THR B 323 -26.63 -103.85 -95.34
CA THR B 323 -26.44 -103.41 -93.95
C THR B 323 -27.66 -102.69 -93.40
N LEU B 324 -27.94 -102.86 -92.11
CA LEU B 324 -29.07 -102.23 -91.41
C LEU B 324 -28.60 -101.00 -90.62
N SER B 325 -29.39 -99.94 -90.67
CA SER B 325 -29.07 -98.63 -90.12
C SER B 325 -30.25 -98.05 -89.33
N LEU B 326 -29.99 -97.40 -88.19
CA LEU B 326 -30.97 -96.63 -87.43
C LEU B 326 -30.56 -95.16 -87.43
N ASP B 327 -31.34 -94.30 -88.09
CA ASP B 327 -31.09 -92.85 -88.17
C ASP B 327 -29.64 -92.50 -88.60
N GLY B 328 -29.02 -93.33 -89.45
CA GLY B 328 -27.65 -93.20 -89.94
C GLY B 328 -26.58 -93.95 -89.12
N LYS B 329 -26.87 -94.32 -87.87
CA LYS B 329 -26.01 -95.19 -87.06
C LYS B 329 -26.09 -96.62 -87.64
N THR B 330 -24.99 -97.17 -88.14
CA THR B 330 -25.03 -98.29 -89.11
C THR B 330 -24.22 -99.52 -88.66
N SER B 331 -24.82 -100.71 -88.83
CA SER B 331 -24.28 -102.01 -88.44
C SER B 331 -23.17 -102.51 -89.39
N ALA B 332 -22.69 -103.74 -89.17
CA ALA B 332 -21.91 -104.49 -90.16
C ALA B 332 -22.76 -104.89 -91.39
N ASN B 333 -22.14 -105.49 -92.41
CA ASN B 333 -22.88 -106.12 -93.51
C ASN B 333 -23.42 -107.51 -93.09
N ILE B 334 -24.57 -107.91 -93.63
CA ILE B 334 -25.16 -109.26 -93.50
C ILE B 334 -25.57 -109.83 -94.86
N ALA B 335 -25.47 -111.15 -95.03
CA ALA B 335 -25.77 -111.84 -96.28
C ALA B 335 -27.28 -111.94 -96.57
N TYR B 336 -27.63 -112.11 -97.85
CA TYR B 336 -29.02 -112.22 -98.33
C TYR B 336 -29.85 -113.31 -97.65
N ASN B 337 -29.21 -114.38 -97.16
CA ASN B 337 -29.87 -115.53 -96.51
C ASN B 337 -30.02 -115.40 -94.98
N ALA B 338 -29.91 -114.19 -94.41
CA ALA B 338 -29.87 -113.99 -92.96
C ALA B 338 -31.11 -114.52 -92.20
N SER B 339 -30.88 -115.22 -91.09
CA SER B 339 -31.94 -115.64 -90.15
C SER B 339 -32.49 -114.48 -89.31
N THR B 340 -33.64 -114.67 -88.65
CA THR B 340 -34.20 -113.70 -87.69
C THR B 340 -33.21 -113.34 -86.58
N ALA B 341 -32.50 -114.33 -86.02
CA ALA B 341 -31.47 -114.10 -85.01
C ALA B 341 -30.28 -113.30 -85.55
N THR B 342 -29.87 -113.56 -86.80
CA THR B 342 -28.81 -112.80 -87.48
C THR B 342 -29.21 -111.33 -87.63
N VAL B 343 -30.42 -111.06 -88.10
CA VAL B 343 -30.96 -109.69 -88.21
C VAL B 343 -31.05 -109.03 -86.83
N LYS B 344 -31.62 -109.71 -85.83
CA LYS B 344 -31.75 -109.17 -84.46
C LYS B 344 -30.39 -108.78 -83.87
N SER B 345 -29.39 -109.65 -84.00
CA SER B 345 -28.01 -109.34 -83.62
C SER B 345 -27.46 -108.10 -84.33
N ALA B 346 -27.61 -108.02 -85.65
CA ALA B 346 -27.12 -106.88 -86.44
C ALA B 346 -27.78 -105.54 -86.05
N ILE B 347 -29.05 -105.55 -85.64
CA ILE B 347 -29.72 -104.37 -85.10
C ILE B 347 -29.12 -103.95 -83.75
N VAL B 348 -29.08 -104.85 -82.75
CA VAL B 348 -28.66 -104.46 -81.39
C VAL B 348 -27.18 -104.09 -81.30
N ALA B 349 -26.36 -104.52 -82.27
CA ALA B 349 -24.95 -104.16 -82.35
C ALA B 349 -24.69 -102.69 -82.73
N ILE B 350 -25.70 -101.93 -83.18
CA ILE B 350 -25.58 -100.53 -83.59
C ILE B 350 -25.27 -99.61 -82.40
N ASP B 351 -24.51 -98.53 -82.65
CA ASP B 351 -24.28 -97.43 -81.70
C ASP B 351 -25.55 -96.56 -81.53
N ASP B 352 -26.58 -97.13 -80.92
CA ASP B 352 -27.82 -96.47 -80.56
C ASP B 352 -28.48 -97.22 -79.39
N GLY B 353 -29.43 -96.61 -78.69
CA GLY B 353 -29.98 -97.08 -77.41
C GLY B 353 -30.71 -98.44 -77.42
N VAL B 354 -30.80 -99.10 -78.56
CA VAL B 354 -31.54 -100.37 -78.74
C VAL B 354 -30.87 -101.55 -78.02
N SER B 355 -31.70 -102.41 -77.43
CA SER B 355 -31.29 -103.63 -76.73
C SER B 355 -32.27 -104.78 -76.95
N ALA B 356 -31.93 -105.99 -76.52
CA ALA B 356 -32.57 -107.23 -76.93
C ALA B 356 -34.08 -107.34 -76.64
N ASP B 357 -34.62 -106.59 -75.68
CA ASP B 357 -36.07 -106.55 -75.43
C ASP B 357 -36.84 -105.72 -76.47
N ASP B 358 -36.19 -104.77 -77.15
CA ASP B 358 -36.84 -103.80 -78.05
C ASP B 358 -37.10 -104.36 -79.45
N VAL B 359 -36.36 -105.41 -79.86
CA VAL B 359 -36.30 -105.86 -81.25
C VAL B 359 -37.01 -107.20 -81.44
N THR B 360 -38.02 -107.22 -82.29
CA THR B 360 -38.71 -108.43 -82.78
C THR B 360 -38.49 -108.54 -84.28
N VAL B 361 -38.14 -109.73 -84.76
CA VAL B 361 -37.97 -110.01 -86.20
C VAL B 361 -38.77 -111.25 -86.57
N THR B 362 -39.56 -111.14 -87.64
CA THR B 362 -40.42 -112.21 -88.18
C THR B 362 -40.32 -112.25 -89.69
N GLY B 363 -40.52 -113.40 -90.32
CA GLY B 363 -40.05 -113.66 -91.69
C GLY B 363 -38.52 -113.89 -91.75
N SER B 364 -38.03 -114.67 -92.72
CA SER B 364 -36.63 -115.11 -92.74
C SER B 364 -36.05 -115.28 -94.16
N ALA B 365 -34.73 -115.14 -94.31
CA ALA B 365 -33.94 -115.44 -95.50
C ALA B 365 -34.42 -114.78 -96.82
N GLY B 366 -35.11 -113.63 -96.76
CA GLY B 366 -35.49 -112.84 -97.93
C GLY B 366 -36.70 -111.93 -97.74
N ASP B 367 -37.65 -112.30 -96.89
CA ASP B 367 -38.84 -111.51 -96.54
C ASP B 367 -38.94 -111.34 -95.02
N TYR B 368 -38.97 -110.09 -94.52
CA TYR B 368 -38.88 -109.78 -93.10
C TYR B 368 -39.84 -108.67 -92.65
N THR B 369 -40.35 -108.76 -91.42
CA THR B 369 -40.87 -107.64 -90.63
C THR B 369 -40.05 -107.48 -89.36
N ILE B 370 -39.60 -106.25 -89.09
CA ILE B 370 -38.63 -105.91 -88.05
C ILE B 370 -39.18 -104.77 -87.20
N THR B 371 -39.09 -104.85 -85.86
CA THR B 371 -39.56 -103.80 -84.96
C THR B 371 -38.40 -103.05 -84.31
N VAL B 372 -38.36 -101.73 -84.45
CA VAL B 372 -37.34 -100.86 -83.81
C VAL B 372 -37.93 -99.48 -83.48
N PRO B 373 -37.36 -98.73 -82.52
CA PRO B 373 -37.81 -97.37 -82.22
C PRO B 373 -37.30 -96.32 -83.21
N GLY B 374 -36.18 -96.56 -83.89
CA GLY B 374 -35.52 -95.60 -84.78
C GLY B 374 -36.07 -95.57 -86.22
N THR B 375 -35.52 -94.68 -87.04
CA THR B 375 -35.73 -94.67 -88.50
C THR B 375 -34.91 -95.80 -89.12
N LEU B 376 -35.50 -96.99 -89.31
CA LEU B 376 -34.82 -98.12 -89.94
C LEU B 376 -34.52 -97.82 -91.41
N THR B 377 -33.36 -98.23 -91.89
CA THR B 377 -33.08 -98.37 -93.33
C THR B 377 -32.16 -99.57 -93.56
N ALA B 378 -32.45 -100.37 -94.58
CA ALA B 378 -31.51 -101.32 -95.16
C ALA B 378 -30.79 -100.65 -96.33
N ASP B 379 -29.47 -100.54 -96.27
CA ASP B 379 -28.63 -100.08 -97.38
C ASP B 379 -28.17 -101.30 -98.20
N PHE B 380 -28.74 -101.43 -99.40
CA PHE B 380 -28.54 -102.56 -100.30
C PHE B 380 -27.24 -102.50 -101.11
N SER B 381 -26.35 -101.54 -100.86
CA SER B 381 -25.06 -101.45 -101.54
C SER B 381 -24.23 -102.73 -101.35
N GLY B 382 -24.09 -103.52 -102.41
CA GLY B 382 -23.42 -104.82 -102.36
C GLY B 382 -24.34 -106.04 -102.30
N LEU B 383 -25.66 -105.89 -102.42
CA LEU B 383 -26.60 -107.02 -102.61
C LEU B 383 -26.54 -107.50 -104.08
N THR B 384 -25.41 -108.08 -104.46
CA THR B 384 -24.93 -108.21 -105.85
C THR B 384 -25.87 -108.92 -106.84
N ASP B 385 -26.87 -109.67 -106.37
CA ASP B 385 -27.96 -110.16 -107.22
C ASP B 385 -28.97 -109.04 -107.57
N GLY B 386 -28.51 -108.04 -108.31
CA GLY B 386 -29.33 -106.97 -108.89
C GLY B 386 -29.76 -105.83 -107.96
N GLU B 387 -29.46 -105.91 -106.66
CA GLU B 387 -29.84 -104.91 -105.64
C GLU B 387 -31.35 -104.55 -105.65
N GLY B 388 -32.21 -105.51 -106.01
CA GLY B 388 -33.65 -105.31 -106.26
C GLY B 388 -34.56 -105.16 -105.03
N ALA B 389 -33.99 -105.14 -103.83
CA ALA B 389 -34.72 -105.09 -102.56
C ALA B 389 -35.40 -103.74 -102.27
N SER B 390 -36.32 -103.71 -101.30
CA SER B 390 -37.05 -102.50 -100.86
C SER B 390 -37.57 -102.62 -99.42
N ILE B 391 -37.94 -101.50 -98.80
CA ILE B 391 -38.42 -101.43 -97.41
C ILE B 391 -39.66 -100.53 -97.25
N SER B 392 -40.55 -100.88 -96.32
CA SER B 392 -41.97 -100.48 -96.29
C SER B 392 -42.60 -100.69 -94.89
N VAL B 393 -43.93 -100.71 -94.77
CA VAL B 393 -44.69 -100.84 -93.50
C VAL B 393 -45.74 -101.95 -93.58
N VAL B 394 -46.00 -102.66 -92.46
CA VAL B 394 -46.84 -103.88 -92.38
C VAL B 394 -48.37 -103.65 -92.50
N SER B 395 -48.83 -102.40 -92.56
CA SER B 395 -50.25 -102.01 -92.46
C SER B 395 -51.08 -102.28 -93.73
N VAL B 396 -51.10 -103.53 -94.20
CA VAL B 396 -51.83 -103.98 -95.40
C VAL B 396 -53.36 -103.98 -95.21
N GLY B 397 -53.84 -104.20 -93.99
CA GLY B 397 -55.27 -104.25 -93.63
C GLY B 397 -55.91 -102.90 -93.40
N GLY C 2 -44.58 -126.58 -42.31
CA GLY C 2 -45.57 -126.63 -41.22
C GLY C 2 -45.98 -128.04 -40.94
N PHE C 3 -47.26 -128.37 -41.12
CA PHE C 3 -47.78 -129.72 -40.93
C PHE C 3 -48.79 -130.04 -42.03
N SER C 4 -48.95 -131.33 -42.32
CA SER C 4 -49.99 -131.80 -43.24
C SER C 4 -51.39 -131.46 -42.74
N ALA C 5 -52.35 -131.27 -43.64
CA ALA C 5 -53.74 -131.46 -43.26
C ALA C 5 -53.97 -132.92 -42.83
N ASP C 6 -54.90 -133.16 -41.93
CA ASP C 6 -55.13 -134.46 -41.30
C ASP C 6 -53.88 -135.00 -40.58
N HIS C 7 -53.06 -134.13 -40.00
CA HIS C 7 -51.86 -134.54 -39.25
C HIS C 7 -52.22 -135.51 -38.12
N SER C 8 -51.35 -136.47 -37.84
CA SER C 8 -51.63 -137.57 -36.91
C SER C 8 -51.71 -137.16 -35.44
N GLN C 9 -51.31 -135.95 -35.08
CA GLN C 9 -51.29 -135.48 -33.69
C GLN C 9 -51.86 -134.07 -33.48
N ILE C 10 -51.79 -133.18 -34.46
CA ILE C 10 -52.11 -131.75 -34.28
C ILE C 10 -53.32 -131.36 -35.14
N ALA C 11 -54.44 -131.07 -34.49
CA ALA C 11 -55.64 -130.59 -35.14
C ALA C 11 -55.46 -129.17 -35.70
N GLN C 12 -55.88 -128.93 -36.93
CA GLN C 12 -55.72 -127.67 -37.65
C GLN C 12 -56.98 -127.32 -38.44
N THR C 13 -57.21 -126.05 -38.75
CA THR C 13 -58.46 -125.62 -39.39
C THR C 13 -58.62 -126.12 -40.82
N LYS C 14 -57.54 -126.59 -41.44
CA LYS C 14 -57.54 -127.26 -42.76
C LYS C 14 -57.82 -128.76 -42.74
N ASP C 15 -57.97 -129.38 -41.57
CA ASP C 15 -58.29 -130.81 -41.48
C ASP C 15 -59.71 -131.14 -41.93
N THR C 16 -59.90 -132.38 -42.36
CA THR C 16 -61.20 -132.84 -42.85
C THR C 16 -62.28 -132.92 -41.78
N MET C 17 -61.97 -133.14 -40.51
CA MET C 17 -62.99 -133.16 -39.45
C MET C 17 -63.73 -131.82 -39.33
N PHE C 18 -63.11 -130.70 -39.71
CA PHE C 18 -63.75 -129.37 -39.70
C PHE C 18 -64.41 -128.99 -41.04
N THR C 19 -64.50 -129.88 -42.02
CA THR C 19 -65.08 -129.55 -43.33
C THR C 19 -66.49 -128.97 -43.16
N GLY C 20 -66.74 -127.80 -43.74
CA GLY C 20 -68.07 -127.18 -43.73
C GLY C 20 -68.49 -126.50 -42.43
N TYR C 21 -67.75 -126.67 -41.33
CA TYR C 21 -67.97 -125.88 -40.11
C TYR C 21 -67.32 -124.50 -40.16
N LEU C 22 -66.44 -124.24 -41.14
CA LEU C 22 -65.65 -123.02 -41.29
C LEU C 22 -65.83 -122.42 -42.70
N ASP C 23 -67.07 -122.34 -43.16
CA ASP C 23 -67.44 -121.79 -44.47
C ASP C 23 -67.19 -120.27 -44.59
N PRO C 24 -66.96 -119.75 -45.81
CA PRO C 24 -66.86 -118.32 -46.04
C PRO C 24 -68.23 -117.63 -45.98
N VAL C 25 -68.26 -116.39 -45.52
CA VAL C 25 -69.48 -115.60 -45.30
C VAL C 25 -69.96 -114.95 -46.60
N GLN C 26 -71.27 -114.91 -46.86
CA GLN C 26 -71.79 -114.27 -48.07
C GLN C 26 -71.74 -112.74 -47.95
N ALA C 27 -71.43 -112.04 -49.02
CA ALA C 27 -71.35 -110.57 -49.05
C ALA C 27 -72.12 -109.98 -50.23
N LYS C 28 -72.48 -108.69 -50.19
CA LYS C 28 -73.09 -108.03 -51.35
C LYS C 28 -72.12 -107.94 -52.52
N ASP C 29 -72.64 -107.79 -53.72
CA ASP C 29 -71.82 -107.68 -54.92
C ASP C 29 -71.16 -106.30 -54.99
N TYR C 30 -69.87 -106.22 -54.64
CA TYR C 30 -69.09 -104.99 -54.73
C TYR C 30 -68.78 -104.54 -56.15
N PHE C 31 -69.14 -105.32 -57.17
CA PHE C 31 -68.79 -105.07 -58.57
C PHE C 31 -69.99 -105.01 -59.50
N ALA C 32 -71.21 -104.96 -58.97
CA ALA C 32 -72.43 -104.92 -59.78
C ALA C 32 -72.47 -103.70 -60.70
N GLU C 33 -72.75 -103.87 -61.99
CA GLU C 33 -73.06 -102.73 -62.87
C GLU C 33 -74.46 -102.19 -62.57
N ALA C 34 -74.68 -100.90 -62.81
CA ALA C 34 -76.03 -100.34 -62.87
C ALA C 34 -76.77 -100.87 -64.11
N GLU C 35 -78.10 -100.92 -64.08
CA GLU C 35 -78.87 -101.36 -65.25
C GLU C 35 -78.69 -100.38 -66.42
N LYS C 36 -78.36 -100.87 -67.61
CA LYS C 36 -78.46 -100.07 -68.83
C LYS C 36 -79.91 -99.66 -69.07
N THR C 37 -80.13 -98.50 -69.66
CA THR C 37 -81.47 -97.95 -69.93
C THR C 37 -81.51 -97.18 -71.24
N SER C 38 -82.68 -97.06 -71.85
CA SER C 38 -82.87 -96.44 -73.16
C SER C 38 -82.37 -94.99 -73.19
N ILE C 39 -81.79 -94.59 -74.31
CA ILE C 39 -81.57 -93.19 -74.66
C ILE C 39 -82.58 -92.71 -75.70
N VAL C 40 -83.07 -93.56 -76.59
CA VAL C 40 -84.04 -93.12 -77.61
C VAL C 40 -85.31 -92.63 -76.93
N GLN C 41 -85.75 -93.30 -75.87
CA GLN C 41 -86.89 -92.88 -75.07
C GLN C 41 -86.66 -91.58 -74.29
N ARG C 42 -85.44 -91.02 -74.26
CA ARG C 42 -85.18 -89.66 -73.79
C ARG C 42 -85.17 -88.63 -74.92
N VAL C 43 -84.43 -88.88 -75.99
CA VAL C 43 -84.18 -87.84 -77.02
C VAL C 43 -85.33 -87.63 -77.99
N ALA C 44 -86.17 -88.64 -78.20
CA ALA C 44 -87.27 -88.57 -79.16
C ALA C 44 -88.58 -88.09 -78.54
N GLN C 45 -89.34 -87.26 -79.27
CA GLN C 45 -90.66 -86.79 -78.88
C GLN C 45 -91.61 -87.97 -78.68
N LYS C 46 -92.18 -88.12 -77.50
CA LYS C 46 -93.20 -89.16 -77.24
C LYS C 46 -94.55 -88.72 -77.80
N ILE C 47 -95.36 -89.65 -78.28
CA ILE C 47 -96.73 -89.42 -78.73
C ILE C 47 -97.70 -90.44 -78.12
N PRO C 48 -98.97 -90.09 -77.90
CA PRO C 48 -99.97 -90.96 -77.32
C PRO C 48 -100.56 -91.90 -78.41
N MET C 49 -99.75 -92.84 -78.88
CA MET C 49 -100.12 -93.76 -79.96
C MET C 49 -101.20 -94.76 -79.52
N GLY C 50 -102.30 -94.84 -80.27
CA GLY C 50 -103.33 -95.87 -80.06
C GLY C 50 -102.98 -97.20 -80.72
N ALA C 51 -103.61 -98.29 -80.30
CA ALA C 51 -103.26 -99.64 -80.74
C ALA C 51 -103.41 -99.90 -82.25
N THR C 52 -104.21 -99.12 -82.98
CA THR C 52 -104.31 -99.23 -84.44
C THR C 52 -103.29 -98.39 -85.20
N GLY C 53 -102.47 -97.61 -84.50
CA GLY C 53 -101.54 -96.66 -85.13
C GLY C 53 -102.20 -95.33 -85.46
N ILE C 54 -101.43 -94.40 -86.05
CA ILE C 54 -101.86 -93.03 -86.32
C ILE C 54 -101.55 -92.56 -87.74
N VAL C 55 -102.32 -91.57 -88.20
CA VAL C 55 -102.09 -90.89 -89.47
C VAL C 55 -101.57 -89.49 -89.20
N ILE C 56 -100.40 -89.14 -89.73
CA ILE C 56 -99.84 -87.80 -89.64
C ILE C 56 -100.03 -87.11 -91.00
N PRO C 57 -100.80 -86.03 -91.09
CA PRO C 57 -100.94 -85.25 -92.31
C PRO C 57 -99.74 -84.33 -92.48
N HIS C 58 -99.45 -83.89 -93.69
CA HIS C 58 -98.36 -82.96 -93.97
C HIS C 58 -98.65 -82.11 -95.20
N TRP C 59 -98.57 -80.78 -95.07
CA TRP C 59 -98.66 -79.90 -96.23
C TRP C 59 -97.41 -80.02 -97.09
N THR C 60 -97.57 -80.02 -98.42
CA THR C 60 -96.47 -80.29 -99.34
C THR C 60 -96.44 -79.36 -100.56
N GLY C 61 -97.52 -78.65 -100.85
CA GLY C 61 -97.61 -77.84 -102.06
C GLY C 61 -96.81 -76.56 -102.02
N ASP C 62 -96.19 -76.22 -103.13
CA ASP C 62 -95.90 -74.84 -103.46
C ASP C 62 -97.20 -74.07 -103.67
N VAL C 63 -97.20 -72.78 -103.37
CA VAL C 63 -98.25 -71.83 -103.74
C VAL C 63 -97.55 -70.59 -104.28
N SER C 64 -98.11 -69.91 -105.28
CA SER C 64 -97.41 -68.83 -105.98
C SER C 64 -98.31 -67.68 -106.41
N ALA C 65 -97.70 -66.51 -106.57
CA ALA C 65 -98.32 -65.28 -107.02
C ALA C 65 -97.30 -64.46 -107.81
N GLN C 66 -97.75 -63.63 -108.74
CA GLN C 66 -96.85 -62.95 -109.69
C GLN C 66 -97.17 -61.46 -109.81
N TRP C 67 -96.13 -60.66 -110.03
CA TRP C 67 -96.28 -59.23 -110.23
C TRP C 67 -96.91 -58.95 -111.59
N ILE C 68 -97.82 -57.99 -111.66
CA ILE C 68 -98.59 -57.63 -112.86
C ILE C 68 -98.80 -56.13 -112.96
N GLY C 69 -98.98 -55.61 -114.17
CA GLY C 69 -99.44 -54.22 -114.38
C GLY C 69 -100.96 -54.11 -114.31
N GLU C 70 -101.51 -52.90 -114.47
CA GLU C 70 -102.94 -52.79 -114.79
C GLU C 70 -103.26 -53.51 -116.10
N GLY C 71 -104.38 -54.23 -116.14
CA GLY C 71 -104.88 -54.89 -117.35
C GLY C 71 -104.11 -56.12 -117.81
N ASP C 72 -103.00 -56.49 -117.18
CA ASP C 72 -102.47 -57.86 -117.26
C ASP C 72 -103.44 -58.84 -116.60
N MET C 73 -103.35 -60.13 -116.93
CA MET C 73 -104.34 -61.12 -116.51
C MET C 73 -103.77 -62.00 -115.39
N LYS C 74 -104.48 -62.07 -114.26
CA LYS C 74 -103.99 -62.68 -113.01
C LYS C 74 -103.66 -64.16 -113.18
N PRO C 75 -102.58 -64.69 -112.61
CA PRO C 75 -102.18 -66.09 -112.74
C PRO C 75 -103.03 -67.02 -111.87
N ILE C 76 -102.99 -68.33 -112.11
CA ILE C 76 -103.74 -69.35 -111.36
C ILE C 76 -102.80 -70.32 -110.63
N THR C 77 -103.14 -70.77 -109.43
CA THR C 77 -102.33 -71.69 -108.61
C THR C 77 -103.18 -72.70 -107.83
N LYS C 78 -102.58 -73.83 -107.42
CA LYS C 78 -103.23 -74.99 -106.79
C LYS C 78 -102.22 -75.67 -105.85
N GLY C 79 -102.48 -75.72 -104.55
CA GLY C 79 -101.61 -76.37 -103.56
C GLY C 79 -101.80 -77.90 -103.47
N ASN C 80 -101.12 -78.58 -102.54
CA ASN C 80 -101.34 -80.00 -102.27
C ASN C 80 -100.84 -80.44 -100.88
N MET C 81 -101.29 -81.62 -100.45
CA MET C 81 -100.99 -82.21 -99.14
C MET C 81 -100.75 -83.71 -99.28
N THR C 82 -100.13 -84.32 -98.26
CA THR C 82 -99.93 -85.77 -98.17
C THR C 82 -100.17 -86.25 -96.74
N LYS C 83 -100.08 -87.55 -96.50
CA LYS C 83 -100.17 -88.15 -95.17
C LYS C 83 -99.31 -89.40 -95.07
N ARG C 84 -98.88 -89.77 -93.87
CA ARG C 84 -98.15 -91.01 -93.59
C ARG C 84 -98.73 -91.73 -92.38
N ASP C 85 -98.63 -93.04 -92.40
CA ASP C 85 -99.27 -93.96 -91.46
C ASP C 85 -98.21 -94.74 -90.68
N VAL C 86 -98.38 -94.95 -89.37
CA VAL C 86 -97.50 -95.81 -88.58
C VAL C 86 -98.27 -96.61 -87.54
N HIS C 87 -97.93 -97.90 -87.38
CA HIS C 87 -98.57 -98.83 -86.45
C HIS C 87 -97.58 -99.32 -85.40
N PRO C 88 -98.03 -99.65 -84.18
CA PRO C 88 -97.17 -100.28 -83.19
C PRO C 88 -96.86 -101.75 -83.54
N ALA C 89 -95.90 -102.33 -82.82
CA ALA C 89 -95.48 -103.72 -82.92
C ALA C 89 -95.22 -104.31 -81.53
N LYS C 90 -95.39 -105.62 -81.38
CA LYS C 90 -95.24 -106.35 -80.12
C LYS C 90 -93.80 -106.80 -79.91
N ILE C 91 -93.33 -106.82 -78.66
CA ILE C 91 -92.10 -107.49 -78.23
C ILE C 91 -92.40 -108.34 -77.01
N ALA C 92 -91.90 -109.55 -76.95
CA ALA C 92 -92.28 -110.51 -75.92
C ALA C 92 -91.21 -111.55 -75.64
N THR C 93 -91.29 -112.22 -74.49
CA THR C 93 -90.41 -113.32 -74.13
C THR C 93 -91.01 -114.15 -73.01
N ILE C 94 -90.51 -115.37 -72.79
CA ILE C 94 -90.98 -116.30 -71.76
C ILE C 94 -89.79 -116.85 -70.99
N PHE C 95 -89.90 -117.01 -69.68
CA PHE C 95 -88.91 -117.74 -68.89
C PHE C 95 -89.58 -118.75 -67.97
N VAL C 96 -88.92 -119.89 -67.76
CA VAL C 96 -89.54 -121.12 -67.24
C VAL C 96 -88.70 -121.71 -66.13
N ALA C 97 -89.32 -122.21 -65.08
CA ALA C 97 -88.63 -122.77 -63.93
C ALA C 97 -89.43 -123.90 -63.28
N SER C 98 -88.78 -124.78 -62.51
CA SER C 98 -89.46 -125.92 -61.88
C SER C 98 -89.78 -125.67 -60.41
N ALA C 99 -90.46 -126.61 -59.77
CA ALA C 99 -90.69 -126.56 -58.32
C ALA C 99 -89.40 -126.59 -57.47
N GLU C 100 -88.23 -126.97 -58.03
CA GLU C 100 -86.93 -126.70 -57.39
C GLU C 100 -86.79 -125.19 -57.17
N THR C 101 -87.00 -124.42 -58.22
CA THR C 101 -86.74 -122.98 -58.23
C THR C 101 -87.87 -122.23 -57.58
N VAL C 102 -89.12 -122.48 -57.97
CA VAL C 102 -90.22 -121.57 -57.63
C VAL C 102 -90.63 -121.69 -56.16
N ARG C 103 -90.48 -122.85 -55.54
CA ARG C 103 -90.75 -123.03 -54.11
C ARG C 103 -89.77 -122.22 -53.25
N ALA C 104 -88.47 -122.34 -53.55
CA ALA C 104 -87.42 -121.73 -52.76
C ALA C 104 -87.14 -120.26 -53.11
N ASN C 105 -87.32 -119.89 -54.38
CA ASN C 105 -86.91 -118.62 -54.98
C ASN C 105 -85.45 -118.25 -54.63
N PRO C 106 -84.46 -119.04 -55.05
CA PRO C 106 -83.07 -118.87 -54.63
C PRO C 106 -82.51 -117.55 -55.16
N ALA C 107 -81.79 -116.81 -54.31
CA ALA C 107 -81.21 -115.50 -54.65
C ALA C 107 -82.20 -114.51 -55.30
N ASN C 108 -83.49 -114.65 -54.99
CA ASN C 108 -84.58 -113.93 -55.65
C ASN C 108 -84.52 -113.98 -57.19
N TYR C 109 -84.09 -115.10 -57.77
CA TYR C 109 -83.97 -115.23 -59.22
C TYR C 109 -85.27 -114.90 -59.95
N LEU C 110 -86.40 -115.47 -59.52
CA LEU C 110 -87.68 -115.23 -60.18
C LEU C 110 -88.10 -113.75 -60.11
N GLY C 111 -87.68 -113.02 -59.08
CA GLY C 111 -87.88 -111.56 -59.02
C GLY C 111 -86.88 -110.81 -59.87
N THR C 112 -85.62 -111.22 -59.85
CA THR C 112 -84.53 -110.60 -60.59
C THR C 112 -84.80 -110.60 -62.08
N MET C 113 -85.30 -111.71 -62.62
CA MET C 113 -85.67 -111.83 -64.03
C MET C 113 -86.65 -110.73 -64.45
N ARG C 114 -87.68 -110.42 -63.64
CA ARG C 114 -88.66 -109.41 -63.99
C ARG C 114 -88.06 -108.01 -64.11
N THR C 115 -86.93 -107.75 -63.46
CA THR C 115 -86.16 -106.50 -63.69
C THR C 115 -85.25 -106.62 -64.91
N LYS C 116 -84.55 -107.74 -65.10
CA LYS C 116 -83.62 -107.92 -66.22
C LYS C 116 -84.34 -107.91 -67.56
N VAL C 117 -85.51 -108.53 -67.66
CA VAL C 117 -86.30 -108.48 -68.91
C VAL C 117 -86.67 -107.04 -69.26
N ALA C 118 -86.96 -106.17 -68.29
CA ALA C 118 -87.29 -104.80 -68.61
C ALA C 118 -86.14 -104.05 -69.31
N THR C 119 -84.91 -104.16 -68.79
CA THR C 119 -83.76 -103.55 -69.48
C THR C 119 -83.48 -104.23 -70.81
N ALA C 120 -83.63 -105.55 -70.92
CA ALA C 120 -83.47 -106.24 -72.19
C ALA C 120 -84.45 -105.71 -73.25
N ILE C 121 -85.70 -105.45 -72.88
CA ILE C 121 -86.68 -104.85 -73.78
C ILE C 121 -86.28 -103.42 -74.14
N ALA C 122 -85.78 -102.62 -73.19
CA ALA C 122 -85.30 -101.28 -73.52
C ALA C 122 -84.16 -101.35 -74.55
N MET C 123 -83.16 -102.20 -74.34
CA MET C 123 -82.07 -102.34 -75.31
C MET C 123 -82.56 -102.81 -76.68
N ALA C 124 -83.56 -103.70 -76.73
CA ALA C 124 -84.13 -104.11 -78.00
C ALA C 124 -84.76 -102.94 -78.75
N PHE C 125 -85.46 -102.04 -78.06
CA PHE C 125 -86.05 -100.87 -78.68
C PHE C 125 -85.00 -99.89 -79.20
N ASP C 126 -83.98 -99.56 -78.42
CA ASP C 126 -82.94 -98.66 -78.91
C ASP C 126 -82.17 -99.28 -80.09
N ASN C 127 -81.77 -100.55 -80.02
CA ASN C 127 -81.03 -101.14 -81.12
C ASN C 127 -81.88 -101.24 -82.39
N ALA C 128 -83.19 -101.45 -82.28
CA ALA C 128 -84.06 -101.37 -83.43
C ALA C 128 -84.12 -99.95 -84.01
N ALA C 129 -84.30 -98.93 -83.17
CA ALA C 129 -84.42 -97.56 -83.63
C ALA C 129 -83.11 -96.98 -84.19
N LEU C 130 -81.97 -97.28 -83.58
CA LEU C 130 -80.67 -96.77 -84.01
C LEU C 130 -80.16 -97.54 -85.22
N HIS C 131 -80.00 -98.87 -85.10
CA HIS C 131 -79.28 -99.69 -86.07
C HIS C 131 -80.15 -100.65 -86.87
N GLY C 132 -81.46 -100.70 -86.62
CA GLY C 132 -82.36 -101.57 -87.38
C GLY C 132 -82.11 -103.07 -87.15
N THR C 133 -81.38 -103.46 -86.10
CA THR C 133 -80.79 -104.80 -85.97
C THR C 133 -81.77 -105.96 -86.16
N ASN C 134 -82.98 -105.84 -85.60
CA ASN C 134 -84.01 -106.86 -85.64
C ASN C 134 -85.40 -106.22 -85.73
N ALA C 135 -85.49 -105.03 -86.31
CA ALA C 135 -86.70 -104.22 -86.27
C ALA C 135 -87.89 -104.96 -86.89
N PRO C 136 -89.10 -104.83 -86.33
CA PRO C 136 -90.29 -105.31 -86.99
C PRO C 136 -90.59 -104.40 -88.19
N SER C 137 -91.23 -104.92 -89.22
CA SER C 137 -91.46 -104.18 -90.46
C SER C 137 -92.34 -102.95 -90.27
N ALA C 138 -93.12 -102.89 -89.19
CA ALA C 138 -93.93 -101.74 -88.86
C ALA C 138 -93.15 -100.48 -88.45
N PHE C 139 -91.87 -100.59 -88.04
CA PHE C 139 -91.05 -99.42 -87.71
C PHE C 139 -90.67 -98.66 -88.98
N GLN C 140 -91.03 -97.39 -89.08
CA GLN C 140 -90.75 -96.57 -90.25
C GLN C 140 -89.33 -95.97 -90.16
N GLY C 141 -88.33 -96.77 -90.52
CA GLY C 141 -86.93 -96.35 -90.66
C GLY C 141 -86.13 -96.34 -89.35
N TYR C 142 -84.80 -96.32 -89.47
CA TYR C 142 -83.85 -96.36 -88.36
C TYR C 142 -82.58 -95.56 -88.71
N LEU C 143 -81.90 -94.95 -87.73
CA LEU C 143 -80.94 -93.88 -88.02
C LEU C 143 -79.76 -94.30 -88.90
N ASP C 144 -79.31 -95.54 -88.79
CA ASP C 144 -78.23 -96.05 -89.63
C ASP C 144 -78.58 -96.12 -91.13
N GLN C 145 -79.85 -95.97 -91.49
CA GLN C 145 -80.31 -95.92 -92.88
C GLN C 145 -79.98 -94.59 -93.60
N SER C 146 -79.36 -93.62 -92.93
CA SER C 146 -79.02 -92.33 -93.52
C SER C 146 -78.03 -92.40 -94.68
N ASN C 147 -78.24 -91.58 -95.72
CA ASN C 147 -77.34 -91.44 -96.86
C ASN C 147 -76.13 -90.51 -96.60
N LYS C 148 -75.83 -90.10 -95.37
CA LYS C 148 -74.74 -89.17 -95.04
C LYS C 148 -73.84 -89.70 -93.93
N THR C 149 -72.53 -89.54 -94.08
CA THR C 149 -71.52 -89.97 -93.11
C THR C 149 -70.38 -88.96 -93.01
N GLN C 150 -69.67 -88.94 -91.89
CA GLN C 150 -68.60 -87.99 -91.63
C GLN C 150 -67.52 -88.58 -90.72
N SER C 151 -66.26 -88.37 -91.05
CA SER C 151 -65.14 -88.71 -90.18
C SER C 151 -64.99 -87.70 -89.03
N ILE C 152 -64.62 -88.14 -87.84
CA ILE C 152 -64.29 -87.24 -86.71
C ILE C 152 -62.90 -87.51 -86.12
N SER C 153 -62.12 -88.41 -86.71
CA SER C 153 -60.85 -88.90 -86.16
C SER C 153 -59.76 -87.83 -85.99
N PRO C 154 -59.35 -87.09 -87.03
CA PRO C 154 -58.19 -86.21 -86.89
C PRO C 154 -58.49 -84.96 -86.08
N ASN C 155 -59.68 -84.39 -86.21
CA ASN C 155 -60.08 -83.16 -85.55
C ASN C 155 -61.60 -83.09 -85.46
N ALA C 156 -62.15 -83.32 -84.28
CA ALA C 156 -63.59 -83.37 -84.09
C ALA C 156 -64.28 -82.04 -84.44
N TYR C 157 -63.68 -80.88 -84.19
CA TYR C 157 -64.29 -79.60 -84.52
C TYR C 157 -64.45 -79.44 -86.04
N GLN C 158 -63.41 -79.72 -86.82
CA GLN C 158 -63.53 -79.69 -88.28
C GLN C 158 -64.55 -80.72 -88.76
N GLY C 159 -64.57 -81.90 -88.15
CA GLY C 159 -65.51 -82.96 -88.45
C GLY C 159 -66.96 -82.51 -88.30
N LEU C 160 -67.37 -82.08 -87.11
CA LEU C 160 -68.75 -81.67 -86.84
C LEU C 160 -69.05 -80.30 -87.42
N GLY C 161 -68.26 -79.29 -87.08
CA GLY C 161 -68.61 -77.88 -87.23
C GLY C 161 -68.45 -77.34 -88.65
N VAL C 162 -67.72 -78.04 -89.51
CA VAL C 162 -67.46 -77.59 -90.88
C VAL C 162 -67.89 -78.65 -91.89
N SER C 163 -67.22 -79.80 -91.92
CA SER C 163 -67.54 -80.81 -92.93
C SER C 163 -68.93 -81.39 -92.72
N GLY C 164 -69.23 -81.93 -91.54
CA GLY C 164 -70.53 -82.51 -91.21
C GLY C 164 -71.67 -81.51 -91.38
N LEU C 165 -71.56 -80.32 -90.79
CA LEU C 165 -72.58 -79.29 -90.95
C LEU C 165 -72.75 -78.85 -92.40
N THR C 166 -71.70 -78.88 -93.24
CA THR C 166 -71.86 -78.63 -94.68
C THR C 166 -72.82 -79.64 -95.30
N LYS C 167 -72.62 -80.93 -95.02
CA LYS C 167 -73.49 -81.99 -95.58
C LYS C 167 -74.94 -81.81 -95.15
N LEU C 168 -75.20 -81.34 -93.94
CA LEU C 168 -76.55 -81.09 -93.46
C LEU C 168 -77.18 -79.88 -94.14
N VAL C 169 -76.55 -78.71 -94.12
CA VAL C 169 -77.23 -77.50 -94.63
C VAL C 169 -77.33 -77.49 -96.15
N THR C 170 -76.43 -78.19 -96.86
CA THR C 170 -76.53 -78.35 -98.32
C THR C 170 -77.81 -79.11 -98.70
N ASP C 171 -78.20 -80.08 -97.89
CA ASP C 171 -79.43 -80.85 -98.05
C ASP C 171 -80.65 -80.15 -97.41
N GLY C 172 -80.50 -78.89 -96.98
CA GLY C 172 -81.58 -78.10 -96.38
C GLY C 172 -82.02 -78.58 -95.00
N LYS C 173 -81.19 -79.35 -94.28
CA LYS C 173 -81.51 -79.91 -92.96
C LYS C 173 -80.81 -79.13 -91.85
N LYS C 174 -81.55 -78.67 -90.84
CA LYS C 174 -80.97 -78.00 -89.66
C LYS C 174 -80.25 -78.99 -88.74
N TRP C 175 -79.29 -78.52 -87.95
CA TRP C 175 -78.58 -79.32 -86.94
C TRP C 175 -78.98 -78.87 -85.53
N THR C 176 -79.52 -79.76 -84.70
CA THR C 176 -80.06 -79.38 -83.38
C THR C 176 -79.60 -80.25 -82.22
N HIS C 177 -79.17 -81.48 -82.42
CA HIS C 177 -78.65 -82.32 -81.34
C HIS C 177 -77.54 -83.24 -81.82
N THR C 178 -76.79 -83.84 -80.91
CA THR C 178 -75.89 -84.95 -81.23
C THR C 178 -75.81 -85.99 -80.11
N LEU C 179 -75.68 -87.26 -80.47
CA LEU C 179 -75.51 -88.39 -79.58
C LEU C 179 -74.10 -88.94 -79.78
N LEU C 180 -73.28 -89.03 -78.74
CA LEU C 180 -72.01 -89.76 -78.79
C LEU C 180 -72.05 -90.99 -77.90
N ASP C 181 -71.48 -92.09 -78.38
CA ASP C 181 -71.06 -93.18 -77.52
C ASP C 181 -69.86 -92.74 -76.66
N ASP C 182 -69.73 -93.20 -75.42
CA ASP C 182 -68.60 -92.77 -74.57
C ASP C 182 -67.23 -93.22 -75.10
N THR C 183 -67.16 -94.17 -76.03
CA THR C 183 -65.93 -94.48 -76.75
C THR C 183 -65.43 -93.32 -77.63
N VAL C 184 -66.17 -92.22 -77.77
CA VAL C 184 -65.71 -91.01 -78.47
C VAL C 184 -64.78 -90.14 -77.62
N GLU C 185 -64.77 -90.32 -76.31
CA GLU C 185 -63.91 -89.58 -75.37
C GLU C 185 -62.46 -89.40 -75.87
N PRO C 186 -61.73 -90.43 -76.30
CA PRO C 186 -60.36 -90.25 -76.69
C PRO C 186 -60.23 -89.41 -77.95
N VAL C 187 -61.03 -89.64 -78.99
CA VAL C 187 -60.86 -88.87 -80.24
C VAL C 187 -61.24 -87.42 -80.04
N LEU C 188 -62.18 -87.14 -79.13
CA LEU C 188 -62.55 -85.78 -78.81
C LEU C 188 -61.48 -85.10 -77.95
N ASN C 189 -60.95 -85.78 -76.93
CA ASN C 189 -59.81 -85.30 -76.15
C ASN C 189 -58.59 -85.03 -77.03
N GLY C 190 -58.37 -85.85 -78.06
CA GLY C 190 -57.25 -85.74 -78.98
C GLY C 190 -57.44 -84.71 -80.10
N SER C 191 -58.55 -83.99 -80.14
CA SER C 191 -58.71 -82.90 -81.09
C SER C 191 -57.86 -81.70 -80.66
N VAL C 192 -56.98 -81.24 -81.53
CA VAL C 192 -55.96 -80.24 -81.19
C VAL C 192 -55.84 -79.17 -82.25
N ASP C 193 -55.39 -77.98 -81.85
CA ASP C 193 -54.93 -76.97 -82.79
C ASP C 193 -53.62 -77.40 -83.45
N ALA C 194 -53.17 -76.67 -84.47
CA ALA C 194 -51.95 -77.01 -85.20
C ALA C 194 -50.69 -76.94 -84.32
N ASN C 195 -50.75 -76.27 -83.17
CA ASN C 195 -49.67 -76.24 -82.20
C ASN C 195 -49.77 -77.37 -81.16
N GLY C 196 -50.72 -78.28 -81.29
CA GLY C 196 -50.82 -79.44 -80.42
C GLY C 196 -51.47 -79.18 -79.05
N ARG C 197 -52.14 -78.04 -78.84
CA ARG C 197 -52.98 -77.86 -77.65
C ARG C 197 -54.40 -78.35 -77.90
N PRO C 198 -55.09 -78.96 -76.93
CA PRO C 198 -56.46 -79.41 -77.08
C PRO C 198 -57.42 -78.28 -77.45
N LEU C 199 -58.51 -78.62 -78.13
CA LEU C 199 -59.60 -77.67 -78.39
C LEU C 199 -60.58 -77.60 -77.21
N PHE C 200 -61.29 -78.69 -76.91
CA PHE C 200 -62.45 -78.67 -76.01
C PHE C 200 -62.16 -78.66 -74.50
N VAL C 201 -60.94 -78.34 -74.07
CA VAL C 201 -60.62 -78.22 -72.64
C VAL C 201 -59.62 -77.09 -72.39
N GLU C 202 -59.87 -76.30 -71.35
CA GLU C 202 -59.07 -75.12 -70.99
C GLU C 202 -57.69 -75.48 -70.42
N SER C 203 -56.84 -74.45 -70.28
CA SER C 203 -55.45 -74.56 -69.85
C SER C 203 -55.26 -75.33 -68.54
N THR C 204 -54.17 -76.08 -68.45
CA THR C 204 -53.83 -77.03 -67.38
C THR C 204 -54.71 -78.29 -67.28
N TYR C 205 -55.68 -78.47 -68.18
CA TYR C 205 -56.22 -79.78 -68.54
C TYR C 205 -56.77 -80.57 -67.37
N GLU C 206 -57.39 -79.86 -66.44
CA GLU C 206 -57.84 -80.40 -65.15
C GLU C 206 -59.15 -81.20 -65.26
N SER C 207 -60.04 -80.83 -66.16
CA SER C 207 -61.45 -81.23 -66.13
C SER C 207 -61.97 -81.77 -67.46
N LEU C 208 -63.09 -82.47 -67.46
CA LEU C 208 -63.66 -83.13 -68.65
C LEU C 208 -63.90 -82.15 -69.79
N THR C 209 -63.60 -82.56 -71.02
CA THR C 209 -63.88 -81.76 -72.23
C THR C 209 -65.35 -81.41 -72.30
N THR C 210 -65.69 -80.19 -72.74
CA THR C 210 -67.05 -79.66 -72.53
C THR C 210 -68.18 -80.54 -73.05
N PRO C 211 -68.08 -81.29 -74.16
CA PRO C 211 -69.15 -82.18 -74.54
C PRO C 211 -69.42 -83.29 -73.51
N PHE C 212 -68.39 -83.80 -72.84
CA PHE C 212 -68.53 -84.85 -71.83
C PHE C 212 -69.00 -84.31 -70.48
N ARG C 213 -69.09 -82.99 -70.33
CA ARG C 213 -69.92 -82.32 -69.32
C ARG C 213 -71.41 -82.44 -69.63
N GLU C 214 -71.78 -83.04 -70.76
CA GLU C 214 -73.08 -82.87 -71.43
C GLU C 214 -73.41 -81.42 -71.79
N GLY C 215 -72.38 -80.57 -71.91
CA GLY C 215 -72.51 -79.22 -72.44
C GLY C 215 -72.72 -79.21 -73.95
N ARG C 216 -73.09 -78.06 -74.51
CA ARG C 216 -73.32 -77.90 -75.95
C ARG C 216 -72.03 -77.73 -76.75
N ILE C 217 -72.10 -78.01 -78.04
CA ILE C 217 -71.08 -77.74 -79.04
C ILE C 217 -71.68 -76.76 -80.04
N LEU C 218 -71.08 -75.59 -80.27
CA LEU C 218 -71.55 -74.60 -81.24
C LEU C 218 -73.08 -74.41 -81.17
N GLY C 219 -73.61 -74.25 -79.96
CA GLY C 219 -75.04 -74.06 -79.71
C GLY C 219 -75.86 -75.35 -79.50
N ARG C 220 -75.43 -76.52 -79.98
CA ARG C 220 -76.24 -77.73 -79.99
C ARG C 220 -75.91 -78.64 -78.80
N PRO C 221 -76.88 -79.13 -78.01
CA PRO C 221 -76.63 -79.97 -76.84
C PRO C 221 -76.06 -81.33 -77.22
N THR C 222 -75.30 -81.92 -76.30
CA THR C 222 -74.63 -83.21 -76.48
C THR C 222 -75.26 -84.25 -75.58
N ILE C 223 -75.69 -85.38 -76.12
CA ILE C 223 -76.25 -86.50 -75.36
C ILE C 223 -75.25 -87.65 -75.34
N LEU C 224 -75.01 -88.26 -74.18
CA LEU C 224 -74.01 -89.30 -73.99
C LEU C 224 -74.64 -90.66 -73.67
N SER C 225 -73.98 -91.73 -74.08
CA SER C 225 -74.40 -93.10 -73.80
C SER C 225 -73.22 -94.06 -73.76
N ASP C 226 -73.32 -95.16 -73.04
CA ASP C 226 -72.36 -96.26 -73.08
C ASP C 226 -72.69 -97.33 -74.14
N HIS C 227 -73.70 -97.12 -74.99
CA HIS C 227 -74.15 -98.14 -75.95
C HIS C 227 -74.75 -97.61 -77.26
N VAL C 228 -74.25 -96.49 -77.79
CA VAL C 228 -74.61 -96.01 -79.13
C VAL C 228 -73.82 -96.70 -80.23
N ALA C 229 -72.59 -97.14 -79.96
CA ALA C 229 -71.70 -97.61 -81.02
C ALA C 229 -72.11 -98.97 -81.61
N GLU C 230 -71.98 -99.10 -82.93
CA GLU C 230 -72.02 -100.37 -83.67
C GLU C 230 -71.10 -100.28 -84.88
N GLY C 231 -70.48 -101.38 -85.28
CA GLY C 231 -69.56 -101.39 -86.41
C GLY C 231 -68.46 -100.34 -86.26
N ASP C 232 -68.44 -99.35 -87.14
CA ASP C 232 -67.58 -98.17 -87.07
C ASP C 232 -68.34 -96.87 -86.73
N VAL C 233 -69.67 -96.92 -86.58
CA VAL C 233 -70.47 -95.74 -86.23
C VAL C 233 -70.43 -95.50 -84.73
N VAL C 234 -69.95 -94.34 -84.31
CA VAL C 234 -69.74 -93.99 -82.90
C VAL C 234 -70.64 -92.87 -82.40
N GLY C 235 -71.45 -92.29 -83.26
CA GLY C 235 -72.39 -91.24 -82.88
C GLY C 235 -73.19 -90.71 -84.06
N TYR C 236 -74.19 -89.90 -83.77
CA TYR C 236 -75.06 -89.26 -84.75
C TYR C 236 -75.16 -87.77 -84.48
N ALA C 237 -75.23 -86.96 -85.52
CA ALA C 237 -75.57 -85.55 -85.42
C ALA C 237 -76.70 -85.24 -86.37
N GLY C 238 -77.66 -84.41 -85.99
CA GLY C 238 -78.80 -84.16 -86.87
C GLY C 238 -79.94 -83.40 -86.22
N ASP C 239 -81.15 -83.68 -86.68
CA ASP C 239 -82.38 -83.08 -86.18
C ASP C 239 -83.24 -84.10 -85.44
N PHE C 240 -82.96 -84.31 -84.16
CA PHE C 240 -83.72 -85.23 -83.32
C PHE C 240 -85.17 -84.79 -83.06
N SER C 241 -85.66 -83.69 -83.63
CA SER C 241 -87.11 -83.44 -83.68
C SER C 241 -87.82 -84.31 -84.72
N GLN C 242 -87.10 -84.91 -85.67
CA GLN C 242 -87.67 -85.74 -86.73
C GLN C 242 -88.11 -87.14 -86.25
N ILE C 243 -87.86 -87.53 -85.01
CA ILE C 243 -88.20 -88.86 -84.47
C ILE C 243 -89.42 -88.74 -83.56
N ILE C 244 -90.45 -89.57 -83.74
CA ILE C 244 -91.55 -89.73 -82.79
C ILE C 244 -91.75 -91.19 -82.45
N TRP C 245 -92.21 -91.47 -81.24
CA TRP C 245 -92.42 -92.83 -80.74
C TRP C 245 -93.55 -92.89 -79.72
N GLY C 246 -94.09 -94.06 -79.48
CA GLY C 246 -95.09 -94.26 -78.44
C GLY C 246 -95.06 -95.68 -77.91
N GLN C 247 -95.39 -95.84 -76.63
CA GLN C 247 -95.63 -97.15 -76.00
C GLN C 247 -97.14 -97.31 -75.81
N VAL C 248 -97.68 -98.47 -76.13
CA VAL C 248 -99.10 -98.76 -76.01
C VAL C 248 -99.31 -99.63 -74.77
N GLY C 249 -100.12 -99.18 -73.83
CA GLY C 249 -100.22 -99.83 -72.52
C GLY C 249 -98.88 -99.75 -71.77
N GLY C 250 -98.32 -100.90 -71.39
CA GLY C 250 -97.03 -100.99 -70.73
C GLY C 250 -96.53 -102.42 -70.60
N LEU C 251 -95.30 -102.59 -70.13
CA LEU C 251 -94.70 -103.91 -69.93
C LEU C 251 -95.53 -104.69 -68.91
N SER C 252 -95.95 -105.88 -69.29
CA SER C 252 -96.99 -106.64 -68.61
C SER C 252 -96.64 -108.12 -68.49
N PHE C 253 -97.04 -108.75 -67.39
CA PHE C 253 -96.64 -110.09 -66.99
C PHE C 253 -97.85 -111.02 -66.88
N ASP C 254 -97.67 -112.30 -67.19
CA ASP C 254 -98.70 -113.32 -67.02
C ASP C 254 -98.05 -114.64 -66.65
N VAL C 255 -98.32 -115.17 -65.47
CA VAL C 255 -97.70 -116.39 -64.94
C VAL C 255 -98.67 -117.55 -65.02
N THR C 256 -98.21 -118.72 -65.47
CA THR C 256 -99.07 -119.90 -65.58
C THR C 256 -98.31 -121.19 -65.38
N ASP C 257 -99.03 -122.23 -64.95
CA ASP C 257 -98.55 -123.60 -64.82
C ASP C 257 -99.39 -124.61 -65.59
N GLN C 258 -100.49 -124.20 -66.24
CA GLN C 258 -101.33 -125.11 -67.03
C GLN C 258 -100.97 -125.20 -68.51
N ALA C 259 -100.27 -124.23 -69.08
CA ALA C 259 -100.00 -124.21 -70.51
C ALA C 259 -99.06 -125.33 -70.99
N THR C 260 -99.01 -125.54 -72.30
CA THR C 260 -97.97 -126.35 -72.96
C THR C 260 -97.07 -125.44 -73.78
N LEU C 261 -95.75 -125.54 -73.63
CA LEU C 261 -94.79 -124.69 -74.32
C LEU C 261 -93.96 -125.47 -75.33
N ASN C 262 -93.74 -124.92 -76.51
CA ASN C 262 -92.78 -125.46 -77.46
C ASN C 262 -91.36 -125.02 -77.09
N LEU C 263 -90.47 -125.95 -76.78
CA LEU C 263 -89.08 -125.63 -76.49
C LEU C 263 -88.21 -125.43 -77.74
N GLY C 264 -88.67 -125.86 -78.91
CA GLY C 264 -87.97 -125.74 -80.19
C GLY C 264 -88.61 -124.69 -81.11
N SER C 265 -88.29 -124.77 -82.41
CA SER C 265 -88.92 -123.95 -83.45
C SER C 265 -90.37 -124.39 -83.74
N GLN C 266 -91.21 -123.49 -84.25
CA GLN C 266 -92.53 -123.85 -84.77
C GLN C 266 -92.44 -124.79 -85.98
N GLU C 267 -91.31 -124.77 -86.71
CA GLU C 267 -91.04 -125.67 -87.83
C GLU C 267 -91.00 -127.15 -87.40
N SER C 268 -90.47 -127.42 -86.21
CA SER C 268 -90.18 -128.76 -85.72
C SER C 268 -90.27 -128.76 -84.19
N PRO C 269 -91.48 -128.83 -83.64
CA PRO C 269 -91.70 -128.52 -82.25
C PRO C 269 -91.18 -129.61 -81.32
N ASN C 270 -90.95 -129.21 -80.08
CA ASN C 270 -90.60 -130.07 -78.97
C ASN C 270 -91.43 -129.64 -77.75
N PHE C 271 -92.69 -130.07 -77.70
CA PHE C 271 -93.61 -129.60 -76.67
C PHE C 271 -93.33 -130.18 -75.30
N VAL C 272 -93.44 -129.35 -74.27
CA VAL C 272 -93.43 -129.74 -72.85
C VAL C 272 -94.69 -129.18 -72.19
N SER C 273 -95.46 -130.06 -71.55
CA SER C 273 -96.58 -129.66 -70.69
C SER C 273 -96.04 -129.09 -69.39
N LEU C 274 -96.35 -127.82 -69.07
CA LEU C 274 -95.92 -127.25 -67.79
C LEU C 274 -96.53 -128.01 -66.63
N TRP C 275 -97.80 -128.42 -66.77
CA TRP C 275 -98.51 -129.08 -65.69
C TRP C 275 -97.96 -130.46 -65.42
N GLN C 276 -97.70 -131.28 -66.45
CA GLN C 276 -97.21 -132.63 -66.23
C GLN C 276 -95.78 -132.67 -65.67
N HIS C 277 -94.93 -131.72 -66.06
CA HIS C 277 -93.56 -131.63 -65.56
C HIS C 277 -93.42 -130.74 -64.31
N ASN C 278 -94.52 -130.27 -63.72
CA ASN C 278 -94.51 -129.42 -62.54
C ASN C 278 -93.66 -128.13 -62.71
N LEU C 279 -93.66 -127.57 -63.92
CA LEU C 279 -93.00 -126.31 -64.25
C LEU C 279 -93.94 -125.13 -64.07
N VAL C 280 -93.40 -123.92 -64.03
CA VAL C 280 -94.15 -122.65 -64.04
C VAL C 280 -93.45 -121.70 -65.00
N ALA C 281 -94.19 -120.90 -65.75
CA ALA C 281 -93.62 -120.01 -66.76
C ALA C 281 -94.21 -118.60 -66.66
N VAL C 282 -93.40 -117.57 -66.95
CA VAL C 282 -93.88 -116.19 -67.00
C VAL C 282 -93.80 -115.68 -68.42
N ARG C 283 -94.95 -115.31 -69.01
CA ARG C 283 -95.01 -114.51 -70.24
C ARG C 283 -94.70 -113.07 -69.89
N VAL C 284 -93.96 -112.36 -70.74
CA VAL C 284 -93.78 -110.92 -70.65
C VAL C 284 -94.06 -110.30 -72.00
N GLU C 285 -94.84 -109.22 -72.04
CA GLU C 285 -95.21 -108.55 -73.28
C GLU C 285 -95.17 -107.03 -73.14
N ALA C 286 -94.77 -106.34 -74.20
CA ALA C 286 -94.84 -104.89 -74.34
C ALA C 286 -95.08 -104.51 -75.81
N GLU C 287 -95.45 -103.28 -76.08
CA GLU C 287 -95.89 -102.86 -77.40
C GLU C 287 -95.49 -101.41 -77.70
N TYR C 288 -94.80 -101.18 -78.81
CA TYR C 288 -94.17 -99.91 -79.15
C TYR C 288 -94.34 -99.57 -80.61
N GLY C 289 -94.26 -98.30 -80.98
CA GLY C 289 -94.14 -97.87 -82.38
C GLY C 289 -93.23 -96.66 -82.50
N LEU C 290 -92.50 -96.54 -83.60
CA LEU C 290 -91.59 -95.42 -83.86
C LEU C 290 -91.59 -95.06 -85.34
N LEU C 291 -91.47 -93.78 -85.64
CA LEU C 291 -91.37 -93.23 -86.98
C LEU C 291 -90.24 -92.24 -87.00
N ILE C 292 -89.39 -92.30 -88.01
CA ILE C 292 -88.41 -91.26 -88.29
C ILE C 292 -88.89 -90.56 -89.55
N ASN C 293 -89.18 -89.28 -89.47
CA ASN C 293 -89.82 -88.55 -90.55
C ASN C 293 -88.94 -88.47 -91.80
N ASP C 294 -87.62 -88.39 -91.63
CA ASP C 294 -86.68 -88.46 -92.74
C ASP C 294 -85.31 -88.96 -92.27
N VAL C 295 -84.99 -90.23 -92.54
CA VAL C 295 -83.72 -90.83 -92.12
C VAL C 295 -82.51 -90.15 -92.76
N ASN C 296 -82.69 -89.34 -93.80
CA ASN C 296 -81.60 -88.56 -94.35
C ASN C 296 -81.21 -87.38 -93.45
N ALA C 297 -82.01 -87.00 -92.46
CA ALA C 297 -81.77 -85.78 -91.67
C ALA C 297 -80.67 -85.94 -90.59
N PHE C 298 -79.81 -86.94 -90.68
CA PHE C 298 -78.81 -87.28 -89.68
C PHE C 298 -77.51 -87.68 -90.34
N VAL C 299 -76.37 -87.38 -89.72
CA VAL C 299 -75.04 -87.74 -90.21
C VAL C 299 -74.42 -88.76 -89.28
N LYS C 300 -74.02 -89.91 -89.80
CA LYS C 300 -73.27 -90.94 -89.05
C LYS C 300 -71.84 -90.46 -88.80
N LEU C 301 -71.32 -90.60 -87.60
CA LEU C 301 -69.94 -90.23 -87.26
C LEU C 301 -69.05 -91.48 -87.15
N THR C 302 -67.88 -91.51 -87.79
CA THR C 302 -67.24 -92.79 -88.17
C THR C 302 -65.82 -93.06 -87.68
N PHE C 303 -65.28 -92.27 -86.73
CA PHE C 303 -63.83 -92.18 -86.55
C PHE C 303 -63.13 -91.85 -87.88
N ASP C 304 -62.32 -92.73 -88.45
CA ASP C 304 -61.64 -92.50 -89.74
C ASP C 304 -62.62 -92.43 -90.93
N PRO C 305 -62.20 -91.88 -92.08
CA PRO C 305 -63.04 -91.84 -93.28
C PRO C 305 -63.24 -93.24 -93.86
N VAL C 306 -64.43 -93.50 -94.42
CA VAL C 306 -64.84 -94.81 -94.93
C VAL C 306 -65.80 -94.70 -96.12
N LEU C 307 -65.78 -95.70 -97.00
CA LEU C 307 -66.74 -95.82 -98.12
C LEU C 307 -68.13 -96.18 -97.61
N THR C 308 -69.16 -95.93 -98.43
CA THR C 308 -70.56 -96.26 -98.15
C THR C 308 -71.11 -97.16 -99.26
N THR C 309 -71.90 -98.16 -98.90
CA THR C 309 -72.51 -99.09 -99.85
C THR C 309 -74.00 -98.81 -99.99
N TYR C 310 -74.46 -98.69 -101.22
CA TYR C 310 -75.85 -98.43 -101.57
C TYR C 310 -76.42 -99.60 -102.37
N ALA C 311 -77.61 -100.06 -102.02
CA ALA C 311 -78.42 -100.89 -102.90
C ALA C 311 -79.23 -99.94 -103.79
N LEU C 312 -79.05 -100.07 -105.10
CA LEU C 312 -79.82 -99.37 -106.12
C LEU C 312 -80.65 -100.41 -106.86
N ASP C 313 -81.97 -100.26 -106.86
CA ASP C 313 -82.90 -101.32 -107.27
C ASP C 313 -84.14 -100.72 -107.94
N LEU C 314 -84.29 -100.99 -109.24
CA LEU C 314 -85.31 -100.41 -110.11
C LEU C 314 -86.66 -101.14 -110.03
N ASP C 315 -86.74 -102.28 -109.32
CA ASP C 315 -87.86 -103.23 -109.42
C ASP C 315 -88.17 -103.66 -110.88
N GLY C 316 -87.12 -103.86 -111.69
CA GLY C 316 -87.26 -104.34 -113.08
C GLY C 316 -87.95 -103.36 -114.04
N ALA C 317 -87.83 -102.05 -113.81
CA ALA C 317 -88.42 -101.00 -114.66
C ALA C 317 -88.16 -101.23 -116.17
N SER C 318 -89.17 -100.95 -117.00
CA SER C 318 -89.30 -101.57 -118.32
C SER C 318 -88.43 -100.92 -119.40
N ALA C 319 -88.25 -99.61 -119.36
CA ALA C 319 -87.52 -98.85 -120.37
C ALA C 319 -87.12 -97.46 -119.84
N GLY C 320 -86.29 -96.75 -120.61
CA GLY C 320 -85.93 -95.37 -120.33
C GLY C 320 -84.60 -95.20 -119.62
N ASN C 321 -84.46 -94.09 -118.89
CA ASN C 321 -83.20 -93.66 -118.29
C ASN C 321 -83.39 -93.29 -116.82
N PHE C 322 -82.36 -93.52 -116.01
CA PHE C 322 -82.26 -92.98 -114.65
C PHE C 322 -80.97 -92.18 -114.50
N THR C 323 -80.97 -91.21 -113.60
CA THR C 323 -79.81 -90.35 -113.32
C THR C 323 -79.30 -90.60 -111.91
N LEU C 324 -78.03 -90.98 -111.76
CA LEU C 324 -77.37 -90.95 -110.45
C LEU C 324 -76.74 -89.59 -110.18
N SER C 325 -76.62 -89.23 -108.91
CA SER C 325 -75.88 -88.07 -108.45
C SER C 325 -75.02 -88.43 -107.25
N LEU C 326 -73.76 -87.99 -107.27
CA LEU C 326 -72.77 -88.17 -106.20
C LEU C 326 -72.45 -86.80 -105.64
N ASP C 327 -72.64 -86.58 -104.33
CA ASP C 327 -72.35 -85.31 -103.66
C ASP C 327 -72.99 -84.08 -104.35
N GLY C 328 -74.16 -84.26 -104.97
CA GLY C 328 -74.88 -83.20 -105.69
C GLY C 328 -74.37 -82.92 -107.12
N LYS C 329 -73.27 -83.55 -107.55
CA LYS C 329 -72.83 -83.57 -108.96
C LYS C 329 -73.74 -84.52 -109.77
N THR C 330 -73.95 -84.26 -111.06
CA THR C 330 -74.90 -85.03 -111.90
C THR C 330 -74.17 -85.93 -112.91
N SER C 331 -74.52 -87.23 -112.95
CA SER C 331 -74.06 -88.15 -114.01
C SER C 331 -74.86 -88.00 -115.32
N ALA C 332 -74.26 -88.39 -116.44
CA ALA C 332 -74.99 -88.56 -117.69
C ALA C 332 -76.00 -89.72 -117.60
N ASN C 333 -77.05 -89.71 -118.44
CA ASN C 333 -78.15 -90.67 -118.39
C ASN C 333 -77.68 -92.14 -118.45
N ILE C 334 -78.20 -92.98 -117.55
CA ILE C 334 -77.91 -94.42 -117.50
C ILE C 334 -79.12 -95.19 -118.02
N ALA C 335 -78.89 -96.20 -118.87
CA ALA C 335 -79.95 -97.03 -119.43
C ALA C 335 -80.59 -97.97 -118.39
N TYR C 336 -81.91 -98.18 -118.49
CA TYR C 336 -82.71 -99.01 -117.58
C TYR C 336 -82.22 -100.46 -117.40
N ASN C 337 -81.45 -101.00 -118.35
CA ASN C 337 -80.88 -102.34 -118.31
C ASN C 337 -79.33 -102.34 -118.40
N ALA C 338 -78.68 -101.23 -118.03
CA ALA C 338 -77.25 -101.05 -118.21
C ALA C 338 -76.38 -102.12 -117.53
N SER C 339 -75.23 -102.41 -118.12
CA SER C 339 -74.22 -103.31 -117.53
C SER C 339 -73.67 -102.76 -116.22
N THR C 340 -73.29 -103.65 -115.30
CA THR C 340 -72.58 -103.29 -114.07
C THR C 340 -71.23 -102.60 -114.33
N ALA C 341 -70.65 -102.72 -115.52
CA ALA C 341 -69.49 -101.93 -115.94
C ALA C 341 -69.88 -100.52 -116.42
N THR C 342 -71.02 -100.38 -117.10
CA THR C 342 -71.51 -99.10 -117.61
C THR C 342 -71.82 -98.14 -116.47
N VAL C 343 -72.55 -98.57 -115.44
CA VAL C 343 -72.86 -97.72 -114.29
C VAL C 343 -71.60 -97.20 -113.59
N LYS C 344 -70.56 -98.03 -113.37
CA LYS C 344 -69.27 -97.54 -112.84
C LYS C 344 -68.71 -96.44 -113.73
N SER C 345 -68.68 -96.65 -115.04
CA SER C 345 -68.15 -95.64 -115.97
C SER C 345 -68.92 -94.31 -115.87
N ALA C 346 -70.24 -94.36 -115.72
CA ALA C 346 -71.06 -93.16 -115.59
C ALA C 346 -70.80 -92.41 -114.26
N ILE C 347 -70.50 -93.14 -113.17
CA ILE C 347 -70.14 -92.50 -111.90
C ILE C 347 -68.76 -91.85 -111.99
N VAL C 348 -67.72 -92.56 -112.45
CA VAL C 348 -66.37 -91.98 -112.52
C VAL C 348 -66.24 -90.88 -113.58
N ALA C 349 -67.17 -90.81 -114.53
CA ALA C 349 -67.27 -89.72 -115.50
C ALA C 349 -67.71 -88.37 -114.88
N ILE C 350 -68.12 -88.34 -113.60
CA ILE C 350 -68.43 -87.10 -112.88
C ILE C 350 -67.16 -86.25 -112.71
N ASP C 351 -67.31 -84.92 -112.84
CA ASP C 351 -66.20 -83.97 -112.95
C ASP C 351 -65.38 -83.75 -111.66
N ASP C 352 -65.71 -84.41 -110.54
CA ASP C 352 -65.22 -84.05 -109.21
C ASP C 352 -64.65 -85.23 -108.40
N GLY C 353 -63.32 -85.32 -108.34
CA GLY C 353 -62.55 -86.06 -107.33
C GLY C 353 -62.61 -87.59 -107.40
N VAL C 354 -63.63 -88.12 -108.05
CA VAL C 354 -63.92 -89.55 -108.21
C VAL C 354 -62.85 -90.27 -109.06
N SER C 355 -62.63 -91.55 -108.80
CA SER C 355 -61.71 -92.39 -109.60
C SER C 355 -62.17 -93.84 -109.68
N ALA C 356 -61.85 -94.50 -110.80
CA ALA C 356 -62.05 -95.93 -110.99
C ALA C 356 -61.24 -96.81 -110.04
N ASP C 357 -60.24 -96.23 -109.35
CA ASP C 357 -59.50 -96.88 -108.28
C ASP C 357 -60.38 -97.11 -107.04
N ASP C 358 -61.19 -96.12 -106.65
CA ASP C 358 -62.03 -96.16 -105.45
C ASP C 358 -63.43 -96.76 -105.71
N VAL C 359 -64.12 -96.33 -106.77
CA VAL C 359 -65.52 -96.72 -107.03
C VAL C 359 -65.64 -98.18 -107.45
N THR C 360 -66.57 -98.92 -106.85
CA THR C 360 -66.82 -100.33 -107.18
C THR C 360 -68.32 -100.58 -107.32
N VAL C 361 -68.73 -101.40 -108.30
CA VAL C 361 -70.13 -101.80 -108.48
C VAL C 361 -70.23 -103.28 -108.86
N THR C 362 -71.18 -104.02 -108.30
CA THR C 362 -71.53 -105.39 -108.73
C THR C 362 -73.04 -105.61 -108.65
N GLY C 363 -73.61 -106.49 -109.47
CA GLY C 363 -75.04 -106.79 -109.42
C GLY C 363 -75.62 -107.42 -110.70
N SER C 364 -76.93 -107.31 -110.87
CA SER C 364 -77.71 -107.80 -112.00
C SER C 364 -77.94 -106.72 -113.06
N ALA C 365 -78.90 -106.94 -113.97
CA ALA C 365 -79.41 -105.94 -114.90
C ALA C 365 -80.54 -105.05 -114.32
N GLY C 366 -80.98 -105.31 -113.07
CA GLY C 366 -82.11 -104.61 -112.43
C GLY C 366 -81.86 -104.11 -111.00
N ASP C 367 -80.84 -104.66 -110.33
CA ASP C 367 -80.34 -104.17 -109.04
C ASP C 367 -78.82 -104.24 -108.96
N TYR C 368 -78.23 -103.31 -108.23
CA TYR C 368 -76.79 -103.10 -108.13
C TYR C 368 -76.43 -102.78 -106.68
N THR C 369 -75.29 -103.29 -106.20
CA THR C 369 -74.65 -102.74 -105.00
C THR C 369 -73.49 -101.87 -105.47
N ILE C 370 -73.57 -100.59 -105.09
CA ILE C 370 -72.66 -99.52 -105.49
C ILE C 370 -71.88 -99.07 -104.26
N THR C 371 -70.55 -99.04 -104.34
CA THR C 371 -69.66 -98.61 -103.26
C THR C 371 -68.94 -97.33 -103.68
N VAL C 372 -69.13 -96.25 -102.93
CA VAL C 372 -68.58 -94.90 -103.22
C VAL C 372 -68.20 -94.16 -101.93
N PRO C 373 -67.31 -93.15 -101.97
CA PRO C 373 -66.96 -92.38 -100.78
C PRO C 373 -68.03 -91.36 -100.35
N GLY C 374 -68.88 -90.93 -101.28
CA GLY C 374 -69.79 -89.79 -101.09
C GLY C 374 -71.23 -90.15 -100.70
N THR C 375 -72.07 -89.12 -100.60
CA THR C 375 -73.53 -89.25 -100.57
C THR C 375 -74.06 -89.52 -101.97
N LEU C 376 -74.69 -90.66 -102.20
CA LEU C 376 -75.23 -91.04 -103.50
C LEU C 376 -76.76 -90.93 -103.48
N THR C 377 -77.34 -90.34 -104.53
CA THR C 377 -78.80 -90.21 -104.71
C THR C 377 -79.17 -90.51 -106.17
N ALA C 378 -80.44 -90.74 -106.45
CA ALA C 378 -80.91 -91.12 -107.77
C ALA C 378 -82.24 -90.44 -108.14
N ASP C 379 -82.41 -90.10 -109.41
CA ASP C 379 -83.66 -89.62 -110.00
C ASP C 379 -84.15 -90.61 -111.07
N PHE C 380 -85.35 -91.14 -110.88
CA PHE C 380 -86.00 -92.12 -111.75
C PHE C 380 -87.04 -91.51 -112.70
N SER C 381 -87.12 -90.18 -112.84
CA SER C 381 -88.15 -89.52 -113.63
C SER C 381 -88.13 -89.86 -115.13
N GLY C 382 -86.99 -90.30 -115.67
CA GLY C 382 -86.84 -90.75 -117.06
C GLY C 382 -87.22 -92.21 -117.31
N LEU C 383 -87.75 -92.92 -116.30
CA LEU C 383 -87.88 -94.38 -116.27
C LEU C 383 -89.34 -94.84 -116.35
N THR C 384 -89.69 -95.76 -117.25
CA THR C 384 -91.05 -96.33 -117.34
C THR C 384 -91.20 -97.58 -116.48
N ASP C 385 -92.34 -97.77 -115.82
CA ASP C 385 -92.55 -98.78 -114.77
C ASP C 385 -91.56 -98.67 -113.58
N GLY C 386 -90.96 -97.48 -113.38
CA GLY C 386 -90.10 -97.13 -112.24
C GLY C 386 -90.86 -96.86 -110.94
N GLU C 387 -92.09 -97.34 -110.80
CA GLU C 387 -93.00 -97.02 -109.70
C GLU C 387 -92.53 -97.58 -108.34
N GLY C 388 -91.67 -98.59 -108.36
CA GLY C 388 -90.97 -99.13 -107.19
C GLY C 388 -89.46 -98.85 -107.17
N ALA C 389 -88.93 -98.04 -108.08
CA ALA C 389 -87.50 -97.78 -108.17
C ALA C 389 -86.98 -97.03 -106.93
N SER C 390 -85.80 -97.43 -106.46
CA SER C 390 -85.33 -97.14 -105.10
C SER C 390 -83.80 -97.05 -105.00
N ILE C 391 -83.31 -96.30 -104.01
CA ILE C 391 -81.92 -96.34 -103.57
C ILE C 391 -81.88 -96.28 -102.02
N SER C 392 -81.05 -97.12 -101.39
CA SER C 392 -80.91 -97.13 -99.92
C SER C 392 -79.52 -97.57 -99.50
N VAL C 393 -79.02 -97.06 -98.37
CA VAL C 393 -77.76 -97.52 -97.77
C VAL C 393 -77.92 -98.92 -97.18
N VAL C 394 -76.89 -99.75 -97.27
CA VAL C 394 -76.90 -101.15 -96.81
C VAL C 394 -76.15 -101.30 -95.49
N SER C 395 -76.73 -102.04 -94.54
CA SER C 395 -76.12 -102.39 -93.25
C SER C 395 -75.00 -103.44 -93.36
N VAL C 396 -73.93 -103.12 -94.10
CA VAL C 396 -72.70 -103.93 -94.12
C VAL C 396 -71.90 -103.80 -92.82
N GLY C 397 -71.09 -104.81 -92.51
CA GLY C 397 -70.23 -104.89 -91.32
C GLY C 397 -69.37 -106.15 -91.28
N GLY D 2 -95.51 -116.60 -88.96
CA GLY D 2 -96.52 -117.26 -88.13
C GLY D 2 -97.68 -117.76 -88.97
N PHE D 3 -98.88 -117.77 -88.41
CA PHE D 3 -100.09 -118.13 -89.16
C PHE D 3 -100.35 -117.17 -90.33
N SER D 4 -100.93 -117.71 -91.40
CA SER D 4 -101.09 -117.04 -92.70
C SER D 4 -101.92 -115.76 -92.63
N ALA D 5 -101.75 -114.89 -93.63
CA ALA D 5 -102.40 -113.58 -93.73
C ALA D 5 -103.94 -113.64 -93.70
N ASP D 6 -104.54 -114.77 -94.02
CA ASP D 6 -105.99 -114.99 -93.88
C ASP D 6 -106.28 -116.49 -93.63
N HIS D 7 -105.79 -116.99 -92.51
CA HIS D 7 -105.80 -118.42 -92.17
C HIS D 7 -107.21 -118.97 -91.98
N SER D 8 -107.43 -120.25 -92.29
CA SER D 8 -108.77 -120.87 -92.24
C SER D 8 -109.22 -121.30 -90.85
N GLN D 9 -108.32 -121.66 -89.95
CA GLN D 9 -108.68 -122.14 -88.61
C GLN D 9 -108.76 -121.01 -87.58
N ILE D 10 -107.71 -120.20 -87.44
CA ILE D 10 -107.60 -119.16 -86.40
C ILE D 10 -107.82 -117.80 -87.03
N ALA D 11 -108.72 -117.00 -86.47
CA ALA D 11 -108.95 -115.62 -86.90
C ALA D 11 -107.95 -114.63 -86.27
N GLN D 12 -107.58 -113.56 -86.99
CA GLN D 12 -106.57 -112.58 -86.59
C GLN D 12 -106.95 -111.18 -87.08
N THR D 13 -106.39 -110.13 -86.47
CA THR D 13 -106.66 -108.75 -86.93
C THR D 13 -106.19 -108.47 -88.35
N LYS D 14 -105.22 -109.22 -88.86
CA LYS D 14 -104.74 -109.08 -90.24
C LYS D 14 -105.63 -109.74 -91.30
N ASP D 15 -106.64 -110.52 -90.92
CA ASP D 15 -107.55 -111.16 -91.88
C ASP D 15 -108.32 -110.12 -92.71
N THR D 16 -108.69 -110.45 -93.94
CA THR D 16 -109.40 -109.50 -94.81
C THR D 16 -110.79 -109.16 -94.28
N MET D 17 -111.45 -110.08 -93.57
CA MET D 17 -112.82 -109.90 -93.09
C MET D 17 -112.95 -108.76 -92.07
N PHE D 18 -111.84 -108.25 -91.52
CA PHE D 18 -111.81 -107.07 -90.65
C PHE D 18 -111.53 -105.74 -91.37
N THR D 19 -111.10 -105.75 -92.64
CA THR D 19 -110.67 -104.51 -93.32
C THR D 19 -111.77 -103.46 -93.37
N GLY D 20 -111.37 -102.20 -93.28
CA GLY D 20 -112.27 -101.06 -93.11
C GLY D 20 -112.57 -100.72 -91.65
N TYR D 21 -112.52 -101.71 -90.76
CA TYR D 21 -112.43 -101.47 -89.32
C TYR D 21 -110.96 -101.42 -88.88
N LEU D 22 -110.70 -101.14 -87.60
CA LEU D 22 -109.34 -101.05 -87.05
C LEU D 22 -108.44 -100.03 -87.78
N ASP D 23 -109.03 -98.96 -88.33
CA ASP D 23 -108.30 -97.91 -89.01
C ASP D 23 -107.41 -97.09 -88.04
N PRO D 24 -106.31 -96.51 -88.53
CA PRO D 24 -105.44 -95.69 -87.72
C PRO D 24 -106.11 -94.37 -87.33
N VAL D 25 -105.77 -93.84 -86.16
CA VAL D 25 -106.35 -92.62 -85.60
C VAL D 25 -105.75 -91.38 -86.25
N GLN D 26 -106.57 -90.40 -86.60
CA GLN D 26 -106.10 -89.11 -87.10
C GLN D 26 -105.27 -88.37 -86.04
N ALA D 27 -104.15 -87.76 -86.41
CA ALA D 27 -103.32 -86.96 -85.50
C ALA D 27 -102.93 -85.60 -86.08
N LYS D 28 -102.39 -84.72 -85.23
CA LYS D 28 -101.80 -83.43 -85.62
C LYS D 28 -100.48 -83.61 -86.36
N ASP D 29 -100.07 -82.60 -87.10
CA ASP D 29 -98.78 -82.61 -87.80
C ASP D 29 -97.62 -82.37 -86.82
N TYR D 30 -97.02 -83.44 -86.30
CA TYR D 30 -95.87 -83.34 -85.41
C TYR D 30 -94.59 -82.83 -86.10
N PHE D 31 -94.59 -82.66 -87.42
CA PHE D 31 -93.43 -82.23 -88.20
C PHE D 31 -93.68 -80.92 -88.95
N ALA D 32 -94.65 -80.11 -88.50
CA ALA D 32 -95.02 -78.86 -89.15
C ALA D 32 -93.85 -77.88 -89.29
N GLU D 33 -93.87 -77.09 -90.36
CA GLU D 33 -92.86 -76.08 -90.68
C GLU D 33 -93.47 -74.67 -90.61
N ALA D 34 -92.76 -73.73 -90.01
CA ALA D 34 -93.26 -72.37 -89.73
C ALA D 34 -93.44 -71.53 -91.00
N GLU D 35 -94.35 -70.56 -90.95
CA GLU D 35 -94.62 -69.63 -92.05
C GLU D 35 -93.47 -68.62 -92.20
N LYS D 36 -92.64 -68.76 -93.24
CA LYS D 36 -91.46 -67.91 -93.43
C LYS D 36 -91.83 -66.47 -93.78
N THR D 37 -91.36 -65.52 -92.97
CA THR D 37 -91.50 -64.08 -93.20
C THR D 37 -90.70 -63.63 -94.42
N SER D 38 -91.10 -62.52 -95.03
CA SER D 38 -90.18 -61.69 -95.83
C SER D 38 -88.99 -61.25 -94.97
N ILE D 39 -87.81 -61.05 -95.55
CA ILE D 39 -86.68 -60.41 -94.86
C ILE D 39 -86.46 -58.98 -95.35
N VAL D 40 -86.68 -58.67 -96.62
CA VAL D 40 -86.50 -57.31 -97.12
C VAL D 40 -87.40 -56.34 -96.39
N GLN D 41 -88.62 -56.73 -96.03
CA GLN D 41 -89.52 -55.88 -95.24
C GLN D 41 -89.00 -55.57 -93.84
N ARG D 42 -88.06 -56.34 -93.30
CA ARG D 42 -87.48 -56.07 -91.98
C ARG D 42 -86.30 -55.11 -92.02
N VAL D 43 -85.44 -55.20 -93.04
CA VAL D 43 -84.24 -54.34 -93.12
C VAL D 43 -84.49 -53.01 -93.82
N ALA D 44 -85.31 -52.99 -94.87
CA ALA D 44 -85.53 -51.79 -95.67
C ALA D 44 -86.44 -50.80 -94.93
N GLN D 45 -86.15 -49.50 -95.02
CA GLN D 45 -86.98 -48.49 -94.37
C GLN D 45 -88.37 -48.44 -95.01
N LYS D 46 -89.41 -48.74 -94.25
CA LYS D 46 -90.78 -48.56 -94.72
C LYS D 46 -91.11 -47.08 -94.82
N ILE D 47 -91.78 -46.66 -95.88
CA ILE D 47 -92.23 -45.30 -96.13
C ILE D 47 -93.74 -45.27 -96.38
N PRO D 48 -94.43 -44.15 -96.12
CA PRO D 48 -95.81 -44.00 -96.53
C PRO D 48 -95.89 -43.91 -98.05
N MET D 49 -96.84 -44.61 -98.67
CA MET D 49 -97.05 -44.54 -100.11
C MET D 49 -98.54 -44.55 -100.45
N GLY D 50 -98.93 -43.70 -101.40
CA GLY D 50 -100.28 -43.67 -101.97
C GLY D 50 -100.31 -44.34 -103.34
N ALA D 51 -101.50 -44.68 -103.83
CA ALA D 51 -101.66 -45.41 -105.09
C ALA D 51 -101.07 -44.69 -106.32
N THR D 52 -100.98 -43.36 -106.29
CA THR D 52 -100.35 -42.59 -107.39
C THR D 52 -98.83 -42.60 -107.36
N GLY D 53 -98.21 -43.12 -106.29
CA GLY D 53 -96.75 -43.08 -106.11
C GLY D 53 -96.26 -41.78 -105.48
N ILE D 54 -94.96 -41.57 -105.49
CA ILE D 54 -94.30 -40.43 -104.84
C ILE D 54 -93.20 -39.83 -105.70
N VAL D 55 -92.83 -38.59 -105.43
CA VAL D 55 -91.73 -37.90 -106.09
C VAL D 55 -90.84 -37.22 -105.06
N ILE D 56 -89.52 -37.37 -105.18
CA ILE D 56 -88.55 -36.86 -104.20
C ILE D 56 -87.55 -35.90 -104.86
N PRO D 57 -87.24 -34.78 -104.22
CA PRO D 57 -86.25 -33.84 -104.71
C PRO D 57 -84.83 -34.32 -104.40
N HIS D 58 -83.83 -33.74 -105.05
CA HIS D 58 -82.42 -34.00 -104.81
C HIS D 58 -81.59 -32.79 -105.27
N TRP D 59 -80.78 -32.21 -104.39
CA TRP D 59 -79.86 -31.14 -104.81
C TRP D 59 -78.80 -31.69 -105.79
N THR D 60 -78.19 -30.84 -106.61
CA THR D 60 -77.13 -31.29 -107.52
C THR D 60 -76.07 -30.24 -107.86
N GLY D 61 -76.36 -28.95 -107.69
CA GLY D 61 -75.45 -27.88 -108.09
C GLY D 61 -74.14 -27.83 -107.30
N ASP D 62 -73.02 -27.64 -107.98
CA ASP D 62 -71.70 -27.44 -107.41
C ASP D 62 -71.47 -25.97 -107.04
N VAL D 63 -72.27 -25.44 -106.11
CA VAL D 63 -72.18 -24.04 -105.66
C VAL D 63 -70.75 -23.73 -105.21
N SER D 64 -70.23 -22.55 -105.57
CA SER D 64 -68.81 -22.25 -105.41
C SER D 64 -68.51 -20.76 -105.21
N ALA D 65 -67.31 -20.48 -104.72
CA ALA D 65 -66.79 -19.16 -104.38
C ALA D 65 -65.30 -19.08 -104.68
N GLN D 66 -64.78 -17.88 -104.95
CA GLN D 66 -63.37 -17.67 -105.28
C GLN D 66 -62.71 -16.75 -104.27
N TRP D 67 -61.42 -16.95 -104.06
CA TRP D 67 -60.59 -16.00 -103.35
C TRP D 67 -60.42 -14.73 -104.18
N ILE D 68 -60.32 -13.57 -103.53
CA ILE D 68 -60.21 -12.28 -104.21
C ILE D 68 -59.26 -11.32 -103.46
N GLY D 69 -58.70 -10.34 -104.17
CA GLY D 69 -57.91 -9.27 -103.56
C GLY D 69 -58.76 -8.08 -103.13
N GLU D 70 -58.14 -7.05 -102.57
CA GLU D 70 -58.82 -5.76 -102.33
C GLU D 70 -59.33 -5.15 -103.64
N GLY D 71 -60.60 -4.75 -103.69
CA GLY D 71 -61.21 -4.09 -104.86
C GLY D 71 -61.47 -5.00 -106.07
N ASP D 72 -61.22 -6.30 -105.96
CA ASP D 72 -61.52 -7.24 -107.04
C ASP D 72 -63.02 -7.45 -107.24
N MET D 73 -63.41 -7.69 -108.48
CA MET D 73 -64.80 -7.91 -108.89
C MET D 73 -65.32 -9.23 -108.31
N LYS D 74 -66.34 -9.19 -107.44
CA LYS D 74 -66.89 -10.40 -106.81
C LYS D 74 -67.59 -11.30 -107.85
N PRO D 75 -67.35 -12.62 -107.86
CA PRO D 75 -67.83 -13.54 -108.87
C PRO D 75 -69.29 -13.91 -108.67
N ILE D 76 -69.95 -14.47 -109.69
CA ILE D 76 -71.38 -14.83 -109.66
C ILE D 76 -71.57 -16.34 -109.80
N THR D 77 -72.54 -16.92 -109.11
CA THR D 77 -72.84 -18.36 -109.11
C THR D 77 -74.35 -18.66 -109.22
N LYS D 78 -74.71 -19.91 -109.53
CA LYS D 78 -76.07 -20.37 -109.84
C LYS D 78 -76.22 -21.80 -109.31
N GLY D 79 -77.09 -22.03 -108.34
CA GLY D 79 -77.33 -23.38 -107.80
C GLY D 79 -78.19 -24.24 -108.72
N ASN D 80 -78.36 -25.52 -108.40
CA ASN D 80 -79.22 -26.42 -109.18
C ASN D 80 -79.78 -27.60 -108.37
N MET D 81 -80.98 -28.07 -108.71
CA MET D 81 -81.64 -29.20 -108.07
C MET D 81 -82.58 -29.92 -109.03
N THR D 82 -82.87 -31.18 -108.75
CA THR D 82 -83.63 -32.11 -109.61
C THR D 82 -84.59 -32.96 -108.79
N LYS D 83 -85.42 -33.79 -109.42
CA LYS D 83 -86.38 -34.69 -108.75
C LYS D 83 -86.58 -36.00 -109.51
N ARG D 84 -86.97 -37.06 -108.81
CA ARG D 84 -87.22 -38.39 -109.39
C ARG D 84 -88.39 -39.08 -108.69
N ASP D 85 -89.07 -40.00 -109.36
CA ASP D 85 -90.38 -40.50 -108.94
C ASP D 85 -90.50 -42.02 -108.97
N VAL D 86 -91.45 -42.53 -108.20
CA VAL D 86 -91.68 -43.96 -107.91
C VAL D 86 -93.17 -44.25 -107.98
N HIS D 87 -93.58 -45.39 -108.54
CA HIS D 87 -94.97 -45.82 -108.56
C HIS D 87 -95.10 -47.26 -108.02
N PRO D 88 -96.20 -47.62 -107.36
CA PRO D 88 -96.43 -48.98 -106.89
C PRO D 88 -96.80 -49.92 -108.02
N ALA D 89 -96.46 -51.20 -107.85
CA ALA D 89 -96.91 -52.32 -108.66
C ALA D 89 -97.97 -53.16 -107.93
N LYS D 90 -98.54 -54.15 -108.62
CA LYS D 90 -99.53 -55.09 -108.09
C LYS D 90 -99.00 -56.51 -108.13
N ILE D 91 -99.32 -57.32 -107.13
CA ILE D 91 -99.10 -58.76 -107.11
C ILE D 91 -100.44 -59.45 -106.92
N ALA D 92 -100.65 -60.57 -107.61
CA ALA D 92 -101.93 -61.24 -107.62
C ALA D 92 -101.83 -62.74 -107.81
N THR D 93 -102.88 -63.47 -107.42
CA THR D 93 -103.07 -64.87 -107.78
C THR D 93 -104.53 -65.27 -107.67
N ILE D 94 -104.90 -66.40 -108.27
CA ILE D 94 -106.24 -66.98 -108.22
C ILE D 94 -106.09 -68.46 -107.89
N PHE D 95 -106.97 -69.02 -107.08
CA PHE D 95 -107.03 -70.47 -106.87
C PHE D 95 -108.46 -70.98 -107.03
N VAL D 96 -108.62 -72.17 -107.60
CA VAL D 96 -109.89 -72.64 -108.16
C VAL D 96 -110.23 -74.04 -107.66
N ALA D 97 -111.49 -74.26 -107.30
CA ALA D 97 -111.96 -75.46 -106.63
C ALA D 97 -113.26 -75.98 -107.25
N SER D 98 -113.39 -77.28 -107.44
CA SER D 98 -114.64 -77.88 -107.88
C SER D 98 -115.64 -77.96 -106.72
N ALA D 99 -116.94 -77.89 -107.00
CA ALA D 99 -117.95 -77.80 -105.95
C ALA D 99 -117.89 -78.93 -104.92
N GLU D 100 -117.47 -80.16 -105.28
CA GLU D 100 -117.28 -81.23 -104.31
C GLU D 100 -116.30 -80.83 -103.19
N THR D 101 -115.22 -80.14 -103.53
CA THR D 101 -114.24 -79.67 -102.55
C THR D 101 -114.72 -78.43 -101.83
N VAL D 102 -115.52 -77.58 -102.46
CA VAL D 102 -116.02 -76.36 -101.80
C VAL D 102 -116.99 -76.73 -100.70
N ARG D 103 -117.95 -77.61 -100.96
CA ARG D 103 -118.95 -77.99 -99.95
C ARG D 103 -118.34 -78.79 -98.80
N ALA D 104 -117.43 -79.73 -99.10
CA ALA D 104 -116.81 -80.57 -98.07
C ALA D 104 -115.68 -79.86 -97.32
N ASN D 105 -114.99 -78.90 -97.96
CA ASN D 105 -113.79 -78.23 -97.45
C ASN D 105 -112.79 -79.21 -96.78
N PRO D 106 -112.33 -80.23 -97.50
CA PRO D 106 -111.59 -81.34 -96.91
C PRO D 106 -110.27 -80.85 -96.34
N ALA D 107 -109.91 -81.33 -95.15
CA ALA D 107 -108.72 -80.90 -94.40
C ALA D 107 -108.59 -79.37 -94.27
N ASN D 108 -109.70 -78.65 -94.32
CA ASN D 108 -109.75 -77.19 -94.38
C ASN D 108 -108.84 -76.61 -95.47
N TYR D 109 -108.75 -77.24 -96.64
CA TYR D 109 -107.91 -76.77 -97.74
C TYR D 109 -108.27 -75.36 -98.17
N LEU D 110 -109.55 -75.02 -98.34
CA LEU D 110 -109.91 -73.67 -98.78
C LEU D 110 -109.51 -72.64 -97.72
N GLY D 111 -109.54 -72.99 -96.44
CA GLY D 111 -109.01 -72.13 -95.39
C GLY D 111 -107.49 -72.03 -95.47
N THR D 112 -106.81 -73.15 -95.59
CA THR D 112 -105.34 -73.23 -95.56
C THR D 112 -104.73 -72.47 -96.72
N MET D 113 -105.34 -72.49 -97.91
CA MET D 113 -104.87 -71.66 -99.00
C MET D 113 -104.83 -70.18 -98.61
N ARG D 114 -105.79 -69.69 -97.83
CA ARG D 114 -105.86 -68.25 -97.50
C ARG D 114 -104.75 -67.78 -96.56
N THR D 115 -103.98 -68.66 -95.91
CA THR D 115 -102.69 -68.25 -95.33
C THR D 115 -101.52 -68.55 -96.24
N LYS D 116 -101.49 -69.71 -96.91
CA LYS D 116 -100.39 -70.06 -97.81
C LYS D 116 -100.20 -69.05 -98.94
N VAL D 117 -101.28 -68.51 -99.52
CA VAL D 117 -101.13 -67.43 -100.51
C VAL D 117 -100.54 -66.18 -99.88
N ALA D 118 -100.88 -65.82 -98.65
CA ALA D 118 -100.31 -64.63 -98.03
C ALA D 118 -98.81 -64.80 -97.80
N THR D 119 -98.38 -65.94 -97.29
CA THR D 119 -96.95 -66.27 -97.16
C THR D 119 -96.27 -66.23 -98.52
N ALA D 120 -96.87 -66.79 -99.57
CA ALA D 120 -96.29 -66.74 -100.90
C ALA D 120 -96.21 -65.30 -101.43
N ILE D 121 -97.26 -64.50 -101.27
CA ILE D 121 -97.30 -63.10 -101.72
C ILE D 121 -96.22 -62.28 -101.02
N ALA D 122 -95.96 -62.52 -99.73
CA ALA D 122 -94.82 -61.92 -99.06
C ALA D 122 -93.51 -62.40 -99.69
N MET D 123 -93.32 -63.70 -99.83
CA MET D 123 -92.06 -64.27 -100.33
C MET D 123 -91.69 -63.77 -101.73
N ALA D 124 -92.68 -63.58 -102.58
CA ALA D 124 -92.49 -63.05 -103.92
C ALA D 124 -91.97 -61.61 -103.94
N PHE D 125 -92.05 -60.87 -102.84
CA PHE D 125 -91.41 -59.56 -102.72
C PHE D 125 -89.91 -59.70 -102.52
N ASP D 126 -89.43 -60.60 -101.65
CA ASP D 126 -87.99 -60.86 -101.54
C ASP D 126 -87.41 -61.39 -102.85
N ASN D 127 -88.03 -62.38 -103.48
CA ASN D 127 -87.55 -62.86 -104.77
C ASN D 127 -87.69 -61.83 -105.90
N ALA D 128 -88.39 -60.72 -105.69
CA ALA D 128 -88.33 -59.57 -106.60
C ALA D 128 -87.25 -58.57 -106.19
N ALA D 129 -87.03 -58.34 -104.91
CA ALA D 129 -86.11 -57.33 -104.40
C ALA D 129 -84.65 -57.77 -104.43
N LEU D 130 -84.36 -59.02 -104.08
CA LEU D 130 -83.00 -59.54 -104.09
C LEU D 130 -82.58 -59.91 -105.51
N HIS D 131 -83.22 -60.93 -106.08
CA HIS D 131 -82.77 -61.56 -107.31
C HIS D 131 -83.46 -61.07 -108.57
N GLY D 132 -84.48 -60.22 -108.46
CA GLY D 132 -85.21 -59.70 -109.62
C GLY D 132 -86.08 -60.72 -110.35
N THR D 133 -86.34 -61.90 -109.79
CA THR D 133 -86.78 -63.10 -110.55
C THR D 133 -88.02 -62.93 -111.42
N ASN D 134 -88.95 -62.06 -111.03
CA ASN D 134 -90.12 -61.71 -111.83
C ASN D 134 -90.56 -60.26 -111.53
N ALA D 135 -89.60 -59.37 -111.31
CA ALA D 135 -89.90 -58.03 -110.83
C ALA D 135 -90.72 -57.22 -111.84
N PRO D 136 -91.73 -56.46 -111.41
CA PRO D 136 -92.49 -55.58 -112.28
C PRO D 136 -91.64 -54.38 -112.67
N SER D 137 -91.87 -53.82 -113.86
CA SER D 137 -90.99 -52.76 -114.37
C SER D 137 -90.99 -51.50 -113.50
N ALA D 138 -92.04 -51.26 -112.70
CA ALA D 138 -92.14 -50.11 -111.82
C ALA D 138 -91.15 -50.16 -110.63
N PHE D 139 -90.58 -51.31 -110.27
CA PHE D 139 -89.55 -51.39 -109.24
C PHE D 139 -88.22 -50.92 -109.80
N GLN D 140 -87.66 -49.83 -109.27
CA GLN D 140 -86.30 -49.44 -109.58
C GLN D 140 -85.27 -50.30 -108.84
N GLY D 141 -84.67 -51.23 -109.54
CA GLY D 141 -83.50 -52.02 -109.11
C GLY D 141 -83.81 -53.27 -108.29
N TYR D 142 -82.85 -54.19 -108.28
CA TYR D 142 -82.82 -55.35 -107.38
C TYR D 142 -81.37 -55.70 -107.09
N LEU D 143 -81.05 -56.23 -105.90
CA LEU D 143 -79.66 -56.26 -105.42
C LEU D 143 -78.72 -57.07 -106.32
N ASP D 144 -79.19 -58.11 -106.97
CA ASP D 144 -78.35 -58.87 -107.89
C ASP D 144 -77.87 -58.08 -109.11
N GLN D 145 -78.43 -56.90 -109.41
CA GLN D 145 -77.89 -56.02 -110.45
C GLN D 145 -76.51 -55.44 -110.13
N SER D 146 -76.05 -55.52 -108.87
CA SER D 146 -74.77 -54.94 -108.49
C SER D 146 -73.60 -55.53 -109.26
N ASN D 147 -72.69 -54.67 -109.73
CA ASN D 147 -71.46 -55.09 -110.37
C ASN D 147 -70.36 -55.53 -109.39
N LYS D 148 -70.58 -55.48 -108.07
CA LYS D 148 -69.57 -55.86 -107.07
C LYS D 148 -69.84 -57.25 -106.51
N THR D 149 -68.82 -58.11 -106.51
CA THR D 149 -68.93 -59.48 -106.03
C THR D 149 -67.70 -59.91 -105.25
N GLN D 150 -67.85 -60.79 -104.27
CA GLN D 150 -66.79 -61.14 -103.35
C GLN D 150 -66.96 -62.53 -102.76
N SER D 151 -65.97 -63.40 -102.95
CA SER D 151 -65.94 -64.68 -102.27
C SER D 151 -65.67 -64.53 -100.78
N ILE D 152 -66.37 -65.28 -99.93
CA ILE D 152 -66.10 -65.34 -98.49
C ILE D 152 -65.55 -66.70 -98.05
N SER D 153 -65.37 -67.66 -98.95
CA SER D 153 -65.30 -69.08 -98.59
C SER D 153 -64.06 -69.51 -97.79
N PRO D 154 -62.82 -69.20 -98.19
CA PRO D 154 -61.65 -69.67 -97.45
C PRO D 154 -61.63 -69.17 -96.00
N ASN D 155 -61.94 -67.89 -95.81
CA ASN D 155 -61.95 -67.22 -94.52
C ASN D 155 -62.88 -66.00 -94.59
N ALA D 156 -63.99 -66.03 -93.87
CA ALA D 156 -64.98 -64.98 -93.99
C ALA D 156 -64.49 -63.60 -93.52
N TYR D 157 -63.62 -63.54 -92.52
CA TYR D 157 -63.12 -62.25 -92.04
C TYR D 157 -62.33 -61.53 -93.13
N GLN D 158 -61.42 -62.23 -93.80
CA GLN D 158 -60.66 -61.67 -94.91
C GLN D 158 -61.57 -61.34 -96.08
N GLY D 159 -62.46 -62.27 -96.45
CA GLY D 159 -63.30 -62.10 -97.62
C GLY D 159 -64.28 -60.94 -97.48
N LEU D 160 -65.01 -60.87 -96.37
CA LEU D 160 -66.03 -59.85 -96.15
C LEU D 160 -65.41 -58.55 -95.63
N GLY D 161 -64.77 -58.61 -94.46
CA GLY D 161 -64.32 -57.44 -93.72
C GLY D 161 -63.10 -56.72 -94.28
N VAL D 162 -62.33 -57.34 -95.17
CA VAL D 162 -61.14 -56.75 -95.78
C VAL D 162 -61.31 -56.60 -97.28
N SER D 163 -61.34 -57.69 -98.03
CA SER D 163 -61.40 -57.63 -99.48
C SER D 163 -62.72 -57.01 -99.97
N GLY D 164 -63.86 -57.53 -99.51
CA GLY D 164 -65.17 -57.02 -99.89
C GLY D 164 -65.32 -55.54 -99.57
N LEU D 165 -64.97 -55.16 -98.34
CA LEU D 165 -65.00 -53.75 -97.95
C LEU D 165 -64.04 -52.90 -98.79
N THR D 166 -62.88 -53.42 -99.20
CA THR D 166 -61.97 -52.66 -100.08
C THR D 166 -62.66 -52.29 -101.37
N LYS D 167 -63.29 -53.26 -102.04
CA LYS D 167 -63.98 -52.97 -103.31
C LYS D 167 -65.29 -52.21 -103.14
N LEU D 168 -65.72 -51.96 -101.91
CA LEU D 168 -66.87 -51.13 -101.59
C LEU D 168 -66.45 -49.69 -101.34
N VAL D 169 -65.59 -49.41 -100.35
CA VAL D 169 -65.26 -48.02 -99.98
C VAL D 169 -64.44 -47.28 -101.03
N THR D 170 -63.70 -47.99 -101.87
CA THR D 170 -62.96 -47.33 -102.96
C THR D 170 -63.88 -46.84 -104.08
N ASP D 171 -65.14 -47.25 -104.13
CA ASP D 171 -66.18 -46.60 -104.94
C ASP D 171 -66.84 -45.41 -104.24
N GLY D 172 -66.39 -45.04 -103.03
CA GLY D 172 -66.96 -43.96 -102.22
C GLY D 172 -68.27 -44.33 -101.49
N LYS D 173 -68.81 -45.52 -101.70
CA LYS D 173 -69.99 -46.02 -100.98
C LYS D 173 -69.57 -46.48 -99.58
N LYS D 174 -70.52 -46.88 -98.71
CA LYS D 174 -70.25 -47.24 -97.30
C LYS D 174 -71.00 -48.48 -96.85
N TRP D 175 -70.52 -49.15 -95.79
CA TRP D 175 -71.04 -50.44 -95.33
C TRP D 175 -71.80 -50.34 -94.01
N THR D 176 -73.06 -50.76 -94.00
CA THR D 176 -73.98 -50.61 -92.84
C THR D 176 -74.40 -51.92 -92.20
N HIS D 177 -74.91 -52.88 -92.98
CA HIS D 177 -75.40 -54.18 -92.50
C HIS D 177 -74.94 -55.31 -93.41
N THR D 178 -75.15 -56.56 -93.00
CA THR D 178 -75.03 -57.72 -93.88
C THR D 178 -76.22 -58.65 -93.77
N LEU D 179 -76.74 -59.15 -94.89
CA LEU D 179 -77.71 -60.25 -94.93
C LEU D 179 -76.94 -61.51 -95.25
N LEU D 180 -77.14 -62.58 -94.49
CA LEU D 180 -76.56 -63.89 -94.78
C LEU D 180 -77.63 -64.97 -94.86
N ASP D 181 -77.51 -65.87 -95.81
CA ASP D 181 -78.33 -67.07 -95.83
C ASP D 181 -77.92 -68.04 -94.71
N ASP D 182 -78.87 -68.76 -94.12
CA ASP D 182 -78.58 -69.73 -93.07
C ASP D 182 -77.55 -70.81 -93.48
N THR D 183 -77.48 -71.14 -94.77
CA THR D 183 -76.47 -72.07 -95.29
C THR D 183 -75.03 -71.54 -95.18
N VAL D 184 -74.81 -70.30 -94.77
CA VAL D 184 -73.46 -69.73 -94.57
C VAL D 184 -72.83 -70.16 -93.26
N GLU D 185 -73.57 -70.70 -92.28
CA GLU D 185 -72.98 -71.06 -90.98
C GLU D 185 -71.69 -71.91 -91.09
N PRO D 186 -71.61 -72.99 -91.89
CA PRO D 186 -70.41 -73.80 -91.96
C PRO D 186 -69.21 -73.14 -92.65
N VAL D 187 -69.26 -71.88 -93.06
CA VAL D 187 -68.04 -71.12 -93.42
C VAL D 187 -67.77 -69.94 -92.51
N LEU D 188 -68.65 -69.62 -91.55
CA LEU D 188 -68.27 -68.77 -90.42
C LEU D 188 -67.70 -69.64 -89.32
N ASN D 189 -68.33 -70.78 -89.04
CA ASN D 189 -67.63 -71.90 -88.42
C ASN D 189 -66.45 -72.27 -89.32
N GLY D 190 -65.43 -72.92 -88.75
CA GLY D 190 -64.15 -72.99 -89.45
C GLY D 190 -63.53 -71.60 -89.53
N SER D 191 -63.37 -71.05 -90.73
CA SER D 191 -62.75 -69.74 -90.97
C SER D 191 -61.47 -69.52 -90.16
N VAL D 192 -60.68 -70.58 -90.00
CA VAL D 192 -59.63 -70.66 -88.98
C VAL D 192 -58.46 -69.72 -89.21
N ASP D 193 -57.78 -69.36 -88.14
CA ASP D 193 -56.43 -68.79 -88.20
C ASP D 193 -55.41 -69.85 -88.65
N ALA D 194 -54.16 -69.48 -88.86
CA ALA D 194 -53.14 -70.43 -89.29
C ALA D 194 -52.81 -71.49 -88.23
N ASN D 195 -53.08 -71.23 -86.95
CA ASN D 195 -52.98 -72.23 -85.90
C ASN D 195 -54.14 -73.22 -85.93
N GLY D 196 -55.14 -73.06 -86.79
CA GLY D 196 -56.29 -73.97 -86.86
C GLY D 196 -57.36 -73.73 -85.79
N ARG D 197 -57.35 -72.61 -85.07
CA ARG D 197 -58.47 -72.19 -84.22
C ARG D 197 -59.42 -71.28 -84.98
N PRO D 198 -60.73 -71.30 -84.71
CA PRO D 198 -61.70 -70.44 -85.39
C PRO D 198 -61.56 -68.98 -84.96
N LEU D 199 -62.01 -68.05 -85.79
CA LEU D 199 -62.00 -66.61 -85.50
C LEU D 199 -63.23 -66.14 -84.70
N PHE D 200 -64.44 -66.51 -85.11
CA PHE D 200 -65.69 -65.93 -84.63
C PHE D 200 -66.34 -66.63 -83.41
N VAL D 201 -65.62 -67.46 -82.66
CA VAL D 201 -66.14 -68.14 -81.46
C VAL D 201 -65.02 -68.40 -80.46
N GLU D 202 -65.33 -68.50 -79.17
CA GLU D 202 -64.33 -68.33 -78.10
C GLU D 202 -64.04 -69.60 -77.30
N SER D 203 -62.84 -69.69 -76.77
CA SER D 203 -62.46 -70.66 -75.72
C SER D 203 -62.76 -72.11 -76.08
N THR D 204 -63.65 -72.80 -75.37
CA THR D 204 -63.98 -74.20 -75.63
C THR D 204 -65.23 -74.37 -76.50
N TYR D 205 -65.62 -73.31 -77.22
CA TYR D 205 -66.49 -73.38 -78.38
C TYR D 205 -67.89 -73.94 -78.13
N GLU D 206 -68.46 -73.78 -76.94
CA GLU D 206 -69.81 -74.29 -76.68
C GLU D 206 -70.93 -73.44 -77.28
N SER D 207 -70.75 -72.14 -77.44
CA SER D 207 -71.77 -71.19 -77.90
C SER D 207 -71.88 -71.12 -79.43
N LEU D 208 -73.01 -70.63 -79.96
CA LEU D 208 -73.08 -70.21 -81.37
C LEU D 208 -72.04 -69.12 -81.70
N THR D 209 -71.54 -69.17 -82.92
CA THR D 209 -70.62 -68.23 -83.56
C THR D 209 -71.21 -66.83 -83.65
N THR D 210 -70.46 -65.77 -83.33
CA THR D 210 -71.11 -64.49 -82.96
C THR D 210 -72.07 -63.90 -83.99
N PRO D 211 -71.80 -63.83 -85.31
CA PRO D 211 -72.79 -63.34 -86.25
C PRO D 211 -74.06 -64.21 -86.26
N PHE D 212 -73.94 -65.53 -86.18
CA PHE D 212 -75.11 -66.42 -86.11
C PHE D 212 -75.88 -66.30 -84.80
N ARG D 213 -75.27 -65.74 -83.76
CA ARG D 213 -75.93 -65.33 -82.52
C ARG D 213 -76.53 -63.92 -82.63
N GLU D 214 -76.90 -63.52 -83.84
CA GLU D 214 -77.40 -62.19 -84.22
C GLU D 214 -76.42 -61.04 -83.89
N GLY D 215 -75.15 -61.35 -83.67
CA GLY D 215 -74.14 -60.38 -83.25
C GLY D 215 -73.67 -59.46 -84.37
N ARG D 216 -72.94 -58.42 -84.00
CA ARG D 216 -72.28 -57.51 -84.94
C ARG D 216 -71.02 -58.18 -85.50
N ILE D 217 -70.55 -57.74 -86.66
CA ILE D 217 -69.17 -58.01 -87.14
C ILE D 217 -68.53 -56.69 -87.57
N LEU D 218 -67.31 -56.42 -87.12
CA LEU D 218 -66.61 -55.16 -87.37
C LEU D 218 -67.51 -53.93 -87.19
N GLY D 219 -68.35 -53.97 -86.15
CA GLY D 219 -69.32 -52.93 -85.81
C GLY D 219 -70.67 -53.01 -86.53
N ARG D 220 -70.74 -53.63 -87.71
CA ARG D 220 -71.96 -53.69 -88.52
C ARG D 220 -72.89 -54.82 -88.05
N PRO D 221 -74.20 -54.60 -87.88
CA PRO D 221 -75.16 -55.65 -87.54
C PRO D 221 -75.24 -56.77 -88.58
N THR D 222 -75.35 -58.00 -88.12
CA THR D 222 -75.72 -59.15 -88.96
C THR D 222 -77.24 -59.27 -89.04
N ILE D 223 -77.75 -59.76 -90.16
CA ILE D 223 -79.13 -60.14 -90.39
C ILE D 223 -79.13 -61.53 -91.02
N LEU D 224 -80.00 -62.44 -90.61
CA LEU D 224 -79.98 -63.84 -91.04
C LEU D 224 -81.32 -64.25 -91.63
N SER D 225 -81.37 -65.16 -92.61
CA SER D 225 -82.61 -65.83 -93.00
C SER D 225 -82.42 -67.13 -93.78
N ASP D 226 -83.45 -67.96 -93.79
CA ASP D 226 -83.42 -69.29 -94.42
C ASP D 226 -83.47 -69.28 -95.96
N HIS D 227 -83.64 -68.12 -96.60
CA HIS D 227 -84.03 -68.05 -98.02
C HIS D 227 -83.38 -66.90 -98.80
N VAL D 228 -82.21 -66.41 -98.38
CA VAL D 228 -81.51 -65.33 -99.08
C VAL D 228 -80.76 -65.83 -100.32
N ALA D 229 -80.24 -67.05 -100.28
CA ALA D 229 -79.40 -67.58 -101.35
C ALA D 229 -80.18 -67.89 -102.64
N GLU D 230 -79.54 -67.69 -103.78
CA GLU D 230 -80.04 -68.06 -105.10
C GLU D 230 -78.85 -68.25 -106.04
N GLY D 231 -78.73 -69.42 -106.66
CA GLY D 231 -77.51 -69.79 -107.36
C GLY D 231 -76.32 -69.87 -106.40
N ASP D 232 -75.20 -69.25 -106.77
CA ASP D 232 -73.99 -69.18 -105.97
C ASP D 232 -73.89 -67.94 -105.08
N VAL D 233 -74.85 -67.02 -105.13
CA VAL D 233 -74.92 -65.90 -104.18
C VAL D 233 -75.52 -66.35 -102.86
N VAL D 234 -74.87 -66.03 -101.75
CA VAL D 234 -75.24 -66.51 -100.41
C VAL D 234 -75.55 -65.39 -99.42
N GLY D 235 -75.34 -64.14 -99.79
CA GLY D 235 -75.56 -63.00 -98.91
C GLY D 235 -75.20 -61.66 -99.55
N TYR D 236 -75.40 -60.58 -98.82
CA TYR D 236 -75.17 -59.22 -99.30
C TYR D 236 -74.60 -58.36 -98.18
N ALA D 237 -73.70 -57.45 -98.52
CA ALA D 237 -73.19 -56.43 -97.61
C ALA D 237 -73.35 -55.08 -98.28
N GLY D 238 -73.75 -54.02 -97.59
CA GLY D 238 -73.98 -52.76 -98.32
C GLY D 238 -74.53 -51.61 -97.52
N ASP D 239 -74.99 -50.60 -98.25
CA ASP D 239 -75.57 -49.38 -97.69
C ASP D 239 -77.10 -49.51 -97.60
N PHE D 240 -77.59 -50.36 -96.71
CA PHE D 240 -79.02 -50.40 -96.40
C PHE D 240 -79.47 -49.03 -95.88
N SER D 241 -80.77 -48.74 -95.99
CA SER D 241 -81.30 -47.37 -96.05
C SER D 241 -80.97 -46.59 -97.32
N GLN D 242 -80.17 -47.11 -98.27
CA GLN D 242 -80.31 -46.75 -99.69
C GLN D 242 -81.38 -47.61 -100.38
N ILE D 243 -82.26 -48.26 -99.63
CA ILE D 243 -83.44 -48.99 -100.10
C ILE D 243 -84.65 -48.58 -99.28
N ILE D 244 -85.75 -48.20 -99.93
CA ILE D 244 -87.01 -47.80 -99.29
C ILE D 244 -88.18 -48.51 -99.96
N TRP D 245 -89.25 -48.76 -99.22
CA TRP D 245 -90.40 -49.51 -99.74
C TRP D 245 -91.70 -49.11 -99.08
N GLY D 246 -92.83 -49.44 -99.70
CA GLY D 246 -94.13 -49.20 -99.09
C GLY D 246 -95.19 -50.18 -99.58
N GLN D 247 -96.27 -50.33 -98.82
CA GLN D 247 -97.45 -51.09 -99.19
C GLN D 247 -98.61 -50.12 -99.40
N VAL D 248 -99.40 -50.31 -100.45
CA VAL D 248 -100.60 -49.50 -100.67
C VAL D 248 -101.79 -50.33 -100.25
N GLY D 249 -102.64 -49.81 -99.36
CA GLY D 249 -103.73 -50.60 -98.80
C GLY D 249 -103.23 -51.86 -98.09
N GLY D 250 -103.72 -53.02 -98.48
CA GLY D 250 -103.28 -54.31 -97.96
C GLY D 250 -103.89 -55.49 -98.69
N LEU D 251 -103.44 -56.70 -98.36
CA LEU D 251 -103.85 -57.92 -99.04
C LEU D 251 -105.36 -58.13 -98.95
N SER D 252 -105.99 -58.33 -100.10
CA SER D 252 -107.44 -58.34 -100.27
C SER D 252 -107.91 -59.57 -101.05
N PHE D 253 -109.09 -60.08 -100.71
CA PHE D 253 -109.66 -61.30 -101.28
C PHE D 253 -111.00 -61.02 -101.95
N ASP D 254 -111.32 -61.80 -102.98
CA ASP D 254 -112.63 -61.82 -103.63
C ASP D 254 -112.96 -63.25 -104.06
N VAL D 255 -114.23 -63.63 -104.12
CA VAL D 255 -114.66 -65.01 -104.44
C VAL D 255 -115.87 -65.02 -105.36
N THR D 256 -115.84 -65.86 -106.40
CA THR D 256 -116.87 -65.88 -107.44
C THR D 256 -117.01 -67.23 -108.12
N ASP D 257 -118.20 -67.54 -108.61
CA ASP D 257 -118.48 -68.68 -109.49
C ASP D 257 -119.05 -68.26 -110.85
N GLN D 258 -119.27 -66.97 -111.08
CA GLN D 258 -119.91 -66.48 -112.31
C GLN D 258 -118.94 -66.15 -113.44
N ALA D 259 -117.65 -66.00 -113.14
CA ALA D 259 -116.65 -65.57 -114.11
C ALA D 259 -116.25 -66.66 -115.13
N THR D 260 -115.60 -66.24 -116.21
CA THR D 260 -114.86 -67.13 -117.11
C THR D 260 -113.37 -66.89 -116.92
N LEU D 261 -112.58 -67.93 -116.67
CA LEU D 261 -111.13 -67.82 -116.46
C LEU D 261 -110.36 -68.38 -117.65
N ASN D 262 -109.29 -67.70 -118.07
CA ASN D 262 -108.36 -68.21 -119.04
C ASN D 262 -107.30 -69.07 -118.33
N LEU D 263 -107.35 -70.40 -118.48
CA LEU D 263 -106.36 -71.28 -117.86
C LEU D 263 -105.01 -71.29 -118.58
N GLY D 264 -104.93 -70.75 -119.79
CA GLY D 264 -103.72 -70.69 -120.61
C GLY D 264 -102.92 -69.41 -120.35
N SER D 265 -102.67 -68.63 -121.39
CA SER D 265 -102.08 -67.30 -121.30
C SER D 265 -102.82 -66.33 -122.23
N GLN D 266 -102.61 -65.03 -122.11
CA GLN D 266 -103.30 -64.07 -122.98
C GLN D 266 -103.00 -64.29 -124.47
N GLU D 267 -101.78 -64.73 -124.79
CA GLU D 267 -101.31 -65.00 -126.15
C GLU D 267 -101.72 -66.39 -126.66
N SER D 268 -102.26 -67.25 -125.79
CA SER D 268 -102.62 -68.63 -126.11
C SER D 268 -103.72 -69.12 -125.15
N PRO D 269 -104.99 -68.86 -125.48
CA PRO D 269 -106.09 -69.01 -124.54
C PRO D 269 -106.48 -70.46 -124.30
N ASN D 270 -107.10 -70.70 -123.15
CA ASN D 270 -107.79 -71.94 -122.82
C ASN D 270 -108.92 -71.61 -121.84
N PHE D 271 -109.99 -71.00 -122.32
CA PHE D 271 -111.06 -70.48 -121.46
C PHE D 271 -111.90 -71.58 -120.82
N VAL D 272 -112.30 -71.39 -119.57
CA VAL D 272 -113.28 -72.21 -118.86
C VAL D 272 -114.29 -71.32 -118.14
N SER D 273 -115.58 -71.59 -118.29
CA SER D 273 -116.60 -70.92 -117.48
C SER D 273 -116.71 -71.58 -116.12
N LEU D 274 -116.53 -70.83 -115.03
CA LEU D 274 -116.69 -71.38 -113.69
C LEU D 274 -118.13 -71.86 -113.47
N TRP D 275 -119.09 -71.12 -114.00
CA TRP D 275 -120.51 -71.45 -113.88
C TRP D 275 -120.81 -72.74 -114.63
N GLN D 276 -120.40 -72.87 -115.88
CA GLN D 276 -120.77 -74.04 -116.69
C GLN D 276 -120.09 -75.32 -116.23
N HIS D 277 -118.90 -75.26 -115.64
CA HIS D 277 -118.22 -76.43 -115.08
C HIS D 277 -118.44 -76.62 -113.58
N ASN D 278 -119.34 -75.86 -112.93
CA ASN D 278 -119.59 -75.94 -111.49
C ASN D 278 -118.30 -75.82 -110.65
N LEU D 279 -117.44 -74.87 -110.99
CA LEU D 279 -116.26 -74.50 -110.22
C LEU D 279 -116.50 -73.21 -109.41
N VAL D 280 -115.68 -72.96 -108.39
CA VAL D 280 -115.65 -71.68 -107.66
C VAL D 280 -114.21 -71.21 -107.54
N ALA D 281 -113.96 -69.92 -107.70
CA ALA D 281 -112.62 -69.35 -107.69
C ALA D 281 -112.46 -68.26 -106.64
N VAL D 282 -111.27 -68.14 -106.07
CA VAL D 282 -110.90 -67.07 -105.15
C VAL D 282 -109.73 -66.30 -105.75
N ARG D 283 -109.76 -64.97 -105.64
CA ARG D 283 -108.75 -64.05 -106.16
C ARG D 283 -108.09 -63.34 -105.00
N VAL D 284 -106.79 -63.05 -105.11
CA VAL D 284 -106.03 -62.34 -104.09
C VAL D 284 -105.20 -61.24 -104.75
N GLU D 285 -105.19 -60.03 -104.19
CA GLU D 285 -104.39 -58.92 -104.71
C GLU D 285 -103.81 -58.06 -103.60
N ALA D 286 -102.60 -57.53 -103.81
CA ALA D 286 -101.94 -56.54 -102.96
C ALA D 286 -101.06 -55.62 -103.81
N GLU D 287 -100.69 -54.44 -103.30
CA GLU D 287 -99.88 -53.47 -104.02
C GLU D 287 -98.69 -52.99 -103.20
N TYR D 288 -97.54 -52.86 -103.83
CA TYR D 288 -96.27 -52.54 -103.18
C TYR D 288 -95.39 -51.66 -104.07
N GLY D 289 -94.48 -50.90 -103.49
CA GLY D 289 -93.47 -50.14 -104.21
C GLY D 289 -92.10 -50.30 -103.57
N LEU D 290 -91.05 -50.31 -104.38
CA LEU D 290 -89.66 -50.49 -103.98
C LEU D 290 -88.78 -49.55 -104.77
N LEU D 291 -87.83 -48.90 -104.12
CA LEU D 291 -86.76 -48.14 -104.77
C LEU D 291 -85.44 -48.47 -104.10
N ILE D 292 -84.45 -48.84 -104.89
CA ILE D 292 -83.07 -48.95 -104.44
C ILE D 292 -82.31 -47.81 -105.09
N ASN D 293 -81.72 -46.91 -104.30
CA ASN D 293 -81.19 -45.66 -104.80
C ASN D 293 -79.93 -45.85 -105.66
N ASP D 294 -79.06 -46.78 -105.27
CA ASP D 294 -77.92 -47.22 -106.08
C ASP D 294 -77.59 -48.68 -105.80
N VAL D 295 -77.98 -49.58 -106.70
CA VAL D 295 -77.70 -51.02 -106.55
C VAL D 295 -76.21 -51.31 -106.48
N ASN D 296 -75.35 -50.44 -106.99
CA ASN D 296 -73.90 -50.62 -106.91
C ASN D 296 -73.35 -50.35 -105.50
N ALA D 297 -74.15 -49.84 -104.55
CA ALA D 297 -73.74 -49.67 -103.16
C ALA D 297 -73.82 -50.96 -102.31
N PHE D 298 -74.06 -52.10 -102.94
CA PHE D 298 -74.17 -53.40 -102.29
C PHE D 298 -73.23 -54.41 -102.94
N VAL D 299 -72.58 -55.26 -102.16
CA VAL D 299 -71.66 -56.29 -102.64
C VAL D 299 -72.33 -57.65 -102.50
N LYS D 300 -72.40 -58.40 -103.59
CA LYS D 300 -72.91 -59.77 -103.61
C LYS D 300 -71.86 -60.69 -102.98
N LEU D 301 -72.22 -61.49 -102.00
CA LEU D 301 -71.30 -62.42 -101.35
C LEU D 301 -71.50 -63.83 -101.91
N THR D 302 -70.41 -64.53 -102.21
CA THR D 302 -70.41 -65.82 -102.91
C THR D 302 -69.45 -66.82 -102.28
N PHE D 303 -69.56 -68.09 -102.64
CA PHE D 303 -68.69 -69.17 -102.15
C PHE D 303 -67.54 -69.55 -103.08
N ASP D 304 -67.38 -68.92 -104.25
CA ASP D 304 -66.47 -69.41 -105.28
C ASP D 304 -65.00 -69.41 -104.83
N PRO D 305 -64.19 -70.40 -105.25
CA PRO D 305 -62.77 -70.47 -104.91
C PRO D 305 -61.98 -69.37 -105.61
N VAL D 306 -60.81 -69.04 -105.05
CA VAL D 306 -59.95 -67.95 -105.54
C VAL D 306 -59.32 -68.31 -106.90
N LEU D 307 -59.58 -67.49 -107.93
CA LEU D 307 -58.99 -67.63 -109.26
C LEU D 307 -57.53 -67.15 -109.29
N THR D 308 -56.70 -67.80 -110.10
CA THR D 308 -55.35 -67.37 -110.45
C THR D 308 -55.17 -67.34 -111.97
N THR D 309 -54.52 -66.30 -112.50
CA THR D 309 -54.24 -66.15 -113.94
C THR D 309 -52.76 -66.41 -114.24
N TYR D 310 -52.51 -67.10 -115.34
CA TYR D 310 -51.20 -67.51 -115.83
C TYR D 310 -51.03 -67.11 -117.31
N ALA D 311 -49.79 -66.85 -117.71
CA ALA D 311 -49.37 -66.78 -119.10
C ALA D 311 -48.72 -68.12 -119.50
N LEU D 312 -49.21 -68.72 -120.58
CA LEU D 312 -48.69 -69.94 -121.21
C LEU D 312 -47.94 -69.57 -122.49
N ASP D 313 -46.73 -70.07 -122.65
CA ASP D 313 -45.78 -69.67 -123.69
C ASP D 313 -45.15 -70.89 -124.37
N LEU D 314 -45.57 -71.24 -125.59
CA LEU D 314 -44.97 -72.34 -126.38
C LEU D 314 -43.66 -71.94 -127.10
N ASP D 315 -42.92 -70.95 -126.58
CA ASP D 315 -41.66 -70.45 -127.12
C ASP D 315 -41.76 -69.87 -128.54
N GLY D 316 -42.99 -69.57 -128.99
CA GLY D 316 -43.31 -69.27 -130.38
C GLY D 316 -43.08 -70.44 -131.36
N ALA D 317 -42.82 -71.65 -130.88
CA ALA D 317 -42.36 -72.79 -131.68
C ALA D 317 -43.42 -73.35 -132.64
N SER D 318 -44.69 -73.38 -132.24
CA SER D 318 -45.84 -73.63 -133.12
C SER D 318 -45.84 -74.96 -133.89
N ALA D 319 -45.37 -76.05 -133.28
CA ALA D 319 -45.53 -77.40 -133.81
C ALA D 319 -45.59 -78.46 -132.69
N GLY D 320 -46.37 -79.53 -132.88
CA GLY D 320 -46.52 -80.62 -131.90
C GLY D 320 -47.61 -80.37 -130.84
N ASN D 321 -47.44 -80.95 -129.64
CA ASN D 321 -48.45 -80.93 -128.57
C ASN D 321 -47.86 -80.67 -127.17
N PHE D 322 -48.70 -80.18 -126.27
CA PHE D 322 -48.39 -79.94 -124.85
C PHE D 322 -49.45 -80.60 -123.97
N THR D 323 -49.35 -80.47 -122.66
CA THR D 323 -50.46 -80.83 -121.77
C THR D 323 -50.51 -79.91 -120.55
N LEU D 324 -51.68 -79.81 -119.92
CA LEU D 324 -51.93 -79.00 -118.73
C LEU D 324 -52.30 -79.90 -117.56
N SER D 325 -51.89 -79.53 -116.34
CA SER D 325 -51.95 -80.37 -115.16
C SER D 325 -52.26 -79.56 -113.90
N LEU D 326 -53.55 -79.42 -113.58
CA LEU D 326 -54.03 -78.69 -112.40
C LEU D 326 -53.75 -79.50 -111.14
N ASP D 327 -52.96 -78.94 -110.23
CA ASP D 327 -52.80 -79.39 -108.84
C ASP D 327 -52.60 -80.91 -108.64
N GLY D 328 -51.80 -81.53 -109.51
CA GLY D 328 -51.48 -82.96 -109.49
C GLY D 328 -52.32 -83.86 -110.43
N LYS D 329 -53.47 -83.39 -110.92
CA LYS D 329 -54.22 -84.04 -112.02
C LYS D 329 -53.61 -83.67 -113.38
N THR D 330 -53.88 -84.43 -114.44
CA THR D 330 -53.33 -84.18 -115.79
C THR D 330 -54.37 -84.37 -116.90
N SER D 331 -54.41 -83.42 -117.85
CA SER D 331 -55.33 -83.40 -119.00
C SER D 331 -54.85 -84.29 -120.16
N ALA D 332 -55.57 -84.26 -121.29
CA ALA D 332 -55.14 -84.87 -122.55
C ALA D 332 -53.85 -84.23 -123.11
N ASN D 333 -53.31 -84.80 -124.19
CA ASN D 333 -52.38 -84.09 -125.08
C ASN D 333 -53.15 -83.05 -125.92
N ILE D 334 -52.66 -81.81 -125.94
CA ILE D 334 -53.28 -80.64 -126.57
C ILE D 334 -52.38 -80.16 -127.72
N ALA D 335 -52.88 -80.06 -128.95
CA ALA D 335 -52.08 -79.57 -130.07
C ALA D 335 -51.78 -78.06 -129.96
N TYR D 336 -50.62 -77.61 -130.46
CA TYR D 336 -50.24 -76.18 -130.44
C TYR D 336 -51.30 -75.26 -131.09
N ASN D 337 -52.02 -75.77 -132.09
CA ASN D 337 -53.06 -75.05 -132.84
C ASN D 337 -54.43 -75.02 -132.15
N ALA D 338 -54.57 -75.64 -130.97
CA ALA D 338 -55.84 -75.73 -130.24
C ALA D 338 -56.44 -74.34 -130.00
N SER D 339 -57.69 -74.14 -130.42
CA SER D 339 -58.43 -72.90 -130.18
C SER D 339 -58.65 -72.65 -128.68
N THR D 340 -59.01 -71.43 -128.29
CA THR D 340 -59.32 -71.13 -126.88
C THR D 340 -60.43 -72.04 -126.33
N ALA D 341 -61.46 -72.33 -127.14
CA ALA D 341 -62.51 -73.28 -126.76
C ALA D 341 -61.97 -74.72 -126.60
N THR D 342 -61.06 -75.14 -127.49
CA THR D 342 -60.42 -76.45 -127.41
C THR D 342 -59.61 -76.59 -126.13
N VAL D 343 -58.72 -75.63 -125.83
CA VAL D 343 -57.90 -75.62 -124.61
C VAL D 343 -58.79 -75.57 -123.38
N LYS D 344 -59.80 -74.70 -123.34
CA LYS D 344 -60.73 -74.60 -122.21
C LYS D 344 -61.43 -75.93 -121.94
N SER D 345 -61.86 -76.66 -122.97
CA SER D 345 -62.44 -78.01 -122.80
C SER D 345 -61.43 -78.99 -122.21
N ALA D 346 -60.17 -78.95 -122.66
CA ALA D 346 -59.10 -79.79 -122.15
C ALA D 346 -58.70 -79.44 -120.70
N ILE D 347 -58.85 -78.19 -120.28
CA ILE D 347 -58.68 -77.79 -118.88
C ILE D 347 -59.80 -78.38 -118.01
N VAL D 348 -61.07 -78.17 -118.36
CA VAL D 348 -62.18 -78.58 -117.46
C VAL D 348 -62.34 -80.11 -117.41
N ALA D 349 -61.98 -80.84 -118.47
CA ALA D 349 -62.02 -82.30 -118.51
C ALA D 349 -60.82 -82.96 -117.78
N ILE D 350 -60.67 -82.69 -116.48
CA ILE D 350 -59.50 -83.12 -115.69
C ILE D 350 -59.84 -83.72 -114.31
N ASP D 351 -61.12 -83.93 -114.01
CA ASP D 351 -61.64 -84.54 -112.76
C ASP D 351 -61.34 -83.78 -111.45
N ASP D 352 -60.73 -82.59 -111.51
CA ASP D 352 -60.33 -81.83 -110.32
C ASP D 352 -61.49 -81.03 -109.66
N GLY D 353 -62.75 -81.36 -109.96
CA GLY D 353 -63.92 -80.62 -109.50
C GLY D 353 -64.20 -79.33 -110.27
N VAL D 354 -63.31 -78.93 -111.17
CA VAL D 354 -63.53 -77.80 -112.08
C VAL D 354 -64.54 -78.15 -113.18
N SER D 355 -65.28 -77.15 -113.64
CA SER D 355 -66.35 -77.30 -114.62
C SER D 355 -66.41 -76.09 -115.57
N ALA D 356 -67.21 -76.18 -116.64
CA ALA D 356 -67.36 -75.10 -117.59
C ALA D 356 -67.69 -73.75 -116.90
N ASP D 357 -66.98 -72.70 -117.29
CA ASP D 357 -67.06 -71.34 -116.71
C ASP D 357 -66.62 -71.18 -115.24
N ASP D 358 -66.02 -72.20 -114.63
CA ASP D 358 -65.06 -71.99 -113.51
C ASP D 358 -63.69 -71.48 -114.01
N VAL D 359 -63.47 -71.49 -115.32
CA VAL D 359 -62.18 -71.30 -116.01
C VAL D 359 -62.39 -70.35 -117.19
N THR D 360 -61.40 -69.51 -117.50
CA THR D 360 -61.44 -68.64 -118.68
C THR D 360 -60.07 -68.50 -119.34
N VAL D 361 -60.03 -68.49 -120.68
CA VAL D 361 -58.81 -68.45 -121.47
C VAL D 361 -58.95 -67.39 -122.57
N THR D 362 -57.92 -66.57 -122.75
CA THR D 362 -57.86 -65.46 -123.72
C THR D 362 -56.46 -65.37 -124.33
N GLY D 363 -56.30 -64.69 -125.46
CA GLY D 363 -55.02 -64.63 -126.21
C GLY D 363 -55.03 -65.48 -127.47
N SER D 364 -53.89 -66.07 -127.82
CA SER D 364 -53.63 -66.65 -129.15
C SER D 364 -52.98 -68.03 -129.07
N ALA D 365 -53.06 -68.82 -130.15
CA ALA D 365 -52.49 -70.17 -130.21
C ALA D 365 -50.99 -70.17 -129.83
N GLY D 366 -50.64 -70.93 -128.80
CA GLY D 366 -49.28 -71.00 -128.25
C GLY D 366 -48.85 -69.81 -127.40
N ASP D 367 -49.76 -68.89 -127.10
CA ASP D 367 -49.53 -67.66 -126.34
C ASP D 367 -50.82 -67.25 -125.60
N TYR D 368 -51.21 -68.04 -124.60
CA TYR D 368 -52.52 -67.93 -123.92
C TYR D 368 -52.43 -67.36 -122.51
N THR D 369 -53.36 -66.46 -122.19
CA THR D 369 -53.72 -66.04 -120.83
C THR D 369 -54.77 -67.01 -120.28
N ILE D 370 -54.39 -67.88 -119.32
CA ILE D 370 -55.23 -68.93 -118.74
C ILE D 370 -55.59 -68.58 -117.29
N THR D 371 -56.88 -68.62 -116.93
CA THR D 371 -57.35 -68.39 -115.56
C THR D 371 -58.05 -69.62 -114.98
N VAL D 372 -57.60 -70.11 -113.82
CA VAL D 372 -58.07 -71.35 -113.17
C VAL D 372 -58.11 -71.21 -111.64
N PRO D 373 -58.97 -71.96 -110.94
CA PRO D 373 -59.13 -71.86 -109.49
C PRO D 373 -58.07 -72.66 -108.68
N GLY D 374 -56.78 -72.57 -109.04
CA GLY D 374 -55.73 -73.31 -108.32
C GLY D 374 -54.32 -73.20 -108.89
N THR D 375 -53.45 -74.12 -108.46
CA THR D 375 -52.07 -74.25 -108.99
C THR D 375 -52.09 -74.94 -110.35
N LEU D 376 -51.58 -74.25 -111.38
CA LEU D 376 -51.49 -74.77 -112.75
C LEU D 376 -50.05 -75.21 -113.04
N THR D 377 -49.89 -76.37 -113.67
CA THR D 377 -48.61 -76.88 -114.18
C THR D 377 -48.80 -77.44 -115.59
N ALA D 378 -47.71 -77.70 -116.32
CA ALA D 378 -47.75 -78.07 -117.72
C ALA D 378 -46.52 -78.89 -118.13
N ASP D 379 -46.57 -79.53 -119.30
CA ASP D 379 -45.40 -80.20 -119.88
C ASP D 379 -45.39 -80.11 -121.42
N PHE D 380 -44.19 -80.08 -121.99
CA PHE D 380 -43.92 -79.64 -123.36
C PHE D 380 -42.98 -80.58 -124.14
N SER D 381 -42.67 -81.76 -123.62
CA SER D 381 -41.81 -82.74 -124.31
C SER D 381 -42.42 -83.22 -125.65
N GLY D 382 -43.74 -83.17 -125.79
CA GLY D 382 -44.47 -83.46 -127.04
C GLY D 382 -44.45 -82.34 -128.09
N LEU D 383 -43.87 -81.17 -127.78
CA LEU D 383 -43.70 -80.08 -128.74
C LEU D 383 -42.62 -80.49 -129.77
N THR D 384 -42.88 -80.30 -131.06
CA THR D 384 -42.05 -80.90 -132.12
C THR D 384 -40.64 -80.28 -132.18
N ASP D 385 -40.51 -79.01 -131.81
CA ASP D 385 -39.24 -78.31 -131.62
C ASP D 385 -39.41 -77.17 -130.61
N GLY D 386 -38.29 -76.63 -130.12
CA GLY D 386 -38.25 -75.65 -129.03
C GLY D 386 -38.33 -76.31 -127.65
N GLU D 387 -37.57 -75.76 -126.70
CA GLU D 387 -37.45 -76.27 -125.32
C GLU D 387 -37.37 -75.16 -124.26
N GLY D 388 -37.53 -73.89 -124.67
CA GLY D 388 -37.80 -72.77 -123.77
C GLY D 388 -39.28 -72.59 -123.43
N ALA D 389 -40.17 -73.47 -123.91
CA ALA D 389 -41.60 -73.43 -123.63
C ALA D 389 -41.87 -73.46 -122.13
N SER D 390 -42.82 -72.64 -121.67
CA SER D 390 -42.89 -72.17 -120.29
C SER D 390 -44.31 -71.78 -119.87
N ILE D 391 -44.51 -71.69 -118.56
CA ILE D 391 -45.75 -71.23 -117.93
C ILE D 391 -45.43 -70.37 -116.69
N SER D 392 -46.13 -69.25 -116.50
CA SER D 392 -45.86 -68.31 -115.41
C SER D 392 -47.12 -67.67 -114.87
N VAL D 393 -47.14 -67.31 -113.59
CA VAL D 393 -48.21 -66.48 -112.99
C VAL D 393 -48.26 -65.11 -113.67
N VAL D 394 -49.44 -64.51 -113.80
CA VAL D 394 -49.62 -63.22 -114.49
C VAL D 394 -48.81 -62.07 -113.86
N SER D 395 -48.48 -62.19 -112.57
CA SER D 395 -47.66 -61.23 -111.82
C SER D 395 -46.16 -61.25 -112.20
N VAL D 396 -45.69 -62.24 -112.97
CA VAL D 396 -44.26 -62.41 -113.31
C VAL D 396 -44.07 -62.67 -114.81
N GLY D 397 -43.12 -61.95 -115.42
CA GLY D 397 -42.75 -62.05 -116.84
C GLY D 397 -41.50 -61.25 -117.19
N GLY E 2 -100.81 -57.69 -121.35
CA GLY E 2 -101.95 -56.85 -120.95
C GLY E 2 -102.54 -56.12 -122.13
N PHE E 3 -102.41 -54.79 -122.15
CA PHE E 3 -102.90 -53.94 -123.23
C PHE E 3 -101.95 -52.78 -123.48
N SER E 4 -102.08 -52.16 -124.65
CA SER E 4 -101.35 -50.93 -124.98
C SER E 4 -101.55 -49.86 -123.91
N ALA E 5 -100.50 -49.08 -123.64
CA ALA E 5 -100.52 -48.01 -122.64
C ALA E 5 -101.50 -46.87 -122.99
N ASP E 6 -102.02 -46.84 -124.21
CA ASP E 6 -103.23 -46.10 -124.58
C ASP E 6 -104.02 -46.96 -125.60
N HIS E 7 -105.35 -47.02 -125.52
CA HIS E 7 -106.13 -48.08 -126.19
C HIS E 7 -107.49 -47.62 -126.71
N SER E 8 -108.02 -48.33 -127.71
CA SER E 8 -109.23 -47.92 -128.44
C SER E 8 -110.56 -48.23 -127.78
N GLN E 9 -110.65 -49.17 -126.84
CA GLN E 9 -111.92 -49.54 -126.18
C GLN E 9 -111.79 -49.69 -124.66
N ILE E 10 -110.63 -50.10 -124.14
CA ILE E 10 -110.36 -50.17 -122.70
C ILE E 10 -109.85 -48.82 -122.20
N ALA E 11 -110.00 -48.52 -120.91
CA ALA E 11 -109.44 -47.32 -120.28
C ALA E 11 -108.61 -47.67 -119.03
N GLN E 12 -107.44 -47.06 -118.86
CA GLN E 12 -106.45 -47.40 -117.82
C GLN E 12 -105.80 -46.14 -117.25
N THR E 13 -105.18 -46.23 -116.07
CA THR E 13 -104.40 -45.12 -115.52
C THR E 13 -103.22 -44.70 -116.42
N LYS E 14 -102.71 -45.60 -117.26
CA LYS E 14 -101.66 -45.32 -118.23
C LYS E 14 -102.04 -44.26 -119.27
N ASP E 15 -103.33 -44.11 -119.58
CA ASP E 15 -103.79 -43.36 -120.76
C ASP E 15 -103.43 -41.87 -120.69
N THR E 16 -103.30 -41.21 -121.85
CA THR E 16 -102.87 -39.82 -121.87
C THR E 16 -103.90 -38.84 -121.32
N MET E 17 -105.20 -39.14 -121.44
CA MET E 17 -106.26 -38.21 -121.02
C MET E 17 -106.18 -37.91 -119.52
N PHE E 18 -105.80 -38.89 -118.70
CA PHE E 18 -105.67 -38.71 -117.26
C PHE E 18 -104.44 -37.93 -116.81
N THR E 19 -103.45 -37.70 -117.68
CA THR E 19 -102.24 -36.99 -117.26
C THR E 19 -102.58 -35.60 -116.73
N GLY E 20 -101.81 -35.13 -115.76
CA GLY E 20 -102.12 -33.92 -115.01
C GLY E 20 -103.11 -34.13 -113.87
N TYR E 21 -103.94 -35.17 -113.92
CA TYR E 21 -104.50 -35.80 -112.73
C TYR E 21 -103.59 -36.94 -112.27
N LEU E 22 -103.94 -37.62 -111.18
CA LEU E 22 -103.23 -38.82 -110.72
C LEU E 22 -101.71 -38.61 -110.51
N ASP E 23 -101.28 -37.40 -110.13
CA ASP E 23 -99.85 -37.09 -109.90
C ASP E 23 -99.28 -37.81 -108.67
N PRO E 24 -97.98 -38.11 -108.67
CA PRO E 24 -97.29 -38.63 -107.50
C PRO E 24 -97.20 -37.56 -106.41
N VAL E 25 -97.33 -37.98 -105.15
CA VAL E 25 -97.26 -37.10 -103.97
C VAL E 25 -95.82 -36.69 -103.68
N GLN E 26 -95.54 -35.41 -103.46
CA GLN E 26 -94.18 -34.97 -103.11
C GLN E 26 -93.79 -35.42 -101.70
N ALA E 27 -92.57 -35.93 -101.52
CA ALA E 27 -92.06 -36.42 -100.24
C ALA E 27 -90.63 -35.93 -99.97
N LYS E 28 -90.17 -35.99 -98.72
CA LYS E 28 -88.81 -35.59 -98.36
C LYS E 28 -87.75 -36.46 -99.03
N ASP E 29 -86.54 -35.94 -99.18
CA ASP E 29 -85.42 -36.71 -99.73
C ASP E 29 -84.89 -37.73 -98.70
N TYR E 30 -85.34 -38.97 -98.78
CA TYR E 30 -84.87 -40.04 -97.90
C TYR E 30 -83.39 -40.39 -98.08
N PHE E 31 -82.72 -39.92 -99.12
CA PHE E 31 -81.32 -40.21 -99.42
C PHE E 31 -80.38 -39.01 -99.24
N ALA E 32 -80.87 -37.92 -98.63
CA ALA E 32 -80.05 -36.74 -98.34
C ALA E 32 -78.83 -37.08 -97.47
N GLU E 33 -77.75 -36.33 -97.65
CA GLU E 33 -76.49 -36.47 -96.90
C GLU E 33 -76.13 -35.18 -96.14
N ALA E 34 -75.47 -35.32 -94.99
CA ALA E 34 -75.07 -34.19 -94.16
C ALA E 34 -74.08 -33.27 -94.88
N GLU E 35 -74.21 -31.96 -94.69
CA GLU E 35 -73.31 -31.00 -95.34
C GLU E 35 -71.87 -31.15 -94.83
N LYS E 36 -70.89 -31.04 -95.73
CA LYS E 36 -69.50 -31.35 -95.42
C LYS E 36 -68.91 -30.31 -94.46
N THR E 37 -68.51 -30.73 -93.26
CA THR E 37 -67.74 -29.86 -92.37
C THR E 37 -66.30 -29.70 -92.85
N SER E 38 -65.70 -28.56 -92.56
CA SER E 38 -64.24 -28.39 -92.58
C SER E 38 -63.59 -29.36 -91.61
N ILE E 39 -62.49 -29.99 -92.00
CA ILE E 39 -61.65 -30.79 -91.10
C ILE E 39 -60.47 -29.97 -90.61
N VAL E 40 -59.88 -29.11 -91.42
CA VAL E 40 -58.73 -28.31 -90.98
C VAL E 40 -59.08 -27.43 -89.79
N GLN E 41 -60.25 -26.81 -89.78
CA GLN E 41 -60.70 -26.02 -88.64
C GLN E 41 -60.94 -26.85 -87.36
N ARG E 42 -60.96 -28.18 -87.44
CA ARG E 42 -61.10 -29.09 -86.31
C ARG E 42 -59.75 -29.63 -85.79
N VAL E 43 -58.66 -29.49 -86.53
CA VAL E 43 -57.33 -30.01 -86.10
C VAL E 43 -56.25 -28.95 -85.94
N ALA E 44 -56.32 -27.84 -86.66
CA ALA E 44 -55.37 -26.73 -86.54
C ALA E 44 -55.78 -25.73 -85.45
N GLN E 45 -54.82 -25.08 -84.80
CA GLN E 45 -55.13 -24.11 -83.75
C GLN E 45 -55.72 -22.82 -84.31
N LYS E 46 -56.92 -22.42 -83.88
CA LYS E 46 -57.47 -21.11 -84.25
C LYS E 46 -56.77 -20.01 -83.48
N ILE E 47 -56.35 -18.95 -84.17
CA ILE E 47 -55.53 -17.87 -83.65
C ILE E 47 -56.21 -16.52 -83.85
N PRO E 48 -56.08 -15.55 -82.92
CA PRO E 48 -56.61 -14.21 -83.11
C PRO E 48 -56.07 -13.56 -84.37
N MET E 49 -56.94 -12.96 -85.17
CA MET E 49 -56.61 -12.44 -86.48
C MET E 49 -57.34 -11.11 -86.72
N GLY E 50 -56.80 -10.28 -87.59
CA GLY E 50 -57.41 -9.01 -88.01
C GLY E 50 -56.88 -8.63 -89.37
N ALA E 51 -57.59 -7.78 -90.11
CA ALA E 51 -57.31 -7.54 -91.53
C ALA E 51 -55.91 -7.01 -91.82
N THR E 52 -55.20 -6.47 -90.82
CA THR E 52 -53.80 -6.08 -90.92
C THR E 52 -52.85 -7.26 -91.11
N GLY E 53 -53.28 -8.48 -90.82
CA GLY E 53 -52.38 -9.60 -90.62
C GLY E 53 -51.60 -9.51 -89.30
N ILE E 54 -50.77 -10.50 -89.03
CA ILE E 54 -49.94 -10.60 -87.82
C ILE E 54 -48.52 -11.03 -88.18
N VAL E 55 -47.54 -10.65 -87.37
CA VAL E 55 -46.14 -11.09 -87.53
C VAL E 55 -45.72 -11.99 -86.39
N ILE E 56 -45.24 -13.17 -86.73
CA ILE E 56 -44.79 -14.19 -85.78
C ILE E 56 -43.26 -14.06 -85.67
N PRO E 57 -42.69 -13.80 -84.50
CA PRO E 57 -41.26 -13.79 -84.32
C PRO E 57 -40.74 -15.21 -84.18
N HIS E 58 -39.48 -15.45 -84.51
CA HIS E 58 -38.84 -16.76 -84.36
C HIS E 58 -37.33 -16.59 -84.17
N TRP E 59 -36.82 -17.05 -83.03
CA TRP E 59 -35.37 -17.11 -82.78
C TRP E 59 -34.71 -18.07 -83.77
N THR E 60 -33.45 -17.84 -84.14
CA THR E 60 -32.76 -18.72 -85.10
C THR E 60 -31.31 -19.02 -84.75
N GLY E 61 -30.60 -18.10 -84.09
CA GLY E 61 -29.16 -18.26 -83.88
C GLY E 61 -28.80 -19.41 -82.95
N ASP E 62 -27.89 -20.28 -83.37
CA ASP E 62 -27.19 -21.15 -82.43
C ASP E 62 -26.13 -20.34 -81.66
N VAL E 63 -25.79 -20.73 -80.44
CA VAL E 63 -24.96 -19.95 -79.53
C VAL E 63 -23.87 -20.82 -78.92
N SER E 64 -22.66 -20.30 -78.75
CA SER E 64 -21.48 -21.08 -78.37
C SER E 64 -20.92 -20.71 -77.00
N ALA E 65 -20.40 -21.72 -76.28
CA ALA E 65 -19.60 -21.55 -75.08
C ALA E 65 -18.52 -22.62 -75.04
N GLN E 66 -17.35 -22.32 -74.48
CA GLN E 66 -16.14 -23.13 -74.71
C GLN E 66 -15.44 -23.49 -73.41
N TRP E 67 -14.86 -24.68 -73.38
CA TRP E 67 -14.11 -25.21 -72.24
C TRP E 67 -12.75 -24.53 -72.13
N ILE E 68 -12.69 -23.32 -71.59
CA ILE E 68 -11.46 -22.52 -71.59
C ILE E 68 -10.35 -23.11 -70.70
N GLY E 69 -9.17 -23.30 -71.28
CA GLY E 69 -7.93 -23.44 -70.52
C GLY E 69 -7.39 -22.08 -70.08
N GLU E 70 -6.50 -22.02 -69.09
CA GLU E 70 -5.92 -20.73 -68.69
C GLU E 70 -5.11 -20.11 -69.83
N GLY E 71 -5.27 -18.80 -70.03
CA GLY E 71 -4.69 -18.07 -71.16
C GLY E 71 -5.48 -18.17 -72.47
N ASP E 72 -6.52 -19.00 -72.56
CA ASP E 72 -7.40 -19.03 -73.74
C ASP E 72 -8.30 -17.79 -73.80
N MET E 73 -8.50 -17.24 -74.99
CA MET E 73 -9.36 -16.08 -75.22
C MET E 73 -10.82 -16.50 -75.20
N LYS E 74 -11.52 -16.24 -74.09
CA LYS E 74 -12.94 -16.56 -73.92
C LYS E 74 -13.81 -15.98 -75.05
N PRO E 75 -14.69 -16.77 -75.68
CA PRO E 75 -15.33 -16.41 -76.94
C PRO E 75 -16.39 -15.34 -76.78
N ILE E 76 -16.58 -14.52 -77.82
CA ILE E 76 -17.69 -13.57 -77.92
C ILE E 76 -18.73 -14.13 -78.89
N THR E 77 -20.02 -13.97 -78.59
CA THR E 77 -21.12 -14.52 -79.39
C THR E 77 -22.28 -13.54 -79.58
N LYS E 78 -23.12 -13.81 -80.58
CA LYS E 78 -24.24 -12.96 -81.00
C LYS E 78 -25.36 -13.85 -81.53
N GLY E 79 -26.37 -14.12 -80.71
CA GLY E 79 -27.59 -14.81 -81.15
C GLY E 79 -28.38 -14.00 -82.18
N ASN E 80 -29.31 -14.64 -82.89
CA ASN E 80 -29.97 -14.09 -84.07
C ASN E 80 -31.48 -14.41 -84.12
N MET E 81 -32.26 -13.57 -84.78
CA MET E 81 -33.73 -13.58 -84.78
C MET E 81 -34.31 -13.37 -86.18
N THR E 82 -35.56 -13.76 -86.38
CA THR E 82 -36.33 -13.55 -87.61
C THR E 82 -37.78 -13.25 -87.29
N LYS E 83 -38.54 -12.70 -88.24
CA LYS E 83 -40.00 -12.62 -88.14
C LYS E 83 -40.65 -12.88 -89.49
N ARG E 84 -41.85 -13.44 -89.46
CA ARG E 84 -42.60 -13.88 -90.64
C ARG E 84 -44.04 -13.40 -90.58
N ASP E 85 -44.58 -12.98 -91.70
CA ASP E 85 -45.84 -12.24 -91.79
C ASP E 85 -46.97 -13.12 -92.34
N VAL E 86 -48.12 -13.14 -91.67
CA VAL E 86 -49.33 -13.82 -92.12
C VAL E 86 -50.43 -12.80 -92.38
N HIS E 87 -50.88 -12.70 -93.61
CA HIS E 87 -51.99 -11.85 -94.03
C HIS E 87 -53.23 -12.72 -94.34
N PRO E 88 -54.44 -12.34 -93.92
CA PRO E 88 -55.65 -13.03 -94.30
C PRO E 88 -56.05 -12.72 -95.75
N ALA E 89 -56.88 -13.56 -96.34
CA ALA E 89 -57.42 -13.45 -97.70
C ALA E 89 -58.94 -13.53 -97.72
N LYS E 90 -59.59 -12.73 -98.54
CA LYS E 90 -61.04 -12.67 -98.71
C LYS E 90 -61.50 -13.79 -99.63
N ILE E 91 -62.65 -14.39 -99.35
CA ILE E 91 -63.36 -15.30 -100.24
C ILE E 91 -64.79 -14.82 -100.39
N ALA E 92 -65.36 -14.87 -101.58
CA ALA E 92 -66.65 -14.25 -101.85
C ALA E 92 -67.42 -14.90 -103.00
N THR E 93 -68.72 -14.66 -103.05
CA THR E 93 -69.59 -15.04 -104.17
C THR E 93 -70.87 -14.21 -104.18
N ILE E 94 -71.57 -14.16 -105.30
CA ILE E 94 -72.86 -13.50 -105.47
C ILE E 94 -73.80 -14.47 -106.16
N PHE E 95 -75.08 -14.51 -105.80
CA PHE E 95 -76.07 -15.22 -106.61
C PHE E 95 -77.29 -14.35 -106.86
N VAL E 96 -77.92 -14.55 -108.00
CA VAL E 96 -78.92 -13.61 -108.55
C VAL E 96 -80.18 -14.36 -108.94
N ALA E 97 -81.34 -13.77 -108.72
CA ALA E 97 -82.62 -14.34 -109.11
C ALA E 97 -83.58 -13.26 -109.62
N SER E 98 -84.47 -13.64 -110.53
CA SER E 98 -85.53 -12.73 -110.96
C SER E 98 -86.56 -12.58 -109.84
N ALA E 99 -87.14 -11.41 -109.65
CA ALA E 99 -88.08 -11.19 -108.54
C ALA E 99 -89.26 -12.16 -108.56
N GLU E 100 -89.70 -12.63 -109.72
CA GLU E 100 -90.73 -13.65 -109.88
C GLU E 100 -90.33 -14.99 -109.26
N THR E 101 -89.04 -15.32 -109.24
CA THR E 101 -88.52 -16.45 -108.46
C THR E 101 -88.40 -16.07 -106.99
N VAL E 102 -87.97 -14.85 -106.66
CA VAL E 102 -87.81 -14.44 -105.26
C VAL E 102 -89.13 -14.51 -104.50
N ARG E 103 -90.22 -13.99 -105.06
CA ARG E 103 -91.52 -14.00 -104.38
C ARG E 103 -92.09 -15.40 -104.19
N ALA E 104 -91.78 -16.33 -105.10
CA ALA E 104 -92.27 -17.71 -105.03
C ALA E 104 -91.36 -18.65 -104.23
N ASN E 105 -90.06 -18.34 -104.12
CA ASN E 105 -89.03 -19.12 -103.42
C ASN E 105 -89.19 -20.64 -103.61
N PRO E 106 -89.23 -21.12 -104.85
CA PRO E 106 -89.62 -22.50 -105.15
C PRO E 106 -88.63 -23.45 -104.52
N ALA E 107 -89.13 -24.52 -103.89
CA ALA E 107 -88.32 -25.49 -103.17
C ALA E 107 -87.33 -24.85 -102.16
N ASN E 108 -87.67 -23.67 -101.65
CA ASN E 108 -86.83 -22.85 -100.79
C ASN E 108 -85.45 -22.53 -101.40
N TYR E 109 -85.34 -22.39 -102.73
CA TYR E 109 -84.06 -22.15 -103.40
C TYR E 109 -83.29 -20.97 -102.83
N LEU E 110 -83.92 -19.80 -102.63
CA LEU E 110 -83.21 -18.66 -102.06
C LEU E 110 -82.79 -18.90 -100.61
N GLY E 111 -83.46 -19.79 -99.89
CA GLY E 111 -83.06 -20.19 -98.54
C GLY E 111 -81.89 -21.16 -98.59
N THR E 112 -82.02 -22.27 -99.29
CA THR E 112 -81.03 -23.34 -99.23
C THR E 112 -79.67 -22.90 -99.74
N MET E 113 -79.63 -22.03 -100.76
CA MET E 113 -78.38 -21.45 -101.24
C MET E 113 -77.56 -20.81 -100.13
N ARG E 114 -78.18 -20.15 -99.15
CA ARG E 114 -77.47 -19.53 -98.02
C ARG E 114 -76.66 -20.56 -97.25
N THR E 115 -77.19 -21.76 -97.06
CA THR E 115 -76.46 -22.83 -96.37
C THR E 115 -75.42 -23.48 -97.27
N LYS E 116 -75.65 -23.55 -98.57
CA LYS E 116 -74.73 -24.19 -99.51
C LYS E 116 -73.55 -23.31 -99.89
N VAL E 117 -73.71 -21.99 -100.05
CA VAL E 117 -72.54 -21.10 -100.18
C VAL E 117 -71.69 -21.16 -98.93
N ALA E 118 -72.29 -21.22 -97.73
CA ALA E 118 -71.51 -21.33 -96.50
C ALA E 118 -70.71 -22.63 -96.45
N THR E 119 -71.34 -23.74 -96.86
CA THR E 119 -70.64 -25.04 -96.95
C THR E 119 -69.55 -25.00 -98.00
N ALA E 120 -69.79 -24.39 -99.16
CA ALA E 120 -68.77 -24.23 -100.18
C ALA E 120 -67.60 -23.39 -99.69
N ILE E 121 -67.84 -22.32 -98.96
CA ILE E 121 -66.78 -21.48 -98.40
C ILE E 121 -65.93 -22.27 -97.38
N ALA E 122 -66.53 -23.16 -96.59
CA ALA E 122 -65.74 -24.07 -95.78
C ALA E 122 -64.88 -25.01 -96.63
N MET E 123 -65.46 -25.66 -97.63
CA MET E 123 -64.70 -26.57 -98.51
C MET E 123 -63.60 -25.85 -99.27
N ALA E 124 -63.80 -24.61 -99.69
CA ALA E 124 -62.75 -23.85 -100.33
C ALA E 124 -61.58 -23.64 -99.38
N PHE E 125 -61.83 -23.23 -98.12
CA PHE E 125 -60.75 -23.10 -97.13
C PHE E 125 -60.05 -24.43 -96.90
N ASP E 126 -60.81 -25.50 -96.75
CA ASP E 126 -60.23 -26.80 -96.46
C ASP E 126 -59.36 -27.31 -97.61
N ASN E 127 -59.86 -27.31 -98.85
CA ASN E 127 -59.06 -27.69 -100.01
C ASN E 127 -57.83 -26.80 -100.19
N ALA E 128 -57.97 -25.50 -99.96
CA ALA E 128 -56.83 -24.60 -100.04
C ALA E 128 -55.78 -24.94 -98.98
N ALA E 129 -56.15 -25.53 -97.85
CA ALA E 129 -55.22 -25.86 -96.79
C ALA E 129 -54.60 -27.26 -96.91
N LEU E 130 -55.36 -28.26 -97.35
CA LEU E 130 -54.81 -29.60 -97.54
C LEU E 130 -54.01 -29.67 -98.84
N HIS E 131 -54.68 -29.49 -99.97
CA HIS E 131 -54.15 -29.78 -101.29
C HIS E 131 -53.73 -28.54 -102.07
N GLY E 132 -54.08 -27.34 -101.60
CA GLY E 132 -53.70 -26.10 -102.26
C GLY E 132 -54.45 -25.82 -103.56
N THR E 133 -55.59 -26.50 -103.83
CA THR E 133 -56.18 -26.63 -105.18
C THR E 133 -56.41 -25.32 -105.93
N ASN E 134 -56.78 -24.26 -105.22
CA ASN E 134 -57.02 -22.93 -105.77
C ASN E 134 -56.50 -21.85 -104.82
N ALA E 135 -55.56 -22.20 -103.95
CA ALA E 135 -55.26 -21.40 -102.75
C ALA E 135 -54.85 -19.97 -103.10
N PRO E 136 -55.24 -18.98 -102.28
CA PRO E 136 -54.83 -17.60 -102.49
C PRO E 136 -53.34 -17.45 -102.20
N SER E 137 -52.71 -16.45 -102.79
CA SER E 137 -51.27 -16.22 -102.62
C SER E 137 -50.87 -16.00 -101.16
N ALA E 138 -51.79 -15.52 -100.32
CA ALA E 138 -51.50 -15.20 -98.94
C ALA E 138 -51.32 -16.43 -98.03
N PHE E 139 -51.81 -17.62 -98.41
CA PHE E 139 -51.69 -18.79 -97.54
C PHE E 139 -50.26 -19.30 -97.55
N GLN E 140 -49.59 -19.33 -96.39
CA GLN E 140 -48.20 -19.74 -96.27
C GLN E 140 -48.08 -21.28 -96.30
N GLY E 141 -48.22 -21.88 -97.48
CA GLY E 141 -48.09 -23.32 -97.70
C GLY E 141 -49.36 -24.14 -97.47
N TYR E 142 -49.32 -25.43 -97.81
CA TYR E 142 -50.42 -26.39 -97.67
C TYR E 142 -49.88 -27.81 -97.47
N LEU E 143 -50.64 -28.68 -96.83
CA LEU E 143 -50.11 -29.93 -96.26
C LEU E 143 -49.53 -30.88 -97.30
N ASP E 144 -49.99 -30.89 -98.53
CA ASP E 144 -49.44 -31.78 -99.56
C ASP E 144 -48.01 -31.46 -99.99
N GLN E 145 -47.46 -30.28 -99.67
CA GLN E 145 -46.08 -29.93 -100.00
C GLN E 145 -45.01 -30.70 -99.21
N SER E 146 -45.38 -31.58 -98.29
CA SER E 146 -44.40 -32.39 -97.58
C SER E 146 -43.51 -33.19 -98.52
N ASN E 147 -42.21 -33.21 -98.26
CA ASN E 147 -41.27 -34.05 -99.00
C ASN E 147 -41.21 -35.51 -98.54
N LYS E 148 -42.23 -36.06 -97.87
CA LYS E 148 -42.25 -37.43 -97.33
C LYS E 148 -43.47 -38.22 -97.76
N THR E 149 -43.30 -39.51 -98.03
CA THR E 149 -44.40 -40.47 -98.27
C THR E 149 -44.18 -41.78 -97.53
N GLN E 150 -45.24 -42.51 -97.21
CA GLN E 150 -45.16 -43.83 -96.60
C GLN E 150 -46.30 -44.72 -97.08
N SER E 151 -45.98 -45.86 -97.67
CA SER E 151 -46.99 -46.86 -98.02
C SER E 151 -47.57 -47.48 -96.75
N ILE E 152 -48.88 -47.63 -96.67
CA ILE E 152 -49.53 -48.27 -95.51
C ILE E 152 -50.12 -49.65 -95.83
N SER E 153 -50.34 -49.97 -97.11
CA SER E 153 -51.25 -51.05 -97.53
C SER E 153 -51.04 -52.44 -96.88
N PRO E 154 -49.84 -53.04 -96.85
CA PRO E 154 -49.74 -54.44 -96.47
C PRO E 154 -49.98 -54.67 -94.98
N ASN E 155 -49.58 -53.72 -94.12
CA ASN E 155 -49.71 -53.82 -92.68
C ASN E 155 -49.59 -52.43 -92.03
N ALA E 156 -50.68 -51.88 -91.50
CA ALA E 156 -50.68 -50.55 -90.93
C ALA E 156 -49.75 -50.38 -89.73
N TYR E 157 -49.50 -51.41 -88.92
CA TYR E 157 -48.65 -51.28 -87.74
C TYR E 157 -47.19 -51.11 -88.12
N GLN E 158 -46.66 -51.99 -88.96
CA GLN E 158 -45.30 -51.83 -89.48
C GLN E 158 -45.19 -50.54 -90.31
N GLY E 159 -46.25 -50.19 -91.05
CA GLY E 159 -46.31 -48.99 -91.88
C GLY E 159 -46.20 -47.71 -91.08
N LEU E 160 -47.05 -47.51 -90.08
CA LEU E 160 -47.08 -46.30 -89.26
C LEU E 160 -46.02 -46.33 -88.16
N GLY E 161 -46.09 -47.32 -87.27
CA GLY E 161 -45.36 -47.32 -86.01
C GLY E 161 -43.87 -47.59 -86.13
N VAL E 162 -43.41 -48.07 -87.29
CA VAL E 162 -42.00 -48.37 -87.54
C VAL E 162 -41.50 -47.61 -88.75
N SER E 163 -41.99 -47.89 -89.95
CA SER E 163 -41.45 -47.29 -91.17
C SER E 163 -41.74 -45.80 -91.26
N GLY E 164 -43.00 -45.40 -91.14
CA GLY E 164 -43.39 -43.99 -91.16
C GLY E 164 -42.74 -43.20 -90.04
N LEU E 165 -42.80 -43.69 -88.80
CA LEU E 165 -42.18 -43.01 -87.68
C LEU E 165 -40.67 -42.84 -87.87
N THR E 166 -39.97 -43.78 -88.50
CA THR E 166 -38.53 -43.66 -88.74
C THR E 166 -38.19 -42.39 -89.51
N LYS E 167 -38.94 -42.08 -90.56
CA LYS E 167 -38.66 -40.90 -91.39
C LYS E 167 -39.17 -39.58 -90.80
N LEU E 168 -39.84 -39.62 -89.66
CA LEU E 168 -40.12 -38.44 -88.83
C LEU E 168 -39.02 -38.21 -87.79
N VAL E 169 -38.70 -39.21 -86.96
CA VAL E 169 -37.71 -39.03 -85.90
C VAL E 169 -36.31 -38.79 -86.44
N THR E 170 -35.98 -39.27 -87.64
CA THR E 170 -34.65 -39.03 -88.23
C THR E 170 -34.38 -37.55 -88.49
N ASP E 171 -35.41 -36.73 -88.72
CA ASP E 171 -35.27 -35.27 -88.78
C ASP E 171 -35.51 -34.58 -87.43
N GLY E 172 -35.78 -35.32 -86.36
CA GLY E 172 -36.14 -34.77 -85.06
C GLY E 172 -37.52 -34.11 -85.01
N LYS E 173 -38.43 -34.48 -85.92
CA LYS E 173 -39.79 -33.92 -85.98
C LYS E 173 -40.76 -34.93 -85.40
N LYS E 174 -41.54 -34.55 -84.39
CA LYS E 174 -42.34 -35.51 -83.62
C LYS E 174 -43.68 -35.84 -84.27
N TRP E 175 -44.27 -36.96 -83.88
CA TRP E 175 -45.60 -37.41 -84.30
C TRP E 175 -46.60 -37.19 -83.17
N THR E 176 -47.70 -36.47 -83.41
CA THR E 176 -48.66 -36.12 -82.35
C THR E 176 -50.09 -36.50 -82.72
N HIS E 177 -50.45 -36.53 -84.00
CA HIS E 177 -51.74 -37.06 -84.44
C HIS E 177 -51.59 -37.79 -85.75
N THR E 178 -52.57 -38.61 -86.10
CA THR E 178 -52.75 -39.04 -87.49
C THR E 178 -54.15 -38.75 -87.97
N LEU E 179 -54.25 -38.30 -89.21
CA LEU E 179 -55.47 -37.92 -89.87
C LEU E 179 -55.71 -38.96 -90.95
N LEU E 180 -56.81 -39.70 -90.91
CA LEU E 180 -57.09 -40.77 -91.87
C LEU E 180 -58.38 -40.51 -92.62
N ASP E 181 -58.44 -40.90 -93.88
CA ASP E 181 -59.69 -41.02 -94.61
C ASP E 181 -60.49 -42.25 -94.15
N ASP E 182 -61.82 -42.20 -94.19
CA ASP E 182 -62.65 -43.40 -93.95
C ASP E 182 -62.28 -44.57 -94.87
N THR E 183 -61.78 -44.30 -96.08
CA THR E 183 -61.28 -45.35 -96.98
C THR E 183 -60.05 -46.10 -96.45
N VAL E 184 -59.47 -45.72 -95.31
CA VAL E 184 -58.43 -46.53 -94.65
C VAL E 184 -59.00 -47.77 -93.94
N GLU E 185 -60.30 -47.84 -93.63
CA GLU E 185 -60.88 -48.97 -92.89
C GLU E 185 -60.42 -50.36 -93.36
N PRO E 186 -60.41 -50.69 -94.65
CA PRO E 186 -59.97 -51.99 -95.10
C PRO E 186 -58.53 -52.31 -94.69
N VAL E 187 -57.58 -51.40 -94.88
CA VAL E 187 -56.17 -51.70 -94.61
C VAL E 187 -55.83 -51.71 -93.13
N LEU E 188 -56.68 -51.14 -92.27
CA LEU E 188 -56.61 -51.41 -90.84
C LEU E 188 -57.25 -52.76 -90.51
N ASN E 189 -58.42 -53.08 -91.03
CA ASN E 189 -59.05 -54.39 -90.80
C ASN E 189 -58.13 -55.54 -91.25
N GLY E 190 -57.38 -55.36 -92.33
CA GLY E 190 -56.52 -56.39 -92.92
C GLY E 190 -55.12 -56.49 -92.31
N SER E 191 -54.79 -55.72 -91.28
CA SER E 191 -53.46 -55.69 -90.71
C SER E 191 -53.18 -56.89 -89.79
N VAL E 192 -53.15 -58.09 -90.35
CA VAL E 192 -52.94 -59.33 -89.58
C VAL E 192 -51.50 -59.60 -89.20
N ASP E 193 -51.32 -60.34 -88.11
CA ASP E 193 -50.06 -61.00 -87.78
C ASP E 193 -49.84 -62.25 -88.65
N ALA E 194 -48.72 -62.95 -88.48
CA ALA E 194 -48.40 -64.11 -89.30
C ALA E 194 -49.31 -65.32 -89.05
N ASN E 195 -50.03 -65.37 -87.94
CA ASN E 195 -51.06 -66.38 -87.74
C ASN E 195 -52.37 -66.02 -88.43
N GLY E 196 -52.47 -64.86 -89.05
CA GLY E 196 -53.68 -64.42 -89.73
C GLY E 196 -54.74 -63.85 -88.80
N ARG E 197 -54.40 -63.46 -87.57
CA ARG E 197 -55.31 -62.70 -86.70
C ARG E 197 -55.04 -61.20 -86.82
N PRO E 198 -56.07 -60.34 -86.82
CA PRO E 198 -55.91 -58.91 -87.00
C PRO E 198 -55.33 -58.26 -85.75
N LEU E 199 -54.45 -57.28 -85.93
CA LEU E 199 -54.16 -56.29 -84.89
C LEU E 199 -55.33 -55.29 -84.79
N PHE E 200 -55.29 -54.38 -83.82
CA PHE E 200 -56.26 -53.28 -83.66
C PHE E 200 -57.73 -53.68 -83.43
N VAL E 201 -58.04 -54.94 -83.09
CA VAL E 201 -59.41 -55.36 -82.76
C VAL E 201 -59.42 -56.52 -81.77
N GLU E 202 -60.50 -56.65 -81.02
CA GLU E 202 -60.65 -57.57 -79.89
C GLU E 202 -60.62 -59.06 -80.29
N SER E 203 -60.48 -59.95 -79.32
CA SER E 203 -60.33 -61.40 -79.54
C SER E 203 -61.52 -62.08 -80.22
N THR E 204 -62.64 -61.40 -80.34
CA THR E 204 -63.79 -61.80 -81.17
C THR E 204 -64.27 -60.58 -81.92
N TYR E 205 -64.53 -60.71 -83.21
CA TYR E 205 -64.50 -59.56 -84.13
C TYR E 205 -65.80 -58.78 -84.21
N GLU E 206 -66.41 -58.49 -83.07
CA GLU E 206 -67.70 -57.82 -82.96
C GLU E 206 -67.63 -56.32 -83.29
N SER E 207 -66.72 -55.58 -82.67
CA SER E 207 -66.74 -54.11 -82.69
C SER E 207 -65.84 -53.48 -83.77
N LEU E 208 -65.95 -52.17 -84.01
CA LEU E 208 -65.03 -51.45 -84.89
C LEU E 208 -63.59 -51.49 -84.33
N THR E 209 -62.62 -51.55 -85.23
CA THR E 209 -61.19 -51.47 -84.92
C THR E 209 -60.85 -50.14 -84.25
N THR E 210 -59.99 -50.13 -83.22
CA THR E 210 -59.91 -48.99 -82.31
C THR E 210 -59.53 -47.63 -82.88
N PRO E 211 -58.61 -47.46 -83.84
CA PRO E 211 -58.42 -46.14 -84.45
C PRO E 211 -59.69 -45.64 -85.11
N PHE E 212 -60.55 -46.53 -85.62
CA PHE E 212 -61.85 -46.14 -86.17
C PHE E 212 -62.94 -45.90 -85.12
N ARG E 213 -62.67 -46.12 -83.84
CA ARG E 213 -63.45 -45.53 -82.74
C ARG E 213 -62.91 -44.17 -82.30
N GLU E 214 -62.03 -43.56 -83.09
CA GLU E 214 -61.16 -42.44 -82.70
C GLU E 214 -60.34 -42.72 -81.44
N GLY E 215 -60.00 -43.98 -81.20
CA GLY E 215 -58.97 -44.34 -80.25
C GLY E 215 -57.59 -43.86 -80.69
N ARG E 216 -56.66 -43.75 -79.76
CA ARG E 216 -55.25 -43.51 -80.05
C ARG E 216 -54.58 -44.76 -80.60
N ILE E 217 -53.50 -44.59 -81.36
CA ILE E 217 -52.57 -45.67 -81.71
C ILE E 217 -51.17 -45.27 -81.32
N LEU E 218 -50.40 -46.17 -80.72
CA LEU E 218 -49.07 -45.87 -80.17
C LEU E 218 -49.07 -44.55 -79.37
N GLY E 219 -50.12 -44.32 -78.59
CA GLY E 219 -50.35 -43.11 -77.80
C GLY E 219 -50.91 -41.90 -78.56
N ARG E 220 -50.85 -41.86 -79.89
CA ARG E 220 -51.22 -40.69 -80.69
C ARG E 220 -52.70 -40.74 -81.08
N PRO E 221 -53.52 -39.71 -80.82
CA PRO E 221 -54.90 -39.67 -81.25
C PRO E 221 -55.07 -39.90 -82.75
N THR E 222 -56.18 -40.53 -83.12
CA THR E 222 -56.59 -40.66 -84.52
C THR E 222 -57.71 -39.68 -84.79
N ILE E 223 -57.63 -38.88 -85.84
CA ILE E 223 -58.72 -38.03 -86.31
C ILE E 223 -59.24 -38.57 -87.64
N LEU E 224 -60.54 -38.73 -87.81
CA LEU E 224 -61.13 -39.32 -89.01
C LEU E 224 -61.86 -38.29 -89.88
N SER E 225 -61.72 -38.40 -91.19
CA SER E 225 -62.38 -37.55 -92.18
C SER E 225 -62.98 -38.36 -93.33
N ASP E 226 -64.11 -37.92 -93.86
CA ASP E 226 -64.76 -38.60 -94.99
C ASP E 226 -64.31 -38.10 -96.37
N HIS E 227 -63.41 -37.11 -96.42
CA HIS E 227 -63.03 -36.47 -97.68
C HIS E 227 -61.57 -36.00 -97.75
N VAL E 228 -60.73 -36.40 -96.80
CA VAL E 228 -59.32 -36.00 -96.82
C VAL E 228 -58.57 -36.57 -98.03
N ALA E 229 -58.93 -37.76 -98.50
CA ALA E 229 -58.19 -38.39 -99.59
C ALA E 229 -58.25 -37.60 -100.90
N GLU E 230 -57.13 -37.56 -101.60
CA GLU E 230 -57.03 -37.08 -102.99
C GLU E 230 -55.86 -37.76 -103.68
N GLY E 231 -55.99 -38.10 -104.95
CA GLY E 231 -54.98 -38.88 -105.66
C GLY E 231 -54.59 -40.15 -104.88
N ASP E 232 -53.30 -40.43 -104.78
CA ASP E 232 -52.77 -41.56 -104.02
C ASP E 232 -52.82 -41.36 -102.49
N VAL E 233 -52.98 -40.12 -102.02
CA VAL E 233 -52.86 -39.76 -100.62
C VAL E 233 -54.13 -40.13 -99.85
N VAL E 234 -54.00 -40.97 -98.84
CA VAL E 234 -55.11 -41.46 -98.02
C VAL E 234 -55.12 -40.88 -96.61
N GLY E 235 -54.11 -40.10 -96.23
CA GLY E 235 -54.05 -39.49 -94.91
C GLY E 235 -52.69 -38.89 -94.61
N TYR E 236 -52.51 -38.46 -93.37
CA TYR E 236 -51.31 -37.77 -92.91
C TYR E 236 -50.93 -38.19 -91.49
N ALA E 237 -49.67 -38.03 -91.12
CA ALA E 237 -49.21 -38.20 -89.75
C ALA E 237 -48.13 -37.16 -89.47
N GLY E 238 -48.19 -36.48 -88.33
CA GLY E 238 -47.25 -35.41 -88.00
C GLY E 238 -47.64 -34.74 -86.70
N ASP E 239 -47.17 -33.53 -86.44
CA ASP E 239 -47.61 -32.73 -85.31
C ASP E 239 -48.42 -31.54 -85.78
N PHE E 240 -49.74 -31.68 -85.79
CA PHE E 240 -50.65 -30.65 -86.29
C PHE E 240 -50.57 -29.34 -85.50
N SER E 241 -49.85 -29.29 -84.39
CA SER E 241 -49.39 -28.06 -83.74
C SER E 241 -48.64 -27.10 -84.68
N GLN E 242 -48.03 -27.59 -85.77
CA GLN E 242 -47.36 -26.73 -86.76
C GLN E 242 -48.32 -25.90 -87.65
N ILE E 243 -49.64 -26.03 -87.48
CA ILE E 243 -50.63 -25.30 -88.28
C ILE E 243 -51.33 -24.25 -87.42
N ILE E 244 -51.46 -23.02 -87.90
CA ILE E 244 -52.33 -22.00 -87.31
C ILE E 244 -53.24 -21.42 -88.37
N TRP E 245 -54.44 -21.01 -87.96
CA TRP E 245 -55.40 -20.39 -88.87
C TRP E 245 -56.24 -19.37 -88.12
N GLY E 246 -56.85 -18.44 -88.84
CA GLY E 246 -57.70 -17.42 -88.23
C GLY E 246 -58.80 -16.96 -89.17
N GLN E 247 -59.82 -16.33 -88.62
CA GLN E 247 -60.93 -15.76 -89.40
C GLN E 247 -61.20 -14.34 -88.92
N VAL E 248 -61.27 -13.38 -89.84
CA VAL E 248 -61.56 -11.98 -89.50
C VAL E 248 -63.07 -11.80 -89.46
N GLY E 249 -63.64 -11.64 -88.28
CA GLY E 249 -65.09 -11.70 -88.11
C GLY E 249 -65.63 -13.08 -88.48
N GLY E 250 -66.59 -13.13 -89.39
CA GLY E 250 -67.19 -14.38 -89.88
C GLY E 250 -68.11 -14.15 -91.07
N LEU E 251 -68.69 -15.23 -91.60
CA LEU E 251 -69.42 -15.20 -92.86
C LEU E 251 -70.60 -14.23 -92.81
N SER E 252 -70.65 -13.29 -93.75
CA SER E 252 -71.60 -12.19 -93.80
C SER E 252 -72.37 -12.17 -95.13
N PHE E 253 -73.62 -11.70 -95.08
CA PHE E 253 -74.51 -11.56 -96.22
C PHE E 253 -74.99 -10.13 -96.37
N ASP E 254 -75.18 -9.68 -97.60
CA ASP E 254 -75.95 -8.48 -97.96
C ASP E 254 -76.90 -8.81 -99.12
N VAL E 255 -77.94 -8.04 -99.31
CA VAL E 255 -78.90 -8.26 -100.41
C VAL E 255 -79.33 -6.93 -100.98
N THR E 256 -79.53 -6.84 -102.29
CA THR E 256 -80.00 -5.60 -102.91
C THR E 256 -80.79 -5.83 -104.18
N ASP E 257 -81.65 -4.89 -104.53
CA ASP E 257 -82.20 -4.75 -105.87
C ASP E 257 -81.73 -3.44 -106.53
N GLN E 258 -80.87 -2.65 -105.87
CA GLN E 258 -80.48 -1.32 -106.37
C GLN E 258 -79.28 -1.34 -107.32
N ALA E 259 -78.31 -2.24 -107.10
CA ALA E 259 -77.01 -2.18 -107.77
C ALA E 259 -77.04 -2.54 -109.25
N THR E 260 -75.97 -2.23 -109.97
CA THR E 260 -75.69 -2.77 -111.31
C THR E 260 -74.60 -3.82 -111.21
N LEU E 261 -74.75 -4.94 -111.89
CA LEU E 261 -73.85 -6.09 -111.82
C LEU E 261 -73.25 -6.34 -113.21
N ASN E 262 -72.03 -6.85 -113.24
CA ASN E 262 -71.31 -7.17 -114.47
C ASN E 262 -71.28 -8.70 -114.64
N LEU E 263 -71.79 -9.20 -115.75
CA LEU E 263 -71.78 -10.64 -116.05
C LEU E 263 -70.55 -11.10 -116.86
N GLY E 264 -69.67 -10.17 -117.25
CA GLY E 264 -68.38 -10.43 -117.92
C GLY E 264 -67.18 -10.31 -116.97
N SER E 265 -65.96 -10.22 -117.51
CA SER E 265 -64.77 -9.87 -116.71
C SER E 265 -64.73 -8.36 -116.42
N GLN E 266 -63.79 -7.90 -115.60
CA GLN E 266 -63.62 -6.47 -115.38
C GLN E 266 -63.25 -5.73 -116.68
N GLU E 267 -62.28 -6.22 -117.45
CA GLU E 267 -61.84 -5.55 -118.69
C GLU E 267 -62.73 -5.84 -119.91
N SER E 268 -63.62 -6.84 -119.84
CA SER E 268 -64.59 -7.15 -120.92
C SER E 268 -66.02 -7.28 -120.35
N PRO E 269 -66.59 -6.17 -119.88
CA PRO E 269 -67.81 -6.19 -119.09
C PRO E 269 -69.08 -6.40 -119.91
N ASN E 270 -70.14 -6.79 -119.21
CA ASN E 270 -71.52 -6.87 -119.70
C ASN E 270 -72.46 -6.48 -118.56
N PHE E 271 -72.84 -5.21 -118.46
CA PHE E 271 -73.60 -4.70 -117.33
C PHE E 271 -75.09 -5.01 -117.43
N VAL E 272 -75.68 -5.46 -116.32
CA VAL E 272 -77.11 -5.59 -116.09
C VAL E 272 -77.49 -4.80 -114.85
N SER E 273 -78.39 -3.83 -114.96
CA SER E 273 -78.92 -3.12 -113.79
C SER E 273 -79.94 -4.00 -113.07
N LEU E 274 -79.75 -4.33 -111.79
CA LEU E 274 -80.72 -5.18 -111.10
C LEU E 274 -82.07 -4.47 -111.00
N TRP E 275 -82.07 -3.16 -110.78
CA TRP E 275 -83.29 -2.41 -110.58
C TRP E 275 -84.09 -2.29 -111.87
N GLN E 276 -83.43 -2.12 -113.01
CA GLN E 276 -84.13 -2.02 -114.29
C GLN E 276 -84.68 -3.37 -114.75
N HIS E 277 -83.92 -4.46 -114.58
CA HIS E 277 -84.35 -5.79 -115.01
C HIS E 277 -85.18 -6.54 -113.97
N ASN E 278 -85.60 -5.89 -112.88
CA ASN E 278 -86.38 -6.53 -111.81
C ASN E 278 -85.73 -7.79 -111.25
N LEU E 279 -84.40 -7.78 -111.11
CA LEU E 279 -83.63 -8.84 -110.47
C LEU E 279 -83.37 -8.51 -109.00
N VAL E 280 -82.93 -9.50 -108.21
CA VAL E 280 -82.42 -9.32 -106.84
C VAL E 280 -81.14 -10.13 -106.68
N ALA E 281 -80.14 -9.62 -105.98
CA ALA E 281 -78.86 -10.30 -105.80
C ALA E 281 -78.47 -10.39 -104.33
N VAL E 282 -77.92 -11.53 -103.92
CA VAL E 282 -77.36 -11.76 -102.58
C VAL E 282 -75.85 -11.82 -102.68
N ARG E 283 -75.13 -11.14 -101.79
CA ARG E 283 -73.67 -11.01 -101.77
C ARG E 283 -73.10 -11.62 -100.50
N VAL E 284 -72.06 -12.41 -100.63
CA VAL E 284 -71.52 -13.25 -99.55
C VAL E 284 -70.03 -13.04 -99.42
N GLU E 285 -69.49 -12.95 -98.21
CA GLU E 285 -68.04 -13.06 -98.03
C GLU E 285 -67.62 -13.60 -96.67
N ALA E 286 -66.36 -14.01 -96.59
CA ALA E 286 -65.64 -14.40 -95.38
C ALA E 286 -64.16 -14.07 -95.58
N GLU E 287 -63.34 -14.19 -94.54
CA GLU E 287 -61.93 -13.80 -94.62
C GLU E 287 -61.06 -14.63 -93.69
N TYR E 288 -60.07 -15.34 -94.23
CA TYR E 288 -59.31 -16.36 -93.51
C TYR E 288 -57.81 -16.18 -93.64
N GLY E 289 -57.04 -16.60 -92.64
CA GLY E 289 -55.59 -16.71 -92.73
C GLY E 289 -55.12 -18.12 -92.40
N LEU E 290 -54.03 -18.57 -93.00
CA LEU E 290 -53.43 -19.89 -92.77
C LEU E 290 -51.91 -19.78 -92.80
N LEU E 291 -51.22 -20.46 -91.88
CA LEU E 291 -49.78 -20.68 -91.97
C LEU E 291 -49.44 -22.12 -91.58
N ILE E 292 -48.56 -22.75 -92.35
CA ILE E 292 -47.92 -23.99 -91.96
C ILE E 292 -46.49 -23.65 -91.59
N ASN E 293 -46.08 -23.86 -90.35
CA ASN E 293 -44.73 -23.50 -89.91
C ASN E 293 -43.66 -24.36 -90.61
N ASP E 294 -43.97 -25.65 -90.81
CA ASP E 294 -43.05 -26.62 -91.40
C ASP E 294 -43.81 -27.71 -92.14
N VAL E 295 -43.89 -27.59 -93.46
CA VAL E 295 -44.58 -28.59 -94.29
C VAL E 295 -43.92 -29.96 -94.26
N ASN E 296 -42.64 -30.07 -93.92
CA ASN E 296 -41.94 -31.36 -93.89
C ASN E 296 -42.17 -32.11 -92.58
N ALA E 297 -42.91 -31.54 -91.63
CA ALA E 297 -43.28 -32.23 -90.41
C ALA E 297 -44.32 -33.36 -90.62
N PHE E 298 -44.98 -33.43 -91.77
CA PHE E 298 -46.06 -34.40 -92.01
C PHE E 298 -45.63 -35.51 -92.96
N VAL E 299 -45.70 -36.77 -92.56
CA VAL E 299 -45.67 -37.91 -93.49
C VAL E 299 -47.00 -38.01 -94.21
N LYS E 300 -47.00 -38.05 -95.55
CA LYS E 300 -48.19 -38.35 -96.34
C LYS E 300 -48.36 -39.86 -96.41
N LEU E 301 -49.55 -40.38 -96.21
CA LEU E 301 -49.82 -41.80 -96.25
C LEU E 301 -50.41 -42.17 -97.60
N THR E 302 -49.92 -43.23 -98.24
CA THR E 302 -50.43 -43.73 -99.52
C THR E 302 -50.69 -45.22 -99.41
N PHE E 303 -51.65 -45.77 -100.17
CA PHE E 303 -51.85 -47.22 -100.17
C PHE E 303 -50.61 -47.93 -100.70
N ASP E 304 -50.38 -47.82 -101.99
CA ASP E 304 -49.22 -48.38 -102.66
C ASP E 304 -47.92 -47.68 -102.25
N PRO E 305 -46.76 -48.35 -102.40
CA PRO E 305 -45.49 -47.66 -102.55
C PRO E 305 -45.48 -46.89 -103.86
N VAL E 306 -44.83 -45.73 -103.88
CA VAL E 306 -44.92 -44.73 -104.96
C VAL E 306 -43.62 -43.94 -105.13
N LEU E 307 -43.40 -43.38 -106.33
CA LEU E 307 -42.41 -42.33 -106.55
C LEU E 307 -42.89 -40.97 -106.03
N THR E 308 -42.04 -39.95 -106.05
CA THR E 308 -42.44 -38.56 -105.90
C THR E 308 -41.66 -37.67 -106.86
N THR E 309 -42.32 -36.64 -107.39
CA THR E 309 -41.74 -35.74 -108.38
C THR E 309 -41.46 -34.38 -107.76
N TYR E 310 -40.24 -33.91 -107.93
CA TYR E 310 -39.72 -32.65 -107.43
C TYR E 310 -39.33 -31.74 -108.58
N ALA E 311 -39.46 -30.43 -108.40
CA ALA E 311 -38.78 -29.44 -109.23
C ALA E 311 -37.57 -28.90 -108.48
N LEU E 312 -36.39 -28.97 -109.09
CA LEU E 312 -35.12 -28.42 -108.61
C LEU E 312 -34.73 -27.31 -109.57
N ASP E 313 -34.68 -26.07 -109.09
CA ASP E 313 -34.48 -24.88 -109.90
C ASP E 313 -33.39 -23.98 -109.30
N LEU E 314 -32.37 -23.64 -110.09
CA LEU E 314 -31.23 -22.88 -109.63
C LEU E 314 -31.39 -21.35 -109.84
N ASP E 315 -32.60 -20.87 -110.14
CA ASP E 315 -32.89 -19.44 -110.34
C ASP E 315 -31.95 -18.76 -111.36
N GLY E 316 -31.51 -19.51 -112.37
CA GLY E 316 -30.58 -19.02 -113.40
C GLY E 316 -29.12 -18.92 -112.98
N ALA E 317 -28.68 -19.61 -111.91
CA ALA E 317 -27.28 -19.67 -111.53
C ALA E 317 -26.36 -20.09 -112.69
N SER E 318 -25.21 -19.43 -112.82
CA SER E 318 -24.22 -19.64 -113.90
C SER E 318 -22.85 -20.12 -113.38
N ALA E 319 -22.71 -20.41 -112.09
CA ALA E 319 -21.47 -20.91 -111.50
C ALA E 319 -21.70 -21.69 -110.19
N GLY E 320 -20.73 -22.54 -109.83
CA GLY E 320 -20.74 -23.37 -108.61
C GLY E 320 -21.38 -24.75 -108.79
N ASN E 321 -21.53 -25.46 -107.68
CA ASN E 321 -21.89 -26.89 -107.66
C ASN E 321 -22.79 -27.22 -106.45
N PHE E 322 -23.61 -28.27 -106.57
CA PHE E 322 -24.54 -28.72 -105.52
C PHE E 322 -24.51 -30.25 -105.36
N THR E 323 -25.02 -30.80 -104.26
CA THR E 323 -25.30 -32.23 -104.13
C THR E 323 -26.77 -32.45 -103.84
N LEU E 324 -27.34 -33.54 -104.35
CA LEU E 324 -28.69 -33.97 -103.99
C LEU E 324 -28.58 -35.16 -103.05
N SER E 325 -29.38 -35.14 -101.99
CA SER E 325 -29.45 -36.22 -101.00
C SER E 325 -30.82 -36.90 -101.04
N LEU E 326 -30.79 -38.23 -101.21
CA LEU E 326 -31.94 -39.12 -101.33
C LEU E 326 -31.94 -40.02 -100.10
N ASP E 327 -32.99 -39.98 -99.28
CA ASP E 327 -33.10 -40.76 -98.03
C ASP E 327 -31.85 -40.65 -97.11
N GLY E 328 -31.22 -39.48 -97.07
CA GLY E 328 -30.03 -39.20 -96.25
C GLY E 328 -28.68 -39.59 -96.87
N LYS E 329 -28.65 -40.45 -97.89
CA LYS E 329 -27.46 -40.70 -98.72
C LYS E 329 -27.17 -39.45 -99.57
N THR E 330 -25.93 -39.18 -99.99
CA THR E 330 -25.56 -37.90 -100.65
C THR E 330 -24.75 -38.10 -101.93
N SER E 331 -25.07 -37.37 -103.00
CA SER E 331 -24.36 -37.46 -104.29
C SER E 331 -22.97 -36.82 -104.28
N ALA E 332 -22.20 -37.08 -105.33
CA ALA E 332 -21.07 -36.24 -105.73
C ALA E 332 -21.53 -34.81 -106.11
N ASN E 333 -20.58 -33.88 -106.21
CA ASN E 333 -20.87 -32.51 -106.66
C ASN E 333 -21.31 -32.48 -108.13
N ILE E 334 -22.44 -31.84 -108.39
CA ILE E 334 -23.07 -31.64 -109.69
C ILE E 334 -22.96 -30.16 -110.06
N ALA E 335 -22.50 -29.84 -111.27
CA ALA E 335 -22.33 -28.46 -111.72
C ALA E 335 -23.66 -27.72 -111.95
N TYR E 336 -23.65 -26.40 -111.80
CA TYR E 336 -24.79 -25.49 -111.95
C TYR E 336 -25.62 -25.69 -113.23
N ASN E 337 -25.04 -26.20 -114.32
CA ASN E 337 -25.73 -26.51 -115.57
C ASN E 337 -25.37 -27.91 -116.12
N ALA E 338 -25.08 -28.88 -115.26
CA ALA E 338 -24.88 -30.26 -115.67
C ALA E 338 -26.07 -30.78 -116.49
N SER E 339 -25.83 -31.58 -117.54
CA SER E 339 -26.91 -32.02 -118.43
C SER E 339 -27.96 -32.87 -117.72
N THR E 340 -29.17 -32.97 -118.28
CA THR E 340 -30.28 -33.71 -117.69
C THR E 340 -29.94 -35.20 -117.51
N ALA E 341 -29.18 -35.79 -118.43
CA ALA E 341 -28.66 -37.14 -118.26
C ALA E 341 -27.48 -37.21 -117.26
N THR E 342 -26.68 -36.15 -117.13
CA THR E 342 -25.57 -36.09 -116.16
C THR E 342 -26.09 -36.13 -114.73
N VAL E 343 -27.11 -35.34 -114.39
CA VAL E 343 -27.72 -35.40 -113.05
C VAL E 343 -28.42 -36.74 -112.81
N LYS E 344 -29.11 -37.32 -113.80
CA LYS E 344 -29.68 -38.67 -113.66
C LYS E 344 -28.61 -39.68 -113.28
N SER E 345 -27.49 -39.69 -113.99
CA SER E 345 -26.34 -40.54 -113.68
C SER E 345 -25.80 -40.28 -112.26
N ALA E 346 -25.54 -39.02 -111.91
CA ALA E 346 -25.00 -38.66 -110.61
C ALA E 346 -25.91 -39.06 -109.44
N ILE E 347 -27.23 -39.11 -109.63
CA ILE E 347 -28.18 -39.53 -108.60
C ILE E 347 -28.29 -41.06 -108.55
N VAL E 348 -28.44 -41.78 -109.66
CA VAL E 348 -28.47 -43.26 -109.59
C VAL E 348 -27.13 -43.87 -109.17
N ALA E 349 -26.04 -43.11 -109.28
CA ALA E 349 -24.74 -43.46 -108.74
C ALA E 349 -24.60 -43.26 -107.22
N ILE E 350 -25.60 -42.71 -106.52
CA ILE E 350 -25.62 -42.70 -105.05
C ILE E 350 -25.54 -44.15 -104.56
N ASP E 351 -24.78 -44.41 -103.51
CA ASP E 351 -24.51 -45.76 -102.96
C ASP E 351 -25.68 -46.34 -102.16
N ASP E 352 -26.88 -46.32 -102.75
CA ASP E 352 -28.06 -47.09 -102.33
C ASP E 352 -28.93 -47.44 -103.55
N GLY E 353 -29.63 -48.56 -103.49
CA GLY E 353 -30.15 -49.25 -104.66
C GLY E 353 -31.32 -48.56 -105.35
N VAL E 354 -31.05 -47.88 -106.46
CA VAL E 354 -32.05 -47.52 -107.48
C VAL E 354 -31.54 -47.80 -108.89
N SER E 355 -32.39 -48.37 -109.74
CA SER E 355 -32.10 -48.61 -111.16
C SER E 355 -32.10 -47.31 -111.96
N ALA E 356 -31.39 -47.29 -113.08
CA ALA E 356 -31.55 -46.28 -114.13
C ALA E 356 -32.98 -46.22 -114.72
N ASP E 357 -33.86 -47.16 -114.39
CA ASP E 357 -35.30 -47.14 -114.70
C ASP E 357 -36.22 -46.89 -113.48
N ASP E 358 -35.70 -46.86 -112.25
CA ASP E 358 -36.46 -46.47 -111.04
C ASP E 358 -36.55 -44.95 -110.87
N VAL E 359 -35.67 -44.21 -111.54
CA VAL E 359 -35.50 -42.76 -111.42
C VAL E 359 -35.61 -42.12 -112.80
N THR E 360 -36.13 -40.90 -112.91
CA THR E 360 -36.16 -40.18 -114.18
C THR E 360 -36.03 -38.67 -113.98
N VAL E 361 -35.40 -37.97 -114.93
CA VAL E 361 -35.19 -36.52 -114.90
C VAL E 361 -35.59 -35.92 -116.26
N THR E 362 -36.25 -34.76 -116.24
CA THR E 362 -36.71 -34.05 -117.44
C THR E 362 -36.61 -32.54 -117.28
N GLY E 363 -36.72 -31.78 -118.36
CA GLY E 363 -36.44 -30.34 -118.41
C GLY E 363 -34.97 -30.03 -118.76
N SER E 364 -34.71 -28.77 -119.09
CA SER E 364 -33.39 -28.27 -119.49
C SER E 364 -32.41 -28.19 -118.31
N ALA E 365 -31.11 -28.08 -118.60
CA ALA E 365 -30.14 -27.75 -117.56
C ALA E 365 -30.49 -26.42 -116.85
N GLY E 366 -30.26 -26.36 -115.54
CA GLY E 366 -30.65 -25.24 -114.68
C GLY E 366 -32.09 -25.31 -114.11
N ASP E 367 -32.97 -26.15 -114.67
CA ASP E 367 -34.37 -26.34 -114.24
C ASP E 367 -34.81 -27.80 -114.42
N TYR E 368 -34.58 -28.63 -113.41
CA TYR E 368 -34.71 -30.07 -113.48
C TYR E 368 -35.98 -30.55 -112.77
N THR E 369 -36.83 -31.30 -113.46
CA THR E 369 -37.90 -32.07 -112.84
C THR E 369 -37.41 -33.48 -112.58
N ILE E 370 -37.34 -33.91 -111.32
CA ILE E 370 -36.80 -35.21 -110.90
C ILE E 370 -37.94 -36.05 -110.34
N THR E 371 -38.17 -37.26 -110.87
CA THR E 371 -39.07 -38.24 -110.27
C THR E 371 -38.28 -39.43 -109.74
N VAL E 372 -38.48 -39.77 -108.47
CA VAL E 372 -37.55 -40.62 -107.70
C VAL E 372 -38.28 -41.26 -106.50
N PRO E 373 -37.86 -42.43 -105.97
CA PRO E 373 -38.32 -42.93 -104.69
C PRO E 373 -37.94 -42.03 -103.51
N GLY E 374 -38.63 -42.16 -102.37
CA GLY E 374 -38.19 -41.60 -101.10
C GLY E 374 -38.21 -40.07 -100.98
N THR E 375 -37.41 -39.52 -100.07
CA THR E 375 -37.31 -38.07 -99.82
C THR E 375 -36.04 -37.48 -100.43
N LEU E 376 -36.20 -36.44 -101.25
CA LEU E 376 -35.13 -35.80 -102.01
C LEU E 376 -34.87 -34.39 -101.45
N THR E 377 -33.60 -34.04 -101.22
CA THR E 377 -33.16 -32.79 -100.60
C THR E 377 -31.88 -32.27 -101.27
N ALA E 378 -31.52 -30.99 -101.12
CA ALA E 378 -30.40 -30.37 -101.83
C ALA E 378 -29.57 -29.42 -100.94
N ASP E 379 -28.26 -29.28 -101.20
CA ASP E 379 -27.46 -28.18 -100.66
C ASP E 379 -26.97 -27.22 -101.75
N PHE E 380 -27.28 -25.93 -101.59
CA PHE E 380 -26.84 -24.87 -102.51
C PHE E 380 -25.61 -24.11 -101.99
N SER E 381 -25.03 -24.52 -100.86
CA SER E 381 -23.89 -23.83 -100.25
C SER E 381 -22.64 -23.80 -101.15
N GLY E 382 -22.47 -24.77 -102.05
CA GLY E 382 -21.41 -24.79 -103.08
C GLY E 382 -21.77 -24.03 -104.36
N LEU E 383 -23.00 -23.52 -104.49
CA LEU E 383 -23.46 -22.78 -105.66
C LEU E 383 -23.09 -21.30 -105.48
N THR E 384 -22.40 -20.72 -106.46
CA THR E 384 -21.78 -19.38 -106.32
C THR E 384 -22.56 -18.28 -107.06
N ASP E 385 -23.79 -18.58 -107.48
CA ASP E 385 -24.67 -17.72 -108.26
C ASP E 385 -26.14 -18.17 -108.07
N GLY E 386 -27.12 -17.35 -108.45
CA GLY E 386 -28.55 -17.69 -108.34
C GLY E 386 -28.99 -18.00 -106.91
N GLU E 387 -28.74 -17.08 -105.98
CA GLU E 387 -28.80 -17.29 -104.53
C GLU E 387 -30.15 -17.81 -104.00
N GLY E 388 -31.24 -17.56 -104.74
CA GLY E 388 -32.59 -18.02 -104.42
C GLY E 388 -32.88 -19.50 -104.77
N ALA E 389 -31.91 -20.25 -105.28
CA ALA E 389 -32.07 -21.64 -105.71
C ALA E 389 -32.89 -22.51 -104.74
N SER E 390 -33.73 -23.39 -105.30
CA SER E 390 -34.91 -23.95 -104.62
C SER E 390 -35.21 -25.39 -105.02
N ILE E 391 -35.84 -26.13 -104.11
CA ILE E 391 -36.46 -27.43 -104.37
C ILE E 391 -37.87 -27.48 -103.79
N SER E 392 -38.81 -28.06 -104.52
CA SER E 392 -40.19 -28.29 -104.08
C SER E 392 -40.75 -29.57 -104.66
N VAL E 393 -41.68 -30.23 -103.97
CA VAL E 393 -42.53 -31.26 -104.56
C VAL E 393 -43.52 -30.62 -105.54
N VAL E 394 -43.94 -31.36 -106.57
CA VAL E 394 -45.07 -30.98 -107.46
C VAL E 394 -46.19 -32.02 -107.51
N SER E 395 -45.87 -33.31 -107.38
CA SER E 395 -46.87 -34.39 -107.14
C SER E 395 -46.22 -35.67 -106.61
N VAL E 396 -47.03 -36.60 -106.08
CA VAL E 396 -46.69 -38.04 -106.02
C VAL E 396 -46.51 -38.57 -107.46
N GLY E 397 -45.76 -39.66 -107.64
CA GLY E 397 -45.40 -40.22 -108.95
C GLY E 397 -44.30 -39.45 -109.66
N GLY F 2 -58.67 -5.97 -110.40
CA GLY F 2 -58.74 -4.91 -109.38
C GLY F 2 -58.35 -3.56 -109.93
N PHE F 3 -57.56 -2.80 -109.17
CA PHE F 3 -57.08 -1.47 -109.55
C PHE F 3 -55.61 -1.29 -109.19
N SER F 4 -54.97 -0.29 -109.80
CA SER F 4 -53.55 -0.02 -109.65
C SER F 4 -53.12 0.21 -108.20
N ALA F 5 -51.82 0.02 -107.93
CA ALA F 5 -51.26 -0.02 -106.59
C ALA F 5 -51.48 1.26 -105.78
N ASP F 6 -51.65 2.40 -106.45
CA ASP F 6 -52.11 3.64 -105.84
C ASP F 6 -52.94 4.42 -106.85
N HIS F 7 -54.15 3.93 -107.12
CA HIS F 7 -54.99 4.41 -108.21
C HIS F 7 -55.42 5.85 -108.02
N SER F 8 -55.55 6.59 -109.11
CA SER F 8 -55.71 8.06 -109.08
C SER F 8 -57.06 8.56 -108.59
N GLN F 9 -58.08 7.71 -108.54
CA GLN F 9 -59.46 8.11 -108.22
C GLN F 9 -60.09 7.35 -107.04
N ILE F 10 -59.40 6.36 -106.47
CA ILE F 10 -59.94 5.48 -105.42
C ILE F 10 -58.93 5.35 -104.28
N ALA F 11 -59.38 5.40 -103.03
CA ALA F 11 -58.55 5.11 -101.87
C ALA F 11 -58.61 3.61 -101.50
N GLN F 12 -57.48 2.96 -101.25
CA GLN F 12 -57.39 1.54 -100.93
C GLN F 12 -56.40 1.30 -99.79
N THR F 13 -56.54 0.22 -99.02
CA THR F 13 -55.60 -0.14 -97.96
C THR F 13 -54.19 -0.29 -98.48
N LYS F 14 -54.01 -0.83 -99.69
CA LYS F 14 -52.68 -0.96 -100.29
C LYS F 14 -52.03 0.34 -100.78
N ASP F 15 -52.74 1.47 -100.82
CA ASP F 15 -52.17 2.73 -101.31
C ASP F 15 -50.95 3.19 -100.51
N THR F 16 -49.97 3.80 -101.16
CA THR F 16 -48.72 4.24 -100.52
C THR F 16 -49.00 5.26 -99.42
N MET F 17 -50.04 6.06 -99.64
CA MET F 17 -50.63 7.05 -98.74
C MET F 17 -50.89 6.53 -97.32
N PHE F 18 -51.11 5.22 -97.14
CA PHE F 18 -51.38 4.64 -95.82
C PHE F 18 -50.23 3.82 -95.24
N THR F 19 -49.03 3.85 -95.82
CA THR F 19 -47.86 3.28 -95.14
C THR F 19 -47.66 3.93 -93.78
N GLY F 20 -47.26 3.15 -92.78
CA GLY F 20 -47.18 3.60 -91.38
C GLY F 20 -48.52 3.57 -90.62
N TYR F 21 -49.57 3.02 -91.24
CA TYR F 21 -50.85 2.68 -90.62
C TYR F 21 -51.26 1.28 -91.09
N LEU F 22 -52.17 0.65 -90.37
CA LEU F 22 -52.63 -0.72 -90.69
C LEU F 22 -51.50 -1.78 -90.65
N ASP F 23 -50.45 -1.54 -89.86
CA ASP F 23 -49.32 -2.46 -89.68
C ASP F 23 -49.77 -3.79 -89.05
N PRO F 24 -49.18 -4.94 -89.40
CA PRO F 24 -49.54 -6.21 -88.81
C PRO F 24 -49.17 -6.28 -87.33
N VAL F 25 -50.01 -6.92 -86.52
CA VAL F 25 -49.83 -6.98 -85.06
C VAL F 25 -48.76 -8.01 -84.66
N GLN F 26 -47.88 -7.66 -83.74
CA GLN F 26 -46.87 -8.58 -83.21
C GLN F 26 -47.53 -9.67 -82.35
N ALA F 27 -47.37 -10.93 -82.72
CA ALA F 27 -47.86 -12.08 -81.96
C ALA F 27 -46.77 -12.74 -81.10
N LYS F 28 -47.14 -13.68 -80.22
CA LYS F 28 -46.16 -14.60 -79.62
C LYS F 28 -45.70 -15.63 -80.65
N ASP F 29 -44.58 -16.31 -80.40
CA ASP F 29 -44.16 -17.42 -81.25
C ASP F 29 -45.01 -18.67 -80.96
N TYR F 30 -46.00 -18.96 -81.80
CA TYR F 30 -46.82 -20.18 -81.67
C TYR F 30 -46.03 -21.48 -81.89
N PHE F 31 -44.79 -21.42 -82.34
CA PHE F 31 -43.95 -22.57 -82.65
C PHE F 31 -42.64 -22.56 -81.85
N ALA F 32 -42.64 -21.95 -80.67
CA ALA F 32 -41.49 -21.97 -79.78
C ALA F 32 -41.11 -23.41 -79.38
N GLU F 33 -40.02 -23.91 -79.95
CA GLU F 33 -39.45 -25.19 -79.57
C GLU F 33 -38.82 -25.08 -78.18
N ALA F 34 -39.28 -25.90 -77.23
CA ALA F 34 -38.83 -25.82 -75.85
C ALA F 34 -37.34 -26.10 -75.73
N GLU F 35 -36.67 -25.41 -74.81
CA GLU F 35 -35.23 -25.59 -74.59
C GLU F 35 -34.90 -27.02 -74.20
N LYS F 36 -33.84 -27.57 -74.78
CA LYS F 36 -33.22 -28.82 -74.33
C LYS F 36 -32.60 -28.63 -72.95
N THR F 37 -32.40 -29.71 -72.22
CA THR F 37 -31.66 -29.66 -70.95
C THR F 37 -30.91 -30.96 -70.71
N SER F 38 -29.89 -30.92 -69.86
CA SER F 38 -28.97 -32.04 -69.67
C SER F 38 -29.69 -33.32 -69.27
N ILE F 39 -29.33 -34.44 -69.89
CA ILE F 39 -29.66 -35.77 -69.41
C ILE F 39 -28.57 -36.29 -68.47
N VAL F 40 -27.30 -35.98 -68.70
CA VAL F 40 -26.22 -36.49 -67.84
C VAL F 40 -26.40 -36.01 -66.41
N GLN F 41 -26.72 -34.74 -66.21
CA GLN F 41 -26.99 -34.17 -64.89
C GLN F 41 -28.25 -34.72 -64.24
N ARG F 42 -29.13 -35.39 -64.99
CA ARG F 42 -30.32 -36.07 -64.45
C ARG F 42 -30.04 -37.51 -64.05
N VAL F 43 -29.19 -38.25 -64.76
CA VAL F 43 -28.88 -39.66 -64.44
C VAL F 43 -27.72 -39.82 -63.46
N ALA F 44 -26.68 -38.99 -63.55
CA ALA F 44 -25.44 -39.17 -62.80
C ALA F 44 -25.52 -38.66 -61.35
N GLN F 45 -24.79 -39.30 -60.45
CA GLN F 45 -24.82 -38.99 -59.03
C GLN F 45 -24.08 -37.67 -58.71
N LYS F 46 -24.74 -36.68 -58.10
CA LYS F 46 -24.06 -35.42 -57.71
C LYS F 46 -23.18 -35.60 -56.48
N ILE F 47 -21.99 -35.02 -56.53
CA ILE F 47 -21.07 -34.92 -55.39
C ILE F 47 -20.68 -33.45 -55.15
N PRO F 48 -20.27 -33.06 -53.93
CA PRO F 48 -19.82 -31.70 -53.66
C PRO F 48 -18.48 -31.43 -54.32
N MET F 49 -18.12 -30.17 -54.51
CA MET F 49 -16.90 -29.79 -55.21
C MET F 49 -16.31 -28.48 -54.68
N GLY F 50 -15.00 -28.31 -54.79
CA GLY F 50 -14.27 -27.06 -54.58
C GLY F 50 -13.12 -26.94 -55.56
N ALA F 51 -12.55 -25.75 -55.73
CA ALA F 51 -11.55 -25.52 -56.78
C ALA F 51 -10.29 -26.40 -56.66
N THR F 52 -9.99 -26.91 -55.47
CA THR F 52 -8.92 -27.88 -55.20
C THR F 52 -9.24 -29.30 -55.72
N GLY F 53 -10.46 -29.55 -56.18
CA GLY F 53 -10.95 -30.86 -56.57
C GLY F 53 -11.41 -31.71 -55.38
N ILE F 54 -11.52 -33.02 -55.58
CA ILE F 54 -11.77 -34.01 -54.52
C ILE F 54 -10.86 -35.21 -54.69
N VAL F 55 -10.66 -35.99 -53.62
CA VAL F 55 -9.88 -37.23 -53.65
C VAL F 55 -10.71 -38.38 -53.10
N ILE F 56 -10.69 -39.51 -53.80
CA ILE F 56 -11.59 -40.63 -53.58
C ILE F 56 -10.75 -41.87 -53.21
N PRO F 57 -10.94 -42.48 -52.04
CA PRO F 57 -10.29 -43.73 -51.67
C PRO F 57 -10.95 -44.91 -52.38
N HIS F 58 -10.22 -46.03 -52.53
CA HIS F 58 -10.77 -47.31 -52.96
C HIS F 58 -10.02 -48.45 -52.30
N TRP F 59 -10.72 -49.34 -51.60
CA TRP F 59 -10.08 -50.52 -51.02
C TRP F 59 -9.62 -51.49 -52.11
N THR F 60 -8.49 -52.17 -51.93
CA THR F 60 -7.98 -53.10 -52.96
C THR F 60 -7.49 -54.45 -52.43
N GLY F 61 -7.12 -54.55 -51.15
CA GLY F 61 -6.47 -55.75 -50.64
C GLY F 61 -7.43 -56.91 -50.40
N ASP F 62 -7.17 -58.05 -51.04
CA ASP F 62 -7.81 -59.32 -50.68
C ASP F 62 -7.13 -59.90 -49.43
N VAL F 63 -7.66 -59.55 -48.26
CA VAL F 63 -7.27 -60.11 -46.97
C VAL F 63 -7.63 -61.59 -46.91
N SER F 64 -6.87 -62.42 -46.21
CA SER F 64 -7.07 -63.88 -46.19
C SER F 64 -6.92 -64.53 -44.82
N ALA F 65 -7.42 -65.76 -44.71
CA ALA F 65 -7.32 -66.60 -43.54
C ALA F 65 -7.16 -68.06 -43.97
N GLN F 66 -6.55 -68.90 -43.13
CA GLN F 66 -6.22 -70.28 -43.49
C GLN F 66 -6.82 -71.26 -42.50
N TRP F 67 -7.23 -72.44 -42.97
CA TRP F 67 -7.59 -73.55 -42.11
C TRP F 67 -6.34 -74.09 -41.42
N ILE F 68 -6.42 -74.45 -40.14
CA ILE F 68 -5.25 -74.86 -39.33
C ILE F 68 -5.55 -76.04 -38.40
N GLY F 69 -4.52 -76.73 -37.93
CA GLY F 69 -4.65 -77.80 -36.94
C GLY F 69 -4.58 -77.32 -35.48
N GLU F 70 -4.67 -78.29 -34.56
CA GLU F 70 -4.37 -78.09 -33.14
C GLU F 70 -2.94 -77.59 -32.97
N GLY F 71 -2.75 -76.43 -32.34
CA GLY F 71 -1.42 -75.86 -32.06
C GLY F 71 -0.61 -75.45 -33.29
N ASP F 72 -1.19 -75.38 -34.48
CA ASP F 72 -0.48 -74.89 -35.67
C ASP F 72 -0.22 -73.38 -35.59
N MET F 73 0.82 -72.93 -36.30
CA MET F 73 1.13 -71.51 -36.46
C MET F 73 0.00 -70.81 -37.24
N LYS F 74 -0.55 -69.71 -36.72
CA LYS F 74 -1.45 -68.86 -37.51
C LYS F 74 -0.72 -68.21 -38.70
N PRO F 75 -1.40 -67.89 -39.80
CA PRO F 75 -0.88 -66.98 -40.82
C PRO F 75 -0.95 -65.53 -40.33
N ILE F 76 -0.26 -64.62 -41.02
CA ILE F 76 -0.31 -63.17 -40.77
C ILE F 76 -0.66 -62.46 -42.08
N THR F 77 -1.48 -61.41 -42.05
CA THR F 77 -2.03 -60.76 -43.25
C THR F 77 -2.10 -59.24 -43.14
N LYS F 78 -2.09 -58.54 -44.28
CA LYS F 78 -2.17 -57.08 -44.39
C LYS F 78 -3.12 -56.67 -45.51
N GLY F 79 -3.91 -55.63 -45.32
CA GLY F 79 -4.81 -55.07 -46.34
C GLY F 79 -4.26 -53.81 -47.01
N ASN F 80 -4.70 -53.53 -48.23
CA ASN F 80 -4.18 -52.46 -49.08
C ASN F 80 -5.32 -51.66 -49.70
N MET F 81 -5.05 -50.41 -50.09
CA MET F 81 -6.03 -49.52 -50.71
C MET F 81 -5.33 -48.43 -51.55
N THR F 82 -6.08 -47.74 -52.41
CA THR F 82 -5.56 -46.79 -53.41
C THR F 82 -6.46 -45.55 -53.57
N LYS F 83 -6.13 -44.62 -54.46
CA LYS F 83 -6.86 -43.36 -54.65
C LYS F 83 -7.01 -42.96 -56.12
N ARG F 84 -7.94 -42.05 -56.38
CA ARG F 84 -8.00 -41.19 -57.57
C ARG F 84 -8.38 -39.79 -57.12
N ASP F 85 -7.99 -38.75 -57.85
CA ASP F 85 -8.46 -37.38 -57.64
C ASP F 85 -9.13 -36.79 -58.88
N VAL F 86 -10.04 -35.84 -58.67
CA VAL F 86 -10.86 -35.23 -59.73
C VAL F 86 -10.82 -33.72 -59.58
N HIS F 87 -10.64 -32.99 -60.68
CA HIS F 87 -10.60 -31.53 -60.71
C HIS F 87 -11.68 -30.97 -61.63
N PRO F 88 -12.29 -29.84 -61.28
CA PRO F 88 -13.22 -29.18 -62.18
C PRO F 88 -12.51 -28.41 -63.29
N ALA F 89 -13.26 -27.99 -64.30
CA ALA F 89 -12.85 -27.13 -65.42
C ALA F 89 -13.95 -26.14 -65.78
N LYS F 90 -13.63 -25.06 -66.48
CA LYS F 90 -14.57 -23.95 -66.72
C LYS F 90 -15.12 -23.94 -68.14
N ILE F 91 -16.44 -23.80 -68.26
CA ILE F 91 -17.06 -23.22 -69.47
C ILE F 91 -17.02 -21.71 -69.34
N ALA F 92 -16.84 -20.99 -70.45
CA ALA F 92 -17.08 -19.56 -70.50
C ALA F 92 -17.66 -19.11 -71.84
N THR F 93 -18.34 -17.97 -71.85
CA THR F 93 -18.68 -17.23 -73.07
C THR F 93 -19.03 -15.78 -72.74
N ILE F 94 -19.06 -14.90 -73.73
CA ILE F 94 -19.43 -13.50 -73.61
C ILE F 94 -20.44 -13.13 -74.69
N PHE F 95 -21.36 -12.22 -74.40
CA PHE F 95 -22.09 -11.49 -75.44
C PHE F 95 -22.07 -9.99 -75.15
N VAL F 96 -22.04 -9.16 -76.18
CA VAL F 96 -21.79 -7.72 -76.08
C VAL F 96 -22.83 -6.94 -76.84
N ALA F 97 -23.28 -5.83 -76.29
CA ALA F 97 -24.28 -4.98 -76.91
C ALA F 97 -23.97 -3.50 -76.72
N SER F 98 -24.50 -2.64 -77.57
CA SER F 98 -24.48 -1.20 -77.31
C SER F 98 -25.37 -0.84 -76.13
N ALA F 99 -25.08 0.25 -75.44
CA ALA F 99 -25.96 0.77 -74.41
C ALA F 99 -27.36 1.05 -74.95
N GLU F 100 -27.52 1.44 -76.22
CA GLU F 100 -28.82 1.63 -76.83
C GLU F 100 -29.60 0.32 -76.93
N THR F 101 -28.97 -0.75 -77.41
CA THR F 101 -29.60 -2.08 -77.43
C THR F 101 -29.95 -2.52 -76.02
N VAL F 102 -29.11 -2.24 -75.01
CA VAL F 102 -29.44 -2.60 -73.63
C VAL F 102 -30.56 -1.75 -73.05
N ARG F 103 -30.61 -0.45 -73.37
CA ARG F 103 -31.67 0.45 -72.93
C ARG F 103 -33.02 0.02 -73.49
N ALA F 104 -33.07 -0.28 -74.78
CA ALA F 104 -34.30 -0.68 -75.42
C ALA F 104 -34.69 -2.15 -75.15
N ASN F 105 -33.72 -3.06 -75.11
CA ASN F 105 -33.89 -4.51 -74.98
C ASN F 105 -35.02 -5.06 -75.89
N PRO F 106 -34.94 -4.87 -77.20
CA PRO F 106 -36.00 -5.25 -78.13
C PRO F 106 -36.23 -6.76 -78.11
N ALA F 107 -37.50 -7.20 -78.22
CA ALA F 107 -37.89 -8.61 -78.14
C ALA F 107 -37.35 -9.35 -76.90
N ASN F 108 -37.04 -8.64 -75.83
CA ASN F 108 -36.27 -9.13 -74.70
C ASN F 108 -35.03 -9.94 -75.12
N TYR F 109 -34.24 -9.38 -76.04
CA TYR F 109 -33.02 -10.01 -76.54
C TYR F 109 -32.10 -10.43 -75.41
N LEU F 110 -31.84 -9.57 -74.42
CA LEU F 110 -30.94 -9.92 -73.31
C LEU F 110 -31.48 -11.09 -72.48
N GLY F 111 -32.75 -11.06 -72.10
CA GLY F 111 -33.34 -12.16 -71.32
C GLY F 111 -33.33 -13.46 -72.11
N THR F 112 -33.71 -13.38 -73.39
CA THR F 112 -33.68 -14.54 -74.28
C THR F 112 -32.29 -15.10 -74.39
N MET F 113 -31.29 -14.23 -74.56
CA MET F 113 -29.91 -14.65 -74.71
C MET F 113 -29.46 -15.49 -73.53
N ARG F 114 -29.72 -15.06 -72.29
CA ARG F 114 -29.28 -15.81 -71.12
C ARG F 114 -29.87 -17.22 -71.10
N THR F 115 -31.13 -17.39 -71.47
CA THR F 115 -31.73 -18.72 -71.58
C THR F 115 -31.08 -19.56 -72.68
N LYS F 116 -30.78 -18.98 -73.85
CA LYS F 116 -30.11 -19.73 -74.92
C LYS F 116 -28.68 -20.08 -74.54
N VAL F 117 -27.93 -19.16 -73.93
CA VAL F 117 -26.58 -19.47 -73.45
C VAL F 117 -26.65 -20.57 -72.41
N ALA F 118 -27.50 -20.48 -71.40
CA ALA F 118 -27.60 -21.50 -70.37
C ALA F 118 -27.89 -22.89 -70.97
N THR F 119 -28.72 -22.96 -72.00
CA THR F 119 -28.95 -24.19 -72.76
C THR F 119 -27.65 -24.69 -73.38
N ALA F 120 -26.89 -23.83 -74.04
CA ALA F 120 -25.61 -24.20 -74.63
C ALA F 120 -24.58 -24.63 -73.59
N ILE F 121 -24.58 -24.07 -72.38
CA ILE F 121 -23.73 -24.57 -71.29
C ILE F 121 -24.02 -26.04 -71.02
N ALA F 122 -25.29 -26.41 -70.91
CA ALA F 122 -25.68 -27.80 -70.64
C ALA F 122 -25.31 -28.73 -71.80
N MET F 123 -25.60 -28.38 -73.04
CA MET F 123 -25.23 -29.23 -74.16
C MET F 123 -23.72 -29.44 -74.24
N ALA F 124 -22.92 -28.41 -73.94
CA ALA F 124 -21.48 -28.55 -73.89
C ALA F 124 -20.99 -29.45 -72.74
N PHE F 125 -21.83 -29.72 -71.73
CA PHE F 125 -21.53 -30.73 -70.72
C PHE F 125 -21.86 -32.13 -71.21
N ASP F 126 -23.08 -32.37 -71.67
CA ASP F 126 -23.49 -33.70 -72.08
C ASP F 126 -22.65 -34.21 -73.25
N ASN F 127 -22.43 -33.41 -74.28
CA ASN F 127 -21.60 -33.85 -75.39
C ASN F 127 -20.11 -33.95 -75.03
N ALA F 128 -19.69 -33.47 -73.86
CA ALA F 128 -18.36 -33.73 -73.33
C ALA F 128 -18.35 -35.02 -72.52
N ALA F 129 -19.39 -35.34 -71.77
CA ALA F 129 -19.42 -36.54 -70.93
C ALA F 129 -19.85 -37.81 -71.68
N LEU F 130 -20.73 -37.73 -72.67
CA LEU F 130 -21.14 -38.86 -73.47
C LEU F 130 -20.09 -39.19 -74.53
N HIS F 131 -19.89 -38.29 -75.49
CA HIS F 131 -19.09 -38.57 -76.69
C HIS F 131 -17.73 -37.87 -76.71
N GLY F 132 -17.38 -37.10 -75.68
CA GLY F 132 -16.06 -36.51 -75.55
C GLY F 132 -15.77 -35.32 -76.45
N THR F 133 -16.76 -34.80 -77.18
CA THR F 133 -16.56 -33.92 -78.36
C THR F 133 -15.55 -32.79 -78.20
N ASN F 134 -15.58 -32.07 -77.08
CA ASN F 134 -14.62 -31.02 -76.74
C ASN F 134 -14.17 -31.12 -75.28
N ALA F 135 -14.09 -32.33 -74.74
CA ALA F 135 -13.86 -32.53 -73.32
C ALA F 135 -12.55 -31.89 -72.86
N PRO F 136 -12.53 -31.14 -71.76
CA PRO F 136 -11.30 -30.65 -71.18
C PRO F 136 -10.52 -31.81 -70.56
N SER F 137 -9.22 -31.69 -70.48
CA SER F 137 -8.35 -32.74 -69.94
C SER F 137 -8.64 -33.09 -68.49
N ALA F 138 -9.34 -32.23 -67.75
CA ALA F 138 -9.76 -32.48 -66.38
C ALA F 138 -10.85 -33.55 -66.26
N PHE F 139 -11.60 -33.86 -67.33
CA PHE F 139 -12.62 -34.90 -67.30
C PHE F 139 -11.99 -36.29 -67.38
N GLN F 140 -12.31 -37.16 -66.42
CA GLN F 140 -11.62 -38.45 -66.29
C GLN F 140 -12.11 -39.52 -67.28
N GLY F 141 -13.06 -39.24 -68.17
CA GLY F 141 -13.48 -40.17 -69.22
C GLY F 141 -14.72 -39.72 -69.98
N TYR F 142 -15.16 -40.48 -70.98
CA TYR F 142 -16.45 -40.29 -71.64
C TYR F 142 -17.03 -41.61 -72.15
N LEU F 143 -18.35 -41.78 -72.16
CA LEU F 143 -18.97 -43.10 -72.30
C LEU F 143 -18.62 -43.82 -73.60
N ASP F 144 -18.41 -43.10 -74.70
CA ASP F 144 -18.05 -43.74 -75.96
C ASP F 144 -16.70 -44.48 -75.91
N GLN F 145 -15.85 -44.26 -74.91
CA GLN F 145 -14.61 -45.01 -74.73
C GLN F 145 -14.81 -46.49 -74.42
N SER F 146 -16.01 -46.95 -74.06
CA SER F 146 -16.25 -48.37 -73.79
C SER F 146 -15.85 -49.25 -74.96
N ASN F 147 -15.23 -50.40 -74.68
CA ASN F 147 -14.91 -51.39 -75.70
C ASN F 147 -16.10 -52.30 -76.09
N LYS F 148 -17.27 -52.14 -75.49
CA LYS F 148 -18.44 -53.00 -75.72
C LYS F 148 -19.48 -52.33 -76.60
N THR F 149 -19.97 -53.04 -77.60
CA THR F 149 -21.06 -52.58 -78.47
C THR F 149 -22.11 -53.66 -78.63
N GLN F 150 -23.35 -53.30 -78.98
CA GLN F 150 -24.43 -54.26 -79.17
C GLN F 150 -25.44 -53.75 -80.17
N SER F 151 -25.76 -54.53 -81.20
CA SER F 151 -26.89 -54.19 -82.06
C SER F 151 -28.21 -54.43 -81.35
N ILE F 152 -29.13 -53.49 -81.42
CA ILE F 152 -30.54 -53.68 -81.02
C ILE F 152 -31.48 -53.80 -82.23
N SER F 153 -30.94 -53.85 -83.45
CA SER F 153 -31.70 -53.60 -84.69
C SER F 153 -32.90 -54.52 -84.94
N PRO F 154 -32.76 -55.85 -85.01
CA PRO F 154 -33.89 -56.70 -85.38
C PRO F 154 -34.88 -56.92 -84.24
N ASN F 155 -34.41 -56.92 -82.99
CA ASN F 155 -35.18 -57.31 -81.82
C ASN F 155 -34.54 -56.74 -80.55
N ALA F 156 -35.09 -55.66 -80.02
CA ALA F 156 -34.53 -54.97 -78.87
C ALA F 156 -34.48 -55.84 -77.60
N TYR F 157 -35.40 -56.79 -77.41
CA TYR F 157 -35.36 -57.66 -76.23
C TYR F 157 -34.16 -58.60 -76.26
N GLN F 158 -33.93 -59.28 -77.39
CA GLN F 158 -32.74 -60.13 -77.55
C GLN F 158 -31.47 -59.29 -77.46
N GLY F 159 -31.51 -58.07 -78.01
CA GLY F 159 -30.43 -57.10 -77.95
C GLY F 159 -30.04 -56.75 -76.52
N LEU F 160 -30.93 -56.10 -75.76
CA LEU F 160 -30.63 -55.68 -74.39
C LEU F 160 -30.52 -56.88 -73.45
N GLY F 161 -31.58 -57.70 -73.40
CA GLY F 161 -31.83 -58.63 -72.31
C GLY F 161 -31.04 -59.92 -72.38
N VAL F 162 -30.52 -60.30 -73.54
CA VAL F 162 -29.73 -61.52 -73.69
C VAL F 162 -28.32 -61.20 -74.14
N SER F 163 -28.12 -60.74 -75.37
CA SER F 163 -26.77 -60.52 -75.87
C SER F 163 -26.06 -59.41 -75.08
N GLY F 164 -26.71 -58.27 -74.92
CA GLY F 164 -26.15 -57.11 -74.23
C GLY F 164 -25.79 -57.40 -72.78
N LEU F 165 -26.73 -57.94 -72.01
CA LEU F 165 -26.44 -58.30 -70.63
C LEU F 165 -25.33 -59.36 -70.53
N THR F 166 -25.20 -60.27 -71.50
CA THR F 166 -24.15 -61.29 -71.44
C THR F 166 -22.77 -60.64 -71.42
N LYS F 167 -22.49 -59.69 -72.30
CA LYS F 167 -21.18 -59.04 -72.33
C LYS F 167 -20.93 -58.06 -71.17
N LEU F 168 -21.93 -57.81 -70.33
CA LEU F 168 -21.75 -57.13 -69.04
C LEU F 168 -21.47 -58.14 -67.93
N VAL F 169 -22.33 -59.14 -67.71
CA VAL F 169 -22.12 -60.07 -66.58
C VAL F 169 -20.89 -60.95 -66.77
N THR F 170 -20.39 -61.10 -68.00
CA THR F 170 -19.11 -61.80 -68.26
C THR F 170 -17.93 -61.15 -67.52
N ASP F 171 -18.00 -59.84 -67.26
CA ASP F 171 -17.03 -59.11 -66.45
C ASP F 171 -17.57 -58.73 -65.05
N GLY F 172 -18.74 -59.23 -64.66
CA GLY F 172 -19.38 -58.91 -63.37
C GLY F 172 -19.88 -57.47 -63.24
N LYS F 173 -19.81 -56.65 -64.30
CA LYS F 173 -20.17 -55.24 -64.29
C LYS F 173 -21.68 -55.09 -64.47
N LYS F 174 -22.46 -55.36 -63.43
CA LYS F 174 -23.93 -55.53 -63.52
C LYS F 174 -24.68 -54.36 -64.16
N TRP F 175 -25.70 -54.67 -64.94
CA TRP F 175 -26.58 -53.69 -65.61
C TRP F 175 -27.59 -53.08 -64.65
N THR F 176 -27.59 -51.75 -64.47
CA THR F 176 -28.54 -51.07 -63.57
C THR F 176 -29.53 -50.16 -64.28
N HIS F 177 -29.16 -49.47 -65.37
CA HIS F 177 -30.05 -48.53 -66.08
C HIS F 177 -29.88 -48.63 -67.59
N THR F 178 -30.82 -48.09 -68.36
CA THR F 178 -30.61 -47.87 -69.79
C THR F 178 -31.12 -46.52 -70.27
N LEU F 179 -30.36 -45.90 -71.15
CA LEU F 179 -30.50 -44.53 -71.61
C LEU F 179 -30.65 -44.55 -73.13
N LEU F 180 -31.70 -43.98 -73.70
CA LEU F 180 -32.00 -44.09 -75.14
C LEU F 180 -32.28 -42.74 -75.79
N ASP F 181 -31.79 -42.53 -77.00
CA ASP F 181 -32.21 -41.42 -77.84
C ASP F 181 -33.61 -41.66 -78.38
N ASP F 182 -34.49 -40.66 -78.50
CA ASP F 182 -35.85 -40.93 -78.95
C ASP F 182 -35.94 -41.47 -80.39
N THR F 183 -34.88 -41.37 -81.19
CA THR F 183 -34.77 -42.07 -82.49
C THR F 183 -34.79 -43.60 -82.36
N VAL F 184 -34.62 -44.16 -81.17
CA VAL F 184 -34.83 -45.59 -80.91
C VAL F 184 -36.29 -46.01 -81.02
N GLU F 185 -37.25 -45.12 -80.78
CA GLU F 185 -38.67 -45.50 -80.65
C GLU F 185 -39.17 -46.41 -81.78
N PRO F 186 -38.96 -46.11 -83.08
CA PRO F 186 -39.47 -46.98 -84.12
C PRO F 186 -38.84 -48.37 -84.09
N VAL F 187 -37.56 -48.50 -83.78
CA VAL F 187 -36.94 -49.82 -83.66
C VAL F 187 -37.55 -50.60 -82.51
N LEU F 188 -37.85 -49.93 -81.40
CA LEU F 188 -38.45 -50.57 -80.25
C LEU F 188 -39.91 -50.95 -80.49
N ASN F 189 -40.70 -50.07 -81.11
CA ASN F 189 -42.06 -50.39 -81.57
C ASN F 189 -42.06 -51.57 -82.53
N GLY F 190 -41.01 -51.69 -83.35
CA GLY F 190 -40.85 -52.75 -84.33
C GLY F 190 -40.23 -54.03 -83.79
N SER F 191 -39.96 -54.15 -82.49
CA SER F 191 -39.45 -55.41 -81.92
C SER F 191 -40.59 -56.41 -81.77
N VAL F 192 -40.68 -57.35 -82.71
CA VAL F 192 -41.80 -58.30 -82.82
C VAL F 192 -41.35 -59.73 -82.65
N ASP F 193 -42.25 -60.57 -82.15
CA ASP F 193 -42.03 -62.00 -82.00
C ASP F 193 -42.03 -62.71 -83.37
N ALA F 194 -41.85 -64.03 -83.39
CA ALA F 194 -41.82 -64.77 -84.65
C ALA F 194 -43.16 -64.76 -85.41
N ASN F 195 -44.26 -64.41 -84.76
CA ASN F 195 -45.55 -64.23 -85.41
C ASN F 195 -45.84 -62.79 -85.80
N GLY F 196 -44.95 -61.84 -85.50
CA GLY F 196 -45.09 -60.46 -85.94
C GLY F 196 -45.92 -59.58 -85.02
N ARG F 197 -46.22 -60.02 -83.78
CA ARG F 197 -46.83 -59.15 -82.76
C ARG F 197 -45.72 -58.49 -81.93
N PRO F 198 -45.88 -57.24 -81.48
CA PRO F 198 -44.83 -56.53 -80.77
C PRO F 198 -44.65 -57.07 -79.35
N LEU F 199 -43.43 -56.98 -78.80
CA LEU F 199 -43.16 -57.41 -77.43
C LEU F 199 -43.56 -56.37 -76.38
N PHE F 200 -43.42 -55.07 -76.67
CA PHE F 200 -43.57 -54.01 -75.66
C PHE F 200 -44.91 -53.27 -75.68
N VAL F 201 -45.97 -53.87 -76.22
CA VAL F 201 -47.33 -53.30 -76.20
C VAL F 201 -48.39 -54.38 -75.97
N GLU F 202 -49.49 -54.06 -75.30
CA GLU F 202 -50.62 -54.98 -75.12
C GLU F 202 -51.42 -55.21 -76.41
N SER F 203 -52.32 -56.20 -76.38
CA SER F 203 -52.93 -56.80 -77.57
C SER F 203 -53.87 -55.90 -78.36
N THR F 204 -54.01 -54.63 -77.97
CA THR F 204 -54.49 -53.57 -78.85
C THR F 204 -53.68 -52.31 -78.60
N TYR F 205 -53.26 -51.65 -79.68
CA TYR F 205 -52.04 -50.85 -79.68
C TYR F 205 -52.28 -49.39 -79.32
N GLU F 206 -52.97 -49.17 -78.21
CA GLU F 206 -53.47 -47.87 -77.79
C GLU F 206 -52.37 -46.92 -77.33
N SER F 207 -51.47 -47.38 -76.48
CA SER F 207 -50.54 -46.54 -75.69
C SER F 207 -49.10 -46.58 -76.21
N LEU F 208 -48.21 -45.76 -75.65
CA LEU F 208 -46.77 -45.90 -75.87
C LEU F 208 -46.27 -47.27 -75.38
N THR F 209 -45.17 -47.77 -75.93
CA THR F 209 -44.47 -48.93 -75.36
C THR F 209 -43.99 -48.61 -73.95
N THR F 210 -43.95 -49.60 -73.06
CA THR F 210 -43.58 -49.35 -71.65
C THR F 210 -42.23 -48.67 -71.46
N PRO F 211 -41.17 -48.93 -72.21
CA PRO F 211 -39.95 -48.15 -72.08
C PRO F 211 -40.12 -46.69 -72.49
N PHE F 212 -40.95 -46.36 -73.47
CA PHE F 212 -41.24 -44.97 -73.82
C PHE F 212 -42.27 -44.30 -72.93
N ARG F 213 -42.95 -45.04 -72.05
CA ARG F 213 -43.61 -44.51 -70.84
C ARG F 213 -42.61 -44.21 -69.72
N GLU F 214 -41.31 -44.34 -69.99
CA GLU F 214 -40.24 -44.31 -69.00
C GLU F 214 -40.45 -45.34 -67.88
N GLY F 215 -41.02 -46.49 -68.23
CA GLY F 215 -41.07 -47.65 -67.36
C GLY F 215 -39.71 -48.34 -67.27
N ARG F 216 -39.74 -49.66 -67.15
CA ARG F 216 -38.55 -50.50 -67.03
C ARG F 216 -38.55 -51.64 -68.05
N ILE F 217 -37.36 -52.11 -68.40
CA ILE F 217 -37.14 -53.32 -69.19
C ILE F 217 -36.45 -54.33 -68.28
N LEU F 218 -36.98 -55.54 -68.12
CA LEU F 218 -36.36 -56.59 -67.30
C LEU F 218 -35.84 -56.08 -65.95
N GLY F 219 -36.67 -55.33 -65.23
CA GLY F 219 -36.35 -54.73 -63.94
C GLY F 219 -35.60 -53.39 -63.99
N ARG F 220 -34.80 -53.11 -65.03
CA ARG F 220 -33.96 -51.91 -65.09
C ARG F 220 -34.74 -50.73 -65.66
N PRO F 221 -34.73 -49.54 -65.05
CA PRO F 221 -35.46 -48.40 -65.55
C PRO F 221 -34.85 -47.83 -66.82
N THR F 222 -35.70 -47.32 -67.71
CA THR F 222 -35.34 -46.71 -68.99
C THR F 222 -35.51 -45.21 -68.90
N ILE F 223 -34.57 -44.43 -69.41
CA ILE F 223 -34.69 -42.97 -69.47
C ILE F 223 -34.33 -42.43 -70.86
N LEU F 224 -34.97 -41.33 -71.28
CA LEU F 224 -35.03 -40.89 -72.67
C LEU F 224 -34.38 -39.53 -72.89
N SER F 225 -33.95 -39.25 -74.11
CA SER F 225 -33.38 -37.96 -74.50
C SER F 225 -33.67 -37.60 -75.95
N ASP F 226 -33.70 -36.30 -76.23
CA ASP F 226 -33.72 -35.73 -77.58
C ASP F 226 -32.38 -35.91 -78.34
N HIS F 227 -31.26 -36.13 -77.63
CA HIS F 227 -29.94 -35.79 -78.13
C HIS F 227 -28.81 -36.73 -77.65
N VAL F 228 -29.13 -37.97 -77.34
CA VAL F 228 -28.12 -38.96 -76.95
C VAL F 228 -27.35 -39.50 -78.15
N ALA F 229 -27.94 -39.54 -79.34
CA ALA F 229 -27.27 -40.06 -80.52
C ALA F 229 -26.37 -39.01 -81.17
N GLU F 230 -25.07 -39.27 -81.26
CA GLU F 230 -24.09 -38.45 -81.99
C GLU F 230 -23.17 -39.33 -82.85
N GLY F 231 -23.72 -40.40 -83.39
CA GLY F 231 -23.05 -41.37 -84.23
C GLY F 231 -23.95 -42.59 -84.43
N ASP F 232 -23.37 -43.75 -84.71
CA ASP F 232 -24.12 -45.01 -84.72
C ASP F 232 -24.66 -45.39 -83.33
N VAL F 233 -24.10 -44.82 -82.26
CA VAL F 233 -24.53 -45.06 -80.89
C VAL F 233 -25.87 -44.38 -80.65
N VAL F 234 -26.94 -45.16 -80.54
CA VAL F 234 -28.29 -44.66 -80.28
C VAL F 234 -28.67 -44.65 -78.81
N GLY F 235 -27.86 -45.24 -77.96
CA GLY F 235 -28.09 -45.29 -76.52
C GLY F 235 -27.09 -46.15 -75.78
N TYR F 236 -27.32 -46.36 -74.49
CA TYR F 236 -26.41 -47.09 -73.62
C TYR F 236 -27.16 -47.96 -72.61
N ALA F 237 -26.52 -49.03 -72.19
CA ALA F 237 -26.92 -49.86 -71.06
C ALA F 237 -25.70 -50.04 -70.17
N GLY F 238 -25.83 -49.95 -68.86
CA GLY F 238 -24.66 -50.10 -68.01
C GLY F 238 -24.95 -49.86 -66.55
N ASP F 239 -23.89 -49.71 -65.77
CA ASP F 239 -23.99 -49.32 -64.37
C ASP F 239 -23.92 -47.80 -64.21
N PHE F 240 -25.05 -47.12 -64.37
CA PHE F 240 -25.10 -45.67 -64.21
C PHE F 240 -24.88 -45.18 -62.76
N SER F 241 -24.53 -46.05 -61.81
CA SER F 241 -23.96 -45.59 -60.53
C SER F 241 -22.50 -45.15 -60.69
N GLN F 242 -21.79 -45.61 -61.72
CA GLN F 242 -20.36 -45.37 -61.92
C GLN F 242 -20.03 -43.96 -62.41
N ILE F 243 -21.02 -43.11 -62.68
CA ILE F 243 -20.80 -41.73 -63.14
C ILE F 243 -21.03 -40.81 -61.95
N ILE F 244 -20.08 -39.95 -61.61
CA ILE F 244 -20.28 -38.90 -60.61
C ILE F 244 -19.88 -37.56 -61.19
N TRP F 245 -20.55 -36.49 -60.75
CA TRP F 245 -20.30 -35.14 -61.26
C TRP F 245 -20.53 -34.08 -60.22
N GLY F 246 -19.94 -32.90 -60.42
CA GLY F 246 -20.06 -31.80 -59.46
C GLY F 246 -19.93 -30.45 -60.13
N GLN F 247 -20.46 -29.42 -59.49
CA GLN F 247 -20.42 -28.05 -59.96
C GLN F 247 -19.87 -27.14 -58.87
N VAL F 248 -18.85 -26.34 -59.18
CA VAL F 248 -18.37 -25.30 -58.27
C VAL F 248 -19.35 -24.14 -58.33
N GLY F 249 -19.92 -23.75 -57.20
CA GLY F 249 -20.85 -22.63 -57.12
C GLY F 249 -22.11 -22.85 -57.96
N GLY F 250 -22.25 -22.08 -59.05
CA GLY F 250 -23.39 -22.14 -59.95
C GLY F 250 -23.15 -21.30 -61.22
N LEU F 251 -24.05 -21.40 -62.19
CA LEU F 251 -23.97 -20.62 -63.43
C LEU F 251 -24.09 -19.15 -63.11
N SER F 252 -23.07 -18.37 -63.43
CA SER F 252 -22.93 -16.98 -63.01
C SER F 252 -22.94 -16.02 -64.19
N PHE F 253 -23.71 -14.95 -64.08
CA PHE F 253 -23.72 -13.85 -65.03
C PHE F 253 -23.05 -12.63 -64.41
N ASP F 254 -22.07 -12.08 -65.10
CA ASP F 254 -21.36 -10.87 -64.69
C ASP F 254 -21.55 -9.81 -65.78
N VAL F 255 -22.19 -8.70 -65.45
CA VAL F 255 -22.49 -7.62 -66.42
C VAL F 255 -21.58 -6.45 -66.14
N THR F 256 -20.84 -5.97 -67.14
CA THR F 256 -19.98 -4.80 -66.94
C THR F 256 -19.75 -4.03 -68.22
N ASP F 257 -19.51 -2.73 -68.09
CA ASP F 257 -18.92 -1.90 -69.14
C ASP F 257 -17.50 -1.44 -68.78
N GLN F 258 -16.91 -1.90 -67.68
CA GLN F 258 -15.64 -1.34 -67.23
C GLN F 258 -14.43 -1.88 -68.01
N ALA F 259 -14.38 -3.20 -68.24
CA ALA F 259 -13.21 -3.86 -68.83
C ALA F 259 -13.02 -3.56 -70.32
N THR F 260 -11.83 -3.85 -70.87
CA THR F 260 -11.65 -3.98 -72.33
C THR F 260 -12.00 -5.37 -72.82
N LEU F 261 -12.25 -5.53 -74.11
CA LEU F 261 -12.27 -6.83 -74.78
C LEU F 261 -11.39 -6.78 -76.03
N ASN F 262 -10.72 -7.88 -76.36
CA ASN F 262 -10.03 -8.03 -77.64
C ASN F 262 -11.00 -8.57 -78.68
N LEU F 263 -11.46 -7.73 -79.61
CA LEU F 263 -12.38 -8.14 -80.68
C LEU F 263 -11.67 -8.93 -81.79
N GLY F 264 -10.34 -8.94 -81.80
CA GLY F 264 -9.52 -9.63 -82.80
C GLY F 264 -9.18 -11.05 -82.40
N SER F 265 -7.89 -11.37 -82.38
CA SER F 265 -7.33 -12.64 -81.89
C SER F 265 -6.04 -12.39 -81.11
N GLN F 266 -5.48 -13.39 -80.44
CA GLN F 266 -4.18 -13.25 -79.80
C GLN F 266 -3.03 -12.98 -80.80
N GLU F 267 -3.13 -13.50 -82.03
CA GLU F 267 -2.17 -13.22 -83.12
C GLU F 267 -2.40 -11.88 -83.81
N SER F 268 -3.62 -11.34 -83.74
CA SER F 268 -4.04 -10.08 -84.39
C SER F 268 -4.95 -9.26 -83.46
N PRO F 269 -4.40 -8.68 -82.39
CA PRO F 269 -5.19 -8.02 -81.37
C PRO F 269 -5.84 -6.74 -81.90
N ASN F 270 -7.05 -6.48 -81.42
CA ASN F 270 -7.88 -5.34 -81.77
C ASN F 270 -8.75 -5.01 -80.55
N PHE F 271 -8.14 -4.39 -79.55
CA PHE F 271 -8.83 -4.07 -78.30
C PHE F 271 -9.85 -2.94 -78.47
N VAL F 272 -10.90 -3.02 -77.68
CA VAL F 272 -11.94 -2.00 -77.53
C VAL F 272 -12.16 -1.76 -76.05
N SER F 273 -12.29 -0.50 -75.62
CA SER F 273 -12.76 -0.18 -74.28
C SER F 273 -14.29 -0.16 -74.25
N LEU F 274 -14.92 -1.01 -73.44
CA LEU F 274 -16.38 -1.03 -73.37
C LEU F 274 -16.92 0.32 -72.89
N TRP F 275 -16.35 0.87 -71.83
CA TRP F 275 -16.76 2.15 -71.25
C TRP F 275 -16.73 3.28 -72.25
N GLN F 276 -15.67 3.39 -73.04
CA GLN F 276 -15.47 4.52 -73.94
C GLN F 276 -16.23 4.38 -75.25
N HIS F 277 -16.55 3.17 -75.67
CA HIS F 277 -17.37 2.92 -76.86
C HIS F 277 -18.85 2.69 -76.53
N ASN F 278 -19.27 2.90 -75.28
CA ASN F 278 -20.65 2.71 -74.82
C ASN F 278 -21.16 1.29 -75.00
N LEU F 279 -20.28 0.32 -75.16
CA LEU F 279 -20.66 -1.08 -75.19
C LEU F 279 -20.78 -1.58 -73.75
N VAL F 280 -21.56 -2.63 -73.54
CA VAL F 280 -21.67 -3.35 -72.28
C VAL F 280 -21.65 -4.84 -72.55
N ALA F 281 -20.89 -5.59 -71.77
CA ALA F 281 -20.66 -7.00 -71.97
C ALA F 281 -21.29 -7.82 -70.86
N VAL F 282 -21.96 -8.90 -71.23
CA VAL F 282 -22.42 -9.91 -70.31
C VAL F 282 -21.45 -11.07 -70.42
N ARG F 283 -20.83 -11.44 -69.31
CA ARG F 283 -19.85 -12.51 -69.20
C ARG F 283 -20.49 -13.68 -68.46
N VAL F 284 -20.40 -14.88 -69.02
CA VAL F 284 -21.08 -16.05 -68.50
C VAL F 284 -20.06 -17.12 -68.15
N GLU F 285 -20.06 -17.61 -66.91
CA GLU F 285 -19.04 -18.53 -66.42
C GLU F 285 -19.67 -19.63 -65.55
N ALA F 286 -19.22 -20.87 -65.73
CA ALA F 286 -19.61 -22.04 -64.93
C ALA F 286 -18.47 -23.06 -64.88
N GLU F 287 -18.46 -23.93 -63.86
CA GLU F 287 -17.29 -24.75 -63.55
C GLU F 287 -17.69 -26.13 -63.03
N TYR F 288 -17.34 -27.19 -63.75
CA TYR F 288 -17.83 -28.55 -63.55
C TYR F 288 -16.71 -29.57 -63.44
N GLY F 289 -16.91 -30.67 -62.72
CA GLY F 289 -16.04 -31.84 -62.72
C GLY F 289 -16.83 -33.12 -62.98
N LEU F 290 -16.21 -34.12 -63.60
CA LEU F 290 -16.87 -35.34 -64.06
C LEU F 290 -15.91 -36.51 -64.01
N LEU F 291 -16.35 -37.63 -63.43
CA LEU F 291 -15.61 -38.89 -63.43
C LEU F 291 -16.55 -40.02 -63.81
N ILE F 292 -16.15 -40.87 -64.75
CA ILE F 292 -16.75 -42.17 -64.96
C ILE F 292 -15.76 -43.18 -64.43
N ASN F 293 -16.11 -43.90 -63.37
CA ASN F 293 -15.16 -44.71 -62.63
C ASN F 293 -14.52 -45.82 -63.46
N ASP F 294 -15.27 -46.39 -64.40
CA ASP F 294 -14.81 -47.41 -65.34
C ASP F 294 -15.68 -47.40 -66.60
N VAL F 295 -15.17 -46.89 -67.71
CA VAL F 295 -15.94 -46.79 -68.97
C VAL F 295 -16.33 -48.16 -69.52
N ASN F 296 -15.67 -49.26 -69.16
CA ASN F 296 -16.07 -50.58 -69.62
C ASN F 296 -17.27 -51.16 -68.85
N ALA F 297 -17.83 -50.44 -67.89
CA ALA F 297 -19.10 -50.80 -67.26
C ALA F 297 -20.34 -50.41 -68.10
N PHE F 298 -20.16 -50.06 -69.37
CA PHE F 298 -21.23 -49.60 -70.26
C PHE F 298 -21.17 -50.31 -71.61
N VAL F 299 -22.31 -50.59 -72.21
CA VAL F 299 -22.46 -51.11 -73.58
C VAL F 299 -23.03 -50.01 -74.46
N LYS F 300 -22.39 -49.70 -75.58
CA LYS F 300 -22.92 -48.81 -76.61
C LYS F 300 -23.95 -49.54 -77.46
N LEU F 301 -25.18 -49.05 -77.53
CA LEU F 301 -26.24 -49.64 -78.35
C LEU F 301 -26.23 -49.05 -79.74
N THR F 302 -26.38 -49.86 -80.79
CA THR F 302 -26.35 -49.39 -82.18
C THR F 302 -27.34 -50.14 -83.06
N PHE F 303 -27.50 -49.72 -84.32
CA PHE F 303 -28.28 -50.43 -85.32
C PHE F 303 -27.44 -51.31 -86.28
N ASP F 304 -26.27 -51.79 -85.88
CA ASP F 304 -25.42 -52.62 -86.77
C ASP F 304 -26.18 -53.85 -87.31
N PRO F 305 -25.95 -54.25 -88.57
CA PRO F 305 -26.56 -55.44 -89.16
C PRO F 305 -25.94 -56.74 -88.63
N VAL F 306 -26.50 -57.89 -89.03
CA VAL F 306 -25.98 -59.22 -88.67
C VAL F 306 -24.70 -59.59 -89.45
N LEU F 307 -23.58 -58.98 -89.07
CA LEU F 307 -22.27 -59.26 -89.68
C LEU F 307 -21.92 -60.75 -89.59
N THR F 308 -21.56 -61.35 -90.72
CA THR F 308 -21.26 -62.78 -90.87
C THR F 308 -19.86 -62.95 -91.47
N THR F 309 -19.12 -63.99 -91.03
CA THR F 309 -17.74 -64.22 -91.49
C THR F 309 -17.66 -65.41 -92.43
N TYR F 310 -17.09 -65.21 -93.62
CA TYR F 310 -16.95 -66.22 -94.66
C TYR F 310 -15.48 -66.49 -94.99
N ALA F 311 -15.15 -67.75 -95.25
CA ALA F 311 -13.92 -68.14 -95.91
C ALA F 311 -14.18 -68.31 -97.41
N LEU F 312 -13.46 -67.56 -98.25
CA LEU F 312 -13.51 -67.59 -99.71
C LEU F 312 -12.16 -68.07 -100.26
N ASP F 313 -12.17 -69.14 -101.03
CA ASP F 313 -10.97 -69.81 -101.51
C ASP F 313 -11.05 -70.03 -103.03
N LEU F 314 -10.00 -69.69 -103.77
CA LEU F 314 -9.92 -69.79 -105.22
C LEU F 314 -9.12 -71.02 -105.68
N ASP F 315 -8.82 -71.97 -104.79
CA ASP F 315 -8.12 -73.23 -105.10
C ASP F 315 -6.78 -73.05 -105.86
N GLY F 316 -6.03 -72.03 -105.49
CA GLY F 316 -4.72 -71.74 -106.10
C GLY F 316 -4.78 -71.30 -107.56
N ALA F 317 -5.90 -70.73 -108.02
CA ALA F 317 -6.06 -70.20 -109.36
C ALA F 317 -4.90 -69.27 -109.80
N SER F 318 -4.56 -69.32 -111.08
CA SER F 318 -3.47 -68.55 -111.70
C SER F 318 -3.93 -67.62 -112.83
N ALA F 319 -5.19 -67.73 -113.25
CA ALA F 319 -5.81 -66.93 -114.29
C ALA F 319 -7.35 -66.99 -114.20
N GLY F 320 -8.04 -66.20 -115.03
CA GLY F 320 -9.50 -66.07 -114.99
C GLY F 320 -9.98 -65.09 -113.92
N ASN F 321 -11.29 -65.01 -113.73
CA ASN F 321 -11.93 -64.03 -112.85
C ASN F 321 -13.27 -64.55 -112.30
N PHE F 322 -13.77 -63.92 -111.23
CA PHE F 322 -15.01 -64.33 -110.55
C PHE F 322 -15.86 -63.12 -110.16
N THR F 323 -17.12 -63.36 -109.80
CA THR F 323 -18.06 -62.32 -109.34
C THR F 323 -18.69 -62.71 -108.00
N LEU F 324 -19.04 -61.71 -107.20
CA LEU F 324 -19.66 -61.86 -105.88
C LEU F 324 -21.05 -61.22 -105.89
N SER F 325 -21.97 -61.77 -105.12
CA SER F 325 -23.35 -61.28 -105.04
C SER F 325 -23.86 -61.23 -103.61
N LEU F 326 -24.46 -60.10 -103.23
CA LEU F 326 -25.14 -59.89 -101.96
C LEU F 326 -26.65 -59.78 -102.22
N ASP F 327 -27.45 -60.59 -101.53
CA ASP F 327 -28.92 -60.52 -101.57
C ASP F 327 -29.53 -60.38 -102.99
N GLY F 328 -28.92 -61.05 -103.97
CA GLY F 328 -29.33 -61.06 -105.38
C GLY F 328 -28.68 -60.01 -106.28
N LYS F 329 -28.07 -58.95 -105.74
CA LYS F 329 -27.30 -57.95 -106.50
C LYS F 329 -25.86 -58.41 -106.68
N THR F 330 -25.18 -57.99 -107.75
CA THR F 330 -23.90 -58.60 -108.20
C THR F 330 -22.79 -57.57 -108.51
N SER F 331 -21.54 -57.92 -108.19
CA SER F 331 -20.33 -57.12 -108.41
C SER F 331 -19.88 -57.06 -109.88
N ALA F 332 -18.88 -56.23 -110.17
CA ALA F 332 -18.02 -56.42 -111.33
C ALA F 332 -17.14 -57.68 -111.21
N ASN F 333 -16.43 -58.05 -112.27
CA ASN F 333 -15.48 -59.16 -112.27
C ASN F 333 -14.20 -58.82 -111.48
N ILE F 334 -13.72 -59.76 -110.67
CA ILE F 334 -12.58 -59.63 -109.76
C ILE F 334 -11.46 -60.58 -110.18
N ALA F 335 -10.21 -60.11 -110.16
CA ALA F 335 -9.04 -60.89 -110.53
C ALA F 335 -8.73 -62.05 -109.56
N TYR F 336 -8.21 -63.15 -110.10
CA TYR F 336 -7.87 -64.38 -109.36
C TYR F 336 -6.90 -64.21 -108.18
N ASN F 337 -6.12 -63.13 -108.17
CA ASN F 337 -5.12 -62.80 -107.13
C ASN F 337 -5.30 -61.39 -106.54
N ALA F 338 -6.53 -60.87 -106.53
CA ALA F 338 -6.83 -59.51 -106.09
C ALA F 338 -6.39 -59.21 -104.64
N SER F 339 -5.89 -58.00 -104.39
CA SER F 339 -5.50 -57.53 -103.05
C SER F 339 -6.71 -57.31 -102.12
N THR F 340 -6.46 -57.18 -100.82
CA THR F 340 -7.50 -56.92 -99.81
C THR F 340 -8.36 -55.70 -100.15
N ALA F 341 -7.75 -54.55 -100.45
CA ALA F 341 -8.48 -53.34 -100.83
C ALA F 341 -9.20 -53.49 -102.18
N THR F 342 -8.64 -54.26 -103.11
CA THR F 342 -9.28 -54.54 -104.41
C THR F 342 -10.57 -55.36 -104.24
N VAL F 343 -10.55 -56.39 -103.39
CA VAL F 343 -11.78 -57.14 -103.05
C VAL F 343 -12.75 -56.24 -102.29
N LYS F 344 -12.31 -55.54 -101.24
CA LYS F 344 -13.22 -54.72 -100.43
C LYS F 344 -13.91 -53.64 -101.27
N SER F 345 -13.17 -52.96 -102.14
CA SER F 345 -13.74 -51.92 -103.04
C SER F 345 -14.60 -52.49 -104.18
N ALA F 346 -14.50 -53.79 -104.52
CA ALA F 346 -15.50 -54.46 -105.36
C ALA F 346 -16.78 -54.77 -104.58
N ILE F 347 -16.68 -55.16 -103.32
CA ILE F 347 -17.80 -55.35 -102.40
C ILE F 347 -18.29 -53.99 -101.85
N VAL F 348 -18.76 -53.13 -102.76
CA VAL F 348 -19.37 -51.82 -102.45
C VAL F 348 -20.76 -51.68 -103.08
N ALA F 349 -20.97 -52.29 -104.26
CA ALA F 349 -22.28 -52.66 -104.81
C ALA F 349 -23.40 -51.60 -104.63
N ILE F 350 -23.31 -50.51 -105.39
CA ILE F 350 -24.27 -49.38 -105.33
C ILE F 350 -25.72 -49.77 -105.66
N ASP F 351 -25.93 -50.97 -106.22
CA ASP F 351 -27.26 -51.54 -106.49
C ASP F 351 -27.98 -52.03 -105.21
N ASP F 352 -27.32 -52.08 -104.04
CA ASP F 352 -27.99 -52.27 -102.74
C ASP F 352 -27.35 -51.54 -101.54
N GLY F 353 -26.14 -51.00 -101.67
CA GLY F 353 -25.67 -49.93 -100.79
C GLY F 353 -25.18 -50.33 -99.39
N VAL F 354 -24.63 -51.53 -99.21
CA VAL F 354 -23.75 -51.80 -98.06
C VAL F 354 -22.49 -50.94 -98.19
N SER F 355 -22.09 -50.22 -97.14
CA SER F 355 -20.98 -49.25 -97.24
C SER F 355 -19.61 -49.91 -97.10
N ALA F 356 -18.57 -49.23 -97.57
CA ALA F 356 -17.17 -49.68 -97.42
C ALA F 356 -16.70 -49.72 -95.94
N ASP F 357 -17.46 -49.11 -95.02
CA ASP F 357 -17.20 -49.15 -93.57
C ASP F 357 -17.87 -50.35 -92.88
N ASP F 358 -18.92 -50.92 -93.46
CA ASP F 358 -19.64 -52.09 -92.91
C ASP F 358 -18.91 -53.43 -93.12
N VAL F 359 -17.89 -53.46 -93.98
CA VAL F 359 -17.27 -54.67 -94.52
C VAL F 359 -15.77 -54.70 -94.24
N THR F 360 -15.19 -55.89 -94.05
CA THR F 360 -13.73 -56.04 -93.97
C THR F 360 -13.27 -57.28 -94.73
N VAL F 361 -12.03 -57.24 -95.22
CA VAL F 361 -11.38 -58.35 -95.92
C VAL F 361 -10.03 -58.62 -95.26
N THR F 362 -9.73 -59.89 -95.05
CA THR F 362 -8.53 -60.40 -94.37
C THR F 362 -8.05 -61.67 -95.07
N GLY F 363 -6.83 -62.13 -94.77
CA GLY F 363 -6.21 -63.25 -95.48
C GLY F 363 -5.31 -62.79 -96.62
N SER F 364 -5.43 -63.40 -97.80
CA SER F 364 -4.39 -63.38 -98.83
C SER F 364 -4.95 -63.51 -100.25
N ALA F 365 -4.15 -63.16 -101.26
CA ALA F 365 -4.52 -63.33 -102.66
C ALA F 365 -4.93 -64.79 -102.96
N GLY F 366 -6.16 -65.01 -103.41
CA GLY F 366 -6.74 -66.33 -103.69
C GLY F 366 -7.23 -67.13 -102.47
N ASP F 367 -7.09 -66.62 -101.23
CA ASP F 367 -7.55 -67.29 -100.00
C ASP F 367 -7.83 -66.25 -98.90
N TYR F 368 -9.11 -65.93 -98.71
CA TYR F 368 -9.62 -64.79 -97.95
C TYR F 368 -10.54 -65.19 -96.79
N THR F 369 -10.51 -64.41 -95.72
CA THR F 369 -11.55 -64.37 -94.68
C THR F 369 -12.22 -62.99 -94.71
N ILE F 370 -13.54 -62.95 -94.90
CA ILE F 370 -14.31 -61.73 -95.19
C ILE F 370 -15.42 -61.57 -94.16
N THR F 371 -15.66 -60.35 -93.67
CA THR F 371 -16.79 -60.04 -92.79
C THR F 371 -17.77 -59.11 -93.49
N VAL F 372 -19.03 -59.53 -93.65
CA VAL F 372 -20.05 -58.80 -94.43
C VAL F 372 -21.45 -59.09 -93.84
N PRO F 373 -22.41 -58.15 -93.89
CA PRO F 373 -23.79 -58.42 -93.51
C PRO F 373 -24.55 -59.19 -94.61
N GLY F 374 -25.76 -59.66 -94.29
CA GLY F 374 -26.65 -60.31 -95.26
C GLY F 374 -26.12 -61.64 -95.81
N THR F 375 -26.60 -62.05 -96.99
CA THR F 375 -26.06 -63.21 -97.71
C THR F 375 -24.84 -62.81 -98.55
N LEU F 376 -23.84 -63.67 -98.62
CA LEU F 376 -22.77 -63.60 -99.63
C LEU F 376 -22.76 -64.88 -100.45
N THR F 377 -22.74 -64.71 -101.77
CA THR F 377 -22.75 -65.76 -102.79
C THR F 377 -21.82 -65.37 -103.92
N ALA F 378 -21.48 -66.30 -104.81
CA ALA F 378 -20.47 -66.04 -105.86
C ALA F 378 -20.73 -66.86 -107.14
N ASP F 379 -20.19 -66.39 -108.27
CA ASP F 379 -20.04 -67.19 -109.48
C ASP F 379 -18.56 -67.25 -109.91
N PHE F 380 -18.02 -68.47 -109.95
CA PHE F 380 -16.63 -68.77 -110.31
C PHE F 380 -16.49 -69.26 -111.76
N SER F 381 -17.56 -69.26 -112.55
CA SER F 381 -17.54 -69.82 -113.93
C SER F 381 -16.62 -69.07 -114.91
N GLY F 382 -16.10 -67.90 -114.53
CA GLY F 382 -15.05 -67.18 -115.26
C GLY F 382 -13.62 -67.59 -114.91
N LEU F 383 -13.39 -68.52 -113.96
CA LEU F 383 -12.07 -69.08 -113.67
C LEU F 383 -11.64 -70.09 -114.75
N THR F 384 -10.44 -69.93 -115.27
CA THR F 384 -9.80 -70.91 -116.18
C THR F 384 -9.20 -72.10 -115.44
N ASP F 385 -8.84 -71.92 -114.18
CA ASP F 385 -8.16 -72.91 -113.33
C ASP F 385 -8.35 -72.53 -111.86
N GLY F 386 -8.12 -73.48 -110.94
CA GLY F 386 -8.57 -73.35 -109.55
C GLY F 386 -10.03 -73.79 -109.42
N GLU F 387 -10.42 -74.85 -110.11
CA GLU F 387 -11.80 -75.30 -110.26
C GLU F 387 -12.51 -75.71 -108.94
N GLY F 388 -11.76 -75.93 -107.85
CA GLY F 388 -12.28 -76.10 -106.51
C GLY F 388 -12.66 -74.79 -105.78
N ALA F 389 -12.69 -73.65 -106.49
CA ALA F 389 -13.05 -72.36 -105.91
C ALA F 389 -14.44 -72.39 -105.22
N SER F 390 -14.48 -71.94 -103.97
CA SER F 390 -15.62 -72.18 -103.08
C SER F 390 -15.65 -71.19 -101.90
N ILE F 391 -16.82 -71.06 -101.28
CA ILE F 391 -17.08 -70.11 -100.18
C ILE F 391 -18.04 -70.69 -99.12
N SER F 392 -17.80 -70.46 -97.84
CA SER F 392 -18.69 -70.89 -96.75
C SER F 392 -18.45 -70.12 -95.42
N VAL F 393 -19.40 -70.18 -94.49
CA VAL F 393 -19.34 -69.53 -93.15
C VAL F 393 -18.32 -70.20 -92.21
N VAL F 394 -17.69 -69.43 -91.30
CA VAL F 394 -16.66 -69.92 -90.36
C VAL F 394 -16.72 -69.28 -88.96
N SER F 395 -16.24 -69.99 -87.94
CA SER F 395 -15.96 -69.46 -86.60
C SER F 395 -14.57 -68.79 -86.52
N VAL F 396 -14.37 -67.87 -85.57
CA VAL F 396 -13.19 -66.97 -85.54
C VAL F 396 -12.62 -66.77 -84.13
N GLY F 397 -11.29 -66.66 -84.03
CA GLY F 397 -10.54 -66.50 -82.78
C GLY F 397 -9.03 -66.57 -82.98
N SER G 4 2.28 9.08 -61.95
CA SER G 4 1.63 8.49 -63.14
C SER G 4 2.12 9.20 -64.41
N ALA G 5 1.31 9.33 -65.47
CA ALA G 5 1.66 10.11 -66.66
C ALA G 5 1.55 11.62 -66.38
N ASP G 6 2.43 12.14 -65.54
CA ASP G 6 2.24 13.46 -64.90
C ASP G 6 2.32 14.64 -65.88
N HIS G 7 1.48 15.64 -65.63
CA HIS G 7 1.26 16.84 -66.46
C HIS G 7 0.76 16.55 -67.89
N SER G 8 0.23 15.35 -68.16
CA SER G 8 -0.26 14.97 -69.50
C SER G 8 -1.31 15.94 -70.03
N GLN G 9 -1.35 16.17 -71.34
CA GLN G 9 -2.38 17.00 -71.97
C GLN G 9 -3.80 16.47 -71.73
N ILE G 10 -3.94 15.17 -71.47
CA ILE G 10 -5.23 14.46 -71.50
C ILE G 10 -5.81 14.18 -70.10
N ALA G 11 -5.06 14.38 -69.00
CA ALA G 11 -5.54 14.16 -67.64
C ALA G 11 -5.08 15.26 -66.66
N GLN G 12 -5.76 15.45 -65.53
CA GLN G 12 -5.43 16.50 -64.55
C GLN G 12 -4.75 15.91 -63.29
N THR G 13 -3.53 16.32 -62.96
CA THR G 13 -2.58 15.53 -62.16
C THR G 13 -1.74 16.30 -61.12
N LYS G 14 -2.20 17.47 -60.65
CA LYS G 14 -1.32 18.55 -60.09
C LYS G 14 -0.33 19.06 -61.14
N ASP G 15 -0.93 19.39 -62.28
CA ASP G 15 -0.37 20.19 -63.36
C ASP G 15 -0.08 21.63 -62.87
N THR G 16 0.41 22.49 -63.75
CA THR G 16 0.70 23.90 -63.45
C THR G 16 -0.45 24.68 -62.78
N MET G 17 -1.71 24.44 -63.15
CA MET G 17 -2.85 25.24 -62.68
C MET G 17 -2.92 25.36 -61.16
N PHE G 18 -2.65 24.28 -60.45
CA PHE G 18 -2.82 24.22 -59.00
C PHE G 18 -1.58 24.65 -58.23
N THR G 19 -0.63 25.35 -58.85
CA THR G 19 0.52 25.92 -58.12
C THR G 19 0.08 26.85 -56.99
N GLY G 20 -0.98 27.64 -57.21
CA GLY G 20 -1.66 28.38 -56.15
C GLY G 20 -2.90 27.61 -55.68
N TYR G 21 -2.80 26.93 -54.54
CA TYR G 21 -3.88 26.13 -53.96
C TYR G 21 -3.75 26.06 -52.42
N LEU G 22 -4.88 25.98 -51.72
CA LEU G 22 -5.00 25.77 -50.28
C LEU G 22 -4.24 26.82 -49.43
N ASP G 23 -4.31 28.08 -49.84
CA ASP G 23 -3.67 29.25 -49.22
C ASP G 23 -4.63 30.48 -49.30
N PRO G 24 -4.22 31.73 -49.00
CA PRO G 24 -5.13 32.89 -49.07
C PRO G 24 -5.36 33.41 -50.52
N VAL G 25 -5.73 32.50 -51.43
CA VAL G 25 -6.18 32.80 -52.80
C VAL G 25 -7.46 33.62 -52.79
N GLN G 26 -7.59 34.57 -53.71
CA GLN G 26 -8.62 35.60 -53.66
C GLN G 26 -9.98 35.12 -54.17
N ALA G 27 -10.62 34.24 -53.39
CA ALA G 27 -11.96 33.71 -53.61
C ALA G 27 -12.16 33.18 -55.04
N LYS G 28 -13.38 33.21 -55.55
CA LYS G 28 -13.56 33.32 -56.99
C LYS G 28 -13.09 34.70 -57.44
N ASP G 29 -12.65 34.79 -58.69
CA ASP G 29 -12.23 36.07 -59.27
C ASP G 29 -13.39 37.00 -59.58
N TYR G 30 -13.06 38.24 -59.88
CA TYR G 30 -14.02 39.30 -60.12
C TYR G 30 -14.26 39.59 -61.61
N PHE G 31 -13.79 38.73 -62.51
CA PHE G 31 -13.69 39.04 -63.95
C PHE G 31 -14.29 38.01 -64.90
N ALA G 32 -14.53 36.78 -64.46
CA ALA G 32 -15.10 35.74 -65.31
C ALA G 32 -16.54 36.05 -65.72
N GLU G 33 -16.86 35.92 -67.01
CA GLU G 33 -18.21 36.09 -67.53
C GLU G 33 -19.10 34.87 -67.20
N ALA G 34 -20.40 35.08 -67.05
CA ALA G 34 -21.38 34.03 -66.85
C ALA G 34 -21.40 33.00 -68.00
N GLU G 35 -21.80 31.77 -67.72
CA GLU G 35 -21.86 30.71 -68.72
C GLU G 35 -22.88 31.03 -69.83
N LYS G 36 -22.50 30.81 -71.09
CA LYS G 36 -23.39 31.05 -72.23
C LYS G 36 -24.59 30.12 -72.20
N THR G 37 -25.79 30.70 -72.09
CA THR G 37 -27.06 29.98 -72.26
C THR G 37 -27.18 29.44 -73.69
N SER G 38 -27.93 28.35 -73.88
CA SER G 38 -28.39 28.00 -75.22
C SER G 38 -29.35 29.07 -75.76
N ILE G 39 -29.50 29.15 -77.09
CA ILE G 39 -30.43 30.07 -77.73
C ILE G 39 -31.58 29.36 -78.42
N VAL G 40 -31.35 28.39 -79.29
CA VAL G 40 -32.43 27.75 -80.06
C VAL G 40 -33.42 27.10 -79.11
N GLN G 41 -32.93 26.54 -78.02
CA GLN G 41 -33.74 25.94 -76.97
C GLN G 41 -34.70 26.91 -76.27
N ARG G 42 -34.61 28.23 -76.48
CA ARG G 42 -35.60 29.21 -75.99
C ARG G 42 -36.48 29.84 -77.07
N VAL G 43 -36.31 29.48 -78.35
CA VAL G 43 -37.14 30.02 -79.44
C VAL G 43 -37.89 28.97 -80.24
N ALA G 44 -37.33 27.78 -80.41
CA ALA G 44 -38.02 26.67 -81.06
C ALA G 44 -38.88 25.92 -80.06
N GLN G 45 -40.06 25.45 -80.45
CA GLN G 45 -40.89 24.64 -79.55
C GLN G 45 -40.23 23.29 -79.29
N LYS G 46 -40.18 22.86 -78.02
CA LYS G 46 -39.68 21.54 -77.66
C LYS G 46 -40.76 20.51 -77.95
N ILE G 47 -40.43 19.48 -78.70
CA ILE G 47 -41.33 18.39 -79.10
C ILE G 47 -40.91 17.10 -78.40
N PRO G 48 -41.82 16.31 -77.81
CA PRO G 48 -41.49 15.04 -77.20
C PRO G 48 -40.74 14.12 -78.19
N MET G 49 -39.58 13.62 -77.78
CA MET G 49 -38.73 12.77 -78.62
C MET G 49 -38.42 11.46 -77.89
N GLY G 50 -38.72 10.32 -78.51
CA GLY G 50 -38.32 9.01 -78.02
C GLY G 50 -36.98 8.57 -78.60
N ALA G 51 -36.29 7.63 -77.96
CA ALA G 51 -35.05 7.07 -78.51
C ALA G 51 -35.24 6.43 -79.90
N THR G 52 -36.46 6.05 -80.24
CA THR G 52 -36.89 5.55 -81.55
C THR G 52 -36.88 6.60 -82.64
N GLY G 53 -36.83 7.90 -82.30
CA GLY G 53 -37.23 8.95 -83.22
C GLY G 53 -38.75 9.01 -83.42
N ILE G 54 -39.22 9.94 -84.24
CA ILE G 54 -40.64 10.18 -84.48
C ILE G 54 -40.96 10.31 -85.97
N VAL G 55 -42.19 10.02 -86.34
CA VAL G 55 -42.76 10.23 -87.67
C VAL G 55 -43.67 11.45 -87.62
N ILE G 56 -43.43 12.43 -88.48
CA ILE G 56 -44.33 13.55 -88.67
C ILE G 56 -45.18 13.25 -89.90
N PRO G 57 -46.51 13.13 -89.78
CA PRO G 57 -47.40 13.06 -90.91
C PRO G 57 -47.62 14.46 -91.49
N HIS G 58 -48.07 14.53 -92.75
CA HIS G 58 -48.40 15.77 -93.43
C HIS G 58 -49.48 15.54 -94.48
N TRP G 59 -50.56 16.31 -94.45
CA TRP G 59 -51.50 16.30 -95.57
C TRP G 59 -50.86 16.94 -96.80
N THR G 60 -51.29 16.56 -98.00
CA THR G 60 -50.78 17.20 -99.23
C THR G 60 -51.77 17.24 -100.39
N GLY G 61 -52.75 16.33 -100.43
CA GLY G 61 -53.60 16.17 -101.60
C GLY G 61 -54.41 17.40 -102.00
N ASP G 62 -54.35 17.74 -103.28
CA ASP G 62 -55.08 18.85 -103.90
C ASP G 62 -56.52 18.44 -104.25
N VAL G 63 -57.27 18.05 -103.23
CA VAL G 63 -58.69 17.68 -103.37
C VAL G 63 -59.52 18.88 -103.80
N SER G 64 -60.50 18.68 -104.68
CA SER G 64 -61.22 19.79 -105.33
C SER G 64 -62.68 19.46 -105.71
N ALA G 65 -63.45 20.50 -106.02
CA ALA G 65 -64.85 20.43 -106.43
C ALA G 65 -65.07 21.28 -107.68
N GLN G 66 -66.11 20.99 -108.47
CA GLN G 66 -66.37 21.72 -109.71
C GLN G 66 -67.79 22.27 -109.74
N TRP G 67 -67.96 23.45 -110.32
CA TRP G 67 -69.30 23.94 -110.63
C TRP G 67 -69.91 23.07 -111.71
N ILE G 68 -71.20 22.78 -111.61
CA ILE G 68 -71.92 21.91 -112.56
C ILE G 68 -73.31 22.49 -112.87
N GLY G 69 -73.83 22.24 -114.07
CA GLY G 69 -75.21 22.53 -114.40
C GLY G 69 -76.16 21.48 -113.81
N GLU G 70 -77.47 21.71 -113.91
CA GLU G 70 -78.43 20.66 -113.57
C GLU G 70 -78.29 19.47 -114.53
N GLY G 71 -78.23 18.26 -113.99
CA GLY G 71 -78.13 17.03 -114.77
C GLY G 71 -76.73 16.72 -115.31
N ASP G 72 -75.73 17.56 -115.10
CA ASP G 72 -74.33 17.18 -115.36
C ASP G 72 -73.88 16.15 -114.33
N MET G 73 -73.28 15.04 -114.75
CA MET G 73 -72.88 14.00 -113.82
C MET G 73 -71.63 14.41 -113.03
N LYS G 74 -71.68 14.23 -111.71
CA LYS G 74 -70.76 14.83 -110.72
C LYS G 74 -69.35 14.23 -110.79
N PRO G 75 -68.28 15.01 -110.60
CA PRO G 75 -66.89 14.57 -110.76
C PRO G 75 -66.38 13.78 -109.56
N ILE G 76 -65.26 13.05 -109.72
CA ILE G 76 -64.63 12.21 -108.68
C ILE G 76 -63.26 12.76 -108.29
N THR G 77 -62.88 12.68 -107.01
CA THR G 77 -61.61 13.20 -106.49
C THR G 77 -60.97 12.32 -105.41
N LYS G 78 -59.66 12.46 -105.17
CA LYS G 78 -58.89 11.69 -104.15
C LYS G 78 -57.98 12.62 -103.36
N GLY G 79 -57.96 12.51 -102.04
CA GLY G 79 -57.01 13.21 -101.18
C GLY G 79 -55.60 12.61 -101.26
N ASN G 80 -54.66 13.12 -100.47
CA ASN G 80 -53.34 12.50 -100.34
C ASN G 80 -52.63 12.94 -99.07
N MET G 81 -51.70 12.12 -98.59
CA MET G 81 -50.93 12.31 -97.37
C MET G 81 -49.48 11.89 -97.61
N THR G 82 -48.56 12.35 -96.78
CA THR G 82 -47.17 11.90 -96.81
C THR G 82 -46.56 11.98 -95.41
N LYS G 83 -45.39 11.41 -95.20
CA LYS G 83 -44.73 11.29 -93.89
C LYS G 83 -43.25 11.58 -93.97
N ARG G 84 -42.68 12.08 -92.89
CA ARG G 84 -41.25 12.36 -92.76
C ARG G 84 -40.74 11.90 -91.40
N ASP G 85 -39.59 11.25 -91.36
CA ASP G 85 -39.01 10.73 -90.12
C ASP G 85 -37.98 11.70 -89.54
N VAL G 86 -37.84 11.71 -88.22
CA VAL G 86 -36.82 12.47 -87.48
C VAL G 86 -36.15 11.54 -86.46
N HIS G 87 -34.84 11.60 -86.34
CA HIS G 87 -34.06 10.79 -85.40
C HIS G 87 -33.21 11.66 -84.47
N PRO G 88 -32.95 11.20 -83.24
CA PRO G 88 -31.98 11.84 -82.36
C PRO G 88 -30.54 11.57 -82.80
N ALA G 89 -29.59 12.32 -82.27
CA ALA G 89 -28.15 12.11 -82.41
C ALA G 89 -27.43 12.41 -81.10
N LYS G 90 -26.37 11.67 -80.76
CA LYS G 90 -25.68 11.84 -79.49
C LYS G 90 -24.56 12.86 -79.58
N ILE G 91 -24.33 13.60 -78.51
CA ILE G 91 -23.13 14.40 -78.29
C ILE G 91 -22.53 14.02 -76.96
N ALA G 92 -21.20 13.94 -76.88
CA ALA G 92 -20.52 13.37 -75.72
C ALA G 92 -19.10 13.90 -75.51
N THR G 93 -18.60 13.67 -74.29
CA THR G 93 -17.21 13.96 -73.92
C THR G 93 -16.81 13.19 -72.67
N ILE G 94 -15.51 13.08 -72.41
CA ILE G 94 -14.94 12.46 -71.21
C ILE G 94 -13.88 13.41 -70.65
N PHE G 95 -13.73 13.49 -69.34
CA PHE G 95 -12.59 14.17 -68.71
C PHE G 95 -12.05 13.35 -67.55
N VAL G 96 -10.76 13.51 -67.26
CA VAL G 96 -9.99 12.58 -66.42
C VAL G 96 -9.12 13.33 -65.41
N ALA G 97 -9.08 12.88 -64.17
CA ALA G 97 -8.22 13.45 -63.14
C ALA G 97 -7.69 12.39 -62.17
N SER G 98 -6.53 12.61 -61.57
CA SER G 98 -5.98 11.73 -60.53
C SER G 98 -6.97 11.59 -59.36
N ALA G 99 -7.10 10.39 -58.78
CA ALA G 99 -8.06 10.17 -57.71
C ALA G 99 -7.87 11.12 -56.52
N GLU G 100 -6.61 11.42 -56.16
CA GLU G 100 -6.36 12.39 -55.09
C GLU G 100 -6.70 13.83 -55.53
N THR G 101 -6.57 14.17 -56.82
CA THR G 101 -7.11 15.43 -57.34
C THR G 101 -8.63 15.49 -57.11
N VAL G 102 -9.35 14.39 -57.31
CA VAL G 102 -10.80 14.33 -57.03
C VAL G 102 -11.09 14.49 -55.54
N ARG G 103 -10.26 13.92 -54.65
CA ARG G 103 -10.42 14.11 -53.19
C ARG G 103 -10.17 15.56 -52.78
N ALA G 104 -9.12 16.17 -53.31
CA ALA G 104 -8.78 17.57 -53.05
C ALA G 104 -9.81 18.55 -53.64
N ASN G 105 -10.26 18.29 -54.86
CA ASN G 105 -11.09 19.15 -55.69
C ASN G 105 -10.58 20.61 -55.70
N PRO G 106 -9.33 20.84 -56.13
CA PRO G 106 -8.70 22.16 -56.09
C PRO G 106 -9.46 23.13 -56.99
N ALA G 107 -9.63 24.37 -56.55
CA ALA G 107 -10.42 25.39 -57.27
C ALA G 107 -11.80 24.88 -57.73
N ASN G 108 -12.39 23.96 -56.95
CA ASN G 108 -13.59 23.19 -57.26
C ASN G 108 -13.64 22.58 -58.67
N TYR G 109 -12.49 22.28 -59.27
CA TYR G 109 -12.36 21.86 -60.67
C TYR G 109 -13.33 20.75 -61.08
N LEU G 110 -13.47 19.67 -60.32
CA LEU G 110 -14.37 18.57 -60.72
C LEU G 110 -15.85 18.98 -60.68
N GLY G 111 -16.20 20.00 -59.91
CA GLY G 111 -17.52 20.63 -59.96
C GLY G 111 -17.62 21.60 -61.13
N THR G 112 -16.68 22.54 -61.23
CA THR G 112 -16.61 23.51 -62.32
C THR G 112 -16.65 22.84 -63.68
N MET G 113 -15.91 21.75 -63.88
CA MET G 113 -15.87 21.05 -65.15
C MET G 113 -17.27 20.60 -65.61
N ARG G 114 -18.11 20.12 -64.68
CA ARG G 114 -19.48 19.70 -65.01
C ARG G 114 -20.31 20.86 -65.56
N THR G 115 -20.08 22.09 -65.09
CA THR G 115 -20.72 23.26 -65.70
C THR G 115 -20.11 23.59 -67.06
N LYS G 116 -18.78 23.52 -67.20
CA LYS G 116 -18.11 23.88 -68.46
C LYS G 116 -18.49 22.93 -69.59
N VAL G 117 -18.51 21.62 -69.36
CA VAL G 117 -18.95 20.68 -70.39
C VAL G 117 -20.41 20.90 -70.74
N ALA G 118 -21.28 21.21 -69.78
CA ALA G 118 -22.67 21.49 -70.08
C ALA G 118 -22.79 22.68 -71.03
N THR G 119 -22.06 23.76 -70.78
CA THR G 119 -22.01 24.90 -71.71
C THR G 119 -21.51 24.49 -73.08
N ALA G 120 -20.42 23.71 -73.17
CA ALA G 120 -19.90 23.29 -74.46
C ALA G 120 -20.92 22.46 -75.24
N ILE G 121 -21.63 21.58 -74.56
CA ILE G 121 -22.66 20.73 -75.17
C ILE G 121 -23.85 21.57 -75.62
N ALA G 122 -24.28 22.54 -74.83
CA ALA G 122 -25.32 23.46 -75.25
C ALA G 122 -24.89 24.26 -76.49
N MET G 123 -23.69 24.84 -76.46
CA MET G 123 -23.13 25.59 -77.57
C MET G 123 -23.03 24.76 -78.85
N ALA G 124 -22.64 23.51 -78.74
CA ALA G 124 -22.57 22.63 -79.89
C ALA G 124 -23.94 22.42 -80.52
N PHE G 125 -25.02 22.34 -79.74
CA PHE G 125 -26.36 22.26 -80.31
C PHE G 125 -26.71 23.52 -81.08
N ASP G 126 -26.50 24.70 -80.50
CA ASP G 126 -26.80 25.95 -81.19
C ASP G 126 -25.96 26.13 -82.45
N ASN G 127 -24.67 25.82 -82.43
CA ASN G 127 -23.86 25.88 -83.64
C ASN G 127 -24.35 24.91 -84.71
N ALA G 128 -24.79 23.72 -84.31
CA ALA G 128 -25.34 22.75 -85.24
C ALA G 128 -26.67 23.22 -85.84
N ALA G 129 -27.47 23.98 -85.10
CA ALA G 129 -28.73 24.49 -85.59
C ALA G 129 -28.56 25.78 -86.41
N LEU G 130 -27.75 26.73 -85.96
CA LEU G 130 -27.62 28.03 -86.61
C LEU G 130 -26.78 27.93 -87.87
N HIS G 131 -25.50 27.61 -87.72
CA HIS G 131 -24.54 27.65 -88.83
C HIS G 131 -24.22 26.27 -89.39
N GLY G 132 -24.62 25.19 -88.73
CA GLY G 132 -24.43 23.83 -89.19
C GLY G 132 -23.00 23.28 -89.02
N THR G 133 -22.17 23.90 -88.18
CA THR G 133 -20.70 23.76 -88.25
C THR G 133 -20.18 22.32 -88.22
N ASN G 134 -20.79 21.45 -87.41
CA ASN G 134 -20.39 20.06 -87.26
C ASN G 134 -21.61 19.13 -87.20
N ALA G 135 -22.75 19.59 -87.71
CA ALA G 135 -24.03 18.97 -87.39
C ALA G 135 -24.04 17.48 -87.75
N PRO G 136 -24.59 16.61 -86.89
CA PRO G 136 -24.69 15.20 -87.20
C PRO G 136 -25.64 15.00 -88.37
N SER G 137 -25.44 13.96 -89.15
CA SER G 137 -26.22 13.72 -90.36
C SER G 137 -27.72 13.63 -90.11
N ALA G 138 -28.14 13.22 -88.92
CA ALA G 138 -29.55 13.14 -88.55
C ALA G 138 -30.26 14.51 -88.43
N PHE G 139 -29.55 15.61 -88.19
CA PHE G 139 -30.19 16.92 -88.10
C PHE G 139 -30.60 17.39 -89.49
N GLN G 140 -31.86 17.78 -89.65
CA GLN G 140 -32.40 18.19 -90.95
C GLN G 140 -32.51 19.71 -91.01
N GLY G 141 -31.65 20.33 -91.82
CA GLY G 141 -31.58 21.77 -92.01
C GLY G 141 -30.83 22.53 -90.91
N TYR G 142 -30.34 23.73 -91.25
CA TYR G 142 -29.75 24.69 -90.31
C TYR G 142 -30.01 26.11 -90.82
N LEU G 143 -30.05 27.12 -89.95
CA LEU G 143 -30.60 28.43 -90.32
C LEU G 143 -29.83 29.09 -91.46
N ASP G 144 -28.50 29.02 -91.45
CA ASP G 144 -27.67 29.62 -92.50
C ASP G 144 -27.91 29.03 -93.89
N GLN G 145 -28.55 27.88 -93.99
CA GLN G 145 -28.88 27.24 -95.25
C GLN G 145 -29.98 27.96 -96.03
N SER G 146 -30.58 29.01 -95.46
CA SER G 146 -31.60 29.81 -96.15
C SER G 146 -31.07 30.44 -97.43
N ASN G 147 -31.92 30.54 -98.46
CA ASN G 147 -31.62 31.22 -99.71
C ASN G 147 -31.92 32.74 -99.69
N LYS G 148 -32.10 33.38 -98.54
CA LYS G 148 -32.45 34.81 -98.42
C LYS G 148 -31.50 35.58 -97.52
N THR G 149 -31.23 36.83 -97.85
CA THR G 149 -30.39 37.72 -97.02
C THR G 149 -30.83 39.17 -97.13
N GLN G 150 -30.53 39.97 -96.13
CA GLN G 150 -30.87 41.39 -96.06
C GLN G 150 -29.78 42.18 -95.33
N SER G 151 -29.51 43.40 -95.77
CA SER G 151 -28.62 44.32 -95.06
C SER G 151 -29.39 45.22 -94.11
N ILE G 152 -28.79 45.65 -93.00
CA ILE G 152 -29.43 46.53 -92.00
C ILE G 152 -28.62 47.78 -91.67
N SER G 153 -27.58 48.11 -92.43
CA SER G 153 -26.53 49.04 -91.98
C SER G 153 -26.97 50.49 -91.78
N PRO G 154 -27.63 51.15 -92.75
CA PRO G 154 -27.90 52.57 -92.64
C PRO G 154 -28.90 52.86 -91.51
N ASN G 155 -29.99 52.08 -91.47
CA ASN G 155 -30.89 52.00 -90.34
C ASN G 155 -31.61 50.65 -90.36
N ALA G 156 -31.94 50.11 -89.19
CA ALA G 156 -32.63 48.84 -89.10
C ALA G 156 -34.08 48.92 -89.59
N TYR G 157 -34.77 50.04 -89.45
CA TYR G 157 -36.21 50.07 -89.72
C TYR G 157 -36.52 49.73 -91.17
N GLN G 158 -35.87 50.39 -92.12
CA GLN G 158 -36.00 50.05 -93.54
C GLN G 158 -35.54 48.62 -93.80
N GLY G 159 -34.46 48.20 -93.14
CA GLY G 159 -33.89 46.87 -93.30
C GLY G 159 -34.86 45.76 -92.91
N LEU G 160 -35.45 45.82 -91.72
CA LEU G 160 -36.33 44.79 -91.20
C LEU G 160 -37.77 44.96 -91.68
N GLY G 161 -38.40 46.08 -91.36
CA GLY G 161 -39.85 46.26 -91.49
C GLY G 161 -40.34 46.45 -92.91
N VAL G 162 -39.45 46.81 -93.84
CA VAL G 162 -39.80 47.12 -95.23
C VAL G 162 -39.12 46.16 -96.18
N SER G 163 -37.80 46.24 -96.34
CA SER G 163 -37.10 45.42 -97.30
C SER G 163 -37.13 43.95 -96.89
N GLY G 164 -36.63 43.62 -95.70
CA GLY G 164 -36.56 42.24 -95.23
C GLY G 164 -37.92 41.54 -95.25
N LEU G 165 -38.95 42.17 -94.70
CA LEU G 165 -40.29 41.61 -94.74
C LEU G 165 -40.78 41.37 -96.18
N THR G 166 -40.46 42.26 -97.12
CA THR G 166 -40.83 42.05 -98.52
C THR G 166 -40.27 40.74 -99.06
N LYS G 167 -39.02 40.42 -98.73
CA LYS G 167 -38.35 39.19 -99.17
C LYS G 167 -38.94 37.93 -98.55
N LEU G 168 -39.66 38.04 -97.44
CA LEU G 168 -40.44 36.95 -96.86
C LEU G 168 -41.83 36.85 -97.50
N VAL G 169 -42.62 37.92 -97.49
CA VAL G 169 -44.01 37.84 -97.93
C VAL G 169 -44.13 37.62 -99.44
N THR G 170 -43.15 38.01 -100.23
CA THR G 170 -43.12 37.69 -101.67
C THR G 170 -43.04 36.18 -101.92
N ASP G 171 -42.38 35.44 -101.02
CA ASP G 171 -42.34 33.98 -101.04
C ASP G 171 -43.56 33.35 -100.35
N GLY G 172 -44.53 34.14 -99.89
CA GLY G 172 -45.69 33.64 -99.16
C GLY G 172 -45.38 33.07 -97.78
N LYS G 173 -44.22 33.42 -97.20
CA LYS G 173 -43.78 32.97 -95.87
C LYS G 173 -43.81 34.17 -94.92
N LYS G 174 -44.33 34.00 -93.69
CA LYS G 174 -44.56 35.11 -92.76
C LYS G 174 -43.38 35.38 -91.81
N TRP G 175 -43.40 36.52 -91.14
CA TRP G 175 -42.41 36.92 -90.12
C TRP G 175 -43.02 36.90 -88.72
N THR G 176 -42.50 36.11 -87.78
CA THR G 176 -43.08 35.99 -86.44
C THR G 176 -42.13 36.36 -85.31
N HIS G 177 -40.82 36.17 -85.47
CA HIS G 177 -39.80 36.54 -84.49
C HIS G 177 -38.58 37.13 -85.19
N THR G 178 -37.74 37.84 -84.46
CA THR G 178 -36.38 38.16 -84.92
C THR G 178 -35.38 37.90 -83.81
N LEU G 179 -34.20 37.40 -84.20
CA LEU G 179 -33.14 36.96 -83.33
C LEU G 179 -31.87 37.75 -83.64
N LEU G 180 -31.29 38.48 -82.68
CA LEU G 180 -30.20 39.43 -82.93
C LEU G 180 -29.02 39.25 -81.97
N ASP G 181 -27.81 39.36 -82.49
CA ASP G 181 -26.58 39.35 -81.69
C ASP G 181 -26.30 40.72 -81.04
N ASP G 182 -25.70 40.76 -79.86
CA ASP G 182 -25.30 41.99 -79.16
C ASP G 182 -24.51 42.95 -80.04
N THR G 183 -23.70 42.47 -80.98
CA THR G 183 -22.97 43.32 -81.91
C THR G 183 -23.88 44.17 -82.79
N VAL G 184 -25.18 43.91 -82.86
CA VAL G 184 -26.15 44.74 -83.59
C VAL G 184 -26.45 46.06 -82.85
N GLU G 185 -26.16 46.22 -81.57
CA GLU G 185 -26.62 47.41 -80.84
C GLU G 185 -26.21 48.75 -81.48
N PRO G 186 -24.98 48.96 -81.97
CA PRO G 186 -24.64 50.18 -82.67
C PRO G 186 -25.53 50.52 -83.87
N VAL G 187 -26.01 49.56 -84.67
CA VAL G 187 -26.83 49.90 -85.85
C VAL G 187 -28.28 50.18 -85.50
N LEU G 188 -28.81 49.63 -84.40
CA LEU G 188 -30.04 50.15 -83.82
C LEU G 188 -29.86 51.51 -83.14
N ASN G 189 -28.84 51.71 -82.33
CA ASN G 189 -28.60 53.04 -81.75
C ASN G 189 -28.38 54.10 -82.84
N GLY G 190 -27.74 53.73 -83.93
CA GLY G 190 -27.50 54.59 -85.08
C GLY G 190 -28.64 54.67 -86.08
N SER G 191 -29.75 53.97 -85.87
CA SER G 191 -30.90 54.06 -86.77
C SER G 191 -31.61 55.40 -86.55
N VAL G 192 -31.46 56.35 -87.48
CA VAL G 192 -31.93 57.72 -87.29
C VAL G 192 -32.87 58.17 -88.39
N ASP G 193 -33.76 59.08 -88.05
CA ASP G 193 -34.50 59.86 -89.04
C ASP G 193 -33.59 60.90 -89.71
N ALA G 194 -34.11 61.61 -90.70
CA ALA G 194 -33.33 62.63 -91.42
C ALA G 194 -32.89 63.80 -90.52
N ASN G 195 -33.58 64.07 -89.42
CA ASN G 195 -33.15 65.09 -88.47
C ASN G 195 -32.03 64.60 -87.55
N GLY G 196 -31.77 63.30 -87.51
CA GLY G 196 -30.80 62.68 -86.62
C GLY G 196 -31.39 62.20 -85.30
N ARG G 197 -32.71 62.21 -85.11
CA ARG G 197 -33.31 61.58 -83.93
C ARG G 197 -33.29 60.07 -84.11
N PRO G 198 -32.90 59.27 -83.11
CA PRO G 198 -33.01 57.82 -83.19
C PRO G 198 -34.46 57.38 -83.39
N LEU G 199 -34.70 56.29 -84.12
CA LEU G 199 -36.04 55.73 -84.22
C LEU G 199 -36.41 54.90 -82.98
N PHE G 200 -35.55 53.99 -82.53
CA PHE G 200 -35.90 53.00 -81.51
C PHE G 200 -35.68 53.44 -80.04
N VAL G 201 -35.58 54.73 -79.75
CA VAL G 201 -35.52 55.24 -78.37
C VAL G 201 -36.13 56.63 -78.26
N GLU G 202 -36.75 56.95 -77.11
CA GLU G 202 -37.51 58.19 -76.89
C GLU G 202 -36.68 59.33 -76.28
N SER G 203 -37.24 60.54 -76.30
CA SER G 203 -36.54 61.80 -76.03
C SER G 203 -35.79 61.83 -74.70
N THR G 204 -34.66 62.54 -74.69
CA THR G 204 -33.67 62.61 -73.59
C THR G 204 -32.95 61.30 -73.29
N TYR G 205 -33.32 60.20 -73.93
CA TYR G 205 -32.43 59.08 -74.18
C TYR G 205 -31.87 58.38 -72.94
N GLU G 206 -32.58 58.40 -71.81
CA GLU G 206 -32.20 57.59 -70.65
C GLU G 206 -32.36 56.09 -70.91
N SER G 207 -33.49 55.67 -71.45
CA SER G 207 -33.84 54.26 -71.62
C SER G 207 -32.93 53.55 -72.61
N LEU G 208 -32.65 52.27 -72.37
CA LEU G 208 -32.02 51.42 -73.38
C LEU G 208 -32.96 51.22 -74.59
N THR G 209 -32.40 51.19 -75.78
CA THR G 209 -33.10 51.12 -77.08
C THR G 209 -34.07 49.94 -77.15
N THR G 210 -35.29 50.14 -77.63
CA THR G 210 -36.44 49.25 -77.38
C THR G 210 -36.20 47.75 -77.61
N PRO G 211 -35.79 47.27 -78.79
CA PRO G 211 -35.52 45.86 -79.00
C PRO G 211 -34.42 45.30 -78.10
N PHE G 212 -33.48 46.13 -77.66
CA PHE G 212 -32.46 45.75 -76.69
C PHE G 212 -32.97 45.63 -75.25
N ARG G 213 -34.28 45.81 -75.01
CA ARG G 213 -34.96 45.35 -73.79
C ARG G 213 -35.81 44.10 -74.03
N GLU G 214 -35.54 43.37 -75.11
CA GLU G 214 -36.42 42.32 -75.66
C GLU G 214 -37.83 42.82 -76.01
N GLY G 215 -38.00 44.12 -76.25
CA GLY G 215 -39.23 44.68 -76.80
C GLY G 215 -39.48 44.21 -78.24
N ARG G 216 -40.74 44.19 -78.64
CA ARG G 216 -41.12 43.81 -80.01
C ARG G 216 -40.80 44.91 -81.02
N ILE G 217 -40.51 44.53 -82.26
CA ILE G 217 -40.40 45.43 -83.41
C ILE G 217 -41.59 45.15 -84.31
N LEU G 218 -42.39 46.17 -84.64
CA LEU G 218 -43.55 46.03 -85.52
C LEU G 218 -44.38 44.79 -85.22
N GLY G 219 -44.71 44.61 -83.95
CA GLY G 219 -45.49 43.48 -83.43
C GLY G 219 -44.68 42.22 -83.08
N ARG G 220 -43.58 41.92 -83.77
CA ARG G 220 -42.84 40.66 -83.60
C ARG G 220 -41.89 40.75 -82.40
N PRO G 221 -41.87 39.80 -81.47
CA PRO G 221 -40.89 39.74 -80.39
C PRO G 221 -39.45 39.78 -80.89
N THR G 222 -38.56 40.37 -80.10
CA THR G 222 -37.12 40.34 -80.35
C THR G 222 -36.48 39.38 -79.37
N ILE G 223 -35.59 38.54 -79.86
CA ILE G 223 -34.78 37.65 -79.03
C ILE G 223 -33.33 38.10 -79.14
N LEU G 224 -32.65 38.39 -78.03
CA LEU G 224 -31.25 38.81 -78.02
C LEU G 224 -30.30 37.66 -77.71
N SER G 225 -29.04 37.77 -78.10
CA SER G 225 -27.99 36.81 -77.75
C SER G 225 -26.60 37.44 -77.78
N ASP G 226 -25.66 36.88 -77.03
CA ASP G 226 -24.25 37.27 -77.03
C ASP G 226 -23.40 36.46 -78.03
N HIS G 227 -23.94 35.44 -78.69
CA HIS G 227 -23.14 34.52 -79.52
C HIS G 227 -23.84 34.04 -80.81
N VAL G 228 -24.89 34.72 -81.26
CA VAL G 228 -25.60 34.36 -82.49
C VAL G 228 -24.77 34.66 -83.74
N ALA G 229 -23.92 35.68 -83.72
CA ALA G 229 -23.18 36.08 -84.90
C ALA G 229 -22.14 35.04 -85.33
N GLU G 230 -22.00 34.81 -86.63
CA GLU G 230 -20.89 34.06 -87.20
C GLU G 230 -20.59 34.56 -88.62
N GLY G 231 -19.33 34.49 -89.05
CA GLY G 231 -18.93 34.87 -90.40
C GLY G 231 -19.22 36.33 -90.71
N ASP G 232 -20.35 36.59 -91.37
CA ASP G 232 -20.85 37.94 -91.64
C ASP G 232 -22.37 38.09 -91.39
N VAL G 233 -22.96 37.14 -90.67
CA VAL G 233 -24.39 37.12 -90.34
C VAL G 233 -24.56 37.49 -88.88
N VAL G 234 -25.43 38.46 -88.59
CA VAL G 234 -25.60 39.00 -87.23
C VAL G 234 -26.94 38.66 -86.59
N GLY G 235 -27.83 37.99 -87.32
CA GLY G 235 -29.14 37.64 -86.80
C GLY G 235 -30.09 37.14 -87.88
N TYR G 236 -31.33 36.87 -87.50
CA TYR G 236 -32.33 36.26 -88.37
C TYR G 236 -33.69 36.90 -88.16
N ALA G 237 -34.54 36.83 -89.16
CA ALA G 237 -35.95 37.14 -89.04
C ALA G 237 -36.71 36.06 -89.79
N GLY G 238 -37.80 35.54 -89.25
CA GLY G 238 -38.54 34.49 -89.93
C GLY G 238 -39.66 33.91 -89.11
N ASP G 239 -40.22 32.80 -89.58
CA ASP G 239 -41.24 32.05 -88.87
C ASP G 239 -40.61 30.97 -88.00
N PHE G 240 -40.22 31.32 -86.79
CA PHE G 240 -39.64 30.38 -85.85
C PHE G 240 -40.61 29.26 -85.41
N SER G 241 -41.87 29.22 -85.86
CA SER G 241 -42.71 28.03 -85.68
C SER G 241 -42.30 26.88 -86.59
N GLN G 242 -41.51 27.14 -87.64
CA GLN G 242 -41.03 26.12 -88.56
C GLN G 242 -39.88 25.26 -87.99
N ILE G 243 -39.38 25.54 -86.78
CA ILE G 243 -38.30 24.78 -86.13
C ILE G 243 -38.88 23.93 -85.00
N ILE G 244 -38.52 22.65 -84.93
CA ILE G 244 -38.80 21.82 -83.75
C ILE G 244 -37.53 21.11 -83.30
N TRP G 245 -37.38 20.90 -81.99
CA TRP G 245 -36.24 20.19 -81.41
C TRP G 245 -36.70 19.29 -80.28
N GLY G 246 -35.85 18.36 -79.87
CA GLY G 246 -36.11 17.48 -78.74
C GLY G 246 -34.84 17.02 -78.05
N GLN G 247 -35.00 16.36 -76.91
CA GLN G 247 -33.90 15.78 -76.15
C GLN G 247 -34.37 14.46 -75.57
N VAL G 248 -33.73 13.34 -75.90
CA VAL G 248 -34.19 12.02 -75.44
C VAL G 248 -33.97 11.85 -73.94
N GLY G 249 -32.94 12.47 -73.38
CA GLY G 249 -32.65 12.43 -71.94
C GLY G 249 -31.62 13.47 -71.51
N GLY G 250 -31.46 13.63 -70.20
CA GLY G 250 -30.58 14.65 -69.61
C GLY G 250 -29.09 14.39 -69.78
N LEU G 251 -28.27 15.32 -69.32
CA LEU G 251 -26.83 15.34 -69.54
C LEU G 251 -26.07 14.15 -68.90
N SER G 252 -26.71 13.41 -67.99
CA SER G 252 -26.34 12.03 -67.63
C SER G 252 -24.87 11.80 -67.26
N PHE G 253 -24.32 12.62 -66.36
CA PHE G 253 -22.97 12.39 -65.82
C PHE G 253 -22.83 10.98 -65.24
N ASP G 254 -21.71 10.33 -65.51
CA ASP G 254 -21.37 9.01 -64.99
C ASP G 254 -19.86 8.97 -64.68
N VAL G 255 -19.40 8.10 -63.79
CA VAL G 255 -18.03 8.16 -63.26
C VAL G 255 -17.43 6.80 -62.98
N THR G 256 -16.12 6.67 -63.11
CA THR G 256 -15.39 5.41 -62.85
C THR G 256 -13.99 5.67 -62.33
N ASP G 257 -13.50 4.75 -61.52
CA ASP G 257 -12.11 4.64 -61.05
C ASP G 257 -11.41 3.41 -61.64
N GLN G 258 -12.10 2.68 -62.54
CA GLN G 258 -11.84 1.25 -62.80
C GLN G 258 -11.84 0.85 -64.28
N ALA G 259 -12.37 1.66 -65.18
CA ALA G 259 -12.38 1.35 -66.61
C ALA G 259 -10.99 1.50 -67.28
N THR G 260 -10.93 1.41 -68.60
CA THR G 260 -9.73 1.68 -69.40
C THR G 260 -10.06 2.67 -70.50
N LEU G 261 -9.19 3.64 -70.79
CA LEU G 261 -9.40 4.59 -71.87
C LEU G 261 -8.32 4.47 -72.94
N ASN G 262 -8.69 4.67 -74.20
CA ASN G 262 -7.76 4.88 -75.29
C ASN G 262 -7.46 6.37 -75.38
N LEU G 263 -6.26 6.80 -75.01
CA LEU G 263 -5.86 8.21 -75.13
C LEU G 263 -5.48 8.58 -76.58
N GLY G 264 -5.35 7.58 -77.46
CA GLY G 264 -4.93 7.73 -78.85
C GLY G 264 -6.13 7.80 -79.80
N SER G 265 -6.20 6.87 -80.74
CA SER G 265 -7.27 6.78 -81.75
C SER G 265 -7.66 5.33 -82.03
N GLN G 266 -8.83 5.09 -82.64
CA GLN G 266 -9.20 3.76 -83.14
C GLN G 266 -8.16 3.21 -84.13
N GLU G 267 -7.62 4.08 -84.97
CA GLU G 267 -6.64 3.69 -85.99
C GLU G 267 -5.26 3.33 -85.39
N SER G 268 -4.96 3.88 -84.21
CA SER G 268 -3.67 3.70 -83.53
C SER G 268 -3.85 3.94 -82.03
N PRO G 269 -4.05 2.88 -81.23
CA PRO G 269 -4.44 3.00 -79.85
C PRO G 269 -3.28 3.41 -78.93
N ASN G 270 -3.64 3.90 -77.76
CA ASN G 270 -2.73 4.20 -76.66
C ASN G 270 -3.50 3.99 -75.34
N PHE G 271 -3.72 2.74 -74.96
CA PHE G 271 -4.55 2.41 -73.80
C PHE G 271 -3.87 2.78 -72.49
N VAL G 272 -4.64 3.31 -71.55
CA VAL G 272 -4.26 3.51 -70.15
C VAL G 272 -5.37 2.99 -69.25
N SER G 273 -5.05 2.13 -68.30
CA SER G 273 -6.01 1.72 -67.28
C SER G 273 -6.23 2.84 -66.27
N LEU G 274 -7.48 3.15 -65.98
CA LEU G 274 -7.81 4.09 -64.92
C LEU G 274 -7.44 3.50 -63.55
N TRP G 275 -7.59 2.20 -63.37
CA TRP G 275 -7.24 1.55 -62.11
C TRP G 275 -5.74 1.55 -61.87
N GLN G 276 -4.93 1.10 -62.84
CA GLN G 276 -3.50 0.91 -62.63
C GLN G 276 -2.73 2.23 -62.47
N HIS G 277 -3.11 3.28 -63.19
CA HIS G 277 -2.53 4.62 -63.04
C HIS G 277 -3.25 5.46 -61.97
N ASN G 278 -4.27 4.91 -61.32
CA ASN G 278 -5.07 5.54 -60.27
C ASN G 278 -5.72 6.89 -60.66
N LEU G 279 -6.43 6.90 -61.79
CA LEU G 279 -7.17 8.04 -62.33
C LEU G 279 -8.68 7.80 -62.24
N VAL G 280 -9.47 8.85 -62.00
CA VAL G 280 -10.93 8.86 -62.11
C VAL G 280 -11.33 9.51 -63.42
N ALA G 281 -12.31 8.96 -64.12
CA ALA G 281 -12.83 9.54 -65.36
C ALA G 281 -14.34 9.75 -65.28
N VAL G 282 -14.82 10.84 -65.84
CA VAL G 282 -16.24 11.19 -65.95
C VAL G 282 -16.68 11.09 -67.40
N ARG G 283 -17.83 10.48 -67.64
CA ARG G 283 -18.45 10.24 -68.95
C ARG G 283 -19.74 11.03 -69.06
N VAL G 284 -19.92 11.80 -70.13
CA VAL G 284 -21.07 12.69 -70.31
C VAL G 284 -21.71 12.48 -71.67
N GLU G 285 -23.03 12.39 -71.76
CA GLU G 285 -23.72 12.36 -73.05
C GLU G 285 -25.13 12.92 -73.01
N ALA G 286 -25.55 13.51 -74.11
CA ALA G 286 -26.90 14.01 -74.35
C ALA G 286 -27.33 13.63 -75.75
N GLU G 287 -28.63 13.61 -76.01
CA GLU G 287 -29.19 12.96 -77.19
C GLU G 287 -30.24 13.86 -77.84
N TYR G 288 -29.79 14.99 -78.38
CA TYR G 288 -30.64 15.98 -79.03
C TYR G 288 -31.22 15.48 -80.36
N GLY G 289 -32.18 16.21 -80.90
CA GLY G 289 -32.70 16.04 -82.25
C GLY G 289 -33.32 17.33 -82.76
N LEU G 290 -33.35 17.53 -84.06
CA LEU G 290 -33.76 18.79 -84.68
C LEU G 290 -34.41 18.55 -86.05
N LEU G 291 -35.41 19.34 -86.39
CA LEU G 291 -35.96 19.44 -87.74
C LEU G 291 -36.39 20.87 -88.01
N ILE G 292 -35.92 21.44 -89.10
CA ILE G 292 -36.46 22.69 -89.64
C ILE G 292 -37.32 22.31 -90.83
N ASN G 293 -38.60 22.64 -90.79
CA ASN G 293 -39.57 22.25 -91.81
C ASN G 293 -39.20 22.82 -93.19
N ASP G 294 -38.75 24.08 -93.23
CA ASP G 294 -38.33 24.75 -94.46
C ASP G 294 -37.31 25.85 -94.17
N VAL G 295 -36.04 25.60 -94.46
CA VAL G 295 -34.97 26.58 -94.22
C VAL G 295 -35.15 27.86 -95.03
N ASN G 296 -35.97 27.88 -96.07
CA ASN G 296 -36.21 29.09 -96.85
C ASN G 296 -37.11 30.11 -96.12
N ALA G 297 -37.71 29.77 -94.99
CA ALA G 297 -38.61 30.65 -94.24
C ALA G 297 -37.89 31.74 -93.42
N PHE G 298 -36.59 31.95 -93.59
CA PHE G 298 -35.79 32.84 -92.76
C PHE G 298 -34.96 33.79 -93.59
N VAL G 299 -34.90 35.06 -93.23
CA VAL G 299 -33.98 36.04 -93.80
C VAL G 299 -32.77 36.12 -92.90
N LYS G 300 -31.58 35.91 -93.45
CA LYS G 300 -30.30 36.17 -92.77
C LYS G 300 -30.10 37.69 -92.73
N LEU G 301 -29.65 38.23 -91.60
CA LEU G 301 -29.37 39.65 -91.45
C LEU G 301 -27.88 39.89 -91.48
N THR G 302 -27.44 40.89 -92.23
CA THR G 302 -26.04 41.19 -92.48
C THR G 302 -25.73 42.64 -92.21
N PHE G 303 -24.58 42.90 -91.59
CA PHE G 303 -24.29 44.19 -90.98
C PHE G 303 -24.05 45.28 -92.01
N ASP G 304 -23.68 44.90 -93.23
CA ASP G 304 -23.62 45.72 -94.45
C ASP G 304 -23.81 44.80 -95.69
N PRO G 305 -24.08 45.32 -96.90
CA PRO G 305 -24.44 44.48 -98.04
C PRO G 305 -23.42 43.39 -98.37
N VAL G 306 -23.89 42.24 -98.85
CA VAL G 306 -23.07 41.08 -99.26
C VAL G 306 -23.55 40.44 -100.57
N LEU G 307 -22.65 39.72 -101.23
CA LEU G 307 -22.97 38.71 -102.25
C LEU G 307 -23.38 37.39 -101.58
N THR G 308 -24.12 36.51 -102.27
CA THR G 308 -24.41 35.14 -101.83
C THR G 308 -23.87 34.14 -102.84
N THR G 309 -23.39 32.97 -102.41
CA THR G 309 -22.88 31.93 -103.33
C THR G 309 -23.52 30.57 -103.12
N TYR G 310 -23.80 29.89 -104.23
CA TYR G 310 -24.59 28.67 -104.30
C TYR G 310 -23.84 27.56 -105.02
N ALA G 311 -23.97 26.32 -104.54
CA ALA G 311 -23.57 25.13 -105.26
C ALA G 311 -24.77 24.59 -106.06
N LEU G 312 -24.61 24.43 -107.37
CA LEU G 312 -25.61 23.89 -108.29
C LEU G 312 -25.17 22.47 -108.67
N ASP G 313 -26.04 21.50 -108.44
CA ASP G 313 -25.75 20.07 -108.56
C ASP G 313 -26.67 19.43 -109.60
N LEU G 314 -26.10 18.98 -110.72
CA LEU G 314 -26.81 18.23 -111.76
C LEU G 314 -26.33 16.78 -111.83
N ASP G 315 -25.98 16.14 -110.72
CA ASP G 315 -25.55 14.74 -110.71
C ASP G 315 -26.62 13.83 -111.36
N GLY G 316 -26.19 13.01 -112.32
CA GLY G 316 -27.06 12.11 -113.08
C GLY G 316 -27.86 12.76 -114.21
N ALA G 317 -27.90 14.10 -114.34
CA ALA G 317 -28.60 14.78 -115.44
C ALA G 317 -28.07 14.32 -116.81
N SER G 318 -28.97 13.91 -117.71
CA SER G 318 -28.59 13.24 -118.95
C SER G 318 -29.38 13.68 -120.18
N ALA G 319 -30.56 14.29 -120.00
CA ALA G 319 -31.35 14.85 -121.10
C ALA G 319 -32.13 16.10 -120.68
N GLY G 320 -32.45 16.98 -121.63
CA GLY G 320 -33.26 18.19 -121.41
C GLY G 320 -32.47 19.43 -120.96
N ASN G 321 -33.14 20.36 -120.28
CA ASN G 321 -32.59 21.67 -119.90
C ASN G 321 -33.10 22.13 -118.51
N PHE G 322 -32.35 22.96 -117.80
CA PHE G 322 -32.73 23.50 -116.49
C PHE G 322 -32.90 25.03 -116.56
N THR G 323 -33.74 25.60 -115.69
CA THR G 323 -34.03 27.04 -115.64
C THR G 323 -33.56 27.64 -114.32
N LEU G 324 -32.63 28.60 -114.36
CA LEU G 324 -32.27 29.41 -113.19
C LEU G 324 -33.19 30.63 -113.06
N SER G 325 -33.34 31.15 -111.85
CA SER G 325 -34.14 32.34 -111.56
C SER G 325 -33.51 33.21 -110.47
N LEU G 326 -33.46 34.52 -110.68
CA LEU G 326 -32.87 35.50 -109.75
C LEU G 326 -33.98 36.45 -109.27
N ASP G 327 -34.22 36.52 -107.96
CA ASP G 327 -35.33 37.25 -107.33
C ASP G 327 -36.73 36.96 -107.89
N GLY G 328 -36.90 35.82 -108.56
CA GLY G 328 -38.15 35.37 -109.19
C GLY G 328 -38.19 35.58 -110.72
N LYS G 329 -37.24 36.31 -111.30
CA LYS G 329 -37.14 36.51 -112.74
C LYS G 329 -36.38 35.34 -113.37
N THR G 330 -37.05 34.55 -114.20
CA THR G 330 -36.47 33.36 -114.86
C THR G 330 -35.51 33.73 -115.99
N SER G 331 -34.35 33.10 -116.02
CA SER G 331 -33.46 33.07 -117.18
C SER G 331 -34.11 32.31 -118.35
N ALA G 332 -33.59 32.48 -119.56
CA ALA G 332 -33.74 31.45 -120.59
C ALA G 332 -33.14 30.11 -120.12
N ASN G 333 -33.65 28.99 -120.63
CA ASN G 333 -33.23 27.63 -120.25
C ASN G 333 -31.76 27.33 -120.64
N ILE G 334 -31.11 26.42 -119.91
CA ILE G 334 -29.70 26.06 -120.04
C ILE G 334 -29.54 24.53 -120.16
N ALA G 335 -28.66 24.05 -121.04
CA ALA G 335 -28.34 22.62 -121.15
C ALA G 335 -27.47 22.13 -119.98
N TYR G 336 -27.69 20.92 -119.49
CA TYR G 336 -26.91 20.30 -118.39
C TYR G 336 -25.40 20.18 -118.70
N ASN G 337 -25.02 20.20 -119.98
CA ASN G 337 -23.65 20.12 -120.45
C ASN G 337 -23.00 21.50 -120.74
N ALA G 338 -23.67 22.61 -120.44
CA ALA G 338 -23.24 23.96 -120.81
C ALA G 338 -21.94 24.42 -120.11
N SER G 339 -21.19 25.31 -120.74
CA SER G 339 -19.94 25.84 -120.20
C SER G 339 -20.15 26.79 -119.02
N THR G 340 -19.11 26.98 -118.20
CA THR G 340 -19.08 27.95 -117.10
C THR G 340 -19.44 29.36 -117.58
N ALA G 341 -18.85 29.81 -118.69
CA ALA G 341 -19.13 31.11 -119.28
C ALA G 341 -20.54 31.20 -119.90
N THR G 342 -21.10 30.09 -120.40
CA THR G 342 -22.48 30.05 -120.88
C THR G 342 -23.44 30.35 -119.72
N VAL G 343 -23.26 29.70 -118.57
CA VAL G 343 -24.07 29.96 -117.38
C VAL G 343 -23.95 31.42 -116.94
N LYS G 344 -22.74 31.99 -116.89
CA LYS G 344 -22.57 33.43 -116.59
C LYS G 344 -23.34 34.33 -117.57
N SER G 345 -23.21 34.09 -118.87
CA SER G 345 -23.92 34.88 -119.89
C SER G 345 -25.44 34.75 -119.76
N ALA G 346 -25.94 33.58 -119.37
CA ALA G 346 -27.37 33.35 -119.18
C ALA G 346 -27.92 34.13 -117.97
N ILE G 347 -27.26 34.04 -116.80
CA ILE G 347 -27.76 34.74 -115.61
C ILE G 347 -27.72 36.28 -115.79
N VAL G 348 -26.69 36.85 -116.43
CA VAL G 348 -26.70 38.29 -116.72
C VAL G 348 -27.68 38.70 -117.82
N ALA G 349 -28.26 37.75 -118.55
CA ALA G 349 -29.34 38.01 -119.52
C ALA G 349 -30.73 38.09 -118.87
N ILE G 350 -30.84 37.94 -117.54
CA ILE G 350 -32.06 38.33 -116.81
C ILE G 350 -32.18 39.85 -116.84
N ASP G 351 -33.39 40.37 -117.04
CA ASP G 351 -33.65 41.71 -117.57
C ASP G 351 -33.38 42.92 -116.64
N ASP G 352 -32.72 42.72 -115.49
CA ASP G 352 -32.76 43.68 -114.37
C ASP G 352 -31.52 43.61 -113.47
N GLY G 353 -30.82 44.74 -113.32
CA GLY G 353 -29.87 45.02 -112.23
C GLY G 353 -28.51 44.32 -112.30
N VAL G 354 -28.48 43.09 -112.83
CA VAL G 354 -27.27 42.27 -112.99
C VAL G 354 -26.22 42.93 -113.88
N SER G 355 -24.95 42.52 -113.74
CA SER G 355 -23.87 42.95 -114.62
C SER G 355 -22.78 41.89 -114.76
N ALA G 356 -22.06 41.92 -115.88
CA ALA G 356 -20.96 40.99 -116.17
C ALA G 356 -19.73 41.18 -115.26
N ASP G 357 -19.57 42.32 -114.60
CA ASP G 357 -18.47 42.60 -113.68
C ASP G 357 -18.78 42.28 -112.21
N ASP G 358 -20.04 42.29 -111.77
CA ASP G 358 -20.39 41.89 -110.39
C ASP G 358 -20.72 40.39 -110.24
N VAL G 359 -21.40 39.76 -111.20
CA VAL G 359 -21.75 38.33 -111.13
C VAL G 359 -20.55 37.45 -111.46
N THR G 360 -20.37 36.34 -110.75
CA THR G 360 -19.25 35.39 -110.92
C THR G 360 -19.76 33.95 -111.02
N VAL G 361 -19.18 33.13 -111.91
CA VAL G 361 -19.50 31.71 -112.07
C VAL G 361 -18.21 30.90 -112.17
N THR G 362 -18.13 29.78 -111.47
CA THR G 362 -16.92 28.93 -111.35
C THR G 362 -17.26 27.44 -111.27
N GLY G 363 -16.34 26.57 -111.67
CA GLY G 363 -16.54 25.12 -111.71
C GLY G 363 -16.97 24.59 -113.08
N SER G 364 -16.84 23.28 -113.25
CA SER G 364 -17.10 22.54 -114.50
C SER G 364 -18.60 22.30 -114.78
N ALA G 365 -18.92 21.87 -116.00
CA ALA G 365 -20.29 21.61 -116.43
C ALA G 365 -21.01 20.62 -115.49
N GLY G 366 -22.23 20.97 -115.09
CA GLY G 366 -23.08 20.18 -114.18
C GLY G 366 -22.78 20.34 -112.68
N ASP G 367 -21.64 20.94 -112.32
CA ASP G 367 -21.17 21.11 -110.94
C ASP G 367 -20.95 22.59 -110.60
N TYR G 368 -21.71 23.50 -111.21
CA TYR G 368 -21.45 24.93 -111.14
C TYR G 368 -21.50 25.51 -109.72
N THR G 369 -20.73 26.57 -109.48
CA THR G 369 -20.87 27.45 -108.32
C THR G 369 -21.18 28.87 -108.81
N ILE G 370 -22.27 29.46 -108.29
CA ILE G 370 -22.81 30.75 -108.75
C ILE G 370 -22.68 31.76 -107.62
N THR G 371 -22.07 32.91 -107.86
CA THR G 371 -21.96 34.01 -106.88
C THR G 371 -22.67 35.25 -107.39
N VAL G 372 -23.67 35.75 -106.65
CA VAL G 372 -24.69 36.66 -107.19
C VAL G 372 -25.24 37.61 -106.12
N PRO G 373 -25.64 38.85 -106.48
CA PRO G 373 -26.26 39.81 -105.57
C PRO G 373 -27.78 39.56 -105.46
N GLY G 374 -28.20 38.38 -104.98
CA GLY G 374 -29.64 38.12 -104.76
C GLY G 374 -30.00 36.70 -104.34
N THR G 375 -31.30 36.49 -104.10
CA THR G 375 -31.87 35.14 -103.91
C THR G 375 -31.93 34.40 -105.25
N LEU G 376 -31.36 33.20 -105.31
CA LEU G 376 -31.28 32.35 -106.51
C LEU G 376 -32.17 31.12 -106.30
N THR G 377 -32.97 30.76 -107.28
CA THR G 377 -33.81 29.55 -107.29
C THR G 377 -33.71 28.83 -108.63
N ALA G 378 -33.97 27.54 -108.66
CA ALA G 378 -33.83 26.71 -109.86
C ALA G 378 -35.08 25.83 -110.09
N ASP G 379 -35.47 25.68 -111.36
CA ASP G 379 -36.41 24.66 -111.81
C ASP G 379 -35.68 23.64 -112.68
N PHE G 380 -35.61 22.40 -112.21
CA PHE G 380 -34.99 21.29 -112.93
C PHE G 380 -36.00 20.45 -113.73
N SER G 381 -37.29 20.80 -113.72
CA SER G 381 -38.35 19.98 -114.35
C SER G 381 -38.20 19.84 -115.87
N GLY G 382 -37.42 20.71 -116.51
CA GLY G 382 -37.06 20.59 -117.92
C GLY G 382 -35.98 19.53 -118.21
N LEU G 383 -35.35 18.93 -117.19
CA LEU G 383 -34.51 17.75 -117.37
C LEU G 383 -35.40 16.54 -117.67
N THR G 384 -35.25 15.99 -118.87
CA THR G 384 -36.05 14.86 -119.37
C THR G 384 -35.60 13.52 -118.78
N ASP G 385 -34.32 13.40 -118.39
CA ASP G 385 -33.80 12.27 -117.62
C ASP G 385 -32.63 12.69 -116.73
N GLY G 386 -32.46 11.99 -115.61
CA GLY G 386 -31.50 12.34 -114.58
C GLY G 386 -32.06 13.31 -113.53
N GLU G 387 -33.16 12.92 -112.89
CA GLU G 387 -33.61 13.56 -111.65
C GLU G 387 -32.62 13.34 -110.48
N GLY G 388 -32.84 14.03 -109.36
CA GLY G 388 -31.89 14.06 -108.24
C GLY G 388 -30.93 15.26 -108.29
N ALA G 389 -31.09 16.16 -109.26
CA ALA G 389 -30.47 17.47 -109.28
C ALA G 389 -30.89 18.31 -108.05
N SER G 390 -30.10 19.28 -107.64
CA SER G 390 -30.34 20.12 -106.45
C SER G 390 -29.61 21.47 -106.50
N ILE G 391 -29.97 22.38 -105.59
CA ILE G 391 -29.26 23.65 -105.35
C ILE G 391 -29.17 23.93 -103.84
N SER G 392 -28.06 24.51 -103.37
CA SER G 392 -27.90 24.95 -101.98
C SER G 392 -27.04 26.20 -101.90
N VAL G 393 -27.26 27.06 -100.90
CA VAL G 393 -26.24 28.02 -100.46
C VAL G 393 -25.02 27.28 -99.89
N VAL G 394 -23.83 27.86 -99.96
CA VAL G 394 -22.60 27.23 -99.42
C VAL G 394 -21.75 28.18 -98.57
N SER G 395 -21.77 29.48 -98.86
CA SER G 395 -21.20 30.53 -97.99
C SER G 395 -21.78 31.91 -98.36
N VAL G 396 -21.43 32.93 -97.57
CA VAL G 396 -21.39 34.32 -98.06
C VAL G 396 -20.39 34.41 -99.23
N GLY G 397 -20.67 35.25 -100.24
CA GLY G 397 -19.87 35.36 -101.47
C GLY G 397 -18.48 35.95 -101.27
N GLY H 2 -16.51 3.72 -85.48
CA GLY H 2 -17.50 2.86 -84.79
C GLY H 2 -17.32 1.40 -85.16
N PHE H 3 -18.39 0.75 -85.58
CA PHE H 3 -18.42 -0.65 -86.02
C PHE H 3 -19.32 -0.84 -87.25
N SER H 4 -19.20 -1.99 -87.90
CA SER H 4 -19.92 -2.34 -89.13
C SER H 4 -21.45 -2.29 -88.99
N ALA H 5 -22.15 -2.12 -90.09
CA ALA H 5 -23.61 -2.01 -90.13
C ALA H 5 -24.35 -3.25 -89.58
N ASP H 6 -23.70 -4.40 -89.54
CA ASP H 6 -24.11 -5.55 -88.73
C ASP H 6 -22.86 -6.32 -88.32
N HIS H 7 -22.26 -5.93 -87.19
CA HIS H 7 -21.00 -6.51 -86.74
C HIS H 7 -21.20 -7.96 -86.29
N SER H 8 -20.28 -8.83 -86.64
CA SER H 8 -20.39 -10.27 -86.38
C SER H 8 -20.32 -10.65 -84.89
N GLN H 9 -19.78 -9.77 -84.03
CA GLN H 9 -19.59 -10.04 -82.61
C GLN H 9 -20.38 -9.11 -81.68
N ILE H 10 -20.72 -7.89 -82.11
CA ILE H 10 -21.39 -6.88 -81.28
C ILE H 10 -22.83 -6.71 -81.74
N ALA H 11 -23.79 -6.70 -80.81
CA ALA H 11 -25.18 -6.36 -81.09
C ALA H 11 -25.41 -4.85 -81.04
N GLN H 12 -26.17 -4.31 -81.98
CA GLN H 12 -26.43 -2.87 -82.11
C GLN H 12 -27.86 -2.61 -82.58
N THR H 13 -28.45 -1.47 -82.26
CA THR H 13 -29.81 -1.15 -82.68
C THR H 13 -29.92 -0.99 -84.20
N LYS H 14 -28.84 -0.60 -84.88
CA LYS H 14 -28.81 -0.56 -86.35
C LYS H 14 -28.80 -1.93 -87.02
N ASP H 15 -28.61 -3.03 -86.29
CA ASP H 15 -28.55 -4.37 -86.89
C ASP H 15 -29.86 -4.76 -87.59
N THR H 16 -29.77 -5.63 -88.60
CA THR H 16 -30.94 -6.06 -89.40
C THR H 16 -31.94 -6.85 -88.58
N MET H 17 -31.49 -7.66 -87.63
CA MET H 17 -32.37 -8.51 -86.82
C MET H 17 -33.41 -7.73 -86.02
N PHE H 18 -33.13 -6.48 -85.64
CA PHE H 18 -34.08 -5.64 -84.92
C PHE H 18 -34.97 -4.77 -85.82
N THR H 19 -34.89 -4.89 -87.15
CA THR H 19 -35.86 -4.20 -88.03
C THR H 19 -37.27 -4.66 -87.73
N GLY H 20 -38.24 -3.74 -87.78
CA GLY H 20 -39.60 -4.00 -87.29
C GLY H 20 -39.73 -4.02 -85.76
N TYR H 21 -38.72 -3.52 -85.05
CA TYR H 21 -38.79 -3.09 -83.66
C TYR H 21 -38.11 -1.72 -83.56
N LEU H 22 -38.37 -0.98 -82.49
CA LEU H 22 -37.78 0.34 -82.25
C LEU H 22 -38.10 1.39 -83.33
N ASP H 23 -39.09 1.14 -84.17
CA ASP H 23 -39.52 2.05 -85.23
C ASP H 23 -40.01 3.39 -84.67
N PRO H 24 -39.80 4.51 -85.38
CA PRO H 24 -40.17 5.82 -84.90
C PRO H 24 -41.68 5.92 -84.69
N VAL H 25 -42.10 6.53 -83.57
CA VAL H 25 -43.52 6.64 -83.19
C VAL H 25 -44.23 7.74 -83.96
N GLN H 26 -45.52 7.57 -84.27
CA GLN H 26 -46.32 8.63 -84.89
C GLN H 26 -46.49 9.81 -83.93
N ALA H 27 -46.65 11.01 -84.46
CA ALA H 27 -46.83 12.24 -83.71
C ALA H 27 -47.81 13.20 -84.42
N LYS H 28 -48.27 14.25 -83.73
CA LYS H 28 -49.13 15.28 -84.34
C LYS H 28 -48.39 16.01 -85.45
N ASP H 29 -49.11 16.52 -86.44
CA ASP H 29 -48.51 17.41 -87.45
C ASP H 29 -48.23 18.80 -86.83
N TYR H 30 -47.05 18.96 -86.25
CA TYR H 30 -46.64 20.23 -85.64
C TYR H 30 -46.50 21.39 -86.62
N PHE H 31 -46.64 21.17 -87.93
CA PHE H 31 -46.55 22.21 -88.95
C PHE H 31 -47.87 22.41 -89.70
N ALA H 32 -48.98 21.87 -89.21
CA ALA H 32 -50.27 21.98 -89.88
C ALA H 32 -50.71 23.44 -90.08
N GLU H 33 -50.99 23.83 -91.32
CA GLU H 33 -51.69 25.08 -91.61
C GLU H 33 -53.17 24.98 -91.21
N ALA H 34 -53.72 26.04 -90.62
CA ALA H 34 -55.17 26.15 -90.42
C ALA H 34 -55.90 26.23 -91.77
N GLU H 35 -57.11 25.69 -91.85
CA GLU H 35 -57.92 25.70 -93.07
C GLU H 35 -58.40 27.10 -93.43
N LYS H 36 -58.37 27.46 -94.71
CA LYS H 36 -58.82 28.77 -95.17
C LYS H 36 -60.34 28.91 -95.07
N THR H 37 -60.83 30.11 -94.84
CA THR H 37 -62.26 30.44 -94.78
C THR H 37 -62.57 31.57 -95.74
N SER H 38 -63.74 31.58 -96.37
CA SER H 38 -64.03 32.51 -97.46
C SER H 38 -63.88 33.95 -97.01
N ILE H 39 -63.12 34.75 -97.74
CA ILE H 39 -63.09 36.18 -97.45
C ILE H 39 -64.38 36.84 -97.93
N VAL H 40 -64.90 36.46 -99.10
CA VAL H 40 -66.04 37.19 -99.67
C VAL H 40 -67.26 37.04 -98.77
N GLN H 41 -67.49 35.86 -98.22
CA GLN H 41 -68.63 35.57 -97.36
C GLN H 41 -68.57 36.28 -95.99
N ARG H 42 -67.49 36.97 -95.64
CA ARG H 42 -67.44 37.84 -94.46
C ARG H 42 -67.44 39.34 -94.76
N VAL H 43 -67.50 39.76 -96.02
CA VAL H 43 -67.61 41.19 -96.39
C VAL H 43 -68.84 41.53 -97.23
N ALA H 44 -69.36 40.59 -98.00
CA ALA H 44 -70.55 40.79 -98.82
C ALA H 44 -71.86 40.58 -98.03
N GLN H 45 -72.90 41.33 -98.37
CA GLN H 45 -74.21 41.21 -97.74
C GLN H 45 -74.84 39.84 -98.05
N LYS H 46 -75.13 39.03 -97.03
CA LYS H 46 -75.86 37.76 -97.25
C LYS H 46 -77.34 38.02 -97.54
N ILE H 47 -77.91 37.25 -98.45
CA ILE H 47 -79.27 37.36 -98.96
C ILE H 47 -79.99 36.02 -98.82
N PRO H 48 -81.30 35.98 -98.55
CA PRO H 48 -82.10 34.75 -98.57
C PRO H 48 -82.41 34.29 -100.00
N MET H 49 -81.38 33.96 -100.79
CA MET H 49 -81.52 33.62 -102.20
C MET H 49 -82.04 32.20 -102.39
N GLY H 50 -83.34 32.06 -102.66
CA GLY H 50 -84.00 30.77 -102.86
C GLY H 50 -83.62 30.09 -104.18
N ALA H 51 -83.96 28.81 -104.31
CA ALA H 51 -83.49 27.95 -105.39
C ALA H 51 -83.83 28.47 -106.80
N THR H 52 -84.99 29.07 -107.00
CA THR H 52 -85.39 29.63 -108.30
C THR H 52 -84.79 31.00 -108.59
N GLY H 53 -83.89 31.50 -107.74
CA GLY H 53 -83.30 32.82 -107.88
C GLY H 53 -84.23 33.94 -107.43
N ILE H 54 -83.77 35.18 -107.55
CA ILE H 54 -84.52 36.37 -107.11
C ILE H 54 -84.43 37.48 -108.13
N VAL H 55 -85.37 38.41 -108.09
CA VAL H 55 -85.39 39.58 -108.96
C VAL H 55 -85.40 40.87 -108.17
N ILE H 56 -84.49 41.78 -108.51
CA ILE H 56 -84.22 43.04 -107.83
C ILE H 56 -84.74 44.19 -108.69
N PRO H 57 -85.67 45.03 -108.21
CA PRO H 57 -86.17 46.19 -108.93
C PRO H 57 -85.26 47.40 -108.71
N HIS H 58 -85.28 48.38 -109.61
CA HIS H 58 -84.54 49.64 -109.44
C HIS H 58 -85.25 50.81 -110.14
N TRP H 59 -85.20 51.99 -109.54
CA TRP H 59 -85.68 53.23 -110.16
C TRP H 59 -84.60 53.83 -111.06
N THR H 60 -84.97 54.57 -112.10
CA THR H 60 -83.97 55.14 -113.02
C THR H 60 -84.36 56.47 -113.66
N GLY H 61 -85.64 56.82 -113.73
CA GLY H 61 -86.09 58.00 -114.45
C GLY H 61 -85.56 59.33 -113.91
N ASP H 62 -85.15 60.21 -114.81
CA ASP H 62 -84.72 61.59 -114.56
C ASP H 62 -85.91 62.54 -114.43
N VAL H 63 -86.73 62.33 -113.40
CA VAL H 63 -87.91 63.15 -113.12
C VAL H 63 -87.55 64.62 -113.01
N SER H 64 -88.36 65.51 -113.59
CA SER H 64 -87.99 66.91 -113.83
C SER H 64 -89.13 67.91 -113.61
N ALA H 65 -88.77 69.14 -113.27
CA ALA H 65 -89.68 70.25 -113.04
C ALA H 65 -89.00 71.57 -113.43
N GLN H 66 -89.75 72.58 -113.84
CA GLN H 66 -89.20 73.79 -114.45
C GLN H 66 -89.91 75.04 -113.96
N TRP H 67 -89.22 76.17 -113.97
CA TRP H 67 -89.80 77.45 -113.57
C TRP H 67 -90.79 77.95 -114.61
N ILE H 68 -91.80 78.70 -114.19
CA ILE H 68 -92.82 79.28 -115.07
C ILE H 68 -93.15 80.72 -114.66
N GLY H 69 -93.64 81.51 -115.60
CA GLY H 69 -94.36 82.75 -115.30
C GLY H 69 -95.87 82.49 -115.21
N GLU H 70 -96.64 83.49 -114.80
CA GLU H 70 -98.10 83.39 -114.83
C GLU H 70 -98.60 83.03 -116.24
N GLY H 71 -99.49 82.04 -116.32
CA GLY H 71 -100.09 81.60 -117.58
C GLY H 71 -99.15 80.90 -118.57
N ASP H 72 -97.86 80.75 -118.27
CA ASP H 72 -96.88 80.20 -119.20
C ASP H 72 -96.93 78.67 -119.24
N MET H 73 -97.95 78.12 -119.92
CA MET H 73 -98.50 76.80 -119.61
C MET H 73 -97.47 75.66 -119.49
N LYS H 74 -97.70 74.84 -118.46
CA LYS H 74 -96.73 74.05 -117.69
C LYS H 74 -96.11 72.87 -118.45
N PRO H 75 -94.89 72.41 -118.09
CA PRO H 75 -94.19 71.32 -118.74
C PRO H 75 -94.69 69.95 -118.29
N ILE H 76 -94.38 68.90 -119.06
CA ILE H 76 -94.83 67.52 -118.81
C ILE H 76 -93.63 66.59 -118.70
N THR H 77 -93.66 65.59 -117.82
CA THR H 77 -92.53 64.69 -117.53
C THR H 77 -92.97 63.24 -117.30
N LYS H 78 -92.07 62.27 -117.46
CA LYS H 78 -92.35 60.82 -117.28
C LYS H 78 -91.22 60.15 -116.50
N GLY H 79 -91.54 59.35 -115.50
CA GLY H 79 -90.57 58.53 -114.77
C GLY H 79 -90.23 57.23 -115.50
N ASN H 80 -89.28 56.44 -114.96
CA ASN H 80 -88.82 55.20 -115.59
C ASN H 80 -88.26 54.21 -114.56
N MET H 81 -88.31 52.91 -114.88
CA MET H 81 -88.06 51.79 -113.98
C MET H 81 -87.22 50.69 -114.66
N THR H 82 -86.63 49.78 -113.89
CA THR H 82 -85.87 48.63 -114.41
C THR H 82 -85.75 47.50 -113.39
N LYS H 83 -85.29 46.31 -113.80
CA LYS H 83 -85.03 45.17 -112.90
C LYS H 83 -83.90 44.26 -113.38
N ARG H 84 -83.29 43.53 -112.45
CA ARG H 84 -82.23 42.54 -112.68
C ARG H 84 -82.56 41.26 -111.94
N ASP H 85 -82.33 40.10 -112.52
CA ASP H 85 -82.53 38.81 -111.85
C ASP H 85 -81.22 38.03 -111.74
N VAL H 86 -81.13 37.17 -110.74
CA VAL H 86 -79.95 36.35 -110.45
C VAL H 86 -80.34 34.99 -109.91
N HIS H 87 -79.57 33.95 -110.25
CA HIS H 87 -79.87 32.55 -109.91
C HIS H 87 -78.65 31.86 -109.29
N PRO H 88 -78.81 30.93 -108.34
CA PRO H 88 -77.70 30.18 -107.79
C PRO H 88 -77.19 29.10 -108.75
N ALA H 89 -75.89 28.82 -108.69
CA ALA H 89 -75.19 27.70 -109.33
C ALA H 89 -74.97 26.55 -108.35
N LYS H 90 -74.65 25.35 -108.84
CA LYS H 90 -74.35 24.15 -108.06
C LYS H 90 -72.86 23.84 -108.10
N ILE H 91 -72.26 23.48 -106.97
CA ILE H 91 -70.89 22.96 -106.88
C ILE H 91 -70.91 21.59 -106.22
N ALA H 92 -70.12 20.64 -106.71
CA ALA H 92 -70.22 19.26 -106.26
C ALA H 92 -68.91 18.48 -106.39
N THR H 93 -68.79 17.37 -105.66
CA THR H 93 -67.71 16.39 -105.82
C THR H 93 -68.08 15.03 -105.24
N ILE H 94 -67.39 13.96 -105.62
CA ILE H 94 -67.57 12.60 -105.12
C ILE H 94 -66.20 12.03 -104.76
N PHE H 95 -66.09 11.22 -103.72
CA PHE H 95 -64.88 10.46 -103.45
C PHE H 95 -65.17 9.04 -103.03
N VAL H 96 -64.26 8.11 -103.32
CA VAL H 96 -64.52 6.66 -103.32
C VAL H 96 -63.43 5.93 -102.57
N ALA H 97 -63.76 4.89 -101.82
CA ALA H 97 -62.80 4.10 -101.05
C ALA H 97 -63.16 2.62 -101.04
N SER H 98 -62.20 1.72 -100.83
CA SER H 98 -62.52 0.32 -100.58
C SER H 98 -63.29 0.19 -99.28
N ALA H 99 -64.19 -0.79 -99.17
CA ALA H 99 -64.92 -1.01 -97.92
C ALA H 99 -63.97 -1.26 -96.74
N GLU H 100 -62.84 -1.92 -96.96
CA GLU H 100 -61.83 -2.08 -95.92
C GLU H 100 -61.23 -0.75 -95.47
N THR H 101 -60.93 0.16 -96.39
CA THR H 101 -60.48 1.50 -96.04
C THR H 101 -61.52 2.20 -95.20
N VAL H 102 -62.80 2.10 -95.53
CA VAL H 102 -63.87 2.72 -94.72
C VAL H 102 -63.96 2.09 -93.35
N ARG H 103 -63.92 0.76 -93.27
CA ARG H 103 -64.04 0.01 -92.01
C ARG H 103 -62.88 0.29 -91.06
N ALA H 104 -61.66 0.40 -91.57
CA ALA H 104 -60.48 0.69 -90.78
C ALA H 104 -60.24 2.19 -90.54
N ASN H 105 -60.71 3.06 -91.45
CA ASN H 105 -60.52 4.51 -91.44
C ASN H 105 -59.08 4.92 -91.09
N PRO H 106 -58.08 4.55 -91.90
CA PRO H 106 -56.69 4.82 -91.60
C PRO H 106 -56.44 6.33 -91.56
N ALA H 107 -55.60 6.77 -90.62
CA ALA H 107 -55.22 8.17 -90.45
C ALA H 107 -56.41 9.15 -90.33
N ASN H 108 -57.59 8.66 -89.97
CA ASN H 108 -58.85 9.40 -90.07
C ASN H 108 -59.04 10.08 -91.44
N TYR H 109 -58.68 9.38 -92.52
CA TYR H 109 -58.79 9.90 -93.88
C TYR H 109 -60.20 10.32 -94.23
N LEU H 110 -61.24 9.59 -93.84
CA LEU H 110 -62.61 9.96 -94.19
C LEU H 110 -62.99 11.28 -93.54
N GLY H 111 -62.86 11.41 -92.22
CA GLY H 111 -63.16 12.66 -91.54
C GLY H 111 -62.30 13.81 -92.05
N THR H 112 -61.05 13.55 -92.40
CA THR H 112 -60.17 14.54 -93.00
C THR H 112 -60.74 15.02 -94.33
N MET H 113 -61.08 14.11 -95.24
CA MET H 113 -61.67 14.45 -96.53
C MET H 113 -62.94 15.27 -96.37
N ARG H 114 -63.84 14.93 -95.44
CA ARG H 114 -65.07 15.70 -95.20
C ARG H 114 -64.76 17.17 -94.92
N THR H 115 -63.76 17.46 -94.10
CA THR H 115 -63.36 18.86 -93.86
C THR H 115 -62.62 19.48 -95.03
N LYS H 116 -61.80 18.71 -95.75
CA LYS H 116 -61.01 19.25 -96.85
C LYS H 116 -61.89 19.61 -98.04
N VAL H 117 -62.90 18.81 -98.40
CA VAL H 117 -63.82 19.20 -99.47
C VAL H 117 -64.64 20.42 -99.08
N ALA H 118 -65.05 20.56 -97.83
CA ALA H 118 -65.72 21.78 -97.39
C ALA H 118 -64.81 23.00 -97.58
N THR H 119 -63.55 22.88 -97.17
CA THR H 119 -62.54 23.93 -97.35
C THR H 119 -62.37 24.29 -98.81
N ALA H 120 -62.25 23.29 -99.68
CA ALA H 120 -62.13 23.53 -101.13
C ALA H 120 -63.36 24.24 -101.70
N ILE H 121 -64.57 23.86 -101.28
CA ILE H 121 -65.80 24.48 -101.78
C ILE H 121 -65.87 25.95 -101.39
N ALA H 122 -65.47 26.31 -100.18
CA ALA H 122 -65.38 27.72 -99.79
C ALA H 122 -64.36 28.49 -100.65
N MET H 123 -63.16 27.93 -100.87
CA MET H 123 -62.16 28.59 -101.70
C MET H 123 -62.60 28.72 -103.17
N ALA H 124 -63.38 27.77 -103.68
CA ALA H 124 -63.93 27.90 -105.03
C ALA H 124 -64.90 29.06 -105.16
N PHE H 125 -65.64 29.39 -104.11
CA PHE H 125 -66.50 30.58 -104.12
C PHE H 125 -65.67 31.86 -104.19
N ASP H 126 -64.60 32.00 -103.41
CA ASP H 126 -63.76 33.19 -103.50
C ASP H 126 -63.09 33.32 -104.87
N ASN H 127 -62.47 32.25 -105.39
CA ASN H 127 -61.82 32.35 -106.69
C ASN H 127 -62.81 32.69 -107.80
N ALA H 128 -64.07 32.31 -107.69
CA ALA H 128 -65.09 32.79 -108.59
C ALA H 128 -65.33 34.30 -108.39
N ALA H 129 -65.64 34.73 -107.17
CA ALA H 129 -66.12 36.09 -106.95
C ALA H 129 -65.03 37.17 -107.03
N LEU H 130 -63.80 36.87 -106.62
CA LEU H 130 -62.69 37.82 -106.68
C LEU H 130 -62.15 37.92 -108.11
N HIS H 131 -61.82 36.78 -108.71
CA HIS H 131 -60.96 36.71 -109.88
C HIS H 131 -61.61 36.09 -111.12
N GLY H 132 -62.87 35.65 -111.03
CA GLY H 132 -63.56 35.03 -112.15
C GLY H 132 -63.01 33.65 -112.55
N THR H 133 -62.14 33.03 -111.74
CA THR H 133 -61.21 32.00 -112.21
C THR H 133 -61.88 30.78 -112.83
N ASN H 134 -62.95 30.30 -112.22
CA ASN H 134 -63.76 29.18 -112.71
C ASN H 134 -65.24 29.52 -112.64
N ALA H 135 -65.59 30.80 -112.70
CA ALA H 135 -66.93 31.26 -112.33
C ALA H 135 -68.00 30.62 -113.21
N PRO H 136 -69.05 30.00 -112.64
CA PRO H 136 -70.16 29.53 -113.43
C PRO H 136 -70.94 30.72 -113.97
N SER H 137 -71.54 30.58 -115.14
CA SER H 137 -72.12 31.73 -115.86
C SER H 137 -73.30 32.41 -115.16
N ALA H 138 -73.87 31.80 -114.12
CA ALA H 138 -74.93 32.39 -113.31
C ALA H 138 -74.44 33.45 -112.32
N PHE H 139 -73.15 33.48 -111.96
CA PHE H 139 -72.58 34.55 -111.15
C PHE H 139 -72.48 35.82 -112.00
N GLN H 140 -72.81 36.98 -111.45
CA GLN H 140 -72.74 38.24 -112.20
C GLN H 140 -71.66 39.17 -111.64
N GLY H 141 -70.65 39.48 -112.44
CA GLY H 141 -69.50 40.30 -112.07
C GLY H 141 -68.46 39.58 -111.21
N TYR H 142 -67.24 40.09 -111.19
CA TYR H 142 -66.17 39.67 -110.28
C TYR H 142 -65.22 40.84 -110.01
N LEU H 143 -64.59 40.91 -108.84
CA LEU H 143 -63.95 42.17 -108.42
C LEU H 143 -62.80 42.61 -109.31
N ASP H 144 -62.01 41.67 -109.83
CA ASP H 144 -60.93 41.98 -110.77
C ASP H 144 -61.44 42.57 -112.10
N GLN H 145 -62.73 42.48 -112.40
CA GLN H 145 -63.30 42.99 -113.65
C GLN H 145 -63.37 44.52 -113.72
N SER H 146 -63.15 45.24 -112.61
CA SER H 146 -63.25 46.70 -112.59
C SER H 146 -62.18 47.39 -113.43
N ASN H 147 -62.45 48.63 -113.84
CA ASN H 147 -61.60 49.42 -114.74
C ASN H 147 -60.82 50.53 -114.05
N LYS H 148 -60.67 50.49 -112.72
CA LYS H 148 -59.89 51.45 -111.93
C LYS H 148 -58.71 50.76 -111.27
N THR H 149 -57.50 51.26 -111.49
CA THR H 149 -56.27 50.72 -110.89
C THR H 149 -55.50 51.82 -110.20
N GLN H 150 -54.84 51.53 -109.08
CA GLN H 150 -54.03 52.49 -108.35
C GLN H 150 -52.74 51.85 -107.84
N SER H 151 -51.62 52.58 -107.95
CA SER H 151 -50.36 52.18 -107.35
C SER H 151 -50.31 52.59 -105.89
N ILE H 152 -49.85 51.69 -105.02
CA ILE H 152 -49.69 51.96 -103.59
C ILE H 152 -48.23 52.12 -103.17
N SER H 153 -47.27 51.57 -103.91
CA SER H 153 -45.91 51.28 -103.41
C SER H 153 -45.12 52.43 -102.79
N PRO H 154 -45.01 53.62 -103.39
CA PRO H 154 -44.09 54.62 -102.86
C PRO H 154 -44.57 55.21 -101.53
N ASN H 155 -45.89 55.38 -101.36
CA ASN H 155 -46.49 55.95 -100.16
C ASN H 155 -47.97 55.54 -100.09
N ALA H 156 -48.33 54.62 -99.20
CA ALA H 156 -49.70 54.12 -99.13
C ALA H 156 -50.73 55.20 -98.87
N TYR H 157 -50.46 56.17 -97.99
CA TYR H 157 -51.41 57.23 -97.68
C TYR H 157 -51.73 58.08 -98.91
N GLN H 158 -50.70 58.48 -99.65
CA GLN H 158 -50.85 59.19 -100.93
C GLN H 158 -51.39 58.29 -102.05
N GLY H 159 -51.42 56.97 -101.85
CA GLY H 159 -52.02 56.03 -102.78
C GLY H 159 -53.52 55.86 -102.55
N LEU H 160 -53.95 55.82 -101.29
CA LEU H 160 -55.34 55.54 -100.93
C LEU H 160 -56.14 56.81 -100.63
N GLY H 161 -55.68 57.63 -99.67
CA GLY H 161 -56.44 58.80 -99.20
C GLY H 161 -56.48 59.95 -100.22
N VAL H 162 -55.55 59.93 -101.17
CA VAL H 162 -55.44 60.84 -102.31
C VAL H 162 -55.15 59.97 -103.53
N SER H 163 -55.42 60.42 -104.74
CA SER H 163 -55.35 59.61 -105.96
C SER H 163 -56.35 58.45 -105.97
N GLY H 164 -56.13 57.41 -105.18
CA GLY H 164 -57.05 56.28 -105.09
C GLY H 164 -58.48 56.69 -104.74
N LEU H 165 -58.67 57.58 -103.76
CA LEU H 165 -59.99 58.13 -103.47
C LEU H 165 -60.51 58.99 -104.62
N THR H 166 -59.67 59.81 -105.25
CA THR H 166 -60.08 60.67 -106.36
C THR H 166 -60.70 59.86 -107.50
N LYS H 167 -60.16 58.68 -107.78
CA LYS H 167 -60.68 57.79 -108.82
C LYS H 167 -62.08 57.28 -108.53
N LEU H 168 -62.51 57.24 -107.28
CA LEU H 168 -63.86 56.81 -106.89
C LEU H 168 -64.84 57.98 -106.93
N VAL H 169 -64.54 59.06 -106.21
CA VAL H 169 -65.50 60.18 -106.07
C VAL H 169 -65.71 60.93 -107.38
N THR H 170 -64.78 60.85 -108.33
CA THR H 170 -64.98 61.42 -109.68
C THR H 170 -66.19 60.83 -110.39
N ASP H 171 -66.49 59.55 -110.17
CA ASP H 171 -67.68 58.89 -110.70
C ASP H 171 -68.83 58.81 -109.67
N GLY H 172 -68.76 59.59 -108.59
CA GLY H 172 -69.76 59.60 -107.52
C GLY H 172 -69.80 58.33 -106.66
N LYS H 173 -68.94 57.34 -106.92
CA LYS H 173 -68.85 56.14 -106.09
C LYS H 173 -68.21 56.51 -104.76
N LYS H 174 -68.85 56.18 -103.64
CA LYS H 174 -68.27 56.38 -102.31
C LYS H 174 -67.16 55.36 -102.02
N TRP H 175 -66.28 55.63 -101.06
CA TRP H 175 -65.33 54.66 -100.51
C TRP H 175 -65.74 54.27 -99.08
N THR H 176 -65.91 52.99 -98.77
CA THR H 176 -66.38 52.59 -97.43
C THR H 176 -65.86 51.26 -96.89
N HIS H 177 -65.08 50.49 -97.63
CA HIS H 177 -64.24 49.42 -97.08
C HIS H 177 -62.92 49.35 -97.85
N THR H 178 -61.90 48.76 -97.24
CA THR H 178 -60.69 48.36 -97.93
C THR H 178 -60.32 46.95 -97.54
N LEU H 179 -59.83 46.16 -98.49
CA LEU H 179 -59.59 44.74 -98.34
C LEU H 179 -58.18 44.45 -98.83
N LEU H 180 -57.28 44.15 -97.90
CA LEU H 180 -55.84 44.04 -98.14
C LEU H 180 -55.35 42.60 -98.10
N ASP H 181 -54.56 42.20 -99.08
CA ASP H 181 -53.82 40.94 -98.97
C ASP H 181 -52.72 41.05 -97.90
N ASP H 182 -52.51 40.01 -97.11
CA ASP H 182 -51.53 40.03 -96.02
C ASP H 182 -50.09 40.31 -96.52
N THR H 183 -49.79 40.06 -97.80
CA THR H 183 -48.51 40.41 -98.39
C THR H 183 -48.30 41.91 -98.57
N VAL H 184 -49.30 42.77 -98.40
CA VAL H 184 -49.15 44.21 -98.59
C VAL H 184 -48.58 44.95 -97.37
N GLU H 185 -48.34 44.26 -96.26
CA GLU H 185 -47.81 44.91 -95.05
C GLU H 185 -46.53 45.76 -95.27
N PRO H 186 -45.48 45.29 -95.95
CA PRO H 186 -44.24 46.05 -95.99
C PRO H 186 -44.40 47.39 -96.69
N VAL H 187 -45.26 47.55 -97.70
CA VAL H 187 -45.41 48.87 -98.33
C VAL H 187 -46.17 49.84 -97.43
N LEU H 188 -47.03 49.34 -96.53
CA LEU H 188 -47.62 50.18 -95.49
C LEU H 188 -46.56 50.55 -94.46
N ASN H 189 -45.76 49.59 -93.98
CA ASN H 189 -44.66 49.87 -93.06
C ASN H 189 -43.68 50.88 -93.65
N GLY H 190 -43.46 50.82 -94.96
CA GLY H 190 -42.53 51.68 -95.69
C GLY H 190 -43.11 53.01 -96.14
N SER H 191 -44.36 53.33 -95.83
CA SER H 191 -44.90 54.66 -96.09
C SER H 191 -44.37 55.64 -95.04
N VAL H 192 -43.71 56.72 -95.47
CA VAL H 192 -42.92 57.59 -94.58
C VAL H 192 -43.05 59.08 -94.90
N ASP H 193 -42.79 59.91 -93.90
CA ASP H 193 -42.47 61.33 -94.06
C ASP H 193 -41.27 61.52 -94.99
N ALA H 194 -41.08 62.73 -95.52
CA ALA H 194 -39.81 63.10 -96.12
C ALA H 194 -38.63 62.99 -95.14
N ASN H 195 -38.88 63.10 -93.84
CA ASN H 195 -37.88 62.88 -92.80
C ASN H 195 -37.68 61.42 -92.41
N GLY H 196 -38.47 60.48 -92.93
CA GLY H 196 -38.25 59.05 -92.72
C GLY H 196 -38.94 58.41 -91.52
N ARG H 197 -39.72 59.14 -90.72
CA ARG H 197 -40.65 58.50 -89.76
C ARG H 197 -41.78 57.83 -90.54
N PRO H 198 -42.34 56.71 -90.11
CA PRO H 198 -43.48 56.10 -90.78
C PRO H 198 -44.79 56.81 -90.47
N LEU H 199 -45.79 56.68 -91.34
CA LEU H 199 -47.12 57.26 -91.12
C LEU H 199 -47.95 56.45 -90.11
N PHE H 200 -48.18 55.16 -90.38
CA PHE H 200 -49.23 54.38 -89.72
C PHE H 200 -48.85 53.72 -88.37
N VAL H 201 -47.75 54.09 -87.74
CA VAL H 201 -47.31 53.45 -86.48
C VAL H 201 -46.65 54.45 -85.51
N GLU H 202 -46.85 54.21 -84.22
CA GLU H 202 -46.59 55.15 -83.12
C GLU H 202 -45.09 55.29 -82.76
N SER H 203 -44.78 56.18 -81.80
CA SER H 203 -43.47 56.83 -81.65
C SER H 203 -42.24 55.95 -81.34
N THR H 204 -42.38 54.66 -81.04
CA THR H 204 -41.23 53.76 -80.85
C THR H 204 -41.43 52.38 -81.50
N TYR H 205 -42.42 52.27 -82.38
CA TYR H 205 -42.52 51.16 -83.33
C TYR H 205 -42.67 49.75 -82.74
N GLU H 206 -43.21 49.63 -81.52
CA GLU H 206 -43.50 48.32 -80.93
C GLU H 206 -44.68 47.63 -81.58
N SER H 207 -45.77 48.35 -81.79
CA SER H 207 -47.05 47.82 -82.25
C SER H 207 -46.98 47.28 -83.69
N LEU H 208 -47.87 46.36 -84.05
CA LEU H 208 -48.26 46.17 -85.45
C LEU H 208 -48.74 47.50 -86.05
N THR H 209 -48.51 47.70 -87.33
CA THR H 209 -48.90 48.94 -88.02
C THR H 209 -50.42 49.07 -88.05
N THR H 210 -50.97 50.27 -87.85
CA THR H 210 -52.38 50.45 -87.46
C THR H 210 -53.41 49.66 -88.29
N PRO H 211 -53.43 49.66 -89.63
CA PRO H 211 -54.41 48.90 -90.38
C PRO H 211 -54.33 47.39 -90.11
N PHE H 212 -53.17 46.86 -89.79
CA PHE H 212 -53.00 45.44 -89.46
C PHE H 212 -53.47 45.06 -88.06
N ARG H 213 -53.87 46.03 -87.22
CA ARG H 213 -54.74 45.81 -86.06
C ARG H 213 -56.23 45.77 -86.45
N GLU H 214 -56.55 45.52 -87.72
CA GLU H 214 -57.88 45.80 -88.29
C GLU H 214 -58.36 47.23 -87.99
N GLY H 215 -57.43 48.18 -87.89
CA GLY H 215 -57.75 49.58 -87.66
C GLY H 215 -58.42 50.24 -88.87
N ARG H 216 -59.08 51.37 -88.64
CA ARG H 216 -59.58 52.23 -89.71
C ARG H 216 -58.44 52.98 -90.39
N ILE H 217 -58.66 53.44 -91.62
CA ILE H 217 -57.84 54.47 -92.27
C ILE H 217 -58.75 55.55 -92.80
N LEU H 218 -58.47 56.82 -92.50
CA LEU H 218 -59.37 57.92 -92.80
C LEU H 218 -60.81 57.63 -92.35
N GLY H 219 -60.98 56.85 -91.27
CA GLY H 219 -62.28 56.37 -90.78
C GLY H 219 -62.84 55.13 -91.48
N ARG H 220 -62.41 54.76 -92.69
CA ARG H 220 -62.89 53.58 -93.43
C ARG H 220 -62.28 52.33 -92.78
N PRO H 221 -63.05 51.26 -92.50
CA PRO H 221 -62.53 50.05 -91.86
C PRO H 221 -61.61 49.27 -92.79
N THR H 222 -60.67 48.50 -92.23
CA THR H 222 -59.75 47.63 -92.99
C THR H 222 -60.06 46.16 -92.77
N ILE H 223 -60.18 45.38 -93.83
CA ILE H 223 -60.30 43.93 -93.78
C ILE H 223 -59.00 43.28 -94.28
N LEU H 224 -58.51 42.25 -93.59
CA LEU H 224 -57.21 41.64 -93.85
C LEU H 224 -57.39 40.16 -94.23
N SER H 225 -56.70 39.66 -95.25
CA SER H 225 -56.75 38.24 -95.61
C SER H 225 -55.49 37.75 -96.31
N ASP H 226 -55.11 36.49 -96.10
CA ASP H 226 -53.85 35.91 -96.59
C ASP H 226 -53.93 35.23 -97.97
N HIS H 227 -55.01 35.41 -98.72
CA HIS H 227 -55.24 34.73 -100.00
C HIS H 227 -56.04 35.58 -101.00
N VAL H 228 -55.87 36.90 -100.99
CA VAL H 228 -56.59 37.81 -101.88
C VAL H 228 -55.86 38.01 -103.19
N ALA H 229 -54.54 38.19 -103.14
CA ALA H 229 -53.77 38.63 -104.28
C ALA H 229 -53.70 37.60 -105.41
N GLU H 230 -53.79 38.06 -106.64
CA GLU H 230 -53.38 37.35 -107.85
C GLU H 230 -52.85 38.35 -108.87
N GLY H 231 -51.93 37.91 -109.74
CA GLY H 231 -51.28 38.82 -110.68
C GLY H 231 -50.62 40.00 -109.97
N ASP H 232 -50.78 41.20 -110.50
CA ASP H 232 -50.23 42.42 -109.90
C ASP H 232 -51.14 43.03 -108.81
N VAL H 233 -52.27 42.42 -108.47
CA VAL H 233 -53.31 43.03 -107.64
C VAL H 233 -53.26 42.49 -106.22
N VAL H 234 -53.20 43.38 -105.22
CA VAL H 234 -52.91 43.03 -103.82
C VAL H 234 -53.94 43.55 -102.83
N GLY H 235 -55.07 44.04 -103.31
CA GLY H 235 -56.20 44.44 -102.50
C GLY H 235 -57.23 45.21 -103.30
N TYR H 236 -58.39 45.45 -102.72
CA TYR H 236 -59.46 46.22 -103.36
C TYR H 236 -59.98 47.26 -102.38
N ALA H 237 -60.12 48.49 -102.82
CA ALA H 237 -60.80 49.54 -102.07
C ALA H 237 -62.11 49.85 -102.78
N GLY H 238 -63.21 50.04 -102.06
CA GLY H 238 -64.45 50.35 -102.74
C GLY H 238 -65.68 50.47 -101.87
N ASP H 239 -66.83 50.42 -102.52
CA ASP H 239 -68.13 50.34 -101.89
C ASP H 239 -68.59 48.88 -101.80
N PHE H 240 -68.15 48.18 -100.77
CA PHE H 240 -68.57 46.80 -100.55
C PHE H 240 -70.06 46.63 -100.19
N SER H 241 -70.87 47.68 -100.15
CA SER H 241 -72.33 47.49 -100.12
C SER H 241 -72.86 47.02 -101.47
N GLN H 242 -72.12 47.23 -102.56
CA GLN H 242 -72.55 46.87 -103.91
C GLN H 242 -72.57 45.36 -104.19
N ILE H 243 -72.08 44.52 -103.27
CA ILE H 243 -71.94 43.07 -103.48
C ILE H 243 -72.83 42.28 -102.53
N ILE H 244 -73.71 41.46 -103.12
CA ILE H 244 -74.75 40.66 -102.43
C ILE H 244 -74.60 39.21 -102.85
N TRP H 245 -74.85 38.26 -101.97
CA TRP H 245 -74.67 36.83 -102.25
C TRP H 245 -75.62 35.98 -101.44
N GLY H 246 -75.82 34.74 -101.85
CA GLY H 246 -76.67 33.82 -101.09
C GLY H 246 -76.35 32.36 -101.33
N GLN H 247 -76.96 31.50 -100.52
CA GLN H 247 -76.73 30.05 -100.50
C GLN H 247 -78.06 29.32 -100.38
N VAL H 248 -78.22 28.18 -101.07
CA VAL H 248 -79.42 27.35 -100.94
C VAL H 248 -79.14 26.20 -99.98
N GLY H 249 -80.01 25.94 -99.01
CA GLY H 249 -79.80 24.86 -98.04
C GLY H 249 -78.49 25.00 -97.26
N GLY H 250 -77.60 24.03 -97.41
CA GLY H 250 -76.25 24.02 -96.85
C GLY H 250 -75.40 22.93 -97.50
N LEU H 251 -74.11 22.84 -97.14
CA LEU H 251 -73.24 21.78 -97.64
C LEU H 251 -73.81 20.41 -97.23
N SER H 252 -73.93 19.48 -98.17
CA SER H 252 -74.65 18.22 -97.98
C SER H 252 -73.82 17.01 -98.39
N PHE H 253 -74.01 15.88 -97.72
CA PHE H 253 -73.26 14.64 -97.93
C PHE H 253 -74.19 13.43 -98.04
N ASP H 254 -74.37 12.89 -99.24
CA ASP H 254 -74.85 11.51 -99.41
C ASP H 254 -73.69 10.54 -99.14
N VAL H 255 -74.01 9.32 -98.73
CA VAL H 255 -73.05 8.20 -98.73
C VAL H 255 -73.75 6.93 -99.16
N THR H 256 -73.11 6.09 -99.97
CA THR H 256 -73.75 4.86 -100.44
C THR H 256 -72.76 3.80 -100.89
N ASP H 257 -73.20 2.55 -100.92
CA ASP H 257 -72.61 1.47 -101.70
C ASP H 257 -73.64 0.76 -102.60
N GLN H 258 -74.83 1.34 -102.78
CA GLN H 258 -75.80 0.87 -103.77
C GLN H 258 -75.29 1.07 -105.21
N ALA H 259 -74.49 2.10 -105.43
CA ALA H 259 -74.42 2.76 -106.71
C ALA H 259 -73.46 2.11 -107.71
N THR H 260 -73.50 2.61 -108.94
CA THR H 260 -72.54 2.33 -110.00
C THR H 260 -72.19 3.66 -110.64
N LEU H 261 -70.91 3.93 -110.86
CA LEU H 261 -70.46 5.24 -111.29
C LEU H 261 -69.37 5.18 -112.34
N ASN H 262 -69.20 6.27 -113.07
CA ASN H 262 -68.35 6.35 -114.22
C ASN H 262 -67.01 6.99 -113.84
N LEU H 263 -65.91 6.28 -114.01
CA LEU H 263 -64.58 6.81 -113.74
C LEU H 263 -64.03 7.65 -114.91
N GLY H 264 -64.58 7.50 -116.10
CA GLY H 264 -64.23 8.26 -117.30
C GLY H 264 -65.12 9.47 -117.55
N SER H 265 -65.10 10.01 -118.76
CA SER H 265 -66.01 11.08 -119.19
C SER H 265 -67.40 10.55 -119.54
N GLN H 266 -68.41 11.41 -119.69
CA GLN H 266 -69.70 10.98 -120.21
C GLN H 266 -69.61 10.50 -121.67
N GLU H 267 -68.74 11.11 -122.46
CA GLU H 267 -68.52 10.76 -123.86
C GLU H 267 -67.69 9.48 -124.07
N SER H 268 -66.97 9.01 -123.04
CA SER H 268 -66.07 7.86 -123.09
C SER H 268 -65.97 7.17 -121.72
N PRO H 269 -67.03 6.46 -121.31
CA PRO H 269 -67.19 6.00 -119.94
C PRO H 269 -66.29 4.83 -119.58
N ASN H 270 -66.16 4.61 -118.27
CA ASN H 270 -65.54 3.45 -117.65
C ASN H 270 -66.28 3.18 -116.34
N PHE H 271 -67.35 2.38 -116.38
CA PHE H 271 -68.20 2.15 -115.23
C PHE H 271 -67.61 1.15 -114.24
N VAL H 272 -67.82 1.41 -112.96
CA VAL H 272 -67.51 0.49 -111.86
C VAL H 272 -68.73 0.36 -110.96
N SER H 273 -69.11 -0.87 -110.64
CA SER H 273 -70.15 -1.15 -109.64
C SER H 273 -69.56 -1.07 -108.25
N LEU H 274 -70.00 -0.12 -107.42
CA LEU H 274 -69.47 -0.03 -106.06
C LEU H 274 -69.79 -1.31 -105.30
N TRP H 275 -70.98 -1.88 -105.53
CA TRP H 275 -71.41 -3.07 -104.82
C TRP H 275 -70.60 -4.30 -105.22
N GLN H 276 -70.35 -4.53 -106.50
CA GLN H 276 -69.62 -5.73 -106.91
C GLN H 276 -68.11 -5.63 -106.68
N HIS H 277 -67.52 -4.44 -106.73
CA HIS H 277 -66.12 -4.22 -106.39
C HIS H 277 -65.89 -3.94 -104.90
N ASN H 278 -66.91 -4.07 -104.06
CA ASN H 278 -66.79 -3.88 -102.62
C ASN H 278 -66.25 -2.49 -102.23
N LEU H 279 -66.63 -1.45 -102.97
CA LEU H 279 -66.27 -0.05 -102.72
C LEU H 279 -67.39 0.71 -102.01
N VAL H 280 -67.12 1.92 -101.53
CA VAL H 280 -68.08 2.84 -100.91
C VAL H 280 -67.80 4.27 -101.40
N ALA H 281 -68.82 5.10 -101.61
CA ALA H 281 -68.64 6.47 -102.11
C ALA H 281 -69.40 7.51 -101.30
N VAL H 282 -68.81 8.68 -101.10
CA VAL H 282 -69.43 9.86 -100.48
C VAL H 282 -69.64 10.92 -101.54
N ARG H 283 -70.82 11.52 -101.60
CA ARG H 283 -71.25 12.41 -102.68
C ARG H 283 -71.71 13.73 -102.10
N VAL H 284 -71.13 14.83 -102.55
CA VAL H 284 -71.17 16.13 -101.85
C VAL H 284 -71.70 17.23 -102.74
N GLU H 285 -72.60 18.06 -102.24
CA GLU H 285 -73.19 19.16 -103.01
C GLU H 285 -73.43 20.41 -102.17
N ALA H 286 -73.35 21.58 -102.82
CA ALA H 286 -73.79 22.87 -102.31
C ALA H 286 -74.25 23.78 -103.46
N GLU H 287 -74.92 24.88 -103.16
CA GLU H 287 -75.33 25.88 -104.16
C GLU H 287 -75.09 27.30 -103.67
N TYR H 288 -74.67 28.20 -104.56
CA TYR H 288 -74.41 29.60 -104.23
C TYR H 288 -74.82 30.52 -105.37
N GLY H 289 -75.16 31.78 -105.07
CA GLY H 289 -75.39 32.82 -106.07
C GLY H 289 -74.76 34.14 -105.65
N LEU H 290 -74.34 34.95 -106.62
CA LEU H 290 -73.56 36.15 -106.38
C LEU H 290 -73.96 37.25 -107.37
N LEU H 291 -74.00 38.48 -106.90
CA LEU H 291 -74.15 39.65 -107.75
C LEU H 291 -73.29 40.80 -107.23
N ILE H 292 -72.41 41.35 -108.06
CA ILE H 292 -71.90 42.69 -107.82
C ILE H 292 -72.76 43.62 -108.65
N ASN H 293 -73.40 44.60 -108.02
CA ASN H 293 -74.31 45.50 -108.70
C ASN H 293 -73.60 46.36 -109.76
N ASP H 294 -72.41 46.84 -109.44
CA ASP H 294 -71.64 47.74 -110.29
C ASP H 294 -70.14 47.60 -110.00
N VAL H 295 -69.42 46.87 -110.84
CA VAL H 295 -67.99 46.62 -110.64
C VAL H 295 -67.13 47.88 -110.78
N ASN H 296 -67.66 48.98 -111.33
CA ASN H 296 -66.90 50.24 -111.39
C ASN H 296 -66.65 50.86 -110.00
N ALA H 297 -67.35 50.42 -108.95
CA ALA H 297 -67.23 50.97 -107.60
C ALA H 297 -66.00 50.46 -106.81
N PHE H 298 -65.03 49.83 -107.45
CA PHE H 298 -63.87 49.25 -106.79
C PHE H 298 -62.57 49.62 -107.48
N VAL H 299 -61.56 50.04 -106.73
CA VAL H 299 -60.20 50.35 -107.20
C VAL H 299 -59.29 49.18 -106.86
N LYS H 300 -58.65 48.61 -107.86
CA LYS H 300 -57.67 47.53 -107.68
C LYS H 300 -56.35 48.12 -107.20
N LEU H 301 -55.89 47.71 -106.04
CA LEU H 301 -54.63 48.17 -105.48
C LEU H 301 -53.48 47.35 -106.05
N THR H 302 -52.37 47.99 -106.44
CA THR H 302 -51.26 47.34 -107.13
C THR H 302 -49.91 47.92 -106.74
N PHE H 303 -48.82 47.21 -106.98
CA PHE H 303 -47.47 47.73 -106.73
C PHE H 303 -46.86 48.52 -107.91
N ASP H 304 -47.58 48.69 -109.01
CA ASP H 304 -47.18 49.28 -110.30
C ASP H 304 -46.26 50.52 -110.17
N PRO H 305 -45.11 50.64 -110.89
CA PRO H 305 -44.31 51.84 -110.82
C PRO H 305 -45.02 53.05 -111.42
N VAL H 306 -44.60 54.25 -111.01
CA VAL H 306 -45.05 55.52 -111.58
C VAL H 306 -44.65 55.61 -113.06
N LEU H 307 -45.52 56.17 -113.90
CA LEU H 307 -45.42 56.10 -115.36
C LEU H 307 -45.57 57.48 -116.00
N THR H 308 -44.76 57.78 -117.00
CA THR H 308 -44.82 59.04 -117.78
C THR H 308 -45.12 58.76 -119.25
N THR H 309 -46.12 59.43 -119.80
CA THR H 309 -46.43 59.39 -121.24
C THR H 309 -45.59 60.44 -121.97
N TYR H 310 -44.38 60.08 -122.37
CA TYR H 310 -43.50 60.94 -123.15
C TYR H 310 -43.96 61.10 -124.61
N ALA H 311 -43.63 62.25 -125.19
CA ALA H 311 -43.76 62.54 -126.62
C ALA H 311 -42.36 62.86 -127.20
N LEU H 312 -41.90 62.07 -128.17
CA LEU H 312 -40.58 62.13 -128.79
C LEU H 312 -40.67 62.64 -130.22
N ASP H 313 -39.95 63.72 -130.54
CA ASP H 313 -39.94 64.37 -131.85
C ASP H 313 -38.51 64.45 -132.40
N LEU H 314 -38.26 63.82 -133.57
CA LEU H 314 -36.96 63.78 -134.24
C LEU H 314 -36.76 64.90 -135.29
N ASP H 315 -37.61 65.94 -135.27
CA ASP H 315 -37.40 67.19 -136.01
C ASP H 315 -37.24 67.05 -137.54
N GLY H 316 -37.79 65.98 -138.13
CA GLY H 316 -37.65 65.69 -139.56
C GLY H 316 -36.22 65.34 -140.02
N ALA H 317 -35.34 64.95 -139.09
CA ALA H 317 -33.94 64.66 -139.32
C ALA H 317 -33.65 63.59 -140.39
N SER H 318 -32.43 63.60 -140.92
CA SER H 318 -31.91 62.64 -141.91
C SER H 318 -30.66 61.91 -141.45
N ALA H 319 -30.48 60.67 -141.94
CA ALA H 319 -29.28 59.83 -141.85
C ALA H 319 -28.74 59.59 -140.43
N GLY H 320 -29.62 59.64 -139.43
CA GLY H 320 -29.25 59.62 -138.02
C GLY H 320 -29.22 58.25 -137.35
N ASN H 321 -28.66 58.22 -136.13
CA ASN H 321 -28.89 57.17 -135.14
C ASN H 321 -28.89 57.79 -133.72
N PHE H 322 -29.56 57.12 -132.78
CA PHE H 322 -29.79 57.62 -131.42
C PHE H 322 -29.78 56.50 -130.37
N THR H 323 -29.61 56.88 -129.10
CA THR H 323 -29.70 55.97 -127.94
C THR H 323 -30.57 56.58 -126.84
N LEU H 324 -31.35 55.75 -126.14
CA LEU H 324 -32.22 56.15 -125.03
C LEU H 324 -31.58 55.78 -123.69
N SER H 325 -31.56 56.71 -122.74
CA SER H 325 -31.05 56.50 -121.39
C SER H 325 -32.18 56.54 -120.36
N LEU H 326 -32.30 55.47 -119.58
CA LEU H 326 -33.32 55.29 -118.55
C LEU H 326 -32.64 55.30 -117.17
N ASP H 327 -32.97 56.28 -116.33
CA ASP H 327 -32.30 56.50 -115.03
C ASP H 327 -30.76 56.44 -115.12
N GLY H 328 -30.20 56.92 -116.24
CA GLY H 328 -28.77 56.97 -116.53
C GLY H 328 -28.16 55.70 -117.15
N LYS H 329 -28.89 54.58 -117.21
CA LYS H 329 -28.47 53.37 -117.97
C LYS H 329 -28.81 53.56 -119.45
N THR H 330 -27.82 53.48 -120.33
CA THR H 330 -27.95 53.93 -121.74
C THR H 330 -27.99 52.79 -122.75
N SER H 331 -29.01 52.77 -123.61
CA SER H 331 -29.36 51.66 -124.50
C SER H 331 -28.35 51.42 -125.62
N ALA H 332 -28.46 50.24 -126.24
CA ALA H 332 -27.99 50.04 -127.61
C ALA H 332 -28.65 51.08 -128.56
N ASN H 333 -27.90 51.57 -129.54
CA ASN H 333 -28.40 52.57 -130.48
C ASN H 333 -29.21 51.97 -131.63
N ILE H 334 -30.08 52.77 -132.23
CA ILE H 334 -30.91 52.43 -133.42
C ILE H 334 -30.92 53.62 -134.39
N ALA H 335 -31.02 53.36 -135.69
CA ALA H 335 -31.14 54.41 -136.71
C ALA H 335 -32.43 55.26 -136.58
N TYR H 336 -32.42 56.44 -137.21
CA TYR H 336 -33.55 57.37 -137.27
C TYR H 336 -34.79 56.82 -138.01
N ASN H 337 -35.91 57.55 -137.94
CA ASN H 337 -37.21 57.22 -138.56
C ASN H 337 -37.81 55.85 -138.18
N ALA H 338 -37.36 55.24 -137.08
CA ALA H 338 -37.72 53.89 -136.66
C ALA H 338 -39.24 53.67 -136.48
N SER H 339 -39.71 52.43 -136.65
CA SER H 339 -41.10 52.04 -136.35
C SER H 339 -41.35 51.98 -134.83
N THR H 340 -42.60 52.13 -134.39
CA THR H 340 -42.97 52.13 -132.95
C THR H 340 -42.53 50.86 -132.24
N ALA H 341 -42.75 49.67 -132.81
CA ALA H 341 -42.28 48.41 -132.22
C ALA H 341 -40.75 48.36 -132.08
N THR H 342 -40.02 48.97 -133.02
CA THR H 342 -38.57 49.12 -132.92
C THR H 342 -38.20 50.10 -131.80
N VAL H 343 -38.90 51.23 -131.65
CA VAL H 343 -38.70 52.17 -130.53
C VAL H 343 -38.95 51.48 -129.18
N LYS H 344 -40.00 50.67 -129.05
CA LYS H 344 -40.25 49.84 -127.86
C LYS H 344 -39.12 48.84 -127.59
N SER H 345 -38.51 48.27 -128.63
CA SER H 345 -37.39 47.33 -128.45
C SER H 345 -36.13 47.98 -127.84
N ALA H 346 -36.01 49.31 -127.83
CA ALA H 346 -34.82 50.01 -127.33
C ALA H 346 -34.77 50.18 -125.81
N ILE H 347 -35.91 50.11 -125.09
CA ILE H 347 -35.95 50.28 -123.62
C ILE H 347 -35.71 48.98 -122.86
N VAL H 348 -36.13 47.84 -123.42
CA VAL H 348 -35.77 46.52 -122.89
C VAL H 348 -34.28 46.25 -123.14
N ALA H 349 -33.67 45.36 -122.36
CA ALA H 349 -32.22 45.14 -122.41
C ALA H 349 -31.36 46.40 -122.16
N ILE H 350 -31.89 47.37 -121.42
CA ILE H 350 -31.11 48.35 -120.64
C ILE H 350 -30.64 47.73 -119.29
N ASP H 351 -31.15 46.55 -118.91
CA ASP H 351 -30.97 45.90 -117.60
C ASP H 351 -31.59 46.70 -116.44
N ASP H 352 -32.84 47.14 -116.62
CA ASP H 352 -33.60 47.91 -115.62
C ASP H 352 -35.01 47.36 -115.36
N GLY H 353 -35.32 46.15 -115.83
CA GLY H 353 -36.51 45.38 -115.45
C GLY H 353 -37.85 45.82 -116.04
N VAL H 354 -37.90 46.85 -116.89
CA VAL H 354 -39.14 47.32 -117.51
C VAL H 354 -39.70 46.23 -118.43
N SER H 355 -40.91 45.74 -118.16
CA SER H 355 -41.46 44.58 -118.85
C SER H 355 -41.98 44.88 -120.25
N ALA H 356 -42.12 43.84 -121.07
CA ALA H 356 -42.78 43.91 -122.37
C ALA H 356 -44.26 44.34 -122.29
N ASP H 357 -44.90 44.25 -121.12
CA ASP H 357 -46.28 44.67 -120.88
C ASP H 357 -46.39 46.12 -120.35
N ASP H 358 -45.30 46.71 -119.86
CA ASP H 358 -45.33 48.05 -119.24
C ASP H 358 -45.53 49.18 -120.26
N VAL H 359 -45.02 49.00 -121.48
CA VAL H 359 -44.85 50.08 -122.45
C VAL H 359 -45.87 50.02 -123.59
N THR H 360 -46.62 51.11 -123.76
CA THR H 360 -47.46 51.41 -124.94
C THR H 360 -46.73 52.41 -125.82
N VAL H 361 -46.73 52.17 -127.13
CA VAL H 361 -46.17 53.07 -128.15
C VAL H 361 -47.14 53.26 -129.31
N THR H 362 -47.29 54.50 -129.77
CA THR H 362 -47.99 54.88 -131.01
C THR H 362 -47.24 56.04 -131.68
N GLY H 363 -47.43 56.29 -132.97
CA GLY H 363 -46.74 57.40 -133.63
C GLY H 363 -46.77 57.41 -135.15
N SER H 364 -45.91 58.26 -135.71
CA SER H 364 -45.62 58.45 -137.13
C SER H 364 -44.09 58.63 -137.30
N ALA H 365 -43.56 58.58 -138.52
CA ALA H 365 -42.12 58.69 -138.75
C ALA H 365 -41.52 59.96 -138.14
N GLY H 366 -40.72 59.81 -137.09
CA GLY H 366 -40.12 60.91 -136.33
C GLY H 366 -41.02 61.57 -135.27
N ASP H 367 -42.16 60.98 -134.92
CA ASP H 367 -43.10 61.51 -133.92
C ASP H 367 -43.77 60.37 -133.12
N TYR H 368 -43.35 60.15 -131.87
CA TYR H 368 -43.75 58.96 -131.08
C TYR H 368 -44.34 59.32 -129.70
N THR H 369 -45.46 58.70 -129.33
CA THR H 369 -46.05 58.73 -127.98
C THR H 369 -45.72 57.43 -127.27
N ILE H 370 -45.12 57.51 -126.09
CA ILE H 370 -44.47 56.39 -125.39
C ILE H 370 -44.89 56.42 -123.92
N THR H 371 -45.25 55.29 -123.30
CA THR H 371 -45.46 55.22 -121.85
C THR H 371 -44.32 54.46 -121.16
N VAL H 372 -43.58 55.08 -120.24
CA VAL H 372 -42.43 54.43 -119.55
C VAL H 372 -42.31 54.87 -118.09
N PRO H 373 -41.74 54.02 -117.20
CA PRO H 373 -41.41 54.40 -115.84
C PRO H 373 -40.10 55.21 -115.80
N GLY H 374 -39.74 55.70 -114.61
CA GLY H 374 -38.44 56.34 -114.37
C GLY H 374 -38.19 57.62 -115.16
N THR H 375 -36.92 57.96 -115.36
CA THR H 375 -36.46 59.20 -116.02
C THR H 375 -35.92 58.87 -117.41
N LEU H 376 -36.50 59.46 -118.47
CA LEU H 376 -36.04 59.27 -119.84
C LEU H 376 -35.20 60.49 -120.26
N THR H 377 -34.03 60.26 -120.84
CA THR H 377 -33.22 61.26 -121.56
C THR H 377 -32.45 60.56 -122.68
N ALA H 378 -32.08 61.22 -123.76
CA ALA H 378 -31.57 60.56 -124.96
C ALA H 378 -30.42 61.34 -125.64
N ASP H 379 -29.62 60.62 -126.42
CA ASP H 379 -28.56 61.21 -127.24
C ASP H 379 -28.88 61.02 -128.73
N PHE H 380 -29.02 62.15 -129.43
CA PHE H 380 -29.41 62.26 -130.85
C PHE H 380 -28.23 62.73 -131.73
N SER H 381 -27.02 62.80 -131.21
CA SER H 381 -25.87 63.43 -131.88
C SER H 381 -25.45 62.81 -133.23
N GLY H 382 -26.02 61.66 -133.62
CA GLY H 382 -25.87 61.11 -134.97
C GLY H 382 -26.79 61.71 -136.04
N LEU H 383 -27.88 62.41 -135.67
CA LEU H 383 -28.84 63.01 -136.60
C LEU H 383 -28.20 64.17 -137.38
N THR H 384 -28.15 64.07 -138.71
CA THR H 384 -27.26 64.92 -139.54
C THR H 384 -27.85 66.30 -139.85
N ASP H 385 -29.17 66.43 -139.74
CA ASP H 385 -29.93 67.67 -139.64
C ASP H 385 -31.16 67.39 -138.74
N GLY H 386 -32.08 68.34 -138.57
CA GLY H 386 -33.13 68.22 -137.55
C GLY H 386 -32.54 68.34 -136.13
N GLU H 387 -31.69 69.33 -135.91
CA GLU H 387 -30.94 69.54 -134.67
C GLU H 387 -31.81 69.76 -133.41
N GLY H 388 -33.12 70.02 -133.57
CA GLY H 388 -34.08 70.17 -132.48
C GLY H 388 -34.64 68.85 -131.94
N ALA H 389 -34.14 67.70 -132.38
CA ALA H 389 -34.61 66.38 -131.96
C ALA H 389 -34.60 66.24 -130.42
N SER H 390 -35.78 66.02 -129.82
CA SER H 390 -36.02 66.20 -128.38
C SER H 390 -37.32 65.54 -127.91
N ILE H 391 -37.49 65.47 -126.58
CA ILE H 391 -38.58 64.73 -125.93
C ILE H 391 -39.30 65.59 -124.86
N SER H 392 -40.62 65.43 -124.74
CA SER H 392 -41.52 66.18 -123.84
C SER H 392 -42.63 65.23 -123.34
N VAL H 393 -43.77 65.70 -122.82
CA VAL H 393 -44.85 64.83 -122.27
C VAL H 393 -46.26 65.19 -122.75
N VAL H 394 -47.12 64.17 -122.87
CA VAL H 394 -48.52 64.28 -123.33
C VAL H 394 -49.44 64.83 -122.23
N SER H 395 -49.31 66.14 -122.00
CA SER H 395 -50.12 66.91 -121.04
C SER H 395 -50.44 68.33 -121.52
N VAL H 396 -50.15 68.63 -122.79
CA VAL H 396 -50.39 69.94 -123.41
C VAL H 396 -51.89 70.14 -123.68
N GLY H 397 -52.47 71.21 -123.16
CA GLY H 397 -53.89 71.56 -123.30
C GLY H 397 -54.30 72.76 -122.45
N GLY I 2 -73.37 16.92 -119.87
CA GLY I 2 -74.66 16.45 -119.32
C GLY I 2 -75.75 16.44 -120.38
N PHE I 3 -76.94 16.00 -120.02
CA PHE I 3 -78.09 15.94 -120.93
C PHE I 3 -78.51 17.33 -121.43
N SER I 4 -79.04 17.42 -122.65
CA SER I 4 -79.55 18.68 -123.20
C SER I 4 -80.81 19.14 -122.47
N ALA I 5 -81.22 20.39 -122.71
CA ALA I 5 -82.60 20.80 -122.48
C ALA I 5 -83.55 20.05 -123.42
N ASP I 6 -84.81 19.91 -123.03
CA ASP I 6 -85.85 19.18 -123.77
C ASP I 6 -85.42 17.76 -124.15
N HIS I 7 -84.65 17.09 -123.28
CA HIS I 7 -84.23 15.72 -123.52
C HIS I 7 -85.42 14.78 -123.57
N SER I 8 -85.40 13.80 -124.47
CA SER I 8 -86.54 12.93 -124.74
C SER I 8 -86.84 11.89 -123.65
N GLN I 9 -85.95 11.69 -122.67
CA GLN I 9 -86.10 10.65 -121.64
C GLN I 9 -86.06 11.14 -120.19
N ILE I 10 -85.50 12.32 -119.92
CA ILE I 10 -85.16 12.75 -118.56
C ILE I 10 -85.64 14.19 -118.33
N ALA I 11 -86.66 14.37 -117.50
CA ALA I 11 -87.20 15.68 -117.17
C ALA I 11 -86.23 16.50 -116.32
N GLN I 12 -86.00 17.75 -116.69
CA GLN I 12 -85.15 18.71 -115.98
C GLN I 12 -85.86 20.06 -115.86
N THR I 13 -85.53 20.88 -114.87
CA THR I 13 -86.16 22.19 -114.68
C THR I 13 -85.88 23.16 -115.82
N LYS I 14 -84.82 22.94 -116.60
CA LYS I 14 -84.55 23.71 -117.83
C LYS I 14 -85.53 23.39 -118.98
N ASP I 15 -86.31 22.33 -118.89
CA ASP I 15 -87.20 21.92 -119.98
C ASP I 15 -88.37 22.87 -120.19
N THR I 16 -88.77 23.04 -121.44
CA THR I 16 -89.82 23.99 -121.83
C THR I 16 -91.17 23.73 -121.19
N MET I 17 -91.53 22.49 -120.84
CA MET I 17 -92.81 22.22 -120.20
C MET I 17 -92.95 22.93 -118.84
N PHE I 18 -91.84 23.19 -118.13
CA PHE I 18 -91.83 23.93 -116.87
C PHE I 18 -91.83 25.46 -117.04
N THR I 19 -91.88 26.01 -118.25
CA THR I 19 -91.78 27.47 -118.45
C THR I 19 -92.80 28.23 -117.60
N GLY I 20 -92.33 29.15 -116.78
CA GLY I 20 -93.17 30.01 -115.95
C GLY I 20 -93.66 29.40 -114.63
N TYR I 21 -93.47 28.11 -114.37
CA TYR I 21 -93.75 27.54 -113.04
C TYR I 21 -92.65 27.79 -112.02
N LEU I 22 -91.46 28.21 -112.45
CA LEU I 22 -90.24 28.26 -111.64
C LEU I 22 -89.58 29.65 -111.69
N ASP I 23 -90.38 30.71 -111.67
CA ASP I 23 -89.91 32.09 -111.71
C ASP I 23 -89.04 32.50 -110.50
N PRO I 24 -88.19 33.52 -110.63
CA PRO I 24 -87.47 34.07 -109.50
C PRO I 24 -88.41 34.79 -108.52
N VAL I 25 -88.08 34.74 -107.23
CA VAL I 25 -88.86 35.39 -106.17
C VAL I 25 -88.63 36.90 -106.20
N GLN I 26 -89.67 37.70 -106.04
CA GLN I 26 -89.54 39.16 -105.94
C GLN I 26 -88.79 39.55 -104.66
N ALA I 27 -87.83 40.47 -104.76
CA ALA I 27 -87.06 40.94 -103.61
C ALA I 27 -87.09 42.46 -103.48
N LYS I 28 -86.71 42.97 -102.30
CA LYS I 28 -86.50 44.41 -102.09
C LYS I 28 -85.25 44.89 -102.82
N ASP I 29 -85.16 46.17 -103.14
CA ASP I 29 -83.95 46.75 -103.72
C ASP I 29 -82.84 46.88 -102.66
N TYR I 30 -81.79 46.07 -102.76
CA TYR I 30 -80.65 46.15 -101.85
C TYR I 30 -79.70 47.32 -102.15
N PHE I 31 -79.85 47.99 -103.29
CA PHE I 31 -78.97 49.05 -103.75
C PHE I 31 -79.68 50.40 -103.84
N ALA I 32 -80.84 50.55 -103.20
CA ALA I 32 -81.61 51.77 -103.20
C ALA I 32 -80.81 52.95 -102.60
N GLU I 33 -80.66 54.02 -103.37
CA GLU I 33 -80.03 55.26 -102.92
C GLU I 33 -81.02 56.10 -102.10
N ALA I 34 -80.53 56.84 -101.11
CA ALA I 34 -81.32 57.85 -100.42
C ALA I 34 -81.71 58.99 -101.38
N GLU I 35 -82.82 59.68 -101.12
CA GLU I 35 -83.14 60.90 -101.84
C GLU I 35 -82.19 62.03 -101.42
N LYS I 36 -81.58 62.75 -102.36
CA LYS I 36 -80.95 64.05 -102.02
C LYS I 36 -82.03 65.02 -101.51
N THR I 37 -81.63 65.98 -100.67
CA THR I 37 -82.51 67.05 -100.17
C THR I 37 -81.75 68.37 -100.08
N SER I 38 -82.46 69.49 -100.17
CA SER I 38 -81.85 70.79 -100.45
C SER I 38 -80.74 71.14 -99.47
N ILE I 39 -79.59 71.55 -99.98
CA ILE I 39 -78.54 72.10 -99.13
C ILE I 39 -78.80 73.57 -98.84
N VAL I 40 -79.30 74.31 -99.82
CA VAL I 40 -79.45 75.76 -99.69
C VAL I 40 -80.43 76.09 -98.60
N GLN I 41 -81.49 75.31 -98.46
CA GLN I 41 -82.48 75.55 -97.40
C GLN I 41 -81.94 75.29 -95.98
N ARG I 42 -80.77 74.66 -95.84
CA ARG I 42 -80.12 74.52 -94.52
C ARG I 42 -79.23 75.70 -94.17
N VAL I 43 -78.44 76.22 -95.11
CA VAL I 43 -77.52 77.33 -94.83
C VAL I 43 -78.22 78.68 -94.82
N ALA I 44 -79.21 78.90 -95.68
CA ALA I 44 -79.88 80.18 -95.83
C ALA I 44 -80.93 80.44 -94.75
N GLN I 45 -81.10 81.69 -94.32
CA GLN I 45 -82.11 82.07 -93.35
C GLN I 45 -83.51 82.10 -93.99
N LYS I 46 -84.44 81.30 -93.48
CA LYS I 46 -85.82 81.30 -93.94
C LYS I 46 -86.56 82.52 -93.40
N ILE I 47 -87.28 83.26 -94.24
CA ILE I 47 -88.10 84.41 -93.83
C ILE I 47 -89.53 84.27 -94.37
N PRO I 48 -90.55 84.86 -93.73
CA PRO I 48 -91.93 84.72 -94.16
C PRO I 48 -92.17 85.54 -95.44
N MET I 49 -92.62 84.88 -96.50
CA MET I 49 -92.74 85.47 -97.83
C MET I 49 -94.19 85.74 -98.18
N GLY I 50 -94.53 86.98 -98.52
CA GLY I 50 -95.85 87.33 -99.03
C GLY I 50 -96.00 86.98 -100.51
N ALA I 51 -97.21 86.67 -100.98
CA ALA I 51 -97.41 86.37 -102.40
C ALA I 51 -97.08 87.56 -103.30
N THR I 52 -97.24 88.80 -102.82
CA THR I 52 -96.82 90.02 -103.54
C THR I 52 -95.34 90.34 -103.37
N GLY I 53 -94.53 89.48 -102.73
CA GLY I 53 -93.15 89.78 -102.42
C GLY I 53 -92.99 90.74 -101.24
N ILE I 54 -91.76 91.11 -100.90
CA ILE I 54 -91.43 91.94 -99.75
C ILE I 54 -90.35 92.99 -100.04
N VAL I 55 -90.32 94.06 -99.25
CA VAL I 55 -89.40 95.18 -99.38
C VAL I 55 -88.49 95.29 -98.16
N ILE I 56 -87.18 95.30 -98.37
CA ILE I 56 -86.15 95.37 -97.34
C ILE I 56 -85.54 96.77 -97.30
N PRO I 57 -85.63 97.52 -96.20
CA PRO I 57 -84.93 98.78 -96.02
C PRO I 57 -83.48 98.55 -95.60
N HIS I 58 -82.59 99.50 -95.87
CA HIS I 58 -81.18 99.44 -95.46
C HIS I 58 -80.59 100.83 -95.33
N TRP I 59 -80.07 101.17 -94.15
CA TRP I 59 -79.38 102.44 -93.90
C TRP I 59 -78.03 102.50 -94.64
N THR I 60 -77.58 103.69 -95.04
CA THR I 60 -76.32 103.86 -95.78
C THR I 60 -75.53 105.13 -95.41
N GLY I 61 -76.01 105.93 -94.47
CA GLY I 61 -75.48 107.28 -94.22
C GLY I 61 -74.04 107.35 -93.72
N ASP I 62 -73.28 108.29 -94.26
CA ASP I 62 -71.92 108.66 -93.86
C ASP I 62 -71.91 109.80 -92.82
N VAL I 63 -72.71 109.65 -91.76
CA VAL I 63 -72.94 110.68 -90.72
C VAL I 63 -71.63 111.06 -90.01
N SER I 64 -71.46 112.35 -89.69
CA SER I 64 -70.18 112.90 -89.22
C SER I 64 -70.29 114.02 -88.20
N ALA I 65 -69.24 114.21 -87.39
CA ALA I 65 -69.09 115.27 -86.40
C ALA I 65 -67.63 115.69 -86.28
N GLN I 66 -67.35 116.97 -86.02
CA GLN I 66 -66.00 117.51 -86.01
C GLN I 66 -65.68 118.18 -84.67
N TRP I 67 -64.40 118.15 -84.31
CA TRP I 67 -63.86 118.92 -83.20
C TRP I 67 -63.85 120.41 -83.54
N ILE I 68 -64.20 121.27 -82.59
CA ILE I 68 -64.25 122.72 -82.79
C ILE I 68 -63.59 123.45 -81.62
N GLY I 69 -62.90 124.55 -81.89
CA GLY I 69 -62.46 125.46 -80.83
C GLY I 69 -63.65 126.24 -80.28
N GLU I 70 -63.59 126.78 -79.06
CA GLU I 70 -64.73 127.54 -78.57
C GLU I 70 -64.96 128.79 -79.43
N GLY I 71 -66.23 129.07 -79.72
CA GLY I 71 -66.65 130.10 -80.65
C GLY I 71 -66.45 129.74 -82.13
N ASP I 72 -65.78 128.64 -82.47
CA ASP I 72 -65.65 128.20 -83.87
C ASP I 72 -66.95 127.53 -84.34
N MET I 73 -67.51 127.94 -85.47
CA MET I 73 -68.90 127.60 -85.78
C MET I 73 -69.09 126.15 -86.24
N LYS I 74 -70.16 125.51 -85.76
CA LYS I 74 -70.45 124.07 -85.88
C LYS I 74 -70.56 123.60 -87.34
N PRO I 75 -70.23 122.34 -87.64
CA PRO I 75 -70.42 121.74 -88.97
C PRO I 75 -71.86 121.27 -89.18
N ILE I 76 -72.21 120.88 -90.40
CA ILE I 76 -73.55 120.39 -90.76
C ILE I 76 -73.47 119.03 -91.45
N THR I 77 -74.41 118.11 -91.22
CA THR I 77 -74.42 116.76 -91.79
C THR I 77 -75.81 116.24 -92.16
N LYS I 78 -75.91 115.23 -93.03
CA LYS I 78 -77.15 114.66 -93.58
C LYS I 78 -76.99 113.13 -93.66
N GLY I 79 -77.97 112.35 -93.23
CA GLY I 79 -77.94 110.88 -93.33
C GLY I 79 -78.31 110.36 -94.72
N ASN I 80 -78.40 109.04 -94.89
CA ASN I 80 -78.97 108.43 -96.10
C ASN I 80 -79.47 107.00 -95.85
N MET I 81 -80.44 106.54 -96.64
CA MET I 81 -81.04 105.21 -96.54
C MET I 81 -81.69 104.76 -97.86
N THR I 82 -81.89 103.46 -98.01
CA THR I 82 -82.29 102.81 -99.27
C THR I 82 -83.31 101.71 -99.04
N LYS I 83 -83.94 101.22 -100.11
CA LYS I 83 -84.87 100.08 -100.07
C LYS I 83 -84.72 99.23 -101.32
N ARG I 84 -84.89 97.92 -101.20
CA ARG I 84 -84.79 96.94 -102.30
C ARG I 84 -85.74 95.79 -102.04
N ASP I 85 -86.25 95.12 -103.06
CA ASP I 85 -87.39 94.21 -102.93
C ASP I 85 -87.17 92.86 -103.59
N VAL I 86 -87.99 91.89 -103.20
CA VAL I 86 -87.93 90.49 -103.61
C VAL I 86 -89.32 90.02 -103.98
N HIS I 87 -89.43 89.27 -105.08
CA HIS I 87 -90.68 88.66 -105.53
C HIS I 87 -90.51 87.16 -105.65
N PRO I 88 -91.53 86.34 -105.37
CA PRO I 88 -91.46 84.92 -105.54
C PRO I 88 -91.55 84.51 -107.01
N ALA I 89 -91.23 83.25 -107.30
CA ALA I 89 -91.33 82.60 -108.61
C ALA I 89 -91.84 81.17 -108.45
N LYS I 90 -92.44 80.64 -109.51
CA LYS I 90 -93.20 79.39 -109.46
C LYS I 90 -92.48 78.29 -110.21
N ILE I 91 -92.53 77.08 -109.67
CA ILE I 91 -91.97 75.88 -110.30
C ILE I 91 -93.05 74.81 -110.39
N ALA I 92 -93.13 74.11 -111.53
CA ALA I 92 -94.24 73.23 -111.81
C ALA I 92 -93.84 72.02 -112.66
N THR I 93 -94.65 70.97 -112.61
CA THR I 93 -94.53 69.83 -113.50
C THR I 93 -95.86 69.09 -113.61
N ILE I 94 -96.06 68.34 -114.69
CA ILE I 94 -97.24 67.51 -114.92
C ILE I 94 -96.77 66.13 -115.29
N PHE I 95 -97.39 65.07 -114.77
CA PHE I 95 -97.14 63.71 -115.23
C PHE I 95 -98.45 62.98 -115.53
N VAL I 96 -98.45 62.12 -116.55
CA VAL I 96 -99.66 61.60 -117.20
C VAL I 96 -99.59 60.10 -117.32
N ALA I 97 -100.72 59.40 -117.17
CA ALA I 97 -100.79 57.95 -117.30
C ALA I 97 -102.15 57.49 -117.82
N SER I 98 -102.23 56.32 -118.45
CA SER I 98 -103.48 55.79 -118.97
C SER I 98 -104.34 55.14 -117.88
N ALA I 99 -105.66 55.18 -118.03
CA ALA I 99 -106.56 54.84 -116.92
C ALA I 99 -106.42 53.39 -116.45
N GLU I 100 -105.97 52.45 -117.28
CA GLU I 100 -105.73 51.08 -116.84
C GLU I 100 -104.45 50.97 -115.99
N THR I 101 -103.37 51.67 -116.32
CA THR I 101 -102.19 51.64 -115.45
C THR I 101 -102.46 52.38 -114.15
N VAL I 102 -103.26 53.44 -114.17
CA VAL I 102 -103.70 54.09 -112.92
C VAL I 102 -104.63 53.20 -112.11
N ARG I 103 -105.48 52.39 -112.74
CA ARG I 103 -106.28 51.38 -112.05
C ARG I 103 -105.39 50.32 -111.41
N ALA I 104 -104.34 49.88 -112.09
CA ALA I 104 -103.42 48.88 -111.55
C ALA I 104 -102.44 49.43 -110.50
N ASN I 105 -102.01 50.69 -110.63
CA ASN I 105 -100.92 51.32 -109.88
C ASN I 105 -99.70 50.38 -109.70
N PRO I 106 -99.07 49.93 -110.79
CA PRO I 106 -98.03 48.92 -110.73
C PRO I 106 -96.80 49.46 -110.00
N ALA I 107 -96.14 48.63 -109.20
CA ALA I 107 -94.96 49.01 -108.41
C ALA I 107 -95.15 50.29 -107.55
N ASN I 108 -96.39 50.62 -107.20
CA ASN I 108 -96.77 51.91 -106.61
C ASN I 108 -96.14 53.09 -107.37
N TYR I 109 -96.16 53.04 -108.69
CA TYR I 109 -95.59 54.07 -109.54
C TYR I 109 -96.13 55.44 -109.19
N LEU I 110 -97.43 55.62 -109.01
CA LEU I 110 -97.98 56.95 -108.76
C LEU I 110 -97.46 57.53 -107.44
N GLY I 111 -97.42 56.74 -106.38
CA GLY I 111 -96.85 57.19 -105.10
C GLY I 111 -95.35 57.47 -105.19
N THR I 112 -94.64 56.67 -105.98
CA THR I 112 -93.22 56.88 -106.24
C THR I 112 -93.01 58.18 -106.98
N MET I 113 -93.70 58.36 -108.09
CA MET I 113 -93.57 59.54 -108.95
C MET I 113 -93.92 60.80 -108.19
N ARG I 114 -94.99 60.79 -107.39
CA ARG I 114 -95.35 61.89 -106.48
C ARG I 114 -94.25 62.21 -105.49
N THR I 115 -93.48 61.23 -105.03
CA THR I 115 -92.33 61.50 -104.16
C THR I 115 -91.17 62.08 -104.97
N LYS I 116 -90.81 61.47 -106.09
CA LYS I 116 -89.66 61.90 -106.89
C LYS I 116 -89.80 63.33 -107.40
N VAL I 117 -90.99 63.79 -107.78
CA VAL I 117 -91.15 65.20 -108.18
C VAL I 117 -90.85 66.15 -107.03
N ALA I 118 -91.13 65.79 -105.78
CA ALA I 118 -90.79 66.65 -104.66
C ALA I 118 -89.29 66.85 -104.55
N THR I 119 -88.51 65.78 -104.70
CA THR I 119 -87.06 65.87 -104.77
C THR I 119 -86.62 66.72 -105.96
N ALA I 120 -87.17 66.47 -107.14
CA ALA I 120 -86.79 67.22 -108.34
C ALA I 120 -87.00 68.73 -108.15
N ILE I 121 -88.09 69.13 -107.50
CA ILE I 121 -88.37 70.53 -107.20
C ILE I 121 -87.32 71.08 -106.24
N ALA I 122 -86.96 70.37 -105.18
CA ALA I 122 -85.91 70.85 -104.28
C ALA I 122 -84.57 70.98 -105.00
N MET I 123 -84.17 69.99 -105.80
CA MET I 123 -82.88 70.07 -106.49
C MET I 123 -82.85 71.17 -107.55
N ALA I 124 -83.98 71.51 -108.16
CA ALA I 124 -84.02 72.67 -109.04
C ALA I 124 -83.86 73.98 -108.27
N PHE I 125 -84.41 74.09 -107.07
CA PHE I 125 -84.20 75.28 -106.24
C PHE I 125 -82.73 75.44 -105.85
N ASP I 126 -82.05 74.37 -105.42
CA ASP I 126 -80.61 74.42 -105.11
C ASP I 126 -79.82 74.89 -106.32
N ASN I 127 -79.97 74.23 -107.46
CA ASN I 127 -79.19 74.55 -108.65
C ASN I 127 -79.49 75.96 -109.16
N ALA I 128 -80.71 76.47 -108.96
CA ALA I 128 -81.00 77.86 -109.25
C ALA I 128 -80.24 78.79 -108.31
N ALA I 129 -80.20 78.53 -107.02
CA ALA I 129 -79.59 79.43 -106.06
C ALA I 129 -78.06 79.45 -106.11
N LEU I 130 -77.43 78.29 -106.28
CA LEU I 130 -75.97 78.19 -106.33
C LEU I 130 -75.44 78.71 -107.67
N HIS I 131 -75.96 78.16 -108.76
CA HIS I 131 -75.35 78.27 -110.08
C HIS I 131 -76.13 79.16 -111.05
N GLY I 132 -77.32 79.61 -110.70
CA GLY I 132 -78.17 80.35 -111.62
C GLY I 132 -78.68 79.52 -112.79
N THR I 133 -78.51 78.19 -112.74
CA THR I 133 -78.41 77.36 -113.95
C THR I 133 -79.63 77.43 -114.87
N ASN I 134 -80.81 77.63 -114.31
CA ASN I 134 -82.02 77.94 -115.06
C ASN I 134 -82.91 78.90 -114.27
N ALA I 135 -82.32 79.77 -113.44
CA ALA I 135 -83.05 80.53 -112.44
C ALA I 135 -84.08 81.48 -113.07
N PRO I 136 -85.26 81.65 -112.46
CA PRO I 136 -86.23 82.63 -112.91
C PRO I 136 -85.74 84.02 -112.58
N SER I 137 -86.03 85.00 -113.42
CA SER I 137 -85.47 86.35 -113.27
C SER I 137 -85.84 87.05 -111.97
N ALA I 138 -86.86 86.57 -111.25
CA ALA I 138 -87.25 87.11 -109.95
C ALA I 138 -86.26 86.78 -108.81
N PHE I 139 -85.42 85.75 -108.95
CA PHE I 139 -84.38 85.48 -107.95
C PHE I 139 -83.30 86.55 -108.04
N GLN I 140 -83.02 87.23 -106.92
CA GLN I 140 -82.04 88.29 -106.89
C GLN I 140 -80.63 87.72 -106.75
N GLY I 141 -80.00 87.34 -107.87
CA GLY I 141 -78.62 86.85 -107.93
C GLY I 141 -78.45 85.38 -107.57
N TYR I 142 -77.26 84.83 -107.81
CA TYR I 142 -76.86 83.45 -107.49
C TYR I 142 -75.37 83.40 -107.15
N LEU I 143 -74.93 82.47 -106.30
CA LEU I 143 -73.58 82.56 -105.70
C LEU I 143 -72.44 82.58 -106.73
N ASP I 144 -72.57 81.90 -107.85
CA ASP I 144 -71.54 81.93 -108.88
C ASP I 144 -71.30 83.30 -109.52
N GLN I 145 -72.17 84.30 -109.33
CA GLN I 145 -71.91 85.66 -109.82
C GLN I 145 -70.76 86.38 -109.12
N SER I 146 -70.22 85.85 -108.02
CA SER I 146 -69.13 86.50 -107.30
C SER I 146 -67.88 86.71 -108.14
N ASN I 147 -67.24 87.87 -108.00
CA ASN I 147 -65.95 88.16 -108.60
C ASN I 147 -64.74 87.52 -107.89
N LYS I 148 -64.91 86.80 -106.77
CA LYS I 148 -63.79 86.14 -106.09
C LYS I 148 -63.69 84.66 -106.41
N THR I 149 -62.52 84.22 -106.86
CA THR I 149 -62.14 82.82 -107.00
C THR I 149 -60.85 82.53 -106.25
N GLN I 150 -60.72 81.33 -105.69
CA GLN I 150 -59.51 80.87 -105.01
C GLN I 150 -59.20 79.42 -105.33
N SER I 151 -57.95 79.09 -105.61
CA SER I 151 -57.51 77.70 -105.76
C SER I 151 -57.18 77.10 -104.40
N ILE I 152 -57.43 75.80 -104.21
CA ILE I 152 -57.14 75.07 -102.97
C ILE I 152 -56.25 73.84 -103.19
N SER I 153 -55.93 73.47 -104.43
CA SER I 153 -55.34 72.17 -104.80
C SER I 153 -54.11 71.73 -104.00
N PRO I 154 -53.02 72.50 -103.90
CA PRO I 154 -51.79 71.98 -103.33
C PRO I 154 -51.84 71.86 -101.81
N ASN I 155 -52.53 72.78 -101.15
CA ASN I 155 -52.58 72.93 -99.70
C ASN I 155 -53.84 73.72 -99.33
N ALA I 156 -54.87 73.04 -98.84
CA ALA I 156 -56.14 73.67 -98.54
C ALA I 156 -56.05 74.75 -97.45
N TYR I 157 -55.17 74.62 -96.46
CA TYR I 157 -55.04 75.61 -95.40
C TYR I 157 -54.57 76.96 -95.94
N GLN I 158 -53.51 76.99 -96.75
CA GLN I 158 -53.05 78.24 -97.38
C GLN I 158 -54.11 78.82 -98.32
N GLY I 159 -54.80 77.96 -99.07
CA GLY I 159 -55.86 78.36 -99.97
C GLY I 159 -57.04 79.00 -99.24
N LEU I 160 -57.71 78.26 -98.36
CA LEU I 160 -58.89 78.71 -97.63
C LEU I 160 -58.54 79.81 -96.63
N GLY I 161 -57.58 79.53 -95.77
CA GLY I 161 -57.37 80.22 -94.50
C GLY I 161 -56.44 81.42 -94.55
N VAL I 162 -55.76 81.66 -95.67
CA VAL I 162 -54.83 82.77 -95.83
C VAL I 162 -55.09 83.54 -97.11
N SER I 163 -54.94 82.91 -98.27
CA SER I 163 -55.17 83.60 -99.54
C SER I 163 -56.64 83.96 -99.73
N GLY I 164 -57.54 82.97 -99.71
CA GLY I 164 -58.97 83.19 -99.87
C GLY I 164 -59.52 84.16 -98.83
N LEU I 165 -59.20 83.94 -97.56
CA LEU I 165 -59.62 84.85 -96.50
C LEU I 165 -59.09 86.27 -96.72
N THR I 166 -57.89 86.46 -97.28
CA THR I 166 -57.42 87.80 -97.63
C THR I 166 -58.38 88.49 -98.59
N LYS I 167 -58.90 87.77 -99.57
CA LYS I 167 -59.82 88.36 -100.56
C LYS I 167 -61.12 88.84 -99.92
N LEU I 168 -61.61 88.17 -98.88
CA LEU I 168 -62.82 88.60 -98.18
C LEU I 168 -62.58 89.81 -97.28
N VAL I 169 -61.58 89.77 -96.41
CA VAL I 169 -61.36 90.88 -95.47
C VAL I 169 -60.83 92.13 -96.16
N THR I 170 -60.18 92.02 -97.33
CA THR I 170 -59.78 93.19 -98.12
C THR I 170 -60.99 94.02 -98.54
N ASP I 171 -62.08 93.38 -98.94
CA ASP I 171 -63.37 94.04 -99.21
C ASP I 171 -64.18 94.30 -97.94
N GLY I 172 -63.63 94.04 -96.75
CA GLY I 172 -64.34 94.22 -95.48
C GLY I 172 -65.47 93.21 -95.23
N LYS I 173 -65.51 92.11 -95.99
CA LYS I 173 -66.52 91.04 -95.85
C LYS I 173 -66.04 89.97 -94.87
N LYS I 174 -66.94 89.22 -94.25
CA LYS I 174 -66.60 88.24 -93.21
C LYS I 174 -66.72 86.79 -93.70
N TRP I 175 -65.73 85.94 -93.45
CA TRP I 175 -65.87 84.49 -93.60
C TRP I 175 -66.63 83.90 -92.41
N THR I 176 -67.83 83.37 -92.61
CA THR I 176 -68.65 82.79 -91.53
C THR I 176 -68.80 81.28 -91.60
N HIS I 177 -68.92 80.71 -92.80
CA HIS I 177 -69.08 79.28 -93.04
C HIS I 177 -68.35 78.90 -94.33
N THR I 178 -68.04 77.63 -94.52
CA THR I 178 -67.61 77.12 -95.82
C THR I 178 -68.34 75.85 -96.20
N LEU I 179 -68.87 75.82 -97.42
CA LEU I 179 -69.69 74.78 -97.98
C LEU I 179 -68.89 74.02 -99.01
N LEU I 180 -68.70 72.72 -98.84
CA LEU I 180 -67.85 71.90 -99.70
C LEU I 180 -68.67 70.81 -100.36
N ASP I 181 -68.46 70.59 -101.65
CA ASP I 181 -68.92 69.35 -102.27
C ASP I 181 -68.15 68.15 -101.71
N ASP I 182 -68.80 67.01 -101.56
CA ASP I 182 -68.14 65.79 -101.06
C ASP I 182 -66.91 65.38 -101.88
N THR I 183 -66.85 65.74 -103.17
CA THR I 183 -65.67 65.50 -104.03
C THR I 183 -64.43 66.28 -103.61
N VAL I 184 -64.51 67.19 -102.65
CA VAL I 184 -63.33 67.88 -102.11
C VAL I 184 -62.50 66.99 -101.19
N GLU I 185 -63.00 65.84 -100.75
CA GLU I 185 -62.30 64.89 -99.87
C GLU I 185 -60.80 64.68 -100.18
N PRO I 186 -60.37 64.46 -101.44
CA PRO I 186 -58.96 64.30 -101.73
C PRO I 186 -58.11 65.49 -101.29
N VAL I 187 -58.46 66.73 -101.62
CA VAL I 187 -57.54 67.85 -101.34
C VAL I 187 -57.48 68.21 -99.87
N LEU I 188 -58.44 67.79 -99.05
CA LEU I 188 -58.26 67.85 -97.61
C LEU I 188 -57.30 66.75 -97.16
N ASN I 189 -57.51 65.50 -97.57
CA ASN I 189 -56.60 64.42 -97.21
C ASN I 189 -55.17 64.67 -97.69
N GLY I 190 -55.01 65.35 -98.83
CA GLY I 190 -53.74 65.70 -99.44
C GLY I 190 -53.15 67.03 -99.01
N SER I 191 -53.78 67.75 -98.08
CA SER I 191 -53.19 68.96 -97.51
C SER I 191 -52.04 68.57 -96.57
N VAL I 192 -50.79 68.81 -96.96
CA VAL I 192 -49.61 68.36 -96.22
C VAL I 192 -48.62 69.48 -95.94
N ASP I 193 -47.90 69.35 -94.84
CA ASP I 193 -46.74 70.18 -94.55
C ASP I 193 -45.53 69.77 -95.42
N ALA I 194 -44.42 70.49 -95.29
CA ALA I 194 -43.22 70.21 -96.08
C ALA I 194 -42.58 68.84 -95.77
N ASN I 195 -42.93 68.20 -94.65
CA ASN I 195 -42.46 66.87 -94.31
C ASN I 195 -43.39 65.77 -94.81
N GLY I 196 -44.55 66.11 -95.37
CA GLY I 196 -45.53 65.15 -95.89
C GLY I 196 -46.53 64.65 -94.83
N ARG I 197 -46.59 65.23 -93.62
CA ARG I 197 -47.68 64.93 -92.68
C ARG I 197 -48.94 65.64 -93.14
N PRO I 198 -50.13 65.05 -93.06
CA PRO I 198 -51.38 65.76 -93.27
C PRO I 198 -51.57 66.90 -92.26
N LEU I 199 -52.23 67.99 -92.67
CA LEU I 199 -52.64 69.06 -91.75
C LEU I 199 -53.94 68.71 -91.01
N PHE I 200 -54.99 68.30 -91.72
CA PHE I 200 -56.34 68.16 -91.17
C PHE I 200 -56.70 66.76 -90.63
N VAL I 201 -55.74 65.89 -90.34
CA VAL I 201 -56.00 64.58 -89.71
C VAL I 201 -54.81 64.16 -88.84
N GLU I 202 -55.04 63.29 -87.85
CA GLU I 202 -54.22 63.22 -86.63
C GLU I 202 -53.66 61.83 -86.34
N SER I 203 -52.56 61.75 -85.59
CA SER I 203 -51.97 60.48 -85.14
C SER I 203 -51.72 59.51 -86.31
N THR I 204 -51.87 58.20 -86.14
CA THR I 204 -51.75 57.21 -87.21
C THR I 204 -52.94 57.16 -88.18
N TYR I 205 -53.66 58.25 -88.32
CA TYR I 205 -54.62 58.49 -89.41
C TYR I 205 -55.85 57.59 -89.43
N GLU I 206 -56.23 57.02 -88.30
CA GLU I 206 -57.43 56.19 -88.22
C GLU I 206 -58.73 56.98 -88.20
N SER I 207 -58.72 58.24 -87.76
CA SER I 207 -59.89 59.13 -87.79
C SER I 207 -60.25 59.55 -89.22
N LEU I 208 -61.52 59.84 -89.49
CA LEU I 208 -61.90 60.67 -90.64
C LEU I 208 -61.33 62.09 -90.51
N THR I 209 -61.06 62.75 -91.63
CA THR I 209 -60.47 64.10 -91.70
C THR I 209 -61.35 65.15 -91.06
N THR I 210 -60.80 66.08 -90.28
CA THR I 210 -61.58 66.89 -89.33
C THR I 210 -62.77 67.64 -89.94
N PRO I 211 -62.64 68.42 -91.01
CA PRO I 211 -63.80 69.01 -91.68
C PRO I 211 -64.84 68.02 -92.16
N PHE I 212 -64.45 66.80 -92.54
CA PHE I 212 -65.40 65.78 -92.97
C PHE I 212 -66.07 65.05 -91.80
N ARG I 213 -65.63 65.28 -90.56
CA ARG I 213 -66.44 65.08 -89.34
C ARG I 213 -67.39 66.25 -89.07
N GLU I 214 -67.55 67.15 -90.03
CA GLU I 214 -68.23 68.44 -89.90
C GLU I 214 -67.64 69.34 -88.79
N GLY I 215 -66.38 69.11 -88.41
CA GLY I 215 -65.65 69.99 -87.51
C GLY I 215 -65.34 71.34 -88.15
N ARG I 216 -65.07 72.36 -87.34
CA ARG I 216 -64.77 73.71 -87.85
C ARG I 216 -63.40 73.74 -88.55
N ILE I 217 -63.17 74.76 -89.38
CA ILE I 217 -61.82 75.20 -89.76
C ILE I 217 -61.65 76.62 -89.25
N LEU I 218 -60.56 76.94 -88.56
CA LEU I 218 -60.27 78.30 -88.12
C LEU I 218 -61.50 78.96 -87.45
N GLY I 219 -62.20 78.19 -86.61
CA GLY I 219 -63.43 78.60 -85.94
C GLY I 219 -64.72 78.55 -86.79
N ARG I 220 -64.65 78.67 -88.12
CA ARG I 220 -65.83 78.67 -89.00
C ARG I 220 -66.39 77.27 -89.19
N PRO I 221 -67.69 77.01 -88.98
CA PRO I 221 -68.31 75.74 -89.29
C PRO I 221 -68.17 75.37 -90.76
N THR I 222 -68.31 74.10 -91.08
CA THR I 222 -68.31 73.59 -92.45
C THR I 222 -69.57 72.79 -92.74
N ILE I 223 -69.98 72.76 -94.01
CA ILE I 223 -71.20 72.13 -94.48
C ILE I 223 -70.86 71.25 -95.68
N LEU I 224 -71.45 70.06 -95.80
CA LEU I 224 -71.11 69.06 -96.81
C LEU I 224 -72.33 68.63 -97.61
N SER I 225 -72.20 68.41 -98.93
CA SER I 225 -73.27 67.81 -99.73
C SER I 225 -72.79 67.26 -101.08
N ASP I 226 -73.60 66.45 -101.74
CA ASP I 226 -73.46 66.10 -103.16
C ASP I 226 -74.02 67.21 -104.07
N HIS I 227 -73.52 67.30 -105.30
CA HIS I 227 -74.01 68.23 -106.31
C HIS I 227 -73.94 69.71 -105.89
N VAL I 228 -72.99 70.06 -105.03
CA VAL I 228 -72.55 71.43 -104.82
C VAL I 228 -71.52 71.84 -105.87
N ALA I 229 -70.69 70.90 -106.32
CA ALA I 229 -69.72 71.17 -107.37
C ALA I 229 -70.37 71.19 -108.76
N GLU I 230 -70.01 72.16 -109.60
CA GLU I 230 -70.26 72.16 -111.04
C GLU I 230 -69.19 72.94 -111.78
N GLY I 231 -68.93 72.61 -113.04
CA GLY I 231 -67.80 73.17 -113.77
C GLY I 231 -66.51 72.94 -113.00
N ASP I 232 -65.65 73.95 -112.90
CA ASP I 232 -64.42 73.92 -112.10
C ASP I 232 -64.62 74.47 -110.68
N VAL I 233 -65.85 74.64 -110.19
CA VAL I 233 -66.15 75.17 -108.85
C VAL I 233 -66.60 74.04 -107.93
N VAL I 234 -66.00 73.92 -106.75
CA VAL I 234 -66.21 72.78 -105.84
C VAL I 234 -66.69 73.16 -104.45
N GLY I 235 -66.84 74.45 -104.16
CA GLY I 235 -67.34 74.90 -102.88
C GLY I 235 -67.28 76.40 -102.73
N TYR I 236 -67.69 76.90 -101.57
CA TYR I 236 -67.81 78.34 -101.33
C TYR I 236 -67.38 78.67 -99.91
N ALA I 237 -66.92 79.88 -99.68
CA ALA I 237 -66.72 80.44 -98.36
C ALA I 237 -67.31 81.85 -98.34
N GLY I 238 -67.99 82.25 -97.28
CA GLY I 238 -68.57 83.59 -97.27
C GLY I 238 -69.42 83.92 -96.05
N ASP I 239 -70.17 85.00 -96.13
CA ASP I 239 -71.13 85.38 -95.11
C ASP I 239 -72.51 84.83 -95.46
N PHE I 240 -72.81 83.61 -95.02
CA PHE I 240 -74.10 82.99 -95.32
C PHE I 240 -75.28 83.70 -94.67
N SER I 241 -75.07 84.64 -93.73
CA SER I 241 -76.18 85.48 -93.27
C SER I 241 -76.72 86.39 -94.38
N GLN I 242 -75.95 86.63 -95.44
CA GLN I 242 -76.38 87.43 -96.58
C GLN I 242 -77.40 86.74 -97.49
N ILE I 243 -77.74 85.46 -97.25
CA ILE I 243 -78.74 84.74 -98.04
C ILE I 243 -80.05 84.62 -97.26
N ILE I 244 -81.15 85.10 -97.83
CA ILE I 244 -82.50 84.84 -97.32
C ILE I 244 -83.36 84.18 -98.38
N TRP I 245 -84.30 83.36 -97.95
CA TRP I 245 -85.23 82.68 -98.85
C TRP I 245 -86.59 82.51 -98.21
N GLY I 246 -87.59 82.23 -99.01
CA GLY I 246 -88.92 81.91 -98.50
C GLY I 246 -89.74 81.08 -99.47
N GLN I 247 -90.88 80.62 -99.00
CA GLN I 247 -91.82 79.79 -99.76
C GLN I 247 -93.23 80.33 -99.59
N VAL I 248 -94.03 80.34 -100.65
CA VAL I 248 -95.43 80.78 -100.60
C VAL I 248 -96.33 79.55 -100.66
N GLY I 249 -97.18 79.36 -99.67
CA GLY I 249 -97.92 78.12 -99.52
C GLY I 249 -96.98 76.92 -99.32
N GLY I 250 -97.25 75.81 -100.01
CA GLY I 250 -96.42 74.61 -99.97
C GLY I 250 -96.55 73.79 -101.25
N LEU I 251 -95.76 72.73 -101.38
CA LEU I 251 -95.82 71.83 -102.52
C LEU I 251 -97.23 71.27 -102.66
N SER I 252 -97.87 71.53 -103.79
CA SER I 252 -99.29 71.31 -103.99
C SER I 252 -99.56 70.38 -105.18
N PHE I 253 -100.62 69.59 -105.06
CA PHE I 253 -100.99 68.57 -106.05
C PHE I 253 -102.45 68.72 -106.47
N ASP I 254 -102.71 68.43 -107.73
CA ASP I 254 -104.04 68.33 -108.32
C ASP I 254 -104.06 67.15 -109.29
N VAL I 255 -105.21 66.55 -109.53
CA VAL I 255 -105.35 65.42 -110.45
C VAL I 255 -106.60 65.60 -111.29
N THR I 256 -106.51 65.35 -112.59
CA THR I 256 -107.61 65.62 -113.53
C THR I 256 -107.73 64.59 -114.64
N ASP I 257 -108.96 64.27 -114.98
CA ASP I 257 -109.36 63.38 -116.08
C ASP I 257 -110.06 64.14 -117.21
N GLN I 258 -110.61 65.32 -116.91
CA GLN I 258 -111.40 66.15 -117.83
C GLN I 258 -110.54 66.91 -118.85
N ALA I 259 -109.35 67.36 -118.46
CA ALA I 259 -108.64 68.44 -119.13
C ALA I 259 -108.06 68.10 -120.51
N THR I 260 -107.63 69.12 -121.25
CA THR I 260 -106.82 68.97 -122.46
C THR I 260 -105.39 69.42 -122.17
N LEU I 261 -104.40 68.64 -122.58
CA LEU I 261 -102.98 69.00 -122.43
C LEU I 261 -102.33 69.21 -123.80
N ASN I 262 -101.32 70.07 -123.87
CA ASN I 262 -100.50 70.23 -125.06
C ASN I 262 -99.18 69.49 -124.87
N LEU I 263 -98.83 68.58 -125.77
CA LEU I 263 -97.58 67.82 -125.69
C LEU I 263 -96.42 68.49 -126.44
N GLY I 264 -96.70 69.49 -127.29
CA GLY I 264 -95.69 70.28 -128.00
C GLY I 264 -95.27 71.55 -127.23
N SER I 265 -94.68 72.52 -127.92
CA SER I 265 -94.55 73.87 -127.37
C SER I 265 -95.83 74.68 -127.60
N GLN I 266 -95.93 75.88 -127.04
CA GLN I 266 -97.01 76.83 -127.36
C GLN I 266 -96.99 77.26 -128.83
N GLU I 267 -95.82 77.27 -129.46
CA GLU I 267 -95.62 77.69 -130.85
C GLU I 267 -95.64 76.52 -131.85
N SER I 268 -95.72 75.29 -131.36
CA SER I 268 -95.76 74.05 -132.15
C SER I 268 -96.73 73.05 -131.51
N PRO I 269 -98.00 73.42 -131.36
CA PRO I 269 -98.92 72.70 -130.49
C PRO I 269 -99.27 71.31 -131.02
N ASN I 270 -99.50 70.39 -130.08
CA ASN I 270 -99.92 69.02 -130.30
C ASN I 270 -100.85 68.58 -129.16
N PHE I 271 -102.12 68.95 -129.24
CA PHE I 271 -103.09 68.76 -128.16
C PHE I 271 -103.57 67.31 -128.02
N VAL I 272 -103.85 66.90 -126.79
CA VAL I 272 -104.50 65.64 -126.43
C VAL I 272 -105.56 65.89 -125.37
N SER I 273 -106.82 65.56 -125.65
CA SER I 273 -107.86 65.55 -124.61
C SER I 273 -107.66 64.32 -123.74
N LEU I 274 -107.49 64.50 -122.43
CA LEU I 274 -107.28 63.36 -121.55
C LEU I 274 -108.49 62.45 -121.57
N TRP I 275 -109.69 63.03 -121.49
CA TRP I 275 -110.93 62.28 -121.42
C TRP I 275 -111.20 61.49 -122.69
N GLN I 276 -110.92 62.06 -123.87
CA GLN I 276 -111.18 61.36 -125.13
C GLN I 276 -110.26 60.15 -125.33
N HIS I 277 -109.06 60.16 -124.75
CA HIS I 277 -108.10 59.06 -124.83
C HIS I 277 -108.09 58.14 -123.62
N ASN I 278 -108.93 58.40 -122.61
CA ASN I 278 -108.88 57.71 -121.33
C ASN I 278 -107.51 57.80 -120.64
N LEU I 279 -106.82 58.93 -120.78
CA LEU I 279 -105.66 59.28 -119.96
C LEU I 279 -106.12 59.98 -118.67
N VAL I 280 -105.24 60.13 -117.69
CA VAL I 280 -105.44 60.96 -116.49
C VAL I 280 -104.11 61.59 -116.07
N ALA I 281 -104.13 62.79 -115.50
CA ALA I 281 -102.93 63.61 -115.31
C ALA I 281 -102.84 64.22 -113.92
N VAL I 282 -101.63 64.27 -113.37
CA VAL I 282 -101.33 64.89 -112.09
C VAL I 282 -100.56 66.18 -112.35
N ARG I 283 -100.99 67.26 -111.71
CA ARG I 283 -100.51 68.64 -111.88
C ARG I 283 -99.88 69.08 -110.58
N VAL I 284 -98.62 69.50 -110.59
CA VAL I 284 -97.82 69.71 -109.38
C VAL I 284 -97.18 71.08 -109.38
N GLU I 285 -97.21 71.79 -108.27
CA GLU I 285 -96.82 73.20 -108.25
C GLU I 285 -96.31 73.67 -106.88
N ALA I 286 -95.32 74.56 -106.87
CA ALA I 286 -94.75 75.20 -105.68
C ALA I 286 -94.24 76.61 -106.00
N GLU I 287 -94.02 77.45 -105.00
CA GLU I 287 -93.60 78.84 -105.20
C GLU I 287 -92.57 79.27 -104.15
N TYR I 288 -91.44 79.85 -104.59
CA TYR I 288 -90.27 80.16 -103.77
C TYR I 288 -89.74 81.55 -104.06
N GLY I 289 -88.92 82.11 -103.17
CA GLY I 289 -88.18 83.34 -103.41
C GLY I 289 -86.80 83.31 -102.77
N LEU I 290 -85.84 83.99 -103.39
CA LEU I 290 -84.44 84.03 -102.97
C LEU I 290 -83.89 85.45 -103.12
N LEU I 291 -83.12 85.90 -102.13
CA LEU I 291 -82.27 87.08 -102.26
C LEU I 291 -80.91 86.78 -101.65
N ILE I 292 -79.86 87.10 -102.40
CA ILE I 292 -78.51 87.16 -101.87
C ILE I 292 -78.14 88.63 -101.82
N ASN I 293 -77.88 89.15 -100.63
CA ASN I 293 -77.79 90.59 -100.41
C ASN I 293 -76.64 91.27 -101.16
N ASP I 294 -75.49 90.60 -101.25
CA ASP I 294 -74.35 91.01 -102.08
C ASP I 294 -73.52 89.80 -102.52
N VAL I 295 -73.69 89.35 -103.76
CA VAL I 295 -73.03 88.13 -104.28
C VAL I 295 -71.50 88.19 -104.19
N ASN I 296 -70.92 89.38 -104.15
CA ASN I 296 -69.48 89.55 -103.97
C ASN I 296 -68.97 89.26 -102.55
N ALA I 297 -69.82 88.88 -101.60
CA ALA I 297 -69.40 88.45 -100.27
C ALA I 297 -69.01 86.96 -100.16
N PHE I 298 -68.86 86.26 -101.29
CA PHE I 298 -68.54 84.84 -101.33
C PHE I 298 -67.30 84.58 -102.19
N VAL I 299 -66.43 83.66 -101.79
CA VAL I 299 -65.29 83.20 -102.58
C VAL I 299 -65.63 81.84 -103.16
N LYS I 300 -65.57 81.69 -104.48
CA LYS I 300 -65.73 80.41 -105.15
C LYS I 300 -64.44 79.60 -105.03
N LEU I 301 -64.50 78.33 -104.67
CA LEU I 301 -63.32 77.50 -104.48
C LEU I 301 -63.13 76.60 -105.70
N THR I 302 -61.98 76.65 -106.37
CA THR I 302 -61.88 76.18 -107.76
C THR I 302 -61.03 74.94 -107.96
N PHE I 303 -60.73 74.19 -106.91
CA PHE I 303 -59.77 73.09 -106.99
C PHE I 303 -58.40 73.61 -107.43
N ASP I 304 -57.92 73.36 -108.65
CA ASP I 304 -56.67 73.95 -109.16
C ASP I 304 -56.83 75.40 -109.69
N PRO I 305 -55.76 76.12 -110.06
CA PRO I 305 -55.85 77.49 -110.55
C PRO I 305 -56.71 77.63 -111.81
N VAL I 306 -57.45 78.74 -111.94
CA VAL I 306 -58.36 78.98 -113.08
C VAL I 306 -58.47 80.47 -113.42
N LEU I 307 -58.73 80.81 -114.69
CA LEU I 307 -59.02 82.18 -115.13
C LEU I 307 -60.52 82.51 -114.96
N THR I 308 -60.88 83.79 -114.82
CA THR I 308 -62.28 84.24 -114.72
C THR I 308 -62.66 85.20 -115.83
N THR I 309 -63.86 85.01 -116.40
CA THR I 309 -64.37 85.75 -117.57
C THR I 309 -65.49 86.71 -117.18
N TYR I 310 -65.37 87.97 -117.55
CA TYR I 310 -66.31 89.05 -117.23
C TYR I 310 -66.92 89.63 -118.49
N ALA I 311 -68.16 90.10 -118.43
CA ALA I 311 -68.75 90.98 -119.45
C ALA I 311 -68.81 92.41 -118.93
N LEU I 312 -68.32 93.36 -119.71
CA LEU I 312 -68.29 94.79 -119.42
C LEU I 312 -69.11 95.53 -120.47
N ASP I 313 -70.12 96.28 -120.07
CA ASP I 313 -71.13 96.82 -121.00
C ASP I 313 -71.56 98.22 -120.58
N LEU I 314 -71.16 99.21 -121.38
CA LEU I 314 -71.34 100.63 -121.12
C LEU I 314 -72.71 101.10 -121.67
N ASP I 315 -73.79 100.45 -121.25
CA ASP I 315 -75.13 100.60 -121.85
C ASP I 315 -75.62 102.06 -121.86
N GLY I 316 -75.81 102.61 -123.05
CA GLY I 316 -76.31 103.97 -123.26
C GLY I 316 -75.30 105.10 -123.05
N ALA I 317 -74.06 104.81 -122.65
CA ALA I 317 -73.02 105.80 -122.38
C ALA I 317 -72.59 106.56 -123.63
N SER I 318 -72.99 107.83 -123.74
CA SER I 318 -72.76 108.62 -124.97
C SER I 318 -71.34 109.18 -125.09
N ALA I 319 -70.71 109.57 -123.97
CA ALA I 319 -69.37 110.17 -123.95
C ALA I 319 -68.68 110.05 -122.57
N GLY I 320 -67.38 110.28 -122.53
CA GLY I 320 -66.59 110.31 -121.30
C GLY I 320 -65.67 109.11 -121.15
N ASN I 321 -65.31 108.77 -119.91
CA ASN I 321 -64.31 107.74 -119.60
C ASN I 321 -64.64 106.91 -118.35
N PHE I 322 -64.03 105.74 -118.24
CA PHE I 322 -64.14 104.84 -117.09
C PHE I 322 -62.76 104.30 -116.69
N THR I 323 -62.66 103.68 -115.51
CA THR I 323 -61.45 102.96 -115.10
C THR I 323 -61.80 101.58 -114.56
N LEU I 324 -61.01 100.59 -114.95
CA LEU I 324 -61.01 99.25 -114.37
C LEU I 324 -59.99 99.18 -113.23
N SER I 325 -60.22 98.28 -112.28
CA SER I 325 -59.31 97.98 -111.19
C SER I 325 -59.17 96.47 -111.01
N LEU I 326 -57.93 96.01 -110.84
CA LEU I 326 -57.57 94.58 -110.82
C LEU I 326 -56.88 94.27 -109.50
N ASP I 327 -57.47 93.39 -108.69
CA ASP I 327 -56.98 93.04 -107.35
C ASP I 327 -56.62 94.29 -106.50
N GLY I 328 -57.45 95.33 -106.60
CA GLY I 328 -57.31 96.57 -105.84
C GLY I 328 -56.46 97.67 -106.50
N LYS I 329 -55.61 97.38 -107.49
CA LYS I 329 -54.86 98.41 -108.26
C LYS I 329 -55.77 99.12 -109.25
N THR I 330 -55.52 100.39 -109.55
CA THR I 330 -56.39 101.22 -110.43
C THR I 330 -55.73 101.52 -111.78
N SER I 331 -56.43 101.31 -112.90
CA SER I 331 -55.94 101.61 -114.25
C SER I 331 -56.11 103.10 -114.63
N ALA I 332 -55.30 103.60 -115.56
CA ALA I 332 -55.49 104.92 -116.16
C ALA I 332 -56.83 105.01 -116.94
N ASN I 333 -57.36 106.22 -117.15
CA ASN I 333 -58.69 106.42 -117.74
C ASN I 333 -58.81 105.87 -119.16
N ILE I 334 -59.88 105.12 -119.43
CA ILE I 334 -60.22 104.51 -120.73
C ILE I 334 -61.45 105.20 -121.31
N ALA I 335 -61.40 105.64 -122.56
CA ALA I 335 -62.53 106.32 -123.20
C ALA I 335 -63.69 105.36 -123.52
N TYR I 336 -64.93 105.87 -123.53
CA TYR I 336 -66.16 105.09 -123.74
C TYR I 336 -66.19 104.24 -125.03
N ASN I 337 -65.35 104.55 -126.01
CA ASN I 337 -65.32 103.93 -127.34
C ASN I 337 -63.98 103.25 -127.68
N ALA I 338 -63.10 103.01 -126.70
CA ALA I 338 -61.78 102.43 -126.95
C ALA I 338 -61.86 101.06 -127.65
N SER I 339 -60.95 100.80 -128.59
CA SER I 339 -60.88 99.51 -129.30
C SER I 339 -60.51 98.38 -128.35
N THR I 340 -60.91 97.14 -128.68
CA THR I 340 -60.63 95.95 -127.87
C THR I 340 -59.13 95.76 -127.60
N ALA I 341 -58.27 96.10 -128.55
CA ALA I 341 -56.81 96.09 -128.35
C ALA I 341 -56.33 97.20 -127.41
N THR I 342 -56.94 98.39 -127.47
CA THR I 342 -56.65 99.50 -126.56
C THR I 342 -57.02 99.14 -125.12
N VAL I 343 -58.19 98.52 -124.91
CA VAL I 343 -58.59 98.05 -123.57
C VAL I 343 -57.60 97.02 -123.05
N LYS I 344 -57.20 96.02 -123.84
CA LYS I 344 -56.17 95.07 -123.41
C LYS I 344 -54.87 95.77 -123.01
N SER I 345 -54.41 96.73 -123.81
CA SER I 345 -53.20 97.50 -123.51
C SER I 345 -53.33 98.24 -122.17
N ALA I 346 -54.41 98.99 -121.96
CA ALA I 346 -54.63 99.71 -120.72
C ALA I 346 -54.75 98.78 -119.49
N ILE I 347 -55.24 97.55 -119.66
CA ILE I 347 -55.34 96.57 -118.58
C ILE I 347 -54.00 95.87 -118.31
N VAL I 348 -53.20 95.48 -119.30
CA VAL I 348 -51.86 94.96 -118.98
C VAL I 348 -50.99 96.05 -118.38
N ALA I 349 -51.16 97.31 -118.79
CA ALA I 349 -50.53 98.48 -118.19
C ALA I 349 -51.03 98.81 -116.76
N ILE I 350 -51.75 97.92 -116.06
CA ILE I 350 -52.05 98.08 -114.63
C ILE I 350 -50.83 98.13 -113.69
N ASP I 351 -49.66 97.62 -114.11
CA ASP I 351 -48.46 97.46 -113.27
C ASP I 351 -48.68 96.53 -112.07
N ASP I 352 -48.87 95.24 -112.35
CA ASP I 352 -49.10 94.19 -111.34
C ASP I 352 -48.46 92.82 -111.68
N GLY I 353 -47.52 92.77 -112.62
CA GLY I 353 -46.83 91.55 -113.04
C GLY I 353 -47.59 90.70 -114.08
N VAL I 354 -48.81 91.11 -114.46
CA VAL I 354 -49.63 90.50 -115.52
C VAL I 354 -48.94 90.55 -116.90
N SER I 355 -49.40 89.74 -117.86
CA SER I 355 -48.79 89.63 -119.21
C SER I 355 -49.81 89.44 -120.32
N ALA I 356 -49.47 89.90 -121.53
CA ALA I 356 -50.38 89.97 -122.68
C ALA I 356 -50.78 88.60 -123.27
N ASP I 357 -50.14 87.51 -122.87
CA ASP I 357 -50.52 86.13 -123.19
C ASP I 357 -51.43 85.50 -122.12
N ASP I 358 -51.49 86.05 -120.91
CA ASP I 358 -52.44 85.64 -119.85
C ASP I 358 -53.74 86.45 -119.89
N VAL I 359 -53.64 87.77 -120.07
CA VAL I 359 -54.80 88.66 -120.26
C VAL I 359 -55.42 88.45 -121.66
N THR I 360 -56.74 88.51 -121.77
CA THR I 360 -57.44 88.47 -123.07
C THR I 360 -58.68 89.35 -123.05
N VAL I 361 -58.94 90.09 -124.12
CA VAL I 361 -60.09 91.00 -124.26
C VAL I 361 -60.66 90.88 -125.66
N THR I 362 -61.98 90.83 -125.80
CA THR I 362 -62.69 90.71 -127.08
C THR I 362 -63.99 91.51 -127.07
N GLY I 363 -64.50 91.90 -128.24
CA GLY I 363 -65.76 92.66 -128.37
C GLY I 363 -65.63 93.87 -129.30
N SER I 364 -66.27 94.98 -128.93
CA SER I 364 -66.41 96.20 -129.74
C SER I 364 -66.53 97.45 -128.86
N ALA I 365 -66.42 98.63 -129.46
CA ALA I 365 -66.47 99.91 -128.74
C ALA I 365 -67.75 100.05 -127.90
N GLY I 366 -67.61 100.04 -126.58
CA GLY I 366 -68.72 100.14 -125.61
C GLY I 366 -69.28 98.80 -125.11
N ASP I 367 -68.83 97.65 -125.62
CA ASP I 367 -69.32 96.33 -125.21
C ASP I 367 -68.27 95.22 -125.38
N TYR I 368 -67.79 94.69 -124.25
CA TYR I 368 -66.56 93.90 -124.16
C TYR I 368 -66.74 92.63 -123.31
N THR I 369 -65.88 91.64 -123.52
CA THR I 369 -65.61 90.57 -122.57
C THR I 369 -64.12 90.52 -122.24
N ILE I 370 -63.79 90.19 -121.00
CA ILE I 370 -62.44 90.23 -120.44
C ILE I 370 -62.15 88.91 -119.75
N THR I 371 -60.97 88.33 -119.95
CA THR I 371 -60.47 87.17 -119.20
C THR I 371 -59.17 87.51 -118.49
N VAL I 372 -59.14 87.29 -117.17
CA VAL I 372 -57.97 87.56 -116.31
C VAL I 372 -57.90 86.56 -115.15
N PRO I 373 -56.74 86.38 -114.51
CA PRO I 373 -56.63 85.58 -113.29
C PRO I 373 -57.12 86.34 -112.03
N GLY I 374 -57.21 87.67 -112.10
CA GLY I 374 -57.51 88.54 -110.95
C GLY I 374 -58.99 88.89 -110.74
N THR I 375 -59.29 89.46 -109.58
CA THR I 375 -60.57 90.10 -109.27
C THR I 375 -60.68 91.38 -110.09
N LEU I 376 -61.72 91.53 -110.91
CA LEU I 376 -61.87 92.67 -111.82
C LEU I 376 -63.12 93.48 -111.43
N THR I 377 -62.96 94.78 -111.21
CA THR I 377 -64.01 95.73 -110.81
C THR I 377 -63.88 97.02 -111.61
N ALA I 378 -64.93 97.85 -111.67
CA ALA I 378 -64.94 99.03 -112.52
C ALA I 378 -65.63 100.24 -111.89
N ASP I 379 -65.14 101.43 -112.22
CA ASP I 379 -65.68 102.73 -111.82
C ASP I 379 -66.11 103.52 -113.06
N PHE I 380 -67.39 103.90 -113.11
CA PHE I 380 -68.01 104.64 -114.22
C PHE I 380 -68.31 106.11 -113.87
N SER I 381 -67.71 106.67 -112.83
CA SER I 381 -67.99 108.05 -112.39
C SER I 381 -67.67 109.13 -113.42
N GLY I 382 -66.69 108.90 -114.29
CA GLY I 382 -66.29 109.83 -115.36
C GLY I 382 -67.10 109.68 -116.66
N LEU I 383 -68.18 108.91 -116.65
CA LEU I 383 -68.93 108.51 -117.83
C LEU I 383 -70.31 109.17 -117.85
N THR I 384 -70.67 109.84 -118.95
CA THR I 384 -72.03 110.38 -119.13
C THR I 384 -73.02 109.24 -119.37
N ASP I 385 -74.27 109.39 -118.92
CA ASP I 385 -75.27 108.30 -118.87
C ASP I 385 -74.81 107.07 -118.06
N GLY I 386 -73.86 107.27 -117.13
CA GLY I 386 -73.10 106.20 -116.48
C GLY I 386 -73.91 105.22 -115.63
N GLU I 387 -75.12 105.57 -115.19
CA GLU I 387 -76.01 104.66 -114.47
C GLU I 387 -76.41 103.42 -115.29
N GLY I 388 -76.30 103.46 -116.62
CA GLY I 388 -76.49 102.29 -117.48
C GLY I 388 -75.27 101.34 -117.55
N ALA I 389 -74.05 101.84 -117.35
CA ALA I 389 -72.83 101.04 -117.47
C ALA I 389 -72.73 99.95 -116.38
N SER I 390 -72.14 98.80 -116.73
CA SER I 390 -72.22 97.58 -115.91
C SER I 390 -71.03 96.63 -116.09
N ILE I 391 -70.75 95.79 -115.08
CA ILE I 391 -69.83 94.65 -115.17
C ILE I 391 -70.33 93.45 -114.35
N SER I 392 -70.18 92.22 -114.84
CA SER I 392 -70.47 90.99 -114.09
C SER I 392 -69.72 89.77 -114.64
N VAL I 393 -69.61 88.70 -113.83
CA VAL I 393 -68.93 87.45 -114.22
C VAL I 393 -69.83 86.56 -115.07
N VAL I 394 -69.26 85.93 -116.10
CA VAL I 394 -69.93 84.98 -116.99
C VAL I 394 -69.59 83.52 -116.64
N SER I 395 -68.31 83.18 -116.61
CA SER I 395 -67.81 81.80 -116.47
C SER I 395 -66.31 81.75 -116.10
N VAL I 396 -65.77 80.55 -115.83
CA VAL I 396 -64.35 80.29 -115.51
C VAL I 396 -63.72 79.28 -116.46
N GLY I 397 -62.40 79.40 -116.70
CA GLY I 397 -61.60 78.50 -117.53
C GLY I 397 -60.22 79.04 -117.87
N GLY J 2 -94.94 82.34 -123.12
CA GLY J 2 -96.20 82.61 -122.41
C GLY J 2 -96.83 83.90 -122.87
N PHE J 3 -98.05 84.19 -122.41
CA PHE J 3 -98.78 85.39 -122.82
C PHE J 3 -98.07 86.69 -122.43
N SER J 4 -98.26 87.71 -123.26
CA SER J 4 -97.67 89.04 -123.12
C SER J 4 -98.08 89.78 -121.85
N ALA J 5 -97.33 90.83 -121.49
CA ALA J 5 -97.52 91.61 -120.27
C ALA J 5 -98.87 92.35 -120.19
N ASP J 6 -99.54 92.53 -121.32
CA ASP J 6 -100.93 92.95 -121.43
C ASP J 6 -101.54 92.19 -122.62
N HIS J 7 -102.83 91.84 -122.57
CA HIS J 7 -103.42 90.87 -123.49
C HIS J 7 -104.91 91.13 -123.72
N SER J 8 -105.43 90.68 -124.85
CA SER J 8 -106.81 90.93 -125.27
C SER J 8 -107.80 89.89 -124.76
N GLN J 9 -107.54 88.59 -124.95
CA GLN J 9 -108.41 87.52 -124.48
C GLN J 9 -108.29 87.28 -122.97
N ILE J 10 -107.13 87.53 -122.36
CA ILE J 10 -106.76 87.05 -121.01
C ILE J 10 -106.41 88.22 -120.10
N ALA J 11 -106.66 88.11 -118.80
CA ALA J 11 -106.24 89.09 -117.79
C ALA J 11 -105.40 88.46 -116.68
N GLN J 12 -104.40 89.18 -116.18
CA GLN J 12 -103.28 88.62 -115.40
C GLN J 12 -102.79 89.58 -114.31
N THR J 13 -102.12 89.03 -113.30
CA THR J 13 -101.44 89.80 -112.23
C THR J 13 -100.49 90.87 -112.76
N LYS J 14 -99.77 90.61 -113.85
CA LYS J 14 -98.78 91.53 -114.43
C LYS J 14 -99.36 92.63 -115.30
N ASP J 15 -100.67 92.66 -115.53
CA ASP J 15 -101.30 93.67 -116.41
C ASP J 15 -101.18 95.10 -115.88
N THR J 16 -101.16 96.07 -116.78
CA THR J 16 -101.13 97.48 -116.43
C THR J 16 -102.31 97.90 -115.56
N MET J 17 -103.52 97.41 -115.82
CA MET J 17 -104.73 97.84 -115.10
C MET J 17 -104.71 97.43 -113.61
N PHE J 18 -103.83 96.51 -113.21
CA PHE J 18 -103.63 96.13 -111.81
C PHE J 18 -102.53 96.92 -111.09
N THR J 19 -101.71 97.71 -111.79
CA THR J 19 -100.62 98.45 -111.14
C THR J 19 -101.14 99.38 -110.04
N GLY J 20 -100.38 99.49 -108.95
CA GLY J 20 -100.77 100.22 -107.75
C GLY J 20 -101.51 99.37 -106.71
N TYR J 21 -102.12 98.26 -107.13
CA TYR J 21 -102.46 97.16 -106.23
C TYR J 21 -101.32 96.14 -106.21
N LEU J 22 -101.50 95.01 -105.52
CA LEU J 22 -100.52 93.91 -105.45
C LEU J 22 -99.14 94.39 -104.96
N ASP J 23 -99.14 95.35 -104.04
CA ASP J 23 -97.97 96.04 -103.49
C ASP J 23 -97.11 95.08 -102.62
N PRO J 24 -95.78 95.04 -102.74
CA PRO J 24 -94.95 94.20 -101.88
C PRO J 24 -94.98 94.68 -100.43
N VAL J 25 -94.99 93.74 -99.49
CA VAL J 25 -95.12 94.02 -98.06
C VAL J 25 -93.84 94.65 -97.52
N GLN J 26 -93.90 95.66 -96.66
CA GLN J 26 -92.70 96.15 -95.97
C GLN J 26 -92.23 95.13 -94.93
N ALA J 27 -90.92 94.92 -94.81
CA ALA J 27 -90.34 93.91 -93.94
C ALA J 27 -89.12 94.46 -93.17
N LYS J 28 -88.70 93.73 -92.14
CA LYS J 28 -87.56 94.08 -91.28
C LYS J 28 -86.27 94.23 -92.09
N ASP J 29 -85.31 94.98 -91.57
CA ASP J 29 -83.96 94.93 -92.10
C ASP J 29 -83.29 93.62 -91.67
N TYR J 30 -83.20 92.64 -92.57
CA TYR J 30 -82.52 91.37 -92.29
C TYR J 30 -81.00 91.43 -92.41
N PHE J 31 -80.42 92.57 -92.77
CA PHE J 31 -78.99 92.75 -93.01
C PHE J 31 -78.38 93.92 -92.22
N ALA J 32 -78.97 94.24 -91.08
CA ALA J 32 -78.51 95.36 -90.26
C ALA J 32 -77.08 95.16 -89.76
N GLU J 33 -76.23 96.17 -89.90
CA GLU J 33 -74.96 96.26 -89.17
C GLU J 33 -75.22 96.74 -87.74
N ALA J 34 -74.68 96.05 -86.73
CA ALA J 34 -74.73 96.52 -85.35
C ALA J 34 -73.82 97.74 -85.15
N GLU J 35 -74.27 98.76 -84.42
CA GLU J 35 -73.48 99.98 -84.23
C GLU J 35 -72.18 99.70 -83.45
N LYS J 36 -71.08 100.36 -83.84
CA LYS J 36 -69.73 100.08 -83.33
C LYS J 36 -69.20 101.18 -82.43
N THR J 37 -68.67 100.79 -81.29
CA THR J 37 -68.22 101.70 -80.23
C THR J 37 -66.72 102.00 -80.30
N SER J 38 -66.29 103.05 -79.61
CA SER J 38 -64.88 103.44 -79.54
C SER J 38 -64.01 102.31 -79.01
N ILE J 39 -62.85 102.09 -79.60
CA ILE J 39 -61.82 101.21 -79.04
C ILE J 39 -60.93 101.95 -78.06
N VAL J 40 -60.63 103.24 -78.28
CA VAL J 40 -59.71 103.94 -77.38
C VAL J 40 -60.32 104.07 -75.99
N GLN J 41 -61.62 104.33 -75.90
CA GLN J 41 -62.31 104.36 -74.61
C GLN J 41 -62.33 103.01 -73.90
N ARG J 42 -62.08 101.90 -74.60
CA ARG J 42 -62.00 100.57 -74.00
C ARG J 42 -60.61 100.23 -73.46
N VAL J 43 -59.55 100.94 -73.84
CA VAL J 43 -58.18 100.64 -73.41
C VAL J 43 -57.52 101.73 -72.58
N ALA J 44 -57.85 102.99 -72.83
CA ALA J 44 -57.25 104.11 -72.12
C ALA J 44 -57.93 104.34 -70.76
N GLN J 45 -57.15 104.71 -69.74
CA GLN J 45 -57.66 104.97 -68.40
C GLN J 45 -58.57 106.20 -68.39
N LYS J 46 -59.84 106.03 -68.01
CA LYS J 46 -60.77 107.17 -67.91
C LYS J 46 -60.55 107.92 -66.60
N ILE J 47 -59.89 109.07 -66.67
CA ILE J 47 -59.71 109.99 -65.54
C ILE J 47 -60.91 110.93 -65.38
N PRO J 48 -61.15 111.48 -64.18
CA PRO J 48 -62.13 112.54 -64.00
C PRO J 48 -61.60 113.83 -64.62
N MET J 49 -62.50 114.65 -65.15
CA MET J 49 -62.18 115.83 -65.96
C MET J 49 -63.23 116.92 -65.71
N GLY J 50 -62.90 118.18 -65.95
CA GLY J 50 -63.83 119.31 -65.81
C GLY J 50 -63.47 120.46 -66.75
N ALA J 51 -64.33 121.47 -66.86
CA ALA J 51 -64.21 122.48 -67.90
C ALA J 51 -62.86 123.19 -67.94
N THR J 52 -62.23 123.43 -66.78
CA THR J 52 -60.93 124.10 -66.70
C THR J 52 -59.74 123.20 -67.04
N GLY J 53 -59.96 121.92 -67.33
CA GLY J 53 -58.89 120.96 -67.49
C GLY J 53 -58.21 120.62 -66.16
N ILE J 54 -57.15 119.83 -66.22
CA ILE J 54 -56.41 119.40 -65.03
C ILE J 54 -54.92 119.64 -65.20
N VAL J 55 -54.23 119.87 -64.09
CA VAL J 55 -52.78 119.98 -64.04
C VAL J 55 -52.19 118.85 -63.23
N ILE J 56 -51.23 118.14 -63.79
CA ILE J 56 -50.59 116.96 -63.18
C ILE J 56 -49.11 117.22 -62.92
N PRO J 57 -48.58 116.94 -61.72
CA PRO J 57 -47.19 117.14 -61.38
C PRO J 57 -46.31 116.03 -61.92
N HIS J 58 -45.00 116.20 -61.83
CA HIS J 58 -43.98 115.21 -62.16
C HIS J 58 -42.69 115.54 -61.42
N TRP J 59 -42.10 114.57 -60.71
CA TRP J 59 -40.80 114.77 -60.09
C TRP J 59 -39.70 114.77 -61.14
N THR J 60 -38.65 115.57 -60.97
CA THR J 60 -37.62 115.72 -62.01
C THR J 60 -36.21 116.03 -61.47
N GLY J 61 -35.96 115.77 -60.20
CA GLY J 61 -34.65 116.02 -59.59
C GLY J 61 -33.64 114.89 -59.79
N ASP J 62 -32.40 115.26 -60.06
CA ASP J 62 -31.21 114.41 -59.94
C ASP J 62 -30.62 114.47 -58.51
N VAL J 63 -31.41 114.08 -57.52
CA VAL J 63 -30.98 114.04 -56.11
C VAL J 63 -29.74 113.16 -55.94
N SER J 64 -28.80 113.57 -55.08
CA SER J 64 -27.45 113.00 -55.08
C SER J 64 -26.84 112.83 -53.68
N ALA J 65 -25.91 111.89 -53.57
CA ALA J 65 -25.14 111.62 -52.36
C ALA J 65 -23.75 111.12 -52.75
N GLN J 66 -22.76 111.24 -51.88
CA GLN J 66 -21.36 110.93 -52.23
C GLN J 66 -20.66 110.15 -51.14
N TRP J 67 -19.73 109.29 -51.51
CA TRP J 67 -18.87 108.59 -50.57
C TRP J 67 -17.86 109.54 -49.93
N ILE J 68 -17.57 109.35 -48.65
CA ILE J 68 -16.72 110.25 -47.86
C ILE J 68 -15.88 109.47 -46.83
N GLY J 69 -14.74 110.02 -46.42
CA GLY J 69 -13.88 109.45 -45.39
C GLY J 69 -14.17 109.97 -43.98
N GLU J 70 -13.36 109.54 -43.01
CA GLU J 70 -13.46 109.99 -41.62
C GLU J 70 -13.27 111.51 -41.52
N GLY J 71 -14.27 112.24 -41.05
CA GLY J 71 -14.21 113.70 -40.90
C GLY J 71 -14.25 114.50 -42.20
N ASP J 72 -14.46 113.86 -43.36
CA ASP J 72 -14.61 114.57 -44.63
C ASP J 72 -15.89 115.41 -44.66
N MET J 73 -15.85 116.50 -45.41
CA MET J 73 -16.90 117.51 -45.45
C MET J 73 -18.11 117.01 -46.23
N LYS J 74 -19.29 116.86 -45.60
CA LYS J 74 -20.48 116.29 -46.25
C LYS J 74 -21.03 117.22 -47.35
N PRO J 75 -21.39 116.72 -48.54
CA PRO J 75 -21.85 117.53 -49.66
C PRO J 75 -23.30 117.97 -49.49
N ILE J 76 -23.72 118.98 -50.25
CA ILE J 76 -25.09 119.54 -50.25
C ILE J 76 -25.81 119.20 -51.56
N THR J 77 -27.09 118.84 -51.51
CA THR J 77 -27.92 118.47 -52.67
C THR J 77 -29.29 119.16 -52.62
N LYS J 78 -29.94 119.40 -53.77
CA LYS J 78 -31.32 119.92 -53.85
C LYS J 78 -32.10 119.20 -54.95
N GLY J 79 -33.35 118.82 -54.68
CA GLY J 79 -34.25 118.19 -55.66
C GLY J 79 -35.00 119.20 -56.54
N ASN J 80 -35.78 118.72 -57.50
CA ASN J 80 -36.51 119.56 -58.46
C ASN J 80 -37.84 118.94 -58.92
N MET J 81 -38.78 119.78 -59.31
CA MET J 81 -40.20 119.49 -59.48
C MET J 81 -40.77 120.18 -60.73
N THR J 82 -41.78 119.62 -61.39
CA THR J 82 -42.42 120.23 -62.57
C THR J 82 -43.87 119.77 -62.77
N LYS J 83 -44.62 120.41 -63.68
CA LYS J 83 -46.05 120.17 -63.91
C LYS J 83 -46.46 120.44 -65.35
N ARG J 84 -47.57 119.85 -65.78
CA ARG J 84 -48.14 119.95 -67.13
C ARG J 84 -49.66 119.93 -67.07
N ASP J 85 -50.35 120.58 -68.00
CA ASP J 85 -51.82 120.64 -68.02
C ASP J 85 -52.45 120.04 -69.28
N VAL J 86 -53.69 119.58 -69.13
CA VAL J 86 -54.52 118.92 -70.13
C VAL J 86 -55.88 119.61 -70.15
N HIS J 87 -56.46 119.83 -71.33
CA HIS J 87 -57.73 120.54 -71.49
C HIS J 87 -58.73 119.77 -72.35
N PRO J 88 -60.02 119.78 -72.03
CA PRO J 88 -61.04 119.19 -72.87
C PRO J 88 -61.31 120.04 -74.12
N ALA J 89 -61.87 119.42 -75.15
CA ALA J 89 -62.28 120.04 -76.40
C ALA J 89 -63.73 119.67 -76.75
N LYS J 90 -64.41 120.57 -77.45
CA LYS J 90 -65.78 120.40 -77.93
C LYS J 90 -65.78 119.59 -79.23
N ILE J 91 -66.69 118.64 -79.35
CA ILE J 91 -67.07 118.01 -80.62
C ILE J 91 -68.56 118.25 -80.84
N ALA J 92 -68.96 118.54 -82.06
CA ALA J 92 -70.32 118.94 -82.34
C ALA J 92 -70.76 118.61 -83.75
N THR J 93 -72.07 118.58 -83.99
CA THR J 93 -72.64 118.48 -85.32
C THR J 93 -74.05 119.07 -85.36
N ILE J 94 -74.55 119.41 -86.53
CA ILE J 94 -75.90 119.91 -86.73
C ILE J 94 -76.51 119.12 -87.87
N PHE J 95 -77.76 118.70 -87.75
CA PHE J 95 -78.50 118.15 -88.89
C PHE J 95 -79.80 118.89 -89.09
N VAL J 96 -80.18 119.09 -90.35
CA VAL J 96 -81.23 120.01 -90.79
C VAL J 96 -82.28 119.24 -91.57
N ALA J 97 -83.55 119.59 -91.40
CA ALA J 97 -84.66 118.89 -92.02
C ALA J 97 -85.75 119.86 -92.48
N SER J 98 -86.41 119.52 -93.58
CA SER J 98 -87.53 120.28 -94.13
C SER J 98 -88.77 120.12 -93.26
N ALA J 99 -89.73 121.03 -93.37
CA ALA J 99 -91.04 120.81 -92.77
C ALA J 99 -91.74 119.57 -93.37
N GLU J 100 -91.51 119.24 -94.65
CA GLU J 100 -91.81 117.94 -95.25
C GLU J 100 -91.35 116.79 -94.32
N THR J 101 -90.06 116.73 -94.02
CA THR J 101 -89.51 115.64 -93.22
C THR J 101 -89.98 115.69 -91.78
N VAL J 102 -89.91 116.83 -91.09
CA VAL J 102 -90.22 116.88 -89.65
C VAL J 102 -91.67 116.59 -89.34
N ARG J 103 -92.59 116.97 -90.21
CA ARG J 103 -94.02 116.71 -90.00
C ARG J 103 -94.37 115.25 -90.25
N ALA J 104 -93.80 114.64 -91.29
CA ALA J 104 -94.11 113.26 -91.65
C ALA J 104 -93.31 112.22 -90.86
N ASN J 105 -92.09 112.57 -90.42
CA ASN J 105 -91.08 111.70 -89.84
C ASN J 105 -90.98 110.33 -90.54
N PRO J 106 -90.70 110.30 -91.86
CA PRO J 106 -90.72 109.08 -92.62
C PRO J 106 -89.62 108.14 -92.16
N ALA J 107 -89.92 106.84 -92.12
CA ALA J 107 -88.99 105.78 -91.75
C ALA J 107 -88.27 105.98 -90.40
N ASN J 108 -88.84 106.80 -89.50
CA ASN J 108 -88.20 107.25 -88.27
C ASN J 108 -86.78 107.80 -88.51
N TYR J 109 -86.58 108.52 -89.61
CA TYR J 109 -85.28 109.08 -89.96
C TYR J 109 -84.73 109.98 -88.84
N LEU J 110 -85.56 110.83 -88.25
CA LEU J 110 -85.09 111.80 -87.26
C LEU J 110 -84.67 111.13 -85.96
N GLY J 111 -85.47 110.19 -85.46
CA GLY J 111 -85.09 109.38 -84.32
C GLY J 111 -83.85 108.52 -84.60
N THR J 112 -83.70 108.03 -85.83
CA THR J 112 -82.50 107.28 -86.22
C THR J 112 -81.28 108.18 -86.18
N MET J 113 -81.34 109.37 -86.76
CA MET J 113 -80.21 110.30 -86.76
C MET J 113 -79.71 110.58 -85.34
N ARG J 114 -80.60 110.78 -84.38
CA ARG J 114 -80.20 111.06 -82.99
C ARG J 114 -79.41 109.92 -82.30
N THR J 115 -79.37 108.71 -82.87
CA THR J 115 -78.41 107.67 -82.45
C THR J 115 -77.20 107.60 -83.36
N LYS J 116 -77.34 107.80 -84.67
CA LYS J 116 -76.21 107.77 -85.59
C LYS J 116 -75.20 108.87 -85.28
N VAL J 117 -75.62 110.06 -84.87
CA VAL J 117 -74.69 111.10 -84.44
C VAL J 117 -73.91 110.69 -83.20
N ALA J 118 -74.52 109.98 -82.24
CA ALA J 118 -73.78 109.49 -81.07
C ALA J 118 -72.71 108.47 -81.46
N THR J 119 -73.02 107.57 -82.39
CA THR J 119 -72.01 106.67 -82.98
C THR J 119 -70.91 107.47 -83.68
N ALA J 120 -71.26 108.45 -84.50
CA ALA J 120 -70.28 109.27 -85.19
C ALA J 120 -69.35 110.01 -84.22
N ILE J 121 -69.88 110.51 -83.10
CA ILE J 121 -69.10 111.20 -82.07
C ILE J 121 -68.14 110.23 -81.39
N ALA J 122 -68.53 108.99 -81.12
CA ALA J 122 -67.60 107.99 -80.61
C ALA J 122 -66.50 107.65 -81.63
N MET J 123 -66.86 107.43 -82.89
CA MET J 123 -65.87 107.11 -83.93
C MET J 123 -64.92 108.27 -84.20
N ALA J 124 -65.38 109.52 -84.09
CA ALA J 124 -64.51 110.67 -84.24
C ALA J 124 -63.45 110.70 -83.14
N PHE J 125 -63.78 110.25 -81.92
CA PHE J 125 -62.80 110.19 -80.85
C PHE J 125 -61.73 109.13 -81.11
N ASP J 126 -62.10 107.94 -81.61
CA ASP J 126 -61.08 106.98 -82.04
C ASP J 126 -60.17 107.57 -83.11
N ASN J 127 -60.73 108.13 -84.18
CA ASN J 127 -59.91 108.64 -85.28
C ASN J 127 -59.03 109.81 -84.84
N ALA J 128 -59.52 110.68 -83.97
CA ALA J 128 -58.68 111.73 -83.42
C ALA J 128 -57.53 111.15 -82.60
N ALA J 129 -57.78 110.16 -81.75
CA ALA J 129 -56.73 109.59 -80.91
C ALA J 129 -55.72 108.74 -81.70
N LEU J 130 -56.19 107.90 -82.61
CA LEU J 130 -55.34 106.93 -83.32
C LEU J 130 -54.64 107.51 -84.54
N HIS J 131 -55.24 108.47 -85.23
CA HIS J 131 -54.76 108.94 -86.55
C HIS J 131 -54.69 110.46 -86.69
N GLY J 132 -55.08 111.21 -85.67
CA GLY J 132 -54.93 112.67 -85.68
C GLY J 132 -55.85 113.43 -86.65
N THR J 133 -56.77 112.77 -87.34
CA THR J 133 -57.40 113.27 -88.57
C THR J 133 -57.87 114.73 -88.52
N ASN J 134 -58.72 115.05 -87.55
CA ASN J 134 -59.19 116.40 -87.26
C ASN J 134 -58.95 116.78 -85.80
N ALA J 135 -57.94 116.19 -85.17
CA ALA J 135 -57.71 116.38 -83.76
C ALA J 135 -57.54 117.87 -83.43
N PRO J 136 -58.25 118.42 -82.45
CA PRO J 136 -58.08 119.81 -82.06
C PRO J 136 -56.72 119.99 -81.39
N SER J 137 -56.16 121.19 -81.43
CA SER J 137 -54.84 121.46 -80.82
C SER J 137 -54.77 121.11 -79.33
N ALA J 138 -55.91 121.07 -78.64
CA ALA J 138 -56.00 120.69 -77.24
C ALA J 138 -55.64 119.22 -76.96
N PHE J 139 -55.75 118.32 -77.93
CA PHE J 139 -55.32 116.95 -77.72
C PHE J 139 -53.79 116.88 -77.75
N GLN J 140 -53.19 116.38 -76.67
CA GLN J 140 -51.75 116.25 -76.54
C GLN J 140 -51.25 115.02 -77.31
N GLY J 141 -51.09 115.15 -78.63
CA GLY J 141 -50.57 114.09 -79.52
C GLY J 141 -51.61 113.05 -79.94
N TYR J 142 -51.25 112.18 -80.89
CA TYR J 142 -52.08 111.10 -81.40
C TYR J 142 -51.21 109.91 -81.82
N LEU J 143 -51.72 108.68 -81.75
CA LEU J 143 -50.88 107.49 -81.74
C LEU J 143 -50.07 107.27 -83.04
N ASP J 144 -50.64 107.60 -84.20
CA ASP J 144 -49.94 107.56 -85.48
C ASP J 144 -48.73 108.52 -85.57
N GLN J 145 -48.62 109.49 -84.66
CA GLN J 145 -47.52 110.43 -84.62
C GLN J 145 -46.20 109.80 -84.18
N SER J 146 -46.21 108.57 -83.68
CA SER J 146 -44.99 107.87 -83.25
C SER J 146 -43.96 107.72 -84.37
N ASN J 147 -42.68 107.80 -84.02
CA ASN J 147 -41.60 107.58 -85.00
C ASN J 147 -41.37 106.11 -85.37
N LYS J 148 -41.93 105.14 -84.63
CA LYS J 148 -41.51 103.74 -84.70
C LYS J 148 -42.43 102.89 -85.58
N THR J 149 -41.86 102.20 -86.56
CA THR J 149 -42.60 101.28 -87.43
C THR J 149 -42.00 99.90 -87.39
N GLN J 150 -42.82 98.86 -87.48
CA GLN J 150 -42.35 97.50 -87.78
C GLN J 150 -43.33 96.76 -88.69
N SER J 151 -42.83 96.08 -89.70
CA SER J 151 -43.65 95.21 -90.53
C SER J 151 -43.96 93.91 -89.82
N ILE J 152 -45.21 93.47 -89.82
CA ILE J 152 -45.62 92.15 -89.33
C ILE J 152 -45.76 91.14 -90.47
N SER J 153 -45.46 91.55 -91.71
CA SER J 153 -46.05 90.97 -92.92
C SER J 153 -45.73 89.50 -93.20
N PRO J 154 -44.46 89.05 -93.22
CA PRO J 154 -44.17 87.66 -93.55
C PRO J 154 -44.47 86.72 -92.39
N ASN J 155 -44.28 87.19 -91.15
CA ASN J 155 -44.32 86.38 -89.94
C ASN J 155 -44.60 87.28 -88.73
N ALA J 156 -45.83 87.26 -88.22
CA ALA J 156 -46.20 88.11 -87.11
C ALA J 156 -45.38 87.84 -85.84
N TYR J 157 -45.02 86.59 -85.55
CA TYR J 157 -44.25 86.28 -84.35
C TYR J 157 -42.88 86.93 -84.38
N GLN J 158 -42.18 86.88 -85.52
CA GLN J 158 -40.93 87.62 -85.69
C GLN J 158 -41.15 89.12 -85.55
N GLY J 159 -42.18 89.64 -86.21
CA GLY J 159 -42.47 91.06 -86.25
C GLY J 159 -42.74 91.66 -84.89
N LEU J 160 -43.64 91.09 -84.09
CA LEU J 160 -43.90 91.58 -82.74
C LEU J 160 -42.77 91.19 -81.80
N GLY J 161 -42.48 89.90 -81.68
CA GLY J 161 -41.79 89.33 -80.53
C GLY J 161 -40.32 89.68 -80.42
N VAL J 162 -39.64 89.93 -81.55
CA VAL J 162 -38.23 90.29 -81.55
C VAL J 162 -37.94 91.59 -82.31
N SER J 163 -38.16 91.68 -83.61
CA SER J 163 -37.71 92.87 -84.35
C SER J 163 -38.53 94.11 -84.00
N GLY J 164 -39.79 93.94 -83.60
CA GLY J 164 -40.62 95.02 -83.08
C GLY J 164 -40.27 95.38 -81.66
N LEU J 165 -40.39 94.43 -80.73
CA LEU J 165 -40.14 94.68 -79.32
C LEU J 165 -38.75 95.26 -79.06
N THR J 166 -37.76 94.89 -79.87
CA THR J 166 -36.41 95.49 -79.79
C THR J 166 -36.48 97.01 -79.80
N LYS J 167 -37.21 97.61 -80.74
CA LYS J 167 -37.26 99.07 -80.86
C LYS J 167 -38.19 99.76 -79.86
N LEU J 168 -38.85 99.05 -78.94
CA LEU J 168 -39.38 99.63 -77.71
C LEU J 168 -38.33 99.62 -76.60
N VAL J 169 -37.82 98.44 -76.26
CA VAL J 169 -36.93 98.28 -75.10
C VAL J 169 -35.58 98.94 -75.32
N THR J 170 -35.15 99.13 -76.56
CA THR J 170 -33.94 99.92 -76.85
C THR J 170 -34.01 101.32 -76.28
N ASP J 171 -35.20 101.92 -76.21
CA ASP J 171 -35.44 103.25 -75.62
C ASP J 171 -36.03 103.16 -74.21
N GLY J 172 -35.97 101.99 -73.56
CA GLY J 172 -36.55 101.78 -72.23
C GLY J 172 -38.07 101.86 -72.17
N LYS J 173 -38.76 101.92 -73.32
CA LYS J 173 -40.23 101.85 -73.37
C LYS J 173 -40.68 100.40 -73.21
N LYS J 174 -41.75 100.14 -72.46
CA LYS J 174 -42.28 98.77 -72.25
C LYS J 174 -43.36 98.40 -73.28
N TRP J 175 -43.68 97.11 -73.39
CA TRP J 175 -44.80 96.61 -74.21
C TRP J 175 -45.83 95.95 -73.31
N THR J 176 -47.05 96.49 -73.23
CA THR J 176 -48.11 95.99 -72.34
C THR J 176 -49.30 95.44 -73.11
N HIS J 177 -49.66 96.01 -74.26
CA HIS J 177 -50.82 95.59 -75.03
C HIS J 177 -50.55 95.63 -76.53
N THR J 178 -51.38 94.92 -77.28
CA THR J 178 -51.37 94.95 -78.74
C THR J 178 -52.78 95.19 -79.24
N LEU J 179 -52.94 96.14 -80.13
CA LEU J 179 -54.22 96.55 -80.69
C LEU J 179 -54.20 96.29 -82.20
N LEU J 180 -55.08 95.44 -82.71
CA LEU J 180 -55.05 94.98 -84.09
C LEU J 180 -56.34 95.27 -84.85
N ASP J 181 -56.22 95.67 -86.10
CA ASP J 181 -57.36 95.75 -87.01
C ASP J 181 -57.82 94.34 -87.42
N ASP J 182 -59.12 94.16 -87.60
CA ASP J 182 -59.72 92.90 -88.07
C ASP J 182 -59.06 92.35 -89.35
N THR J 183 -58.54 93.21 -90.22
CA THR J 183 -57.84 92.79 -91.43
C THR J 183 -56.48 92.15 -91.19
N VAL J 184 -55.98 92.08 -89.95
CA VAL J 184 -54.74 91.37 -89.61
C VAL J 184 -54.89 89.85 -89.65
N GLU J 185 -56.09 89.30 -89.55
CA GLU J 185 -56.26 87.84 -89.41
C GLU J 185 -55.50 87.01 -90.46
N PRO J 186 -55.54 87.32 -91.77
CA PRO J 186 -54.79 86.54 -92.74
C PRO J 186 -53.30 86.47 -92.45
N VAL J 187 -52.61 87.57 -92.16
CA VAL J 187 -51.15 87.48 -91.95
C VAL J 187 -50.83 86.71 -90.69
N LEU J 188 -51.71 86.74 -89.70
CA LEU J 188 -51.56 85.96 -88.50
C LEU J 188 -51.74 84.47 -88.80
N ASN J 189 -52.83 84.09 -89.49
CA ASN J 189 -53.07 82.72 -89.91
C ASN J 189 -51.94 82.18 -90.78
N GLY J 190 -51.36 83.03 -91.62
CA GLY J 190 -50.29 82.67 -92.54
C GLY J 190 -48.89 82.68 -91.93
N SER J 191 -48.74 83.09 -90.67
CA SER J 191 -47.43 82.97 -90.01
C SER J 191 -47.12 81.50 -89.75
N VAL J 192 -46.02 81.00 -90.31
CA VAL J 192 -45.67 79.58 -90.31
C VAL J 192 -44.22 79.35 -89.93
N ASP J 193 -43.92 78.16 -89.41
CA ASP J 193 -42.56 77.69 -89.34
C ASP J 193 -42.05 77.24 -90.72
N ALA J 194 -40.79 76.86 -90.84
CA ALA J 194 -40.21 76.41 -92.11
C ALA J 194 -40.77 75.07 -92.60
N ASN J 195 -41.46 74.29 -91.76
CA ASN J 195 -42.21 73.12 -92.20
C ASN J 195 -43.52 73.53 -92.90
N GLY J 196 -43.97 74.77 -92.73
CA GLY J 196 -45.27 75.23 -93.19
C GLY J 196 -46.42 74.99 -92.21
N ARG J 197 -46.15 74.58 -90.96
CA ARG J 197 -47.18 74.56 -89.91
C ARG J 197 -47.43 75.99 -89.40
N PRO J 198 -48.66 76.39 -89.11
CA PRO J 198 -48.94 77.69 -88.54
C PRO J 198 -48.44 77.79 -87.10
N LEU J 199 -48.13 79.00 -86.64
CA LEU J 199 -47.62 79.22 -85.28
C LEU J 199 -48.74 79.35 -84.21
N PHE J 200 -49.88 79.94 -84.55
CA PHE J 200 -50.91 80.35 -83.58
C PHE J 200 -52.17 79.49 -83.53
N VAL J 201 -52.13 78.26 -84.04
CA VAL J 201 -53.18 77.23 -83.92
C VAL J 201 -52.53 75.85 -83.84
N GLU J 202 -53.26 74.84 -83.39
CA GLU J 202 -52.72 73.51 -83.11
C GLU J 202 -53.59 72.37 -83.66
N SER J 203 -53.00 71.18 -83.76
CA SER J 203 -53.67 69.96 -84.22
C SER J 203 -54.32 70.17 -85.58
N THR J 204 -55.59 69.81 -85.77
CA THR J 204 -56.29 70.00 -87.04
C THR J 204 -56.96 71.35 -87.19
N TYR J 205 -56.46 72.37 -86.49
CA TYR J 205 -56.74 73.76 -86.81
C TYR J 205 -58.22 74.13 -86.77
N GLU J 206 -58.96 73.51 -85.85
CA GLU J 206 -60.38 73.71 -85.68
C GLU J 206 -60.73 75.04 -84.99
N SER J 207 -59.91 75.51 -84.06
CA SER J 207 -60.16 76.74 -83.28
C SER J 207 -59.93 78.02 -84.08
N LEU J 208 -60.42 79.16 -83.57
CA LEU J 208 -59.88 80.47 -83.98
C LEU J 208 -58.40 80.57 -83.64
N THR J 209 -57.68 81.42 -84.36
CA THR J 209 -56.25 81.70 -84.17
C THR J 209 -56.04 82.46 -82.88
N THR J 210 -55.27 81.94 -81.92
CA THR J 210 -55.55 82.29 -80.52
C THR J 210 -55.40 83.77 -80.14
N PRO J 211 -54.50 84.58 -80.71
CA PRO J 211 -54.53 86.02 -80.48
C PRO J 211 -55.84 86.65 -80.94
N PHE J 212 -56.37 86.24 -82.09
CA PHE J 212 -57.66 86.69 -82.61
C PHE J 212 -58.85 86.11 -81.85
N ARG J 213 -58.63 85.13 -80.98
CA ARG J 213 -59.61 84.64 -80.00
C ARG J 213 -59.60 85.49 -78.72
N GLU J 214 -59.22 86.76 -78.83
CA GLU J 214 -58.95 87.68 -77.71
C GLU J 214 -57.88 87.17 -76.74
N GLY J 215 -57.01 86.26 -77.19
CA GLY J 215 -55.95 85.67 -76.38
C GLY J 215 -54.71 86.54 -76.23
N ARG J 216 -53.71 86.03 -75.52
CA ARG J 216 -52.44 86.70 -75.30
C ARG J 216 -51.44 86.41 -76.42
N ILE J 217 -50.40 87.21 -76.55
CA ILE J 217 -49.15 86.87 -77.25
C ILE J 217 -47.98 87.22 -76.36
N LEU J 218 -47.02 86.31 -76.20
CA LEU J 218 -45.83 86.53 -75.36
C LEU J 218 -46.17 87.21 -74.03
N GLY J 219 -47.23 86.76 -73.36
CA GLY J 219 -47.71 87.29 -72.10
C GLY J 219 -48.62 88.52 -72.18
N ARG J 220 -48.62 89.29 -73.27
CA ARG J 220 -49.42 90.53 -73.40
C ARG J 220 -50.78 90.23 -74.02
N PRO J 221 -51.90 90.80 -73.56
CA PRO J 221 -53.22 90.58 -74.14
C PRO J 221 -53.34 91.21 -75.53
N THR J 222 -54.21 90.64 -76.37
CA THR J 222 -54.51 91.18 -77.71
C THR J 222 -55.90 91.82 -77.69
N ILE J 223 -56.05 92.99 -78.28
CA ILE J 223 -57.32 93.70 -78.38
C ILE J 223 -57.67 93.93 -79.84
N LEU J 224 -58.86 93.53 -80.28
CA LEU J 224 -59.23 93.52 -81.69
C LEU J 224 -60.30 94.56 -81.99
N SER J 225 -60.27 95.18 -83.16
CA SER J 225 -61.32 96.09 -83.62
C SER J 225 -61.38 96.14 -85.16
N ASP J 226 -62.55 96.45 -85.72
CA ASP J 226 -62.78 96.45 -87.16
C ASP J 226 -62.46 97.77 -87.87
N HIS J 227 -61.94 98.78 -87.17
CA HIS J 227 -61.76 100.12 -87.74
C HIS J 227 -60.47 100.81 -87.31
N VAL J 228 -59.40 100.06 -87.05
CA VAL J 228 -58.12 100.60 -86.60
C VAL J 228 -57.23 101.00 -87.78
N ALA J 229 -57.35 100.34 -88.92
CA ALA J 229 -56.44 100.53 -90.03
C ALA J 229 -56.60 101.88 -90.74
N GLU J 230 -55.49 102.48 -91.16
CA GLU J 230 -55.44 103.51 -92.20
C GLU J 230 -54.11 103.42 -92.94
N GLY J 231 -54.13 103.57 -94.27
CA GLY J 231 -52.91 103.46 -95.06
C GLY J 231 -52.18 102.14 -94.83
N ASP J 232 -50.87 102.20 -94.63
CA ASP J 232 -50.07 101.02 -94.30
C ASP J 232 -50.30 100.49 -92.87
N VAL J 233 -50.84 101.30 -91.95
CA VAL J 233 -50.99 100.93 -90.54
C VAL J 233 -52.19 100.01 -90.34
N VAL J 234 -51.96 98.85 -89.73
CA VAL J 234 -53.00 97.86 -89.41
C VAL J 234 -53.13 97.59 -87.92
N GLY J 235 -52.32 98.22 -87.08
CA GLY J 235 -52.37 98.02 -85.64
C GLY J 235 -51.25 98.75 -84.92
N TYR J 236 -51.25 98.67 -83.61
CA TYR J 236 -50.29 99.32 -82.74
C TYR J 236 -49.89 98.39 -81.61
N ALA J 237 -48.67 98.51 -81.11
CA ALA J 237 -48.21 97.80 -79.93
C ALA J 237 -47.50 98.80 -79.02
N GLY J 238 -47.66 98.73 -77.71
CA GLY J 238 -46.98 99.69 -76.85
C GLY J 238 -47.32 99.62 -75.38
N ASP J 239 -46.95 100.66 -74.65
CA ASP J 239 -47.31 100.85 -73.26
C ASP J 239 -48.65 101.61 -73.14
N PHE J 240 -49.77 100.92 -73.31
CA PHE J 240 -51.08 101.55 -73.25
C PHE J 240 -51.44 102.12 -71.88
N SER J 241 -50.62 101.96 -70.85
CA SER J 241 -50.80 102.73 -69.61
C SER J 241 -50.62 104.24 -69.82
N GLN J 242 -49.87 104.64 -70.84
CA GLN J 242 -49.48 106.02 -71.10
C GLN J 242 -50.61 106.89 -71.67
N ILE J 243 -51.85 106.40 -71.76
CA ILE J 243 -52.99 107.13 -72.32
C ILE J 243 -54.01 107.41 -71.24
N ILE J 244 -54.40 108.66 -71.04
CA ILE J 244 -55.48 109.05 -70.13
C ILE J 244 -56.48 109.94 -70.85
N TRP J 245 -57.75 109.86 -70.47
CA TRP J 245 -58.81 110.63 -71.12
C TRP J 245 -60.00 110.82 -70.21
N GLY J 246 -60.88 111.77 -70.53
CA GLY J 246 -62.12 111.93 -69.76
C GLY J 246 -63.17 112.72 -70.51
N GLN J 247 -64.39 112.22 -70.51
CA GLN J 247 -65.56 112.95 -71.01
C GLN J 247 -66.00 113.97 -69.96
N VAL J 248 -66.48 115.13 -70.38
CA VAL J 248 -67.09 116.13 -69.48
C VAL J 248 -68.58 116.21 -69.77
N GLY J 249 -69.41 115.95 -68.76
CA GLY J 249 -70.86 115.96 -68.92
C GLY J 249 -71.38 114.88 -69.86
N GLY J 250 -72.67 114.97 -70.24
CA GLY J 250 -73.28 114.06 -71.20
C GLY J 250 -73.17 114.54 -72.64
N LEU J 251 -73.46 113.66 -73.60
CA LEU J 251 -73.82 114.06 -74.96
C LEU J 251 -75.17 114.77 -74.90
N SER J 252 -75.31 115.90 -75.60
CA SER J 252 -76.42 116.84 -75.39
C SER J 252 -77.00 117.38 -76.69
N PHE J 253 -78.29 117.74 -76.66
CA PHE J 253 -79.07 118.17 -77.81
C PHE J 253 -79.77 119.50 -77.58
N ASP J 254 -80.00 120.23 -78.66
CA ASP J 254 -80.86 121.40 -78.75
C ASP J 254 -81.57 121.36 -80.10
N VAL J 255 -82.77 121.91 -80.23
CA VAL J 255 -83.54 121.91 -81.48
C VAL J 255 -84.20 123.26 -81.69
N THR J 256 -84.14 123.77 -82.91
CA THR J 256 -84.58 125.15 -83.19
C THR J 256 -84.94 125.36 -84.65
N ASP J 257 -85.70 126.40 -84.91
CA ASP J 257 -86.11 126.83 -86.25
C ASP J 257 -85.94 128.34 -86.47
N GLN J 258 -85.70 129.15 -85.44
CA GLN J 258 -85.49 130.58 -85.63
C GLN J 258 -84.10 130.96 -86.15
N ALA J 259 -83.11 130.08 -85.98
CA ALA J 259 -81.71 130.38 -86.28
C ALA J 259 -81.43 130.60 -87.77
N THR J 260 -80.28 131.22 -88.07
CA THR J 260 -79.72 131.32 -89.42
C THR J 260 -78.39 130.59 -89.46
N LEU J 261 -78.22 129.65 -90.39
CA LEU J 261 -77.07 128.75 -90.44
C LEU J 261 -76.19 129.04 -91.65
N ASN J 262 -74.88 129.08 -91.46
CA ASN J 262 -73.93 129.18 -92.56
C ASN J 262 -73.75 127.81 -93.21
N LEU J 263 -74.09 127.65 -94.48
CA LEU J 263 -73.81 126.40 -95.21
C LEU J 263 -72.37 126.32 -95.73
N GLY J 264 -71.66 127.44 -95.80
CA GLY J 264 -70.26 127.50 -96.23
C GLY J 264 -69.28 127.52 -95.05
N SER J 265 -68.01 127.77 -95.33
CA SER J 265 -67.00 128.06 -94.31
C SER J 265 -67.21 129.44 -93.70
N GLN J 266 -66.52 129.76 -92.61
CA GLN J 266 -66.65 131.09 -92.00
C GLN J 266 -66.13 132.20 -92.91
N GLU J 267 -65.02 132.00 -93.60
CA GLU J 267 -64.42 133.01 -94.49
C GLU J 267 -65.03 133.04 -95.90
N SER J 268 -65.80 132.02 -96.29
CA SER J 268 -66.53 131.98 -97.57
C SER J 268 -68.00 131.62 -97.34
N PRO J 269 -68.76 132.46 -96.62
CA PRO J 269 -70.05 132.09 -96.07
C PRO J 269 -71.15 132.04 -97.11
N ASN J 270 -72.21 131.32 -96.76
CA ASN J 270 -73.46 131.20 -97.50
C ASN J 270 -74.60 130.98 -96.52
N PHE J 271 -75.12 132.05 -95.91
CA PHE J 271 -76.14 131.96 -94.87
C PHE J 271 -77.51 131.57 -95.42
N VAL J 272 -78.22 130.71 -94.69
CA VAL J 272 -79.64 130.39 -94.92
C VAL J 272 -80.42 130.56 -93.63
N SER J 273 -81.55 131.27 -93.66
CA SER J 273 -82.45 131.35 -92.52
C SER J 273 -83.26 130.06 -92.40
N LEU J 274 -83.32 129.46 -91.22
CA LEU J 274 -84.18 128.29 -91.02
C LEU J 274 -85.65 128.66 -90.85
N TRP J 275 -85.99 129.96 -90.81
CA TRP J 275 -87.36 130.42 -90.61
C TRP J 275 -87.97 131.09 -91.83
N GLN J 276 -87.18 131.82 -92.63
CA GLN J 276 -87.71 132.42 -93.86
C GLN J 276 -88.08 131.33 -94.86
N HIS J 277 -87.21 130.33 -95.01
CA HIS J 277 -87.59 129.01 -95.50
C HIS J 277 -88.22 128.23 -94.37
N ASN J 278 -89.08 127.26 -94.65
CA ASN J 278 -89.68 126.42 -93.61
C ASN J 278 -88.77 125.22 -93.33
N LEU J 279 -87.82 125.38 -92.40
CA LEU J 279 -86.82 124.38 -92.06
C LEU J 279 -86.72 124.21 -90.53
N VAL J 280 -86.03 123.17 -90.07
CA VAL J 280 -85.81 122.84 -88.67
C VAL J 280 -84.40 122.28 -88.52
N ALA J 281 -83.72 122.50 -87.40
CA ALA J 281 -82.41 121.91 -87.18
C ALA J 281 -82.19 121.44 -85.75
N VAL J 282 -81.41 120.37 -85.60
CA VAL J 282 -80.98 119.81 -84.33
C VAL J 282 -79.49 120.00 -84.18
N ARG J 283 -79.05 120.56 -83.05
CA ARG J 283 -77.67 120.89 -82.69
C ARG J 283 -77.20 119.96 -81.59
N VAL J 284 -76.04 119.33 -81.74
CA VAL J 284 -75.53 118.28 -80.84
C VAL J 284 -74.14 118.64 -80.33
N GLU J 285 -73.88 118.49 -79.03
CA GLU J 285 -72.57 118.79 -78.44
C GLU J 285 -72.14 117.74 -77.42
N ALA J 286 -70.84 117.45 -77.38
CA ALA J 286 -70.17 116.67 -76.33
C ALA J 286 -68.74 117.20 -76.13
N GLU J 287 -68.11 116.89 -74.99
CA GLU J 287 -66.76 117.36 -74.66
C GLU J 287 -65.86 116.25 -74.12
N TYR J 288 -64.61 116.22 -74.58
CA TYR J 288 -63.64 115.19 -74.21
C TYR J 288 -62.25 115.77 -74.08
N GLY J 289 -61.43 115.25 -73.18
CA GLY J 289 -59.99 115.51 -73.14
C GLY J 289 -59.20 114.22 -73.26
N LEU J 290 -58.03 114.25 -73.90
CA LEU J 290 -57.14 113.10 -74.02
C LEU J 290 -55.67 113.53 -74.02
N LEU J 291 -54.81 112.73 -73.39
CA LEU J 291 -53.36 112.90 -73.35
C LEU J 291 -52.69 111.55 -73.61
N ILE J 292 -51.68 111.53 -74.47
CA ILE J 292 -50.74 110.42 -74.58
C ILE J 292 -49.41 110.91 -74.03
N ASN J 293 -48.91 110.30 -72.96
CA ASN J 293 -47.81 110.85 -72.19
C ASN J 293 -46.50 110.92 -72.99
N ASP J 294 -46.21 109.90 -73.78
CA ASP J 294 -45.09 109.90 -74.74
C ASP J 294 -45.42 109.01 -75.92
N VAL J 295 -45.72 109.60 -77.07
CA VAL J 295 -46.19 108.85 -78.24
C VAL J 295 -45.15 107.86 -78.77
N ASN J 296 -43.87 108.05 -78.45
CA ASN J 296 -42.82 107.12 -78.85
C ASN J 296 -42.85 105.79 -78.08
N ALA J 297 -43.73 105.65 -77.10
CA ALA J 297 -43.97 104.38 -76.40
C ALA J 297 -44.87 103.42 -77.19
N PHE J 298 -45.20 103.71 -78.45
CA PHE J 298 -46.05 102.89 -79.30
C PHE J 298 -45.38 102.64 -80.65
N VAL J 299 -45.42 101.41 -81.17
CA VAL J 299 -44.89 101.02 -82.48
C VAL J 299 -46.05 100.79 -83.42
N LYS J 300 -46.00 101.37 -84.62
CA LYS J 300 -46.99 101.15 -85.68
C LYS J 300 -46.74 99.83 -86.37
N LEU J 301 -47.77 99.04 -86.62
CA LEU J 301 -47.66 97.74 -87.29
C LEU J 301 -48.14 97.83 -88.73
N THR J 302 -47.38 97.30 -89.68
CA THR J 302 -47.60 97.49 -91.12
C THR J 302 -47.42 96.21 -91.93
N PHE J 303 -47.94 96.20 -93.15
CA PHE J 303 -47.88 95.06 -94.07
C PHE J 303 -46.74 95.13 -95.11
N ASP J 304 -45.91 96.18 -95.12
CA ASP J 304 -44.89 96.35 -96.16
C ASP J 304 -43.82 95.23 -96.12
N PRO J 305 -43.26 94.84 -97.27
CA PRO J 305 -42.22 93.82 -97.32
C PRO J 305 -40.91 94.36 -96.75
N VAL J 306 -39.99 93.47 -96.41
CA VAL J 306 -38.61 93.84 -96.04
C VAL J 306 -37.89 94.46 -97.24
N LEU J 307 -37.07 95.49 -96.99
CA LEU J 307 -36.28 96.18 -98.00
C LEU J 307 -34.77 95.88 -97.82
N THR J 308 -34.05 95.72 -98.92
CA THR J 308 -32.58 95.59 -98.94
C THR J 308 -31.96 96.83 -99.60
N THR J 309 -30.87 97.36 -99.04
CA THR J 309 -30.16 98.53 -99.58
C THR J 309 -28.86 98.10 -100.26
N TYR J 310 -28.64 98.60 -101.46
CA TYR J 310 -27.51 98.26 -102.33
C TYR J 310 -26.71 99.52 -102.68
N ALA J 311 -25.40 99.40 -102.82
CA ALA J 311 -24.53 100.43 -103.41
C ALA J 311 -24.29 100.12 -104.90
N LEU J 312 -24.62 101.08 -105.79
CA LEU J 312 -24.33 101.02 -107.22
C LEU J 312 -22.84 101.34 -107.49
N ASP J 313 -21.95 100.48 -107.02
CA ASP J 313 -20.50 100.68 -107.14
C ASP J 313 -20.02 100.57 -108.60
N LEU J 314 -19.40 101.63 -109.13
CA LEU J 314 -18.86 101.73 -110.50
C LEU J 314 -17.50 102.45 -110.50
N ASP J 315 -16.57 102.00 -111.35
CA ASP J 315 -15.22 102.60 -111.45
C ASP J 315 -15.21 103.96 -112.16
N GLY J 316 -16.26 104.28 -112.90
CA GLY J 316 -16.42 105.51 -113.69
C GLY J 316 -17.76 105.54 -114.40
N ALA J 317 -18.05 106.64 -115.10
CA ALA J 317 -19.32 106.85 -115.77
C ALA J 317 -19.17 107.86 -116.93
N SER J 318 -18.88 107.36 -118.13
CA SER J 318 -18.62 108.20 -119.32
C SER J 318 -19.25 107.71 -120.64
N ALA J 319 -19.68 106.45 -120.75
CA ALA J 319 -20.35 105.95 -121.95
C ALA J 319 -21.21 104.70 -121.67
N GLY J 320 -22.24 104.47 -122.48
CA GLY J 320 -23.02 103.22 -122.49
C GLY J 320 -24.11 103.10 -121.43
N ASN J 321 -24.71 101.90 -121.34
CA ASN J 321 -25.92 101.65 -120.57
C ASN J 321 -25.90 100.29 -119.86
N PHE J 322 -26.67 100.15 -118.79
CA PHE J 322 -26.85 98.89 -118.06
C PHE J 322 -28.33 98.61 -117.76
N THR J 323 -28.65 97.35 -117.46
CA THR J 323 -30.03 96.86 -117.29
C THR J 323 -30.21 96.29 -115.89
N LEU J 324 -31.38 96.49 -115.28
CA LEU J 324 -31.74 95.92 -113.97
C LEU J 324 -32.96 94.99 -114.05
N SER J 325 -33.03 94.01 -113.18
CA SER J 325 -34.07 92.98 -113.19
C SER J 325 -34.34 92.39 -111.80
N LEU J 326 -35.47 91.70 -111.71
CA LEU J 326 -35.90 90.83 -110.61
C LEU J 326 -36.31 89.48 -111.24
N ASP J 327 -36.41 88.40 -110.47
CA ASP J 327 -36.54 87.04 -111.03
C ASP J 327 -37.71 86.85 -112.03
N GLY J 328 -38.78 87.65 -111.92
CA GLY J 328 -39.91 87.62 -112.86
C GLY J 328 -39.81 88.57 -114.06
N LYS J 329 -39.08 89.69 -113.98
CA LYS J 329 -39.24 90.86 -114.89
C LYS J 329 -37.97 91.68 -115.07
N THR J 330 -37.89 92.46 -116.18
CA THR J 330 -36.74 93.34 -116.50
C THR J 330 -37.17 94.80 -116.72
N SER J 331 -36.35 95.75 -116.23
CA SER J 331 -36.58 97.21 -116.29
C SER J 331 -36.26 97.83 -117.66
N ALA J 332 -36.53 99.13 -117.82
CA ALA J 332 -35.94 99.96 -118.87
C ALA J 332 -34.43 100.20 -118.61
N ASN J 333 -33.64 100.37 -119.67
CA ASN J 333 -32.18 100.52 -119.57
C ASN J 333 -31.74 101.86 -118.97
N ILE J 334 -30.63 101.85 -118.23
CA ILE J 334 -30.08 102.98 -117.47
C ILE J 334 -28.75 103.43 -118.05
N ALA J 335 -28.60 104.72 -118.37
CA ALA J 335 -27.38 105.30 -118.91
C ALA J 335 -26.34 105.65 -117.83
N TYR J 336 -25.07 105.77 -118.21
CA TYR J 336 -23.99 106.18 -117.31
C TYR J 336 -24.24 107.54 -116.59
N ASN J 337 -24.91 108.47 -117.26
CA ASN J 337 -25.21 109.83 -116.78
C ASN J 337 -26.59 109.97 -116.10
N ALA J 338 -27.25 108.87 -115.73
CA ALA J 338 -28.61 108.88 -115.20
C ALA J 338 -28.77 109.73 -113.93
N SER J 339 -29.83 110.53 -113.88
CA SER J 339 -30.23 111.34 -112.71
C SER J 339 -30.95 110.52 -111.62
N THR J 340 -31.13 111.10 -110.42
CA THR J 340 -31.84 110.43 -109.31
C THR J 340 -33.29 110.07 -109.68
N ALA J 341 -33.99 110.94 -110.40
CA ALA J 341 -35.31 110.64 -110.96
C ALA J 341 -35.23 109.53 -112.03
N THR J 342 -34.21 109.55 -112.88
CA THR J 342 -34.00 108.54 -113.93
C THR J 342 -33.82 107.14 -113.32
N VAL J 343 -32.96 106.97 -112.30
CA VAL J 343 -32.73 105.64 -111.72
C VAL J 343 -33.96 105.11 -110.97
N LYS J 344 -34.63 105.91 -110.14
CA LYS J 344 -35.83 105.42 -109.45
C LYS J 344 -36.96 105.09 -110.42
N SER J 345 -37.24 105.98 -111.38
CA SER J 345 -38.30 105.74 -112.35
C SER J 345 -38.01 104.53 -113.24
N ALA J 346 -36.74 104.21 -113.50
CA ALA J 346 -36.37 102.96 -114.17
C ALA J 346 -36.68 101.70 -113.32
N ILE J 347 -36.54 101.75 -112.00
CA ILE J 347 -36.95 100.64 -111.13
C ILE J 347 -38.48 100.49 -111.14
N VAL J 348 -39.25 101.54 -110.80
CA VAL J 348 -40.72 101.40 -110.65
C VAL J 348 -41.45 101.14 -111.97
N ALA J 349 -40.76 101.21 -113.11
CA ALA J 349 -41.24 100.71 -114.39
C ALA J 349 -41.32 99.17 -114.48
N ILE J 350 -40.70 98.40 -113.57
CA ILE J 350 -40.93 96.95 -113.50
C ILE J 350 -42.40 96.68 -113.12
N ASP J 351 -43.07 95.85 -113.92
CA ASP J 351 -44.50 95.55 -113.82
C ASP J 351 -44.85 94.86 -112.49
N ASP J 352 -43.99 93.96 -112.02
CA ASP J 352 -44.22 93.24 -110.76
C ASP J 352 -43.91 94.11 -109.51
N GLY J 353 -44.94 94.69 -108.91
CA GLY J 353 -44.97 95.14 -107.51
C GLY J 353 -44.24 96.45 -107.17
N VAL J 354 -43.04 96.70 -107.69
CA VAL J 354 -42.27 97.91 -107.36
C VAL J 354 -42.90 99.20 -107.88
N SER J 355 -43.92 99.10 -108.73
CA SER J 355 -44.82 100.20 -109.10
C SER J 355 -45.49 100.86 -107.88
N ALA J 356 -45.45 100.22 -106.71
CA ALA J 356 -45.98 100.71 -105.44
C ALA J 356 -45.30 101.97 -104.86
N ASP J 357 -44.17 102.43 -105.42
CA ASP J 357 -43.48 103.67 -105.02
C ASP J 357 -42.95 103.67 -103.56
N ASP J 358 -42.68 102.49 -102.99
CA ASP J 358 -41.97 102.33 -101.71
C ASP J 358 -40.44 102.27 -101.86
N VAL J 359 -39.95 102.13 -103.10
CA VAL J 359 -38.52 102.14 -103.46
C VAL J 359 -37.89 103.50 -103.15
N THR J 360 -36.75 103.50 -102.46
CA THR J 360 -35.99 104.73 -102.18
C THR J 360 -34.59 104.67 -102.78
N VAL J 361 -34.18 105.75 -103.44
CA VAL J 361 -32.86 105.88 -104.07
C VAL J 361 -32.29 107.26 -103.75
N THR J 362 -30.98 107.34 -103.50
CA THR J 362 -30.27 108.62 -103.31
C THR J 362 -28.84 108.52 -103.83
N GLY J 363 -28.24 109.64 -104.20
CA GLY J 363 -26.96 109.74 -104.91
C GLY J 363 -27.00 110.77 -106.04
N SER J 364 -26.06 110.70 -106.98
CA SER J 364 -26.03 111.51 -108.22
C SER J 364 -25.09 110.91 -109.28
N ALA J 365 -25.33 111.24 -110.54
CA ALA J 365 -24.35 111.17 -111.64
C ALA J 365 -23.48 109.89 -111.66
N GLY J 366 -24.11 108.71 -111.71
CA GLY J 366 -23.42 107.42 -111.83
C GLY J 366 -22.97 106.78 -110.51
N ASP J 367 -23.33 107.32 -109.35
CA ASP J 367 -23.13 106.67 -108.03
C ASP J 367 -24.36 106.86 -107.12
N TYR J 368 -24.99 105.75 -106.70
CA TYR J 368 -26.27 105.74 -105.98
C TYR J 368 -26.35 104.63 -104.93
N THR J 369 -27.13 104.85 -103.88
CA THR J 369 -27.64 103.79 -103.00
C THR J 369 -29.11 103.53 -103.32
N ILE J 370 -29.43 102.29 -103.70
CA ILE J 370 -30.75 101.86 -104.16
C ILE J 370 -31.37 100.92 -103.13
N THR J 371 -32.59 101.18 -102.67
CA THR J 371 -33.27 100.34 -101.66
C THR J 371 -34.56 99.76 -102.19
N VAL J 372 -34.67 98.43 -102.24
CA VAL J 372 -35.74 97.69 -102.94
C VAL J 372 -36.14 96.39 -102.23
N PRO J 373 -37.36 95.89 -102.42
CA PRO J 373 -37.74 94.54 -102.01
C PRO J 373 -37.14 93.48 -102.95
N GLY J 374 -37.41 92.20 -102.68
CA GLY J 374 -36.98 91.09 -103.54
C GLY J 374 -35.48 90.82 -103.47
N THR J 375 -34.80 90.68 -104.61
CA THR J 375 -33.34 90.49 -104.71
C THR J 375 -32.84 91.05 -106.06
N LEU J 376 -32.22 92.23 -106.02
CA LEU J 376 -31.89 93.01 -107.21
C LEU J 376 -30.85 92.31 -108.07
N THR J 377 -31.07 92.26 -109.38
CA THR J 377 -30.18 91.63 -110.36
C THR J 377 -29.86 92.60 -111.49
N ALA J 378 -28.69 92.45 -112.12
CA ALA J 378 -28.15 93.41 -113.06
C ALA J 378 -27.45 92.76 -114.27
N ASP J 379 -27.39 93.50 -115.37
CA ASP J 379 -26.49 93.25 -116.50
C ASP J 379 -25.81 94.56 -116.94
N PHE J 380 -24.51 94.68 -116.68
CA PHE J 380 -23.68 95.83 -117.03
C PHE J 380 -23.01 95.70 -118.41
N SER J 381 -23.28 94.65 -119.19
CA SER J 381 -22.76 94.58 -120.57
C SER J 381 -23.32 95.74 -121.40
N GLY J 382 -22.45 96.36 -122.20
CA GLY J 382 -22.78 97.61 -122.91
C GLY J 382 -22.53 98.90 -122.10
N LEU J 383 -22.35 98.83 -120.78
CA LEU J 383 -21.78 99.95 -120.03
C LEU J 383 -20.30 100.04 -120.43
N THR J 384 -19.91 101.14 -121.06
CA THR J 384 -18.73 101.16 -121.95
C THR J 384 -17.49 101.81 -121.30
N ASP J 385 -17.65 102.54 -120.19
CA ASP J 385 -16.56 103.08 -119.36
C ASP J 385 -16.84 102.81 -117.87
N GLY J 386 -15.81 102.48 -117.09
CA GLY J 386 -15.90 102.23 -115.65
C GLY J 386 -16.49 100.87 -115.27
N GLU J 387 -16.45 99.90 -116.19
CA GLU J 387 -17.30 98.70 -116.17
C GLU J 387 -16.74 97.48 -115.41
N GLY J 388 -15.71 97.64 -114.58
CA GLY J 388 -15.15 96.54 -113.79
C GLY J 388 -15.95 96.20 -112.52
N ALA J 389 -16.35 97.21 -111.76
CA ALA J 389 -17.15 97.09 -110.54
C ALA J 389 -18.64 96.75 -110.82
N SER J 390 -19.39 96.45 -109.76
CA SER J 390 -20.78 95.99 -109.81
C SER J 390 -21.58 96.43 -108.58
N ILE J 391 -22.91 96.56 -108.72
CA ILE J 391 -23.84 96.74 -107.60
C ILE J 391 -23.71 95.62 -106.55
N SER J 392 -23.81 95.96 -105.26
CA SER J 392 -23.72 95.00 -104.15
C SER J 392 -24.50 95.46 -102.91
N VAL J 393 -24.84 94.52 -102.02
CA VAL J 393 -25.57 94.79 -100.77
C VAL J 393 -24.72 95.64 -99.82
N VAL J 394 -25.28 96.70 -99.26
CA VAL J 394 -24.52 97.73 -98.52
C VAL J 394 -23.83 97.20 -97.25
N SER J 395 -24.43 96.20 -96.59
CA SER J 395 -23.85 95.53 -95.42
C SER J 395 -22.86 94.40 -95.77
N VAL J 396 -22.61 94.13 -97.06
CA VAL J 396 -21.70 93.07 -97.56
C VAL J 396 -20.47 93.64 -98.25
N GLY J 397 -20.66 94.60 -99.17
CA GLY J 397 -19.60 95.23 -99.98
C GLY J 397 -19.00 94.28 -101.03
N GLY K 2 -62.76 130.47 -86.67
CA GLY K 2 -63.16 130.93 -85.32
C GLY K 2 -62.61 132.30 -84.99
N PHE K 3 -63.21 132.98 -84.02
CA PHE K 3 -62.76 134.29 -83.56
C PHE K 3 -61.38 134.23 -82.87
N SER K 4 -60.67 135.35 -82.88
CA SER K 4 -59.30 135.47 -82.35
C SER K 4 -59.19 135.18 -80.85
N ALA K 5 -58.00 134.81 -80.39
CA ALA K 5 -57.74 134.37 -79.02
C ALA K 5 -58.02 135.44 -77.94
N ASP K 6 -58.06 136.71 -78.31
CA ASP K 6 -58.66 137.79 -77.52
C ASP K 6 -59.25 138.79 -78.51
N HIS K 7 -60.32 139.50 -78.17
CA HIS K 7 -61.23 140.04 -79.17
C HIS K 7 -61.86 141.38 -78.81
N SER K 8 -62.25 142.15 -79.83
CA SER K 8 -62.76 143.50 -79.66
C SER K 8 -64.19 143.54 -79.12
N GLN K 9 -64.99 142.50 -79.37
CA GLN K 9 -66.43 142.54 -79.08
C GLN K 9 -67.04 141.20 -78.65
N ILE K 10 -66.47 140.05 -79.01
CA ILE K 10 -66.88 138.75 -78.46
C ILE K 10 -66.23 138.54 -77.09
N ALA K 11 -66.80 137.70 -76.23
CA ALA K 11 -66.22 137.34 -74.94
C ALA K 11 -66.05 135.82 -74.81
N GLN K 12 -64.86 135.36 -74.41
CA GLN K 12 -64.45 133.95 -74.47
C GLN K 12 -63.55 133.61 -73.29
N THR K 13 -63.48 132.34 -72.88
CA THR K 13 -62.54 131.91 -71.83
C THR K 13 -61.07 132.07 -72.24
N LYS K 14 -60.80 132.10 -73.54
CA LYS K 14 -59.47 132.40 -74.10
C LYS K 14 -59.01 133.82 -73.76
N ASP K 15 -59.92 134.76 -73.52
CA ASP K 15 -59.59 136.17 -73.33
C ASP K 15 -58.78 136.40 -72.06
N THR K 16 -57.95 137.45 -72.06
CA THR K 16 -56.94 137.64 -71.03
C THR K 16 -57.53 137.86 -69.64
N MET K 17 -58.57 138.70 -69.49
CA MET K 17 -59.01 139.18 -68.19
C MET K 17 -59.53 138.08 -67.25
N PHE K 18 -60.00 136.95 -67.78
CA PHE K 18 -60.41 135.81 -66.96
C PHE K 18 -59.24 135.10 -66.29
N THR K 19 -58.02 135.20 -66.82
CA THR K 19 -56.89 134.39 -66.32
C THR K 19 -56.61 134.66 -64.84
N GLY K 20 -56.46 133.59 -64.05
CA GLY K 20 -56.46 133.66 -62.59
C GLY K 20 -57.75 133.09 -61.98
N TYR K 21 -58.89 133.32 -62.64
CA TYR K 21 -60.03 132.40 -62.56
C TYR K 21 -59.82 131.26 -63.56
N LEU K 22 -60.77 130.34 -63.68
CA LEU K 22 -60.72 129.22 -64.64
C LEU K 22 -59.47 128.33 -64.51
N ASP K 23 -58.93 128.18 -63.29
CA ASP K 23 -57.68 127.48 -63.02
C ASP K 23 -57.82 125.95 -63.27
N PRO K 24 -56.89 125.26 -63.94
CA PRO K 24 -56.89 123.81 -64.05
C PRO K 24 -56.91 123.14 -62.69
N VAL K 25 -57.70 122.08 -62.52
CA VAL K 25 -57.81 121.37 -61.25
C VAL K 25 -56.52 120.62 -60.96
N GLN K 26 -56.01 120.71 -59.73
CA GLN K 26 -54.85 119.92 -59.30
C GLN K 26 -55.20 118.43 -59.26
N ALA K 27 -54.40 117.58 -59.89
CA ALA K 27 -54.65 116.13 -59.94
C ALA K 27 -53.38 115.32 -59.74
N LYS K 28 -53.49 114.08 -59.26
CA LYS K 28 -52.34 113.23 -58.92
C LYS K 28 -51.57 112.77 -60.16
N ASP K 29 -50.28 112.50 -60.02
CA ASP K 29 -49.45 112.03 -61.13
C ASP K 29 -49.85 110.61 -61.54
N TYR K 30 -50.46 110.46 -62.70
CA TYR K 30 -50.87 109.16 -63.23
C TYR K 30 -49.70 108.33 -63.75
N PHE K 31 -48.52 108.91 -63.98
CA PHE K 31 -47.44 108.29 -64.74
C PHE K 31 -46.16 108.02 -63.94
N ALA K 32 -46.15 108.18 -62.62
CA ALA K 32 -44.94 107.98 -61.82
C ALA K 32 -44.39 106.55 -61.89
N GLU K 33 -43.09 106.37 -62.11
CA GLU K 33 -42.41 105.11 -61.82
C GLU K 33 -42.23 104.95 -60.30
N ALA K 34 -42.33 103.72 -59.78
CA ALA K 34 -41.92 103.45 -58.41
C ALA K 34 -40.40 103.61 -58.26
N GLU K 35 -39.93 103.96 -57.07
CA GLU K 35 -38.49 104.15 -56.82
C GLU K 35 -37.67 102.90 -57.19
N LYS K 36 -36.54 103.10 -57.89
CA LYS K 36 -35.61 102.01 -58.21
C LYS K 36 -35.10 101.37 -56.92
N THR K 37 -34.91 100.06 -56.92
CA THR K 37 -34.47 99.29 -55.75
C THR K 37 -33.21 98.50 -56.05
N SER K 38 -32.32 98.35 -55.08
CA SER K 38 -31.07 97.62 -55.28
C SER K 38 -31.33 96.21 -55.78
N ILE K 39 -30.56 95.78 -56.77
CA ILE K 39 -30.45 94.39 -57.19
C ILE K 39 -29.30 93.72 -56.47
N VAL K 40 -28.17 94.40 -56.25
CA VAL K 40 -27.00 93.76 -55.63
C VAL K 40 -27.34 93.27 -54.23
N GLN K 41 -28.11 94.04 -53.46
CA GLN K 41 -28.53 93.63 -52.13
C GLN K 41 -29.51 92.44 -52.14
N ARG K 42 -30.06 92.05 -53.29
CA ARG K 42 -30.85 90.82 -53.42
C ARG K 42 -30.02 89.62 -53.82
N VAL K 43 -29.05 89.77 -54.74
CA VAL K 43 -28.29 88.63 -55.27
C VAL K 43 -27.08 88.26 -54.42
N ALA K 44 -26.40 89.24 -53.83
CA ALA K 44 -25.19 89.02 -53.05
C ALA K 44 -25.51 88.61 -51.61
N GLN K 45 -24.68 87.76 -51.01
CA GLN K 45 -24.88 87.34 -49.62
C GLN K 45 -24.58 88.50 -48.67
N LYS K 46 -25.57 88.90 -47.87
CA LYS K 46 -25.34 89.86 -46.79
C LYS K 46 -24.59 89.16 -45.65
N ILE K 47 -23.59 89.81 -45.06
CA ILE K 47 -22.86 89.30 -43.89
C ILE K 47 -22.80 90.36 -42.77
N PRO K 48 -22.68 89.96 -41.49
CA PRO K 48 -22.80 90.88 -40.37
C PRO K 48 -21.55 91.74 -40.22
N MET K 49 -21.55 92.88 -40.91
CA MET K 49 -20.49 93.89 -40.86
C MET K 49 -20.46 94.65 -39.53
N GLY K 50 -19.32 95.25 -39.18
CA GLY K 50 -19.18 96.18 -38.06
C GLY K 50 -18.28 97.34 -38.45
N ALA K 51 -18.36 98.47 -37.76
CA ALA K 51 -17.66 99.70 -38.17
C ALA K 51 -16.14 99.53 -38.25
N THR K 52 -15.57 98.68 -37.39
CA THR K 52 -14.13 98.41 -37.38
C THR K 52 -13.65 97.52 -38.52
N GLY K 53 -14.56 97.07 -39.40
CA GLY K 53 -14.26 96.15 -40.50
C GLY K 53 -14.12 94.70 -40.08
N ILE K 54 -13.90 93.80 -41.03
CA ILE K 54 -13.72 92.37 -40.78
C ILE K 54 -12.52 91.79 -41.51
N VAL K 55 -11.99 90.68 -41.00
CA VAL K 55 -10.92 89.90 -41.63
C VAL K 55 -11.49 88.59 -42.12
N ILE K 56 -11.22 88.24 -43.37
CA ILE K 56 -11.55 86.95 -43.96
C ILE K 56 -10.25 86.17 -44.11
N PRO K 57 -10.08 84.99 -43.48
CA PRO K 57 -8.93 84.15 -43.70
C PRO K 57 -9.11 83.33 -44.97
N HIS K 58 -8.03 82.95 -45.65
CA HIS K 58 -8.07 82.02 -46.77
C HIS K 58 -6.90 81.04 -46.72
N TRP K 59 -7.16 79.75 -46.89
CA TRP K 59 -6.10 78.77 -47.11
C TRP K 59 -5.55 78.91 -48.52
N THR K 60 -4.25 78.73 -48.72
CA THR K 60 -3.65 78.92 -50.04
C THR K 60 -2.58 77.90 -50.41
N GLY K 61 -1.90 77.29 -49.44
CA GLY K 61 -0.81 76.35 -49.74
C GLY K 61 -1.28 75.06 -50.37
N ASP K 62 -0.57 74.56 -51.38
CA ASP K 62 -0.69 73.17 -51.78
C ASP K 62 -0.01 72.25 -50.76
N VAL K 63 -0.48 71.01 -50.66
CA VAL K 63 0.18 69.94 -49.92
C VAL K 63 0.13 68.67 -50.76
N SER K 64 1.02 67.73 -50.50
CA SER K 64 1.23 66.58 -51.38
C SER K 64 1.81 65.38 -50.64
N ALA K 65 1.73 64.23 -51.29
CA ALA K 65 2.29 62.97 -50.81
C ALA K 65 2.87 62.20 -51.98
N GLN K 66 3.80 61.30 -51.71
CA GLN K 66 4.52 60.56 -52.76
C GLN K 66 4.46 59.07 -52.49
N TRP K 67 4.33 58.29 -53.56
CA TRP K 67 4.51 56.86 -53.51
C TRP K 67 5.95 56.54 -53.13
N ILE K 68 6.16 55.52 -52.31
CA ILE K 68 7.51 55.12 -51.86
C ILE K 68 7.71 53.62 -51.95
N GLY K 69 8.93 53.19 -52.26
CA GLY K 69 9.39 51.83 -51.97
C GLY K 69 9.69 51.64 -50.48
N GLU K 70 10.57 50.70 -50.13
CA GLU K 70 11.10 50.62 -48.76
C GLU K 70 12.19 51.68 -48.50
N GLY K 71 13.02 51.99 -49.50
CA GLY K 71 14.24 52.80 -49.35
C GLY K 71 14.08 54.32 -49.49
N ASP K 72 13.02 54.79 -50.12
CA ASP K 72 12.79 56.22 -50.37
C ASP K 72 12.37 56.92 -49.08
N MET K 73 13.04 58.00 -48.67
CA MET K 73 12.64 58.74 -47.47
C MET K 73 11.46 59.68 -47.74
N LYS K 74 10.53 59.75 -46.79
CA LYS K 74 9.25 60.45 -46.91
C LYS K 74 9.46 61.96 -47.14
N PRO K 75 8.73 62.61 -48.04
CA PRO K 75 8.85 64.04 -48.26
C PRO K 75 8.25 64.83 -47.11
N ILE K 76 8.75 66.05 -46.87
CA ILE K 76 8.27 66.97 -45.85
C ILE K 76 7.51 68.10 -46.53
N THR K 77 6.31 68.43 -46.04
CA THR K 77 5.44 69.47 -46.62
C THR K 77 4.90 70.42 -45.56
N LYS K 78 4.56 71.66 -45.95
CA LYS K 78 4.04 72.69 -45.06
C LYS K 78 2.88 73.43 -45.73
N GLY K 79 1.81 73.69 -44.99
CA GLY K 79 0.69 74.49 -45.53
C GLY K 79 1.01 75.98 -45.64
N ASN K 80 0.09 76.77 -46.18
CA ASN K 80 0.21 78.22 -46.22
C ASN K 80 -1.17 78.89 -46.18
N MET K 81 -1.28 80.06 -45.55
CA MET K 81 -2.54 80.76 -45.29
C MET K 81 -2.32 82.26 -45.42
N THR K 82 -3.33 83.00 -45.89
CA THR K 82 -3.27 84.47 -45.94
C THR K 82 -4.62 85.08 -45.62
N LYS K 83 -4.64 86.17 -44.87
CA LYS K 83 -5.84 86.96 -44.63
C LYS K 83 -6.08 87.99 -45.73
N ARG K 84 -7.29 88.52 -45.78
CA ARG K 84 -7.68 89.74 -46.49
C ARG K 84 -8.72 90.44 -45.63
N ASP K 85 -8.77 91.76 -45.65
CA ASP K 85 -9.61 92.52 -44.72
C ASP K 85 -10.41 93.61 -45.43
N VAL K 86 -11.59 93.88 -44.90
CA VAL K 86 -12.63 94.70 -45.52
C VAL K 86 -13.15 95.71 -44.53
N HIS K 87 -13.29 96.97 -44.95
CA HIS K 87 -13.73 98.07 -44.10
C HIS K 87 -14.91 98.76 -44.76
N PRO K 88 -15.96 99.13 -44.01
CA PRO K 88 -17.10 99.78 -44.61
C PRO K 88 -16.77 101.23 -44.99
N ALA K 89 -17.28 101.68 -46.13
CA ALA K 89 -17.24 103.08 -46.55
C ALA K 89 -18.49 103.82 -46.07
N LYS K 90 -18.39 105.14 -45.91
CA LYS K 90 -19.48 106.02 -45.48
C LYS K 90 -20.00 106.82 -46.66
N ILE K 91 -21.32 106.95 -46.79
CA ILE K 91 -21.97 107.77 -47.81
C ILE K 91 -22.96 108.71 -47.15
N ALA K 92 -23.00 109.96 -47.60
CA ALA K 92 -23.77 110.99 -46.92
C ALA K 92 -24.23 112.09 -47.87
N THR K 93 -25.18 112.90 -47.42
CA THR K 93 -25.60 114.13 -48.09
C THR K 93 -26.33 115.06 -47.13
N ILE K 94 -26.42 116.35 -47.46
CA ILE K 94 -27.17 117.35 -46.71
C ILE K 94 -28.10 118.06 -47.67
N PHE K 95 -29.33 118.38 -47.27
CA PHE K 95 -30.17 119.29 -48.06
C PHE K 95 -30.71 120.40 -47.16
N VAL K 96 -30.91 121.59 -47.72
CA VAL K 96 -31.12 122.82 -46.95
C VAL K 96 -32.27 123.60 -47.53
N ALA K 97 -33.13 124.16 -46.69
CA ALA K 97 -34.28 124.93 -47.13
C ALA K 97 -34.50 126.18 -46.27
N SER K 98 -35.14 127.18 -46.84
CA SER K 98 -35.55 128.39 -46.15
C SER K 98 -36.67 128.11 -45.15
N ALA K 99 -36.82 128.95 -44.12
CA ALA K 99 -38.05 128.92 -43.33
C ALA K 99 -39.29 129.13 -44.21
N GLU K 100 -39.21 129.99 -45.22
CA GLU K 100 -40.23 130.18 -46.28
C GLU K 100 -40.72 128.83 -46.84
N THR K 101 -39.80 127.92 -47.16
CA THR K 101 -40.14 126.61 -47.67
C THR K 101 -40.61 125.69 -46.55
N VAL K 102 -39.86 125.58 -45.45
CA VAL K 102 -40.10 124.55 -44.44
C VAL K 102 -41.45 124.74 -43.76
N ARG K 103 -41.80 125.99 -43.43
CA ARG K 103 -43.05 126.32 -42.74
C ARG K 103 -44.28 125.98 -43.55
N ALA K 104 -44.21 126.07 -44.87
CA ALA K 104 -45.30 125.68 -45.77
C ALA K 104 -45.26 124.21 -46.20
N ASN K 105 -44.08 123.58 -46.26
CA ASN K 105 -43.85 122.25 -46.84
C ASN K 105 -44.58 122.07 -48.19
N PRO K 106 -44.30 122.92 -49.18
CA PRO K 106 -45.06 122.98 -50.41
C PRO K 106 -44.91 121.68 -51.19
N ALA K 107 -46.00 121.19 -51.77
CA ALA K 107 -46.04 119.91 -52.49
C ALA K 107 -45.41 118.72 -51.72
N ASN K 108 -45.42 118.77 -50.39
CA ASN K 108 -44.73 117.84 -49.51
C ASN K 108 -43.27 117.58 -49.90
N TYR K 109 -42.58 118.64 -50.31
CA TYR K 109 -41.20 118.54 -50.81
C TYR K 109 -40.27 117.92 -49.78
N LEU K 110 -40.39 118.25 -48.50
CA LEU K 110 -39.52 117.69 -47.46
C LEU K 110 -39.68 116.17 -47.33
N GLY K 111 -40.92 115.69 -47.15
CA GLY K 111 -41.19 114.26 -47.04
C GLY K 111 -40.82 113.52 -48.32
N THR K 112 -41.07 114.10 -49.48
CA THR K 112 -40.66 113.53 -50.77
C THR K 112 -39.15 113.38 -50.82
N MET K 113 -38.43 114.45 -50.52
CA MET K 113 -36.98 114.49 -50.61
C MET K 113 -36.33 113.40 -49.75
N ARG K 114 -36.85 113.16 -48.53
CA ARG K 114 -36.32 112.10 -47.66
C ARG K 114 -36.45 110.71 -48.26
N THR K 115 -37.39 110.46 -49.14
CA THR K 115 -37.44 109.18 -49.87
C THR K 115 -36.53 109.17 -51.09
N LYS K 116 -36.38 110.31 -51.78
CA LYS K 116 -35.50 110.39 -52.94
C LYS K 116 -34.05 110.22 -52.55
N VAL K 117 -33.57 110.87 -51.49
CA VAL K 117 -32.18 110.66 -51.02
C VAL K 117 -31.93 109.21 -50.65
N ALA K 118 -32.87 108.54 -49.98
CA ALA K 118 -32.72 107.12 -49.65
C ALA K 118 -32.62 106.27 -50.91
N THR K 119 -33.44 106.55 -51.91
CA THR K 119 -33.37 105.86 -53.20
C THR K 119 -32.04 106.11 -53.88
N ALA K 120 -31.58 107.35 -53.94
CA ALA K 120 -30.29 107.68 -54.53
C ALA K 120 -29.16 106.95 -53.82
N ILE K 121 -29.20 106.82 -52.49
CA ILE K 121 -28.19 106.08 -51.74
C ILE K 121 -28.28 104.58 -52.02
N ALA K 122 -29.48 104.00 -52.13
CA ALA K 122 -29.62 102.60 -52.54
C ALA K 122 -29.08 102.35 -53.96
N MET K 123 -29.18 103.33 -54.86
CA MET K 123 -28.63 103.23 -56.23
C MET K 123 -27.14 103.48 -56.27
N ALA K 124 -26.63 104.40 -55.46
CA ALA K 124 -25.20 104.69 -55.39
C ALA K 124 -24.40 103.44 -55.06
N PHE K 125 -24.90 102.62 -54.12
CA PHE K 125 -24.31 101.33 -53.83
C PHE K 125 -24.29 100.43 -55.07
N ASP K 126 -25.40 100.27 -55.78
CA ASP K 126 -25.43 99.34 -56.93
C ASP K 126 -24.54 99.79 -58.07
N ASN K 127 -24.53 101.06 -58.45
CA ASN K 127 -23.62 101.51 -59.51
C ASN K 127 -22.15 101.38 -59.10
N ALA K 128 -21.83 101.54 -57.82
CA ALA K 128 -20.49 101.27 -57.34
C ALA K 128 -20.16 99.78 -57.35
N ALA K 129 -21.14 98.91 -57.14
CA ALA K 129 -20.92 97.47 -57.05
C ALA K 129 -20.88 96.80 -58.43
N LEU K 130 -21.80 97.16 -59.33
CA LEU K 130 -21.86 96.61 -60.68
C LEU K 130 -20.74 97.19 -61.53
N HIS K 131 -20.84 98.47 -61.86
CA HIS K 131 -20.01 99.12 -62.88
C HIS K 131 -18.86 99.93 -62.30
N GLY K 132 -18.73 99.99 -60.97
CA GLY K 132 -17.66 100.74 -60.32
C GLY K 132 -17.69 102.25 -60.60
N THR K 133 -18.83 102.82 -60.99
CA THR K 133 -18.86 104.14 -61.66
C THR K 133 -18.26 105.26 -60.83
N ASN K 134 -18.39 105.20 -59.52
CA ASN K 134 -17.95 106.23 -58.59
C ASN K 134 -17.59 105.64 -57.23
N ALA K 135 -17.04 104.43 -57.23
CA ALA K 135 -16.88 103.62 -56.03
C ALA K 135 -15.96 104.26 -54.99
N PRO K 136 -16.18 104.01 -53.69
CA PRO K 136 -15.23 104.37 -52.66
C PRO K 136 -14.01 103.45 -52.75
N SER K 137 -12.86 103.91 -52.26
CA SER K 137 -11.64 103.12 -52.32
C SER K 137 -11.73 101.80 -51.54
N ALA K 138 -12.59 101.71 -50.53
CA ALA K 138 -12.72 100.52 -49.71
C ALA K 138 -13.46 99.35 -50.39
N PHE K 139 -14.20 99.58 -51.49
CA PHE K 139 -14.88 98.50 -52.20
C PHE K 139 -13.87 97.71 -53.02
N GLN K 140 -13.66 96.44 -52.67
CA GLN K 140 -12.68 95.60 -53.34
C GLN K 140 -13.29 94.92 -54.56
N GLY K 141 -13.18 95.59 -55.70
CA GLY K 141 -13.63 95.11 -57.01
C GLY K 141 -15.08 95.46 -57.34
N TYR K 142 -15.45 95.32 -58.61
CA TYR K 142 -16.81 95.54 -59.11
C TYR K 142 -17.12 94.55 -60.24
N LEU K 143 -18.38 94.17 -60.45
CA LEU K 143 -18.72 93.07 -61.37
C LEU K 143 -18.16 93.29 -62.76
N ASP K 144 -18.24 94.51 -63.28
CA ASP K 144 -17.87 94.80 -64.65
C ASP K 144 -16.37 94.71 -64.94
N GLN K 145 -15.55 94.52 -63.92
CA GLN K 145 -14.11 94.38 -64.01
C GLN K 145 -13.66 93.01 -64.54
N SER K 146 -14.57 92.10 -64.86
CA SER K 146 -14.24 90.75 -65.35
C SER K 146 -13.52 90.73 -66.70
N ASN K 147 -12.56 89.83 -66.88
CA ASN K 147 -11.90 89.61 -68.16
C ASN K 147 -12.70 88.85 -69.21
N LYS K 148 -13.88 88.31 -68.89
CA LYS K 148 -14.63 87.43 -69.81
C LYS K 148 -15.88 88.08 -70.38
N THR K 149 -16.08 87.92 -71.68
CA THR K 149 -17.23 88.48 -72.42
C THR K 149 -17.75 87.45 -73.42
N GLN K 150 -19.05 87.37 -73.69
CA GLN K 150 -19.54 86.65 -74.89
C GLN K 150 -20.84 87.22 -75.47
N SER K 151 -21.02 87.02 -76.76
CA SER K 151 -22.19 87.43 -77.52
C SER K 151 -23.40 86.58 -77.18
N ILE K 152 -24.58 87.17 -77.00
CA ILE K 152 -25.84 86.45 -76.81
C ILE K 152 -26.75 86.48 -78.04
N SER K 153 -26.73 87.53 -78.85
CA SER K 153 -27.92 87.90 -79.64
C SER K 153 -28.39 86.94 -80.74
N PRO K 154 -27.55 86.21 -81.48
CA PRO K 154 -28.06 85.36 -82.55
C PRO K 154 -28.98 84.25 -82.03
N ASN K 155 -28.60 83.65 -80.89
CA ASN K 155 -29.30 82.52 -80.29
C ASN K 155 -28.90 82.40 -78.81
N ALA K 156 -29.77 82.84 -77.91
CA ALA K 156 -29.42 82.90 -76.49
C ALA K 156 -29.09 81.54 -75.88
N TYR K 157 -29.67 80.44 -76.37
CA TYR K 157 -29.34 79.12 -75.85
C TYR K 157 -27.89 78.76 -76.12
N GLN K 158 -27.42 78.97 -77.34
CA GLN K 158 -26.00 78.77 -77.68
C GLN K 158 -25.14 79.76 -76.88
N GLY K 159 -25.56 81.02 -76.80
CA GLY K 159 -24.81 82.08 -76.13
C GLY K 159 -24.52 81.76 -74.66
N LEU K 160 -25.52 81.38 -73.87
CA LEU K 160 -25.32 81.03 -72.47
C LEU K 160 -24.82 79.60 -72.32
N GLY K 161 -25.60 78.65 -72.82
CA GLY K 161 -25.49 77.24 -72.43
C GLY K 161 -24.35 76.47 -73.09
N VAL K 162 -23.69 77.06 -74.08
CA VAL K 162 -22.61 76.42 -74.83
C VAL K 162 -21.39 77.33 -74.90
N SER K 163 -21.50 78.50 -75.51
CA SER K 163 -20.40 79.47 -75.59
C SER K 163 -19.98 79.95 -74.20
N GLY K 164 -20.87 80.63 -73.48
CA GLY K 164 -20.55 81.22 -72.19
C GLY K 164 -20.06 80.19 -71.18
N LEU K 165 -20.78 79.10 -71.03
CA LEU K 165 -20.39 78.05 -70.11
C LEU K 165 -19.02 77.47 -70.43
N THR K 166 -18.62 77.41 -71.71
CA THR K 166 -17.26 76.96 -72.08
C THR K 166 -16.19 77.82 -71.44
N LYS K 167 -16.35 79.14 -71.43
CA LYS K 167 -15.37 80.07 -70.86
C LYS K 167 -15.26 79.91 -69.35
N LEU K 168 -16.39 79.73 -68.67
CA LEU K 168 -16.42 79.52 -67.22
C LEU K 168 -15.77 78.19 -66.82
N VAL K 169 -16.17 77.06 -67.41
CA VAL K 169 -15.60 75.77 -67.01
C VAL K 169 -14.14 75.61 -67.41
N THR K 170 -13.69 76.28 -68.47
CA THR K 170 -12.26 76.26 -68.83
C THR K 170 -11.40 76.89 -67.72
N ASP K 171 -11.85 77.97 -67.09
CA ASP K 171 -11.18 78.54 -65.91
C ASP K 171 -11.50 77.80 -64.61
N GLY K 172 -12.28 76.73 -64.65
CA GLY K 172 -12.60 75.90 -63.48
C GLY K 172 -13.52 76.55 -62.43
N LYS K 173 -14.22 77.63 -62.79
CA LYS K 173 -15.14 78.36 -61.92
C LYS K 173 -16.55 78.37 -62.48
N LYS K 174 -17.50 77.83 -61.71
CA LYS K 174 -18.73 77.21 -62.24
C LYS K 174 -19.97 78.10 -62.18
N TRP K 175 -20.81 78.00 -63.21
CA TRP K 175 -22.01 78.83 -63.40
C TRP K 175 -23.12 78.47 -62.40
N THR K 176 -23.65 79.46 -61.67
CA THR K 176 -24.67 79.24 -60.62
C THR K 176 -25.95 80.02 -60.82
N HIS K 177 -25.89 81.26 -61.30
CA HIS K 177 -27.02 82.15 -61.53
C HIS K 177 -26.79 82.99 -62.78
N THR K 178 -27.82 83.61 -63.32
CA THR K 178 -27.64 84.68 -64.31
C THR K 178 -28.55 85.84 -64.01
N LEU K 179 -28.01 87.05 -64.13
CA LEU K 179 -28.67 88.31 -63.89
C LEU K 179 -28.82 89.02 -65.22
N LEU K 180 -30.04 89.33 -65.65
CA LEU K 180 -30.33 89.90 -66.96
C LEU K 180 -31.05 91.24 -66.83
N ASP K 181 -30.80 92.15 -67.76
CA ASP K 181 -31.58 93.37 -67.88
C ASP K 181 -32.91 93.12 -68.59
N ASP K 182 -33.96 93.86 -68.26
CA ASP K 182 -35.24 93.81 -68.99
C ASP K 182 -35.06 93.95 -70.51
N THR K 183 -34.05 94.68 -70.97
CA THR K 183 -33.75 94.83 -72.41
C THR K 183 -33.25 93.55 -73.09
N VAL K 184 -33.01 92.47 -72.36
CA VAL K 184 -32.63 91.17 -72.93
C VAL K 184 -33.83 90.40 -73.48
N GLU K 185 -35.06 90.73 -73.08
CA GLU K 185 -36.28 90.05 -73.53
C GLU K 185 -36.34 89.72 -75.03
N PRO K 186 -36.01 90.64 -75.96
CA PRO K 186 -36.10 90.34 -77.37
C PRO K 186 -35.24 89.18 -77.82
N VAL K 187 -33.98 89.08 -77.37
CA VAL K 187 -33.10 88.03 -77.91
C VAL K 187 -33.53 86.66 -77.46
N LEU K 188 -34.20 86.54 -76.31
CA LEU K 188 -34.85 85.30 -75.90
C LEU K 188 -36.02 85.00 -76.84
N ASN K 189 -36.95 85.94 -77.02
CA ASN K 189 -38.07 85.72 -77.93
C ASN K 189 -37.63 85.39 -79.35
N GLY K 190 -36.51 85.96 -79.80
CA GLY K 190 -35.95 85.77 -81.12
C GLY K 190 -35.05 84.55 -81.26
N SER K 191 -34.71 83.86 -80.18
CA SER K 191 -33.90 82.65 -80.25
C SER K 191 -34.74 81.49 -80.77
N VAL K 192 -34.48 81.07 -82.00
CA VAL K 192 -35.30 80.09 -82.71
C VAL K 192 -34.48 78.91 -83.19
N ASP K 193 -35.11 77.75 -83.29
CA ASP K 193 -34.53 76.60 -84.00
C ASP K 193 -34.45 76.84 -85.51
N ALA K 194 -33.87 75.92 -86.27
CA ALA K 194 -33.72 76.08 -87.72
C ALA K 194 -35.07 76.20 -88.44
N ASN K 195 -36.14 75.66 -87.86
CA ASN K 195 -37.47 75.80 -88.42
C ASN K 195 -38.10 77.17 -88.12
N GLY K 196 -37.48 77.99 -87.29
CA GLY K 196 -38.02 79.30 -86.93
C GLY K 196 -39.06 79.25 -85.81
N ARG K 197 -39.15 78.15 -85.05
CA ARG K 197 -39.95 78.10 -83.81
C ARG K 197 -39.08 78.47 -82.61
N PRO K 198 -39.58 79.25 -81.64
CA PRO K 198 -38.76 79.70 -80.53
C PRO K 198 -38.36 78.54 -79.65
N LEU K 199 -37.23 78.69 -78.95
CA LEU K 199 -36.74 77.71 -77.99
C LEU K 199 -37.42 77.88 -76.62
N PHE K 200 -37.43 79.08 -76.06
CA PHE K 200 -37.82 79.31 -74.67
C PHE K 200 -39.32 79.58 -74.45
N VAL K 201 -40.22 79.13 -75.32
CA VAL K 201 -41.68 79.23 -75.11
C VAL K 201 -42.40 78.22 -76.01
N GLU K 202 -43.66 77.86 -75.73
CA GLU K 202 -44.30 76.64 -76.29
C GLU K 202 -45.71 76.85 -76.87
N SER K 203 -46.18 75.88 -77.67
CA SER K 203 -47.52 75.87 -78.27
C SER K 203 -47.84 77.19 -78.99
N THR K 204 -49.00 77.80 -78.74
CA THR K 204 -49.42 79.05 -79.36
C THR K 204 -48.76 80.29 -78.77
N TYR K 205 -47.71 80.13 -77.97
CA TYR K 205 -46.86 81.24 -77.52
C TYR K 205 -47.62 82.33 -76.77
N GLU K 206 -48.62 81.94 -76.00
CA GLU K 206 -49.43 82.88 -75.23
C GLU K 206 -48.73 83.43 -73.99
N SER K 207 -47.88 82.67 -73.33
CA SER K 207 -47.23 83.04 -72.06
C SER K 207 -45.93 83.83 -72.23
N LEU K 208 -45.44 84.44 -71.15
CA LEU K 208 -44.06 84.96 -71.11
C LEU K 208 -43.05 83.82 -71.22
N THR K 209 -41.95 84.05 -71.92
CA THR K 209 -40.85 83.09 -72.02
C THR K 209 -40.22 82.78 -70.66
N THR K 210 -39.87 81.51 -70.40
CA THR K 210 -39.56 81.02 -69.05
C THR K 210 -38.56 81.85 -68.26
N PRO K 211 -37.41 82.29 -68.79
CA PRO K 211 -36.50 83.10 -68.02
C PRO K 211 -37.11 84.42 -67.52
N PHE K 212 -38.00 85.03 -68.29
CA PHE K 212 -38.71 86.25 -67.89
C PHE K 212 -39.88 86.00 -66.94
N ARG K 213 -40.11 84.74 -66.54
CA ARG K 213 -40.90 84.40 -65.34
C ARG K 213 -40.02 84.06 -64.13
N GLU K 214 -38.73 84.37 -64.20
CA GLU K 214 -37.68 83.95 -63.26
C GLU K 214 -37.54 82.43 -63.12
N GLY K 215 -38.01 81.67 -64.11
CA GLY K 215 -37.70 80.26 -64.25
C GLY K 215 -36.23 80.03 -64.61
N ARG K 216 -35.75 78.81 -64.38
CA ARG K 216 -34.36 78.43 -64.61
C ARG K 216 -34.02 78.35 -66.09
N ILE K 217 -32.77 78.64 -66.44
CA ILE K 217 -32.17 78.27 -67.73
C ILE K 217 -31.21 77.13 -67.44
N LEU K 218 -31.35 75.98 -68.10
CA LEU K 218 -30.44 74.85 -67.90
C LEU K 218 -30.12 74.59 -66.42
N GLY K 219 -31.14 74.53 -65.58
CA GLY K 219 -31.01 74.28 -64.15
C GLY K 219 -30.69 75.49 -63.27
N ARG K 220 -30.24 76.62 -63.82
CA ARG K 220 -29.69 77.75 -63.05
C ARG K 220 -30.66 78.95 -63.01
N PRO K 221 -31.03 79.53 -61.84
CA PRO K 221 -32.12 80.47 -61.72
C PRO K 221 -31.81 81.81 -62.39
N THR K 222 -32.82 82.43 -62.98
CA THR K 222 -32.68 83.68 -63.72
C THR K 222 -33.14 84.82 -62.84
N ILE K 223 -32.35 85.87 -62.69
CA ILE K 223 -32.66 87.05 -61.90
C ILE K 223 -32.83 88.24 -62.84
N LEU K 224 -33.89 89.03 -62.69
CA LEU K 224 -34.20 90.13 -63.60
C LEU K 224 -34.07 91.49 -62.92
N SER K 225 -33.61 92.48 -63.69
CA SER K 225 -33.44 93.86 -63.26
C SER K 225 -33.89 94.82 -64.36
N ASP K 226 -34.55 95.91 -64.00
CA ASP K 226 -34.89 96.96 -64.97
C ASP K 226 -33.72 97.91 -65.28
N HIS K 227 -32.56 97.76 -64.65
CA HIS K 227 -31.49 98.77 -64.71
C HIS K 227 -30.06 98.23 -64.59
N VAL K 228 -29.83 96.93 -64.64
CA VAL K 228 -28.46 96.38 -64.53
C VAL K 228 -27.60 96.75 -65.74
N ALA K 229 -28.15 96.89 -66.94
CA ALA K 229 -27.36 97.19 -68.13
C ALA K 229 -26.69 98.57 -68.08
N GLU K 230 -25.52 98.69 -68.70
CA GLU K 230 -25.00 99.95 -69.20
C GLU K 230 -24.15 99.71 -70.43
N GLY K 231 -24.20 100.62 -71.40
CA GLY K 231 -23.40 100.51 -72.63
C GLY K 231 -23.59 99.18 -73.35
N ASP K 232 -22.49 98.52 -73.69
CA ASP K 232 -22.51 97.24 -74.42
C ASP K 232 -23.00 96.06 -73.58
N VAL K 233 -23.04 96.17 -72.24
CA VAL K 233 -23.22 95.02 -71.35
C VAL K 233 -24.65 94.97 -70.82
N VAL K 234 -25.29 93.83 -71.02
CA VAL K 234 -26.73 93.65 -70.74
C VAL K 234 -27.01 92.68 -69.60
N GLY K 235 -25.99 92.10 -68.99
CA GLY K 235 -26.17 91.14 -67.91
C GLY K 235 -24.92 90.38 -67.54
N TYR K 236 -25.04 89.48 -66.57
CA TYR K 236 -23.94 88.72 -66.02
C TYR K 236 -24.33 87.27 -65.79
N ALA K 237 -23.37 86.37 -65.91
CA ALA K 237 -23.54 84.96 -65.56
C ALA K 237 -22.31 84.50 -64.80
N GLY K 238 -22.44 83.76 -63.71
CA GLY K 238 -21.26 83.38 -62.95
C GLY K 238 -21.51 82.66 -61.65
N ASP K 239 -20.48 82.62 -60.81
CA ASP K 239 -20.60 82.14 -59.44
C ASP K 239 -20.98 83.30 -58.52
N PHE K 240 -22.28 83.55 -58.36
CA PHE K 240 -22.75 84.62 -57.49
C PHE K 240 -22.51 84.34 -55.99
N SER K 241 -21.94 83.20 -55.59
CA SER K 241 -21.47 83.05 -54.21
C SER K 241 -20.22 83.89 -53.91
N GLN K 242 -19.50 84.34 -54.93
CA GLN K 242 -18.21 85.02 -54.76
C GLN K 242 -18.34 86.49 -54.29
N ILE K 243 -19.53 87.06 -54.17
CA ILE K 243 -19.76 88.45 -53.77
C ILE K 243 -20.47 88.55 -52.43
N ILE K 244 -19.91 89.30 -51.48
CA ILE K 244 -20.49 89.53 -50.15
C ILE K 244 -20.58 91.01 -49.84
N TRP K 245 -21.54 91.41 -49.03
CA TRP K 245 -21.76 92.80 -48.66
C TRP K 245 -22.28 92.93 -47.24
N GLY K 246 -22.24 94.12 -46.67
CA GLY K 246 -22.84 94.37 -45.37
C GLY K 246 -23.08 95.84 -45.11
N GLN K 247 -23.88 96.16 -44.10
CA GLN K 247 -24.28 97.51 -43.76
C GLN K 247 -24.13 97.73 -42.26
N VAL K 248 -23.50 98.82 -41.83
CA VAL K 248 -23.18 99.01 -40.40
C VAL K 248 -24.41 99.41 -39.60
N GLY K 249 -25.26 100.26 -40.18
CA GLY K 249 -26.47 100.76 -39.54
C GLY K 249 -27.45 101.33 -40.55
N GLY K 250 -28.67 101.60 -40.11
CA GLY K 250 -29.72 102.13 -40.98
C GLY K 250 -29.38 103.50 -41.57
N LEU K 251 -30.13 103.92 -42.57
CA LEU K 251 -30.01 105.25 -43.15
C LEU K 251 -30.44 106.28 -42.10
N SER K 252 -29.47 106.90 -41.46
CA SER K 252 -29.67 107.85 -40.37
C SER K 252 -30.07 109.23 -40.90
N PHE K 253 -30.88 109.94 -40.13
CA PHE K 253 -31.25 111.32 -40.42
C PHE K 253 -31.08 112.18 -39.18
N ASP K 254 -30.62 113.41 -39.35
CA ASP K 254 -30.60 114.45 -38.33
C ASP K 254 -31.11 115.75 -38.95
N VAL K 255 -31.56 116.70 -38.15
CA VAL K 255 -32.03 118.00 -38.61
C VAL K 255 -31.56 119.09 -37.67
N THR K 256 -31.22 120.26 -38.18
CA THR K 256 -30.78 121.38 -37.35
C THR K 256 -31.15 122.72 -37.94
N ASP K 257 -31.28 123.71 -37.08
CA ASP K 257 -31.16 125.11 -37.45
C ASP K 257 -29.94 125.79 -36.82
N GLN K 258 -29.16 125.11 -35.98
CA GLN K 258 -28.10 125.74 -35.19
C GLN K 258 -26.76 125.84 -35.94
N ALA K 259 -26.45 124.90 -36.82
CA ALA K 259 -25.10 124.76 -37.37
C ALA K 259 -24.70 125.88 -38.35
N THR K 260 -23.40 126.01 -38.60
CA THR K 260 -22.89 126.64 -39.82
C THR K 260 -22.78 125.58 -40.91
N LEU K 261 -23.02 125.93 -42.17
CA LEU K 261 -22.67 125.08 -43.31
C LEU K 261 -21.69 125.82 -44.21
N ASN K 262 -20.84 125.07 -44.89
CA ASN K 262 -19.95 125.56 -45.92
C ASN K 262 -20.55 125.20 -47.28
N LEU K 263 -20.82 126.20 -48.11
CA LEU K 263 -21.33 126.01 -49.46
C LEU K 263 -20.21 125.78 -50.49
N GLY K 264 -18.96 126.05 -50.11
CA GLY K 264 -17.78 125.87 -50.96
C GLY K 264 -17.09 124.52 -50.73
N SER K 265 -15.84 124.40 -51.19
CA SER K 265 -14.99 123.26 -50.81
C SER K 265 -14.43 123.42 -49.40
N GLN K 266 -13.78 122.40 -48.84
CA GLN K 266 -13.03 122.58 -47.60
C GLN K 266 -11.85 123.55 -47.78
N GLU K 267 -11.15 123.51 -48.90
CA GLU K 267 -9.96 124.33 -49.16
C GLU K 267 -10.29 125.78 -49.56
N SER K 268 -11.50 126.05 -50.01
CA SER K 268 -11.99 127.38 -50.45
C SER K 268 -13.40 127.63 -49.92
N PRO K 269 -13.53 127.94 -48.62
CA PRO K 269 -14.80 127.90 -47.93
C PRO K 269 -15.70 129.10 -48.26
N ASN K 270 -16.99 128.92 -48.03
CA ASN K 270 -18.04 129.92 -48.17
C ASN K 270 -19.12 129.62 -47.14
N PHE K 271 -18.94 130.10 -45.91
CA PHE K 271 -19.82 129.78 -44.79
C PHE K 271 -21.15 130.51 -44.82
N VAL K 272 -22.21 129.85 -44.37
CA VAL K 272 -23.51 130.43 -44.02
C VAL K 272 -23.96 129.87 -42.68
N SER K 273 -24.43 130.71 -41.76
CA SER K 273 -24.95 130.25 -40.48
C SER K 273 -26.44 129.99 -40.59
N LEU K 274 -26.90 128.75 -40.37
CA LEU K 274 -28.30 128.40 -40.61
C LEU K 274 -29.23 129.23 -39.75
N TRP K 275 -28.86 129.43 -38.49
CA TRP K 275 -29.67 130.19 -37.56
C TRP K 275 -29.75 131.65 -37.96
N GLN K 276 -28.63 132.28 -38.31
CA GLN K 276 -28.63 133.70 -38.64
C GLN K 276 -29.35 133.99 -39.96
N HIS K 277 -29.34 133.05 -40.91
CA HIS K 277 -30.03 133.17 -42.20
C HIS K 277 -31.45 132.62 -42.21
N ASN K 278 -31.97 132.13 -41.08
CA ASN K 278 -33.29 131.53 -41.00
C ASN K 278 -33.48 130.37 -42.00
N LEU K 279 -32.50 129.49 -42.08
CA LEU K 279 -32.54 128.24 -42.85
C LEU K 279 -32.71 127.03 -41.93
N VAL K 280 -33.05 125.87 -42.48
CA VAL K 280 -33.08 124.57 -41.80
C VAL K 280 -32.40 123.53 -42.67
N ALA K 281 -31.59 122.65 -42.10
CA ALA K 281 -30.84 121.65 -42.84
C ALA K 281 -31.09 120.25 -42.33
N VAL K 282 -31.16 119.27 -43.23
CA VAL K 282 -31.28 117.85 -42.92
C VAL K 282 -29.99 117.16 -43.32
N ARG K 283 -29.45 116.30 -42.46
CA ARG K 283 -28.22 115.54 -42.66
C ARG K 283 -28.51 114.05 -42.75
N VAL K 284 -27.96 113.37 -43.75
CA VAL K 284 -28.30 111.99 -44.11
C VAL K 284 -27.04 111.15 -44.21
N GLU K 285 -27.00 109.96 -43.62
CA GLU K 285 -25.78 109.13 -43.64
C GLU K 285 -26.04 107.62 -43.49
N ALA K 286 -25.25 106.80 -44.18
CA ALA K 286 -25.23 105.35 -44.10
C ALA K 286 -23.81 104.80 -44.33
N GLU K 287 -23.55 103.55 -43.98
CA GLU K 287 -22.26 102.91 -44.27
C GLU K 287 -22.43 101.50 -44.81
N TYR K 288 -21.63 101.13 -45.80
CA TYR K 288 -21.70 99.84 -46.48
C TYR K 288 -20.31 99.27 -46.75
N GLY K 289 -20.17 97.95 -46.79
CA GLY K 289 -18.97 97.26 -47.26
C GLY K 289 -19.29 96.29 -48.38
N LEU K 290 -18.34 96.09 -49.31
CA LEU K 290 -18.45 95.16 -50.43
C LEU K 290 -17.11 94.46 -50.66
N LEU K 291 -17.13 93.18 -50.97
CA LEU K 291 -15.98 92.45 -51.47
C LEU K 291 -16.43 91.47 -52.55
N ILE K 292 -15.68 91.38 -53.65
CA ILE K 292 -15.84 90.31 -54.62
C ILE K 292 -14.58 89.45 -54.59
N ASN K 293 -14.69 88.17 -54.24
CA ASN K 293 -13.52 87.32 -54.07
C ASN K 293 -12.77 87.09 -55.38
N ASP K 294 -13.50 86.94 -56.48
CA ASP K 294 -12.92 86.75 -57.81
C ASP K 294 -13.76 87.41 -58.90
N VAL K 295 -13.38 88.61 -59.32
CA VAL K 295 -14.08 89.33 -60.38
C VAL K 295 -14.02 88.62 -61.73
N ASN K 296 -13.16 87.62 -61.91
CA ASN K 296 -13.14 86.83 -63.13
C ASN K 296 -14.09 85.62 -63.08
N ALA K 297 -14.86 85.41 -62.02
CA ALA K 297 -15.87 84.34 -61.96
C ALA K 297 -17.21 84.72 -62.61
N PHE K 298 -17.25 85.80 -63.39
CA PHE K 298 -18.45 86.31 -64.03
C PHE K 298 -18.20 86.54 -65.52
N VAL K 299 -19.15 86.28 -66.39
CA VAL K 299 -19.07 86.60 -67.81
C VAL K 299 -19.99 87.77 -68.10
N LYS K 300 -19.47 88.79 -68.77
CA LYS K 300 -20.21 89.96 -69.22
C LYS K 300 -21.02 89.59 -70.46
N LEU K 301 -22.34 89.60 -70.39
CA LEU K 301 -23.17 89.36 -71.57
C LEU K 301 -23.22 90.61 -72.44
N THR K 302 -23.01 90.48 -73.75
CA THR K 302 -23.17 91.58 -74.71
C THR K 302 -24.02 91.14 -75.89
N PHE K 303 -24.75 92.05 -76.53
CA PHE K 303 -25.61 91.68 -77.66
C PHE K 303 -24.81 91.17 -78.86
N ASP K 304 -23.98 92.01 -79.46
CA ASP K 304 -22.99 91.64 -80.46
C ASP K 304 -21.71 91.13 -79.79
N PRO K 305 -20.81 90.45 -80.53
CA PRO K 305 -19.45 90.26 -80.07
C PRO K 305 -18.72 91.59 -80.06
N VAL K 306 -17.81 91.81 -79.11
CA VAL K 306 -17.09 93.08 -78.96
C VAL K 306 -15.62 92.88 -78.61
N LEU K 307 -14.77 93.81 -79.05
CA LEU K 307 -13.38 93.89 -78.60
C LEU K 307 -13.35 94.28 -77.11
N THR K 308 -12.39 93.76 -76.35
CA THR K 308 -12.16 94.10 -74.93
C THR K 308 -10.85 94.86 -74.77
N THR K 309 -10.78 95.87 -73.90
CA THR K 309 -9.57 96.69 -73.69
C THR K 309 -8.93 96.43 -72.33
N TYR K 310 -7.63 96.22 -72.30
CA TYR K 310 -6.84 95.93 -71.12
C TYR K 310 -5.75 96.99 -70.91
N ALA K 311 -5.43 97.34 -69.68
CA ALA K 311 -4.19 98.02 -69.33
C ALA K 311 -3.21 97.01 -68.72
N LEU K 312 -2.00 96.95 -69.27
CA LEU K 312 -0.91 96.07 -68.84
C LEU K 312 0.19 96.94 -68.22
N ASP K 313 0.53 96.68 -66.96
CA ASP K 313 1.47 97.47 -66.17
C ASP K 313 2.58 96.56 -65.62
N LEU K 314 3.83 96.80 -66.02
CA LEU K 314 4.99 96.03 -65.57
C LEU K 314 5.61 96.56 -64.26
N ASP K 315 4.92 97.44 -63.52
CA ASP K 315 5.32 97.88 -62.17
C ASP K 315 6.75 98.46 -62.10
N GLY K 316 7.17 99.15 -63.17
CA GLY K 316 8.51 99.74 -63.29
C GLY K 316 9.66 98.72 -63.38
N ALA K 317 9.38 97.45 -63.70
CA ALA K 317 10.37 96.37 -63.73
C ALA K 317 11.60 96.69 -64.60
N SER K 318 12.79 96.56 -64.03
CA SER K 318 14.06 96.94 -64.63
C SER K 318 14.64 95.94 -65.62
N ALA K 319 14.23 94.66 -65.58
CA ALA K 319 14.70 93.64 -66.51
C ALA K 319 13.76 92.42 -66.58
N GLY K 320 13.86 91.67 -67.67
CA GLY K 320 13.30 90.32 -67.80
C GLY K 320 12.42 90.09 -69.03
N ASN K 321 11.70 88.97 -69.01
CA ASN K 321 10.74 88.56 -70.02
C ASN K 321 9.33 88.44 -69.43
N PHE K 322 8.32 88.68 -70.26
CA PHE K 322 6.93 88.35 -69.98
C PHE K 322 6.29 87.77 -71.24
N THR K 323 5.14 87.13 -71.13
CA THR K 323 4.42 86.65 -72.32
C THR K 323 2.91 86.72 -72.10
N LEU K 324 2.16 86.86 -73.20
CA LEU K 324 0.71 87.05 -73.19
C LEU K 324 0.04 85.85 -73.85
N SER K 325 -1.11 85.44 -73.33
CA SER K 325 -1.89 84.31 -73.82
C SER K 325 -3.34 84.71 -74.03
N LEU K 326 -3.91 84.30 -75.16
CA LEU K 326 -5.24 84.71 -75.62
C LEU K 326 -6.12 83.46 -75.67
N ASP K 327 -7.18 83.41 -74.86
CA ASP K 327 -8.01 82.21 -74.67
C ASP K 327 -7.17 80.92 -74.48
N GLY K 328 -6.10 81.02 -73.70
CA GLY K 328 -5.21 79.91 -73.37
C GLY K 328 -4.13 79.56 -74.42
N LYS K 329 -4.03 80.27 -75.54
CA LYS K 329 -2.99 80.06 -76.56
C LYS K 329 -1.93 81.16 -76.47
N THR K 330 -0.65 80.79 -76.40
CA THR K 330 0.40 81.65 -75.82
C THR K 330 1.42 82.15 -76.85
N SER K 331 1.74 83.44 -76.78
CA SER K 331 2.73 84.11 -77.64
C SER K 331 4.17 83.69 -77.36
N ALA K 332 5.11 84.21 -78.15
CA ALA K 332 6.53 84.20 -77.81
C ALA K 332 6.83 85.01 -76.53
N ASN K 333 8.04 84.88 -75.99
CA ASN K 333 8.50 85.75 -74.90
C ASN K 333 8.81 87.16 -75.40
N ILE K 334 8.36 88.16 -74.65
CA ILE K 334 8.55 89.60 -74.92
C ILE K 334 9.49 90.17 -73.85
N ALA K 335 10.53 90.90 -74.26
CA ALA K 335 11.41 91.59 -73.32
C ALA K 335 10.72 92.80 -72.68
N TYR K 336 11.05 93.08 -71.42
CA TYR K 336 10.37 94.08 -70.57
C TYR K 336 10.29 95.51 -71.15
N ASN K 337 11.12 95.86 -72.14
CA ASN K 337 11.21 97.19 -72.73
C ASN K 337 10.67 97.30 -74.17
N ALA K 338 10.02 96.26 -74.71
CA ALA K 338 9.59 96.18 -76.11
C ALA K 338 8.66 97.32 -76.55
N SER K 339 8.66 97.67 -77.85
CA SER K 339 7.76 98.70 -78.40
C SER K 339 6.32 98.23 -78.56
N THR K 340 5.37 99.17 -78.71
CA THR K 340 3.95 98.86 -78.95
C THR K 340 3.74 98.02 -80.22
N ALA K 341 4.45 98.31 -81.30
CA ALA K 341 4.40 97.51 -82.51
C ALA K 341 5.00 96.10 -82.31
N THR K 342 6.06 95.98 -81.49
CA THR K 342 6.64 94.68 -81.13
C THR K 342 5.63 93.83 -80.36
N VAL K 343 4.95 94.43 -79.38
CA VAL K 343 3.88 93.76 -78.63
C VAL K 343 2.73 93.36 -79.56
N LYS K 344 2.28 94.22 -80.47
CA LYS K 344 1.26 93.87 -81.47
C LYS K 344 1.69 92.65 -82.29
N SER K 345 2.91 92.64 -82.80
CA SER K 345 3.44 91.50 -83.56
C SER K 345 3.47 90.22 -82.73
N ALA K 346 3.91 90.29 -81.47
CA ALA K 346 3.92 89.13 -80.58
C ALA K 346 2.50 88.58 -80.30
N ILE K 347 1.50 89.46 -80.17
CA ILE K 347 0.12 89.03 -79.94
C ILE K 347 -0.48 88.41 -81.20
N VAL K 348 -0.35 89.02 -82.38
CA VAL K 348 -0.91 88.43 -83.61
C VAL K 348 -0.20 87.13 -84.01
N ALA K 349 1.02 86.91 -83.52
CA ALA K 349 1.73 85.64 -83.68
C ALA K 349 1.12 84.49 -82.85
N ILE K 350 0.10 84.74 -82.03
CA ILE K 350 -0.66 83.67 -81.37
C ILE K 350 -1.46 82.87 -82.42
N ASP K 351 -1.53 81.56 -82.21
CA ASP K 351 -2.06 80.57 -83.15
C ASP K 351 -3.55 80.72 -83.51
N ASP K 352 -4.35 81.37 -82.69
CA ASP K 352 -5.83 81.26 -82.71
C ASP K 352 -6.56 81.97 -83.89
N GLY K 353 -5.87 82.25 -84.99
CA GLY K 353 -6.43 82.98 -86.13
C GLY K 353 -6.64 84.48 -85.88
N VAL K 354 -6.01 85.04 -84.84
CA VAL K 354 -5.89 86.49 -84.64
C VAL K 354 -5.08 87.15 -85.77
N SER K 355 -5.28 88.45 -85.99
CA SER K 355 -4.66 89.20 -87.10
C SER K 355 -4.36 90.65 -86.74
N ALA K 356 -3.44 91.28 -87.46
CA ALA K 356 -3.14 92.72 -87.30
C ALA K 356 -4.32 93.63 -87.70
N ASP K 357 -5.36 93.08 -88.32
CA ASP K 357 -6.58 93.77 -88.74
C ASP K 357 -7.44 94.28 -87.56
N ASP K 358 -7.32 93.69 -86.36
CA ASP K 358 -8.19 94.02 -85.22
C ASP K 358 -7.44 94.11 -83.87
N VAL K 359 -6.46 93.25 -83.60
CA VAL K 359 -5.56 93.39 -82.45
C VAL K 359 -4.89 94.77 -82.49
N THR K 360 -5.07 95.58 -81.46
CA THR K 360 -4.58 96.97 -81.45
C THR K 360 -3.87 97.28 -80.15
N VAL K 361 -2.73 97.98 -80.21
CA VAL K 361 -1.85 98.24 -79.06
C VAL K 361 -1.40 99.70 -79.06
N THR K 362 -1.36 100.31 -77.87
CA THR K 362 -1.08 101.74 -77.62
C THR K 362 -0.33 101.92 -76.29
N GLY K 363 0.17 103.12 -76.01
CA GLY K 363 0.90 103.43 -74.77
C GLY K 363 2.42 103.50 -74.95
N SER K 364 3.18 103.05 -73.96
CA SER K 364 4.65 103.04 -73.95
C SER K 364 5.21 101.82 -73.24
N ALA K 365 6.51 101.55 -73.39
CA ALA K 365 7.13 100.34 -72.85
C ALA K 365 6.95 100.19 -71.32
N GLY K 366 6.33 99.09 -70.90
CA GLY K 366 5.98 98.80 -69.51
C GLY K 366 4.60 99.32 -69.06
N ASP K 367 3.89 100.07 -69.92
CA ASP K 367 2.60 100.71 -69.64
C ASP K 367 1.67 100.61 -70.87
N TYR K 368 1.61 99.43 -71.49
CA TYR K 368 0.82 99.18 -72.69
C TYR K 368 -0.69 99.18 -72.41
N THR K 369 -1.49 99.74 -73.31
CA THR K 369 -2.93 99.45 -73.41
C THR K 369 -3.18 98.63 -74.66
N ILE K 370 -3.91 97.53 -74.51
CA ILE K 370 -4.09 96.50 -75.53
C ILE K 370 -5.58 96.32 -75.78
N THR K 371 -6.01 96.04 -77.00
CA THR K 371 -7.35 95.53 -77.25
C THR K 371 -7.37 94.36 -78.22
N VAL K 372 -8.19 93.37 -77.89
CA VAL K 372 -8.28 92.04 -78.50
C VAL K 372 -9.71 91.52 -78.37
N PRO K 373 -10.15 90.55 -79.18
CA PRO K 373 -11.49 89.97 -79.03
C PRO K 373 -11.60 89.01 -77.84
N GLY K 374 -10.53 88.29 -77.48
CA GLY K 374 -10.56 87.20 -76.50
C GLY K 374 -10.32 87.59 -75.05
N THR K 375 -10.25 86.58 -74.18
CA THR K 375 -9.73 86.68 -72.81
C THR K 375 -8.21 86.80 -72.86
N LEU K 376 -7.61 87.86 -72.34
CA LEU K 376 -6.16 88.05 -72.30
C LEU K 376 -5.64 87.74 -70.89
N THR K 377 -4.63 86.88 -70.78
CA THR K 377 -3.92 86.62 -69.53
C THR K 377 -2.40 86.74 -69.72
N ALA K 378 -1.71 87.31 -68.74
CA ALA K 378 -0.28 87.56 -68.78
C ALA K 378 0.48 86.61 -67.86
N ASP K 379 1.57 86.03 -68.37
CA ASP K 379 2.52 85.25 -67.61
C ASP K 379 3.78 86.09 -67.37
N PHE K 380 4.09 86.37 -66.10
CA PHE K 380 5.29 87.09 -65.67
C PHE K 380 6.44 86.15 -65.27
N SER K 381 6.37 84.88 -65.69
CA SER K 381 7.45 83.90 -65.53
C SER K 381 8.70 84.35 -66.30
N GLY K 382 9.69 84.86 -65.56
CA GLY K 382 10.92 85.45 -66.12
C GLY K 382 11.03 86.98 -65.99
N LEU K 383 10.03 87.66 -65.42
CA LEU K 383 10.16 89.07 -65.07
C LEU K 383 10.92 89.18 -63.75
N THR K 384 12.01 89.96 -63.70
CA THR K 384 12.95 89.96 -62.56
C THR K 384 12.57 90.86 -61.39
N ASP K 385 11.56 91.71 -61.59
CA ASP K 385 11.36 92.95 -60.84
C ASP K 385 9.89 93.38 -60.92
N GLY K 386 9.45 94.29 -60.06
CA GLY K 386 8.07 94.78 -60.04
C GLY K 386 7.04 93.69 -59.73
N GLU K 387 7.04 93.15 -58.51
CA GLU K 387 6.13 92.07 -58.11
C GLU K 387 4.63 92.42 -58.27
N GLY K 388 4.27 93.69 -58.36
CA GLY K 388 2.91 94.16 -58.65
C GLY K 388 2.54 94.18 -60.14
N ALA K 389 3.42 93.71 -61.03
CA ALA K 389 3.13 93.63 -62.46
C ALA K 389 1.82 92.86 -62.73
N SER K 390 0.93 93.45 -63.51
CA SER K 390 -0.47 93.04 -63.60
C SER K 390 -1.16 93.56 -64.85
N ILE K 391 -2.30 92.95 -65.20
CA ILE K 391 -3.15 93.34 -66.33
C ILE K 391 -4.62 93.36 -65.90
N SER K 392 -5.37 94.38 -66.31
CA SER K 392 -6.79 94.54 -65.92
C SER K 392 -7.62 95.23 -67.00
N VAL K 393 -8.91 94.91 -67.07
CA VAL K 393 -9.84 95.54 -68.03
C VAL K 393 -10.08 97.00 -67.66
N VAL K 394 -10.14 97.88 -68.65
CA VAL K 394 -10.43 99.31 -68.48
C VAL K 394 -11.63 99.70 -69.32
N SER K 395 -12.53 100.51 -68.76
CA SER K 395 -13.79 100.91 -69.42
C SER K 395 -13.57 101.79 -70.66
N VAL K 396 -14.62 101.92 -71.47
CA VAL K 396 -14.62 102.73 -72.69
C VAL K 396 -14.40 104.23 -72.42
N GLY K 397 -13.73 104.92 -73.35
CA GLY K 397 -13.28 106.32 -73.19
C GLY K 397 -11.87 106.42 -72.63
N GLY L 2 -10.57 116.14 -45.57
CA GLY L 2 -10.53 115.67 -44.17
C GLY L 2 -9.46 116.37 -43.39
N PHE L 3 -8.64 115.63 -42.66
CA PHE L 3 -7.54 116.14 -41.85
C PHE L 3 -6.40 115.12 -41.81
N SER L 4 -5.20 115.54 -41.42
CA SER L 4 -4.04 114.65 -41.28
C SER L 4 -4.31 113.49 -40.31
N ALA L 5 -3.70 112.33 -40.52
CA ALA L 5 -3.89 111.13 -39.70
C ALA L 5 -3.25 111.20 -38.28
N ASP L 6 -3.01 112.39 -37.79
CA ASP L 6 -2.34 112.69 -36.52
C ASP L 6 -2.68 114.10 -36.00
N HIS L 7 -3.76 114.70 -36.50
CA HIS L 7 -4.02 116.14 -36.37
C HIS L 7 -4.00 116.61 -34.92
N SER L 8 -3.40 117.77 -34.66
CA SER L 8 -3.18 118.27 -33.30
C SER L 8 -4.44 118.76 -32.60
N GLN L 9 -5.45 119.21 -33.34
CA GLN L 9 -6.68 119.74 -32.74
C GLN L 9 -7.78 118.68 -32.55
N ILE L 10 -7.74 117.53 -33.22
CA ILE L 10 -8.88 116.60 -33.33
C ILE L 10 -8.45 115.17 -33.07
N ALA L 11 -9.21 114.39 -32.30
CA ALA L 11 -8.99 112.96 -32.14
C ALA L 11 -9.84 112.11 -33.11
N GLN L 12 -9.19 111.34 -33.98
CA GLN L 12 -9.85 110.56 -35.03
C GLN L 12 -9.53 109.09 -34.90
N THR L 13 -10.42 108.22 -35.36
CA THR L 13 -10.19 106.76 -35.38
C THR L 13 -8.97 106.33 -36.18
N LYS L 14 -8.56 107.10 -37.18
CA LYS L 14 -7.32 106.86 -37.93
C LYS L 14 -6.02 107.22 -37.19
N ASP L 15 -6.08 107.91 -36.07
CA ASP L 15 -4.89 108.36 -35.37
C ASP L 15 -4.05 107.19 -34.82
N THR L 16 -2.73 107.26 -34.98
CA THR L 16 -1.78 106.21 -34.56
C THR L 16 -1.94 105.84 -33.09
N MET L 17 -2.33 106.82 -32.30
CA MET L 17 -2.68 106.73 -30.89
C MET L 17 -3.64 105.59 -30.53
N PHE L 18 -4.61 105.27 -31.40
CA PHE L 18 -5.62 104.24 -31.12
C PHE L 18 -5.32 102.87 -31.73
N THR L 19 -4.16 102.70 -32.37
CA THR L 19 -3.88 101.51 -33.18
C THR L 19 -3.95 100.17 -32.45
N GLY L 20 -3.86 100.14 -31.13
CA GLY L 20 -4.03 98.91 -30.36
C GLY L 20 -5.48 98.40 -30.28
N TYR L 21 -6.48 99.22 -30.60
CA TYR L 21 -7.87 98.95 -30.20
C TYR L 21 -8.83 98.71 -31.36
N LEU L 22 -8.65 99.42 -32.48
CA LEU L 22 -9.59 99.47 -33.58
C LEU L 22 -9.24 98.47 -34.68
N ASP L 23 -9.02 97.20 -34.30
CA ASP L 23 -8.74 96.13 -35.25
C ASP L 23 -10.02 95.61 -35.93
N PRO L 24 -9.96 95.13 -37.18
CA PRO L 24 -11.05 94.44 -37.82
C PRO L 24 -11.27 93.07 -37.17
N VAL L 25 -12.53 92.65 -37.05
CA VAL L 25 -12.91 91.39 -36.38
C VAL L 25 -12.74 90.20 -37.32
N GLN L 26 -12.14 89.09 -36.90
CA GLN L 26 -12.04 87.91 -37.76
C GLN L 26 -13.39 87.20 -37.94
N ALA L 27 -13.59 86.57 -39.09
CA ALA L 27 -14.85 85.92 -39.47
C ALA L 27 -14.63 84.60 -40.22
N LYS L 28 -15.69 83.81 -40.36
CA LYS L 28 -15.70 82.57 -41.15
C LYS L 28 -15.26 82.85 -42.59
N ASP L 29 -14.52 81.95 -43.21
CA ASP L 29 -14.23 82.06 -44.64
C ASP L 29 -15.48 81.76 -45.49
N TYR L 30 -16.24 82.80 -45.84
CA TYR L 30 -17.44 82.66 -46.66
C TYR L 30 -17.17 82.09 -48.05
N PHE L 31 -15.93 82.13 -48.54
CA PHE L 31 -15.53 81.64 -49.85
C PHE L 31 -14.89 80.26 -49.82
N ALA L 32 -14.87 79.57 -48.67
CA ALA L 32 -14.19 78.30 -48.48
C ALA L 32 -14.60 77.26 -49.53
N GLU L 33 -13.64 76.73 -50.27
CA GLU L 33 -13.87 75.74 -51.31
C GLU L 33 -14.23 74.37 -50.72
N ALA L 34 -15.19 73.66 -51.29
CA ALA L 34 -15.51 72.29 -50.87
C ALA L 34 -14.35 71.34 -51.16
N GLU L 35 -14.03 70.40 -50.28
CA GLU L 35 -12.95 69.44 -50.52
C GLU L 35 -13.24 68.54 -51.72
N LYS L 36 -12.19 68.16 -52.46
CA LYS L 36 -12.25 67.17 -53.54
C LYS L 36 -12.50 65.78 -52.96
N THR L 37 -12.77 64.80 -53.82
CA THR L 37 -12.80 63.38 -53.45
C THR L 37 -12.30 62.51 -54.60
N SER L 38 -11.77 61.32 -54.32
CA SER L 38 -11.37 60.40 -55.39
C SER L 38 -12.59 59.97 -56.20
N ILE L 39 -12.49 59.97 -57.53
CA ILE L 39 -13.51 59.39 -58.38
C ILE L 39 -13.30 57.89 -58.55
N VAL L 40 -12.06 57.41 -58.52
CA VAL L 40 -11.80 55.99 -58.73
C VAL L 40 -12.42 55.17 -57.62
N GLN L 41 -12.33 55.61 -56.37
CA GLN L 41 -12.94 54.87 -55.27
C GLN L 41 -14.48 54.83 -55.33
N ARG L 42 -15.13 55.65 -56.16
CA ARG L 42 -16.57 55.57 -56.42
C ARG L 42 -16.89 54.51 -57.48
N VAL L 43 -16.20 54.51 -58.62
CA VAL L 43 -16.55 53.63 -59.75
C VAL L 43 -16.00 52.21 -59.62
N ALA L 44 -14.83 52.01 -59.02
CA ALA L 44 -14.18 50.72 -58.95
C ALA L 44 -14.64 49.90 -57.74
N GLN L 45 -15.04 48.65 -57.93
CA GLN L 45 -15.41 47.77 -56.82
C GLN L 45 -14.22 47.56 -55.89
N LYS L 46 -14.38 47.86 -54.60
CA LYS L 46 -13.30 47.63 -53.64
C LYS L 46 -13.21 46.15 -53.33
N ILE L 47 -12.01 45.61 -53.37
CA ILE L 47 -11.68 44.23 -53.08
C ILE L 47 -10.96 44.17 -51.73
N PRO L 48 -11.39 43.33 -50.78
CA PRO L 48 -10.75 43.18 -49.50
C PRO L 48 -9.37 42.53 -49.65
N MET L 49 -8.34 43.13 -49.05
CA MET L 49 -6.93 42.77 -49.29
C MET L 49 -6.07 42.95 -48.03
N GLY L 50 -5.11 42.06 -47.81
CA GLY L 50 -4.09 42.17 -46.77
C GLY L 50 -2.75 42.66 -47.31
N ALA L 51 -1.80 42.95 -46.43
CA ALA L 51 -0.54 43.59 -46.78
C ALA L 51 0.34 42.78 -47.77
N THR L 52 0.21 41.46 -47.80
CA THR L 52 0.94 40.61 -48.74
C THR L 52 0.45 40.72 -50.19
N GLY L 53 -0.72 41.31 -50.41
CA GLY L 53 -1.39 41.33 -51.71
C GLY L 53 -2.38 40.19 -51.90
N ILE L 54 -2.89 40.04 -53.12
CA ILE L 54 -3.91 39.07 -53.51
C ILE L 54 -3.50 38.32 -54.77
N VAL L 55 -3.88 37.05 -54.87
CA VAL L 55 -3.71 36.26 -56.11
C VAL L 55 -5.07 35.84 -56.63
N ILE L 56 -5.36 36.22 -57.87
CA ILE L 56 -6.66 36.11 -58.52
C ILE L 56 -6.61 35.01 -59.58
N PRO L 57 -7.49 34.01 -59.56
CA PRO L 57 -7.54 32.98 -60.59
C PRO L 57 -8.27 33.46 -61.84
N HIS L 58 -8.15 32.76 -62.95
CA HIS L 58 -8.97 32.95 -64.14
C HIS L 58 -9.07 31.64 -64.93
N TRP L 59 -10.17 31.40 -65.63
CA TRP L 59 -10.40 30.16 -66.36
C TRP L 59 -10.14 30.36 -67.84
N THR L 60 -9.32 29.48 -68.42
CA THR L 60 -8.90 29.54 -69.83
C THR L 60 -9.19 28.26 -70.59
N GLY L 61 -9.75 27.24 -69.95
CA GLY L 61 -10.03 25.95 -70.58
C GLY L 61 -11.09 26.06 -71.67
N ASP L 62 -10.69 25.84 -72.92
CA ASP L 62 -11.59 25.73 -74.07
C ASP L 62 -12.18 24.31 -74.16
N VAL L 63 -13.03 23.96 -73.20
CA VAL L 63 -13.60 22.62 -73.05
C VAL L 63 -14.42 22.21 -74.27
N SER L 64 -14.43 20.93 -74.63
CA SER L 64 -14.94 20.45 -75.92
C SER L 64 -15.76 19.16 -75.84
N ALA L 65 -16.61 18.94 -76.84
CA ALA L 65 -17.47 17.76 -77.01
C ALA L 65 -17.75 17.50 -78.50
N GLN L 66 -18.08 16.27 -78.88
CA GLN L 66 -18.30 15.89 -80.28
C GLN L 66 -19.58 15.09 -80.46
N TRP L 67 -20.22 15.25 -81.62
CA TRP L 67 -21.30 14.37 -82.06
C TRP L 67 -20.76 12.99 -82.38
N ILE L 68 -21.48 11.93 -81.99
CA ILE L 68 -21.04 10.54 -82.19
C ILE L 68 -22.22 9.63 -82.57
N GLY L 69 -21.95 8.54 -83.28
CA GLY L 69 -22.94 7.51 -83.59
C GLY L 69 -22.91 6.33 -82.60
N GLU L 70 -23.80 5.35 -82.79
CA GLU L 70 -23.83 4.13 -81.99
C GLU L 70 -22.47 3.40 -82.05
N GLY L 71 -21.82 3.23 -80.91
CA GLY L 71 -20.52 2.55 -80.79
C GLY L 71 -19.28 3.40 -81.10
N ASP L 72 -19.42 4.66 -81.53
CA ASP L 72 -18.26 5.52 -81.78
C ASP L 72 -17.51 5.87 -80.48
N MET L 73 -16.19 6.06 -80.56
CA MET L 73 -15.35 6.30 -79.40
C MET L 73 -15.62 7.68 -78.81
N LYS L 74 -15.99 7.78 -77.54
CA LYS L 74 -16.13 9.08 -76.88
C LYS L 74 -14.78 9.80 -76.79
N PRO L 75 -14.68 11.07 -77.19
CA PRO L 75 -13.44 11.83 -77.11
C PRO L 75 -13.15 12.29 -75.69
N ILE L 76 -11.92 12.70 -75.41
CA ILE L 76 -11.45 13.14 -74.09
C ILE L 76 -11.07 14.61 -74.15
N THR L 77 -11.33 15.37 -73.09
CA THR L 77 -11.09 16.81 -73.00
C THR L 77 -10.48 17.21 -71.66
N LYS L 78 -9.90 18.41 -71.54
CA LYS L 78 -9.34 18.95 -70.29
C LYS L 78 -9.50 20.46 -70.18
N GLY L 79 -9.67 20.97 -68.97
CA GLY L 79 -9.73 22.41 -68.69
C GLY L 79 -8.36 23.08 -68.62
N ASN L 80 -8.35 24.38 -68.31
CA ASN L 80 -7.13 25.14 -68.06
C ASN L 80 -7.44 26.37 -67.19
N MET L 81 -6.46 26.85 -66.44
CA MET L 81 -6.58 27.97 -65.51
C MET L 81 -5.31 28.79 -65.48
N THR L 82 -5.39 30.04 -65.05
CA THR L 82 -4.25 30.91 -64.86
C THR L 82 -4.41 31.78 -63.62
N LYS L 83 -3.33 32.39 -63.17
CA LYS L 83 -3.26 33.21 -61.95
C LYS L 83 -2.74 34.60 -62.30
N ARG L 84 -3.15 35.61 -61.55
CA ARG L 84 -2.54 36.95 -61.53
C ARG L 84 -2.24 37.34 -60.10
N ASP L 85 -1.04 37.85 -59.84
CA ASP L 85 -0.64 38.34 -58.52
C ASP L 85 -0.71 39.86 -58.49
N VAL L 86 -1.26 40.45 -57.43
CA VAL L 86 -1.33 41.89 -57.21
C VAL L 86 -0.85 42.24 -55.81
N HIS L 87 0.00 43.25 -55.68
CA HIS L 87 0.55 43.70 -54.39
C HIS L 87 0.29 45.19 -54.16
N PRO L 88 0.12 45.65 -52.91
CA PRO L 88 -0.11 47.04 -52.61
C PRO L 88 1.17 47.89 -52.63
N ALA L 89 1.01 49.20 -52.64
CA ALA L 89 2.07 50.20 -52.59
C ALA L 89 1.77 51.29 -51.54
N LYS L 90 2.79 51.70 -50.80
CA LYS L 90 2.73 52.72 -49.75
C LYS L 90 2.79 54.12 -50.37
N ILE L 91 1.97 55.04 -49.85
CA ILE L 91 2.06 56.48 -50.08
C ILE L 91 2.15 57.19 -48.74
N ALA L 92 3.02 58.20 -48.64
CA ALA L 92 3.30 58.83 -47.35
C ALA L 92 3.75 60.29 -47.50
N THR L 93 3.65 61.04 -46.42
CA THR L 93 4.15 62.42 -46.31
C THR L 93 4.30 62.84 -44.86
N ILE L 94 5.07 63.90 -44.62
CA ILE L 94 5.33 64.45 -43.29
C ILE L 94 4.90 65.91 -43.22
N PHE L 95 4.49 66.39 -42.05
CA PHE L 95 4.53 67.82 -41.74
C PHE L 95 5.06 68.06 -40.33
N VAL L 96 5.75 69.17 -40.10
CA VAL L 96 6.56 69.42 -38.89
C VAL L 96 6.31 70.82 -38.35
N ALA L 97 6.22 70.97 -37.04
CA ALA L 97 5.96 72.26 -36.41
C ALA L 97 6.68 72.39 -35.07
N SER L 98 6.99 73.60 -34.63
CA SER L 98 7.56 73.82 -33.30
C SER L 98 6.54 73.53 -32.21
N ALA L 99 6.98 73.13 -31.02
CA ALA L 99 6.08 72.86 -29.91
C ALA L 99 5.26 74.10 -29.54
N GLU L 100 5.84 75.29 -29.65
CA GLU L 100 5.11 76.54 -29.49
C GLU L 100 3.99 76.66 -30.53
N THR L 101 4.23 76.34 -31.80
CA THR L 101 3.17 76.32 -32.80
C THR L 101 2.13 75.25 -32.47
N VAL L 102 2.54 74.08 -31.96
CA VAL L 102 1.62 73.00 -31.61
C VAL L 102 0.70 73.39 -30.46
N ARG L 103 1.22 73.96 -29.38
CA ARG L 103 0.42 74.32 -28.22
C ARG L 103 -0.50 75.51 -28.48
N ALA L 104 -0.11 76.41 -29.36
CA ALA L 104 -0.94 77.53 -29.77
C ALA L 104 -2.00 77.15 -30.82
N ASN L 105 -1.68 76.26 -31.76
CA ASN L 105 -2.52 75.84 -32.88
C ASN L 105 -3.22 77.02 -33.59
N PRO L 106 -2.44 78.01 -34.08
CA PRO L 106 -3.00 79.23 -34.63
C PRO L 106 -3.86 78.94 -35.85
N ALA L 107 -5.00 79.61 -35.97
CA ALA L 107 -5.97 79.40 -37.05
C ALA L 107 -6.39 77.92 -37.26
N ASN L 108 -6.21 77.08 -36.25
CA ASN L 108 -6.38 75.63 -36.33
C ASN L 108 -5.58 74.99 -37.47
N TYR L 109 -4.38 75.49 -37.74
CA TYR L 109 -3.48 74.97 -38.78
C TYR L 109 -3.18 73.48 -38.58
N LEU L 110 -2.81 73.08 -37.36
CA LEU L 110 -2.35 71.71 -37.10
C LEU L 110 -3.47 70.69 -37.33
N GLY L 111 -4.72 71.08 -37.12
CA GLY L 111 -5.89 70.27 -37.46
C GLY L 111 -6.22 70.32 -38.95
N THR L 112 -6.20 71.51 -39.55
CA THR L 112 -6.55 71.70 -40.96
C THR L 112 -5.67 70.87 -41.87
N MET L 113 -4.38 70.79 -41.59
CA MET L 113 -3.43 69.97 -42.35
C MET L 113 -3.90 68.53 -42.52
N ARG L 114 -4.50 67.90 -41.50
CA ARG L 114 -4.91 66.49 -41.60
C ARG L 114 -5.92 66.30 -42.73
N THR L 115 -6.88 67.20 -42.85
CA THR L 115 -7.86 67.13 -43.93
C THR L 115 -7.20 67.42 -45.27
N LYS L 116 -6.32 68.43 -45.37
CA LYS L 116 -5.66 68.76 -46.63
C LYS L 116 -4.79 67.62 -47.13
N VAL L 117 -4.02 66.99 -46.26
CA VAL L 117 -3.22 65.82 -46.62
C VAL L 117 -4.12 64.66 -47.03
N ALA L 118 -5.20 64.38 -46.32
CA ALA L 118 -6.13 63.33 -46.72
C ALA L 118 -6.68 63.56 -48.14
N THR L 119 -7.08 64.78 -48.47
CA THR L 119 -7.49 65.13 -49.83
C THR L 119 -6.35 64.92 -50.82
N ALA L 120 -5.14 65.38 -50.51
CA ALA L 120 -4.03 65.23 -51.43
C ALA L 120 -3.69 63.76 -51.71
N ILE L 121 -3.82 62.87 -50.72
CA ILE L 121 -3.61 61.44 -50.91
C ILE L 121 -4.71 60.85 -51.80
N ALA L 122 -5.97 61.19 -51.56
CA ALA L 122 -7.04 60.75 -52.44
C ALA L 122 -6.85 61.23 -53.88
N MET L 123 -6.41 62.47 -54.07
CA MET L 123 -6.13 63.01 -55.39
C MET L 123 -4.98 62.26 -56.07
N ALA L 124 -3.92 61.91 -55.32
CA ALA L 124 -2.82 61.13 -55.87
C ALA L 124 -3.30 59.77 -56.34
N PHE L 125 -4.20 59.11 -55.61
CA PHE L 125 -4.73 57.82 -56.03
C PHE L 125 -5.54 57.90 -57.33
N ASP L 126 -6.32 58.96 -57.56
CA ASP L 126 -6.93 59.15 -58.87
C ASP L 126 -5.87 59.33 -59.96
N ASN L 127 -4.94 60.28 -59.82
CA ASN L 127 -4.01 60.56 -60.90
C ASN L 127 -3.06 59.39 -61.17
N ALA L 128 -2.77 58.56 -60.19
CA ALA L 128 -2.05 57.31 -60.38
C ALA L 128 -2.84 56.25 -61.16
N ALA L 129 -4.16 56.37 -61.26
CA ALA L 129 -5.02 55.34 -61.84
C ALA L 129 -5.70 55.77 -63.14
N LEU L 130 -6.12 57.02 -63.26
CA LEU L 130 -6.65 57.57 -64.50
C LEU L 130 -5.50 57.79 -65.48
N HIS L 131 -4.69 58.82 -65.25
CA HIS L 131 -3.64 59.22 -66.16
C HIS L 131 -2.32 58.48 -65.94
N GLY L 132 -2.17 57.77 -64.82
CA GLY L 132 -0.97 57.02 -64.48
C GLY L 132 0.24 57.91 -64.11
N THR L 133 0.02 59.12 -63.62
CA THR L 133 1.06 60.17 -63.64
C THR L 133 2.32 59.82 -62.86
N ASN L 134 2.20 59.12 -61.73
CA ASN L 134 3.32 58.78 -60.85
C ASN L 134 3.16 57.38 -60.28
N ALA L 135 2.46 56.50 -61.00
CA ALA L 135 2.09 55.20 -60.48
C ALA L 135 3.30 54.42 -59.96
N PRO L 136 3.25 53.81 -58.78
CA PRO L 136 4.30 52.92 -58.31
C PRO L 136 4.27 51.65 -59.14
N SER L 137 5.38 50.91 -59.17
CA SER L 137 5.51 49.73 -60.04
C SER L 137 4.37 48.72 -59.84
N ALA L 138 3.87 48.61 -58.61
CA ALA L 138 2.84 47.64 -58.24
C ALA L 138 1.43 47.92 -58.78
N PHE L 139 1.14 49.12 -59.29
CA PHE L 139 -0.15 49.41 -59.93
C PHE L 139 -0.17 48.84 -61.35
N GLN L 140 -0.98 47.81 -61.58
CA GLN L 140 -1.07 47.17 -62.89
C GLN L 140 -2.07 47.90 -63.78
N GLY L 141 -1.55 48.75 -64.67
CA GLY L 141 -2.30 49.47 -65.70
C GLY L 141 -2.91 50.78 -65.23
N TYR L 142 -3.25 51.67 -66.17
CA TYR L 142 -3.94 52.94 -65.91
C TYR L 142 -4.80 53.31 -67.11
N LEU L 143 -5.91 54.03 -66.93
CA LEU L 143 -6.92 54.17 -68.00
C LEU L 143 -6.40 54.84 -69.27
N ASP L 144 -5.53 55.85 -69.18
CA ASP L 144 -4.99 56.48 -70.39
C ASP L 144 -4.17 55.54 -71.27
N GLN L 145 -3.75 54.39 -70.74
CA GLN L 145 -3.05 53.37 -71.50
C GLN L 145 -3.90 52.70 -72.59
N SER L 146 -5.23 52.90 -72.58
CA SER L 146 -6.13 52.33 -73.58
C SER L 146 -5.75 52.69 -75.02
N ASN L 147 -5.90 51.72 -75.92
CA ASN L 147 -5.69 51.86 -77.36
C ASN L 147 -6.88 52.47 -78.12
N LYS L 148 -8.03 52.74 -77.47
CA LYS L 148 -9.24 53.23 -78.13
C LYS L 148 -9.49 54.69 -77.84
N THR L 149 -9.65 55.50 -78.87
CA THR L 149 -9.94 56.94 -78.75
C THR L 149 -11.18 57.31 -79.54
N GLN L 150 -11.96 58.27 -79.06
CA GLN L 150 -13.16 58.74 -79.74
C GLN L 150 -13.34 60.25 -79.64
N SER L 151 -13.88 60.86 -80.69
CA SER L 151 -14.34 62.23 -80.67
C SER L 151 -15.82 62.33 -80.26
N ILE L 152 -16.18 63.29 -79.42
CA ILE L 152 -17.59 63.54 -79.05
C ILE L 152 -18.06 64.96 -79.38
N SER L 153 -17.19 65.85 -79.86
CA SER L 153 -17.49 67.29 -79.91
C SER L 153 -18.54 67.75 -80.93
N PRO L 154 -18.74 67.16 -82.12
CA PRO L 154 -19.73 67.70 -83.05
C PRO L 154 -21.15 67.36 -82.61
N ASN L 155 -21.37 66.14 -82.11
CA ASN L 155 -22.64 65.67 -81.56
C ASN L 155 -22.40 64.50 -80.60
N ALA L 156 -22.60 64.74 -79.31
CA ALA L 156 -22.30 63.75 -78.28
C ALA L 156 -23.05 62.43 -78.47
N TYR L 157 -24.27 62.42 -79.03
CA TYR L 157 -25.01 61.17 -79.21
C TYR L 157 -24.34 60.24 -80.21
N GLN L 158 -24.00 60.75 -81.40
CA GLN L 158 -23.30 59.96 -82.42
C GLN L 158 -21.90 59.57 -81.96
N GLY L 159 -21.23 60.44 -81.19
CA GLY L 159 -19.95 60.13 -80.59
C GLY L 159 -20.01 58.96 -79.60
N LEU L 160 -20.89 59.04 -78.60
CA LEU L 160 -20.98 58.05 -77.52
C LEU L 160 -21.66 56.76 -78.00
N GLY L 161 -22.93 56.83 -78.36
CA GLY L 161 -23.81 55.67 -78.44
C GLY L 161 -23.70 54.85 -79.72
N VAL L 162 -22.97 55.35 -80.72
CA VAL L 162 -22.91 54.76 -82.05
C VAL L 162 -21.46 54.55 -82.47
N SER L 163 -20.72 55.63 -82.70
CA SER L 163 -19.33 55.54 -83.12
C SER L 163 -18.47 54.92 -82.02
N GLY L 164 -18.46 55.51 -80.83
CA GLY L 164 -17.70 55.01 -79.69
C GLY L 164 -18.11 53.60 -79.27
N LEU L 165 -19.40 53.31 -79.23
CA LEU L 165 -19.88 51.97 -78.87
C LEU L 165 -19.44 50.91 -79.86
N THR L 166 -19.36 51.22 -81.16
CA THR L 166 -18.86 50.27 -82.17
C THR L 166 -17.45 49.79 -81.81
N LYS L 167 -16.58 50.70 -81.37
CA LYS L 167 -15.20 50.38 -80.98
C LYS L 167 -15.11 49.48 -79.76
N LEU L 168 -16.12 49.47 -78.88
CA LEU L 168 -16.18 48.52 -77.78
C LEU L 168 -16.69 47.15 -78.25
N VAL L 169 -17.87 47.09 -78.86
CA VAL L 169 -18.48 45.79 -79.16
C VAL L 169 -17.74 45.02 -80.25
N THR L 170 -17.01 45.70 -81.14
CA THR L 170 -16.19 45.00 -82.15
C THR L 170 -15.16 44.08 -81.51
N ASP L 171 -14.66 44.41 -80.32
CA ASP L 171 -13.70 43.57 -79.58
C ASP L 171 -14.36 42.68 -78.52
N GLY L 172 -15.69 42.58 -78.52
CA GLY L 172 -16.42 41.77 -77.54
C GLY L 172 -16.43 42.35 -76.12
N LYS L 173 -15.87 43.55 -75.92
CA LYS L 173 -16.04 44.32 -74.68
C LYS L 173 -17.47 44.88 -74.64
N LYS L 174 -17.94 45.34 -73.47
CA LYS L 174 -19.30 45.90 -73.34
C LYS L 174 -19.34 47.18 -72.51
N TRP L 175 -20.08 48.17 -73.00
CA TRP L 175 -20.22 49.47 -72.34
C TRP L 175 -21.13 49.35 -71.11
N THR L 176 -20.60 49.51 -69.90
CA THR L 176 -21.41 49.40 -68.68
C THR L 176 -21.55 50.70 -67.93
N HIS L 177 -20.60 51.63 -68.02
CA HIS L 177 -20.66 52.94 -67.35
C HIS L 177 -19.99 54.02 -68.21
N THR L 178 -20.30 55.28 -67.95
CA THR L 178 -19.55 56.40 -68.53
C THR L 178 -19.13 57.38 -67.46
N LEU L 179 -17.91 57.88 -67.54
CA LEU L 179 -17.30 58.75 -66.54
C LEU L 179 -16.85 60.04 -67.23
N LEU L 180 -17.42 61.18 -66.87
CA LEU L 180 -17.21 62.45 -67.56
C LEU L 180 -16.62 63.52 -66.64
N ASP L 181 -15.77 64.38 -67.18
CA ASP L 181 -15.36 65.59 -66.49
C ASP L 181 -16.47 66.66 -66.55
N ASP L 182 -16.59 67.52 -65.54
CA ASP L 182 -17.56 68.62 -65.54
C ASP L 182 -17.39 69.55 -66.76
N THR L 183 -16.17 69.69 -67.29
CA THR L 183 -15.91 70.46 -68.49
C THR L 183 -16.59 69.90 -69.75
N VAL L 184 -17.15 68.69 -69.71
CA VAL L 184 -17.92 68.13 -70.83
C VAL L 184 -19.30 68.74 -70.94
N GLU L 185 -19.88 69.31 -69.88
CA GLU L 185 -21.27 69.81 -69.94
C GLU L 185 -21.55 70.72 -71.15
N PRO L 186 -20.72 71.73 -71.47
CA PRO L 186 -21.00 72.58 -72.61
C PRO L 186 -20.98 71.82 -73.93
N VAL L 187 -20.24 70.72 -74.05
CA VAL L 187 -20.28 69.91 -75.27
C VAL L 187 -21.60 69.18 -75.39
N LEU L 188 -22.11 68.54 -74.34
CA LEU L 188 -23.39 67.84 -74.47
C LEU L 188 -24.61 68.77 -74.44
N ASN L 189 -24.54 69.94 -73.81
CA ASN L 189 -25.52 71.00 -74.06
C ASN L 189 -25.46 71.45 -75.53
N GLY L 190 -24.27 71.44 -76.12
CA GLY L 190 -24.06 71.73 -77.54
C GLY L 190 -24.52 70.63 -78.49
N SER L 191 -24.86 69.44 -78.00
CA SER L 191 -25.39 68.40 -78.87
C SER L 191 -26.80 68.73 -79.32
N VAL L 192 -27.03 68.74 -80.63
CA VAL L 192 -28.30 69.14 -81.23
C VAL L 192 -28.64 68.28 -82.43
N ASP L 193 -29.93 68.15 -82.73
CA ASP L 193 -30.37 67.54 -83.97
C ASP L 193 -30.13 68.48 -85.16
N ALA L 194 -30.44 68.04 -86.37
CA ALA L 194 -30.23 68.86 -87.57
C ALA L 194 -31.00 70.19 -87.55
N ASN L 195 -32.06 70.30 -86.75
CA ASN L 195 -32.82 71.54 -86.60
C ASN L 195 -32.30 72.41 -85.45
N GLY L 196 -31.27 72.00 -84.73
CA GLY L 196 -30.72 72.77 -83.63
C GLY L 196 -31.46 72.59 -82.31
N ARG L 197 -32.44 71.69 -82.21
CA ARG L 197 -33.05 71.33 -80.92
C ARG L 197 -32.07 70.45 -80.13
N PRO L 198 -31.81 70.68 -78.83
CA PRO L 198 -30.95 69.81 -78.03
C PRO L 198 -31.42 68.36 -77.96
N LEU L 199 -30.49 67.41 -77.76
CA LEU L 199 -30.82 66.01 -77.52
C LEU L 199 -31.23 65.75 -76.06
N PHE L 200 -30.36 66.09 -75.11
CA PHE L 200 -30.46 65.61 -73.72
C PHE L 200 -31.25 66.53 -72.77
N VAL L 201 -32.08 67.42 -73.30
CA VAL L 201 -33.03 68.23 -72.52
C VAL L 201 -34.22 68.64 -73.39
N GLU L 202 -35.39 68.82 -72.79
CA GLU L 202 -36.67 68.93 -73.49
C GLU L 202 -37.49 70.15 -73.06
N SER L 203 -38.66 70.36 -73.69
CA SER L 203 -39.61 71.40 -73.32
C SER L 203 -38.94 72.77 -73.36
N THR L 204 -39.04 73.58 -72.30
CA THR L 204 -38.52 74.96 -72.33
C THR L 204 -37.10 75.02 -71.76
N TYR L 205 -36.38 73.90 -71.73
CA TYR L 205 -34.97 73.85 -71.35
C TYR L 205 -34.68 74.37 -69.94
N GLU L 206 -35.60 74.10 -69.03
CA GLU L 206 -35.53 74.58 -67.65
C GLU L 206 -34.60 73.74 -66.77
N SER L 207 -34.58 72.43 -66.92
CA SER L 207 -33.72 71.54 -66.10
C SER L 207 -32.27 71.52 -66.55
N LEU L 208 -31.38 70.93 -65.75
CA LEU L 208 -30.10 70.43 -66.28
C LEU L 208 -30.33 69.43 -67.41
N THR L 209 -29.36 69.25 -68.30
CA THR L 209 -29.32 68.14 -69.25
C THR L 209 -29.16 66.82 -68.52
N THR L 210 -29.88 65.79 -68.93
CA THR L 210 -30.09 64.58 -68.08
C THR L 210 -28.83 63.90 -67.55
N PRO L 211 -27.72 63.73 -68.30
CA PRO L 211 -26.55 63.10 -67.72
C PRO L 211 -25.96 63.91 -66.56
N PHE L 212 -26.11 65.24 -66.57
CA PHE L 212 -25.64 66.08 -65.48
C PHE L 212 -26.54 66.08 -64.24
N ARG L 213 -27.65 65.33 -64.25
CA ARG L 213 -28.34 64.89 -63.03
C ARG L 213 -27.82 63.54 -62.51
N GLU L 214 -26.65 63.11 -62.98
CA GLU L 214 -26.17 61.72 -62.90
C GLU L 214 -27.16 60.72 -63.53
N GLY L 215 -27.97 61.19 -64.48
CA GLY L 215 -28.92 60.38 -65.22
C GLY L 215 -28.26 59.41 -66.18
N ARG L 216 -29.04 58.49 -66.74
CA ARG L 216 -28.53 57.47 -67.67
C ARG L 216 -28.35 58.03 -69.07
N ILE L 217 -27.47 57.43 -69.85
CA ILE L 217 -27.45 57.52 -71.30
C ILE L 217 -27.65 56.13 -71.86
N LEU L 218 -28.66 55.89 -72.69
CA LEU L 218 -28.88 54.60 -73.37
C LEU L 218 -28.74 53.42 -72.40
N GLY L 219 -29.38 53.52 -71.23
CA GLY L 219 -29.33 52.55 -70.14
C GLY L 219 -28.15 52.68 -69.19
N ARG L 220 -26.97 53.11 -69.65
CA ARG L 220 -25.75 53.15 -68.84
C ARG L 220 -25.77 54.33 -67.87
N PRO L 221 -25.41 54.15 -66.59
CA PRO L 221 -25.32 55.26 -65.64
C PRO L 221 -24.14 56.16 -65.95
N THR L 222 -24.21 57.41 -65.49
CA THR L 222 -23.19 58.45 -65.70
C THR L 222 -22.53 58.80 -64.37
N ILE L 223 -21.23 59.02 -64.38
CA ILE L 223 -20.46 59.51 -63.24
C ILE L 223 -19.79 60.82 -63.63
N LEU L 224 -19.75 61.79 -62.73
CA LEU L 224 -19.30 63.16 -62.99
C LEU L 224 -18.21 63.56 -62.00
N SER L 225 -17.22 64.36 -62.41
CA SER L 225 -16.24 64.98 -61.50
C SER L 225 -15.47 66.11 -62.15
N ASP L 226 -14.82 66.96 -61.34
CA ASP L 226 -14.17 68.19 -61.83
C ASP L 226 -12.69 68.04 -62.19
N HIS L 227 -12.10 66.86 -61.99
CA HIS L 227 -10.64 66.64 -62.08
C HIS L 227 -10.29 65.36 -62.85
N VAL L 228 -11.12 65.02 -63.83
CA VAL L 228 -10.93 63.84 -64.67
C VAL L 228 -10.17 64.20 -65.94
N ALA L 229 -10.45 65.36 -66.52
CA ALA L 229 -9.84 65.75 -67.78
C ALA L 229 -8.32 65.98 -67.66
N GLU L 230 -7.58 65.59 -68.68
CA GLU L 230 -6.15 65.84 -68.83
C GLU L 230 -5.77 65.76 -70.31
N GLY L 231 -4.86 66.63 -70.77
CA GLY L 231 -4.52 66.71 -72.18
C GLY L 231 -5.77 66.86 -73.06
N ASP L 232 -5.91 66.02 -74.07
CA ASP L 232 -7.07 65.98 -74.95
C ASP L 232 -8.26 65.21 -74.36
N VAL L 233 -8.06 64.46 -73.27
CA VAL L 233 -9.02 63.46 -72.77
C VAL L 233 -9.93 64.07 -71.73
N VAL L 234 -11.23 63.81 -71.83
CA VAL L 234 -12.26 64.44 -71.01
C VAL L 234 -13.19 63.45 -70.31
N GLY L 235 -12.99 62.16 -70.50
CA GLY L 235 -13.80 61.12 -69.87
C GLY L 235 -13.59 59.76 -70.51
N TYR L 236 -14.14 58.72 -69.92
CA TYR L 236 -13.95 57.35 -70.37
C TYR L 236 -15.29 56.63 -70.41
N ALA L 237 -15.60 55.96 -71.51
CA ALA L 237 -16.72 55.03 -71.59
C ALA L 237 -16.16 53.61 -71.60
N GLY L 238 -16.70 52.68 -70.82
CA GLY L 238 -16.15 51.32 -70.84
C GLY L 238 -16.80 50.35 -69.88
N ASP L 239 -16.13 49.22 -69.64
CA ASP L 239 -16.56 48.26 -68.63
C ASP L 239 -15.91 48.53 -67.27
N PHE L 240 -16.45 49.47 -66.50
CA PHE L 240 -15.92 49.80 -65.18
C PHE L 240 -15.99 48.66 -64.16
N SER L 241 -16.56 47.49 -64.48
CA SER L 241 -16.39 46.31 -63.62
C SER L 241 -14.95 45.78 -63.63
N GLN L 242 -14.18 46.09 -64.68
CA GLN L 242 -12.81 45.61 -64.88
C GLN L 242 -11.75 46.31 -64.03
N ILE L 243 -12.12 47.28 -63.18
CA ILE L 243 -11.20 47.95 -62.26
C ILE L 243 -11.42 47.39 -60.86
N ILE L 244 -10.35 46.98 -60.18
CA ILE L 244 -10.39 46.60 -58.77
C ILE L 244 -9.29 47.29 -58.00
N TRP L 245 -9.49 47.47 -56.70
CA TRP L 245 -8.57 48.19 -55.83
C TRP L 245 -8.82 47.84 -54.37
N GLY L 246 -7.92 48.20 -53.48
CA GLY L 246 -8.14 48.02 -52.04
C GLY L 246 -7.17 48.83 -51.19
N GLN L 247 -7.58 49.15 -49.98
CA GLN L 247 -6.77 49.87 -49.01
C GLN L 247 -6.37 48.92 -47.88
N VAL L 248 -5.07 48.80 -47.59
CA VAL L 248 -4.56 47.81 -46.63
C VAL L 248 -4.95 48.13 -45.19
N GLY L 249 -5.11 49.40 -44.86
CA GLY L 249 -5.56 49.88 -43.56
C GLY L 249 -5.82 51.38 -43.60
N GLY L 250 -6.53 51.92 -42.61
CA GLY L 250 -6.96 53.31 -42.58
C GLY L 250 -5.82 54.32 -42.71
N LEU L 251 -6.12 55.50 -43.28
CA LEU L 251 -5.17 56.62 -43.38
C LEU L 251 -4.67 56.95 -41.98
N SER L 252 -3.40 56.68 -41.71
CA SER L 252 -2.87 56.66 -40.36
C SER L 252 -2.01 57.87 -40.09
N PHE L 253 -2.28 58.58 -39.00
CA PHE L 253 -1.50 59.72 -38.56
C PHE L 253 -0.70 59.33 -37.31
N ASP L 254 0.62 59.41 -37.35
CA ASP L 254 1.48 59.18 -36.19
C ASP L 254 2.14 60.49 -35.77
N VAL L 255 1.95 60.94 -34.52
CA VAL L 255 2.52 62.18 -34.01
C VAL L 255 3.65 61.87 -33.04
N THR L 256 4.81 62.49 -33.23
CA THR L 256 5.98 62.25 -32.38
C THR L 256 6.87 63.46 -32.23
N ASP L 257 7.56 63.59 -31.11
CA ASP L 257 8.71 64.47 -30.94
C ASP L 257 10.00 63.69 -30.66
N GLN L 258 10.04 62.39 -30.98
CA GLN L 258 11.15 61.51 -30.59
C GLN L 258 11.97 61.01 -31.78
N ALA L 259 11.47 61.08 -33.00
CA ALA L 259 12.21 60.71 -34.19
C ALA L 259 13.36 61.69 -34.52
N THR L 260 14.21 61.32 -35.47
CA THR L 260 15.16 62.23 -36.14
C THR L 260 14.76 62.37 -37.59
N LEU L 261 14.69 63.59 -38.12
CA LEU L 261 14.30 63.86 -39.51
C LEU L 261 15.48 64.45 -40.27
N ASN L 262 15.53 64.19 -41.57
CA ASN L 262 16.56 64.75 -42.44
C ASN L 262 15.97 65.89 -43.27
N LEU L 263 16.52 67.09 -43.12
CA LEU L 263 16.13 68.29 -43.85
C LEU L 263 16.97 68.52 -45.12
N GLY L 264 18.07 67.77 -45.29
CA GLY L 264 18.92 67.81 -46.47
C GLY L 264 18.50 66.80 -47.54
N SER L 265 19.41 66.47 -48.45
CA SER L 265 19.22 65.36 -49.40
C SER L 265 19.41 64.01 -48.70
N GLN L 266 18.77 62.95 -49.20
CA GLN L 266 19.08 61.59 -48.75
C GLN L 266 20.52 61.17 -49.09
N GLU L 267 21.15 61.79 -50.09
CA GLU L 267 22.57 61.61 -50.42
C GLU L 267 23.50 62.48 -49.54
N SER L 268 23.08 63.68 -49.16
CA SER L 268 23.86 64.65 -48.38
C SER L 268 22.95 65.29 -47.33
N PRO L 269 22.91 64.70 -46.12
CA PRO L 269 21.90 65.00 -45.13
C PRO L 269 22.17 66.28 -44.36
N ASN L 270 21.11 66.75 -43.70
CA ASN L 270 21.13 67.71 -42.61
C ASN L 270 20.13 67.21 -41.56
N PHE L 271 20.60 66.40 -40.63
CA PHE L 271 19.74 65.83 -39.60
C PHE L 271 19.33 66.86 -38.55
N VAL L 272 18.12 66.71 -38.04
CA VAL L 272 17.65 67.38 -36.83
C VAL L 272 16.98 66.36 -35.94
N SER L 273 17.36 66.31 -34.66
CA SER L 273 16.59 65.56 -33.67
C SER L 273 15.36 66.36 -33.28
N LEU L 274 14.17 65.76 -33.33
CA LEU L 274 12.96 66.48 -32.91
C LEU L 274 13.00 66.84 -31.43
N TRP L 275 13.36 65.88 -30.58
CA TRP L 275 13.26 66.03 -29.11
C TRP L 275 14.09 67.17 -28.59
N GLN L 276 15.28 67.38 -29.16
CA GLN L 276 16.25 68.35 -28.68
C GLN L 276 16.02 69.76 -29.25
N HIS L 277 15.26 69.90 -30.32
CA HIS L 277 14.94 71.18 -30.94
C HIS L 277 13.51 71.67 -30.69
N ASN L 278 12.71 70.98 -29.87
CA ASN L 278 11.28 71.27 -29.70
C ASN L 278 10.44 71.14 -30.98
N LEU L 279 10.87 70.37 -31.97
CA LEU L 279 10.02 70.10 -33.12
C LEU L 279 9.07 68.95 -32.82
N VAL L 280 7.91 68.91 -33.47
CA VAL L 280 6.97 67.79 -33.45
C VAL L 280 6.61 67.46 -34.88
N ALA L 281 6.58 66.18 -35.23
CA ALA L 281 6.34 65.73 -36.59
C ALA L 281 5.11 64.83 -36.65
N VAL L 282 4.33 64.98 -37.70
CA VAL L 282 3.21 64.10 -38.01
C VAL L 282 3.59 63.29 -39.23
N ARG L 283 3.62 61.97 -39.12
CA ARG L 283 3.93 61.05 -40.22
C ARG L 283 2.63 60.43 -40.69
N VAL L 284 2.30 60.63 -41.96
CA VAL L 284 1.05 60.17 -42.55
C VAL L 284 1.33 59.04 -43.52
N GLU L 285 0.64 57.92 -43.39
CA GLU L 285 0.74 56.78 -44.32
C GLU L 285 -0.62 56.28 -44.79
N ALA L 286 -0.67 55.84 -46.04
CA ALA L 286 -1.75 55.03 -46.58
C ALA L 286 -1.16 54.01 -47.56
N GLU L 287 -1.89 52.96 -47.89
CA GLU L 287 -1.34 51.86 -48.66
C GLU L 287 -2.41 51.22 -49.52
N TYR L 288 -2.23 51.27 -50.83
CA TYR L 288 -3.25 50.95 -51.81
C TYR L 288 -2.78 49.92 -52.82
N GLY L 289 -3.69 49.13 -53.36
CA GLY L 289 -3.45 48.32 -54.55
C GLY L 289 -4.46 48.63 -55.64
N LEU L 290 -4.08 48.43 -56.90
CA LEU L 290 -4.91 48.66 -58.08
C LEU L 290 -4.63 47.60 -59.13
N LEU L 291 -5.67 47.14 -59.80
CA LEU L 291 -5.56 46.37 -61.02
C LEU L 291 -6.63 46.85 -61.98
N ILE L 292 -6.26 47.18 -63.20
CA ILE L 292 -7.22 47.28 -64.31
C ILE L 292 -7.03 46.02 -65.13
N ASN L 293 -8.03 45.15 -65.15
CA ASN L 293 -7.87 43.80 -65.68
C ASN L 293 -7.61 43.79 -67.19
N ASP L 294 -8.13 44.77 -67.92
CA ASP L 294 -7.88 44.94 -69.35
C ASP L 294 -7.99 46.41 -69.75
N VAL L 295 -6.87 47.10 -69.91
CA VAL L 295 -6.86 48.53 -70.26
C VAL L 295 -7.42 48.82 -71.64
N ASN L 296 -7.66 47.81 -72.49
CA ASN L 296 -8.35 48.00 -73.77
C ASN L 296 -9.87 48.09 -73.62
N ALA L 297 -10.44 47.76 -72.45
CA ALA L 297 -11.88 47.74 -72.22
C ALA L 297 -12.53 49.13 -72.07
N PHE L 298 -11.85 50.21 -72.45
CA PHE L 298 -12.30 51.58 -72.25
C PHE L 298 -11.98 52.45 -73.45
N VAL L 299 -12.84 53.42 -73.78
CA VAL L 299 -12.62 54.38 -74.85
C VAL L 299 -12.36 55.75 -74.23
N LYS L 300 -11.21 56.35 -74.55
CA LYS L 300 -10.87 57.72 -74.15
C LYS L 300 -11.71 58.70 -74.96
N LEU L 301 -12.63 59.41 -74.32
CA LEU L 301 -13.43 60.43 -74.95
C LEU L 301 -12.62 61.72 -75.09
N THR L 302 -12.76 62.41 -76.21
CA THR L 302 -12.00 63.62 -76.54
C THR L 302 -12.85 64.59 -77.34
N PHE L 303 -12.47 65.87 -77.36
CA PHE L 303 -13.09 66.86 -78.24
C PHE L 303 -12.49 66.90 -79.66
N ASP L 304 -11.63 65.95 -80.00
CA ASP L 304 -10.83 65.89 -81.24
C ASP L 304 -11.66 66.23 -82.51
N PRO L 305 -11.26 67.22 -83.33
CA PRO L 305 -11.97 67.58 -84.55
C PRO L 305 -12.20 66.41 -85.51
N VAL L 306 -13.11 66.59 -86.47
CA VAL L 306 -13.34 65.62 -87.55
C VAL L 306 -12.24 65.75 -88.60
N LEU L 307 -11.22 64.89 -88.53
CA LEU L 307 -10.14 64.82 -89.52
C LEU L 307 -10.66 64.40 -90.91
N THR L 308 -9.93 64.74 -91.96
CA THR L 308 -10.11 64.17 -93.30
C THR L 308 -8.75 63.99 -93.97
N THR L 309 -8.59 62.93 -94.76
CA THR L 309 -7.33 62.59 -95.42
C THR L 309 -7.43 62.83 -96.92
N TYR L 310 -6.56 63.69 -97.44
CA TYR L 310 -6.52 64.14 -98.83
C TYR L 310 -5.24 63.65 -99.52
N ALA L 311 -5.37 63.05 -100.69
CA ALA L 311 -4.22 62.76 -101.54
C ALA L 311 -3.95 63.96 -102.44
N LEU L 312 -2.74 64.52 -102.38
CA LEU L 312 -2.22 65.42 -103.39
C LEU L 312 -1.57 64.61 -104.51
N ASP L 313 -1.67 65.09 -105.74
CA ASP L 313 -0.94 64.58 -106.90
C ASP L 313 -0.33 65.79 -107.61
N LEU L 314 0.97 65.73 -107.91
CA LEU L 314 1.72 66.84 -108.52
C LEU L 314 2.09 66.59 -110.00
N ASP L 315 1.64 65.49 -110.61
CA ASP L 315 1.83 65.18 -112.03
C ASP L 315 3.31 65.31 -112.50
N GLY L 316 4.27 64.91 -111.66
CA GLY L 316 5.70 64.97 -111.95
C GLY L 316 6.28 66.39 -112.06
N ALA L 317 5.58 67.43 -111.60
CA ALA L 317 6.07 68.80 -111.66
C ALA L 317 7.42 68.98 -110.95
N SER L 318 8.38 69.62 -111.64
CA SER L 318 9.79 69.64 -111.23
C SER L 318 10.42 71.04 -111.16
N ALA L 319 9.60 72.10 -111.15
CA ALA L 319 10.01 73.46 -110.77
C ALA L 319 8.79 74.33 -110.36
N GLY L 320 9.02 75.35 -109.53
CA GLY L 320 7.99 76.27 -109.02
C GLY L 320 7.45 75.92 -107.62
N ASN L 321 6.29 76.47 -107.25
CA ASN L 321 5.69 76.22 -105.93
C ASN L 321 4.14 76.31 -105.94
N PHE L 322 3.47 75.72 -104.95
CA PHE L 322 2.01 75.67 -104.84
C PHE L 322 1.52 76.09 -103.46
N THR L 323 0.24 76.44 -103.35
CA THR L 323 -0.33 77.02 -102.12
C THR L 323 -1.56 76.24 -101.67
N LEU L 324 -1.66 76.00 -100.37
CA LEU L 324 -2.74 75.26 -99.72
C LEU L 324 -3.50 76.18 -98.75
N SER L 325 -4.80 75.95 -98.54
CA SER L 325 -5.64 76.77 -97.65
C SER L 325 -6.74 75.96 -96.97
N LEU L 326 -7.08 76.32 -95.73
CA LEU L 326 -8.17 75.69 -94.97
C LEU L 326 -9.47 76.50 -95.08
N ASP L 327 -9.48 77.75 -94.62
CA ASP L 327 -10.58 78.70 -94.87
C ASP L 327 -10.46 79.38 -96.25
N GLY L 328 -9.23 79.71 -96.65
CA GLY L 328 -8.89 80.51 -97.82
C GLY L 328 -7.55 81.25 -97.70
N LYS L 329 -7.00 81.41 -96.48
CA LYS L 329 -5.71 82.06 -96.25
C LYS L 329 -4.56 81.25 -96.85
N THR L 330 -3.58 81.93 -97.44
CA THR L 330 -2.46 81.31 -98.17
C THR L 330 -1.37 80.81 -97.22
N SER L 331 -1.20 79.48 -97.13
CA SER L 331 -0.04 78.85 -96.46
C SER L 331 1.29 79.29 -97.08
N ALA L 332 2.39 79.11 -96.33
CA ALA L 332 3.74 79.28 -96.87
C ALA L 332 3.94 78.34 -98.09
N ASN L 333 4.46 78.87 -99.19
CA ASN L 333 4.31 78.21 -100.49
C ASN L 333 5.16 76.93 -100.57
N ILE L 334 4.52 75.79 -100.87
CA ILE L 334 5.16 74.47 -100.94
C ILE L 334 6.00 74.38 -102.21
N ALA L 335 7.31 74.20 -102.09
CA ALA L 335 8.18 74.00 -103.25
C ALA L 335 7.88 72.68 -104.00
N TYR L 336 8.15 72.62 -105.31
CA TYR L 336 8.01 71.40 -106.11
C TYR L 336 8.73 70.20 -105.49
N ASN L 337 9.90 70.45 -104.89
CA ASN L 337 10.69 69.50 -104.12
C ASN L 337 10.66 69.91 -102.64
N ALA L 338 10.10 69.06 -101.78
CA ALA L 338 9.94 69.29 -100.35
C ALA L 338 9.92 67.97 -99.58
N SER L 339 10.29 67.98 -98.30
CA SER L 339 10.08 66.83 -97.40
C SER L 339 8.67 66.83 -96.80
N THR L 340 8.20 65.71 -96.25
CA THR L 340 6.93 65.67 -95.51
C THR L 340 6.95 66.63 -94.32
N ALA L 341 8.08 66.74 -93.61
CA ALA L 341 8.27 67.72 -92.55
C ALA L 341 8.15 69.17 -93.06
N THR L 342 8.63 69.46 -94.27
CA THR L 342 8.45 70.76 -94.94
C THR L 342 6.97 71.01 -95.23
N VAL L 343 6.24 70.03 -95.76
CA VAL L 343 4.80 70.18 -96.02
C VAL L 343 4.01 70.43 -94.73
N LYS L 344 4.26 69.67 -93.66
CA LYS L 344 3.64 69.91 -92.35
C LYS L 344 3.95 71.32 -91.82
N SER L 345 5.23 71.67 -91.73
CA SER L 345 5.68 72.94 -91.16
C SER L 345 5.29 74.18 -92.00
N ALA L 346 4.91 74.01 -93.27
CA ALA L 346 4.35 75.07 -94.10
C ALA L 346 2.80 75.11 -94.12
N ILE L 347 2.11 74.00 -93.82
CA ILE L 347 0.65 73.98 -93.64
C ILE L 347 0.26 74.71 -92.35
N VAL L 348 1.01 74.52 -91.26
CA VAL L 348 0.90 75.36 -90.06
C VAL L 348 1.39 76.79 -90.34
N ALA L 349 1.28 77.69 -89.36
CA ALA L 349 1.18 79.13 -89.56
C ALA L 349 -0.05 79.54 -90.40
N ILE L 350 -1.14 78.76 -90.33
CA ILE L 350 -2.47 79.11 -90.85
C ILE L 350 -3.50 78.73 -89.80
N ASP L 351 -3.94 79.72 -89.02
CA ASP L 351 -4.94 79.58 -87.97
C ASP L 351 -4.65 78.34 -87.10
N ASP L 352 -3.44 78.27 -86.55
CA ASP L 352 -2.95 77.08 -85.85
C ASP L 352 -3.75 76.68 -84.60
N GLY L 353 -4.70 77.49 -84.15
CA GLY L 353 -5.77 77.05 -83.24
C GLY L 353 -6.60 75.89 -83.82
N VAL L 354 -6.72 75.82 -85.16
CA VAL L 354 -7.11 74.63 -85.93
C VAL L 354 -5.88 73.82 -86.31
N SER L 355 -4.89 74.47 -86.93
CA SER L 355 -3.68 73.81 -87.44
C SER L 355 -2.61 73.59 -86.37
N ALA L 356 -2.94 72.86 -85.30
CA ALA L 356 -1.95 72.46 -84.30
C ALA L 356 -0.90 71.49 -84.89
N ASP L 357 0.26 71.35 -84.24
CA ASP L 357 1.39 70.58 -84.80
C ASP L 357 1.20 69.05 -84.86
N ASP L 358 0.03 68.52 -84.51
CA ASP L 358 -0.34 67.13 -84.77
C ASP L 358 -0.97 66.92 -86.16
N VAL L 359 -1.19 67.98 -86.96
CA VAL L 359 -1.55 67.86 -88.38
C VAL L 359 -0.51 67.00 -89.14
N THR L 360 -0.96 66.04 -89.94
CA THR L 360 -0.15 64.84 -90.27
C THR L 360 0.01 64.62 -91.78
N VAL L 361 1.18 64.15 -92.20
CA VAL L 361 1.51 63.84 -93.61
C VAL L 361 2.05 62.40 -93.71
N THR L 362 1.59 61.66 -94.72
CA THR L 362 2.03 60.28 -95.03
C THR L 362 3.37 60.28 -95.77
N GLY L 363 4.26 59.34 -95.45
CA GLY L 363 5.62 59.29 -95.96
C GLY L 363 5.75 59.09 -97.48
N SER L 364 6.18 60.12 -98.20
CA SER L 364 6.55 60.06 -99.61
C SER L 364 7.45 61.25 -100.00
N ALA L 365 8.25 61.10 -101.06
CA ALA L 365 9.03 62.20 -101.65
C ALA L 365 8.20 63.11 -102.58
N GLY L 366 6.97 62.72 -102.91
CA GLY L 366 6.05 63.45 -103.78
C GLY L 366 4.66 62.84 -103.77
N ASP L 367 3.67 63.50 -104.39
CA ASP L 367 2.26 63.06 -104.37
C ASP L 367 1.74 62.77 -102.94
N TYR L 368 2.02 63.70 -102.02
CA TYR L 368 1.86 63.53 -100.58
C TYR L 368 0.40 63.30 -100.17
N THR L 369 0.15 62.50 -99.14
CA THR L 369 -1.18 62.37 -98.54
C THR L 369 -1.25 63.06 -97.18
N ILE L 370 -2.15 64.02 -97.03
CA ILE L 370 -2.26 64.93 -95.89
C ILE L 370 -3.50 64.56 -95.05
N THR L 371 -3.41 64.55 -93.73
CA THR L 371 -4.59 64.45 -92.85
C THR L 371 -4.78 65.74 -92.05
N VAL L 372 -5.93 66.39 -92.21
CA VAL L 372 -6.20 67.77 -91.76
C VAL L 372 -7.49 67.85 -90.93
N PRO L 373 -7.53 68.63 -89.83
CA PRO L 373 -8.73 68.90 -89.05
C PRO L 373 -9.67 69.91 -89.71
N GLY L 374 -10.05 69.67 -90.97
CA GLY L 374 -10.99 70.53 -91.70
C GLY L 374 -11.00 70.32 -93.22
N THR L 375 -11.61 71.26 -93.93
CA THR L 375 -11.53 71.40 -95.39
C THR L 375 -10.08 71.70 -95.81
N LEU L 376 -9.57 71.02 -96.85
CA LEU L 376 -8.31 71.37 -97.51
C LEU L 376 -8.58 71.82 -98.95
N THR L 377 -8.00 72.93 -99.36
CA THR L 377 -8.15 73.55 -100.69
C THR L 377 -6.79 73.98 -101.24
N ALA L 378 -6.64 74.14 -102.55
CA ALA L 378 -5.32 74.27 -103.17
C ALA L 378 -5.29 75.15 -104.44
N ASP L 379 -4.11 75.65 -104.78
CA ASP L 379 -3.76 76.29 -106.06
C ASP L 379 -2.33 75.89 -106.48
N PHE L 380 -2.21 75.15 -107.58
CA PHE L 380 -0.98 74.63 -108.16
C PHE L 380 -0.40 75.48 -109.29
N SER L 381 -1.04 76.61 -109.64
CA SER L 381 -0.64 77.42 -110.81
C SER L 381 0.76 78.05 -110.72
N GLY L 382 1.40 78.02 -109.55
CA GLY L 382 2.79 78.45 -109.36
C GLY L 382 3.87 77.40 -109.71
N LEU L 383 3.50 76.17 -110.06
CA LEU L 383 4.41 75.24 -110.75
C LEU L 383 4.58 75.69 -112.22
N THR L 384 5.74 75.41 -112.81
CA THR L 384 6.00 75.55 -114.27
C THR L 384 5.63 74.29 -115.06
N ASP L 385 5.10 73.26 -114.38
CA ASP L 385 4.99 71.88 -114.85
C ASP L 385 3.81 71.16 -114.19
N GLY L 386 3.42 70.00 -114.70
CA GLY L 386 2.43 69.11 -114.07
C GLY L 386 1.01 69.67 -114.10
N GLU L 387 0.45 69.87 -115.30
CA GLU L 387 -0.90 70.41 -115.47
C GLU L 387 -2.02 69.49 -114.92
N GLY L 388 -1.71 68.23 -114.62
CA GLY L 388 -2.57 67.32 -113.86
C GLY L 388 -2.53 67.48 -112.34
N ALA L 389 -1.77 68.44 -111.80
CA ALA L 389 -1.66 68.64 -110.35
C ALA L 389 -3.03 68.89 -109.70
N SER L 390 -3.38 68.09 -108.68
CA SER L 390 -4.75 67.93 -108.21
C SER L 390 -4.84 67.33 -106.79
N ILE L 391 -6.03 67.45 -106.18
CA ILE L 391 -6.35 67.04 -104.81
C ILE L 391 -7.68 66.26 -104.74
N SER L 392 -7.74 65.19 -103.96
CA SER L 392 -8.96 64.39 -103.73
C SER L 392 -8.96 63.71 -102.35
N VAL L 393 -10.14 63.36 -101.83
CA VAL L 393 -10.25 62.61 -100.55
C VAL L 393 -9.99 61.12 -100.72
N VAL L 394 -9.38 60.48 -99.71
CA VAL L 394 -9.18 59.02 -99.68
C VAL L 394 -10.51 58.29 -99.46
N SER L 395 -10.76 57.25 -100.26
CA SER L 395 -12.01 56.46 -100.23
C SER L 395 -11.79 54.95 -100.49
N VAL L 396 -10.60 54.42 -100.18
CA VAL L 396 -10.24 53.01 -100.38
C VAL L 396 -11.02 52.10 -99.43
N GLY L 397 -11.50 50.97 -99.96
CA GLY L 397 -12.26 49.94 -99.23
C GLY L 397 -12.41 48.65 -100.04
N SER M 4 28.09 52.17 -25.76
CA SER M 4 28.24 53.41 -24.97
C SER M 4 29.68 53.58 -24.50
N ALA M 5 30.10 54.83 -24.28
CA ALA M 5 31.40 55.13 -23.66
C ALA M 5 31.40 54.80 -22.15
N ASP M 6 32.51 55.05 -21.46
CA ASP M 6 32.59 54.96 -20.00
C ASP M 6 33.44 56.08 -19.40
N HIS M 7 33.16 56.45 -18.15
CA HIS M 7 33.59 57.70 -17.51
C HIS M 7 33.23 58.96 -18.34
N SER M 8 32.08 58.93 -19.01
CA SER M 8 31.73 59.91 -20.06
C SER M 8 31.70 61.33 -19.53
N GLN M 9 32.16 62.26 -20.36
CA GLN M 9 32.20 63.69 -20.04
C GLN M 9 30.82 64.35 -20.03
N ILE M 10 29.78 63.67 -20.56
CA ILE M 10 28.38 64.17 -20.59
C ILE M 10 27.38 63.16 -19.99
N ALA M 11 27.43 61.88 -20.36
CA ALA M 11 26.51 60.87 -19.84
C ALA M 11 26.94 60.33 -18.44
N GLN M 12 26.24 59.33 -17.92
CA GLN M 12 26.63 58.64 -16.67
C GLN M 12 26.48 57.12 -16.77
N THR M 13 27.50 56.38 -16.33
CA THR M 13 27.73 54.98 -16.72
C THR M 13 28.28 54.14 -15.56
N LYS M 14 27.74 54.32 -14.34
CA LYS M 14 28.39 53.88 -13.08
C LYS M 14 29.81 54.47 -12.96
N ASP M 15 29.84 55.78 -13.12
CA ASP M 15 31.03 56.63 -13.08
C ASP M 15 31.68 56.69 -11.68
N THR M 16 32.92 57.18 -11.59
CA THR M 16 33.71 57.22 -10.33
C THR M 16 33.05 58.00 -9.21
N MET M 17 32.17 58.94 -9.54
CA MET M 17 31.29 59.64 -8.60
C MET M 17 30.63 58.69 -7.60
N PHE M 18 30.22 57.51 -8.07
CA PHE M 18 29.39 56.58 -7.32
C PHE M 18 30.18 55.46 -6.63
N THR M 19 31.50 55.60 -6.54
CA THR M 19 32.35 54.66 -5.80
C THR M 19 31.80 54.43 -4.39
N GLY M 20 31.51 53.18 -4.06
CA GLY M 20 30.98 52.78 -2.75
C GLY M 20 29.50 53.08 -2.51
N TYR M 21 28.70 53.41 -3.54
CA TYR M 21 27.29 53.83 -3.38
C TYR M 21 26.44 52.90 -2.50
N LEU M 22 26.70 51.59 -2.52
CA LEU M 22 25.98 50.57 -1.76
C LEU M 22 26.45 50.39 -0.30
N ASP M 23 27.55 51.02 0.10
CA ASP M 23 28.20 50.75 1.40
C ASP M 23 27.38 51.28 2.60
N PRO M 24 27.28 50.52 3.70
CA PRO M 24 26.49 50.91 4.86
C PRO M 24 27.09 52.07 5.66
N VAL M 25 28.40 52.29 5.52
CA VAL M 25 29.13 53.40 6.15
C VAL M 25 28.90 54.76 5.47
N GLN M 26 28.20 54.83 4.33
CA GLN M 26 27.89 56.13 3.72
C GLN M 26 26.72 56.84 4.44
N ALA M 27 27.01 57.97 5.07
CA ALA M 27 26.00 58.86 5.66
C ALA M 27 25.65 60.04 4.73
N LYS M 28 24.71 60.90 5.14
CA LYS M 28 24.39 62.13 4.40
C LYS M 28 25.52 63.15 4.47
N ASP M 29 25.51 64.08 3.53
CA ASP M 29 26.40 65.24 3.56
C ASP M 29 26.05 66.15 4.75
N TYR M 30 26.72 65.98 5.87
CA TYR M 30 26.59 66.83 7.05
C TYR M 30 26.95 68.30 6.79
N PHE M 31 27.59 68.61 5.66
CA PHE M 31 28.05 69.94 5.29
C PHE M 31 27.27 70.53 4.10
N ALA M 32 26.08 70.00 3.80
CA ALA M 32 25.23 70.51 2.74
C ALA M 32 24.93 72.00 2.90
N GLU M 33 24.90 72.71 1.77
CA GLU M 33 24.59 74.14 1.71
C GLU M 33 23.18 74.32 1.12
N ALA M 34 22.37 75.18 1.74
CA ALA M 34 20.98 75.36 1.34
C ALA M 34 20.86 75.93 -0.08
N GLU M 35 19.78 75.58 -0.78
CA GLU M 35 19.53 75.99 -2.16
C GLU M 35 19.34 77.50 -2.30
N LYS M 36 19.99 78.12 -3.28
CA LYS M 36 19.75 79.53 -3.61
C LYS M 36 18.45 79.70 -4.39
N THR M 37 17.47 80.40 -3.81
CA THR M 37 16.27 80.89 -4.50
C THR M 37 16.61 82.08 -5.40
N SER M 38 15.78 82.40 -6.40
CA SER M 38 15.78 83.77 -6.94
C SER M 38 15.39 84.76 -5.85
N ILE M 39 15.90 85.97 -5.90
CA ILE M 39 15.37 87.08 -5.11
C ILE M 39 14.52 88.01 -5.97
N VAL M 40 14.79 88.15 -7.26
CA VAL M 40 13.98 89.02 -8.14
C VAL M 40 12.53 88.55 -8.15
N GLN M 41 12.30 87.25 -8.23
CA GLN M 41 10.95 86.67 -8.16
C GLN M 41 10.28 86.85 -6.80
N ARG M 42 10.98 87.37 -5.79
CA ARG M 42 10.49 87.65 -4.44
C ARG M 42 10.29 89.16 -4.18
N VAL M 43 11.08 90.04 -4.79
CA VAL M 43 10.90 91.49 -4.60
C VAL M 43 10.00 92.16 -5.63
N ALA M 44 9.93 91.66 -6.87
CA ALA M 44 9.22 92.31 -7.96
C ALA M 44 7.78 91.81 -8.13
N GLN M 45 6.90 92.65 -8.69
CA GLN M 45 5.50 92.32 -8.92
C GLN M 45 5.33 91.25 -9.99
N LYS M 46 4.78 90.09 -9.62
CA LYS M 46 4.43 89.02 -10.57
C LYS M 46 3.18 89.41 -11.35
N ILE M 47 3.23 89.33 -12.66
CA ILE M 47 2.17 89.72 -13.59
C ILE M 47 1.63 88.51 -14.35
N PRO M 48 0.32 88.42 -14.63
CA PRO M 48 -0.23 87.36 -15.44
C PRO M 48 0.30 87.44 -16.87
N MET M 49 0.78 86.32 -17.39
CA MET M 49 1.62 86.25 -18.60
C MET M 49 1.22 85.05 -19.45
N GLY M 50 1.51 85.09 -20.75
CA GLY M 50 1.12 84.04 -21.70
C GLY M 50 2.01 84.02 -22.94
N ALA M 51 1.92 82.96 -23.73
CA ALA M 51 2.86 82.72 -24.83
C ALA M 51 2.85 83.82 -25.91
N THR M 52 1.77 84.57 -26.04
CA THR M 52 1.69 85.72 -26.96
C THR M 52 2.51 86.92 -26.51
N GLY M 53 2.96 86.97 -25.26
CA GLY M 53 3.39 88.20 -24.61
C GLY M 53 2.21 89.11 -24.27
N ILE M 54 2.50 90.26 -23.67
CA ILE M 54 1.49 91.24 -23.24
C ILE M 54 1.83 92.66 -23.65
N VAL M 55 0.81 93.50 -23.75
CA VAL M 55 0.89 94.91 -24.07
C VAL M 55 0.63 95.74 -22.82
N ILE M 56 1.52 96.69 -22.53
CA ILE M 56 1.31 97.68 -21.46
C ILE M 56 1.03 99.02 -22.14
N PRO M 57 -0.18 99.57 -22.04
CA PRO M 57 -0.48 100.91 -22.53
C PRO M 57 -0.05 101.94 -21.50
N HIS M 58 0.29 103.15 -21.93
CA HIS M 58 0.61 104.26 -21.01
C HIS M 58 0.11 105.59 -21.57
N TRP M 59 -0.39 106.48 -20.74
CA TRP M 59 -0.72 107.85 -21.14
C TRP M 59 0.55 108.68 -21.38
N THR M 60 0.48 109.68 -22.27
CA THR M 60 1.62 110.59 -22.54
C THR M 60 1.22 112.05 -22.73
N GLY M 61 -0.04 112.35 -23.06
CA GLY M 61 -0.44 113.67 -23.50
C GLY M 61 -0.44 114.73 -22.41
N ASP M 62 0.21 115.86 -22.68
CA ASP M 62 0.12 117.08 -21.90
C ASP M 62 -1.20 117.81 -22.18
N VAL M 63 -2.28 117.30 -21.61
CA VAL M 63 -3.59 117.97 -21.60
C VAL M 63 -3.47 119.31 -20.88
N SER M 64 -4.15 120.35 -21.36
CA SER M 64 -3.94 121.72 -20.88
C SER M 64 -5.20 122.59 -20.88
N ALA M 65 -5.19 123.63 -20.04
CA ALA M 65 -6.20 124.67 -19.95
C ALA M 65 -5.54 126.04 -19.78
N GLN M 66 -6.22 127.11 -20.16
CA GLN M 66 -5.70 128.47 -20.04
C GLN M 66 -6.68 129.37 -19.30
N TRP M 67 -6.17 130.34 -18.56
CA TRP M 67 -7.00 131.40 -18.01
C TRP M 67 -7.51 132.29 -19.14
N ILE M 68 -8.78 132.68 -19.11
CA ILE M 68 -9.41 133.48 -20.17
C ILE M 68 -10.26 134.58 -19.58
N GLY M 69 -10.31 135.73 -20.25
CA GLY M 69 -11.21 136.82 -19.86
C GLY M 69 -12.65 136.56 -20.29
N GLU M 70 -13.62 137.29 -19.75
CA GLU M 70 -15.01 137.15 -20.21
C GLU M 70 -15.10 137.34 -21.73
N GLY M 71 -15.76 136.40 -22.41
CA GLY M 71 -15.98 136.43 -23.85
C GLY M 71 -14.75 136.13 -24.72
N ASP M 72 -13.55 135.99 -24.16
CA ASP M 72 -12.36 135.63 -24.94
C ASP M 72 -12.40 134.14 -25.29
N MET M 73 -12.57 133.80 -26.56
CA MET M 73 -13.00 132.45 -26.91
C MET M 73 -11.92 131.38 -26.67
N LYS M 74 -12.37 130.25 -26.11
CA LYS M 74 -11.61 129.21 -25.41
C LYS M 74 -10.57 128.48 -26.29
N PRO M 75 -9.47 127.97 -25.71
CA PRO M 75 -8.46 127.18 -26.44
C PRO M 75 -8.92 125.76 -26.74
N ILE M 76 -8.28 125.10 -27.71
CA ILE M 76 -8.51 123.69 -28.08
C ILE M 76 -7.36 122.82 -27.59
N THR M 77 -7.60 121.60 -27.12
CA THR M 77 -6.56 120.67 -26.65
C THR M 77 -6.83 119.21 -27.01
N LYS M 78 -5.81 118.35 -27.00
CA LYS M 78 -5.90 116.91 -27.33
C LYS M 78 -5.01 116.07 -26.42
N GLY M 79 -5.53 114.94 -25.91
CA GLY M 79 -4.73 113.97 -25.14
C GLY M 79 -3.82 113.12 -26.02
N ASN M 80 -3.04 112.22 -25.42
CA ASN M 80 -2.21 111.27 -26.17
C ASN M 80 -1.82 110.07 -25.30
N MET M 81 -1.49 108.93 -25.92
CA MET M 81 -1.15 107.69 -25.24
C MET M 81 -0.33 106.77 -26.15
N THR M 82 0.33 105.77 -25.58
CA THR M 82 1.34 104.94 -26.27
C THR M 82 1.31 103.48 -25.81
N LYS M 83 1.98 102.61 -26.56
CA LYS M 83 2.00 101.16 -26.37
C LYS M 83 3.45 100.67 -26.23
N ARG M 84 3.69 99.74 -25.31
CA ARG M 84 4.88 98.88 -25.22
C ARG M 84 4.46 97.44 -25.07
N ASP M 85 5.33 96.50 -25.39
CA ASP M 85 5.00 95.07 -25.27
C ASP M 85 6.20 94.23 -24.85
N VAL M 86 5.90 93.10 -24.22
CA VAL M 86 6.88 92.21 -23.60
C VAL M 86 6.57 90.79 -24.02
N HIS M 87 7.56 90.06 -24.50
CA HIS M 87 7.45 88.67 -24.90
C HIS M 87 8.26 87.78 -23.96
N PRO M 88 7.74 86.64 -23.51
CA PRO M 88 8.50 85.75 -22.65
C PRO M 88 9.62 85.06 -23.42
N ALA M 89 10.84 85.07 -22.86
CA ALA M 89 11.97 84.26 -23.29
C ALA M 89 11.86 82.84 -22.71
N LYS M 90 12.65 81.91 -23.22
CA LYS M 90 12.62 80.50 -22.83
C LYS M 90 13.99 80.02 -22.37
N ILE M 91 14.05 79.25 -21.29
CA ILE M 91 15.29 78.69 -20.74
C ILE M 91 15.18 77.18 -20.61
N ALA M 92 16.26 76.47 -20.93
CA ALA M 92 16.19 75.02 -21.02
C ALA M 92 17.51 74.30 -20.75
N THR M 93 17.42 73.00 -20.47
CA THR M 93 18.57 72.09 -20.39
C THR M 93 18.12 70.63 -20.54
N ILE M 94 19.05 69.71 -20.81
CA ILE M 94 18.80 68.27 -20.81
C ILE M 94 19.85 67.62 -19.92
N PHE M 95 19.50 66.58 -19.16
CA PHE M 95 20.50 65.69 -18.56
C PHE M 95 20.18 64.23 -18.84
N VAL M 96 21.20 63.37 -18.86
CA VAL M 96 21.09 62.03 -19.43
C VAL M 96 21.96 61.03 -18.67
N ALA M 97 21.47 59.81 -18.49
CA ALA M 97 22.14 58.77 -17.71
C ALA M 97 21.84 57.37 -18.25
N SER M 98 22.73 56.41 -18.05
CA SER M 98 22.45 55.02 -18.38
C SER M 98 21.25 54.50 -17.62
N ALA M 99 20.50 53.57 -18.20
CA ALA M 99 19.40 52.94 -17.49
C ALA M 99 19.88 52.23 -16.21
N GLU M 100 21.10 51.69 -16.18
CA GLU M 100 21.70 51.11 -14.96
C GLU M 100 21.81 52.15 -13.83
N THR M 101 22.24 53.37 -14.17
CA THR M 101 22.21 54.51 -13.23
C THR M 101 20.78 54.83 -12.79
N VAL M 102 19.80 54.83 -13.70
CA VAL M 102 18.39 55.08 -13.34
C VAL M 102 17.82 53.98 -12.45
N ARG M 103 18.20 52.72 -12.66
CA ARG M 103 17.81 51.59 -11.81
C ARG M 103 18.40 51.72 -10.42
N ALA M 104 19.70 51.97 -10.32
CA ALA M 104 20.39 52.07 -9.03
C ALA M 104 20.02 53.34 -8.24
N ASN M 105 19.78 54.46 -8.93
CA ASN M 105 19.54 55.79 -8.34
C ASN M 105 20.48 56.11 -7.16
N PRO M 106 21.81 55.99 -7.36
CA PRO M 106 22.79 56.11 -6.28
C PRO M 106 22.74 57.50 -5.68
N ALA M 107 22.75 57.60 -4.35
CA ALA M 107 22.62 58.87 -3.64
C ALA M 107 21.42 59.73 -4.11
N ASN M 108 20.33 59.08 -4.56
CA ASN M 108 19.19 59.71 -5.21
C ASN M 108 19.60 60.75 -6.27
N TYR M 109 20.62 60.44 -7.07
CA TYR M 109 21.15 61.36 -8.07
C TYR M 109 20.06 61.98 -8.94
N LEU M 110 19.07 61.21 -9.39
CA LEU M 110 17.99 61.77 -10.20
C LEU M 110 17.22 62.86 -9.46
N GLY M 111 16.76 62.58 -8.24
CA GLY M 111 16.07 63.56 -7.41
C GLY M 111 16.95 64.76 -7.10
N THR M 112 18.21 64.53 -6.77
CA THR M 112 19.19 65.59 -6.55
C THR M 112 19.32 66.47 -7.77
N MET M 113 19.51 65.85 -8.94
CA MET M 113 19.70 66.57 -10.19
C MET M 113 18.48 67.42 -10.51
N ARG M 114 17.25 66.92 -10.34
CA ARG M 114 16.05 67.74 -10.59
C ARG M 114 16.03 68.99 -9.74
N THR M 115 16.31 68.88 -8.45
CA THR M 115 16.26 70.08 -7.61
C THR M 115 17.42 71.01 -7.87
N LYS M 116 18.63 70.50 -8.16
CA LYS M 116 19.75 71.37 -8.52
C LYS M 116 19.51 72.14 -9.83
N VAL M 117 19.05 71.50 -10.91
CA VAL M 117 18.73 72.26 -12.13
C VAL M 117 17.62 73.26 -11.92
N ALA M 118 16.64 72.99 -11.05
CA ALA M 118 15.63 73.99 -10.70
C ALA M 118 16.26 75.25 -10.11
N THR M 119 17.20 75.11 -9.16
CA THR M 119 17.91 76.29 -8.64
C THR M 119 18.70 76.99 -9.73
N ALA M 120 19.35 76.25 -10.62
CA ALA M 120 20.16 76.86 -11.66
C ALA M 120 19.30 77.67 -12.61
N ILE M 121 18.11 77.21 -12.97
CA ILE M 121 17.18 77.95 -13.81
C ILE M 121 16.68 79.22 -13.10
N ALA M 122 16.35 79.13 -11.82
CA ALA M 122 16.01 80.33 -11.06
C ALA M 122 17.16 81.34 -11.02
N MET M 123 18.38 80.89 -10.72
CA MET M 123 19.54 81.77 -10.70
C MET M 123 19.89 82.32 -12.07
N ALA M 124 19.66 81.58 -13.15
CA ALA M 124 19.88 82.09 -14.49
C ALA M 124 18.93 83.24 -14.80
N PHE M 125 17.68 83.19 -14.34
CA PHE M 125 16.78 84.32 -14.44
C PHE M 125 17.28 85.49 -13.60
N ASP M 126 17.61 85.22 -12.36
CA ASP M 126 17.98 86.24 -11.38
C ASP M 126 19.23 87.03 -11.85
N ASN M 127 20.27 86.31 -12.25
CA ASN M 127 21.52 86.88 -12.73
C ASN M 127 21.39 87.56 -14.10
N ALA M 128 20.29 87.35 -14.82
CA ALA M 128 19.98 88.06 -16.05
C ALA M 128 19.15 89.33 -15.81
N ALA M 129 18.71 89.56 -14.57
CA ALA M 129 17.91 90.72 -14.19
C ALA M 129 18.72 91.71 -13.34
N LEU M 130 19.45 91.22 -12.34
CA LEU M 130 20.30 92.08 -11.52
C LEU M 130 21.54 92.58 -12.27
N HIS M 131 21.94 91.86 -13.31
CA HIS M 131 23.13 92.05 -14.14
C HIS M 131 22.79 91.63 -15.57
N GLY M 132 23.64 91.90 -16.55
CA GLY M 132 23.36 91.52 -17.93
C GLY M 132 23.62 90.05 -18.29
N THR M 133 24.04 89.20 -17.34
CA THR M 133 24.77 87.97 -17.66
C THR M 133 24.00 86.99 -18.55
N ASN M 134 24.50 86.78 -19.77
CA ASN M 134 23.90 85.90 -20.77
C ASN M 134 22.42 86.18 -21.05
N ALA M 135 21.93 87.39 -20.78
CA ALA M 135 20.49 87.67 -20.80
C ALA M 135 19.89 87.47 -22.19
N PRO M 136 18.65 86.98 -22.30
CA PRO M 136 17.98 86.83 -23.57
C PRO M 136 17.66 88.19 -24.16
N SER M 137 17.48 88.25 -25.47
CA SER M 137 17.18 89.49 -26.19
C SER M 137 15.83 90.09 -25.80
N ALA M 138 14.87 89.27 -25.39
CA ALA M 138 13.50 89.69 -25.12
C ALA M 138 13.29 90.34 -23.74
N PHE M 139 14.22 90.20 -22.79
CA PHE M 139 14.14 90.97 -21.54
C PHE M 139 14.42 92.44 -21.84
N GLN M 140 13.77 93.35 -21.11
CA GLN M 140 14.01 94.78 -21.28
C GLN M 140 14.65 95.35 -20.01
N GLY M 141 15.93 95.70 -20.12
CA GLY M 141 16.73 96.27 -19.04
C GLY M 141 17.29 95.25 -18.06
N TYR M 142 18.31 95.67 -17.31
CA TYR M 142 18.81 94.99 -16.11
C TYR M 142 19.39 96.02 -15.16
N LEU M 143 19.39 95.78 -13.86
CA LEU M 143 19.62 96.85 -12.87
C LEU M 143 21.03 97.45 -12.90
N ASP M 144 22.06 96.70 -13.30
CA ASP M 144 23.41 97.23 -13.42
C ASP M 144 23.51 98.41 -14.41
N GLN M 145 22.54 98.60 -15.31
CA GLN M 145 22.54 99.74 -16.24
C GLN M 145 22.31 101.12 -15.57
N SER M 146 22.04 101.19 -14.28
CA SER M 146 21.29 102.30 -13.68
C SER M 146 21.96 103.68 -13.61
N ASN M 147 23.25 103.83 -13.92
CA ASN M 147 23.97 105.11 -13.97
C ASN M 147 24.02 105.95 -12.68
N LYS M 148 23.71 105.36 -11.53
CA LYS M 148 23.91 105.97 -10.22
C LYS M 148 24.65 105.00 -9.31
N THR M 149 25.59 105.49 -8.53
CA THR M 149 26.36 104.68 -7.58
C THR M 149 26.44 105.38 -6.23
N GLN M 150 26.68 104.63 -5.17
CA GLN M 150 26.90 105.19 -3.84
C GLN M 150 27.83 104.30 -3.03
N SER M 151 28.90 104.88 -2.49
CA SER M 151 29.72 104.20 -1.50
C SER M 151 28.97 104.10 -0.17
N ILE M 152 28.86 102.93 0.43
CA ILE M 152 28.24 102.77 1.77
C ILE M 152 29.26 102.72 2.91
N SER M 153 30.53 102.41 2.65
CA SER M 153 31.42 101.84 3.68
C SER M 153 31.73 102.66 4.95
N PRO M 154 31.95 103.98 4.94
CA PRO M 154 32.42 104.65 6.15
C PRO M 154 31.32 104.77 7.20
N ASN M 155 30.07 104.93 6.77
CA ASN M 155 28.88 104.98 7.61
C ASN M 155 27.64 104.75 6.74
N ALA M 156 27.02 103.58 6.86
CA ALA M 156 25.87 103.20 6.05
C ALA M 156 24.72 104.21 6.13
N TYR M 157 24.49 104.87 7.26
CA TYR M 157 23.39 105.82 7.36
C TYR M 157 23.62 107.04 6.46
N GLN M 158 24.79 107.68 6.54
CA GLN M 158 25.16 108.76 5.62
C GLN M 158 25.18 108.27 4.17
N GLY M 159 25.59 107.03 3.95
CA GLY M 159 25.60 106.40 2.63
C GLY M 159 24.19 106.30 2.03
N LEU M 160 23.29 105.59 2.68
CA LEU M 160 21.96 105.32 2.15
C LEU M 160 21.03 106.51 2.32
N GLY M 161 20.75 106.89 3.55
CA GLY M 161 19.66 107.82 3.87
C GLY M 161 19.89 109.26 3.47
N VAL M 162 21.13 109.65 3.16
CA VAL M 162 21.49 111.03 2.87
C VAL M 162 22.12 111.14 1.49
N SER M 163 23.34 110.66 1.33
CA SER M 163 24.07 110.80 0.07
C SER M 163 23.41 110.05 -1.07
N GLY M 164 23.03 108.78 -0.84
CA GLY M 164 22.38 107.94 -1.84
C GLY M 164 20.97 108.41 -2.15
N LEU M 165 20.14 108.62 -1.14
CA LEU M 165 18.76 109.04 -1.33
C LEU M 165 18.66 110.36 -2.11
N THR M 166 19.61 111.28 -1.94
CA THR M 166 19.68 112.50 -2.75
C THR M 166 19.66 112.21 -4.24
N LYS M 167 20.38 111.19 -4.70
CA LYS M 167 20.51 110.87 -6.12
C LYS M 167 19.19 110.37 -6.73
N LEU M 168 18.31 109.77 -5.93
CA LEU M 168 16.99 109.33 -6.39
C LEU M 168 16.00 110.49 -6.46
N VAL M 169 15.86 111.24 -5.37
CA VAL M 169 14.84 112.29 -5.31
C VAL M 169 15.13 113.45 -6.25
N THR M 170 16.40 113.69 -6.58
CA THR M 170 16.76 114.78 -7.51
C THR M 170 16.22 114.53 -8.90
N ASP M 171 16.19 113.27 -9.36
CA ASP M 171 15.55 112.87 -10.62
C ASP M 171 14.04 112.62 -10.46
N GLY M 172 13.45 112.92 -9.31
CA GLY M 172 12.03 112.66 -9.04
C GLY M 172 11.68 111.18 -8.86
N LYS M 173 12.66 110.30 -8.66
CA LYS M 173 12.46 108.87 -8.43
C LYS M 173 12.21 108.62 -6.93
N LYS M 174 11.32 107.70 -6.59
CA LYS M 174 11.05 107.30 -5.19
C LYS M 174 12.12 106.33 -4.68
N TRP M 175 12.23 106.14 -3.37
CA TRP M 175 12.94 105.01 -2.76
C TRP M 175 11.96 104.12 -1.98
N THR M 176 11.74 102.89 -2.42
CA THR M 176 10.72 102.00 -1.82
C THR M 176 11.28 100.74 -1.20
N HIS M 177 12.45 100.25 -1.60
CA HIS M 177 13.11 99.10 -0.99
C HIS M 177 14.63 99.23 -1.06
N THR M 178 15.34 98.43 -0.28
CA THR M 178 16.76 98.20 -0.52
C THR M 178 17.10 96.72 -0.38
N LEU M 179 18.00 96.26 -1.24
CA LEU M 179 18.37 94.87 -1.44
C LEU M 179 19.88 94.73 -1.18
N LEU M 180 20.29 93.90 -0.23
CA LEU M 180 21.67 93.84 0.24
C LEU M 180 22.23 92.42 0.21
N ASP M 181 23.47 92.25 -0.24
CA ASP M 181 24.15 90.97 -0.18
C ASP M 181 24.64 90.64 1.25
N ASP M 182 24.76 89.37 1.62
CA ASP M 182 25.32 88.92 2.90
C ASP M 182 26.66 89.58 3.23
N THR M 183 27.50 89.77 2.21
CA THR M 183 28.80 90.42 2.37
C THR M 183 28.72 91.85 2.89
N VAL M 184 27.57 92.52 2.85
CA VAL M 184 27.38 93.87 3.37
C VAL M 184 27.51 93.95 4.89
N GLU M 185 27.25 92.88 5.64
CA GLU M 185 27.03 92.98 7.08
C GLU M 185 28.11 93.74 7.89
N PRO M 186 29.42 93.55 7.66
CA PRO M 186 30.44 94.26 8.42
C PRO M 186 30.29 95.77 8.35
N VAL M 187 29.82 96.32 7.23
CA VAL M 187 29.66 97.78 7.11
C VAL M 187 28.52 98.29 7.97
N LEU M 188 27.46 97.51 8.16
CA LEU M 188 26.42 97.87 9.11
C LEU M 188 26.96 97.78 10.53
N ASN M 189 27.62 96.69 10.90
CA ASN M 189 28.21 96.56 12.24
C ASN M 189 29.25 97.64 12.52
N GLY M 190 29.99 98.09 11.51
CA GLY M 190 31.01 99.13 11.61
C GLY M 190 30.48 100.54 11.45
N SER M 191 29.21 100.74 11.14
CA SER M 191 28.63 102.08 11.08
C SER M 191 28.42 102.59 12.51
N VAL M 192 29.24 103.55 12.92
CA VAL M 192 29.31 104.04 14.29
C VAL M 192 29.13 105.55 14.35
N ASP M 193 28.62 106.04 15.48
CA ASP M 193 28.67 107.46 15.78
C ASP M 193 30.09 107.93 16.12
N ALA M 194 30.30 109.22 16.33
CA ALA M 194 31.61 109.76 16.64
C ALA M 194 32.18 109.22 17.95
N ASN M 195 31.35 108.73 18.87
CA ASN M 195 31.80 108.09 20.09
C ASN M 195 32.15 106.61 19.87
N GLY M 196 31.98 106.07 18.67
CA GLY M 196 32.31 104.69 18.37
C GLY M 196 31.26 103.68 18.81
N ARG M 197 30.02 104.10 19.12
CA ARG M 197 28.93 103.15 19.37
C ARG M 197 28.18 102.90 18.06
N PRO M 198 27.79 101.66 17.73
CA PRO M 198 27.17 101.34 16.45
C PRO M 198 25.78 101.93 16.37
N LEU M 199 25.35 102.31 15.17
CA LEU M 199 24.03 102.91 14.99
C LEU M 199 22.89 101.89 15.01
N PHE M 200 22.97 100.84 14.20
CA PHE M 200 21.83 99.99 13.88
C PHE M 200 21.56 98.84 14.87
N VAL M 201 21.96 98.93 16.15
CA VAL M 201 21.71 97.86 17.13
C VAL M 201 21.56 98.41 18.55
N GLU M 202 20.74 97.76 19.35
CA GLU M 202 20.41 98.17 20.72
C GLU M 202 21.58 98.03 21.71
N SER M 203 21.54 98.80 22.80
CA SER M 203 22.72 99.20 23.57
C SER M 203 23.66 98.11 24.06
N THR M 204 23.19 96.90 24.42
CA THR M 204 24.08 95.83 24.91
C THR M 204 24.69 94.98 23.79
N TYR M 205 24.31 95.23 22.54
CA TYR M 205 24.87 94.57 21.36
C TYR M 205 24.70 93.05 21.36
N GLU M 206 23.61 92.57 21.95
CA GLU M 206 23.24 91.16 21.97
C GLU M 206 22.76 90.66 20.60
N SER M 207 21.95 91.44 19.89
CA SER M 207 21.19 90.97 18.73
C SER M 207 21.71 91.47 17.37
N LEU M 208 21.26 90.88 16.26
CA LEU M 208 21.59 91.33 14.90
C LEU M 208 21.15 92.78 14.65
N THR M 209 21.92 93.54 13.89
CA THR M 209 21.56 94.91 13.49
C THR M 209 20.27 94.91 12.71
N THR M 210 19.39 95.87 12.95
CA THR M 210 17.99 95.78 12.49
C THR M 210 17.79 95.53 10.99
N PRO M 211 18.56 96.08 10.03
CA PRO M 211 18.36 95.74 8.63
C PRO M 211 18.57 94.25 8.37
N PHE M 212 19.46 93.59 9.11
CA PHE M 212 19.74 92.17 8.96
C PHE M 212 18.78 91.26 9.74
N ARG M 213 17.77 91.82 10.41
CA ARG M 213 16.55 91.11 10.83
C ARG M 213 15.47 91.21 9.75
N GLU M 214 15.82 91.66 8.54
CA GLU M 214 14.89 92.18 7.53
C GLU M 214 14.01 93.33 8.06
N GLY M 215 14.51 94.08 9.04
CA GLY M 215 13.87 95.29 9.52
C GLY M 215 13.98 96.46 8.54
N ARG M 216 13.32 97.56 8.89
CA ARG M 216 13.32 98.77 8.09
C ARG M 216 14.57 99.62 8.31
N ILE M 217 14.99 100.36 7.29
CA ILE M 217 15.85 101.54 7.41
C ILE M 217 14.99 102.73 7.01
N LEU M 218 14.85 103.76 7.83
CA LEU M 218 14.14 105.00 7.46
C LEU M 218 12.80 104.72 6.76
N GLY M 219 12.02 103.82 7.32
CA GLY M 219 10.71 103.41 6.83
C GLY M 219 10.72 102.41 5.66
N ARG M 220 11.81 102.26 4.91
CA ARG M 220 11.87 101.31 3.78
C ARG M 220 12.25 99.92 4.29
N PRO M 221 11.62 98.84 3.80
CA PRO M 221 11.99 97.47 4.16
C PRO M 221 13.34 97.08 3.55
N THR M 222 14.07 96.20 4.22
CA THR M 222 15.36 95.69 3.75
C THR M 222 15.23 94.23 3.35
N ILE M 223 15.74 93.85 2.19
CA ILE M 223 15.75 92.46 1.73
C ILE M 223 17.18 91.94 1.68
N LEU M 224 17.50 90.83 2.33
CA LEU M 224 18.83 90.21 2.25
C LEU M 224 18.95 89.22 1.09
N SER M 225 20.17 88.83 0.73
CA SER M 225 20.44 87.70 -0.19
C SER M 225 21.85 87.15 -0.02
N ASP M 226 22.06 85.88 -0.37
CA ASP M 226 23.37 85.23 -0.36
C ASP M 226 24.22 85.54 -1.61
N HIS M 227 23.60 86.13 -2.65
CA HIS M 227 24.11 86.05 -4.03
C HIS M 227 23.75 87.27 -4.89
N VAL M 228 23.60 88.45 -4.30
CA VAL M 228 23.35 89.68 -5.07
C VAL M 228 24.64 90.28 -5.58
N ALA M 229 25.74 90.17 -4.82
CA ALA M 229 26.97 90.87 -5.15
C ALA M 229 27.68 90.29 -6.37
N GLU M 230 28.05 91.15 -7.33
CA GLU M 230 28.99 90.82 -8.41
C GLU M 230 29.84 92.05 -8.78
N GLY M 231 31.11 91.82 -9.12
CA GLY M 231 32.07 92.86 -9.45
C GLY M 231 32.18 93.92 -8.35
N ASP M 232 32.01 95.19 -8.73
CA ASP M 232 32.08 96.34 -7.82
C ASP M 232 30.91 96.41 -6.83
N VAL M 233 29.80 95.72 -7.09
CA VAL M 233 28.48 96.03 -6.52
C VAL M 233 28.07 95.06 -5.43
N VAL M 234 27.64 95.56 -4.28
CA VAL M 234 27.24 94.76 -3.11
C VAL M 234 25.73 94.78 -2.86
N GLY M 235 24.98 95.62 -3.56
CA GLY M 235 23.54 95.71 -3.38
C GLY M 235 22.91 96.85 -4.16
N TYR M 236 21.62 97.07 -3.96
CA TYR M 236 20.84 98.06 -4.67
C TYR M 236 19.88 98.79 -3.74
N ALA M 237 19.48 99.99 -4.13
CA ALA M 237 18.35 100.70 -3.56
C ALA M 237 17.57 101.34 -4.70
N GLY M 238 16.26 101.52 -4.57
CA GLY M 238 15.49 102.18 -5.63
C GLY M 238 13.99 102.04 -5.49
N ASP M 239 13.27 102.35 -6.56
CA ASP M 239 11.84 102.09 -6.64
C ASP M 239 11.55 100.70 -7.22
N PHE M 240 11.54 99.67 -6.39
CA PHE M 240 11.26 98.32 -6.83
C PHE M 240 9.81 98.10 -7.31
N SER M 241 8.92 99.10 -7.24
CA SER M 241 7.63 98.99 -7.91
C SER M 241 7.74 99.11 -9.44
N GLN M 242 8.88 99.57 -9.97
CA GLN M 242 9.10 99.73 -11.42
C GLN M 242 9.38 98.41 -12.16
N ILE M 243 9.52 97.28 -11.47
CA ILE M 243 9.87 96.00 -12.08
C ILE M 243 8.62 95.13 -12.20
N ILE M 244 8.38 94.57 -13.38
CA ILE M 244 7.41 93.48 -13.55
C ILE M 244 8.08 92.25 -14.12
N TRP M 245 7.60 91.08 -13.76
CA TRP M 245 8.03 89.82 -14.32
C TRP M 245 6.86 88.85 -14.41
N GLY M 246 6.98 87.81 -15.22
CA GLY M 246 5.91 86.81 -15.34
C GLY M 246 6.43 85.51 -15.90
N GLN M 247 5.62 84.46 -15.80
CA GLN M 247 6.04 83.10 -16.13
C GLN M 247 4.92 82.35 -16.87
N VAL M 248 5.24 81.67 -17.96
CA VAL M 248 4.29 80.90 -18.75
C VAL M 248 4.27 79.44 -18.29
N GLY M 249 3.45 79.14 -17.30
CA GLY M 249 3.29 77.78 -16.76
C GLY M 249 4.49 77.28 -15.95
N GLY M 250 4.34 76.12 -15.33
CA GLY M 250 5.32 75.58 -14.38
C GLY M 250 6.68 75.20 -14.99
N LEU M 251 7.68 75.03 -14.12
CA LEU M 251 8.94 74.38 -14.48
C LEU M 251 8.61 72.95 -14.90
N SER M 252 8.86 72.62 -16.16
CA SER M 252 8.33 71.40 -16.76
C SER M 252 9.42 70.37 -17.03
N PHE M 253 9.21 69.13 -16.58
CA PHE M 253 10.06 67.99 -16.85
C PHE M 253 9.36 67.03 -17.82
N ASP M 254 10.03 66.62 -18.89
CA ASP M 254 9.62 65.50 -19.76
C ASP M 254 10.76 64.47 -19.82
N VAL M 255 10.47 63.17 -19.93
CA VAL M 255 11.51 62.13 -19.86
C VAL M 255 11.34 61.07 -20.93
N THR M 256 12.43 60.47 -21.42
CA THR M 256 12.37 59.40 -22.43
C THR M 256 13.67 58.60 -22.51
N ASP M 257 13.63 57.43 -23.14
CA ASP M 257 14.81 56.75 -23.69
C ASP M 257 14.70 56.55 -25.22
N GLN M 258 13.60 56.94 -25.86
CA GLN M 258 13.35 56.62 -27.27
C GLN M 258 14.13 57.51 -28.23
N ALA M 259 14.39 58.76 -27.83
CA ALA M 259 14.82 59.83 -28.73
C ALA M 259 16.31 59.78 -29.10
N THR M 260 16.79 60.84 -29.75
CA THR M 260 18.19 60.98 -30.20
C THR M 260 18.75 62.33 -29.76
N LEU M 261 20.00 62.40 -29.34
CA LEU M 261 20.66 63.66 -28.95
C LEU M 261 21.88 63.93 -29.82
N ASN M 262 22.08 65.18 -30.21
CA ASN M 262 23.34 65.68 -30.71
C ASN M 262 24.25 66.01 -29.54
N LEU M 263 25.41 65.38 -29.43
CA LEU M 263 26.40 65.69 -28.40
C LEU M 263 27.42 66.76 -28.85
N GLY M 264 27.27 67.31 -30.04
CA GLY M 264 28.05 68.44 -30.57
C GLY M 264 27.16 69.61 -30.98
N SER M 265 27.70 70.63 -31.64
CA SER M 265 26.88 71.77 -32.11
C SER M 265 26.01 71.39 -33.31
N GLN M 266 25.06 72.26 -33.68
CA GLN M 266 24.23 72.04 -34.85
C GLN M 266 25.07 71.99 -36.15
N GLU M 267 26.15 72.77 -36.24
CA GLU M 267 27.09 72.77 -37.37
C GLU M 267 28.19 71.70 -37.27
N SER M 268 28.43 71.15 -36.08
CA SER M 268 29.40 70.07 -35.83
C SER M 268 28.71 68.87 -35.16
N PRO M 269 27.74 68.24 -35.83
CA PRO M 269 26.90 67.22 -35.23
C PRO M 269 27.66 65.95 -34.86
N ASN M 270 27.24 65.34 -33.77
CA ASN M 270 27.73 64.07 -33.26
C ASN M 270 26.54 63.35 -32.60
N PHE M 271 25.62 62.86 -33.42
CA PHE M 271 24.37 62.29 -32.92
C PHE M 271 24.57 60.94 -32.24
N VAL M 272 23.76 60.68 -31.21
CA VAL M 272 23.67 59.41 -30.49
C VAL M 272 22.21 59.08 -30.23
N SER M 273 21.78 57.86 -30.52
CA SER M 273 20.45 57.38 -30.14
C SER M 273 20.41 57.10 -28.65
N LEU M 274 19.42 57.62 -27.91
CA LEU M 274 19.20 57.23 -26.52
C LEU M 274 18.84 55.75 -26.45
N TRP M 275 17.96 55.30 -27.35
CA TRP M 275 17.45 53.93 -27.35
C TRP M 275 18.56 52.92 -27.65
N GLN M 276 19.34 53.14 -28.71
CA GLN M 276 20.32 52.15 -29.16
C GLN M 276 21.49 51.93 -28.17
N HIS M 277 21.70 52.86 -27.24
CA HIS M 277 22.66 52.73 -26.13
C HIS M 277 22.00 52.48 -24.77
N ASN M 278 20.67 52.42 -24.71
CA ASN M 278 19.87 52.34 -23.48
C ASN M 278 20.15 53.47 -22.47
N LEU M 279 20.38 54.70 -22.95
CA LEU M 279 20.41 55.90 -22.12
C LEU M 279 18.99 56.43 -21.88
N VAL M 280 18.76 57.06 -20.74
CA VAL M 280 17.51 57.74 -20.37
C VAL M 280 17.80 59.22 -20.18
N ALA M 281 16.97 60.11 -20.73
CA ALA M 281 17.21 61.55 -20.69
C ALA M 281 15.98 62.34 -20.20
N VAL M 282 16.27 63.46 -19.54
CA VAL M 282 15.30 64.38 -18.96
C VAL M 282 15.43 65.73 -19.64
N ARG M 283 14.32 66.26 -20.16
CA ARG M 283 14.17 67.61 -20.70
C ARG M 283 13.66 68.53 -19.59
N VAL M 284 14.18 69.75 -19.49
CA VAL M 284 13.70 70.76 -18.54
C VAL M 284 13.41 72.06 -19.28
N GLU M 285 12.28 72.71 -19.01
CA GLU M 285 11.96 74.02 -19.59
C GLU M 285 11.21 74.93 -18.61
N ALA M 286 11.48 76.22 -18.71
CA ALA M 286 10.69 77.29 -18.14
C ALA M 286 10.71 78.51 -19.06
N GLU M 287 9.82 79.47 -18.85
CA GLU M 287 9.54 80.48 -19.85
C GLU M 287 9.08 81.77 -19.17
N TYR M 288 9.91 82.81 -19.21
CA TYR M 288 9.84 83.98 -18.34
C TYR M 288 9.84 85.29 -19.11
N GLY M 289 9.14 86.31 -18.62
CA GLY M 289 9.23 87.68 -19.10
C GLY M 289 9.70 88.63 -18.01
N LEU M 290 10.34 89.73 -18.38
CA LEU M 290 10.82 90.77 -17.45
C LEU M 290 10.79 92.13 -18.14
N LEU M 291 10.47 93.17 -17.39
CA LEU M 291 10.58 94.57 -17.83
C LEU M 291 10.87 95.43 -16.61
N ILE M 292 11.97 96.16 -16.62
CA ILE M 292 12.22 97.23 -15.67
C ILE M 292 11.80 98.52 -16.34
N ASN M 293 10.77 99.18 -15.82
CA ASN M 293 10.13 100.30 -16.48
C ASN M 293 11.02 101.54 -16.59
N ASP M 294 11.91 101.75 -15.64
CA ASP M 294 12.87 102.84 -15.67
C ASP M 294 14.18 102.43 -15.00
N VAL M 295 15.15 102.05 -15.81
CA VAL M 295 16.49 101.70 -15.37
C VAL M 295 17.13 102.80 -14.53
N ASN M 296 16.78 104.07 -14.72
CA ASN M 296 17.38 105.17 -13.96
C ASN M 296 16.92 105.25 -12.51
N ALA M 297 15.91 104.47 -12.09
CA ALA M 297 15.26 104.59 -10.79
C ALA M 297 15.90 103.76 -9.67
N PHE M 298 17.19 103.46 -9.77
CA PHE M 298 17.92 102.68 -8.78
C PHE M 298 19.29 103.32 -8.50
N VAL M 299 19.94 102.93 -7.41
CA VAL M 299 21.30 103.30 -7.08
C VAL M 299 22.09 102.04 -6.78
N LYS M 300 23.20 101.83 -7.47
CA LYS M 300 24.12 100.74 -7.19
C LYS M 300 24.87 101.02 -5.89
N LEU M 301 24.99 100.05 -5.00
CA LEU M 301 25.73 100.21 -3.75
C LEU M 301 27.09 99.56 -3.87
N THR M 302 28.14 100.26 -3.46
CA THR M 302 29.54 99.77 -3.49
C THR M 302 30.21 100.03 -2.15
N PHE M 303 31.25 99.29 -1.80
CA PHE M 303 31.95 99.55 -0.54
C PHE M 303 32.66 100.91 -0.58
N ASP M 304 33.78 101.01 -1.27
CA ASP M 304 34.46 102.27 -1.55
C ASP M 304 33.83 102.97 -2.77
N PRO M 305 34.11 104.27 -3.00
CA PRO M 305 33.74 104.94 -4.24
C PRO M 305 34.38 104.28 -5.46
N VAL M 306 33.75 104.41 -6.63
CA VAL M 306 34.25 103.86 -7.91
C VAL M 306 33.93 104.82 -9.06
N LEU M 307 34.72 104.75 -10.15
CA LEU M 307 34.41 105.41 -11.41
C LEU M 307 33.24 104.67 -12.11
N THR M 308 32.47 105.38 -12.92
CA THR M 308 31.41 104.80 -13.76
C THR M 308 31.81 104.90 -15.24
N THR M 309 31.63 103.83 -16.02
CA THR M 309 32.00 103.78 -17.44
C THR M 309 30.78 103.80 -18.35
N TYR M 310 30.78 104.68 -19.36
CA TYR M 310 29.68 104.88 -20.30
C TYR M 310 30.12 104.62 -21.73
N ALA M 311 29.31 103.90 -22.50
CA ALA M 311 29.40 103.83 -23.95
C ALA M 311 28.46 104.88 -24.56
N LEU M 312 28.95 105.64 -25.54
CA LEU M 312 28.25 106.76 -26.19
C LEU M 312 28.40 106.65 -27.72
N ASP M 313 27.28 106.60 -28.44
CA ASP M 313 27.21 106.37 -29.89
C ASP M 313 26.29 107.42 -30.53
N LEU M 314 26.73 108.06 -31.62
CA LEU M 314 26.00 109.14 -32.29
C LEU M 314 25.20 108.72 -33.54
N ASP M 315 24.95 107.42 -33.76
CA ASP M 315 24.13 106.92 -34.87
C ASP M 315 24.59 107.36 -36.27
N GLY M 316 25.89 107.62 -36.43
CA GLY M 316 26.48 108.09 -37.67
C GLY M 316 26.05 109.50 -38.10
N ALA M 317 25.42 110.29 -37.22
CA ALA M 317 25.01 111.67 -37.54
C ALA M 317 26.22 112.53 -37.95
N SER M 318 26.17 113.13 -39.14
CA SER M 318 27.25 113.96 -39.70
C SER M 318 27.06 115.48 -39.54
N ALA M 319 26.08 115.92 -38.73
CA ALA M 319 25.81 117.34 -38.52
C ALA M 319 25.16 117.64 -37.16
N GLY M 320 25.35 118.87 -36.68
CA GLY M 320 24.84 119.38 -35.41
C GLY M 320 25.73 119.11 -34.20
N ASN M 321 25.42 119.73 -33.06
CA ASN M 321 26.19 119.63 -31.82
C ASN M 321 25.35 119.07 -30.67
N PHE M 322 25.78 117.98 -30.04
CA PHE M 322 25.18 117.45 -28.81
C PHE M 322 25.73 118.20 -27.59
N THR M 323 25.26 117.88 -26.38
CA THR M 323 25.86 118.40 -25.14
C THR M 323 25.74 117.40 -24.00
N LEU M 324 26.64 117.47 -23.01
CA LEU M 324 26.64 116.60 -21.85
C LEU M 324 26.05 117.30 -20.63
N SER M 325 25.57 116.51 -19.66
CA SER M 325 25.30 117.00 -18.31
C SER M 325 25.74 115.96 -17.28
N LEU M 326 26.51 116.39 -16.28
CA LEU M 326 27.13 115.54 -15.25
C LEU M 326 26.64 115.98 -13.87
N ASP M 327 26.06 115.05 -13.11
CA ASP M 327 25.33 115.34 -11.85
C ASP M 327 24.36 116.53 -11.98
N GLY M 328 23.76 116.70 -13.17
CA GLY M 328 22.81 117.78 -13.46
C GLY M 328 23.43 119.12 -13.87
N LYS M 329 24.75 119.24 -14.02
CA LYS M 329 25.43 120.44 -14.51
C LYS M 329 25.90 120.25 -15.96
N THR M 330 25.48 121.14 -16.85
CA THR M 330 25.69 121.05 -18.30
C THR M 330 27.10 121.48 -18.75
N SER M 331 27.67 120.77 -19.73
CA SER M 331 28.87 121.21 -20.45
C SER M 331 28.57 122.31 -21.48
N ALA M 332 29.59 122.76 -22.22
CA ALA M 332 29.39 123.40 -23.53
C ALA M 332 28.75 122.44 -24.56
N ASN M 333 28.41 122.92 -25.75
CA ASN M 333 28.00 122.06 -26.86
C ASN M 333 29.22 121.48 -27.62
N ILE M 334 29.08 120.29 -28.19
CA ILE M 334 30.18 119.47 -28.74
C ILE M 334 29.81 118.96 -30.16
N ALA M 335 30.74 119.04 -31.11
CA ALA M 335 30.49 118.64 -32.50
C ALA M 335 30.35 117.13 -32.71
N TYR M 336 29.52 116.73 -33.68
CA TYR M 336 29.22 115.34 -34.06
C TYR M 336 30.43 114.45 -34.39
N ASN M 337 31.61 115.01 -34.64
CA ASN M 337 32.84 114.29 -34.96
C ASN M 337 34.03 114.70 -34.07
N ALA M 338 33.78 115.25 -32.87
CA ALA M 338 34.82 115.67 -31.95
C ALA M 338 35.81 114.54 -31.60
N SER M 339 37.10 114.84 -31.46
CA SER M 339 38.11 113.84 -31.08
C SER M 339 37.96 113.40 -29.62
N THR M 340 38.56 112.27 -29.24
CA THR M 340 38.61 111.81 -27.84
C THR M 340 39.23 112.87 -26.92
N ALA M 341 40.27 113.57 -27.36
CA ALA M 341 40.85 114.67 -26.60
C ALA M 341 39.90 115.88 -26.47
N THR M 342 39.14 116.19 -27.52
CA THR M 342 38.16 117.28 -27.51
C THR M 342 36.99 116.98 -26.59
N VAL M 343 36.49 115.73 -26.58
CA VAL M 343 35.49 115.30 -25.58
C VAL M 343 36.09 115.33 -24.17
N LYS M 344 37.32 114.85 -23.96
CA LYS M 344 37.99 114.91 -22.66
C LYS M 344 38.06 116.34 -22.12
N SER M 345 38.55 117.30 -22.91
CA SER M 345 38.63 118.68 -22.45
C SER M 345 37.24 119.30 -22.24
N ALA M 346 36.24 118.96 -23.07
CA ALA M 346 34.88 119.44 -22.88
C ALA M 346 34.22 118.88 -21.60
N ILE M 347 34.57 117.68 -21.16
CA ILE M 347 34.13 117.11 -19.87
C ILE M 347 34.88 117.79 -18.72
N VAL M 348 36.21 117.86 -18.77
CA VAL M 348 37.03 118.44 -17.69
C VAL M 348 36.72 119.94 -17.47
N ALA M 349 36.19 120.61 -18.48
CA ALA M 349 35.71 122.00 -18.36
C ALA M 349 34.44 122.17 -17.50
N ILE M 350 33.74 121.12 -17.08
CA ILE M 350 32.53 121.23 -16.25
C ILE M 350 32.89 121.80 -14.87
N ASP M 351 32.13 122.79 -14.41
CA ASP M 351 32.49 123.64 -13.27
C ASP M 351 32.43 122.96 -11.89
N ASP M 352 32.03 121.70 -11.79
CA ASP M 352 31.89 121.02 -10.49
C ASP M 352 33.23 120.61 -9.84
N GLY M 353 34.34 120.70 -10.56
CA GLY M 353 35.67 120.32 -10.09
C GLY M 353 36.20 118.98 -10.60
N VAL M 354 35.61 118.35 -11.63
CA VAL M 354 36.28 117.26 -12.36
C VAL M 354 37.66 117.68 -12.88
N SER M 355 38.57 116.71 -13.03
CA SER M 355 39.98 116.94 -13.39
C SER M 355 40.55 115.82 -14.25
N ALA M 356 41.59 116.15 -15.02
CA ALA M 356 42.10 115.29 -16.09
C ALA M 356 42.81 114.00 -15.61
N ASP M 357 43.10 113.88 -14.32
CA ASP M 357 43.58 112.65 -13.69
C ASP M 357 42.45 111.64 -13.37
N ASP M 358 41.21 112.11 -13.18
CA ASP M 358 40.03 111.25 -13.00
C ASP M 358 39.33 110.93 -14.33
N VAL M 359 39.10 111.93 -15.18
CA VAL M 359 38.39 111.76 -16.45
C VAL M 359 39.26 111.01 -17.46
N THR M 360 38.74 109.98 -18.12
CA THR M 360 39.38 109.35 -19.28
C THR M 360 38.38 109.14 -20.42
N VAL M 361 38.83 109.28 -21.67
CA VAL M 361 38.01 109.11 -22.87
C VAL M 361 38.80 108.31 -23.92
N THR M 362 38.15 107.36 -24.58
CA THR M 362 38.76 106.53 -25.64
C THR M 362 37.74 106.13 -26.71
N GLY M 363 38.16 105.83 -27.93
CA GLY M 363 37.28 105.56 -29.06
C GLY M 363 37.64 106.36 -30.32
N SER M 364 36.63 106.73 -31.11
CA SER M 364 36.77 107.47 -32.37
C SER M 364 35.54 108.37 -32.64
N ALA M 365 35.58 109.19 -33.70
CA ALA M 365 34.50 110.13 -34.01
C ALA M 365 33.13 109.43 -34.11
N GLY M 366 32.20 109.81 -33.23
CA GLY M 366 30.85 109.22 -33.15
C GLY M 366 30.73 107.90 -32.36
N ASP M 367 31.79 107.45 -31.68
CA ASP M 367 31.84 106.15 -30.99
C ASP M 367 32.85 106.19 -29.82
N TYR M 368 32.36 106.53 -28.61
CA TYR M 368 33.20 106.84 -27.45
C TYR M 368 32.92 105.95 -26.23
N THR M 369 33.98 105.65 -25.47
CA THR M 369 33.91 105.19 -24.09
C THR M 369 34.43 106.28 -23.17
N ILE M 370 33.70 106.60 -22.11
CA ILE M 370 34.04 107.64 -21.13
C ILE M 370 34.09 107.02 -19.72
N THR M 371 35.07 107.36 -18.90
CA THR M 371 35.10 107.02 -17.47
C THR M 371 35.06 108.28 -16.62
N VAL M 372 34.10 108.39 -15.70
CA VAL M 372 33.85 109.63 -14.93
C VAL M 372 33.30 109.31 -13.53
N PRO M 373 33.62 110.11 -12.49
CA PRO M 373 33.16 109.87 -11.11
C PRO M 373 31.75 110.42 -10.83
N GLY M 374 30.77 110.14 -11.71
CA GLY M 374 29.40 110.65 -11.51
C GLY M 374 28.33 110.12 -12.47
N THR M 375 27.11 110.63 -12.33
CA THR M 375 25.97 110.34 -13.20
C THR M 375 26.05 111.22 -14.45
N LEU M 376 26.65 110.69 -15.51
CA LEU M 376 26.76 111.36 -16.80
C LEU M 376 25.50 111.12 -17.64
N THR M 377 25.09 112.13 -18.37
CA THR M 377 23.95 112.13 -19.29
C THR M 377 24.29 112.97 -20.53
N ALA M 378 23.57 112.79 -21.64
CA ALA M 378 23.78 113.52 -22.88
C ALA M 378 22.46 113.89 -23.56
N ASP M 379 22.43 115.05 -24.24
CA ASP M 379 21.31 115.50 -25.06
C ASP M 379 21.69 115.56 -26.54
N PHE M 380 21.01 114.77 -27.35
CA PHE M 380 21.25 114.65 -28.80
C PHE M 380 20.35 115.56 -29.64
N SER M 381 19.46 116.35 -29.02
CA SER M 381 18.47 117.17 -29.74
C SER M 381 19.08 118.22 -30.67
N GLY M 382 20.33 118.63 -30.42
CA GLY M 382 21.08 119.54 -31.28
C GLY M 382 21.82 118.88 -32.46
N LEU M 383 21.83 117.54 -32.55
CA LEU M 383 22.27 116.83 -33.75
C LEU M 383 21.19 116.94 -34.84
N THR M 384 21.58 116.83 -36.12
CA THR M 384 20.68 117.10 -37.26
C THR M 384 20.74 116.04 -38.37
N ASP M 385 21.30 114.86 -38.10
CA ASP M 385 21.52 113.82 -39.12
C ASP M 385 21.40 112.35 -38.60
N GLY M 386 20.79 112.14 -37.43
CA GLY M 386 20.60 110.81 -36.85
C GLY M 386 19.76 110.84 -35.58
N GLU M 387 19.21 109.68 -35.18
CA GLU M 387 18.16 109.61 -34.15
C GLU M 387 18.34 108.46 -33.13
N GLY M 388 19.12 107.42 -33.45
CA GLY M 388 19.53 106.37 -32.51
C GLY M 388 20.65 106.80 -31.56
N ALA M 389 21.08 108.06 -31.62
CA ALA M 389 22.17 108.59 -30.82
C ALA M 389 21.83 108.45 -29.32
N SER M 390 22.75 107.86 -28.56
CA SER M 390 22.45 107.33 -27.23
C SER M 390 23.70 107.15 -26.36
N ILE M 391 23.47 107.03 -25.05
CA ILE M 391 24.47 106.80 -24.01
C ILE M 391 23.97 105.71 -23.06
N SER M 392 24.83 104.82 -22.58
CA SER M 392 24.49 103.80 -21.58
C SER M 392 25.69 103.32 -20.79
N VAL M 393 25.48 102.85 -19.56
CA VAL M 393 26.54 102.27 -18.73
C VAL M 393 26.97 100.91 -19.24
N VAL M 394 28.26 100.63 -19.17
CA VAL M 394 28.86 99.34 -19.57
C VAL M 394 29.82 98.83 -18.50
N SER M 395 29.84 97.53 -18.31
CA SER M 395 30.62 96.83 -17.28
C SER M 395 31.38 95.64 -17.87
N VAL M 396 32.61 95.43 -17.43
CA VAL M 396 33.61 94.54 -18.09
C VAL M 396 34.49 93.82 -17.08
N GLY M 397 35.02 92.65 -17.47
CA GLY M 397 35.85 91.77 -16.64
C GLY M 397 37.26 92.30 -16.38
N GLY N 2 19.19 78.02 -34.88
CA GLY N 2 17.74 77.87 -35.11
C GLY N 2 17.44 77.74 -36.59
N PHE N 3 16.47 78.51 -37.09
CA PHE N 3 16.02 78.47 -38.47
C PHE N 3 15.56 79.86 -38.93
N SER N 4 15.52 80.09 -40.25
CA SER N 4 14.89 81.28 -40.82
C SER N 4 13.43 81.38 -40.40
N ALA N 5 12.90 82.59 -40.32
CA ALA N 5 11.44 82.74 -40.35
C ALA N 5 10.90 82.17 -41.66
N ASP N 6 9.76 81.48 -41.62
CA ASP N 6 9.18 80.75 -42.75
C ASP N 6 10.20 79.88 -43.50
N HIS N 7 11.04 79.17 -42.75
CA HIS N 7 11.80 78.05 -43.30
C HIS N 7 10.85 77.08 -43.99
N SER N 8 11.18 76.64 -45.19
CA SER N 8 10.19 76.01 -46.08
C SER N 8 9.62 74.69 -45.55
N GLN N 9 10.35 73.98 -44.70
CA GLN N 9 9.94 72.67 -44.20
C GLN N 9 9.23 72.67 -42.84
N ILE N 10 9.37 73.71 -42.01
CA ILE N 10 8.98 73.66 -40.59
C ILE N 10 8.11 74.86 -40.21
N ALA N 11 6.96 74.63 -39.57
CA ALA N 11 6.10 75.70 -39.10
C ALA N 11 6.57 76.26 -37.76
N GLN N 12 6.75 77.59 -37.69
CA GLN N 12 7.18 78.30 -36.50
C GLN N 12 6.24 79.47 -36.19
N THR N 13 6.19 79.90 -34.93
CA THR N 13 5.42 81.10 -34.57
C THR N 13 6.02 82.37 -35.19
N LYS N 14 7.24 82.31 -35.73
CA LYS N 14 7.84 83.38 -36.54
C LYS N 14 7.12 83.60 -37.87
N ASP N 15 6.47 82.59 -38.43
CA ASP N 15 6.06 82.60 -39.84
C ASP N 15 5.01 83.67 -40.17
N THR N 16 5.14 84.28 -41.35
CA THR N 16 4.24 85.36 -41.80
C THR N 16 2.79 84.95 -41.84
N MET N 17 2.51 83.69 -42.20
CA MET N 17 1.15 83.14 -42.27
C MET N 17 0.38 83.22 -40.95
N PHE N 18 1.06 83.30 -39.80
CA PHE N 18 0.42 83.44 -38.49
C PHE N 18 0.30 84.89 -38.01
N THR N 19 0.74 85.90 -38.78
CA THR N 19 0.40 87.29 -38.45
C THR N 19 -1.11 87.49 -38.43
N GLY N 20 -1.62 88.32 -37.52
CA GLY N 20 -3.05 88.38 -37.21
C GLY N 20 -3.54 87.30 -36.22
N TYR N 21 -2.62 86.48 -35.72
CA TYR N 21 -2.84 85.50 -34.66
C TYR N 21 -1.68 85.57 -33.67
N LEU N 22 -1.83 84.98 -32.49
CA LEU N 22 -0.85 85.07 -31.40
C LEU N 22 -0.51 86.51 -30.99
N ASP N 23 -1.39 87.48 -31.23
CA ASP N 23 -1.16 88.88 -30.87
C ASP N 23 -1.10 89.08 -29.35
N PRO N 24 -0.21 89.94 -28.82
CA PRO N 24 -0.01 90.09 -27.40
C PRO N 24 -1.27 90.67 -26.74
N VAL N 25 -1.67 90.13 -25.59
CA VAL N 25 -2.89 90.52 -24.88
C VAL N 25 -2.74 91.89 -24.24
N GLN N 26 -3.79 92.71 -24.26
CA GLN N 26 -3.83 93.95 -23.48
C GLN N 26 -3.67 93.70 -21.98
N ALA N 27 -3.17 94.67 -21.24
CA ALA N 27 -3.07 94.63 -19.79
C ALA N 27 -3.35 96.01 -19.16
N LYS N 28 -3.74 96.04 -17.88
CA LYS N 28 -3.86 97.29 -17.13
C LYS N 28 -2.47 97.94 -16.97
N ASP N 29 -2.43 99.25 -16.86
CA ASP N 29 -1.17 99.98 -16.78
C ASP N 29 -0.48 99.80 -15.42
N TYR N 30 0.43 98.84 -15.32
CA TYR N 30 1.13 98.56 -14.07
C TYR N 30 2.05 99.68 -13.60
N PHE N 31 2.34 100.67 -14.44
CA PHE N 31 3.24 101.78 -14.10
C PHE N 31 2.51 103.11 -13.93
N ALA N 32 1.18 103.11 -13.98
CA ALA N 32 0.37 104.32 -13.95
C ALA N 32 0.72 105.22 -12.77
N GLU N 33 1.13 106.46 -13.03
CA GLU N 33 1.27 107.46 -11.99
C GLU N 33 -0.09 107.82 -11.38
N ALA N 34 -0.12 108.10 -10.08
CA ALA N 34 -1.31 108.65 -9.44
C ALA N 34 -1.59 110.08 -9.93
N GLU N 35 -2.85 110.49 -9.99
CA GLU N 35 -3.22 111.84 -10.42
C GLU N 35 -2.92 112.87 -9.32
N LYS N 36 -2.42 114.05 -9.71
CA LYS N 36 -2.06 115.13 -8.78
C LYS N 36 -3.28 115.92 -8.33
N THR N 37 -3.21 116.49 -7.13
CA THR N 37 -4.25 117.35 -6.54
C THR N 37 -3.60 118.55 -5.86
N SER N 38 -4.21 119.74 -5.96
CA SER N 38 -3.62 120.98 -5.47
C SER N 38 -3.22 120.92 -3.99
N ILE N 39 -1.98 121.29 -3.68
CA ILE N 39 -1.52 121.49 -2.31
C ILE N 39 -2.11 122.79 -1.76
N VAL N 40 -2.25 123.85 -2.56
CA VAL N 40 -2.77 125.12 -2.06
C VAL N 40 -4.19 124.97 -1.54
N GLN N 41 -5.07 124.29 -2.27
CA GLN N 41 -6.43 124.03 -1.81
C GLN N 41 -6.46 123.13 -0.56
N ARG N 42 -5.38 122.41 -0.24
CA ARG N 42 -5.27 121.58 0.97
C ARG N 42 -4.98 122.44 2.20
N VAL N 43 -4.10 123.44 2.08
CA VAL N 43 -3.62 124.24 3.22
C VAL N 43 -4.36 125.56 3.41
N ALA N 44 -4.81 126.22 2.34
CA ALA N 44 -5.38 127.55 2.41
C ALA N 44 -6.86 127.53 2.82
N GLN N 45 -7.30 128.54 3.56
CA GLN N 45 -8.70 128.66 3.97
C GLN N 45 -9.61 128.91 2.76
N LYS N 46 -10.61 128.06 2.56
CA LYS N 46 -11.65 128.31 1.55
C LYS N 46 -12.65 129.33 2.06
N ILE N 47 -13.08 130.25 1.23
CA ILE N 47 -14.10 131.25 1.54
C ILE N 47 -15.27 131.19 0.55
N PRO N 48 -16.48 131.58 0.94
CA PRO N 48 -17.59 131.72 0.01
C PRO N 48 -17.32 132.90 -0.92
N MET N 49 -17.59 132.73 -2.21
CA MET N 49 -17.40 133.79 -3.21
C MET N 49 -18.38 133.62 -4.36
N GLY N 50 -18.78 134.72 -4.99
CA GLY N 50 -19.64 134.72 -6.18
C GLY N 50 -19.00 135.47 -7.34
N ALA N 51 -19.66 135.46 -8.50
CA ALA N 51 -19.14 136.02 -9.74
C ALA N 51 -18.76 137.51 -9.64
N THR N 52 -19.38 138.26 -8.72
CA THR N 52 -19.09 139.67 -8.48
C THR N 52 -17.74 139.91 -7.82
N GLY N 53 -17.13 138.89 -7.21
CA GLY N 53 -16.04 139.10 -6.25
C GLY N 53 -16.54 139.67 -4.92
N ILE N 54 -15.61 139.96 -4.01
CA ILE N 54 -15.89 140.42 -2.66
C ILE N 54 -14.98 141.55 -2.20
N VAL N 55 -15.41 142.28 -1.16
CA VAL N 55 -14.64 143.34 -0.49
C VAL N 55 -14.34 142.96 0.96
N ILE N 56 -13.09 143.09 1.36
CA ILE N 56 -12.59 142.79 2.70
C ILE N 56 -12.26 144.09 3.43
N PRO N 57 -12.89 144.39 4.57
CA PRO N 57 -12.57 145.54 5.40
C PRO N 57 -11.38 145.23 6.31
N HIS N 58 -10.73 146.26 6.86
CA HIS N 58 -9.62 146.13 7.81
C HIS N 58 -9.43 147.41 8.64
N TRP N 59 -8.76 147.32 9.78
CA TRP N 59 -8.52 148.45 10.68
C TRP N 59 -7.04 148.77 10.83
N THR N 60 -6.68 150.05 10.80
CA THR N 60 -5.28 150.50 10.82
C THR N 60 -5.04 151.70 11.73
N GLY N 61 -5.95 151.96 12.67
CA GLY N 61 -5.80 153.09 13.59
C GLY N 61 -4.56 152.96 14.47
N ASP N 62 -3.80 154.03 14.59
CA ASP N 62 -2.69 154.22 15.53
C ASP N 62 -3.15 154.99 16.79
N VAL N 63 -4.34 154.65 17.28
CA VAL N 63 -5.02 155.28 18.42
C VAL N 63 -4.12 155.27 19.66
N SER N 64 -4.00 156.39 20.36
CA SER N 64 -3.12 156.52 21.52
C SER N 64 -3.60 157.55 22.55
N ALA N 65 -3.18 157.35 23.80
CA ALA N 65 -3.65 158.10 24.97
C ALA N 65 -2.47 158.52 25.86
N GLN N 66 -2.59 159.63 26.58
CA GLN N 66 -1.45 160.26 27.26
C GLN N 66 -1.69 160.50 28.75
N TRP N 67 -0.66 160.34 29.56
CA TRP N 67 -0.71 160.70 30.97
C TRP N 67 -0.80 162.21 31.13
N ILE N 68 -1.65 162.67 32.03
CA ILE N 68 -1.90 164.10 32.28
C ILE N 68 -2.07 164.36 33.77
N GLY N 69 -1.61 165.51 34.25
CA GLY N 69 -1.82 165.95 35.63
C GLY N 69 -3.14 166.69 35.83
N GLU N 70 -3.40 167.10 37.06
CA GLU N 70 -4.56 167.93 37.36
C GLU N 70 -4.55 169.21 36.50
N GLY N 71 -5.62 169.41 35.72
CA GLY N 71 -5.80 170.60 34.89
C GLY N 71 -5.00 170.63 33.59
N ASP N 72 -4.18 169.62 33.29
CA ASP N 72 -3.50 169.50 31.99
C ASP N 72 -4.50 169.11 30.90
N MET N 73 -5.01 170.08 30.15
CA MET N 73 -6.13 169.83 29.23
C MET N 73 -5.79 168.83 28.12
N LYS N 74 -6.74 167.94 27.85
CA LYS N 74 -6.56 166.57 27.34
C LYS N 74 -6.40 166.50 25.81
N PRO N 75 -5.64 165.55 25.24
CA PRO N 75 -5.29 165.51 23.82
C PRO N 75 -6.34 164.84 22.93
N ILE N 76 -6.33 165.16 21.63
CA ILE N 76 -7.31 164.71 20.62
C ILE N 76 -6.70 163.62 19.73
N THR N 77 -7.49 162.59 19.35
CA THR N 77 -7.04 161.47 18.50
C THR N 77 -8.05 161.04 17.42
N LYS N 78 -7.65 160.20 16.46
CA LYS N 78 -8.41 159.78 15.27
C LYS N 78 -8.13 158.30 14.93
N GLY N 79 -9.10 157.55 14.42
CA GLY N 79 -8.91 156.16 13.95
C GLY N 79 -8.57 156.07 12.46
N ASN N 80 -8.51 154.87 11.86
CA ASN N 80 -8.37 154.74 10.41
C ASN N 80 -8.90 153.42 9.81
N MET N 81 -9.97 153.51 9.02
CA MET N 81 -10.51 152.41 8.22
C MET N 81 -9.60 152.08 7.01
N THR N 82 -9.69 150.88 6.45
CA THR N 82 -9.18 150.58 5.10
C THR N 82 -9.83 149.32 4.51
N LYS N 83 -9.70 149.06 3.21
CA LYS N 83 -10.31 147.89 2.56
C LYS N 83 -9.54 147.42 1.32
N ARG N 84 -9.78 146.18 0.91
CA ARG N 84 -9.19 145.49 -0.26
C ARG N 84 -10.25 144.66 -0.95
N ASP N 85 -10.18 144.49 -2.27
CA ASP N 85 -11.16 143.74 -3.06
C ASP N 85 -10.52 142.63 -3.90
N VAL N 86 -11.28 141.59 -4.20
CA VAL N 86 -10.80 140.45 -4.99
C VAL N 86 -11.92 139.81 -5.79
N HIS N 87 -11.60 139.22 -6.94
CA HIS N 87 -12.56 138.71 -7.92
C HIS N 87 -12.14 137.34 -8.43
N PRO N 88 -13.07 136.52 -8.96
CA PRO N 88 -12.72 135.28 -9.61
C PRO N 88 -12.17 135.51 -11.02
N ALA N 89 -11.43 134.53 -11.54
CA ALA N 89 -10.98 134.42 -12.92
C ALA N 89 -11.45 133.09 -13.54
N LYS N 90 -11.71 133.07 -14.85
CA LYS N 90 -12.14 131.86 -15.57
C LYS N 90 -10.94 131.05 -15.99
N ILE N 91 -11.05 129.73 -16.00
CA ILE N 91 -10.11 128.81 -16.65
C ILE N 91 -10.89 127.80 -17.48
N ALA N 92 -10.45 127.53 -18.71
CA ALA N 92 -11.27 126.80 -19.67
C ALA N 92 -10.46 126.04 -20.72
N THR N 93 -11.09 125.07 -21.36
CA THR N 93 -10.52 124.31 -22.48
C THR N 93 -11.60 123.62 -23.32
N ILE N 94 -11.31 123.22 -24.53
CA ILE N 94 -12.22 122.45 -25.40
C ILE N 94 -11.46 121.27 -25.97
N PHE N 95 -12.06 120.09 -26.05
CA PHE N 95 -11.47 118.97 -26.77
C PHE N 95 -12.46 118.34 -27.73
N VAL N 96 -11.99 117.90 -28.90
CA VAL N 96 -12.81 117.60 -30.08
C VAL N 96 -12.48 116.21 -30.60
N ALA N 97 -13.46 115.47 -31.09
CA ALA N 97 -13.25 114.15 -31.65
C ALA N 97 -14.17 113.86 -32.84
N SER N 98 -13.75 113.02 -33.77
CA SER N 98 -14.65 112.55 -34.82
C SER N 98 -15.79 111.76 -34.20
N ALA N 99 -17.01 111.83 -34.75
CA ALA N 99 -18.14 111.12 -34.16
C ALA N 99 -17.91 109.61 -34.12
N GLU N 100 -17.16 109.03 -35.06
CA GLU N 100 -16.77 107.62 -34.99
C GLU N 100 -15.92 107.34 -33.75
N THR N 101 -15.02 108.25 -33.36
CA THR N 101 -14.22 108.12 -32.14
C THR N 101 -15.14 108.16 -30.92
N VAL N 102 -16.13 109.04 -30.87
CA VAL N 102 -17.06 109.09 -29.73
C VAL N 102 -17.92 107.83 -29.68
N ARG N 103 -18.32 107.31 -30.85
CA ARG N 103 -19.17 106.12 -30.95
C ARG N 103 -18.46 104.85 -30.49
N ALA N 104 -17.18 104.69 -30.84
CA ALA N 104 -16.37 103.55 -30.38
C ALA N 104 -15.78 103.75 -28.97
N ASN N 105 -15.47 104.99 -28.59
CA ASN N 105 -14.73 105.37 -27.39
C ASN N 105 -13.50 104.49 -27.15
N PRO N 106 -12.49 104.52 -28.04
CA PRO N 106 -11.34 103.65 -27.96
C PRO N 106 -10.64 103.82 -26.62
N ALA N 107 -10.29 102.73 -25.95
CA ALA N 107 -9.55 102.74 -24.68
C ALA N 107 -10.17 103.62 -23.58
N ASN N 108 -11.47 103.91 -23.66
CA ASN N 108 -12.16 104.90 -22.85
C ASN N 108 -11.50 106.29 -22.88
N TYR N 109 -10.96 106.71 -24.02
CA TYR N 109 -10.30 108.00 -24.18
C TYR N 109 -11.21 109.17 -23.81
N LEU N 110 -12.45 109.19 -24.28
CA LEU N 110 -13.34 110.33 -23.99
C LEU N 110 -13.65 110.41 -22.49
N GLY N 111 -13.78 109.26 -21.82
CA GLY N 111 -13.95 109.22 -20.37
C GLY N 111 -12.68 109.65 -19.64
N THR N 112 -11.52 109.21 -20.11
CA THR N 112 -10.21 109.56 -19.55
C THR N 112 -10.01 111.06 -19.58
N MET N 113 -10.28 111.69 -20.72
CA MET N 113 -10.03 113.11 -20.92
C MET N 113 -10.73 113.98 -19.89
N ARG N 114 -11.93 113.62 -19.44
CA ARG N 114 -12.62 114.41 -18.42
C ARG N 114 -11.79 114.52 -17.15
N THR N 115 -11.30 113.40 -16.62
CA THR N 115 -10.43 113.45 -15.43
C THR N 115 -9.10 114.13 -15.72
N LYS N 116 -8.58 114.03 -16.94
CA LYS N 116 -7.30 114.63 -17.29
C LYS N 116 -7.40 116.15 -17.38
N VAL N 117 -8.45 116.72 -18.00
CA VAL N 117 -8.64 118.18 -17.97
C VAL N 117 -8.91 118.66 -16.55
N ALA N 118 -9.63 117.89 -15.74
CA ALA N 118 -9.89 118.27 -14.35
C ALA N 118 -8.58 118.39 -13.57
N THR N 119 -7.68 117.42 -13.76
CA THR N 119 -6.35 117.43 -13.16
C THR N 119 -5.55 118.63 -13.64
N ALA N 120 -5.54 118.89 -14.95
CA ALA N 120 -4.82 120.03 -15.48
C ALA N 120 -5.33 121.35 -14.89
N ILE N 121 -6.63 121.51 -14.73
CA ILE N 121 -7.22 122.70 -14.14
C ILE N 121 -6.79 122.86 -12.67
N ALA N 122 -6.72 121.79 -11.90
CA ALA N 122 -6.22 121.87 -10.54
C ALA N 122 -4.76 122.31 -10.51
N MET N 123 -3.89 121.74 -11.35
CA MET N 123 -2.49 122.13 -11.40
C MET N 123 -2.29 123.57 -11.87
N ALA N 124 -3.11 124.05 -12.80
CA ALA N 124 -3.03 125.43 -13.23
C ALA N 124 -3.31 126.39 -12.06
N PHE N 125 -4.34 126.12 -11.25
CA PHE N 125 -4.61 126.90 -10.05
C PHE N 125 -3.44 126.86 -9.09
N ASP N 126 -2.90 125.68 -8.85
CA ASP N 126 -1.85 125.51 -7.86
C ASP N 126 -0.55 126.25 -8.25
N ASN N 127 -0.04 126.03 -9.46
CA ASN N 127 1.19 126.70 -9.89
C ASN N 127 0.99 128.22 -9.97
N ALA N 128 -0.20 128.69 -10.35
CA ALA N 128 -0.49 130.12 -10.34
C ALA N 128 -0.44 130.71 -8.92
N ALA N 129 -0.79 129.94 -7.90
CA ALA N 129 -0.78 130.38 -6.52
C ALA N 129 0.61 130.34 -5.88
N LEU N 130 1.39 129.27 -6.12
CA LEU N 130 2.72 129.19 -5.55
C LEU N 130 3.70 130.12 -6.26
N HIS N 131 3.82 130.00 -7.58
CA HIS N 131 4.96 130.55 -8.32
C HIS N 131 4.57 131.65 -9.31
N GLY N 132 3.29 131.99 -9.39
CA GLY N 132 2.82 133.03 -10.31
C GLY N 132 3.02 132.69 -11.78
N THR N 133 3.17 131.41 -12.13
CA THR N 133 3.68 130.99 -13.45
C THR N 133 2.91 131.58 -14.63
N ASN N 134 1.58 131.65 -14.53
CA ASN N 134 0.70 132.13 -15.60
C ASN N 134 -0.50 132.88 -15.03
N ALA N 135 -0.40 133.38 -13.80
CA ALA N 135 -1.55 133.76 -12.99
C ALA N 135 -2.39 134.86 -13.67
N PRO N 136 -3.72 134.77 -13.61
CA PRO N 136 -4.58 135.85 -14.09
C PRO N 136 -4.47 137.02 -13.14
N SER N 137 -4.66 138.24 -13.66
CA SER N 137 -4.48 139.47 -12.88
C SER N 137 -5.33 139.56 -11.63
N ALA N 138 -6.47 138.86 -11.59
CA ALA N 138 -7.37 138.85 -10.45
C ALA N 138 -6.79 138.16 -9.21
N PHE N 139 -5.75 137.34 -9.34
CA PHE N 139 -5.11 136.71 -8.19
C PHE N 139 -4.21 137.71 -7.49
N GLN N 140 -4.52 138.05 -6.24
CA GLN N 140 -3.75 139.02 -5.46
C GLN N 140 -2.50 138.37 -4.86
N GLY N 141 -1.42 138.28 -5.64
CA GLY N 141 -0.10 137.81 -5.22
C GLY N 141 0.13 136.29 -5.31
N TYR N 142 1.38 135.85 -5.18
CA TYR N 142 1.77 134.43 -5.18
C TYR N 142 2.94 134.17 -4.25
N LEU N 143 3.04 132.98 -3.65
CA LEU N 143 3.91 132.80 -2.47
C LEU N 143 5.38 133.06 -2.74
N ASP N 144 5.86 132.79 -3.95
CA ASP N 144 7.26 132.98 -4.31
C ASP N 144 7.71 134.46 -4.25
N GLN N 145 6.78 135.42 -4.16
CA GLN N 145 7.13 136.84 -4.03
C GLN N 145 7.80 137.22 -2.71
N SER N 146 7.85 136.34 -1.71
CA SER N 146 8.35 136.73 -0.39
C SER N 146 9.75 137.33 -0.43
N ASN N 147 9.98 138.40 0.34
CA ASN N 147 11.28 139.02 0.50
C ASN N 147 12.25 138.25 1.42
N LYS N 148 11.87 137.08 1.96
CA LYS N 148 12.71 136.30 2.88
C LYS N 148 13.03 134.91 2.35
N THR N 149 14.31 134.56 2.29
CA THR N 149 14.81 133.23 1.96
C THR N 149 15.73 132.70 3.05
N GLN N 150 15.73 131.40 3.28
CA GLN N 150 16.55 130.75 4.29
C GLN N 150 17.09 129.42 3.78
N SER N 151 18.39 129.21 3.91
CA SER N 151 18.96 127.89 3.65
C SER N 151 18.61 126.93 4.78
N ILE N 152 18.19 125.71 4.46
CA ILE N 152 18.00 124.63 5.44
C ILE N 152 19.12 123.59 5.36
N SER N 153 20.15 123.86 4.57
CA SER N 153 20.96 122.82 3.93
C SER N 153 21.82 121.96 4.86
N PRO N 154 22.72 122.50 5.70
CA PRO N 154 23.63 121.67 6.47
C PRO N 154 22.95 120.97 7.64
N ASN N 155 21.93 121.60 8.24
CA ASN N 155 21.18 121.05 9.37
C ASN N 155 19.76 121.63 9.40
N ALA N 156 18.76 120.79 9.17
CA ALA N 156 17.37 121.25 9.10
C ALA N 156 16.87 121.94 10.38
N TYR N 157 17.31 121.52 11.57
CA TYR N 157 16.80 122.10 12.82
C TYR N 157 17.24 123.56 12.97
N GLN N 158 18.54 123.83 12.80
CA GLN N 158 19.05 125.20 12.79
C GLN N 158 18.39 126.03 11.70
N GLY N 159 18.11 125.41 10.56
CA GLY N 159 17.39 126.03 9.45
C GLY N 159 16.02 126.52 9.88
N LEU N 160 15.11 125.63 10.23
CA LEU N 160 13.72 126.01 10.53
C LEU N 160 13.63 126.72 11.88
N GLY N 161 14.00 126.02 12.95
CA GLY N 161 13.62 126.37 14.31
C GLY N 161 14.38 127.54 14.91
N VAL N 162 15.48 127.98 14.29
CA VAL N 162 16.33 129.03 14.83
C VAL N 162 16.57 130.13 13.80
N SER N 163 17.30 129.87 12.71
CA SER N 163 17.66 130.90 11.75
C SER N 163 16.44 131.43 10.99
N GLY N 164 15.67 130.54 10.36
CA GLY N 164 14.48 130.95 9.61
C GLY N 164 13.47 131.64 10.53
N LEU N 165 13.16 131.04 11.66
CA LEU N 165 12.22 131.60 12.62
C LEU N 165 12.65 132.97 13.14
N THR N 166 13.95 133.25 13.26
CA THR N 166 14.42 134.59 13.63
C THR N 166 13.95 135.63 12.64
N LYS N 167 13.92 135.34 11.35
CA LYS N 167 13.46 136.30 10.34
C LYS N 167 11.99 136.62 10.51
N LEU N 168 11.17 135.59 10.72
CA LEU N 168 9.72 135.75 10.90
C LEU N 168 9.38 136.60 12.14
N VAL N 169 9.92 136.26 13.31
CA VAL N 169 9.61 137.04 14.52
C VAL N 169 10.20 138.44 14.49
N THR N 170 11.25 138.69 13.70
CA THR N 170 11.81 140.05 13.55
C THR N 170 10.90 140.98 12.73
N ASP N 171 10.19 140.46 11.72
CA ASP N 171 9.09 141.20 11.07
C ASP N 171 7.77 141.10 11.84
N GLY N 172 7.76 140.49 13.02
CA GLY N 172 6.57 140.36 13.85
C GLY N 172 5.53 139.37 13.32
N LYS N 173 5.91 138.46 12.42
CA LYS N 173 5.02 137.48 11.78
C LYS N 173 5.18 136.12 12.45
N LYS N 174 4.08 135.42 12.74
CA LYS N 174 4.13 134.11 13.39
C LYS N 174 4.49 132.98 12.43
N TRP N 175 4.84 131.82 12.95
CA TRP N 175 5.03 130.59 12.18
C TRP N 175 3.98 129.56 12.55
N THR N 176 3.14 129.11 11.61
CA THR N 176 2.06 128.15 11.88
C THR N 176 2.23 126.82 11.16
N HIS N 177 2.73 126.82 9.93
CA HIS N 177 2.90 125.61 9.14
C HIS N 177 4.22 125.61 8.37
N THR N 178 4.63 124.44 7.92
CA THR N 178 5.67 124.31 6.92
C THR N 178 5.28 123.28 5.87
N LEU N 179 5.66 123.55 4.63
CA LEU N 179 5.10 122.96 3.43
C LEU N 179 6.28 122.52 2.57
N LEU N 180 6.53 121.21 2.52
CA LEU N 180 7.77 120.62 2.03
C LEU N 180 7.57 119.81 0.76
N ASP N 181 8.39 120.03 -0.25
CA ASP N 181 8.48 119.08 -1.34
C ASP N 181 9.13 117.76 -0.88
N ASP N 182 8.76 116.60 -1.43
CA ASP N 182 9.41 115.33 -1.11
C ASP N 182 10.94 115.38 -1.27
N THR N 183 11.46 116.22 -2.16
CA THR N 183 12.89 116.45 -2.31
C THR N 183 13.58 117.01 -1.06
N VAL N 184 12.85 117.42 -0.03
CA VAL N 184 13.45 117.83 1.25
C VAL N 184 13.94 116.64 2.09
N GLU N 185 13.46 115.41 1.86
CA GLU N 185 13.79 114.29 2.75
C GLU N 185 15.30 114.06 3.02
N PRO N 186 16.22 114.11 2.04
CA PRO N 186 17.62 113.81 2.33
C PRO N 186 18.26 114.80 3.30
N VAL N 187 18.03 116.12 3.17
CA VAL N 187 18.65 117.05 4.12
C VAL N 187 18.05 116.89 5.51
N LEU N 188 16.79 116.50 5.58
CA LEU N 188 16.12 116.21 6.83
C LEU N 188 16.62 114.90 7.47
N ASN N 189 16.86 113.85 6.71
CA ASN N 189 17.55 112.65 7.20
C ASN N 189 18.97 113.00 7.65
N GLY N 190 19.62 113.95 6.99
CA GLY N 190 20.98 114.43 7.28
C GLY N 190 21.08 115.45 8.41
N SER N 191 20.03 115.65 9.21
CA SER N 191 20.02 116.54 10.37
C SER N 191 20.84 116.01 11.55
N VAL N 192 22.11 115.69 11.33
CA VAL N 192 22.98 115.12 12.36
C VAL N 192 23.34 116.12 13.44
N ASP N 193 23.42 115.64 14.68
CA ASP N 193 24.10 116.33 15.76
C ASP N 193 25.63 116.18 15.60
N ALA N 194 26.41 116.80 16.49
CA ALA N 194 27.86 116.77 16.37
C ALA N 194 28.49 115.41 16.68
N ASN N 195 27.74 114.46 17.28
CA ASN N 195 28.19 113.07 17.38
C ASN N 195 27.81 112.25 16.14
N GLY N 196 27.05 112.79 15.19
CA GLY N 196 26.63 112.07 14.00
C GLY N 196 25.31 111.30 14.15
N ARG N 197 24.60 111.39 15.28
CA ARG N 197 23.22 110.87 15.39
C ARG N 197 22.27 111.84 14.72
N PRO N 198 21.23 111.43 14.00
CA PRO N 198 20.23 112.35 13.49
C PRO N 198 19.37 112.94 14.61
N LEU N 199 18.79 114.13 14.38
CA LEU N 199 17.85 114.74 15.30
C LEU N 199 16.44 114.15 15.17
N PHE N 200 15.88 114.11 13.95
CA PHE N 200 14.44 113.87 13.75
C PHE N 200 14.00 112.40 13.67
N VAL N 201 14.85 111.42 13.99
CA VAL N 201 14.48 109.99 13.98
C VAL N 201 15.14 109.19 15.10
N GLU N 202 14.42 108.22 15.66
CA GLU N 202 14.74 107.56 16.94
C GLU N 202 15.87 106.53 16.85
N SER N 203 16.31 106.02 18.00
CA SER N 203 17.64 105.43 18.23
C SER N 203 18.05 104.20 17.41
N THR N 204 17.14 103.46 16.78
CA THR N 204 17.49 102.35 15.87
C THR N 204 17.26 102.69 14.40
N TYR N 205 16.79 103.88 14.08
CA TYR N 205 16.65 104.38 12.70
C TYR N 205 15.70 103.56 11.83
N GLU N 206 14.77 102.84 12.43
CA GLU N 206 13.81 102.00 11.70
C GLU N 206 12.72 102.82 11.03
N SER N 207 12.01 103.66 11.78
CA SER N 207 10.83 104.38 11.31
C SER N 207 11.18 105.59 10.45
N LEU N 208 10.24 106.05 9.62
CA LEU N 208 10.44 107.21 8.75
C LEU N 208 10.59 108.51 9.57
N THR N 209 11.44 109.43 9.12
CA THR N 209 11.78 110.65 9.88
C THR N 209 10.55 111.47 10.26
N THR N 210 10.55 112.05 11.46
CA THR N 210 9.30 112.47 12.11
C THR N 210 8.46 113.45 11.30
N PRO N 211 8.99 114.54 10.73
CA PRO N 211 8.18 115.44 9.93
C PRO N 211 7.61 114.79 8.67
N PHE N 212 8.27 113.78 8.10
CA PHE N 212 7.74 113.06 6.94
C PHE N 212 6.63 112.08 7.31
N ARG N 213 6.32 111.93 8.59
CA ARG N 213 5.03 111.38 9.06
C ARG N 213 3.86 112.37 8.93
N GLU N 214 4.11 113.57 8.40
CA GLU N 214 3.30 114.77 8.66
C GLU N 214 3.17 115.08 10.17
N GLY N 215 4.18 114.70 10.96
CA GLY N 215 4.30 115.14 12.34
C GLY N 215 4.59 116.64 12.46
N ARG N 216 4.44 117.19 13.64
CA ARG N 216 4.84 118.57 13.95
C ARG N 216 6.35 118.71 13.96
N ILE N 217 6.86 119.91 13.67
CA ILE N 217 8.20 120.35 14.04
C ILE N 217 8.03 121.48 15.06
N LEU N 218 8.59 121.38 16.26
CA LEU N 218 8.51 122.45 17.27
C LEU N 218 7.09 123.05 17.38
N GLY N 219 6.07 122.20 17.43
CA GLY N 219 4.66 122.59 17.52
C GLY N 219 3.93 122.79 16.19
N ARG N 220 4.60 123.08 15.07
CA ARG N 220 3.95 123.48 13.81
C ARG N 220 3.77 122.29 12.89
N PRO N 221 2.56 122.01 12.35
CA PRO N 221 2.33 120.92 11.42
C PRO N 221 3.18 120.98 10.15
N THR N 222 3.56 119.81 9.64
CA THR N 222 4.32 119.66 8.39
C THR N 222 3.38 119.15 7.32
N ILE N 223 3.35 119.77 6.15
CA ILE N 223 2.52 119.35 5.01
C ILE N 223 3.43 118.92 3.85
N LEU N 224 3.32 117.69 3.38
CA LEU N 224 4.16 117.17 2.30
C LEU N 224 3.51 117.34 0.91
N SER N 225 4.32 117.50 -0.14
CA SER N 225 3.86 117.51 -1.53
C SER N 225 4.90 116.97 -2.49
N ASP N 226 4.48 116.39 -3.61
CA ASP N 226 5.37 115.94 -4.69
C ASP N 226 5.54 116.98 -5.81
N HIS N 227 4.99 118.18 -5.67
CA HIS N 227 5.00 119.19 -6.74
C HIS N 227 5.14 120.62 -6.20
N VAL N 228 6.05 120.85 -5.25
CA VAL N 228 6.28 122.16 -4.64
C VAL N 228 7.61 122.77 -5.04
N ALA N 229 8.63 121.96 -5.31
CA ALA N 229 9.92 122.48 -5.73
C ALA N 229 9.84 123.18 -7.11
N GLU N 230 10.54 124.28 -7.25
CA GLU N 230 10.76 124.97 -8.52
C GLU N 230 12.00 125.84 -8.38
N GLY N 231 12.91 125.80 -9.36
CA GLY N 231 14.20 126.46 -9.22
C GLY N 231 14.95 125.92 -8.00
N ASP N 232 15.48 126.82 -7.17
CA ASP N 232 16.19 126.49 -5.94
C ASP N 232 15.31 126.43 -4.68
N VAL N 233 14.03 126.80 -4.76
CA VAL N 233 13.08 126.70 -3.64
C VAL N 233 12.55 125.27 -3.50
N VAL N 234 12.60 124.71 -2.28
CA VAL N 234 12.15 123.34 -1.99
C VAL N 234 10.98 123.28 -1.01
N GLY N 235 10.57 124.40 -0.44
CA GLY N 235 9.44 124.45 0.48
C GLY N 235 9.27 125.82 1.10
N TYR N 236 8.25 125.96 1.94
CA TYR N 236 7.89 127.22 2.56
C TYR N 236 7.56 127.02 4.04
N ALA N 237 7.64 128.09 4.81
CA ALA N 237 7.20 128.14 6.19
C ALA N 237 6.61 129.51 6.47
N GLY N 238 5.59 129.62 7.30
CA GLY N 238 5.04 130.94 7.62
C GLY N 238 3.69 130.87 8.30
N ASP N 239 2.97 131.98 8.28
CA ASP N 239 1.60 132.04 8.75
C ASP N 239 0.63 131.76 7.61
N PHE N 240 0.23 130.49 7.47
CA PHE N 240 -0.72 130.09 6.44
C PHE N 240 -2.14 130.61 6.70
N SER N 241 -2.39 131.37 7.77
CA SER N 241 -3.64 132.13 7.91
C SER N 241 -3.82 133.17 6.81
N GLN N 242 -2.74 133.62 6.18
CA GLN N 242 -2.79 134.72 5.22
C GLN N 242 -3.32 134.36 3.83
N ILE N 243 -3.58 133.09 3.51
CA ILE N 243 -4.07 132.70 2.18
C ILE N 243 -5.56 132.43 2.27
N ILE N 244 -6.38 133.08 1.44
CA ILE N 244 -7.78 132.70 1.25
C ILE N 244 -8.09 132.53 -0.23
N TRP N 245 -8.99 131.61 -0.56
CA TRP N 245 -9.30 131.27 -1.95
C TRP N 245 -10.74 130.84 -2.08
N GLY N 246 -11.32 130.91 -3.29
CA GLY N 246 -12.72 130.59 -3.48
C GLY N 246 -13.04 130.14 -4.90
N GLN N 247 -13.45 128.88 -5.06
CA GLN N 247 -14.02 128.39 -6.30
C GLN N 247 -15.43 128.95 -6.46
N VAL N 248 -15.78 129.42 -7.65
CA VAL N 248 -17.10 129.97 -7.93
C VAL N 248 -17.86 128.96 -8.78
N GLY N 249 -19.03 128.53 -8.32
CA GLY N 249 -19.71 127.38 -8.91
C GLY N 249 -18.89 126.11 -8.74
N GLY N 250 -18.54 125.44 -9.85
CA GLY N 250 -17.74 124.22 -9.88
C GLY N 250 -17.32 123.84 -11.30
N LEU N 251 -16.47 122.83 -11.44
CA LEU N 251 -16.00 122.37 -12.76
C LEU N 251 -17.20 121.92 -13.60
N SER N 252 -17.34 122.45 -14.81
CA SER N 252 -18.54 122.29 -15.63
C SER N 252 -18.20 121.81 -17.04
N PHE N 253 -19.01 120.90 -17.59
CA PHE N 253 -18.86 120.38 -18.94
C PHE N 253 -20.15 120.61 -19.73
N ASP N 254 -20.08 121.31 -20.85
CA ASP N 254 -21.07 121.22 -21.92
C ASP N 254 -20.57 120.24 -22.98
N VAL N 255 -21.46 119.61 -23.74
CA VAL N 255 -21.07 118.77 -24.88
C VAL N 255 -21.99 119.05 -26.06
N THR N 256 -21.46 119.11 -27.27
CA THR N 256 -22.23 119.49 -28.45
C THR N 256 -21.70 118.90 -29.75
N ASP N 257 -22.60 118.74 -30.72
CA ASP N 257 -22.28 118.45 -32.11
C ASP N 257 -22.89 119.48 -33.06
N GLN N 258 -23.51 120.54 -32.54
CA GLN N 258 -24.12 121.61 -33.34
C GLN N 258 -23.13 122.70 -33.72
N ALA N 259 -22.13 122.95 -32.89
CA ALA N 259 -21.35 124.19 -32.93
C ALA N 259 -20.40 124.34 -34.12
N THR N 260 -19.71 125.46 -34.20
CA THR N 260 -18.62 125.73 -35.13
C THR N 260 -17.44 126.27 -34.34
N LEU N 261 -16.24 125.74 -34.55
CA LEU N 261 -15.07 126.08 -33.75
C LEU N 261 -13.98 126.67 -34.63
N ASN N 262 -13.26 127.67 -34.15
CA ASN N 262 -12.11 128.19 -34.85
C ASN N 262 -10.86 127.40 -34.45
N LEU N 263 -10.24 126.71 -35.38
CA LEU N 263 -9.01 125.97 -35.10
C LEU N 263 -7.76 126.86 -35.07
N GLY N 264 -7.85 128.12 -35.51
CA GLY N 264 -6.82 129.14 -35.41
C GLY N 264 -7.17 130.22 -34.39
N SER N 265 -6.46 131.35 -34.39
CA SER N 265 -6.76 132.50 -33.53
C SER N 265 -7.77 133.45 -34.18
N GLN N 266 -8.19 134.50 -33.48
CA GLN N 266 -9.06 135.53 -34.06
C GLN N 266 -8.40 136.28 -35.21
N GLU N 267 -7.08 136.44 -35.19
CA GLU N 267 -6.31 137.05 -36.27
C GLU N 267 -6.04 136.13 -37.47
N SER N 268 -6.38 134.84 -37.35
CA SER N 268 -5.99 133.79 -38.30
C SER N 268 -7.03 132.68 -38.36
N PRO N 269 -8.31 133.02 -38.63
CA PRO N 269 -9.40 132.10 -38.42
C PRO N 269 -9.34 130.93 -39.38
N ASN N 270 -9.78 129.78 -38.90
CA ASN N 270 -9.83 128.51 -39.61
C ASN N 270 -11.00 127.69 -39.08
N PHE N 271 -12.22 128.09 -39.44
CA PHE N 271 -13.44 127.52 -38.90
C PHE N 271 -13.71 126.11 -39.43
N VAL N 272 -14.19 125.23 -38.55
CA VAL N 272 -14.76 123.93 -38.92
C VAL N 272 -16.14 123.82 -38.31
N SER N 273 -17.15 123.53 -39.14
CA SER N 273 -18.49 123.22 -38.64
C SER N 273 -18.51 121.81 -38.08
N LEU N 274 -18.78 121.64 -36.79
CA LEU N 274 -18.79 120.30 -36.22
C LEU N 274 -19.88 119.45 -36.88
N TRP N 275 -21.03 120.05 -37.16
CA TRP N 275 -22.15 119.31 -37.69
C TRP N 275 -21.93 118.81 -39.11
N GLN N 276 -21.23 119.59 -39.95
CA GLN N 276 -20.96 119.18 -41.33
C GLN N 276 -19.77 118.24 -41.42
N HIS N 277 -18.73 118.41 -40.61
CA HIS N 277 -17.59 117.50 -40.55
C HIS N 277 -17.81 116.29 -39.64
N ASN N 278 -19.03 116.04 -39.16
CA ASN N 278 -19.33 114.88 -38.32
C ASN N 278 -18.48 114.80 -37.05
N LEU N 279 -18.19 115.93 -36.41
CA LEU N 279 -17.40 116.02 -35.19
C LEU N 279 -18.28 116.20 -33.94
N VAL N 280 -17.69 116.01 -32.76
CA VAL N 280 -18.29 116.24 -31.45
C VAL N 280 -17.28 116.97 -30.58
N ALA N 281 -17.70 117.93 -29.76
CA ALA N 281 -16.81 118.69 -28.90
C ALA N 281 -17.33 118.78 -27.47
N VAL N 282 -16.41 118.78 -26.50
CA VAL N 282 -16.71 119.00 -25.08
C VAL N 282 -16.10 120.32 -24.66
N ARG N 283 -16.90 121.21 -24.06
CA ARG N 283 -16.54 122.60 -23.77
C ARG N 283 -16.52 122.76 -22.27
N VAL N 284 -15.37 123.06 -21.66
CA VAL N 284 -15.11 122.88 -20.22
C VAL N 284 -14.67 124.18 -19.57
N GLU N 285 -15.22 124.53 -18.41
CA GLU N 285 -14.70 125.66 -17.64
C GLU N 285 -14.95 125.56 -16.14
N ALA N 286 -14.16 126.32 -15.39
CA ALA N 286 -14.23 126.52 -13.95
C ALA N 286 -13.83 127.96 -13.61
N GLU N 287 -14.10 128.42 -12.39
CA GLU N 287 -13.69 129.74 -11.93
C GLU N 287 -13.09 129.69 -10.52
N TYR N 288 -12.05 130.45 -10.26
CA TYR N 288 -11.42 130.54 -8.94
C TYR N 288 -11.00 131.97 -8.62
N GLY N 289 -10.91 132.33 -7.35
CA GLY N 289 -10.23 133.55 -6.89
C GLY N 289 -9.18 133.21 -5.84
N LEU N 290 -8.17 134.05 -5.67
CA LEU N 290 -7.08 133.86 -4.71
C LEU N 290 -6.59 135.19 -4.13
N LEU N 291 -6.26 135.22 -2.85
CA LEU N 291 -5.59 136.33 -2.19
C LEU N 291 -4.57 135.81 -1.18
N ILE N 292 -3.39 136.41 -1.16
CA ILE N 292 -2.48 136.29 -0.02
C ILE N 292 -2.37 137.66 0.63
N ASN N 293 -2.71 137.75 1.90
CA ASN N 293 -2.85 139.05 2.57
C ASN N 293 -1.52 139.81 2.67
N ASP N 294 -0.42 139.10 2.90
CA ASP N 294 0.94 139.63 2.90
C ASP N 294 1.94 138.53 2.54
N VAL N 295 2.47 138.57 1.32
CA VAL N 295 3.46 137.59 0.85
C VAL N 295 4.76 137.62 1.64
N ASN N 296 5.03 138.65 2.43
CA ASN N 296 6.19 138.69 3.29
C ASN N 296 6.03 137.84 4.56
N ALA N 297 4.83 137.30 4.84
CA ALA N 297 4.60 136.45 6.01
C ALA N 297 5.09 135.00 5.84
N PHE N 298 5.85 134.72 4.79
CA PHE N 298 6.37 133.40 4.45
C PHE N 298 7.89 133.45 4.27
N VAL N 299 8.62 132.42 4.66
CA VAL N 299 10.04 132.25 4.38
C VAL N 299 10.18 131.15 3.35
N LYS N 300 10.90 131.41 2.27
CA LYS N 300 11.22 130.39 1.26
C LYS N 300 12.38 129.54 1.75
N LEU N 301 12.31 128.23 1.59
CA LEU N 301 13.34 127.29 2.02
C LEU N 301 14.17 126.83 0.83
N THR N 302 15.49 126.85 0.97
CA THR N 302 16.45 126.57 -0.10
C THR N 302 17.61 125.70 0.37
N PHE N 303 18.37 125.13 -0.56
CA PHE N 303 19.53 124.28 -0.25
C PHE N 303 20.89 124.96 -0.38
N ASP N 304 20.96 126.24 -0.75
CA ASP N 304 22.24 126.91 -1.05
C ASP N 304 23.15 126.98 0.19
N PRO N 305 24.48 126.96 0.00
CA PRO N 305 25.43 127.23 1.07
C PRO N 305 25.32 128.70 1.48
N VAL N 306 25.26 128.96 2.80
CA VAL N 306 25.17 130.33 3.32
C VAL N 306 26.48 131.07 3.08
N LEU N 307 26.41 132.19 2.35
CA LEU N 307 27.61 132.92 1.91
C LEU N 307 28.35 133.58 3.08
N THR N 308 29.68 133.53 3.03
CA THR N 308 30.52 134.49 3.77
C THR N 308 30.70 135.76 2.93
N THR N 309 30.96 136.90 3.55
CA THR N 309 31.32 138.13 2.80
C THR N 309 32.56 138.78 3.40
N TYR N 310 33.52 139.12 2.56
CA TYR N 310 34.85 139.61 2.94
C TYR N 310 35.15 140.99 2.37
N ALA N 311 35.88 141.79 3.13
CA ALA N 311 36.59 142.96 2.64
C ALA N 311 38.00 142.55 2.22
N LEU N 312 38.36 142.83 0.97
CA LEU N 312 39.68 142.63 0.36
C LEU N 312 40.41 143.97 0.25
N ASP N 313 41.32 144.23 1.19
CA ASP N 313 42.30 145.32 1.12
C ASP N 313 43.37 145.01 0.07
N LEU N 314 43.77 146.01 -0.71
CA LEU N 314 44.72 145.87 -1.82
C LEU N 314 45.64 147.11 -1.93
N ASP N 315 46.21 147.57 -0.81
CA ASP N 315 47.25 148.62 -0.80
C ASP N 315 48.60 148.08 -1.34
N GLY N 316 49.49 148.97 -1.76
CA GLY N 316 50.74 148.61 -2.46
C GLY N 316 50.57 148.31 -3.96
N ALA N 317 49.34 148.40 -4.47
CA ALA N 317 48.93 148.13 -5.84
C ALA N 317 49.24 149.29 -6.80
N SER N 318 50.50 149.72 -6.88
CA SER N 318 50.94 150.71 -7.88
C SER N 318 50.92 150.14 -9.31
N ALA N 319 51.26 148.87 -9.45
CA ALA N 319 51.09 148.03 -10.64
C ALA N 319 51.04 146.54 -10.22
N GLY N 320 51.24 145.61 -11.16
CA GLY N 320 51.44 144.18 -10.86
C GLY N 320 50.17 143.33 -10.88
N ASN N 321 50.24 142.15 -10.26
CA ASN N 321 49.11 141.20 -10.24
C ASN N 321 49.10 140.31 -8.98
N PHE N 322 47.95 139.72 -8.67
CA PHE N 322 47.71 138.87 -7.50
C PHE N 322 46.87 137.64 -7.89
N THR N 323 46.56 136.75 -6.96
CA THR N 323 45.61 135.65 -7.23
C THR N 323 44.86 135.25 -5.96
N LEU N 324 43.69 134.62 -6.15
CA LEU N 324 42.77 134.20 -5.10
C LEU N 324 42.54 132.67 -5.17
N SER N 325 42.30 132.03 -4.04
CA SER N 325 42.05 130.59 -3.94
C SER N 325 40.93 130.26 -2.95
N LEU N 326 40.00 129.41 -3.35
CA LEU N 326 38.74 129.10 -2.67
C LEU N 326 38.73 127.64 -2.23
N ASP N 327 38.60 127.37 -0.93
CA ASP N 327 38.80 126.05 -0.31
C ASP N 327 40.14 125.35 -0.68
N GLY N 328 41.12 126.11 -1.18
CA GLY N 328 42.41 125.60 -1.69
C GLY N 328 42.47 125.33 -3.20
N LYS N 329 41.42 125.66 -3.98
CA LYS N 329 41.42 125.59 -5.46
C LYS N 329 41.65 127.00 -6.03
N THR N 330 42.63 127.16 -6.91
CA THR N 330 43.27 128.46 -7.18
C THR N 330 42.87 129.05 -8.53
N SER N 331 42.54 130.34 -8.53
CA SER N 331 42.21 131.14 -9.73
C SER N 331 43.43 131.47 -10.59
N ALA N 332 43.19 132.10 -11.75
CA ALA N 332 44.24 132.71 -12.56
C ALA N 332 44.90 133.92 -11.85
N ASN N 333 45.91 134.52 -12.50
CA ASN N 333 46.43 135.82 -12.09
C ASN N 333 45.39 136.93 -12.37
N ILE N 334 45.26 137.87 -11.45
CA ILE N 334 44.33 139.01 -11.48
C ILE N 334 45.15 140.31 -11.45
N ALA N 335 44.91 141.23 -12.39
CA ALA N 335 45.66 142.49 -12.44
C ALA N 335 45.36 143.42 -11.25
N TYR N 336 46.34 144.23 -10.85
CA TYR N 336 46.19 145.23 -9.78
C TYR N 336 45.01 146.19 -9.98
N ASN N 337 44.69 146.53 -11.23
CA ASN N 337 43.62 147.44 -11.62
C ASN N 337 42.29 146.73 -11.96
N ALA N 338 42.17 145.43 -11.70
CA ALA N 338 41.02 144.61 -12.10
C ALA N 338 39.68 145.16 -11.60
N SER N 339 38.71 145.29 -12.51
CA SER N 339 37.33 145.71 -12.21
C SER N 339 36.52 144.59 -11.52
N THR N 340 35.36 144.93 -10.96
CA THR N 340 34.42 143.99 -10.31
C THR N 340 34.11 142.78 -11.19
N ALA N 341 33.84 142.98 -12.48
CA ALA N 341 33.57 141.90 -13.42
C ALA N 341 34.72 140.90 -13.50
N THR N 342 35.97 141.39 -13.54
CA THR N 342 37.17 140.57 -13.57
C THR N 342 37.37 139.84 -12.24
N VAL N 343 37.24 140.52 -11.10
CA VAL N 343 37.42 139.90 -9.79
C VAL N 343 36.37 138.82 -9.53
N LYS N 344 35.10 139.04 -9.92
CA LYS N 344 34.06 138.01 -9.92
C LYS N 344 34.45 136.84 -10.82
N SER N 345 34.78 137.13 -12.08
CA SER N 345 35.07 136.10 -13.09
C SER N 345 36.20 135.17 -12.66
N ALA N 346 37.28 135.71 -12.10
CA ALA N 346 38.41 134.92 -11.66
C ALA N 346 38.07 133.92 -10.53
N ILE N 347 37.11 134.24 -9.66
CA ILE N 347 36.63 133.28 -8.65
C ILE N 347 35.73 132.22 -9.29
N VAL N 348 34.71 132.62 -10.07
CA VAL N 348 33.73 131.63 -10.58
C VAL N 348 34.36 130.66 -11.59
N ALA N 349 35.46 131.04 -12.23
CA ALA N 349 36.27 130.16 -13.08
C ALA N 349 37.14 129.12 -12.31
N ILE N 350 37.06 129.04 -10.97
CA ILE N 350 37.84 128.07 -10.17
C ILE N 350 37.35 126.60 -10.36
N ASP N 351 36.16 126.39 -10.93
CA ASP N 351 35.42 125.13 -10.84
C ASP N 351 35.07 124.80 -9.38
N ASP N 352 35.27 123.55 -8.92
CA ASP N 352 34.94 123.09 -7.56
C ASP N 352 33.47 123.30 -7.14
N GLY N 353 32.59 123.65 -8.08
CA GLY N 353 31.19 123.92 -7.86
C GLY N 353 30.81 125.38 -7.53
N VAL N 354 31.73 126.35 -7.53
CA VAL N 354 31.34 127.77 -7.42
C VAL N 354 30.79 128.30 -8.75
N SER N 355 29.79 129.18 -8.71
CA SER N 355 29.14 129.73 -9.90
C SER N 355 28.76 131.21 -9.75
N ALA N 356 28.48 131.89 -10.86
CA ALA N 356 28.05 133.29 -10.87
C ALA N 356 26.75 133.55 -10.07
N ASP N 357 25.97 132.50 -9.78
CA ASP N 357 24.82 132.55 -8.89
C ASP N 357 25.21 132.90 -7.44
N ASP N 358 26.45 132.63 -7.03
CA ASP N 358 26.93 132.76 -5.66
C ASP N 358 27.72 134.07 -5.40
N VAL N 359 28.49 134.54 -6.40
CA VAL N 359 29.55 135.52 -6.18
C VAL N 359 29.17 136.91 -6.66
N THR N 360 29.25 137.91 -5.78
CA THR N 360 29.04 139.33 -6.08
C THR N 360 30.19 140.16 -5.53
N VAL N 361 30.60 141.23 -6.24
CA VAL N 361 31.72 142.09 -5.84
C VAL N 361 31.36 143.57 -6.03
N THR N 362 31.65 144.42 -5.06
CA THR N 362 31.43 145.89 -5.12
C THR N 362 32.55 146.65 -4.40
N GLY N 363 32.79 147.92 -4.79
CA GLY N 363 33.94 148.70 -4.34
C GLY N 363 34.73 149.29 -5.52
N SER N 364 36.05 149.36 -5.41
CA SER N 364 36.96 149.81 -6.48
C SER N 364 38.35 149.20 -6.35
N ALA N 365 39.17 149.24 -7.41
CA ALA N 365 40.51 148.65 -7.42
C ALA N 365 41.40 149.26 -6.31
N GLY N 366 41.63 148.49 -5.25
CA GLY N 366 42.27 148.94 -3.99
C GLY N 366 41.51 148.52 -2.73
N ASP N 367 40.19 148.38 -2.82
CA ASP N 367 39.30 147.97 -1.72
C ASP N 367 37.98 147.41 -2.28
N TYR N 368 37.80 146.09 -2.18
CA TYR N 368 36.59 145.39 -2.65
C TYR N 368 35.85 144.66 -1.52
N THR N 369 34.53 144.59 -1.59
CA THR N 369 33.70 143.67 -0.82
C THR N 369 33.26 142.52 -1.73
N ILE N 370 33.46 141.28 -1.32
CA ILE N 370 33.13 140.06 -2.09
C ILE N 370 32.24 139.11 -1.28
N THR N 371 31.15 138.62 -1.88
CA THR N 371 30.29 137.56 -1.32
C THR N 371 30.69 136.21 -1.92
N VAL N 372 30.89 135.17 -1.11
CA VAL N 372 31.48 133.91 -1.58
C VAL N 372 31.02 132.70 -0.74
N PRO N 373 30.87 131.48 -1.31
CA PRO N 373 30.43 130.33 -0.53
C PRO N 373 31.55 129.67 0.30
N GLY N 374 32.75 129.55 -0.27
CA GLY N 374 33.89 128.86 0.36
C GLY N 374 34.70 129.72 1.34
N THR N 375 35.71 129.13 1.98
CA THR N 375 36.76 129.91 2.65
C THR N 375 37.71 130.50 1.61
N LEU N 376 37.98 131.80 1.71
CA LEU N 376 38.69 132.57 0.68
C LEU N 376 40.10 132.92 1.15
N THR N 377 41.09 132.70 0.28
CA THR N 377 42.52 132.85 0.55
C THR N 377 43.21 133.50 -0.66
N ALA N 378 44.42 134.03 -0.49
CA ALA N 378 45.05 134.89 -1.50
C ALA N 378 46.58 134.78 -1.53
N ASP N 379 47.16 135.22 -2.65
CA ASP N 379 48.58 135.47 -2.84
C ASP N 379 48.78 136.83 -3.56
N PHE N 380 49.66 137.67 -3.03
CA PHE N 380 49.96 139.02 -3.55
C PHE N 380 51.42 139.17 -4.02
N SER N 381 52.13 138.05 -4.26
CA SER N 381 53.57 138.06 -4.62
C SER N 381 53.91 138.83 -5.91
N GLY N 382 52.93 139.05 -6.81
CA GLY N 382 53.12 139.82 -8.04
C GLY N 382 52.74 141.31 -7.94
N LEU N 383 52.21 141.76 -6.80
CA LEU N 383 51.76 143.14 -6.58
C LEU N 383 52.97 144.04 -6.22
N THR N 384 53.00 145.31 -6.66
CA THR N 384 54.25 146.10 -6.68
C THR N 384 54.98 146.21 -5.33
N ASP N 385 54.33 146.65 -4.25
CA ASP N 385 55.00 146.75 -2.94
C ASP N 385 55.10 145.39 -2.21
N GLY N 386 54.40 144.37 -2.70
CA GLY N 386 54.37 143.01 -2.15
C GLY N 386 53.67 142.84 -0.80
N GLU N 387 53.18 143.93 -0.19
CA GLU N 387 52.58 143.96 1.15
C GLU N 387 51.56 145.13 1.27
N GLY N 388 50.61 145.03 2.21
CA GLY N 388 49.52 146.01 2.41
C GLY N 388 48.17 145.54 1.89
N ALA N 389 48.13 144.47 1.10
CA ALA N 389 46.92 143.71 0.79
C ALA N 389 46.57 142.74 1.93
N SER N 390 45.28 142.50 2.20
CA SER N 390 44.77 141.58 3.23
C SER N 390 43.28 141.30 3.06
N ILE N 391 42.75 140.28 3.74
CA ILE N 391 41.34 139.89 3.67
C ILE N 391 40.76 139.61 5.08
N SER N 392 39.54 140.09 5.35
CA SER N 392 38.82 139.87 6.61
C SER N 392 37.31 140.01 6.45
N VAL N 393 36.51 139.52 7.40
CA VAL N 393 35.04 139.51 7.31
C VAL N 393 34.46 140.93 7.30
N VAL N 394 33.45 141.18 6.46
CA VAL N 394 32.98 142.56 6.19
C VAL N 394 32.14 143.20 7.31
N SER N 395 31.35 142.41 8.04
CA SER N 395 30.32 142.95 8.94
C SER N 395 30.92 143.56 10.22
N VAL N 396 30.84 144.88 10.35
CA VAL N 396 31.36 145.69 11.47
C VAL N 396 30.33 146.74 11.88
N GLY N 397 30.11 146.95 13.18
CA GLY N 397 29.18 147.94 13.73
C GLY N 397 29.11 147.96 15.25
N GLY O 2 -9.99 138.44 -27.57
CA GLY O 2 -11.18 138.87 -26.81
C GLY O 2 -11.62 140.26 -27.21
N PHE O 3 -12.92 140.52 -27.15
CA PHE O 3 -13.50 141.83 -27.52
C PHE O 3 -13.14 142.93 -26.53
N SER O 4 -13.11 144.17 -27.00
CA SER O 4 -12.98 145.36 -26.16
C SER O 4 -14.15 145.50 -25.20
N ALA O 5 -13.94 146.11 -24.03
CA ALA O 5 -15.03 146.71 -23.27
C ALA O 5 -15.78 147.74 -24.13
N ASP O 6 -17.07 147.94 -23.89
CA ASP O 6 -17.96 148.79 -24.71
C ASP O 6 -17.99 148.40 -26.20
N HIS O 7 -17.66 147.16 -26.57
CA HIS O 7 -17.76 146.73 -27.97
C HIS O 7 -19.21 146.80 -28.45
N SER O 8 -19.44 147.42 -29.61
CA SER O 8 -20.78 147.89 -29.97
C SER O 8 -21.79 146.78 -30.30
N GLN O 9 -21.34 145.55 -30.56
CA GLN O 9 -22.22 144.46 -30.98
C GLN O 9 -22.43 143.34 -29.96
N ILE O 10 -21.69 143.31 -28.84
CA ILE O 10 -21.73 142.17 -27.89
C ILE O 10 -21.73 142.70 -26.46
N ALA O 11 -22.90 142.73 -25.83
CA ALA O 11 -23.04 143.18 -24.45
C ALA O 11 -22.31 142.25 -23.47
N GLN O 12 -21.53 142.81 -22.54
CA GLN O 12 -20.77 142.04 -21.55
C GLN O 12 -20.51 142.84 -20.28
N THR O 13 -20.17 142.18 -19.17
CA THR O 13 -20.08 142.82 -17.84
C THR O 13 -19.01 143.90 -17.73
N LYS O 14 -18.05 143.95 -18.65
CA LYS O 14 -17.07 145.05 -18.76
C LYS O 14 -17.72 146.40 -19.05
N ASP O 15 -18.89 146.41 -19.69
CA ASP O 15 -19.43 147.60 -20.34
C ASP O 15 -19.92 148.66 -19.37
N THR O 16 -19.80 149.91 -19.77
CA THR O 16 -20.24 151.07 -19.00
C THR O 16 -21.70 151.01 -18.58
N MET O 17 -22.62 150.49 -19.41
CA MET O 17 -24.04 150.33 -19.04
C MET O 17 -24.21 149.50 -17.75
N PHE O 18 -23.33 148.56 -17.44
CA PHE O 18 -23.42 147.74 -16.22
C PHE O 18 -22.68 148.32 -15.02
N THR O 19 -21.92 149.41 -15.16
CA THR O 19 -21.18 149.96 -14.03
C THR O 19 -22.09 150.32 -12.87
N GLY O 20 -21.70 149.93 -11.66
CA GLY O 20 -22.48 150.11 -10.43
C GLY O 20 -23.56 149.06 -10.18
N TYR O 21 -23.98 148.27 -11.18
CA TYR O 21 -24.95 147.19 -10.96
C TYR O 21 -24.31 145.90 -10.44
N LEU O 22 -23.02 145.70 -10.63
CA LEU O 22 -22.35 144.41 -10.42
C LEU O 22 -21.36 144.40 -9.25
N ASP O 23 -21.37 145.40 -8.36
CA ASP O 23 -20.30 145.61 -7.37
C ASP O 23 -20.05 144.39 -6.46
N PRO O 24 -18.80 144.16 -6.03
CA PRO O 24 -18.42 143.05 -5.18
C PRO O 24 -19.10 143.13 -3.82
N VAL O 25 -19.45 141.98 -3.27
CA VAL O 25 -20.19 141.85 -2.01
C VAL O 25 -19.26 142.01 -0.81
N GLN O 26 -19.65 142.68 0.26
CA GLN O 26 -18.79 142.79 1.44
C GLN O 26 -18.72 141.47 2.23
N ALA O 27 -17.58 141.17 2.82
CA ALA O 27 -17.38 140.03 3.71
C ALA O 27 -16.69 140.45 5.02
N LYS O 28 -16.63 139.57 6.01
CA LYS O 28 -15.89 139.84 7.25
C LYS O 28 -14.39 139.97 7.01
N ASP O 29 -13.67 140.54 7.96
CA ASP O 29 -12.21 140.53 7.94
C ASP O 29 -11.68 139.14 8.30
N TYR O 30 -11.38 138.30 7.31
CA TYR O 30 -10.80 136.98 7.54
C TYR O 30 -9.40 137.04 8.17
N PHE O 31 -8.75 138.19 8.18
CA PHE O 31 -7.43 138.42 8.77
C PHE O 31 -7.50 139.19 10.09
N ALA O 32 -8.68 139.24 10.73
CA ALA O 32 -8.89 139.94 11.99
C ALA O 32 -7.85 139.57 13.05
N GLU O 33 -7.30 140.57 13.72
CA GLU O 33 -6.24 140.45 14.72
C GLU O 33 -6.76 140.80 16.11
N ALA O 34 -6.57 139.92 17.09
CA ALA O 34 -7.11 140.08 18.44
C ALA O 34 -6.46 141.24 19.20
N GLU O 35 -7.17 141.83 20.16
CA GLU O 35 -6.66 142.95 20.95
C GLU O 35 -5.52 142.53 21.87
N LYS O 36 -4.39 143.24 21.82
CA LYS O 36 -3.34 143.15 22.83
C LYS O 36 -3.92 143.54 24.19
N THR O 37 -3.38 142.98 25.27
CA THR O 37 -3.88 143.23 26.63
C THR O 37 -2.74 143.21 27.64
N SER O 38 -2.89 143.92 28.75
CA SER O 38 -1.77 144.18 29.66
C SER O 38 -1.16 142.93 30.26
N ILE O 39 0.17 142.84 30.26
CA ILE O 39 0.89 141.84 31.02
C ILE O 39 1.31 142.36 32.38
N VAL O 40 1.58 143.66 32.54
CA VAL O 40 1.90 144.17 33.88
C VAL O 40 0.71 144.07 34.83
N GLN O 41 -0.53 144.22 34.35
CA GLN O 41 -1.72 143.93 35.17
C GLN O 41 -1.85 142.43 35.54
N ARG O 42 -1.18 141.53 34.81
CA ARG O 42 -1.23 140.09 35.06
C ARG O 42 -0.18 139.66 36.07
N VAL O 43 1.06 140.14 35.94
CA VAL O 43 2.16 139.68 36.82
C VAL O 43 2.17 140.36 38.20
N ALA O 44 1.82 141.64 38.29
CA ALA O 44 1.90 142.41 39.53
C ALA O 44 0.67 142.24 40.42
N GLN O 45 0.82 142.33 41.75
CA GLN O 45 -0.31 142.25 42.66
C GLN O 45 -1.17 143.52 42.57
N LYS O 46 -2.47 143.38 42.38
CA LYS O 46 -3.39 144.52 42.45
C LYS O 46 -3.64 144.91 43.90
N ILE O 47 -3.45 146.17 44.25
CA ILE O 47 -3.74 146.76 45.57
C ILE O 47 -4.93 147.72 45.43
N PRO O 48 -5.93 147.70 46.32
CA PRO O 48 -7.01 148.69 46.30
C PRO O 48 -6.47 150.06 46.68
N MET O 49 -6.81 151.10 45.92
CA MET O 49 -6.23 152.44 46.07
C MET O 49 -7.29 153.54 46.03
N GLY O 50 -7.11 154.56 46.87
CA GLY O 50 -7.95 155.76 46.92
C GLY O 50 -7.29 156.97 46.26
N ALA O 51 -8.08 157.97 45.91
CA ALA O 51 -7.61 159.14 45.16
C ALA O 51 -6.49 159.94 45.85
N THR O 52 -6.39 159.87 47.18
CA THR O 52 -5.32 160.53 47.94
C THR O 52 -3.95 159.88 47.75
N GLY O 53 -3.87 158.69 47.15
CA GLY O 53 -2.69 157.85 47.28
C GLY O 53 -2.60 157.20 48.67
N ILE O 54 -1.59 156.35 48.88
CA ILE O 54 -1.45 155.47 50.05
C ILE O 54 -0.03 155.46 50.59
N VAL O 55 0.14 155.11 51.86
CA VAL O 55 1.44 154.99 52.56
C VAL O 55 1.65 153.56 53.02
N ILE O 56 2.85 153.01 52.83
CA ILE O 56 3.24 151.70 53.36
C ILE O 56 4.35 151.87 54.40
N PRO O 57 4.26 151.23 55.58
CA PRO O 57 5.35 151.17 56.53
C PRO O 57 6.34 150.07 56.16
N HIS O 58 7.56 150.13 56.68
CA HIS O 58 8.57 149.06 56.50
C HIS O 58 9.56 149.03 57.68
N TRP O 59 9.69 147.89 58.33
CA TRP O 59 10.65 147.71 59.42
C TRP O 59 12.05 147.43 58.90
N THR O 60 13.06 148.10 59.45
CA THR O 60 14.43 148.11 58.92
C THR O 60 15.48 147.83 59.97
N GLY O 61 15.07 147.50 61.20
CA GLY O 61 15.96 147.47 62.36
C GLY O 61 16.89 146.25 62.43
N ASP O 62 18.19 146.53 62.55
CA ASP O 62 19.21 145.55 62.93
C ASP O 62 19.26 145.36 64.47
N VAL O 63 18.18 144.82 65.04
CA VAL O 63 18.09 144.52 66.49
C VAL O 63 19.15 143.51 66.88
N SER O 64 19.71 143.61 68.08
CA SER O 64 20.91 142.85 68.49
C SER O 64 20.89 142.38 69.94
N ALA O 65 21.62 141.30 70.21
CA ALA O 65 21.81 140.73 71.54
C ALA O 65 23.18 140.04 71.64
N GLN O 66 23.77 139.97 72.83
CA GLN O 66 25.13 139.46 73.02
C GLN O 66 25.16 138.41 74.12
N TRP O 67 26.18 137.57 74.09
CA TRP O 67 26.45 136.63 75.16
C TRP O 67 27.16 137.32 76.33
N ILE O 68 26.85 136.94 77.56
CA ILE O 68 27.39 137.57 78.76
C ILE O 68 27.94 136.51 79.71
N GLY O 69 28.99 136.85 80.45
CA GLY O 69 29.34 136.11 81.66
C GLY O 69 28.39 136.45 82.81
N GLU O 70 28.48 135.71 83.91
CA GLU O 70 27.75 136.05 85.14
C GLU O 70 28.13 137.45 85.64
N GLY O 71 27.16 138.35 85.74
CA GLY O 71 27.37 139.75 86.15
C GLY O 71 28.03 140.65 85.11
N ASP O 72 28.30 140.17 83.89
CA ASP O 72 28.99 140.91 82.84
C ASP O 72 28.02 141.89 82.15
N MET O 73 27.82 143.06 82.76
CA MET O 73 26.57 143.81 82.60
C MET O 73 26.17 144.12 81.15
N LYS O 74 24.85 143.99 80.94
CA LYS O 74 24.14 143.68 79.70
C LYS O 74 24.16 144.80 78.65
N PRO O 75 24.20 144.47 77.35
CA PRO O 75 24.30 145.44 76.26
C PRO O 75 22.96 146.13 75.98
N ILE O 76 22.99 147.22 75.22
CA ILE O 76 21.79 148.01 74.88
C ILE O 76 21.60 148.05 73.37
N THR O 77 20.34 148.00 72.91
CA THR O 77 19.97 147.98 71.49
C THR O 77 18.75 148.87 71.21
N LYS O 78 18.58 149.34 69.96
CA LYS O 78 17.38 150.04 69.49
C LYS O 78 17.01 149.57 68.08
N GLY O 79 15.73 149.38 67.80
CA GLY O 79 15.25 149.01 66.46
C GLY O 79 15.25 150.20 65.50
N ASN O 80 14.68 150.03 64.30
CA ASN O 80 14.46 151.12 63.34
C ASN O 80 13.36 150.77 62.33
N MET O 81 12.65 151.77 61.80
CA MET O 81 11.63 151.57 60.78
C MET O 81 11.40 152.84 59.96
N THR O 82 10.77 152.69 58.80
CA THR O 82 10.60 153.74 57.77
C THR O 82 9.22 153.67 57.12
N LYS O 83 8.92 154.60 56.22
CA LYS O 83 7.68 154.64 55.44
C LYS O 83 7.92 155.10 54.01
N ARG O 84 7.01 154.79 53.10
CA ARG O 84 7.03 155.26 51.70
C ARG O 84 5.60 155.49 51.23
N ASP O 85 5.37 156.39 50.29
CA ASP O 85 4.03 156.68 49.78
C ASP O 85 3.94 156.63 48.25
N VAL O 86 2.74 156.40 47.74
CA VAL O 86 2.44 156.20 46.32
C VAL O 86 1.20 157.01 45.95
N HIS O 87 1.23 157.66 44.79
CA HIS O 87 0.12 158.47 44.29
C HIS O 87 -0.30 158.02 42.89
N PRO O 88 -1.58 158.00 42.57
CA PRO O 88 -2.03 157.66 41.23
C PRO O 88 -1.86 158.82 40.24
N ALA O 89 -1.95 158.53 38.94
CA ALA O 89 -1.90 159.47 37.84
C ALA O 89 -3.07 159.25 36.86
N LYS O 90 -3.57 160.34 36.27
CA LYS O 90 -4.61 160.29 35.24
C LYS O 90 -4.01 159.96 33.87
N ILE O 91 -4.79 159.28 33.04
CA ILE O 91 -4.57 159.13 31.61
C ILE O 91 -5.86 159.52 30.89
N ALA O 92 -5.77 160.17 29.74
CA ALA O 92 -6.94 160.75 29.08
C ALA O 92 -6.84 160.78 27.56
N THR O 93 -7.97 160.93 26.87
CA THR O 93 -8.07 161.10 25.42
C THR O 93 -9.39 161.73 25.02
N ILE O 94 -9.45 162.39 23.87
CA ILE O 94 -10.68 162.90 23.27
C ILE O 94 -10.72 162.44 21.82
N PHE O 95 -11.87 162.09 21.28
CA PHE O 95 -12.03 161.89 19.84
C PHE O 95 -13.33 162.54 19.32
N VAL O 96 -13.30 163.01 18.09
CA VAL O 96 -14.25 164.01 17.57
C VAL O 96 -14.78 163.57 16.20
N ALA O 97 -16.06 163.78 15.95
CA ALA O 97 -16.70 163.46 14.67
C ALA O 97 -17.79 164.47 14.32
N SER O 98 -18.05 164.71 13.03
CA SER O 98 -19.17 165.56 12.65
C SER O 98 -20.49 164.90 13.03
N ALA O 99 -21.51 165.68 13.37
CA ALA O 99 -22.82 165.12 13.71
C ALA O 99 -23.39 164.31 12.54
N GLU O 100 -23.10 164.71 11.30
CA GLU O 100 -23.46 163.96 10.09
C GLU O 100 -22.79 162.59 10.02
N THR O 101 -21.58 162.44 10.58
CA THR O 101 -20.97 161.12 10.79
C THR O 101 -21.66 160.38 11.93
N VAL O 102 -21.86 161.03 13.07
CA VAL O 102 -22.39 160.37 14.28
C VAL O 102 -23.79 159.82 14.05
N ARG O 103 -24.63 160.54 13.30
CA ARG O 103 -25.97 160.07 12.92
C ARG O 103 -25.91 158.79 12.10
N ALA O 104 -24.87 158.60 11.29
CA ALA O 104 -24.71 157.43 10.42
C ALA O 104 -23.95 156.26 11.07
N ASN O 105 -23.00 156.53 11.97
CA ASN O 105 -22.09 155.55 12.59
C ASN O 105 -21.51 154.54 11.58
N PRO O 106 -20.85 154.99 10.51
CA PRO O 106 -20.43 154.12 9.42
C PRO O 106 -19.40 153.11 9.91
N ALA O 107 -19.48 151.87 9.43
CA ALA O 107 -18.62 150.76 9.82
C ALA O 107 -18.50 150.56 11.34
N ASN O 108 -19.48 151.01 12.11
CA ASN O 108 -19.46 151.05 13.57
C ASN O 108 -18.20 151.73 14.13
N TYR O 109 -17.74 152.79 13.48
CA TYR O 109 -16.53 153.51 13.89
C TYR O 109 -16.57 153.97 15.34
N LEU O 110 -17.70 154.44 15.84
CA LEU O 110 -17.80 154.96 17.20
C LEU O 110 -17.63 153.84 18.24
N GLY O 111 -18.37 152.75 18.09
CA GLY O 111 -18.20 151.59 18.96
C GLY O 111 -16.80 151.00 18.85
N THR O 112 -16.23 150.99 17.65
CA THR O 112 -14.86 150.54 17.45
C THR O 112 -13.90 151.41 18.24
N MET O 113 -13.95 152.74 18.10
CA MET O 113 -13.06 153.63 18.82
C MET O 113 -13.15 153.42 20.33
N ARG O 114 -14.34 153.26 20.90
CA ARG O 114 -14.49 153.01 22.34
C ARG O 114 -13.76 151.75 22.80
N THR O 115 -13.63 150.73 21.97
CA THR O 115 -12.80 149.55 22.32
C THR O 115 -11.32 149.80 22.07
N LYS O 116 -10.96 150.45 20.95
CA LYS O 116 -9.56 150.70 20.60
C LYS O 116 -8.87 151.61 21.61
N VAL O 117 -9.53 152.66 22.09
CA VAL O 117 -8.94 153.52 23.12
C VAL O 117 -8.72 152.78 24.44
N ALA O 118 -9.58 151.83 24.80
CA ALA O 118 -9.37 151.01 25.98
C ALA O 118 -8.11 150.15 25.81
N THR O 119 -7.89 149.54 24.64
CA THR O 119 -6.63 148.85 24.35
C THR O 119 -5.46 149.81 24.45
N ALA O 120 -5.59 151.00 23.89
CA ALA O 120 -4.51 151.98 23.95
C ALA O 120 -4.13 152.32 25.39
N ILE O 121 -5.10 152.54 26.26
CA ILE O 121 -4.86 152.83 27.67
C ILE O 121 -4.18 151.65 28.35
N ALA O 122 -4.57 150.41 28.03
CA ALA O 122 -3.86 149.25 28.54
C ALA O 122 -2.40 149.23 28.08
N MET O 123 -2.15 149.37 26.78
CA MET O 123 -0.78 149.37 26.24
C MET O 123 0.08 150.50 26.81
N ALA O 124 -0.50 151.68 27.02
CA ALA O 124 0.21 152.80 27.64
C ALA O 124 0.64 152.48 29.07
N PHE O 125 -0.14 151.71 29.82
CA PHE O 125 0.23 151.31 31.17
C PHE O 125 1.38 150.31 31.19
N ASP O 126 1.39 149.30 30.32
CA ASP O 126 2.57 148.43 30.20
C ASP O 126 3.81 149.23 29.79
N ASN O 127 3.74 150.01 28.73
CA ASN O 127 4.91 150.73 28.25
C ASN O 127 5.42 151.74 29.29
N ALA O 128 4.54 152.32 30.11
CA ALA O 128 4.96 153.15 31.22
C ALA O 128 5.62 152.36 32.34
N ALA O 129 5.25 151.11 32.57
CA ALA O 129 5.78 150.30 33.67
C ALA O 129 7.07 149.56 33.30
N LEU O 130 7.17 149.07 32.07
CA LEU O 130 8.30 148.29 31.60
C LEU O 130 9.47 149.21 31.24
N HIS O 131 9.38 149.92 30.11
CA HIS O 131 10.45 150.77 29.59
C HIS O 131 10.39 152.21 30.10
N GLY O 132 9.27 152.64 30.70
CA GLY O 132 9.12 154.00 31.19
C GLY O 132 8.77 155.02 30.10
N THR O 133 8.22 154.58 28.96
CA THR O 133 8.23 155.36 27.71
C THR O 133 7.69 156.78 27.83
N ASN O 134 6.61 156.99 28.57
CA ASN O 134 6.03 158.30 28.86
C ASN O 134 5.64 158.43 30.33
N ALA O 135 6.30 157.70 31.22
CA ALA O 135 5.81 157.49 32.59
C ALA O 135 5.60 158.82 33.35
N PRO O 136 4.45 159.00 34.01
CA PRO O 136 4.18 160.19 34.81
C PRO O 136 5.02 160.17 36.08
N SER O 137 5.34 161.34 36.61
CA SER O 137 6.21 161.50 37.79
C SER O 137 5.70 160.77 39.03
N ALA O 138 4.40 160.51 39.14
CA ALA O 138 3.81 159.81 40.27
C ALA O 138 4.08 158.29 40.27
N PHE O 139 4.38 157.68 39.12
CA PHE O 139 4.82 156.28 39.09
C PHE O 139 6.23 156.18 39.66
N GLN O 140 6.50 155.20 40.52
CA GLN O 140 7.82 155.03 41.11
C GLN O 140 8.52 153.78 40.59
N GLY O 141 9.66 153.98 39.95
CA GLY O 141 10.42 152.92 39.26
C GLY O 141 9.80 152.53 37.91
N TYR O 142 10.62 151.95 37.05
CA TYR O 142 10.18 151.21 35.86
C TYR O 142 11.21 150.12 35.57
N LEU O 143 10.83 148.99 35.00
CA LEU O 143 11.73 147.82 35.02
C LEU O 143 13.04 148.06 34.28
N ASP O 144 13.05 148.83 33.21
CA ASP O 144 14.30 149.13 32.51
C ASP O 144 15.31 149.95 33.32
N GLN O 145 14.87 150.62 34.39
CA GLN O 145 15.72 151.39 35.29
C GLN O 145 16.65 150.50 36.15
N SER O 146 16.41 149.19 36.18
CA SER O 146 17.19 148.21 36.93
C SER O 146 18.68 148.20 36.57
N ASN O 147 19.56 148.01 37.55
CA ASN O 147 21.01 148.06 37.36
C ASN O 147 21.69 146.73 36.98
N LYS O 148 20.94 145.67 36.65
CA LYS O 148 21.50 144.39 36.16
C LYS O 148 21.14 144.15 34.70
N THR O 149 22.11 143.67 33.93
CA THR O 149 21.91 143.18 32.57
C THR O 149 22.57 141.81 32.40
N GLN O 150 21.97 140.92 31.62
CA GLN O 150 22.51 139.60 31.31
C GLN O 150 22.25 139.24 29.85
N SER O 151 23.26 138.84 29.11
CA SER O 151 23.06 138.26 27.78
C SER O 151 22.52 136.84 27.89
N ILE O 152 21.49 136.49 27.12
CA ILE O 152 21.08 135.09 26.93
C ILE O 152 21.65 134.46 25.65
N SER O 153 22.36 135.23 24.84
CA SER O 153 22.56 134.99 23.41
C SER O 153 23.05 133.59 23.00
N PRO O 154 24.16 133.05 23.53
CA PRO O 154 24.68 131.79 23.04
C PRO O 154 23.85 130.60 23.56
N ASN O 155 23.37 130.68 24.80
CA ASN O 155 22.76 129.58 25.50
C ASN O 155 21.91 130.11 26.66
N ALA O 156 20.59 130.12 26.49
CA ALA O 156 19.67 130.68 27.47
C ALA O 156 19.80 130.02 28.85
N TYR O 157 20.18 128.77 28.96
CA TYR O 157 20.34 128.13 30.27
C TYR O 157 21.47 128.75 31.07
N GLN O 158 22.67 128.80 30.51
CA GLN O 158 23.82 129.39 31.21
C GLN O 158 23.55 130.87 31.50
N GLY O 159 22.89 131.56 30.59
CA GLY O 159 22.48 132.95 30.76
C GLY O 159 21.55 133.15 31.96
N LEU O 160 20.40 132.48 31.99
CA LEU O 160 19.40 132.64 33.04
C LEU O 160 19.82 131.97 34.34
N GLY O 161 20.09 130.67 34.29
CA GLY O 161 20.14 129.79 35.46
C GLY O 161 21.47 129.79 36.19
N VAL O 162 22.52 130.37 35.60
CA VAL O 162 23.86 130.37 36.19
C VAL O 162 24.38 131.79 36.31
N SER O 163 24.59 132.48 35.19
CA SER O 163 25.15 133.82 35.21
C SER O 163 24.18 134.83 35.80
N GLY O 164 22.98 134.97 35.24
CA GLY O 164 21.97 135.91 35.70
C GLY O 164 21.57 135.67 37.15
N LEU O 165 21.32 134.41 37.54
CA LEU O 165 21.00 134.09 38.92
C LEU O 165 22.14 134.46 39.87
N THR O 166 23.40 134.37 39.46
CA THR O 166 24.52 134.78 40.31
C THR O 166 24.38 136.25 40.70
N LYS O 167 23.95 137.11 39.78
CA LYS O 167 23.77 138.53 40.08
C LYS O 167 22.67 138.74 41.14
N LEU O 168 21.54 138.06 41.01
CA LEU O 168 20.44 138.19 41.96
C LEU O 168 20.80 137.68 43.35
N VAL O 169 21.36 136.47 43.48
CA VAL O 169 21.68 135.93 44.81
C VAL O 169 22.86 136.65 45.46
N THR O 170 23.72 137.30 44.69
CA THR O 170 24.78 138.15 45.25
C THR O 170 24.19 139.33 46.03
N ASP O 171 23.08 139.89 45.56
CA ASP O 171 22.38 141.00 46.21
C ASP O 171 21.32 140.54 47.24
N GLY O 172 21.27 139.26 47.58
CA GLY O 172 20.27 138.70 48.50
C GLY O 172 18.84 138.67 47.95
N LYS O 173 18.66 138.99 46.66
CA LYS O 173 17.35 138.98 45.98
C LYS O 173 16.93 137.55 45.61
N LYS O 174 15.75 137.38 45.02
CA LYS O 174 15.18 136.08 44.66
C LYS O 174 14.78 136.04 43.20
N TRP O 175 15.14 135.01 42.45
CA TRP O 175 14.50 134.73 41.16
C TRP O 175 13.19 134.00 41.41
N THR O 176 12.05 134.66 41.20
CA THR O 176 10.72 134.08 41.47
C THR O 176 9.91 133.77 40.21
N HIS O 177 9.99 134.62 39.19
CA HIS O 177 9.28 134.48 37.91
C HIS O 177 10.17 135.05 36.80
N THR O 178 9.87 134.74 35.54
CA THR O 178 10.51 135.39 34.39
C THR O 178 9.54 135.65 33.26
N LEU O 179 9.67 136.81 32.63
CA LEU O 179 8.83 137.35 31.59
C LEU O 179 9.63 137.44 30.30
N LEU O 180 9.17 136.83 29.21
CA LEU O 180 9.87 136.84 27.92
C LEU O 180 8.98 137.45 26.83
N ASP O 181 9.59 138.16 25.90
CA ASP O 181 8.94 138.54 24.65
C ASP O 181 8.83 137.37 23.68
N ASP O 182 7.84 137.37 22.79
CA ASP O 182 7.66 136.38 21.73
C ASP O 182 8.92 136.22 20.85
N THR O 183 9.68 137.29 20.66
CA THR O 183 10.95 137.25 19.90
C THR O 183 12.06 136.47 20.59
N VAL O 184 11.90 135.99 21.81
CA VAL O 184 12.86 135.10 22.48
C VAL O 184 12.82 133.68 21.93
N GLU O 185 11.70 133.27 21.34
CA GLU O 185 11.48 131.94 20.77
C GLU O 185 12.72 131.35 20.06
N PRO O 186 13.34 132.02 19.08
CA PRO O 186 14.45 131.44 18.36
C PRO O 186 15.69 131.28 19.23
N VAL O 187 16.10 132.29 20.00
CA VAL O 187 17.34 132.15 20.80
C VAL O 187 17.18 131.11 21.89
N LEU O 188 15.95 130.85 22.32
CA LEU O 188 15.66 129.76 23.23
C LEU O 188 15.73 128.41 22.51
N ASN O 189 15.12 128.27 21.33
CA ASN O 189 15.25 127.04 20.53
C ASN O 189 16.70 126.74 20.16
N GLY O 190 17.53 127.77 20.02
CA GLY O 190 18.94 127.64 19.69
C GLY O 190 19.86 127.27 20.85
N SER O 191 19.35 127.14 22.08
CA SER O 191 20.17 126.72 23.21
C SER O 191 20.53 125.24 23.10
N VAL O 192 21.81 124.95 22.89
CA VAL O 192 22.32 123.59 22.64
C VAL O 192 23.43 123.23 23.60
N ASP O 193 23.56 121.95 23.91
CA ASP O 193 24.75 121.42 24.55
C ASP O 193 25.91 121.31 23.54
N ALA O 194 27.11 120.97 23.99
CA ALA O 194 28.28 120.94 23.13
C ALA O 194 28.21 119.90 22.00
N ASN O 195 27.33 118.91 22.07
CA ASN O 195 27.09 117.96 20.99
C ASN O 195 26.03 118.47 20.00
N GLY O 196 25.49 119.67 20.19
CA GLY O 196 24.59 120.31 19.26
C GLY O 196 23.12 119.90 19.37
N ARG O 197 22.74 119.02 20.29
CA ARG O 197 21.33 118.75 20.60
C ARG O 197 20.77 119.87 21.49
N PRO O 198 19.49 120.24 21.36
CA PRO O 198 18.91 121.34 22.10
C PRO O 198 18.64 120.96 23.56
N LEU O 199 18.47 121.95 24.43
CA LEU O 199 18.19 121.73 25.85
C LEU O 199 16.69 121.62 26.18
N PHE O 200 15.88 122.65 25.96
CA PHE O 200 14.49 122.72 26.44
C PHE O 200 13.46 121.95 25.61
N VAL O 201 13.87 121.01 24.78
CA VAL O 201 12.99 120.12 24.01
C VAL O 201 13.73 118.82 23.74
N GLU O 202 13.05 117.69 23.56
CA GLU O 202 13.73 116.39 23.58
C GLU O 202 13.28 115.35 22.55
N SER O 203 14.13 114.33 22.41
CA SER O 203 13.97 113.09 21.64
C SER O 203 13.83 113.23 20.12
N THR O 204 12.79 113.91 19.66
CA THR O 204 12.38 114.03 18.25
C THR O 204 11.87 115.41 17.89
N TYR O 205 11.83 116.34 18.83
CA TYR O 205 11.67 117.76 18.53
C TYR O 205 10.33 118.12 17.88
N GLU O 206 9.27 117.41 18.27
CA GLU O 206 7.91 117.64 17.77
C GLU O 206 7.22 118.84 18.39
N SER O 207 7.55 119.23 19.61
CA SER O 207 6.71 120.07 20.46
C SER O 207 7.39 121.35 20.89
N LEU O 208 6.63 122.42 21.18
CA LEU O 208 7.18 123.69 21.70
C LEU O 208 8.08 123.44 22.92
N THR O 209 9.20 124.17 23.00
CA THR O 209 10.15 124.11 24.12
C THR O 209 9.49 124.45 25.44
N THR O 210 9.89 123.83 26.55
CA THR O 210 9.11 123.90 27.80
C THR O 210 8.73 125.31 28.25
N PRO O 211 9.57 126.34 28.24
CA PRO O 211 9.12 127.66 28.63
C PRO O 211 8.13 128.27 27.63
N PHE O 212 8.21 127.96 26.33
CA PHE O 212 7.21 128.42 25.37
C PHE O 212 5.94 127.55 25.36
N ARG O 213 5.93 126.42 26.08
CA ARG O 213 4.70 125.78 26.58
C ARG O 213 4.05 126.56 27.71
N GLU O 214 4.69 127.63 28.18
CA GLU O 214 4.42 128.32 29.43
C GLU O 214 4.61 127.43 30.67
N GLY O 215 5.39 126.34 30.54
CA GLY O 215 5.83 125.55 31.68
C GLY O 215 6.95 126.25 32.43
N ARG O 216 7.12 125.95 33.72
CA ARG O 216 8.23 126.47 34.53
C ARG O 216 9.61 126.02 34.03
N ILE O 217 10.65 126.78 34.38
CA ILE O 217 12.05 126.39 34.20
C ILE O 217 12.81 126.56 35.50
N LEU O 218 13.70 125.63 35.84
CA LEU O 218 14.44 125.61 37.11
C LEU O 218 13.53 125.93 38.32
N GLY O 219 12.31 125.38 38.29
CA GLY O 219 11.29 125.59 39.30
C GLY O 219 10.48 126.89 39.18
N ARG O 220 11.01 127.93 38.54
CA ARG O 220 10.34 129.24 38.43
C ARG O 220 9.33 129.23 37.28
N PRO O 221 8.08 129.69 37.49
CA PRO O 221 7.11 129.84 36.42
C PRO O 221 7.55 130.92 35.44
N THR O 222 6.87 130.99 34.29
CA THR O 222 7.23 131.93 33.22
C THR O 222 6.00 132.56 32.58
N ILE O 223 6.19 133.72 31.96
CA ILE O 223 5.16 134.51 31.31
C ILE O 223 5.65 134.91 29.92
N LEU O 224 4.78 134.88 28.92
CA LEU O 224 5.12 135.15 27.52
C LEU O 224 4.29 136.32 27.01
N SER O 225 4.79 137.15 26.09
CA SER O 225 3.97 138.22 25.49
C SER O 225 4.47 138.74 24.15
N ASP O 226 3.55 139.30 23.35
CA ASP O 226 3.87 139.88 22.04
C ASP O 226 4.56 141.25 22.08
N HIS O 227 4.61 141.91 23.23
CA HIS O 227 4.93 143.34 23.32
C HIS O 227 5.78 143.71 24.54
N VAL O 228 6.65 142.82 24.98
CA VAL O 228 7.58 143.11 26.09
C VAL O 228 8.85 143.77 25.60
N ALA O 229 9.38 143.38 24.45
CA ALA O 229 10.68 143.87 24.00
C ALA O 229 10.65 145.31 23.48
N GLU O 230 11.69 146.07 23.81
CA GLU O 230 12.14 147.24 23.04
C GLU O 230 13.67 147.32 23.12
N GLY O 231 14.31 147.83 22.07
CA GLY O 231 15.77 147.85 21.98
C GLY O 231 16.37 146.45 22.15
N ASP O 232 17.45 146.35 22.92
CA ASP O 232 18.10 145.07 23.23
C ASP O 232 17.36 144.25 24.29
N VAL O 233 16.46 144.85 25.07
CA VAL O 233 15.83 144.21 26.22
C VAL O 233 14.66 143.35 25.78
N VAL O 234 14.75 142.03 25.99
CA VAL O 234 13.75 141.06 25.50
C VAL O 234 13.03 140.32 26.61
N GLY O 235 13.34 140.61 27.86
CA GLY O 235 12.68 139.97 28.99
C GLY O 235 13.30 140.32 30.33
N TYR O 236 12.74 139.81 31.40
CA TYR O 236 13.17 140.09 32.76
C TYR O 236 13.09 138.83 33.62
N ALA O 237 13.93 138.74 34.64
CA ALA O 237 13.82 137.74 35.68
C ALA O 237 14.00 138.44 37.03
N GLY O 238 13.23 138.07 38.04
CA GLY O 238 13.35 138.74 39.33
C GLY O 238 12.28 138.39 40.34
N ASP O 239 12.14 139.25 41.35
CA ASP O 239 11.16 139.12 42.40
C ASP O 239 9.88 139.89 42.04
N PHE O 240 9.02 139.32 41.20
CA PHE O 240 7.81 139.98 40.74
C PHE O 240 6.81 140.29 41.88
N SER O 241 7.00 139.75 43.08
CA SER O 241 6.25 140.20 44.26
C SER O 241 6.53 141.68 44.61
N GLN O 242 7.64 142.24 44.16
CA GLN O 242 8.04 143.63 44.40
C GLN O 242 7.19 144.65 43.65
N ILE O 243 6.25 144.26 42.78
CA ILE O 243 5.45 145.21 42.01
C ILE O 243 4.02 145.26 42.55
N ILE O 244 3.51 146.44 42.89
CA ILE O 244 2.09 146.64 43.21
C ILE O 244 1.48 147.74 42.35
N TRP O 245 0.22 147.60 42.01
CA TRP O 245 -0.50 148.55 41.17
C TRP O 245 -1.97 148.65 41.56
N GLY O 246 -2.62 149.77 41.26
CA GLY O 246 -4.04 149.95 41.55
C GLY O 246 -4.72 150.85 40.55
N GLN O 247 -5.82 150.40 39.97
CA GLN O 247 -6.73 151.28 39.25
C GLN O 247 -7.60 152.03 40.26
N VAL O 248 -7.80 153.33 40.07
CA VAL O 248 -8.76 154.11 40.85
C VAL O 248 -9.98 154.38 39.98
N GLY O 249 -11.17 154.07 40.48
CA GLY O 249 -12.39 154.14 39.68
C GLY O 249 -12.36 153.19 38.49
N GLY O 250 -12.88 153.62 37.34
CA GLY O 250 -12.91 152.83 36.11
C GLY O 250 -12.87 153.68 34.85
N LEU O 251 -12.68 153.05 33.70
CA LEU O 251 -12.62 153.74 32.42
C LEU O 251 -13.93 154.48 32.18
N SER O 252 -13.87 155.81 32.18
CA SER O 252 -15.03 156.70 32.21
C SER O 252 -15.18 157.46 30.90
N PHE O 253 -16.37 157.45 30.31
CA PHE O 253 -16.65 158.13 29.06
C PHE O 253 -17.65 159.27 29.29
N ASP O 254 -17.29 160.49 28.93
CA ASP O 254 -18.25 161.56 28.65
C ASP O 254 -18.54 161.61 27.15
N VAL O 255 -19.67 162.20 26.76
CA VAL O 255 -19.91 162.69 25.40
C VAL O 255 -20.50 164.08 25.47
N THR O 256 -20.10 164.98 24.58
CA THR O 256 -20.60 166.35 24.55
C THR O 256 -20.66 166.90 23.13
N ASP O 257 -21.62 167.78 22.87
CA ASP O 257 -21.79 168.51 21.62
C ASP O 257 -21.79 170.02 21.86
N GLN O 258 -21.36 170.49 23.04
CA GLN O 258 -21.44 171.89 23.44
C GLN O 258 -20.11 172.51 23.90
N ALA O 259 -19.10 171.72 24.24
CA ALA O 259 -17.81 172.26 24.62
C ALA O 259 -17.09 172.98 23.47
N THR O 260 -16.07 173.76 23.81
CA THR O 260 -15.06 174.25 22.88
C THR O 260 -13.79 173.43 23.09
N LEU O 261 -13.16 172.95 22.02
CA LEU O 261 -11.92 172.18 22.09
C LEU O 261 -10.76 173.00 21.54
N ASN O 262 -9.55 172.77 22.05
CA ASN O 262 -8.34 173.31 21.45
C ASN O 262 -7.68 172.23 20.62
N LEU O 263 -7.59 172.41 19.30
CA LEU O 263 -6.96 171.46 18.40
C LEU O 263 -5.44 171.66 18.32
N GLY O 264 -4.95 172.85 18.70
CA GLY O 264 -3.53 173.15 18.85
C GLY O 264 -3.01 172.80 20.24
N SER O 265 -1.79 173.19 20.57
CA SER O 265 -1.29 173.08 21.94
C SER O 265 -1.77 174.24 22.81
N GLN O 266 -1.51 174.18 24.12
CA GLN O 266 -1.86 175.27 25.02
C GLN O 266 -1.08 176.56 24.73
N GLU O 267 0.14 176.45 24.23
CA GLU O 267 1.01 177.59 23.88
C GLU O 267 0.60 178.29 22.59
N SER O 268 0.02 177.55 21.63
CA SER O 268 -0.47 178.09 20.37
C SER O 268 -1.87 177.55 20.04
N PRO O 269 -2.90 177.98 20.79
CA PRO O 269 -4.24 177.47 20.63
C PRO O 269 -4.79 177.64 19.22
N ASN O 270 -5.64 176.69 18.84
CA ASN O 270 -6.46 176.72 17.65
C ASN O 270 -7.82 176.15 18.01
N PHE O 271 -8.71 176.99 18.54
CA PHE O 271 -9.97 176.55 19.10
C PHE O 271 -11.02 176.21 18.04
N VAL O 272 -11.94 175.32 18.39
CA VAL O 272 -13.15 175.03 17.64
C VAL O 272 -14.31 174.91 18.61
N SER O 273 -15.47 175.46 18.29
CA SER O 273 -16.69 175.27 19.09
C SER O 273 -17.47 174.09 18.55
N LEU O 274 -17.68 173.04 19.36
CA LEU O 274 -18.34 171.84 18.86
C LEU O 274 -19.76 172.14 18.41
N TRP O 275 -20.47 172.98 19.15
CA TRP O 275 -21.83 173.32 18.81
C TRP O 275 -21.89 174.11 17.51
N GLN O 276 -21.02 175.10 17.33
CA GLN O 276 -21.10 175.95 16.15
C GLN O 276 -20.76 175.21 14.87
N HIS O 277 -19.72 174.38 14.86
CA HIS O 277 -19.34 173.61 13.68
C HIS O 277 -20.09 172.29 13.51
N ASN O 278 -21.14 172.03 14.29
CA ASN O 278 -21.92 170.79 14.26
C ASN O 278 -21.05 169.54 14.45
N LEU O 279 -20.08 169.60 15.36
CA LEU O 279 -19.26 168.47 15.77
C LEU O 279 -19.81 167.82 17.05
N VAL O 280 -19.30 166.65 17.40
CA VAL O 280 -19.56 165.92 18.64
C VAL O 280 -18.23 165.35 19.13
N ALA O 281 -18.00 165.30 20.44
CA ALA O 281 -16.77 164.76 21.01
C ALA O 281 -17.01 163.78 22.16
N VAL O 282 -16.27 162.69 22.18
CA VAL O 282 -16.22 161.73 23.28
C VAL O 282 -14.93 161.96 24.06
N ARG O 283 -15.02 162.06 25.38
CA ARG O 283 -13.88 162.28 26.28
C ARG O 283 -13.73 161.09 27.20
N VAL O 284 -12.52 160.56 27.31
CA VAL O 284 -12.24 159.27 27.96
C VAL O 284 -11.17 159.46 29.03
N GLU O 285 -11.38 158.90 30.21
CA GLU O 285 -10.47 159.06 31.35
C GLU O 285 -10.33 157.80 32.20
N ALA O 286 -9.15 157.57 32.77
CA ALA O 286 -8.87 156.52 33.74
C ALA O 286 -7.74 156.95 34.67
N GLU O 287 -7.58 156.27 35.80
CA GLU O 287 -6.56 156.62 36.80
C GLU O 287 -5.87 155.38 37.37
N TYR O 288 -4.53 155.41 37.46
CA TYR O 288 -3.71 154.25 37.88
C TYR O 288 -2.58 154.69 38.80
N GLY O 289 -2.12 153.82 39.68
CA GLY O 289 -0.88 153.97 40.44
C GLY O 289 -0.01 152.73 40.36
N LEU O 290 1.31 152.91 40.41
CA LEU O 290 2.30 151.85 40.30
C LEU O 290 3.45 152.10 41.27
N LEU O 291 3.87 151.07 41.99
CA LEU O 291 5.13 151.07 42.70
C LEU O 291 5.89 149.80 42.38
N ILE O 292 7.06 149.93 41.77
CA ILE O 292 8.04 148.86 41.74
C ILE O 292 8.97 149.13 42.92
N ASN O 293 8.86 148.33 43.98
CA ASN O 293 9.49 148.61 45.27
C ASN O 293 11.01 148.63 45.21
N ASP O 294 11.62 147.80 44.36
CA ASP O 294 13.06 147.74 44.20
C ASP O 294 13.44 147.37 42.76
N VAL O 295 13.75 148.36 41.92
CA VAL O 295 14.15 148.10 40.55
C VAL O 295 15.43 147.30 40.45
N ASN O 296 16.27 147.25 41.49
CA ASN O 296 17.46 146.41 41.49
C ASN O 296 17.17 144.95 41.85
N ALA O 297 15.92 144.56 42.11
CA ALA O 297 15.53 143.17 42.27
C ALA O 297 15.17 142.47 40.94
N PHE O 298 15.57 143.03 39.79
CA PHE O 298 15.30 142.50 38.46
C PHE O 298 16.56 142.50 37.59
N VAL O 299 16.68 141.51 36.71
CA VAL O 299 17.76 141.41 35.71
C VAL O 299 17.17 141.59 34.34
N LYS O 300 17.64 142.54 33.54
CA LYS O 300 17.27 142.63 32.12
C LYS O 300 17.94 141.52 31.36
N LEU O 301 17.18 140.70 30.66
CA LEU O 301 17.76 139.82 29.66
C LEU O 301 17.91 140.61 28.36
N THR O 302 19.10 140.61 27.77
CA THR O 302 19.34 141.20 26.46
C THR O 302 19.72 140.13 25.45
N PHE O 303 19.24 140.29 24.23
CA PHE O 303 19.36 139.29 23.17
C PHE O 303 20.81 139.04 22.74
N ASP O 304 21.70 139.98 23.07
CA ASP O 304 23.14 139.98 22.86
C ASP O 304 23.83 140.75 24.01
N PRO O 305 25.14 140.60 24.20
CA PRO O 305 25.87 141.31 25.24
C PRO O 305 26.01 142.80 24.91
N VAL O 306 25.88 143.66 25.93
CA VAL O 306 25.94 145.13 25.79
C VAL O 306 26.43 145.81 27.08
N LEU O 307 27.02 147.00 26.96
CA LEU O 307 27.43 147.86 28.08
C LEU O 307 26.22 148.44 28.82
N THR O 308 26.43 149.09 29.97
CA THR O 308 25.40 149.88 30.67
C THR O 308 25.88 151.32 30.89
N THR O 309 24.98 152.29 30.74
CA THR O 309 25.27 153.72 30.92
C THR O 309 24.54 154.28 32.13
N TYR O 310 25.26 155.00 32.99
CA TYR O 310 24.78 155.54 34.26
C TYR O 310 24.96 157.06 34.30
N ALA O 311 24.01 157.78 34.88
CA ALA O 311 24.20 159.16 35.27
C ALA O 311 24.53 159.20 36.75
N LEU O 312 25.70 159.72 37.10
CA LEU O 312 26.19 159.88 38.47
C LEU O 312 26.34 161.36 38.76
N ASP O 313 25.72 161.85 39.84
CA ASP O 313 25.90 163.25 40.22
C ASP O 313 25.92 163.45 41.74
N LEU O 314 26.65 164.49 42.14
CA LEU O 314 26.93 164.82 43.53
C LEU O 314 25.95 165.89 44.06
N ASP O 315 24.88 166.22 43.31
CA ASP O 315 23.84 167.20 43.64
C ASP O 315 24.38 168.56 44.17
N GLY O 316 25.46 169.07 43.55
CA GLY O 316 26.06 170.34 43.93
C GLY O 316 26.78 170.35 45.30
N ALA O 317 27.09 169.19 45.87
CA ALA O 317 27.90 169.07 47.09
C ALA O 317 29.27 169.76 46.94
N SER O 318 29.71 170.49 47.96
CA SER O 318 30.85 171.42 47.86
C SER O 318 32.17 170.86 48.39
N ALA O 319 32.18 169.69 49.02
CA ALA O 319 33.39 169.05 49.54
C ALA O 319 33.19 167.55 49.83
N GLY O 320 34.31 166.83 49.97
CA GLY O 320 34.35 165.43 50.38
C GLY O 320 34.84 164.47 49.29
N ASN O 321 34.61 163.17 49.50
CA ASN O 321 34.98 162.11 48.55
C ASN O 321 33.95 160.97 48.56
N PHE O 322 33.96 160.15 47.52
CA PHE O 322 33.03 159.04 47.31
C PHE O 322 33.73 157.79 46.80
N THR O 323 33.05 156.65 46.87
CA THR O 323 33.58 155.33 46.48
C THR O 323 32.65 154.65 45.49
N LEU O 324 33.19 153.88 44.55
CA LEU O 324 32.45 153.11 43.56
C LEU O 324 32.73 151.62 43.69
N SER O 325 31.73 150.80 43.42
CA SER O 325 31.87 149.35 43.33
C SER O 325 31.28 148.83 42.03
N LEU O 326 32.00 147.92 41.37
CA LEU O 326 31.66 147.39 40.05
C LEU O 326 31.84 145.87 40.05
N ASP O 327 30.77 145.13 39.71
CA ASP O 327 30.70 143.66 39.82
C ASP O 327 31.23 143.09 41.16
N GLY O 328 31.02 143.83 42.25
CA GLY O 328 31.45 143.45 43.61
C GLY O 328 32.88 143.82 44.00
N LYS O 329 33.74 144.23 43.06
CA LYS O 329 35.03 144.88 43.37
C LYS O 329 34.80 146.32 43.84
N THR O 330 35.71 146.92 44.61
CA THR O 330 35.55 148.29 45.13
C THR O 330 36.78 149.17 44.91
N SER O 331 36.59 150.40 44.40
CA SER O 331 37.66 151.35 44.06
C SER O 331 38.30 152.00 45.30
N ALA O 332 39.44 152.67 45.10
CA ALA O 332 39.91 153.71 46.02
C ALA O 332 38.98 154.94 46.00
N ASN O 333 39.13 155.84 46.97
CA ASN O 333 38.32 157.06 47.12
C ASN O 333 38.53 158.03 45.94
N ILE O 334 37.50 158.79 45.59
CA ILE O 334 37.52 159.81 44.52
C ILE O 334 36.96 161.14 45.05
N ALA O 335 37.63 162.25 44.78
CA ALA O 335 37.20 163.58 45.25
C ALA O 335 35.95 164.10 44.54
N TYR O 336 35.12 164.86 45.25
CA TYR O 336 33.82 165.36 44.77
C TYR O 336 33.86 166.17 43.46
N ASN O 337 35.01 166.72 43.09
CA ASN O 337 35.22 167.60 41.93
C ASN O 337 36.23 167.06 40.91
N ALA O 338 36.50 165.74 40.92
CA ALA O 338 37.51 165.11 40.07
C ALA O 338 37.31 165.36 38.56
N SER O 339 38.42 165.43 37.81
CA SER O 339 38.41 165.45 36.34
C SER O 339 37.90 164.13 35.75
N THR O 340 37.33 164.14 34.54
CA THR O 340 36.83 162.95 33.85
C THR O 340 37.91 161.89 33.64
N ALA O 341 39.16 162.28 33.41
CA ALA O 341 40.28 161.35 33.32
C ALA O 341 40.60 160.68 34.67
N THR O 342 40.39 161.39 35.79
CA THR O 342 40.55 160.81 37.14
C THR O 342 39.47 159.79 37.42
N VAL O 343 38.19 160.07 37.15
CA VAL O 343 37.17 159.02 37.29
C VAL O 343 37.43 157.86 36.32
N LYS O 344 37.64 158.08 35.02
CA LYS O 344 37.88 156.97 34.08
C LYS O 344 39.03 156.08 34.56
N SER O 345 40.18 156.66 34.88
CA SER O 345 41.32 155.89 35.36
C SER O 345 41.02 155.17 36.68
N ALA O 346 40.35 155.83 37.64
CA ALA O 346 40.00 155.19 38.90
C ALA O 346 39.02 154.02 38.73
N ILE O 347 38.02 154.12 37.84
CA ILE O 347 37.12 152.99 37.54
C ILE O 347 37.93 151.80 37.03
N VAL O 348 38.83 151.97 36.07
CA VAL O 348 39.59 150.83 35.50
C VAL O 348 40.72 150.34 36.42
N ALA O 349 41.13 151.12 37.42
CA ALA O 349 42.26 150.79 38.29
C ALA O 349 42.01 149.66 39.29
N ILE O 350 40.76 149.25 39.56
CA ILE O 350 40.48 148.10 40.42
C ILE O 350 40.65 146.77 39.65
N ASP O 351 40.91 145.67 40.37
CA ASP O 351 41.27 144.37 39.79
C ASP O 351 40.10 143.60 39.17
N ASP O 352 39.51 144.13 38.11
CA ASP O 352 38.87 143.32 37.09
C ASP O 352 39.26 143.80 35.68
N GLY O 353 39.09 142.93 34.68
CA GLY O 353 39.90 142.95 33.46
C GLY O 353 39.67 144.08 32.45
N VAL O 354 38.76 145.03 32.69
CA VAL O 354 38.35 146.05 31.70
C VAL O 354 39.51 146.91 31.18
N SER O 355 39.60 147.08 29.87
CA SER O 355 40.59 147.94 29.21
C SER O 355 40.14 149.40 29.13
N ALA O 356 41.05 150.28 28.74
CA ALA O 356 40.71 151.66 28.39
C ALA O 356 39.73 151.77 27.19
N ASP O 357 39.49 150.69 26.42
CA ASP O 357 38.51 150.66 25.32
C ASP O 357 37.12 150.14 25.76
N ASP O 358 37.02 149.52 26.93
CA ASP O 358 35.74 149.00 27.47
C ASP O 358 34.96 150.02 28.33
N VAL O 359 35.56 151.17 28.65
CA VAL O 359 35.03 152.15 29.61
C VAL O 359 35.14 153.58 29.07
N THR O 360 34.11 154.40 29.26
CA THR O 360 34.12 155.82 28.87
C THR O 360 33.36 156.70 29.87
N VAL O 361 33.72 157.99 29.94
CA VAL O 361 33.07 158.98 30.81
C VAL O 361 32.95 160.33 30.11
N THR O 362 31.85 161.05 30.28
CA THR O 362 31.74 162.47 29.89
C THR O 362 30.81 163.26 30.81
N GLY O 363 31.09 164.54 31.02
CA GLY O 363 30.40 165.40 31.98
C GLY O 363 31.29 166.53 32.51
N SER O 364 31.07 166.96 33.76
CA SER O 364 31.83 168.01 34.44
C SER O 364 32.03 167.68 35.92
N ALA O 365 32.86 168.45 36.62
CA ALA O 365 33.09 168.24 38.05
C ALA O 365 31.76 168.21 38.84
N GLY O 366 31.47 167.08 39.48
CA GLY O 366 30.24 166.86 40.25
C GLY O 366 29.04 166.29 39.48
N ASP O 367 29.13 166.04 38.17
CA ASP O 367 28.05 165.50 37.35
C ASP O 367 28.61 164.77 36.11
N TYR O 368 28.57 163.44 36.12
CA TYR O 368 29.23 162.57 35.14
C TYR O 368 28.26 161.55 34.54
N THR O 369 28.37 161.31 33.25
CA THR O 369 27.73 160.18 32.59
C THR O 369 28.81 159.16 32.27
N ILE O 370 28.61 157.93 32.72
CA ILE O 370 29.63 156.88 32.76
C ILE O 370 29.11 155.68 31.99
N THR O 371 29.95 155.00 31.22
CA THR O 371 29.58 153.72 30.59
C THR O 371 30.60 152.64 30.92
N VAL O 372 30.12 151.50 31.38
CA VAL O 372 30.90 150.35 31.85
C VAL O 372 30.16 149.06 31.55
N PRO O 373 30.83 147.90 31.47
CA PRO O 373 30.13 146.63 31.26
C PRO O 373 29.39 146.12 32.50
N GLY O 374 29.87 146.45 33.71
CA GLY O 374 29.40 145.87 34.97
C GLY O 374 28.24 146.60 35.65
N THR O 375 27.79 146.06 36.78
CA THR O 375 26.75 146.66 37.65
C THR O 375 27.34 147.76 38.54
N LEU O 376 27.41 149.00 38.04
CA LEU O 376 27.98 150.11 38.79
C LEU O 376 27.11 150.44 40.01
N THR O 377 27.75 150.69 41.15
CA THR O 377 27.11 151.11 42.40
C THR O 377 28.01 152.12 43.12
N ALA O 378 27.43 152.97 43.96
CA ALA O 378 28.14 154.10 44.55
C ALA O 378 27.85 154.27 46.05
N ASP O 379 28.88 154.66 46.81
CA ASP O 379 28.81 155.03 48.21
C ASP O 379 29.28 156.49 48.38
N PHE O 380 28.35 157.37 48.79
CA PHE O 380 28.60 158.79 48.98
C PHE O 380 28.77 159.20 50.45
N SER O 381 28.97 158.25 51.37
CA SER O 381 29.03 158.53 52.82
C SER O 381 30.14 159.51 53.23
N GLY O 382 31.23 159.62 52.46
CA GLY O 382 32.32 160.57 52.67
C GLY O 382 32.08 161.99 52.13
N LEU O 383 30.85 162.32 51.73
CA LEU O 383 30.48 163.56 51.04
C LEU O 383 29.74 164.55 51.94
N THR O 384 30.09 165.83 51.87
CA THR O 384 29.27 166.90 52.48
C THR O 384 27.94 167.04 51.73
N ASP O 385 26.84 167.33 52.43
CA ASP O 385 25.49 167.29 51.86
C ASP O 385 25.15 165.95 51.17
N GLY O 386 25.72 164.85 51.68
CA GLY O 386 25.66 163.50 51.09
C GLY O 386 24.28 162.86 51.03
N GLU O 387 23.26 163.51 51.58
CA GLU O 387 21.85 163.16 51.34
C GLU O 387 21.42 163.42 49.88
N GLY O 388 22.10 164.31 49.15
CA GLY O 388 21.75 164.70 47.78
C GLY O 388 22.26 163.77 46.67
N ALA O 389 23.53 163.35 46.75
CA ALA O 389 24.22 162.61 45.68
C ALA O 389 23.56 161.26 45.35
N SER O 390 23.61 160.84 44.07
CA SER O 390 22.89 159.66 43.56
C SER O 390 23.44 159.11 42.24
N ILE O 391 23.06 157.88 41.89
CA ILE O 391 23.24 157.30 40.55
C ILE O 391 21.91 156.75 40.00
N SER O 392 21.75 156.74 38.68
CA SER O 392 20.65 156.01 38.04
C SER O 392 21.03 155.58 36.62
N VAL O 393 20.35 154.57 36.09
CA VAL O 393 20.62 154.02 34.75
C VAL O 393 19.95 154.88 33.67
N VAL O 394 20.68 155.21 32.59
CA VAL O 394 20.23 156.14 31.55
C VAL O 394 19.29 155.51 30.52
N SER O 395 19.42 154.21 30.27
CA SER O 395 19.03 153.55 29.02
C SER O 395 19.81 154.12 27.81
N VAL O 396 19.16 154.42 26.69
CA VAL O 396 19.82 154.86 25.44
C VAL O 396 20.58 156.19 25.65
N GLY O 397 21.85 156.22 25.22
CA GLY O 397 22.76 157.38 25.34
C GLY O 397 23.86 157.39 24.28
N GLY P 2 0.02 172.52 31.50
CA GLY P 2 -1.27 172.93 32.08
C GLY P 2 -1.13 174.14 32.97
N PHE P 3 -2.15 174.45 33.76
CA PHE P 3 -2.14 175.61 34.66
C PHE P 3 -1.09 175.50 35.78
N SER P 4 -0.69 176.65 36.32
CA SER P 4 0.39 176.80 37.31
C SER P 4 0.22 175.90 38.53
N ALA P 5 1.32 175.49 39.17
CA ALA P 5 1.29 174.59 40.31
C ALA P 5 0.49 175.12 41.51
N ASP P 6 0.50 176.44 41.71
CA ASP P 6 -0.47 177.19 42.50
C ASP P 6 -0.83 178.44 41.68
N HIS P 7 -2.10 178.85 41.63
CA HIS P 7 -2.62 179.74 40.60
C HIS P 7 -3.67 180.72 41.13
N SER P 8 -3.87 181.83 40.41
CA SER P 8 -4.68 182.95 40.88
C SER P 8 -6.16 182.91 40.47
N GLN P 9 -6.56 181.98 39.60
CA GLN P 9 -7.93 181.93 39.07
C GLN P 9 -8.58 180.54 39.06
N ILE P 10 -7.87 179.46 39.38
CA ILE P 10 -8.39 178.08 39.32
C ILE P 10 -8.00 177.33 40.60
N ALA P 11 -8.92 176.62 41.21
CA ALA P 11 -8.68 175.85 42.43
C ALA P 11 -8.28 174.41 42.11
N GLN P 12 -7.15 173.95 42.64
CA GLN P 12 -6.52 172.66 42.32
C GLN P 12 -6.03 171.98 43.59
N THR P 13 -6.04 170.66 43.67
CA THR P 13 -5.42 169.93 44.79
C THR P 13 -3.92 170.18 44.90
N LYS P 14 -3.25 170.53 43.79
CA LYS P 14 -1.86 171.00 43.82
C LYS P 14 -1.65 172.23 44.71
N ASP P 15 -2.66 173.07 44.90
CA ASP P 15 -2.51 174.36 45.56
C ASP P 15 -2.14 174.23 47.03
N THR P 16 -1.51 175.27 47.57
CA THR P 16 -1.01 175.27 48.95
C THR P 16 -2.12 175.23 50.00
N MET P 17 -3.25 175.94 49.84
CA MET P 17 -4.23 176.03 50.92
C MET P 17 -4.88 174.70 51.27
N PHE P 18 -4.89 173.72 50.36
CA PHE P 18 -5.38 172.37 50.64
C PHE P 18 -4.40 171.49 51.42
N THR P 19 -3.14 171.86 51.59
CA THR P 19 -2.18 171.00 52.32
C THR P 19 -2.68 170.69 53.73
N GLY P 20 -2.45 169.46 54.19
CA GLY P 20 -2.96 168.97 55.48
C GLY P 20 -4.39 168.43 55.43
N TYR P 21 -5.17 168.75 54.38
CA TYR P 21 -6.25 167.88 53.93
C TYR P 21 -5.70 166.92 52.87
N LEU P 22 -6.53 166.06 52.29
CA LEU P 22 -6.15 165.21 51.16
C LEU P 22 -4.99 164.20 51.44
N ASP P 23 -4.62 163.97 52.69
CA ASP P 23 -3.47 163.13 53.05
C ASP P 23 -3.68 161.65 52.69
N PRO P 24 -2.61 160.92 52.32
CA PRO P 24 -2.71 159.54 51.88
C PRO P 24 -3.02 158.58 53.03
N VAL P 25 -3.76 157.52 52.73
CA VAL P 25 -4.19 156.52 53.71
C VAL P 25 -3.07 155.53 54.03
N GLN P 26 -2.87 155.14 55.28
CA GLN P 26 -1.95 154.03 55.58
C GLN P 26 -2.50 152.69 55.06
N ALA P 27 -1.61 151.79 54.65
CA ALA P 27 -1.93 150.42 54.24
C ALA P 27 -0.91 149.44 54.84
N LYS P 28 -1.18 148.13 54.78
CA LYS P 28 -0.27 147.10 55.30
C LYS P 28 1.08 147.08 54.57
N ASP P 29 2.10 146.47 55.15
CA ASP P 29 3.38 146.26 54.48
C ASP P 29 3.28 145.14 53.44
N TYR P 30 2.97 145.48 52.19
CA TYR P 30 2.91 144.54 51.08
C TYR P 30 4.26 143.87 50.75
N PHE P 31 5.37 144.30 51.34
CA PHE P 31 6.71 143.78 51.08
C PHE P 31 7.39 143.19 52.32
N ALA P 32 6.62 142.88 53.36
CA ALA P 32 7.14 142.20 54.54
C ALA P 32 7.83 140.87 54.19
N GLU P 33 8.84 140.49 54.97
CA GLU P 33 9.46 139.16 54.94
C GLU P 33 9.39 138.50 56.32
N ALA P 34 9.27 137.17 56.35
CA ALA P 34 9.07 136.42 57.57
C ALA P 34 10.30 136.45 58.49
N GLU P 35 10.11 136.18 59.78
CA GLU P 35 11.20 136.09 60.75
C GLU P 35 12.17 134.96 60.40
N LYS P 36 13.46 135.22 60.53
CA LYS P 36 14.49 134.20 60.37
C LYS P 36 14.38 133.21 61.52
N THR P 37 14.83 131.97 61.30
CA THR P 37 14.79 130.90 62.31
C THR P 37 16.06 130.08 62.26
N SER P 38 16.42 129.49 63.39
CA SER P 38 17.70 128.81 63.53
C SER P 38 17.85 127.62 62.58
N ILE P 39 19.02 127.44 61.99
CA ILE P 39 19.40 126.18 61.37
C ILE P 39 20.05 125.25 62.40
N VAL P 40 20.86 125.74 63.33
CA VAL P 40 21.55 124.87 64.27
C VAL P 40 20.58 124.14 65.18
N GLN P 41 19.51 124.79 65.65
CA GLN P 41 18.48 124.12 66.44
C GLN P 41 17.73 123.03 65.66
N ARG P 42 17.73 123.06 64.33
CA ARG P 42 17.07 122.04 63.51
C ARG P 42 17.96 120.83 63.26
N VAL P 43 19.24 121.03 62.97
CA VAL P 43 20.14 119.93 62.59
C VAL P 43 20.78 119.21 63.78
N ALA P 44 21.00 119.89 64.89
CA ALA P 44 21.69 119.32 66.05
C ALA P 44 20.70 118.70 67.07
N GLN P 45 21.14 117.67 67.78
CA GLN P 45 20.32 117.00 68.79
C GLN P 45 20.09 117.89 70.01
N LYS P 46 18.84 118.16 70.35
CA LYS P 46 18.47 118.87 71.58
C LYS P 46 18.54 117.95 72.79
N ILE P 47 19.12 118.41 73.87
CA ILE P 47 19.39 117.63 75.08
C ILE P 47 18.87 118.38 76.31
N PRO P 48 18.23 117.73 77.29
CA PRO P 48 17.78 118.39 78.49
C PRO P 48 18.98 118.87 79.28
N MET P 49 19.09 120.19 79.46
CA MET P 49 20.24 120.84 80.08
C MET P 49 19.85 121.29 81.48
N GLY P 50 20.61 120.89 82.49
CA GLY P 50 20.43 121.42 83.85
C GLY P 50 20.98 122.84 83.96
N ALA P 51 20.50 123.62 84.93
CA ALA P 51 21.04 124.96 85.15
C ALA P 51 22.53 124.98 85.52
N THR P 52 23.04 123.90 86.12
CA THR P 52 24.47 123.71 86.42
C THR P 52 25.27 123.14 85.25
N GLY P 53 24.61 122.60 84.22
CA GLY P 53 25.25 121.85 83.16
C GLY P 53 25.28 120.35 83.40
N ILE P 54 26.03 119.63 82.56
CA ILE P 54 26.05 118.16 82.54
C ILE P 54 27.46 117.63 82.46
N VAL P 55 27.68 116.38 82.87
CA VAL P 55 28.95 115.67 82.71
C VAL P 55 28.75 114.35 81.97
N ILE P 56 29.55 114.12 80.94
CA ILE P 56 29.40 113.05 79.97
C ILE P 56 30.59 112.08 80.09
N PRO P 57 30.39 110.79 80.38
CA PRO P 57 31.46 109.82 80.50
C PRO P 57 31.85 109.25 79.13
N HIS P 58 33.05 108.70 79.02
CA HIS P 58 33.55 108.04 77.81
C HIS P 58 34.54 106.92 78.16
N TRP P 59 34.31 105.71 77.68
CA TRP P 59 35.30 104.62 77.80
C TRP P 59 36.52 104.95 76.96
N THR P 60 37.71 104.50 77.35
CA THR P 60 38.94 104.82 76.61
C THR P 60 40.05 103.77 76.66
N GLY P 61 40.01 102.83 77.60
CA GLY P 61 41.08 101.83 77.74
C GLY P 61 41.14 100.82 76.60
N ASP P 62 42.32 100.63 76.03
CA ASP P 62 42.61 99.58 75.04
C ASP P 62 42.80 98.23 75.75
N VAL P 63 41.70 97.62 76.19
CA VAL P 63 41.68 96.27 76.76
C VAL P 63 42.19 95.25 75.75
N SER P 64 42.98 94.25 76.18
CA SER P 64 43.63 93.29 75.28
C SER P 64 43.59 91.85 75.79
N ALA P 65 43.85 90.92 74.86
CA ALA P 65 44.00 89.50 75.14
C ALA P 65 45.06 88.91 74.23
N GLN P 66 45.78 87.90 74.71
CA GLN P 66 46.98 87.41 74.04
C GLN P 66 46.85 85.94 73.68
N TRP P 67 47.41 85.53 72.57
CA TRP P 67 47.49 84.13 72.19
C TRP P 67 48.45 83.38 73.11
N ILE P 68 48.09 82.17 73.53
CA ILE P 68 48.88 81.34 74.44
C ILE P 68 48.81 79.87 74.04
N GLY P 69 49.77 79.07 74.49
CA GLY P 69 49.83 77.62 74.25
C GLY P 69 49.32 76.78 75.42
N GLU P 70 49.52 75.47 75.33
CA GLU P 70 49.21 74.52 76.41
C GLU P 70 50.00 74.89 77.68
N GLY P 71 49.31 75.13 78.78
CA GLY P 71 49.94 75.42 80.08
C GLY P 71 50.67 76.76 80.18
N ASP P 72 50.56 77.65 79.18
CA ASP P 72 51.17 78.98 79.28
C ASP P 72 50.55 79.83 80.38
N MET P 73 51.34 80.70 80.98
CA MET P 73 50.91 81.61 82.03
C MET P 73 49.99 82.69 81.46
N LYS P 74 48.77 82.84 81.95
CA LYS P 74 47.81 83.83 81.43
C LYS P 74 48.20 85.28 81.72
N PRO P 75 48.01 86.18 80.76
CA PRO P 75 48.31 87.61 80.91
C PRO P 75 47.25 88.34 81.71
N ILE P 76 47.52 89.57 82.15
CA ILE P 76 46.59 90.42 82.89
C ILE P 76 46.35 91.74 82.15
N THR P 77 45.14 92.28 82.23
CA THR P 77 44.75 93.55 81.61
C THR P 77 43.86 94.41 82.51
N LYS P 78 43.75 95.70 82.20
CA LYS P 78 43.03 96.73 82.99
C LYS P 78 42.35 97.69 82.01
N GLY P 79 41.12 98.13 82.29
CA GLY P 79 40.41 99.12 81.45
C GLY P 79 40.72 100.56 81.83
N ASN P 80 40.09 101.53 81.17
CA ASN P 80 40.20 102.95 81.53
C ASN P 80 38.98 103.76 81.06
N MET P 81 38.64 104.83 81.78
CA MET P 81 37.46 105.69 81.56
C MET P 81 37.80 107.16 81.74
N THR P 82 37.02 108.06 81.16
CA THR P 82 37.21 109.51 81.30
C THR P 82 35.88 110.27 81.28
N LYS P 83 35.88 111.56 81.64
CA LYS P 83 34.68 112.42 81.72
C LYS P 83 34.94 113.81 81.14
N ARG P 84 33.90 114.42 80.57
CA ARG P 84 33.89 115.80 80.06
C ARG P 84 32.70 116.55 80.64
N ASP P 85 32.89 117.76 81.15
CA ASP P 85 31.79 118.63 81.61
C ASP P 85 31.36 119.65 80.56
N VAL P 86 30.12 120.13 80.66
CA VAL P 86 29.50 121.14 79.79
C VAL P 86 28.69 122.09 80.66
N HIS P 87 28.64 123.39 80.35
CA HIS P 87 27.84 124.38 81.09
C HIS P 87 27.06 125.33 80.16
N PRO P 88 25.88 125.81 80.56
CA PRO P 88 25.16 126.86 79.84
C PRO P 88 25.92 128.20 79.78
N ALA P 89 25.47 129.06 78.87
CA ALA P 89 25.82 130.47 78.76
C ALA P 89 24.55 131.30 78.54
N LYS P 90 24.63 132.60 78.80
CA LYS P 90 23.48 133.50 78.88
C LYS P 90 23.51 134.55 77.77
N ILE P 91 22.42 134.69 77.01
CA ILE P 91 22.22 135.79 76.07
C ILE P 91 21.42 136.87 76.75
N ALA P 92 21.74 138.14 76.53
CA ALA P 92 20.91 139.22 77.01
C ALA P 92 20.91 140.45 76.11
N THR P 93 19.88 141.27 76.24
CA THR P 93 19.83 142.61 75.65
C THR P 93 18.87 143.51 76.39
N ILE P 94 19.00 144.83 76.24
CA ILE P 94 18.14 145.84 76.83
C ILE P 94 17.74 146.81 75.75
N PHE P 95 16.49 147.27 75.73
CA PHE P 95 16.08 148.38 74.86
C PHE P 95 15.30 149.43 75.63
N VAL P 96 15.46 150.71 75.24
CA VAL P 96 15.08 151.85 76.07
C VAL P 96 14.31 152.88 75.26
N ALA P 97 13.26 153.45 75.82
CA ALA P 97 12.43 154.46 75.16
C ALA P 97 12.02 155.58 76.12
N SER P 98 11.70 156.76 75.59
CA SER P 98 11.25 157.86 76.44
C SER P 98 9.88 157.59 77.03
N ALA P 99 9.58 158.23 78.17
CA ALA P 99 8.27 158.11 78.80
C ALA P 99 7.12 158.57 77.91
N GLU P 100 7.32 159.54 77.01
CA GLU P 100 6.27 159.94 76.05
C GLU P 100 6.14 158.95 74.88
N THR P 101 7.25 158.39 74.39
CA THR P 101 7.21 157.34 73.38
C THR P 101 6.44 156.13 73.88
N VAL P 102 6.73 155.60 75.06
CA VAL P 102 6.03 154.40 75.56
C VAL P 102 4.56 154.66 75.87
N ARG P 103 4.18 155.89 76.22
CA ARG P 103 2.79 156.28 76.42
C ARG P 103 2.00 156.21 75.12
N ALA P 104 2.56 156.73 74.03
CA ALA P 104 1.90 156.67 72.72
C ALA P 104 2.03 155.30 72.03
N ASN P 105 3.12 154.56 72.28
CA ASN P 105 3.52 153.34 71.59
C ASN P 105 3.32 153.43 70.07
N PRO P 106 3.96 154.39 69.40
CA PRO P 106 3.69 154.70 68.01
C PRO P 106 4.04 153.51 67.12
N ALA P 107 3.19 153.21 66.15
CA ALA P 107 3.30 152.06 65.24
C ALA P 107 3.52 150.72 65.96
N ASN P 108 3.09 150.62 67.21
CA ASN P 108 3.36 149.49 68.10
C ASN P 108 4.85 149.10 68.12
N TYR P 109 5.75 150.09 68.15
CA TYR P 109 7.18 149.85 68.17
C TYR P 109 7.59 148.91 69.30
N LEU P 110 6.98 149.03 70.48
CA LEU P 110 7.39 148.18 71.60
C LEU P 110 6.90 146.74 71.47
N GLY P 111 5.67 146.53 71.03
CA GLY P 111 5.20 145.19 70.72
C GLY P 111 6.04 144.56 69.60
N THR P 112 6.41 145.35 68.60
CA THR P 112 7.28 144.89 67.52
C THR P 112 8.64 144.47 68.07
N MET P 113 9.27 145.31 68.89
CA MET P 113 10.57 144.98 69.49
C MET P 113 10.51 143.70 70.28
N ARG P 114 9.48 143.45 71.08
CA ARG P 114 9.39 142.21 71.88
C ARG P 114 9.35 140.95 71.03
N THR P 115 8.93 141.03 69.77
CA THR P 115 9.15 139.91 68.84
C THR P 115 10.56 139.92 68.25
N LYS P 116 11.05 141.03 67.71
CA LYS P 116 12.30 141.04 66.95
C LYS P 116 13.55 140.87 67.81
N VAL P 117 13.51 141.20 69.11
CA VAL P 117 14.58 140.75 70.01
C VAL P 117 14.63 139.23 70.07
N ALA P 118 13.51 138.52 70.05
CA ALA P 118 13.53 137.06 70.11
C ALA P 118 14.17 136.47 68.85
N THR P 119 13.85 137.02 67.68
CA THR P 119 14.54 136.66 66.44
C THR P 119 16.04 136.88 66.56
N ALA P 120 16.48 138.05 67.03
CA ALA P 120 17.91 138.31 67.19
C ALA P 120 18.56 137.34 68.19
N ILE P 121 17.90 137.03 69.30
CA ILE P 121 18.41 136.10 70.32
C ILE P 121 18.52 134.69 69.74
N ALA P 122 17.62 134.26 68.87
CA ALA P 122 17.79 133.01 68.13
C ALA P 122 18.94 133.08 67.14
N MET P 123 19.00 134.11 66.28
CA MET P 123 20.04 134.24 65.26
C MET P 123 21.45 134.35 65.87
N ALA P 124 21.57 134.97 67.04
CA ALA P 124 22.83 135.03 67.75
C ALA P 124 23.35 133.64 68.14
N PHE P 125 22.49 132.62 68.21
CA PHE P 125 22.95 131.26 68.44
C PHE P 125 23.58 130.67 67.18
N ASP P 126 22.96 130.80 66.01
CA ASP P 126 23.57 130.34 64.76
C ASP P 126 24.87 131.07 64.46
N ASN P 127 24.91 132.39 64.61
CA ASN P 127 26.13 133.17 64.38
C ASN P 127 27.25 132.79 65.37
N ALA P 128 26.92 132.28 66.55
CA ALA P 128 27.91 131.78 67.48
C ALA P 128 28.34 130.35 67.14
N ALA P 129 27.40 129.47 66.78
CA ALA P 129 27.68 128.06 66.57
C ALA P 129 28.41 127.78 65.24
N LEU P 130 28.03 128.46 64.17
CA LEU P 130 28.67 128.27 62.87
C LEU P 130 30.00 129.02 62.82
N HIS P 131 29.97 130.35 62.94
CA HIS P 131 31.14 131.19 62.68
C HIS P 131 31.94 131.58 63.92
N GLY P 132 31.49 131.25 65.13
CA GLY P 132 32.16 131.69 66.35
C GLY P 132 31.99 133.17 66.69
N THR P 133 31.10 133.89 66.01
CA THR P 133 31.16 135.36 65.83
C THR P 133 31.28 136.16 67.13
N ASN P 134 30.62 135.72 68.20
CA ASN P 134 30.80 136.31 69.52
C ASN P 134 30.72 135.23 70.61
N ALA P 135 31.26 134.05 70.35
CA ALA P 135 31.01 132.88 71.18
C ALA P 135 31.44 133.13 72.64
N PRO P 136 30.59 132.86 73.64
CA PRO P 136 30.98 132.93 75.04
C PRO P 136 31.93 131.80 75.36
N SER P 137 32.82 131.97 76.33
CA SER P 137 33.88 131.00 76.60
C SER P 137 33.37 129.62 77.01
N ALA P 138 32.13 129.50 77.46
CA ALA P 138 31.49 128.23 77.80
C ALA P 138 31.07 127.38 76.59
N PHE P 139 30.98 127.94 75.38
CA PHE P 139 30.68 127.19 74.17
C PHE P 139 31.92 126.45 73.68
N GLN P 140 31.91 125.12 73.72
CA GLN P 140 33.08 124.32 73.41
C GLN P 140 33.27 124.16 71.90
N GLY P 141 33.75 125.22 71.26
CA GLY P 141 34.08 125.27 69.83
C GLY P 141 32.92 125.66 68.92
N TYR P 142 33.21 125.86 67.64
CA TYR P 142 32.27 126.33 66.63
C TYR P 142 32.69 125.82 65.24
N LEU P 143 31.79 125.63 64.29
CA LEU P 143 32.11 124.82 63.12
C LEU P 143 33.20 125.42 62.23
N ASP P 144 33.30 126.75 62.09
CA ASP P 144 34.38 127.39 61.35
C ASP P 144 35.78 127.11 61.94
N GLN P 145 35.87 126.62 63.17
CA GLN P 145 37.13 126.24 63.79
C GLN P 145 37.78 125.02 63.13
N SER P 146 37.06 124.28 62.28
CA SER P 146 37.61 123.13 61.55
C SER P 146 38.83 123.49 60.71
N ASN P 147 39.84 122.63 60.69
CA ASN P 147 41.01 122.80 59.84
C ASN P 147 40.81 122.32 58.39
N LYS P 148 39.63 121.83 57.98
CA LYS P 148 39.39 121.27 56.64
C LYS P 148 38.52 122.17 55.79
N THR P 149 38.90 122.40 54.54
CA THR P 149 38.13 123.23 53.60
C THR P 149 38.21 122.71 52.18
N GLN P 150 37.22 123.03 51.35
CA GLN P 150 37.06 122.45 50.02
C GLN P 150 36.32 123.43 49.11
N SER P 151 36.93 123.78 47.98
CA SER P 151 36.25 124.57 46.96
C SER P 151 35.10 123.79 46.32
N ILE P 152 34.00 124.44 45.99
CA ILE P 152 32.92 123.84 45.19
C ILE P 152 32.63 124.57 43.88
N SER P 153 33.33 125.66 43.56
CA SER P 153 33.00 126.54 42.44
C SER P 153 32.97 125.88 41.05
N PRO P 154 33.94 125.06 40.64
CA PRO P 154 33.95 124.58 39.26
C PRO P 154 32.86 123.55 39.02
N ASN P 155 32.66 122.63 39.96
CA ASN P 155 31.71 121.55 39.87
C ASN P 155 31.37 121.02 41.27
N ALA P 156 30.16 121.28 41.75
CA ALA P 156 29.73 120.85 43.07
C ALA P 156 29.86 119.33 43.29
N TYR P 157 29.65 118.49 42.27
CA TYR P 157 29.77 117.05 42.45
C TYR P 157 31.18 116.66 42.82
N GLN P 158 32.18 117.05 42.03
CA GLN P 158 33.58 116.77 42.34
C GLN P 158 34.01 117.41 43.65
N GLY P 159 33.44 118.59 43.96
CA GLY P 159 33.68 119.27 45.21
C GLY P 159 33.23 118.44 46.40
N LEU P 160 31.94 118.16 46.53
CA LEU P 160 31.39 117.47 47.69
C LEU P 160 31.72 115.98 47.70
N GLY P 161 31.28 115.27 46.68
CA GLY P 161 31.18 113.81 46.69
C GLY P 161 32.50 113.06 46.55
N VAL P 162 33.58 113.74 46.17
CA VAL P 162 34.87 113.12 45.87
C VAL P 162 35.99 113.82 46.62
N SER P 163 36.32 115.06 46.28
CA SER P 163 37.45 115.74 46.91
C SER P 163 37.16 116.05 48.37
N GLY P 164 36.04 116.69 48.65
CA GLY P 164 35.62 117.03 50.01
C GLY P 164 35.45 115.79 50.88
N LEU P 165 34.73 114.79 50.38
CA LEU P 165 34.56 113.54 51.12
C LEU P 165 35.87 112.83 51.41
N THR P 166 36.87 112.93 50.53
CA THR P 166 38.20 112.38 50.82
C THR P 166 38.79 112.99 52.07
N LYS P 167 38.66 114.30 52.28
CA LYS P 167 39.25 114.98 53.44
C LYS P 167 38.63 114.53 54.76
N LEU P 168 37.36 114.12 54.77
CA LEU P 168 36.71 113.55 55.95
C LEU P 168 37.16 112.11 56.20
N VAL P 169 36.99 111.22 55.23
CA VAL P 169 37.21 109.79 55.46
C VAL P 169 38.68 109.47 55.71
N THR P 170 39.61 110.28 55.23
CA THR P 170 41.04 110.06 55.50
C THR P 170 41.36 110.12 56.98
N ASP P 171 40.67 110.96 57.75
CA ASP P 171 40.77 111.00 59.23
C ASP P 171 39.75 110.09 59.93
N GLY P 172 39.07 109.21 59.20
CA GLY P 172 38.05 108.32 59.75
C GLY P 172 36.79 109.05 60.19
N LYS P 173 36.57 110.29 59.78
CA LYS P 173 35.32 111.00 60.05
C LYS P 173 34.24 110.56 59.07
N LYS P 174 33.02 110.33 59.55
CA LYS P 174 31.85 110.09 58.68
C LYS P 174 31.39 111.39 58.00
N TRP P 175 30.63 111.28 56.91
CA TRP P 175 29.81 112.36 56.37
C TRP P 175 28.34 111.98 56.47
N THR P 176 27.51 112.75 57.18
CA THR P 176 26.09 112.39 57.39
C THR P 176 25.09 113.43 56.93
N HIS P 177 25.44 114.70 56.86
CA HIS P 177 24.55 115.79 56.38
C HIS P 177 25.35 116.87 55.66
N THR P 178 24.67 117.75 54.93
CA THR P 178 25.27 119.00 54.47
C THR P 178 24.33 120.18 54.61
N LEU P 179 24.89 121.33 55.01
CA LEU P 179 24.23 122.62 55.10
C LEU P 179 24.70 123.47 53.94
N LEU P 180 23.81 124.07 53.17
CA LEU P 180 24.18 125.01 52.11
C LEU P 180 23.48 126.35 52.32
N ASP P 181 24.18 127.45 52.05
CA ASP P 181 23.54 128.76 51.96
C ASP P 181 22.82 128.94 50.62
N ASP P 182 21.74 129.71 50.59
CA ASP P 182 21.00 130.09 49.38
C ASP P 182 21.90 130.64 48.26
N THR P 183 23.02 131.30 48.61
CA THR P 183 24.00 131.78 47.64
C THR P 183 24.66 130.65 46.81
N VAL P 184 24.55 129.39 47.22
CA VAL P 184 25.14 128.24 46.51
C VAL P 184 24.35 127.85 45.25
N GLU P 185 23.10 128.26 45.09
CA GLU P 185 22.28 127.76 43.98
C GLU P 185 22.92 127.90 42.58
N PRO P 186 23.55 129.01 42.21
CA PRO P 186 24.18 129.14 40.91
C PRO P 186 25.28 128.12 40.68
N VAL P 187 26.23 127.93 41.61
CA VAL P 187 27.32 126.97 41.36
C VAL P 187 26.80 125.54 41.32
N LEU P 188 25.68 125.27 41.97
CA LEU P 188 25.00 123.99 41.84
C LEU P 188 24.30 123.84 40.49
N ASN P 189 23.42 124.77 40.10
CA ASN P 189 22.73 124.73 38.79
C ASN P 189 23.71 124.77 37.62
N GLY P 190 24.86 125.42 37.80
CA GLY P 190 25.92 125.55 36.80
C GLY P 190 26.96 124.44 36.83
N SER P 191 26.87 123.47 37.73
CA SER P 191 27.72 122.29 37.66
C SER P 191 27.33 121.44 36.46
N VAL P 192 28.23 121.23 35.50
CA VAL P 192 27.95 120.57 34.23
C VAL P 192 28.95 119.48 33.91
N ASP P 193 28.54 118.51 33.12
CA ASP P 193 29.46 117.57 32.48
C ASP P 193 30.25 118.25 31.36
N ALA P 194 31.17 117.54 30.70
CA ALA P 194 31.95 118.08 29.60
C ALA P 194 31.08 118.45 28.38
N ASN P 195 29.90 117.85 28.21
CA ASN P 195 28.95 118.24 27.18
C ASN P 195 28.28 119.58 27.51
N GLY P 196 28.35 120.05 28.75
CA GLY P 196 27.66 121.26 29.17
C GLY P 196 26.22 121.02 29.62
N ARG P 197 25.79 119.77 29.86
CA ARG P 197 24.51 119.48 30.53
C ARG P 197 24.68 119.47 32.04
N PRO P 198 23.72 119.98 32.82
CA PRO P 198 23.86 120.10 34.25
C PRO P 198 23.74 118.74 34.92
N LEU P 199 24.48 118.54 36.01
CA LEU P 199 24.53 117.25 36.69
C LEU P 199 23.31 116.98 37.57
N PHE P 200 22.71 118.01 38.20
CA PHE P 200 21.76 117.84 39.31
C PHE P 200 20.28 118.04 38.96
N VAL P 201 19.89 118.01 37.70
CA VAL P 201 18.50 118.30 37.29
C VAL P 201 18.05 117.48 36.08
N GLU P 202 16.75 117.28 35.96
CA GLU P 202 16.09 116.52 34.90
C GLU P 202 16.45 117.01 33.48
N SER P 203 16.34 116.11 32.51
CA SER P 203 16.76 116.32 31.12
C SER P 203 16.04 117.44 30.35
N THR P 204 15.01 118.06 30.93
CA THR P 204 14.26 119.18 30.32
C THR P 204 14.15 120.41 31.23
N TYR P 205 14.87 120.41 32.36
CA TYR P 205 15.15 121.61 33.16
C TYR P 205 13.93 122.35 33.70
N GLU P 206 12.80 121.67 33.92
CA GLU P 206 11.58 122.32 34.42
C GLU P 206 11.59 122.56 35.93
N SER P 207 12.20 121.67 36.72
CA SER P 207 12.24 121.76 38.19
C SER P 207 13.60 122.20 38.74
N LEU P 208 13.66 122.52 40.04
CA LEU P 208 14.91 122.85 40.74
C LEU P 208 15.91 121.69 40.72
N THR P 209 17.20 121.98 40.85
CA THR P 209 18.19 120.95 41.16
C THR P 209 17.83 120.22 42.45
N THR P 210 18.07 118.92 42.53
CA THR P 210 17.49 118.13 43.63
C THR P 210 17.88 118.59 45.03
N PRO P 211 19.10 119.07 45.33
CA PRO P 211 19.40 119.59 46.65
C PRO P 211 18.50 120.75 47.05
N PHE P 212 18.06 121.57 46.10
CA PHE P 212 17.15 122.68 46.35
C PHE P 212 15.66 122.27 46.38
N ARG P 213 15.35 120.99 46.15
CA ARG P 213 14.12 120.34 46.62
C ARG P 213 14.31 119.72 48.02
N GLU P 214 15.36 120.11 48.73
CA GLU P 214 15.85 119.43 49.95
C GLU P 214 16.13 117.94 49.73
N GLY P 215 16.35 117.52 48.48
CA GLY P 215 16.73 116.16 48.14
C GLY P 215 18.13 115.81 48.64
N ARG P 216 18.39 114.54 48.84
CA ARG P 216 19.68 114.04 49.32
C ARG P 216 20.73 113.99 48.20
N ILE P 217 21.98 114.22 48.55
CA ILE P 217 23.14 114.14 47.65
C ILE P 217 23.93 112.90 48.04
N LEU P 218 24.13 111.96 47.14
CA LEU P 218 24.83 110.71 47.44
C LEU P 218 24.34 110.07 48.75
N GLY P 219 23.04 110.01 48.93
CA GLY P 219 22.36 109.49 50.12
C GLY P 219 22.23 110.47 51.29
N ARG P 220 23.11 111.46 51.47
CA ARG P 220 23.09 112.37 52.64
C ARG P 220 22.06 113.48 52.47
N PRO P 221 21.20 113.80 53.45
CA PRO P 221 20.27 114.91 53.34
C PRO P 221 20.94 116.26 53.07
N THR P 222 20.23 117.16 52.39
CA THR P 222 20.65 118.56 52.22
C THR P 222 19.78 119.46 53.07
N ILE P 223 20.37 120.32 53.90
CA ILE P 223 19.68 121.33 54.70
C ILE P 223 19.99 122.72 54.13
N LEU P 224 19.01 123.61 54.02
CA LEU P 224 19.17 124.90 53.35
C LEU P 224 18.91 126.08 54.29
N SER P 225 19.55 127.23 54.05
CA SER P 225 19.30 128.47 54.80
C SER P 225 19.74 129.70 54.00
N ASP P 226 19.20 130.87 54.35
CA ASP P 226 19.60 132.16 53.78
C ASP P 226 20.65 132.92 54.61
N HIS P 227 21.20 132.31 55.66
CA HIS P 227 22.12 132.98 56.60
C HIS P 227 23.25 132.06 57.10
N VAL P 228 23.71 131.14 56.27
CA VAL P 228 24.82 130.24 56.60
C VAL P 228 26.16 130.79 56.14
N ALA P 229 26.21 131.50 55.02
CA ALA P 229 27.47 131.96 54.45
C ALA P 229 28.08 133.14 55.21
N GLU P 230 29.39 133.12 55.42
CA GLU P 230 30.17 134.28 55.85
C GLU P 230 31.55 134.27 55.21
N GLY P 231 32.02 135.42 54.71
CA GLY P 231 33.29 135.49 53.98
C GLY P 231 33.30 134.52 52.80
N ASP P 232 34.35 133.71 52.70
CA ASP P 232 34.45 132.68 51.67
C ASP P 232 33.59 131.45 51.97
N VAL P 233 33.22 131.21 53.24
CA VAL P 233 32.50 130.00 53.63
C VAL P 233 31.04 130.10 53.21
N VAL P 234 30.52 129.08 52.53
CA VAL P 234 29.14 129.05 52.02
C VAL P 234 28.33 127.84 52.46
N GLY P 235 28.92 126.92 53.21
CA GLY P 235 28.21 125.76 53.71
C GLY P 235 29.14 124.78 54.40
N TYR P 236 28.59 123.67 54.88
CA TYR P 236 29.33 122.68 55.64
C TYR P 236 28.92 121.28 55.24
N ALA P 237 29.86 120.35 55.29
CA ALA P 237 29.61 118.92 55.13
C ALA P 237 30.33 118.21 56.27
N GLY P 238 29.67 117.31 56.98
CA GLY P 238 30.32 116.66 58.12
C GLY P 238 29.40 115.70 58.83
N ASP P 239 29.79 115.29 60.03
CA ASP P 239 28.93 114.48 60.89
C ASP P 239 28.18 115.36 61.90
N PHE P 240 27.03 115.89 61.50
CA PHE P 240 26.22 116.74 62.37
C PHE P 240 25.69 116.01 63.61
N SER P 241 25.76 114.69 63.72
CA SER P 241 25.45 114.00 64.98
C SER P 241 26.46 114.30 66.08
N GLN P 242 27.64 114.82 65.77
CA GLN P 242 28.67 115.24 66.74
C GLN P 242 28.31 116.52 67.49
N ILE P 243 27.21 117.21 67.16
CA ILE P 243 26.76 118.42 67.84
C ILE P 243 25.65 118.08 68.81
N ILE P 244 25.79 118.50 70.07
CA ILE P 244 24.68 118.49 71.02
C ILE P 244 24.47 119.88 71.58
N TRP P 245 23.22 120.21 71.88
CA TRP P 245 22.85 121.52 72.39
C TRP P 245 21.68 121.42 73.34
N GLY P 246 21.46 122.46 74.13
CA GLY P 246 20.32 122.52 75.02
C GLY P 246 19.94 123.94 75.40
N GLN P 247 18.76 124.07 76.00
CA GLN P 247 18.22 125.33 76.48
C GLN P 247 17.87 125.18 77.95
N VAL P 248 18.12 126.19 78.76
CA VAL P 248 17.68 126.21 80.15
C VAL P 248 16.56 127.22 80.29
N GLY P 249 15.42 126.80 80.81
CA GLY P 249 14.23 127.64 80.89
C GLY P 249 13.76 128.11 79.51
N GLY P 250 13.58 129.41 79.33
CA GLY P 250 13.18 130.01 78.07
C GLY P 250 13.27 131.53 78.08
N LEU P 251 13.12 132.14 76.90
CA LEU P 251 13.26 133.58 76.72
C LEU P 251 12.32 134.33 77.66
N SER P 252 12.84 135.32 78.37
CA SER P 252 12.18 135.98 79.49
C SER P 252 12.40 137.49 79.48
N PHE P 253 11.50 138.23 80.12
CA PHE P 253 11.46 139.69 80.09
C PHE P 253 11.34 140.31 81.47
N ASP P 254 11.74 141.57 81.57
CA ASP P 254 11.56 142.45 82.71
C ASP P 254 11.43 143.90 82.22
N VAL P 255 10.80 144.80 82.97
CA VAL P 255 10.61 146.22 82.59
C VAL P 255 10.77 147.13 83.80
N THR P 256 11.36 148.31 83.63
CA THR P 256 11.56 149.24 84.74
C THR P 256 11.79 150.68 84.30
N ASP P 257 11.63 151.63 85.22
CA ASP P 257 12.15 152.98 85.13
C ASP P 257 13.08 153.33 86.31
N GLN P 258 13.33 152.41 87.24
CA GLN P 258 14.07 152.70 88.46
C GLN P 258 15.60 152.63 88.27
N ALA P 259 16.08 151.89 87.28
CA ALA P 259 17.49 151.55 87.12
C ALA P 259 18.37 152.70 86.59
N THR P 260 19.68 152.54 86.75
CA THR P 260 20.71 153.38 86.11
C THR P 260 21.50 152.55 85.10
N LEU P 261 21.54 152.96 83.84
CA LEU P 261 22.19 152.20 82.78
C LEU P 261 23.51 152.83 82.38
N ASN P 262 24.55 152.02 82.25
CA ASN P 262 25.81 152.43 81.65
C ASN P 262 25.66 152.42 80.12
N LEU P 263 25.64 153.58 79.46
CA LEU P 263 25.61 153.63 78.00
C LEU P 263 26.98 153.37 77.36
N GLY P 264 28.04 153.24 78.14
CA GLY P 264 29.40 152.92 77.73
C GLY P 264 29.77 151.46 77.98
N SER P 265 30.87 151.23 78.69
CA SER P 265 31.39 149.92 79.05
C SER P 265 31.95 149.96 80.47
N GLN P 266 32.29 148.81 81.08
CA GLN P 266 32.91 148.84 82.41
C GLN P 266 34.30 149.48 82.40
N GLU P 267 35.01 149.44 81.27
CA GLU P 267 36.30 150.10 81.07
C GLU P 267 36.16 151.59 80.79
N SER P 268 34.98 152.07 80.40
CA SER P 268 34.69 153.49 80.14
C SER P 268 33.22 153.79 80.39
N PRO P 269 32.81 154.02 81.64
CA PRO P 269 31.43 154.24 81.98
C PRO P 269 30.86 155.53 81.40
N ASN P 270 29.56 155.52 81.11
CA ASN P 270 28.77 156.69 80.74
C ASN P 270 27.34 156.52 81.27
N PHE P 271 27.18 156.60 82.59
CA PHE P 271 25.90 156.29 83.21
C PHE P 271 24.82 157.34 82.91
N VAL P 272 23.60 156.89 82.67
CA VAL P 272 22.39 157.69 82.59
C VAL P 272 21.33 157.05 83.46
N SER P 273 20.64 157.83 84.29
CA SER P 273 19.69 157.28 85.27
C SER P 273 18.26 157.48 84.81
N LEU P 274 17.50 156.39 84.66
CA LEU P 274 16.27 156.39 83.88
C LEU P 274 15.20 157.31 84.49
N TRP P 275 15.25 157.56 85.80
CA TRP P 275 14.30 158.37 86.55
C TRP P 275 14.79 159.78 86.89
N GLN P 276 16.10 160.09 86.76
CA GLN P 276 16.56 161.49 86.79
C GLN P 276 16.34 162.14 85.42
N HIS P 277 16.37 161.35 84.35
CA HIS P 277 15.64 161.62 83.11
C HIS P 277 14.22 161.05 83.22
N ASN P 278 13.48 160.93 82.12
CA ASN P 278 12.20 160.22 82.10
C ASN P 278 12.23 159.15 81.00
N LEU P 279 12.89 158.03 81.29
CA LEU P 279 13.10 156.91 80.38
C LEU P 279 12.50 155.62 80.97
N VAL P 280 12.09 154.68 80.11
CA VAL P 280 11.58 153.36 80.50
C VAL P 280 12.32 152.29 79.70
N ALA P 281 12.79 151.24 80.36
CA ALA P 281 13.65 150.23 79.77
C ALA P 281 13.07 148.82 79.90
N VAL P 282 13.35 147.97 78.94
CA VAL P 282 12.98 146.54 78.94
C VAL P 282 14.24 145.70 78.85
N ARG P 283 14.28 144.59 79.57
CA ARG P 283 15.46 143.74 79.77
C ARG P 283 15.12 142.30 79.44
N VAL P 284 15.89 141.65 78.57
CA VAL P 284 15.51 140.37 77.92
C VAL P 284 16.62 139.35 78.10
N GLU P 285 16.30 138.10 78.42
CA GLU P 285 17.33 137.12 78.80
C GLU P 285 16.93 135.68 78.48
N ALA P 286 17.92 134.86 78.08
CA ALA P 286 17.76 133.43 77.78
C ALA P 286 19.07 132.67 77.99
N GLU P 287 19.02 131.35 78.20
CA GLU P 287 20.22 130.54 78.46
C GLU P 287 20.29 129.28 77.58
N TYR P 288 21.46 128.98 77.03
CA TYR P 288 21.69 127.88 76.10
C TYR P 288 23.05 127.24 76.32
N GLY P 289 23.24 126.00 75.88
CA GLY P 289 24.54 125.32 75.93
C GLY P 289 24.81 124.56 74.65
N LEU P 290 26.08 124.44 74.26
CA LEU P 290 26.52 123.84 72.99
C LEU P 290 27.82 123.09 73.19
N LEU P 291 27.98 121.95 72.52
CA LEU P 291 29.21 121.16 72.48
C LEU P 291 29.37 120.54 71.11
N ILE P 292 30.51 120.75 70.47
CA ILE P 292 30.88 120.02 69.26
C ILE P 292 31.88 118.96 69.69
N ASN P 293 31.61 117.67 69.49
CA ASN P 293 32.50 116.64 70.00
C ASN P 293 33.89 116.69 69.35
N ASP P 294 33.98 117.04 68.06
CA ASP P 294 35.24 117.36 67.39
C ASP P 294 35.01 118.28 66.20
N VAL P 295 35.48 119.53 66.26
CA VAL P 295 35.30 120.49 65.18
C VAL P 295 35.96 120.07 63.87
N ASN P 296 36.93 119.17 63.87
CA ASN P 296 37.52 118.67 62.62
C ASN P 296 36.66 117.60 61.93
N ALA P 297 35.50 117.22 62.47
CA ALA P 297 34.55 116.33 61.81
C ALA P 297 33.70 117.02 60.73
N PHE P 298 34.12 118.19 60.26
CA PHE P 298 33.39 119.02 59.31
C PHE P 298 34.32 119.65 58.28
N VAL P 299 33.88 119.83 57.05
CA VAL P 299 34.59 120.53 55.99
C VAL P 299 33.87 121.84 55.69
N LYS P 300 34.58 122.97 55.73
CA LYS P 300 34.09 124.29 55.33
C LYS P 300 34.05 124.41 53.82
N LEU P 301 32.87 124.42 53.21
CA LEU P 301 32.73 124.60 51.77
C LEU P 301 32.97 126.05 51.37
N THR P 302 33.66 126.27 50.26
CA THR P 302 34.14 127.59 49.83
C THR P 302 34.07 127.79 48.32
N PHE P 303 34.19 129.02 47.86
CA PHE P 303 34.21 129.35 46.44
C PHE P 303 35.60 129.62 45.87
N ASP P 304 36.68 129.51 46.66
CA ASP P 304 38.04 129.81 46.20
C ASP P 304 38.42 129.05 44.92
N PRO P 305 39.18 129.68 44.01
CA PRO P 305 39.49 129.09 42.71
C PRO P 305 40.42 127.89 42.84
N VAL P 306 40.47 127.04 41.82
CA VAL P 306 41.50 126.00 41.70
C VAL P 306 42.88 126.65 41.59
N LEU P 307 43.90 126.07 42.21
CA LEU P 307 45.26 126.62 42.27
C LEU P 307 46.31 125.69 41.67
N THR P 308 47.39 126.27 41.12
CA THR P 308 48.61 125.54 40.73
C THR P 308 49.84 126.22 41.32
N THR P 309 50.79 125.43 41.84
CA THR P 309 52.04 125.93 42.43
C THR P 309 53.21 125.63 41.51
N TYR P 310 53.95 126.67 41.15
CA TYR P 310 55.05 126.66 40.20
C TYR P 310 56.39 126.98 40.88
N ALA P 311 57.43 126.22 40.62
CA ALA P 311 58.80 126.69 40.81
C ALA P 311 59.15 127.64 39.67
N LEU P 312 59.73 128.80 39.99
CA LEU P 312 60.27 129.74 39.02
C LEU P 312 61.78 129.84 39.21
N ASP P 313 62.52 129.43 38.19
CA ASP P 313 63.96 129.28 38.19
C ASP P 313 64.57 130.44 37.40
N LEU P 314 65.61 131.09 37.94
CA LEU P 314 66.30 132.18 37.24
C LEU P 314 67.83 132.04 37.29
N ASP P 315 68.29 130.79 37.36
CA ASP P 315 69.62 130.32 36.92
C ASP P 315 70.84 131.01 37.54
N GLY P 316 70.68 131.64 38.71
CA GLY P 316 71.73 132.48 39.31
C GLY P 316 72.12 133.69 38.44
N ALA P 317 71.19 134.24 37.66
CA ALA P 317 71.44 135.33 36.72
C ALA P 317 72.13 136.54 37.37
N SER P 318 72.98 137.21 36.60
CA SER P 318 73.86 138.28 37.09
C SER P 318 73.15 139.61 37.31
N ALA P 319 72.17 139.96 36.46
CA ALA P 319 71.48 141.25 36.43
C ALA P 319 70.21 141.20 35.55
N GLY P 320 69.39 142.24 35.60
CA GLY P 320 68.29 142.49 34.66
C GLY P 320 66.90 142.31 35.28
N ASN P 321 65.89 142.07 34.45
CA ASN P 321 64.50 141.89 34.90
C ASN P 321 63.71 140.90 34.02
N PHE P 322 62.64 140.33 34.55
CA PHE P 322 61.81 139.30 33.90
C PHE P 322 60.31 139.60 34.02
N THR P 323 59.49 138.99 33.16
CA THR P 323 58.06 139.30 32.99
C THR P 323 57.19 138.04 33.17
N LEU P 324 56.03 138.15 33.83
CA LEU P 324 55.14 137.01 34.12
C LEU P 324 53.74 137.18 33.50
N SER P 325 53.27 136.16 32.79
CA SER P 325 51.92 136.05 32.23
C SER P 325 51.06 135.15 33.13
N LEU P 326 49.92 135.66 33.62
CA LEU P 326 48.99 134.94 34.49
C LEU P 326 47.91 134.20 33.69
N ASP P 327 47.35 134.85 32.67
CA ASP P 327 46.43 134.28 31.68
C ASP P 327 46.43 135.14 30.39
N GLY P 328 47.62 135.40 29.83
CA GLY P 328 47.82 136.42 28.80
C GLY P 328 47.86 137.84 29.37
N LYS P 329 46.97 138.16 30.32
CA LYS P 329 47.14 139.26 31.28
C LYS P 329 48.50 139.12 31.97
N THR P 330 49.33 140.16 31.89
CA THR P 330 50.79 140.09 32.10
C THR P 330 51.32 141.23 32.98
N SER P 331 52.26 140.93 33.88
CA SER P 331 52.80 141.88 34.86
C SER P 331 53.66 142.98 34.23
N ALA P 332 53.97 144.02 35.00
CA ALA P 332 55.21 144.78 34.79
C ALA P 332 56.44 143.89 35.07
N ASN P 333 57.63 144.27 34.60
CA ASN P 333 58.84 143.49 34.84
C ASN P 333 59.33 143.55 36.31
N ILE P 334 60.01 142.50 36.76
CA ILE P 334 60.54 142.35 38.13
C ILE P 334 62.06 142.11 38.08
N ALA P 335 62.81 142.73 38.98
CA ALA P 335 64.28 142.61 39.00
C ALA P 335 64.77 141.19 39.35
N TYR P 336 65.93 140.83 38.79
CA TYR P 336 66.60 139.53 38.91
C TYR P 336 66.92 139.04 40.34
N ASN P 337 66.82 139.89 41.36
CA ASN P 337 67.08 139.51 42.75
C ASN P 337 66.07 140.11 43.76
N ALA P 338 64.89 140.54 43.29
CA ALA P 338 63.87 141.16 44.14
C ALA P 338 63.30 140.20 45.21
N SER P 339 62.69 140.76 46.26
CA SER P 339 62.09 139.95 47.34
C SER P 339 60.89 139.11 46.87
N THR P 340 60.56 138.05 47.62
CA THR P 340 59.34 137.26 47.41
C THR P 340 58.07 138.12 47.44
N ALA P 341 58.01 139.09 48.36
CA ALA P 341 56.90 140.04 48.44
C ALA P 341 56.79 140.90 47.17
N THR P 342 57.90 141.29 46.54
CA THR P 342 57.89 142.01 45.27
C THR P 342 57.31 141.16 44.14
N VAL P 343 57.65 139.88 44.07
CA VAL P 343 57.06 138.94 43.09
C VAL P 343 55.56 138.76 43.31
N LYS P 344 55.13 138.56 44.57
CA LYS P 344 53.70 138.47 44.90
C LYS P 344 52.94 139.74 44.50
N SER P 345 53.46 140.89 44.90
CA SER P 345 52.90 142.21 44.57
C SER P 345 52.78 142.41 43.05
N ALA P 346 53.83 142.10 42.29
CA ALA P 346 53.83 142.21 40.83
C ALA P 346 52.84 141.28 40.12
N ILE P 347 52.47 140.14 40.71
CA ILE P 347 51.37 139.32 40.20
C ILE P 347 50.01 139.93 40.57
N VAL P 348 49.74 140.23 41.84
CA VAL P 348 48.39 140.67 42.23
C VAL P 348 48.07 142.09 41.77
N ALA P 349 49.05 142.86 41.33
CA ALA P 349 48.87 144.11 40.60
C ALA P 349 48.33 143.93 39.16
N ILE P 350 48.31 142.70 38.62
CA ILE P 350 47.60 142.40 37.37
C ILE P 350 46.10 142.44 37.67
N ASP P 351 45.35 143.26 36.94
CA ASP P 351 43.92 143.51 37.20
C ASP P 351 42.98 142.33 36.82
N ASP P 352 43.50 141.13 36.58
CA ASP P 352 42.71 139.98 36.15
C ASP P 352 41.95 139.27 37.30
N GLY P 353 41.10 140.01 38.02
CA GLY P 353 40.19 139.44 39.01
C GLY P 353 40.81 138.98 40.34
N VAL P 354 42.12 138.71 40.37
CA VAL P 354 42.87 138.20 41.53
C VAL P 354 43.18 139.26 42.59
N SER P 355 43.42 138.80 43.81
CA SER P 355 43.66 139.61 45.02
C SER P 355 44.84 139.09 45.84
N ALA P 356 45.34 139.88 46.79
CA ALA P 356 46.50 139.56 47.62
C ALA P 356 46.41 138.21 48.36
N ASP P 357 45.21 137.75 48.71
CA ASP P 357 45.02 136.47 49.41
C ASP P 357 44.92 135.24 48.47
N ASP P 358 44.91 135.45 47.15
CA ASP P 358 44.89 134.36 46.16
C ASP P 358 46.29 133.76 45.88
N VAL P 359 47.36 134.42 46.35
CA VAL P 359 48.73 134.15 45.90
C VAL P 359 49.67 133.91 47.07
N THR P 360 50.47 132.85 46.99
CA THR P 360 51.57 132.57 47.93
C THR P 360 52.90 132.53 47.19
N VAL P 361 53.95 133.08 47.79
CA VAL P 361 55.32 133.06 47.24
C VAL P 361 56.32 132.68 48.33
N THR P 362 57.29 131.87 47.94
CA THR P 362 58.27 131.19 48.80
C THR P 362 59.61 131.07 48.05
N GLY P 363 60.69 130.69 48.73
CA GLY P 363 61.97 130.37 48.08
C GLY P 363 63.02 131.48 48.19
N SER P 364 63.68 131.80 47.07
CA SER P 364 64.97 132.49 47.04
C SER P 364 65.15 133.41 45.83
N ALA P 365 66.12 134.34 45.89
CA ALA P 365 66.45 135.22 44.77
C ALA P 365 67.00 134.50 43.51
N GLY P 366 67.46 133.24 43.63
CA GLY P 366 67.89 132.42 42.48
C GLY P 366 66.80 131.49 41.93
N ASP P 367 65.88 131.03 42.80
CA ASP P 367 64.70 130.24 42.45
C ASP P 367 63.56 130.53 43.45
N TYR P 368 62.42 130.98 42.96
CA TYR P 368 61.20 131.18 43.72
C TYR P 368 60.29 129.95 43.63
N THR P 369 59.24 129.89 44.46
CA THR P 369 58.06 129.04 44.24
C THR P 369 56.78 129.82 44.55
N ILE P 370 55.82 129.77 43.62
CA ILE P 370 54.70 130.70 43.48
C ILE P 370 53.39 129.91 43.28
N THR P 371 52.32 130.23 44.00
CA THR P 371 50.99 129.62 43.79
C THR P 371 50.00 130.62 43.23
N VAL P 372 49.31 130.30 42.13
CA VAL P 372 48.27 131.14 41.51
C VAL P 372 47.16 130.28 40.90
N PRO P 373 45.96 130.83 40.65
CA PRO P 373 44.91 130.14 39.91
C PRO P 373 45.16 130.03 38.39
N GLY P 374 46.04 130.87 37.83
CA GLY P 374 46.28 130.97 36.37
C GLY P 374 47.37 130.04 35.81
N THR P 375 47.50 130.00 34.49
CA THR P 375 48.51 129.21 33.74
C THR P 375 49.86 129.96 33.70
N LEU P 376 50.47 130.18 34.87
CA LEU P 376 51.62 131.06 35.05
C LEU P 376 52.78 130.70 34.10
N THR P 377 53.23 131.70 33.32
CA THR P 377 54.29 131.53 32.30
C THR P 377 55.28 132.69 32.37
N ALA P 378 56.59 132.42 32.28
CA ALA P 378 57.65 133.40 32.45
C ALA P 378 58.36 133.74 31.13
N ASP P 379 58.60 135.04 30.90
CA ASP P 379 59.42 135.58 29.82
C ASP P 379 60.66 136.27 30.41
N PHE P 380 61.84 135.73 30.12
CA PHE P 380 63.12 136.24 30.63
C PHE P 380 63.83 137.21 29.66
N SER P 381 63.17 137.68 28.61
CA SER P 381 63.71 138.81 27.83
C SER P 381 63.87 140.05 28.72
N GLY P 382 65.07 140.62 28.75
CA GLY P 382 65.49 141.64 29.73
C GLY P 382 66.30 141.10 30.92
N LEU P 383 66.40 139.78 31.09
CA LEU P 383 67.31 139.13 32.04
C LEU P 383 68.67 138.90 31.35
N THR P 384 69.79 139.11 32.07
CA THR P 384 71.10 139.26 31.42
C THR P 384 71.65 137.95 30.84
N ASP P 385 71.53 136.85 31.58
CA ASP P 385 72.22 135.59 31.28
C ASP P 385 71.49 134.37 31.85
N GLY P 386 71.80 133.19 31.31
CA GLY P 386 71.25 131.91 31.72
C GLY P 386 70.36 131.24 30.67
N GLU P 387 70.26 129.92 30.77
CA GLU P 387 69.44 129.04 29.92
C GLU P 387 68.67 127.98 30.74
N GLY P 388 69.03 127.80 32.01
CA GLY P 388 68.24 127.10 33.02
C GLY P 388 67.24 128.00 33.74
N ALA P 389 66.97 129.20 33.21
CA ALA P 389 65.87 130.05 33.65
C ALA P 389 64.56 129.49 33.08
N SER P 390 63.64 129.06 33.95
CA SER P 390 62.54 128.16 33.58
C SER P 390 61.41 128.20 34.63
N ILE P 391 60.25 127.67 34.28
CA ILE P 391 59.09 127.59 35.20
C ILE P 391 58.38 126.24 35.06
N SER P 392 57.99 125.62 36.17
CA SER P 392 57.39 124.28 36.18
C SER P 392 56.51 124.02 37.41
N VAL P 393 55.59 123.06 37.35
CA VAL P 393 54.75 122.68 38.50
C VAL P 393 55.57 121.93 39.56
N VAL P 394 55.58 122.41 40.81
CA VAL P 394 56.69 122.14 41.74
C VAL P 394 56.71 120.77 42.42
N SER P 395 55.57 120.24 42.88
CA SER P 395 55.58 119.21 43.94
C SER P 395 56.23 117.90 43.51
N VAL P 396 55.73 117.30 42.42
CA VAL P 396 56.25 116.11 41.73
C VAL P 396 55.88 116.24 40.24
N GLY P 397 56.70 115.73 39.32
CA GLY P 397 56.44 115.78 37.86
C GLY P 397 57.44 115.01 37.03
N GLY Q 2 33.22 142.01 83.48
CA GLY Q 2 32.71 141.05 84.46
C GLY Q 2 33.33 141.27 85.83
N PHE Q 3 33.63 140.19 86.54
CA PHE Q 3 34.28 140.24 87.86
C PHE Q 3 35.23 139.06 88.07
N SER Q 4 36.17 139.21 89.01
CA SER Q 4 37.12 138.15 89.38
C SER Q 4 36.41 136.93 89.98
N ALA Q 5 37.05 135.76 89.93
CA ALA Q 5 36.49 134.50 90.39
C ALA Q 5 36.25 134.42 91.92
N ASP Q 6 36.80 135.33 92.72
CA ASP Q 6 36.57 135.41 94.17
C ASP Q 6 36.55 136.88 94.60
N HIS Q 7 35.56 137.64 94.14
CA HIS Q 7 35.60 139.10 94.11
C HIS Q 7 35.59 139.82 95.46
N SER Q 8 35.30 139.11 96.55
CA SER Q 8 35.16 139.64 97.92
C SER Q 8 33.95 140.55 98.13
N GLN Q 9 33.71 141.56 97.29
CA GLN Q 9 32.48 142.33 97.38
C GLN Q 9 31.30 141.57 96.78
N ILE Q 10 31.34 141.25 95.49
CA ILE Q 10 30.28 140.49 94.81
C ILE Q 10 30.37 139.01 95.17
N ALA Q 11 29.28 138.26 95.02
CA ALA Q 11 29.25 136.81 95.19
C ALA Q 11 28.64 136.12 93.97
N GLN Q 12 29.21 135.00 93.52
CA GLN Q 12 28.91 134.37 92.23
C GLN Q 12 28.91 132.84 92.34
N THR Q 13 28.34 132.16 91.35
CA THR Q 13 28.51 130.71 91.19
C THR Q 13 29.95 130.29 90.90
N LYS Q 14 30.81 131.21 90.47
CA LYS Q 14 32.26 130.98 90.31
C LYS Q 14 33.00 130.80 91.63
N ASP Q 15 32.50 131.35 92.74
CA ASP Q 15 33.28 131.53 93.95
C ASP Q 15 33.75 130.20 94.55
N THR Q 16 34.95 130.18 95.13
CA THR Q 16 35.54 128.98 95.70
C THR Q 16 34.67 128.33 96.77
N MET Q 17 34.03 129.11 97.64
CA MET Q 17 33.21 128.55 98.73
C MET Q 17 31.97 127.79 98.24
N PHE Q 18 31.53 128.04 97.00
CA PHE Q 18 30.45 127.28 96.37
C PHE Q 18 30.91 126.01 95.65
N THR Q 19 32.21 125.73 95.56
CA THR Q 19 32.67 124.43 95.04
C THR Q 19 32.15 123.29 95.92
N GLY Q 20 31.86 122.12 95.34
CA GLY Q 20 31.19 121.03 96.06
C GLY Q 20 29.68 121.19 96.16
N TYR Q 21 29.13 122.23 95.52
CA TYR Q 21 27.71 122.40 95.23
C TYR Q 21 27.56 122.85 93.77
N LEU Q 22 26.34 122.88 93.25
CA LEU Q 22 26.08 123.23 91.86
C LEU Q 22 26.83 122.30 90.89
N ASP Q 23 26.97 121.01 91.25
CA ASP Q 23 27.61 120.00 90.40
C ASP Q 23 26.90 119.81 89.06
N PRO Q 24 27.60 119.37 88.00
CA PRO Q 24 26.96 118.95 86.77
C PRO Q 24 26.09 117.72 87.00
N VAL Q 25 24.98 117.58 86.28
CA VAL Q 25 24.18 116.35 86.30
C VAL Q 25 24.85 115.30 85.42
N GLN Q 26 24.98 114.06 85.89
CA GLN Q 26 25.59 113.01 85.08
C GLN Q 26 24.66 112.58 83.93
N ALA Q 27 25.20 112.40 82.73
CA ALA Q 27 24.44 112.13 81.52
C ALA Q 27 24.96 110.89 80.79
N LYS Q 28 24.15 110.29 79.91
CA LYS Q 28 24.59 109.17 79.06
C LYS Q 28 25.59 109.62 78.01
N ASP Q 29 26.35 108.69 77.44
CA ASP Q 29 27.34 109.00 76.41
C ASP Q 29 26.67 109.28 75.06
N TYR Q 30 26.46 110.55 74.75
CA TYR Q 30 25.86 110.98 73.49
C TYR Q 30 26.76 110.77 72.26
N PHE Q 31 27.96 110.23 72.42
CA PHE Q 31 28.95 110.05 71.35
C PHE Q 31 29.52 108.63 71.28
N ALA Q 32 28.81 107.63 71.84
CA ALA Q 32 29.29 106.26 71.91
C ALA Q 32 29.59 105.65 70.53
N GLU Q 33 30.61 104.80 70.46
CA GLU Q 33 30.95 104.03 69.26
C GLU Q 33 30.40 102.60 69.37
N ALA Q 34 29.75 102.10 68.32
CA ALA Q 34 29.30 100.71 68.27
C ALA Q 34 30.47 99.72 68.34
N GLU Q 35 30.28 98.53 68.89
CA GLU Q 35 31.31 97.52 69.01
C GLU Q 35 31.84 97.04 67.65
N LYS Q 36 33.16 96.83 67.54
CA LYS Q 36 33.84 96.52 66.29
C LYS Q 36 33.68 95.04 65.93
N THR Q 37 32.50 94.64 65.47
CA THR Q 37 32.19 93.25 65.15
C THR Q 37 33.09 92.70 64.04
N SER Q 38 33.42 91.41 64.08
CA SER Q 38 34.32 90.76 63.12
C SER Q 38 33.86 90.90 61.67
N ILE Q 39 34.81 91.07 60.74
CA ILE Q 39 34.56 90.95 59.31
C ILE Q 39 34.97 89.59 58.77
N VAL Q 40 36.07 89.00 59.22
CA VAL Q 40 36.52 87.71 58.70
C VAL Q 40 35.48 86.63 58.96
N GLN Q 41 34.86 86.62 60.14
CA GLN Q 41 33.82 85.66 60.47
C GLN Q 41 32.53 85.86 59.68
N ARG Q 42 32.34 87.01 59.02
CA ARG Q 42 31.22 87.27 58.12
C ARG Q 42 31.48 86.75 56.72
N VAL Q 43 32.72 86.82 56.21
CA VAL Q 43 33.03 86.41 54.82
C VAL Q 43 33.48 84.96 54.65
N ALA Q 44 34.10 84.36 55.66
CA ALA Q 44 34.72 83.04 55.55
C ALA Q 44 33.80 81.91 56.01
N GLN Q 45 33.90 80.73 55.40
CA GLN Q 45 33.12 79.55 55.77
C GLN Q 45 33.56 79.00 57.13
N LYS Q 46 32.62 78.70 58.03
CA LYS Q 46 32.93 78.20 59.38
C LYS Q 46 32.90 76.67 59.43
N ILE Q 47 34.06 76.03 59.48
CA ILE Q 47 34.13 74.57 59.64
C ILE Q 47 33.88 74.15 61.08
N PRO Q 48 33.28 72.98 61.33
CA PRO Q 48 33.26 72.39 62.66
C PRO Q 48 34.68 71.93 62.98
N MET Q 49 35.14 72.20 64.21
CA MET Q 49 36.50 71.89 64.63
C MET Q 49 36.53 71.34 66.05
N GLY Q 50 37.24 70.24 66.26
CA GLY Q 50 37.46 69.65 67.57
C GLY Q 50 38.72 70.19 68.25
N ALA Q 51 38.85 69.97 69.55
CA ALA Q 51 39.99 70.47 70.30
C ALA Q 51 41.33 69.87 69.87
N THR Q 52 41.35 68.71 69.20
CA THR Q 52 42.57 68.12 68.64
C THR Q 52 42.91 68.64 67.25
N GLY Q 53 42.02 69.39 66.59
CA GLY Q 53 42.21 69.90 65.23
C GLY Q 53 41.70 68.95 64.16
N ILE Q 54 41.98 69.27 62.89
CA ILE Q 54 41.44 68.58 61.72
C ILE Q 54 42.50 68.37 60.65
N VAL Q 55 42.29 67.34 59.82
CA VAL Q 55 43.15 66.97 58.69
C VAL Q 55 42.38 67.14 57.39
N ILE Q 56 42.93 67.87 56.42
CA ILE Q 56 42.33 68.08 55.11
C ILE Q 56 43.14 67.33 54.05
N PRO Q 57 42.59 66.32 53.38
CA PRO Q 57 43.24 65.66 52.27
C PRO Q 57 43.12 66.49 50.99
N HIS Q 58 44.07 66.34 50.08
CA HIS Q 58 44.10 67.08 48.82
C HIS Q 58 44.81 66.27 47.73
N TRP Q 59 44.13 66.01 46.61
CA TRP Q 59 44.71 65.30 45.47
C TRP Q 59 45.78 66.13 44.77
N THR Q 60 46.84 65.53 44.27
CA THR Q 60 47.93 66.24 43.56
C THR Q 60 48.46 65.47 42.36
N GLY Q 61 47.89 64.30 42.04
CA GLY Q 61 48.35 63.47 40.94
C GLY Q 61 47.95 64.00 39.57
N ASP Q 62 48.93 64.38 38.76
CA ASP Q 62 48.75 64.63 37.33
C ASP Q 62 48.71 63.31 36.57
N VAL Q 63 47.59 62.60 36.65
CA VAL Q 63 47.31 61.40 35.85
C VAL Q 63 47.20 61.75 34.37
N SER Q 64 47.45 60.79 33.48
CA SER Q 64 47.49 61.05 32.03
C SER Q 64 47.18 59.83 31.19
N ALA Q 65 46.83 60.06 29.93
CA ALA Q 65 46.61 59.04 28.91
C ALA Q 65 47.05 59.61 27.57
N GLN Q 66 47.35 58.75 26.60
CA GLN Q 66 47.83 59.21 25.30
C GLN Q 66 47.33 58.34 24.16
N TRP Q 67 47.21 58.95 22.99
CA TRP Q 67 46.84 58.26 21.76
C TRP Q 67 47.86 57.19 21.43
N ILE Q 68 47.42 56.00 21.05
CA ILE Q 68 48.35 54.89 20.80
C ILE Q 68 48.09 54.19 19.48
N GLY Q 69 49.18 53.86 18.76
CA GLY Q 69 49.14 53.09 17.52
C GLY Q 69 48.85 51.61 17.75
N GLU Q 70 48.95 50.79 16.71
CA GLU Q 70 48.71 49.34 16.85
C GLU Q 70 49.90 48.62 17.51
N GLY Q 71 51.12 49.13 17.33
CA GLY Q 71 52.33 48.57 17.93
C GLY Q 71 52.70 49.17 19.30
N ASP Q 72 52.14 50.31 19.69
CA ASP Q 72 52.58 51.04 20.89
C ASP Q 72 52.14 50.36 22.20
N MET Q 73 53.03 50.37 23.19
CA MET Q 73 52.71 49.98 24.57
C MET Q 73 51.84 51.04 25.22
N LYS Q 74 50.86 50.64 26.02
CA LYS Q 74 50.08 51.59 26.85
C LYS Q 74 50.96 52.26 27.91
N PRO Q 75 50.72 53.53 28.27
CA PRO Q 75 51.45 54.17 29.35
C PRO Q 75 50.89 53.73 30.70
N ILE Q 76 51.73 53.18 31.55
CA ILE Q 76 51.39 52.92 32.96
C ILE Q 76 51.41 54.25 33.71
N THR Q 77 50.40 54.55 34.52
CA THR Q 77 50.29 55.83 35.24
C THR Q 77 49.81 55.67 36.68
N LYS Q 78 50.10 56.67 37.53
CA LYS Q 78 49.93 56.63 38.98
C LYS Q 78 49.51 57.99 39.55
N GLY Q 79 48.63 58.02 40.54
CA GLY Q 79 48.16 59.25 41.18
C GLY Q 79 49.05 59.74 42.32
N ASN Q 80 48.68 60.83 42.98
CA ASN Q 80 49.35 61.32 44.18
C ASN Q 80 48.41 62.18 45.02
N MET Q 81 48.66 62.27 46.32
CA MET Q 81 47.81 62.92 47.32
C MET Q 81 48.63 63.48 48.46
N THR Q 82 48.09 64.47 49.16
CA THR Q 82 48.72 65.10 50.32
C THR Q 82 47.68 65.35 51.40
N LYS Q 83 48.12 65.66 52.61
CA LYS Q 83 47.26 66.11 53.69
C LYS Q 83 47.83 67.39 54.28
N ARG Q 84 47.00 68.41 54.45
CA ARG Q 84 47.28 69.55 55.34
C ARG Q 84 46.61 69.27 56.68
N ASP Q 85 46.99 69.95 57.73
CA ASP Q 85 46.33 69.86 59.03
C ASP Q 85 46.32 71.19 59.79
N VAL Q 86 45.38 71.35 60.71
CA VAL Q 86 45.12 72.59 61.44
C VAL Q 86 44.80 72.25 62.88
N HIS Q 87 45.32 73.01 63.84
CA HIS Q 87 44.93 72.90 65.25
C HIS Q 87 44.43 74.26 65.74
N PRO Q 88 43.47 74.31 66.67
CA PRO Q 88 43.01 75.55 67.23
C PRO Q 88 44.05 76.15 68.19
N ALA Q 89 44.30 77.44 68.09
CA ALA Q 89 45.05 78.21 69.08
C ALA Q 89 44.12 78.76 70.17
N LYS Q 90 44.67 79.15 71.32
CA LYS Q 90 43.94 79.64 72.48
C LYS Q 90 44.25 81.11 72.73
N ILE Q 91 43.24 81.94 72.94
CA ILE Q 91 43.40 83.34 73.29
C ILE Q 91 42.80 83.56 74.66
N ALA Q 92 43.46 84.36 75.49
CA ALA Q 92 43.08 84.49 76.89
C ALA Q 92 43.47 85.83 77.50
N THR Q 93 42.80 86.20 78.58
CA THR Q 93 43.20 87.33 79.42
C THR Q 93 42.61 87.20 80.81
N ILE Q 94 43.17 87.89 81.80
CA ILE Q 94 42.65 87.99 83.15
C ILE Q 94 42.49 89.47 83.47
N PHE Q 95 41.43 89.85 84.18
CA PHE Q 95 41.35 91.19 84.77
C PHE Q 95 41.05 91.10 86.26
N VAL Q 96 41.63 92.01 87.03
CA VAL Q 96 41.72 91.90 88.49
C VAL Q 96 41.26 93.17 89.16
N ALA Q 97 40.59 93.08 90.30
CA ALA Q 97 40.04 94.22 91.02
C ALA Q 97 40.07 94.04 92.53
N SER Q 98 40.17 95.13 93.28
CA SER Q 98 40.02 95.11 94.73
C SER Q 98 38.55 95.07 95.14
N ALA Q 99 38.26 94.63 96.36
CA ALA Q 99 36.95 94.82 96.96
C ALA Q 99 36.47 96.28 96.93
N GLU Q 100 37.36 97.28 96.88
CA GLU Q 100 37.04 98.69 96.57
C GLU Q 100 36.09 98.77 95.36
N THR Q 101 36.48 98.13 94.26
CA THR Q 101 35.75 98.15 93.01
C THR Q 101 34.63 97.12 93.02
N VAL Q 102 34.82 95.93 93.58
CA VAL Q 102 33.80 94.87 93.50
C VAL Q 102 32.55 95.24 94.30
N ARG Q 103 32.71 95.90 95.46
CA ARG Q 103 31.58 96.28 96.31
C ARG Q 103 30.70 97.32 95.64
N ALA Q 104 31.30 98.35 95.07
CA ALA Q 104 30.58 99.47 94.47
C ALA Q 104 30.23 99.28 92.99
N ASN Q 105 31.04 98.49 92.25
CA ASN Q 105 31.02 98.40 90.79
C ASN Q 105 30.88 99.78 90.13
N PRO Q 106 31.79 100.73 90.41
CA PRO Q 106 31.61 102.12 90.04
C PRO Q 106 31.56 102.26 88.53
N ALA Q 107 30.62 103.05 88.02
CA ALA Q 107 30.33 103.21 86.59
C ALA Q 107 30.15 101.87 85.83
N ASN Q 108 29.74 100.81 86.51
CA ASN Q 108 29.62 99.46 85.98
C ASN Q 108 30.90 98.92 85.33
N TYR Q 109 32.07 99.30 85.81
CA TYR Q 109 33.35 98.84 85.25
C TYR Q 109 33.43 97.31 85.12
N LEU Q 110 33.11 96.57 86.19
CA LEU Q 110 33.25 95.12 86.16
C LEU Q 110 32.26 94.45 85.22
N GLY Q 111 31.11 95.07 84.96
CA GLY Q 111 30.19 94.59 83.95
C GLY Q 111 30.76 94.85 82.56
N THR Q 112 31.03 96.10 82.23
CA THR Q 112 31.39 96.49 80.87
C THR Q 112 32.72 95.89 80.41
N MET Q 113 33.62 95.58 81.34
CA MET Q 113 34.84 94.84 81.02
C MET Q 113 34.58 93.56 80.25
N ARG Q 114 33.49 92.83 80.53
CA ARG Q 114 33.16 91.62 79.77
C ARG Q 114 32.91 91.92 78.30
N THR Q 115 32.08 92.92 78.01
CA THR Q 115 31.84 93.36 76.63
C THR Q 115 33.11 93.85 75.97
N LYS Q 116 33.98 94.57 76.68
CA LYS Q 116 35.24 95.03 76.10
C LYS Q 116 36.20 93.87 75.83
N VAL Q 117 36.45 92.93 76.74
CA VAL Q 117 37.35 91.80 76.43
C VAL Q 117 36.79 90.96 75.29
N ALA Q 118 35.48 90.75 75.23
CA ALA Q 118 34.89 89.98 74.13
C ALA Q 118 35.10 90.70 72.79
N THR Q 119 34.93 92.01 72.76
CA THR Q 119 35.20 92.81 71.55
C THR Q 119 36.67 92.74 71.17
N ALA Q 120 37.58 92.85 72.13
CA ALA Q 120 39.01 92.74 71.88
C ALA Q 120 39.39 91.34 71.39
N ILE Q 121 38.84 90.29 71.96
CA ILE Q 121 39.09 88.91 71.53
C ILE Q 121 38.55 88.68 70.12
N ALA Q 122 37.37 89.20 69.79
CA ALA Q 122 36.87 89.14 68.42
C ALA Q 122 37.81 89.88 67.48
N MET Q 123 38.18 91.11 67.81
CA MET Q 123 39.04 91.93 66.96
C MET Q 123 40.44 91.33 66.80
N ALA Q 124 40.98 90.68 67.82
CA ALA Q 124 42.25 90.00 67.72
C ALA Q 124 42.22 88.92 66.63
N PHE Q 125 41.08 88.24 66.45
CA PHE Q 125 40.96 87.26 65.38
C PHE Q 125 41.06 87.90 64.01
N ASP Q 126 40.34 88.99 63.75
CA ASP Q 126 40.47 89.71 62.49
C ASP Q 126 41.89 90.25 62.30
N ASN Q 127 42.49 90.90 63.29
CA ASN Q 127 43.83 91.42 63.15
C ASN Q 127 44.85 90.32 62.87
N ALA Q 128 44.64 89.12 63.39
CA ALA Q 128 45.48 87.98 63.06
C ALA Q 128 45.21 87.48 61.64
N ALA Q 129 43.95 87.35 61.23
CA ALA Q 129 43.61 86.75 59.95
C ALA Q 129 43.90 87.67 58.76
N LEU Q 130 43.64 88.96 58.88
CA LEU Q 130 43.82 89.91 57.79
C LEU Q 130 45.31 90.23 57.64
N HIS Q 131 45.87 90.98 58.58
CA HIS Q 131 47.21 91.56 58.42
C HIS Q 131 48.32 90.74 59.05
N GLY Q 132 48.03 89.54 59.57
CA GLY Q 132 49.01 88.72 60.28
C GLY Q 132 49.49 89.35 61.60
N THR Q 133 48.79 90.37 62.11
CA THR Q 133 49.35 91.43 62.96
C THR Q 133 50.13 90.93 64.16
N ASN Q 134 49.63 89.90 64.83
CA ASN Q 134 50.30 89.25 65.94
C ASN Q 134 49.87 87.78 66.03
N ALA Q 135 49.79 87.12 64.86
CA ALA Q 135 49.13 85.83 64.75
C ALA Q 135 49.79 84.74 65.62
N PRO Q 136 49.03 83.77 66.12
CA PRO Q 136 49.59 82.57 66.73
C PRO Q 136 50.25 81.73 65.65
N SER Q 137 51.17 80.85 66.01
CA SER Q 137 51.85 79.99 65.03
C SER Q 137 50.92 79.02 64.31
N ALA Q 138 49.77 78.68 64.90
CA ALA Q 138 48.89 77.66 64.35
C ALA Q 138 48.11 78.10 63.10
N PHE Q 139 47.95 79.40 62.87
CA PHE Q 139 47.16 79.88 61.73
C PHE Q 139 47.95 79.67 60.45
N GLN Q 140 47.43 78.89 59.52
CA GLN Q 140 48.07 78.63 58.23
C GLN Q 140 47.87 79.83 57.30
N GLY Q 141 48.81 80.77 57.31
CA GLY Q 141 48.80 81.98 56.49
C GLY Q 141 47.86 83.09 56.98
N TYR Q 142 47.96 84.27 56.37
CA TYR Q 142 47.11 85.43 56.64
C TYR Q 142 46.93 86.26 55.37
N LEU Q 143 45.86 87.03 55.26
CA LEU Q 143 45.40 87.54 53.98
C LEU Q 143 46.38 88.52 53.32
N ASP Q 144 47.05 89.35 54.11
CA ASP Q 144 48.04 90.30 53.60
C ASP Q 144 49.26 89.62 52.96
N GLN Q 145 49.47 88.32 53.18
CA GLN Q 145 50.62 87.60 52.66
C GLN Q 145 50.61 87.39 51.12
N SER Q 146 49.60 87.90 50.41
CA SER Q 146 49.50 87.77 48.95
C SER Q 146 50.61 88.47 48.17
N ASN Q 147 50.96 87.93 46.99
CA ASN Q 147 51.88 88.52 46.03
C ASN Q 147 51.24 89.39 44.94
N LYS Q 148 49.93 89.69 45.00
CA LYS Q 148 49.24 90.59 44.04
C LYS Q 148 48.87 91.92 44.68
N THR Q 149 49.18 93.02 44.01
CA THR Q 149 48.85 94.37 44.47
C THR Q 149 48.28 95.18 43.32
N GLN Q 150 47.24 95.98 43.53
CA GLN Q 150 46.60 96.75 42.47
C GLN Q 150 46.19 98.15 42.94
N SER Q 151 46.50 99.17 42.14
CA SER Q 151 46.00 100.54 42.34
C SER Q 151 44.55 100.67 41.87
N ILE Q 152 43.79 101.60 42.44
CA ILE Q 152 42.37 101.79 42.11
C ILE Q 152 41.97 103.26 41.92
N SER Q 153 42.71 104.23 42.47
CA SER Q 153 42.27 105.62 42.60
C SER Q 153 41.82 106.38 41.35
N PRO Q 154 42.52 106.32 40.20
CA PRO Q 154 42.16 107.18 39.08
C PRO Q 154 40.81 106.83 38.46
N ASN Q 155 40.48 105.53 38.42
CA ASN Q 155 39.20 105.01 37.93
C ASN Q 155 38.97 103.59 38.47
N ALA Q 156 38.00 103.42 39.35
CA ALA Q 156 37.77 102.13 40.00
C ALA Q 156 37.29 101.03 39.04
N TYR Q 157 36.54 101.36 38.01
CA TYR Q 157 36.07 100.36 37.04
C TYR Q 157 37.24 99.78 36.28
N GLN Q 158 38.15 100.61 35.76
CA GLN Q 158 39.38 100.11 35.14
C GLN Q 158 40.22 99.37 36.16
N GLY Q 159 40.33 99.91 37.37
CA GLY Q 159 41.17 99.37 38.45
C GLY Q 159 40.81 97.94 38.84
N LEU Q 160 39.54 97.67 39.15
CA LEU Q 160 39.09 96.31 39.45
C LEU Q 160 38.79 95.50 38.20
N GLY Q 161 37.89 95.99 37.36
CA GLY Q 161 37.24 95.19 36.32
C GLY Q 161 38.11 94.85 35.12
N VAL Q 162 39.21 95.56 34.94
CA VAL Q 162 40.15 95.32 33.84
C VAL Q 162 41.53 94.99 34.37
N SER Q 163 42.17 95.90 35.10
CA SER Q 163 43.53 95.69 35.58
C SER Q 163 43.60 94.60 36.63
N GLY Q 164 42.94 94.78 37.78
CA GLY Q 164 42.99 93.80 38.88
C GLY Q 164 42.55 92.41 38.45
N LEU Q 165 41.42 92.32 37.75
CA LEU Q 165 40.91 91.03 37.28
C LEU Q 165 41.89 90.34 36.32
N THR Q 166 42.64 91.07 35.50
CA THR Q 166 43.68 90.47 34.64
C THR Q 166 44.68 89.68 35.44
N LYS Q 167 45.09 90.16 36.62
CA LYS Q 167 46.08 89.45 37.44
C LYS Q 167 45.54 88.10 37.91
N LEU Q 168 44.32 88.08 38.42
CA LEU Q 168 43.72 86.85 38.95
C LEU Q 168 43.56 85.79 37.86
N VAL Q 169 42.96 86.13 36.72
CA VAL Q 169 42.74 85.12 35.68
C VAL Q 169 44.03 84.69 35.03
N THR Q 170 45.06 85.54 34.97
CA THR Q 170 46.35 85.13 34.41
C THR Q 170 47.00 84.02 35.23
N ASP Q 171 46.84 84.03 36.55
CA ASP Q 171 47.30 82.96 37.43
C ASP Q 171 46.32 81.78 37.52
N GLY Q 172 45.24 81.77 36.75
CA GLY Q 172 44.21 80.74 36.83
C GLY Q 172 43.36 80.79 38.10
N LYS Q 173 43.48 81.86 38.89
CA LYS Q 173 42.59 82.15 40.03
C LYS Q 173 41.30 82.81 39.52
N LYS Q 174 40.30 83.02 40.35
CA LYS Q 174 39.06 83.72 39.94
C LYS Q 174 38.45 84.65 40.99
N TRP Q 175 37.98 85.81 40.55
CA TRP Q 175 37.35 86.82 41.40
C TRP Q 175 35.91 86.44 41.74
N THR Q 176 35.60 86.20 43.02
CA THR Q 176 34.25 85.82 43.44
C THR Q 176 33.64 86.72 44.52
N HIS Q 177 34.41 87.59 45.14
CA HIS Q 177 33.97 88.55 46.16
C HIS Q 177 34.91 89.76 46.14
N THR Q 178 34.47 90.91 46.64
CA THR Q 178 35.41 91.99 46.99
C THR Q 178 35.03 92.66 48.29
N LEU Q 179 36.02 92.89 49.14
CA LEU Q 179 35.89 93.46 50.47
C LEU Q 179 36.57 94.82 50.48
N LEU Q 180 35.83 95.88 50.73
CA LEU Q 180 36.33 97.24 50.68
C LEU Q 180 36.27 97.91 52.05
N ASP Q 181 37.23 98.75 52.38
CA ASP Q 181 37.10 99.60 53.54
C ASP Q 181 36.13 100.75 53.30
N ASP Q 182 35.46 101.22 54.34
CA ASP Q 182 34.58 102.38 54.31
C ASP Q 182 35.27 103.64 53.73
N THR Q 183 36.58 103.76 53.91
CA THR Q 183 37.38 104.82 53.29
C THR Q 183 37.50 104.73 51.76
N VAL Q 184 37.08 103.65 51.12
CA VAL Q 184 37.10 103.53 49.64
C VAL Q 184 36.01 104.36 48.99
N GLU Q 185 34.96 104.70 49.72
CA GLU Q 185 33.80 105.50 49.27
C GLU Q 185 34.12 106.58 48.22
N PRO Q 186 35.06 107.53 48.41
CA PRO Q 186 35.30 108.57 47.44
C PRO Q 186 35.87 108.06 46.12
N VAL Q 187 36.69 107.00 46.07
CA VAL Q 187 37.24 106.60 44.75
C VAL Q 187 36.18 105.97 43.87
N LEU Q 188 35.13 105.37 44.45
CA LEU Q 188 33.98 104.95 43.66
C LEU Q 188 33.23 106.16 43.14
N ASN Q 189 32.96 107.14 44.00
CA ASN Q 189 32.30 108.37 43.58
C ASN Q 189 33.10 109.13 42.51
N GLY Q 190 34.44 109.03 42.57
CA GLY Q 190 35.35 109.66 41.63
C GLY Q 190 35.54 108.91 40.32
N SER Q 191 35.03 107.69 40.21
CA SER Q 191 35.10 106.94 38.94
C SER Q 191 34.15 107.57 37.94
N VAL Q 192 34.71 108.28 36.97
CA VAL Q 192 33.96 109.02 35.95
C VAL Q 192 34.32 108.58 34.55
N ASP Q 193 33.37 108.67 33.64
CA ASP Q 193 33.66 108.60 32.22
C ASP Q 193 34.37 109.88 31.74
N ALA Q 194 34.79 109.94 30.49
CA ALA Q 194 35.48 111.09 29.97
C ALA Q 194 34.60 112.35 29.88
N ASN Q 195 33.27 112.24 29.89
CA ASN Q 195 32.40 113.39 30.02
C ASN Q 195 32.32 113.89 31.47
N GLY Q 196 32.80 113.11 32.44
CA GLY Q 196 32.76 113.48 33.85
C GLY Q 196 31.50 113.02 34.58
N ARG Q 197 30.61 112.24 33.96
CA ARG Q 197 29.51 111.61 34.70
C ARG Q 197 30.10 110.49 35.56
N PRO Q 198 29.64 110.25 36.78
CA PRO Q 198 30.10 109.12 37.55
C PRO Q 198 29.57 107.81 36.96
N LEU Q 199 30.29 106.71 37.15
CA LEU Q 199 29.88 105.41 36.63
C LEU Q 199 28.89 104.68 37.56
N PHE Q 200 29.21 104.56 38.84
CA PHE Q 200 28.46 103.71 39.77
C PHE Q 200 27.24 104.37 40.43
N VAL Q 201 26.76 105.50 39.91
CA VAL Q 201 25.53 106.16 40.38
C VAL Q 201 24.86 106.91 39.24
N GLU Q 202 23.56 107.13 39.25
CA GLU Q 202 22.82 107.50 38.03
C GLU Q 202 21.81 108.65 38.24
N SER Q 203 21.40 109.30 37.15
CA SER Q 203 20.45 110.42 37.09
C SER Q 203 20.91 111.62 37.93
N THR Q 204 20.10 112.12 38.85
CA THR Q 204 20.37 113.26 39.75
C THR Q 204 21.24 112.89 40.95
N TYR Q 205 21.81 111.68 40.99
CA TYR Q 205 22.79 111.28 42.01
C TYR Q 205 22.28 111.32 43.45
N GLU Q 206 21.04 110.89 43.65
CA GLU Q 206 20.39 110.88 44.95
C GLU Q 206 20.82 109.70 45.83
N SER Q 207 20.98 108.51 45.27
CA SER Q 207 21.35 107.32 46.04
C SER Q 207 22.83 107.31 46.41
N LEU Q 208 23.17 106.45 47.38
CA LEU Q 208 24.51 105.92 47.49
C LEU Q 208 24.90 105.19 46.22
N THR Q 209 26.20 105.10 46.00
CA THR Q 209 26.86 104.48 44.86
C THR Q 209 26.65 102.96 44.92
N THR Q 210 26.23 102.31 43.85
CA THR Q 210 25.65 100.96 43.93
C THR Q 210 26.46 99.96 44.76
N PRO Q 211 27.78 99.82 44.62
CA PRO Q 211 28.56 98.93 45.48
C PRO Q 211 28.46 99.24 46.97
N PHE Q 212 28.35 100.51 47.36
CA PHE Q 212 28.21 100.90 48.76
C PHE Q 212 26.79 100.70 49.33
N ARG Q 213 25.86 100.21 48.52
CA ARG Q 213 24.61 99.57 48.98
C ARG Q 213 24.79 98.08 49.29
N GLU Q 214 26.03 97.60 49.34
CA GLU Q 214 26.42 96.18 49.16
C GLU Q 214 25.83 95.56 47.87
N GLY Q 215 25.63 96.37 46.83
CA GLY Q 215 25.28 95.86 45.50
C GLY Q 215 26.45 95.12 44.83
N ARG Q 216 26.19 94.42 43.74
CA ARG Q 216 27.24 93.76 42.96
C ARG Q 216 28.07 94.75 42.16
N ILE Q 217 29.33 94.42 41.92
CA ILE Q 217 30.20 95.00 40.90
C ILE Q 217 30.45 93.91 39.85
N LEU Q 218 30.09 94.14 38.58
CA LEU Q 218 30.33 93.20 37.48
C LEU Q 218 29.99 91.74 37.88
N GLY Q 219 28.82 91.55 38.49
CA GLY Q 219 28.34 90.27 38.98
C GLY Q 219 28.89 89.79 40.32
N ARG Q 220 30.06 90.27 40.77
CA ARG Q 220 30.64 89.88 42.06
C ARG Q 220 30.00 90.69 43.18
N PRO Q 221 29.63 90.08 44.32
CA PRO Q 221 29.06 90.80 45.45
C PRO Q 221 30.09 91.68 46.15
N THR Q 222 29.63 92.75 46.79
CA THR Q 222 30.48 93.68 47.55
C THR Q 222 30.28 93.47 49.03
N ILE Q 223 31.36 93.39 49.80
CA ILE Q 223 31.33 93.39 51.25
C ILE Q 223 31.98 94.67 51.76
N LEU Q 224 31.43 95.30 52.80
CA LEU Q 224 31.99 96.53 53.37
C LEU Q 224 32.42 96.33 54.82
N SER Q 225 33.47 97.03 55.25
CA SER Q 225 33.92 97.11 56.64
C SER Q 225 34.52 98.49 56.92
N ASP Q 226 34.43 98.98 58.16
CA ASP Q 226 35.05 100.25 58.55
C ASP Q 226 36.45 100.09 59.16
N HIS Q 227 36.98 98.87 59.20
CA HIS Q 227 38.24 98.57 59.86
C HIS Q 227 39.09 97.54 59.11
N VAL Q 228 38.88 97.35 57.81
CA VAL Q 228 39.74 96.46 57.02
C VAL Q 228 40.96 97.19 56.49
N ALA Q 229 40.92 98.50 56.29
CA ALA Q 229 42.10 99.24 55.84
C ALA Q 229 43.21 99.26 56.90
N GLU Q 230 44.44 99.03 56.47
CA GLU Q 230 45.63 99.22 57.29
C GLU Q 230 46.81 99.56 56.39
N GLY Q 231 47.69 100.43 56.87
CA GLY Q 231 48.84 100.91 56.11
C GLY Q 231 48.44 101.40 54.72
N ASP Q 232 49.07 100.82 53.69
CA ASP Q 232 48.84 101.10 52.28
C ASP Q 232 47.59 100.42 51.70
N VAL Q 233 46.98 99.45 52.38
CA VAL Q 233 45.94 98.58 51.80
C VAL Q 233 44.55 99.01 52.25
N VAL Q 234 43.61 99.07 51.31
CA VAL Q 234 42.23 99.49 51.57
C VAL Q 234 41.19 98.46 51.19
N GLY Q 235 41.58 97.24 50.84
CA GLY Q 235 40.65 96.17 50.54
C GLY Q 235 41.25 95.03 49.75
N TYR Q 236 40.43 94.02 49.50
CA TYR Q 236 40.83 92.77 48.88
C TYR Q 236 39.81 92.32 47.85
N ALA Q 237 40.27 91.74 46.75
CA ALA Q 237 39.40 91.13 45.75
C ALA Q 237 39.94 89.75 45.41
N GLY Q 238 39.12 88.72 45.37
CA GLY Q 238 39.66 87.37 45.18
C GLY Q 238 38.67 86.25 45.34
N ASP Q 239 39.19 85.05 45.58
CA ASP Q 239 38.40 83.84 45.81
C ASP Q 239 38.20 83.60 47.31
N PHE Q 240 37.24 84.28 47.93
CA PHE Q 240 36.99 84.15 49.37
C PHE Q 240 36.58 82.74 49.82
N SER Q 241 36.26 81.83 48.90
CA SER Q 241 36.06 80.42 49.27
C SER Q 241 37.35 79.76 49.81
N GLN Q 242 38.52 80.32 49.52
CA GLN Q 242 39.80 79.78 49.98
C GLN Q 242 40.06 80.00 51.49
N ILE Q 243 39.19 80.69 52.22
CA ILE Q 243 39.36 80.95 53.66
C ILE Q 243 38.44 80.02 54.43
N ILE Q 244 38.95 79.29 55.43
CA ILE Q 244 38.11 78.59 56.39
C ILE Q 244 38.55 78.90 57.81
N TRP Q 245 37.60 78.87 58.74
CA TRP Q 245 37.85 79.12 60.15
C TRP Q 245 36.95 78.30 61.05
N GLY Q 246 37.32 78.16 62.32
CA GLY Q 246 36.50 77.44 63.28
C GLY Q 246 36.74 77.93 64.70
N GLN Q 247 35.82 77.60 65.59
CA GLN Q 247 35.87 77.95 67.01
C GLN Q 247 35.55 76.72 67.84
N VAL Q 248 36.28 76.49 68.93
CA VAL Q 248 36.03 75.38 69.83
C VAL Q 248 35.26 75.88 71.04
N GLY Q 249 34.15 75.24 71.38
CA GLY Q 249 33.29 75.67 72.48
C GLY Q 249 32.74 77.08 72.25
N GLY Q 250 33.10 78.02 73.11
CA GLY Q 250 32.72 79.42 73.01
C GLY Q 250 33.45 80.30 74.01
N LEU Q 251 33.43 81.62 73.77
CA LEU Q 251 34.03 82.62 74.66
C LEU Q 251 33.46 82.46 76.06
N SER Q 252 34.32 82.30 77.05
CA SER Q 252 33.95 81.78 78.37
C SER Q 252 34.64 82.50 79.52
N PHE Q 253 34.06 82.43 80.71
CA PHE Q 253 34.51 83.15 81.89
C PHE Q 253 34.57 82.26 83.12
N ASP Q 254 35.45 82.61 84.05
CA ASP Q 254 35.44 82.11 85.42
C ASP Q 254 35.84 83.25 86.35
N VAL Q 255 35.46 83.21 87.62
CA VAL Q 255 35.73 84.28 88.58
C VAL Q 255 36.18 83.68 89.90
N THR Q 256 37.18 84.28 90.54
CA THR Q 256 37.76 83.73 91.76
C THR Q 256 38.24 84.80 92.71
N ASP Q 257 38.24 84.48 94.00
CA ASP Q 257 38.97 85.20 95.05
C ASP Q 257 39.93 84.28 95.81
N GLN Q 258 40.15 83.05 95.34
CA GLN Q 258 40.95 82.03 96.03
C GLN Q 258 42.39 81.96 95.53
N ALA Q 259 42.62 82.12 94.23
CA ALA Q 259 43.89 81.78 93.60
C ALA Q 259 45.06 82.71 93.97
N THR Q 260 46.28 82.25 93.70
CA THR Q 260 47.46 83.13 93.59
C THR Q 260 47.62 83.58 92.14
N LEU Q 261 48.02 84.81 91.88
CA LEU Q 261 48.39 85.29 90.55
C LEU Q 261 49.85 85.72 90.54
N ASN Q 262 50.50 85.56 89.41
CA ASN Q 262 51.83 86.09 89.14
C ASN Q 262 51.68 87.33 88.25
N LEU Q 263 52.18 88.47 88.71
CA LEU Q 263 52.14 89.72 87.97
C LEU Q 263 53.37 89.94 87.06
N GLY Q 264 54.42 89.15 87.25
CA GLY Q 264 55.66 89.21 86.48
C GLY Q 264 55.69 88.17 85.35
N SER Q 265 56.85 87.96 84.75
CA SER Q 265 57.05 86.88 83.77
C SER Q 265 57.04 85.49 84.43
N GLN Q 266 57.03 84.42 83.64
CA GLN Q 266 57.21 83.07 84.17
C GLN Q 266 58.63 82.84 84.70
N GLU Q 267 59.65 83.47 84.10
CA GLU Q 267 61.03 83.36 84.56
C GLU Q 267 61.30 84.19 85.82
N SER Q 268 60.54 85.25 86.03
CA SER Q 268 60.74 86.22 87.11
C SER Q 268 59.41 86.51 87.81
N PRO Q 269 58.89 85.56 88.58
CA PRO Q 269 57.56 85.67 89.13
C PRO Q 269 57.49 86.71 90.24
N ASN Q 270 56.32 87.30 90.36
CA ASN Q 270 55.98 88.34 91.33
C ASN Q 270 54.56 88.04 91.84
N PHE Q 271 54.45 87.16 92.82
CA PHE Q 271 53.18 86.61 93.26
C PHE Q 271 52.35 87.56 94.12
N VAL Q 272 51.03 87.48 93.98
CA VAL Q 272 50.02 88.08 94.84
C VAL Q 272 48.94 87.04 95.13
N SER Q 273 48.42 86.96 96.35
CA SER Q 273 47.32 86.03 96.66
C SER Q 273 46.02 86.80 96.65
N LEU Q 274 45.07 86.42 95.80
CA LEU Q 274 43.81 87.16 95.72
C LEU Q 274 43.08 87.10 97.06
N TRP Q 275 43.18 85.98 97.77
CA TRP Q 275 42.57 85.83 99.07
C TRP Q 275 43.24 86.76 100.07
N GLN Q 276 44.55 86.69 100.23
CA GLN Q 276 45.21 87.43 101.30
C GLN Q 276 45.20 88.94 101.07
N HIS Q 277 45.22 89.39 99.82
CA HIS Q 277 45.14 90.81 99.49
C HIS Q 277 43.71 91.32 99.27
N ASN Q 278 42.68 90.51 99.52
CA ASN Q 278 41.28 90.89 99.33
C ASN Q 278 40.99 91.41 97.92
N LEU Q 279 41.49 90.71 96.90
CA LEU Q 279 41.22 90.97 95.48
C LEU Q 279 40.26 89.92 94.89
N VAL Q 280 39.77 90.18 93.68
CA VAL Q 280 38.95 89.27 92.87
C VAL Q 280 39.46 89.30 91.43
N ALA Q 281 39.46 88.17 90.74
CA ALA Q 281 39.94 88.10 89.36
C ALA Q 281 38.96 87.33 88.48
N VAL Q 282 38.85 87.74 87.22
CA VAL Q 282 38.08 87.06 86.18
C VAL Q 282 39.02 86.50 85.14
N ARG Q 283 38.91 85.21 84.84
CA ARG Q 283 39.55 84.54 83.71
C ARG Q 283 38.66 84.68 82.48
N VAL Q 284 39.26 84.90 81.33
CA VAL Q 284 38.57 84.91 80.04
C VAL Q 284 39.31 84.01 79.07
N GLU Q 285 38.60 83.18 78.32
CA GLU Q 285 39.24 82.22 77.42
C GLU Q 285 38.38 81.86 76.19
N ALA Q 286 39.03 81.71 75.03
CA ALA Q 286 38.43 81.23 73.79
C ALA Q 286 39.46 80.51 72.92
N GLU Q 287 39.02 79.68 71.98
CA GLU Q 287 39.91 78.90 71.11
C GLU Q 287 39.43 78.92 69.66
N TYR Q 288 40.33 79.19 68.72
CA TYR Q 288 40.02 79.42 67.31
C TYR Q 288 41.08 78.79 66.40
N GLY Q 289 40.73 78.46 65.15
CA GLY Q 289 41.69 78.06 64.13
C GLY Q 289 41.35 78.65 62.77
N LEU Q 290 42.34 78.89 61.92
CA LEU Q 290 42.15 79.48 60.60
C LEU Q 290 43.17 78.95 59.58
N LEU Q 291 42.76 78.87 58.33
CA LEU Q 291 43.56 78.40 57.22
C LEU Q 291 43.20 79.18 55.95
N ILE Q 292 44.16 79.92 55.39
CA ILE Q 292 44.04 80.47 54.06
C ILE Q 292 44.63 79.44 53.10
N ASN Q 293 43.82 78.81 52.27
CA ASN Q 293 44.30 77.71 51.46
C ASN Q 293 45.31 78.13 50.39
N ASP Q 294 45.18 79.34 49.84
CA ASP Q 294 46.17 79.91 48.93
C ASP Q 294 46.18 81.44 49.06
N VAL Q 295 47.13 81.99 49.80
CA VAL Q 295 47.24 83.44 49.99
C VAL Q 295 47.44 84.19 48.67
N ASN Q 296 47.87 83.52 47.61
CA ASN Q 296 48.03 84.12 46.28
C ASN Q 296 46.69 84.27 45.54
N ALA Q 297 45.56 83.82 46.08
CA ALA Q 297 44.26 83.92 45.42
C ALA Q 297 43.56 85.29 45.61
N PHE Q 298 44.25 86.29 46.17
CA PHE Q 298 43.68 87.59 46.51
C PHE Q 298 44.54 88.74 45.99
N VAL Q 299 43.92 89.79 45.47
CA VAL Q 299 44.55 91.03 45.06
C VAL Q 299 44.33 92.05 46.15
N LYS Q 300 45.39 92.65 46.69
CA LYS Q 300 45.30 93.81 47.58
C LYS Q 300 44.97 95.06 46.78
N LEU Q 301 44.16 95.96 47.33
CA LEU Q 301 43.83 97.23 46.71
C LEU Q 301 44.50 98.37 47.47
N THR Q 302 45.16 99.33 46.81
CA THR Q 302 46.09 100.25 47.49
C THR Q 302 45.93 101.73 47.19
N PHE Q 303 44.77 102.21 46.76
CA PHE Q 303 44.62 103.56 46.22
C PHE Q 303 45.63 103.83 45.09
N ASP Q 304 46.66 104.61 45.31
CA ASP Q 304 47.72 104.92 44.34
C ASP Q 304 48.64 103.72 44.05
N PRO Q 305 49.39 103.72 42.94
CA PRO Q 305 50.33 102.65 42.63
C PRO Q 305 51.54 102.65 43.58
N VAL Q 306 52.03 101.45 43.91
CA VAL Q 306 53.07 101.23 44.92
C VAL Q 306 53.98 100.05 44.55
N LEU Q 307 55.22 100.05 45.05
CA LEU Q 307 56.12 98.91 45.00
C LEU Q 307 55.72 97.84 46.02
N THR Q 308 56.17 96.60 45.83
CA THR Q 308 56.03 95.50 46.80
C THR Q 308 57.40 94.98 47.20
N THR Q 309 57.60 94.70 48.49
CA THR Q 309 58.87 94.22 49.06
C THR Q 309 58.80 92.73 49.35
N TYR Q 310 59.83 91.99 48.96
CA TYR Q 310 59.90 90.54 49.09
C TYR Q 310 61.14 90.12 49.86
N ALA Q 311 61.07 88.97 50.53
CA ALA Q 311 62.21 88.26 51.07
C ALA Q 311 62.39 86.92 50.35
N LEU Q 312 63.63 86.60 50.01
CA LEU Q 312 64.04 85.38 49.33
C LEU Q 312 65.06 84.63 50.20
N ASP Q 313 64.71 83.43 50.65
CA ASP Q 313 65.54 82.58 51.50
C ASP Q 313 66.01 81.35 50.71
N LEU Q 314 67.33 81.12 50.63
CA LEU Q 314 67.89 80.07 49.78
C LEU Q 314 68.11 78.73 50.51
N ASP Q 315 67.62 78.57 51.74
CA ASP Q 315 67.79 77.33 52.54
C ASP Q 315 69.24 76.83 52.62
N GLY Q 316 70.21 77.76 52.74
CA GLY Q 316 71.63 77.43 52.82
C GLY Q 316 72.21 76.78 51.56
N ALA Q 317 71.58 76.97 50.39
CA ALA Q 317 72.00 76.35 49.14
C ALA Q 317 73.47 76.59 48.77
N SER Q 318 74.08 75.58 48.14
CA SER Q 318 75.51 75.55 47.79
C SER Q 318 75.81 74.95 46.42
N ALA Q 319 74.80 74.55 45.65
CA ALA Q 319 74.96 74.03 44.30
C ALA Q 319 73.70 74.20 43.46
N GLY Q 320 73.89 74.25 42.13
CA GLY Q 320 72.83 74.58 41.19
C GLY Q 320 72.53 76.08 41.06
N ASN Q 321 71.47 76.40 40.32
CA ASN Q 321 71.06 77.78 40.02
C ASN Q 321 69.53 77.93 40.07
N PHE Q 322 69.04 79.04 40.62
CA PHE Q 322 67.63 79.41 40.59
C PHE Q 322 67.37 80.51 39.56
N THR Q 323 66.14 80.95 39.41
CA THR Q 323 65.83 82.17 38.63
C THR Q 323 64.59 82.86 39.17
N LEU Q 324 64.50 84.18 39.00
CA LEU Q 324 63.32 84.96 39.37
C LEU Q 324 62.50 85.32 38.13
N SER Q 325 61.19 85.46 38.28
CA SER Q 325 60.28 85.88 37.23
C SER Q 325 59.34 86.96 37.72
N LEU Q 326 59.19 88.02 36.93
CA LEU Q 326 58.40 89.22 37.24
C LEU Q 326 57.25 89.34 36.25
N ASP Q 327 56.02 89.42 36.75
CA ASP Q 327 54.78 89.63 35.97
C ASP Q 327 54.69 88.79 34.67
N GLY Q 328 55.05 87.50 34.74
CA GLY Q 328 54.99 86.56 33.62
C GLY Q 328 56.21 86.50 32.68
N LYS Q 329 57.32 87.18 33.02
CA LYS Q 329 58.58 87.15 32.25
C LYS Q 329 59.77 86.74 33.13
N THR Q 330 60.83 86.18 32.55
CA THR Q 330 61.85 85.41 33.30
C THR Q 330 63.25 86.00 33.18
N SER Q 331 63.96 86.09 34.30
CA SER Q 331 65.34 86.59 34.38
C SER Q 331 66.38 85.56 33.90
N ALA Q 332 67.67 85.92 33.92
CA ALA Q 332 68.77 84.98 33.73
C ALA Q 332 68.79 83.88 34.82
N ASN Q 333 69.64 82.88 34.65
CA ASN Q 333 69.98 81.95 35.75
C ASN Q 333 70.80 82.69 36.81
N ILE Q 334 70.57 82.38 38.08
CA ILE Q 334 71.17 83.03 39.25
C ILE Q 334 71.84 81.97 40.13
N ALA Q 335 73.09 82.18 40.53
CA ALA Q 335 73.82 81.28 41.41
C ALA Q 335 73.46 81.48 42.89
N TYR Q 336 73.58 80.41 43.68
CA TYR Q 336 73.35 80.41 45.13
C TYR Q 336 74.18 81.44 45.90
N ASN Q 337 75.28 81.92 45.33
CA ASN Q 337 76.18 82.92 45.91
C ASN Q 337 76.18 84.26 45.15
N ALA Q 338 75.29 84.45 44.16
CA ALA Q 338 75.30 85.63 43.30
C ALA Q 338 75.22 86.93 44.11
N SER Q 339 76.14 87.87 43.88
CA SER Q 339 76.23 89.13 44.66
C SER Q 339 75.12 90.13 44.32
N THR Q 340 74.80 91.04 45.23
CA THR Q 340 73.58 91.87 45.19
C THR Q 340 73.41 92.66 43.89
N ALA Q 341 74.50 93.25 43.38
CA ALA Q 341 74.47 93.97 42.12
C ALA Q 341 74.20 93.06 40.91
N THR Q 342 74.66 91.81 40.93
CA THR Q 342 74.39 90.83 39.87
C THR Q 342 72.94 90.36 39.89
N VAL Q 343 72.33 90.21 41.07
CA VAL Q 343 70.90 89.92 41.21
C VAL Q 343 70.07 91.10 40.70
N LYS Q 344 70.35 92.35 41.15
CA LYS Q 344 69.67 93.54 40.60
C LYS Q 344 69.77 93.61 39.09
N SER Q 345 70.99 93.49 38.55
CA SER Q 345 71.24 93.55 37.11
C SER Q 345 70.44 92.50 36.34
N ALA Q 346 70.38 91.27 36.82
CA ALA Q 346 69.58 90.22 36.20
C ALA Q 346 68.06 90.49 36.23
N ILE Q 347 67.54 91.23 37.21
CA ILE Q 347 66.11 91.53 37.31
C ILE Q 347 65.72 92.79 36.50
N VAL Q 348 66.51 93.87 36.54
CA VAL Q 348 66.17 95.07 35.74
C VAL Q 348 66.30 94.82 34.24
N ALA Q 349 67.14 93.86 33.84
CA ALA Q 349 67.29 93.41 32.46
C ALA Q 349 66.15 92.52 31.93
N ILE Q 350 65.08 92.29 32.71
CA ILE Q 350 63.86 91.64 32.21
C ILE Q 350 63.22 92.51 31.11
N ASP Q 351 62.71 91.87 30.06
CA ASP Q 351 62.48 92.45 28.73
C ASP Q 351 61.77 93.81 28.73
N ASP Q 352 60.71 93.99 29.53
CA ASP Q 352 59.98 95.26 29.68
C ASP Q 352 59.82 95.67 31.15
N GLY Q 353 60.77 95.25 32.00
CA GLY Q 353 60.62 95.25 33.44
C GLY Q 353 60.45 96.65 34.05
N VAL Q 354 61.54 97.42 34.11
CA VAL Q 354 61.63 98.67 34.87
C VAL Q 354 62.72 99.60 34.33
N SER Q 355 62.61 100.89 34.66
CA SER Q 355 63.79 101.75 34.77
C SER Q 355 64.62 101.31 35.99
N ALA Q 356 65.92 101.09 35.81
CA ALA Q 356 66.75 100.39 36.79
C ALA Q 356 66.93 101.12 38.13
N ASP Q 357 66.50 102.38 38.26
CA ASP Q 357 66.51 103.14 39.50
C ASP Q 357 65.35 102.79 40.44
N ASP Q 358 64.23 102.25 39.94
CA ASP Q 358 63.09 101.88 40.80
C ASP Q 358 63.39 100.67 41.69
N VAL Q 359 64.08 99.64 41.17
CA VAL Q 359 64.33 98.37 41.86
C VAL Q 359 65.47 98.47 42.87
N THR Q 360 65.27 97.87 44.05
CA THR Q 360 66.26 97.79 45.13
C THR Q 360 66.50 96.34 45.49
N VAL Q 361 67.75 95.96 45.72
CA VAL Q 361 68.15 94.62 46.15
C VAL Q 361 69.18 94.73 47.26
N THR Q 362 69.02 93.95 48.33
CA THR Q 362 69.90 93.94 49.51
C THR Q 362 69.95 92.56 50.13
N GLY Q 363 71.04 92.22 50.81
CA GLY Q 363 71.17 90.91 51.47
C GLY Q 363 72.61 90.48 51.73
N SER Q 364 72.77 89.27 52.26
CA SER Q 364 74.08 88.68 52.57
C SER Q 364 74.78 88.01 51.38
N ALA Q 365 74.11 87.96 50.22
CA ALA Q 365 74.37 87.06 49.10
C ALA Q 365 74.13 85.55 49.38
N GLY Q 366 73.71 85.17 50.60
CA GLY Q 366 73.15 83.86 50.93
C GLY Q 366 71.65 83.90 51.30
N ASP Q 367 71.11 85.09 51.58
CA ASP Q 367 69.70 85.42 51.74
C ASP Q 367 69.45 86.88 51.33
N TYR Q 368 68.21 87.21 50.96
CA TYR Q 368 67.92 88.39 50.14
C TYR Q 368 66.60 89.08 50.51
N THR Q 369 66.56 90.39 50.29
CA THR Q 369 65.35 91.22 50.26
C THR Q 369 65.36 92.12 49.04
N ILE Q 370 64.20 92.31 48.41
CA ILE Q 370 64.06 92.91 47.08
C ILE Q 370 62.81 93.80 47.03
N THR Q 371 62.83 94.90 46.29
CA THR Q 371 61.62 95.69 46.03
C THR Q 371 61.37 95.87 44.53
N VAL Q 372 60.18 95.57 44.04
CA VAL Q 372 59.81 95.73 42.62
C VAL Q 372 58.39 96.31 42.46
N PRO Q 373 58.11 97.06 41.39
CA PRO Q 373 56.78 97.57 41.06
C PRO Q 373 55.90 96.51 40.34
N GLY Q 374 55.78 95.32 40.92
CA GLY Q 374 54.97 94.24 40.34
C GLY Q 374 54.93 92.95 41.15
N THR Q 375 54.27 91.93 40.61
CA THR Q 375 54.27 90.56 41.16
C THR Q 375 55.58 89.85 40.84
N LEU Q 376 56.32 89.45 41.87
CA LEU Q 376 57.58 88.70 41.77
C LEU Q 376 57.38 87.23 42.16
N THR Q 377 58.06 86.33 41.47
CA THR Q 377 57.98 84.87 41.68
C THR Q 377 59.37 84.25 41.52
N ALA Q 378 59.58 83.06 42.07
CA ALA Q 378 60.87 82.37 42.01
C ALA Q 378 60.70 80.95 41.47
N ASP Q 379 61.70 80.49 40.72
CA ASP Q 379 61.83 79.12 40.25
C ASP Q 379 63.15 78.53 40.77
N PHE Q 380 63.06 77.57 41.67
CA PHE Q 380 64.22 76.93 42.31
C PHE Q 380 64.62 75.61 41.63
N SER Q 381 64.04 75.26 40.47
CA SER Q 381 64.17 73.91 39.88
C SER Q 381 65.61 73.46 39.59
N GLY Q 382 66.49 74.41 39.25
CA GLY Q 382 67.91 74.16 39.00
C GLY Q 382 68.81 74.22 40.23
N LEU Q 383 68.30 74.61 41.40
CA LEU Q 383 69.03 74.71 42.66
C LEU Q 383 69.04 73.33 43.34
N THR Q 384 70.20 72.67 43.39
CA THR Q 384 70.27 71.22 43.66
C THR Q 384 70.28 70.85 45.13
N ASP Q 385 70.86 71.71 45.96
CA ASP Q 385 71.04 71.50 47.40
C ASP Q 385 70.57 72.75 48.14
N GLY Q 386 69.91 72.58 49.29
CA GLY Q 386 69.09 73.65 49.88
C GLY Q 386 67.69 73.66 49.26
N GLU Q 387 67.03 72.49 49.25
CA GLU Q 387 65.82 72.23 48.48
C GLU Q 387 64.55 72.89 49.03
N GLY Q 388 64.59 73.43 50.26
CA GLY Q 388 63.48 74.14 50.91
C GLY Q 388 63.41 75.64 50.63
N ALA Q 389 64.18 76.15 49.66
CA ALA Q 389 64.27 77.58 49.35
C ALA Q 389 62.91 78.21 49.04
N SER Q 390 62.74 79.49 49.35
CA SER Q 390 61.41 80.13 49.46
C SER Q 390 61.43 81.62 49.10
N ILE Q 391 60.29 82.13 48.63
CA ILE Q 391 60.03 83.57 48.37
C ILE Q 391 58.73 84.00 49.05
N SER Q 392 58.69 85.20 49.65
CA SER Q 392 57.53 85.71 50.39
C SER Q 392 57.47 87.24 50.42
N VAL Q 393 56.30 87.82 50.70
CA VAL Q 393 56.12 89.27 50.84
C VAL Q 393 56.46 89.76 52.25
N VAL Q 394 56.94 90.99 52.38
CA VAL Q 394 57.36 91.61 53.66
C VAL Q 394 56.85 93.04 53.78
N SER Q 395 56.38 93.43 54.97
CA SER Q 395 55.84 94.78 55.26
C SER Q 395 56.90 95.80 55.70
N VAL Q 396 58.01 95.34 56.27
CA VAL Q 396 59.08 96.17 56.86
C VAL Q 396 59.84 96.99 55.81
N GLY Q 397 60.24 98.22 56.16
CA GLY Q 397 61.04 99.13 55.34
C GLY Q 397 61.70 100.24 56.16
N GLY R 2 55.56 78.22 78.97
CA GLY R 2 54.76 77.02 79.29
C GLY R 2 55.57 76.03 80.10
N PHE R 3 55.55 74.77 79.69
CA PHE R 3 56.42 73.72 80.24
C PHE R 3 56.95 72.83 79.13
N SER R 4 58.05 72.11 79.39
CA SER R 4 58.69 71.23 78.40
C SER R 4 57.81 70.02 78.05
N ALA R 5 58.16 69.34 76.97
CA ALA R 5 57.27 68.39 76.30
C ALA R 5 56.77 67.23 77.17
N ASP R 6 57.52 66.82 78.20
CA ASP R 6 57.11 65.77 79.14
C ASP R 6 57.45 66.18 80.59
N HIS R 7 57.24 67.46 80.93
CA HIS R 7 57.69 68.05 82.19
C HIS R 7 57.29 67.22 83.40
N SER R 8 58.28 66.73 84.15
CA SER R 8 58.10 65.55 85.00
C SER R 8 57.00 65.66 86.04
N GLN R 9 56.73 66.84 86.62
CA GLN R 9 55.61 67.00 87.55
C GLN R 9 54.23 67.04 86.90
N ILE R 10 54.05 67.57 85.69
CA ILE R 10 52.73 67.97 85.16
C ILE R 10 52.42 67.24 83.85
N ALA R 11 51.34 66.48 83.79
CA ALA R 11 50.91 65.84 82.54
C ALA R 11 50.22 66.84 81.61
N GLN R 12 50.49 66.77 80.30
CA GLN R 12 49.87 67.63 79.30
C GLN R 12 49.53 66.82 78.05
N THR R 13 48.67 67.33 77.18
CA THR R 13 48.41 66.70 75.87
C THR R 13 49.66 66.61 75.00
N LYS R 14 50.67 67.45 75.23
CA LYS R 14 51.96 67.37 74.55
C LYS R 14 52.74 66.11 74.89
N ASP R 15 52.53 65.50 76.05
CA ASP R 15 53.35 64.40 76.53
C ASP R 15 53.31 63.19 75.61
N THR R 16 54.48 62.63 75.34
CA THR R 16 54.65 61.50 74.41
C THR R 16 53.80 60.31 74.77
N MET R 17 53.54 60.11 76.07
CA MET R 17 52.68 59.05 76.61
C MET R 17 51.29 58.98 75.97
N PHE R 18 50.74 60.09 75.48
CA PHE R 18 49.41 60.10 74.88
C PHE R 18 49.40 59.86 73.37
N THR R 19 50.54 59.90 72.68
CA THR R 19 50.55 59.88 71.21
C THR R 19 49.86 58.65 70.63
N GLY R 20 48.81 58.89 69.83
CA GLY R 20 47.91 57.85 69.30
C GLY R 20 46.49 57.95 69.88
N TYR R 21 46.35 58.44 71.10
CA TYR R 21 45.13 59.09 71.56
C TYR R 21 45.13 60.55 71.06
N LEU R 22 43.99 61.22 71.10
CA LEU R 22 43.86 62.65 70.77
C LEU R 22 44.48 63.12 69.44
N ASP R 23 44.43 62.29 68.39
CA ASP R 23 44.79 62.69 67.03
C ASP R 23 43.84 63.75 66.43
N PRO R 24 44.25 64.54 65.43
CA PRO R 24 43.34 65.39 64.67
C PRO R 24 42.40 64.52 63.83
N VAL R 25 41.17 64.96 63.62
CA VAL R 25 40.13 64.18 62.93
C VAL R 25 40.11 64.45 61.42
N GLN R 26 39.76 63.45 60.63
CA GLN R 26 39.68 63.55 59.17
C GLN R 26 38.52 64.46 58.75
N ALA R 27 38.72 65.32 57.76
CA ALA R 27 37.69 66.18 57.19
C ALA R 27 37.63 66.06 55.66
N LYS R 28 36.52 66.46 55.04
CA LYS R 28 36.41 66.47 53.58
C LYS R 28 37.29 67.55 52.96
N ASP R 29 37.67 67.41 51.69
CA ASP R 29 38.44 68.43 51.00
C ASP R 29 37.58 69.66 50.68
N TYR R 30 37.67 70.69 51.51
CA TYR R 30 36.94 71.94 51.29
C TYR R 30 37.41 72.72 50.07
N PHE R 31 38.55 72.37 49.47
CA PHE R 31 39.20 73.13 48.40
C PHE R 31 39.27 72.37 47.07
N ALA R 32 38.53 71.27 46.94
CA ALA R 32 38.51 70.48 45.72
C ALA R 32 38.12 71.30 44.48
N GLU R 33 38.82 71.07 43.36
CA GLU R 33 38.39 71.58 42.05
C GLU R 33 37.07 70.95 41.62
N ALA R 34 36.28 71.65 40.81
CA ALA R 34 35.22 71.00 40.05
C ALA R 34 35.85 70.15 38.92
N GLU R 35 35.41 68.91 38.73
CA GLU R 35 35.94 68.05 37.68
C GLU R 35 35.55 68.60 36.30
N LYS R 36 36.51 69.19 35.59
CA LYS R 36 36.28 69.83 34.29
C LYS R 36 35.97 68.83 33.19
N THR R 37 35.37 69.27 32.08
CA THR R 37 34.94 68.38 30.99
C THR R 37 35.04 69.05 29.62
N SER R 38 35.06 68.24 28.56
CA SER R 38 35.41 68.71 27.20
C SER R 38 34.57 69.90 26.77
N ILE R 39 35.22 70.90 26.20
CA ILE R 39 34.51 71.97 25.50
C ILE R 39 34.16 71.58 24.08
N VAL R 40 34.99 70.83 23.36
CA VAL R 40 34.70 70.54 21.94
C VAL R 40 33.44 69.70 21.82
N GLN R 41 33.19 68.81 22.77
CA GLN R 41 31.97 68.02 22.82
C GLN R 41 30.69 68.86 23.03
N ARG R 42 30.79 70.11 23.48
CA ARG R 42 29.64 71.03 23.60
C ARG R 42 29.35 71.82 22.32
N VAL R 43 30.31 71.97 21.41
CA VAL R 43 30.16 72.85 20.23
C VAL R 43 30.14 72.10 18.91
N ALA R 44 30.94 71.04 18.77
CA ALA R 44 30.98 70.26 17.55
C ALA R 44 29.78 69.31 17.45
N GLN R 45 29.26 69.09 16.26
CA GLN R 45 28.12 68.21 16.06
C GLN R 45 28.51 66.75 16.34
N LYS R 46 27.77 66.09 17.22
CA LYS R 46 27.89 64.65 17.44
C LYS R 46 27.40 63.89 16.21
N ILE R 47 28.15 62.90 15.73
CA ILE R 47 27.69 61.95 14.72
C ILE R 47 27.94 60.51 15.18
N PRO R 48 27.14 59.53 14.72
CA PRO R 48 27.42 58.13 14.97
C PRO R 48 28.66 57.68 14.17
N MET R 49 29.41 56.72 14.69
CA MET R 49 30.49 56.05 13.97
C MET R 49 30.57 54.58 14.35
N GLY R 50 31.08 53.75 13.44
CA GLY R 50 31.56 52.40 13.75
C GLY R 50 33.08 52.37 13.87
N ALA R 51 33.63 51.27 14.38
CA ALA R 51 35.08 51.07 14.43
C ALA R 51 35.75 51.12 13.04
N THR R 52 34.99 50.79 11.99
CA THR R 52 35.39 50.89 10.58
C THR R 52 35.31 52.30 9.99
N GLY R 53 35.01 53.33 10.80
CA GLY R 53 34.90 54.70 10.32
C GLY R 53 33.57 55.02 9.64
N ILE R 54 33.55 56.11 8.89
CA ILE R 54 32.39 56.63 8.18
C ILE R 54 32.82 57.31 6.88
N VAL R 55 31.93 57.42 5.89
CA VAL R 55 32.21 58.12 4.64
C VAL R 55 31.05 59.03 4.29
N ILE R 56 31.33 60.22 3.75
CA ILE R 56 30.32 61.23 3.45
C ILE R 56 30.47 61.77 2.03
N PRO R 57 29.38 61.94 1.27
CA PRO R 57 29.42 62.53 -0.04
C PRO R 57 29.42 64.06 0.03
N HIS R 58 29.67 64.71 -1.09
CA HIS R 58 29.43 66.13 -1.30
C HIS R 58 29.12 66.38 -2.79
N TRP R 59 28.38 67.44 -3.10
CA TRP R 59 27.99 67.77 -4.47
C TRP R 59 28.87 68.88 -5.05
N THR R 60 29.44 68.64 -6.23
CA THR R 60 30.36 69.57 -6.91
C THR R 60 29.88 69.98 -8.29
N GLY R 61 28.73 69.47 -8.73
CA GLY R 61 28.21 69.71 -10.08
C GLY R 61 27.78 71.15 -10.31
N ASP R 62 28.56 71.88 -11.10
CA ASP R 62 28.17 73.19 -11.62
C ASP R 62 27.17 73.02 -12.77
N VAL R 63 25.96 72.56 -12.46
CA VAL R 63 24.89 72.33 -13.43
C VAL R 63 24.48 73.64 -14.11
N SER R 64 24.01 73.58 -15.35
CA SER R 64 23.69 74.79 -16.11
C SER R 64 22.52 74.63 -17.09
N ALA R 65 21.92 75.77 -17.44
CA ALA R 65 20.81 75.90 -18.36
C ALA R 65 20.94 77.21 -19.14
N GLN R 66 20.47 77.26 -20.37
CA GLN R 66 20.73 78.37 -21.29
C GLN R 66 19.43 78.93 -21.85
N TRP R 67 19.41 80.23 -22.10
CA TRP R 67 18.32 80.83 -22.87
C TRP R 67 18.38 80.35 -24.31
N ILE R 68 17.23 80.04 -24.89
CA ILE R 68 17.13 79.50 -26.25
C ILE R 68 16.00 80.16 -27.04
N GLY R 69 16.18 80.32 -28.34
CA GLY R 69 15.09 80.72 -29.23
C GLY R 69 14.19 79.55 -29.60
N GLU R 70 12.99 79.82 -30.09
CA GLU R 70 12.11 78.78 -30.61
C GLU R 70 12.78 78.05 -31.78
N GLY R 71 12.90 76.72 -31.66
CA GLY R 71 13.62 75.87 -32.61
C GLY R 71 15.13 75.69 -32.36
N ASP R 72 15.74 76.39 -31.40
CA ASP R 72 17.17 76.22 -31.11
C ASP R 72 17.50 74.88 -30.43
N MET R 73 18.77 74.51 -30.50
CA MET R 73 19.36 73.34 -29.86
C MET R 73 19.31 73.47 -28.33
N LYS R 74 18.65 72.55 -27.61
CA LYS R 74 18.84 72.48 -26.16
C LYS R 74 20.25 72.03 -25.79
N PRO R 75 20.89 72.62 -24.76
CA PRO R 75 22.16 72.16 -24.23
C PRO R 75 22.01 70.91 -23.39
N ILE R 76 23.12 70.25 -23.05
CA ILE R 76 23.15 69.04 -22.21
C ILE R 76 24.10 69.26 -21.03
N THR R 77 23.70 68.86 -19.82
CA THR R 77 24.42 69.15 -18.57
C THR R 77 24.60 67.91 -17.69
N LYS R 78 25.65 67.86 -16.88
CA LYS R 78 25.92 66.76 -15.94
C LYS R 78 26.33 67.28 -14.58
N GLY R 79 25.59 66.90 -13.54
CA GLY R 79 25.98 67.12 -12.16
C GLY R 79 27.07 66.14 -11.72
N ASN R 80 27.86 66.51 -10.72
CA ASN R 80 29.09 65.83 -10.31
C ASN R 80 29.21 65.78 -8.77
N MET R 81 29.98 64.84 -8.23
CA MET R 81 30.05 64.56 -6.80
C MET R 81 31.46 64.18 -6.36
N THR R 82 31.71 64.22 -5.06
CA THR R 82 32.93 63.74 -4.42
C THR R 82 32.61 63.11 -3.07
N LYS R 83 33.57 62.41 -2.45
CA LYS R 83 33.39 61.83 -1.12
C LYS R 83 34.66 61.90 -0.28
N ARG R 84 34.48 61.90 1.04
CA ARG R 84 35.56 61.89 2.05
C ARG R 84 35.27 60.79 3.07
N ASP R 85 36.30 60.07 3.50
CA ASP R 85 36.20 59.08 4.59
C ASP R 85 36.93 59.55 5.85
N VAL R 86 36.45 59.10 7.01
CA VAL R 86 37.01 59.43 8.34
C VAL R 86 37.07 58.18 9.21
N HIS R 87 38.17 57.98 9.93
CA HIS R 87 38.40 56.79 10.75
C HIS R 87 38.73 57.17 12.20
N PRO R 88 38.30 56.40 13.21
CA PRO R 88 38.56 56.69 14.62
C PRO R 88 39.99 56.35 15.06
N ALA R 89 40.37 56.75 16.27
CA ALA R 89 41.64 56.41 16.93
C ALA R 89 41.45 56.11 18.43
N LYS R 90 42.24 55.20 18.99
CA LYS R 90 42.25 54.86 20.42
C LYS R 90 43.09 55.81 21.26
N ILE R 91 42.60 56.13 22.45
CA ILE R 91 43.36 56.72 23.56
C ILE R 91 43.24 55.82 24.79
N ALA R 92 44.33 55.66 25.54
CA ALA R 92 44.37 54.68 26.61
C ALA R 92 45.41 54.97 27.71
N THR R 93 45.25 54.30 28.85
CA THR R 93 46.25 54.17 29.91
C THR R 93 45.92 52.96 30.78
N ILE R 94 46.86 52.53 31.61
CA ILE R 94 46.65 51.47 32.58
C ILE R 94 47.20 51.93 33.93
N PHE R 95 46.51 51.67 35.03
CA PHE R 95 47.01 51.98 36.37
C PHE R 95 46.95 50.76 37.28
N VAL R 96 47.90 50.63 38.20
CA VAL R 96 48.20 49.36 38.85
C VAL R 96 48.38 49.56 40.35
N ALA R 97 47.81 48.67 41.16
CA ALA R 97 47.93 48.71 42.61
C ALA R 97 48.05 47.31 43.19
N SER R 98 48.72 47.17 44.32
CA SER R 98 48.80 45.87 44.99
C SER R 98 47.42 45.41 45.47
N ALA R 99 47.21 44.10 45.60
CA ALA R 99 45.93 43.58 46.06
C ALA R 99 45.58 44.09 47.46
N GLU R 100 46.55 44.25 48.36
CA GLU R 100 46.29 44.87 49.66
C GLU R 100 45.85 46.33 49.52
N THR R 101 46.43 47.09 48.59
CA THR R 101 45.93 48.43 48.30
C THR R 101 44.51 48.38 47.76
N VAL R 102 44.15 47.37 46.97
CA VAL R 102 42.77 47.23 46.48
C VAL R 102 41.80 46.87 47.60
N ARG R 103 42.13 45.89 48.45
CA ARG R 103 41.23 45.49 49.55
C ARG R 103 41.01 46.62 50.54
N ALA R 104 42.04 47.40 50.86
CA ALA R 104 41.92 48.52 51.77
C ALA R 104 41.37 49.80 51.10
N ASN R 105 41.70 50.06 49.83
CA ASN R 105 41.36 51.27 49.07
C ASN R 105 41.57 52.57 49.89
N PRO R 106 42.80 52.86 50.34
CA PRO R 106 43.06 53.63 51.55
C PRO R 106 42.34 54.97 51.63
N ALA R 107 42.57 55.85 50.65
CA ALA R 107 41.99 57.19 50.62
C ALA R 107 40.72 57.27 49.75
N ASN R 108 40.04 56.14 49.51
CA ASN R 108 39.17 55.95 48.35
C ASN R 108 39.91 56.28 47.04
N TYR R 109 41.20 55.93 46.99
CA TYR R 109 42.10 56.24 45.91
C TYR R 109 41.62 55.67 44.57
N LEU R 110 41.13 54.43 44.53
CA LEU R 110 40.62 53.87 43.28
C LEU R 110 39.44 54.70 42.74
N GLY R 111 38.61 55.22 43.65
CA GLY R 111 37.43 55.99 43.28
C GLY R 111 37.78 57.31 42.61
N THR R 112 38.65 58.12 43.22
CA THR R 112 39.08 59.38 42.60
C THR R 112 39.91 59.09 41.35
N MET R 113 40.75 58.06 41.36
CA MET R 113 41.56 57.70 40.21
C MET R 113 40.71 57.48 38.97
N ARG R 114 39.63 56.71 39.11
CA ARG R 114 38.72 56.38 38.00
C ARG R 114 38.24 57.63 37.27
N THR R 115 37.68 58.60 37.99
CA THR R 115 37.14 59.80 37.36
C THR R 115 38.20 60.81 36.99
N LYS R 116 39.34 60.85 37.69
CA LYS R 116 40.43 61.74 37.31
C LYS R 116 41.04 61.33 35.97
N VAL R 117 41.22 60.03 35.72
CA VAL R 117 41.63 59.55 34.39
C VAL R 117 40.58 59.88 33.35
N ALA R 118 39.30 59.66 33.63
CA ALA R 118 38.23 60.01 32.68
C ALA R 118 38.27 61.50 32.29
N THR R 119 38.55 62.38 33.25
CA THR R 119 38.72 63.80 32.99
C THR R 119 39.91 64.06 32.09
N ALA R 120 41.05 63.44 32.36
CA ALA R 120 42.24 63.62 31.53
C ALA R 120 42.00 63.17 30.09
N ILE R 121 41.23 62.11 29.87
CA ILE R 121 40.88 61.67 28.51
C ILE R 121 39.99 62.70 27.80
N ALA R 122 39.03 63.32 28.49
CA ALA R 122 38.25 64.39 27.88
C ALA R 122 39.12 65.61 27.54
N MET R 123 40.08 65.98 28.39
CA MET R 123 40.99 67.09 28.08
C MET R 123 41.91 66.76 26.91
N ALA R 124 42.37 65.52 26.78
CA ALA R 124 43.19 65.14 25.63
C ALA R 124 42.43 65.32 24.32
N PHE R 125 41.13 65.02 24.30
CA PHE R 125 40.33 65.24 23.10
C PHE R 125 40.13 66.73 22.79
N ASP R 126 40.03 67.60 23.79
CA ASP R 126 40.04 69.05 23.53
C ASP R 126 41.37 69.51 22.92
N ASN R 127 42.51 69.21 23.55
CA ASN R 127 43.80 69.70 23.03
C ASN R 127 44.14 69.12 21.65
N ALA R 128 43.72 67.90 21.35
CA ALA R 128 43.87 67.33 20.02
C ALA R 128 43.04 68.05 18.96
N ALA R 129 41.91 68.68 19.32
CA ALA R 129 41.02 69.36 18.38
C ALA R 129 41.33 70.85 18.22
N LEU R 130 41.60 71.53 19.33
CA LEU R 130 41.82 72.96 19.35
C LEU R 130 43.22 73.29 18.82
N HIS R 131 44.23 73.01 19.65
CA HIS R 131 45.61 73.37 19.38
C HIS R 131 46.36 72.30 18.58
N GLY R 132 45.80 71.10 18.46
CA GLY R 132 46.44 70.00 17.73
C GLY R 132 47.68 69.43 18.42
N THR R 133 47.78 69.51 19.75
CA THR R 133 49.05 69.31 20.46
C THR R 133 49.68 67.93 20.26
N ASN R 134 48.88 66.86 20.21
CA ASN R 134 49.35 65.48 20.16
C ASN R 134 48.44 64.59 19.33
N ALA R 135 47.72 65.16 18.38
CA ALA R 135 46.66 64.44 17.66
C ALA R 135 47.18 63.17 17.00
N PRO R 136 46.43 62.06 17.02
CA PRO R 136 46.74 60.89 16.21
C PRO R 136 46.56 61.25 14.74
N SER R 137 47.28 60.56 13.84
CA SER R 137 47.27 60.90 12.42
C SER R 137 45.89 60.84 11.77
N ALA R 138 44.96 60.09 12.37
CA ALA R 138 43.60 59.96 11.90
C ALA R 138 42.75 61.23 12.02
N PHE R 139 43.08 62.18 12.90
CA PHE R 139 42.28 63.39 13.06
C PHE R 139 42.52 64.34 11.89
N GLN R 140 41.48 64.68 11.14
CA GLN R 140 41.60 65.56 9.99
C GLN R 140 41.49 67.04 10.41
N GLY R 141 42.64 67.66 10.67
CA GLY R 141 42.77 69.09 11.00
C GLY R 141 42.59 69.44 12.47
N TYR R 142 42.97 70.66 12.84
CA TYR R 142 42.80 71.22 14.18
C TYR R 142 42.67 72.75 14.11
N LEU R 143 41.98 73.40 15.04
CA LEU R 143 41.56 74.79 14.85
C LEU R 143 42.72 75.77 14.66
N ASP R 144 43.83 75.59 15.37
CA ASP R 144 44.99 76.47 15.21
C ASP R 144 45.61 76.46 13.81
N GLN R 145 45.29 75.46 12.98
CA GLN R 145 45.72 75.38 11.58
C GLN R 145 45.15 76.50 10.70
N SER R 146 44.11 77.23 11.14
CA SER R 146 43.52 78.32 10.38
C SER R 146 44.54 79.41 10.02
N ASN R 147 44.44 79.93 8.81
CA ASN R 147 45.25 81.04 8.31
C ASN R 147 44.67 82.42 8.64
N LYS R 148 43.69 82.54 9.54
CA LYS R 148 43.07 83.82 9.92
C LYS R 148 43.31 84.18 11.37
N THR R 149 43.89 85.33 11.65
CA THR R 149 44.07 85.87 13.01
C THR R 149 43.58 87.30 13.08
N GLN R 150 43.05 87.74 14.22
CA GLN R 150 42.86 89.16 14.51
C GLN R 150 42.80 89.41 16.01
N SER R 151 43.14 90.63 16.43
CA SER R 151 43.28 90.96 17.84
C SER R 151 42.09 91.72 18.40
N ILE R 152 41.53 91.20 19.49
CA ILE R 152 40.44 91.81 20.23
C ILE R 152 40.92 92.79 21.31
N SER R 153 42.24 93.00 21.46
CA SER R 153 42.80 93.68 22.65
C SER R 153 42.33 95.13 22.84
N PRO R 154 42.41 96.03 21.84
CA PRO R 154 42.07 97.42 22.05
C PRO R 154 40.58 97.63 22.33
N ASN R 155 39.73 96.93 21.57
CA ASN R 155 38.27 97.08 21.62
C ASN R 155 37.62 95.82 21.04
N ALA R 156 37.05 94.98 21.91
CA ALA R 156 36.52 93.70 21.50
C ALA R 156 35.42 93.78 20.44
N TYR R 157 34.55 94.78 20.48
CA TYR R 157 33.46 94.89 19.51
C TYR R 157 33.99 95.11 18.10
N GLN R 158 34.81 96.14 17.89
CA GLN R 158 35.34 96.43 16.57
C GLN R 158 36.23 95.28 16.07
N GLY R 159 36.86 94.55 16.99
CA GLY R 159 37.50 93.29 16.69
C GLY R 159 36.52 92.24 16.16
N LEU R 160 35.68 91.68 17.03
CA LEU R 160 34.83 90.54 16.69
C LEU R 160 33.87 90.84 15.55
N GLY R 161 33.16 91.96 15.63
CA GLY R 161 32.01 92.24 14.77
C GLY R 161 32.31 92.99 13.48
N VAL R 162 33.51 93.55 13.32
CA VAL R 162 33.86 94.36 12.15
C VAL R 162 35.10 93.84 11.46
N SER R 163 36.30 93.99 12.04
CA SER R 163 37.51 93.52 11.36
C SER R 163 37.54 92.00 11.25
N GLY R 164 37.17 91.30 12.31
CA GLY R 164 37.07 89.84 12.33
C GLY R 164 36.06 89.31 11.32
N LEU R 165 34.81 89.75 11.40
CA LEU R 165 33.77 89.29 10.48
C LEU R 165 34.12 89.58 9.02
N THR R 166 34.78 90.71 8.74
CA THR R 166 35.19 91.04 7.36
C THR R 166 36.01 89.92 6.74
N LYS R 167 36.93 89.32 7.49
CA LYS R 167 37.81 88.27 6.99
C LYS R 167 37.15 86.89 6.89
N LEU R 168 35.90 86.75 7.32
CA LEU R 168 35.06 85.58 7.06
C LEU R 168 34.14 85.79 5.86
N VAL R 169 33.35 86.86 5.83
CA VAL R 169 32.42 87.11 4.72
C VAL R 169 33.13 87.40 3.42
N THR R 170 34.37 87.90 3.44
CA THR R 170 35.16 88.08 2.21
C THR R 170 35.48 86.76 1.52
N ASP R 171 35.52 85.65 2.27
CA ASP R 171 35.67 84.32 1.69
C ASP R 171 34.32 83.59 1.51
N GLY R 172 33.21 84.27 1.78
CA GLY R 172 31.88 83.66 1.72
C GLY R 172 31.58 82.67 2.84
N LYS R 173 32.34 82.71 3.95
CA LYS R 173 32.22 81.77 5.07
C LYS R 173 31.43 82.42 6.20
N LYS R 174 30.45 81.73 6.79
CA LYS R 174 29.57 82.27 7.84
C LYS R 174 30.29 82.48 9.17
N TRP R 175 29.73 83.31 10.04
CA TRP R 175 30.04 83.35 11.47
C TRP R 175 28.83 82.87 12.28
N THR R 176 28.93 81.80 13.06
CA THR R 176 27.76 81.21 13.75
C THR R 176 27.95 80.99 15.24
N HIS R 177 29.17 80.89 15.75
CA HIS R 177 29.46 80.80 17.18
C HIS R 177 30.74 81.56 17.51
N THR R 178 30.98 81.88 18.77
CA THR R 178 32.32 82.22 19.24
C THR R 178 32.63 81.56 20.56
N LEU R 179 33.82 80.98 20.64
CA LEU R 179 34.34 80.27 21.80
C LEU R 179 35.43 81.13 22.43
N LEU R 180 35.33 81.44 23.72
CA LEU R 180 36.30 82.28 24.43
C LEU R 180 36.83 81.59 25.68
N ASP R 181 38.11 81.79 25.98
CA ASP R 181 38.65 81.43 27.28
C ASP R 181 38.18 82.43 28.33
N ASP R 182 37.97 82.01 29.58
CA ASP R 182 37.58 82.99 30.60
C ASP R 182 38.66 84.05 30.87
N THR R 183 39.92 83.82 30.48
CA THR R 183 40.94 84.86 30.45
C THR R 183 40.63 85.99 29.48
N VAL R 184 39.61 85.89 28.64
CA VAL R 184 39.12 87.00 27.80
C VAL R 184 38.29 88.01 28.60
N GLU R 185 37.79 87.67 29.79
CA GLU R 185 36.92 88.55 30.57
C GLU R 185 37.45 89.99 30.77
N PRO R 186 38.74 90.23 31.09
CA PRO R 186 39.25 91.57 31.21
C PRO R 186 39.06 92.43 29.97
N VAL R 187 39.34 91.90 28.77
CA VAL R 187 39.24 92.74 27.57
C VAL R 187 37.79 92.99 27.18
N LEU R 188 36.85 92.09 27.49
CA LEU R 188 35.44 92.41 27.29
C LEU R 188 35.01 93.50 28.26
N ASN R 189 35.32 93.36 29.55
CA ASN R 189 34.99 94.38 30.54
C ASN R 189 35.60 95.73 30.17
N GLY R 190 36.81 95.72 29.64
CA GLY R 190 37.54 96.92 29.26
C GLY R 190 37.22 97.45 27.87
N SER R 191 36.33 96.81 27.11
CA SER R 191 35.94 97.34 25.80
C SER R 191 35.01 98.54 25.99
N VAL R 192 35.42 99.71 25.52
CA VAL R 192 34.76 100.98 25.81
C VAL R 192 34.49 101.81 24.57
N ASP R 193 33.47 102.66 24.63
CA ASP R 193 33.30 103.72 23.65
C ASP R 193 34.36 104.82 23.85
N ALA R 194 34.38 105.83 22.99
CA ALA R 194 35.32 106.94 23.11
C ALA R 194 35.13 107.79 24.37
N ASN R 195 33.96 107.74 25.01
CA ASN R 195 33.77 108.37 26.32
C ASN R 195 34.33 107.51 27.45
N GLY R 196 34.86 106.32 27.17
CA GLY R 196 35.39 105.45 28.21
C GLY R 196 34.31 104.73 29.02
N ARG R 197 33.04 104.77 28.61
CA ARG R 197 32.01 103.89 29.18
C ARG R 197 32.07 102.53 28.50
N PRO R 198 31.78 101.41 29.19
CA PRO R 198 31.88 100.10 28.59
C PRO R 198 30.81 99.88 27.52
N LEU R 199 31.09 99.01 26.55
CA LEU R 199 30.16 98.69 25.49
C LEU R 199 29.08 97.72 25.98
N PHE R 200 29.45 96.51 26.40
CA PHE R 200 28.49 95.43 26.58
C PHE R 200 27.52 95.57 27.77
N VAL R 201 27.91 96.21 28.86
CA VAL R 201 27.18 96.21 30.13
C VAL R 201 26.58 97.57 30.47
N GLU R 202 25.40 97.59 31.08
CA GLU R 202 24.57 98.78 31.27
C GLU R 202 24.84 99.55 32.58
N SER R 203 24.18 100.69 32.77
CA SER R 203 24.42 101.65 33.88
C SER R 203 24.57 101.02 35.26
N THR R 204 25.43 101.61 36.09
CA THR R 204 25.82 101.16 37.44
C THR R 204 26.50 99.80 37.50
N TYR R 205 26.62 99.08 36.39
CA TYR R 205 27.58 97.99 36.24
C TYR R 205 27.42 96.88 37.27
N GLU R 206 26.17 96.61 37.64
CA GLU R 206 25.84 95.56 38.60
C GLU R 206 26.00 94.17 38.00
N SER R 207 25.52 93.97 36.77
CA SER R 207 25.46 92.65 36.11
C SER R 207 26.83 92.13 35.71
N LEU R 208 26.99 90.81 35.64
CA LEU R 208 28.04 90.18 34.85
C LEU R 208 27.88 90.54 33.37
N THR R 209 28.98 90.69 32.63
CA THR R 209 28.99 91.23 31.26
C THR R 209 28.30 90.30 30.27
N THR R 210 27.45 90.80 29.37
CA THR R 210 26.50 89.98 28.59
C THR R 210 27.06 88.71 27.96
N PRO R 211 28.16 88.73 27.19
CA PRO R 211 28.74 87.50 26.65
C PRO R 211 29.16 86.51 27.73
N PHE R 212 29.69 86.97 28.87
CA PHE R 212 30.03 86.11 30.00
C PHE R 212 28.83 85.62 30.83
N ARG R 213 27.62 86.14 30.60
CA ARG R 213 26.37 85.45 30.99
C ARG R 213 26.02 84.33 30.01
N GLU R 214 26.97 83.94 29.17
CA GLU R 214 26.80 82.98 28.06
C GLU R 214 25.71 83.43 27.08
N GLY R 215 25.47 84.75 27.03
CA GLY R 215 24.57 85.37 26.07
C GLY R 215 25.15 85.42 24.65
N ARG R 216 24.28 85.59 23.65
CA ARG R 216 24.70 85.91 22.29
C ARG R 216 25.26 87.32 22.16
N ILE R 217 26.07 87.56 21.15
CA ILE R 217 26.51 88.89 20.71
C ILE R 217 26.31 89.02 19.22
N LEU R 218 25.82 90.16 18.74
CA LEU R 218 25.39 90.35 17.35
C LEU R 218 24.62 89.15 16.79
N GLY R 219 23.74 88.56 17.61
CA GLY R 219 22.95 87.38 17.28
C GLY R 219 23.62 86.02 17.49
N ARG R 220 24.95 85.92 17.52
CA ARG R 220 25.66 84.62 17.56
C ARG R 220 25.91 84.19 19.00
N PRO R 221 25.63 82.95 19.42
CA PRO R 221 25.92 82.48 20.76
C PRO R 221 27.39 82.59 21.16
N THR R 222 27.65 82.96 22.41
CA THR R 222 28.98 82.82 23.03
C THR R 222 29.05 81.47 23.73
N ILE R 223 30.22 80.86 23.79
CA ILE R 223 30.49 79.67 24.61
C ILE R 223 31.84 79.83 25.32
N LEU R 224 31.92 79.50 26.60
CA LEU R 224 33.06 79.83 27.47
C LEU R 224 33.70 78.56 28.03
N SER R 225 35.00 78.61 28.30
CA SER R 225 35.69 77.55 29.06
C SER R 225 36.91 78.11 29.80
N ASP R 226 37.42 77.35 30.77
CA ASP R 226 38.65 77.69 31.49
C ASP R 226 39.93 77.21 30.78
N HIS R 227 39.82 76.63 29.58
CA HIS R 227 40.90 75.85 28.99
C HIS R 227 40.82 75.81 27.46
N VAL R 228 40.81 76.98 26.83
CA VAL R 228 40.93 77.12 25.38
C VAL R 228 42.05 78.07 24.98
N ALA R 229 42.49 78.97 25.86
CA ALA R 229 43.66 79.79 25.60
C ALA R 229 44.93 78.94 25.47
N GLU R 230 45.82 79.36 24.58
CA GLU R 230 47.14 78.78 24.32
C GLU R 230 48.00 79.81 23.60
N GLY R 231 49.13 80.19 24.19
CA GLY R 231 50.01 81.20 23.61
C GLY R 231 49.28 82.51 23.31
N ASP R 232 49.38 83.01 22.08
CA ASP R 232 48.74 84.25 21.63
C ASP R 232 47.23 84.11 21.42
N VAL R 233 46.67 82.90 21.40
CA VAL R 233 45.28 82.63 21.05
C VAL R 233 44.44 82.49 22.31
N VAL R 234 43.32 83.20 22.37
CA VAL R 234 42.42 83.23 23.52
C VAL R 234 40.99 82.82 23.18
N GLY R 235 40.70 82.57 21.91
CA GLY R 235 39.40 82.11 21.46
C GLY R 235 39.31 81.96 19.96
N TYR R 236 38.16 81.53 19.46
CA TYR R 236 37.88 81.36 18.04
C TYR R 236 36.49 81.90 17.72
N ALA R 237 36.33 82.38 16.50
CA ALA R 237 35.04 82.76 15.95
C ALA R 237 34.92 82.15 14.57
N GLY R 238 33.77 81.62 14.19
CA GLY R 238 33.62 81.02 12.87
C GLY R 238 32.36 80.23 12.72
N ASP R 239 32.33 79.36 11.72
CA ASP R 239 31.22 78.44 11.53
C ASP R 239 31.50 77.10 12.19
N PHE R 240 31.13 76.94 13.45
CA PHE R 240 31.29 75.67 14.15
C PHE R 240 30.43 74.54 13.59
N SER R 241 29.50 74.77 12.65
CA SER R 241 28.84 73.68 11.95
C SER R 241 29.79 72.92 11.00
N GLN R 242 30.97 73.46 10.72
CA GLN R 242 32.01 72.77 9.96
C GLN R 242 32.75 71.69 10.77
N ILE R 243 32.42 71.45 12.05
CA ILE R 243 33.07 70.42 12.87
C ILE R 243 32.11 69.27 13.15
N ILE R 244 32.52 68.04 12.86
CA ILE R 244 31.81 66.83 13.29
C ILE R 244 32.74 65.92 14.05
N TRP R 245 32.21 65.23 15.06
CA TRP R 245 32.97 64.24 15.82
C TRP R 245 32.10 63.07 16.23
N GLY R 246 32.72 61.93 16.45
CA GLY R 246 32.05 60.72 16.88
C GLY R 246 32.88 59.95 17.88
N GLN R 247 32.22 59.06 18.60
CA GLN R 247 32.85 58.18 19.57
C GLN R 247 32.37 56.76 19.33
N VAL R 248 33.29 55.80 19.41
CA VAL R 248 33.01 54.39 19.13
C VAL R 248 32.97 53.63 20.45
N GLY R 249 31.80 53.57 21.07
CA GLY R 249 31.60 52.99 22.39
C GLY R 249 32.05 53.90 23.54
N GLY R 250 31.44 53.73 24.71
CA GLY R 250 31.73 54.52 25.91
C GLY R 250 33.14 54.31 26.45
N LEU R 251 33.59 55.20 27.33
CA LEU R 251 34.86 55.07 28.03
C LEU R 251 34.87 53.75 28.81
N SER R 252 35.78 52.86 28.46
CA SER R 252 35.76 51.47 28.90
C SER R 252 36.83 51.22 29.97
N PHE R 253 36.43 50.53 31.04
CA PHE R 253 37.33 50.10 32.11
C PHE R 253 37.37 48.57 32.20
N ASP R 254 38.53 47.97 32.01
CA ASP R 254 38.74 46.56 32.35
C ASP R 254 39.48 46.48 33.67
N VAL R 255 39.04 45.62 34.59
CA VAL R 255 39.80 45.30 35.80
C VAL R 255 40.36 43.90 35.64
N THR R 256 41.66 43.70 35.82
CA THR R 256 42.27 42.36 35.70
C THR R 256 43.49 42.19 36.58
N ASP R 257 43.76 40.95 36.99
CA ASP R 257 45.03 40.55 37.57
C ASP R 257 45.65 39.37 36.79
N GLN R 258 45.14 39.03 35.61
CA GLN R 258 45.53 37.81 34.91
C GLN R 258 46.77 38.01 34.02
N ALA R 259 46.90 39.19 33.42
CA ALA R 259 47.85 39.48 32.36
C ALA R 259 49.33 39.57 32.80
N THR R 260 50.22 39.79 31.85
CA THR R 260 51.62 40.21 32.07
C THR R 260 51.78 41.68 31.71
N LEU R 261 52.54 42.47 32.46
CA LEU R 261 52.92 43.82 32.06
C LEU R 261 54.42 43.95 31.89
N ASN R 262 54.87 44.71 30.89
CA ASN R 262 56.20 45.32 30.93
C ASN R 262 56.20 46.43 31.98
N LEU R 263 57.30 46.63 32.68
CA LEU R 263 57.51 47.79 33.55
C LEU R 263 58.75 48.60 33.12
N GLY R 264 59.15 48.44 31.86
CA GLY R 264 60.13 49.26 31.16
C GLY R 264 59.83 49.30 29.67
N SER R 265 60.66 50.01 28.91
CA SER R 265 60.51 50.20 27.46
C SER R 265 60.74 48.90 26.66
N GLN R 266 60.43 48.92 25.37
CA GLN R 266 60.48 47.76 24.47
C GLN R 266 61.83 47.03 24.47
N GLU R 267 62.93 47.76 24.64
CA GLU R 267 64.31 47.23 24.67
C GLU R 267 64.82 46.89 26.08
N SER R 268 64.02 47.10 27.12
CA SER R 268 64.35 46.79 28.52
C SER R 268 63.08 46.52 29.33
N PRO R 269 62.27 45.51 28.93
CA PRO R 269 60.84 45.45 29.26
C PRO R 269 60.54 45.11 30.71
N ASN R 270 61.42 44.39 31.41
CA ASN R 270 61.26 44.02 32.81
C ASN R 270 59.86 43.43 33.11
N PHE R 271 59.44 42.43 32.32
CA PHE R 271 58.10 41.88 32.44
C PHE R 271 57.80 41.36 33.84
N VAL R 272 56.55 41.54 34.28
CA VAL R 272 56.00 41.08 35.56
C VAL R 272 54.64 40.45 35.31
N SER R 273 54.39 39.28 35.90
CA SER R 273 53.04 38.71 35.92
C SER R 273 52.19 39.48 36.92
N LEU R 274 50.98 39.90 36.57
CA LEU R 274 50.08 40.49 37.56
C LEU R 274 49.66 39.46 38.61
N TRP R 275 49.50 38.20 38.21
CA TRP R 275 48.87 37.17 39.01
C TRP R 275 49.82 36.46 39.96
N GLN R 276 51.07 36.29 39.56
CA GLN R 276 52.05 35.61 40.40
C GLN R 276 52.60 36.55 41.45
N HIS R 277 52.83 37.81 41.11
CA HIS R 277 52.86 38.89 42.09
C HIS R 277 51.42 39.15 42.55
N ASN R 278 51.10 40.26 43.19
CA ASN R 278 49.72 40.57 43.59
C ASN R 278 49.34 41.96 43.12
N LEU R 279 49.42 42.19 41.84
CA LEU R 279 49.11 43.47 41.23
C LEU R 279 47.73 43.33 40.57
N VAL R 280 46.83 44.26 40.83
CA VAL R 280 45.58 44.39 40.08
C VAL R 280 45.73 45.61 39.19
N ALA R 281 45.43 45.46 37.90
CA ALA R 281 45.56 46.54 36.94
C ALA R 281 44.20 46.92 36.37
N VAL R 282 43.96 48.22 36.23
CA VAL R 282 42.79 48.75 35.57
C VAL R 282 43.22 49.33 34.23
N ARG R 283 42.64 48.86 33.14
CA ARG R 283 42.94 49.30 31.78
C ARG R 283 41.82 50.19 31.30
N VAL R 284 42.17 51.38 30.81
CA VAL R 284 41.22 52.39 30.36
C VAL R 284 41.37 52.62 28.87
N GLU R 285 40.30 52.52 28.09
CA GLU R 285 40.32 52.82 26.65
C GLU R 285 39.08 53.57 26.18
N ALA R 286 39.25 54.47 25.22
CA ALA R 286 38.17 55.08 24.46
C ALA R 286 38.59 55.28 23.00
N GLU R 287 37.64 55.42 22.10
CA GLU R 287 37.90 55.72 20.69
C GLU R 287 37.11 56.94 20.22
N TYR R 288 37.79 57.86 19.55
CA TYR R 288 37.21 59.07 19.00
C TYR R 288 37.56 59.23 17.53
N GLY R 289 36.71 59.90 16.77
CA GLY R 289 37.05 60.40 15.44
C GLY R 289 36.57 61.83 15.29
N LEU R 290 37.33 62.68 14.60
CA LEU R 290 37.00 64.08 14.39
C LEU R 290 37.37 64.53 12.99
N LEU R 291 36.50 65.33 12.38
CA LEU R 291 36.71 65.97 11.09
C LEU R 291 36.30 67.44 11.18
N ILE R 292 37.16 68.33 10.72
CA ILE R 292 36.79 69.70 10.40
C ILE R 292 36.71 69.81 8.90
N ASN R 293 35.56 70.19 8.36
CA ASN R 293 35.33 70.22 6.92
C ASN R 293 36.18 71.28 6.21
N ASP R 294 36.45 72.40 6.88
CA ASP R 294 37.21 73.51 6.32
C ASP R 294 37.89 74.33 7.42
N VAL R 295 39.17 74.06 7.68
CA VAL R 295 39.90 74.75 8.75
C VAL R 295 40.12 76.24 8.47
N ASN R 296 39.86 76.75 7.27
CA ASN R 296 39.89 78.18 7.03
C ASN R 296 38.63 78.90 7.52
N ALA R 297 37.57 78.18 7.92
CA ALA R 297 36.30 78.78 8.31
C ALA R 297 36.26 79.36 9.74
N PHE R 298 37.42 79.56 10.36
CA PHE R 298 37.55 80.03 11.75
C PHE R 298 38.60 81.12 11.82
N VAL R 299 38.36 82.15 12.61
CA VAL R 299 39.34 83.20 12.92
C VAL R 299 39.85 82.95 14.33
N LYS R 300 41.17 82.83 14.48
CA LYS R 300 41.85 82.79 15.77
C LYS R 300 41.80 84.17 16.39
N LEU R 301 41.39 84.28 17.64
CA LEU R 301 41.28 85.52 18.37
C LEU R 301 42.47 85.70 19.30
N THR R 302 43.08 86.88 19.30
CA THR R 302 44.36 87.15 19.98
C THR R 302 44.37 88.46 20.73
N PHE R 303 45.39 88.69 21.55
CA PHE R 303 45.62 89.98 22.22
C PHE R 303 46.71 90.84 21.56
N ASP R 304 47.29 90.47 20.42
CA ASP R 304 48.48 91.19 19.91
C ASP R 304 48.22 92.68 19.62
N PRO R 305 49.19 93.58 19.85
CA PRO R 305 49.08 95.00 19.54
C PRO R 305 48.78 95.29 18.07
N VAL R 306 48.33 96.50 17.77
CA VAL R 306 48.18 96.98 16.39
C VAL R 306 49.55 97.32 15.81
N LEU R 307 50.06 96.48 14.91
CA LEU R 307 51.33 96.75 14.23
C LEU R 307 51.21 97.96 13.29
N THR R 308 52.32 98.67 13.14
CA THR R 308 52.55 99.72 12.15
C THR R 308 53.77 99.35 11.30
N THR R 309 53.80 99.73 10.02
CA THR R 309 54.92 99.39 9.15
C THR R 309 55.46 100.62 8.43
N TYR R 310 56.78 100.76 8.44
CA TYR R 310 57.49 101.86 7.84
C TYR R 310 58.52 101.39 6.81
N ALA R 311 58.75 102.23 5.80
CA ALA R 311 60.02 102.29 5.11
C ALA R 311 60.96 103.19 5.91
N LEU R 312 62.12 102.66 6.29
CA LEU R 312 63.25 103.42 6.81
C LEU R 312 64.29 103.53 5.71
N ASP R 313 64.66 104.76 5.36
CA ASP R 313 65.51 105.07 4.23
C ASP R 313 66.71 105.93 4.66
N LEU R 314 67.89 105.34 4.69
CA LEU R 314 69.14 106.01 5.08
C LEU R 314 69.80 106.78 3.92
N ASP R 315 69.08 107.00 2.80
CA ASP R 315 69.47 107.87 1.69
C ASP R 315 70.87 107.56 1.09
N GLY R 316 71.25 106.28 1.09
CA GLY R 316 72.54 105.82 0.60
C GLY R 316 73.74 106.07 1.52
N ALA R 317 73.53 106.43 2.79
CA ALA R 317 74.60 106.79 3.73
C ALA R 317 75.68 105.70 3.90
N SER R 318 76.94 106.12 3.81
CA SER R 318 78.11 105.23 3.74
C SER R 318 78.95 105.17 5.04
N ALA R 319 78.65 105.99 6.05
CA ALA R 319 79.45 106.12 7.26
C ALA R 319 78.68 106.76 8.44
N GLY R 320 79.21 106.61 9.66
CA GLY R 320 78.57 107.04 10.91
C GLY R 320 77.54 106.03 11.43
N ASN R 321 76.62 106.46 12.30
CA ASN R 321 75.59 105.57 12.88
C ASN R 321 74.24 106.27 13.08
N PHE R 322 73.15 105.50 13.04
CA PHE R 322 71.77 105.98 13.16
C PHE R 322 71.07 105.33 14.35
N THR R 323 70.07 105.98 14.93
CA THR R 323 69.46 105.51 16.19
C THR R 323 67.93 105.51 16.13
N LEU R 324 67.30 104.50 16.71
CA LEU R 324 65.83 104.29 16.68
C LEU R 324 65.23 104.38 18.09
N SER R 325 64.01 104.88 18.20
CA SER R 325 63.31 105.13 19.46
C SER R 325 61.83 104.74 19.40
N LEU R 326 61.30 104.12 20.45
CA LEU R 326 59.90 103.73 20.60
C LEU R 326 59.37 104.19 21.95
N ASP R 327 58.12 104.68 21.99
CA ASP R 327 57.42 105.13 23.21
C ASP R 327 58.27 106.07 24.10
N GLY R 328 59.11 106.88 23.47
CA GLY R 328 59.97 107.89 24.10
C GLY R 328 61.33 107.38 24.58
N LYS R 329 61.54 106.07 24.64
CA LYS R 329 62.83 105.47 25.00
C LYS R 329 63.64 105.14 23.73
N THR R 330 64.97 105.03 23.84
CA THR R 330 65.87 105.03 22.68
C THR R 330 66.88 103.89 22.71
N SER R 331 67.02 103.18 21.58
CA SER R 331 67.92 102.03 21.40
C SER R 331 69.39 102.45 21.26
N ALA R 332 70.31 101.48 21.28
CA ALA R 332 71.72 101.69 20.99
C ALA R 332 71.96 102.14 19.53
N ASN R 333 73.07 102.82 19.25
CA ASN R 333 73.39 103.30 17.91
C ASN R 333 73.66 102.14 16.94
N ILE R 334 73.23 102.26 15.68
CA ILE R 334 73.26 101.21 14.64
C ILE R 334 74.13 101.64 13.44
N ALA R 335 74.94 100.74 12.90
CA ALA R 335 75.84 101.03 11.78
C ALA R 335 75.10 101.22 10.44
N TYR R 336 75.60 102.13 9.60
CA TYR R 336 75.02 102.56 8.32
C TYR R 336 74.66 101.43 7.33
N ASN R 337 75.31 100.27 7.43
CA ASN R 337 75.08 99.10 6.56
C ASN R 337 74.48 97.88 7.30
N ALA R 338 73.93 98.06 8.50
CA ALA R 338 73.48 96.95 9.35
C ALA R 338 72.51 95.98 8.64
N SER R 339 72.73 94.67 8.80
CA SER R 339 71.84 93.65 8.24
C SER R 339 70.43 93.74 8.84
N THR R 340 69.43 93.13 8.20
CA THR R 340 68.05 93.08 8.76
C THR R 340 68.02 92.42 10.15
N ALA R 341 68.82 91.37 10.36
CA ALA R 341 69.00 90.73 11.66
C ALA R 341 69.65 91.67 12.69
N THR R 342 70.66 92.44 12.28
CA THR R 342 71.28 93.45 13.15
C THR R 342 70.28 94.54 13.53
N VAL R 343 69.50 95.04 12.57
CA VAL R 343 68.48 96.07 12.85
C VAL R 343 67.44 95.56 13.84
N LYS R 344 66.82 94.38 13.62
CA LYS R 344 65.82 93.91 14.59
C LYS R 344 66.42 93.54 15.96
N SER R 345 67.62 92.96 16.01
CA SER R 345 68.27 92.68 17.30
C SER R 345 68.72 93.95 18.04
N ALA R 346 68.88 95.08 17.37
CA ALA R 346 69.03 96.37 18.03
C ALA R 346 67.68 96.95 18.47
N ILE R 347 66.67 96.98 17.60
CA ILE R 347 65.42 97.72 17.85
C ILE R 347 64.58 97.16 19.00
N VAL R 348 64.68 95.85 19.29
CA VAL R 348 63.96 95.26 20.44
C VAL R 348 64.39 95.87 21.78
N ALA R 349 65.67 96.29 21.88
CA ALA R 349 66.25 96.93 23.06
C ALA R 349 66.03 96.14 24.35
N ILE R 350 66.09 96.80 25.52
CA ILE R 350 65.60 96.29 26.80
C ILE R 350 64.80 97.42 27.45
N ASP R 351 63.53 97.15 27.76
CA ASP R 351 62.57 98.08 28.35
C ASP R 351 62.54 99.48 27.68
N ASP R 352 62.72 99.58 26.36
CA ASP R 352 62.18 100.75 25.61
C ASP R 352 60.64 100.72 25.63
N GLY R 353 60.08 99.53 25.75
CA GLY R 353 58.67 99.20 25.80
C GLY R 353 58.56 97.69 25.98
N VAL R 354 57.49 97.09 25.46
CA VAL R 354 57.20 95.63 25.58
C VAL R 354 58.33 94.72 25.07
N SER R 355 59.27 95.24 24.27
CA SER R 355 60.48 94.54 23.80
C SER R 355 60.17 93.25 23.01
N ALA R 356 58.99 93.19 22.38
CA ALA R 356 58.53 92.02 21.64
C ALA R 356 59.38 91.78 20.38
N ASP R 357 59.84 90.55 20.17
CA ASP R 357 60.64 90.17 18.99
C ASP R 357 59.78 89.75 17.77
N ASP R 358 58.45 89.88 17.83
CA ASP R 358 57.56 89.79 16.66
C ASP R 358 57.67 91.03 15.74
N VAL R 359 58.43 92.05 16.14
CA VAL R 359 58.94 93.10 15.26
C VAL R 359 59.60 92.48 14.02
N THR R 360 59.07 92.78 12.85
CA THR R 360 59.45 92.15 11.58
C THR R 360 60.22 93.14 10.72
N VAL R 361 61.41 92.75 10.25
CA VAL R 361 62.28 93.60 9.44
C VAL R 361 62.78 92.84 8.22
N THR R 362 62.79 93.48 7.06
CA THR R 362 63.35 92.94 5.81
C THR R 362 63.81 94.07 4.89
N GLY R 363 64.78 93.84 4.00
CA GLY R 363 65.36 94.88 3.16
C GLY R 363 66.82 94.63 2.79
N SER R 364 67.57 95.72 2.60
CA SER R 364 68.99 95.73 2.26
C SER R 364 69.71 96.90 2.97
N ALA R 365 71.04 96.92 2.94
CA ALA R 365 71.83 97.93 3.63
C ALA R 365 71.38 99.37 3.27
N GLY R 366 70.82 100.08 4.26
CA GLY R 366 70.30 101.44 4.13
C GLY R 366 68.84 101.59 3.69
N ASP R 367 68.10 100.51 3.46
CA ASP R 367 66.72 100.55 2.95
C ASP R 367 65.89 99.37 3.50
N TYR R 368 65.03 99.65 4.49
CA TYR R 368 64.37 98.64 5.32
C TYR R 368 62.85 98.80 5.39
N THR R 369 62.13 97.71 5.20
CA THR R 369 60.79 97.51 5.76
C THR R 369 60.95 97.21 7.25
N ILE R 370 60.36 98.02 8.12
CA ILE R 370 60.29 97.78 9.57
C ILE R 370 58.84 97.76 10.01
N THR R 371 58.40 96.67 10.64
CA THR R 371 57.05 96.51 11.21
C THR R 371 57.12 96.39 12.73
N VAL R 372 56.46 97.30 13.45
CA VAL R 372 56.60 97.54 14.89
C VAL R 372 55.29 97.95 15.57
N PRO R 373 55.08 97.64 16.86
CA PRO R 373 53.95 98.15 17.63
C PRO R 373 54.17 99.61 18.03
N GLY R 374 53.12 100.28 18.53
CA GLY R 374 53.22 101.63 19.09
C GLY R 374 53.52 102.72 18.06
N THR R 375 54.56 103.53 18.29
CA THR R 375 55.06 104.55 17.34
C THR R 375 56.59 104.58 17.30
N LEU R 376 57.18 104.68 16.11
CA LEU R 376 58.62 104.60 15.87
C LEU R 376 59.21 105.94 15.41
N THR R 377 60.30 106.36 16.04
CA THR R 377 61.05 107.60 15.76
C THR R 377 62.51 107.27 15.42
N ALA R 378 63.15 108.06 14.56
CA ALA R 378 64.54 107.84 14.13
C ALA R 378 65.37 109.13 14.21
N ASP R 379 66.65 108.99 14.58
CA ASP R 379 67.66 110.04 14.53
C ASP R 379 68.78 109.67 13.53
N PHE R 380 68.95 110.52 12.52
CA PHE R 380 69.95 110.38 11.44
C PHE R 380 71.15 111.33 11.59
N SER R 381 71.17 112.19 12.61
CA SER R 381 72.24 113.18 12.79
C SER R 381 73.60 112.57 13.17
N GLY R 382 73.66 111.29 13.54
CA GLY R 382 74.90 110.55 13.77
C GLY R 382 75.53 109.94 12.50
N LEU R 383 74.85 109.94 11.35
CA LEU R 383 75.43 109.56 10.06
C LEU R 383 76.33 110.69 9.51
N THR R 384 77.38 110.34 8.77
CA THR R 384 78.29 111.31 8.12
C THR R 384 78.10 111.34 6.60
N ASP R 385 76.93 110.89 6.14
CA ASP R 385 76.50 110.78 4.75
C ASP R 385 74.97 110.63 4.73
N GLY R 386 74.31 110.85 3.60
CA GLY R 386 72.87 110.65 3.46
C GLY R 386 72.02 111.46 4.46
N GLU R 387 72.36 112.72 4.73
CA GLU R 387 71.63 113.58 5.68
C GLU R 387 70.17 113.86 5.27
N GLY R 388 69.74 113.49 4.06
CA GLY R 388 68.34 113.44 3.62
C GLY R 388 67.55 112.20 4.07
N ALA R 389 68.12 111.33 4.91
CA ALA R 389 67.47 110.14 5.46
C ALA R 389 66.13 110.44 6.18
N SER R 390 65.22 109.46 6.15
CA SER R 390 63.83 109.63 6.58
C SER R 390 63.16 108.31 6.95
N ILE R 391 62.00 108.38 7.63
CA ILE R 391 61.11 107.25 7.91
C ILE R 391 59.68 107.60 7.44
N SER R 392 58.97 106.67 6.81
CA SER R 392 57.63 106.92 6.25
C SER R 392 56.75 105.66 6.19
N VAL R 393 55.44 105.81 6.13
CA VAL R 393 54.46 104.70 6.07
C VAL R 393 54.34 104.12 4.66
N VAL R 394 54.03 102.82 4.52
CA VAL R 394 53.96 102.08 3.24
C VAL R 394 52.58 101.46 2.97
N SER R 395 52.23 101.26 1.70
CA SER R 395 50.92 100.82 1.23
C SER R 395 50.64 99.30 1.36
N VAL R 396 51.65 98.49 1.69
CA VAL R 396 51.49 97.06 2.01
C VAL R 396 52.58 96.61 3.00
N GLY R 397 52.31 95.56 3.77
CA GLY R 397 53.18 95.06 4.85
C GLY R 397 52.95 95.71 6.21
N SER S 4 53.32 20.03 25.87
CA SER S 4 53.79 20.05 27.27
C SER S 4 54.96 19.10 27.46
N ALA S 5 55.89 19.41 28.35
CA ALA S 5 56.96 18.49 28.73
C ALA S 5 56.45 17.54 29.84
N ASP S 6 56.35 16.24 29.56
CA ASP S 6 55.85 15.26 30.54
C ASP S 6 56.83 15.08 31.71
N HIS S 7 56.29 15.07 32.93
CA HIS S 7 57.06 15.10 34.17
C HIS S 7 57.95 16.35 34.35
N SER S 8 57.54 17.49 33.81
CA SER S 8 58.13 18.79 34.18
C SER S 8 57.96 19.05 35.68
N GLN S 9 58.91 19.72 36.32
CA GLN S 9 58.91 19.85 37.77
C GLN S 9 57.75 20.70 38.31
N ILE S 10 57.29 21.72 37.57
CA ILE S 10 56.13 22.51 38.00
C ILE S 10 54.83 21.83 37.61
N ALA S 11 54.57 21.60 36.32
CA ALA S 11 53.22 21.25 35.90
C ALA S 11 52.84 19.82 36.29
N GLN S 12 51.64 19.63 36.84
CA GLN S 12 50.98 18.32 36.83
C GLN S 12 50.52 18.01 35.40
N THR S 13 50.70 16.78 34.95
CA THR S 13 50.15 16.25 33.70
C THR S 13 50.17 14.72 33.74
N LYS S 14 49.44 14.03 32.87
CA LYS S 14 49.41 12.57 32.84
C LYS S 14 50.81 12.00 32.58
N ASP S 15 51.45 11.49 33.62
CA ASP S 15 52.85 11.02 33.62
C ASP S 15 53.06 9.89 34.64
N THR S 16 54.31 9.58 34.97
CA THR S 16 54.73 8.47 35.84
C THR S 16 54.00 8.38 37.18
N MET S 17 53.46 9.48 37.70
CA MET S 17 52.78 9.51 38.99
C MET S 17 51.45 8.74 39.03
N PHE S 18 50.88 8.34 37.89
CA PHE S 18 49.56 7.68 37.85
C PHE S 18 49.56 6.29 37.19
N THR S 19 48.95 5.32 37.86
CA THR S 19 48.91 3.91 37.41
C THR S 19 47.95 3.70 36.24
N GLY S 20 46.97 4.59 36.10
CA GLY S 20 45.69 4.26 35.47
C GLY S 20 44.81 3.52 36.48
N TYR S 21 43.52 3.85 36.53
CA TYR S 21 42.71 3.66 37.73
C TYR S 21 42.04 2.27 37.78
N LEU S 22 42.84 1.24 37.49
CA LEU S 22 42.43 -0.15 37.39
C LEU S 22 41.85 -0.67 38.71
N ASP S 23 40.88 -1.57 38.62
CA ASP S 23 40.16 -2.18 39.74
C ASP S 23 41.01 -2.59 40.97
N PRO S 24 42.22 -3.17 40.83
CA PRO S 24 43.03 -3.55 41.98
C PRO S 24 43.57 -2.38 42.81
N VAL S 25 43.44 -1.12 42.38
CA VAL S 25 43.88 0.03 43.17
C VAL S 25 43.06 0.16 44.45
N GLN S 26 43.72 0.09 45.59
CA GLN S 26 43.07 0.03 46.89
C GLN S 26 42.51 1.39 47.32
N ALA S 27 41.28 1.38 47.85
CA ALA S 27 40.54 2.60 48.17
C ALA S 27 41.22 3.47 49.23
N LYS S 28 42.06 2.84 50.06
CA LYS S 28 42.99 3.53 50.94
C LYS S 28 44.43 3.18 50.60
N ASP S 29 45.29 4.15 50.79
CA ASP S 29 46.67 3.86 51.14
C ASP S 29 46.56 3.32 52.57
N TYR S 30 46.55 2.00 52.75
CA TYR S 30 46.35 1.42 54.08
C TYR S 30 47.45 1.82 55.08
N PHE S 31 48.52 2.48 54.64
CA PHE S 31 49.60 2.96 55.48
C PHE S 31 49.69 4.50 55.49
N ALA S 32 48.64 5.20 55.08
CA ALA S 32 48.55 6.64 55.23
C ALA S 32 48.62 7.05 56.71
N GLU S 33 49.62 7.84 57.08
CA GLU S 33 49.65 8.49 58.38
C GLU S 33 48.67 9.67 58.40
N ALA S 34 47.99 9.88 59.53
CA ALA S 34 47.01 10.94 59.70
C ALA S 34 47.66 12.33 59.59
N GLU S 35 46.91 13.32 59.09
CA GLU S 35 47.47 14.62 58.75
C GLU S 35 47.80 15.47 59.99
N LYS S 36 48.94 16.17 59.95
CA LYS S 36 49.45 17.00 61.06
C LYS S 36 48.59 18.25 61.26
N THR S 37 48.72 18.93 62.40
CA THR S 37 47.97 20.17 62.70
C THR S 37 48.78 21.13 63.58
N SER S 38 48.47 22.43 63.55
CA SER S 38 49.19 23.41 64.36
C SER S 38 49.02 23.18 65.85
N ILE S 39 50.09 23.29 66.60
CA ILE S 39 50.08 23.39 68.05
C ILE S 39 49.81 24.81 68.49
N VAL S 40 50.51 25.80 67.91
CA VAL S 40 50.47 27.16 68.47
C VAL S 40 49.05 27.70 68.43
N GLN S 41 48.32 27.38 67.38
CA GLN S 41 46.92 27.79 67.23
C GLN S 41 45.96 27.14 68.25
N ARG S 42 46.40 26.18 69.08
CA ARG S 42 45.59 25.64 70.19
C ARG S 42 46.11 25.93 71.59
N VAL S 43 47.15 26.75 71.73
CA VAL S 43 47.69 27.11 73.06
C VAL S 43 47.84 28.61 73.31
N ALA S 44 48.05 29.42 72.28
CA ALA S 44 48.15 30.87 72.41
C ALA S 44 46.78 31.56 72.33
N GLN S 45 46.65 32.77 72.86
CA GLN S 45 45.41 33.56 72.73
C GLN S 45 45.18 33.97 71.28
N LYS S 46 44.07 33.57 70.67
CA LYS S 46 43.67 34.11 69.37
C LYS S 46 43.07 35.49 69.55
N ILE S 47 43.62 36.49 68.91
CA ILE S 47 43.20 37.89 69.00
C ILE S 47 42.58 38.34 67.69
N PRO S 48 41.45 39.06 67.70
CA PRO S 48 40.84 39.56 66.47
C PRO S 48 41.77 40.59 65.82
N MET S 49 42.00 40.47 64.52
CA MET S 49 43.03 41.23 63.82
C MET S 49 42.62 41.56 62.38
N GLY S 50 43.00 42.74 61.91
CA GLY S 50 42.74 43.25 60.56
C GLY S 50 44.01 43.60 59.78
N ALA S 51 43.87 43.89 58.49
CA ALA S 51 45.00 44.08 57.57
C ALA S 51 45.96 45.20 58.01
N THR S 52 45.46 46.23 58.69
CA THR S 52 46.29 47.35 59.19
C THR S 52 47.24 46.93 60.30
N GLY S 53 47.06 45.76 60.90
CA GLY S 53 47.68 45.44 62.19
C GLY S 53 47.02 46.18 63.35
N ILE S 54 47.54 45.98 64.56
CA ILE S 54 46.96 46.47 65.81
C ILE S 54 48.02 47.05 66.73
N VAL S 55 47.61 47.87 67.68
CA VAL S 55 48.45 48.45 68.73
C VAL S 55 48.03 47.93 70.08
N ILE S 56 48.98 47.37 70.83
CA ILE S 56 48.78 46.95 72.21
C ILE S 56 49.36 48.05 73.11
N PRO S 57 48.56 48.73 73.93
CA PRO S 57 49.04 49.69 74.91
C PRO S 57 49.57 48.99 76.16
N HIS S 58 50.38 49.66 76.96
CA HIS S 58 50.89 49.15 78.23
C HIS S 58 51.16 50.27 79.23
N TRP S 59 50.96 50.02 80.52
CA TRP S 59 51.27 50.98 81.58
C TRP S 59 52.73 50.87 82.01
N THR S 60 53.35 51.97 82.42
CA THR S 60 54.77 51.97 82.81
C THR S 60 55.15 53.00 83.87
N GLY S 61 54.20 53.61 84.56
CA GLY S 61 54.47 54.64 85.56
C GLY S 61 54.85 54.11 86.93
N ASP S 62 55.79 54.78 87.60
CA ASP S 62 56.13 54.60 89.01
C ASP S 62 55.23 55.46 89.92
N VAL S 63 53.92 55.30 89.78
CA VAL S 63 52.94 56.00 90.62
C VAL S 63 53.22 55.70 92.09
N SER S 64 53.27 56.73 92.93
CA SER S 64 53.89 56.64 94.24
C SER S 64 53.31 57.63 95.26
N ALA S 65 53.42 57.28 96.53
CA ALA S 65 52.94 58.05 97.67
C ALA S 65 53.89 57.89 98.86
N GLN S 66 53.99 58.92 99.70
CA GLN S 66 55.00 58.98 100.75
C GLN S 66 54.35 59.23 102.11
N TRP S 67 54.92 58.67 103.17
CA TRP S 67 54.51 59.02 104.52
C TRP S 67 54.89 60.46 104.82
N ILE S 68 54.08 61.17 105.61
CA ILE S 68 54.30 62.57 105.95
C ILE S 68 54.00 62.83 107.42
N GLY S 69 54.55 63.90 107.97
CA GLY S 69 54.21 64.40 109.30
C GLY S 69 52.93 65.26 109.30
N GLU S 70 52.52 65.70 110.48
CA GLU S 70 51.48 66.72 110.62
C GLU S 70 51.89 67.99 109.87
N GLY S 71 51.02 68.49 109.00
CA GLY S 71 51.22 69.73 108.24
C GLY S 71 52.36 69.73 107.21
N ASP S 72 53.10 68.64 107.05
CA ASP S 72 54.26 68.56 106.17
C ASP S 72 53.84 68.43 104.70
N MET S 73 54.01 69.47 103.88
CA MET S 73 53.27 69.58 102.62
C MET S 73 53.66 68.53 101.56
N LYS S 74 52.63 68.07 100.83
CA LYS S 74 52.53 66.75 100.17
C LYS S 74 53.29 66.67 98.83
N PRO S 75 53.79 65.50 98.42
CA PRO S 75 54.60 65.31 97.22
C PRO S 75 53.77 65.17 95.94
N ILE S 76 54.38 65.37 94.77
CA ILE S 76 53.76 65.17 93.44
C ILE S 76 54.25 63.87 92.79
N THR S 77 53.42 63.17 92.01
CA THR S 77 53.74 61.88 91.37
C THR S 77 53.36 61.79 89.88
N LYS S 78 53.71 60.70 89.19
CA LYS S 78 53.44 60.47 87.75
C LYS S 78 52.93 59.08 87.40
N GLY S 79 51.95 59.04 86.50
CA GLY S 79 51.75 57.90 85.62
C GLY S 79 52.59 58.05 84.35
N ASN S 80 52.79 56.96 83.62
CA ASN S 80 53.46 56.94 82.34
C ASN S 80 52.93 55.76 81.51
N MET S 81 52.91 55.86 80.20
CA MET S 81 52.24 54.91 79.30
C MET S 81 53.09 54.66 78.07
N THR S 82 52.91 53.51 77.43
CA THR S 82 53.65 53.11 76.25
C THR S 82 52.82 52.19 75.36
N LYS S 83 53.30 51.89 74.16
CA LYS S 83 52.59 51.06 73.20
C LYS S 83 53.56 50.25 72.36
N ARG S 84 53.08 49.15 71.79
CA ARG S 84 53.78 48.42 70.71
C ARG S 84 52.79 48.04 69.63
N ASP S 85 53.16 48.19 68.37
CA ASP S 85 52.34 47.74 67.24
C ASP S 85 52.73 46.33 66.81
N VAL S 86 51.77 45.63 66.21
CA VAL S 86 51.90 44.27 65.70
C VAL S 86 51.29 44.22 64.30
N HIS S 87 51.95 43.54 63.37
CA HIS S 87 51.55 43.50 61.96
C HIS S 87 51.44 42.08 61.42
N PRO S 88 50.58 41.84 60.42
CA PRO S 88 50.49 40.55 59.75
C PRO S 88 51.61 40.32 58.74
N ALA S 89 51.78 39.09 58.30
CA ALA S 89 52.61 38.70 57.15
C ALA S 89 51.90 37.62 56.34
N LYS S 90 51.97 37.67 55.00
CA LYS S 90 51.41 36.64 54.13
C LYS S 90 52.32 35.44 54.03
N ILE S 91 51.71 34.25 54.00
CA ILE S 91 52.31 33.03 53.50
C ILE S 91 51.49 32.53 52.33
N ALA S 92 52.14 32.20 51.22
CA ALA S 92 51.43 31.90 49.97
C ALA S 92 52.16 30.87 49.11
N THR S 93 51.44 30.23 48.19
CA THR S 93 51.99 29.29 47.23
C THR S 93 51.05 29.08 46.04
N ILE S 94 51.55 28.54 44.93
CA ILE S 94 50.75 28.20 43.75
C ILE S 94 51.02 26.75 43.37
N PHE S 95 50.00 26.02 42.93
CA PHE S 95 50.17 24.72 42.27
C PHE S 95 49.43 24.68 40.94
N VAL S 96 49.95 23.92 39.97
CA VAL S 96 49.55 24.02 38.56
C VAL S 96 49.39 22.63 37.93
N ALA S 97 48.35 22.42 37.13
CA ALA S 97 48.01 21.14 36.53
C ALA S 97 47.40 21.28 35.13
N SER S 98 47.63 20.31 34.25
CA SER S 98 46.99 20.25 32.93
C SER S 98 45.47 20.24 33.06
N ALA S 99 44.75 20.89 32.15
CA ALA S 99 43.29 20.95 32.22
C ALA S 99 42.64 19.57 32.23
N GLU S 100 43.20 18.60 31.49
CA GLU S 100 42.77 17.20 31.55
C GLU S 100 43.01 16.56 32.93
N THR S 101 44.10 16.92 33.59
CA THR S 101 44.34 16.49 34.98
C THR S 101 43.29 17.08 35.91
N VAL S 102 42.93 18.37 35.75
CA VAL S 102 41.81 18.94 36.51
C VAL S 102 40.50 18.23 36.18
N ARG S 103 40.28 17.85 34.93
CA ARG S 103 39.07 17.15 34.49
C ARG S 103 38.97 15.76 35.13
N ALA S 104 40.00 14.94 35.00
CA ALA S 104 40.00 13.59 35.53
C ALA S 104 40.12 13.55 37.07
N ASN S 105 40.80 14.54 37.66
CA ASN S 105 41.18 14.60 39.07
C ASN S 105 41.71 13.25 39.60
N PRO S 106 42.78 12.70 39.00
CA PRO S 106 43.28 11.36 39.31
C PRO S 106 43.59 11.20 40.79
N ALA S 107 43.18 10.09 41.42
CA ALA S 107 43.40 9.83 42.84
C ALA S 107 42.96 10.99 43.78
N ASN S 108 41.99 11.80 43.32
CA ASN S 108 41.65 13.10 43.90
C ASN S 108 42.90 13.96 44.18
N TYR S 109 43.83 14.07 43.24
CA TYR S 109 45.02 14.88 43.40
C TYR S 109 44.69 16.34 43.70
N LEU S 110 43.71 16.96 43.05
CA LEU S 110 43.39 18.37 43.33
C LEU S 110 42.87 18.56 44.74
N GLY S 111 41.94 17.72 45.21
CA GLY S 111 41.48 17.76 46.60
C GLY S 111 42.62 17.46 47.56
N THR S 112 43.46 16.48 47.25
CA THR S 112 44.64 16.13 48.06
C THR S 112 45.59 17.31 48.18
N MET S 113 45.83 18.03 47.09
CA MET S 113 46.68 19.19 47.13
C MET S 113 46.09 20.28 48.02
N ARG S 114 44.79 20.56 47.88
CA ARG S 114 44.12 21.59 48.65
C ARG S 114 44.16 21.32 50.16
N THR S 115 44.20 20.06 50.61
CA THR S 115 44.50 19.79 52.02
C THR S 115 45.99 19.87 52.33
N LYS S 116 46.87 19.33 51.49
CA LYS S 116 48.32 19.35 51.75
C LYS S 116 48.88 20.77 51.85
N VAL S 117 48.48 21.70 50.99
CA VAL S 117 48.91 23.09 51.12
C VAL S 117 48.43 23.68 52.45
N ALA S 118 47.18 23.43 52.86
CA ALA S 118 46.68 23.95 54.12
C ALA S 118 47.49 23.45 55.30
N THR S 119 47.87 22.17 55.30
CA THR S 119 48.76 21.62 56.32
C THR S 119 50.14 22.22 56.25
N ALA S 120 50.72 22.41 55.06
CA ALA S 120 52.04 23.01 54.95
C ALA S 120 52.04 24.41 55.54
N ILE S 121 50.98 25.18 55.28
CA ILE S 121 50.82 26.51 55.84
C ILE S 121 50.68 26.44 57.36
N ALA S 122 49.84 25.55 57.90
CA ALA S 122 49.73 25.39 59.35
C ALA S 122 51.08 25.02 60.00
N MET S 123 51.85 24.13 59.37
CA MET S 123 53.16 23.72 59.88
C MET S 123 54.19 24.84 59.77
N ALA S 124 54.15 25.65 58.72
CA ALA S 124 55.01 26.81 58.62
C ALA S 124 54.72 27.79 59.76
N PHE S 125 53.46 28.02 60.10
CA PHE S 125 53.13 28.88 61.23
C PHE S 125 53.63 28.33 62.55
N ASP S 126 53.53 27.03 62.81
CA ASP S 126 54.15 26.44 63.99
C ASP S 126 55.66 26.68 64.00
N ASN S 127 56.41 26.24 63.00
CA ASN S 127 57.86 26.32 63.06
C ASN S 127 58.36 27.77 63.08
N ALA S 128 57.67 28.70 62.43
CA ALA S 128 58.04 30.11 62.48
C ALA S 128 57.87 30.72 63.87
N ALA S 129 57.01 30.15 64.71
CA ALA S 129 56.75 30.62 66.06
C ALA S 129 57.55 29.86 67.12
N LEU S 130 57.68 28.54 66.99
CA LEU S 130 58.43 27.71 67.93
C LEU S 130 59.92 27.92 67.72
N HIS S 131 60.45 27.46 66.60
CA HIS S 131 61.88 27.40 66.32
C HIS S 131 62.41 28.63 65.60
N GLY S 132 61.54 29.49 65.09
CA GLY S 132 61.93 30.69 64.34
C GLY S 132 62.46 30.41 62.93
N THR S 133 62.41 29.17 62.44
CA THR S 133 62.96 28.80 61.14
C THR S 133 62.26 29.51 60.00
N ASN S 134 63.02 30.26 59.20
CA ASN S 134 62.50 31.06 58.11
C ASN S 134 61.35 32.00 58.52
N ALA S 135 61.35 32.49 59.76
CA ALA S 135 60.30 33.38 60.25
C ALA S 135 60.29 34.71 59.49
N PRO S 136 59.12 35.31 59.23
CA PRO S 136 59.03 36.59 58.55
C PRO S 136 59.51 37.71 59.45
N SER S 137 59.73 38.89 58.88
CA SER S 137 60.16 40.07 59.64
C SER S 137 59.12 40.58 60.62
N ALA S 138 57.83 40.39 60.32
CA ALA S 138 56.75 40.98 61.10
C ALA S 138 56.51 40.31 62.46
N PHE S 139 56.85 39.03 62.61
CA PHE S 139 56.65 38.31 63.86
C PHE S 139 57.63 38.82 64.91
N GLN S 140 57.18 39.06 66.13
CA GLN S 140 58.04 39.50 67.23
C GLN S 140 58.28 38.34 68.21
N GLY S 141 59.53 37.87 68.27
CA GLY S 141 59.97 36.76 69.12
C GLY S 141 59.58 35.36 68.62
N TYR S 142 60.32 34.34 69.06
CA TYR S 142 59.99 32.93 68.87
C TYR S 142 60.46 32.13 70.09
N LEU S 143 59.79 31.03 70.45
CA LEU S 143 60.00 30.37 71.74
C LEU S 143 61.46 29.96 71.95
N ASP S 144 62.10 29.40 70.93
CA ASP S 144 63.46 28.89 71.03
C ASP S 144 64.48 29.99 71.38
N GLN S 145 64.12 31.26 71.19
CA GLN S 145 64.93 32.42 71.51
C GLN S 145 65.11 32.67 73.02
N SER S 146 64.45 31.90 73.89
CA SER S 146 64.53 32.03 75.35
C SER S 146 65.95 31.91 75.90
N ASN S 147 66.29 32.68 76.92
CA ASN S 147 67.58 32.59 77.60
C ASN S 147 67.71 31.45 78.64
N LYS S 148 66.72 30.56 78.80
CA LYS S 148 66.73 29.53 79.85
C LYS S 148 66.48 28.12 79.33
N THR S 149 67.24 27.17 79.83
CA THR S 149 67.14 25.75 79.44
C THR S 149 67.22 24.85 80.66
N GLN S 150 66.46 23.76 80.68
CA GLN S 150 66.53 22.73 81.72
C GLN S 150 66.56 21.36 81.07
N SER S 151 67.46 20.48 81.49
CA SER S 151 67.43 19.10 81.00
C SER S 151 66.63 18.20 81.94
N ILE S 152 65.96 17.18 81.40
CA ILE S 152 64.96 16.38 82.14
C ILE S 152 65.20 14.88 82.15
N SER S 153 66.14 14.35 81.36
CA SER S 153 66.15 12.94 80.98
C SER S 153 66.37 11.89 82.08
N PRO S 154 67.07 12.13 83.21
CA PRO S 154 67.23 11.08 84.22
C PRO S 154 65.99 10.89 85.10
N ASN S 155 65.23 11.94 85.35
CA ASN S 155 64.03 11.92 86.18
C ASN S 155 63.17 13.13 85.85
N ALA S 156 62.06 12.94 85.14
CA ALA S 156 61.26 14.07 84.68
C ALA S 156 60.68 14.89 85.82
N TYR S 157 60.34 14.30 86.96
CA TYR S 157 59.74 15.06 88.06
C TYR S 157 60.73 16.09 88.63
N GLN S 158 61.94 15.65 88.98
CA GLN S 158 63.00 16.55 89.40
C GLN S 158 63.33 17.58 88.32
N GLY S 159 63.21 17.19 87.05
CA GLY S 159 63.38 18.08 85.92
C GLY S 159 62.36 19.21 85.90
N LEU S 160 61.09 18.89 85.64
CA LEU S 160 60.06 19.91 85.42
C LEU S 160 59.65 20.59 86.71
N GLY S 161 59.33 19.83 87.75
CA GLY S 161 58.65 20.36 88.94
C GLY S 161 59.56 21.08 89.93
N VAL S 162 60.87 20.93 89.80
CA VAL S 162 61.81 21.36 90.83
C VAL S 162 62.93 22.18 90.24
N SER S 163 63.83 21.57 89.47
CA SER S 163 64.96 22.28 88.90
C SER S 163 64.49 23.33 87.89
N GLY S 164 63.70 22.93 86.90
CA GLY S 164 63.19 23.84 85.89
C GLY S 164 62.36 24.97 86.49
N LEU S 165 61.47 24.63 87.43
CA LEU S 165 60.64 25.62 88.09
C LEU S 165 61.47 26.63 88.86
N THR S 166 62.57 26.23 89.48
CA THR S 166 63.43 27.15 90.24
C THR S 166 63.94 28.28 89.34
N LYS S 167 64.49 27.95 88.17
CA LYS S 167 65.04 28.97 87.27
C LYS S 167 63.96 29.79 86.56
N LEU S 168 62.72 29.33 86.54
CA LEU S 168 61.60 30.08 86.00
C LEU S 168 61.00 31.06 87.01
N VAL S 169 60.71 30.65 88.26
CA VAL S 169 60.11 31.57 89.25
C VAL S 169 61.09 32.61 89.76
N THR S 170 62.40 32.33 89.72
CA THR S 170 63.41 33.27 90.22
C THR S 170 63.44 34.58 89.43
N ASP S 171 63.09 34.57 88.15
CA ASP S 171 62.94 35.79 87.35
C ASP S 171 61.60 36.52 87.58
N GLY S 172 60.71 36.01 88.42
CA GLY S 172 59.34 36.53 88.58
C GLY S 172 58.37 36.10 87.47
N LYS S 173 58.83 35.31 86.50
CA LYS S 173 57.99 34.59 85.55
C LYS S 173 57.27 33.42 86.24
N LYS S 174 56.34 32.73 85.57
CA LYS S 174 55.52 31.67 86.19
C LYS S 174 55.17 30.52 85.25
N TRP S 175 54.83 29.36 85.80
CA TRP S 175 54.55 28.13 85.03
C TRP S 175 53.04 27.87 84.93
N THR S 176 52.51 27.79 83.71
CA THR S 176 51.06 27.65 83.46
C THR S 176 50.70 26.44 82.63
N HIS S 177 51.55 26.05 81.69
CA HIS S 177 51.37 24.90 80.81
C HIS S 177 52.72 24.24 80.57
N THR S 178 52.72 23.00 80.12
CA THR S 178 53.90 22.39 79.53
C THR S 178 53.54 21.68 78.24
N LEU S 179 54.41 21.78 77.24
CA LEU S 179 54.19 21.31 75.88
C LEU S 179 55.31 20.34 75.51
N LEU S 180 55.00 19.08 75.20
CA LEU S 180 55.99 18.02 75.01
C LEU S 180 55.85 17.32 73.65
N ASP S 181 56.98 16.91 73.08
CA ASP S 181 57.03 16.05 71.91
C ASP S 181 56.73 14.59 72.26
N ASP S 182 56.15 13.81 71.35
CA ASP S 182 55.86 12.42 71.63
C ASP S 182 57.12 11.58 71.89
N THR S 183 58.31 12.02 71.47
CA THR S 183 59.59 11.41 71.84
C THR S 183 59.91 11.53 73.34
N VAL S 184 59.17 12.31 74.12
CA VAL S 184 59.35 12.41 75.57
C VAL S 184 58.80 11.20 76.31
N GLU S 185 57.90 10.43 75.72
CA GLU S 185 57.27 9.26 76.35
C GLU S 185 58.27 8.35 77.10
N PRO S 186 59.35 7.86 76.50
CA PRO S 186 60.28 6.97 77.18
C PRO S 186 61.18 7.64 78.22
N VAL S 187 61.08 8.95 78.50
CA VAL S 187 61.73 9.55 79.69
C VAL S 187 60.74 9.86 80.79
N LEU S 188 59.45 9.91 80.50
CA LEU S 188 58.40 9.91 81.53
C LEU S 188 58.15 8.48 82.02
N ASN S 189 58.00 7.52 81.10
CA ASN S 189 58.09 6.12 81.47
C ASN S 189 59.46 5.87 82.11
N GLY S 190 59.54 4.92 83.03
CA GLY S 190 60.66 4.94 83.95
C GLY S 190 60.54 6.16 84.88
N SER S 191 61.53 7.05 84.86
CA SER S 191 61.63 8.17 85.82
C SER S 191 61.40 7.70 87.27
N VAL S 192 61.94 6.54 87.60
CA VAL S 192 61.57 5.76 88.78
C VAL S 192 61.95 6.40 90.11
N ASP S 193 61.25 6.02 91.17
CA ASP S 193 61.73 6.23 92.53
C ASP S 193 62.92 5.29 92.84
N ALA S 194 63.55 5.45 93.99
CA ALA S 194 64.73 4.66 94.33
C ALA S 194 64.46 3.15 94.41
N ASN S 195 63.23 2.74 94.72
CA ASN S 195 62.86 1.33 94.72
C ASN S 195 62.51 0.82 93.33
N GLY S 196 62.63 1.63 92.29
CA GLY S 196 62.41 1.19 90.91
C GLY S 196 60.95 1.15 90.47
N ARG S 197 60.01 1.71 91.23
CA ARG S 197 58.64 1.92 90.70
C ARG S 197 58.61 3.19 89.86
N PRO S 198 57.84 3.26 88.78
CA PRO S 198 57.71 4.49 88.04
C PRO S 198 56.89 5.51 88.83
N LEU S 199 57.15 6.80 88.61
CA LEU S 199 56.19 7.85 88.93
C LEU S 199 55.15 7.94 87.79
N PHE S 200 54.16 8.83 87.91
CA PHE S 200 53.18 9.14 86.86
C PHE S 200 52.22 8.01 86.42
N VAL S 201 52.26 6.81 86.98
CA VAL S 201 51.38 5.71 86.56
C VAL S 201 51.02 4.76 87.71
N GLU S 202 49.83 4.16 87.63
CA GLU S 202 49.19 3.38 88.69
C GLU S 202 49.75 1.97 88.89
N SER S 203 49.45 1.37 90.05
CA SER S 203 50.17 0.25 90.67
C SER S 203 50.22 -1.09 89.91
N THR S 204 49.61 -1.21 88.74
CA THR S 204 49.74 -2.40 87.87
C THR S 204 50.14 -2.07 86.43
N TYR S 205 50.45 -0.81 86.14
CA TYR S 205 51.10 -0.37 84.91
C TYR S 205 50.35 -0.70 83.61
N GLU S 206 49.04 -0.95 83.68
CA GLU S 206 48.19 -1.10 82.51
C GLU S 206 47.81 0.25 81.88
N SER S 207 47.54 1.26 82.71
CA SER S 207 47.20 2.61 82.27
C SER S 207 48.30 3.26 81.44
N LEU S 208 47.95 4.10 80.47
CA LEU S 208 48.88 5.06 79.87
C LEU S 208 49.42 6.02 80.95
N THR S 209 50.57 6.62 80.72
CA THR S 209 51.26 7.53 81.63
C THR S 209 50.52 8.85 81.77
N THR S 210 50.31 9.33 82.99
CA THR S 210 49.36 10.43 83.29
C THR S 210 49.50 11.66 82.41
N PRO S 211 50.66 12.29 82.25
CA PRO S 211 50.77 13.43 81.36
C PRO S 211 50.44 13.10 79.91
N PHE S 212 50.77 11.91 79.41
CA PHE S 212 50.47 11.51 78.03
C PHE S 212 48.98 11.22 77.78
N ARG S 213 48.16 11.17 78.82
CA ARG S 213 46.69 11.25 78.73
C ARG S 213 46.19 12.68 78.47
N GLU S 214 47.08 13.65 78.21
CA GLU S 214 46.81 15.09 78.29
C GLU S 214 46.38 15.50 79.71
N GLY S 215 46.78 14.71 80.71
CA GLY S 215 46.57 14.98 82.14
C GLY S 215 47.50 16.07 82.68
N ARG S 216 47.35 16.39 83.96
CA ARG S 216 48.09 17.49 84.58
C ARG S 216 49.44 17.03 85.16
N ILE S 217 50.38 17.94 85.33
CA ILE S 217 51.58 17.78 86.16
C ILE S 217 51.57 18.91 87.18
N LEU S 218 51.61 18.63 88.49
CA LEU S 218 51.54 19.64 89.56
C LEU S 218 50.53 20.75 89.26
N GLY S 219 49.32 20.39 88.84
CA GLY S 219 48.25 21.33 88.51
C GLY S 219 48.30 21.94 87.11
N ARG S 220 49.42 21.94 86.39
CA ARG S 220 49.52 22.50 85.04
C ARG S 220 49.10 21.46 83.99
N PRO S 221 48.34 21.79 82.95
CA PRO S 221 48.00 20.85 81.89
C PRO S 221 49.20 20.53 81.02
N THR S 222 49.19 19.36 80.39
CA THR S 222 50.23 18.90 79.48
C THR S 222 49.70 18.91 78.07
N ILE S 223 50.34 19.58 77.12
CA ILE S 223 49.96 19.57 75.72
C ILE S 223 50.92 18.65 74.97
N LEU S 224 50.42 17.67 74.20
CA LEU S 224 51.27 16.72 73.47
C LEU S 224 51.31 17.06 71.99
N SER S 225 52.45 16.83 71.34
CA SER S 225 52.64 17.06 69.92
C SER S 225 53.50 15.96 69.29
N ASP S 226 53.27 15.63 68.02
CA ASP S 226 54.16 14.77 67.26
C ASP S 226 55.32 15.52 66.57
N HIS S 227 55.46 16.84 66.74
CA HIS S 227 56.43 17.63 65.97
C HIS S 227 56.98 18.88 66.65
N VAL S 228 56.87 19.03 67.96
CA VAL S 228 57.43 20.19 68.66
C VAL S 228 58.95 20.11 68.82
N ALA S 229 59.54 18.92 68.75
CA ALA S 229 60.99 18.76 68.86
C ALA S 229 61.78 19.28 67.65
N GLU S 230 62.93 19.89 67.91
CA GLU S 230 64.00 20.13 66.93
C GLU S 230 65.35 20.27 67.65
N GLY S 231 66.45 19.82 67.03
CA GLY S 231 67.75 19.83 67.68
C GLY S 231 67.71 19.07 69.00
N ASP S 232 68.28 19.63 70.06
CA ASP S 232 68.26 19.03 71.39
C ASP S 232 66.92 19.24 72.13
N VAL S 233 66.03 20.09 71.63
CA VAL S 233 64.82 20.52 72.34
C VAL S 233 63.68 19.54 72.12
N VAL S 234 63.07 19.06 73.20
CA VAL S 234 61.94 18.13 73.16
C VAL S 234 60.65 18.68 73.75
N GLY S 235 60.65 19.92 74.26
CA GLY S 235 59.46 20.53 74.81
C GLY S 235 59.72 21.85 75.52
N TYR S 236 58.67 22.43 76.10
CA TYR S 236 58.69 23.74 76.73
C TYR S 236 57.82 23.77 77.98
N ALA S 237 58.08 24.71 78.86
CA ALA S 237 57.18 25.06 79.96
C ALA S 237 57.25 26.55 80.21
N GLY S 238 56.15 27.19 80.57
CA GLY S 238 56.14 28.64 80.78
C GLY S 238 54.77 29.27 80.96
N ASP S 239 54.70 30.58 80.77
CA ASP S 239 53.47 31.34 80.79
C ASP S 239 52.91 31.52 79.38
N PHE S 240 52.17 30.55 78.88
CA PHE S 240 51.57 30.62 77.54
C PHE S 240 50.52 31.72 77.39
N SER S 241 50.13 32.45 78.44
CA SER S 241 49.34 33.67 78.26
C SER S 241 50.15 34.79 77.58
N GLN S 242 51.49 34.73 77.63
CA GLN S 242 52.37 35.72 77.01
C GLN S 242 52.40 35.65 75.47
N ILE S 243 51.70 34.71 74.84
CA ILE S 243 51.65 34.59 73.38
C ILE S 243 50.28 35.03 72.86
N ILE S 244 50.25 35.95 71.90
CA ILE S 244 49.04 36.30 71.16
C ILE S 244 49.26 36.10 69.67
N TRP S 245 48.22 35.70 68.94
CA TRP S 245 48.31 35.49 67.50
C TRP S 245 47.01 35.87 66.79
N GLY S 246 47.08 36.16 65.51
CA GLY S 246 45.92 36.59 64.72
C GLY S 246 46.00 36.08 63.30
N GLN S 247 44.86 36.05 62.62
CA GLN S 247 44.75 35.60 61.23
C GLN S 247 43.73 36.46 60.52
N VAL S 248 44.15 37.26 59.55
CA VAL S 248 43.29 38.32 58.98
C VAL S 248 42.18 37.74 58.12
N GLY S 249 42.44 36.63 57.43
CA GLY S 249 41.45 35.89 56.65
C GLY S 249 41.84 34.42 56.55
N GLY S 250 40.87 33.54 56.37
CA GLY S 250 41.14 32.12 56.16
C GLY S 250 41.92 31.88 54.88
N LEU S 251 42.38 30.65 54.65
CA LEU S 251 43.05 30.27 53.42
C LEU S 251 42.16 30.59 52.22
N SER S 252 42.52 31.55 51.39
CA SER S 252 41.84 31.74 50.12
C SER S 252 42.33 30.70 49.13
N PHE S 253 41.45 30.27 48.23
CA PHE S 253 41.83 29.52 47.05
C PHE S 253 41.29 30.27 45.85
N ASP S 254 42.13 30.53 44.86
CA ASP S 254 41.73 31.25 43.66
C ASP S 254 42.30 30.54 42.42
N VAL S 255 41.53 30.43 41.36
CA VAL S 255 41.76 29.44 40.28
C VAL S 255 41.69 30.08 38.91
N THR S 256 42.58 29.70 37.99
CA THR S 256 42.58 30.25 36.62
C THR S 256 43.19 29.32 35.57
N ASP S 257 42.69 29.40 34.33
CA ASP S 257 43.36 28.95 33.10
C ASP S 257 43.92 30.14 32.32
N GLN S 258 43.46 31.35 32.62
CA GLN S 258 43.61 32.55 31.82
C GLN S 258 44.89 33.33 32.10
N ALA S 259 45.47 33.20 33.29
CA ALA S 259 46.64 33.99 33.69
C ALA S 259 47.97 33.55 33.04
N THR S 260 49.06 34.26 33.32
CA THR S 260 50.42 33.88 32.93
C THR S 260 51.32 33.79 34.15
N LEU S 261 52.10 32.72 34.28
CA LEU S 261 53.07 32.52 35.34
C LEU S 261 54.49 32.69 34.83
N ASN S 262 55.45 32.77 35.75
CA ASN S 262 56.86 32.59 35.52
C ASN S 262 57.35 31.30 36.19
N LEU S 263 57.89 30.36 35.43
CA LEU S 263 58.45 29.13 36.00
C LEU S 263 59.88 29.31 36.51
N GLY S 264 60.58 30.35 36.09
CA GLY S 264 61.95 30.67 36.51
C GLY S 264 61.98 31.52 37.78
N SER S 265 63.17 31.97 38.16
CA SER S 265 63.33 33.05 39.16
C SER S 265 62.99 34.41 38.55
N GLN S 266 62.98 35.48 39.36
CA GLN S 266 62.56 36.80 38.89
C GLN S 266 63.51 37.38 37.83
N GLU S 267 64.83 37.26 38.02
CA GLU S 267 65.85 37.83 37.12
C GLU S 267 66.21 36.92 35.94
N SER S 268 65.69 35.70 35.90
CA SER S 268 65.87 34.75 34.81
C SER S 268 64.54 34.08 34.42
N PRO S 269 63.52 34.89 34.08
CA PRO S 269 62.16 34.41 33.99
C PRO S 269 61.91 33.55 32.76
N ASN S 270 60.95 32.64 32.88
CA ASN S 270 60.43 31.79 31.82
C ASN S 270 58.91 31.87 31.86
N PHE S 271 58.34 32.87 31.19
CA PHE S 271 56.90 33.08 31.24
C PHE S 271 56.15 32.00 30.47
N VAL S 272 55.16 31.37 31.13
CA VAL S 272 54.23 30.42 30.54
C VAL S 272 52.82 30.97 30.66
N SER S 273 52.16 31.19 29.53
CA SER S 273 50.72 31.47 29.55
C SER S 273 49.98 30.19 29.85
N LEU S 274 49.16 30.19 30.90
CA LEU S 274 48.36 29.03 31.27
C LEU S 274 47.39 28.69 30.14
N TRP S 275 46.80 29.71 29.51
CA TRP S 275 45.89 29.53 28.39
C TRP S 275 46.61 28.92 27.18
N GLN S 276 47.82 29.39 26.86
CA GLN S 276 48.57 28.90 25.70
C GLN S 276 48.86 27.39 25.78
N HIS S 277 49.30 26.89 26.93
CA HIS S 277 49.55 25.45 27.13
C HIS S 277 48.32 24.69 27.65
N ASN S 278 47.20 25.38 27.87
CA ASN S 278 46.00 24.85 28.53
C ASN S 278 46.30 24.15 29.89
N LEU S 279 47.10 24.81 30.72
CA LEU S 279 47.27 24.51 32.14
C LEU S 279 46.21 25.24 32.98
N VAL S 280 46.01 24.79 34.21
CA VAL S 280 45.18 25.46 35.22
C VAL S 280 46.00 25.63 36.49
N ALA S 281 45.95 26.81 37.10
CA ALA S 281 46.70 27.11 38.32
C ALA S 281 45.78 27.49 39.48
N VAL S 282 46.20 27.16 40.69
CA VAL S 282 45.53 27.52 41.94
C VAL S 282 46.46 28.34 42.80
N ARG S 283 46.04 29.54 43.18
CA ARG S 283 46.69 30.42 44.17
C ARG S 283 46.20 30.06 45.54
N VAL S 284 47.08 30.00 46.52
CA VAL S 284 46.74 29.80 47.93
C VAL S 284 47.44 30.84 48.77
N GLU S 285 46.74 31.51 49.69
CA GLU S 285 47.40 32.42 50.64
C GLU S 285 46.61 32.61 51.94
N ALA S 286 47.32 32.98 53.01
CA ALA S 286 46.74 33.42 54.27
C ALA S 286 47.64 34.46 54.95
N GLU S 287 47.08 35.33 55.78
CA GLU S 287 47.83 36.29 56.58
C GLU S 287 47.84 35.90 58.05
N TYR S 288 48.99 35.81 58.67
CA TYR S 288 49.15 35.56 60.10
C TYR S 288 49.85 36.70 60.80
N GLY S 289 49.57 36.90 62.08
CA GLY S 289 50.34 37.75 62.98
C GLY S 289 50.65 37.01 64.28
N LEU S 290 51.77 37.36 64.92
CA LEU S 290 52.21 36.74 66.16
C LEU S 290 52.96 37.75 67.00
N LEU S 291 52.79 37.69 68.32
CA LEU S 291 53.62 38.39 69.28
C LEU S 291 53.81 37.55 70.54
N ILE S 292 55.04 37.40 70.99
CA ILE S 292 55.37 36.89 72.32
C ILE S 292 55.81 38.08 73.16
N ASN S 293 55.18 38.33 74.31
CA ASN S 293 55.44 39.54 75.08
C ASN S 293 56.90 39.64 75.56
N ASP S 294 57.45 38.56 76.13
CA ASP S 294 58.88 38.32 76.06
C ASP S 294 59.20 36.82 76.06
N VAL S 295 60.30 36.46 75.41
CA VAL S 295 60.67 35.05 75.18
C VAL S 295 61.31 34.41 76.40
N ASN S 296 61.64 35.16 77.45
CA ASN S 296 62.27 34.61 78.64
C ASN S 296 61.25 34.02 79.62
N ALA S 297 59.95 34.07 79.32
CA ALA S 297 58.89 33.43 80.09
C ALA S 297 58.76 31.92 79.88
N PHE S 298 59.69 31.29 79.16
CA PHE S 298 59.63 29.87 78.83
C PHE S 298 60.98 29.20 79.09
N VAL S 299 60.99 28.01 79.67
CA VAL S 299 62.21 27.22 79.84
C VAL S 299 62.20 26.09 78.82
N LYS S 300 63.23 26.01 77.99
CA LYS S 300 63.36 24.97 76.96
C LYS S 300 63.73 23.65 77.61
N LEU S 301 63.11 22.54 77.22
CA LEU S 301 63.33 21.24 77.82
C LEU S 301 64.16 20.34 76.92
N THR S 302 65.20 19.70 77.46
CA THR S 302 66.15 18.89 76.68
C THR S 302 66.57 17.62 77.41
N PHE S 303 67.29 16.72 76.76
CA PHE S 303 68.04 15.69 77.46
C PHE S 303 69.39 16.22 77.99
N ASP S 304 70.07 15.45 78.84
CA ASP S 304 70.99 15.92 79.90
C ASP S 304 72.00 17.05 79.58
N PRO S 305 73.00 16.85 78.70
CA PRO S 305 74.27 17.58 78.77
C PRO S 305 74.27 18.94 78.04
N VAL S 306 73.13 19.60 77.93
CA VAL S 306 72.93 20.79 77.09
C VAL S 306 73.81 22.00 77.46
N LEU S 307 74.25 22.74 76.43
CA LEU S 307 75.18 23.86 76.49
C LEU S 307 74.66 25.01 75.61
N THR S 308 74.76 26.27 76.05
CA THR S 308 74.04 27.40 75.41
C THR S 308 74.97 28.45 74.80
N THR S 309 74.64 28.92 73.59
CA THR S 309 75.42 29.92 72.84
C THR S 309 74.69 31.26 72.75
N TYR S 310 75.36 32.36 73.09
CA TYR S 310 74.82 33.72 73.10
C TYR S 310 75.67 34.66 72.23
N ALA S 311 75.06 35.62 71.55
CA ALA S 311 75.75 36.64 70.77
C ALA S 311 75.55 38.01 71.41
N LEU S 312 76.66 38.70 71.67
CA LEU S 312 76.72 39.98 72.38
C LEU S 312 77.01 41.11 71.39
N ASP S 313 76.19 42.16 71.39
CA ASP S 313 76.19 43.18 70.35
C ASP S 313 76.00 44.58 70.97
N LEU S 314 77.11 45.33 71.02
CA LEU S 314 77.17 46.67 71.60
C LEU S 314 76.68 47.78 70.66
N ASP S 315 76.18 47.47 69.47
CA ASP S 315 75.78 48.47 68.45
C ASP S 315 76.87 49.53 68.18
N GLY S 316 78.13 49.11 68.10
CA GLY S 316 79.25 49.98 67.76
C GLY S 316 79.62 51.03 68.82
N ALA S 317 79.12 50.91 70.05
CA ALA S 317 79.44 51.82 71.16
C ALA S 317 80.95 51.89 71.47
N SER S 318 81.42 53.04 71.96
CA SER S 318 82.81 53.49 71.77
C SER S 318 83.55 53.93 73.04
N ALA S 319 82.90 54.03 74.21
CA ALA S 319 83.66 54.13 75.48
C ALA S 319 82.91 53.58 76.69
N GLY S 320 83.65 53.09 77.68
CA GLY S 320 83.14 52.56 78.95
C GLY S 320 83.21 51.04 79.06
N ASN S 321 82.34 50.46 79.88
CA ASN S 321 82.34 49.03 80.22
C ASN S 321 80.96 48.39 80.18
N PHE S 322 80.89 47.11 79.79
CA PHE S 322 79.76 46.23 80.12
C PHE S 322 80.12 45.33 81.30
N THR S 323 79.19 44.50 81.77
CA THR S 323 79.49 43.38 82.68
C THR S 323 78.56 42.18 82.44
N LEU S 324 78.99 40.98 82.82
CA LEU S 324 78.34 39.71 82.51
C LEU S 324 77.97 38.95 83.78
N SER S 325 76.87 38.19 83.73
CA SER S 325 76.33 37.44 84.86
C SER S 325 75.87 36.04 84.45
N LEU S 326 76.17 35.06 85.30
CA LEU S 326 75.63 33.70 85.25
C LEU S 326 74.82 33.43 86.52
N ASP S 327 73.60 32.94 86.40
CA ASP S 327 72.76 32.56 87.55
C ASP S 327 72.60 33.67 88.61
N GLY S 328 72.62 34.94 88.19
CA GLY S 328 72.55 36.11 89.07
C GLY S 328 73.87 36.52 89.75
N LYS S 329 74.91 35.66 89.78
CA LYS S 329 76.27 36.07 90.19
C LYS S 329 76.83 37.06 89.17
N THR S 330 77.55 38.10 89.59
CA THR S 330 77.95 39.20 88.69
C THR S 330 79.46 39.40 88.66
N SER S 331 80.04 39.44 87.46
CA SER S 331 81.48 39.68 87.23
C SER S 331 81.87 41.17 87.44
N ALA S 332 83.15 41.48 87.34
CA ALA S 332 83.64 42.86 87.28
C ALA S 332 83.21 43.58 85.99
N ASN S 333 83.52 44.87 85.88
CA ASN S 333 83.41 45.63 84.64
C ASN S 333 84.40 45.11 83.58
N ILE S 334 84.01 45.13 82.31
CA ILE S 334 84.84 44.71 81.16
C ILE S 334 84.84 45.84 80.12
N ALA S 335 86.00 46.24 79.61
CA ALA S 335 86.09 47.32 78.63
C ALA S 335 85.36 46.99 77.32
N TYR S 336 84.70 47.99 76.71
CA TYR S 336 83.94 47.82 75.46
C TYR S 336 84.75 47.22 74.29
N ASN S 337 86.09 47.27 74.36
CA ASN S 337 87.03 46.80 73.35
C ASN S 337 87.96 45.68 73.87
N ALA S 338 87.63 45.02 74.99
CA ALA S 338 88.53 44.08 75.65
C ALA S 338 88.96 42.91 74.74
N SER S 339 90.24 42.54 74.76
CA SER S 339 90.77 41.44 73.94
C SER S 339 90.07 40.12 74.26
N THR S 340 89.81 39.29 73.25
CA THR S 340 88.81 38.20 73.28
C THR S 340 88.95 37.22 74.45
N ALA S 341 90.17 36.82 74.82
CA ALA S 341 90.40 35.95 75.97
C ALA S 341 90.00 36.59 77.32
N THR S 342 89.92 37.92 77.39
CA THR S 342 89.46 38.65 78.59
C THR S 342 88.04 38.24 78.95
N VAL S 343 87.14 38.12 77.98
CA VAL S 343 85.73 37.74 78.22
C VAL S 343 85.68 36.35 78.87
N LYS S 344 86.40 35.36 78.32
CA LYS S 344 86.52 34.03 78.93
C LYS S 344 87.09 34.10 80.35
N SER S 345 88.12 34.92 80.58
CA SER S 345 88.68 35.10 81.93
C SER S 345 87.66 35.72 82.90
N ALA S 346 86.86 36.69 82.45
CA ALA S 346 85.86 37.37 83.28
C ALA S 346 84.68 36.45 83.63
N ILE S 347 84.31 35.54 82.72
CA ILE S 347 83.28 34.53 82.97
C ILE S 347 83.77 33.51 84.00
N VAL S 348 84.96 32.91 83.85
CA VAL S 348 85.43 31.90 84.83
C VAL S 348 85.77 32.53 86.19
N ALA S 349 85.95 33.85 86.27
CA ALA S 349 86.09 34.59 87.52
C ALA S 349 84.78 34.74 88.34
N ILE S 350 83.63 34.30 87.83
CA ILE S 350 82.39 34.15 88.60
C ILE S 350 82.59 33.15 89.75
N ASP S 351 81.98 33.40 90.90
CA ASP S 351 81.97 32.49 92.07
C ASP S 351 81.06 31.26 91.87
N ASP S 352 81.37 30.47 90.84
CA ASP S 352 80.62 29.27 90.45
C ASP S 352 81.54 28.29 89.69
N GLY S 353 81.16 27.01 89.62
CA GLY S 353 81.96 25.90 89.08
C GLY S 353 82.21 25.93 87.56
N VAL S 354 81.99 27.05 86.87
CA VAL S 354 82.33 27.24 85.47
C VAL S 354 83.85 27.41 85.29
N SER S 355 84.42 26.74 84.28
CA SER S 355 85.86 26.59 84.11
C SER S 355 86.30 26.65 82.65
N ALA S 356 87.59 26.85 82.43
CA ALA S 356 88.16 27.16 81.11
C ALA S 356 88.06 26.01 80.08
N ASP S 357 87.79 24.79 80.52
CA ASP S 357 87.50 23.64 79.66
C ASP S 357 86.03 23.56 79.21
N ASP S 358 85.08 24.13 79.96
CA ASP S 358 83.66 24.20 79.57
C ASP S 358 83.32 25.48 78.79
N VAL S 359 83.74 26.63 79.29
CA VAL S 359 83.43 27.95 78.71
C VAL S 359 84.23 28.21 77.44
N THR S 360 83.61 28.77 76.39
CA THR S 360 84.33 29.23 75.19
C THR S 360 83.84 30.59 74.69
N VAL S 361 84.67 31.28 73.91
CA VAL S 361 84.33 32.58 73.30
C VAL S 361 85.05 32.75 71.96
N THR S 362 84.43 33.46 71.01
CA THR S 362 85.00 33.83 69.70
C THR S 362 84.58 35.24 69.31
N GLY S 363 85.26 35.84 68.31
CA GLY S 363 85.01 37.21 67.87
C GLY S 363 86.03 38.23 68.40
N SER S 364 85.61 39.48 68.56
CA SER S 364 86.47 40.66 68.82
C SER S 364 85.74 41.74 69.63
N ALA S 365 86.30 42.96 69.68
CA ALA S 365 85.69 44.11 70.33
C ALA S 365 84.22 44.33 69.92
N GLY S 366 83.30 44.15 70.87
CA GLY S 366 81.87 44.43 70.70
C GLY S 366 81.11 43.48 69.76
N ASP S 367 81.68 42.33 69.37
CA ASP S 367 80.98 41.32 68.56
C ASP S 367 81.21 39.87 69.02
N TYR S 368 81.48 39.69 70.32
CA TYR S 368 81.74 38.39 70.94
C TYR S 368 80.56 37.40 70.78
N THR S 369 80.89 36.13 70.53
CA THR S 369 79.97 34.99 70.73
C THR S 369 80.43 34.17 71.92
N ILE S 370 79.54 33.96 72.90
CA ILE S 370 79.82 33.37 74.21
C ILE S 370 79.15 31.99 74.30
N THR S 371 79.85 30.95 74.74
CA THR S 371 79.25 29.63 75.01
C THR S 371 79.44 29.22 76.46
N VAL S 372 78.35 28.92 77.18
CA VAL S 372 78.36 28.65 78.62
C VAL S 372 77.32 27.61 79.03
N PRO S 373 77.56 26.87 80.13
CA PRO S 373 76.64 25.85 80.64
C PRO S 373 75.56 26.44 81.56
N GLY S 374 74.88 27.52 81.16
CA GLY S 374 73.84 28.12 82.00
C GLY S 374 73.13 29.36 81.42
N THR S 375 72.31 29.99 82.27
CA THR S 375 71.60 31.25 82.04
C THR S 375 72.57 32.44 82.09
N LEU S 376 72.83 33.07 80.95
CA LEU S 376 73.74 34.21 80.80
C LEU S 376 72.94 35.50 80.60
N THR S 377 73.29 36.59 81.29
CA THR S 377 72.74 37.93 81.06
C THR S 377 73.83 39.00 81.13
N ALA S 378 73.59 40.15 80.48
CA ALA S 378 74.56 41.24 80.35
C ALA S 378 73.96 42.58 80.80
N ASP S 379 74.80 43.44 81.36
CA ASP S 379 74.47 44.79 81.84
C ASP S 379 75.36 45.84 81.17
N PHE S 380 74.72 46.86 80.59
CA PHE S 380 75.38 47.95 79.86
C PHE S 380 75.47 49.28 80.64
N SER S 381 75.12 49.29 81.92
CA SER S 381 75.08 50.50 82.75
C SER S 381 76.42 51.23 82.89
N GLY S 382 77.55 50.53 82.74
CA GLY S 382 78.89 51.11 82.78
C GLY S 382 79.40 51.69 81.45
N LEU S 383 78.59 51.67 80.39
CA LEU S 383 78.98 51.98 79.02
C LEU S 383 78.43 53.36 78.62
N THR S 384 79.30 54.25 78.16
CA THR S 384 78.99 55.69 78.03
C THR S 384 77.99 56.01 76.91
N ASP S 385 78.05 55.24 75.82
CA ASP S 385 77.27 55.42 74.60
C ASP S 385 76.64 54.10 74.13
N GLY S 386 76.37 53.19 75.07
CA GLY S 386 75.73 51.88 74.82
C GLY S 386 74.23 51.95 74.51
N GLU S 387 73.77 53.02 73.89
CA GLU S 387 72.35 53.35 73.72
C GLU S 387 71.56 52.37 72.85
N GLY S 388 72.25 51.51 72.09
CA GLY S 388 71.66 50.38 71.36
C GLY S 388 72.12 49.00 71.82
N ALA S 389 72.89 48.90 72.90
CA ALA S 389 73.56 47.66 73.30
C ALA S 389 72.58 46.52 73.68
N SER S 390 72.96 45.28 73.41
CA SER S 390 72.06 44.13 73.38
C SER S 390 72.77 42.79 73.55
N ILE S 391 72.03 41.74 73.90
CA ILE S 391 72.48 40.34 73.88
C ILE S 391 71.34 39.43 73.41
N SER S 392 71.68 38.32 72.77
CA SER S 392 70.73 37.45 72.06
C SER S 392 71.18 35.98 72.09
N VAL S 393 70.26 35.04 71.85
CA VAL S 393 70.52 33.60 71.90
C VAL S 393 70.64 33.02 70.50
N VAL S 394 71.70 32.27 70.24
CA VAL S 394 72.01 31.73 68.90
C VAL S 394 71.26 30.44 68.62
N SER S 395 70.84 30.23 67.36
CA SER S 395 70.08 29.07 66.92
C SER S 395 70.91 27.78 66.78
N VAL S 396 70.22 26.68 66.49
CA VAL S 396 70.78 25.49 65.82
C VAL S 396 71.08 25.81 64.34
N GLY S 397 71.92 25.00 63.68
CA GLY S 397 72.25 25.08 62.25
C GLY S 397 72.70 23.75 61.67
N GLY T 2 60.66 42.20 45.42
CA GLY T 2 59.45 43.03 45.49
C GLY T 2 59.57 44.28 44.66
N PHE T 3 59.23 45.43 45.25
CA PHE T 3 59.27 46.73 44.60
C PHE T 3 59.72 47.82 45.58
N SER T 4 60.25 48.92 45.05
CA SER T 4 60.68 50.09 45.82
C SER T 4 59.56 50.67 46.69
N ALA T 5 59.91 51.32 47.79
CA ALA T 5 58.91 51.82 48.74
C ALA T 5 57.98 52.89 48.13
N ASP T 6 58.50 53.79 47.31
CA ASP T 6 57.73 54.76 46.52
C ASP T 6 57.94 54.52 45.03
N HIS T 7 57.72 53.27 44.57
CA HIS T 7 57.85 52.90 43.18
C HIS T 7 56.95 53.76 42.29
N SER T 8 57.43 54.19 41.12
CA SER T 8 56.71 55.16 40.29
C SER T 8 55.50 54.58 39.54
N GLN T 9 55.45 53.26 39.33
CA GLN T 9 54.40 52.64 38.51
C GLN T 9 53.30 52.00 39.36
N ILE T 10 53.65 51.24 40.40
CA ILE T 10 52.68 50.45 41.19
C ILE T 10 52.39 51.15 42.51
N ALA T 11 51.13 51.40 42.82
CA ALA T 11 50.71 51.83 44.16
C ALA T 11 50.75 50.67 45.17
N GLN T 12 51.20 50.93 46.40
CA GLN T 12 51.39 49.92 47.45
C GLN T 12 50.98 50.47 48.82
N THR T 13 50.62 49.65 49.80
CA THR T 13 50.19 50.18 51.10
C THR T 13 51.31 50.87 51.87
N LYS T 14 52.57 50.53 51.57
CA LYS T 14 53.79 51.12 52.14
C LYS T 14 54.14 52.49 51.54
N ASP T 15 53.45 52.92 50.50
CA ASP T 15 53.74 54.16 49.80
C ASP T 15 53.44 55.39 50.67
N THR T 16 54.30 56.40 50.63
CA THR T 16 54.13 57.64 51.41
C THR T 16 52.76 58.30 51.25
N MET T 17 52.15 58.17 50.06
CA MET T 17 50.87 58.76 49.71
C MET T 17 49.75 58.39 50.69
N PHE T 18 49.75 57.18 51.21
CA PHE T 18 48.70 56.68 52.10
C PHE T 18 48.99 56.85 53.59
N THR T 19 50.10 57.48 53.98
CA THR T 19 50.42 57.67 55.40
C THR T 19 49.30 58.42 56.12
N GLY T 20 48.95 57.98 57.33
CA GLY T 20 47.83 58.52 58.10
C GLY T 20 46.47 57.86 57.81
N TYR T 21 46.28 57.31 56.61
CA TYR T 21 45.33 56.19 56.45
C TYR T 21 46.01 54.90 56.94
N LEU T 22 45.28 53.78 56.98
CA LEU T 22 45.84 52.47 57.36
C LEU T 22 46.48 52.42 58.76
N ASP T 23 46.16 53.34 59.65
CA ASP T 23 46.70 53.38 61.02
C ASP T 23 46.28 52.11 61.81
N PRO T 24 47.20 51.38 62.45
CA PRO T 24 46.84 50.16 63.18
C PRO T 24 45.85 50.42 64.32
N VAL T 25 44.89 49.53 64.48
CA VAL T 25 43.76 49.69 65.41
C VAL T 25 44.19 49.52 66.86
N GLN T 26 43.72 50.37 67.77
CA GLN T 26 43.91 50.17 69.22
C GLN T 26 43.28 48.84 69.66
N ALA T 27 43.83 48.23 70.72
CA ALA T 27 43.29 47.00 71.31
C ALA T 27 43.46 46.97 72.82
N LYS T 28 42.76 46.05 73.49
CA LYS T 28 42.94 45.75 74.91
C LYS T 28 44.41 45.40 75.20
N ASP T 29 44.92 45.75 76.38
CA ASP T 29 46.21 45.20 76.82
C ASP T 29 46.06 43.75 77.25
N TYR T 30 46.24 42.81 76.33
CA TYR T 30 46.16 41.39 76.62
C TYR T 30 47.24 40.88 77.60
N PHE T 31 48.24 41.69 77.96
CA PHE T 31 49.28 41.32 78.92
C PHE T 31 49.15 42.05 80.26
N ALA T 32 48.08 42.80 80.49
CA ALA T 32 47.87 43.52 81.74
C ALA T 32 47.86 42.57 82.94
N GLU T 33 48.77 42.76 83.89
CA GLU T 33 48.74 42.05 85.17
C GLU T 33 47.82 42.76 86.18
N ALA T 34 47.24 42.01 87.11
CA ALA T 34 46.28 42.53 88.08
C ALA T 34 46.90 43.55 89.05
N GLU T 35 46.09 44.42 89.63
CA GLU T 35 46.53 45.28 90.73
C GLU T 35 46.83 44.40 91.96
N LYS T 36 48.08 44.35 92.41
CA LYS T 36 48.48 43.53 93.55
C LYS T 36 47.93 44.11 94.85
N THR T 37 47.11 43.31 95.53
CA THR T 37 46.43 43.66 96.79
C THR T 37 47.32 43.41 98.00
N SER T 38 47.09 44.14 99.10
CA SER T 38 47.79 43.90 100.37
C SER T 38 47.67 42.45 100.86
N ILE T 39 48.75 41.90 101.39
CA ILE T 39 48.75 40.70 102.21
C ILE T 39 48.63 41.07 103.69
N VAL T 40 49.25 42.14 104.16
CA VAL T 40 49.22 42.47 105.59
C VAL T 40 47.81 42.74 106.08
N GLN T 41 46.99 43.46 105.32
CA GLN T 41 45.60 43.71 105.71
C GLN T 41 44.74 42.43 105.78
N ARG T 42 45.17 41.34 105.13
CA ARG T 42 44.50 40.04 105.19
C ARG T 42 44.90 39.24 106.42
N VAL T 43 46.20 39.10 106.70
CA VAL T 43 46.64 38.23 107.81
C VAL T 43 46.41 38.85 109.18
N ALA T 44 46.59 40.16 109.34
CA ALA T 44 46.56 40.82 110.63
C ALA T 44 45.16 41.26 111.04
N GLN T 45 44.88 41.21 112.34
CA GLN T 45 43.56 41.54 112.89
C GLN T 45 43.32 43.05 112.86
N LYS T 46 42.25 43.50 112.21
CA LYS T 46 41.93 44.91 112.06
C LYS T 46 41.26 45.47 113.31
N ILE T 47 41.99 46.16 114.16
CA ILE T 47 41.41 46.87 115.30
C ILE T 47 40.71 48.16 114.86
N PRO T 48 39.76 48.68 115.64
CA PRO T 48 39.32 50.06 115.49
C PRO T 48 40.42 50.99 116.00
N MET T 49 40.64 52.12 115.33
CA MET T 49 41.58 53.13 115.79
C MET T 49 41.03 54.53 115.53
N GLY T 50 41.23 55.44 116.48
CA GLY T 50 40.89 56.86 116.35
C GLY T 50 42.12 57.72 116.06
N ALA T 51 41.91 58.96 115.65
CA ALA T 51 42.98 59.86 115.25
C ALA T 51 44.02 60.12 116.36
N THR T 52 43.59 60.14 117.63
CA THR T 52 44.50 60.38 118.75
C THR T 52 45.27 59.13 119.19
N GLY T 53 45.12 58.00 118.51
CA GLY T 53 45.80 56.74 118.85
C GLY T 53 45.13 55.99 120.01
N ILE T 54 45.74 54.89 120.44
CA ILE T 54 45.17 54.02 121.48
C ILE T 54 46.20 53.50 122.49
N VAL T 55 45.71 53.07 123.64
CA VAL T 55 46.50 52.50 124.75
C VAL T 55 46.13 51.04 124.96
N ILE T 56 47.11 50.14 125.01
CA ILE T 56 46.88 48.72 125.28
C ILE T 56 47.42 48.37 126.67
N PRO T 57 46.58 48.01 127.65
CA PRO T 57 47.02 47.54 128.95
C PRO T 57 47.43 46.07 128.87
N HIS T 58 48.34 45.64 129.74
CA HIS T 58 48.85 44.28 129.81
C HIS T 58 49.25 43.92 131.25
N TRP T 59 49.14 42.67 131.65
CA TRP T 59 49.55 42.22 132.97
C TRP T 59 50.97 41.67 132.97
N THR T 60 51.72 41.87 134.04
CA THR T 60 53.15 41.53 134.09
C THR T 60 53.63 40.92 135.39
N GLY T 61 52.84 40.97 136.47
CA GLY T 61 53.26 40.51 137.79
C GLY T 61 53.22 38.99 137.93
N ASP T 62 54.35 38.40 138.30
CA ASP T 62 54.45 36.99 138.68
C ASP T 62 54.01 36.78 140.14
N VAL T 63 52.71 36.84 140.42
CA VAL T 63 52.17 36.67 141.79
C VAL T 63 52.48 35.28 142.33
N SER T 64 52.50 35.11 143.65
CA SER T 64 53.09 33.93 144.28
C SER T 64 52.45 33.51 145.61
N ALA T 65 52.59 32.23 145.96
CA ALA T 65 52.14 31.63 147.21
C ALA T 65 53.11 30.52 147.65
N GLN T 66 53.21 30.25 148.95
CA GLN T 66 54.19 29.31 149.50
C GLN T 66 53.52 28.22 150.34
N TRP T 67 54.01 27.00 150.27
CA TRP T 67 53.63 25.95 151.21
C TRP T 67 54.17 26.29 152.59
N ILE T 68 53.35 26.17 153.62
CA ILE T 68 53.70 26.54 155.00
C ILE T 68 53.24 25.48 155.99
N GLY T 69 53.91 25.40 157.14
CA GLY T 69 53.58 24.47 158.21
C GLY T 69 52.61 25.04 159.25
N GLU T 70 52.17 24.18 160.17
CA GLU T 70 51.37 24.59 161.32
C GLU T 70 52.04 25.75 162.06
N GLY T 71 51.34 26.89 162.18
CA GLY T 71 51.83 28.04 162.93
C GLY T 71 52.99 28.81 162.31
N ASP T 72 53.47 28.44 161.12
CA ASP T 72 54.26 29.40 160.32
C ASP T 72 53.41 30.62 159.99
N MET T 73 54.03 31.79 159.87
CA MET T 73 53.30 33.01 159.52
C MET T 73 53.59 33.43 158.07
N LYS T 74 52.50 33.79 157.39
CA LYS T 74 52.31 33.79 155.92
C LYS T 74 53.19 34.82 155.20
N PRO T 75 53.60 34.57 153.95
CA PRO T 75 54.41 35.48 153.15
C PRO T 75 53.58 36.59 152.49
N ILE T 76 54.18 37.74 152.24
CA ILE T 76 53.56 38.86 151.50
C ILE T 76 53.95 38.78 150.02
N THR T 77 53.05 39.14 149.11
CA THR T 77 53.29 39.22 147.66
C THR T 77 52.66 40.48 147.05
N LYS T 78 53.09 40.92 145.87
CA LYS T 78 52.55 42.10 145.16
C LYS T 78 52.45 41.83 143.67
N GLY T 79 51.39 42.27 143.01
CA GLY T 79 51.21 42.18 141.55
C GLY T 79 51.74 43.39 140.79
N ASN T 80 51.72 43.34 139.46
CA ASN T 80 52.22 44.40 138.60
C ASN T 80 51.58 44.38 137.20
N MET T 81 51.44 45.54 136.56
CA MET T 81 50.79 45.70 135.25
C MET T 81 51.35 46.90 134.49
N THR T 82 51.20 46.91 133.16
CA THR T 82 51.87 47.82 132.24
C THR T 82 51.00 48.24 131.06
N LYS T 83 51.44 49.17 130.23
CA LYS T 83 50.76 49.59 129.01
C LYS T 83 51.73 49.85 127.85
N ARG T 84 51.30 49.54 126.63
CA ARG T 84 51.81 50.14 125.38
C ARG T 84 50.89 51.26 124.94
N ASP T 85 51.35 52.12 124.05
CA ASP T 85 50.47 53.02 123.31
C ASP T 85 50.98 53.26 121.88
N VAL T 86 50.08 53.60 120.96
CA VAL T 86 50.38 53.63 119.53
C VAL T 86 49.52 54.65 118.80
N HIS T 87 50.05 55.25 117.73
CA HIS T 87 49.45 56.36 116.99
C HIS T 87 49.41 56.10 115.49
N PRO T 88 48.41 56.59 114.74
CA PRO T 88 48.37 56.49 113.30
C PRO T 88 49.28 57.52 112.63
N ALA T 89 49.69 57.22 111.41
CA ALA T 89 50.51 58.04 110.52
C ALA T 89 49.83 58.24 109.16
N LYS T 90 50.20 59.30 108.46
CA LYS T 90 49.54 59.77 107.25
C LYS T 90 50.36 59.40 106.02
N ILE T 91 49.73 58.98 104.94
CA ILE T 91 50.36 58.76 103.63
C ILE T 91 49.59 59.53 102.57
N ALA T 92 50.28 60.18 101.64
CA ALA T 92 49.64 61.13 100.73
C ALA T 92 50.41 61.33 99.41
N THR T 93 49.73 61.87 98.40
CA THR T 93 50.33 62.25 97.11
C THR T 93 49.45 63.23 96.33
N ILE T 94 49.97 63.87 95.31
CA ILE T 94 49.23 64.79 94.44
C ILE T 94 49.59 64.48 92.99
N PHE T 95 48.64 64.54 92.08
CA PHE T 95 48.94 64.48 90.65
C PHE T 95 48.25 65.61 89.89
N VAL T 96 48.91 66.14 88.86
CA VAL T 96 48.55 67.41 88.22
C VAL T 96 48.51 67.25 86.71
N ALA T 97 47.50 67.80 86.03
CA ALA T 97 47.39 67.72 84.58
C ALA T 97 46.80 68.98 83.97
N SER T 98 47.22 69.38 82.78
CA SER T 98 46.65 70.56 82.14
C SER T 98 45.19 70.35 81.78
N ALA T 99 44.39 71.41 81.84
CA ALA T 99 42.93 71.29 81.76
C ALA T 99 42.44 70.57 80.51
N GLU T 100 43.07 70.75 79.35
CA GLU T 100 42.67 70.01 78.15
C GLU T 100 42.84 68.49 78.33
N THR T 101 43.87 68.06 79.03
CA THR T 101 44.06 66.65 79.39
C THR T 101 42.88 66.13 80.19
N VAL T 102 42.31 66.95 81.06
CA VAL T 102 41.11 66.59 81.82
C VAL T 102 39.86 66.66 80.96
N ARG T 103 39.71 67.66 80.09
CA ARG T 103 38.55 67.79 79.19
C ARG T 103 38.45 66.60 78.22
N ALA T 104 39.58 66.13 77.69
CA ALA T 104 39.61 64.96 76.83
C ALA T 104 39.68 63.63 77.60
N ASN T 105 40.37 63.60 78.74
CA ASN T 105 40.69 62.38 79.52
C ASN T 105 41.21 61.25 78.61
N PRO T 106 42.31 61.45 77.86
CA PRO T 106 42.79 60.49 76.89
C PRO T 106 43.21 59.22 77.58
N ALA T 107 42.92 58.07 76.96
CA ALA T 107 43.20 56.74 77.50
C ALA T 107 42.64 56.49 78.92
N ASN T 108 41.65 57.27 79.35
CA ASN T 108 41.16 57.30 80.71
C ASN T 108 42.28 57.47 81.74
N TYR T 109 43.29 58.30 81.44
CA TYR T 109 44.44 58.51 82.31
C TYR T 109 44.04 59.01 83.70
N LEU T 110 43.16 59.99 83.82
CA LEU T 110 42.77 60.49 85.14
C LEU T 110 42.06 59.41 85.95
N GLY T 111 41.13 58.66 85.33
CA GLY T 111 40.44 57.56 86.00
C GLY T 111 41.38 56.41 86.34
N THR T 112 42.39 56.16 85.52
CA THR T 112 43.41 55.14 85.80
C THR T 112 44.24 55.54 86.99
N MET T 113 44.70 56.78 87.08
CA MET T 113 45.56 57.23 88.15
C MET T 113 44.94 57.00 89.53
N ARG T 114 43.63 57.22 89.70
CA ARG T 114 42.96 56.93 90.96
C ARG T 114 43.13 55.48 91.42
N THR T 115 43.06 54.53 90.51
CA THR T 115 43.29 53.11 90.86
C THR T 115 44.76 52.84 91.15
N LYS T 116 45.68 53.49 90.43
CA LYS T 116 47.11 53.29 90.66
C LYS T 116 47.58 53.87 91.98
N VAL T 117 47.18 55.09 92.34
CA VAL T 117 47.58 55.65 93.63
C VAL T 117 47.04 54.80 94.78
N ALA T 118 45.79 54.32 94.72
CA ALA T 118 45.23 53.47 95.76
C ALA T 118 46.03 52.16 95.90
N THR T 119 46.43 51.58 94.79
CA THR T 119 47.25 50.36 94.79
C THR T 119 48.64 50.62 95.35
N ALA T 120 49.31 51.69 94.94
CA ALA T 120 50.62 52.03 95.48
C ALA T 120 50.57 52.32 96.98
N ILE T 121 49.53 53.00 97.46
CA ILE T 121 49.35 53.29 98.88
C ILE T 121 49.19 51.98 99.67
N ALA T 122 48.41 51.02 99.18
CA ALA T 122 48.29 49.75 99.86
C ALA T 122 49.65 49.01 99.89
N MET T 123 50.39 48.97 98.79
CA MET T 123 51.69 48.30 98.80
C MET T 123 52.70 48.97 99.73
N ALA T 124 52.70 50.29 99.83
CA ALA T 124 53.56 50.99 100.77
C ALA T 124 53.27 50.55 102.22
N PHE T 125 52.00 50.37 102.57
CA PHE T 125 51.64 49.89 103.91
C PHE T 125 52.19 48.50 104.19
N ASP T 126 52.18 47.59 103.22
CA ASP T 126 52.77 46.26 103.43
C ASP T 126 54.29 46.33 103.57
N ASN T 127 54.99 47.01 102.66
CA ASN T 127 56.44 47.10 102.75
C ASN T 127 56.89 47.76 104.05
N ALA T 128 56.12 48.72 104.58
CA ALA T 128 56.38 49.34 105.85
C ALA T 128 56.23 48.39 107.06
N ALA T 129 55.63 47.21 106.89
CA ALA T 129 55.35 46.30 108.00
C ALA T 129 55.97 44.90 107.84
N LEU T 130 56.10 44.40 106.62
CA LEU T 130 56.85 43.19 106.35
C LEU T 130 58.35 43.49 106.51
N HIS T 131 58.92 44.22 105.58
CA HIS T 131 60.36 44.47 105.51
C HIS T 131 60.79 45.74 106.23
N GLY T 132 59.86 46.63 106.59
CA GLY T 132 60.19 47.94 107.16
C GLY T 132 60.81 48.91 106.15
N THR T 133 60.54 48.77 104.85
CA THR T 133 61.33 49.42 103.78
C THR T 133 61.39 50.94 103.87
N ASN T 134 60.27 51.60 104.19
CA ASN T 134 60.21 53.06 104.27
C ASN T 134 59.26 53.50 105.40
N ALA T 135 59.25 52.77 106.50
CA ALA T 135 58.20 52.88 107.52
C ALA T 135 58.18 54.25 108.21
N PRO T 136 57.00 54.80 108.52
CA PRO T 136 56.89 55.99 109.33
C PRO T 136 57.28 55.67 110.77
N SER T 137 57.80 56.64 111.49
CA SER T 137 58.29 56.44 112.87
C SER T 137 57.22 55.95 113.84
N ALA T 138 55.94 56.15 113.53
CA ALA T 138 54.84 55.74 114.41
C ALA T 138 54.56 54.23 114.44
N PHE T 139 54.98 53.47 113.43
CA PHE T 139 54.73 52.02 113.44
C PHE T 139 55.61 51.34 114.47
N GLN T 140 55.02 50.53 115.35
CA GLN T 140 55.73 49.99 116.52
C GLN T 140 56.61 48.77 116.25
N GLY T 141 56.65 48.25 115.02
CA GLY T 141 57.55 47.15 114.66
C GLY T 141 57.30 46.62 113.25
N TYR T 142 58.19 45.75 112.76
CA TYR T 142 58.06 45.09 111.45
C TYR T 142 58.60 43.66 111.51
N LEU T 143 58.17 42.78 110.60
CA LEU T 143 58.49 41.36 110.72
C LEU T 143 59.98 41.05 110.53
N ASP T 144 60.65 41.71 109.60
CA ASP T 144 62.04 41.37 109.29
C ASP T 144 63.03 41.59 110.43
N GLN T 145 62.72 42.39 111.45
CA GLN T 145 63.58 42.54 112.63
C GLN T 145 63.43 41.42 113.67
N SER T 146 62.78 40.30 113.33
CA SER T 146 62.79 39.11 114.19
C SER T 146 64.20 38.61 114.46
N ASN T 147 64.45 38.14 115.68
CA ASN T 147 65.73 37.56 116.07
C ASN T 147 65.94 36.11 115.61
N LYS T 148 65.01 35.50 114.86
CA LYS T 148 65.07 34.08 114.48
C LYS T 148 64.95 33.81 112.99
N THR T 149 65.70 32.83 112.50
CA THR T 149 65.75 32.45 111.08
C THR T 149 65.95 30.94 110.91
N GLN T 150 65.46 30.38 109.80
CA GLN T 150 65.51 28.97 109.47
C GLN T 150 65.65 28.79 107.97
N SER T 151 66.25 27.68 107.55
CA SER T 151 66.30 27.26 106.14
C SER T 151 65.26 26.20 105.83
N ILE T 152 64.61 26.29 104.68
CA ILE T 152 63.67 25.28 104.20
C ILE T 152 64.21 24.44 103.04
N SER T 153 65.40 24.73 102.51
CA SER T 153 65.84 24.25 101.20
C SER T 153 65.85 22.73 100.98
N PRO T 154 66.45 21.91 101.85
CA PRO T 154 66.67 20.51 101.52
C PRO T 154 65.37 19.69 101.58
N ASN T 155 64.50 20.03 102.52
CA ASN T 155 63.27 19.32 102.83
C ASN T 155 62.35 20.23 103.65
N ALA T 156 61.34 20.82 103.02
CA ALA T 156 60.45 21.77 103.66
C ALA T 156 59.76 21.19 104.91
N TYR T 157 59.40 19.90 104.92
CA TYR T 157 58.78 19.30 106.10
C TYR T 157 59.70 19.30 107.31
N GLN T 158 60.96 18.89 107.15
CA GLN T 158 61.95 18.94 108.23
C GLN T 158 62.27 20.39 108.61
N GLY T 159 62.32 21.29 107.63
CA GLY T 159 62.61 22.70 107.87
C GLY T 159 61.57 23.37 108.75
N LEU T 160 60.28 23.23 108.45
CA LEU T 160 59.21 23.87 109.22
C LEU T 160 58.79 23.03 110.43
N GLY T 161 58.32 21.81 110.18
CA GLY T 161 57.58 21.03 111.17
C GLY T 161 58.43 20.45 112.28
N VAL T 162 59.76 20.53 112.16
CA VAL T 162 60.71 20.00 113.14
C VAL T 162 61.71 21.06 113.54
N SER T 163 62.60 21.47 112.63
CA SER T 163 63.66 22.42 112.97
C SER T 163 63.09 23.77 113.37
N GLY T 164 62.41 24.46 112.45
CA GLY T 164 61.86 25.79 112.70
C GLY T 164 60.93 25.80 113.90
N LEU T 165 60.01 24.83 113.99
CA LEU T 165 59.08 24.76 115.10
C LEU T 165 59.79 24.59 116.44
N THR T 166 60.90 23.85 116.50
CA THR T 166 61.70 23.76 117.73
C THR T 166 62.14 25.14 118.21
N LYS T 167 62.51 26.03 117.28
CA LYS T 167 62.98 27.37 117.60
C LYS T 167 61.87 28.36 117.98
N LEU T 168 60.60 28.02 117.77
CA LEU T 168 59.48 28.75 118.38
C LEU T 168 59.17 28.20 119.77
N VAL T 169 58.93 26.89 119.91
CA VAL T 169 58.50 26.33 121.21
C VAL T 169 59.59 26.43 122.27
N THR T 170 60.87 26.48 121.89
CA THR T 170 61.96 26.68 122.86
C THR T 170 61.88 28.05 123.53
N ASP T 171 61.39 29.07 122.82
CA ASP T 171 61.09 30.39 123.40
C ASP T 171 59.67 30.46 123.97
N GLY T 172 58.94 29.35 123.98
CA GLY T 172 57.55 29.27 124.44
C GLY T 172 56.52 29.92 123.51
N LYS T 173 56.92 30.41 122.34
CA LYS T 173 55.99 31.03 121.38
C LYS T 173 55.19 29.97 120.62
N LYS T 174 53.90 30.18 120.42
CA LYS T 174 53.02 29.27 119.66
C LYS T 174 53.28 29.44 118.15
N TRP T 175 52.91 28.44 117.35
CA TRP T 175 52.88 28.54 115.89
C TRP T 175 51.44 28.44 115.40
N THR T 176 50.94 29.45 114.69
CA THR T 176 49.52 29.47 114.27
C THR T 176 49.35 29.47 112.77
N HIS T 177 50.23 30.12 112.01
CA HIS T 177 50.10 30.29 110.56
C HIS T 177 51.46 30.26 109.88
N THR T 178 51.49 30.14 108.57
CA THR T 178 52.68 30.43 107.77
C THR T 178 52.33 31.22 106.53
N LEU T 179 53.16 32.19 106.17
CA LEU T 179 53.01 33.05 105.00
C LEU T 179 54.15 32.77 104.04
N LEU T 180 53.86 32.36 102.81
CA LEU T 180 54.87 31.95 101.84
C LEU T 180 54.79 32.77 100.55
N ASP T 181 55.93 33.22 100.05
CA ASP T 181 56.01 33.84 98.73
C ASP T 181 55.81 32.78 97.63
N ASP T 182 55.19 33.14 96.51
CA ASP T 182 55.00 32.25 95.35
C ASP T 182 56.30 31.54 94.90
N THR T 183 57.45 32.18 95.10
CA THR T 183 58.77 31.61 94.80
C THR T 183 59.17 30.43 95.67
N VAL T 184 58.41 30.07 96.70
CA VAL T 184 58.66 28.87 97.53
C VAL T 184 58.23 27.58 96.85
N GLU T 185 57.35 27.62 95.85
CA GLU T 185 56.81 26.40 95.25
C GLU T 185 57.86 25.36 94.83
N PRO T 186 59.00 25.71 94.20
CA PRO T 186 59.99 24.71 93.85
C PRO T 186 60.58 23.96 95.03
N VAL T 187 60.85 24.59 96.18
CA VAL T 187 61.40 23.80 97.30
C VAL T 187 60.36 22.88 97.91
N LEU T 188 59.09 23.28 97.91
CA LEU T 188 58.01 22.41 98.38
C LEU T 188 57.77 21.25 97.41
N ASN T 189 57.71 21.50 96.10
CA ASN T 189 57.63 20.43 95.10
C ASN T 189 58.82 19.48 95.18
N GLY T 190 60.01 20.02 95.48
CA GLY T 190 61.25 19.26 95.59
C GLY T 190 61.52 18.62 96.95
N SER T 191 60.66 18.82 97.94
CA SER T 191 60.82 18.15 99.23
C SER T 191 60.41 16.68 99.10
N VAL T 192 61.39 15.79 99.19
CA VAL T 192 61.21 14.36 98.92
C VAL T 192 61.70 13.49 100.06
N ASP T 193 61.10 12.33 100.18
CA ASP T 193 61.57 11.30 101.09
C ASP T 193 62.86 10.65 100.57
N ALA T 194 63.45 9.72 101.32
CA ALA T 194 64.71 9.09 100.94
C ALA T 194 64.59 8.23 99.68
N ASN T 195 63.40 7.78 99.28
CA ASN T 195 63.22 7.12 97.99
C ASN T 195 63.00 8.10 96.84
N GLY T 196 63.02 9.40 97.08
CA GLY T 196 62.85 10.41 96.05
C GLY T 196 61.40 10.68 95.67
N ARG T 197 60.41 10.23 96.45
CA ARG T 197 59.01 10.62 96.25
C ARG T 197 58.67 11.87 97.05
N PRO T 198 57.87 12.81 96.50
CA PRO T 198 57.42 13.99 97.22
C PRO T 198 56.65 13.68 98.49
N LEU T 199 56.72 14.59 99.47
CA LEU T 199 55.89 14.52 100.67
C LEU T 199 54.49 15.09 100.43
N PHE T 200 54.37 16.26 99.81
CA PHE T 200 53.16 17.09 99.86
C PHE T 200 52.17 16.91 98.70
N VAL T 201 52.24 15.82 97.94
CA VAL T 201 51.37 15.60 96.77
C VAL T 201 51.09 14.11 96.54
N GLU T 202 49.98 13.81 95.86
CA GLU T 202 49.41 12.47 95.69
C GLU T 202 50.27 11.49 94.87
N SER T 203 49.94 10.21 94.96
CA SER T 203 50.65 9.10 94.31
C SER T 203 50.68 9.09 92.78
N THR T 204 50.03 10.04 92.10
CA THR T 204 50.13 10.22 90.64
C THR T 204 50.60 11.62 90.24
N TYR T 205 50.91 12.49 91.19
CA TYR T 205 51.57 13.79 90.96
C TYR T 205 50.80 14.73 90.03
N GLU T 206 49.48 14.56 89.95
CA GLU T 206 48.65 15.31 89.00
C GLU T 206 48.23 16.67 89.52
N SER T 207 47.55 16.74 90.67
CA SER T 207 47.07 18.00 91.24
C SER T 207 48.15 18.83 91.94
N LEU T 208 47.89 20.12 92.11
CA LEU T 208 48.82 21.07 92.71
C LEU T 208 49.20 20.70 94.16
N THR T 209 50.44 20.99 94.55
CA THR T 209 51.04 20.61 95.85
C THR T 209 50.28 21.23 97.03
N THR T 210 50.09 20.47 98.10
CA THR T 210 49.02 20.74 99.09
C THR T 210 48.98 22.16 99.66
N PRO T 211 50.07 22.73 100.20
CA PRO T 211 50.06 24.11 100.68
C PRO T 211 49.66 25.13 99.62
N PHE T 212 49.99 24.92 98.36
CA PHE T 212 49.63 25.84 97.27
C PHE T 212 48.18 25.70 96.80
N ARG T 213 47.43 24.70 97.30
CA ARG T 213 45.95 24.76 97.30
C ARG T 213 45.41 25.61 98.47
N GLU T 214 46.28 26.37 99.13
CA GLU T 214 46.02 27.13 100.36
C GLU T 214 45.62 26.22 101.53
N GLY T 215 46.04 24.95 101.49
CA GLY T 215 45.78 23.96 102.53
C GLY T 215 46.67 24.14 103.76
N ARG T 216 46.35 23.43 104.84
CA ARG T 216 47.16 23.44 106.07
C ARG T 216 48.43 22.63 105.94
N ILE T 217 49.44 22.99 106.70
CA ILE T 217 50.59 22.13 107.04
C ILE T 217 50.48 21.80 108.51
N LEU T 218 50.47 20.54 108.92
CA LEU T 218 50.43 20.13 110.33
C LEU T 218 49.39 20.92 111.16
N GLY T 219 48.18 21.06 110.62
CA GLY T 219 47.09 21.77 111.27
C GLY T 219 47.15 23.31 111.22
N ARG T 220 48.22 23.91 110.68
CA ARG T 220 48.38 25.37 110.59
C ARG T 220 48.00 25.85 109.18
N PRO T 221 47.11 26.82 109.00
CA PRO T 221 46.82 27.39 107.70
C PRO T 221 48.08 27.90 107.01
N THR T 222 48.06 27.86 105.68
CA THR T 222 49.06 28.51 104.83
C THR T 222 48.42 29.72 104.18
N ILE T 223 49.11 30.86 104.17
CA ILE T 223 48.72 32.03 103.43
C ILE T 223 49.74 32.23 102.29
N LEU T 224 49.30 32.60 101.10
CA LEU T 224 50.16 32.67 99.90
C LEU T 224 50.10 34.05 99.28
N SER T 225 51.20 34.55 98.72
CA SER T 225 51.17 35.80 97.96
C SER T 225 52.37 35.99 97.03
N ASP T 226 52.25 36.93 96.11
CA ASP T 226 53.40 37.63 95.54
C ASP T 226 54.12 38.48 96.61
N HIS T 227 55.20 39.13 96.22
CA HIS T 227 55.80 40.30 96.89
C HIS T 227 56.17 40.15 98.37
N VAL T 228 56.37 38.93 98.87
CA VAL T 228 56.85 38.67 100.22
C VAL T 228 58.36 38.49 100.26
N ALA T 229 58.96 37.89 99.23
CA ALA T 229 60.39 37.61 99.23
C ALA T 229 61.24 38.88 99.12
N GLU T 230 62.30 38.97 99.93
CA GLU T 230 63.31 40.02 99.86
C GLU T 230 64.65 39.47 100.35
N GLY T 231 65.70 39.62 99.55
CA GLY T 231 67.02 39.08 99.89
C GLY T 231 66.94 37.57 100.18
N ASP T 232 67.53 37.15 101.30
CA ASP T 232 67.56 35.75 101.70
C ASP T 232 66.16 35.17 102.01
N VAL T 233 65.19 36.03 102.34
CA VAL T 233 63.94 35.66 102.99
C VAL T 233 62.83 35.45 101.97
N VAL T 234 62.06 34.36 102.14
CA VAL T 234 60.98 33.97 101.23
C VAL T 234 59.64 33.72 101.92
N GLY T 235 59.56 33.92 103.23
CA GLY T 235 58.31 33.75 103.97
C GLY T 235 58.51 33.75 105.47
N TYR T 236 57.44 33.55 106.23
CA TYR T 236 57.46 33.58 107.68
C TYR T 236 56.58 32.47 108.26
N ALA T 237 56.93 32.00 109.45
CA ALA T 237 56.08 31.12 110.23
C ALA T 237 56.05 31.65 111.66
N GLY T 238 54.89 31.65 112.32
CA GLY T 238 54.82 32.22 113.66
C GLY T 238 53.41 32.37 114.21
N ASP T 239 53.29 33.17 115.27
CA ASP T 239 52.01 33.52 115.86
C ASP T 239 51.45 34.80 115.23
N PHE T 240 50.70 34.66 114.14
CA PHE T 240 50.06 35.78 113.48
C PHE T 240 48.90 36.39 114.28
N SER T 241 48.64 35.98 115.52
CA SER T 241 47.79 36.80 116.40
C SER T 241 48.52 38.04 116.91
N GLN T 242 49.86 38.04 116.92
CA GLN T 242 50.65 39.11 117.53
C GLN T 242 50.69 40.42 116.73
N ILE T 243 50.09 40.48 115.53
CA ILE T 243 50.04 41.67 114.69
C ILE T 243 48.64 42.27 114.77
N ILE T 244 48.53 43.58 115.02
CA ILE T 244 47.27 44.31 114.92
C ILE T 244 47.48 45.58 114.12
N TRP T 245 46.44 46.02 113.41
CA TRP T 245 46.52 47.22 112.58
C TRP T 245 45.19 47.93 112.51
N GLY T 246 45.22 49.21 112.18
CA GLY T 246 44.02 50.02 112.10
C GLY T 246 44.14 51.08 111.03
N GLN T 247 43.01 51.65 110.66
CA GLN T 247 42.90 52.64 109.60
C GLN T 247 41.94 53.72 110.07
N VAL T 248 42.24 54.98 109.77
CA VAL T 248 41.38 56.10 110.17
C VAL T 248 40.64 56.60 108.95
N GLY T 249 39.31 56.64 109.02
CA GLY T 249 38.47 57.01 107.89
C GLY T 249 38.67 56.06 106.71
N GLY T 250 39.03 56.62 105.55
CA GLY T 250 39.32 55.87 104.34
C GLY T 250 40.10 56.71 103.34
N LEU T 251 40.54 56.09 102.24
CA LEU T 251 41.28 56.74 101.17
C LEU T 251 40.44 57.89 100.61
N SER T 252 40.97 59.10 100.68
CA SER T 252 40.23 60.35 100.45
C SER T 252 40.84 61.17 99.32
N PHE T 253 39.99 61.87 98.56
CA PHE T 253 40.39 62.64 97.39
C PHE T 253 39.81 64.05 97.42
N ASP T 254 40.62 65.04 97.10
CA ASP T 254 40.18 66.38 96.70
C ASP T 254 40.56 66.62 95.24
N VAL T 255 39.84 67.49 94.55
CA VAL T 255 40.24 67.99 93.22
C VAL T 255 40.03 69.49 93.16
N THR T 256 40.93 70.24 92.51
CA THR T 256 40.84 71.71 92.45
C THR T 256 41.43 72.31 91.19
N ASP T 257 40.89 73.44 90.75
CA ASP T 257 41.44 74.30 89.69
C ASP T 257 42.13 75.55 90.26
N GLN T 258 42.22 75.70 91.59
CA GLN T 258 42.44 76.99 92.24
C GLN T 258 43.60 77.07 93.22
N ALA T 259 44.16 75.95 93.70
CA ALA T 259 45.30 76.00 94.61
C ALA T 259 46.58 76.54 93.95
N THR T 260 47.66 76.64 94.71
CA THR T 260 49.00 76.96 94.19
C THR T 260 49.97 75.93 94.72
N LEU T 261 50.80 75.34 93.87
CA LEU T 261 51.63 74.19 94.23
C LEU T 261 53.10 74.54 94.17
N ASN T 262 53.89 73.99 95.08
CA ASN T 262 55.33 74.07 95.02
C ASN T 262 55.89 72.85 94.30
N LEU T 263 56.48 73.03 93.12
CA LEU T 263 57.09 71.94 92.36
C LEU T 263 58.48 71.57 92.88
N GLY T 264 59.11 72.44 93.67
CA GLY T 264 60.40 72.20 94.32
C GLY T 264 60.24 71.73 95.78
N SER T 265 61.35 71.70 96.52
CA SER T 265 61.32 71.46 97.97
C SER T 265 60.84 72.71 98.70
N GLN T 266 60.50 72.59 99.99
CA GLN T 266 60.17 73.75 100.80
C GLN T 266 61.36 74.71 100.93
N GLU T 267 62.58 74.19 100.98
CA GLU T 267 63.81 74.97 101.17
C GLU T 267 64.34 75.61 99.88
N SER T 268 63.80 75.26 98.71
CA SER T 268 64.12 75.89 97.43
C SER T 268 62.91 75.77 96.49
N PRO T 269 61.85 76.54 96.76
CA PRO T 269 60.56 76.34 96.14
C PRO T 269 60.53 76.85 94.71
N ASN T 270 59.59 76.32 93.95
CA ASN T 270 59.23 76.76 92.62
C ASN T 270 57.71 76.71 92.49
N PHE T 271 57.03 77.81 92.77
CA PHE T 271 55.57 77.84 92.80
C PHE T 271 54.95 77.90 91.41
N VAL T 272 53.80 77.25 91.22
CA VAL T 272 52.92 77.40 90.07
C VAL T 272 51.50 77.66 90.54
N SER T 273 50.83 78.65 89.96
CA SER T 273 49.40 78.87 90.19
C SER T 273 48.59 77.95 89.30
N LEU T 274 47.77 77.06 89.87
CA LEU T 274 46.95 76.16 89.08
C LEU T 274 45.98 76.95 88.20
N TRP T 275 45.38 77.99 88.75
CA TRP T 275 44.34 78.74 88.05
C TRP T 275 44.89 79.54 86.89
N GLN T 276 46.05 80.19 87.03
CA GLN T 276 46.59 81.05 85.97
C GLN T 276 47.18 80.25 84.81
N HIS T 277 47.57 79.00 85.05
CA HIS T 277 48.08 78.09 84.02
C HIS T 277 47.07 77.06 83.49
N ASN T 278 45.82 77.06 83.99
CA ASN T 278 44.85 76.00 83.71
C ASN T 278 45.39 74.60 84.04
N LEU T 279 46.04 74.41 85.18
CA LEU T 279 46.38 73.08 85.64
C LEU T 279 45.33 72.60 86.64
N VAL T 280 44.84 71.38 86.51
CA VAL T 280 43.90 70.76 87.45
C VAL T 280 44.67 69.76 88.30
N ALA T 281 44.49 69.78 89.62
CA ALA T 281 45.24 68.91 90.53
C ALA T 281 44.32 68.06 91.39
N VAL T 282 44.69 66.80 91.60
CA VAL T 282 44.02 65.86 92.50
C VAL T 282 44.93 65.59 93.69
N ARG T 283 44.37 65.62 94.89
CA ARG T 283 45.08 65.47 96.15
C ARG T 283 44.56 64.26 96.91
N VAL T 284 45.43 63.32 97.21
CA VAL T 284 45.11 61.98 97.71
C VAL T 284 45.68 61.78 99.10
N GLU T 285 44.89 61.27 100.05
CA GLU T 285 45.35 61.13 101.43
C GLU T 285 44.70 59.96 102.16
N ALA T 286 45.46 59.30 103.02
CA ALA T 286 45.03 58.16 103.83
C ALA T 286 45.83 58.08 105.14
N GLU T 287 45.38 57.27 106.09
CA GLU T 287 45.90 57.29 107.45
C GLU T 287 45.81 55.91 108.12
N TYR T 288 46.93 55.40 108.62
CA TYR T 288 47.13 54.00 108.99
C TYR T 288 47.98 53.85 110.26
N GLY T 289 47.86 52.71 110.95
CA GLY T 289 48.74 52.37 112.06
C GLY T 289 48.86 50.87 112.24
N LEU T 290 50.01 50.40 112.72
CA LEU T 290 50.30 48.98 112.90
C LEU T 290 51.21 48.75 114.11
N LEU T 291 51.00 47.64 114.81
CA LEU T 291 51.78 47.22 115.97
C LEU T 291 52.01 45.72 115.88
N ILE T 292 53.23 45.28 116.15
CA ILE T 292 53.55 43.88 116.38
C ILE T 292 53.95 43.75 117.84
N ASN T 293 53.21 42.97 118.62
CA ASN T 293 53.41 42.92 120.06
C ASN T 293 54.77 42.35 120.45
N ASP T 294 55.27 41.36 119.71
CA ASP T 294 56.55 40.69 119.95
C ASP T 294 57.16 40.20 118.64
N VAL T 295 58.10 40.95 118.09
CA VAL T 295 58.74 40.59 116.81
C VAL T 295 59.53 39.30 116.88
N ASN T 296 59.83 38.78 118.06
CA ASN T 296 60.50 37.50 118.21
C ASN T 296 59.55 36.30 118.01
N ALA T 297 58.23 36.51 117.88
CA ALA T 297 57.26 35.44 117.72
C ALA T 297 57.19 34.85 116.30
N PHE T 298 58.12 35.20 115.42
CA PHE T 298 58.12 34.80 114.02
C PHE T 298 59.49 34.26 113.63
N VAL T 299 59.54 33.20 112.82
CA VAL T 299 60.78 32.65 112.27
C VAL T 299 60.84 33.02 110.81
N LYS T 300 61.91 33.73 110.41
CA LYS T 300 62.17 34.07 109.01
C LYS T 300 62.51 32.80 108.24
N LEU T 301 61.90 32.56 107.09
CA LEU T 301 62.16 31.39 106.26
C LEU T 301 63.07 31.77 105.10
N THR T 302 64.09 30.98 104.84
CA THR T 302 65.15 31.30 103.86
C THR T 302 65.57 30.07 103.08
N PHE T 303 66.27 30.27 101.96
CA PHE T 303 66.95 29.18 101.26
C PHE T 303 68.40 28.90 101.74
N ASP T 304 68.79 29.44 102.89
CA ASP T 304 70.17 29.38 103.43
C ASP T 304 70.76 27.95 103.42
N PRO T 305 71.94 27.70 102.83
CA PRO T 305 72.50 26.35 102.82
C PRO T 305 72.87 25.88 104.24
N VAL T 306 72.93 24.57 104.44
CA VAL T 306 73.29 23.99 105.75
C VAL T 306 74.75 24.30 106.10
N LEU T 307 74.99 24.98 107.23
CA LEU T 307 76.33 25.24 107.75
C LEU T 307 76.88 24.06 108.56
N THR T 308 78.20 23.92 108.57
CA THR T 308 78.98 22.97 109.36
C THR T 308 80.17 23.70 109.99
N THR T 309 80.60 23.29 111.19
CA THR T 309 81.55 24.09 111.99
C THR T 309 82.69 23.25 112.55
N TYR T 310 83.94 23.71 112.38
CA TYR T 310 85.14 22.91 112.61
C TYR T 310 86.18 23.63 113.48
N ALA T 311 86.93 22.84 114.24
CA ALA T 311 88.25 23.18 114.78
C ALA T 311 89.34 22.67 113.81
N LEU T 312 90.19 23.57 113.32
CA LEU T 312 91.29 23.31 112.40
C LEU T 312 92.62 23.47 113.14
N ASP T 313 93.36 22.38 113.29
CA ASP T 313 94.51 22.28 114.18
C ASP T 313 95.81 22.17 113.38
N LEU T 314 96.72 23.14 113.57
CA LEU T 314 98.03 23.19 112.93
C LEU T 314 99.18 22.78 113.86
N ASP T 315 98.89 22.11 114.98
CA ASP T 315 99.88 21.55 115.91
C ASP T 315 100.93 22.57 116.42
N GLY T 316 100.53 23.85 116.52
CA GLY T 316 101.40 24.95 116.96
C GLY T 316 102.57 25.28 116.01
N ALA T 317 102.50 24.84 114.74
CA ALA T 317 103.61 24.86 113.79
C ALA T 317 104.25 26.26 113.57
N SER T 318 105.54 26.22 113.21
CA SER T 318 106.37 27.40 112.91
C SER T 318 107.10 27.31 111.56
N ALA T 319 106.82 26.26 110.76
CA ALA T 319 107.39 26.08 109.42
C ALA T 319 106.48 25.27 108.48
N GLY T 320 106.65 25.47 107.18
CA GLY T 320 105.90 24.78 106.12
C GLY T 320 104.61 25.49 105.69
N ASN T 321 103.69 24.75 105.06
CA ASN T 321 102.41 25.27 104.58
C ASN T 321 101.36 24.14 104.45
N PHE T 322 100.07 24.50 104.42
CA PHE T 322 98.93 23.57 104.35
C PHE T 322 97.84 24.03 103.37
N THR T 323 96.89 23.16 103.03
CA THR T 323 95.83 23.45 102.05
C THR T 323 94.43 23.12 102.59
N LEU T 324 93.42 23.90 102.21
CA LEU T 324 92.01 23.68 102.56
C LEU T 324 91.11 23.54 101.31
N SER T 325 90.02 22.79 101.44
CA SER T 325 89.21 22.28 100.34
C SER T 325 87.71 22.30 100.66
N LEU T 326 86.87 22.59 99.66
CA LEU T 326 85.42 22.42 99.73
C LEU T 326 84.97 21.38 98.70
N ASP T 327 84.24 20.35 99.15
CA ASP T 327 83.60 19.34 98.29
C ASP T 327 84.51 18.72 97.18
N GLY T 328 85.83 18.69 97.41
CA GLY T 328 86.83 18.18 96.46
C GLY T 328 87.54 19.23 95.59
N LYS T 329 87.12 20.50 95.59
CA LYS T 329 87.89 21.63 95.05
C LYS T 329 88.91 22.12 96.08
N THR T 330 90.03 22.72 95.66
CA THR T 330 91.14 23.07 96.56
C THR T 330 91.56 24.54 96.46
N SER T 331 91.85 25.15 97.61
CA SER T 331 92.41 26.52 97.70
C SER T 331 93.93 26.52 97.63
N ALA T 332 94.51 27.69 97.32
CA ALA T 332 95.96 27.93 97.39
C ALA T 332 96.51 27.75 98.82
N ASN T 333 97.80 27.47 98.94
CA ASN T 333 98.45 27.13 100.21
C ASN T 333 98.34 28.27 101.26
N ILE T 334 98.24 27.91 102.53
CA ILE T 334 98.17 28.79 103.70
C ILE T 334 99.37 28.50 104.61
N ALA T 335 99.98 29.54 105.19
CA ALA T 335 101.05 29.40 106.18
C ALA T 335 100.54 29.25 107.62
N TYR T 336 101.34 28.62 108.47
CA TYR T 336 101.08 28.39 109.90
C TYR T 336 100.83 29.67 110.71
N ASN T 337 101.28 30.83 110.23
CA ASN T 337 101.16 32.14 110.87
C ASN T 337 100.05 33.04 110.28
N ALA T 338 99.16 32.50 109.44
CA ALA T 338 98.11 33.26 108.75
C ALA T 338 97.07 33.90 109.70
N SER T 339 96.60 35.10 109.34
CA SER T 339 95.50 35.76 110.05
C SER T 339 94.13 35.10 109.79
N THR T 340 93.13 35.37 110.62
CA THR T 340 91.73 34.95 110.36
C THR T 340 91.20 35.48 109.03
N ALA T 341 91.54 36.72 108.67
CA ALA T 341 91.19 37.32 107.37
C ALA T 341 91.84 36.58 106.20
N THR T 342 93.08 36.12 106.35
CA THR T 342 93.80 35.33 105.33
C THR T 342 93.13 33.97 105.11
N VAL T 343 92.75 33.26 106.18
CA VAL T 343 92.10 31.95 106.03
C VAL T 343 90.74 32.09 105.34
N LYS T 344 89.91 33.07 105.74
CA LYS T 344 88.61 33.26 105.06
C LYS T 344 88.77 33.70 103.60
N SER T 345 89.75 34.57 103.28
CA SER T 345 89.97 34.96 101.88
C SER T 345 90.49 33.79 101.03
N ALA T 346 91.22 32.83 101.61
CA ALA T 346 91.62 31.61 100.92
C ALA T 346 90.44 30.66 100.63
N ILE T 347 89.45 30.57 101.53
CA ILE T 347 88.24 29.75 101.31
C ILE T 347 87.32 30.37 100.26
N VAL T 348 86.97 31.66 100.36
CA VAL T 348 86.05 32.28 99.38
C VAL T 348 86.63 32.36 97.96
N ALA T 349 87.96 32.29 97.82
CA ALA T 349 88.65 32.23 96.54
C ALA T 349 88.47 30.89 95.78
N ILE T 350 87.85 29.87 96.39
CA ILE T 350 87.53 28.62 95.69
C ILE T 350 86.45 28.89 94.62
N ASP T 351 86.59 28.28 93.44
CA ASP T 351 85.66 28.39 92.31
C ASP T 351 84.38 27.56 92.54
N ASP T 352 83.58 27.97 93.51
CA ASP T 352 82.31 27.35 93.91
C ASP T 352 81.35 28.41 94.46
N GLY T 353 80.07 28.05 94.64
CA GLY T 353 79.01 28.93 95.11
C GLY T 353 79.10 29.30 96.59
N VAL T 354 80.20 29.94 97.00
CA VAL T 354 80.46 30.41 98.36
C VAL T 354 81.04 31.83 98.35
N SER T 355 80.66 32.63 99.34
CA SER T 355 80.97 34.06 99.43
C SER T 355 81.38 34.47 100.85
N ALA T 356 81.93 35.67 101.00
CA ALA T 356 82.28 36.24 102.30
C ALA T 356 81.08 36.43 103.25
N ASP T 357 79.84 36.36 102.75
CA ASP T 357 78.63 36.34 103.56
C ASP T 357 78.29 34.93 104.10
N ASP T 358 78.83 33.86 103.49
CA ASP T 358 78.66 32.46 103.92
C ASP T 358 79.75 31.99 104.89
N VAL T 359 80.97 32.50 104.77
CA VAL T 359 82.17 31.99 105.45
C VAL T 359 82.52 32.84 106.66
N THR T 360 82.72 32.22 107.83
CA THR T 360 83.33 32.91 108.99
C THR T 360 84.49 32.10 109.59
N VAL T 361 85.60 32.78 109.86
CA VAL T 361 86.75 32.27 110.60
C VAL T 361 86.81 33.10 111.88
N THR T 362 86.55 32.47 113.01
CA THR T 362 86.09 33.19 114.21
C THR T 362 87.23 33.74 115.07
N GLY T 363 88.41 33.12 115.03
CA GLY T 363 89.52 33.37 115.96
C GLY T 363 90.43 32.15 116.08
N SER T 364 91.23 32.12 117.15
CA SER T 364 92.11 31.00 117.53
C SER T 364 93.21 30.69 116.48
N ALA T 365 94.08 31.66 116.18
CA ALA T 365 95.12 31.50 115.16
C ALA T 365 96.04 30.30 115.43
N GLY T 366 96.27 29.45 114.42
CA GLY T 366 97.01 28.18 114.54
C GLY T 366 96.18 27.00 115.09
N ASP T 367 94.93 27.25 115.50
CA ASP T 367 93.98 26.24 115.98
C ASP T 367 92.53 26.72 115.71
N TYR T 368 92.26 27.16 114.46
CA TYR T 368 91.13 28.03 114.11
C TYR T 368 89.76 27.39 114.31
N THR T 369 88.73 28.20 114.62
CA THR T 369 87.32 27.78 114.59
C THR T 369 86.57 28.41 113.42
N ILE T 370 85.99 27.60 112.54
CA ILE T 370 85.52 28.01 111.20
C ILE T 370 84.09 27.51 110.93
N THR T 371 83.21 28.35 110.37
CA THR T 371 81.88 27.96 109.89
C THR T 371 81.80 28.03 108.37
N VAL T 372 81.40 26.95 107.69
CA VAL T 372 81.18 26.92 106.23
C VAL T 372 80.03 26.00 105.80
N PRO T 373 79.34 26.30 104.69
CA PRO T 373 78.43 25.35 104.06
C PRO T 373 79.17 24.22 103.33
N GLY T 374 78.46 23.16 102.95
CA GLY T 374 79.06 22.02 102.23
C GLY T 374 80.02 21.20 103.11
N THR T 375 80.97 20.49 102.47
CA THR T 375 81.99 19.68 103.18
C THR T 375 83.34 20.38 103.16
N LEU T 376 83.92 20.65 104.33
CA LEU T 376 85.31 21.09 104.45
C LEU T 376 86.26 19.88 104.41
N THR T 377 87.45 20.06 103.84
CA THR T 377 88.50 19.04 103.68
C THR T 377 89.86 19.73 103.70
N ALA T 378 90.94 19.02 103.99
CA ALA T 378 92.27 19.60 104.12
C ALA T 378 93.36 18.63 103.65
N ASP T 379 94.53 19.17 103.34
CA ASP T 379 95.76 18.39 103.20
C ASP T 379 96.94 19.23 103.71
N PHE T 380 97.58 18.73 104.77
CA PHE T 380 98.69 19.37 105.49
C PHE T 380 100.07 18.97 104.94
N SER T 381 100.14 18.24 103.82
CA SER T 381 101.40 17.85 103.20
C SER T 381 102.25 19.07 102.81
N GLY T 382 103.45 19.16 103.37
CA GLY T 382 104.34 20.33 103.28
C GLY T 382 104.35 21.22 104.55
N LEU T 383 103.55 20.92 105.58
CA LEU T 383 103.58 21.62 106.87
C LEU T 383 104.69 21.06 107.77
N THR T 384 105.94 21.40 107.46
CA THR T 384 107.15 20.75 107.99
C THR T 384 107.30 20.78 109.52
N ASP T 385 106.64 21.70 110.23
CA ASP T 385 106.61 21.76 111.71
C ASP T 385 105.23 21.43 112.32
N GLY T 386 104.28 20.97 111.51
CA GLY T 386 102.91 20.62 111.93
C GLY T 386 102.57 19.17 111.63
N GLU T 387 103.46 18.24 111.97
CA GLU T 387 103.32 16.82 111.62
C GLU T 387 102.07 16.16 112.23
N GLY T 388 101.56 16.66 113.37
CA GLY T 388 100.34 16.19 114.03
C GLY T 388 99.03 16.89 113.62
N ALA T 389 99.04 17.77 112.61
CA ALA T 389 97.88 18.61 112.25
C ALA T 389 96.60 17.81 111.94
N SER T 390 95.43 18.41 112.21
CA SER T 390 94.13 17.73 112.17
C SER T 390 92.94 18.68 111.94
N ILE T 391 91.76 18.13 111.65
CA ILE T 391 90.50 18.90 111.57
C ILE T 391 89.32 18.08 112.11
N SER T 392 88.39 18.68 112.84
CA SER T 392 87.20 17.99 113.40
C SER T 392 86.09 18.96 113.81
N VAL T 393 84.88 18.46 114.08
CA VAL T 393 83.69 19.26 114.46
C VAL T 393 83.90 19.99 115.80
N VAL T 394 83.37 21.22 115.94
CA VAL T 394 83.75 22.16 117.02
C VAL T 394 83.24 21.82 118.42
N SER T 395 82.01 21.30 118.59
CA SER T 395 81.33 21.35 119.88
C SER T 395 81.84 20.33 120.90
N VAL T 396 81.85 20.71 122.19
CA VAL T 396 82.10 19.80 123.32
C VAL T 396 80.92 18.83 123.53
N GLY T 397 79.71 19.26 123.18
CA GLY T 397 78.46 18.47 123.26
C GLY T 397 77.26 19.25 122.76
N GLY U 2 58.30 70.78 106.54
CA GLY U 2 57.08 71.14 107.27
C GLY U 2 57.29 72.34 108.16
N PHE U 3 56.91 72.22 109.44
CA PHE U 3 57.11 73.26 110.45
C PHE U 3 57.48 72.64 111.79
N SER U 4 58.11 73.39 112.68
CA SER U 4 58.33 72.96 114.05
C SER U 4 56.99 72.82 114.79
N ALA U 5 56.98 72.10 115.90
CA ALA U 5 55.95 72.35 116.91
C ALA U 5 56.02 73.83 117.35
N ASP U 6 54.90 74.41 117.73
CA ASP U 6 54.77 75.80 118.16
C ASP U 6 55.31 76.85 117.16
N HIS U 7 55.36 76.52 115.86
CA HIS U 7 55.71 77.49 114.83
C HIS U 7 54.66 78.60 114.80
N SER U 8 55.03 79.81 115.22
CA SER U 8 54.12 80.79 115.81
C SER U 8 52.96 81.28 114.93
N GLN U 9 53.04 81.15 113.62
CA GLN U 9 51.96 81.53 112.70
C GLN U 9 50.88 80.46 112.48
N ILE U 10 51.07 79.22 112.95
CA ILE U 10 50.27 78.05 112.54
C ILE U 10 49.87 77.22 113.77
N ALA U 11 48.68 76.61 113.77
CA ALA U 11 48.24 75.69 114.81
C ALA U 11 48.23 74.24 114.31
N GLN U 12 48.79 73.31 115.08
CA GLN U 12 48.98 71.91 114.68
C GLN U 12 48.70 70.96 115.84
N THR U 13 48.29 69.71 115.58
CA THR U 13 47.95 68.76 116.65
C THR U 13 49.10 68.48 117.61
N LYS U 14 50.34 68.63 117.15
CA LYS U 14 51.57 68.44 117.94
C LYS U 14 51.97 69.63 118.82
N ASP U 15 51.34 70.79 118.68
CA ASP U 15 51.70 71.98 119.44
C ASP U 15 51.41 71.83 120.94
N THR U 16 52.16 72.53 121.77
CA THR U 16 52.11 72.35 123.22
C THR U 16 50.81 72.84 123.85
N MET U 17 50.11 73.83 123.29
CA MET U 17 48.87 74.30 123.90
C MET U 17 47.73 73.26 123.85
N PHE U 18 47.83 72.25 122.99
CA PHE U 18 46.89 71.12 122.97
C PHE U 18 47.27 69.96 123.89
N THR U 19 48.37 70.06 124.64
CA THR U 19 48.86 68.95 125.48
C THR U 19 47.77 68.47 126.43
N GLY U 20 47.44 67.19 126.37
CA GLY U 20 46.45 66.58 127.25
C GLY U 20 44.99 66.80 126.85
N TYR U 21 44.71 67.57 125.81
CA TYR U 21 43.38 67.64 125.20
C TYR U 21 43.12 66.52 124.18
N LEU U 22 44.17 65.82 123.74
CA LEU U 22 44.13 64.85 122.65
C LEU U 22 44.77 63.51 123.05
N ASP U 23 44.44 62.97 124.22
CA ASP U 23 44.98 61.70 124.69
C ASP U 23 44.53 60.49 123.84
N PRO U 24 45.33 59.42 123.78
CA PRO U 24 44.96 58.17 123.14
C PRO U 24 43.87 57.44 123.92
N VAL U 25 42.97 56.76 123.22
CA VAL U 25 41.80 56.09 123.81
C VAL U 25 42.18 54.72 124.39
N GLN U 26 41.62 54.37 125.54
CA GLN U 26 41.84 53.07 126.16
C GLN U 26 41.26 51.93 125.31
N ALA U 27 41.90 50.78 125.24
CA ALA U 27 41.39 49.59 124.55
C ALA U 27 41.57 48.32 125.38
N LYS U 28 40.88 47.24 125.01
CA LYS U 28 41.05 45.89 125.60
C LYS U 28 42.44 45.31 125.30
N ASP U 29 42.90 44.36 126.09
CA ASP U 29 44.18 43.69 125.84
C ASP U 29 44.07 42.72 124.66
N TYR U 30 44.47 43.16 123.46
CA TYR U 30 44.49 42.32 122.27
C TYR U 30 45.53 41.19 122.30
N PHE U 31 46.33 41.07 123.36
CA PHE U 31 47.42 40.10 123.47
C PHE U 31 47.35 39.28 124.77
N ALA U 32 46.17 39.16 125.37
CA ALA U 32 45.95 38.39 126.58
C ALA U 32 46.15 36.88 126.37
N GLU U 33 47.05 36.26 127.13
CA GLU U 33 47.06 34.81 127.36
C GLU U 33 45.95 34.42 128.35
N ALA U 34 45.28 33.30 128.12
CA ALA U 34 44.30 32.77 129.07
C ALA U 34 44.95 32.27 130.36
N GLU U 35 44.22 32.27 131.47
CA GLU U 35 44.72 31.83 132.77
C GLU U 35 45.18 30.37 132.73
N LYS U 36 46.31 30.07 133.37
CA LYS U 36 46.83 28.72 133.51
C LYS U 36 45.96 27.86 134.44
N THR U 37 46.17 26.55 134.45
CA THR U 37 45.38 25.62 135.27
C THR U 37 46.20 24.40 135.70
N SER U 38 45.82 23.73 136.79
CA SER U 38 46.49 22.50 137.20
C SER U 38 46.30 21.41 136.14
N ILE U 39 47.35 20.67 135.82
CA ILE U 39 47.23 19.42 135.09
C ILE U 39 47.03 18.25 136.03
N VAL U 40 47.70 18.20 137.18
CA VAL U 40 47.65 16.98 137.99
C VAL U 40 46.25 16.74 138.51
N GLN U 41 45.52 17.79 138.84
CA GLN U 41 44.15 17.68 139.31
C GLN U 41 43.17 17.19 138.25
N ARG U 42 43.56 17.12 136.96
CA ARG U 42 42.76 16.49 135.91
C ARG U 42 43.11 15.03 135.71
N VAL U 43 44.39 14.68 135.67
CA VAL U 43 44.81 13.32 135.36
C VAL U 43 44.76 12.38 136.56
N ALA U 44 45.04 12.86 137.78
CA ALA U 44 45.05 12.05 138.99
C ALA U 44 43.69 11.97 139.69
N GLN U 45 43.39 10.85 140.34
CA GLN U 45 42.11 10.61 140.99
C GLN U 45 41.93 11.46 142.26
N LYS U 46 40.80 12.15 142.38
CA LYS U 46 40.45 12.89 143.60
C LYS U 46 39.87 11.96 144.66
N ILE U 47 40.18 12.21 145.92
CA ILE U 47 39.66 11.48 147.08
C ILE U 47 39.15 12.44 148.16
N PRO U 48 38.21 12.02 149.03
CA PRO U 48 37.73 12.84 150.13
C PRO U 48 38.77 12.91 151.25
N MET U 49 39.65 13.91 151.18
CA MET U 49 40.70 14.10 152.17
C MET U 49 40.12 14.56 153.51
N GLY U 50 40.46 13.87 154.59
CA GLY U 50 40.11 14.29 155.95
C GLY U 50 41.10 15.32 156.48
N ALA U 51 40.64 16.31 157.25
CA ALA U 51 41.54 17.32 157.80
C ALA U 51 42.59 16.72 158.78
N THR U 52 42.29 15.59 159.42
CA THR U 52 43.26 14.84 160.24
C THR U 52 44.17 13.92 159.43
N GLY U 53 44.10 13.96 158.10
CA GLY U 53 44.74 12.95 157.26
C GLY U 53 43.94 11.65 157.20
N ILE U 54 44.39 10.68 156.42
CA ILE U 54 43.70 9.40 156.19
C ILE U 54 44.66 8.21 156.25
N VAL U 55 44.12 7.01 156.46
CA VAL U 55 44.87 5.74 156.45
C VAL U 55 44.35 4.82 155.36
N ILE U 56 45.22 4.28 154.53
CA ILE U 56 44.89 3.41 153.42
C ILE U 56 45.42 2.00 153.71
N PRO U 57 44.56 0.98 153.87
CA PRO U 57 44.97 -0.40 154.01
C PRO U 57 45.51 -0.98 152.73
N HIS U 58 46.36 -2.00 152.80
CA HIS U 58 46.85 -2.75 151.65
C HIS U 58 47.22 -4.18 152.03
N TRP U 59 46.64 -5.17 151.36
CA TRP U 59 47.08 -6.56 151.46
C TRP U 59 48.46 -6.71 150.84
N THR U 60 49.31 -7.57 151.40
CA THR U 60 50.71 -7.70 150.98
C THR U 60 51.24 -9.12 150.99
N GLY U 61 50.55 -10.05 151.64
CA GLY U 61 51.04 -11.42 151.81
C GLY U 61 50.89 -12.29 150.58
N ASP U 62 51.79 -13.25 150.45
CA ASP U 62 51.57 -14.44 149.65
C ASP U 62 50.55 -15.36 150.31
N VAL U 63 50.09 -16.33 149.54
CA VAL U 63 49.40 -17.54 150.00
C VAL U 63 49.84 -18.67 149.10
N SER U 64 49.94 -19.89 149.61
CA SER U 64 50.43 -21.03 148.83
C SER U 64 49.75 -22.34 149.21
N ALA U 65 49.68 -23.27 148.26
CA ALA U 65 49.03 -24.55 148.41
C ALA U 65 49.81 -25.62 147.64
N GLN U 66 49.99 -26.79 148.24
CA GLN U 66 50.85 -27.83 147.67
C GLN U 66 50.02 -29.06 147.29
N TRP U 67 50.36 -29.68 146.17
CA TRP U 67 49.75 -30.93 145.76
C TRP U 67 50.22 -32.05 146.67
N ILE U 68 49.34 -32.98 147.01
CA ILE U 68 49.63 -34.08 147.94
C ILE U 68 49.01 -35.39 147.44
N GLY U 69 49.67 -36.51 147.70
CA GLY U 69 49.07 -37.83 147.49
C GLY U 69 48.11 -38.19 148.61
N GLU U 70 47.42 -39.33 148.53
CA GLU U 70 46.69 -39.84 149.69
C GLU U 70 47.68 -40.21 150.80
N GLY U 71 47.37 -39.80 152.03
CA GLY U 71 48.17 -40.11 153.23
C GLY U 71 49.38 -39.21 153.47
N ASP U 72 49.79 -38.37 152.51
CA ASP U 72 50.61 -37.19 152.83
C ASP U 72 49.81 -36.25 153.73
N MET U 73 50.47 -35.56 154.65
CA MET U 73 49.79 -34.64 155.56
C MET U 73 50.05 -33.17 155.19
N LYS U 74 48.98 -32.38 155.27
CA LYS U 74 48.78 -31.07 154.63
C LYS U 74 49.82 -30.00 155.06
N PRO U 75 50.15 -29.05 154.19
CA PRO U 75 51.08 -27.96 154.50
C PRO U 75 50.41 -26.81 155.25
N ILE U 76 51.17 -25.88 155.80
CA ILE U 76 50.68 -24.71 156.57
C ILE U 76 51.08 -23.38 155.92
N THR U 77 50.22 -22.37 155.97
CA THR U 77 50.46 -21.04 155.37
C THR U 77 49.93 -19.89 156.23
N LYS U 78 50.44 -18.67 156.03
CA LYS U 78 50.11 -17.44 156.81
C LYS U 78 50.14 -16.21 155.90
N GLY U 79 49.00 -15.54 155.71
CA GLY U 79 48.92 -14.28 154.94
C GLY U 79 49.34 -13.03 155.73
N ASN U 80 49.51 -11.89 155.09
CA ASN U 80 50.12 -10.67 155.66
C ASN U 80 49.55 -9.36 155.05
N MET U 81 49.60 -8.26 155.79
CA MET U 81 48.94 -6.98 155.46
C MET U 81 49.73 -5.75 155.92
N THR U 82 49.44 -4.57 155.37
CA THR U 82 50.05 -3.29 155.75
C THR U 82 49.07 -2.13 155.66
N LYS U 83 49.47 -0.95 156.17
CA LYS U 83 48.73 0.31 156.01
C LYS U 83 49.69 1.49 155.86
N ARG U 84 49.24 2.54 155.19
CA ARG U 84 50.00 3.77 154.90
C ARG U 84 49.11 4.99 155.13
N ASP U 85 49.65 6.09 155.61
CA ASP U 85 48.87 7.27 155.96
C ASP U 85 49.30 8.54 155.23
N VAL U 86 48.36 9.47 155.05
CA VAL U 86 48.52 10.70 154.27
C VAL U 86 48.00 11.88 155.06
N HIS U 87 48.69 13.02 155.04
CA HIS U 87 48.33 14.22 155.79
C HIS U 87 48.41 15.47 154.92
N PRO U 88 47.45 16.40 154.96
CA PRO U 88 47.41 17.52 154.05
C PRO U 88 48.29 18.69 154.49
N ALA U 89 49.03 19.27 153.54
CA ALA U 89 49.82 20.50 153.69
C ALA U 89 48.98 21.76 153.44
N LYS U 90 49.48 22.92 153.87
CA LYS U 90 48.78 24.21 153.76
C LYS U 90 49.55 25.12 152.82
N ILE U 91 48.86 25.93 152.04
CA ILE U 91 49.45 26.94 151.16
C ILE U 91 48.77 28.28 151.37
N ALA U 92 49.52 29.36 151.40
CA ALA U 92 48.99 30.67 151.73
C ALA U 92 49.76 31.84 151.12
N THR U 93 49.13 33.01 151.06
CA THR U 93 49.76 34.28 150.66
C THR U 93 49.01 35.48 151.22
N ILE U 94 49.65 36.63 151.33
CA ILE U 94 49.04 37.89 151.75
C ILE U 94 49.37 38.95 150.71
N PHE U 95 48.46 39.85 150.37
CA PHE U 95 48.79 41.03 149.57
C PHE U 95 48.20 42.30 150.16
N VAL U 96 48.83 43.45 149.92
CA VAL U 96 48.64 44.67 150.70
C VAL U 96 48.55 45.90 149.79
N ALA U 97 47.67 46.85 150.10
CA ALA U 97 47.50 48.09 149.35
C ALA U 97 47.11 49.27 150.26
N SER U 98 47.40 50.50 149.86
CA SER U 98 46.99 51.67 150.64
C SER U 98 45.48 51.84 150.65
N ALA U 99 44.91 52.46 151.69
CA ALA U 99 43.47 52.70 151.74
C ALA U 99 43.00 53.53 150.53
N GLU U 100 43.79 54.50 150.07
CA GLU U 100 43.49 55.25 148.85
C GLU U 100 43.45 54.35 147.61
N THR U 101 44.39 53.40 147.48
CA THR U 101 44.37 52.42 146.39
C THR U 101 43.13 51.54 146.47
N VAL U 102 42.66 51.18 147.66
CA VAL U 102 41.43 50.40 147.79
C VAL U 102 40.21 51.22 147.41
N ARG U 103 40.14 52.50 147.80
CA ARG U 103 39.03 53.38 147.45
C ARG U 103 38.94 53.63 145.96
N ALA U 104 40.08 53.81 145.29
CA ALA U 104 40.13 54.01 143.84
C ALA U 104 40.00 52.70 143.04
N ASN U 105 40.48 51.58 143.59
CA ASN U 105 40.61 50.27 142.94
C ASN U 105 41.06 50.40 141.47
N PRO U 106 42.21 51.02 141.22
CA PRO U 106 42.60 51.44 139.88
C PRO U 106 42.79 50.23 138.99
N ALA U 107 42.27 50.30 137.76
CA ALA U 107 42.32 49.21 136.78
C ALA U 107 41.83 47.86 137.33
N ASN U 108 40.92 47.87 138.30
CA ASN U 108 40.43 46.68 139.00
C ASN U 108 41.53 45.80 139.58
N TYR U 109 42.65 46.40 140.03
CA TYR U 109 43.79 45.67 140.54
C TYR U 109 43.42 44.75 141.70
N LEU U 110 42.72 45.22 142.72
CA LEU U 110 42.40 44.37 143.88
C LEU U 110 41.49 43.21 143.50
N GLY U 111 40.60 43.41 142.53
CA GLY U 111 39.74 42.35 142.02
C GLY U 111 40.52 41.34 141.17
N THR U 112 41.49 41.81 140.39
CA THR U 112 42.33 40.95 139.56
C THR U 112 43.20 40.05 140.41
N MET U 113 43.85 40.58 141.46
CA MET U 113 44.77 39.82 142.29
C MET U 113 44.15 38.54 142.82
N ARG U 114 42.90 38.57 143.30
CA ARG U 114 42.22 37.37 143.80
C ARG U 114 42.21 36.25 142.78
N THR U 115 41.96 36.55 141.51
CA THR U 115 41.94 35.52 140.46
C THR U 115 43.34 34.99 140.19
N LYS U 116 44.37 35.83 140.17
CA LYS U 116 45.71 35.39 139.82
C LYS U 116 46.37 34.58 140.93
N VAL U 117 46.20 34.93 142.20
CA VAL U 117 46.76 34.09 143.27
C VAL U 117 46.13 32.69 143.28
N ALA U 118 44.86 32.55 142.92
CA ALA U 118 44.25 31.24 142.77
C ALA U 118 44.94 30.41 141.68
N THR U 119 45.23 31.00 140.52
CA THR U 119 46.03 30.33 139.47
C THR U 119 47.40 29.97 139.99
N ALA U 120 48.09 30.88 140.66
CA ALA U 120 49.42 30.59 141.20
C ALA U 120 49.40 29.45 142.22
N ILE U 121 48.34 29.33 143.00
CA ILE U 121 48.17 28.22 143.93
C ILE U 121 47.95 26.89 143.19
N ALA U 122 47.18 26.87 142.11
CA ALA U 122 47.07 25.67 141.29
C ALA U 122 48.42 25.26 140.67
N MET U 123 49.22 26.22 140.20
CA MET U 123 50.57 25.95 139.71
C MET U 123 51.50 25.46 140.81
N ALA U 124 51.40 26.02 142.02
CA ALA U 124 52.17 25.53 143.15
C ALA U 124 51.83 24.08 143.49
N PHE U 125 50.61 23.61 143.21
CA PHE U 125 50.28 22.20 143.30
C PHE U 125 51.03 21.40 142.22
N ASP U 126 50.86 21.74 140.94
CA ASP U 126 51.49 20.96 139.88
C ASP U 126 53.00 20.78 140.09
N ASN U 127 53.76 21.86 140.29
CA ASN U 127 55.20 21.71 140.41
C ASN U 127 55.63 21.03 141.72
N ALA U 128 54.81 21.03 142.76
CA ALA U 128 55.09 20.25 143.95
C ALA U 128 54.81 18.76 143.71
N ALA U 129 53.86 18.42 142.84
CA ALA U 129 53.51 17.05 142.53
C ALA U 129 54.47 16.43 141.52
N LEU U 130 54.82 17.16 140.46
CA LEU U 130 55.67 16.69 139.38
C LEU U 130 57.15 16.75 139.80
N HIS U 131 57.75 17.94 139.74
CA HIS U 131 59.19 18.10 139.97
C HIS U 131 59.59 18.11 141.44
N GLY U 132 58.63 18.23 142.36
CA GLY U 132 58.90 18.45 143.77
C GLY U 132 59.44 19.85 144.07
N THR U 133 59.23 20.83 143.18
CA THR U 133 60.09 22.01 143.04
C THR U 133 60.25 22.83 144.33
N ASN U 134 59.20 22.90 145.14
CA ASN U 134 59.27 23.41 146.51
C ASN U 134 58.27 22.68 147.42
N ALA U 135 58.16 21.37 147.24
CA ALA U 135 57.09 20.59 147.87
C ALA U 135 57.16 20.62 149.40
N PRO U 136 56.02 20.61 150.10
CA PRO U 136 56.00 20.47 151.54
C PRO U 136 56.36 19.05 151.93
N SER U 137 56.98 18.88 153.09
CA SER U 137 57.43 17.56 153.57
C SER U 137 56.28 16.58 153.82
N ALA U 138 55.04 17.04 153.95
CA ALA U 138 53.88 16.17 154.13
C ALA U 138 53.44 15.42 152.85
N PHE U 139 53.81 15.89 151.65
CA PHE U 139 53.46 15.19 150.42
C PHE U 139 54.22 13.88 150.30
N GLN U 140 53.51 12.79 150.03
CA GLN U 140 54.10 11.45 149.97
C GLN U 140 54.61 11.16 148.56
N GLY U 141 55.84 11.59 148.30
CA GLY U 141 56.53 11.41 147.02
C GLY U 141 56.17 12.44 145.96
N TYR U 142 56.98 12.54 144.90
CA TYR U 142 56.77 13.45 143.78
C TYR U 142 57.33 12.82 142.51
N LEU U 143 56.80 13.17 141.35
CA LEU U 143 56.92 12.32 140.18
C LEU U 143 58.35 12.22 139.62
N ASP U 144 59.14 13.28 139.72
CA ASP U 144 60.53 13.27 139.25
C ASP U 144 61.44 12.29 140.01
N GLN U 145 61.00 11.82 141.18
CA GLN U 145 61.75 10.94 142.06
C GLN U 145 61.97 9.55 141.48
N SER U 146 61.27 9.17 140.41
CA SER U 146 61.42 7.87 139.76
C SER U 146 62.78 7.67 139.10
N ASN U 147 63.29 6.45 139.12
CA ASN U 147 64.53 6.07 138.44
C ASN U 147 64.37 5.78 136.95
N LYS U 148 63.23 5.23 136.50
CA LYS U 148 63.04 4.84 135.10
C LYS U 148 63.17 6.07 134.19
N THR U 149 64.10 6.02 133.24
CA THR U 149 64.39 7.16 132.35
C THR U 149 64.50 6.71 130.90
N GLN U 150 64.03 7.51 129.95
CA GLN U 150 63.99 7.12 128.54
C GLN U 150 64.16 8.28 127.56
N SER U 151 65.12 8.17 126.65
CA SER U 151 65.28 9.08 125.52
C SER U 151 64.15 8.92 124.50
N ILE U 152 63.77 9.99 123.80
CA ILE U 152 62.77 9.93 122.72
C ILE U 152 63.20 10.62 121.40
N SER U 153 64.31 11.35 121.35
CA SER U 153 64.61 12.23 120.21
C SER U 153 64.69 11.60 118.82
N PRO U 154 65.43 10.50 118.58
CA PRO U 154 65.67 10.07 117.21
C PRO U 154 64.44 9.41 116.58
N ASN U 155 63.64 8.71 117.38
CA ASN U 155 62.45 8.00 116.94
C ASN U 155 61.52 7.78 118.15
N ALA U 156 60.50 8.61 118.30
CA ALA U 156 59.62 8.56 119.45
C ALA U 156 58.88 7.22 119.61
N TYR U 157 58.53 6.52 118.52
CA TYR U 157 57.86 5.24 118.64
C TYR U 157 58.75 4.20 119.31
N GLN U 158 60.00 4.08 118.84
CA GLN U 158 60.96 3.18 119.48
C GLN U 158 61.25 3.61 120.92
N GLY U 159 61.30 4.92 121.17
CA GLY U 159 61.44 5.49 122.50
C GLY U 159 60.33 5.05 123.45
N LEU U 160 59.08 5.46 123.21
CA LEU U 160 57.97 5.17 124.12
C LEU U 160 57.54 3.71 124.05
N GLY U 161 57.22 3.24 122.86
CA GLY U 161 56.46 2.00 122.65
C GLY U 161 57.28 0.73 122.80
N VAL U 162 58.60 0.81 122.74
CA VAL U 162 59.47 -0.38 122.79
C VAL U 162 60.49 -0.25 123.91
N SER U 163 61.38 0.73 123.86
CA SER U 163 62.42 0.87 124.87
C SER U 163 61.84 1.24 126.24
N GLY U 164 61.03 2.29 126.31
CA GLY U 164 60.38 2.74 127.53
C GLY U 164 59.42 1.70 128.11
N LEU U 165 58.53 1.15 127.28
CA LEU U 165 57.60 0.13 127.74
C LEU U 165 58.33 -1.11 128.26
N THR U 166 59.48 -1.50 127.69
CA THR U 166 60.26 -2.64 128.22
C THR U 166 60.62 -2.45 129.68
N LYS U 167 61.07 -1.26 130.08
CA LYS U 167 61.47 -1.00 131.46
C LYS U 167 60.31 -0.78 132.42
N LEU U 168 59.05 -0.79 131.95
CA LEU U 168 57.87 -0.89 132.80
C LEU U 168 57.45 -2.35 133.01
N VAL U 169 57.22 -3.12 131.94
CA VAL U 169 56.68 -4.48 132.12
C VAL U 169 57.67 -5.42 132.79
N THR U 170 58.97 -5.26 132.58
CA THR U 170 59.99 -6.06 133.28
C THR U 170 60.10 -5.71 134.77
N ASP U 171 59.42 -4.67 135.23
CA ASP U 171 59.28 -4.31 136.64
C ASP U 171 57.84 -4.55 137.16
N GLY U 172 57.04 -5.33 136.43
CA GLY U 172 55.65 -5.63 136.78
C GLY U 172 54.68 -4.45 136.72
N LYS U 173 55.09 -3.30 136.16
CA LYS U 173 54.30 -2.07 136.13
C LYS U 173 53.54 -1.93 134.83
N LYS U 174 52.26 -1.54 134.88
CA LYS U 174 51.42 -1.29 133.70
C LYS U 174 51.70 0.09 133.11
N TRP U 175 51.46 0.29 131.82
CA TRP U 175 51.41 1.61 131.18
C TRP U 175 49.98 1.97 130.80
N THR U 176 49.43 3.07 131.32
CA THR U 176 48.01 3.44 131.08
C THR U 176 47.83 4.83 130.51
N HIS U 177 48.72 5.78 130.78
CA HIS U 177 48.66 7.12 130.21
C HIS U 177 50.04 7.63 129.83
N THR U 178 50.10 8.62 128.96
CA THR U 178 51.31 9.39 128.71
C THR U 178 51.00 10.88 128.77
N LEU U 179 51.86 11.63 129.45
CA LEU U 179 51.73 13.06 129.71
C LEU U 179 52.90 13.77 129.04
N LEU U 180 52.63 14.67 128.10
CA LEU U 180 53.66 15.31 127.29
C LEU U 180 53.54 16.82 127.37
N ASP U 181 54.66 17.51 127.55
CA ASP U 181 54.70 18.96 127.44
C ASP U 181 54.50 19.42 125.99
N ASP U 182 53.91 20.59 125.78
CA ASP U 182 53.74 21.21 124.46
C ASP U 182 55.06 21.32 123.67
N THR U 183 56.19 21.46 124.36
CA THR U 183 57.52 21.50 123.72
C THR U 183 57.88 20.20 122.99
N VAL U 184 57.20 19.09 123.28
CA VAL U 184 57.53 17.78 122.70
C VAL U 184 57.16 17.67 121.23
N GLU U 185 56.20 18.44 120.71
CA GLU U 185 55.66 18.14 119.38
C GLU U 185 56.67 18.05 118.23
N PRO U 186 57.76 18.84 118.16
CA PRO U 186 58.74 18.68 117.11
C PRO U 186 59.34 17.28 117.07
N VAL U 187 59.59 16.65 118.21
CA VAL U 187 60.16 15.30 118.22
C VAL U 187 59.16 14.28 117.70
N LEU U 188 57.86 14.46 117.94
CA LEU U 188 56.86 13.61 117.30
C LEU U 188 56.81 13.87 115.80
N ASN U 189 56.73 15.12 115.37
CA ASN U 189 56.66 15.47 113.96
C ASN U 189 57.91 14.99 113.21
N GLY U 190 59.06 14.96 113.86
CA GLY U 190 60.32 14.49 113.31
C GLY U 190 60.62 13.01 113.52
N SER U 191 59.73 12.24 114.15
CA SER U 191 59.90 10.79 114.29
C SER U 191 59.52 10.10 112.99
N VAL U 192 60.49 9.51 112.31
CA VAL U 192 60.33 9.00 110.94
C VAL U 192 60.72 7.55 110.80
N ASP U 193 60.16 6.89 109.80
CA ASP U 193 60.67 5.60 109.34
C ASP U 193 62.00 5.78 108.59
N ALA U 194 62.63 4.69 108.15
CA ALA U 194 63.88 4.77 107.41
C ALA U 194 63.72 5.44 106.02
N ASN U 195 62.50 5.51 105.48
CA ASN U 195 62.23 6.25 104.26
C ASN U 195 62.24 7.76 104.51
N GLY U 196 62.14 8.21 105.76
CA GLY U 196 62.03 9.63 106.08
C GLY U 196 60.59 10.16 106.06
N ARG U 197 59.58 9.28 106.19
CA ARG U 197 58.19 9.68 106.37
C ARG U 197 57.81 9.64 107.85
N PRO U 198 57.05 10.60 108.36
CA PRO U 198 56.72 10.69 109.77
C PRO U 198 55.78 9.56 110.16
N LEU U 199 55.90 9.05 111.38
CA LEU U 199 55.06 7.93 111.82
C LEU U 199 53.66 8.36 112.25
N PHE U 200 53.53 9.45 113.01
CA PHE U 200 52.27 9.84 113.67
C PHE U 200 51.35 10.77 112.86
N VAL U 201 51.54 10.90 111.54
CA VAL U 201 50.63 11.67 110.69
C VAL U 201 50.58 11.12 109.26
N GLU U 202 49.41 11.18 108.62
CA GLU U 202 49.16 10.62 107.29
C GLU U 202 49.64 11.51 106.15
N SER U 203 49.80 10.93 104.96
CA SER U 203 50.41 11.59 103.79
C SER U 203 49.73 12.90 103.43
N THR U 204 50.51 13.84 102.91
CA THR U 204 50.18 15.27 102.69
C THR U 204 49.94 16.10 103.95
N TYR U 205 49.87 15.48 105.13
CA TYR U 205 50.19 16.15 106.39
C TYR U 205 49.30 17.34 106.77
N GLU U 206 48.02 17.33 106.40
CA GLU U 206 47.12 18.46 106.63
C GLU U 206 46.63 18.66 108.08
N SER U 207 47.07 17.85 109.04
CA SER U 207 46.53 17.86 110.40
C SER U 207 47.58 17.51 111.45
N LEU U 208 47.32 17.85 112.72
CA LEU U 208 48.24 17.57 113.83
C LEU U 208 48.56 16.09 113.96
N THR U 209 49.78 15.74 114.35
CA THR U 209 50.17 14.37 114.67
C THR U 209 49.26 13.81 115.75
N THR U 210 48.87 12.53 115.66
CA THR U 210 47.73 12.04 116.43
C THR U 210 47.84 12.16 117.94
N PRO U 211 49.00 12.10 118.61
CA PRO U 211 49.05 12.38 120.03
C PRO U 211 48.58 13.80 120.34
N PHE U 212 48.89 14.77 119.49
CA PHE U 212 48.47 16.17 119.63
C PHE U 212 47.04 16.44 119.14
N ARG U 213 46.34 15.40 118.67
CA ARG U 213 44.87 15.36 118.64
C ARG U 213 44.26 15.02 120.01
N GLU U 214 45.08 14.80 121.03
CA GLU U 214 44.77 14.03 122.24
C GLU U 214 44.37 12.58 121.92
N GLY U 215 44.81 12.03 120.80
CA GLY U 215 44.59 10.64 120.42
C GLY U 215 45.42 9.65 121.23
N ARG U 216 45.14 8.36 121.06
CA ARG U 216 45.90 7.29 121.67
C ARG U 216 47.31 7.20 121.05
N ILE U 217 48.28 6.71 121.82
CA ILE U 217 49.46 6.01 121.30
C ILE U 217 49.35 4.57 121.76
N LEU U 218 49.42 3.58 120.87
CA LEU U 218 49.43 2.17 121.26
C LEU U 218 48.33 1.80 122.28
N GLY U 219 47.15 2.38 122.11
CA GLY U 219 45.98 2.18 122.97
C GLY U 219 45.97 2.96 124.28
N ARG U 220 47.01 3.71 124.64
CA ARG U 220 47.04 4.56 125.83
C ARG U 220 46.74 6.01 125.44
N PRO U 221 45.83 6.73 126.11
CA PRO U 221 45.53 8.12 125.77
C PRO U 221 46.69 9.05 126.10
N THR U 222 46.78 10.16 125.36
CA THR U 222 47.81 11.18 125.52
C THR U 222 47.21 12.38 126.23
N ILE U 223 47.87 12.88 127.25
CA ILE U 223 47.50 14.11 127.96
C ILE U 223 48.52 15.19 127.61
N LEU U 224 48.09 16.39 127.27
CA LEU U 224 48.98 17.47 126.86
C LEU U 224 48.88 18.66 127.81
N SER U 225 49.99 19.36 128.02
CA SER U 225 50.03 20.57 128.83
C SER U 225 51.19 21.47 128.40
N ASP U 226 51.08 22.78 128.62
CA ASP U 226 52.14 23.75 128.32
C ASP U 226 53.10 24.00 129.51
N HIS U 227 53.06 23.18 130.56
CA HIS U 227 53.90 23.39 131.74
C HIS U 227 54.28 22.10 132.49
N VAL U 228 54.55 21.03 131.75
CA VAL U 228 55.07 19.77 132.32
C VAL U 228 56.60 19.76 132.38
N ALA U 229 57.28 20.45 131.46
CA ALA U 229 58.73 20.45 131.41
C ALA U 229 59.37 21.30 132.52
N GLU U 230 60.49 20.81 133.06
CA GLU U 230 61.39 21.56 133.94
C GLU U 230 62.78 20.91 133.89
N GLY U 231 63.80 21.66 133.51
CA GLY U 231 65.13 21.09 133.26
C GLY U 231 65.13 20.12 132.09
N ASP U 232 65.75 18.95 132.26
CA ASP U 232 65.98 17.98 131.18
C ASP U 232 64.75 17.12 130.84
N VAL U 233 63.70 17.12 131.66
CA VAL U 233 62.56 16.20 131.55
C VAL U 233 61.35 16.91 130.94
N VAL U 234 60.73 16.28 129.93
CA VAL U 234 59.66 16.89 129.11
C VAL U 234 58.36 16.11 129.10
N GLY U 235 58.28 14.99 129.81
CA GLY U 235 57.05 14.20 129.89
C GLY U 235 57.19 12.97 130.75
N TYR U 236 56.08 12.34 131.08
CA TYR U 236 56.04 11.16 131.91
C TYR U 236 55.06 10.14 131.32
N ALA U 237 55.45 8.87 131.26
CA ALA U 237 54.57 7.79 130.83
C ALA U 237 54.51 6.75 131.93
N GLY U 238 53.33 6.26 132.30
CA GLY U 238 53.23 5.35 133.44
C GLY U 238 51.80 5.03 133.83
N ASP U 239 51.62 4.45 135.00
CA ASP U 239 50.30 4.18 135.55
C ASP U 239 49.77 5.34 136.37
N PHE U 240 49.11 6.29 135.73
CA PHE U 240 48.53 7.44 136.39
C PHE U 240 47.36 7.12 137.32
N SER U 241 46.92 5.87 137.44
CA SER U 241 46.01 5.50 138.53
C SER U 241 46.69 5.47 139.90
N GLN U 242 48.02 5.39 139.95
CA GLN U 242 48.78 5.30 141.20
C GLN U 242 48.89 6.63 141.96
N ILE U 243 48.33 7.72 141.45
CA ILE U 243 48.31 9.03 142.11
C ILE U 243 46.94 9.29 142.69
N ILE U 244 46.82 9.64 143.97
CA ILE U 244 45.57 10.14 144.56
C ILE U 244 45.79 11.43 145.32
N TRP U 245 44.82 12.34 145.29
CA TRP U 245 44.94 13.65 145.89
C TRP U 245 43.61 14.18 146.43
N GLY U 246 43.64 15.16 147.30
CA GLY U 246 42.39 15.78 147.77
C GLY U 246 42.60 17.15 148.41
N GLN U 247 41.53 17.93 148.45
CA GLN U 247 41.50 19.28 149.01
C GLN U 247 40.65 19.30 150.27
N VAL U 248 41.08 20.01 151.31
CA VAL U 248 40.30 20.20 152.53
C VAL U 248 39.67 21.58 152.49
N GLY U 249 38.35 21.64 152.58
CA GLY U 249 37.61 22.89 152.36
C GLY U 249 37.88 23.45 150.98
N GLY U 250 38.33 24.71 150.91
CA GLY U 250 38.79 25.31 149.66
C GLY U 250 39.44 26.67 149.84
N LEU U 251 39.96 27.21 148.73
CA LEU U 251 40.67 28.48 148.68
C LEU U 251 39.78 29.58 149.24
N SER U 252 40.17 30.19 150.35
CA SER U 252 39.35 31.14 151.10
C SER U 252 40.10 32.43 151.41
N PHE U 253 39.39 33.57 151.34
CA PHE U 253 39.94 34.91 151.52
C PHE U 253 39.43 35.58 152.79
N ASP U 254 40.33 36.10 153.61
CA ASP U 254 40.05 37.14 154.60
C ASP U 254 40.57 38.51 154.14
N VAL U 255 40.11 39.59 154.76
CA VAL U 255 40.62 40.94 154.53
C VAL U 255 40.62 41.71 155.85
N THR U 256 41.60 42.58 156.08
CA THR U 256 41.67 43.36 157.33
C THR U 256 42.50 44.62 157.17
N ASP U 257 42.28 45.58 158.06
CA ASP U 257 43.14 46.73 158.30
C ASP U 257 43.57 46.85 159.78
N GLN U 258 43.17 45.92 160.63
CA GLN U 258 43.49 45.97 162.07
C GLN U 258 44.83 45.32 162.40
N ALA U 259 45.28 44.35 161.61
CA ALA U 259 46.44 43.54 161.94
C ALA U 259 47.78 44.30 161.86
N THR U 260 48.83 43.68 162.40
CA THR U 260 50.23 44.07 162.18
C THR U 260 50.92 42.99 161.34
N LEU U 261 51.63 43.38 160.28
CA LEU U 261 52.36 42.46 159.41
C LEU U 261 53.86 42.56 159.64
N ASN U 262 54.59 41.45 159.53
CA ASN U 262 56.04 41.45 159.47
C ASN U 262 56.49 41.43 158.01
N LEU U 263 57.05 42.50 157.50
CA LEU U 263 57.53 42.58 156.11
C LEU U 263 58.91 41.96 155.92
N GLY U 264 59.64 41.68 157.00
CA GLY U 264 60.99 41.13 156.97
C GLY U 264 61.00 39.61 156.91
N SER U 265 61.59 38.97 157.91
CA SER U 265 61.49 37.53 158.16
C SER U 265 61.27 37.25 159.64
N GLN U 266 60.95 36.02 160.05
CA GLN U 266 60.80 35.72 161.47
C GLN U 266 62.11 35.90 162.26
N GLU U 267 63.27 35.69 161.62
CA GLU U 267 64.59 35.93 162.23
C GLU U 267 65.12 37.36 162.01
N SER U 268 64.40 38.20 161.26
CA SER U 268 64.78 39.61 161.02
C SER U 268 63.52 40.47 160.88
N PRO U 269 62.81 40.72 161.99
CA PRO U 269 61.50 41.36 161.93
C PRO U 269 61.57 42.79 161.42
N ASN U 270 60.54 43.21 160.68
CA ASN U 270 60.31 44.59 160.26
C ASN U 270 58.81 44.84 160.18
N PHE U 271 58.19 45.28 161.29
CA PHE U 271 56.75 45.32 161.41
C PHE U 271 56.10 46.59 160.84
N VAL U 272 54.90 46.43 160.32
CA VAL U 272 54.00 47.52 159.92
C VAL U 272 52.63 47.27 160.52
N SER U 273 52.09 48.21 161.29
CA SER U 273 50.68 48.19 161.67
C SER U 273 49.85 48.66 160.50
N LEU U 274 48.89 47.85 160.04
CA LEU U 274 48.02 48.25 158.94
C LEU U 274 47.17 49.47 159.34
N TRP U 275 46.73 49.52 160.61
CA TRP U 275 45.92 50.63 161.08
C TRP U 275 46.76 51.90 161.14
N GLN U 276 47.94 51.87 161.75
CA GLN U 276 48.74 53.09 161.92
C GLN U 276 49.21 53.67 160.58
N HIS U 277 49.40 52.84 159.56
CA HIS U 277 49.78 53.29 158.22
C HIS U 277 48.63 53.40 157.21
N ASN U 278 47.37 53.26 157.62
CA ASN U 278 46.22 53.33 156.72
C ASN U 278 46.34 52.37 155.52
N LEU U 279 46.76 51.12 155.77
CA LEU U 279 46.82 50.06 154.77
C LEU U 279 45.64 49.09 154.89
N VAL U 280 45.43 48.26 153.87
CA VAL U 280 44.48 47.15 153.87
C VAL U 280 45.21 45.91 153.35
N ALA U 281 44.97 44.74 153.94
CA ALA U 281 45.62 43.50 153.52
C ALA U 281 44.62 42.36 153.31
N VAL U 282 44.80 41.58 152.25
CA VAL U 282 43.99 40.40 151.92
C VAL U 282 44.81 39.15 152.17
N ARG U 283 44.23 38.17 152.86
CA ARG U 283 44.91 37.03 153.49
C ARG U 283 44.29 35.74 152.99
N VAL U 284 45.02 34.88 152.30
CA VAL U 284 44.45 33.80 151.48
C VAL U 284 45.08 32.46 151.79
N GLU U 285 44.31 31.39 151.92
CA GLU U 285 44.87 30.07 152.17
C GLU U 285 44.03 28.90 151.63
N ALA U 286 44.68 27.76 151.42
CA ALA U 286 44.08 26.49 151.01
C ALA U 286 44.87 25.30 151.60
N GLU U 287 44.27 24.12 151.63
CA GLU U 287 44.86 22.92 152.24
C GLU U 287 44.67 21.69 151.34
N TYR U 288 45.74 20.91 151.10
CA TYR U 288 45.81 19.87 150.08
C TYR U 288 46.63 18.67 150.52
N GLY U 289 46.30 17.47 150.05
CA GLY U 289 47.07 16.25 150.31
C GLY U 289 47.31 15.45 149.02
N LEU U 290 48.46 14.79 148.92
CA LEU U 290 48.91 14.05 147.75
C LEU U 290 49.65 12.78 148.15
N LEU U 291 49.38 11.67 147.46
CA LEU U 291 50.14 10.44 147.58
C LEU U 291 50.36 9.82 146.20
N ILE U 292 51.58 9.39 145.91
CA ILE U 292 51.84 8.48 144.81
C ILE U 292 52.16 7.12 145.42
N ASN U 293 51.46 6.06 145.02
CA ASN U 293 51.62 4.75 145.63
C ASN U 293 53.03 4.18 145.41
N ASP U 294 53.56 4.29 144.20
CA ASP U 294 54.94 3.94 143.89
C ASP U 294 55.49 4.79 142.74
N VAL U 295 56.43 5.69 143.02
CA VAL U 295 57.02 6.54 141.98
C VAL U 295 57.81 5.74 140.96
N ASN U 296 58.29 4.53 141.28
CA ASN U 296 58.98 3.67 140.30
C ASN U 296 58.09 3.23 139.13
N ALA U 297 56.77 3.46 139.19
CA ALA U 297 55.81 3.15 138.13
C ALA U 297 55.69 4.21 137.03
N PHE U 298 56.56 5.23 137.01
CA PHE U 298 56.56 6.27 135.99
C PHE U 298 57.90 6.35 135.29
N VAL U 299 57.93 6.50 133.97
CA VAL U 299 59.15 6.68 133.18
C VAL U 299 59.26 8.12 132.77
N LYS U 300 60.38 8.76 133.08
CA LYS U 300 60.67 10.14 132.68
C LYS U 300 61.14 10.18 131.22
N LEU U 301 60.68 11.12 130.43
CA LEU U 301 61.04 11.27 129.02
C LEU U 301 61.93 12.50 128.81
N THR U 302 63.04 12.38 128.09
CA THR U 302 64.16 13.33 128.23
C THR U 302 64.70 13.95 126.93
N PHE U 303 64.03 13.83 125.80
CA PHE U 303 64.65 14.07 124.49
C PHE U 303 65.91 13.20 124.32
N ASP U 304 67.11 13.77 124.31
CA ASP U 304 68.36 13.03 124.21
C ASP U 304 68.57 12.08 125.41
N PRO U 305 69.43 11.05 125.28
CA PRO U 305 69.80 10.23 126.41
C PRO U 305 70.60 11.02 127.44
N VAL U 306 70.46 10.67 128.72
CA VAL U 306 71.08 11.40 129.85
C VAL U 306 71.52 10.44 130.95
N LEU U 307 72.55 10.81 131.70
CA LEU U 307 72.94 10.11 132.93
C LEU U 307 71.93 10.38 134.06
N THR U 308 71.81 9.44 134.99
CA THR U 308 71.00 9.60 136.21
C THR U 308 71.90 9.56 137.44
N THR U 309 71.58 10.31 138.47
CA THR U 309 72.39 10.40 139.69
C THR U 309 71.58 10.16 140.95
N TYR U 310 72.17 9.47 141.91
CA TYR U 310 71.50 8.96 143.11
C TYR U 310 72.28 9.34 144.35
N ALA U 311 71.59 9.68 145.43
CA ALA U 311 72.16 9.56 146.77
C ALA U 311 72.03 8.09 147.23
N LEU U 312 73.05 7.59 147.92
CA LEU U 312 73.01 6.33 148.65
C LEU U 312 73.56 6.57 150.04
N ASP U 313 72.83 6.19 151.10
CA ASP U 313 73.40 6.16 152.45
C ASP U 313 72.76 5.05 153.30
N LEU U 314 73.53 4.58 154.27
CA LEU U 314 73.19 3.36 155.02
C LEU U 314 72.53 3.63 156.38
N ASP U 315 72.14 4.88 156.68
CA ASP U 315 71.62 5.30 157.99
C ASP U 315 72.43 4.78 159.19
N GLY U 316 73.76 4.85 159.10
CA GLY U 316 74.65 4.39 160.17
C GLY U 316 74.63 2.88 160.42
N ALA U 317 74.37 2.05 159.40
CA ALA U 317 74.51 0.60 159.49
C ALA U 317 75.86 0.19 160.09
N SER U 318 75.85 -0.78 161.00
CA SER U 318 76.98 -1.02 161.89
C SER U 318 78.12 -1.81 161.24
N ALA U 319 77.81 -2.80 160.40
CA ALA U 319 78.76 -3.68 159.75
C ALA U 319 78.10 -4.41 158.55
N GLY U 320 78.82 -5.34 157.92
CA GLY U 320 78.24 -6.27 156.95
C GLY U 320 78.14 -5.75 155.52
N ASN U 321 77.28 -6.38 154.73
CA ASN U 321 77.25 -6.27 153.27
C ASN U 321 75.91 -5.79 152.71
N PHE U 322 75.97 -5.10 151.57
CA PHE U 322 74.83 -4.77 150.71
C PHE U 322 75.17 -5.02 149.23
N THR U 323 74.16 -5.07 148.37
CA THR U 323 74.28 -5.37 146.94
C THR U 323 73.67 -4.24 146.11
N LEU U 324 74.23 -3.96 144.93
CA LEU U 324 73.66 -3.06 143.94
C LEU U 324 73.22 -3.86 142.71
N SER U 325 72.19 -3.40 142.02
CA SER U 325 71.82 -3.90 140.70
C SER U 325 71.53 -2.75 139.74
N LEU U 326 72.04 -2.86 138.52
CA LEU U 326 71.90 -1.87 137.46
C LEU U 326 71.20 -2.52 136.26
N ASP U 327 70.00 -2.06 135.92
CA ASP U 327 69.17 -2.68 134.86
C ASP U 327 69.02 -4.22 135.01
N GLY U 328 68.89 -4.72 136.25
CA GLY U 328 68.69 -6.14 136.56
C GLY U 328 69.98 -6.99 136.68
N LYS U 329 71.08 -6.60 136.03
CA LYS U 329 72.41 -7.17 136.29
C LYS U 329 72.84 -6.78 137.72
N THR U 330 73.63 -7.59 138.42
CA THR U 330 73.82 -7.46 139.88
C THR U 330 75.28 -7.57 140.33
N SER U 331 75.70 -6.74 141.29
CA SER U 331 77.08 -6.69 141.80
C SER U 331 77.44 -7.89 142.67
N ALA U 332 78.73 -8.06 142.95
CA ALA U 332 79.18 -8.76 144.16
C ALA U 332 78.79 -7.97 145.43
N ASN U 333 78.97 -8.55 146.60
CA ASN U 333 78.74 -7.85 147.87
C ASN U 333 79.67 -6.63 148.01
N ILE U 334 79.15 -5.55 148.58
CA ILE U 334 79.88 -4.35 148.98
C ILE U 334 79.76 -4.18 150.50
N ALA U 335 80.88 -3.94 151.18
CA ALA U 335 80.89 -3.76 152.63
C ALA U 335 80.45 -2.36 153.06
N TYR U 336 79.80 -2.25 154.23
CA TYR U 336 79.24 -1.03 154.80
C TYR U 336 80.21 0.18 154.89
N ASN U 337 81.52 -0.05 154.95
CA ASN U 337 82.56 0.99 155.11
C ASN U 337 83.38 1.22 153.82
N ALA U 338 82.96 0.69 152.67
CA ALA U 338 83.73 0.72 151.43
C ALA U 338 84.08 2.15 150.96
N SER U 339 85.31 2.33 150.44
CA SER U 339 85.76 3.62 149.89
C SER U 339 85.02 3.98 148.59
N THR U 340 85.00 5.26 148.24
CA THR U 340 84.30 5.74 147.04
C THR U 340 84.82 5.07 145.76
N ALA U 341 86.13 4.85 145.64
CA ALA U 341 86.71 4.13 144.51
C ALA U 341 86.41 2.62 144.55
N THR U 342 86.26 2.03 145.74
CA THR U 342 85.90 0.61 145.89
C THR U 342 84.52 0.36 145.27
N VAL U 343 83.51 1.17 145.61
CA VAL U 343 82.16 0.93 145.07
C VAL U 343 82.06 1.27 143.59
N LYS U 344 82.83 2.24 143.06
CA LYS U 344 82.95 2.46 141.61
C LYS U 344 83.42 1.18 140.89
N SER U 345 84.48 0.55 141.38
CA SER U 345 84.99 -0.70 140.81
C SER U 345 83.94 -1.82 140.85
N ALA U 346 83.19 -1.94 141.94
CA ALA U 346 82.17 -2.96 142.08
C ALA U 346 81.01 -2.77 141.10
N ILE U 347 80.70 -1.55 140.67
CA ILE U 347 79.71 -1.31 139.62
C ILE U 347 80.26 -1.73 138.25
N VAL U 348 81.42 -1.20 137.84
CA VAL U 348 81.95 -1.49 136.49
C VAL U 348 82.38 -2.94 136.29
N ALA U 349 82.58 -3.71 137.37
CA ALA U 349 82.83 -5.14 137.31
C ALA U 349 81.61 -5.95 136.81
N ILE U 350 80.41 -5.36 136.73
CA ILE U 350 79.23 -6.02 136.19
C ILE U 350 79.39 -6.26 134.67
N ASP U 351 79.17 -7.49 134.22
CA ASP U 351 79.31 -7.93 132.82
C ASP U 351 78.10 -7.48 131.97
N ASP U 352 78.04 -6.19 131.62
CA ASP U 352 76.90 -5.61 130.88
C ASP U 352 77.24 -4.50 129.85
N GLY U 353 78.47 -4.00 129.83
CA GLY U 353 78.92 -2.98 128.89
C GLY U 353 79.02 -1.54 129.39
N VAL U 354 78.72 -1.22 130.66
CA VAL U 354 79.12 0.09 131.21
C VAL U 354 80.64 0.17 131.47
N SER U 355 81.19 1.38 131.58
CA SER U 355 82.63 1.61 131.75
C SER U 355 82.94 2.84 132.62
N ALA U 356 84.14 2.85 133.20
CA ALA U 356 84.57 3.77 134.26
C ALA U 356 84.76 5.23 133.84
N ASP U 357 84.65 5.53 132.54
CA ASP U 357 84.59 6.88 131.98
C ASP U 357 83.17 7.48 131.99
N ASP U 358 82.12 6.66 132.08
CA ASP U 358 80.75 7.11 132.34
C ASP U 358 80.32 6.87 133.80
N VAL U 359 80.48 5.65 134.31
CA VAL U 359 80.14 5.29 135.70
C VAL U 359 80.99 6.12 136.67
N THR U 360 80.35 6.91 137.51
CA THR U 360 81.01 7.93 138.34
C THR U 360 80.50 7.89 139.77
N VAL U 361 81.36 8.10 140.77
CA VAL U 361 81.01 8.00 142.19
C VAL U 361 81.71 9.09 143.00
N THR U 362 81.07 9.60 144.05
CA THR U 362 81.66 10.51 145.03
C THR U 362 81.16 10.19 146.44
N GLY U 363 81.72 10.83 147.46
CA GLY U 363 81.23 10.77 148.84
C GLY U 363 82.22 10.15 149.82
N SER U 364 81.71 9.29 150.70
CA SER U 364 82.34 8.94 151.97
C SER U 364 81.85 7.59 152.51
N ALA U 365 82.54 7.02 153.48
CA ALA U 365 82.15 5.74 154.06
C ALA U 365 80.71 5.80 154.62
N GLY U 366 79.82 4.99 154.06
CA GLY U 366 78.40 4.91 154.45
C GLY U 366 77.49 6.01 153.89
N ASP U 367 78.01 6.95 153.09
CA ASP U 367 77.25 8.07 152.50
C ASP U 367 77.88 8.55 151.18
N TYR U 368 77.20 8.28 150.06
CA TYR U 368 77.73 8.32 148.69
C TYR U 368 76.80 9.04 147.73
N THR U 369 77.33 9.48 146.59
CA THR U 369 76.53 9.74 145.39
C THR U 369 77.10 8.97 144.19
N ILE U 370 76.22 8.46 143.35
CA ILE U 370 76.55 7.60 142.22
C ILE U 370 75.87 8.15 140.98
N THR U 371 76.56 8.18 139.84
CA THR U 371 76.03 8.63 138.56
C THR U 371 76.25 7.56 137.50
N VAL U 372 75.17 7.12 136.84
CA VAL U 372 75.18 5.98 135.91
C VAL U 372 74.14 6.15 134.79
N PRO U 373 74.33 5.49 133.63
CA PRO U 373 73.37 5.57 132.52
C PRO U 373 72.12 4.71 132.72
N GLY U 374 72.20 3.64 133.52
CA GLY U 374 71.10 2.69 133.76
C GLY U 374 70.28 2.97 135.02
N THR U 375 69.30 2.11 135.28
CA THR U 375 68.40 2.17 136.43
C THR U 375 69.05 1.55 137.67
N LEU U 376 69.65 2.37 138.55
CA LEU U 376 70.35 1.85 139.73
C LEU U 376 69.36 1.46 140.85
N THR U 377 69.60 0.32 141.48
CA THR U 377 68.78 -0.25 142.55
C THR U 377 69.66 -0.95 143.59
N ALA U 378 69.16 -1.18 144.80
CA ALA U 378 69.96 -1.73 145.90
C ALA U 378 69.22 -2.79 146.71
N ASP U 379 69.97 -3.60 147.46
CA ASP U 379 69.47 -4.62 148.38
C ASP U 379 70.31 -4.64 149.66
N PHE U 380 69.73 -4.14 150.75
CA PHE U 380 70.35 -4.08 152.08
C PHE U 380 69.98 -5.26 152.98
N SER U 381 69.37 -6.32 152.46
CA SER U 381 68.99 -7.49 153.26
C SER U 381 70.22 -8.13 153.91
N GLY U 382 70.19 -8.30 155.22
CA GLY U 382 71.33 -8.84 155.99
C GLY U 382 72.42 -7.83 156.35
N LEU U 383 72.29 -6.55 155.99
CA LEU U 383 73.13 -5.47 156.50
C LEU U 383 72.83 -5.23 158.00
N THR U 384 73.83 -5.21 158.88
CA THR U 384 73.58 -5.19 160.32
C THR U 384 73.13 -3.81 160.81
N ASP U 385 72.02 -3.79 161.56
CA ASP U 385 71.30 -2.57 161.97
C ASP U 385 70.85 -1.69 160.77
N GLY U 386 70.79 -2.28 159.58
CA GLY U 386 70.70 -1.59 158.28
C GLY U 386 69.28 -1.35 157.75
N GLU U 387 68.22 -1.63 158.51
CA GLU U 387 66.84 -1.43 158.03
C GLU U 387 66.46 0.05 157.78
N GLY U 388 67.32 1.00 158.14
CA GLY U 388 67.20 2.41 157.74
C GLY U 388 67.87 2.78 156.40
N ALA U 389 68.68 1.90 155.80
CA ALA U 389 69.47 2.19 154.59
C ALA U 389 68.58 2.47 153.37
N SER U 390 69.01 3.39 152.50
CA SER U 390 68.19 3.89 151.38
C SER U 390 68.99 4.38 150.18
N ILE U 391 68.39 4.30 148.99
CA ILE U 391 68.92 4.84 147.72
C ILE U 391 67.82 5.64 147.01
N SER U 392 68.14 6.82 146.48
CA SER U 392 67.14 7.73 145.88
C SER U 392 67.74 8.62 144.79
N VAL U 393 66.94 8.95 143.78
CA VAL U 393 67.33 9.88 142.71
C VAL U 393 67.44 11.32 143.23
N VAL U 394 68.33 12.11 142.65
CA VAL U 394 68.59 13.53 142.99
C VAL U 394 68.76 14.37 141.71
N SER U 395 68.27 15.61 141.68
CA SER U 395 68.50 16.55 140.56
C SER U 395 69.85 17.27 140.72
N VAL U 396 70.59 17.43 139.62
CA VAL U 396 71.94 18.03 139.62
C VAL U 396 71.88 19.53 139.87
N GLY U 397 72.82 20.06 140.67
CA GLY U 397 72.97 21.49 140.96
C GLY U 397 74.22 21.81 141.77
N GLY V 2 58.18 29.10 162.24
CA GLY V 2 56.97 28.97 163.07
C GLY V 2 57.33 28.92 164.53
N PHE V 3 57.04 27.80 165.20
CA PHE V 3 57.38 27.58 166.60
C PHE V 3 57.77 26.11 166.83
N SER V 4 58.40 25.81 167.96
CA SER V 4 58.78 24.45 168.35
C SER V 4 57.60 23.48 168.30
N ALA V 5 57.87 22.22 167.97
CA ALA V 5 56.84 21.18 167.89
C ALA V 5 56.09 20.95 169.21
N ASP V 6 56.67 21.34 170.33
CA ASP V 6 55.99 21.54 171.59
C ASP V 6 56.55 22.81 172.26
N HIS V 7 55.71 23.69 172.78
CA HIS V 7 56.09 25.09 173.06
C HIS V 7 55.38 25.66 174.28
N SER V 8 55.97 26.66 174.92
CA SER V 8 55.44 27.21 176.18
C SER V 8 54.34 28.25 175.99
N GLN V 9 54.33 28.98 174.88
CA GLN V 9 53.40 30.10 174.69
C GLN V 9 52.14 29.69 173.94
N ILE V 10 52.29 29.03 172.80
CA ILE V 10 51.22 28.82 171.82
C ILE V 10 50.95 27.34 171.63
N ALA V 11 49.72 26.89 171.88
CA ALA V 11 49.35 25.52 171.61
C ALA V 11 49.08 25.27 170.12
N GLN V 12 49.43 24.10 169.60
CA GLN V 12 49.38 23.72 168.19
C GLN V 12 48.94 22.27 168.02
N THR V 13 48.46 21.91 166.83
CA THR V 13 48.00 20.53 166.54
C THR V 13 49.09 19.48 166.76
N LYS V 14 50.36 19.87 166.63
CA LYS V 14 51.53 19.00 166.77
C LYS V 14 52.06 18.84 168.20
N ASP V 15 51.53 19.56 169.18
CA ASP V 15 52.00 19.45 170.56
C ASP V 15 51.79 18.04 171.14
N THR V 16 52.57 17.65 172.13
CA THR V 16 52.49 16.31 172.72
C THR V 16 51.19 16.03 173.46
N MET V 17 50.68 16.98 174.26
CA MET V 17 49.48 16.76 175.08
C MET V 17 48.27 16.41 174.21
N PHE V 18 48.12 17.05 173.05
CA PHE V 18 46.97 16.84 172.17
C PHE V 18 47.18 15.70 171.15
N THR V 19 48.20 14.85 171.33
CA THR V 19 48.35 13.62 170.51
C THR V 19 47.28 12.56 170.83
N GLY V 20 47.16 11.54 170.00
CA GLY V 20 46.18 10.45 170.16
C GLY V 20 44.78 10.84 169.68
N TYR V 21 44.34 12.04 170.01
CA TYR V 21 43.34 12.76 169.22
C TYR V 21 43.90 13.12 167.84
N LEU V 22 43.08 13.74 166.98
CA LEU V 22 43.48 14.10 165.62
C LEU V 22 43.96 12.86 164.81
N ASP V 23 43.34 11.71 165.08
CA ASP V 23 43.60 10.43 164.44
C ASP V 23 43.26 10.45 162.93
N PRO V 24 44.10 9.97 162.02
CA PRO V 24 43.76 9.93 160.60
C PRO V 24 42.66 8.89 160.33
N VAL V 25 41.60 9.28 159.63
CA VAL V 25 40.45 8.41 159.38
C VAL V 25 40.76 7.34 158.35
N GLN V 26 40.37 6.09 158.60
CA GLN V 26 40.68 4.99 157.70
C GLN V 26 39.79 5.00 156.45
N ALA V 27 40.29 4.53 155.32
CA ALA V 27 39.64 4.60 154.02
C ALA V 27 39.67 3.24 153.28
N LYS V 28 38.93 3.10 152.18
CA LYS V 28 39.09 1.96 151.28
C LYS V 28 40.43 2.00 150.54
N ASP V 29 40.91 0.85 150.10
CA ASP V 29 42.17 0.75 149.37
C ASP V 29 42.02 1.25 147.94
N TYR V 30 42.51 2.47 147.66
CA TYR V 30 42.50 3.04 146.32
C TYR V 30 43.53 2.41 145.35
N PHE V 31 44.30 1.42 145.77
CA PHE V 31 45.33 0.75 144.97
C PHE V 31 45.18 -0.78 144.93
N ALA V 32 44.03 -1.33 145.32
CA ALA V 32 43.81 -2.77 145.38
C ALA V 32 44.06 -3.46 144.03
N GLU V 33 44.71 -4.62 144.05
CA GLU V 33 44.82 -5.52 142.89
C GLU V 33 43.50 -6.27 142.61
N ALA V 34 43.29 -6.73 141.38
CA ALA V 34 42.26 -7.71 141.07
C ALA V 34 42.75 -9.15 141.38
N GLU V 35 41.83 -10.07 141.68
CA GLU V 35 42.15 -11.49 141.85
C GLU V 35 42.44 -12.16 140.50
N LYS V 36 43.71 -12.42 140.21
CA LYS V 36 44.12 -13.21 139.04
C LYS V 36 43.58 -14.63 139.12
N THR V 37 43.39 -15.27 137.97
CA THR V 37 42.70 -16.56 137.85
C THR V 37 43.40 -17.51 136.88
N SER V 38 43.10 -18.80 136.94
CA SER V 38 43.76 -19.82 136.12
C SER V 38 43.64 -19.52 134.64
N ILE V 39 44.74 -19.62 133.90
CA ILE V 39 44.71 -19.60 132.44
C ILE V 39 44.46 -21.02 131.91
N VAL V 40 44.99 -22.06 132.56
CA VAL V 40 44.84 -23.42 132.04
C VAL V 40 43.38 -23.83 132.01
N GLN V 41 42.62 -23.54 133.07
CA GLN V 41 41.19 -23.81 133.10
C GLN V 41 40.41 -23.07 132.02
N ARG V 42 40.92 -21.95 131.51
CA ARG V 42 40.29 -21.18 130.43
C ARG V 42 40.55 -21.80 129.06
N VAL V 43 41.78 -22.24 128.80
CA VAL V 43 42.19 -22.66 127.44
C VAL V 43 41.98 -24.15 127.18
N ALA V 44 42.13 -25.00 128.18
CA ALA V 44 42.13 -26.44 127.99
C ALA V 44 40.71 -27.02 128.07
N GLN V 45 40.43 -28.06 127.28
CA GLN V 45 39.12 -28.71 127.25
C GLN V 45 38.81 -29.35 128.60
N LYS V 46 37.78 -28.90 129.31
CA LYS V 46 37.33 -29.60 130.51
C LYS V 46 36.66 -30.92 130.13
N ILE V 47 36.84 -31.93 130.94
CA ILE V 47 36.18 -33.24 130.84
C ILE V 47 35.48 -33.58 132.16
N PRO V 48 34.42 -34.41 132.13
CA PRO V 48 33.83 -34.93 133.36
C PRO V 48 34.84 -35.83 134.05
N MET V 49 34.75 -35.92 135.38
CA MET V 49 35.76 -36.52 136.24
C MET V 49 35.13 -37.13 137.49
N GLY V 50 35.80 -38.06 138.13
CA GLY V 50 35.35 -38.69 139.38
C GLY V 50 36.53 -39.26 140.17
N ALA V 51 36.32 -39.60 141.43
CA ALA V 51 37.43 -39.92 142.33
C ALA V 51 38.32 -41.08 141.86
N THR V 52 37.77 -42.09 141.18
CA THR V 52 38.56 -43.22 140.67
C THR V 52 39.30 -42.90 139.38
N GLY V 53 39.13 -41.72 138.79
CA GLY V 53 39.73 -41.36 137.51
C GLY V 53 39.03 -41.99 136.31
N ILE V 54 39.65 -41.87 135.13
CA ILE V 54 39.06 -42.35 133.88
C ILE V 54 40.09 -43.04 132.99
N VAL V 55 39.61 -43.96 132.16
CA VAL V 55 40.41 -44.70 131.18
C VAL V 55 40.02 -44.31 129.75
N ILE V 56 41.01 -43.98 128.93
CA ILE V 56 40.86 -43.50 127.57
C ILE V 56 41.31 -44.59 126.59
N PRO V 57 40.44 -45.10 125.71
CA PRO V 57 40.82 -46.08 124.70
C PRO V 57 41.44 -45.41 123.49
N HIS V 58 42.26 -46.12 122.73
CA HIS V 58 42.78 -45.69 121.43
C HIS V 58 42.92 -46.88 120.48
N TRP V 59 42.50 -46.72 119.22
CA TRP V 59 42.86 -47.68 118.17
C TRP V 59 44.37 -47.62 117.91
N THR V 60 44.98 -48.70 117.43
CA THR V 60 46.39 -48.67 117.08
C THR V 60 46.76 -49.72 116.04
N GLY V 61 47.94 -49.60 115.44
CA GLY V 61 48.42 -50.53 114.42
C GLY V 61 47.71 -50.37 113.07
N ASP V 62 48.43 -50.73 112.00
CA ASP V 62 47.90 -50.66 110.65
C ASP V 62 46.86 -51.76 110.42
N VAL V 63 46.07 -51.58 109.36
CA VAL V 63 45.24 -52.60 108.76
C VAL V 63 45.58 -52.58 107.27
N SER V 64 45.79 -53.73 106.64
CA SER V 64 46.38 -53.77 105.30
C SER V 64 45.59 -54.61 104.30
N ALA V 65 45.61 -54.17 103.06
CA ALA V 65 44.98 -54.79 101.91
C ALA V 65 45.94 -54.76 100.73
N GLN V 66 45.94 -55.80 99.92
CA GLN V 66 46.95 -56.00 98.89
C GLN V 66 46.32 -56.18 97.51
N TRP V 67 47.02 -55.74 96.48
CA TRP V 67 46.57 -55.92 95.11
C TRP V 67 46.62 -57.40 94.73
N ILE V 68 45.68 -57.88 93.91
CA ILE V 68 45.58 -59.29 93.52
C ILE V 68 45.16 -59.45 92.06
N GLY V 69 45.52 -60.59 91.46
CA GLY V 69 45.11 -60.96 90.10
C GLY V 69 43.76 -61.65 90.03
N GLU V 70 43.54 -62.40 88.95
CA GLU V 70 42.29 -63.08 88.63
C GLU V 70 41.83 -64.09 89.69
N GLY V 71 42.76 -64.84 90.28
CA GLY V 71 42.46 -65.97 91.16
C GLY V 71 43.52 -66.19 92.24
N ASP V 72 44.25 -65.13 92.59
CA ASP V 72 45.29 -65.20 93.60
C ASP V 72 44.74 -65.46 95.00
N MET V 73 45.65 -65.81 95.91
CA MET V 73 45.40 -65.80 97.34
C MET V 73 44.80 -64.46 97.80
N LYS V 74 43.99 -64.45 98.85
CA LYS V 74 43.60 -63.21 99.54
C LYS V 74 44.27 -63.12 100.91
N PRO V 75 44.88 -62.00 101.30
CA PRO V 75 45.68 -61.93 102.52
C PRO V 75 44.78 -61.84 103.75
N ILE V 76 45.21 -62.42 104.87
CA ILE V 76 44.58 -62.24 106.18
C ILE V 76 45.13 -60.96 106.83
N THR V 77 44.33 -60.24 107.63
CA THR V 77 44.77 -59.11 108.44
C THR V 77 44.06 -59.06 109.79
N LYS V 78 44.68 -58.46 110.82
CA LYS V 78 44.07 -58.19 112.13
C LYS V 78 44.36 -56.75 112.57
N GLY V 79 43.39 -56.06 113.17
CA GLY V 79 43.60 -54.73 113.75
C GLY V 79 44.25 -54.77 115.13
N ASN V 80 44.32 -53.65 115.84
CA ASN V 80 44.81 -53.61 117.22
C ASN V 80 44.25 -52.42 118.04
N MET V 81 44.34 -52.48 119.36
CA MET V 81 43.80 -51.48 120.29
C MET V 81 44.70 -51.32 121.52
N THR V 82 44.60 -50.18 122.21
CA THR V 82 45.36 -49.88 123.43
C THR V 82 44.58 -48.90 124.31
N LYS V 83 44.98 -48.70 125.56
CA LYS V 83 44.39 -47.68 126.43
C LYS V 83 45.41 -47.04 127.35
N ARG V 84 45.06 -45.89 127.90
CA ARG V 84 45.80 -45.19 128.97
C ARG V 84 44.82 -44.68 130.01
N ASP V 85 45.27 -44.39 131.22
CA ASP V 85 44.37 -44.00 132.30
C ASP V 85 44.96 -42.92 133.20
N VAL V 86 44.09 -42.16 133.84
CA VAL V 86 44.41 -40.95 134.60
C VAL V 86 43.63 -40.95 135.89
N HIS V 87 44.26 -40.59 137.00
CA HIS V 87 43.61 -40.42 138.29
C HIS V 87 43.84 -38.98 138.81
N PRO V 88 42.89 -38.38 139.53
CA PRO V 88 43.06 -37.05 140.09
C PRO V 88 43.98 -37.05 141.32
N ALA V 89 44.35 -35.87 141.80
CA ALA V 89 45.16 -35.63 142.99
C ALA V 89 44.64 -34.44 143.80
N LYS V 90 44.86 -34.44 145.12
CA LYS V 90 44.47 -33.32 146.00
C LYS V 90 45.49 -32.20 146.00
N ILE V 91 45.00 -30.98 146.16
CA ILE V 91 45.77 -29.82 146.60
C ILE V 91 45.15 -29.32 147.91
N ALA V 92 45.98 -28.93 148.87
CA ALA V 92 45.50 -28.64 150.21
C ALA V 92 46.33 -27.62 150.97
N THR V 93 45.74 -27.03 152.00
CA THR V 93 46.38 -26.09 152.93
C THR V 93 45.74 -26.13 154.30
N ILE V 94 46.49 -25.75 155.32
CA ILE V 94 45.98 -25.36 156.62
C ILE V 94 46.46 -23.93 156.90
N PHE V 95 45.67 -23.11 157.56
CA PHE V 95 46.15 -21.84 158.11
C PHE V 95 45.62 -21.63 159.51
N VAL V 96 46.38 -20.90 160.35
CA VAL V 96 46.26 -20.99 161.81
C VAL V 96 46.30 -19.61 162.45
N ALA V 97 45.49 -19.38 163.47
CA ALA V 97 45.43 -18.12 164.21
C ALA V 97 45.21 -18.35 165.72
N SER V 98 45.55 -17.37 166.55
CA SER V 98 45.24 -17.45 167.99
C SER V 98 43.74 -17.31 168.22
N ALA V 99 43.23 -17.87 169.32
CA ALA V 99 41.82 -17.74 169.65
C ALA V 99 41.41 -16.27 169.83
N GLU V 100 42.28 -15.42 170.37
CA GLU V 100 42.06 -13.98 170.45
C GLU V 100 41.87 -13.37 169.05
N THR V 101 42.76 -13.70 168.11
CA THR V 101 42.67 -13.22 166.73
C THR V 101 41.40 -13.70 166.06
N VAL V 102 40.97 -14.93 166.28
CA VAL V 102 39.70 -15.41 165.72
C VAL V 102 38.52 -14.67 166.33
N ARG V 103 38.52 -14.42 167.63
CA ARG V 103 37.42 -13.71 168.30
C ARG V 103 37.34 -12.25 167.87
N ALA V 104 38.47 -11.59 167.67
CA ALA V 104 38.51 -10.21 167.19
C ALA V 104 38.26 -10.08 165.68
N ASN V 105 38.68 -11.07 164.88
CA ASN V 105 38.71 -11.05 163.42
C ASN V 105 39.20 -9.71 162.85
N PRO V 106 40.42 -9.28 163.19
CA PRO V 106 40.89 -7.94 162.85
C PRO V 106 41.01 -7.78 161.35
N ALA V 107 40.60 -6.63 160.81
CA ALA V 107 40.59 -6.33 159.39
C ALA V 107 39.94 -7.43 158.51
N ASN V 108 38.99 -8.18 159.07
CA ASN V 108 38.39 -9.36 158.46
C ASN V 108 39.42 -10.36 157.90
N TYR V 109 40.54 -10.54 158.60
CA TYR V 109 41.63 -11.39 158.14
C TYR V 109 41.18 -12.82 157.89
N LEU V 110 40.37 -13.41 158.78
CA LEU V 110 39.95 -14.80 158.59
C LEU V 110 39.07 -14.93 157.34
N GLY V 111 38.13 -14.01 157.14
CA GLY V 111 37.31 -14.00 155.93
C GLY V 111 38.14 -13.77 154.66
N THR V 112 39.11 -12.86 154.73
CA THR V 112 40.00 -12.57 153.60
C THR V 112 40.80 -13.81 153.23
N MET V 113 41.48 -14.43 154.19
CA MET V 113 42.25 -15.64 153.96
C MET V 113 41.42 -16.72 153.28
N ARG V 114 40.17 -16.92 153.72
CA ARG V 114 39.29 -17.95 153.16
C ARG V 114 38.97 -17.75 151.67
N THR V 115 39.15 -16.54 151.13
CA THR V 115 39.10 -16.31 149.68
C THR V 115 40.48 -16.33 149.02
N LYS V 116 41.52 -15.79 149.66
CA LYS V 116 42.87 -15.78 149.09
C LYS V 116 43.39 -17.19 148.83
N VAL V 117 43.08 -18.17 149.69
CA VAL V 117 43.47 -19.56 149.42
C VAL V 117 42.84 -20.11 148.14
N ALA V 118 41.61 -19.72 147.78
CA ALA V 118 41.00 -20.20 146.55
C ALA V 118 41.76 -19.66 145.31
N THR V 119 42.17 -18.39 145.34
CA THR V 119 43.08 -17.86 144.32
C THR V 119 44.37 -18.64 144.30
N ALA V 120 45.01 -18.91 145.44
CA ALA V 120 46.25 -19.67 145.47
C ALA V 120 46.09 -21.05 144.83
N ILE V 121 44.96 -21.73 145.05
CA ILE V 121 44.66 -23.01 144.42
C ILE V 121 44.51 -22.86 142.89
N ALA V 122 43.88 -21.79 142.41
CA ALA V 122 43.86 -21.51 140.98
C ALA V 122 45.26 -21.27 140.41
N MET V 123 46.15 -20.59 141.13
CA MET V 123 47.53 -20.40 140.65
C MET V 123 48.31 -21.69 140.63
N ALA V 124 48.22 -22.50 141.68
CA ALA V 124 48.96 -23.76 141.73
C ALA V 124 48.55 -24.71 140.60
N PHE V 125 47.29 -24.69 140.19
CA PHE V 125 46.83 -25.50 139.07
C PHE V 125 47.40 -25.02 137.73
N ASP V 126 47.67 -23.74 137.54
CA ASP V 126 48.44 -23.31 136.38
C ASP V 126 49.90 -23.76 136.49
N ASN V 127 50.57 -23.44 137.59
CA ASN V 127 52.00 -23.71 137.69
C ASN V 127 52.32 -25.20 137.61
N ALA V 128 51.43 -26.08 138.08
CA ALA V 128 51.61 -27.51 137.96
C ALA V 128 51.48 -28.03 136.52
N ALA V 129 50.88 -27.27 135.61
CA ALA V 129 50.64 -27.70 134.23
C ALA V 129 51.50 -26.93 133.21
N LEU V 130 51.81 -25.67 133.45
CA LEU V 130 52.71 -24.90 132.59
C LEU V 130 54.16 -25.26 132.92
N HIS V 131 54.65 -24.82 134.07
CA HIS V 131 56.06 -24.97 134.45
C HIS V 131 56.36 -26.28 135.17
N GLY V 132 55.35 -26.97 135.68
CA GLY V 132 55.52 -28.21 136.43
C GLY V 132 56.13 -28.01 137.82
N THR V 133 55.93 -26.85 138.46
CA THR V 133 56.75 -26.45 139.63
C THR V 133 56.72 -27.44 140.79
N ASN V 134 55.57 -28.02 141.09
CA ASN V 134 55.42 -29.01 142.16
C ASN V 134 54.35 -30.05 141.83
N ALA V 135 54.28 -30.47 140.56
CA ALA V 135 53.19 -31.32 140.10
C ALA V 135 53.18 -32.67 140.84
N PRO V 136 52.01 -33.19 141.23
CA PRO V 136 51.90 -34.50 141.84
C PRO V 136 52.19 -35.57 140.79
N SER V 137 52.64 -36.74 141.19
CA SER V 137 52.98 -37.82 140.26
C SER V 137 51.81 -38.25 139.36
N ALA V 138 50.57 -37.99 139.76
CA ALA V 138 49.37 -38.30 138.99
C ALA V 138 49.09 -37.34 137.83
N PHE V 139 49.66 -36.14 137.80
CA PHE V 139 49.56 -35.28 136.62
C PHE V 139 50.45 -35.85 135.52
N GLN V 140 49.91 -36.08 134.33
CA GLN V 140 50.68 -36.60 133.21
C GLN V 140 51.19 -35.46 132.33
N GLY V 141 52.42 -35.01 132.60
CA GLY V 141 53.16 -34.05 131.80
C GLY V 141 52.86 -32.58 132.13
N TYR V 142 53.77 -31.69 131.72
CA TYR V 142 53.63 -30.23 131.86
C TYR V 142 54.34 -29.52 130.70
N LEU V 143 53.89 -28.34 130.28
CA LEU V 143 54.32 -27.77 129.00
C LEU V 143 55.83 -27.51 128.92
N ASP V 144 56.46 -27.06 130.00
CA ASP V 144 57.92 -26.84 130.01
C ASP V 144 58.74 -28.10 129.74
N GLN V 145 58.14 -29.29 129.89
CA GLN V 145 58.78 -30.56 129.59
C GLN V 145 59.01 -30.77 128.09
N SER V 146 58.41 -29.96 127.22
CA SER V 146 58.53 -30.09 125.77
C SER V 146 59.98 -29.99 125.30
N ASN V 147 60.34 -30.81 124.31
CA ASN V 147 61.71 -30.96 123.84
C ASN V 147 62.26 -29.82 122.98
N LYS V 148 61.51 -28.75 122.71
CA LYS V 148 61.90 -27.75 121.70
C LYS V 148 61.44 -26.33 121.99
N THR V 149 62.22 -25.37 121.51
CA THR V 149 62.14 -23.96 121.90
C THR V 149 62.32 -23.03 120.71
N GLN V 150 61.92 -21.78 120.86
CA GLN V 150 62.15 -20.73 119.87
C GLN V 150 62.38 -19.39 120.55
N SER V 151 63.12 -18.49 119.93
CA SER V 151 63.21 -17.10 120.37
C SER V 151 62.32 -16.22 119.50
N ILE V 152 61.54 -15.35 120.13
CA ILE V 152 60.70 -14.37 119.44
C ILE V 152 61.30 -12.96 119.46
N SER V 153 62.40 -12.73 120.17
CA SER V 153 62.88 -11.37 120.46
C SER V 153 63.34 -10.56 119.24
N PRO V 154 64.11 -11.09 118.29
CA PRO V 154 64.56 -10.31 117.14
C PRO V 154 63.40 -9.76 116.30
N ASN V 155 62.42 -10.60 115.99
CA ASN V 155 61.21 -10.23 115.25
C ASN V 155 60.13 -11.27 115.50
N ALA V 156 59.03 -10.88 116.16
CA ALA V 156 58.00 -11.82 116.56
C ALA V 156 57.41 -12.64 115.41
N TYR V 157 57.27 -12.07 114.21
CA TYR V 157 56.70 -12.80 113.08
C TYR V 157 57.60 -13.95 112.63
N GLN V 158 58.89 -13.66 112.43
CA GLN V 158 59.89 -14.67 112.08
C GLN V 158 60.09 -15.70 113.18
N GLY V 159 59.81 -15.32 114.43
CA GLY V 159 59.71 -16.24 115.55
C GLY V 159 58.52 -17.19 115.41
N LEU V 160 57.30 -16.68 115.52
CA LEU V 160 56.09 -17.49 115.57
C LEU V 160 55.83 -18.22 114.25
N GLY V 161 55.55 -17.47 113.19
CA GLY V 161 54.91 -18.00 111.98
C GLY V 161 55.83 -18.76 111.04
N VAL V 162 57.12 -18.77 111.31
CA VAL V 162 58.14 -19.29 110.39
C VAL V 162 59.07 -20.25 111.11
N SER V 163 59.99 -19.73 111.92
CA SER V 163 61.00 -20.56 112.59
C SER V 163 60.36 -21.49 113.62
N GLY V 164 59.50 -20.97 114.49
CA GLY V 164 58.79 -21.76 115.49
C GLY V 164 57.83 -22.76 114.86
N LEU V 165 56.97 -22.31 113.93
CA LEU V 165 56.02 -23.20 113.27
C LEU V 165 56.70 -24.38 112.58
N THR V 166 57.89 -24.17 112.01
CA THR V 166 58.62 -25.26 111.36
C THR V 166 58.89 -26.40 112.34
N LYS V 167 59.31 -26.09 113.57
CA LYS V 167 59.59 -27.09 114.61
C LYS V 167 58.33 -27.82 115.09
N LEU V 168 57.14 -27.32 114.80
CA LEU V 168 55.90 -28.07 114.98
C LEU V 168 55.64 -28.97 113.76
N VAL V 169 55.42 -28.38 112.59
CA VAL V 169 54.90 -29.15 111.45
C VAL V 169 55.88 -30.21 110.98
N THR V 170 57.18 -30.04 111.18
CA THR V 170 58.16 -31.06 110.80
C THR V 170 57.95 -32.37 111.56
N ASP V 171 57.37 -32.32 112.76
CA ASP V 171 57.03 -33.51 113.55
C ASP V 171 55.58 -33.97 113.35
N GLY V 172 54.83 -33.36 112.43
CA GLY V 172 53.41 -33.65 112.22
C GLY V 172 52.48 -33.13 113.33
N LYS V 173 53.01 -32.45 114.35
CA LYS V 173 52.22 -31.72 115.34
C LYS V 173 51.76 -30.38 114.74
N LYS V 174 50.60 -29.85 115.10
CA LYS V 174 49.98 -28.72 114.38
C LYS V 174 49.55 -27.56 115.27
N TRP V 175 49.91 -26.35 114.89
CA TRP V 175 49.70 -25.13 115.67
C TRP V 175 48.24 -24.70 115.68
N THR V 176 47.57 -24.74 116.83
CA THR V 176 46.16 -24.29 116.96
C THR V 176 45.98 -23.03 117.77
N HIS V 177 46.86 -22.71 118.72
CA HIS V 177 46.74 -21.50 119.56
C HIS V 177 48.11 -20.92 119.94
N THR V 178 48.12 -19.66 120.36
CA THR V 178 49.25 -19.06 121.07
C THR V 178 48.83 -18.59 122.45
N LEU V 179 49.72 -18.65 123.42
CA LEU V 179 49.47 -18.27 124.80
C LEU V 179 50.65 -17.46 125.31
N LEU V 180 50.47 -16.17 125.54
CA LEU V 180 51.56 -15.21 125.73
C LEU V 180 51.45 -14.46 127.06
N ASP V 181 52.55 -14.30 127.78
CA ASP V 181 52.61 -13.40 128.93
C ASP V 181 52.62 -11.93 128.49
N ASP V 182 52.01 -11.00 129.23
CA ASP V 182 51.95 -9.60 128.82
C ASP V 182 53.32 -8.89 128.80
N THR V 183 54.37 -9.46 129.41
CA THR V 183 55.75 -9.03 129.18
C THR V 183 56.21 -9.21 127.73
N VAL V 184 55.46 -9.90 126.87
CA VAL V 184 55.73 -10.00 125.43
C VAL V 184 55.32 -8.75 124.65
N GLU V 185 54.47 -7.87 125.18
CA GLU V 185 54.03 -6.68 124.43
C GLU V 185 55.17 -5.85 123.83
N PRO V 186 56.28 -5.55 124.53
CA PRO V 186 57.35 -4.76 123.93
C PRO V 186 57.98 -5.46 122.73
N VAL V 187 58.23 -6.76 122.76
CA VAL V 187 58.86 -7.41 121.58
C VAL V 187 57.89 -7.48 120.41
N LEU V 188 56.58 -7.54 120.66
CA LEU V 188 55.60 -7.39 119.59
C LEU V 188 55.58 -5.96 119.05
N ASN V 189 55.49 -4.94 119.90
CA ASN V 189 55.55 -3.55 119.46
C ASN V 189 56.85 -3.25 118.71
N GLY V 190 57.94 -3.94 119.04
CA GLY V 190 59.25 -3.80 118.44
C GLY V 190 59.52 -4.71 117.25
N SER V 191 58.55 -5.52 116.82
CA SER V 191 58.69 -6.30 115.59
C SER V 191 58.46 -5.40 114.38
N VAL V 192 59.52 -5.07 113.64
CA VAL V 192 59.48 -4.11 112.55
C VAL V 192 59.99 -4.69 111.25
N ASP V 193 59.48 -4.17 110.13
CA ASP V 193 60.11 -4.40 108.83
C ASP V 193 61.46 -3.67 108.73
N ALA V 194 62.19 -3.84 107.64
CA ALA V 194 63.49 -3.21 107.48
C ALA V 194 63.44 -1.67 107.47
N ASN V 195 62.29 -1.08 107.17
CA ASN V 195 62.11 0.37 107.24
C ASN V 195 61.76 0.87 108.64
N GLY V 196 61.60 -0.01 109.63
CA GLY V 196 61.24 0.40 110.98
C GLY V 196 59.76 0.67 111.18
N ARG V 197 58.87 0.29 110.24
CA ARG V 197 57.42 0.26 110.53
C ARG V 197 57.12 -0.98 111.36
N PRO V 198 56.24 -0.93 112.37
CA PRO V 198 55.86 -2.13 113.09
C PRO V 198 55.03 -3.05 112.21
N LEU V 199 55.11 -4.36 112.41
CA LEU V 199 54.33 -5.33 111.64
C LEU V 199 52.88 -5.42 112.11
N PHE V 200 52.62 -5.39 113.42
CA PHE V 200 51.32 -5.69 114.03
C PHE V 200 50.52 -4.46 114.49
N VAL V 201 50.73 -3.30 113.88
CA VAL V 201 49.97 -2.06 114.12
C VAL V 201 49.90 -1.29 112.80
N GLU V 202 48.92 -0.41 112.60
CA GLU V 202 48.71 0.24 111.31
C GLU V 202 48.57 1.76 111.35
N SER V 203 48.90 2.39 110.23
CA SER V 203 48.76 3.82 109.93
C SER V 203 49.36 4.74 111.01
N THR V 204 48.54 5.47 111.74
CA THR V 204 48.91 6.41 112.81
C THR V 204 49.23 5.74 114.14
N TYR V 205 49.19 4.42 114.22
CA TYR V 205 49.57 3.65 115.41
C TYR V 205 48.81 4.03 116.67
N GLU V 206 47.51 4.28 116.52
CA GLU V 206 46.64 4.65 117.64
C GLU V 206 46.24 3.45 118.50
N SER V 207 45.79 2.34 117.92
CA SER V 207 45.29 1.19 118.69
C SER V 207 46.36 0.40 119.42
N LEU V 208 45.98 -0.49 120.35
CA LEU V 208 46.85 -1.61 120.73
C LEU V 208 47.22 -2.45 119.52
N THR V 209 48.35 -3.17 119.59
CA THR V 209 48.76 -4.14 118.57
C THR V 209 47.83 -5.33 118.49
N THR V 210 47.58 -5.91 117.32
CA THR V 210 46.44 -6.84 117.15
C THR V 210 46.47 -8.08 118.04
N PRO V 211 47.59 -8.73 118.37
CA PRO V 211 47.59 -9.79 119.38
C PRO V 211 47.09 -9.32 120.74
N PHE V 212 47.42 -8.10 121.15
CA PHE V 212 46.95 -7.52 122.40
C PHE V 212 45.54 -6.93 122.32
N ARG V 213 44.90 -6.96 121.15
CA ARG V 213 43.44 -6.90 121.01
C ARG V 213 42.80 -8.27 121.27
N GLU V 214 43.58 -9.27 121.69
CA GLU V 214 43.23 -10.69 121.61
C GLU V 214 42.82 -11.14 120.19
N GLY V 215 43.31 -10.45 119.16
CA GLY V 215 43.11 -10.83 117.77
C GLY V 215 43.99 -12.02 117.38
N ARG V 216 43.49 -12.86 116.47
CA ARG V 216 44.25 -13.99 115.93
C ARG V 216 45.50 -13.53 115.17
N ILE V 217 46.50 -14.41 115.08
CA ILE V 217 47.72 -14.27 114.29
C ILE V 217 47.73 -15.39 113.24
N LEU V 218 47.89 -15.08 111.96
CA LEU V 218 47.92 -16.09 110.90
C LEU V 218 46.81 -17.14 111.02
N GLY V 219 45.59 -16.69 111.34
CA GLY V 219 44.43 -17.55 111.56
C GLY V 219 44.31 -18.16 112.96
N ARG V 220 45.39 -18.31 113.73
CA ARG V 220 45.37 -18.91 115.07
C ARG V 220 44.99 -17.90 116.13
N PRO V 221 44.04 -18.18 117.03
CA PRO V 221 43.78 -17.34 118.20
C PRO V 221 45.01 -17.06 119.05
N THR V 222 44.93 -16.00 119.84
CA THR V 222 45.93 -15.70 120.86
C THR V 222 45.28 -15.46 122.20
N ILE V 223 45.98 -15.80 123.28
CA ILE V 223 45.42 -15.80 124.63
C ILE V 223 46.43 -15.16 125.56
N LEU V 224 46.08 -14.07 126.23
CA LEU V 224 47.01 -13.30 127.04
C LEU V 224 47.03 -13.78 128.50
N SER V 225 48.05 -13.35 129.25
CA SER V 225 48.15 -13.59 130.69
C SER V 225 49.05 -12.57 131.38
N ASP V 226 48.91 -12.40 132.68
CA ASP V 226 49.83 -11.65 133.54
C ASP V 226 50.77 -12.56 134.35
N HIS V 227 50.77 -13.88 134.14
CA HIS V 227 51.52 -14.83 134.99
C HIS V 227 51.98 -16.10 134.27
N VAL V 228 52.30 -16.02 132.99
CA VAL V 228 52.76 -17.17 132.19
C VAL V 228 54.27 -17.26 132.12
N ALA V 229 54.98 -16.14 132.16
CA ALA V 229 56.43 -16.15 132.07
C ALA V 229 57.10 -16.79 133.29
N GLU V 230 58.13 -17.59 133.07
CA GLU V 230 59.02 -18.10 134.12
C GLU V 230 60.40 -18.43 133.52
N GLY V 231 61.47 -18.09 134.23
CA GLY V 231 62.81 -18.15 133.64
C GLY V 231 62.87 -17.39 132.32
N ASP V 232 63.43 -18.00 131.29
CA ASP V 232 63.46 -17.44 129.93
C ASP V 232 62.17 -17.67 129.14
N VAL V 233 61.24 -18.50 129.62
CA VAL V 233 60.02 -18.83 128.89
C VAL V 233 59.01 -17.71 129.04
N VAL V 234 58.43 -17.23 127.94
CA VAL V 234 57.47 -16.11 127.94
C VAL V 234 56.12 -16.47 127.35
N GLY V 235 55.96 -17.67 126.81
CA GLY V 235 54.69 -18.16 126.30
C GLY V 235 54.84 -19.48 125.59
N TYR V 236 53.75 -20.01 125.05
CA TYR V 236 53.75 -21.26 124.32
C TYR V 236 52.94 -21.14 123.04
N ALA V 237 53.38 -21.79 121.99
CA ALA V 237 52.60 -21.95 120.77
C ALA V 237 52.48 -23.45 120.49
N GLY V 238 51.28 -23.96 120.27
CA GLY V 238 51.12 -25.41 120.16
C GLY V 238 49.70 -25.85 119.93
N ASP V 239 49.46 -27.13 120.07
CA ASP V 239 48.12 -27.69 119.99
C ASP V 239 47.45 -27.75 121.35
N PHE V 240 46.91 -26.63 121.81
CA PHE V 240 46.17 -26.61 123.07
C PHE V 240 44.92 -27.51 123.10
N SER V 241 44.53 -28.18 122.02
CA SER V 241 43.51 -29.24 122.09
C SER V 241 44.02 -30.54 122.73
N GLN V 242 45.34 -30.72 122.83
CA GLN V 242 45.96 -31.90 123.41
C GLN V 242 45.94 -31.94 124.94
N ILE V 243 45.31 -30.97 125.61
CA ILE V 243 45.21 -30.91 127.07
C ILE V 243 43.77 -31.22 127.47
N ILE V 244 43.55 -32.15 128.38
CA ILE V 244 42.24 -32.35 129.01
C ILE V 244 42.38 -32.37 130.53
N TRP V 245 41.38 -31.86 131.23
CA TRP V 245 41.43 -31.73 132.69
C TRP V 245 40.05 -31.81 133.32
N GLY V 246 40.00 -32.15 134.59
CA GLY V 246 38.74 -32.17 135.33
C GLY V 246 38.91 -31.92 136.83
N GLN V 247 37.84 -31.48 137.46
CA GLN V 247 37.76 -31.21 138.89
C GLN V 247 36.83 -32.23 139.54
N VAL V 248 37.24 -32.86 140.63
CA VAL V 248 36.44 -33.93 141.27
C VAL V 248 35.25 -33.38 142.04
N GLY V 249 35.44 -32.28 142.76
CA GLY V 249 34.39 -31.63 143.55
C GLY V 249 34.76 -30.21 143.94
N GLY V 250 33.85 -29.50 144.60
CA GLY V 250 34.07 -28.10 145.00
C GLY V 250 35.13 -27.94 146.08
N LEU V 251 35.67 -26.72 146.23
CA LEU V 251 36.46 -26.32 147.39
C LEU V 251 35.69 -26.67 148.67
N SER V 252 36.35 -27.26 149.66
CA SER V 252 35.70 -27.61 150.92
C SER V 252 36.61 -27.35 152.13
N PHE V 253 35.99 -27.11 153.28
CA PHE V 253 36.68 -26.67 154.49
C PHE V 253 36.33 -27.50 155.71
N ASP V 254 37.27 -27.61 156.64
CA ASP V 254 37.01 -27.86 158.05
C ASP V 254 37.56 -26.69 158.86
N VAL V 255 37.05 -26.50 160.07
CA VAL V 255 37.68 -25.63 161.08
C VAL V 255 37.73 -26.38 162.41
N THR V 256 38.86 -26.33 163.11
CA THR V 256 39.04 -27.10 164.34
C THR V 256 40.07 -26.45 165.26
N ASP V 257 39.90 -26.68 166.56
CA ASP V 257 40.86 -26.35 167.60
C ASP V 257 41.25 -27.57 168.44
N GLN V 258 40.54 -28.70 168.34
CA GLN V 258 40.86 -29.89 169.12
C GLN V 258 42.11 -30.63 168.62
N ALA V 259 42.56 -30.38 167.39
CA ALA V 259 43.59 -31.16 166.71
C ALA V 259 45.03 -30.84 167.12
N THR V 260 45.99 -31.60 166.58
CA THR V 260 47.43 -31.33 166.65
C THR V 260 47.99 -31.13 165.24
N LEU V 261 48.92 -30.19 165.07
CA LEU V 261 49.57 -29.89 163.79
C LEU V 261 51.07 -30.10 163.89
N ASN V 262 51.71 -30.46 162.78
CA ASN V 262 53.16 -30.55 162.68
C ASN V 262 53.69 -29.32 161.95
N LEU V 263 54.55 -28.54 162.58
CA LEU V 263 55.19 -27.39 161.94
C LEU V 263 56.46 -27.76 161.15
N GLY V 264 57.02 -28.96 161.39
CA GLY V 264 58.19 -29.48 160.70
C GLY V 264 57.84 -30.41 159.54
N SER V 265 58.84 -31.07 158.95
CA SER V 265 58.57 -32.11 157.96
C SER V 265 58.01 -33.37 158.62
N GLN V 266 57.54 -34.33 157.82
CA GLN V 266 57.15 -35.64 158.36
C GLN V 266 58.35 -36.40 158.96
N GLU V 267 59.55 -36.21 158.41
CA GLU V 267 60.78 -36.89 158.85
C GLU V 267 61.45 -36.21 160.05
N SER V 268 61.15 -34.93 160.30
CA SER V 268 61.73 -34.17 161.42
C SER V 268 60.67 -33.28 162.09
N PRO V 269 59.74 -33.88 162.86
CA PRO V 269 58.54 -33.20 163.30
C PRO V 269 58.78 -32.06 164.30
N ASN V 270 57.76 -31.22 164.45
CA ASN V 270 57.62 -30.21 165.49
C ASN V 270 56.13 -30.09 165.83
N PHE V 271 55.60 -31.03 166.61
CA PHE V 271 54.17 -31.09 166.89
C PHE V 271 53.71 -30.04 167.89
N VAL V 272 52.63 -29.34 167.54
CA VAL V 272 51.91 -28.37 168.37
C VAL V 272 50.47 -28.81 168.54
N SER V 273 49.99 -28.99 169.77
CA SER V 273 48.56 -29.20 170.01
C SER V 273 47.83 -27.87 169.95
N LEU V 274 46.81 -27.75 169.10
CA LEU V 274 46.07 -26.51 168.93
C LEU V 274 45.25 -26.16 170.18
N TRP V 275 45.01 -27.12 171.08
CA TRP V 275 44.26 -26.93 172.31
C TRP V 275 45.13 -26.89 173.56
N GLN V 276 46.39 -27.32 173.49
CA GLN V 276 47.36 -27.07 174.56
C GLN V 276 47.70 -25.59 174.59
N HIS V 277 48.03 -25.03 173.43
CA HIS V 277 47.97 -23.60 173.19
C HIS V 277 46.53 -23.21 172.95
N ASN V 278 46.24 -21.93 172.73
CA ASN V 278 44.90 -21.47 172.37
C ASN V 278 44.87 -21.05 170.90
N LEU V 279 44.87 -22.02 170.00
CA LEU V 279 44.97 -21.83 168.56
C LEU V 279 43.74 -22.40 167.84
N VAL V 280 43.44 -21.89 166.66
CA VAL V 280 42.37 -22.39 165.80
C VAL V 280 42.93 -22.53 164.40
N ALA V 281 42.58 -23.60 163.70
CA ALA V 281 43.06 -23.87 162.35
C ALA V 281 41.91 -24.10 161.38
N VAL V 282 42.06 -23.60 160.16
CA VAL V 282 41.17 -23.89 159.03
C VAL V 282 41.90 -24.78 158.05
N ARG V 283 41.25 -25.84 157.59
CA ARG V 283 41.78 -26.83 156.63
C ARG V 283 41.02 -26.73 155.33
N VAL V 284 41.71 -26.76 154.21
CA VAL V 284 41.13 -26.56 152.87
C VAL V 284 41.55 -27.67 151.93
N GLU V 285 40.64 -28.22 151.14
CA GLU V 285 40.93 -29.24 150.14
C GLU V 285 40.23 -28.95 148.81
N ALA V 286 40.91 -29.25 147.71
CA ALA V 286 40.34 -29.33 146.36
C ALA V 286 41.05 -30.43 145.58
N GLU V 287 40.47 -30.93 144.49
CA GLU V 287 40.97 -32.14 143.86
C GLU V 287 40.77 -32.13 142.35
N TYR V 288 41.83 -32.40 141.58
CA TYR V 288 41.89 -32.18 140.14
C TYR V 288 42.67 -33.27 139.42
N GLY V 289 42.42 -33.48 138.14
CA GLY V 289 43.25 -34.33 137.28
C GLY V 289 43.50 -33.64 135.95
N LEU V 290 44.70 -33.75 135.41
CA LEU V 290 45.09 -33.15 134.14
C LEU V 290 46.00 -34.08 133.34
N LEU V 291 45.78 -34.14 132.04
CA LEU V 291 46.55 -34.92 131.09
C LEU V 291 46.93 -34.04 129.91
N ILE V 292 48.20 -34.06 129.53
CA ILE V 292 48.66 -33.53 128.26
C ILE V 292 49.02 -34.73 127.40
N ASN V 293 48.34 -34.91 126.28
CA ASN V 293 48.43 -36.13 125.48
C ASN V 293 49.82 -36.35 124.89
N ASP V 294 50.51 -35.27 124.49
CA ASP V 294 51.90 -35.28 124.04
C ASP V 294 52.53 -33.88 124.24
N VAL V 295 53.43 -33.72 125.20
CA VAL V 295 54.04 -32.41 125.49
C VAL V 295 54.88 -31.89 124.33
N ASN V 296 55.30 -32.73 123.39
CA ASN V 296 56.05 -32.27 122.22
C ASN V 296 55.17 -31.52 121.23
N ALA V 297 53.85 -31.44 121.44
CA ALA V 297 52.95 -30.63 120.63
C ALA V 297 53.05 -29.11 120.85
N PHE V 298 53.99 -28.64 121.68
CA PHE V 298 54.11 -27.24 122.09
C PHE V 298 55.54 -26.74 121.97
N VAL V 299 55.74 -25.52 121.47
CA VAL V 299 57.04 -24.85 121.42
C VAL V 299 57.10 -23.82 122.52
N LYS V 300 58.13 -23.89 123.36
CA LYS V 300 58.39 -22.88 124.40
C LYS V 300 58.94 -21.61 123.76
N LEU V 301 58.27 -20.49 123.88
CA LEU V 301 58.73 -19.21 123.34
C LEU V 301 59.63 -18.52 124.36
N THR V 302 60.66 -17.83 123.89
CA THR V 302 61.71 -17.22 124.74
C THR V 302 62.26 -15.94 124.12
N PHE V 303 63.10 -15.21 124.85
CA PHE V 303 63.78 -14.04 124.32
C PHE V 303 65.24 -14.26 123.91
N ASP V 304 65.79 -15.47 123.99
CA ASP V 304 67.25 -15.68 123.91
C ASP V 304 67.87 -15.23 122.56
N PRO V 305 69.16 -14.85 122.53
CA PRO V 305 69.77 -14.29 121.34
C PRO V 305 70.06 -15.33 120.25
N VAL V 306 70.23 -14.85 119.01
CA VAL V 306 70.53 -15.67 117.83
C VAL V 306 71.99 -16.15 117.83
N LEU V 307 72.24 -17.32 118.43
CA LEU V 307 73.57 -17.91 118.55
C LEU V 307 74.20 -18.26 117.19
N THR V 308 75.54 -18.12 117.08
CA THR V 308 76.36 -18.61 115.96
C THR V 308 77.52 -19.44 116.49
N THR V 309 77.85 -20.54 115.81
CA THR V 309 78.94 -21.45 116.20
C THR V 309 80.11 -21.33 115.23
N TYR V 310 81.31 -21.16 115.79
CA TYR V 310 82.55 -20.95 115.05
C TYR V 310 83.56 -22.06 115.40
N ALA V 311 84.29 -22.55 114.40
CA ALA V 311 85.45 -23.41 114.58
C ALA V 311 86.71 -22.53 114.69
N LEU V 312 87.47 -22.73 115.76
CA LEU V 312 88.71 -22.02 116.10
C LEU V 312 89.92 -22.94 115.90
N ASP V 313 90.83 -22.55 115.01
CA ASP V 313 92.00 -23.31 114.61
C ASP V 313 93.31 -22.59 114.97
N LEU V 314 94.14 -23.20 115.83
CA LEU V 314 95.48 -22.71 116.13
C LEU V 314 96.51 -23.37 115.19
N ASP V 315 96.33 -23.16 113.89
CA ASP V 315 97.06 -23.85 112.81
C ASP V 315 98.59 -23.65 112.91
N GLY V 316 99.32 -24.73 113.18
CA GLY V 316 100.78 -24.74 113.30
C GLY V 316 101.34 -24.27 114.64
N ALA V 317 100.49 -23.87 115.60
CA ALA V 317 100.94 -23.37 116.90
C ALA V 317 101.61 -24.46 117.76
N SER V 318 102.54 -24.03 118.60
CA SER V 318 103.36 -24.88 119.48
C SER V 318 103.48 -24.32 120.91
N ALA V 319 103.35 -23.00 121.07
CA ALA V 319 103.33 -22.28 122.34
C ALA V 319 102.49 -21.00 122.20
N GLY V 320 102.59 -20.07 123.16
CA GLY V 320 102.06 -18.72 123.03
C GLY V 320 100.63 -18.50 123.55
N ASN V 321 100.05 -17.37 123.18
CA ASN V 321 98.75 -16.89 123.67
C ASN V 321 97.95 -16.15 122.59
N PHE V 322 96.63 -16.18 122.69
CA PHE V 322 95.70 -15.62 121.71
C PHE V 322 94.56 -14.86 122.36
N THR V 323 93.78 -14.13 121.57
CA THR V 323 92.67 -13.28 122.06
C THR V 323 91.41 -13.47 121.23
N LEU V 324 90.24 -13.34 121.86
CA LEU V 324 88.91 -13.41 121.21
C LEU V 324 88.09 -12.14 121.49
N SER V 325 87.31 -11.67 120.52
CA SER V 325 86.47 -10.48 120.65
C SER V 325 85.01 -10.75 120.30
N LEU V 326 84.09 -10.38 121.19
CA LEU V 326 82.65 -10.30 120.94
C LEU V 326 82.35 -8.92 120.33
N ASP V 327 82.30 -8.84 119.00
CA ASP V 327 82.27 -7.56 118.30
C ASP V 327 83.39 -6.63 118.83
N GLY V 328 83.07 -5.42 119.32
CA GLY V 328 84.04 -4.45 119.83
C GLY V 328 84.54 -4.68 121.26
N LYS V 329 84.08 -5.73 121.96
CA LYS V 329 84.47 -6.04 123.34
C LYS V 329 85.40 -7.27 123.35
N THR V 330 86.60 -7.14 123.93
CA THR V 330 87.72 -8.06 123.68
C THR V 330 88.33 -8.68 124.94
N SER V 331 88.56 -9.99 124.93
CA SER V 331 89.22 -10.71 126.03
C SER V 331 90.73 -10.48 126.07
N ALA V 332 91.33 -10.67 127.26
CA ALA V 332 92.77 -10.72 127.45
C ALA V 332 93.38 -12.03 126.92
N ASN V 333 94.69 -12.22 127.13
CA ASN V 333 95.45 -13.39 126.69
C ASN V 333 94.85 -14.74 127.19
N ILE V 334 94.66 -15.68 126.26
CA ILE V 334 94.32 -17.10 126.50
C ILE V 334 95.52 -17.96 126.08
N ALA V 335 95.95 -18.92 126.89
CA ALA V 335 97.07 -19.81 126.56
C ALA V 335 96.76 -20.79 125.43
N TYR V 336 97.72 -21.08 124.56
CA TYR V 336 97.56 -21.95 123.39
C TYR V 336 97.01 -23.36 123.71
N ASN V 337 97.26 -23.87 124.92
CA ASN V 337 96.79 -25.17 125.39
C ASN V 337 95.54 -25.09 126.30
N ALA V 338 94.88 -23.93 126.39
CA ALA V 338 93.79 -23.69 127.34
C ALA V 338 92.66 -24.71 127.24
N SER V 339 92.21 -25.21 128.40
CA SER V 339 91.10 -26.16 128.50
C SER V 339 89.78 -25.58 127.97
N THR V 340 88.84 -26.44 127.58
CA THR V 340 87.52 -26.03 127.08
C THR V 340 86.77 -25.12 128.06
N ALA V 341 86.80 -25.45 129.36
CA ALA V 341 86.23 -24.61 130.41
C ALA V 341 86.96 -23.26 130.54
N THR V 342 88.27 -23.23 130.37
CA THR V 342 89.06 -21.98 130.41
C THR V 342 88.75 -21.08 129.22
N VAL V 343 88.58 -21.64 128.02
CA VAL V 343 88.14 -20.85 126.87
C VAL V 343 86.72 -20.31 127.10
N LYS V 344 85.79 -21.12 127.64
CA LYS V 344 84.45 -20.64 128.02
C LYS V 344 84.51 -19.50 129.04
N SER V 345 85.28 -19.65 130.12
CA SER V 345 85.40 -18.61 131.14
C SER V 345 86.17 -17.37 130.68
N ALA V 346 86.83 -17.40 129.52
CA ALA V 346 87.42 -16.22 128.88
C ALA V 346 86.43 -15.43 128.00
N ILE V 347 85.31 -16.00 127.58
CA ILE V 347 84.25 -15.28 126.84
C ILE V 347 83.37 -14.43 127.77
N VAL V 348 83.08 -14.91 128.99
CA VAL V 348 82.42 -14.09 130.02
C VAL V 348 83.37 -13.02 130.59
N ALA V 349 82.81 -12.04 131.29
CA ALA V 349 83.55 -10.87 131.81
C ALA V 349 84.26 -10.07 130.71
N ILE V 350 83.70 -10.08 129.49
CA ILE V 350 84.13 -9.25 128.37
C ILE V 350 83.42 -7.87 128.38
N ASP V 351 82.35 -7.69 129.15
CA ASP V 351 81.46 -6.52 129.15
C ASP V 351 80.68 -6.34 127.83
N ASP V 352 80.33 -7.43 127.17
CA ASP V 352 79.14 -7.46 126.32
C ASP V 352 77.90 -7.73 127.21
N GLY V 353 76.71 -7.90 126.64
CA GLY V 353 75.52 -8.34 127.38
C GLY V 353 75.55 -9.79 127.90
N VAL V 354 76.59 -10.58 127.56
CA VAL V 354 76.64 -12.05 127.75
C VAL V 354 76.68 -12.53 129.20
N SER V 355 76.49 -13.83 129.35
CA SER V 355 76.52 -14.61 130.57
C SER V 355 77.12 -16.00 130.30
N ALA V 356 77.47 -16.74 131.35
CA ALA V 356 78.02 -18.08 131.23
C ALA V 356 77.09 -19.09 130.53
N ASP V 357 75.79 -18.85 130.49
CA ASP V 357 74.84 -19.72 129.78
C ASP V 357 74.79 -19.44 128.26
N ASP V 358 75.32 -18.31 127.79
CA ASP V 358 75.31 -17.93 126.37
C ASP V 358 76.46 -18.55 125.57
N VAL V 359 77.25 -19.43 126.17
CA VAL V 359 78.48 -19.99 125.57
C VAL V 359 78.49 -21.51 125.65
N THR V 360 78.77 -22.20 124.55
CA THR V 360 79.09 -23.64 124.54
C THR V 360 80.43 -23.90 123.87
N VAL V 361 81.16 -24.90 124.35
CA VAL V 361 82.50 -25.26 123.85
C VAL V 361 82.59 -26.78 123.63
N THR V 362 83.14 -27.17 122.49
CA THR V 362 83.35 -28.55 122.05
C THR V 362 84.69 -28.67 121.32
N GLY V 363 85.26 -29.88 121.19
CA GLY V 363 86.67 -30.04 120.80
C GLY V 363 87.61 -29.94 122.01
N SER V 364 88.87 -29.51 121.82
CA SER V 364 89.89 -29.45 122.89
C SER V 364 91.03 -28.47 122.57
N ALA V 365 92.13 -28.50 123.32
CA ALA V 365 93.27 -27.58 123.22
C ALA V 365 93.75 -27.33 121.78
N GLY V 366 93.69 -26.08 121.33
CA GLY V 366 94.08 -25.65 119.98
C GLY V 366 93.12 -26.01 118.83
N ASP V 367 91.97 -26.63 119.14
CA ASP V 367 91.12 -27.35 118.20
C ASP V 367 89.65 -27.36 118.70
N TYR V 368 88.97 -26.21 118.62
CA TYR V 368 87.69 -25.98 119.28
C TYR V 368 86.56 -25.61 118.33
N THR V 369 85.32 -25.93 118.70
CA THR V 369 84.10 -25.27 118.24
C THR V 369 83.43 -24.52 119.39
N ILE V 370 83.18 -23.23 119.20
CA ILE V 370 82.69 -22.27 120.19
C ILE V 370 81.35 -21.69 119.73
N THR V 371 80.32 -21.65 120.57
CA THR V 371 79.04 -21.02 120.26
C THR V 371 78.85 -19.72 121.06
N VAL V 372 78.48 -18.61 120.40
CA VAL V 372 78.22 -17.31 121.06
C VAL V 372 77.14 -16.50 120.33
N PRO V 373 76.48 -15.53 120.98
CA PRO V 373 75.52 -14.64 120.31
C PRO V 373 76.15 -13.54 119.44
N GLY V 374 77.43 -13.24 119.62
CA GLY V 374 78.09 -12.10 118.99
C GLY V 374 78.79 -12.38 117.66
N THR V 375 79.26 -11.31 117.02
CA THR V 375 80.17 -11.36 115.86
C THR V 375 81.58 -11.73 116.35
N LEU V 376 81.85 -13.02 116.50
CA LEU V 376 83.11 -13.51 117.08
C LEU V 376 84.27 -13.34 116.10
N THR V 377 85.37 -12.78 116.59
CA THR V 377 86.64 -12.60 115.85
C THR V 377 87.83 -12.82 116.78
N ALA V 378 89.03 -13.01 116.25
CA ALA V 378 90.21 -13.40 117.02
C ALA V 378 91.47 -12.65 116.57
N ASP V 379 92.48 -12.59 117.44
CA ASP V 379 93.82 -12.11 117.07
C ASP V 379 94.94 -12.85 117.82
N PHE V 380 96.09 -12.95 117.17
CA PHE V 380 97.12 -13.99 117.37
C PHE V 380 98.55 -13.43 117.45
N SER V 381 98.72 -12.16 117.81
CA SER V 381 100.04 -11.50 117.97
C SER V 381 100.89 -12.09 119.11
N GLY V 382 100.30 -12.86 120.02
CA GLY V 382 101.00 -13.69 121.01
C GLY V 382 101.24 -15.15 120.58
N LEU V 383 100.84 -15.53 119.36
CA LEU V 383 100.80 -16.91 118.84
C LEU V 383 101.50 -17.02 117.47
N THR V 384 102.57 -16.23 117.27
CA THR V 384 103.19 -16.00 115.95
C THR V 384 103.88 -17.21 115.32
N ASP V 385 104.10 -18.30 116.06
CA ASP V 385 104.49 -19.61 115.54
C ASP V 385 103.35 -20.31 114.77
N GLY V 386 102.09 -20.05 115.13
CA GLY V 386 100.90 -20.53 114.43
C GLY V 386 100.49 -19.59 113.29
N GLU V 387 101.30 -19.49 112.24
CA GLU V 387 101.13 -18.46 111.19
C GLU V 387 99.77 -18.51 110.47
N GLY V 388 99.11 -19.67 110.43
CA GLY V 388 97.77 -19.83 109.85
C GLY V 388 96.59 -19.70 110.84
N ALA V 389 96.84 -19.41 112.13
CA ALA V 389 95.81 -19.44 113.17
C ALA V 389 94.62 -18.52 112.84
N SER V 390 93.41 -19.07 112.88
CA SER V 390 92.21 -18.47 112.30
C SER V 390 90.92 -19.09 112.85
N ILE V 391 89.79 -18.41 112.65
CA ILE V 391 88.46 -18.78 113.17
C ILE V 391 87.39 -18.60 112.07
N SER V 392 86.44 -19.52 111.94
CA SER V 392 85.41 -19.45 110.88
C SER V 392 84.10 -20.17 111.24
N VAL V 393 83.00 -19.84 110.56
CA VAL V 393 81.64 -20.33 110.82
C VAL V 393 81.49 -21.82 110.50
N VAL V 394 80.81 -22.57 111.37
CA VAL V 394 80.51 -24.01 111.18
C VAL V 394 79.38 -24.23 110.18
N SER V 395 79.57 -25.12 109.22
CA SER V 395 78.60 -25.37 108.14
C SER V 395 77.46 -26.34 108.47
N VAL V 396 77.66 -27.30 109.38
CA VAL V 396 76.69 -28.38 109.69
C VAL V 396 76.68 -28.76 111.18
N GLY V 397 75.56 -29.29 111.66
CA GLY V 397 75.37 -29.76 113.05
C GLY V 397 76.08 -31.07 113.37
N GLY W 2 54.48 -39.41 152.85
CA GLY W 2 53.18 -40.01 153.19
C GLY W 2 53.35 -41.38 153.80
N PHE W 3 52.80 -42.40 153.16
CA PHE W 3 52.89 -43.79 153.57
C PHE W 3 52.95 -44.69 152.34
N SER W 4 53.59 -45.85 152.44
CA SER W 4 53.62 -46.83 151.36
C SER W 4 52.21 -47.32 151.00
N ALA W 5 52.02 -47.81 149.77
CA ALA W 5 50.94 -48.74 149.49
C ALA W 5 51.18 -50.05 150.24
N ASP W 6 50.14 -50.84 150.50
CA ASP W 6 50.22 -52.06 151.32
C ASP W 6 50.86 -51.79 152.69
N HIS W 7 50.51 -50.66 153.31
CA HIS W 7 51.09 -50.27 154.60
C HIS W 7 50.72 -51.24 155.72
N SER W 8 51.59 -51.32 156.73
CA SER W 8 51.44 -52.26 157.84
C SER W 8 50.25 -51.94 158.74
N GLN W 9 49.90 -50.66 158.89
CA GLN W 9 48.94 -50.20 159.90
C GLN W 9 47.70 -49.51 159.35
N ILE W 10 47.83 -48.61 158.36
CA ILE W 10 46.69 -47.80 157.90
C ILE W 10 46.25 -48.19 156.49
N ALA W 11 44.98 -48.49 156.30
CA ALA W 11 44.43 -48.83 154.99
C ALA W 11 44.28 -47.59 154.10
N GLN W 12 44.68 -47.69 152.83
CA GLN W 12 44.59 -46.61 151.83
C GLN W 12 44.03 -47.15 150.52
N THR W 13 43.50 -46.28 149.65
CA THR W 13 42.94 -46.71 148.36
C THR W 13 43.98 -47.27 147.39
N LYS W 14 45.28 -47.11 147.68
CA LYS W 14 46.38 -47.72 146.94
C LYS W 14 46.47 -49.24 147.15
N ASP W 15 45.95 -49.74 148.27
CA ASP W 15 46.30 -51.08 148.76
C ASP W 15 45.73 -52.22 147.94
N THR W 16 46.45 -53.33 147.94
CA THR W 16 46.14 -54.51 147.13
C THR W 16 44.74 -55.05 147.41
N MET W 17 44.28 -55.07 148.65
CA MET W 17 42.96 -55.63 148.98
C MET W 17 41.83 -54.88 148.25
N PHE W 18 41.99 -53.60 147.92
CA PHE W 18 41.00 -52.86 147.13
C PHE W 18 41.09 -53.09 145.63
N THR W 19 42.18 -53.63 145.08
CA THR W 19 42.31 -53.76 143.62
C THR W 19 41.17 -54.56 143.01
N GLY W 20 40.71 -54.17 141.82
CA GLY W 20 39.52 -54.73 141.19
C GLY W 20 38.21 -54.08 141.63
N TYR W 21 38.17 -53.47 142.81
CA TYR W 21 37.25 -52.37 143.09
C TYR W 21 37.91 -51.03 142.69
N LEU W 22 37.20 -49.92 142.83
CA LEU W 22 37.75 -48.58 142.61
C LEU W 22 38.39 -48.38 141.22
N ASP W 23 37.85 -49.03 140.19
CA ASP W 23 38.33 -48.92 138.82
C ASP W 23 38.01 -47.56 138.20
N PRO W 24 38.83 -47.06 137.26
CA PRO W 24 38.53 -45.86 136.51
C PRO W 24 37.36 -46.10 135.56
N VAL W 25 36.55 -45.07 135.34
CA VAL W 25 35.40 -45.13 134.42
C VAL W 25 35.86 -44.95 132.98
N GLN W 26 35.33 -45.71 132.02
CA GLN W 26 35.71 -45.54 130.62
C GLN W 26 35.10 -44.25 130.03
N ALA W 27 35.86 -43.57 129.17
CA ALA W 27 35.44 -42.34 128.52
C ALA W 27 35.67 -42.37 127.00
N LYS W 28 35.06 -41.45 126.26
CA LYS W 28 35.30 -41.31 124.81
C LYS W 28 36.75 -40.96 124.52
N ASP W 29 37.25 -41.34 123.36
CA ASP W 29 38.60 -41.00 122.94
C ASP W 29 38.70 -39.51 122.57
N TYR W 30 39.15 -38.67 123.50
CA TYR W 30 39.29 -37.23 123.27
C TYR W 30 40.38 -36.87 122.26
N PHE W 31 41.15 -37.83 121.75
CA PHE W 31 42.31 -37.58 120.89
C PHE W 31 42.23 -38.30 119.54
N ALA W 32 41.08 -38.85 119.18
CA ALA W 32 40.90 -39.64 117.96
C ALA W 32 41.26 -38.84 116.70
N GLU W 33 42.18 -39.37 115.87
CA GLU W 33 42.44 -38.82 114.54
C GLU W 33 41.28 -39.11 113.58
N ALA W 34 40.97 -38.18 112.69
CA ALA W 34 40.01 -38.40 111.61
C ALA W 34 40.62 -39.25 110.48
N GLU W 35 39.81 -40.04 109.77
CA GLU W 35 40.31 -40.91 108.71
C GLU W 35 40.72 -40.13 107.46
N LYS W 36 41.87 -40.46 106.86
CA LYS W 36 42.30 -39.87 105.59
C LYS W 36 41.44 -40.37 104.43
N THR W 37 40.70 -39.46 103.80
CA THR W 37 40.09 -39.72 102.49
C THR W 37 41.15 -39.58 101.40
N SER W 38 41.03 -40.33 100.29
CA SER W 38 41.98 -40.26 99.19
C SER W 38 42.15 -38.84 98.69
N ILE W 39 43.40 -38.36 98.59
CA ILE W 39 43.68 -37.08 97.96
C ILE W 39 43.61 -37.19 96.44
N VAL W 40 44.02 -38.32 95.85
CA VAL W 40 44.03 -38.46 94.39
C VAL W 40 42.61 -38.41 93.84
N GLN W 41 41.67 -39.13 94.45
CA GLN W 41 40.26 -39.06 94.07
C GLN W 41 39.64 -37.66 94.27
N ARG W 42 40.29 -36.75 95.01
CA ARG W 42 39.87 -35.36 95.19
C ARG W 42 40.31 -34.45 94.04
N VAL W 43 41.35 -34.83 93.29
CA VAL W 43 41.93 -33.99 92.21
C VAL W 43 41.87 -34.58 90.82
N ALA W 44 42.01 -35.90 90.68
CA ALA W 44 42.07 -36.57 89.39
C ALA W 44 40.68 -36.71 88.76
N GLN W 45 40.59 -36.64 87.44
CA GLN W 45 39.31 -36.79 86.74
C GLN W 45 38.81 -38.23 86.83
N LYS W 46 37.60 -38.45 87.34
CA LYS W 46 36.97 -39.77 87.34
C LYS W 46 36.40 -40.09 85.96
N ILE W 47 36.59 -41.31 85.49
CA ILE W 47 36.04 -41.85 84.24
C ILE W 47 35.34 -43.18 84.48
N PRO W 48 34.30 -43.54 83.72
CA PRO W 48 33.60 -44.80 83.89
C PRO W 48 34.46 -45.96 83.38
N MET W 49 34.32 -47.13 83.97
CA MET W 49 35.12 -48.29 83.61
C MET W 49 34.35 -49.59 83.81
N GLY W 50 34.61 -50.57 82.96
CA GLY W 50 34.08 -51.93 83.09
C GLY W 50 35.19 -52.93 83.42
N ALA W 51 34.82 -54.15 83.81
CA ALA W 51 35.78 -55.16 84.22
C ALA W 51 36.80 -55.53 83.13
N THR W 52 36.43 -55.38 81.85
CA THR W 52 37.33 -55.66 80.72
C THR W 52 38.32 -54.52 80.44
N GLY W 53 38.27 -53.42 81.18
CA GLY W 53 39.12 -52.26 80.93
C GLY W 53 38.67 -51.46 79.72
N ILE W 54 39.46 -50.45 79.35
CA ILE W 54 39.15 -49.53 78.25
C ILE W 54 40.34 -49.23 77.36
N VAL W 55 40.06 -48.71 76.18
CA VAL W 55 41.03 -48.28 75.18
C VAL W 55 40.94 -46.76 75.00
N ILE W 56 42.05 -46.04 75.12
CA ILE W 56 42.13 -44.61 74.84
C ILE W 56 42.87 -44.41 73.52
N PRO W 57 42.27 -43.82 72.49
CA PRO W 57 42.95 -43.49 71.24
C PRO W 57 43.72 -42.19 71.37
N HIS W 58 44.73 -41.99 70.52
CA HIS W 58 45.49 -40.74 70.45
C HIS W 58 46.10 -40.51 69.07
N TRP W 59 45.81 -39.36 68.46
CA TRP W 59 46.44 -38.95 67.21
C TRP W 59 47.93 -38.69 67.40
N THR W 60 48.75 -38.94 66.38
CA THR W 60 50.22 -38.75 66.50
C THR W 60 50.90 -38.31 65.20
N GLY W 61 50.14 -38.01 64.14
CA GLY W 61 50.71 -37.69 62.83
C GLY W 61 51.24 -36.27 62.68
N ASP W 62 52.45 -36.13 62.16
CA ASP W 62 53.05 -34.85 61.74
C ASP W 62 52.51 -34.40 60.37
N VAL W 63 51.20 -34.17 60.25
CA VAL W 63 50.57 -33.76 58.99
C VAL W 63 51.14 -32.42 58.51
N SER W 64 51.37 -32.26 57.20
CA SER W 64 52.08 -31.11 56.64
C SER W 64 51.61 -30.67 55.24
N ALA W 65 51.86 -29.41 54.90
CA ALA W 65 51.50 -28.79 53.63
C ALA W 65 52.57 -27.78 53.20
N GLN W 66 52.72 -27.56 51.90
CA GLN W 66 53.82 -26.76 51.36
C GLN W 66 53.33 -25.64 50.46
N TRP W 67 54.03 -24.51 50.48
CA TRP W 67 53.90 -23.49 49.46
C TRP W 67 54.33 -24.04 48.10
N ILE W 68 53.70 -23.62 47.02
CA ILE W 68 54.07 -24.06 45.68
C ILE W 68 54.31 -22.88 44.73
N GLY W 69 55.36 -22.96 43.93
CA GLY W 69 55.53 -22.15 42.73
C GLY W 69 54.68 -22.70 41.59
N GLU W 70 54.32 -21.86 40.64
CA GLU W 70 53.46 -22.26 39.52
C GLU W 70 54.17 -23.30 38.64
N GLY W 71 53.70 -24.56 38.69
CA GLY W 71 54.30 -25.72 38.02
C GLY W 71 55.07 -26.69 38.93
N ASP W 72 55.15 -26.43 40.24
CA ASP W 72 55.78 -27.36 41.18
C ASP W 72 54.92 -28.59 41.49
N MET W 73 55.54 -29.70 41.87
CA MET W 73 54.85 -30.94 42.28
C MET W 73 54.31 -30.84 43.72
N LYS W 74 53.01 -31.06 43.92
CA LYS W 74 52.33 -30.94 45.23
C LYS W 74 52.72 -32.09 46.17
N PRO W 75 52.95 -31.84 47.47
CA PRO W 75 53.38 -32.88 48.40
C PRO W 75 52.22 -33.82 48.76
N ILE W 76 52.54 -35.06 49.10
CA ILE W 76 51.57 -36.12 49.44
C ILE W 76 51.82 -36.54 50.87
N THR W 77 50.78 -36.71 51.68
CA THR W 77 50.91 -37.01 53.12
C THR W 77 49.86 -38.01 53.61
N LYS W 78 50.09 -38.59 54.79
CA LYS W 78 49.04 -39.27 55.57
C LYS W 78 49.27 -39.06 57.07
N GLY W 79 48.21 -39.14 57.85
CA GLY W 79 48.26 -39.00 59.31
C GLY W 79 48.81 -40.25 60.02
N ASN W 80 48.75 -40.29 61.34
CA ASN W 80 49.05 -41.50 62.09
C ASN W 80 48.29 -41.50 63.41
N MET W 81 47.95 -42.68 63.92
CA MET W 81 47.08 -42.88 65.07
C MET W 81 47.58 -44.00 65.95
N THR W 82 47.25 -43.95 67.23
CA THR W 82 47.64 -44.93 68.23
C THR W 82 46.49 -45.20 69.17
N LYS W 83 46.59 -46.28 69.94
CA LYS W 83 45.72 -46.54 71.07
C LYS W 83 46.57 -47.00 72.25
N ARG W 84 46.05 -46.87 73.47
CA ARG W 84 46.62 -47.50 74.65
C ARG W 84 45.53 -48.08 75.53
N ASP W 85 45.84 -49.15 76.24
CA ASP W 85 44.88 -49.96 76.96
C ASP W 85 45.08 -49.78 78.46
N VAL W 86 44.00 -49.65 79.22
CA VAL W 86 44.06 -49.58 80.69
C VAL W 86 43.08 -50.55 81.31
N HIS W 87 43.50 -51.23 82.37
CA HIS W 87 42.73 -52.28 83.03
C HIS W 87 42.56 -51.99 84.51
N PRO W 88 41.44 -52.40 85.11
CA PRO W 88 41.29 -52.33 86.54
C PRO W 88 42.20 -53.36 87.23
N ALA W 89 42.57 -53.10 88.48
CA ALA W 89 43.24 -54.06 89.36
C ALA W 89 42.50 -54.17 90.70
N LYS W 90 42.24 -55.39 91.17
CA LYS W 90 41.57 -55.64 92.44
C LYS W 90 42.50 -55.40 93.62
N ILE W 91 41.97 -54.89 94.71
CA ILE W 91 42.61 -54.82 96.02
C ILE W 91 41.70 -55.52 97.03
N ALA W 92 42.26 -56.31 97.93
CA ALA W 92 41.47 -57.18 98.77
C ALA W 92 42.11 -57.51 100.11
N THR W 93 41.31 -57.98 101.06
CA THR W 93 41.78 -58.47 102.36
C THR W 93 40.73 -59.36 103.02
N ILE W 94 41.11 -60.14 104.02
CA ILE W 94 40.23 -60.98 104.83
C ILE W 94 40.57 -60.73 106.29
N PHE W 95 39.59 -60.63 107.18
CA PHE W 95 39.85 -60.60 108.62
C PHE W 95 39.01 -61.61 109.35
N VAL W 96 39.57 -62.23 110.38
CA VAL W 96 39.06 -63.47 110.98
C VAL W 96 38.97 -63.34 112.48
N ALA W 97 37.93 -63.89 113.10
CA ALA W 97 37.75 -63.90 114.55
C ALA W 97 37.03 -65.16 115.02
N SER W 98 37.27 -65.58 116.26
CA SER W 98 36.60 -66.75 116.82
C SER W 98 35.15 -66.44 117.19
N ALA W 99 34.29 -67.46 117.22
CA ALA W 99 32.88 -67.26 117.52
C ALA W 99 32.66 -66.57 118.87
N GLU W 100 33.47 -66.86 119.89
CA GLU W 100 33.36 -66.16 121.17
C GLU W 100 33.59 -64.65 121.03
N THR W 101 34.55 -64.22 120.21
CA THR W 101 34.74 -62.80 119.90
C THR W 101 33.56 -62.26 119.10
N VAL W 102 33.02 -63.01 118.16
CA VAL W 102 31.85 -62.57 117.38
C VAL W 102 30.62 -62.38 118.25
N ARG W 103 30.36 -63.27 119.21
CA ARG W 103 29.22 -63.13 120.13
C ARG W 103 29.44 -61.98 121.11
N ALA W 104 30.68 -61.73 121.53
CA ALA W 104 30.99 -60.60 122.40
C ALA W 104 30.99 -59.23 121.69
N ASN W 105 31.49 -59.17 120.46
CA ASN W 105 31.85 -57.94 119.73
C ASN W 105 32.54 -56.91 120.64
N PRO W 106 33.68 -57.26 121.26
CA PRO W 106 34.27 -56.45 122.33
C PRO W 106 34.73 -55.11 121.77
N ALA W 107 34.43 -54.03 122.49
CA ALA W 107 34.76 -52.67 122.09
C ALA W 107 34.36 -52.31 120.64
N ASN W 108 33.33 -52.97 120.11
CA ASN W 108 32.93 -52.90 118.71
C ASN W 108 34.07 -53.10 117.71
N TYR W 109 35.02 -53.98 117.98
CA TYR W 109 36.13 -54.26 117.07
C TYR W 109 35.64 -54.69 115.69
N LEU W 110 34.70 -55.63 115.61
CA LEU W 110 34.27 -56.17 114.32
C LEU W 110 33.54 -55.15 113.47
N GLY W 111 32.85 -54.19 114.08
CA GLY W 111 32.31 -53.03 113.36
C GLY W 111 33.42 -52.04 112.97
N THR W 112 34.32 -51.73 113.89
CA THR W 112 35.40 -50.75 113.67
C THR W 112 36.27 -51.17 112.50
N MET W 113 36.63 -52.44 112.42
CA MET W 113 37.45 -52.97 111.33
C MET W 113 36.92 -52.65 109.95
N ARG W 114 35.60 -52.61 109.75
CA ARG W 114 34.99 -52.28 108.45
C ARG W 114 35.47 -50.92 107.96
N THR W 115 35.44 -49.92 108.84
CA THR W 115 35.89 -48.57 108.50
C THR W 115 37.40 -48.51 108.30
N LYS W 116 38.16 -49.33 109.04
CA LYS W 116 39.62 -49.35 108.90
C LYS W 116 40.04 -49.98 107.58
N VAL W 117 39.47 -51.11 107.16
CA VAL W 117 39.82 -51.67 105.84
C VAL W 117 39.42 -50.73 104.71
N ALA W 118 38.27 -50.06 104.79
CA ALA W 118 37.89 -49.09 103.77
C ALA W 118 38.88 -47.92 103.72
N THR W 119 39.31 -47.42 104.88
CA THR W 119 40.32 -46.36 104.94
C THR W 119 41.65 -46.84 104.41
N ALA W 120 42.06 -48.07 104.73
CA ALA W 120 43.30 -48.64 104.22
C ALA W 120 43.25 -48.77 102.70
N ILE W 121 42.13 -49.20 102.13
CA ILE W 121 41.98 -49.31 100.68
C ILE W 121 42.08 -47.94 100.02
N ALA W 122 41.46 -46.90 100.58
CA ALA W 122 41.62 -45.55 100.04
C ALA W 122 43.08 -45.08 100.10
N MET W 123 43.78 -45.32 101.20
CA MET W 123 45.19 -44.95 101.32
C MET W 123 46.10 -45.75 100.39
N ALA W 124 45.82 -47.03 100.20
CA ALA W 124 46.56 -47.83 99.24
C ALA W 124 46.42 -47.24 97.83
N PHE W 125 45.25 -46.75 97.46
CA PHE W 125 45.08 -46.08 96.18
C PHE W 125 45.93 -44.82 96.08
N ASP W 126 45.93 -43.94 97.08
CA ASP W 126 46.81 -42.77 97.05
C ASP W 126 48.28 -43.16 96.88
N ASN W 127 48.81 -44.05 97.70
CA ASN W 127 50.22 -44.40 97.61
C ASN W 127 50.55 -45.11 96.29
N ALA W 128 49.65 -45.94 95.76
CA ALA W 128 49.88 -46.56 94.46
C ALA W 128 49.90 -45.52 93.34
N ALA W 129 49.20 -44.40 93.49
CA ALA W 129 49.11 -43.38 92.45
C ALA W 129 50.18 -42.29 92.57
N LEU W 130 50.50 -41.84 93.79
CA LEU W 130 51.47 -40.80 94.02
C LEU W 130 52.89 -41.36 93.93
N HIS W 131 53.34 -42.02 94.99
CA HIS W 131 54.72 -42.48 95.12
C HIS W 131 54.98 -43.85 94.50
N GLY W 132 53.95 -44.54 94.04
CA GLY W 132 54.05 -45.83 93.39
C GLY W 132 54.45 -46.97 94.32
N THR W 133 54.25 -46.86 95.63
CA THR W 133 54.97 -47.67 96.64
C THR W 133 54.78 -49.17 96.47
N ASN W 134 53.59 -49.60 96.09
CA ASN W 134 53.25 -51.01 95.87
C ASN W 134 52.32 -51.15 94.65
N ALA W 135 52.45 -50.24 93.68
CA ALA W 135 51.49 -50.10 92.61
C ALA W 135 51.29 -51.43 91.87
N PRO W 136 50.05 -51.79 91.53
CA PRO W 136 49.77 -52.98 90.75
C PRO W 136 50.27 -52.78 89.33
N SER W 137 50.63 -53.87 88.67
CA SER W 137 51.23 -53.83 87.33
C SER W 137 50.36 -53.16 86.26
N ALA W 138 49.05 -53.04 86.49
CA ALA W 138 48.11 -52.42 85.55
C ALA W 138 48.08 -50.88 85.59
N PHE W 139 48.54 -50.23 86.67
CA PHE W 139 48.48 -48.76 86.75
C PHE W 139 49.53 -48.15 85.81
N GLN W 140 49.11 -47.28 84.91
CA GLN W 140 50.01 -46.67 83.93
C GLN W 140 50.74 -45.46 84.55
N GLY W 141 51.88 -45.71 85.17
CA GLY W 141 52.73 -44.68 85.79
C GLY W 141 52.23 -44.18 87.15
N TYR W 142 53.05 -43.39 87.83
CA TYR W 142 52.74 -42.81 89.15
C TYR W 142 53.40 -41.45 89.29
N LEU W 143 52.83 -40.56 90.10
CA LEU W 143 53.12 -39.14 90.02
C LEU W 143 54.58 -38.79 90.36
N ASP W 144 55.20 -39.53 91.26
CA ASP W 144 56.60 -39.31 91.66
C ASP W 144 57.60 -39.65 90.53
N GLN W 145 57.17 -40.31 89.46
CA GLN W 145 58.04 -40.73 88.36
C GLN W 145 58.54 -39.57 87.48
N SER W 146 58.07 -38.35 87.71
CA SER W 146 58.40 -37.16 86.90
C SER W 146 59.88 -36.76 86.90
N ASN W 147 60.40 -36.37 85.74
CA ASN W 147 61.78 -35.89 85.56
C ASN W 147 62.03 -34.42 85.94
N LYS W 148 61.16 -33.76 86.70
CA LYS W 148 61.33 -32.34 87.08
C LYS W 148 61.26 -32.13 88.58
N THR W 149 62.19 -31.37 89.14
CA THR W 149 62.23 -30.98 90.56
C THR W 149 62.43 -29.48 90.73
N GLN W 150 61.94 -28.91 91.83
CA GLN W 150 62.13 -27.50 92.15
C GLN W 150 62.16 -27.27 93.67
N SER W 151 63.15 -26.55 94.16
CA SER W 151 63.18 -26.07 95.54
C SER W 151 62.21 -24.90 95.74
N ILE W 152 61.40 -24.94 96.79
CA ILE W 152 60.59 -23.78 97.19
C ILE W 152 61.20 -23.01 98.36
N SER W 153 62.29 -23.49 98.96
CA SER W 153 62.66 -23.14 100.35
C SER W 153 62.83 -21.66 100.68
N PRO W 154 63.68 -20.90 99.96
CA PRO W 154 64.01 -19.57 100.43
C PRO W 154 62.86 -18.60 100.20
N ASN W 155 62.07 -18.80 99.15
CA ASN W 155 61.03 -17.88 98.71
C ASN W 155 60.03 -18.61 97.81
N ALA W 156 58.81 -18.85 98.30
CA ALA W 156 57.82 -19.62 97.58
C ALA W 156 57.40 -19.00 96.25
N TYR W 157 57.37 -17.67 96.14
CA TYR W 157 56.97 -17.00 94.90
C TYR W 157 58.00 -17.23 93.80
N GLN W 158 59.27 -17.02 94.09
CA GLN W 158 60.34 -17.31 93.13
C GLN W 158 60.39 -18.80 92.80
N GLY W 159 60.13 -19.65 93.79
CA GLY W 159 60.10 -21.09 93.59
C GLY W 159 59.02 -21.54 92.62
N LEU W 160 57.75 -21.23 92.89
CA LEU W 160 56.62 -21.64 92.07
C LEU W 160 56.48 -20.79 90.81
N GLY W 161 56.31 -19.48 90.97
CA GLY W 161 55.85 -18.59 89.91
C GLY W 161 56.90 -18.20 88.89
N VAL W 162 58.18 -18.39 89.18
CA VAL W 162 59.28 -17.99 88.29
C VAL W 162 60.09 -19.20 87.86
N SER W 163 60.76 -19.89 88.78
CA SER W 163 61.62 -21.01 88.43
C SER W 163 60.81 -22.25 88.03
N GLY W 164 59.94 -22.74 88.91
CA GLY W 164 59.12 -23.91 88.66
C GLY W 164 58.26 -23.76 87.41
N LEU W 165 57.60 -22.62 87.23
CA LEU W 165 56.85 -22.38 86.01
C LEU W 165 57.74 -22.35 84.76
N THR W 166 58.98 -21.84 84.83
CA THR W 166 59.89 -21.91 83.68
C THR W 166 60.15 -23.35 83.27
N LYS W 167 60.34 -24.25 84.22
CA LYS W 167 60.56 -25.68 83.94
C LYS W 167 59.37 -26.33 83.25
N LEU W 168 58.15 -25.83 83.46
CA LEU W 168 56.96 -26.35 82.77
C LEU W 168 56.81 -25.77 81.36
N VAL W 169 56.81 -24.45 81.20
CA VAL W 169 56.56 -23.85 79.88
C VAL W 169 57.69 -24.14 78.90
N THR W 170 58.93 -24.28 79.37
CA THR W 170 60.07 -24.60 78.49
C THR W 170 59.90 -25.97 77.83
N ASP W 171 59.26 -26.91 78.52
CA ASP W 171 58.92 -28.22 78.01
C ASP W 171 57.47 -28.28 77.47
N GLY W 172 56.93 -27.13 77.03
CA GLY W 172 55.69 -27.04 76.26
C GLY W 172 54.41 -27.44 76.98
N LYS W 173 54.43 -27.55 78.31
CA LYS W 173 53.30 -28.04 79.12
C LYS W 173 52.88 -27.04 80.18
N LYS W 174 51.57 -26.96 80.45
CA LYS W 174 50.95 -25.82 81.11
C LYS W 174 50.52 -26.09 82.54
N TRP W 175 50.89 -25.19 83.45
CA TRP W 175 50.52 -25.24 84.86
C TRP W 175 49.05 -24.87 85.05
N THR W 176 48.24 -25.76 85.62
CA THR W 176 46.82 -25.47 85.93
C THR W 176 46.46 -25.68 87.40
N HIS W 177 47.10 -26.57 88.15
CA HIS W 177 46.82 -26.76 89.58
C HIS W 177 48.11 -27.00 90.35
N THR W 178 48.08 -26.84 91.67
CA THR W 178 49.16 -27.28 92.53
C THR W 178 48.68 -27.88 93.82
N LEU W 179 49.29 -28.99 94.23
CA LEU W 179 48.92 -29.78 95.40
C LEU W 179 50.04 -29.65 96.42
N LEU W 180 49.76 -29.07 97.60
CA LEU W 180 50.76 -28.81 98.64
C LEU W 180 50.47 -29.62 99.90
N ASP W 181 51.48 -30.26 100.46
CA ASP W 181 51.38 -30.90 101.76
C ASP W 181 51.26 -29.86 102.89
N ASP W 182 50.52 -30.17 103.95
CA ASP W 182 50.30 -29.30 105.10
C ASP W 182 51.60 -28.75 105.72
N THR W 183 52.70 -29.50 105.66
CA THR W 183 54.00 -29.05 106.16
C THR W 183 54.61 -27.89 105.37
N VAL W 184 54.00 -27.44 104.28
CA VAL W 184 54.47 -26.28 103.50
C VAL W 184 54.15 -24.93 104.14
N GLU W 185 53.24 -24.85 105.12
CA GLU W 185 52.87 -23.59 105.78
C GLU W 185 54.03 -22.65 106.11
N PRO W 186 55.10 -23.08 106.78
CA PRO W 186 56.18 -22.18 107.12
C PRO W 186 56.91 -21.63 105.90
N VAL W 187 57.00 -22.35 104.78
CA VAL W 187 57.70 -21.86 103.59
C VAL W 187 56.93 -20.72 102.95
N LEU W 188 55.62 -20.83 102.87
CA LEU W 188 54.81 -19.71 102.40
C LEU W 188 54.84 -18.57 103.42
N ASN W 189 54.67 -18.83 104.71
CA ASN W 189 54.69 -17.76 105.72
C ASN W 189 56.02 -16.99 105.72
N GLY W 190 57.14 -17.69 105.56
CA GLY W 190 58.48 -17.11 105.54
C GLY W 190 58.85 -16.42 104.23
N SER W 191 58.04 -16.53 103.18
CA SER W 191 58.34 -15.86 101.93
C SER W 191 58.08 -14.36 102.05
N VAL W 192 59.14 -13.58 102.02
CA VAL W 192 59.13 -12.14 102.30
C VAL W 192 59.86 -11.38 101.20
N ASP W 193 59.53 -10.11 101.04
CA ASP W 193 60.31 -9.19 100.22
C ASP W 193 61.61 -8.77 100.93
N ALA W 194 62.45 -7.96 100.29
CA ALA W 194 63.70 -7.52 100.88
C ALA W 194 63.52 -6.61 102.10
N ASN W 195 62.37 -5.95 102.25
CA ASN W 195 62.04 -5.22 103.46
C ASN W 195 61.57 -6.14 104.59
N GLY W 196 61.43 -7.44 104.36
CA GLY W 196 61.03 -8.39 105.37
C GLY W 196 59.52 -8.46 105.63
N ARG W 197 58.69 -7.81 104.80
CA ARG W 197 57.24 -8.01 104.86
C ARG W 197 56.84 -9.24 104.06
N PRO W 198 55.81 -9.99 104.44
CA PRO W 198 55.42 -11.20 103.72
C PRO W 198 54.73 -10.88 102.40
N LEU W 199 54.62 -11.88 101.54
CA LEU W 199 53.91 -11.78 100.27
C LEU W 199 52.45 -12.26 100.41
N PHE W 200 52.26 -13.52 100.78
CA PHE W 200 50.97 -14.23 100.71
C PHE W 200 50.01 -13.97 101.87
N VAL W 201 50.23 -12.91 102.66
CA VAL W 201 49.34 -12.51 103.74
C VAL W 201 49.40 -11.00 103.96
N GLU W 202 48.31 -10.41 104.44
CA GLU W 202 48.00 -9.00 104.25
C GLU W 202 47.88 -8.19 105.55
N SER W 203 48.20 -6.90 105.46
CA SER W 203 47.97 -5.90 106.51
C SER W 203 48.57 -6.27 107.87
N THR W 204 47.76 -6.46 108.91
CA THR W 204 48.21 -6.79 110.27
C THR W 204 48.36 -8.30 110.50
N TYR W 205 48.27 -9.11 109.46
CA TYR W 205 48.59 -10.54 109.51
C TYR W 205 47.74 -11.37 110.46
N GLU W 206 46.52 -10.94 110.73
CA GLU W 206 45.52 -11.74 111.45
C GLU W 206 44.93 -12.86 110.58
N SER W 207 44.85 -12.63 109.27
CA SER W 207 44.32 -13.53 108.26
C SER W 207 45.22 -14.74 108.00
N LEU W 208 44.68 -15.90 107.65
CA LEU W 208 45.49 -17.05 107.23
C LEU W 208 46.06 -16.85 105.82
N THR W 209 47.32 -17.25 105.60
CA THR W 209 48.07 -17.12 104.35
C THR W 209 47.31 -17.74 103.18
N THR W 210 47.06 -17.01 102.09
CA THR W 210 45.96 -17.35 101.17
C THR W 210 45.99 -18.74 100.53
N PRO W 211 47.12 -19.37 100.21
CA PRO W 211 47.10 -20.71 99.65
C PRO W 211 46.51 -21.76 100.61
N PHE W 212 46.56 -21.52 101.92
CA PHE W 212 45.94 -22.40 102.92
C PHE W 212 44.46 -22.14 103.12
N ARG W 213 43.91 -21.09 102.51
CA ARG W 213 42.47 -20.93 102.28
C ARG W 213 42.02 -21.67 101.02
N GLU W 214 42.90 -22.44 100.38
CA GLU W 214 42.73 -22.94 99.01
C GLU W 214 42.43 -21.82 97.99
N GLY W 215 42.97 -20.62 98.23
CA GLY W 215 42.95 -19.53 97.26
C GLY W 215 43.82 -19.80 96.03
N ARG W 216 43.80 -18.92 95.03
CA ARG W 216 44.73 -19.04 93.90
C ARG W 216 46.11 -18.54 94.29
N ILE W 217 47.12 -18.97 93.55
CA ILE W 217 48.37 -18.24 93.39
C ILE W 217 48.59 -18.00 91.90
N LEU W 218 48.86 -16.75 91.49
CA LEU W 218 49.07 -16.40 90.08
C LEU W 218 48.02 -17.03 89.14
N GLY W 219 46.76 -16.99 89.54
CA GLY W 219 45.64 -17.54 88.78
C GLY W 219 45.42 -19.05 88.88
N ARG W 220 46.32 -19.84 89.48
CA ARG W 220 46.18 -21.31 89.59
C ARG W 220 45.68 -21.69 90.97
N PRO W 221 44.60 -22.48 91.13
CA PRO W 221 44.08 -22.85 92.43
C PRO W 221 44.96 -23.89 93.12
N THR W 222 45.21 -23.72 94.41
CA THR W 222 45.90 -24.76 95.19
C THR W 222 44.94 -25.83 95.67
N ILE W 223 45.51 -26.95 96.10
CA ILE W 223 44.85 -28.06 96.80
C ILE W 223 45.71 -28.41 98.01
N LEU W 224 45.13 -28.77 99.15
CA LEU W 224 45.89 -29.10 100.37
C LEU W 224 45.69 -30.55 100.79
N SER W 225 46.68 -31.12 101.47
CA SER W 225 46.56 -32.43 102.12
C SER W 225 47.45 -32.57 103.34
N ASP W 226 46.99 -33.32 104.33
CA ASP W 226 47.75 -33.68 105.53
C ASP W 226 48.79 -34.80 105.28
N HIS W 227 48.81 -35.40 104.09
CA HIS W 227 49.51 -36.67 103.85
C HIS W 227 50.13 -36.85 102.46
N VAL W 228 50.29 -35.80 101.67
CA VAL W 228 50.94 -35.87 100.35
C VAL W 228 52.44 -36.14 100.43
N ALA W 229 53.14 -35.62 101.44
CA ALA W 229 54.59 -35.72 101.48
C ALA W 229 55.07 -37.11 101.93
N GLU W 230 55.87 -37.77 101.12
CA GLU W 230 56.72 -38.90 101.52
C GLU W 230 58.10 -38.74 100.88
N GLY W 231 59.16 -39.09 101.61
CA GLY W 231 60.50 -38.62 101.29
C GLY W 231 60.63 -37.10 101.51
N ASP W 232 61.39 -36.41 100.66
CA ASP W 232 61.61 -34.96 100.73
C ASP W 232 60.70 -34.14 99.79
N VAL W 233 59.84 -34.79 99.00
CA VAL W 233 58.85 -34.11 98.15
C VAL W 233 57.70 -33.64 99.00
N VAL W 234 57.40 -32.34 98.96
CA VAL W 234 56.33 -31.73 99.75
C VAL W 234 55.17 -31.23 98.91
N GLY W 235 55.21 -31.38 97.59
CA GLY W 235 54.08 -31.03 96.75
C GLY W 235 54.34 -31.20 95.27
N TYR W 236 53.33 -30.92 94.47
CA TYR W 236 53.36 -31.08 93.03
C TYR W 236 52.72 -29.87 92.36
N ALA W 237 53.25 -29.44 91.23
CA ALA W 237 52.63 -28.40 90.41
C ALA W 237 52.62 -28.87 88.97
N GLY W 238 51.52 -28.71 88.26
CA GLY W 238 51.47 -29.15 86.87
C GLY W 238 50.09 -29.24 86.28
N ASP W 239 49.90 -30.22 85.41
CA ASP W 239 48.69 -30.39 84.63
C ASP W 239 47.82 -31.53 85.13
N PHE W 240 47.04 -31.27 86.17
CA PHE W 240 46.11 -32.28 86.69
C PHE W 240 44.97 -32.65 85.73
N SER W 241 44.94 -32.18 84.48
CA SER W 241 44.09 -32.84 83.48
C SER W 241 44.66 -34.21 83.07
N GLN W 242 45.96 -34.42 83.20
CA GLN W 242 46.65 -35.59 82.67
C GLN W 242 46.44 -36.86 83.49
N ILE W 243 45.74 -36.80 84.62
CA ILE W 243 45.47 -37.95 85.48
C ILE W 243 44.01 -38.35 85.35
N ILE W 244 43.72 -39.59 84.99
CA ILE W 244 42.36 -40.13 84.98
C ILE W 244 42.29 -41.40 85.80
N TRP W 245 41.17 -41.64 86.46
CA TRP W 245 40.99 -42.83 87.30
C TRP W 245 39.58 -43.36 87.22
N GLY W 246 39.39 -44.64 87.50
CA GLY W 246 38.08 -45.27 87.49
C GLY W 246 37.98 -46.34 88.56
N GLN W 247 36.76 -46.69 88.93
CA GLN W 247 36.48 -47.76 89.87
C GLN W 247 35.36 -48.62 89.32
N VAL W 248 35.51 -49.94 89.33
CA VAL W 248 34.49 -50.84 88.80
C VAL W 248 33.57 -51.29 89.92
N GLY W 249 32.61 -50.43 90.26
CA GLY W 249 31.61 -50.69 91.29
C GLY W 249 32.11 -50.48 92.71
N GLY W 250 31.18 -50.37 93.65
CA GLY W 250 31.48 -50.04 95.05
C GLY W 250 32.33 -51.08 95.77
N LEU W 251 33.00 -50.67 96.85
CA LEU W 251 33.70 -51.56 97.76
C LEU W 251 32.70 -52.53 98.39
N SER W 252 33.03 -53.81 98.38
CA SER W 252 32.09 -54.89 98.66
C SER W 252 32.55 -55.74 99.84
N PHE W 253 31.59 -56.27 100.60
CA PHE W 253 31.82 -57.13 101.76
C PHE W 253 31.10 -58.45 101.60
N ASP W 254 31.67 -59.50 102.20
CA ASP W 254 31.07 -60.82 102.31
C ASP W 254 31.52 -61.45 103.63
N VAL W 255 30.73 -62.36 104.19
CA VAL W 255 31.05 -63.00 105.48
C VAL W 255 30.65 -64.45 105.49
N THR W 256 31.50 -65.34 105.98
CA THR W 256 31.25 -66.79 106.01
C THR W 256 31.82 -67.47 107.23
N ASP W 257 31.28 -68.64 107.55
CA ASP W 257 31.78 -69.54 108.58
C ASP W 257 31.84 -70.99 108.11
N GLN W 258 31.36 -71.32 106.90
CA GLN W 258 31.49 -72.66 106.33
C GLN W 258 32.80 -72.87 105.56
N ALA W 259 33.47 -71.81 105.12
CA ALA W 259 34.62 -71.91 104.23
C ALA W 259 35.86 -72.52 104.90
N THR W 260 36.83 -72.94 104.09
CA THR W 260 38.18 -73.32 104.57
C THR W 260 39.18 -72.28 104.12
N LEU W 261 40.06 -71.84 105.01
CA LEU W 261 40.97 -70.71 104.80
C LEU W 261 42.42 -71.20 104.86
N ASN W 262 43.34 -70.58 104.13
CA ASN W 262 44.76 -70.93 104.17
C ASN W 262 45.55 -69.83 104.88
N LEU W 263 46.20 -70.15 105.98
CA LEU W 263 46.96 -69.18 106.77
C LEU W 263 48.41 -69.00 106.31
N GLY W 264 48.85 -69.76 105.32
CA GLY W 264 50.19 -69.69 104.72
C GLY W 264 50.16 -69.19 103.27
N SER W 265 51.25 -69.38 102.53
CA SER W 265 51.27 -69.10 101.08
C SER W 265 50.52 -70.17 100.29
N GLN W 266 50.37 -69.95 98.98
CA GLN W 266 49.82 -70.98 98.08
C GLN W 266 50.75 -72.20 97.92
N GLU W 267 52.06 -72.01 97.93
CA GLU W 267 53.05 -73.07 97.73
C GLU W 267 53.27 -73.93 98.98
N SER W 268 53.19 -73.34 100.17
CA SER W 268 53.26 -74.07 101.44
C SER W 268 52.05 -73.72 102.32
N PRO W 269 50.90 -74.35 102.07
CA PRO W 269 49.65 -73.99 102.70
C PRO W 269 49.59 -74.46 104.15
N ASN W 270 48.68 -73.86 104.90
CA ASN W 270 48.34 -74.20 106.27
C ASN W 270 46.83 -73.99 106.45
N PHE W 271 46.04 -75.01 106.12
CA PHE W 271 44.58 -74.89 106.08
C PHE W 271 43.94 -74.91 107.47
N VAL W 272 42.89 -74.11 107.63
CA VAL W 272 41.97 -74.12 108.76
C VAL W 272 40.53 -74.12 108.25
N SER W 273 39.73 -75.12 108.60
CA SER W 273 38.30 -75.10 108.34
C SER W 273 37.61 -74.17 109.33
N LEU W 274 36.99 -73.09 108.85
CA LEU W 274 36.39 -72.10 109.74
C LEU W 274 35.27 -72.74 110.57
N TRP W 275 34.48 -73.64 109.97
CA TRP W 275 33.44 -74.35 110.70
C TRP W 275 34.06 -75.24 111.76
N GLN W 276 35.01 -76.10 111.39
CA GLN W 276 35.55 -77.09 112.32
C GLN W 276 36.29 -76.46 113.50
N HIS W 277 36.90 -75.29 113.31
CA HIS W 277 37.54 -74.52 114.38
C HIS W 277 36.67 -73.41 114.99
N ASN W 278 35.37 -73.36 114.68
CA ASN W 278 34.43 -72.38 115.26
C ASN W 278 34.88 -70.92 115.06
N LEU W 279 35.34 -70.57 113.86
CA LEU W 279 35.74 -69.22 113.46
C LEU W 279 34.73 -68.57 112.50
N VAL W 280 34.84 -67.27 112.29
CA VAL W 280 34.08 -66.51 111.28
C VAL W 280 35.03 -65.57 110.55
N ALA W 281 34.86 -65.40 109.24
CA ALA W 281 35.74 -64.57 108.43
C ALA W 281 34.97 -63.59 107.54
N VAL W 282 35.47 -62.37 107.45
CA VAL W 282 34.96 -61.32 106.56
C VAL W 282 35.92 -61.13 105.41
N ARG W 283 35.38 -61.01 104.20
CA ARG W 283 36.09 -60.91 102.92
C ARG W 283 35.74 -59.61 102.24
N VAL W 284 36.74 -58.88 101.74
CA VAL W 284 36.58 -57.50 101.27
C VAL W 284 37.25 -57.32 99.93
N GLU W 285 36.62 -56.63 98.97
CA GLU W 285 37.31 -56.23 97.75
C GLU W 285 36.71 -55.00 97.07
N ALA W 286 37.56 -54.33 96.29
CA ALA W 286 37.26 -53.25 95.38
C ALA W 286 38.22 -53.33 94.20
N GLU W 287 37.98 -52.62 93.10
CA GLU W 287 38.97 -52.53 92.02
C GLU W 287 39.02 -51.17 91.34
N TYR W 288 40.24 -50.75 91.01
CA TYR W 288 40.54 -49.40 90.55
C TYR W 288 41.38 -49.44 89.27
N GLY W 289 41.30 -48.41 88.45
CA GLY W 289 42.20 -48.19 87.33
C GLY W 289 42.75 -46.77 87.38
N LEU W 290 44.00 -46.58 86.95
CA LEU W 290 44.70 -45.30 86.92
C LEU W 290 45.53 -45.17 85.66
N LEU W 291 45.51 -44.00 85.04
CA LEU W 291 46.46 -43.62 84.01
C LEU W 291 46.92 -42.18 84.22
N ILE W 292 48.22 -41.96 84.19
CA ILE W 292 48.79 -40.62 84.07
C ILE W 292 49.37 -40.53 82.68
N ASN W 293 48.88 -39.62 81.84
CA ASN W 293 49.26 -39.62 80.43
C ASN W 293 50.76 -39.38 80.22
N ASP W 294 51.30 -38.35 80.86
CA ASP W 294 52.70 -37.94 80.76
C ASP W 294 53.22 -37.46 82.12
N VAL W 295 53.81 -38.35 82.90
CA VAL W 295 54.30 -38.04 84.25
C VAL W 295 55.26 -36.86 84.28
N ASN W 296 55.95 -36.56 83.19
CA ASN W 296 56.83 -35.40 83.09
C ASN W 296 56.11 -34.04 83.08
N ALA W 297 54.78 -34.01 83.11
CA ALA W 297 54.01 -32.76 83.20
C ALA W 297 54.01 -32.13 84.60
N PHE W 298 54.49 -32.81 85.64
CA PHE W 298 54.42 -32.32 87.02
C PHE W 298 55.79 -31.99 87.60
N VAL W 299 56.03 -30.76 88.04
CA VAL W 299 57.21 -30.42 88.82
C VAL W 299 57.01 -30.91 90.23
N LYS W 300 57.94 -31.70 90.76
CA LYS W 300 57.95 -32.09 92.16
C LYS W 300 58.57 -30.96 92.99
N LEU W 301 57.89 -30.52 94.03
CA LEU W 301 58.35 -29.44 94.88
C LEU W 301 59.10 -30.04 96.06
N THR W 302 60.36 -29.63 96.25
CA THR W 302 61.19 -30.11 97.34
C THR W 302 61.43 -29.01 98.34
N PHE W 303 61.39 -29.34 99.63
CA PHE W 303 61.42 -28.35 100.69
C PHE W 303 62.71 -27.54 100.71
N ASP W 304 63.79 -28.08 100.15
CA ASP W 304 65.08 -27.46 99.88
C ASP W 304 65.74 -28.12 98.64
N PRO W 305 66.84 -27.59 98.07
CA PRO W 305 67.34 -28.06 96.79
C PRO W 305 68.10 -29.38 96.95
N VAL W 306 67.91 -30.27 95.99
CA VAL W 306 68.48 -31.63 96.00
C VAL W 306 68.89 -32.08 94.61
N LEU W 307 69.88 -32.97 94.56
CA LEU W 307 70.22 -33.74 93.36
C LEU W 307 69.05 -34.68 93.01
N THR W 308 69.05 -35.23 91.80
CA THR W 308 68.08 -36.23 91.37
C THR W 308 68.77 -37.39 90.66
N THR W 309 68.13 -38.56 90.59
CA THR W 309 68.79 -39.83 90.23
C THR W 309 68.02 -40.63 89.18
N TYR W 310 68.71 -41.11 88.15
CA TYR W 310 68.14 -41.82 87.01
C TYR W 310 68.75 -43.19 86.83
N ALA W 311 67.94 -44.15 86.40
CA ALA W 311 68.41 -45.36 85.72
C ALA W 311 68.34 -45.13 84.20
N LEU W 312 69.46 -45.31 83.53
CA LEU W 312 69.61 -45.31 82.07
C LEU W 312 70.04 -46.71 81.64
N ASP W 313 69.29 -47.38 80.76
CA ASP W 313 69.67 -48.70 80.26
C ASP W 313 69.37 -48.90 78.77
N LEU W 314 70.27 -49.62 78.10
CA LEU W 314 70.40 -49.62 76.65
C LEU W 314 69.73 -50.83 75.95
N ASP W 315 68.81 -51.53 76.61
CA ASP W 315 67.96 -52.57 76.02
C ASP W 315 68.72 -53.68 75.24
N GLY W 316 69.96 -53.97 75.64
CA GLY W 316 70.81 -54.94 74.94
C GLY W 316 71.22 -54.53 73.53
N ALA W 317 71.21 -53.23 73.19
CA ALA W 317 71.67 -52.72 71.89
C ALA W 317 73.07 -53.22 71.54
N SER W 318 73.27 -53.66 70.30
CA SER W 318 74.49 -54.38 69.90
C SER W 318 75.73 -53.49 69.70
N ALA W 319 75.56 -52.24 69.28
CA ALA W 319 76.61 -51.28 68.98
C ALA W 319 76.05 -49.84 68.86
N GLY W 320 76.88 -48.90 68.43
CA GLY W 320 76.47 -47.53 68.09
C GLY W 320 76.60 -46.55 69.26
N ASN W 321 75.83 -45.46 69.22
CA ASN W 321 75.93 -44.35 70.16
C ASN W 321 74.57 -43.84 70.64
N PHE W 322 74.56 -43.17 71.79
CA PHE W 322 73.45 -42.40 72.31
C PHE W 322 73.97 -41.04 72.78
N THR W 323 73.09 -40.05 72.93
CA THR W 323 73.48 -38.71 73.39
C THR W 323 72.58 -38.25 74.52
N LEU W 324 73.17 -37.81 75.63
CA LEU W 324 72.42 -37.25 76.75
C LEU W 324 72.24 -35.74 76.61
N SER W 325 71.26 -35.19 77.31
CA SER W 325 71.04 -33.75 77.46
C SER W 325 70.56 -33.42 78.87
N LEU W 326 71.00 -32.27 79.39
CA LEU W 326 70.80 -31.86 80.78
C LEU W 326 70.26 -30.43 80.81
N ASP W 327 69.06 -30.23 81.38
CA ASP W 327 68.36 -28.93 81.38
C ASP W 327 68.32 -28.25 79.99
N GLY W 328 68.22 -29.04 78.93
CA GLY W 328 68.15 -28.58 77.53
C GLY W 328 69.50 -28.38 76.82
N LYS W 329 70.63 -28.39 77.52
CA LYS W 329 71.96 -28.43 76.89
C LYS W 329 72.27 -29.83 76.37
N THR W 330 73.02 -29.96 75.28
CA THR W 330 73.32 -31.27 74.62
C THR W 330 74.76 -31.73 74.85
N SER W 331 74.96 -32.95 75.33
CA SER W 331 76.29 -33.57 75.48
C SER W 331 76.86 -34.06 74.13
N ALA W 332 78.12 -34.51 74.13
CA ALA W 332 78.73 -35.26 73.03
C ALA W 332 78.11 -36.67 72.88
N ASN W 333 78.36 -37.33 71.76
CA ASN W 333 77.98 -38.73 71.56
C ASN W 333 78.69 -39.65 72.57
N ILE W 334 78.00 -40.67 73.07
CA ILE W 334 78.50 -41.67 74.00
C ILE W 334 78.30 -43.05 73.38
N ALA W 335 79.32 -43.92 73.40
CA ALA W 335 79.21 -45.27 72.85
C ALA W 335 78.33 -46.19 73.71
N TYR W 336 77.63 -47.12 73.06
CA TYR W 336 76.70 -48.08 73.67
C TYR W 336 77.29 -48.89 74.85
N ASN W 337 78.62 -49.02 74.93
CA ASN W 337 79.35 -49.76 75.95
C ASN W 337 80.37 -48.90 76.73
N ALA W 338 80.28 -47.57 76.67
CA ALA W 338 81.26 -46.65 77.23
C ALA W 338 81.49 -46.83 78.74
N SER W 339 82.74 -46.71 79.18
CA SER W 339 83.11 -46.83 80.60
C SER W 339 82.55 -45.69 81.46
N THR W 340 82.18 -45.96 82.70
CA THR W 340 81.45 -45.02 83.57
C THR W 340 82.15 -43.69 83.75
N ALA W 341 83.48 -43.67 83.91
CA ALA W 341 84.24 -42.43 84.03
C ALA W 341 84.16 -41.55 82.75
N THR W 342 84.02 -42.17 81.58
CA THR W 342 83.81 -41.43 80.33
C THR W 342 82.41 -40.81 80.28
N VAL W 343 81.39 -41.47 80.81
CA VAL W 343 80.04 -40.90 80.94
C VAL W 343 80.04 -39.72 81.91
N LYS W 344 80.70 -39.84 83.07
CA LYS W 344 80.86 -38.71 84.02
C LYS W 344 81.54 -37.52 83.36
N SER W 345 82.64 -37.73 82.66
CA SER W 345 83.30 -36.67 81.89
C SER W 345 82.38 -36.06 80.83
N ALA W 346 81.67 -36.89 80.06
CA ALA W 346 80.74 -36.42 79.04
C ALA W 346 79.58 -35.59 79.62
N ILE W 347 79.09 -35.89 80.82
CA ILE W 347 78.05 -35.09 81.47
C ILE W 347 78.61 -33.76 82.00
N VAL W 348 79.77 -33.70 82.65
CA VAL W 348 80.30 -32.39 83.10
C VAL W 348 80.77 -31.52 81.94
N ALA W 349 81.16 -32.13 80.82
CA ALA W 349 81.48 -31.42 79.58
C ALA W 349 80.26 -30.80 78.88
N ILE W 350 79.04 -30.88 79.45
CA ILE W 350 77.83 -30.28 78.87
C ILE W 350 77.89 -28.74 78.85
N ASP W 351 78.77 -28.08 79.63
CA ASP W 351 78.93 -26.61 79.64
C ASP W 351 77.66 -25.89 80.11
N ASP W 352 77.36 -25.99 81.41
CA ASP W 352 76.14 -25.46 82.02
C ASP W 352 76.31 -25.00 83.49
N GLY W 353 77.54 -24.84 83.99
CA GLY W 353 77.85 -24.61 85.40
C GLY W 353 77.88 -25.88 86.28
N VAL W 354 77.66 -27.04 85.67
CA VAL W 354 77.80 -28.36 86.30
C VAL W 354 79.25 -28.69 86.61
N SER W 355 79.51 -29.50 87.65
CA SER W 355 80.87 -29.80 88.10
C SER W 355 81.03 -31.24 88.64
N ALA W 356 82.22 -31.81 88.45
CA ALA W 356 82.54 -33.22 88.71
C ALA W 356 82.57 -33.62 90.19
N ASP W 357 82.60 -32.67 91.11
CA ASP W 357 82.42 -32.92 92.54
C ASP W 357 80.96 -33.14 92.94
N ASP W 358 79.99 -32.68 92.13
CA ASP W 358 78.57 -32.98 92.32
C ASP W 358 78.09 -34.16 91.45
N VAL W 359 78.29 -34.07 90.12
CA VAL W 359 77.81 -35.08 89.16
C VAL W 359 78.44 -36.43 89.45
N THR W 360 77.63 -37.48 89.58
CA THR W 360 78.11 -38.83 89.94
C THR W 360 77.46 -39.92 89.08
N VAL W 361 78.24 -40.90 88.64
CA VAL W 361 77.80 -41.99 87.75
C VAL W 361 78.37 -43.33 88.23
N THR W 362 77.56 -44.38 88.23
CA THR W 362 77.94 -45.75 88.64
C THR W 362 77.15 -46.79 87.86
N GLY W 363 77.70 -47.95 87.57
CA GLY W 363 76.97 -49.01 86.85
C GLY W 363 77.87 -49.97 86.06
N SER W 364 77.39 -50.37 84.89
CA SER W 364 78.00 -51.33 83.97
C SER W 364 77.80 -50.89 82.52
N ALA W 365 78.51 -51.48 81.57
CA ALA W 365 78.35 -51.14 80.15
C ALA W 365 76.88 -51.29 79.71
N GLY W 366 76.29 -50.21 79.20
CA GLY W 366 74.89 -50.18 78.76
C GLY W 366 73.84 -50.18 79.88
N ASP W 367 74.22 -50.00 81.14
CA ASP W 367 73.33 -50.04 82.30
C ASP W 367 73.88 -49.15 83.44
N TYR W 368 73.39 -47.91 83.52
CA TYR W 368 73.98 -46.85 84.32
C TYR W 368 72.98 -46.26 85.32
N THR W 369 73.48 -45.97 86.53
CA THR W 369 72.83 -45.10 87.51
C THR W 369 73.55 -43.77 87.51
N ILE W 370 72.80 -42.68 87.37
CA ILE W 370 73.34 -41.33 87.14
C ILE W 370 72.68 -40.39 88.15
N THR W 371 73.42 -39.46 88.76
CA THR W 371 72.82 -38.40 89.56
C THR W 371 73.42 -37.03 89.27
N VAL W 372 72.53 -36.03 89.17
CA VAL W 372 72.79 -34.70 88.60
C VAL W 372 71.88 -33.65 89.24
N PRO W 373 72.17 -32.35 89.11
CA PRO W 373 71.33 -31.26 89.63
C PRO W 373 69.95 -31.07 88.99
N GLY W 374 69.61 -31.73 87.88
CA GLY W 374 68.45 -31.34 87.07
C GLY W 374 67.84 -32.40 86.15
N THR W 375 67.12 -31.95 85.13
CA THR W 375 66.39 -32.80 84.18
C THR W 375 67.35 -33.42 83.17
N LEU W 376 67.51 -34.74 83.21
CA LEU W 376 68.32 -35.51 82.27
C LEU W 376 67.40 -36.17 81.23
N THR W 377 67.74 -36.05 79.94
CA THR W 377 67.03 -36.67 78.82
C THR W 377 68.00 -37.29 77.83
N ALA W 378 67.54 -38.19 76.97
CA ALA W 378 68.40 -38.97 76.09
C ALA W 378 67.86 -39.05 74.65
N ASP W 379 68.78 -39.07 73.69
CA ASP W 379 68.54 -39.40 72.27
C ASP W 379 69.24 -40.73 71.94
N PHE W 380 68.45 -41.72 71.53
CA PHE W 380 68.91 -43.08 71.19
C PHE W 380 69.06 -43.32 69.67
N SER W 381 68.94 -42.28 68.84
CA SER W 381 68.92 -42.42 67.37
C SER W 381 70.22 -42.95 66.75
N GLY W 382 71.33 -42.97 67.48
CA GLY W 382 72.61 -43.52 67.03
C GLY W 382 72.83 -45.01 67.33
N LEU W 383 71.90 -45.71 67.99
CA LEU W 383 72.03 -47.14 68.32
C LEU W 383 71.74 -48.05 67.12
N THR W 384 72.37 -49.22 67.09
CA THR W 384 72.20 -50.21 66.00
C THR W 384 71.06 -51.20 66.23
N ASP W 385 70.60 -51.36 67.47
CA ASP W 385 69.55 -52.28 67.93
C ASP W 385 69.04 -51.76 69.30
N GLY W 386 68.19 -52.50 70.01
CA GLY W 386 67.75 -52.14 71.36
C GLY W 386 66.93 -50.85 71.38
N GLU W 387 65.99 -50.71 70.44
CA GLU W 387 65.23 -49.47 70.25
C GLU W 387 64.36 -49.10 71.46
N GLY W 388 64.15 -50.02 72.41
CA GLY W 388 63.49 -49.79 73.69
C GLY W 388 64.38 -49.25 74.80
N ALA W 389 65.63 -48.85 74.49
CA ALA W 389 66.52 -48.17 75.43
C ALA W 389 65.82 -46.97 76.09
N SER W 390 66.09 -46.73 77.38
CA SER W 390 65.25 -45.86 78.19
C SER W 390 65.98 -45.19 79.35
N ILE W 391 65.41 -44.09 79.86
CA ILE W 391 65.85 -43.41 81.07
C ILE W 391 64.64 -43.06 81.93
N SER W 392 64.70 -43.27 83.24
CA SER W 392 63.65 -42.88 84.18
C SER W 392 64.18 -42.66 85.61
N VAL W 393 63.41 -41.95 86.44
CA VAL W 393 63.82 -41.59 87.80
C VAL W 393 63.72 -42.78 88.77
N VAL W 394 64.63 -42.87 89.73
CA VAL W 394 64.68 -43.89 90.78
C VAL W 394 64.51 -43.26 92.16
N SER W 395 63.59 -43.81 92.98
CA SER W 395 63.15 -43.22 94.26
C SER W 395 64.10 -43.44 95.46
N VAL W 396 65.29 -43.98 95.24
CA VAL W 396 66.19 -44.46 96.30
C VAL W 396 67.66 -44.22 95.96
N GLY W 397 68.52 -44.16 96.98
CA GLY W 397 69.99 -44.04 96.86
C GLY W 397 70.68 -45.39 96.70
N GLY X 2 48.59 -67.62 91.94
CA GLY X 2 47.28 -67.84 91.31
C GLY X 2 47.25 -69.15 90.56
N PHE X 3 46.93 -69.12 89.27
CA PHE X 3 46.90 -70.29 88.39
C PHE X 3 47.39 -69.92 86.98
N SER X 4 47.86 -70.90 86.21
CA SER X 4 48.24 -70.69 84.81
C SER X 4 47.07 -70.16 83.99
N ALA X 5 47.34 -69.45 82.90
CA ALA X 5 46.31 -68.82 82.07
C ALA X 5 45.37 -69.85 81.44
N ASP X 6 45.92 -70.93 80.90
CA ASP X 6 45.17 -72.04 80.32
C ASP X 6 45.12 -73.25 81.28
N HIS X 7 44.99 -73.02 82.58
CA HIS X 7 45.02 -74.09 83.58
C HIS X 7 43.93 -75.13 83.32
N SER X 8 44.27 -76.41 83.37
CA SER X 8 43.38 -77.48 82.92
C SER X 8 42.13 -77.65 83.79
N GLN X 9 42.16 -77.22 85.04
CA GLN X 9 41.08 -77.46 86.00
C GLN X 9 40.01 -76.36 86.04
N ILE X 10 40.39 -75.08 85.86
CA ILE X 10 39.58 -73.92 86.27
C ILE X 10 39.48 -72.88 85.15
N ALA X 11 38.27 -72.44 84.78
CA ALA X 11 38.09 -71.35 83.82
C ALA X 11 38.46 -69.98 84.41
N GLN X 12 39.09 -69.11 83.63
CA GLN X 12 39.54 -67.77 84.03
C GLN X 12 39.43 -66.79 82.86
N THR X 13 39.33 -65.48 83.11
CA THR X 13 39.30 -64.48 82.03
C THR X 13 40.56 -64.54 81.16
N LYS X 14 41.69 -64.97 81.75
CA LYS X 14 42.97 -65.21 81.08
C LYS X 14 42.93 -66.36 80.06
N ASP X 15 41.98 -67.27 80.16
CA ASP X 15 41.95 -68.50 79.38
C ASP X 15 41.74 -68.19 77.90
N THR X 16 42.54 -68.80 77.04
CA THR X 16 42.52 -68.60 75.59
C THR X 16 41.15 -68.80 74.97
N MET X 17 40.30 -69.66 75.55
CA MET X 17 38.91 -69.86 75.12
C MET X 17 38.20 -68.56 74.78
N PHE X 18 38.31 -67.57 75.66
CA PHE X 18 37.50 -66.36 75.60
C PHE X 18 38.08 -65.27 74.70
N THR X 19 39.29 -65.44 74.17
CA THR X 19 39.94 -64.40 73.37
C THR X 19 39.08 -64.03 72.17
N GLY X 20 38.68 -62.77 72.09
CA GLY X 20 37.71 -62.25 71.11
C GLY X 20 36.44 -61.74 71.79
N TYR X 21 35.99 -62.41 72.85
CA TYR X 21 35.10 -61.81 73.85
C TYR X 21 35.94 -60.99 74.84
N LEU X 22 35.32 -60.43 75.88
CA LEU X 22 36.03 -59.69 76.92
C LEU X 22 36.91 -58.54 76.37
N ASP X 23 36.47 -57.88 75.31
CA ASP X 23 37.20 -56.77 74.68
C ASP X 23 37.22 -55.53 75.59
N PRO X 24 38.35 -54.84 75.80
CA PRO X 24 38.32 -53.55 76.48
C PRO X 24 37.53 -52.55 75.64
N VAL X 25 36.62 -51.79 76.24
CA VAL X 25 35.72 -50.93 75.47
C VAL X 25 36.44 -49.67 74.97
N GLN X 26 36.06 -49.19 73.79
CA GLN X 26 36.57 -47.93 73.25
C GLN X 26 36.11 -46.77 74.15
N ALA X 27 36.92 -45.73 74.29
CA ALA X 27 36.54 -44.50 74.99
C ALA X 27 37.06 -43.27 74.25
N LYS X 28 36.45 -42.10 74.49
CA LYS X 28 36.89 -40.85 73.85
C LYS X 28 38.31 -40.49 74.28
N ASP X 29 39.03 -39.74 73.46
CA ASP X 29 40.35 -39.24 73.85
C ASP X 29 40.22 -38.17 74.94
N TYR X 30 40.44 -38.53 76.20
CA TYR X 30 40.40 -37.59 77.32
C TYR X 30 41.55 -36.59 77.32
N PHE X 31 42.60 -36.81 76.55
CA PHE X 31 43.83 -36.00 76.56
C PHE X 31 44.02 -35.17 75.28
N ALA X 32 43.00 -35.06 74.44
CA ALA X 32 43.09 -34.38 73.16
C ALA X 32 43.50 -32.91 73.32
N GLU X 33 44.54 -32.48 72.62
CA GLU X 33 44.90 -31.07 72.50
C GLU X 33 43.91 -30.31 71.61
N ALA X 34 43.67 -29.04 71.91
CA ALA X 34 42.92 -28.14 71.02
C ALA X 34 43.75 -27.77 69.79
N GLU X 35 43.12 -27.58 68.65
CA GLU X 35 43.81 -27.12 67.44
C GLU X 35 44.37 -25.70 67.62
N LYS X 36 45.57 -25.43 67.09
CA LYS X 36 46.14 -24.08 67.12
C LYS X 36 45.36 -23.14 66.21
N THR X 37 44.73 -22.11 66.77
CA THR X 37 44.29 -20.94 66.01
C THR X 37 45.51 -20.19 65.46
N SER X 38 45.38 -19.53 64.30
CA SER X 38 46.44 -18.66 63.79
C SER X 38 46.70 -17.47 64.71
N ILE X 39 47.87 -16.84 64.62
CA ILE X 39 48.14 -15.57 65.31
C ILE X 39 48.07 -14.37 64.36
N VAL X 40 48.81 -14.37 63.26
CA VAL X 40 48.93 -13.18 62.41
C VAL X 40 47.57 -12.77 61.89
N GLN X 41 46.72 -13.72 61.56
CA GLN X 41 45.36 -13.47 61.06
C GLN X 41 44.46 -12.73 62.07
N ARG X 42 44.84 -12.67 63.36
CA ARG X 42 44.10 -11.95 64.40
C ARG X 42 44.72 -10.63 64.83
N VAL X 43 45.99 -10.35 64.50
CA VAL X 43 46.60 -9.03 64.75
C VAL X 43 46.69 -8.17 63.51
N ALA X 44 46.94 -8.75 62.35
CA ALA X 44 47.07 -8.02 61.10
C ALA X 44 45.71 -7.57 60.57
N GLN X 45 45.66 -6.42 59.91
CA GLN X 45 44.46 -5.99 59.22
C GLN X 45 44.20 -6.87 57.98
N LYS X 46 43.05 -7.54 57.93
CA LYS X 46 42.62 -8.26 56.74
C LYS X 46 42.17 -7.26 55.67
N ILE X 47 42.49 -7.50 54.41
CA ILE X 47 42.03 -6.68 53.28
C ILE X 47 41.49 -7.55 52.14
N PRO X 48 40.60 -7.02 51.28
CA PRO X 48 40.07 -7.76 50.16
C PRO X 48 41.13 -7.88 49.07
N MET X 49 41.22 -9.04 48.42
CA MET X 49 42.17 -9.25 47.33
C MET X 49 41.63 -10.28 46.35
N GLY X 50 41.90 -10.11 45.06
CA GLY X 50 41.65 -11.10 44.02
C GLY X 50 42.92 -11.79 43.56
N ALA X 51 42.81 -12.86 42.76
CA ALA X 51 43.97 -13.60 42.27
C ALA X 51 44.95 -12.76 41.43
N THR X 52 44.48 -11.65 40.86
CA THR X 52 45.32 -10.69 40.13
C THR X 52 46.21 -9.85 41.05
N GLY X 53 46.05 -9.93 42.37
CA GLY X 53 46.75 -9.10 43.34
C GLY X 53 46.10 -7.72 43.50
N ILE X 54 46.79 -6.81 44.20
CA ILE X 54 46.33 -5.44 44.49
C ILE X 54 47.46 -4.45 44.34
N VAL X 55 47.13 -3.16 44.19
CA VAL X 55 48.13 -2.08 44.22
C VAL X 55 47.74 -0.99 45.20
N ILE X 56 48.71 -0.55 45.98
CA ILE X 56 48.54 0.34 47.12
C ILE X 56 49.31 1.63 46.82
N PRO X 57 48.66 2.80 46.70
CA PRO X 57 49.35 4.06 46.54
C PRO X 57 49.92 4.55 47.87
N HIS X 58 50.83 5.51 47.83
CA HIS X 58 51.41 6.18 48.99
C HIS X 58 51.83 7.60 48.64
N TRP X 59 51.58 8.59 49.49
CA TRP X 59 52.00 9.97 49.24
C TRP X 59 53.50 10.18 49.52
N THR X 60 54.17 11.03 48.76
CA THR X 60 55.60 11.31 48.92
C THR X 60 55.97 12.78 48.74
N GLY X 61 55.05 13.64 48.32
CA GLY X 61 55.33 15.05 48.01
C GLY X 61 55.63 15.90 49.25
N ASP X 62 56.64 16.76 49.13
CA ASP X 62 57.04 17.77 50.11
C ASP X 62 56.46 19.16 49.76
N VAL X 63 55.14 19.23 49.60
CA VAL X 63 54.41 20.46 49.30
C VAL X 63 54.74 21.55 50.32
N SER X 64 55.00 22.79 49.88
CA SER X 64 55.44 23.88 50.76
C SER X 64 55.12 25.30 50.25
N ALA X 65 55.25 26.27 51.15
CA ALA X 65 54.90 27.67 50.93
C ALA X 65 55.92 28.59 51.60
N GLN X 66 56.04 29.84 51.14
CA GLN X 66 56.99 30.81 51.66
C GLN X 66 56.26 32.03 52.18
N TRP X 67 56.82 32.67 53.20
CA TRP X 67 56.41 34.01 53.59
C TRP X 67 56.80 35.00 52.50
N ILE X 68 55.93 35.96 52.20
CA ILE X 68 56.16 36.96 51.15
C ILE X 68 55.88 38.37 51.65
N GLY X 69 56.60 39.35 51.12
CA GLY X 69 56.24 40.76 51.30
C GLY X 69 55.11 41.18 50.37
N GLU X 70 54.61 42.39 50.55
CA GLU X 70 53.62 42.96 49.63
C GLU X 70 54.16 43.00 48.20
N GLY X 71 53.43 42.42 47.26
CA GLY X 71 53.79 42.42 45.85
C GLY X 71 54.96 41.51 45.47
N ASP X 72 55.52 40.69 46.37
CA ASP X 72 56.57 39.73 45.97
C ASP X 72 56.05 38.62 45.04
N MET X 73 56.97 37.98 44.30
CA MET X 73 56.67 36.84 43.45
C MET X 73 56.29 35.64 44.32
N LYS X 74 55.09 35.08 44.16
CA LYS X 74 54.72 33.83 44.84
C LYS X 74 55.54 32.64 44.33
N PRO X 75 55.89 31.68 45.19
CA PRO X 75 56.53 30.44 44.78
C PRO X 75 55.52 29.51 44.11
N ILE X 76 56.01 28.48 43.43
CA ILE X 76 55.20 27.43 42.81
C ILE X 76 55.66 26.06 43.33
N THR X 77 54.74 25.10 43.52
CA THR X 77 55.02 23.78 44.11
C THR X 77 54.21 22.64 43.50
N LYS X 78 54.67 21.39 43.63
CA LYS X 78 54.06 20.18 43.03
C LYS X 78 54.07 19.01 44.01
N GLY X 79 53.02 18.21 43.99
CA GLY X 79 52.88 17.00 44.81
C GLY X 79 53.66 15.81 44.26
N ASN X 80 53.72 14.73 45.03
CA ASN X 80 54.31 13.47 44.58
C ASN X 80 53.66 12.29 45.30
N MET X 81 53.63 11.15 44.65
CA MET X 81 53.11 9.85 45.13
C MET X 81 53.98 8.69 44.63
N THR X 82 53.82 7.50 45.23
CA THR X 82 54.32 6.25 44.66
C THR X 82 53.25 5.18 44.78
N LYS X 83 53.42 4.04 44.12
CA LYS X 83 52.55 2.87 44.28
C LYS X 83 53.36 1.58 44.39
N ARG X 84 52.82 0.62 45.13
CA ARG X 84 53.42 -0.68 45.42
C ARG X 84 52.42 -1.77 45.07
N ASP X 85 52.88 -2.94 44.65
CA ASP X 85 52.02 -4.04 44.23
C ASP X 85 52.19 -5.26 45.14
N VAL X 86 51.10 -6.02 45.34
CA VAL X 86 51.08 -7.24 46.16
C VAL X 86 50.40 -8.36 45.39
N HIS X 87 50.99 -9.56 45.40
CA HIS X 87 50.44 -10.74 44.74
C HIS X 87 50.32 -11.91 45.72
N PRO X 88 49.25 -12.71 45.66
CA PRO X 88 49.11 -13.88 46.52
C PRO X 88 49.91 -15.08 46.00
N ALA X 89 50.01 -16.12 46.82
CA ALA X 89 50.63 -17.41 46.53
C ALA X 89 49.82 -18.57 47.14
N LYS X 90 50.03 -19.80 46.67
CA LYS X 90 49.27 -20.99 47.07
C LYS X 90 50.05 -21.91 47.98
N ILE X 91 49.36 -22.44 48.98
CA ILE X 91 49.80 -23.53 49.83
C ILE X 91 48.87 -24.72 49.58
N ALA X 92 49.43 -25.92 49.49
CA ALA X 92 48.66 -27.09 49.12
C ALA X 92 49.22 -28.39 49.67
N THR X 93 48.41 -29.44 49.71
CA THR X 93 48.84 -30.80 50.03
C THR X 93 47.82 -31.81 49.51
N ILE X 94 48.23 -33.07 49.36
CA ILE X 94 47.37 -34.18 48.90
C ILE X 94 47.38 -35.26 49.98
N PHE X 95 46.27 -35.96 50.19
CA PHE X 95 46.31 -37.25 50.88
C PHE X 95 45.43 -38.28 50.18
N VAL X 96 45.81 -39.55 50.25
CA VAL X 96 45.25 -40.61 49.40
C VAL X 96 44.89 -41.82 50.23
N ALA X 97 43.78 -42.47 49.92
CA ALA X 97 43.28 -43.60 50.69
C ALA X 97 42.67 -44.67 49.79
N SER X 98 42.75 -45.92 50.22
CA SER X 98 42.08 -47.04 49.54
C SER X 98 40.57 -46.90 49.66
N ALA X 99 39.81 -47.32 48.65
CA ALA X 99 38.36 -47.18 48.70
C ALA X 99 37.74 -47.90 49.91
N GLU X 100 38.30 -49.03 50.32
CA GLU X 100 37.85 -49.70 51.55
C GLU X 100 38.10 -48.85 52.81
N THR X 101 39.19 -48.09 52.87
CA THR X 101 39.43 -47.13 53.94
C THR X 101 38.37 -46.04 53.93
N VAL X 102 37.98 -45.54 52.76
CA VAL X 102 36.97 -44.47 52.65
C VAL X 102 35.55 -44.98 52.87
N ARG X 103 35.27 -46.22 52.51
CA ARG X 103 34.01 -46.89 52.86
C ARG X 103 33.89 -47.03 54.38
N ALA X 104 34.92 -47.52 55.03
CA ALA X 104 34.87 -47.78 56.46
C ALA X 104 35.02 -46.52 57.33
N ASN X 105 35.85 -45.57 56.90
CA ASN X 105 36.24 -44.38 57.66
C ASN X 105 36.56 -44.68 59.14
N PRO X 106 37.49 -45.61 59.41
CA PRO X 106 37.80 -46.05 60.77
C PRO X 106 38.32 -44.88 61.59
N ALA X 107 38.00 -44.85 62.88
CA ALA X 107 38.38 -43.77 63.79
C ALA X 107 37.99 -42.36 63.32
N ASN X 108 37.07 -42.24 62.37
CA ASN X 108 36.81 -41.02 61.61
C ASN X 108 38.11 -40.40 61.05
N TYR X 109 39.03 -41.24 60.55
CA TYR X 109 40.31 -40.80 60.03
C TYR X 109 40.16 -39.77 58.92
N LEU X 110 39.19 -39.92 58.02
CA LEU X 110 38.98 -38.95 56.95
C LEU X 110 38.63 -37.59 57.55
N GLY X 111 37.61 -37.52 58.41
CA GLY X 111 37.21 -36.26 59.03
C GLY X 111 38.32 -35.66 59.89
N THR X 112 39.10 -36.49 60.54
CA THR X 112 40.24 -36.03 61.35
C THR X 112 41.31 -35.41 60.49
N MET X 113 41.66 -36.03 59.36
CA MET X 113 42.68 -35.46 58.47
C MET X 113 42.31 -34.07 57.99
N ARG X 114 41.04 -33.82 57.69
CA ARG X 114 40.60 -32.52 57.17
C ARG X 114 40.89 -31.41 58.16
N THR X 115 40.55 -31.61 59.43
CA THR X 115 40.89 -30.67 60.50
C THR X 115 42.40 -30.56 60.66
N LYS X 116 43.12 -31.68 60.72
CA LYS X 116 44.56 -31.65 60.98
C LYS X 116 45.32 -30.90 59.88
N VAL X 117 44.94 -31.11 58.62
CA VAL X 117 45.51 -30.35 57.50
C VAL X 117 45.16 -28.87 57.62
N ALA X 118 43.92 -28.50 57.93
CA ALA X 118 43.57 -27.09 58.05
C ALA X 118 44.42 -26.38 59.11
N THR X 119 44.70 -27.03 60.25
CA THR X 119 45.64 -26.48 61.23
C THR X 119 47.04 -26.33 60.65
N ALA X 120 47.56 -27.33 59.96
CA ALA X 120 48.89 -27.23 59.38
C ALA X 120 49.00 -26.09 58.37
N ILE X 121 47.99 -25.89 57.53
CA ILE X 121 47.95 -24.78 56.58
C ILE X 121 47.93 -23.44 57.31
N ALA X 122 47.19 -23.32 58.41
CA ALA X 122 47.20 -22.08 59.20
C ALA X 122 48.56 -21.85 59.86
N MET X 123 49.10 -22.83 60.55
CA MET X 123 50.39 -22.70 61.23
C MET X 123 51.52 -22.37 60.25
N ALA X 124 51.50 -22.93 59.03
CA ALA X 124 52.48 -22.58 58.01
C ALA X 124 52.43 -21.11 57.61
N PHE X 125 51.25 -20.50 57.55
CA PHE X 125 51.14 -19.08 57.28
C PHE X 125 51.76 -18.25 58.40
N ASP X 126 51.55 -18.60 59.66
CA ASP X 126 52.21 -17.92 60.76
C ASP X 126 53.73 -18.12 60.74
N ASN X 127 54.25 -19.33 60.56
CA ASN X 127 55.70 -19.52 60.48
C ASN X 127 56.31 -18.73 59.31
N ALA X 128 55.61 -18.65 58.19
CA ALA X 128 56.06 -17.85 57.06
C ALA X 128 56.03 -16.37 57.41
N ALA X 129 54.93 -15.86 57.95
CA ALA X 129 54.78 -14.43 58.17
C ALA X 129 55.67 -13.90 59.30
N LEU X 130 55.84 -14.67 60.37
CA LEU X 130 56.63 -14.27 61.53
C LEU X 130 58.11 -14.46 61.22
N HIS X 131 58.57 -15.70 61.16
CA HIS X 131 60.00 -16.02 61.09
C HIS X 131 60.51 -16.28 59.67
N GLY X 132 59.67 -16.18 58.65
CA GLY X 132 60.11 -16.32 57.27
C GLY X 132 60.50 -17.74 56.85
N THR X 133 60.17 -18.77 57.63
CA THR X 133 60.86 -20.08 57.56
C THR X 133 60.85 -20.73 56.18
N ASN X 134 59.73 -20.64 55.46
CA ASN X 134 59.54 -21.24 54.14
C ASN X 134 58.81 -20.28 53.20
N ALA X 135 58.94 -18.98 53.45
CA ALA X 135 58.08 -17.99 52.83
C ALA X 135 58.16 -18.06 51.31
N PRO X 136 57.04 -18.05 50.59
CA PRO X 136 57.05 -17.98 49.15
C PRO X 136 57.60 -16.63 48.72
N SER X 137 58.19 -16.55 47.54
CA SER X 137 58.80 -15.31 47.04
C SER X 137 57.82 -14.14 46.98
N ALA X 138 56.53 -14.42 46.87
CA ALA X 138 55.48 -13.42 46.84
C ALA X 138 55.29 -12.65 48.14
N PHE X 139 55.66 -13.20 49.30
CA PHE X 139 55.48 -12.51 50.59
C PHE X 139 56.54 -11.42 50.74
N GLN X 140 56.11 -10.18 50.92
CA GLN X 140 57.02 -9.05 51.07
C GLN X 140 57.42 -8.85 52.53
N GLY X 141 58.60 -9.34 52.87
CA GLY X 141 59.16 -9.27 54.22
C GLY X 141 58.52 -10.28 55.19
N TYR X 142 59.13 -10.43 56.35
CA TYR X 142 58.62 -11.24 57.45
C TYR X 142 59.00 -10.56 58.77
N LEU X 143 58.20 -10.73 59.82
CA LEU X 143 58.29 -9.89 61.02
C LEU X 143 59.65 -9.95 61.69
N ASP X 144 60.30 -11.11 61.69
CA ASP X 144 61.58 -11.34 62.34
C ASP X 144 62.76 -10.64 61.66
N GLN X 145 62.57 -10.12 60.45
CA GLN X 145 63.60 -9.45 59.66
C GLN X 145 64.05 -8.10 60.23
N SER X 146 63.33 -7.54 61.22
CA SER X 146 63.58 -6.21 61.77
C SER X 146 65.01 -5.98 62.27
N ASN X 147 65.51 -4.75 62.11
CA ASN X 147 66.82 -4.32 62.55
C ASN X 147 66.94 -3.93 64.03
N LYS X 148 65.98 -4.27 64.90
CA LYS X 148 66.01 -3.95 66.34
C LYS X 148 65.68 -5.11 67.27
N THR X 149 66.40 -5.22 68.39
CA THR X 149 66.15 -6.21 69.45
C THR X 149 66.18 -5.56 70.81
N GLN X 150 65.62 -6.21 71.82
CA GLN X 150 65.64 -5.71 73.18
C GLN X 150 65.58 -6.84 74.20
N SER X 151 66.57 -6.91 75.08
CA SER X 151 66.54 -7.80 76.22
C SER X 151 65.41 -7.42 77.18
N ILE X 152 64.64 -8.38 77.68
CA ILE X 152 63.60 -8.14 78.69
C ILE X 152 63.83 -8.88 80.00
N SER X 153 64.83 -9.77 80.09
CA SER X 153 64.84 -10.81 81.13
C SER X 153 64.87 -10.27 82.57
N PRO X 154 65.74 -9.32 82.95
CA PRO X 154 65.80 -8.85 84.33
C PRO X 154 64.51 -8.16 84.78
N ASN X 155 63.91 -7.33 83.93
CA ASN X 155 62.74 -6.53 84.26
C ASN X 155 62.01 -6.11 82.98
N ALA X 156 60.86 -6.73 82.71
CA ALA X 156 60.07 -6.47 81.52
C ALA X 156 59.60 -5.01 81.44
N TYR X 157 59.34 -4.33 82.55
CA TYR X 157 58.87 -2.95 82.50
C TYR X 157 59.93 -2.03 81.92
N GLN X 158 61.18 -2.13 82.39
CA GLN X 158 62.29 -1.40 81.78
C GLN X 158 62.51 -1.84 80.34
N GLY X 159 62.46 -3.15 80.08
CA GLY X 159 62.67 -3.71 78.75
C GLY X 159 61.72 -3.12 77.71
N LEU X 160 60.41 -3.23 77.92
CA LEU X 160 59.40 -2.71 77.00
C LEU X 160 59.31 -1.19 77.08
N GLY X 161 58.95 -0.69 78.25
CA GLY X 161 58.42 0.66 78.42
C GLY X 161 59.47 1.78 78.39
N VAL X 162 60.75 1.45 78.55
CA VAL X 162 61.83 2.44 78.57
C VAL X 162 62.84 2.17 77.48
N SER X 163 63.64 1.10 77.59
CA SER X 163 64.70 0.84 76.63
C SER X 163 64.15 0.49 75.24
N GLY X 164 63.23 -0.48 75.15
CA GLY X 164 62.64 -0.87 73.87
C GLY X 164 61.89 0.27 73.22
N LEU X 165 61.03 0.95 73.97
CA LEU X 165 60.29 2.08 73.45
C LEU X 165 61.20 3.23 72.99
N THR X 166 62.36 3.44 73.63
CA THR X 166 63.33 4.45 73.16
C THR X 166 63.74 4.19 71.73
N LYS X 167 64.11 2.95 71.41
CA LYS X 167 64.54 2.61 70.05
C LYS X 167 63.41 2.49 69.03
N LEU X 168 62.15 2.55 69.44
CA LEU X 168 61.03 2.77 68.52
C LEU X 168 60.83 4.25 68.21
N VAL X 169 60.60 5.09 69.22
CA VAL X 169 60.27 6.50 68.96
C VAL X 169 61.44 7.27 68.35
N THR X 170 62.68 6.82 68.55
CA THR X 170 63.85 7.46 67.92
C THR X 170 63.89 7.27 66.41
N ASP X 171 63.28 6.21 65.87
CA ASP X 171 63.07 6.05 64.42
C ASP X 171 61.84 6.83 63.91
N GLY X 172 61.10 7.50 64.79
CA GLY X 172 59.81 8.13 64.43
C GLY X 172 58.68 7.11 64.22
N LYS X 173 58.83 5.87 64.72
CA LYS X 173 57.86 4.79 64.52
C LYS X 173 57.09 4.50 65.80
N LYS X 174 55.77 4.44 65.71
CA LYS X 174 54.85 4.32 66.84
C LYS X 174 54.90 2.93 67.50
N TRP X 175 54.48 2.81 68.75
CA TRP X 175 54.18 1.53 69.40
C TRP X 175 52.68 1.39 69.62
N THR X 176 52.05 0.34 69.10
CA THR X 176 50.59 0.14 69.20
C THR X 176 50.19 -1.15 69.89
N HIS X 177 50.95 -2.23 69.74
CA HIS X 177 50.61 -3.53 70.34
C HIS X 177 51.88 -4.25 70.79
N THR X 178 51.71 -5.24 71.65
CA THR X 178 52.78 -6.17 72.02
C THR X 178 52.28 -7.60 71.91
N LEU X 179 53.09 -8.50 71.36
CA LEU X 179 52.78 -9.90 71.13
C LEU X 179 53.79 -10.76 71.88
N LEU X 180 53.34 -11.55 72.85
CA LEU X 180 54.21 -12.35 73.71
C LEU X 180 54.00 -13.84 73.47
N ASP X 181 55.06 -14.61 73.35
CA ASP X 181 54.92 -16.07 73.39
C ASP X 181 54.46 -16.55 74.77
N ASP X 182 53.69 -17.64 74.83
CA ASP X 182 53.23 -18.26 76.06
C ASP X 182 54.35 -18.60 77.03
N THR X 183 55.58 -18.82 76.55
CA THR X 183 56.77 -19.04 77.39
C THR X 183 57.29 -17.80 78.07
N VAL X 184 56.81 -16.59 77.75
CA VAL X 184 57.25 -15.36 78.41
C VAL X 184 56.75 -15.23 79.84
N GLU X 185 55.60 -15.81 80.19
CA GLU X 185 54.94 -15.55 81.48
C GLU X 185 55.87 -15.56 82.69
N PRO X 186 56.71 -16.59 82.93
CA PRO X 186 57.54 -16.60 84.12
C PRO X 186 58.53 -15.44 84.18
N VAL X 187 59.02 -14.94 83.06
CA VAL X 187 59.90 -13.77 83.07
C VAL X 187 59.16 -12.56 83.62
N LEU X 188 57.96 -12.26 83.14
CA LEU X 188 57.25 -11.11 83.67
C LEU X 188 56.67 -11.37 85.07
N ASN X 189 56.31 -12.60 85.43
CA ASN X 189 55.96 -12.91 86.81
C ASN X 189 57.13 -12.63 87.74
N GLY X 190 58.35 -12.88 87.30
CA GLY X 190 59.58 -12.57 88.04
C GLY X 190 60.04 -11.12 87.93
N SER X 191 59.34 -10.26 87.18
CA SER X 191 59.78 -8.87 87.05
C SER X 191 59.37 -8.10 88.30
N VAL X 192 60.37 -7.70 89.08
CA VAL X 192 60.19 -7.16 90.43
C VAL X 192 60.82 -5.79 90.58
N ASP X 193 60.30 -5.00 91.50
CA ASP X 193 60.93 -3.76 91.95
C ASP X 193 62.19 -4.07 92.79
N ALA X 194 62.91 -3.05 93.28
CA ALA X 194 64.09 -3.28 94.10
C ALA X 194 63.78 -3.78 95.52
N ASN X 195 62.55 -3.66 96.00
CA ASN X 195 62.12 -4.36 97.21
C ASN X 195 62.00 -5.86 96.93
N GLY X 196 61.85 -6.27 95.67
CA GLY X 196 61.62 -7.65 95.27
C GLY X 196 60.14 -8.00 95.19
N ARG X 197 59.22 -7.03 95.17
CA ARG X 197 57.78 -7.29 94.95
C ARG X 197 57.46 -7.21 93.45
N PRO X 198 56.55 -8.03 92.91
CA PRO X 198 56.21 -8.02 91.49
C PRO X 198 55.66 -6.68 91.02
N LEU X 199 55.93 -6.30 89.76
CA LEU X 199 55.33 -5.10 89.19
C LEU X 199 53.90 -5.33 88.67
N PHE X 200 53.66 -6.36 87.86
CA PHE X 200 52.41 -6.52 87.11
C PHE X 200 51.29 -7.29 87.83
N VAL X 201 51.37 -7.45 89.15
CA VAL X 201 50.35 -8.14 89.96
C VAL X 201 50.37 -7.60 91.38
N GLU X 202 49.28 -7.71 92.15
CA GLU X 202 49.06 -6.89 93.35
C GLU X 202 48.58 -7.71 94.56
N SER X 203 48.58 -7.11 95.74
CA SER X 203 48.05 -7.69 96.99
C SER X 203 48.74 -9.00 97.40
N THR X 204 48.00 -10.03 97.75
CA THR X 204 48.49 -11.39 98.06
C THR X 204 48.77 -12.23 96.82
N TYR X 205 48.77 -11.63 95.64
CA TYR X 205 49.18 -12.29 94.40
C TYR X 205 48.33 -13.50 94.01
N GLU X 206 47.04 -13.49 94.32
CA GLU X 206 46.15 -14.55 93.85
C GLU X 206 45.85 -14.47 92.35
N SER X 207 45.64 -13.28 91.81
CA SER X 207 45.18 -13.07 90.44
C SER X 207 46.27 -13.31 89.38
N LEU X 208 45.86 -13.60 88.15
CA LEU X 208 46.78 -13.76 87.02
C LEU X 208 47.34 -12.40 86.56
N THR X 209 48.63 -12.35 86.25
CA THR X 209 49.40 -11.13 85.94
C THR X 209 48.83 -10.35 84.75
N THR X 210 48.69 -9.01 84.84
CA THR X 210 47.78 -8.27 83.94
C THR X 210 47.96 -8.52 82.44
N PRO X 211 49.17 -8.53 81.83
CA PRO X 211 49.26 -8.81 80.40
C PRO X 211 48.83 -10.24 80.06
N PHE X 212 48.96 -11.19 80.97
CA PHE X 212 48.49 -12.55 80.75
C PHE X 212 46.98 -12.74 80.95
N ARG X 213 46.27 -11.71 81.40
CA ARG X 213 44.81 -11.57 81.20
C ARG X 213 44.46 -10.84 79.89
N GLU X 214 45.41 -10.71 78.98
CA GLU X 214 45.33 -9.87 77.79
C GLU X 214 45.01 -8.39 78.11
N GLY X 215 45.34 -7.95 79.32
CA GLY X 215 45.28 -6.54 79.69
C GLY X 215 46.36 -5.72 78.99
N ARG X 216 46.21 -4.41 79.07
CA ARG X 216 47.16 -3.46 78.49
C ARG X 216 48.49 -3.46 79.26
N ILE X 217 49.55 -3.04 78.60
CA ILE X 217 50.77 -2.53 79.22
C ILE X 217 50.91 -1.08 78.78
N LEU X 218 51.08 -0.12 79.68
CA LEU X 218 51.29 1.29 79.33
C LEU X 218 50.35 1.81 78.24
N GLY X 219 49.07 1.45 78.32
CA GLY X 219 48.04 1.84 77.37
C GLY X 219 47.97 1.05 76.06
N ARG X 220 48.92 0.15 75.77
CA ARG X 220 48.94 -0.67 74.55
C ARG X 220 48.44 -2.08 74.85
N PRO X 221 47.54 -2.66 74.06
CA PRO X 221 47.02 -4.01 74.32
C PRO X 221 48.07 -5.09 74.12
N THR X 222 47.89 -6.20 74.84
CA THR X 222 48.73 -7.39 74.76
C THR X 222 48.04 -8.46 73.96
N ILE X 223 48.77 -9.15 73.10
CA ILE X 223 48.32 -10.35 72.39
C ILE X 223 49.18 -11.53 72.85
N LEU X 224 48.60 -12.71 73.03
CA LEU X 224 49.32 -13.90 73.51
C LEU X 224 49.16 -15.04 72.51
N SER X 225 50.16 -15.90 72.37
CA SER X 225 50.05 -17.14 71.60
C SER X 225 51.14 -18.15 71.96
N ASP X 226 50.91 -19.42 71.65
CA ASP X 226 51.76 -20.52 72.09
C ASP X 226 52.83 -20.98 71.07
N HIS X 227 52.97 -20.25 69.96
CA HIS X 227 53.87 -20.59 68.86
C HIS X 227 54.50 -19.34 68.22
N VAL X 228 54.79 -18.33 69.02
CA VAL X 228 55.46 -17.10 68.57
C VAL X 228 56.98 -17.23 68.72
N ALA X 229 57.45 -17.95 69.74
CA ALA X 229 58.88 -18.06 70.00
C ALA X 229 59.59 -19.03 69.06
N GLU X 230 60.70 -18.58 68.47
CA GLU X 230 61.65 -19.42 67.76
C GLU X 230 63.06 -18.90 68.03
N GLY X 231 64.03 -19.80 68.16
CA GLY X 231 65.38 -19.42 68.56
C GLY X 231 65.40 -18.66 69.89
N ASP X 232 66.10 -17.54 69.93
CA ASP X 232 66.20 -16.64 71.09
C ASP X 232 65.18 -15.48 71.08
N VAL X 233 64.25 -15.45 70.13
CA VAL X 233 63.22 -14.41 70.01
C VAL X 233 61.90 -14.95 70.55
N VAL X 234 61.29 -14.22 71.48
CA VAL X 234 60.11 -14.69 72.24
C VAL X 234 58.91 -13.76 72.15
N GLY X 235 59.02 -12.65 71.42
CA GLY X 235 57.89 -11.75 71.21
C GLY X 235 58.25 -10.55 70.35
N TYR X 236 57.26 -9.77 69.98
CA TYR X 236 57.42 -8.59 69.15
C TYR X 236 56.59 -7.43 69.70
N ALA X 237 57.16 -6.23 69.74
CA ALA X 237 56.43 -5.01 70.03
C ALA X 237 56.57 -4.07 68.84
N GLY X 238 55.53 -3.33 68.46
CA GLY X 238 55.65 -2.40 67.35
C GLY X 238 54.34 -1.80 66.91
N ASP X 239 54.31 -1.26 65.70
CA ASP X 239 53.10 -0.76 65.05
C ASP X 239 52.44 -1.85 64.21
N PHE X 240 51.56 -2.64 64.81
CA PHE X 240 50.89 -3.72 64.10
C PHE X 240 49.88 -3.24 63.06
N SER X 241 49.67 -1.93 62.88
CA SER X 241 48.93 -1.45 61.71
C SER X 241 49.75 -1.59 60.42
N GLN X 242 51.07 -1.75 60.51
CA GLN X 242 51.95 -1.92 59.36
C GLN X 242 51.89 -3.32 58.72
N ILE X 243 51.01 -4.22 59.14
CA ILE X 243 50.78 -5.51 58.48
C ILE X 243 49.45 -5.47 57.73
N ILE X 244 49.40 -5.91 56.48
CA ILE X 244 48.13 -6.30 55.85
C ILE X 244 48.24 -7.70 55.31
N TRP X 245 47.13 -8.42 55.28
CA TRP X 245 47.06 -9.75 54.67
C TRP X 245 45.73 -9.96 53.97
N GLY X 246 45.70 -10.89 53.02
CA GLY X 246 44.48 -11.24 52.32
C GLY X 246 44.47 -12.69 51.90
N GLN X 247 43.28 -13.24 51.70
CA GLN X 247 43.06 -14.60 51.26
C GLN X 247 42.13 -14.61 50.07
N VAL X 248 42.45 -15.36 49.02
CA VAL X 248 41.64 -15.43 47.81
C VAL X 248 40.81 -16.70 47.85
N GLY X 249 39.49 -16.58 47.73
CA GLY X 249 38.58 -17.73 47.56
C GLY X 249 38.45 -18.70 48.73
N GLY X 250 39.21 -18.54 49.81
CA GLY X 250 39.13 -19.39 51.00
C GLY X 250 39.88 -20.72 50.87
N LEU X 251 39.88 -21.50 51.95
CA LEU X 251 40.37 -22.88 51.95
C LEU X 251 39.42 -23.77 51.14
N SER X 252 39.94 -24.71 50.35
CA SER X 252 39.12 -25.55 49.48
C SER X 252 39.60 -27.00 49.46
N PHE X 253 38.63 -27.92 49.42
CA PHE X 253 38.86 -29.36 49.32
C PHE X 253 38.24 -29.87 48.03
N ASP X 254 39.02 -30.57 47.21
CA ASP X 254 38.52 -31.29 46.04
C ASP X 254 38.80 -32.77 46.24
N VAL X 255 37.74 -33.58 46.33
CA VAL X 255 37.85 -35.03 46.48
C VAL X 255 37.65 -35.65 45.11
N THR X 256 38.62 -36.43 44.63
CA THR X 256 38.59 -36.97 43.28
C THR X 256 39.17 -38.38 43.22
N ASP X 257 38.59 -39.23 42.38
CA ASP X 257 39.10 -40.56 42.06
C ASP X 257 39.64 -40.64 40.63
N GLN X 258 39.55 -39.59 39.81
CA GLN X 258 39.89 -39.62 38.39
C GLN X 258 41.22 -38.96 38.05
N ALA X 259 41.86 -38.28 39.00
CA ALA X 259 43.19 -37.73 38.77
C ALA X 259 44.27 -38.82 38.58
N THR X 260 45.47 -38.41 38.16
CA THR X 260 46.65 -39.28 38.08
C THR X 260 47.72 -38.77 39.02
N LEU X 261 48.19 -39.60 39.95
CA LEU X 261 49.22 -39.22 40.91
C LEU X 261 50.61 -39.55 40.38
N ASN X 262 51.64 -38.94 40.97
CA ASN X 262 53.02 -39.39 40.84
C ASN X 262 53.58 -39.67 42.23
N LEU X 263 53.80 -40.94 42.55
CA LEU X 263 54.36 -41.36 43.83
C LEU X 263 55.89 -41.27 43.89
N GLY X 264 56.53 -40.83 42.79
CA GLY X 264 57.97 -40.63 42.68
C GLY X 264 58.36 -39.16 42.61
N SER X 265 59.19 -38.79 41.63
CA SER X 265 59.59 -37.41 41.34
C SER X 265 59.68 -37.17 39.83
N GLN X 266 59.92 -35.93 39.40
CA GLN X 266 60.18 -35.60 38.00
C GLN X 266 61.40 -36.34 37.44
N GLU X 267 62.40 -36.61 38.28
CA GLU X 267 63.63 -37.33 37.93
C GLU X 267 63.49 -38.86 38.08
N SER X 268 62.58 -39.31 38.92
CA SER X 268 62.34 -40.71 39.28
C SER X 268 60.84 -40.99 39.30
N PRO X 269 60.17 -41.03 38.14
CA PRO X 269 58.72 -41.06 38.07
C PRO X 269 58.17 -42.41 38.53
N ASN X 270 56.99 -42.36 39.14
CA ASN X 270 56.20 -43.53 39.49
C ASN X 270 54.72 -43.13 39.45
N PHE X 271 54.21 -42.88 38.25
CA PHE X 271 52.83 -42.49 38.07
C PHE X 271 51.88 -43.62 38.44
N VAL X 272 50.74 -43.24 39.01
CA VAL X 272 49.66 -44.14 39.40
C VAL X 272 48.34 -43.55 38.96
N SER X 273 47.52 -44.33 38.26
CA SER X 273 46.11 -43.98 38.05
C SER X 273 45.36 -44.14 39.36
N LEU X 274 44.56 -43.16 39.78
CA LEU X 274 43.68 -43.39 40.91
C LEU X 274 42.59 -44.38 40.53
N TRP X 275 41.83 -44.11 39.47
CA TRP X 275 40.62 -44.84 39.16
C TRP X 275 40.81 -46.31 38.78
N GLN X 276 41.94 -46.67 38.17
CA GLN X 276 42.20 -48.08 37.84
C GLN X 276 42.63 -48.89 39.06
N HIS X 277 43.04 -48.24 40.14
CA HIS X 277 43.10 -48.89 41.44
C HIS X 277 41.82 -48.62 42.22
N ASN X 278 41.62 -49.25 43.36
CA ASN X 278 40.65 -48.79 44.35
C ASN X 278 41.25 -47.64 45.17
N LEU X 279 41.59 -46.51 44.54
CA LEU X 279 42.14 -45.35 45.23
C LEU X 279 41.25 -44.13 45.06
N VAL X 280 41.30 -43.22 46.02
CA VAL X 280 40.68 -41.90 45.95
C VAL X 280 41.56 -40.90 46.68
N ALA X 281 41.62 -39.66 46.21
CA ALA X 281 42.52 -38.65 46.74
C ALA X 281 41.78 -37.35 47.07
N VAL X 282 42.20 -36.68 48.14
CA VAL X 282 41.77 -35.34 48.48
C VAL X 282 42.92 -34.40 48.22
N ARG X 283 42.69 -33.33 47.44
CA ARG X 283 43.64 -32.23 47.30
C ARG X 283 43.13 -31.03 48.06
N VAL X 284 44.00 -30.41 48.85
CA VAL X 284 43.66 -29.29 49.72
C VAL X 284 44.42 -28.08 49.25
N GLU X 285 43.74 -26.98 48.98
CA GLU X 285 44.34 -25.81 48.34
C GLU X 285 43.82 -24.51 48.94
N ALA X 286 44.73 -23.56 49.22
CA ALA X 286 44.41 -22.24 49.74
C ALA X 286 45.40 -21.19 49.19
N GLU X 287 44.94 -19.96 48.99
CA GLU X 287 45.73 -18.88 48.37
C GLU X 287 45.76 -17.64 49.25
N TYR X 288 46.93 -17.17 49.63
CA TYR X 288 47.12 -16.06 50.58
C TYR X 288 48.14 -15.05 50.07
N GLY X 289 48.05 -13.80 50.52
CA GLY X 289 49.07 -12.79 50.28
C GLY X 289 49.31 -11.93 51.51
N LEU X 290 50.55 -11.52 51.73
CA LEU X 290 51.01 -10.83 52.93
C LEU X 290 51.93 -9.68 52.55
N LEU X 291 51.81 -8.55 53.24
CA LEU X 291 52.74 -7.44 53.15
C LEU X 291 52.99 -6.85 54.53
N ILE X 292 54.24 -6.66 54.90
CA ILE X 292 54.63 -5.81 56.01
C ILE X 292 55.18 -4.53 55.41
N ASN X 293 54.58 -3.38 55.72
CA ASN X 293 54.84 -2.15 54.99
C ASN X 293 56.31 -1.72 55.11
N ASP X 294 56.85 -1.72 56.33
CA ASP X 294 58.29 -1.84 56.54
C ASP X 294 58.57 -2.64 57.81
N VAL X 295 59.58 -3.51 57.77
CA VAL X 295 59.83 -4.44 58.88
C VAL X 295 60.53 -3.79 60.07
N ASN X 296 61.05 -2.57 59.94
CA ASN X 296 61.73 -1.90 61.03
C ASN X 296 60.78 -1.22 62.02
N ALA X 297 59.46 -1.32 61.82
CA ALA X 297 58.46 -0.84 62.76
C ALA X 297 58.25 -1.76 63.99
N PHE X 298 59.09 -2.78 64.19
CA PHE X 298 58.97 -3.77 65.25
C PHE X 298 60.28 -4.02 65.98
N VAL X 299 60.22 -4.34 67.26
CA VAL X 299 61.38 -4.73 68.08
C VAL X 299 61.20 -6.17 68.50
N LYS X 300 62.20 -7.01 68.25
CA LYS X 300 62.21 -8.39 68.75
C LYS X 300 62.52 -8.42 70.25
N LEU X 301 61.69 -9.04 71.06
CA LEU X 301 61.97 -9.20 72.49
C LEU X 301 62.73 -10.51 72.71
N THR X 302 63.72 -10.48 73.60
CA THR X 302 64.67 -11.57 73.81
C THR X 302 65.07 -11.71 75.27
N PHE X 303 65.55 -12.88 75.66
CA PHE X 303 66.00 -13.15 77.03
C PHE X 303 67.50 -12.94 77.28
N ASP X 304 68.33 -12.65 76.29
CA ASP X 304 69.78 -12.58 76.49
C ASP X 304 70.17 -11.47 77.48
N PRO X 305 71.15 -11.71 78.37
CA PRO X 305 71.57 -10.72 79.35
C PRO X 305 72.31 -9.56 78.68
N VAL X 306 72.18 -8.35 79.23
CA VAL X 306 72.82 -7.16 78.67
C VAL X 306 74.35 -7.25 78.86
N LEU X 307 75.09 -7.32 77.75
CA LEU X 307 76.53 -7.54 77.76
C LEU X 307 77.31 -6.29 78.16
N THR X 308 78.49 -6.47 78.75
CA THR X 308 79.43 -5.41 79.15
C THR X 308 80.64 -5.42 78.22
N THR X 309 81.14 -4.25 77.81
CA THR X 309 82.30 -4.14 76.92
C THR X 309 83.56 -3.72 77.68
N TYR X 310 84.64 -4.47 77.51
CA TYR X 310 85.95 -4.31 78.14
C TYR X 310 87.04 -4.08 77.08
N ALA X 311 88.07 -3.33 77.44
CA ALA X 311 89.34 -3.29 76.71
C ALA X 311 90.40 -4.07 77.49
N LEU X 312 91.12 -4.95 76.79
CA LEU X 312 92.23 -5.75 77.28
C LEU X 312 93.50 -5.31 76.54
N ASP X 313 94.45 -4.71 77.26
CA ASP X 313 95.72 -4.26 76.70
C ASP X 313 96.90 -4.94 77.39
N LEU X 314 97.73 -5.62 76.59
CA LEU X 314 98.90 -6.36 77.06
C LEU X 314 100.20 -5.55 77.00
N ASP X 315 100.15 -4.23 76.78
CA ASP X 315 101.34 -3.35 76.84
C ASP X 315 102.50 -3.84 75.94
N GLY X 316 102.18 -4.41 74.77
CA GLY X 316 103.16 -4.97 73.84
C GLY X 316 103.92 -6.20 74.33
N ALA X 317 103.46 -6.88 75.38
CA ALA X 317 104.09 -8.08 75.93
C ALA X 317 104.36 -9.13 74.84
N SER X 318 105.61 -9.60 74.79
CA SER X 318 106.11 -10.53 73.76
C SER X 318 106.52 -11.91 74.32
N ALA X 319 106.16 -12.20 75.58
CA ALA X 319 106.31 -13.51 76.23
C ALA X 319 105.40 -13.67 77.46
N GLY X 320 105.18 -14.91 77.88
CA GLY X 320 104.37 -15.29 79.03
C GLY X 320 102.89 -15.57 78.72
N ASN X 321 102.08 -15.72 79.76
CA ASN X 321 100.66 -16.06 79.65
C ASN X 321 99.79 -15.47 80.78
N PHE X 322 98.48 -15.34 80.52
CA PHE X 322 97.49 -14.75 81.41
C PHE X 322 96.19 -15.57 81.42
N THR X 323 95.31 -15.35 82.40
CA THR X 323 94.05 -16.09 82.54
C THR X 323 92.89 -15.16 82.87
N LEU X 324 91.67 -15.62 82.59
CA LEU X 324 90.41 -14.88 82.77
C LEU X 324 89.40 -15.71 83.59
N SER X 325 88.48 -15.03 84.29
CA SER X 325 87.36 -15.65 85.02
C SER X 325 86.14 -14.73 85.08
N LEU X 326 84.95 -15.30 85.29
CA LEU X 326 83.65 -14.59 85.24
C LEU X 326 82.89 -14.76 86.57
N ASP X 327 83.54 -14.45 87.69
CA ASP X 327 83.05 -14.71 89.07
C ASP X 327 82.64 -16.19 89.27
N GLY X 328 83.56 -17.08 88.90
CA GLY X 328 83.33 -18.52 88.86
C GLY X 328 84.66 -19.25 88.67
N LYS X 329 84.70 -20.29 87.85
CA LYS X 329 85.94 -20.97 87.45
C LYS X 329 86.83 -20.12 86.53
N THR X 330 88.07 -20.56 86.31
CA THR X 330 89.13 -19.80 85.60
C THR X 330 89.55 -20.50 84.30
N SER X 331 89.88 -19.72 83.27
CA SER X 331 90.27 -20.19 81.94
C SER X 331 91.52 -21.07 81.92
N ALA X 332 91.75 -21.74 80.79
CA ALA X 332 93.10 -22.18 80.40
C ALA X 332 94.06 -20.98 80.24
N ASN X 333 95.36 -21.23 80.20
CA ASN X 333 96.36 -20.18 80.01
C ASN X 333 96.31 -19.61 78.59
N ILE X 334 96.30 -18.28 78.48
CA ILE X 334 96.25 -17.54 77.21
C ILE X 334 97.62 -16.92 76.96
N ALA X 335 98.26 -17.20 75.83
CA ALA X 335 99.50 -16.52 75.44
C ALA X 335 99.20 -15.19 74.73
N TYR X 336 100.12 -14.22 74.77
CA TYR X 336 99.99 -12.95 74.05
C TYR X 336 99.80 -13.13 72.52
N ASN X 337 100.24 -14.26 71.97
CA ASN X 337 100.09 -14.62 70.55
C ASN X 337 98.62 -14.85 70.11
N ALA X 338 97.68 -14.99 71.04
CA ALA X 338 96.32 -15.41 70.76
C ALA X 338 95.61 -14.49 69.75
N SER X 339 95.04 -15.08 68.70
CA SER X 339 94.11 -14.39 67.79
C SER X 339 92.81 -14.00 68.51
N THR X 340 91.98 -13.15 67.89
CA THR X 340 90.63 -12.82 68.41
C THR X 340 89.77 -14.07 68.64
N ALA X 341 89.74 -15.01 67.69
CA ALA X 341 89.02 -16.29 67.84
C ALA X 341 89.63 -17.16 68.96
N THR X 342 90.95 -17.13 69.14
CA THR X 342 91.63 -17.85 70.22
C THR X 342 91.22 -17.27 71.58
N VAL X 343 91.24 -15.94 71.76
CA VAL X 343 90.78 -15.28 73.00
C VAL X 343 89.31 -15.60 73.28
N LYS X 344 88.42 -15.56 72.27
CA LYS X 344 87.04 -16.03 72.41
C LYS X 344 87.01 -17.44 73.00
N SER X 345 87.74 -18.38 72.41
CA SER X 345 87.71 -19.78 72.84
C SER X 345 88.19 -19.97 74.28
N ALA X 346 89.18 -19.21 74.74
CA ALA X 346 89.67 -19.31 76.12
C ALA X 346 88.67 -18.79 77.15
N ILE X 347 87.80 -17.83 76.79
CA ILE X 347 86.67 -17.40 77.64
C ILE X 347 85.59 -18.50 77.65
N VAL X 348 85.18 -18.97 76.48
CA VAL X 348 84.12 -19.98 76.30
C VAL X 348 84.43 -21.29 77.04
N ALA X 349 85.69 -21.67 77.17
CA ALA X 349 86.10 -22.96 77.74
C ALA X 349 85.82 -23.15 79.24
N ILE X 350 85.36 -22.15 80.00
CA ILE X 350 84.95 -22.35 81.41
C ILE X 350 83.70 -23.24 81.52
N ASP X 351 83.50 -23.93 82.65
CA ASP X 351 82.29 -24.73 82.89
C ASP X 351 81.02 -23.89 83.00
N ASP X 352 81.13 -22.64 83.46
CA ASP X 352 80.01 -21.74 83.84
C ASP X 352 79.17 -21.17 82.67
N GLY X 353 78.92 -21.97 81.63
CA GLY X 353 77.74 -21.85 80.76
C GLY X 353 77.74 -20.76 79.68
N VAL X 354 78.78 -19.93 79.56
CA VAL X 354 78.84 -18.92 78.49
C VAL X 354 79.00 -19.55 77.11
N SER X 355 78.05 -19.29 76.22
CA SER X 355 78.10 -19.75 74.83
C SER X 355 79.15 -19.00 74.02
N ALA X 356 79.65 -19.61 72.95
CA ALA X 356 80.44 -18.92 71.94
C ALA X 356 79.69 -17.77 71.23
N ASP X 357 78.36 -17.70 71.37
CA ASP X 357 77.55 -16.55 70.95
C ASP X 357 77.40 -15.44 72.03
N ASP X 358 77.63 -15.75 73.31
CA ASP X 358 77.50 -14.79 74.41
C ASP X 358 78.68 -13.81 74.51
N VAL X 359 79.78 -14.08 73.81
CA VAL X 359 80.99 -13.25 73.84
C VAL X 359 81.43 -12.89 72.43
N THR X 360 81.85 -11.64 72.22
CA THR X 360 82.39 -11.16 70.94
C THR X 360 83.69 -10.40 71.15
N VAL X 361 84.71 -10.69 70.35
CA VAL X 361 86.06 -10.18 70.55
C VAL X 361 86.55 -9.48 69.29
N THR X 362 87.32 -8.42 69.47
CA THR X 362 87.85 -7.52 68.43
C THR X 362 89.29 -7.15 68.76
N GLY X 363 90.06 -6.73 67.77
CA GLY X 363 91.50 -6.42 67.91
C GLY X 363 92.41 -7.61 67.63
N SER X 364 93.70 -7.46 67.90
CA SER X 364 94.72 -8.48 67.63
C SER X 364 96.02 -8.21 68.40
N ALA X 365 96.89 -9.23 68.49
CA ALA X 365 98.29 -9.13 68.91
C ALA X 365 98.53 -8.30 70.19
N GLY X 366 97.81 -8.63 71.27
CA GLY X 366 97.97 -8.00 72.58
C GLY X 366 97.14 -6.74 72.84
N ASP X 367 96.19 -6.38 71.97
CA ASP X 367 95.30 -5.23 72.18
C ASP X 367 93.91 -5.53 71.62
N TYR X 368 92.92 -5.70 72.51
CA TYR X 368 91.61 -6.26 72.19
C TYR X 368 90.45 -5.51 72.87
N THR X 369 89.25 -5.55 72.28
CA THR X 369 88.01 -5.25 73.01
C THR X 369 87.06 -6.43 72.99
N ILE X 370 86.55 -6.78 74.18
CA ILE X 370 85.78 -7.97 74.49
C ILE X 370 84.41 -7.53 75.00
N THR X 371 83.33 -8.01 74.41
CA THR X 371 81.97 -7.82 74.94
C THR X 371 81.40 -9.16 75.42
N VAL X 372 80.92 -9.24 76.66
CA VAL X 372 80.73 -10.48 77.44
C VAL X 372 79.66 -10.29 78.53
N PRO X 373 78.99 -11.32 79.10
CA PRO X 373 77.96 -11.15 80.11
C PRO X 373 78.50 -10.83 81.53
N GLY X 374 79.38 -9.84 81.62
CA GLY X 374 79.72 -9.12 82.86
C GLY X 374 80.76 -9.78 83.77
N THR X 375 81.20 -9.00 84.77
CA THR X 375 82.14 -9.36 85.84
C THR X 375 83.45 -10.04 85.38
N LEU X 376 83.91 -9.72 84.16
CA LEU X 376 85.15 -10.27 83.60
C LEU X 376 86.34 -9.86 84.47
N THR X 377 87.13 -10.85 84.87
CA THR X 377 88.21 -10.78 85.85
C THR X 377 89.46 -11.45 85.26
N ALA X 378 90.66 -11.06 85.68
CA ALA X 378 91.91 -11.52 85.04
C ALA X 378 93.08 -11.69 86.04
N ASP X 379 94.09 -12.48 85.63
CA ASP X 379 95.40 -12.59 86.28
C ASP X 379 96.53 -12.55 85.24
N PHE X 380 97.50 -11.66 85.47
CA PHE X 380 98.66 -11.41 84.59
C PHE X 380 100.00 -11.81 85.23
N SER X 381 100.01 -12.47 86.39
CA SER X 381 101.24 -12.87 87.09
C SER X 381 102.08 -13.92 86.33
N GLY X 382 101.51 -14.65 85.38
CA GLY X 382 102.23 -15.50 84.43
C GLY X 382 102.76 -14.77 83.18
N LEU X 383 102.46 -13.49 82.99
CA LEU X 383 102.81 -12.72 81.79
C LEU X 383 104.13 -12.00 82.06
N THR X 384 105.19 -12.35 81.32
CA THR X 384 106.56 -11.95 81.68
C THR X 384 106.90 -10.53 81.23
N ASP X 385 106.33 -10.11 80.10
CA ASP X 385 106.63 -8.83 79.46
C ASP X 385 105.45 -7.86 79.58
N GLY X 386 105.63 -6.60 79.15
CA GLY X 386 104.56 -5.60 79.18
C GLY X 386 104.02 -5.36 80.60
N GLU X 387 104.87 -4.92 81.53
CA GLU X 387 104.53 -4.78 82.95
C GLU X 387 103.43 -3.73 83.25
N GLY X 388 102.97 -2.96 82.26
CA GLY X 388 101.78 -2.10 82.32
C GLY X 388 100.47 -2.77 81.88
N ALA X 389 100.47 -4.06 81.51
CA ALA X 389 99.29 -4.78 81.02
C ALA X 389 98.10 -4.79 82.01
N SER X 390 96.88 -4.70 81.49
CA SER X 390 95.65 -4.64 82.30
C SER X 390 94.37 -4.89 81.48
N ILE X 391 93.23 -5.02 82.16
CA ILE X 391 91.89 -5.09 81.57
C ILE X 391 90.92 -4.20 82.35
N SER X 392 90.00 -3.49 81.68
CA SER X 392 88.96 -2.69 82.33
C SER X 392 87.78 -2.41 81.39
N VAL X 393 86.64 -1.96 81.92
CA VAL X 393 85.47 -1.58 81.12
C VAL X 393 85.81 -0.42 80.17
N VAL X 394 85.13 -0.35 79.02
CA VAL X 394 85.25 0.80 78.10
C VAL X 394 84.54 2.05 78.65
N SER X 395 83.50 1.88 79.48
CA SER X 395 82.59 2.94 79.95
C SER X 395 83.14 3.88 81.04
N VAL X 396 84.47 4.01 81.21
CA VAL X 396 85.09 4.87 82.23
C VAL X 396 84.85 6.37 81.93
N GLY X 397 84.47 7.14 82.95
CA GLY X 397 84.26 8.59 82.86
C GLY X 397 83.87 9.23 84.20
N SER Y 4 42.94 -42.99 18.26
CA SER Y 4 43.83 -44.15 18.09
C SER Y 4 43.32 -45.04 16.96
N ALA Y 5 44.12 -46.03 16.55
CA ALA Y 5 43.82 -46.92 15.42
C ALA Y 5 42.55 -47.75 15.63
N ASP Y 6 41.84 -48.09 14.56
CA ASP Y 6 40.78 -49.11 14.61
C ASP Y 6 41.38 -50.51 14.82
N HIS Y 7 40.56 -51.42 15.36
CA HIS Y 7 40.98 -52.71 15.93
C HIS Y 7 42.10 -52.58 16.98
N SER Y 8 41.90 -51.72 17.97
CA SER Y 8 42.66 -51.86 19.22
C SER Y 8 42.23 -53.16 19.91
N GLN Y 9 43.16 -53.89 20.51
CA GLN Y 9 42.82 -55.02 21.37
C GLN Y 9 42.12 -54.59 22.66
N ILE Y 10 42.32 -53.33 23.09
CA ILE Y 10 41.73 -52.83 24.33
C ILE Y 10 40.48 -52.00 24.06
N ALA Y 11 40.58 -50.93 23.27
CA ALA Y 11 39.47 -49.99 23.13
C ALA Y 11 38.45 -50.48 22.09
N GLN Y 12 37.17 -50.55 22.44
CA GLN Y 12 36.10 -50.83 21.48
C GLN Y 12 35.74 -49.57 20.67
N THR Y 13 36.31 -49.39 19.48
CA THR Y 13 36.24 -48.12 18.72
C THR Y 13 35.75 -48.29 17.28
N LYS Y 14 34.42 -48.31 17.06
CA LYS Y 14 33.79 -48.36 15.71
C LYS Y 14 34.42 -49.39 14.76
N ASP Y 15 34.82 -50.51 15.36
CA ASP Y 15 35.76 -51.48 14.83
C ASP Y 15 35.17 -52.37 13.73
N THR Y 16 36.04 -53.09 13.01
CA THR Y 16 35.74 -54.22 12.13
C THR Y 16 34.69 -55.19 12.68
N MET Y 17 34.66 -55.39 13.98
CA MET Y 17 33.70 -56.24 14.67
C MET Y 17 32.24 -55.84 14.38
N PHE Y 18 31.96 -54.54 14.29
CA PHE Y 18 30.62 -53.99 14.01
C PHE Y 18 30.30 -53.87 12.51
N THR Y 19 31.03 -54.54 11.62
CA THR Y 19 30.89 -54.32 10.16
C THR Y 19 29.44 -54.37 9.71
N GLY Y 20 28.93 -53.25 9.21
CA GLY Y 20 27.58 -53.11 8.65
C GLY Y 20 26.44 -52.93 9.65
N TYR Y 21 26.69 -52.69 10.95
CA TYR Y 21 25.63 -52.58 11.96
C TYR Y 21 24.50 -51.58 11.60
N LEU Y 22 24.81 -50.54 10.82
CA LEU Y 22 23.87 -49.48 10.43
C LEU Y 22 22.76 -49.98 9.50
N ASP Y 23 22.97 -51.09 8.79
CA ASP Y 23 22.03 -51.57 7.77
C ASP Y 23 20.67 -52.00 8.37
N PRO Y 24 19.58 -52.00 7.58
CA PRO Y 24 18.25 -52.29 8.07
C PRO Y 24 17.92 -53.79 8.10
N VAL Y 25 18.84 -54.67 7.69
CA VAL Y 25 18.57 -56.10 7.43
C VAL Y 25 19.24 -57.04 8.43
N GLN Y 26 20.17 -56.55 9.24
CA GLN Y 26 20.78 -57.31 10.34
C GLN Y 26 19.72 -57.87 11.30
N ALA Y 27 19.73 -59.19 11.48
CA ALA Y 27 18.73 -59.93 12.22
C ALA Y 27 19.01 -60.00 13.72
N LYS Y 28 18.01 -60.46 14.48
CA LYS Y 28 18.19 -61.01 15.83
C LYS Y 28 19.13 -62.22 15.77
N ASP Y 29 19.96 -62.43 16.77
CA ASP Y 29 20.71 -63.69 16.87
C ASP Y 29 19.75 -64.86 17.14
N TYR Y 30 19.65 -65.81 16.22
CA TYR Y 30 18.84 -67.01 16.37
C TYR Y 30 19.57 -68.17 17.05
N PHE Y 31 20.87 -68.06 17.24
CA PHE Y 31 21.74 -69.12 17.76
C PHE Y 31 22.42 -68.73 19.07
N ALA Y 32 21.78 -67.86 19.86
CA ALA Y 32 22.23 -67.48 21.18
C ALA Y 32 22.24 -68.68 22.15
N GLU Y 33 22.88 -68.52 23.30
CA GLU Y 33 22.87 -69.50 24.39
C GLU Y 33 22.46 -68.85 25.72
N ALA Y 34 21.87 -69.65 26.61
CA ALA Y 34 21.55 -69.22 27.97
C ALA Y 34 22.83 -68.82 28.72
N GLU Y 35 22.80 -67.70 29.45
CA GLU Y 35 23.89 -67.32 30.34
C GLU Y 35 24.05 -68.32 31.49
N LYS Y 36 25.29 -68.63 31.88
CA LYS Y 36 25.56 -69.55 32.99
C LYS Y 36 25.07 -68.95 34.31
N THR Y 37 24.76 -69.81 35.29
CA THR Y 37 24.50 -69.39 36.67
C THR Y 37 25.22 -70.31 37.65
N SER Y 38 25.84 -69.75 38.68
CA SER Y 38 26.72 -70.47 39.60
C SER Y 38 25.98 -71.58 40.32
N ILE Y 39 26.50 -72.81 40.34
CA ILE Y 39 25.91 -73.83 41.22
C ILE Y 39 26.13 -73.45 42.67
N VAL Y 40 27.27 -72.86 43.04
CA VAL Y 40 27.55 -72.62 44.47
C VAL Y 40 26.49 -71.71 45.07
N GLN Y 41 26.06 -70.69 44.35
CA GLN Y 41 25.04 -69.75 44.83
C GLN Y 41 23.64 -70.38 44.92
N ARG Y 42 23.40 -71.52 44.28
CA ARG Y 42 22.16 -72.28 44.43
C ARG Y 42 22.21 -73.23 45.62
N VAL Y 43 23.35 -73.85 45.93
CA VAL Y 43 23.40 -74.96 46.89
C VAL Y 43 24.00 -74.60 48.25
N ALA Y 44 24.91 -73.64 48.33
CA ALA Y 44 25.53 -73.21 49.58
C ALA Y 44 24.65 -72.19 50.32
N GLN Y 45 24.54 -72.25 51.64
CA GLN Y 45 23.79 -71.26 52.39
C GLN Y 45 24.48 -69.90 52.38
N LYS Y 46 23.73 -68.84 52.10
CA LYS Y 46 24.23 -67.48 51.98
C LYS Y 46 24.27 -66.76 53.32
N ILE Y 47 25.38 -66.82 54.02
CA ILE Y 47 25.55 -66.10 55.29
C ILE Y 47 25.79 -64.61 55.04
N PRO Y 48 25.30 -63.70 55.89
CA PRO Y 48 25.53 -62.27 55.75
C PRO Y 48 26.93 -61.90 56.22
N MET Y 49 27.66 -61.05 55.50
CA MET Y 49 28.91 -60.49 56.01
C MET Y 49 29.22 -59.09 55.48
N GLY Y 50 29.93 -58.32 56.29
CA GLY Y 50 30.50 -57.01 55.94
C GLY Y 50 31.95 -57.11 55.49
N ALA Y 51 32.50 -55.99 55.03
CA ALA Y 51 33.84 -55.95 54.45
C ALA Y 51 34.94 -56.47 55.39
N THR Y 52 34.76 -56.29 56.70
CA THR Y 52 35.72 -56.74 57.71
C THR Y 52 35.65 -58.25 58.00
N GLY Y 53 34.78 -58.99 57.30
CA GLY Y 53 34.65 -60.43 57.49
C GLY Y 53 33.95 -60.82 58.78
N ILE Y 54 34.00 -62.11 59.11
CA ILE Y 54 33.34 -62.64 60.30
C ILE Y 54 34.22 -63.66 61.01
N VAL Y 55 33.98 -63.85 62.31
CA VAL Y 55 34.56 -64.96 63.07
C VAL Y 55 33.49 -65.95 63.48
N ILE Y 56 33.72 -67.21 63.20
CA ILE Y 56 32.78 -68.29 63.49
C ILE Y 56 33.32 -69.06 64.68
N PRO Y 57 32.61 -69.10 65.81
CA PRO Y 57 33.01 -69.85 66.98
C PRO Y 57 32.67 -71.33 66.80
N HIS Y 58 33.44 -72.21 67.43
CA HIS Y 58 33.19 -73.65 67.41
C HIS Y 58 33.47 -74.22 68.81
N TRP Y 59 32.61 -75.11 69.30
CA TRP Y 59 32.86 -75.80 70.56
C TRP Y 59 33.88 -76.92 70.37
N THR Y 60 34.70 -77.23 71.37
CA THR Y 60 35.67 -78.33 71.25
C THR Y 60 35.98 -79.04 72.57
N GLY Y 61 35.23 -78.76 73.63
CA GLY Y 61 35.42 -79.44 74.91
C GLY Y 61 34.80 -80.84 74.91
N ASP Y 62 35.61 -81.87 75.08
CA ASP Y 62 35.15 -83.21 75.42
C ASP Y 62 34.83 -83.28 76.93
N VAL Y 63 33.75 -82.62 77.32
CA VAL Y 63 33.25 -82.55 78.71
C VAL Y 63 32.74 -83.92 79.15
N SER Y 64 33.04 -84.36 80.37
CA SER Y 64 32.72 -85.72 80.82
C SER Y 64 32.24 -85.82 82.28
N ALA Y 65 31.67 -86.96 82.61
CA ALA Y 65 31.21 -87.31 83.95
C ALA Y 65 31.49 -88.78 84.22
N GLN Y 66 31.67 -89.17 85.48
CA GLN Y 66 32.16 -90.50 85.82
C GLN Y 66 31.17 -91.24 86.72
N TRP Y 67 31.08 -92.55 86.55
CA TRP Y 67 30.36 -93.39 87.50
C TRP Y 67 31.08 -93.37 88.84
N ILE Y 68 30.32 -93.21 89.93
CA ILE Y 68 30.83 -92.85 91.25
C ILE Y 68 30.17 -93.72 92.33
N GLY Y 69 30.92 -94.08 93.37
CA GLY Y 69 30.41 -94.88 94.49
C GLY Y 69 29.76 -94.03 95.59
N GLU Y 70 29.27 -94.67 96.63
CA GLU Y 70 28.88 -94.00 97.87
C GLU Y 70 30.06 -93.22 98.44
N GLY Y 71 29.89 -91.91 98.64
CA GLY Y 71 30.90 -91.05 99.24
C GLY Y 71 32.21 -90.89 98.47
N ASP Y 72 32.34 -91.47 97.27
CA ASP Y 72 33.56 -91.30 96.48
C ASP Y 72 33.56 -89.90 95.85
N MET Y 73 34.60 -89.09 96.06
CA MET Y 73 34.50 -87.66 95.78
C MET Y 73 34.52 -87.35 94.28
N LYS Y 74 33.63 -86.43 93.86
CA LYS Y 74 33.29 -86.12 92.47
C LYS Y 74 34.50 -85.52 91.71
N PRO Y 75 34.74 -85.88 90.45
CA PRO Y 75 35.84 -85.35 89.64
C PRO Y 75 35.54 -83.97 89.06
N ILE Y 76 36.57 -83.22 88.69
CA ILE Y 76 36.45 -81.87 88.09
C ILE Y 76 36.72 -81.91 86.59
N THR Y 77 35.95 -81.19 85.77
CA THR Y 77 36.17 -81.05 84.32
C THR Y 77 35.87 -79.64 83.83
N LYS Y 78 36.36 -79.25 82.63
CA LYS Y 78 35.98 -77.97 81.98
C LYS Y 78 35.88 -78.09 80.47
N GLY Y 79 35.07 -77.23 79.86
CA GLY Y 79 34.89 -77.15 78.40
C GLY Y 79 36.03 -76.43 77.68
N ASN Y 80 35.94 -76.32 76.35
CA ASN Y 80 36.94 -75.65 75.52
C ASN Y 80 36.32 -75.13 74.22
N MET Y 81 36.88 -74.08 73.62
CA MET Y 81 36.31 -73.38 72.45
C MET Y 81 37.41 -72.85 71.52
N THR Y 82 37.10 -72.67 70.25
CA THR Y 82 37.98 -72.08 69.22
C THR Y 82 37.17 -71.24 68.26
N LYS Y 83 37.83 -70.51 67.34
CA LYS Y 83 37.15 -69.78 66.28
C LYS Y 83 37.93 -69.81 64.97
N ARG Y 84 37.21 -69.69 63.86
CA ARG Y 84 37.75 -69.50 62.50
C ARG Y 84 37.51 -68.08 62.04
N ASP Y 85 38.48 -67.46 61.38
CA ASP Y 85 38.24 -66.23 60.63
C ASP Y 85 37.76 -66.54 59.21
N VAL Y 86 36.91 -65.68 58.67
CA VAL Y 86 36.55 -65.65 57.24
C VAL Y 86 36.63 -64.21 56.77
N HIS Y 87 37.25 -63.97 55.61
CA HIS Y 87 37.33 -62.64 55.00
C HIS Y 87 36.89 -62.70 53.53
N PRO Y 88 36.26 -61.65 53.01
CA PRO Y 88 35.87 -61.59 51.62
C PRO Y 88 37.05 -61.23 50.71
N ALA Y 89 37.21 -61.95 49.60
CA ALA Y 89 38.04 -61.55 48.47
C ALA Y 89 37.30 -60.56 47.57
N LYS Y 90 38.00 -59.96 46.60
CA LYS Y 90 37.42 -59.02 45.63
C LYS Y 90 37.78 -59.42 44.22
N ILE Y 91 36.84 -59.29 43.30
CA ILE Y 91 37.00 -59.58 41.87
C ILE Y 91 36.57 -58.37 41.05
N ALA Y 92 37.27 -58.04 39.98
CA ALA Y 92 37.06 -56.81 39.25
C ALA Y 92 37.44 -56.87 37.77
N THR Y 93 36.93 -55.93 36.99
CA THR Y 93 37.36 -55.69 35.61
C THR Y 93 36.96 -54.30 35.13
N ILE Y 94 37.55 -53.82 34.04
CA ILE Y 94 37.14 -52.59 33.35
C ILE Y 94 36.94 -52.92 31.87
N PHE Y 95 35.90 -52.38 31.22
CA PHE Y 95 35.80 -52.44 29.77
C PHE Y 95 35.61 -51.04 29.19
N VAL Y 96 36.20 -50.79 28.03
CA VAL Y 96 36.44 -49.44 27.50
C VAL Y 96 35.96 -49.30 26.06
N ALA Y 97 35.25 -48.22 25.74
CA ALA Y 97 34.71 -47.97 24.41
C ALA Y 97 34.99 -46.53 23.96
N SER Y 98 35.12 -46.31 22.66
CA SER Y 98 35.17 -44.94 22.12
C SER Y 98 33.86 -44.20 22.39
N ALA Y 99 33.90 -42.89 22.60
CA ALA Y 99 32.70 -42.09 22.78
C ALA Y 99 31.71 -42.34 21.62
N GLU Y 100 32.16 -42.31 20.36
CA GLU Y 100 31.30 -42.58 19.21
C GLU Y 100 30.71 -44.00 19.25
N THR Y 101 31.42 -44.99 19.80
CA THR Y 101 30.86 -46.33 20.03
C THR Y 101 29.71 -46.26 21.02
N VAL Y 102 29.94 -45.72 22.22
CA VAL Y 102 28.88 -45.68 23.25
C VAL Y 102 27.72 -44.78 22.87
N ARG Y 103 27.93 -43.73 22.07
CA ARG Y 103 26.82 -42.91 21.56
C ARG Y 103 25.89 -43.72 20.65
N ALA Y 104 26.45 -44.56 19.77
CA ALA Y 104 25.68 -45.39 18.85
C ALA Y 104 25.19 -46.74 19.40
N ASN Y 105 25.87 -47.32 20.41
CA ASN Y 105 25.63 -48.65 20.96
C ASN Y 105 25.31 -49.72 19.89
N PRO Y 106 26.19 -49.91 18.90
CA PRO Y 106 25.98 -50.85 17.80
C PRO Y 106 25.86 -52.27 18.32
N ALA Y 107 25.04 -53.11 17.67
CA ALA Y 107 24.81 -54.51 18.08
C ALA Y 107 24.44 -54.66 19.57
N ASN Y 108 23.86 -53.63 20.18
CA ASN Y 108 23.60 -53.55 21.61
C ASN Y 108 24.84 -53.87 22.47
N TYR Y 109 26.01 -53.39 22.07
CA TYR Y 109 27.28 -53.82 22.68
C TYR Y 109 27.32 -53.58 24.18
N LEU Y 110 27.02 -52.39 24.69
CA LEU Y 110 27.14 -52.14 26.13
C LEU Y 110 26.13 -52.95 26.93
N GLY Y 111 24.88 -53.02 26.49
CA GLY Y 111 23.86 -53.85 27.17
C GLY Y 111 24.25 -55.33 27.18
N THR Y 112 24.82 -55.82 26.09
CA THR Y 112 25.38 -57.17 26.02
C THR Y 112 26.54 -57.32 26.98
N MET Y 113 27.51 -56.42 26.93
CA MET Y 113 28.74 -56.50 27.69
C MET Y 113 28.49 -56.49 29.19
N ARG Y 114 27.54 -55.70 29.68
CA ARG Y 114 27.15 -55.72 31.10
C ARG Y 114 26.71 -57.11 31.55
N THR Y 115 25.91 -57.83 30.76
CA THR Y 115 25.58 -59.22 31.10
C THR Y 115 26.79 -60.14 30.98
N LYS Y 116 27.64 -59.98 29.96
CA LYS Y 116 28.79 -60.87 29.78
C LYS Y 116 29.79 -60.75 30.93
N VAL Y 117 30.11 -59.55 31.41
CA VAL Y 117 30.96 -59.44 32.61
C VAL Y 117 30.26 -59.99 33.83
N ALA Y 118 28.94 -59.82 33.97
CA ALA Y 118 28.23 -60.41 35.10
C ALA Y 118 28.35 -61.94 35.12
N THR Y 119 28.14 -62.60 33.99
CA THR Y 119 28.38 -64.03 33.86
C THR Y 119 29.82 -64.39 34.17
N ALA Y 120 30.79 -63.61 33.68
CA ALA Y 120 32.19 -63.89 33.93
C ALA Y 120 32.52 -63.83 35.43
N ILE Y 121 32.03 -62.83 36.16
CA ILE Y 121 32.24 -62.71 37.60
C ILE Y 121 31.63 -63.91 38.32
N ALA Y 122 30.39 -64.26 38.01
CA ALA Y 122 29.73 -65.40 38.61
C ALA Y 122 30.49 -66.70 38.35
N MET Y 123 30.89 -66.95 37.11
CA MET Y 123 31.63 -68.15 36.76
C MET Y 123 33.01 -68.20 37.40
N ALA Y 124 33.70 -67.07 37.53
CA ALA Y 124 34.98 -67.04 38.22
C ALA Y 124 34.81 -67.43 39.70
N PHE Y 125 33.75 -66.96 40.35
CA PHE Y 125 33.45 -67.36 41.72
C PHE Y 125 33.15 -68.85 41.81
N ASP Y 126 32.34 -69.38 40.91
CA ASP Y 126 32.03 -70.80 40.89
C ASP Y 126 33.30 -71.66 40.68
N ASN Y 127 34.10 -71.39 39.65
CA ASN Y 127 35.33 -72.13 39.39
C ASN Y 127 36.29 -72.07 40.57
N ALA Y 128 36.41 -70.91 41.21
CA ALA Y 128 37.29 -70.77 42.36
C ALA Y 128 36.81 -71.64 43.53
N ALA Y 129 35.50 -71.82 43.70
CA ALA Y 129 34.96 -72.64 44.76
C ALA Y 129 35.09 -74.14 44.46
N LEU Y 130 34.85 -74.58 43.23
CA LEU Y 130 34.96 -76.00 42.89
C LEU Y 130 36.41 -76.43 42.74
N HIS Y 131 37.11 -75.84 41.77
CA HIS Y 131 38.36 -76.40 41.25
C HIS Y 131 39.60 -75.70 41.78
N GLY Y 132 39.43 -74.58 42.49
CA GLY Y 132 40.55 -73.79 42.98
C GLY Y 132 41.28 -72.95 41.93
N THR Y 133 40.88 -73.01 40.66
CA THR Y 133 41.58 -72.32 39.57
C THR Y 133 41.56 -70.82 39.80
N ASN Y 134 42.73 -70.20 39.92
CA ASN Y 134 42.88 -68.79 40.28
C ASN Y 134 42.22 -68.40 41.60
N ALA Y 135 41.97 -69.34 42.52
CA ALA Y 135 41.27 -69.00 43.76
C ALA Y 135 42.05 -67.98 44.60
N PRO Y 136 41.40 -66.97 45.17
CA PRO Y 136 42.06 -65.95 45.94
C PRO Y 136 42.48 -66.49 47.30
N SER Y 137 43.50 -65.90 47.91
CA SER Y 137 44.07 -66.39 49.17
C SER Y 137 43.07 -66.42 50.33
N ALA Y 138 42.02 -65.59 50.29
CA ALA Y 138 41.04 -65.52 51.35
C ALA Y 138 40.05 -66.70 51.38
N PHE Y 139 39.92 -67.49 50.32
CA PHE Y 139 38.99 -68.62 50.30
C PHE Y 139 39.53 -69.80 51.12
N GLN Y 140 38.74 -70.25 52.10
CA GLN Y 140 39.13 -71.32 53.01
C GLN Y 140 38.86 -72.70 52.39
N GLY Y 141 39.67 -73.10 51.41
CA GLY Y 141 39.59 -74.40 50.74
C GLY Y 141 38.61 -74.44 49.55
N TYR Y 142 38.70 -75.48 48.73
CA TYR Y 142 37.91 -75.64 47.51
C TYR Y 142 37.58 -77.09 47.24
N LEU Y 143 36.48 -77.34 46.55
CA LEU Y 143 35.77 -78.61 46.60
C LEU Y 143 36.57 -79.80 46.07
N ASP Y 144 37.44 -79.58 45.08
CA ASP Y 144 38.30 -80.61 44.52
C ASP Y 144 39.34 -81.18 45.48
N GLN Y 145 39.62 -80.54 46.61
CA GLN Y 145 40.62 -81.03 47.55
C GLN Y 145 40.22 -82.33 48.27
N SER Y 146 38.99 -82.82 48.13
CA SER Y 146 38.57 -84.05 48.80
C SER Y 146 39.45 -85.25 48.46
N ASN Y 147 39.85 -86.01 49.48
CA ASN Y 147 40.56 -87.27 49.32
C ASN Y 147 39.65 -88.47 48.98
N LYS Y 148 38.39 -88.27 48.60
CA LYS Y 148 37.44 -89.33 48.25
C LYS Y 148 37.01 -89.23 46.79
N THR Y 149 37.10 -90.32 46.04
CA THR Y 149 36.71 -90.39 44.63
C THR Y 149 35.88 -91.65 44.36
N GLN Y 150 35.02 -91.62 43.34
CA GLN Y 150 34.18 -92.77 43.01
C GLN Y 150 33.82 -92.85 41.53
N SER Y 151 34.11 -93.98 40.90
CA SER Y 151 33.68 -94.30 39.53
C SER Y 151 32.16 -94.42 39.44
N ILE Y 152 31.53 -94.01 38.34
CA ILE Y 152 30.06 -94.05 38.19
C ILE Y 152 29.56 -94.74 36.91
N SER Y 153 30.31 -94.75 35.81
CA SER Y 153 29.83 -95.17 34.49
C SER Y 153 29.20 -96.57 34.39
N PRO Y 154 29.73 -97.62 35.05
CA PRO Y 154 29.17 -98.96 34.90
C PRO Y 154 27.69 -99.03 35.25
N ASN Y 155 27.27 -98.35 36.31
CA ASN Y 155 25.90 -98.33 36.82
C ASN Y 155 25.77 -97.21 37.86
N ALA Y 156 24.95 -96.20 37.57
CA ALA Y 156 24.89 -95.00 38.39
C ALA Y 156 24.35 -95.27 39.80
N TYR Y 157 23.37 -96.15 39.96
CA TYR Y 157 22.80 -96.46 41.27
C TYR Y 157 23.85 -97.10 42.17
N GLN Y 158 24.57 -98.11 41.68
CA GLN Y 158 25.66 -98.73 42.42
C GLN Y 158 26.73 -97.70 42.79
N GLY Y 159 27.12 -96.87 41.82
CA GLY Y 159 28.16 -95.87 42.01
C GLY Y 159 27.80 -94.85 43.09
N LEU Y 160 26.58 -94.32 43.06
CA LEU Y 160 26.11 -93.33 44.03
C LEU Y 160 25.70 -93.99 45.35
N GLY Y 161 24.63 -94.78 45.32
CA GLY Y 161 23.89 -95.18 46.51
C GLY Y 161 24.57 -96.25 47.35
N VAL Y 162 25.52 -96.98 46.80
CA VAL Y 162 26.23 -98.04 47.49
C VAL Y 162 27.69 -97.67 47.72
N SER Y 163 28.53 -97.71 46.68
CA SER Y 163 29.96 -97.48 46.85
C SER Y 163 30.24 -96.05 47.29
N GLY Y 164 29.71 -95.05 46.57
CA GLY Y 164 29.92 -93.65 46.90
C GLY Y 164 29.49 -93.32 48.31
N LEU Y 165 28.28 -93.71 48.70
CA LEU Y 165 27.80 -93.52 50.06
C LEU Y 165 28.69 -94.21 51.10
N THR Y 166 29.18 -95.41 50.82
CA THR Y 166 30.07 -96.13 51.77
C THR Y 166 31.28 -95.30 52.14
N LYS Y 167 31.88 -94.62 51.17
CA LYS Y 167 33.06 -93.77 51.42
C LYS Y 167 32.75 -92.56 52.29
N LEU Y 168 31.51 -92.10 52.32
CA LEU Y 168 31.09 -90.99 53.18
C LEU Y 168 30.78 -91.45 54.60
N VAL Y 169 29.91 -92.45 54.76
CA VAL Y 169 29.48 -92.88 56.11
C VAL Y 169 30.60 -93.57 56.87
N THR Y 170 31.58 -94.17 56.20
CA THR Y 170 32.75 -94.74 56.87
C THR Y 170 33.58 -93.67 57.59
N ASP Y 171 33.52 -92.42 57.14
CA ASP Y 171 34.11 -91.27 57.82
C ASP Y 171 33.07 -90.46 58.63
N GLY Y 172 31.89 -91.03 58.87
CA GLY Y 172 30.85 -90.41 59.68
C GLY Y 172 30.16 -89.20 59.06
N LYS Y 173 30.40 -88.88 57.78
CA LYS Y 173 29.71 -87.78 57.08
C LYS Y 173 28.34 -88.18 56.54
N LYS Y 174 27.43 -87.22 56.48
CA LYS Y 174 26.10 -87.36 55.87
C LYS Y 174 26.20 -87.25 54.33
N TRP Y 175 25.12 -87.57 53.62
CA TRP Y 175 24.96 -87.26 52.19
C TRP Y 175 23.68 -86.45 51.98
N THR Y 176 23.75 -85.27 51.38
CA THR Y 176 22.59 -84.37 51.27
C THR Y 176 22.23 -83.98 49.85
N HIS Y 177 23.18 -83.85 48.93
CA HIS Y 177 22.88 -83.56 47.53
C HIS Y 177 23.82 -84.26 46.57
N THR Y 178 23.46 -84.24 45.29
CA THR Y 178 24.39 -84.51 44.19
C THR Y 178 24.39 -83.33 43.23
N LEU Y 179 25.57 -82.88 42.84
CA LEU Y 179 25.76 -81.94 41.74
C LEU Y 179 26.23 -82.75 40.55
N LEU Y 180 25.57 -82.66 39.42
CA LEU Y 180 25.90 -83.47 38.24
C LEU Y 180 26.10 -82.59 37.02
N ASP Y 181 27.18 -82.81 36.28
CA ASP Y 181 27.34 -82.20 34.97
C ASP Y 181 26.37 -82.81 33.96
N ASP Y 182 25.65 -82.02 33.18
CA ASP Y 182 24.63 -82.57 32.28
C ASP Y 182 25.20 -83.47 31.17
N THR Y 183 26.52 -83.53 30.99
CA THR Y 183 27.16 -84.56 30.16
C THR Y 183 27.01 -85.97 30.71
N VAL Y 184 26.59 -86.16 31.97
CA VAL Y 184 26.40 -87.49 32.55
C VAL Y 184 25.09 -88.17 32.14
N GLU Y 185 24.19 -87.50 31.39
CA GLU Y 185 22.90 -88.11 31.02
C GLU Y 185 23.00 -89.51 30.39
N PRO Y 186 23.94 -89.82 29.47
CA PRO Y 186 24.11 -91.16 28.92
C PRO Y 186 24.47 -92.25 29.95
N VAL Y 187 24.92 -91.89 31.15
CA VAL Y 187 25.21 -92.86 32.22
C VAL Y 187 24.03 -93.03 33.16
N LEU Y 188 23.15 -92.04 33.28
CA LEU Y 188 21.89 -92.21 34.01
C LEU Y 188 20.85 -92.93 33.16
N ASN Y 189 20.79 -92.61 31.86
CA ASN Y 189 20.28 -93.54 30.87
C ASN Y 189 21.15 -94.80 30.87
N GLY Y 190 20.69 -95.89 30.27
CA GLY Y 190 21.38 -97.16 30.49
C GLY Y 190 21.33 -97.50 31.98
N SER Y 191 22.47 -97.80 32.61
CA SER Y 191 22.49 -98.21 34.02
C SER Y 191 21.48 -99.32 34.30
N VAL Y 192 21.39 -100.28 33.38
CA VAL Y 192 20.27 -101.22 33.33
C VAL Y 192 20.31 -102.25 34.44
N ASP Y 193 19.16 -102.86 34.72
CA ASP Y 193 19.11 -104.16 35.38
C ASP Y 193 19.62 -105.27 34.45
N ALA Y 194 19.78 -106.49 34.97
CA ALA Y 194 20.29 -107.59 34.17
C ALA Y 194 19.38 -107.95 32.98
N ASN Y 195 18.11 -107.58 33.00
CA ASN Y 195 17.19 -107.79 31.90
C ASN Y 195 17.26 -106.67 30.85
N GLY Y 196 18.04 -105.63 31.07
CA GLY Y 196 18.21 -104.55 30.10
C GLY Y 196 17.19 -103.43 30.22
N ARG Y 197 16.35 -103.37 31.26
CA ARG Y 197 15.56 -102.16 31.52
C ARG Y 197 16.42 -101.14 32.26
N PRO Y 198 16.34 -99.84 31.98
CA PRO Y 198 17.05 -98.83 32.76
C PRO Y 198 16.41 -98.69 34.14
N LEU Y 199 17.19 -98.38 35.16
CA LEU Y 199 16.66 -98.22 36.52
C LEU Y 199 15.85 -96.93 36.70
N PHE Y 200 16.27 -95.82 36.09
CA PHE Y 200 15.77 -94.48 36.44
C PHE Y 200 14.61 -93.94 35.57
N VAL Y 201 13.83 -94.75 34.87
CA VAL Y 201 12.73 -94.25 34.02
C VAL Y 201 11.58 -95.24 33.83
N GLU Y 202 10.41 -94.70 33.49
CA GLU Y 202 9.10 -95.36 33.36
C GLU Y 202 9.04 -96.50 32.34
N SER Y 203 8.02 -97.34 32.42
CA SER Y 203 7.84 -98.53 31.58
C SER Y 203 7.86 -98.28 30.07
N THR Y 204 7.39 -97.12 29.60
CA THR Y 204 7.32 -96.76 28.17
C THR Y 204 8.30 -95.69 27.74
N TYR Y 205 9.25 -95.30 28.60
CA TYR Y 205 10.38 -94.44 28.25
C TYR Y 205 10.04 -93.08 27.65
N GLU Y 206 8.86 -92.54 27.95
CA GLU Y 206 8.38 -91.30 27.33
C GLU Y 206 9.16 -90.08 27.80
N SER Y 207 9.56 -90.04 29.06
CA SER Y 207 9.97 -88.80 29.73
C SER Y 207 11.27 -88.94 30.50
N LEU Y 208 11.94 -87.82 30.79
CA LEU Y 208 13.29 -87.75 31.35
C LEU Y 208 13.50 -88.66 32.56
N THR Y 209 14.66 -89.29 32.67
CA THR Y 209 15.05 -90.04 33.88
C THR Y 209 14.98 -89.13 35.08
N THR Y 210 14.36 -89.54 36.18
CA THR Y 210 13.91 -88.55 37.17
C THR Y 210 14.99 -87.68 37.80
N PRO Y 211 16.26 -88.08 37.95
CA PRO Y 211 17.30 -87.14 38.37
C PRO Y 211 17.38 -85.90 37.47
N PHE Y 212 17.25 -86.07 36.15
CA PHE Y 212 17.24 -84.95 35.21
C PHE Y 212 15.98 -84.08 35.27
N ARG Y 213 14.94 -84.49 35.99
CA ARG Y 213 13.82 -83.61 36.39
C ARG Y 213 14.15 -82.79 37.64
N GLU Y 214 15.41 -82.69 38.04
CA GLU Y 214 15.83 -82.26 39.38
C GLU Y 214 15.07 -83.05 40.48
N GLY Y 215 14.93 -84.36 40.28
CA GLY Y 215 14.31 -85.27 41.24
C GLY Y 215 15.17 -85.57 42.46
N ARG Y 216 14.93 -86.71 43.12
CA ARG Y 216 15.86 -87.25 44.13
C ARG Y 216 16.50 -88.53 43.66
N ILE Y 217 17.82 -88.66 43.78
CA ILE Y 217 18.45 -89.98 43.84
C ILE Y 217 18.22 -90.50 45.25
N LEU Y 218 17.52 -91.63 45.42
CA LEU Y 218 17.13 -92.09 46.75
C LEU Y 218 16.51 -90.93 47.54
N GLY Y 219 17.04 -90.56 48.71
CA GLY Y 219 16.52 -89.45 49.49
C GLY Y 219 16.95 -88.04 49.05
N ARG Y 220 18.02 -87.90 48.27
CA ARG Y 220 18.76 -86.64 48.18
C ARG Y 220 18.41 -85.87 46.91
N PRO Y 221 18.05 -84.58 46.98
CA PRO Y 221 17.86 -83.76 45.79
C PRO Y 221 19.09 -83.76 44.90
N THR Y 222 18.90 -83.47 43.62
CA THR Y 222 20.00 -83.34 42.66
C THR Y 222 19.95 -82.01 41.93
N ILE Y 223 21.11 -81.43 41.67
CA ILE Y 223 21.23 -80.15 40.96
C ILE Y 223 22.05 -80.39 39.70
N LEU Y 224 21.44 -80.18 38.53
CA LEU Y 224 22.08 -80.31 37.23
C LEU Y 224 22.72 -79.00 36.82
N SER Y 225 23.85 -79.04 36.12
CA SER Y 225 24.41 -77.87 35.44
C SER Y 225 25.37 -78.24 34.33
N ASP Y 226 25.62 -77.32 33.42
CA ASP Y 226 26.34 -77.55 32.17
C ASP Y 226 27.83 -77.18 32.23
N HIS Y 227 28.38 -76.94 33.41
CA HIS Y 227 29.73 -76.42 33.59
C HIS Y 227 30.39 -76.94 34.88
N VAL Y 228 30.01 -78.12 35.35
CA VAL Y 228 30.52 -78.68 36.60
C VAL Y 228 31.79 -79.47 36.37
N ALA Y 229 31.89 -80.19 35.25
CA ALA Y 229 33.00 -81.09 34.99
C ALA Y 229 34.32 -80.39 34.65
N GLU Y 230 35.42 -80.85 35.24
CA GLU Y 230 36.78 -80.61 34.76
C GLU Y 230 37.61 -81.89 34.86
N GLY Y 231 38.44 -82.18 33.85
CA GLY Y 231 39.20 -83.42 33.81
C GLY Y 231 38.28 -84.64 33.93
N ASP Y 232 38.67 -85.61 34.73
CA ASP Y 232 37.86 -86.80 34.97
C ASP Y 232 36.72 -86.60 35.99
N VAL Y 233 36.63 -85.46 36.67
CA VAL Y 233 35.61 -85.22 37.70
C VAL Y 233 34.33 -84.71 37.04
N VAL Y 234 33.23 -85.43 37.20
CA VAL Y 234 31.96 -85.18 36.48
C VAL Y 234 30.85 -84.67 37.40
N GLY Y 235 31.05 -84.69 38.71
CA GLY Y 235 30.06 -84.22 39.67
C GLY Y 235 30.51 -84.46 41.11
N TYR Y 236 29.68 -84.10 42.07
CA TYR Y 236 30.02 -84.20 43.48
C TYR Y 236 28.84 -84.71 44.27
N ALA Y 237 29.08 -85.50 45.30
CA ALA Y 237 28.08 -85.83 46.30
C ALA Y 237 28.63 -85.48 47.68
N GLY Y 238 27.77 -85.04 48.60
CA GLY Y 238 28.18 -84.67 49.95
C GLY Y 238 27.12 -83.90 50.71
N ASP Y 239 27.44 -83.40 51.89
CA ASP Y 239 26.57 -82.52 52.67
C ASP Y 239 26.92 -81.05 52.45
N PHE Y 240 26.28 -80.43 51.47
CA PHE Y 240 26.46 -79.01 51.15
C PHE Y 240 26.00 -78.05 52.26
N SER Y 241 25.57 -78.53 53.42
CA SER Y 241 25.50 -77.71 54.63
C SER Y 241 26.89 -77.35 55.16
N GLN Y 242 27.93 -78.12 54.86
CA GLN Y 242 29.31 -77.84 55.28
C GLN Y 242 29.96 -76.66 54.56
N ILE Y 243 29.30 -76.04 53.57
CA ILE Y 243 29.84 -74.91 52.82
C ILE Y 243 28.98 -73.68 52.99
N ILE Y 244 29.63 -72.53 53.16
CA ILE Y 244 28.98 -71.24 53.37
C ILE Y 244 29.68 -70.17 52.54
N TRP Y 245 28.94 -69.14 52.17
CA TRP Y 245 29.44 -68.05 51.35
C TRP Y 245 28.70 -66.77 51.66
N GLY Y 246 29.23 -65.63 51.24
CA GLY Y 246 28.54 -64.35 51.37
C GLY Y 246 29.04 -63.37 50.34
N GLN Y 247 28.26 -62.32 50.08
CA GLN Y 247 28.60 -61.28 49.12
C GLN Y 247 28.47 -59.90 49.78
N VAL Y 248 29.46 -59.03 49.66
CA VAL Y 248 29.46 -57.77 50.44
C VAL Y 248 28.54 -56.71 49.85
N GLY Y 249 28.33 -56.73 48.54
CA GLY Y 249 27.44 -55.80 47.83
C GLY Y 249 27.16 -56.25 46.40
N GLY Y 250 26.28 -55.54 45.70
CA GLY Y 250 25.93 -55.89 44.33
C GLY Y 250 27.09 -55.72 43.34
N LEU Y 251 26.93 -56.22 42.11
CA LEU Y 251 27.83 -55.89 41.01
C LEU Y 251 27.83 -54.38 40.84
N SER Y 252 28.91 -53.72 41.24
CA SER Y 252 28.92 -52.27 41.48
C SER Y 252 29.38 -51.50 40.25
N PHE Y 253 28.64 -51.59 39.14
CA PHE Y 253 28.96 -50.89 37.88
C PHE Y 253 29.03 -49.38 38.10
N ASP Y 254 30.11 -48.73 37.68
CA ASP Y 254 30.13 -47.27 37.47
C ASP Y 254 30.94 -46.89 36.23
N VAL Y 255 30.82 -45.63 35.81
CA VAL Y 255 31.33 -45.13 34.53
C VAL Y 255 32.12 -43.85 34.72
N THR Y 256 33.23 -43.71 34.02
CA THR Y 256 34.02 -42.47 33.96
C THR Y 256 34.62 -42.25 32.59
N ASP Y 257 35.03 -41.01 32.32
CA ASP Y 257 35.66 -40.63 31.06
C ASP Y 257 36.81 -39.62 31.23
N GLN Y 258 37.03 -39.10 32.45
CA GLN Y 258 38.16 -38.23 32.78
C GLN Y 258 39.40 -39.01 33.24
N ALA Y 259 39.25 -40.27 33.65
CA ALA Y 259 40.33 -41.03 34.28
C ALA Y 259 41.53 -41.28 33.35
N THR Y 260 42.65 -41.64 33.93
CA THR Y 260 43.76 -42.28 33.22
C THR Y 260 43.72 -43.78 33.42
N LEU Y 261 44.00 -44.56 32.39
CA LEU Y 261 44.22 -46.00 32.49
C LEU Y 261 45.63 -46.35 32.04
N ASN Y 262 46.14 -47.47 32.53
CA ASN Y 262 47.38 -48.11 32.14
C ASN Y 262 47.05 -49.36 31.34
N LEU Y 263 47.58 -49.48 30.13
CA LEU Y 263 47.41 -50.67 29.29
C LEU Y 263 48.50 -51.74 29.52
N GLY Y 264 49.60 -51.39 30.19
CA GLY Y 264 50.70 -52.29 30.54
C GLY Y 264 50.62 -52.78 31.99
N SER Y 265 51.69 -53.36 32.52
CA SER Y 265 51.83 -53.58 33.97
C SER Y 265 52.26 -52.30 34.68
N GLN Y 266 52.30 -52.27 36.02
CA GLN Y 266 52.84 -51.14 36.78
C GLN Y 266 54.34 -50.91 36.53
N GLU Y 267 55.09 -51.99 36.26
CA GLU Y 267 56.53 -51.96 35.98
C GLU Y 267 56.84 -51.65 34.52
N SER Y 268 55.86 -51.77 33.63
CA SER Y 268 55.98 -51.51 32.20
C SER Y 268 54.79 -50.69 31.68
N PRO Y 269 54.49 -49.55 32.31
CA PRO Y 269 53.22 -48.88 32.13
C PRO Y 269 53.13 -48.16 30.78
N ASN Y 270 51.91 -48.04 30.31
CA ASN Y 270 51.54 -47.46 29.03
C ASN Y 270 50.26 -46.65 29.26
N PHE Y 271 50.40 -45.50 29.89
CA PHE Y 271 49.26 -44.70 30.31
C PHE Y 271 48.54 -44.07 29.13
N VAL Y 272 47.22 -43.95 29.25
CA VAL Y 272 46.33 -43.23 28.34
C VAL Y 272 45.30 -42.48 29.17
N SER Y 273 45.07 -41.20 28.90
CA SER Y 273 43.90 -40.53 29.47
C SER Y 273 42.67 -40.88 28.65
N LEU Y 274 41.58 -41.26 29.30
CA LEU Y 274 40.31 -41.49 28.62
C LEU Y 274 39.78 -40.20 27.98
N TRP Y 275 40.05 -39.04 28.58
CA TRP Y 275 39.66 -37.77 28.01
C TRP Y 275 40.54 -37.37 26.82
N GLN Y 276 41.85 -37.62 26.90
CA GLN Y 276 42.84 -37.26 25.87
C GLN Y 276 42.49 -37.82 24.47
N HIS Y 277 41.93 -39.03 24.39
CA HIS Y 277 41.48 -39.63 23.13
C HIS Y 277 39.95 -39.85 23.08
N ASN Y 278 39.19 -39.32 24.04
CA ASN Y 278 37.73 -39.38 24.12
C ASN Y 278 37.12 -40.80 24.13
N LEU Y 279 37.64 -41.66 25.01
CA LEU Y 279 37.02 -42.93 25.40
C LEU Y 279 35.94 -42.71 26.48
N VAL Y 280 35.19 -43.76 26.81
CA VAL Y 280 34.34 -43.91 28.00
C VAL Y 280 34.57 -45.31 28.58
N ALA Y 281 34.71 -45.44 29.89
CA ALA Y 281 35.05 -46.72 30.52
C ALA Y 281 34.07 -47.09 31.63
N VAL Y 282 33.69 -48.37 31.69
CA VAL Y 282 32.84 -48.92 32.74
C VAL Y 282 33.67 -49.84 33.61
N ARG Y 283 33.66 -49.61 34.93
CA ARG Y 283 34.38 -50.41 35.92
C ARG Y 283 33.38 -51.24 36.71
N VAL Y 284 33.72 -52.48 36.98
CA VAL Y 284 32.85 -53.43 37.67
C VAL Y 284 33.62 -54.13 38.77
N GLU Y 285 33.03 -54.28 39.95
CA GLU Y 285 33.63 -55.03 41.04
C GLU Y 285 32.60 -55.62 41.99
N ALA Y 286 32.99 -56.67 42.69
CA ALA Y 286 32.20 -57.39 43.66
C ALA Y 286 33.13 -58.03 44.71
N GLU Y 287 32.60 -58.42 45.86
CA GLU Y 287 33.38 -59.11 46.89
C GLU Y 287 32.65 -60.35 47.39
N TYR Y 288 33.37 -61.45 47.56
CA TYR Y 288 32.80 -62.74 47.97
C TYR Y 288 33.61 -63.35 49.11
N GLY Y 289 32.94 -63.89 50.11
CA GLY Y 289 33.55 -64.77 51.12
C GLY Y 289 33.14 -66.21 50.88
N LEU Y 290 33.98 -67.18 51.26
CA LEU Y 290 33.75 -68.60 51.00
C LEU Y 290 34.49 -69.45 52.03
N LEU Y 291 33.79 -70.33 52.74
CA LEU Y 291 34.39 -71.28 53.68
C LEU Y 291 33.78 -72.66 53.52
N ILE Y 292 34.62 -73.68 53.51
CA ILE Y 292 34.23 -75.08 53.57
C ILE Y 292 34.72 -75.67 54.90
N ASN Y 293 33.82 -76.15 55.75
CA ASN Y 293 34.19 -76.66 57.07
C ASN Y 293 35.08 -77.91 56.98
N ASP Y 294 34.83 -78.80 56.03
CA ASP Y 294 35.69 -79.97 55.80
C ASP Y 294 35.64 -80.41 54.33
N VAL Y 295 36.69 -80.12 53.56
CA VAL Y 295 36.76 -80.50 52.15
C VAL Y 295 36.72 -82.01 51.95
N ASN Y 296 37.10 -82.84 52.93
CA ASN Y 296 37.00 -84.29 52.80
C ASN Y 296 35.57 -84.80 53.01
N ALA Y 297 34.60 -83.95 53.31
CA ALA Y 297 33.23 -84.36 53.45
C ALA Y 297 32.54 -84.72 52.12
N PHE Y 298 33.05 -84.26 50.99
CA PHE Y 298 32.48 -84.55 49.67
C PHE Y 298 33.15 -85.77 49.03
N VAL Y 299 32.49 -86.47 48.13
CA VAL Y 299 33.10 -87.47 47.23
C VAL Y 299 33.00 -87.01 45.80
N LYS Y 300 34.12 -87.00 45.09
CA LYS Y 300 34.20 -86.60 43.69
C LYS Y 300 33.69 -87.72 42.82
N LEU Y 301 32.59 -87.51 42.12
CA LEU Y 301 32.10 -88.45 41.13
C LEU Y 301 33.00 -88.37 39.91
N THR Y 302 33.40 -89.49 39.37
CA THR Y 302 34.29 -89.54 38.23
C THR Y 302 33.87 -90.66 37.30
N PHE Y 303 34.07 -90.46 36.00
CA PHE Y 303 33.34 -91.22 35.00
C PHE Y 303 33.71 -92.70 35.01
N ASP Y 304 34.99 -93.04 35.03
CA ASP Y 304 35.51 -94.42 35.08
C ASP Y 304 36.68 -94.52 36.07
N PRO Y 305 37.14 -95.72 36.48
CA PRO Y 305 38.13 -95.87 37.53
C PRO Y 305 39.43 -95.08 37.25
N VAL Y 306 39.93 -94.36 38.26
CA VAL Y 306 41.11 -93.48 38.14
C VAL Y 306 41.95 -93.46 39.41
N LEU Y 307 43.25 -93.19 39.28
CA LEU Y 307 44.16 -92.97 40.41
C LEU Y 307 43.92 -91.58 41.02
N THR Y 308 44.17 -91.47 42.32
CA THR Y 308 44.13 -90.20 43.07
C THR Y 308 45.57 -89.83 43.46
N THR Y 309 45.95 -88.58 43.34
CA THR Y 309 47.35 -88.14 43.48
C THR Y 309 47.53 -87.07 44.55
N TYR Y 310 48.60 -87.19 45.34
CA TYR Y 310 48.81 -86.47 46.58
C TYR Y 310 50.23 -85.89 46.66
N ALA Y 311 50.38 -84.86 47.48
CA ALA Y 311 51.67 -84.31 47.89
C ALA Y 311 51.78 -84.34 49.43
N LEU Y 312 52.86 -84.93 49.94
CA LEU Y 312 53.18 -85.02 51.36
C LEU Y 312 54.40 -84.12 51.68
N ASP Y 313 54.23 -83.20 52.62
CA ASP Y 313 55.23 -82.23 53.09
C ASP Y 313 55.61 -82.52 54.55
N LEU Y 314 56.89 -82.73 54.83
CA LEU Y 314 57.40 -83.02 56.17
C LEU Y 314 57.78 -81.75 56.98
N ASP Y 315 57.54 -80.55 56.47
CA ASP Y 315 57.79 -79.26 57.17
C ASP Y 315 59.23 -79.09 57.69
N GLY Y 316 60.20 -79.74 57.02
CA GLY Y 316 61.60 -79.75 57.44
C GLY Y 316 61.88 -80.50 58.74
N ALA Y 317 60.97 -81.37 59.20
CA ALA Y 317 61.15 -82.15 60.44
C ALA Y 317 62.49 -82.89 60.48
N SER Y 318 63.27 -82.68 61.53
CA SER Y 318 64.63 -83.22 61.65
C SER Y 318 64.73 -84.66 62.18
N ALA Y 319 63.67 -85.23 62.75
CA ALA Y 319 63.68 -86.60 63.29
C ALA Y 319 62.27 -87.22 63.46
N GLY Y 320 62.23 -88.55 63.58
CA GLY Y 320 61.06 -89.32 63.98
C GLY Y 320 60.62 -90.41 62.99
N ASN Y 321 59.43 -90.98 63.23
CA ASN Y 321 58.77 -91.90 62.31
C ASN Y 321 57.27 -91.57 62.16
N PHE Y 322 56.75 -91.67 60.96
CA PHE Y 322 55.34 -91.48 60.64
C PHE Y 322 54.71 -92.81 60.21
N THR Y 323 53.44 -92.80 59.81
CA THR Y 323 52.73 -93.95 59.26
C THR Y 323 51.71 -93.49 58.24
N LEU Y 324 51.40 -94.32 57.24
CA LEU Y 324 50.43 -93.99 56.19
C LEU Y 324 49.27 -94.97 56.23
N SER Y 325 48.09 -94.49 55.92
CA SER Y 325 46.87 -95.29 55.84
C SER Y 325 46.19 -95.08 54.50
N LEU Y 326 45.82 -96.17 53.86
CA LEU Y 326 45.14 -96.19 52.57
C LEU Y 326 43.78 -96.85 52.76
N ASP Y 327 42.71 -96.13 52.43
CA ASP Y 327 41.34 -96.50 52.77
C ASP Y 327 41.22 -96.83 54.28
N GLY Y 328 40.91 -98.06 54.66
CA GLY Y 328 40.88 -98.48 56.07
C GLY Y 328 42.19 -99.07 56.62
N LYS Y 329 43.12 -99.49 55.75
CA LYS Y 329 44.33 -100.23 56.12
C LYS Y 329 45.46 -99.28 56.57
N THR Y 330 46.47 -99.78 57.29
CA THR Y 330 47.58 -98.98 57.84
C THR Y 330 48.96 -99.63 57.59
N SER Y 331 49.97 -98.83 57.23
CA SER Y 331 51.34 -99.31 56.98
C SER Y 331 52.10 -99.70 58.25
N ALA Y 332 53.25 -100.36 58.10
CA ALA Y 332 54.30 -100.35 59.12
C ALA Y 332 54.88 -98.93 59.31
N ASN Y 333 55.64 -98.71 60.39
CA ASN Y 333 56.26 -97.42 60.69
C ASN Y 333 57.25 -96.99 59.60
N ILE Y 334 57.27 -95.69 59.24
CA ILE Y 334 58.10 -95.14 58.17
C ILE Y 334 59.03 -94.05 58.72
N ALA Y 335 60.34 -94.13 58.46
CA ALA Y 335 61.29 -93.10 58.89
C ALA Y 335 61.07 -91.77 58.15
N TYR Y 336 61.20 -90.64 58.87
CA TYR Y 336 60.92 -89.28 58.38
C TYR Y 336 61.69 -88.84 57.13
N ASN Y 337 62.81 -89.50 56.79
CA ASN Y 337 63.69 -89.17 55.68
C ASN Y 337 63.82 -90.31 54.64
N ALA Y 338 62.92 -91.29 54.66
CA ALA Y 338 62.97 -92.49 53.81
C ALA Y 338 63.03 -92.18 52.30
N SER Y 339 63.63 -93.08 51.50
CA SER Y 339 63.72 -92.91 50.04
C SER Y 339 62.37 -93.14 49.33
N THR Y 340 62.21 -92.70 48.08
CA THR Y 340 60.99 -92.94 47.29
C THR Y 340 60.69 -94.44 47.10
N ALA Y 341 61.71 -95.25 46.81
CA ALA Y 341 61.57 -96.71 46.77
C ALA Y 341 61.17 -97.28 48.14
N THR Y 342 61.71 -96.72 49.23
CA THR Y 342 61.37 -97.13 50.60
C THR Y 342 59.89 -96.88 50.87
N VAL Y 343 59.40 -95.65 50.69
CA VAL Y 343 57.98 -95.37 50.98
C VAL Y 343 57.04 -96.13 50.04
N LYS Y 344 57.39 -96.33 48.76
CA LYS Y 344 56.63 -97.23 47.86
C LYS Y 344 56.53 -98.64 48.43
N SER Y 345 57.62 -99.21 48.93
CA SER Y 345 57.61 -100.54 49.56
C SER Y 345 56.76 -100.57 50.83
N ALA Y 346 56.75 -99.51 51.63
CA ALA Y 346 55.90 -99.40 52.81
C ALA Y 346 54.40 -99.30 52.45
N ILE Y 347 54.04 -98.73 51.30
CA ILE Y 347 52.66 -98.69 50.80
C ILE Y 347 52.18 -100.08 50.37
N VAL Y 348 52.91 -100.84 49.55
CA VAL Y 348 52.43 -102.19 49.14
C VAL Y 348 52.37 -103.15 50.32
N ALA Y 349 53.19 -102.92 51.37
CA ALA Y 349 53.13 -103.63 52.64
C ALA Y 349 51.91 -103.28 53.55
N ILE Y 350 50.97 -102.47 53.09
CA ILE Y 350 49.74 -102.08 53.84
C ILE Y 350 48.77 -103.25 54.08
N ASP Y 351 48.91 -104.39 53.39
CA ASP Y 351 47.85 -105.41 53.25
C ASP Y 351 46.61 -104.83 52.55
N ASP Y 352 46.78 -104.54 51.26
CA ASP Y 352 45.71 -104.08 50.38
C ASP Y 352 45.91 -104.68 48.99
N GLY Y 353 44.88 -104.64 48.15
CA GLY Y 353 44.90 -105.13 46.77
C GLY Y 353 45.81 -104.36 45.82
N VAL Y 354 46.43 -103.25 46.26
CA VAL Y 354 47.43 -102.51 45.47
C VAL Y 354 48.72 -103.30 45.27
N SER Y 355 49.42 -103.01 44.18
CA SER Y 355 50.56 -103.77 43.68
C SER Y 355 51.63 -102.86 43.06
N ALA Y 356 52.85 -103.39 42.91
CA ALA Y 356 54.02 -102.61 42.53
C ALA Y 356 53.94 -101.94 41.15
N ASP Y 357 53.03 -102.35 40.28
CA ASP Y 357 52.72 -101.74 38.98
C ASP Y 357 51.67 -100.61 39.07
N ASP Y 358 50.89 -100.51 40.15
CA ASP Y 358 49.97 -99.40 40.39
C ASP Y 358 50.63 -98.22 41.11
N VAL Y 359 51.20 -98.47 42.30
CA VAL Y 359 51.73 -97.40 43.16
C VAL Y 359 52.96 -96.74 42.53
N THR Y 360 53.04 -95.41 42.52
CA THR Y 360 54.20 -94.66 42.00
C THR Y 360 54.50 -93.41 42.84
N VAL Y 361 55.77 -93.04 43.00
CA VAL Y 361 56.26 -92.01 43.94
C VAL Y 361 57.36 -91.13 43.30
N THR Y 362 57.49 -89.87 43.70
CA THR Y 362 58.59 -88.96 43.32
C THR Y 362 58.79 -87.84 44.34
N GLY Y 363 60.01 -87.63 44.84
CA GLY Y 363 60.35 -86.66 45.90
C GLY Y 363 61.76 -86.91 46.46
N SER Y 364 62.17 -86.18 47.50
CA SER Y 364 63.47 -86.41 48.16
C SER Y 364 63.53 -85.77 49.56
N ALA Y 365 63.68 -86.59 50.60
CA ALA Y 365 63.79 -86.16 52.00
C ALA Y 365 62.65 -85.23 52.50
N GLY Y 366 61.51 -85.26 51.82
CA GLY Y 366 60.43 -84.27 51.88
C GLY Y 366 59.74 -84.14 50.52
N ASP Y 367 58.64 -83.38 50.47
CA ASP Y 367 57.87 -83.08 49.25
C ASP Y 367 57.54 -84.31 48.38
N TYR Y 368 57.24 -85.44 49.01
CA TYR Y 368 56.93 -86.71 48.34
C TYR Y 368 55.59 -86.63 47.62
N THR Y 369 55.62 -86.54 46.30
CA THR Y 369 54.43 -86.79 45.47
C THR Y 369 54.18 -88.29 45.33
N ILE Y 370 52.92 -88.71 45.43
CA ILE Y 370 52.52 -90.12 45.32
C ILE Y 370 51.17 -90.24 44.62
N THR Y 371 51.00 -91.27 43.80
CA THR Y 371 49.75 -91.56 43.10
C THR Y 371 49.30 -92.99 43.38
N VAL Y 372 48.02 -93.17 43.74
CA VAL Y 372 47.48 -94.42 44.27
C VAL Y 372 45.96 -94.52 44.03
N PRO Y 373 45.39 -95.70 43.73
CA PRO Y 373 43.95 -95.86 43.52
C PRO Y 373 43.17 -96.01 44.84
N GLY Y 374 43.17 -94.97 45.68
CA GLY Y 374 42.41 -94.96 46.94
C GLY Y 374 42.52 -93.66 47.74
N THR Y 375 41.92 -93.62 48.93
CA THR Y 375 42.00 -92.50 49.88
C THR Y 375 43.23 -92.60 50.77
N LEU Y 376 44.29 -91.84 50.48
CA LEU Y 376 45.53 -91.83 51.26
C LEU Y 376 45.48 -90.79 52.40
N THR Y 377 46.00 -91.12 53.57
CA THR Y 377 46.11 -90.23 54.73
C THR Y 377 47.31 -90.58 55.61
N ALA Y 378 47.74 -89.67 56.48
CA ALA Y 378 48.98 -89.81 57.25
C ALA Y 378 48.79 -89.66 58.77
N ASP Y 379 49.58 -90.41 59.53
CA ASP Y 379 49.72 -90.33 60.97
C ASP Y 379 51.13 -89.81 61.33
N PHE Y 380 51.20 -88.62 61.93
CA PHE Y 380 52.44 -87.97 62.32
C PHE Y 380 52.76 -88.11 63.82
N SER Y 381 52.08 -88.99 64.57
CA SER Y 381 52.22 -89.08 66.03
C SER Y 381 53.66 -89.35 66.50
N GLY Y 382 54.43 -90.13 65.74
CA GLY Y 382 55.84 -90.44 66.03
C GLY Y 382 56.86 -89.49 65.41
N LEU Y 383 56.42 -88.42 64.74
CA LEU Y 383 57.28 -87.41 64.15
C LEU Y 383 57.69 -86.40 65.25
N THR Y 384 58.98 -86.20 65.50
CA THR Y 384 59.47 -85.50 66.71
C THR Y 384 59.79 -84.02 66.48
N ASP Y 385 59.42 -83.47 65.33
CA ASP Y 385 59.73 -82.13 64.87
C ASP Y 385 58.77 -81.72 63.73
N GLY Y 386 58.71 -80.44 63.36
CA GLY Y 386 57.99 -79.99 62.16
C GLY Y 386 56.48 -80.24 62.21
N GLU Y 387 55.80 -79.75 63.25
CA GLU Y 387 54.37 -80.02 63.48
C GLU Y 387 53.44 -79.48 62.36
N GLY Y 388 53.93 -78.63 61.47
CA GLY Y 388 53.22 -78.23 60.26
C GLY Y 388 53.17 -79.29 59.15
N ALA Y 389 53.81 -80.45 59.31
CA ALA Y 389 53.83 -81.52 58.32
C ALA Y 389 52.41 -81.95 57.90
N SER Y 390 52.16 -82.11 56.61
CA SER Y 390 50.81 -82.23 56.04
C SER Y 390 50.78 -82.96 54.69
N ILE Y 391 49.60 -83.50 54.35
CA ILE Y 391 49.32 -84.18 53.08
C ILE Y 391 48.04 -83.62 52.44
N SER Y 392 48.04 -83.46 51.12
CA SER Y 392 46.90 -82.93 50.36
C SER Y 392 46.80 -83.58 48.97
N VAL Y 393 45.60 -83.66 48.40
CA VAL Y 393 45.44 -83.86 46.95
C VAL Y 393 46.07 -82.66 46.22
N VAL Y 394 46.74 -82.88 45.09
CA VAL Y 394 47.56 -81.85 44.41
C VAL Y 394 47.03 -81.46 43.02
N SER Y 395 46.65 -82.44 42.21
CA SER Y 395 45.95 -82.27 40.92
C SER Y 395 45.34 -83.61 40.52
N VAL Y 396 44.47 -83.61 39.52
CA VAL Y 396 44.20 -84.84 38.74
C VAL Y 396 45.46 -85.22 37.96
N GLY Y 397 45.66 -86.51 37.68
CA GLY Y 397 46.83 -87.05 36.95
C GLY Y 397 48.11 -87.15 37.77
N GLY Z 2 49.93 -55.41 45.50
CA GLY Z 2 49.71 -53.96 45.62
C GLY Z 2 50.88 -53.30 46.32
N PHE Z 3 50.67 -52.13 46.93
CA PHE Z 3 51.68 -51.45 47.74
C PHE Z 3 52.03 -52.22 49.03
N SER Z 4 53.11 -51.82 49.71
CA SER Z 4 53.46 -52.38 51.02
C SER Z 4 52.34 -52.18 52.04
N ALA Z 5 52.20 -53.07 53.01
CA ALA Z 5 51.48 -52.73 54.23
C ALA Z 5 52.12 -51.49 54.89
N ASP Z 6 51.30 -50.57 55.38
CA ASP Z 6 51.72 -49.27 55.89
C ASP Z 6 52.64 -48.49 54.94
N HIS Z 7 52.30 -48.43 53.65
CA HIS Z 7 53.02 -47.61 52.69
C HIS Z 7 52.96 -46.13 53.07
N SER Z 8 54.08 -45.42 52.97
CA SER Z 8 54.24 -44.09 53.56
C SER Z 8 53.44 -42.96 52.90
N GLN Z 9 52.67 -43.23 51.85
CA GLN Z 9 51.92 -42.21 51.13
C GLN Z 9 50.44 -42.56 50.86
N ILE Z 10 49.95 -43.73 51.27
CA ILE Z 10 48.56 -44.17 51.06
C ILE Z 10 48.00 -44.75 52.36
N ALA Z 11 46.77 -44.40 52.72
CA ALA Z 11 46.06 -44.99 53.85
C ALA Z 11 45.26 -46.23 53.44
N GLN Z 12 45.81 -47.43 53.60
CA GLN Z 12 45.14 -48.69 53.28
C GLN Z 12 44.52 -49.32 54.51
N THR Z 13 43.49 -50.16 54.39
CA THR Z 13 42.91 -50.79 55.57
C THR Z 13 43.88 -51.76 56.24
N LYS Z 14 44.83 -52.35 55.50
CA LYS Z 14 45.91 -53.14 56.11
C LYS Z 14 46.91 -52.35 56.96
N ASP Z 15 46.90 -51.02 56.96
CA ASP Z 15 47.89 -50.22 57.70
C ASP Z 15 47.75 -50.38 59.21
N THR Z 16 48.86 -50.50 59.93
CA THR Z 16 48.85 -50.91 61.35
C THR Z 16 48.12 -49.92 62.27
N MET Z 17 48.03 -48.66 61.89
CA MET Z 17 47.32 -47.64 62.66
C MET Z 17 45.81 -47.91 62.79
N PHE Z 18 45.24 -48.79 61.96
CA PHE Z 18 43.85 -49.20 62.07
C PHE Z 18 43.65 -50.47 62.89
N THR Z 19 44.69 -51.12 63.41
CA THR Z 19 44.50 -52.26 64.32
C THR Z 19 43.70 -51.83 65.55
N GLY Z 20 42.79 -52.68 66.00
CA GLY Z 20 41.81 -52.33 67.04
C GLY Z 20 40.59 -51.55 66.51
N TYR Z 21 40.55 -51.23 65.22
CA TYR Z 21 39.34 -50.98 64.46
C TYR Z 21 39.22 -52.06 63.38
N LEU Z 22 38.22 -51.97 62.51
CA LEU Z 22 38.09 -52.86 61.34
C LEU Z 22 38.07 -54.35 61.70
N ASP Z 23 37.59 -54.69 62.89
CA ASP Z 23 37.48 -56.07 63.39
C ASP Z 23 36.43 -56.89 62.61
N PRO Z 24 36.59 -58.22 62.52
CA PRO Z 24 35.56 -59.10 62.00
C PRO Z 24 34.39 -59.20 62.99
N VAL Z 25 33.17 -59.30 62.49
CA VAL Z 25 31.96 -59.43 63.31
C VAL Z 25 31.79 -60.87 63.81
N GLN Z 26 31.35 -61.09 65.04
CA GLN Z 26 31.05 -62.44 65.52
C GLN Z 26 29.74 -62.98 64.93
N ALA Z 27 29.71 -64.24 64.54
CA ALA Z 27 28.52 -64.89 63.97
C ALA Z 27 28.12 -66.17 64.72
N LYS Z 28 26.88 -66.60 64.56
CA LYS Z 28 26.40 -67.91 65.04
C LYS Z 28 27.23 -69.04 64.44
N ASP Z 29 27.45 -70.13 65.17
CA ASP Z 29 28.11 -71.31 64.64
C ASP Z 29 27.24 -72.02 63.59
N TYR Z 30 27.48 -71.74 62.31
CA TYR Z 30 26.75 -72.36 61.22
C TYR Z 30 27.00 -73.86 61.05
N PHE Z 31 27.95 -74.45 61.75
CA PHE Z 31 28.32 -75.86 61.63
C PHE Z 31 28.02 -76.65 62.90
N ALA Z 32 27.24 -76.10 63.82
CA ALA Z 32 26.92 -76.75 65.09
C ALA Z 32 26.16 -78.07 64.89
N GLU Z 33 26.71 -79.18 65.40
CA GLU Z 33 25.97 -80.43 65.52
C GLU Z 33 25.01 -80.36 66.71
N ALA Z 34 23.74 -80.67 66.51
CA ALA Z 34 22.74 -80.75 67.58
C ALA Z 34 23.06 -81.91 68.54
N GLU Z 35 22.76 -81.73 69.83
CA GLU Z 35 23.25 -82.65 70.86
C GLU Z 35 22.67 -84.05 70.71
N LYS Z 36 23.53 -85.07 70.66
CA LYS Z 36 23.12 -86.47 70.55
C LYS Z 36 22.53 -86.94 71.88
N THR Z 37 21.35 -87.56 71.84
CA THR Z 37 20.60 -88.00 73.03
C THR Z 37 20.26 -89.48 72.98
N SER Z 38 20.27 -90.12 74.16
CA SER Z 38 20.29 -91.58 74.33
C SER Z 38 19.34 -92.35 73.42
N ILE Z 39 19.83 -93.43 72.82
CA ILE Z 39 18.97 -94.39 72.13
C ILE Z 39 18.42 -95.45 73.08
N VAL Z 40 19.17 -95.85 74.10
CA VAL Z 40 18.71 -96.92 75.00
C VAL Z 40 17.48 -96.47 75.77
N GLN Z 41 17.46 -95.21 76.23
CA GLN Z 41 16.29 -94.65 76.89
C GLN Z 41 15.05 -94.54 75.98
N ARG Z 42 15.21 -94.63 74.66
CA ARG Z 42 14.09 -94.62 73.71
C ARG Z 42 13.52 -96.03 73.47
N VAL Z 43 14.36 -97.06 73.41
CA VAL Z 43 13.90 -98.43 73.12
C VAL Z 43 13.55 -99.25 74.38
N ALA Z 44 14.22 -99.02 75.50
CA ALA Z 44 14.04 -99.82 76.71
C ALA Z 44 12.83 -99.38 77.54
N GLN Z 45 12.15 -100.33 78.18
CA GLN Z 45 11.00 -100.04 79.03
C GLN Z 45 11.42 -99.35 80.32
N LYS Z 46 10.92 -98.14 80.60
CA LYS Z 46 11.22 -97.44 81.85
C LYS Z 46 10.43 -98.04 83.01
N ILE Z 47 11.02 -98.10 84.19
CA ILE Z 47 10.37 -98.56 85.43
C ILE Z 47 10.61 -97.58 86.58
N PRO Z 48 9.76 -97.57 87.62
CA PRO Z 48 10.06 -96.87 88.87
C PRO Z 48 11.35 -97.42 89.47
N MET Z 49 12.11 -96.59 90.19
CA MET Z 49 13.36 -97.01 90.82
C MET Z 49 13.58 -96.24 92.12
N GLY Z 50 13.44 -96.92 93.26
CA GLY Z 50 13.83 -96.36 94.55
C GLY Z 50 15.35 -96.35 94.69
N ALA Z 51 15.89 -95.53 95.58
CA ALA Z 51 17.32 -95.54 95.86
C ALA Z 51 17.82 -96.90 96.38
N THR Z 52 16.93 -97.72 96.95
CA THR Z 52 17.25 -99.08 97.42
C THR Z 52 17.07 -100.14 96.33
N GLY Z 53 16.74 -99.77 95.09
CA GLY Z 53 16.60 -100.73 94.00
C GLY Z 53 15.33 -101.59 94.09
N ILE Z 54 15.24 -102.63 93.27
CA ILE Z 54 14.09 -103.52 93.21
C ILE Z 54 14.48 -104.99 93.15
N VAL Z 55 13.57 -105.88 93.58
CA VAL Z 55 13.67 -107.34 93.40
C VAL Z 55 12.53 -107.84 92.52
N ILE Z 56 12.88 -108.62 91.51
CA ILE Z 56 12.00 -109.06 90.44
C ILE Z 56 11.80 -110.56 90.57
N PRO Z 57 10.57 -111.05 90.78
CA PRO Z 57 10.26 -112.47 90.94
C PRO Z 57 10.11 -113.16 89.58
N HIS Z 58 10.24 -114.48 89.54
CA HIS Z 58 10.08 -115.31 88.34
C HIS Z 58 9.68 -116.74 88.69
N TRP Z 59 9.02 -117.44 87.76
CA TRP Z 59 8.62 -118.84 87.89
C TRP Z 59 9.49 -119.76 87.02
N THR Z 60 9.92 -120.89 87.58
CA THR Z 60 10.84 -121.82 86.90
C THR Z 60 10.42 -123.29 87.00
N GLY Z 61 9.34 -123.59 87.71
CA GLY Z 61 8.89 -124.96 87.96
C GLY Z 61 8.42 -125.68 86.70
N ASP Z 62 9.06 -126.81 86.38
CA ASP Z 62 8.63 -127.76 85.35
C ASP Z 62 7.54 -128.70 85.89
N VAL Z 63 6.37 -128.16 86.18
CA VAL Z 63 5.21 -128.91 86.71
C VAL Z 63 4.72 -129.94 85.71
N SER Z 64 4.27 -131.11 86.20
CA SER Z 64 4.01 -132.28 85.34
C SER Z 64 2.78 -133.12 85.74
N ALA Z 65 2.26 -133.88 84.78
CA ALA Z 65 1.16 -134.83 84.95
C ALA Z 65 1.32 -136.00 83.98
N GLN Z 66 0.75 -137.17 84.30
CA GLN Z 66 0.90 -138.37 83.46
C GLN Z 66 -0.43 -139.06 83.16
N TRP Z 67 -0.53 -139.70 82.00
CA TRP Z 67 -1.63 -140.62 81.72
C TRP Z 67 -1.55 -141.84 82.61
N ILE Z 68 -2.69 -142.35 83.07
CA ILE Z 68 -2.76 -143.53 83.94
C ILE Z 68 -3.97 -144.41 83.59
N GLY Z 69 -3.90 -145.70 83.85
CA GLY Z 69 -5.06 -146.59 83.88
C GLY Z 69 -5.74 -146.53 85.24
N GLU Z 70 -7.04 -146.84 85.34
CA GLU Z 70 -7.66 -146.89 86.66
C GLU Z 70 -7.02 -147.98 87.51
N GLY Z 71 -6.80 -147.69 88.79
CA GLY Z 71 -6.07 -148.58 89.68
C GLY Z 71 -4.54 -148.52 89.52
N ASP Z 72 -4.01 -147.68 88.64
CA ASP Z 72 -2.63 -147.21 88.80
C ASP Z 72 -2.57 -146.17 89.93
N MET Z 73 -1.39 -145.95 90.50
CA MET Z 73 -1.20 -145.00 91.60
C MET Z 73 -0.56 -143.70 91.08
N LYS Z 74 -1.20 -142.57 91.37
CA LYS Z 74 -0.98 -141.26 90.74
C LYS Z 74 0.42 -140.68 91.03
N PRO Z 75 1.05 -139.95 90.11
CA PRO Z 75 2.38 -139.38 90.28
C PRO Z 75 2.36 -138.10 91.15
N ILE Z 76 3.51 -137.66 91.64
CA ILE Z 76 3.67 -136.43 92.44
C ILE Z 76 4.57 -135.43 91.71
N THR Z 77 4.30 -134.13 91.82
CA THR Z 77 5.06 -133.07 91.15
C THR Z 77 5.25 -131.82 92.03
N LYS Z 78 6.27 -131.00 91.78
CA LYS Z 78 6.65 -129.85 92.63
C LYS Z 78 7.01 -128.64 91.77
N GLY Z 79 6.53 -127.46 92.12
CA GLY Z 79 6.88 -126.22 91.41
C GLY Z 79 8.27 -125.70 91.76
N ASN Z 80 8.67 -124.58 91.17
CA ASN Z 80 9.90 -123.87 91.52
C ASN Z 80 9.81 -122.38 91.14
N MET Z 81 10.56 -121.53 91.85
CA MET Z 81 10.51 -120.07 91.73
C MET Z 81 11.90 -119.48 91.92
N THR Z 82 12.10 -118.24 91.49
CA THR Z 82 13.38 -117.55 91.70
C THR Z 82 13.20 -116.03 91.70
N LYS Z 83 14.21 -115.27 92.09
CA LYS Z 83 14.19 -113.81 92.17
C LYS Z 83 15.58 -113.22 91.91
N ARG Z 84 15.63 -112.02 91.34
CA ARG Z 84 16.85 -111.28 90.98
C ARG Z 84 16.68 -109.81 91.29
N ASP Z 85 17.75 -109.09 91.61
CA ASP Z 85 17.66 -107.71 92.08
C ASP Z 85 18.56 -106.73 91.31
N VAL Z 86 18.11 -105.48 91.24
CA VAL Z 86 18.69 -104.39 90.45
C VAL Z 86 18.86 -103.18 91.35
N HIS Z 87 20.01 -102.52 91.29
CA HIS Z 87 20.30 -101.35 92.12
C HIS Z 87 20.79 -100.19 91.27
N PRO Z 88 20.39 -98.95 91.55
CA PRO Z 88 20.88 -97.80 90.80
C PRO Z 88 22.32 -97.46 91.16
N ALA Z 89 23.03 -96.79 90.26
CA ALA Z 89 24.38 -96.28 90.44
C ALA Z 89 24.45 -94.78 90.10
N LYS Z 90 25.31 -94.05 90.81
CA LYS Z 90 25.52 -92.61 90.67
C LYS Z 90 26.47 -92.31 89.52
N ILE Z 91 26.20 -91.26 88.76
CA ILE Z 91 27.14 -90.61 87.85
C ILE Z 91 27.22 -89.13 88.20
N ALA Z 92 28.41 -88.53 88.22
CA ALA Z 92 28.59 -87.20 88.78
C ALA Z 92 29.80 -86.44 88.19
N THR Z 93 29.79 -85.11 88.30
CA THR Z 93 30.89 -84.24 87.84
C THR Z 93 30.81 -82.86 88.49
N ILE Z 94 31.91 -82.11 88.49
CA ILE Z 94 32.00 -80.72 88.97
C ILE Z 94 32.70 -79.88 87.89
N PHE Z 95 32.29 -78.63 87.72
CA PHE Z 95 33.03 -77.66 86.92
C PHE Z 95 33.20 -76.34 87.66
N VAL Z 96 34.31 -75.63 87.42
CA VAL Z 96 34.77 -74.52 88.26
C VAL Z 96 35.18 -73.32 87.43
N ALA Z 97 34.89 -72.12 87.91
CA ALA Z 97 35.18 -70.88 87.21
C ALA Z 97 35.55 -69.75 88.17
N SER Z 98 36.37 -68.80 87.76
CA SER Z 98 36.60 -67.59 88.57
C SER Z 98 35.34 -66.76 88.72
N ALA Z 99 35.21 -65.99 89.79
CA ALA Z 99 34.07 -65.12 90.00
C ALA Z 99 33.90 -64.12 88.86
N GLU Z 100 35.00 -63.59 88.30
CA GLU Z 100 34.91 -62.69 87.16
C GLU Z 100 34.41 -63.38 85.88
N THR Z 101 34.78 -64.63 85.62
CA THR Z 101 34.15 -65.35 84.50
C THR Z 101 32.69 -65.68 84.79
N VAL Z 102 32.30 -65.95 86.03
CA VAL Z 102 30.88 -66.08 86.39
C VAL Z 102 30.12 -64.77 86.20
N ARG Z 103 30.71 -63.64 86.56
CA ARG Z 103 30.09 -62.31 86.44
C ARG Z 103 29.95 -61.91 84.98
N ALA Z 104 30.95 -62.18 84.15
CA ALA Z 104 30.91 -61.85 82.73
C ALA Z 104 30.15 -62.86 81.87
N ASN Z 105 30.17 -64.15 82.24
CA ASN Z 105 29.60 -65.26 81.48
C ASN Z 105 29.90 -65.18 79.96
N PRO Z 106 31.18 -65.12 79.56
CA PRO Z 106 31.56 -64.89 78.18
C PRO Z 106 31.03 -65.98 77.27
N ALA Z 107 30.46 -65.59 76.13
CA ALA Z 107 29.83 -66.49 75.16
C ALA Z 107 28.85 -67.50 75.77
N ASN Z 108 28.20 -67.14 76.88
CA ASN Z 108 27.36 -68.02 77.67
C ASN Z 108 28.04 -69.35 78.02
N TYR Z 109 29.34 -69.33 78.34
CA TYR Z 109 30.06 -70.54 78.72
C TYR Z 109 29.37 -71.30 79.84
N LEU Z 110 28.88 -70.64 80.88
CA LEU Z 110 28.19 -71.32 81.98
C LEU Z 110 26.95 -72.07 81.48
N GLY Z 111 26.06 -71.37 80.74
CA GLY Z 111 24.83 -71.97 80.23
C GLY Z 111 25.09 -73.05 79.19
N THR Z 112 26.16 -72.93 78.41
CA THR Z 112 26.59 -73.99 77.50
C THR Z 112 27.00 -75.21 78.28
N MET Z 113 27.88 -75.04 79.27
CA MET Z 113 28.47 -76.13 80.03
C MET Z 113 27.41 -77.02 80.67
N ARG Z 114 26.34 -76.45 81.22
CA ARG Z 114 25.25 -77.24 81.82
C ARG Z 114 24.59 -78.19 80.83
N THR Z 115 24.40 -77.78 79.58
CA THR Z 115 23.87 -78.71 78.56
C THR Z 115 24.91 -79.75 78.15
N LYS Z 116 26.20 -79.40 78.11
CA LYS Z 116 27.24 -80.35 77.74
C LYS Z 116 27.38 -81.45 78.80
N VAL Z 117 27.41 -81.14 80.08
CA VAL Z 117 27.45 -82.19 81.10
C VAL Z 117 26.18 -83.04 81.06
N ALA Z 118 25.00 -82.44 80.86
CA ALA Z 118 23.77 -83.23 80.76
C ALA Z 118 23.83 -84.20 79.56
N THR Z 119 24.38 -83.76 78.44
CA THR Z 119 24.57 -84.61 77.26
C THR Z 119 25.59 -85.71 77.51
N ALA Z 120 26.74 -85.39 78.11
CA ALA Z 120 27.75 -86.40 78.42
C ALA Z 120 27.20 -87.46 79.35
N ILE Z 121 26.41 -87.07 80.35
CA ILE Z 121 25.75 -88.00 81.27
C ILE Z 121 24.78 -88.90 80.50
N ALA Z 122 24.02 -88.38 79.53
CA ALA Z 122 23.16 -89.23 78.72
C ALA Z 122 23.97 -90.21 77.85
N MET Z 123 25.01 -89.75 77.15
CA MET Z 123 25.81 -90.64 76.30
C MET Z 123 26.55 -91.70 77.11
N ALA Z 124 26.98 -91.38 78.32
CA ALA Z 124 27.57 -92.38 79.20
C ALA Z 124 26.60 -93.52 79.52
N PHE Z 125 25.29 -93.25 79.62
CA PHE Z 125 24.31 -94.31 79.84
C PHE Z 125 24.20 -95.25 78.64
N ASP Z 126 24.16 -94.74 77.42
CA ASP Z 126 24.20 -95.61 76.24
C ASP Z 126 25.48 -96.45 76.20
N ASN Z 127 26.65 -95.86 76.38
CA ASN Z 127 27.90 -96.61 76.28
C ASN Z 127 28.03 -97.64 77.40
N ALA Z 128 27.51 -97.35 78.59
CA ALA Z 128 27.43 -98.34 79.65
C ALA Z 128 26.42 -99.45 79.35
N ALA Z 129 25.35 -99.16 78.60
CA ALA Z 129 24.30 -100.12 78.33
C ALA Z 129 24.55 -100.99 77.10
N LEU Z 130 25.03 -100.40 76.01
CA LEU Z 130 25.28 -101.11 74.77
C LEU Z 130 26.57 -101.90 74.87
N HIS Z 131 27.70 -101.22 74.84
CA HIS Z 131 29.01 -101.86 74.75
C HIS Z 131 29.65 -102.15 76.10
N GLY Z 132 29.04 -101.69 77.19
CA GLY Z 132 29.55 -101.93 78.54
C GLY Z 132 30.86 -101.19 78.83
N THR Z 133 31.13 -100.05 78.19
CA THR Z 133 32.48 -99.46 78.13
C THR Z 133 33.05 -99.11 79.50
N ASN Z 134 32.24 -98.52 80.38
CA ASN Z 134 32.64 -98.09 81.72
C ASN Z 134 31.55 -98.39 82.73
N ALA Z 135 30.68 -99.36 82.46
CA ALA Z 135 29.47 -99.56 83.22
C ALA Z 135 29.79 -99.79 84.71
N PRO Z 136 29.04 -99.17 85.63
CA PRO Z 136 29.23 -99.40 87.05
C PRO Z 136 28.86 -100.82 87.41
N SER Z 137 29.40 -101.33 88.50
CA SER Z 137 29.22 -102.74 88.90
C SER Z 137 27.77 -103.18 89.00
N ALA Z 138 26.86 -102.26 89.34
CA ALA Z 138 25.45 -102.55 89.54
C ALA Z 138 24.63 -102.74 88.25
N PHE Z 139 25.14 -102.38 87.07
CA PHE Z 139 24.41 -102.61 85.82
C PHE Z 139 24.43 -104.09 85.47
N GLN Z 140 23.27 -104.72 85.38
CA GLN Z 140 23.17 -106.15 85.16
C GLN Z 140 23.22 -106.47 83.66
N GLY Z 141 24.43 -106.73 83.14
CA GLY Z 141 24.68 -107.07 81.74
C GLY Z 141 24.66 -105.88 80.77
N TYR Z 142 25.19 -106.09 79.56
CA TYR Z 142 25.28 -105.07 78.50
C TYR Z 142 25.08 -105.71 77.13
N LEU Z 143 24.57 -104.95 76.15
CA LEU Z 143 23.98 -105.53 74.95
C LEU Z 143 24.98 -106.27 74.04
N ASP Z 144 26.20 -105.78 73.95
CA ASP Z 144 27.28 -106.42 73.19
C ASP Z 144 27.73 -107.77 73.80
N GLN Z 145 27.32 -108.08 75.03
CA GLN Z 145 27.66 -109.33 75.72
C GLN Z 145 26.96 -110.57 75.13
N SER Z 146 26.10 -110.41 74.12
CA SER Z 146 25.42 -111.50 73.42
C SER Z 146 26.38 -112.56 72.88
N ASN Z 147 25.97 -113.83 72.93
CA ASN Z 147 26.74 -114.93 72.35
C ASN Z 147 26.57 -115.14 70.85
N LYS Z 148 25.76 -114.35 70.13
CA LYS Z 148 25.37 -114.66 68.73
C LYS Z 148 25.43 -113.49 67.76
N THR Z 149 25.96 -113.78 66.56
CA THR Z 149 26.34 -112.77 65.55
C THR Z 149 25.87 -113.17 64.17
N GLN Z 150 25.46 -112.21 63.33
CA GLN Z 150 25.12 -112.46 61.94
C GLN Z 150 25.72 -111.39 61.03
N SER Z 151 26.37 -111.81 59.96
CA SER Z 151 26.79 -110.90 58.91
C SER Z 151 25.63 -110.48 58.01
N ILE Z 152 25.52 -109.21 57.65
CA ILE Z 152 24.43 -108.70 56.81
C ILE Z 152 24.87 -108.11 55.48
N SER Z 153 26.17 -108.01 55.21
CA SER Z 153 26.68 -107.16 54.13
C SER Z 153 26.37 -107.59 52.68
N PRO Z 154 26.30 -108.87 52.29
CA PRO Z 154 26.08 -109.19 50.88
C PRO Z 154 24.63 -108.92 50.45
N ASN Z 155 23.64 -109.25 51.29
CA ASN Z 155 22.23 -109.02 51.04
C ASN Z 155 21.46 -108.98 52.37
N ALA Z 156 21.08 -107.79 52.82
CA ALA Z 156 20.48 -107.63 54.14
C ALA Z 156 19.15 -108.38 54.33
N TYR Z 157 18.36 -108.63 53.29
CA TYR Z 157 17.13 -109.41 53.47
C TYR Z 157 17.43 -110.84 53.88
N GLN Z 158 18.34 -111.51 53.19
CA GLN Z 158 18.83 -112.84 53.59
C GLN Z 158 19.56 -112.80 54.93
N GLY Z 159 20.17 -111.66 55.25
CA GLY Z 159 20.78 -111.37 56.55
C GLY Z 159 19.76 -111.38 57.69
N LEU Z 160 18.85 -110.42 57.74
CA LEU Z 160 17.88 -110.29 58.84
C LEU Z 160 16.79 -111.36 58.75
N GLY Z 161 16.07 -111.39 57.63
CA GLY Z 161 14.79 -112.06 57.51
C GLY Z 161 14.85 -113.58 57.43
N VAL Z 162 16.03 -114.15 57.22
CA VAL Z 162 16.19 -115.59 57.02
C VAL Z 162 17.29 -116.14 57.91
N SER Z 163 18.56 -115.86 57.59
CA SER Z 163 19.67 -116.44 58.33
C SER Z 163 19.73 -115.93 59.77
N GLY Z 164 19.68 -114.62 59.99
CA GLY Z 164 19.71 -114.01 61.31
C GLY Z 164 18.54 -114.46 62.16
N LEU Z 165 17.32 -114.34 61.65
CA LEU Z 165 16.11 -114.77 62.35
C LEU Z 165 16.19 -116.24 62.80
N THR Z 166 16.82 -117.11 62.03
CA THR Z 166 17.02 -118.52 62.42
C THR Z 166 17.79 -118.63 63.74
N LYS Z 167 18.80 -117.79 63.97
CA LYS Z 167 19.58 -117.80 65.23
C LYS Z 167 18.78 -117.33 66.44
N LEU Z 168 17.65 -116.65 66.27
CA LEU Z 168 16.75 -116.28 67.35
C LEU Z 168 15.71 -117.35 67.59
N VAL Z 169 14.96 -117.76 66.57
CA VAL Z 169 13.87 -118.74 66.77
C VAL Z 169 14.37 -120.14 67.10
N THR Z 170 15.60 -120.49 66.77
CA THR Z 170 16.19 -121.78 67.20
C THR Z 170 16.29 -121.88 68.73
N ASP Z 171 16.39 -120.76 69.43
CA ASP Z 171 16.32 -120.67 70.90
C ASP Z 171 14.99 -120.08 71.40
N GLY Z 172 13.99 -119.93 70.53
CA GLY Z 172 12.67 -119.40 70.87
C GLY Z 172 12.62 -117.92 71.24
N LYS Z 173 13.72 -117.18 71.12
CA LYS Z 173 13.74 -115.74 71.40
C LYS Z 173 13.00 -115.01 70.27
N LYS Z 174 12.15 -114.05 70.58
CA LYS Z 174 11.18 -113.48 69.61
C LYS Z 174 11.76 -112.24 68.92
N TRP Z 175 12.09 -112.30 67.63
CA TRP Z 175 12.55 -111.09 66.92
C TRP Z 175 11.45 -110.03 66.90
N THR Z 176 11.65 -108.89 67.56
CA THR Z 176 10.57 -107.92 67.81
C THR Z 176 10.92 -106.50 67.40
N HIS Z 177 12.18 -106.08 67.53
CA HIS Z 177 12.69 -104.83 66.96
C HIS Z 177 14.08 -105.03 66.38
N THR Z 178 14.50 -104.10 65.54
CA THR Z 178 15.89 -104.01 65.10
C THR Z 178 16.39 -102.58 65.21
N LEU Z 179 17.63 -102.41 65.65
CA LEU Z 179 18.28 -101.13 65.89
C LEU Z 179 19.52 -101.07 65.02
N LEU Z 180 19.59 -100.13 64.07
CA LEU Z 180 20.71 -100.01 63.14
C LEU Z 180 21.41 -98.66 63.26
N ASP Z 181 22.72 -98.67 63.13
CA ASP Z 181 23.48 -97.44 62.96
C ASP Z 181 23.25 -96.81 61.59
N ASP Z 182 23.33 -95.49 61.47
CA ASP Z 182 23.19 -94.80 60.19
C ASP Z 182 24.23 -95.29 59.14
N THR Z 183 25.37 -95.83 59.57
CA THR Z 183 26.35 -96.47 58.68
C THR Z 183 25.83 -97.73 57.98
N VAL Z 184 24.67 -98.26 58.36
CA VAL Z 184 24.04 -99.39 57.67
C VAL Z 184 23.37 -99.00 56.37
N GLU Z 185 23.10 -97.73 56.09
CA GLU Z 185 22.36 -97.35 54.88
C GLU Z 185 22.92 -97.93 53.57
N PRO Z 186 24.23 -97.90 53.28
CA PRO Z 186 24.77 -98.48 52.06
C PRO Z 186 24.77 -100.01 52.01
N VAL Z 187 24.13 -100.72 52.95
CA VAL Z 187 23.77 -102.13 52.76
C VAL Z 187 22.27 -102.38 52.75
N LEU Z 188 21.43 -101.37 52.97
CA LEU Z 188 20.00 -101.44 52.61
C LEU Z 188 19.76 -100.83 51.23
N ASN Z 189 20.45 -99.74 50.89
CA ASN Z 189 20.76 -99.50 49.49
C ASN Z 189 21.66 -100.65 49.03
N GLY Z 190 21.68 -100.97 47.75
CA GLY Z 190 22.18 -102.30 47.39
C GLY Z 190 21.26 -103.35 48.00
N SER Z 191 21.78 -104.49 48.44
CA SER Z 191 20.95 -105.66 48.74
C SER Z 191 19.99 -106.01 47.60
N VAL Z 192 20.49 -105.91 46.38
CA VAL Z 192 19.74 -106.16 45.15
C VAL Z 192 19.34 -107.62 45.00
N ASP Z 193 18.31 -107.88 44.21
CA ASP Z 193 18.00 -109.22 43.71
C ASP Z 193 19.01 -109.67 42.64
N ALA Z 194 18.90 -110.89 42.12
CA ALA Z 194 19.83 -111.40 41.12
C ALA Z 194 19.73 -110.69 39.76
N ASN Z 195 18.68 -109.90 39.50
CA ASN Z 195 18.63 -109.02 38.33
C ASN Z 195 19.24 -107.65 38.61
N GLY Z 196 19.74 -107.40 39.81
CA GLY Z 196 20.39 -106.14 40.14
C GLY Z 196 19.43 -105.01 40.46
N ARG Z 197 18.13 -105.25 40.65
CA ARG Z 197 17.20 -104.23 41.17
C ARG Z 197 17.15 -104.30 42.69
N PRO Z 198 16.92 -103.20 43.41
CA PRO Z 198 16.93 -103.19 44.86
C PRO Z 198 15.72 -103.90 45.47
N LEU Z 199 15.83 -104.29 46.73
CA LEU Z 199 14.71 -104.87 47.49
C LEU Z 199 13.91 -103.81 48.27
N PHE Z 200 14.57 -102.97 49.07
CA PHE Z 200 13.89 -102.11 50.04
C PHE Z 200 13.40 -100.75 49.52
N VAL Z 201 13.40 -100.52 48.21
CA VAL Z 201 12.86 -99.31 47.57
C VAL Z 201 12.34 -99.65 46.18
N GLU Z 202 11.35 -98.94 45.67
CA GLU Z 202 10.55 -99.38 44.53
C GLU Z 202 10.35 -98.32 43.45
N SER Z 203 9.87 -98.73 42.28
CA SER Z 203 9.63 -97.88 41.10
C SER Z 203 10.90 -97.15 40.67
N THR Z 204 10.84 -95.90 40.21
CA THR Z 204 12.07 -95.11 40.07
C THR Z 204 12.61 -94.80 41.45
N TYR Z 205 13.88 -95.11 41.71
CA TYR Z 205 14.45 -95.09 43.05
C TYR Z 205 14.68 -93.67 43.54
N GLU Z 206 13.73 -93.16 44.31
CA GLU Z 206 13.51 -91.74 44.56
C GLU Z 206 12.95 -91.47 45.97
N SER Z 207 13.27 -92.34 46.92
CA SER Z 207 13.03 -92.17 48.35
C SER Z 207 14.16 -92.82 49.15
N LEU Z 208 14.23 -92.60 50.47
CA LEU Z 208 14.98 -93.53 51.31
C LEU Z 208 14.35 -94.93 51.20
N THR Z 209 15.16 -95.97 51.35
CA THR Z 209 14.67 -97.33 51.55
C THR Z 209 13.83 -97.40 52.81
N THR Z 210 12.72 -98.14 52.81
CA THR Z 210 11.71 -98.01 53.86
C THR Z 210 12.23 -98.16 55.30
N PRO Z 211 13.23 -98.98 55.64
CA PRO Z 211 13.74 -99.03 57.00
C PRO Z 211 14.37 -97.71 57.45
N PHE Z 212 15.00 -96.99 56.52
CA PHE Z 212 15.53 -95.65 56.78
C PHE Z 212 14.48 -94.55 56.77
N ARG Z 213 13.21 -94.87 56.52
CA ARG Z 213 12.06 -94.03 56.94
C ARG Z 213 11.51 -94.43 58.30
N GLU Z 214 12.28 -95.18 59.08
CA GLU Z 214 11.80 -95.85 60.31
C GLU Z 214 10.56 -96.74 60.05
N GLY Z 215 10.43 -97.26 58.83
CA GLY Z 215 9.44 -98.29 58.52
C GLY Z 215 9.82 -99.63 59.13
N ARG Z 216 8.85 -100.55 59.21
CA ARG Z 216 9.09 -101.92 59.66
C ARG Z 216 9.68 -102.80 58.56
N ILE Z 217 10.43 -103.82 58.95
CA ILE Z 217 10.88 -104.92 58.08
C ILE Z 217 10.17 -106.19 58.53
N LEU Z 218 9.50 -106.91 57.64
CA LEU Z 218 8.87 -108.19 57.97
C LEU Z 218 8.05 -108.13 59.27
N GLY Z 219 7.29 -107.05 59.45
CA GLY Z 219 6.50 -106.75 60.65
C GLY Z 219 7.24 -105.96 61.73
N ARG Z 220 8.53 -106.19 61.94
CA ARG Z 220 9.30 -105.66 63.07
C ARG Z 220 9.70 -104.20 62.83
N PRO Z 221 9.38 -103.24 63.72
CA PRO Z 221 9.83 -101.86 63.62
C PRO Z 221 11.34 -101.71 63.54
N THR Z 222 11.80 -100.64 62.90
CA THR Z 222 13.20 -100.25 62.81
C THR Z 222 13.48 -99.06 63.71
N ILE Z 223 14.56 -99.10 64.46
CA ILE Z 223 15.06 -97.98 65.25
C ILE Z 223 16.41 -97.55 64.66
N LEU Z 224 16.72 -96.25 64.62
CA LEU Z 224 17.96 -95.75 64.03
C LEU Z 224 18.75 -94.87 64.99
N SER Z 225 20.06 -94.87 64.88
CA SER Z 225 20.96 -93.97 65.63
C SER Z 225 22.20 -93.66 64.80
N ASP Z 226 22.81 -92.50 64.99
CA ASP Z 226 24.09 -92.17 64.38
C ASP Z 226 25.28 -92.49 65.31
N HIS Z 227 25.06 -93.23 66.39
CA HIS Z 227 26.07 -93.52 67.41
C HIS Z 227 25.88 -94.88 68.12
N VAL Z 228 25.26 -95.86 67.46
CA VAL Z 228 25.10 -97.21 68.03
C VAL Z 228 26.15 -98.20 67.55
N ALA Z 229 26.76 -97.98 66.39
CA ALA Z 229 27.85 -98.84 65.92
C ALA Z 229 29.08 -98.71 66.81
N GLU Z 230 29.81 -99.82 67.00
CA GLU Z 230 31.19 -99.80 67.48
C GLU Z 230 31.92 -101.04 66.98
N GLY Z 231 33.22 -100.94 66.69
CA GLY Z 231 33.97 -102.05 66.12
C GLY Z 231 33.30 -102.60 64.87
N ASP Z 232 33.07 -103.91 64.81
CA ASP Z 232 32.35 -104.54 63.69
C ASP Z 232 30.82 -104.48 63.83
N VAL Z 233 30.29 -104.22 65.03
CA VAL Z 233 28.85 -104.35 65.31
C VAL Z 233 28.10 -103.12 64.84
N VAL Z 234 27.36 -103.25 63.74
CA VAL Z 234 26.63 -102.12 63.12
C VAL Z 234 25.20 -101.98 63.60
N GLY Z 235 24.71 -102.90 64.44
CA GLY Z 235 23.35 -102.87 64.95
C GLY Z 235 22.96 -104.15 65.68
N TYR Z 236 21.72 -104.24 66.12
CA TYR Z 236 21.18 -105.34 66.90
C TYR Z 236 19.79 -105.73 66.42
N ALA Z 237 19.41 -106.99 66.56
CA ALA Z 237 18.05 -107.47 66.32
C ALA Z 237 17.66 -108.40 67.45
N GLY Z 238 16.45 -108.29 68.00
CA GLY Z 238 16.09 -109.12 69.13
C GLY Z 238 14.76 -108.81 69.77
N ASP Z 239 14.56 -109.33 70.97
CA ASP Z 239 13.42 -109.02 71.81
C ASP Z 239 13.74 -107.84 72.74
N PHE Z 240 13.51 -106.62 72.27
CA PHE Z 240 13.74 -105.43 73.08
C PHE Z 240 12.76 -105.29 74.26
N SER Z 241 11.84 -106.22 74.50
CA SER Z 241 11.14 -106.25 75.78
C SER Z 241 12.03 -106.76 76.92
N GLN Z 242 13.16 -107.41 76.63
CA GLN Z 242 14.04 -107.98 77.65
C GLN Z 242 14.88 -106.94 78.41
N ILE Z 243 14.83 -105.65 78.04
CA ILE Z 243 15.64 -104.60 78.66
C ILE Z 243 14.77 -103.58 79.40
N ILE Z 244 15.04 -103.36 80.69
CA ILE Z 244 14.32 -102.41 81.54
C ILE Z 244 15.30 -101.48 82.24
N TRP Z 245 14.91 -100.24 82.52
CA TRP Z 245 15.80 -99.25 83.10
C TRP Z 245 15.07 -98.27 83.98
N GLY Z 246 15.77 -97.59 84.87
CA GLY Z 246 15.17 -96.61 85.76
C GLY Z 246 16.13 -95.51 86.18
N GLN Z 247 15.59 -94.41 86.68
CA GLN Z 247 16.34 -93.24 87.13
C GLN Z 247 15.82 -92.81 88.50
N VAL Z 248 16.70 -92.54 89.47
CA VAL Z 248 16.26 -92.11 90.81
C VAL Z 248 16.02 -90.61 90.82
N GLY Z 249 14.76 -90.19 90.91
CA GLY Z 249 14.37 -88.78 90.91
C GLY Z 249 14.61 -88.10 89.55
N GLY Z 250 15.80 -87.53 89.36
CA GLY Z 250 16.17 -86.82 88.13
C GLY Z 250 17.60 -86.29 88.18
N LEU Z 251 18.06 -85.66 87.10
CA LEU Z 251 19.36 -84.98 87.06
C LEU Z 251 19.32 -83.69 87.87
N SER Z 252 20.30 -83.45 88.72
CA SER Z 252 20.31 -82.33 89.67
C SER Z 252 21.59 -81.49 89.61
N PHE Z 253 21.43 -80.18 89.78
CA PHE Z 253 22.51 -79.20 89.81
C PHE Z 253 22.55 -78.50 91.15
N ASP Z 254 23.74 -78.20 91.65
CA ASP Z 254 24.00 -77.43 92.85
C ASP Z 254 25.16 -76.46 92.60
N VAL Z 255 25.25 -75.34 93.32
CA VAL Z 255 26.28 -74.32 93.09
C VAL Z 255 26.79 -73.76 94.42
N THR Z 256 28.10 -73.52 94.53
CA THR Z 256 28.71 -73.09 95.79
C THR Z 256 29.81 -72.05 95.62
N ASP Z 257 29.83 -71.08 96.53
CA ASP Z 257 30.91 -70.09 96.66
C ASP Z 257 31.94 -70.49 97.73
N GLN Z 258 31.67 -71.54 98.51
CA GLN Z 258 32.26 -71.69 99.86
C GLN Z 258 33.01 -73.00 100.12
N ALA Z 259 32.82 -74.04 99.32
CA ALA Z 259 33.52 -75.30 99.54
C ALA Z 259 35.04 -75.21 99.34
N THR Z 260 35.75 -76.27 99.69
CA THR Z 260 37.12 -76.52 99.23
C THR Z 260 37.14 -77.80 98.40
N LEU Z 261 37.89 -77.78 97.30
CA LEU Z 261 38.03 -78.91 96.38
C LEU Z 261 39.49 -79.35 96.33
N ASN Z 262 39.75 -80.62 96.04
CA ASN Z 262 41.10 -81.04 95.67
C ASN Z 262 41.16 -81.33 94.18
N LEU Z 263 42.10 -80.70 93.49
CA LEU Z 263 42.26 -80.81 92.05
C LEU Z 263 42.95 -82.13 91.68
N GLY Z 264 44.04 -82.47 92.39
CA GLY Z 264 44.62 -83.81 92.37
C GLY Z 264 43.86 -84.78 93.29
N SER Z 265 44.08 -86.08 93.14
CA SER Z 265 43.34 -87.10 93.88
C SER Z 265 43.69 -87.16 95.36
N GLN Z 266 42.82 -87.77 96.16
CA GLN Z 266 42.90 -87.83 97.62
C GLN Z 266 44.18 -88.44 98.18
N GLU Z 267 44.96 -89.19 97.42
CA GLU Z 267 46.25 -89.71 97.85
C GLU Z 267 47.32 -88.62 97.93
N SER Z 268 47.22 -87.60 97.07
CA SER Z 268 48.18 -86.50 96.93
C SER Z 268 47.45 -85.18 96.61
N PRO Z 269 46.54 -84.73 97.48
CA PRO Z 269 45.53 -83.76 97.10
C PRO Z 269 46.08 -82.35 97.06
N ASN Z 270 46.00 -81.72 95.88
CA ASN Z 270 46.18 -80.28 95.75
C ASN Z 270 44.86 -79.56 96.11
N PHE Z 271 44.68 -79.19 97.38
CA PHE Z 271 43.48 -78.49 97.83
C PHE Z 271 43.46 -77.01 97.41
N VAL Z 272 42.28 -76.52 97.06
CA VAL Z 272 41.98 -75.13 96.75
C VAL Z 272 40.73 -74.73 97.52
N SER Z 273 40.73 -73.53 98.10
CA SER Z 273 39.53 -72.97 98.73
C SER Z 273 38.78 -72.11 97.73
N LEU Z 274 37.54 -72.45 97.39
CA LEU Z 274 36.80 -71.69 96.40
C LEU Z 274 36.61 -70.25 96.86
N TRP Z 275 36.24 -70.06 98.12
CA TRP Z 275 35.92 -68.75 98.66
C TRP Z 275 37.10 -67.81 98.64
N GLN Z 276 38.25 -68.28 99.13
CA GLN Z 276 39.43 -67.45 99.28
C GLN Z 276 40.05 -67.09 97.94
N HIS Z 277 40.07 -68.03 96.98
CA HIS Z 277 40.57 -67.78 95.63
C HIS Z 277 39.52 -67.18 94.70
N ASN Z 278 38.32 -66.86 95.19
CA ASN Z 278 37.24 -66.24 94.42
C ASN Z 278 36.82 -67.13 93.24
N LEU Z 279 36.89 -68.45 93.40
CA LEU Z 279 36.34 -69.39 92.46
C LEU Z 279 34.88 -69.68 92.82
N VAL Z 280 34.14 -70.23 91.88
CA VAL Z 280 32.75 -70.68 92.01
C VAL Z 280 32.63 -72.04 91.34
N ALA Z 281 31.91 -72.97 91.92
CA ALA Z 281 31.83 -74.33 91.40
C ALA Z 281 30.39 -74.82 91.30
N VAL Z 282 30.08 -75.55 90.23
CA VAL Z 282 28.79 -76.22 90.03
C VAL Z 282 28.99 -77.72 90.19
N ARG Z 283 28.13 -78.37 90.97
CA ARG Z 283 28.13 -79.80 91.29
C ARG Z 283 26.92 -80.45 90.64
N VAL Z 284 27.11 -81.58 89.96
CA VAL Z 284 26.08 -82.19 89.13
C VAL Z 284 25.98 -83.68 89.42
N GLU Z 285 24.77 -84.21 89.56
CA GLU Z 285 24.54 -85.63 89.84
C GLU Z 285 23.36 -86.20 89.06
N ALA Z 286 23.39 -87.50 88.76
CA ALA Z 286 22.24 -88.30 88.33
C ALA Z 286 22.43 -89.75 88.78
N GLU Z 287 21.37 -90.55 88.85
CA GLU Z 287 21.44 -91.95 89.28
C GLU Z 287 20.56 -92.84 88.41
N TYR Z 288 21.14 -93.88 87.81
CA TYR Z 288 20.46 -94.75 86.86
C TYR Z 288 20.63 -96.22 87.25
N GLY Z 289 19.71 -97.08 86.84
CA GLY Z 289 19.82 -98.53 86.99
C GLY Z 289 19.37 -99.24 85.73
N LEU Z 290 20.03 -100.35 85.38
CA LEU Z 290 19.84 -101.07 84.13
C LEU Z 290 19.82 -102.56 84.36
N LEU Z 291 18.93 -103.25 83.65
CA LEU Z 291 18.95 -104.70 83.54
C LEU Z 291 18.66 -105.12 82.11
N ILE Z 292 19.42 -106.09 81.61
CA ILE Z 292 19.00 -106.88 80.46
C ILE Z 292 18.72 -108.29 80.99
N ASN Z 293 17.50 -108.79 80.83
CA ASN Z 293 17.07 -110.05 81.42
C ASN Z 293 17.78 -111.27 80.83
N ASP Z 294 18.12 -111.23 79.55
CA ASP Z 294 18.84 -112.30 78.86
C ASP Z 294 19.65 -111.71 77.69
N VAL Z 295 20.96 -111.57 77.86
CA VAL Z 295 21.80 -110.93 76.84
C VAL Z 295 21.88 -111.72 75.54
N ASN Z 296 21.50 -113.00 75.52
CA ASN Z 296 21.48 -113.79 74.28
C ASN Z 296 20.19 -113.61 73.47
N ALA Z 297 19.26 -112.76 73.91
CA ALA Z 297 18.06 -112.43 73.15
C ALA Z 297 18.31 -111.57 71.91
N PHE Z 298 19.55 -111.10 71.70
CA PHE Z 298 19.90 -110.16 70.64
C PHE Z 298 20.96 -110.73 69.69
N VAL Z 299 20.66 -110.89 68.41
CA VAL Z 299 21.67 -111.12 67.38
C VAL Z 299 22.36 -109.81 67.07
N LYS Z 300 23.70 -109.78 67.15
CA LYS Z 300 24.51 -108.64 66.71
C LYS Z 300 24.65 -108.66 65.20
N LEU Z 301 24.46 -107.54 64.52
CA LEU Z 301 24.68 -107.46 63.08
C LEU Z 301 26.08 -106.92 62.79
N THR Z 302 26.76 -107.52 61.83
CA THR Z 302 28.13 -107.19 61.43
C THR Z 302 28.29 -107.20 59.91
N PHE Z 303 29.38 -106.63 59.39
CA PHE Z 303 29.67 -106.62 57.95
C PHE Z 303 30.64 -107.71 57.48
N ASP Z 304 31.26 -108.48 58.36
CA ASP Z 304 32.34 -109.41 58.02
C ASP Z 304 31.91 -110.50 57.02
N PRO Z 305 32.77 -110.94 56.10
CA PRO Z 305 32.41 -111.87 55.02
C PRO Z 305 32.10 -113.27 55.54
N VAL Z 306 31.41 -114.07 54.71
CA VAL Z 306 31.14 -115.49 54.99
C VAL Z 306 32.44 -116.30 55.02
N LEU Z 307 32.65 -117.05 56.10
CA LEU Z 307 33.84 -117.89 56.29
C LEU Z 307 33.51 -119.35 55.98
N THR Z 308 34.34 -119.99 55.16
CA THR Z 308 34.22 -121.40 54.78
C THR Z 308 35.25 -122.21 55.55
N THR Z 309 34.85 -123.37 56.08
CA THR Z 309 35.78 -124.27 56.78
C THR Z 309 36.24 -125.35 55.81
N TYR Z 310 37.56 -125.55 55.68
CA TYR Z 310 38.16 -126.51 54.78
C TYR Z 310 39.03 -127.53 55.52
N ALA Z 311 39.00 -128.77 55.05
CA ALA Z 311 40.04 -129.75 55.32
C ALA Z 311 41.24 -129.50 54.40
N LEU Z 312 42.42 -129.33 54.99
CA LEU Z 312 43.68 -129.60 54.29
C LEU Z 312 44.41 -130.70 55.04
N ASP Z 313 44.68 -131.81 54.37
CA ASP Z 313 45.51 -132.89 54.88
C ASP Z 313 46.41 -133.46 53.77
N LEU Z 314 47.56 -134.00 54.16
CA LEU Z 314 48.59 -134.52 53.26
C LEU Z 314 48.70 -136.05 53.43
N ASP Z 315 48.65 -136.81 52.34
CA ASP Z 315 48.45 -138.27 52.34
C ASP Z 315 49.75 -139.07 52.63
N GLY Z 316 50.45 -138.71 53.70
CA GLY Z 316 51.70 -139.37 54.14
C GLY Z 316 52.99 -138.71 53.61
N ALA Z 317 53.01 -137.39 53.50
CA ALA Z 317 54.14 -136.62 52.99
C ALA Z 317 55.43 -136.82 53.82
N SER Z 318 56.52 -137.16 53.14
CA SER Z 318 57.88 -137.29 53.67
C SER Z 318 58.76 -136.08 53.37
N ALA Z 319 58.48 -135.36 52.27
CA ALA Z 319 59.26 -134.21 51.83
C ALA Z 319 58.47 -133.29 50.86
N GLY Z 320 58.93 -132.03 50.71
CA GLY Z 320 58.39 -131.07 49.73
C GLY Z 320 57.53 -129.93 50.32
N ASN Z 321 56.90 -129.16 49.44
CA ASN Z 321 56.20 -127.92 49.79
C ASN Z 321 54.95 -127.62 48.92
N PHE Z 322 54.05 -126.76 49.43
CA PHE Z 322 52.76 -126.41 48.82
C PHE Z 322 52.41 -124.92 48.97
N THR Z 323 51.39 -124.43 48.27
CA THR Z 323 50.89 -123.04 48.43
C THR Z 323 49.38 -122.92 48.17
N LEU Z 324 48.76 -121.82 48.62
CA LEU Z 324 47.31 -121.60 48.73
C LEU Z 324 46.90 -120.21 48.19
N SER Z 325 45.65 -120.07 47.76
CA SER Z 325 45.11 -118.89 47.06
C SER Z 325 43.62 -118.64 47.33
N LEU Z 326 43.18 -117.38 47.27
CA LEU Z 326 41.74 -117.04 47.20
C LEU Z 326 41.28 -117.02 45.74
N ASP Z 327 41.93 -116.21 44.90
CA ASP Z 327 42.03 -116.42 43.46
C ASP Z 327 43.33 -115.79 42.95
N GLY Z 328 44.26 -116.61 42.47
CA GLY Z 328 45.64 -116.18 42.23
C GLY Z 328 46.37 -115.82 43.52
N LYS Z 329 47.45 -115.05 43.41
CA LYS Z 329 48.23 -114.51 44.55
C LYS Z 329 48.67 -115.60 45.54
N THR Z 330 49.26 -116.69 45.05
CA THR Z 330 49.84 -117.75 45.89
C THR Z 330 50.85 -117.17 46.88
N SER Z 331 50.66 -117.43 48.17
CA SER Z 331 51.58 -116.95 49.21
C SER Z 331 52.88 -117.77 49.29
N ALA Z 332 53.83 -117.31 50.09
CA ALA Z 332 55.12 -117.95 50.31
C ALA Z 332 54.97 -119.45 50.62
N ASN Z 333 55.60 -120.31 49.82
CA ASN Z 333 55.36 -121.75 49.86
C ASN Z 333 55.70 -122.39 51.22
N ILE Z 334 54.87 -123.33 51.64
CA ILE Z 334 54.82 -123.91 52.97
C ILE Z 334 55.38 -125.34 52.95
N ALA Z 335 56.29 -125.66 53.87
CA ALA Z 335 56.84 -127.01 54.01
C ALA Z 335 55.78 -128.01 54.51
N TYR Z 336 55.86 -129.25 54.05
CA TYR Z 336 54.93 -130.35 54.40
C TYR Z 336 54.74 -130.61 55.90
N ASN Z 337 55.73 -130.29 56.74
CA ASN Z 337 55.69 -130.50 58.19
C ASN Z 337 55.32 -129.24 59.01
N ALA Z 338 54.94 -128.14 58.35
CA ALA Z 338 54.70 -126.86 59.01
C ALA Z 338 53.59 -126.92 60.10
N SER Z 339 53.78 -126.16 61.18
CA SER Z 339 52.80 -126.09 62.27
C SER Z 339 51.47 -125.47 61.82
N THR Z 340 50.39 -125.73 62.57
CA THR Z 340 49.08 -125.11 62.31
C THR Z 340 49.13 -123.56 62.35
N ALA Z 341 49.89 -122.98 63.29
CA ALA Z 341 50.11 -121.54 63.37
C ALA Z 341 50.92 -120.99 62.19
N THR Z 342 51.93 -121.74 61.72
CA THR Z 342 52.67 -121.42 60.49
C THR Z 342 51.77 -121.47 59.26
N VAL Z 343 50.82 -122.41 59.19
CA VAL Z 343 49.84 -122.45 58.11
C VAL Z 343 48.89 -121.24 58.19
N LYS Z 344 48.43 -120.82 59.38
CA LYS Z 344 47.66 -119.56 59.48
C LYS Z 344 48.47 -118.38 58.95
N SER Z 345 49.69 -118.17 59.45
CA SER Z 345 50.49 -117.02 59.03
C SER Z 345 50.78 -117.05 57.53
N ALA Z 346 51.09 -118.23 56.96
CA ALA Z 346 51.29 -118.36 55.53
C ALA Z 346 50.01 -118.16 54.70
N ILE Z 347 48.83 -118.47 55.23
CA ILE Z 347 47.57 -118.15 54.58
C ILE Z 347 47.34 -116.63 54.56
N VAL Z 348 47.45 -115.96 55.70
CA VAL Z 348 47.17 -114.51 55.73
C VAL Z 348 48.26 -113.69 55.04
N ALA Z 349 49.45 -114.26 54.83
CA ALA Z 349 50.48 -113.69 53.96
C ALA Z 349 50.12 -113.65 52.46
N ILE Z 350 48.94 -114.18 52.05
CA ILE Z 350 48.32 -113.77 50.78
C ILE Z 350 48.08 -112.24 50.77
N ASP Z 351 47.93 -111.63 51.95
CA ASP Z 351 47.48 -110.25 52.15
C ASP Z 351 46.11 -110.05 51.46
N ASP Z 352 46.07 -109.25 50.39
CA ASP Z 352 44.91 -109.07 49.52
C ASP Z 352 43.61 -108.65 50.25
N GLY Z 353 43.71 -108.10 51.47
CA GLY Z 353 42.59 -107.65 52.28
C GLY Z 353 42.26 -108.50 53.51
N VAL Z 354 42.84 -109.69 53.69
CA VAL Z 354 42.53 -110.61 54.81
C VAL Z 354 43.62 -110.59 55.89
N SER Z 355 43.27 -110.30 57.14
CA SER Z 355 44.23 -110.13 58.24
C SER Z 355 44.49 -111.39 59.07
N ALA Z 356 45.53 -111.34 59.92
CA ALA Z 356 45.88 -112.41 60.87
C ALA Z 356 44.78 -112.78 61.88
N ASP Z 357 43.77 -111.93 62.06
CA ASP Z 357 42.63 -112.16 62.94
C ASP Z 357 41.37 -112.70 62.21
N ASP Z 358 41.37 -112.70 60.88
CA ASP Z 358 40.23 -113.13 60.05
C ASP Z 358 40.21 -114.63 59.71
N VAL Z 359 41.24 -115.36 60.12
CA VAL Z 359 41.48 -116.77 59.80
C VAL Z 359 41.68 -117.58 61.08
N THR Z 360 41.25 -118.84 61.09
CA THR Z 360 41.60 -119.79 62.16
C THR Z 360 42.17 -121.06 61.53
N VAL Z 361 43.18 -121.65 62.15
CA VAL Z 361 43.67 -122.97 61.74
C VAL Z 361 43.98 -123.81 62.98
N THR Z 362 43.39 -125.01 63.05
CA THR Z 362 43.59 -125.96 64.17
C THR Z 362 43.96 -127.33 63.62
N GLY Z 363 44.96 -127.99 64.21
CA GLY Z 363 45.41 -129.30 63.73
C GLY Z 363 46.85 -129.66 64.11
N SER Z 364 47.54 -130.35 63.20
CA SER Z 364 48.89 -130.90 63.34
C SER Z 364 49.58 -130.98 61.96
N ALA Z 365 50.88 -131.26 61.91
CA ALA Z 365 51.63 -131.36 60.65
C ALA Z 365 50.97 -132.33 59.65
N GLY Z 366 50.53 -131.82 58.50
CA GLY Z 366 49.83 -132.60 57.47
C GLY Z 366 48.35 -132.88 57.75
N ASP Z 367 47.71 -132.21 58.71
CA ASP Z 367 46.28 -132.37 59.07
C ASP Z 367 45.71 -131.09 59.71
N TYR Z 368 45.01 -130.25 58.94
CA TYR Z 368 44.55 -128.92 59.35
C TYR Z 368 43.05 -128.71 59.09
N THR Z 369 42.34 -128.21 60.10
CA THR Z 369 41.05 -127.52 59.93
C THR Z 369 41.32 -126.03 59.74
N ILE Z 370 41.03 -125.51 58.55
CA ILE Z 370 41.24 -124.10 58.16
C ILE Z 370 39.88 -123.39 58.09
N THR Z 371 39.77 -122.14 58.55
CA THR Z 371 38.63 -121.25 58.23
C THR Z 371 39.10 -119.98 57.52
N VAL Z 372 38.61 -119.71 56.31
CA VAL Z 372 38.97 -118.54 55.47
C VAL Z 372 37.75 -117.98 54.73
N PRO Z 373 37.74 -116.69 54.35
CA PRO Z 373 36.59 -116.12 53.65
C PRO Z 373 36.41 -116.67 52.24
N GLY Z 374 35.16 -116.94 51.85
CA GLY Z 374 34.79 -117.32 50.48
C GLY Z 374 35.41 -118.63 49.95
N THR Z 375 35.90 -118.58 48.70
CA THR Z 375 36.50 -119.70 47.98
C THR Z 375 38.02 -119.84 48.23
N LEU Z 376 38.55 -121.05 48.05
CA LEU Z 376 39.96 -121.42 48.25
C LEU Z 376 40.44 -122.27 47.06
N THR Z 377 41.67 -122.05 46.60
CA THR Z 377 42.38 -122.89 45.62
C THR Z 377 43.83 -123.13 46.07
N ALA Z 378 44.50 -124.15 45.51
CA ALA Z 378 45.75 -124.67 46.05
C ALA Z 378 46.69 -125.28 44.99
N ASP Z 379 47.96 -125.44 45.32
CA ASP Z 379 48.96 -126.18 44.54
C ASP Z 379 49.82 -127.05 45.46
N PHE Z 380 49.64 -128.38 45.37
CA PHE Z 380 50.40 -129.39 46.12
C PHE Z 380 51.47 -130.09 45.26
N SER Z 381 51.70 -129.66 44.01
CA SER Z 381 52.64 -130.33 43.09
C SER Z 381 54.11 -130.29 43.52
N GLY Z 382 54.47 -129.43 44.47
CA GLY Z 382 55.78 -129.37 45.11
C GLY Z 382 56.03 -130.42 46.19
N LEU Z 383 55.04 -131.23 46.58
CA LEU Z 383 55.27 -132.39 47.44
C LEU Z 383 56.09 -133.47 46.71
N THR Z 384 56.99 -134.13 47.44
CA THR Z 384 57.70 -135.34 46.95
C THR Z 384 56.78 -136.56 46.94
N ASP Z 385 55.89 -136.64 47.95
CA ASP Z 385 54.91 -137.71 48.16
C ASP Z 385 53.77 -137.20 49.06
N GLY Z 386 52.65 -137.91 49.11
CA GLY Z 386 51.40 -137.45 49.72
C GLY Z 386 50.37 -136.99 48.69
N GLU Z 387 50.35 -137.65 47.53
CA GLU Z 387 49.67 -137.22 46.29
C GLU Z 387 48.14 -137.10 46.40
N GLY Z 388 47.53 -137.63 47.45
CA GLY Z 388 46.11 -137.46 47.78
C GLY Z 388 45.73 -136.08 48.35
N ALA Z 389 46.68 -135.16 48.56
CA ALA Z 389 46.42 -133.83 49.11
C ALA Z 389 45.31 -133.07 48.35
N SER Z 390 44.28 -132.61 49.06
CA SER Z 390 43.05 -132.06 48.46
C SER Z 390 42.25 -131.20 49.47
N ILE Z 391 41.31 -130.40 48.94
CA ILE Z 391 40.47 -129.45 49.67
C ILE Z 391 38.98 -129.85 49.59
N SER Z 392 38.31 -129.93 50.75
CA SER Z 392 36.86 -130.17 50.85
C SER Z 392 36.26 -129.46 52.08
N VAL Z 393 34.93 -129.26 52.08
CA VAL Z 393 34.20 -128.50 53.11
C VAL Z 393 34.03 -129.29 54.42
N VAL Z 394 34.10 -128.60 55.56
CA VAL Z 394 34.19 -129.18 56.93
C VAL Z 394 33.18 -128.52 57.90
N SER Z 395 33.01 -129.11 59.09
CA SER Z 395 31.96 -128.81 60.08
C SER Z 395 30.56 -129.31 59.68
N VAL Z 396 30.52 -130.31 58.79
CA VAL Z 396 29.33 -131.00 58.29
C VAL Z 396 29.63 -132.50 58.11
N GLY Z 397 28.58 -133.34 58.09
CA GLY Z 397 28.67 -134.79 57.91
C GLY Z 397 27.31 -135.46 57.79
N GLY AA 2 37.67 -92.84 97.86
CA GLY AA 2 36.44 -92.75 98.66
C GLY AA 2 36.70 -93.15 100.10
N PHE AA 3 35.84 -94.01 100.65
CA PHE AA 3 35.93 -94.48 102.03
C PHE AA 3 35.51 -95.96 102.10
N SER AA 4 36.01 -96.69 103.08
CA SER AA 4 35.60 -98.08 103.31
C SER AA 4 34.14 -98.17 103.76
N ALA AA 5 33.47 -99.29 103.50
CA ALA AA 5 32.34 -99.68 104.32
C ALA AA 5 32.79 -99.82 105.79
N ASP AA 6 31.90 -99.58 106.75
CA ASP AA 6 32.22 -99.51 108.18
C ASP AA 6 33.39 -98.57 108.50
N HIS AA 7 33.52 -97.45 107.79
CA HIS AA 7 34.54 -96.45 108.11
C HIS AA 7 34.36 -95.90 109.52
N SER AA 8 35.47 -95.62 110.20
CA SER AA 8 35.48 -95.25 111.62
C SER AA 8 34.76 -93.93 111.91
N GLN AA 9 34.76 -92.98 110.99
CA GLN AA 9 34.29 -91.61 111.23
C GLN AA 9 33.09 -91.20 110.38
N ILE AA 10 32.91 -91.74 109.18
CA ILE AA 10 31.88 -91.29 108.24
C ILE AA 10 30.82 -92.38 108.06
N ALA AA 11 29.64 -92.16 108.60
CA ALA AA 11 28.51 -93.07 108.43
C ALA AA 11 27.98 -93.03 107.00
N GLN AA 12 27.73 -94.20 106.40
CA GLN AA 12 27.40 -94.36 104.98
C GLN AA 12 26.27 -95.37 104.80
N THR AA 13 25.53 -95.30 103.71
CA THR AA 13 24.49 -96.31 103.39
C THR AA 13 25.04 -97.71 103.15
N LYS AA 14 26.36 -97.86 102.98
CA LYS AA 14 27.07 -99.14 102.89
C LYS AA 14 27.43 -99.72 104.26
N ASP AA 15 27.40 -98.94 105.33
CA ASP AA 15 27.78 -99.38 106.68
C ASP AA 15 26.84 -100.49 107.17
N THR AA 16 27.41 -101.56 107.71
CA THR AA 16 26.68 -102.73 108.16
C THR AA 16 25.68 -102.45 109.27
N MET AA 17 25.80 -101.37 110.05
CA MET AA 17 24.76 -101.04 111.04
C MET AA 17 23.40 -100.76 110.40
N PHE AA 18 23.35 -100.40 109.11
CA PHE AA 18 22.10 -100.26 108.36
C PHE AA 18 21.57 -101.56 107.75
N THR AA 19 22.23 -102.71 107.91
CA THR AA 19 21.73 -103.95 107.28
C THR AA 19 20.33 -104.29 107.76
N GLY AA 20 19.48 -104.80 106.88
CA GLY AA 20 18.07 -105.07 107.19
C GLY AA 20 17.15 -103.84 107.16
N TYR AA 21 17.70 -102.63 107.14
CA TYR AA 21 17.04 -101.46 106.55
C TYR AA 21 17.43 -101.37 105.07
N LEU AA 22 16.92 -100.39 104.34
CA LEU AA 22 17.35 -100.09 102.97
C LEU AA 22 17.24 -101.28 101.99
N ASP AA 23 16.26 -102.17 102.19
CA ASP AA 23 15.99 -103.30 101.29
C ASP AA 23 15.36 -102.86 99.95
N PRO AA 24 15.51 -103.65 98.87
CA PRO AA 24 14.88 -103.37 97.59
C PRO AA 24 13.38 -103.58 97.64
N VAL AA 25 12.64 -102.82 96.83
CA VAL AA 25 11.19 -102.94 96.69
C VAL AA 25 10.84 -104.13 95.82
N GLN AA 26 9.87 -104.96 96.20
CA GLN AA 26 9.43 -106.06 95.33
C GLN AA 26 8.57 -105.53 94.17
N ALA AA 27 9.03 -105.71 92.94
CA ALA AA 27 8.33 -105.33 91.73
C ALA AA 27 7.52 -106.49 91.14
N LYS AA 28 6.61 -106.22 90.21
CA LYS AA 28 5.94 -107.26 89.43
C LYS AA 28 6.89 -107.86 88.40
N ASP AA 29 6.62 -109.09 87.94
CA ASP AA 29 7.47 -109.74 86.95
C ASP AA 29 7.33 -109.08 85.57
N TYR AA 30 8.33 -108.31 85.16
CA TYR AA 30 8.35 -107.65 83.86
C TYR AA 30 8.56 -108.62 82.69
N PHE AA 31 8.89 -109.88 82.93
CA PHE AA 31 9.32 -110.83 81.92
C PHE AA 31 8.47 -112.10 81.87
N ALA AA 32 7.28 -112.10 82.47
CA ALA AA 32 6.39 -113.25 82.45
C ALA AA 32 5.99 -113.63 81.02
N GLU AA 33 5.67 -114.91 80.81
CA GLU AA 33 5.19 -115.47 79.55
C GLU AA 33 3.80 -116.09 79.71
N ALA AA 34 2.98 -116.04 78.66
CA ALA AA 34 1.63 -116.58 78.68
C ALA AA 34 1.59 -118.10 78.92
N GLU AA 35 0.50 -118.57 79.51
CA GLU AA 35 0.19 -120.00 79.62
C GLU AA 35 -0.20 -120.52 78.24
N LYS AA 36 0.77 -120.97 77.44
CA LYS AA 36 0.53 -121.44 76.08
C LYS AA 36 -0.48 -122.59 76.05
N THR AA 37 -1.62 -122.34 75.40
CA THR AA 37 -2.76 -123.26 75.35
C THR AA 37 -2.60 -124.34 74.28
N SER AA 38 -3.39 -125.41 74.38
CA SER AA 38 -3.46 -126.48 73.40
C SER AA 38 -3.74 -125.96 71.98
N ILE AA 39 -3.13 -126.56 70.96
CA ILE AA 39 -3.49 -126.30 69.56
C ILE AA 39 -4.42 -127.37 69.00
N VAL AA 40 -4.28 -128.63 69.42
CA VAL AA 40 -5.15 -129.71 68.95
C VAL AA 40 -6.60 -129.46 69.34
N GLN AA 41 -6.84 -128.97 70.56
CA GLN AA 41 -8.20 -128.63 71.00
C GLN AA 41 -8.80 -127.46 70.21
N ARG AA 42 -7.99 -126.64 69.54
CA ARG AA 42 -8.48 -125.56 68.70
C ARG AA 42 -8.93 -126.06 67.33
N VAL AA 43 -8.17 -126.99 66.73
CA VAL AA 43 -8.42 -127.44 65.34
C VAL AA 43 -9.33 -128.64 65.21
N ALA AA 44 -9.29 -129.57 66.16
CA ALA AA 44 -10.07 -130.81 66.08
C ALA AA 44 -11.52 -130.59 66.53
N GLN AA 45 -12.48 -131.23 65.87
CA GLN AA 45 -13.89 -131.18 66.26
C GLN AA 45 -14.11 -131.85 67.63
N LYS AA 46 -14.80 -131.17 68.55
CA LYS AA 46 -15.20 -131.75 69.83
C LYS AA 46 -16.44 -132.63 69.68
N ILE AA 47 -16.53 -133.69 70.46
CA ILE AA 47 -17.59 -134.71 70.43
C ILE AA 47 -18.16 -134.90 71.83
N PRO AA 48 -19.49 -135.04 72.00
CA PRO AA 48 -20.06 -135.37 73.29
C PRO AA 48 -19.74 -136.83 73.63
N MET AA 49 -18.78 -137.04 74.54
CA MET AA 49 -18.25 -138.37 74.86
C MET AA 49 -18.64 -138.81 76.27
N GLY AA 50 -19.28 -139.97 76.38
CA GLY AA 50 -19.59 -140.59 77.67
C GLY AA 50 -18.41 -141.35 78.29
N ALA AA 51 -18.47 -141.63 79.58
CA ALA AA 51 -17.41 -142.31 80.31
C ALA AA 51 -17.14 -143.75 79.83
N THR AA 52 -18.11 -144.41 79.21
CA THR AA 52 -17.94 -145.74 78.60
C THR AA 52 -17.41 -145.67 77.17
N GLY AA 53 -17.10 -144.49 76.64
CA GLY AA 53 -16.63 -144.33 75.28
C GLY AA 53 -17.74 -144.35 74.24
N ILE AA 54 -17.39 -144.24 72.96
CA ILE AA 54 -18.33 -144.21 71.85
C ILE AA 54 -17.96 -145.17 70.74
N VAL AA 55 -18.96 -145.69 70.02
CA VAL AA 55 -18.78 -146.55 68.85
C VAL AA 55 -19.32 -145.87 67.62
N ILE AA 56 -18.52 -145.78 66.56
CA ILE AA 56 -18.76 -144.91 65.40
C ILE AA 56 -18.96 -145.77 64.15
N PRO AA 57 -20.12 -145.76 63.49
CA PRO AA 57 -20.37 -146.52 62.28
C PRO AA 57 -19.81 -145.82 61.06
N HIS AA 58 -19.58 -146.57 59.98
CA HIS AA 58 -19.11 -146.08 58.69
C HIS AA 58 -19.62 -146.99 57.57
N TRP AA 59 -20.13 -146.43 56.48
CA TRP AA 59 -20.39 -147.24 55.28
C TRP AA 59 -19.07 -147.79 54.72
N THR AA 60 -19.09 -148.84 53.91
CA THR AA 60 -17.87 -149.45 53.37
C THR AA 60 -18.12 -150.11 52.02
N GLY AA 61 -17.27 -149.85 51.04
CA GLY AA 61 -17.33 -150.51 49.75
C GLY AA 61 -18.55 -150.13 48.89
N ASP AA 62 -18.64 -150.73 47.72
CA ASP AA 62 -19.45 -150.26 46.61
C ASP AA 62 -20.52 -151.26 46.16
N VAL AA 63 -21.76 -150.81 46.15
CA VAL AA 63 -22.80 -151.38 45.31
C VAL AA 63 -22.53 -151.05 43.84
N SER AA 64 -23.23 -151.71 42.92
CA SER AA 64 -23.01 -151.51 41.48
C SER AA 64 -24.25 -151.84 40.65
N ALA AA 65 -24.27 -151.37 39.41
CA ALA AA 65 -25.31 -151.67 38.43
C ALA AA 65 -24.71 -151.72 37.03
N GLN AA 66 -25.26 -152.54 36.14
CA GLN AA 66 -24.69 -152.78 34.82
C GLN AA 66 -25.71 -152.50 33.72
N TRP AA 67 -25.20 -152.14 32.57
CA TRP AA 67 -26.00 -151.97 31.36
C TRP AA 67 -26.42 -153.33 30.82
N ILE AA 68 -27.65 -153.45 30.33
CA ILE AA 68 -28.21 -154.69 29.82
C ILE AA 68 -29.02 -154.46 28.53
N GLY AA 69 -29.14 -155.47 27.68
CA GLY AA 69 -30.10 -155.46 26.56
C GLY AA 69 -31.48 -155.94 27.00
N GLU AA 70 -32.45 -155.93 26.09
CA GLU AA 70 -33.69 -156.65 26.30
C GLU AA 70 -33.41 -158.16 26.53
N GLY AA 71 -34.11 -158.76 27.49
CA GLY AA 71 -33.98 -160.17 27.83
C GLY AA 71 -32.70 -160.56 28.59
N ASP AA 72 -31.63 -159.77 28.58
CA ASP AA 72 -30.46 -160.00 29.43
C ASP AA 72 -30.86 -159.95 30.90
N MET AA 73 -30.85 -161.09 31.59
CA MET AA 73 -31.33 -161.12 32.96
C MET AA 73 -30.33 -160.48 33.93
N LYS AA 74 -30.87 -159.70 34.87
CA LYS AA 74 -30.19 -158.64 35.64
C LYS AA 74 -29.11 -159.18 36.58
N PRO AA 75 -28.02 -158.44 36.84
CA PRO AA 75 -26.96 -158.82 37.78
C PRO AA 75 -27.35 -158.58 39.24
N ILE AA 76 -26.64 -159.18 40.19
CA ILE AA 76 -26.92 -159.12 41.63
C ILE AA 76 -25.75 -158.49 42.39
N THR AA 77 -26.01 -157.67 43.41
CA THR AA 77 -24.98 -157.01 44.25
C THR AA 77 -25.39 -156.88 45.71
N LYS AA 78 -24.42 -156.63 46.61
CA LYS AA 78 -24.67 -156.28 48.02
C LYS AA 78 -23.55 -155.39 48.59
N GLY AA 79 -23.90 -154.45 49.47
CA GLY AA 79 -22.98 -153.47 50.05
C GLY AA 79 -22.25 -153.96 51.29
N ASN AA 80 -21.61 -153.07 52.05
CA ASN AA 80 -20.95 -153.40 53.31
C ASN AA 80 -20.87 -152.19 54.26
N MET AA 81 -20.60 -152.41 55.56
CA MET AA 81 -20.43 -151.33 56.54
C MET AA 81 -19.61 -151.81 57.73
N THR AA 82 -18.98 -150.89 58.46
CA THR AA 82 -18.01 -151.17 59.53
C THR AA 82 -18.13 -150.16 60.66
N LYS AA 83 -17.41 -150.35 61.77
CA LYS AA 83 -17.40 -149.41 62.89
C LYS AA 83 -16.05 -149.33 63.62
N ARG AA 84 -15.75 -148.17 64.20
CA ARG AA 84 -14.66 -147.93 65.15
C ARG AA 84 -15.17 -147.88 66.58
N ASP AA 85 -14.29 -148.07 67.53
CA ASP AA 85 -14.60 -148.07 68.96
C ASP AA 85 -13.56 -147.21 69.70
N VAL AA 86 -13.98 -146.30 70.60
CA VAL AA 86 -13.12 -145.27 71.19
C VAL AA 86 -13.39 -145.09 72.68
N HIS AA 87 -12.35 -144.97 73.51
CA HIS AA 87 -12.46 -144.75 74.96
C HIS AA 87 -11.62 -143.57 75.46
N PRO AA 88 -12.04 -142.86 76.51
CA PRO AA 88 -11.22 -141.85 77.14
C PRO AA 88 -10.11 -142.46 77.99
N ALA AA 89 -9.07 -141.68 78.29
CA ALA AA 89 -7.97 -142.03 79.17
C ALA AA 89 -7.80 -140.98 80.28
N LYS AA 90 -7.48 -141.42 81.49
CA LYS AA 90 -7.26 -140.55 82.64
C LYS AA 90 -5.88 -139.91 82.56
N ILE AA 91 -5.77 -138.64 82.90
CA ILE AA 91 -4.52 -137.94 83.19
C ILE AA 91 -4.61 -137.31 84.56
N ALA AA 92 -3.55 -137.43 85.37
CA ALA AA 92 -3.61 -137.07 86.78
C ALA AA 92 -2.28 -136.62 87.35
N THR AA 93 -2.32 -135.91 88.47
CA THR AA 93 -1.13 -135.51 89.24
C THR AA 93 -1.48 -135.18 90.68
N ILE AA 94 -0.50 -135.17 91.57
CA ILE AA 94 -0.63 -134.74 92.97
C ILE AA 94 0.45 -133.72 93.23
N PHE AA 95 0.19 -132.72 94.07
CA PHE AA 95 1.25 -131.91 94.66
C PHE AA 95 1.01 -131.71 96.14
N VAL AA 96 2.07 -131.45 96.90
CA VAL AA 96 2.05 -131.60 98.37
C VAL AA 96 2.94 -130.55 99.03
N ALA AA 97 2.57 -130.09 100.21
CA ALA AA 97 3.26 -129.05 100.96
C ALA AA 97 3.13 -129.27 102.47
N SER AA 98 4.06 -128.72 103.25
CA SER AA 98 3.90 -128.67 104.71
C SER AA 98 2.72 -127.79 105.08
N ALA AA 99 1.99 -128.12 106.12
CA ALA AA 99 0.87 -127.29 106.58
C ALA AA 99 1.30 -125.85 106.89
N GLU AA 100 2.54 -125.62 107.32
CA GLU AA 100 3.06 -124.27 107.49
C GLU AA 100 3.08 -123.49 106.18
N THR AA 101 3.48 -124.12 105.07
CA THR AA 101 3.42 -123.49 103.75
C THR AA 101 1.98 -123.24 103.33
N VAL AA 102 1.06 -124.15 103.61
CA VAL AA 102 -0.37 -123.93 103.29
C VAL AA 102 -0.95 -122.80 104.14
N ARG AA 103 -0.48 -122.63 105.37
CA ARG AA 103 -0.88 -121.52 106.24
C ARG AA 103 -0.43 -120.19 105.66
N ALA AA 104 0.80 -120.11 105.17
CA ALA AA 104 1.38 -118.88 104.64
C ALA AA 104 0.93 -118.54 103.21
N ASN AA 105 0.76 -119.55 102.35
CA ASN AA 105 0.59 -119.41 100.91
C ASN AA 105 1.62 -118.44 100.28
N PRO AA 106 2.92 -118.71 100.42
CA PRO AA 106 3.95 -117.73 100.12
C PRO AA 106 3.95 -117.40 98.65
N ALA AA 107 3.99 -116.10 98.31
CA ALA AA 107 3.92 -115.62 96.93
C ALA AA 107 2.75 -116.21 96.11
N ASN AA 108 1.67 -116.57 96.78
CA ASN AA 108 0.54 -117.29 96.20
C ASN AA 108 0.94 -118.59 95.48
N TYR AA 109 1.89 -119.35 96.02
CA TYR AA 109 2.33 -120.62 95.44
C TYR AA 109 1.18 -121.59 95.22
N LEU AA 110 0.30 -121.83 96.20
CA LEU AA 110 -0.79 -122.80 96.04
C LEU AA 110 -1.72 -122.36 94.90
N GLY AA 111 -2.10 -121.09 94.86
CA GLY AA 111 -2.95 -120.57 93.79
C GLY AA 111 -2.26 -120.65 92.43
N THR AA 112 -0.98 -120.32 92.36
CA THR AA 112 -0.20 -120.41 91.11
C THR AA 112 -0.17 -121.84 90.62
N MET AA 113 0.17 -122.77 91.50
CA MET AA 113 0.33 -124.18 91.18
C MET AA 113 -0.93 -124.78 90.56
N ARG AA 114 -2.11 -124.41 91.06
CA ARG AA 114 -3.37 -124.89 90.47
C ARG AA 114 -3.55 -124.47 89.01
N THR AA 115 -3.02 -123.33 88.60
CA THR AA 115 -3.03 -122.97 87.16
C THR AA 115 -1.96 -123.72 86.40
N LYS AA 116 -0.75 -123.88 86.97
CA LYS AA 116 0.36 -124.57 86.31
C LYS AA 116 -0.02 -126.00 85.96
N VAL AA 117 -0.64 -126.74 86.89
CA VAL AA 117 -1.05 -128.12 86.58
C VAL AA 117 -2.07 -128.16 85.44
N ALA AA 118 -2.94 -127.17 85.28
CA ALA AA 118 -3.83 -127.12 84.12
C ALA AA 118 -3.02 -126.97 82.82
N THR AA 119 -2.06 -126.05 82.78
CA THR AA 119 -1.18 -125.90 81.61
C THR AA 119 -0.43 -127.18 81.31
N ALA AA 120 0.15 -127.83 82.31
CA ALA AA 120 0.84 -129.10 82.10
C ALA AA 120 -0.09 -130.17 81.52
N ILE AA 121 -1.32 -130.26 82.02
CA ILE AA 121 -2.30 -131.23 81.52
C ILE AA 121 -2.72 -130.91 80.09
N ALA AA 122 -2.86 -129.64 79.71
CA ALA AA 122 -3.12 -129.28 78.32
C ALA AA 122 -1.95 -129.68 77.43
N MET AA 123 -0.73 -129.26 77.76
CA MET AA 123 0.44 -129.57 76.95
C MET AA 123 0.67 -131.08 76.80
N ALA AA 124 0.38 -131.87 77.84
CA ALA AA 124 0.48 -133.31 77.74
C ALA AA 124 -0.51 -133.91 76.74
N PHE AA 125 -1.65 -133.26 76.49
CA PHE AA 125 -2.58 -133.73 75.47
C PHE AA 125 -2.04 -133.48 74.06
N ASP AA 126 -1.59 -132.27 73.74
CA ASP AA 126 -1.00 -132.02 72.42
C ASP AA 126 0.20 -132.92 72.15
N ASN AA 127 1.14 -133.04 73.07
CA ASN AA 127 2.30 -133.91 72.88
C ASN AA 127 1.93 -135.39 72.78
N ALA AA 128 0.77 -135.80 73.29
CA ALA AA 128 0.26 -137.14 73.05
C ALA AA 128 -0.49 -137.26 71.73
N ALA AA 129 -1.13 -136.20 71.24
CA ALA AA 129 -1.89 -136.23 70.01
C ALA AA 129 -1.01 -136.10 68.77
N LEU AA 130 -0.11 -135.12 68.77
CA LEU AA 130 0.77 -134.85 67.64
C LEU AA 130 1.83 -135.94 67.53
N HIS AA 131 2.73 -136.02 68.50
CA HIS AA 131 3.92 -136.86 68.40
C HIS AA 131 3.80 -138.20 69.11
N GLY AA 132 2.70 -138.48 69.80
CA GLY AA 132 2.52 -139.74 70.51
C GLY AA 132 3.40 -139.92 71.75
N THR AA 133 4.06 -138.87 72.24
CA THR AA 133 5.19 -138.93 73.18
C THR AA 133 5.03 -139.90 74.35
N ASN AA 134 3.91 -139.83 75.08
CA ASN AA 134 3.58 -140.73 76.19
C ASN AA 134 2.16 -141.25 76.07
N ALA AA 135 1.63 -141.35 74.85
CA ALA AA 135 0.21 -141.53 74.64
C ALA AA 135 -0.33 -142.79 75.33
N PRO AA 136 -1.49 -142.73 75.98
CA PRO AA 136 -2.11 -143.90 76.58
C PRO AA 136 -2.62 -144.82 75.50
N SER AA 137 -2.81 -146.10 75.83
CA SER AA 137 -3.28 -147.11 74.89
C SER AA 137 -4.63 -146.77 74.27
N ALA AA 138 -5.51 -146.10 75.01
CA ALA AA 138 -6.86 -145.82 74.55
C ALA AA 138 -6.95 -144.80 73.40
N PHE AA 139 -5.92 -143.98 73.16
CA PHE AA 139 -5.93 -143.04 72.05
C PHE AA 139 -5.76 -143.79 70.74
N GLN AA 140 -6.70 -143.62 69.81
CA GLN AA 140 -6.64 -144.28 68.51
C GLN AA 140 -5.71 -143.52 67.57
N GLY AA 141 -4.40 -143.70 67.77
CA GLY AA 141 -3.32 -143.20 66.93
C GLY AA 141 -2.83 -141.78 67.27
N TYR AA 142 -1.73 -141.37 66.63
CA TYR AA 142 -1.14 -140.04 66.78
C TYR AA 142 -0.53 -139.56 65.45
N LEU AA 143 -0.51 -138.26 65.18
CA LEU AA 143 -0.31 -137.74 63.83
C LEU AA 143 1.06 -138.09 63.24
N ASP AA 144 2.10 -138.19 64.06
CA ASP AA 144 3.43 -138.62 63.60
C ASP AA 144 3.50 -140.04 63.05
N GLN AA 145 2.46 -140.87 63.18
CA GLN AA 145 2.44 -142.18 62.53
C GLN AA 145 2.37 -142.13 61.00
N SER AA 146 2.12 -140.98 60.38
CA SER AA 146 1.96 -140.91 58.93
C SER AA 146 3.20 -141.33 58.15
N ASN AA 147 3.00 -142.14 57.11
CA ASN AA 147 4.03 -142.53 56.14
C ASN AA 147 4.24 -141.53 55.00
N LYS AA 148 3.65 -140.34 55.06
CA LYS AA 148 3.88 -139.27 54.07
C LYS AA 148 4.74 -138.18 54.67
N THR AA 149 5.83 -137.82 54.01
CA THR AA 149 6.80 -136.85 54.51
C THR AA 149 7.24 -135.94 53.38
N GLN AA 150 7.43 -134.66 53.64
CA GLN AA 150 7.77 -133.69 52.61
C GLN AA 150 8.80 -132.68 53.10
N SER AA 151 9.82 -132.43 52.30
CA SER AA 151 10.74 -131.33 52.56
C SER AA 151 10.07 -129.99 52.24
N ILE AA 152 10.30 -128.98 53.06
CA ILE AA 152 9.81 -127.60 52.82
C ILE AA 152 10.96 -126.59 52.75
N SER AA 153 12.20 -127.02 52.97
CA SER AA 153 13.40 -126.18 53.09
C SER AA 153 13.73 -125.31 51.87
N PRO AA 154 13.83 -125.85 50.63
CA PRO AA 154 14.33 -125.04 49.53
C PRO AA 154 13.33 -124.00 49.06
N ASN AA 155 12.04 -124.36 48.99
CA ASN AA 155 10.97 -123.54 48.46
C ASN AA 155 9.63 -124.04 49.02
N ALA AA 156 9.01 -123.26 49.90
CA ALA AA 156 7.77 -123.68 50.55
C ALA AA 156 6.61 -123.88 49.57
N TYR AA 157 6.53 -123.11 48.49
CA TYR AA 157 5.46 -123.24 47.52
C TYR AA 157 5.54 -124.58 46.78
N GLN AA 158 6.74 -124.95 46.31
CA GLN AA 158 6.94 -126.27 45.72
C GLN AA 158 6.65 -127.36 46.74
N GLY AA 159 7.14 -127.20 47.97
CA GLY AA 159 6.99 -128.17 49.05
C GLY AA 159 5.53 -128.46 49.36
N LEU AA 160 4.75 -127.46 49.75
CA LEU AA 160 3.34 -127.64 50.07
C LEU AA 160 2.52 -127.88 48.81
N GLY AA 161 2.52 -126.92 47.88
CA GLY AA 161 1.49 -126.81 46.86
C GLY AA 161 1.65 -127.74 45.66
N VAL AA 162 2.83 -128.32 45.45
CA VAL AA 162 3.11 -129.17 44.29
C VAL AA 162 3.53 -130.55 44.72
N SER AA 163 4.61 -130.69 45.47
CA SER AA 163 5.10 -132.01 45.87
C SER AA 163 4.21 -132.64 46.94
N GLY AA 164 4.06 -132.00 48.10
CA GLY AA 164 3.27 -132.53 49.21
C GLY AA 164 1.83 -132.78 48.81
N LEU AA 165 1.20 -131.83 48.12
CA LEU AA 165 -0.16 -132.03 47.63
C LEU AA 165 -0.26 -133.21 46.67
N THR AA 166 0.74 -133.48 45.84
CA THR AA 166 0.72 -134.67 44.97
C THR AA 166 0.64 -135.94 45.79
N LYS AA 167 1.40 -136.03 46.89
CA LYS AA 167 1.38 -137.22 47.75
C LYS AA 167 0.02 -137.44 48.42
N LEU AA 168 -0.70 -136.37 48.75
CA LEU AA 168 -2.07 -136.50 49.28
C LEU AA 168 -3.05 -136.95 48.18
N VAL AA 169 -3.19 -136.20 47.10
CA VAL AA 169 -4.27 -136.48 46.13
C VAL AA 169 -4.04 -137.75 45.34
N THR AA 170 -2.80 -138.19 45.14
CA THR AA 170 -2.53 -139.50 44.52
C THR AA 170 -3.14 -140.64 45.35
N ASP AA 171 -3.21 -140.48 46.66
CA ASP AA 171 -3.81 -141.42 47.60
C ASP AA 171 -5.27 -141.06 47.94
N GLY AA 172 -5.90 -140.18 47.18
CA GLY AA 172 -7.29 -139.76 47.35
C GLY AA 172 -7.58 -138.91 48.60
N LYS AA 173 -6.61 -138.71 49.48
CA LYS AA 173 -6.73 -137.82 50.65
C LYS AA 173 -6.71 -136.36 50.17
N LYS AA 174 -7.54 -135.48 50.73
CA LYS AA 174 -7.64 -134.08 50.28
C LYS AA 174 -7.10 -133.09 51.30
N TRP AA 175 -6.26 -132.17 50.87
CA TRP AA 175 -5.62 -131.19 51.75
C TRP AA 175 -6.59 -130.10 52.20
N THR AA 176 -6.86 -129.93 53.51
CA THR AA 176 -7.80 -128.92 54.00
C THR AA 176 -7.20 -127.86 54.90
N HIS AA 177 -6.10 -128.13 55.61
CA HIS AA 177 -5.43 -127.16 56.49
C HIS AA 177 -3.92 -127.37 56.52
N THR AA 178 -3.18 -126.38 57.01
CA THR AA 178 -1.76 -126.54 57.36
C THR AA 178 -1.47 -125.99 58.74
N LEU AA 179 -0.73 -126.73 59.55
CA LEU AA 179 -0.38 -126.41 60.93
C LEU AA 179 1.13 -126.29 61.03
N LEU AA 180 1.65 -125.13 61.43
CA LEU AA 180 3.07 -124.83 61.39
C LEU AA 180 3.62 -124.40 62.74
N ASP AA 181 4.83 -124.83 63.07
CA ASP AA 181 5.55 -124.29 64.21
C ASP AA 181 6.05 -122.87 63.94
N ASP AA 182 6.11 -122.03 64.97
CA ASP AA 182 6.69 -120.69 64.84
C ASP AA 182 8.13 -120.68 64.34
N THR AA 183 8.89 -121.75 64.52
CA THR AA 183 10.23 -121.89 63.91
C THR AA 183 10.22 -121.98 62.39
N VAL AA 184 9.08 -122.14 61.72
CA VAL AA 184 9.01 -122.18 60.26
C VAL AA 184 9.19 -120.80 59.62
N GLU AA 185 8.93 -119.71 60.32
CA GLU AA 185 8.94 -118.37 59.73
C GLU AA 185 10.19 -118.03 58.89
N PRO AA 186 11.43 -118.26 59.33
CA PRO AA 186 12.58 -117.93 58.52
C PRO AA 186 12.65 -118.81 57.27
N VAL AA 187 12.39 -120.10 57.37
CA VAL AA 187 12.44 -121.00 56.20
C VAL AA 187 11.40 -120.61 55.16
N LEU AA 188 10.25 -120.13 55.60
CA LEU AA 188 9.25 -119.56 54.73
C LEU AA 188 9.73 -118.24 54.10
N ASN AA 189 10.30 -117.32 54.86
CA ASN AA 189 10.83 -116.05 54.33
C ASN AA 189 11.95 -116.28 53.31
N GLY AA 190 12.69 -117.37 53.42
CA GLY AA 190 13.77 -117.75 52.52
C GLY AA 190 13.32 -118.39 51.22
N SER AA 191 12.02 -118.61 51.01
CA SER AA 191 11.51 -119.08 49.73
C SER AA 191 11.54 -117.96 48.70
N VAL AA 192 12.22 -118.18 47.58
CA VAL AA 192 12.44 -117.16 46.55
C VAL AA 192 12.20 -117.72 45.16
N ASP AA 193 11.86 -116.85 44.23
CA ASP AA 193 11.95 -117.17 42.81
C ASP AA 193 13.42 -117.25 42.35
N ALA AA 194 13.65 -117.60 41.09
CA ALA AA 194 15.00 -117.68 40.53
C ALA AA 194 15.72 -116.33 40.44
N ASN AA 195 14.99 -115.21 40.47
CA ASN AA 195 15.59 -113.89 40.59
C ASN AA 195 16.00 -113.57 42.02
N GLY AA 196 15.62 -114.39 43.00
CA GLY AA 196 15.94 -114.16 44.41
C GLY AA 196 14.98 -113.21 45.12
N ARG AA 197 13.86 -112.79 44.51
CA ARG AA 197 12.82 -112.05 45.23
C ARG AA 197 11.93 -113.03 46.00
N PRO AA 198 11.39 -112.66 47.17
CA PRO AA 198 10.62 -113.58 48.00
C PRO AA 198 9.27 -113.91 47.38
N LEU AA 199 8.71 -115.07 47.74
CA LEU AA 199 7.41 -115.53 47.20
C LEU AA 199 6.18 -115.08 48.01
N PHE AA 200 6.28 -114.86 49.32
CA PHE AA 200 5.12 -114.70 50.22
C PHE AA 200 4.94 -113.30 50.84
N VAL AA 201 5.67 -112.31 50.37
CA VAL AA 201 5.53 -110.89 50.74
C VAL AA 201 5.65 -109.99 49.51
N GLU AA 202 4.96 -108.87 49.47
CA GLU AA 202 5.01 -107.93 48.34
C GLU AA 202 6.05 -106.82 48.53
N SER AA 203 6.33 -106.06 47.46
CA SER AA 203 7.45 -105.13 47.29
C SER AA 203 7.76 -104.27 48.51
N THR AA 204 9.04 -104.17 48.85
CA THR AA 204 9.61 -103.52 50.05
C THR AA 204 9.34 -104.20 51.39
N TYR AA 205 8.53 -105.26 51.42
CA TYR AA 205 8.61 -106.27 52.46
C TYR AA 205 8.36 -105.77 53.87
N GLU AA 206 7.44 -104.82 54.03
CA GLU AA 206 7.10 -104.23 55.32
C GLU AA 206 6.42 -105.22 56.27
N SER AA 207 5.48 -106.00 55.77
CA SER AA 207 4.53 -106.79 56.57
C SER AA 207 5.04 -108.21 56.87
N LEU AA 208 4.44 -108.87 57.87
CA LEU AA 208 4.69 -110.30 58.09
C LEU AA 208 4.26 -111.11 56.86
N THR AA 209 5.01 -112.18 56.58
CA THR AA 209 4.72 -113.11 55.49
C THR AA 209 3.33 -113.71 55.58
N THR AA 210 2.67 -113.87 54.45
CA THR AA 210 1.21 -114.03 54.41
C THR AA 210 0.67 -115.13 55.35
N PRO AA 211 1.22 -116.35 55.38
CA PRO AA 211 0.79 -117.37 56.32
C PRO AA 211 0.92 -116.97 57.79
N PHE AA 212 1.91 -116.15 58.14
CA PHE AA 212 2.15 -115.68 59.50
C PHE AA 212 1.28 -114.48 59.90
N ARG AA 213 0.37 -114.04 59.04
CA ARG AA 213 -0.83 -113.29 59.43
C ARG AA 213 -2.06 -114.20 59.48
N GLU AA 214 -1.84 -115.50 59.69
CA GLU AA 214 -2.84 -116.55 59.58
C GLU AA 214 -3.54 -116.57 58.21
N GLY AA 215 -2.92 -116.00 57.19
CA GLY AA 215 -3.43 -116.02 55.83
C GLY AA 215 -3.46 -117.44 55.27
N ARG AA 216 -4.38 -117.69 54.37
CA ARG AA 216 -4.44 -118.96 53.65
C ARG AA 216 -3.30 -119.09 52.64
N ILE AA 217 -2.88 -120.31 52.36
CA ILE AA 217 -2.02 -120.65 51.23
C ILE AA 217 -2.87 -121.43 50.24
N LEU AA 218 -2.94 -121.03 48.98
CA LEU AA 218 -3.66 -121.76 47.94
C LEU AA 218 -5.06 -122.18 48.37
N GLY AA 219 -5.78 -121.28 49.03
CA GLY AA 219 -7.11 -121.52 49.60
C GLY AA 219 -7.14 -122.06 51.03
N ARG AA 220 -6.15 -122.83 51.48
CA ARG AA 220 -6.20 -123.52 52.78
C ARG AA 220 -5.75 -122.60 53.91
N PRO AA 221 -6.46 -122.49 55.04
CA PRO AA 221 -6.05 -121.64 56.15
C PRO AA 221 -4.79 -122.15 56.84
N THR AA 222 -4.03 -121.24 57.46
CA THR AA 222 -2.80 -121.58 58.20
C THR AA 222 -3.05 -121.50 59.69
N ILE AA 223 -2.65 -122.52 60.44
CA ILE AA 223 -2.68 -122.57 61.90
C ILE AA 223 -1.25 -122.48 62.43
N LEU AA 224 -0.99 -121.68 63.45
CA LEU AA 224 0.36 -121.39 63.96
C LEU AA 224 0.47 -121.73 65.45
N SER AA 225 1.64 -122.19 65.93
CA SER AA 225 1.88 -122.33 67.37
C SER AA 225 3.35 -122.44 67.76
N ASP AA 226 3.65 -122.19 69.04
CA ASP AA 226 4.99 -122.22 69.63
C ASP AA 226 5.57 -123.63 69.84
N HIS AA 227 4.74 -124.67 69.71
CA HIS AA 227 5.05 -126.00 70.26
C HIS AA 227 4.62 -127.16 69.35
N VAL AA 228 4.61 -126.96 68.02
CA VAL AA 228 4.28 -128.02 67.08
C VAL AA 228 5.49 -128.90 66.78
N ALA AA 229 6.70 -128.31 66.74
CA ALA AA 229 7.89 -129.01 66.32
C ALA AA 229 8.39 -130.07 67.32
N GLU AA 230 8.90 -131.18 66.81
CA GLU AA 230 9.58 -132.25 67.56
C GLU AA 230 10.54 -132.98 66.62
N GLY AA 231 11.57 -133.63 67.17
CA GLY AA 231 12.53 -134.40 66.39
C GLY AA 231 13.11 -133.60 65.22
N ASP AA 232 12.69 -133.95 64.00
CA ASP AA 232 13.01 -133.21 62.77
C ASP AA 232 11.74 -132.88 61.95
N VAL AA 233 10.61 -132.69 62.63
CA VAL AA 233 9.30 -132.35 62.06
C VAL AA 233 8.84 -131.01 62.61
N VAL AA 234 8.35 -130.13 61.74
CA VAL AA 234 8.05 -128.73 62.07
C VAL AA 234 6.64 -128.29 61.69
N GLY AA 235 5.81 -129.20 61.19
CA GLY AA 235 4.43 -128.90 60.87
C GLY AA 235 3.76 -130.02 60.11
N TYR AA 236 2.45 -129.91 59.90
CA TYR AA 236 1.65 -130.91 59.23
C TYR AA 236 0.69 -130.27 58.24
N ALA AA 237 0.66 -130.80 57.03
CA ALA AA 237 -0.37 -130.45 56.04
C ALA AA 237 -1.30 -131.65 55.90
N GLY AA 238 -2.61 -131.48 55.90
CA GLY AA 238 -3.48 -132.65 55.79
C GLY AA 238 -4.97 -132.34 55.86
N ASP AA 239 -5.75 -133.36 56.20
CA ASP AA 239 -7.18 -133.23 56.40
C ASP AA 239 -7.56 -133.14 57.88
N PHE AA 240 -7.51 -131.95 58.44
CA PHE AA 240 -7.85 -131.72 59.85
C PHE AA 240 -9.33 -131.94 60.18
N SER AA 241 -10.19 -132.30 59.22
CA SER AA 241 -11.52 -132.81 59.56
C SER AA 241 -11.49 -134.21 60.17
N GLN AA 242 -10.41 -134.98 59.95
CA GLN AA 242 -10.31 -136.38 60.33
C GLN AA 242 -9.97 -136.63 61.81
N ILE AA 243 -9.75 -135.59 62.60
CA ILE AA 243 -9.41 -135.70 64.02
C ILE AA 243 -10.64 -135.30 64.83
N ILE AA 244 -11.08 -136.15 65.76
CA ILE AA 244 -12.18 -135.84 66.68
C ILE AA 244 -11.82 -136.22 68.11
N TRP AA 245 -12.30 -135.47 69.09
CA TRP AA 245 -11.88 -135.61 70.49
C TRP AA 245 -12.97 -135.24 71.47
N GLY AA 246 -12.83 -135.61 72.74
CA GLY AA 246 -13.77 -135.21 73.77
C GLY AA 246 -13.17 -135.20 75.16
N GLN AA 247 -13.75 -134.42 76.05
CA GLN AA 247 -13.41 -134.39 77.47
C GLN AA 247 -14.59 -134.90 78.28
N VAL AA 248 -14.39 -135.94 79.09
CA VAL AA 248 -15.43 -136.40 80.02
C VAL AA 248 -15.36 -135.52 81.26
N GLY AA 249 -16.47 -134.92 81.66
CA GLY AA 249 -16.49 -134.00 82.79
C GLY AA 249 -15.55 -132.81 82.58
N GLY AA 250 -14.61 -132.61 83.49
CA GLY AA 250 -13.59 -131.57 83.37
C GLY AA 250 -12.51 -131.66 84.45
N LEU AA 251 -11.54 -130.75 84.40
CA LEU AA 251 -10.43 -130.68 85.35
C LEU AA 251 -10.98 -130.57 86.78
N SER AA 252 -10.65 -131.55 87.62
CA SER AA 252 -11.23 -131.70 88.95
C SER AA 252 -10.16 -131.80 90.03
N PHE AA 253 -10.45 -131.27 91.22
CA PHE AA 253 -9.49 -131.17 92.32
C PHE AA 253 -10.08 -131.70 93.61
N ASP AA 254 -9.31 -132.48 94.37
CA ASP AA 254 -9.56 -132.81 95.77
C ASP AA 254 -8.36 -132.36 96.62
N VAL AA 255 -8.57 -132.06 97.90
CA VAL AA 255 -7.51 -131.66 98.83
C VAL AA 255 -7.65 -132.45 100.13
N THR AA 256 -6.55 -132.83 100.76
CA THR AA 256 -6.59 -133.60 102.01
C THR AA 256 -5.34 -133.47 102.87
N ASP AA 257 -5.48 -133.75 104.16
CA ASP AA 257 -4.38 -134.11 105.06
C ASP AA 257 -4.52 -135.54 105.61
N GLN AA 258 -5.57 -136.28 105.26
CA GLN AA 258 -5.87 -137.58 105.85
C GLN AA 258 -5.09 -138.73 105.24
N ALA AA 259 -4.84 -138.70 103.94
CA ALA AA 259 -4.30 -139.85 103.20
C ALA AA 259 -2.84 -140.15 103.53
N THR AA 260 -2.37 -141.31 103.10
CA THR AA 260 -0.95 -141.66 103.06
C THR AA 260 -0.49 -141.65 101.60
N LEU AA 261 0.66 -141.04 101.30
CA LEU AA 261 1.22 -141.01 99.95
C LEU AA 261 2.44 -141.91 99.85
N ASN AA 262 2.58 -142.63 98.74
CA ASN AA 262 3.81 -143.31 98.39
C ASN AA 262 4.74 -142.35 97.65
N LEU AA 263 5.82 -141.91 98.26
CA LEU AA 263 6.79 -141.02 97.60
C LEU AA 263 7.74 -141.78 96.67
N GLY AA 264 7.75 -143.11 96.74
CA GLY AA 264 8.54 -144.00 95.89
C GLY AA 264 7.78 -144.39 94.63
N SER AA 265 7.67 -145.69 94.39
CA SER AA 265 6.88 -146.27 93.30
C SER AA 265 6.07 -147.48 93.77
N GLN AA 266 5.14 -147.96 92.95
CA GLN AA 266 4.40 -149.18 93.23
C GLN AA 266 5.31 -150.41 93.37
N GLU AA 267 6.48 -150.42 92.72
CA GLU AA 267 7.48 -151.48 92.83
C GLU AA 267 8.47 -151.29 93.98
N SER AA 268 8.62 -150.05 94.48
CA SER AA 268 9.62 -149.67 95.49
C SER AA 268 9.01 -148.65 96.47
N PRO AA 269 8.13 -149.09 97.38
CA PRO AA 269 7.38 -148.19 98.22
C PRO AA 269 8.25 -147.39 99.19
N ASN AA 270 7.86 -146.15 99.44
CA ASN AA 270 8.44 -145.27 100.44
C ASN AA 270 7.34 -144.36 101.00
N PHE AA 271 6.55 -144.84 101.95
CA PHE AA 271 5.33 -144.17 102.38
C PHE AA 271 5.57 -143.00 103.32
N VAL AA 272 4.70 -141.99 103.23
CA VAL AA 272 4.55 -140.92 104.23
C VAL AA 272 3.08 -140.73 104.54
N SER AA 273 2.69 -140.78 105.81
CA SER AA 273 1.37 -140.35 106.25
C SER AA 273 1.28 -138.84 106.19
N LEU AA 274 0.33 -138.27 105.45
CA LEU AA 274 0.21 -136.82 105.39
C LEU AA 274 -0.09 -136.26 106.77
N TRP AA 275 -0.97 -136.90 107.52
CA TRP AA 275 -1.34 -136.38 108.84
C TRP AA 275 -0.18 -136.49 109.83
N GLN AA 276 0.52 -137.63 109.92
CA GLN AA 276 1.55 -137.77 110.95
C GLN AA 276 2.71 -136.80 110.75
N HIS AA 277 3.01 -136.40 109.51
CA HIS AA 277 4.02 -135.39 109.19
C HIS AA 277 3.46 -133.99 108.95
N ASN AA 278 2.19 -133.74 109.28
CA ASN AA 278 1.54 -132.44 109.13
C ASN AA 278 1.66 -131.86 107.70
N LEU AA 279 1.61 -132.73 106.68
CA LEU AA 279 1.56 -132.34 105.28
C LEU AA 279 0.13 -132.17 104.80
N VAL AA 280 -0.05 -131.46 103.69
CA VAL AA 280 -1.33 -131.25 103.01
C VAL AA 280 -1.13 -131.47 101.52
N ALA AA 281 -2.02 -132.19 100.84
CA ALA AA 281 -1.84 -132.55 99.44
C ALA AA 281 -3.07 -132.21 98.59
N VAL AA 282 -2.84 -131.86 97.33
CA VAL AA 282 -3.88 -131.60 96.33
C VAL AA 282 -3.78 -132.64 95.23
N ARG AA 283 -4.91 -133.24 94.86
CA ARG AA 283 -5.07 -134.37 93.96
C ARG AA 283 -5.89 -133.93 92.76
N VAL AA 284 -5.35 -134.02 91.55
CA VAL AA 284 -5.92 -133.38 90.36
C VAL AA 284 -6.03 -134.36 89.21
N GLU AA 285 -7.18 -134.42 88.53
CA GLU AA 285 -7.36 -135.32 87.38
C GLU AA 285 -8.47 -134.91 86.41
N ALA AA 286 -8.39 -135.44 85.20
CA ALA AA 286 -9.32 -135.30 84.09
C ALA AA 286 -9.26 -136.54 83.19
N GLU AA 287 -10.23 -136.75 82.30
CA GLU AA 287 -10.06 -137.78 81.26
C GLU AA 287 -10.54 -137.33 79.87
N TYR AA 288 -9.73 -137.63 78.87
CA TYR AA 288 -9.86 -137.18 77.48
C TYR AA 288 -9.87 -138.36 76.53
N GLY AA 289 -10.57 -138.27 75.41
CA GLY AA 289 -10.53 -139.27 74.33
C GLY AA 289 -10.18 -138.64 72.99
N LEU AA 290 -9.45 -139.37 72.15
CA LEU AA 290 -8.97 -138.90 70.85
C LEU AA 290 -9.04 -140.01 69.80
N LEU AA 291 -9.49 -139.67 68.61
CA LEU AA 291 -9.40 -140.52 67.43
C LEU AA 291 -8.88 -139.72 66.24
N ILE AA 292 -7.94 -140.28 65.49
CA ILE AA 292 -7.67 -139.85 64.13
C ILE AA 292 -8.21 -140.92 63.19
N ASN AA 293 -9.13 -140.58 62.31
CA ASN AA 293 -9.79 -141.58 61.47
C ASN AA 293 -8.83 -142.27 60.51
N ASP AA 294 -7.86 -141.53 59.98
CA ASP AA 294 -6.86 -142.07 59.06
C ASP AA 294 -5.55 -141.27 59.11
N VAL AA 295 -4.58 -141.73 59.90
CA VAL AA 295 -3.27 -141.06 60.02
C VAL AA 295 -2.50 -141.01 58.71
N ASN AA 296 -2.90 -141.74 57.67
CA ASN AA 296 -2.31 -141.60 56.33
C ASN AA 296 -2.71 -140.30 55.63
N ALA AA 297 -3.66 -139.54 56.16
CA ALA AA 297 -4.18 -138.30 55.56
C ALA AA 297 -3.43 -137.02 56.01
N PHE AA 298 -2.22 -137.16 56.54
CA PHE AA 298 -1.39 -136.05 57.00
C PHE AA 298 0.02 -136.17 56.43
N VAL AA 299 0.66 -135.08 56.05
CA VAL AA 299 2.02 -135.04 55.52
C VAL AA 299 2.89 -134.32 56.53
N LYS AA 300 3.93 -134.98 57.03
CA LYS AA 300 4.89 -134.37 57.95
C LYS AA 300 5.81 -133.42 57.18
N LEU AA 301 6.07 -132.23 57.68
CA LEU AA 301 6.93 -131.23 57.06
C LEU AA 301 8.24 -131.14 57.82
N THR AA 302 9.40 -131.17 57.16
CA THR AA 302 10.67 -131.56 57.83
C THR AA 302 11.86 -130.63 57.61
N PHE AA 303 11.65 -129.40 57.16
CA PHE AA 303 12.72 -128.62 56.52
C PHE AA 303 13.43 -129.45 55.44
N ASP AA 304 14.66 -129.89 55.64
CA ASP AA 304 15.41 -130.71 54.69
C ASP AA 304 14.80 -132.10 54.47
N PRO AA 305 15.10 -132.79 53.36
CA PRO AA 305 14.61 -134.15 53.13
C PRO AA 305 15.18 -135.16 54.13
N VAL AA 306 14.47 -136.26 54.38
CA VAL AA 306 14.83 -137.27 55.40
C VAL AA 306 14.35 -138.67 55.03
N LEU AA 307 15.09 -139.70 55.44
CA LEU AA 307 14.73 -141.11 55.28
C LEU AA 307 13.72 -141.55 56.35
N THR AA 308 12.63 -142.23 55.96
CA THR AA 308 11.60 -142.70 56.91
C THR AA 308 11.99 -144.05 57.51
N THR AA 309 11.60 -144.36 58.75
CA THR AA 309 11.86 -145.66 59.39
C THR AA 309 10.57 -146.42 59.69
N TYR AA 310 10.47 -147.65 59.21
CA TYR AA 310 9.28 -148.50 59.31
C TYR AA 310 9.57 -149.81 60.03
N ALA AA 311 8.60 -150.34 60.78
CA ALA AA 311 8.58 -151.72 61.25
C ALA AA 311 7.51 -152.50 60.49
N LEU AA 312 7.93 -153.62 59.90
CA LEU AA 312 7.11 -154.56 59.16
C LEU AA 312 7.05 -155.87 59.96
N ASP AA 313 5.86 -156.28 60.40
CA ASP AA 313 5.69 -157.41 61.31
C ASP AA 313 4.61 -158.38 60.79
N LEU AA 314 4.99 -159.65 60.65
CA LEU AA 314 4.20 -160.71 60.04
C LEU AA 314 3.47 -161.57 61.09
N ASP AA 315 3.44 -161.19 62.37
CA ASP AA 315 2.72 -161.91 63.44
C ASP AA 315 3.08 -163.41 63.55
N GLY AA 316 4.32 -163.77 63.20
CA GLY AA 316 4.78 -165.17 63.23
C GLY AA 316 4.24 -166.07 62.10
N ALA AA 317 3.74 -165.51 60.99
CA ALA AA 317 3.24 -166.27 59.85
C ALA AA 317 4.25 -167.30 59.32
N SER AA 318 3.76 -168.50 58.98
CA SER AA 318 4.55 -169.62 58.48
C SER AA 318 4.33 -169.97 56.99
N ALA AA 319 3.51 -169.21 56.27
CA ALA AA 319 3.12 -169.56 54.90
C ALA AA 319 2.74 -168.35 54.02
N GLY AA 320 2.94 -168.50 52.71
CA GLY AA 320 2.54 -167.52 51.70
C GLY AA 320 3.54 -166.38 51.51
N ASN AA 321 3.12 -165.37 50.74
CA ASN AA 321 3.98 -164.28 50.29
C ASN AA 321 3.32 -162.90 50.45
N PHE AA 322 4.05 -161.92 50.96
CA PHE AA 322 3.68 -160.52 50.97
C PHE AA 322 4.29 -159.78 49.77
N THR AA 323 3.95 -158.49 49.58
CA THR AA 323 4.70 -157.61 48.67
C THR AA 323 4.73 -156.17 49.17
N LEU AA 324 5.76 -155.42 48.77
CA LEU AA 324 6.06 -154.06 49.22
C LEU AA 324 6.10 -153.10 48.02
N SER AA 325 5.73 -151.84 48.25
CA SER AA 325 5.67 -150.81 47.21
C SER AA 325 6.29 -149.50 47.69
N LEU AA 326 7.02 -148.80 46.83
CA LEU AA 326 7.51 -147.44 47.08
C LEU AA 326 6.76 -146.49 46.16
N ASP AA 327 6.04 -145.53 46.71
CA ASP AA 327 5.37 -144.46 45.95
C ASP AA 327 4.45 -144.98 44.81
N GLY AA 328 3.90 -146.19 44.96
CA GLY AA 328 3.06 -146.88 43.96
C GLY AA 328 3.82 -147.79 42.97
N LYS AA 329 5.13 -147.61 42.78
CA LYS AA 329 6.01 -148.60 42.12
C LYS AA 329 6.14 -149.81 43.06
N THR AA 330 6.18 -151.04 42.53
CA THR AA 330 5.89 -152.22 43.37
C THR AA 330 6.80 -153.42 43.11
N SER AA 331 6.97 -154.26 44.13
CA SER AA 331 7.87 -155.42 44.11
C SER AA 331 7.22 -156.67 43.51
N ALA AA 332 8.05 -157.68 43.24
CA ALA AA 332 7.58 -159.07 43.12
C ALA AA 332 7.02 -159.61 44.46
N ASN AA 333 6.56 -160.85 44.47
CA ASN AA 333 6.16 -161.56 45.68
C ASN AA 333 7.38 -161.93 46.54
N ILE AA 334 7.28 -161.83 47.86
CA ILE AA 334 8.36 -162.14 48.81
C ILE AA 334 7.82 -163.06 49.91
N ALA AA 335 8.55 -164.12 50.28
CA ALA AA 335 8.08 -165.15 51.20
C ALA AA 335 8.14 -164.74 52.69
N TYR AA 336 7.26 -165.35 53.48
CA TYR AA 336 7.10 -165.12 54.93
C TYR AA 336 8.40 -165.20 55.77
N ASN AA 337 9.44 -165.90 55.31
CA ASN AA 337 10.71 -166.06 56.03
C ASN AA 337 11.93 -165.42 55.33
N ALA AA 338 11.75 -164.54 54.34
CA ALA AA 338 12.85 -163.94 53.59
C ALA AA 338 13.91 -163.27 54.50
N SER AA 339 15.20 -163.33 54.14
CA SER AA 339 16.27 -162.73 54.95
C SER AA 339 16.36 -161.20 54.82
N THR AA 340 17.12 -160.53 55.67
CA THR AA 340 17.40 -159.09 55.55
C THR AA 340 18.04 -158.73 54.20
N ALA AA 341 18.99 -159.53 53.72
CA ALA AA 341 19.59 -159.36 52.39
C ALA AA 341 18.58 -159.62 51.26
N THR AA 342 17.66 -160.57 51.44
CA THR AA 342 16.60 -160.87 50.49
C THR AA 342 15.65 -159.68 50.34
N VAL AA 343 15.09 -159.16 51.43
CA VAL AA 343 14.15 -158.03 51.33
C VAL AA 343 14.85 -156.74 50.90
N LYS AA 344 16.10 -156.50 51.33
CA LYS AA 344 16.90 -155.33 50.90
C LYS AA 344 17.15 -155.36 49.38
N SER AA 345 17.63 -156.48 48.85
CA SER AA 345 17.83 -156.60 47.40
C SER AA 345 16.50 -156.55 46.61
N ALA AA 346 15.43 -157.17 47.12
CA ALA AA 346 14.13 -157.11 46.48
C ALA AA 346 13.57 -155.68 46.38
N ILE AA 347 13.64 -154.87 47.44
CA ILE AA 347 13.13 -153.50 47.38
C ILE AA 347 14.02 -152.60 46.51
N VAL AA 348 15.34 -152.80 46.53
CA VAL AA 348 16.26 -152.12 45.60
C VAL AA 348 15.89 -152.43 44.15
N ALA AA 349 15.41 -153.64 43.87
CA ALA AA 349 14.98 -154.06 42.54
C ALA AA 349 13.65 -153.45 42.05
N ILE AA 350 12.97 -152.58 42.81
CA ILE AA 350 11.85 -151.79 42.28
C ILE AA 350 12.36 -150.89 41.15
N ASP AA 351 11.72 -150.95 39.98
CA ASP AA 351 12.10 -150.15 38.82
C ASP AA 351 11.81 -148.66 39.04
N ASP AA 352 12.66 -147.83 38.45
CA ASP AA 352 12.76 -146.39 38.75
C ASP AA 352 13.08 -146.12 40.24
N GLY AA 353 13.73 -147.09 40.90
CA GLY AA 353 14.01 -147.13 42.33
C GLY AA 353 15.24 -146.31 42.75
N VAL AA 354 15.91 -146.77 43.81
CA VAL AA 354 17.04 -146.09 44.46
C VAL AA 354 18.16 -147.08 44.84
N SER AA 355 19.35 -146.55 45.12
CA SER AA 355 20.56 -147.35 45.38
C SER AA 355 20.48 -148.22 46.64
N ALA AA 356 21.19 -149.35 46.61
CA ALA AA 356 21.47 -150.18 47.77
C ALA AA 356 22.27 -149.45 48.87
N ASP AA 357 22.82 -148.27 48.58
CA ASP AA 357 23.43 -147.36 49.54
C ASP AA 357 22.40 -146.51 50.32
N ASP AA 358 21.27 -146.18 49.71
CA ASP AA 358 20.20 -145.36 50.32
C ASP AA 358 19.20 -146.22 51.11
N VAL AA 359 18.83 -147.40 50.60
CA VAL AA 359 18.01 -148.38 51.32
C VAL AA 359 18.80 -148.97 52.50
N THR AA 360 18.16 -149.22 53.65
CA THR AA 360 18.77 -150.00 54.75
C THR AA 360 17.72 -150.84 55.47
N VAL AA 361 18.13 -152.01 55.97
CA VAL AA 361 17.26 -153.01 56.59
C VAL AA 361 17.97 -153.68 57.78
N THR AA 362 17.24 -154.05 58.83
CA THR AA 362 17.72 -155.01 59.85
C THR AA 362 16.54 -155.77 60.47
N GLY AA 363 16.75 -157.01 60.92
CA GLY AA 363 15.67 -157.84 61.48
C GLY AA 363 15.91 -159.34 61.41
N SER AA 364 14.83 -160.11 61.46
CA SER AA 364 14.79 -161.57 61.40
C SER AA 364 13.54 -162.06 60.63
N ALA AA 365 13.45 -163.35 60.33
CA ALA AA 365 12.32 -163.91 59.59
C ALA AA 365 10.96 -163.50 60.20
N GLY AA 366 10.13 -162.81 59.42
CA GLY AA 366 8.81 -162.31 59.83
C GLY AA 366 8.80 -161.03 60.68
N ASP AA 367 9.95 -160.37 60.91
CA ASP AA 367 10.04 -159.17 61.75
C ASP AA 367 11.20 -158.27 61.27
N TYR AA 368 10.88 -157.20 60.53
CA TYR AA 368 11.85 -156.38 59.84
C TYR AA 368 11.72 -154.91 60.17
N THR AA 369 12.85 -154.25 60.38
CA THR AA 369 12.95 -152.79 60.39
C THR AA 369 13.54 -152.35 59.06
N ILE AA 370 12.87 -151.43 58.37
CA ILE AA 370 13.21 -151.00 57.01
C ILE AA 370 13.28 -149.48 56.97
N THR AA 371 14.27 -148.92 56.30
CA THR AA 371 14.35 -147.48 56.07
C THR AA 371 14.68 -147.17 54.61
N VAL AA 372 13.94 -146.22 54.06
CA VAL AA 372 13.90 -145.85 52.64
C VAL AA 372 13.49 -144.37 52.50
N PRO AA 373 13.79 -143.71 51.37
CA PRO AA 373 13.38 -142.32 51.14
C PRO AA 373 11.89 -142.15 50.82
N GLY AA 374 11.21 -143.18 50.31
CA GLY AA 374 9.83 -143.10 49.83
C GLY AA 374 8.75 -143.39 50.88
N THR AA 375 7.49 -143.25 50.47
CA THR AA 375 6.32 -143.81 51.17
C THR AA 375 6.25 -145.31 50.89
N LEU AA 376 6.71 -146.11 51.86
CA LEU AA 376 6.61 -147.56 51.82
C LEU AA 376 5.21 -148.02 52.22
N THR AA 377 4.67 -149.00 51.53
CA THR AA 377 3.41 -149.67 51.89
C THR AA 377 3.50 -151.15 51.55
N ALA AA 378 2.71 -151.99 52.21
CA ALA AA 378 2.81 -153.45 52.10
C ALA AA 378 1.43 -154.10 51.97
N ASP AA 379 1.34 -155.14 51.14
CA ASP AA 379 0.16 -155.97 50.92
C ASP AA 379 0.43 -157.41 51.39
N PHE AA 380 -0.40 -157.89 52.31
CA PHE AA 380 -0.29 -159.22 52.91
C PHE AA 380 -1.30 -160.21 52.32
N SER AA 381 -2.03 -159.86 51.26
CA SER AA 381 -3.15 -160.67 50.74
C SER AA 381 -2.72 -162.03 50.19
N GLY AA 382 -1.44 -162.19 49.80
CA GLY AA 382 -0.84 -163.46 49.39
C GLY AA 382 -0.22 -164.28 50.53
N LEU AA 383 -0.21 -163.76 51.76
CA LEU AA 383 0.21 -164.47 52.96
C LEU AA 383 -0.90 -165.44 53.40
N THR AA 384 -0.55 -166.65 53.82
CA THR AA 384 -1.53 -167.72 54.12
C THR AA 384 -1.39 -168.25 55.56
N ASP AA 385 -0.86 -167.42 56.44
CA ASP AA 385 -0.81 -167.59 57.89
C ASP AA 385 -0.59 -166.21 58.54
N GLY AA 386 -0.82 -166.06 59.84
CA GLY AA 386 -0.53 -164.83 60.60
C GLY AA 386 -1.20 -163.57 60.03
N GLU AA 387 -2.44 -163.67 59.56
CA GLU AA 387 -3.06 -162.68 58.67
C GLU AA 387 -3.32 -161.30 59.30
N GLY AA 388 -3.05 -161.11 60.60
CA GLY AA 388 -3.01 -159.81 61.27
C GLY AA 388 -1.79 -158.93 60.94
N ALA AA 389 -0.87 -159.42 60.09
CA ALA AA 389 0.37 -158.75 59.68
C ALA AA 389 0.19 -157.28 59.25
N SER AA 390 1.21 -156.45 59.52
CA SER AA 390 1.10 -154.99 59.43
C SER AA 390 2.44 -154.27 59.21
N ILE AA 391 2.39 -153.01 58.76
CA ILE AA 391 3.52 -152.10 58.67
C ILE AA 391 3.19 -150.75 59.34
N SER AA 392 4.15 -150.14 60.04
CA SER AA 392 3.98 -148.83 60.70
C SER AA 392 5.28 -148.03 60.73
N VAL AA 393 5.21 -146.70 60.84
CA VAL AA 393 6.35 -145.87 61.25
C VAL AA 393 6.79 -146.24 62.67
N VAL AA 394 8.11 -146.24 62.93
CA VAL AA 394 8.68 -146.68 64.23
C VAL AA 394 8.70 -145.55 65.26
N SER AA 395 9.31 -144.41 64.91
CA SER AA 395 9.54 -143.26 65.79
C SER AA 395 9.93 -142.04 64.95
N VAL AA 396 9.87 -140.83 65.51
CA VAL AA 396 10.48 -139.64 64.87
C VAL AA 396 12.03 -139.72 64.88
N GLY AA 397 12.61 -140.53 65.79
CA GLY AA 397 14.05 -140.80 65.90
C GLY AA 397 14.42 -141.60 67.14
N GLY BA 2 -3.45 -152.11 93.56
CA GLY BA 2 -3.67 -151.56 92.22
C GLY BA 2 -3.15 -152.52 91.16
N PHE BA 3 -2.84 -152.01 89.96
CA PHE BA 3 -2.24 -152.76 88.84
C PHE BA 3 -2.96 -154.09 88.52
N SER BA 4 -4.29 -154.09 88.64
CA SER BA 4 -5.10 -155.29 88.45
C SER BA 4 -4.99 -155.86 87.04
N ALA BA 5 -4.83 -157.18 86.93
CA ALA BA 5 -5.21 -157.89 85.72
C ALA BA 5 -6.73 -158.17 85.73
N ASP BA 6 -7.15 -159.00 86.68
CA ASP BA 6 -8.54 -159.24 87.11
C ASP BA 6 -8.44 -159.65 88.58
N HIS BA 7 -8.06 -158.68 89.40
CA HIS BA 7 -7.45 -158.89 90.71
C HIS BA 7 -8.42 -159.48 91.72
N SER BA 8 -7.89 -160.17 92.72
CA SER BA 8 -8.62 -160.39 93.96
C SER BA 8 -8.71 -159.07 94.77
N GLN BA 9 -9.24 -159.13 95.98
CA GLN BA 9 -9.33 -158.02 96.94
C GLN BA 9 -10.22 -156.82 96.53
N ILE BA 10 -10.00 -156.16 95.40
CA ILE BA 10 -10.80 -154.99 94.98
C ILE BA 10 -10.98 -154.93 93.47
N ALA BA 11 -12.19 -154.61 93.03
CA ALA BA 11 -12.63 -154.73 91.64
C ALA BA 11 -12.45 -153.48 90.78
N GLN BA 12 -12.35 -153.65 89.47
CA GLN BA 12 -12.23 -152.60 88.46
C GLN BA 12 -13.16 -152.86 87.28
N THR BA 13 -13.41 -151.84 86.45
CA THR BA 13 -14.18 -152.01 85.22
C THR BA 13 -13.53 -152.95 84.20
N LYS BA 14 -12.23 -153.25 84.37
CA LYS BA 14 -11.49 -154.24 83.59
C LYS BA 14 -12.00 -155.67 83.80
N ASP BA 15 -12.65 -155.96 84.92
CA ASP BA 15 -12.88 -157.34 85.37
C ASP BA 15 -13.91 -158.10 84.56
N THR BA 16 -13.76 -159.42 84.49
CA THR BA 16 -14.59 -160.25 83.62
C THR BA 16 -16.08 -160.16 83.94
N MET BA 17 -16.53 -160.18 85.20
CA MET BA 17 -17.97 -160.16 85.50
C MET BA 17 -18.63 -158.82 85.14
N PHE BA 18 -17.86 -157.74 84.94
CA PHE BA 18 -18.41 -156.48 84.42
C PHE BA 18 -18.59 -156.48 82.90
N THR BA 19 -18.00 -157.42 82.15
CA THR BA 19 -18.15 -157.44 80.69
C THR BA 19 -19.62 -157.56 80.27
N GLY BA 20 -20.00 -156.84 79.22
CA GLY BA 20 -21.39 -156.72 78.79
C GLY BA 20 -22.15 -155.56 79.43
N TYR BA 21 -21.75 -155.11 80.61
CA TYR BA 21 -22.05 -153.75 81.07
C TYR BA 21 -20.97 -152.79 80.53
N LEU BA 22 -21.10 -151.50 80.81
CA LEU BA 22 -20.10 -150.50 80.44
C LEU BA 22 -19.82 -150.44 78.92
N ASP BA 23 -20.84 -150.67 78.10
CA ASP BA 23 -20.77 -150.64 76.65
C ASP BA 23 -20.65 -149.22 76.09
N PRO BA 24 -20.00 -149.02 74.93
CA PRO BA 24 -19.84 -147.70 74.33
C PRO BA 24 -21.16 -147.19 73.75
N VAL BA 25 -21.38 -145.88 73.84
CA VAL BA 25 -22.56 -145.22 73.27
C VAL BA 25 -22.45 -145.12 71.76
N GLN BA 26 -23.46 -145.53 70.99
CA GLN BA 26 -23.38 -145.41 69.53
C GLN BA 26 -23.53 -143.96 69.08
N ALA BA 27 -22.66 -143.51 68.18
CA ALA BA 27 -22.65 -142.14 67.66
C ALA BA 27 -23.05 -142.06 66.18
N LYS BA 28 -23.28 -140.86 65.67
CA LYS BA 28 -23.39 -140.63 64.22
C LYS BA 28 -22.05 -140.86 63.53
N ASP BA 29 -22.06 -141.11 62.23
CA ASP BA 29 -20.84 -141.20 61.44
C ASP BA 29 -20.25 -139.81 61.21
N TYR BA 30 -19.28 -139.40 62.02
CA TYR BA 30 -18.63 -138.10 61.90
C TYR BA 30 -17.76 -137.96 60.64
N PHE BA 31 -17.48 -139.05 59.92
CA PHE BA 31 -16.55 -139.06 58.78
C PHE BA 31 -17.24 -139.35 57.44
N ALA BA 32 -18.56 -139.26 57.37
CA ALA BA 32 -19.34 -139.64 56.21
C ALA BA 32 -18.93 -138.88 54.94
N GLU BA 33 -18.76 -139.59 53.82
CA GLU BA 33 -18.52 -139.01 52.51
C GLU BA 33 -19.80 -138.45 51.90
N ALA BA 34 -19.72 -137.41 51.07
CA ALA BA 34 -20.84 -136.97 50.25
C ALA BA 34 -21.15 -137.98 49.13
N GLU BA 35 -22.40 -138.08 48.72
CA GLU BA 35 -22.78 -138.85 47.53
C GLU BA 35 -22.29 -138.19 46.24
N LYS BA 36 -21.69 -138.95 45.32
CA LYS BA 36 -21.21 -138.43 44.05
C LYS BA 36 -22.37 -138.13 43.09
N THR BA 37 -22.37 -136.97 42.46
CA THR BA 37 -23.23 -136.70 41.28
C THR BA 37 -22.70 -137.41 40.04
N SER BA 38 -23.54 -137.67 39.03
CA SER BA 38 -23.00 -137.80 37.67
C SER BA 38 -22.36 -136.49 37.25
N ILE BA 39 -21.24 -136.54 36.55
CA ILE BA 39 -20.70 -135.36 35.88
C ILE BA 39 -21.24 -135.20 34.47
N VAL BA 40 -21.47 -136.28 33.73
CA VAL BA 40 -21.86 -136.13 32.32
C VAL BA 40 -23.26 -135.53 32.20
N GLN BA 41 -24.16 -135.85 33.12
CA GLN BA 41 -25.48 -135.22 33.17
C GLN BA 41 -25.44 -133.70 33.43
N ARG BA 42 -24.33 -133.16 33.96
CA ARG BA 42 -24.17 -131.72 34.18
C ARG BA 42 -23.64 -130.98 32.96
N VAL BA 43 -22.72 -131.57 32.21
CA VAL BA 43 -22.06 -130.88 31.09
C VAL BA 43 -22.75 -131.10 29.74
N ALA BA 44 -23.38 -132.25 29.52
CA ALA BA 44 -24.02 -132.58 28.25
C ALA BA 44 -25.48 -132.08 28.19
N GLN BA 45 -25.94 -131.70 27.00
CA GLN BA 45 -27.32 -131.23 26.83
C GLN BA 45 -28.33 -132.36 26.96
N LYS BA 46 -29.28 -132.25 27.90
CA LYS BA 46 -30.42 -133.17 27.97
C LYS BA 46 -31.38 -132.88 26.82
N ILE BA 47 -31.85 -133.92 26.15
CA ILE BA 47 -32.90 -133.85 25.14
C ILE BA 47 -34.10 -134.70 25.56
N PRO BA 48 -35.33 -134.33 25.19
CA PRO BA 48 -36.49 -135.16 25.46
C PRO BA 48 -36.39 -136.43 24.62
N MET BA 49 -36.71 -137.58 25.21
CA MET BA 49 -36.57 -138.88 24.58
C MET BA 49 -37.64 -139.86 25.08
N GLY BA 50 -38.04 -140.81 24.25
CA GLY BA 50 -38.98 -141.87 24.58
C GLY BA 50 -38.39 -143.24 24.29
N ALA BA 51 -39.06 -144.32 24.72
CA ALA BA 51 -38.54 -145.68 24.59
C ALA BA 51 -38.29 -146.09 23.12
N THR BA 52 -39.04 -145.52 22.19
CA THR BA 52 -38.89 -145.71 20.74
C THR BA 52 -37.61 -145.10 20.17
N GLY BA 53 -36.91 -144.23 20.90
CA GLY BA 53 -35.74 -143.52 20.39
C GLY BA 53 -36.10 -142.32 19.50
N ILE BA 54 -35.09 -141.66 18.93
CA ILE BA 54 -35.27 -140.48 18.08
C ILE BA 54 -34.46 -140.54 16.81
N VAL BA 55 -34.84 -139.77 15.80
CA VAL BA 55 -34.13 -139.66 14.52
C VAL BA 55 -33.87 -138.20 14.17
N ILE BA 56 -32.63 -137.89 13.79
CA ILE BA 56 -32.11 -136.54 13.61
C ILE BA 56 -31.67 -136.37 12.15
N PRO BA 57 -32.18 -135.40 11.39
CA PRO BA 57 -31.77 -135.15 10.02
C PRO BA 57 -30.50 -134.32 9.96
N HIS BA 58 -29.72 -134.43 8.89
CA HIS BA 58 -28.61 -133.52 8.59
C HIS BA 58 -28.50 -133.25 7.09
N TRP BA 59 -28.38 -131.97 6.72
CA TRP BA 59 -28.14 -131.56 5.35
C TRP BA 59 -26.73 -131.93 4.89
N THR BA 60 -26.55 -132.27 3.62
CA THR BA 60 -25.24 -132.67 3.08
C THR BA 60 -24.98 -132.14 1.67
N GLY BA 61 -25.87 -131.34 1.10
CA GLY BA 61 -25.76 -130.90 -0.29
C GLY BA 61 -24.60 -129.94 -0.54
N ASP BA 62 -23.73 -130.30 -1.48
CA ASP BA 62 -22.77 -129.42 -2.13
C ASP BA 62 -23.45 -128.58 -3.24
N VAL BA 63 -24.44 -127.76 -2.85
CA VAL BA 63 -25.21 -126.93 -3.78
C VAL BA 63 -24.28 -125.99 -4.55
N SER BA 64 -24.48 -125.86 -5.86
CA SER BA 64 -23.52 -125.25 -6.76
C SER BA 64 -24.11 -124.12 -7.61
N ALA BA 65 -23.26 -123.19 -8.03
CA ALA BA 65 -23.57 -122.12 -8.97
C ALA BA 65 -22.32 -121.78 -9.77
N GLN BA 66 -22.48 -121.30 -11.00
CA GLN BA 66 -21.35 -121.01 -11.90
C GLN BA 66 -21.37 -119.55 -12.32
N TRP BA 67 -20.20 -118.95 -12.48
CA TRP BA 67 -20.08 -117.69 -13.20
C TRP BA 67 -20.40 -117.91 -14.68
N ILE BA 68 -21.11 -116.99 -15.31
CA ILE BA 68 -21.53 -117.11 -16.71
C ILE BA 68 -21.51 -115.76 -17.42
N GLY BA 69 -21.35 -115.77 -18.74
CA GLY BA 69 -21.38 -114.56 -19.58
C GLY BA 69 -22.78 -114.16 -20.03
N GLU BA 70 -22.90 -113.06 -20.76
CA GLU BA 70 -24.15 -112.72 -21.44
C GLU BA 70 -24.58 -113.86 -22.37
N GLY BA 71 -25.84 -114.29 -22.29
CA GLY BA 71 -26.40 -115.30 -23.20
C GLY BA 71 -25.83 -116.71 -23.06
N ASP BA 72 -24.93 -116.98 -22.11
CA ASP BA 72 -24.46 -118.34 -21.86
C ASP BA 72 -25.47 -119.13 -21.02
N MET BA 73 -25.56 -120.44 -21.21
CA MET BA 73 -26.63 -121.24 -20.62
C MET BA 73 -26.48 -121.44 -19.11
N LYS BA 74 -27.58 -121.38 -18.36
CA LYS BA 74 -27.61 -121.68 -16.93
C LYS BA 74 -27.22 -123.12 -16.62
N PRO BA 75 -26.40 -123.38 -15.60
CA PRO BA 75 -26.12 -124.71 -15.08
C PRO BA 75 -27.26 -125.22 -14.19
N ILE BA 76 -27.29 -126.51 -13.88
CA ILE BA 76 -28.32 -127.15 -13.04
C ILE BA 76 -27.68 -127.80 -11.82
N THR BA 77 -28.36 -127.82 -10.67
CA THR BA 77 -27.86 -128.42 -9.42
C THR BA 77 -28.96 -129.14 -8.63
N LYS BA 78 -28.59 -130.12 -7.79
CA LYS BA 78 -29.51 -130.80 -6.84
C LYS BA 78 -28.83 -130.90 -5.47
N GLY BA 79 -29.58 -130.76 -4.37
CA GLY BA 79 -29.08 -130.86 -3.00
C GLY BA 79 -28.95 -132.30 -2.49
N ASN BA 80 -28.72 -132.49 -1.19
CA ASN BA 80 -28.66 -133.82 -0.59
C ASN BA 80 -28.95 -133.79 0.92
N MET BA 81 -29.50 -134.87 1.46
CA MET BA 81 -29.97 -134.98 2.86
C MET BA 81 -29.65 -136.35 3.44
N THR BA 82 -29.54 -136.45 4.75
CA THR BA 82 -29.29 -137.71 5.47
C THR BA 82 -30.03 -137.72 6.81
N LYS BA 83 -30.14 -138.87 7.45
CA LYS BA 83 -30.67 -139.00 8.82
C LYS BA 83 -29.91 -140.04 9.63
N ARG BA 84 -29.93 -139.89 10.95
CA ARG BA 84 -29.31 -140.80 11.93
C ARG BA 84 -30.23 -141.00 13.12
N ASP BA 85 -30.29 -142.19 13.70
CA ASP BA 85 -31.22 -142.54 14.77
C ASP BA 85 -30.54 -143.15 16.00
N VAL BA 86 -31.16 -142.95 17.16
CA VAL BA 86 -30.62 -143.31 18.47
C VAL BA 86 -31.70 -143.97 19.31
N HIS BA 87 -31.36 -145.04 20.02
CA HIS BA 87 -32.26 -145.76 20.93
C HIS BA 87 -31.71 -145.72 22.36
N PRO BA 88 -32.56 -145.72 23.39
CA PRO BA 88 -32.12 -145.84 24.77
C PRO BA 88 -31.74 -147.28 25.12
N ALA BA 89 -31.06 -147.45 26.26
CA ALA BA 89 -30.66 -148.72 26.85
C ALA BA 89 -30.89 -148.71 28.36
N LYS BA 90 -30.89 -149.89 29.00
CA LYS BA 90 -31.31 -150.06 30.39
C LYS BA 90 -30.15 -150.31 31.31
N ILE BA 91 -30.09 -149.58 32.42
CA ILE BA 91 -29.28 -149.95 33.58
C ILE BA 91 -30.16 -150.79 34.48
N ALA BA 92 -29.66 -151.87 35.06
CA ALA BA 92 -30.42 -152.63 36.05
C ALA BA 92 -29.53 -153.34 37.06
N THR BA 93 -30.09 -153.67 38.22
CA THR BA 93 -29.39 -154.43 39.26
C THR BA 93 -30.41 -155.04 40.23
N ILE BA 94 -29.99 -156.02 41.02
CA ILE BA 94 -30.80 -156.69 42.03
C ILE BA 94 -30.01 -156.73 43.33
N PHE BA 95 -30.65 -156.57 44.47
CA PHE BA 95 -30.03 -156.89 45.75
C PHE BA 95 -30.90 -157.82 46.59
N VAL BA 96 -30.27 -158.70 47.36
CA VAL BA 96 -30.93 -159.85 47.99
C VAL BA 96 -30.52 -159.96 49.46
N ALA BA 97 -31.47 -160.27 50.33
CA ALA BA 97 -31.26 -160.40 51.77
C ALA BA 97 -32.10 -161.55 52.36
N SER BA 98 -31.65 -162.14 53.47
CA SER BA 98 -32.44 -163.18 54.12
C SER BA 98 -33.75 -162.62 54.67
N ALA BA 99 -34.80 -163.42 54.73
CA ALA BA 99 -36.07 -162.95 55.26
C ALA BA 99 -35.94 -162.41 56.68
N GLU BA 100 -35.13 -163.05 57.54
CA GLU BA 100 -34.86 -162.54 58.89
C GLU BA 100 -34.07 -161.23 58.89
N THR BA 101 -33.14 -161.03 57.95
CA THR BA 101 -32.46 -159.74 57.78
C THR BA 101 -33.45 -158.66 57.39
N VAL BA 102 -34.37 -158.93 56.46
CA VAL BA 102 -35.39 -157.97 56.06
C VAL BA 102 -36.32 -157.61 57.22
N ARG BA 103 -36.68 -158.58 58.04
CA ARG BA 103 -37.49 -158.36 59.24
C ARG BA 103 -36.78 -157.50 60.27
N ALA BA 104 -35.50 -157.74 60.52
CA ALA BA 104 -34.74 -156.95 61.50
C ALA BA 104 -34.30 -155.57 60.99
N ASN BA 105 -34.06 -155.43 59.68
CA ASN BA 105 -33.55 -154.22 59.00
C ASN BA 105 -32.42 -153.51 59.77
N PRO BA 106 -31.33 -154.22 60.10
CA PRO BA 106 -30.28 -153.69 60.96
C PRO BA 106 -29.61 -152.48 60.32
N ALA BA 107 -29.33 -151.45 61.11
CA ALA BA 107 -28.73 -150.19 60.67
C ALA BA 107 -29.44 -149.53 59.47
N ASN BA 108 -30.72 -149.83 59.27
CA ASN BA 108 -31.47 -149.47 58.08
C ASN BA 108 -30.74 -149.80 56.78
N TYR BA 109 -30.15 -150.99 56.69
CA TYR BA 109 -29.43 -151.44 55.51
C TYR BA 109 -30.29 -151.35 54.26
N LEU BA 110 -31.57 -151.71 54.33
CA LEU BA 110 -32.46 -151.63 53.18
C LEU BA 110 -32.65 -150.19 52.70
N GLY BA 111 -32.98 -149.27 53.59
CA GLY BA 111 -33.13 -147.87 53.22
C GLY BA 111 -31.82 -147.27 52.70
N THR BA 112 -30.68 -147.69 53.26
CA THR BA 112 -29.38 -147.24 52.81
C THR BA 112 -29.11 -147.71 51.38
N MET BA 113 -29.30 -149.00 51.10
CA MET BA 113 -29.15 -149.57 49.76
C MET BA 113 -30.04 -148.84 48.76
N ARG BA 114 -31.29 -148.55 49.13
CA ARG BA 114 -32.25 -147.88 48.25
C ARG BA 114 -31.69 -146.56 47.71
N THR BA 115 -30.90 -145.84 48.51
CA THR BA 115 -30.21 -144.63 48.05
C THR BA 115 -28.93 -144.96 47.31
N LYS BA 116 -28.06 -145.81 47.84
CA LYS BA 116 -26.73 -146.01 47.26
C LYS BA 116 -26.76 -146.68 45.90
N VAL BA 117 -27.73 -147.54 45.64
CA VAL BA 117 -27.94 -148.08 44.29
C VAL BA 117 -28.27 -146.98 43.31
N ALA BA 118 -29.03 -145.95 43.68
CA ALA BA 118 -29.27 -144.83 42.78
C ALA BA 118 -27.99 -144.06 42.44
N THR BA 119 -27.08 -143.88 43.40
CA THR BA 119 -25.76 -143.31 43.09
C THR BA 119 -24.99 -144.19 42.12
N ALA BA 120 -24.93 -145.50 42.33
CA ALA BA 120 -24.23 -146.38 41.39
C ALA BA 120 -24.84 -146.29 39.98
N ILE BA 121 -26.17 -146.25 39.88
CA ILE BA 121 -26.86 -146.08 38.61
C ILE BA 121 -26.49 -144.75 37.96
N ALA BA 122 -26.24 -143.68 38.73
CA ALA BA 122 -25.69 -142.45 38.16
C ALA BA 122 -24.23 -142.63 37.70
N MET BA 123 -23.35 -143.16 38.54
CA MET BA 123 -21.93 -143.30 38.20
C MET BA 123 -21.72 -144.23 37.00
N ALA BA 124 -22.54 -145.25 36.83
CA ALA BA 124 -22.49 -146.13 35.67
C ALA BA 124 -22.74 -145.40 34.34
N PHE BA 125 -23.42 -144.25 34.35
CA PHE BA 125 -23.58 -143.42 33.17
C PHE BA 125 -22.31 -142.66 32.84
N ASP BA 126 -21.63 -142.09 33.82
CA ASP BA 126 -20.35 -141.44 33.56
C ASP BA 126 -19.31 -142.44 33.06
N ASN BA 127 -19.18 -143.60 33.72
CA ASN BA 127 -18.19 -144.59 33.32
C ASN BA 127 -18.47 -145.18 31.94
N ALA BA 128 -19.72 -145.18 31.48
CA ALA BA 128 -20.01 -145.47 30.09
C ALA BA 128 -19.61 -144.30 29.20
N ALA BA 129 -20.07 -143.09 29.47
CA ALA BA 129 -19.88 -141.96 28.56
C ALA BA 129 -18.42 -141.49 28.44
N LEU BA 130 -17.67 -141.47 29.54
CA LEU BA 130 -16.27 -141.06 29.52
C LEU BA 130 -15.40 -142.20 28.99
N HIS BA 131 -15.30 -143.29 29.75
CA HIS BA 131 -14.30 -144.33 29.53
C HIS BA 131 -14.81 -145.50 28.70
N GLY BA 132 -16.10 -145.56 28.37
CA GLY BA 132 -16.69 -146.67 27.61
C GLY BA 132 -16.77 -147.99 28.38
N THR BA 133 -16.47 -147.99 29.69
CA THR BA 133 -15.94 -149.18 30.38
C THR BA 133 -16.85 -150.41 30.28
N ASN BA 134 -18.17 -150.21 30.29
CA ASN BA 134 -19.16 -151.26 30.18
C ASN BA 134 -20.33 -150.78 29.31
N ALA BA 135 -20.10 -149.88 28.36
CA ALA BA 135 -21.18 -149.25 27.62
C ALA BA 135 -22.00 -150.29 26.81
N PRO BA 136 -23.33 -150.15 26.73
CA PRO BA 136 -24.16 -151.00 25.91
C PRO BA 136 -24.01 -150.64 24.44
N SER BA 137 -24.31 -151.57 23.55
CA SER BA 137 -24.18 -151.37 22.10
C SER BA 137 -24.99 -150.19 21.55
N ALA BA 138 -26.05 -149.75 22.24
CA ALA BA 138 -26.87 -148.63 21.83
C ALA BA 138 -26.23 -147.26 22.05
N PHE BA 139 -25.26 -147.13 22.96
CA PHE BA 139 -24.55 -145.87 23.17
C PHE BA 139 -23.62 -145.59 22.00
N GLN BA 140 -23.74 -144.41 21.39
CA GLN BA 140 -22.98 -144.07 20.19
C GLN BA 140 -21.61 -143.50 20.56
N GLY BA 141 -20.69 -144.38 20.96
CA GLY BA 141 -19.31 -144.03 21.32
C GLY BA 141 -19.16 -143.47 22.73
N TYR BA 142 -17.91 -143.19 23.12
CA TYR BA 142 -17.54 -142.68 24.43
C TYR BA 142 -16.23 -141.88 24.32
N LEU BA 143 -16.01 -140.87 25.16
CA LEU BA 143 -14.96 -139.86 24.91
C LEU BA 143 -13.56 -140.46 24.74
N ASP BA 144 -13.24 -141.53 25.45
CA ASP BA 144 -11.95 -142.20 25.36
C ASP BA 144 -11.66 -142.79 23.96
N GLN BA 145 -12.65 -142.92 23.08
CA GLN BA 145 -12.40 -143.34 21.68
C GLN BA 145 -11.63 -142.31 20.86
N SER BA 146 -11.49 -141.07 21.30
CA SER BA 146 -10.80 -140.05 20.52
C SER BA 146 -9.38 -140.45 20.12
N ASN BA 147 -9.00 -140.14 18.89
CA ASN BA 147 -7.64 -140.35 18.39
C ASN BA 147 -6.64 -139.27 18.87
N LYS BA 148 -7.01 -138.37 19.79
CA LYS BA 148 -6.14 -137.28 20.26
C LYS BA 148 -5.76 -137.42 21.72
N THR BA 149 -4.48 -137.40 22.00
CA THR BA 149 -3.93 -137.35 23.36
C THR BA 149 -3.02 -136.15 23.51
N GLN BA 150 -2.90 -135.65 24.73
CA GLN BA 150 -1.95 -134.60 25.06
C GLN BA 150 -1.44 -134.77 26.48
N SER BA 151 -0.19 -134.38 26.73
CA SER BA 151 0.34 -134.30 28.09
C SER BA 151 0.23 -132.88 28.61
N ILE BA 152 -0.20 -132.72 29.85
CA ILE BA 152 -0.17 -131.43 30.55
C ILE BA 152 0.97 -131.35 31.56
N SER BA 153 1.79 -132.38 31.68
CA SER BA 153 2.59 -132.65 32.89
C SER BA 153 3.56 -131.54 33.31
N PRO BA 154 4.43 -131.00 32.44
CA PRO BA 154 5.42 -130.03 32.89
C PRO BA 154 4.85 -128.63 33.10
N ASN BA 155 3.89 -128.23 32.26
CA ASN BA 155 3.31 -126.89 32.23
C ASN BA 155 1.94 -126.93 31.57
N ALA BA 156 0.87 -126.74 32.35
CA ALA BA 156 -0.48 -126.89 31.86
C ALA BA 156 -0.87 -125.84 30.81
N TYR BA 157 -0.25 -124.66 30.81
CA TYR BA 157 -0.56 -123.64 29.80
C TYR BA 157 -0.07 -124.06 28.42
N GLN BA 158 1.17 -124.53 28.31
CA GLN BA 158 1.67 -125.08 27.06
C GLN BA 158 0.86 -126.31 26.65
N GLY BA 159 0.42 -127.10 27.64
CA GLY BA 159 -0.42 -128.28 27.44
C GLY BA 159 -1.75 -127.94 26.78
N LEU BA 160 -2.62 -127.18 27.46
CA LEU BA 160 -3.94 -126.85 26.94
C LEU BA 160 -3.85 -125.84 25.79
N GLY BA 161 -3.20 -124.70 26.05
CA GLY BA 161 -3.37 -123.50 25.24
C GLY BA 161 -2.64 -123.51 23.91
N VAL BA 162 -1.65 -124.39 23.75
CA VAL BA 162 -0.79 -124.40 22.56
C VAL BA 162 -0.76 -125.76 21.91
N SER BA 163 -0.16 -126.75 22.54
CA SER BA 163 -0.04 -128.08 21.94
C SER BA 163 -1.41 -128.76 21.83
N GLY BA 164 -2.16 -128.81 22.92
CA GLY BA 164 -3.49 -129.42 22.94
C GLY BA 164 -4.45 -128.75 21.96
N LEU BA 165 -4.60 -127.43 22.05
CA LEU BA 165 -5.50 -126.69 21.17
C LEU BA 165 -5.10 -126.83 19.70
N THR BA 166 -3.81 -126.91 19.37
CA THR BA 166 -3.39 -127.18 17.99
C THR BA 166 -4.00 -128.47 17.44
N LYS BA 167 -4.02 -129.55 18.23
CA LYS BA 167 -4.57 -130.83 17.79
C LYS BA 167 -6.06 -130.75 17.46
N LEU BA 168 -6.81 -129.82 18.05
CA LEU BA 168 -8.21 -129.60 17.73
C LEU BA 168 -8.37 -128.75 16.47
N VAL BA 169 -7.79 -127.55 16.44
CA VAL BA 169 -8.02 -126.64 15.31
C VAL BA 169 -7.40 -127.13 14.01
N THR BA 170 -6.39 -128.01 14.07
CA THR BA 170 -5.86 -128.65 12.86
C THR BA 170 -6.90 -129.53 12.18
N ASP BA 171 -7.76 -130.18 12.95
CA ASP BA 171 -8.89 -130.95 12.42
C ASP BA 171 -10.13 -130.09 12.13
N GLY BA 172 -10.02 -128.76 12.26
CA GLY BA 172 -11.11 -127.85 11.92
C GLY BA 172 -12.30 -127.92 12.87
N LYS BA 173 -12.07 -128.25 14.15
CA LYS BA 173 -13.09 -128.33 15.18
C LYS BA 173 -12.70 -127.61 16.47
N LYS BA 174 -13.71 -127.02 17.13
CA LYS BA 174 -13.59 -126.00 18.17
C LYS BA 174 -13.19 -126.57 19.53
N TRP BA 175 -12.73 -125.69 20.42
CA TRP BA 175 -12.62 -125.98 21.86
C TRP BA 175 -13.59 -125.09 22.65
N THR BA 176 -14.54 -125.69 23.37
CA THR BA 176 -15.54 -124.92 24.12
C THR BA 176 -15.39 -125.07 25.63
N HIS BA 177 -15.03 -126.26 26.12
CA HIS BA 177 -14.99 -126.56 27.55
C HIS BA 177 -13.82 -127.47 27.89
N THR BA 178 -13.50 -127.59 29.16
CA THR BA 178 -12.62 -128.64 29.66
C THR BA 178 -13.15 -129.23 30.95
N LEU BA 179 -13.00 -130.54 31.12
CA LEU BA 179 -13.39 -131.29 32.30
C LEU BA 179 -12.14 -131.91 32.92
N LEU BA 180 -11.81 -131.59 34.17
CA LEU BA 180 -10.57 -132.02 34.82
C LEU BA 180 -10.84 -132.81 36.10
N ASP BA 181 -10.07 -133.86 36.35
CA ASP BA 181 -10.13 -134.60 37.59
C ASP BA 181 -9.43 -133.83 38.73
N ASP BA 182 -9.91 -133.93 39.96
CA ASP BA 182 -9.31 -133.22 41.10
C ASP BA 182 -7.84 -133.55 41.34
N THR BA 183 -7.36 -134.71 40.90
CA THR BA 183 -5.93 -135.04 40.94
C THR BA 183 -5.07 -134.17 40.02
N VAL BA 184 -5.64 -133.36 39.13
CA VAL BA 184 -4.90 -132.43 38.27
C VAL BA 184 -4.39 -131.22 39.04
N GLU BA 185 -4.95 -130.91 40.20
CA GLU BA 185 -4.62 -129.70 40.95
C GLU BA 185 -3.10 -129.42 41.12
N PRO BA 186 -2.25 -130.38 41.54
CA PRO BA 186 -0.84 -130.11 41.69
C PRO BA 186 -0.17 -129.63 40.41
N VAL BA 187 -0.57 -130.13 39.24
CA VAL BA 187 0.10 -129.77 37.99
C VAL BA 187 -0.14 -128.31 37.65
N LEU BA 188 -1.33 -127.78 37.91
CA LEU BA 188 -1.58 -126.35 37.73
C LEU BA 188 -0.73 -125.53 38.69
N ASN BA 189 -0.55 -125.97 39.93
CA ASN BA 189 0.36 -125.29 40.85
C ASN BA 189 1.80 -125.41 40.37
N GLY BA 190 2.19 -126.56 39.81
CA GLY BA 190 3.53 -126.80 39.26
C GLY BA 190 3.80 -126.09 37.93
N SER BA 191 2.80 -125.45 37.33
CA SER BA 191 2.94 -124.74 36.06
C SER BA 191 3.59 -123.38 36.29
N VAL BA 192 4.89 -123.38 36.55
CA VAL BA 192 5.70 -122.19 36.76
C VAL BA 192 6.32 -121.67 35.48
N ASP BA 193 6.70 -120.40 35.48
CA ASP BA 193 7.52 -119.77 34.45
C ASP BA 193 9.01 -120.04 34.69
N ALA BA 194 9.89 -119.47 33.86
CA ALA BA 194 11.34 -119.61 34.05
C ALA BA 194 11.86 -118.91 35.32
N ASN BA 195 11.11 -117.95 35.87
CA ASN BA 195 11.43 -117.38 37.17
C ASN BA 195 11.08 -118.36 38.30
N GLY BA 196 10.23 -119.35 38.07
CA GLY BA 196 9.71 -120.21 39.12
C GLY BA 196 8.47 -119.65 39.81
N ARG BA 197 7.86 -118.57 39.31
CA ARG BA 197 6.53 -118.13 39.78
C ARG BA 197 5.44 -118.86 39.02
N PRO BA 198 4.29 -119.15 39.63
CA PRO BA 198 3.22 -119.89 38.98
C PRO BA 198 2.50 -119.02 37.94
N LEU BA 199 1.95 -119.63 36.89
CA LEU BA 199 1.14 -118.91 35.92
C LEU BA 199 -0.27 -118.63 36.43
N PHE BA 200 -0.98 -119.65 36.93
CA PHE BA 200 -2.42 -119.60 37.13
C PHE BA 200 -2.91 -118.93 38.43
N VAL BA 201 -2.01 -118.36 39.23
CA VAL BA 201 -2.33 -117.65 40.47
C VAL BA 201 -1.24 -116.61 40.73
N GLU BA 202 -1.53 -115.54 41.46
CA GLU BA 202 -0.61 -114.39 41.57
C GLU BA 202 -0.52 -113.82 43.00
N SER BA 203 0.23 -112.72 43.15
CA SER BA 203 0.50 -112.09 44.45
C SER BA 203 1.11 -113.08 45.44
N THR BA 204 0.74 -113.05 46.71
CA THR BA 204 1.25 -113.98 47.73
C THR BA 204 0.49 -115.30 47.80
N TYR BA 205 -0.24 -115.66 46.75
CA TYR BA 205 -0.83 -116.98 46.56
C TYR BA 205 -1.84 -117.39 47.63
N GLU BA 206 -2.66 -116.47 48.11
CA GLU BA 206 -3.75 -116.80 49.03
C GLU BA 206 -4.87 -117.60 48.36
N SER BA 207 -5.21 -117.28 47.12
CA SER BA 207 -6.36 -117.84 46.41
C SER BA 207 -6.15 -119.29 45.99
N LEU BA 208 -7.22 -120.09 45.88
CA LEU BA 208 -7.22 -121.27 45.01
C LEU BA 208 -6.78 -120.90 43.59
N THR BA 209 -6.09 -121.80 42.92
CA THR BA 209 -5.53 -121.58 41.58
C THR BA 209 -6.62 -121.42 40.55
N THR BA 210 -6.55 -120.42 39.66
CA THR BA 210 -7.73 -119.86 38.99
C THR BA 210 -8.71 -120.88 38.40
N PRO BA 211 -8.29 -121.87 37.59
CA PRO BA 211 -9.22 -122.85 37.04
C PRO BA 211 -9.96 -123.67 38.10
N PHE BA 212 -9.35 -123.93 39.26
CA PHE BA 212 -9.95 -124.69 40.35
C PHE BA 212 -10.87 -123.84 41.22
N ARG BA 213 -11.02 -122.54 40.95
CA ARG BA 213 -12.19 -121.76 41.34
C ARG BA 213 -13.40 -122.00 40.43
N GLU BA 214 -13.31 -122.96 39.50
CA GLU BA 214 -14.15 -123.06 38.30
C GLU BA 214 -14.09 -121.79 37.42
N GLY BA 215 -12.97 -121.07 37.47
CA GLY BA 215 -12.70 -119.97 36.55
C GLY BA 215 -12.44 -120.44 35.12
N ARG BA 216 -12.36 -119.49 34.19
CA ARG BA 216 -12.03 -119.78 32.80
C ARG BA 216 -10.54 -120.05 32.61
N ILE BA 217 -10.19 -120.80 31.58
CA ILE BA 217 -8.85 -120.84 30.97
C ILE BA 217 -8.99 -120.31 29.56
N LEU BA 218 -8.21 -119.30 29.15
CA LEU BA 218 -8.24 -118.78 27.77
C LEU BA 218 -9.66 -118.52 27.27
N GLY BA 219 -10.52 -117.98 28.12
CA GLY BA 219 -11.93 -117.73 27.84
C GLY BA 219 -12.88 -118.94 27.98
N ARG BA 220 -12.40 -120.19 27.95
CA ARG BA 220 -13.26 -121.39 28.05
C ARG BA 220 -13.57 -121.73 29.51
N PRO BA 221 -14.79 -122.16 29.87
CA PRO BA 221 -15.10 -122.64 31.21
C PRO BA 221 -14.30 -123.87 31.62
N THR BA 222 -13.98 -123.98 32.90
CA THR BA 222 -13.43 -125.21 33.49
C THR BA 222 -14.51 -125.92 34.30
N ILE BA 223 -14.70 -127.21 34.07
CA ILE BA 223 -15.57 -128.04 34.91
C ILE BA 223 -14.69 -128.94 35.77
N LEU BA 224 -14.78 -128.80 37.08
CA LEU BA 224 -14.02 -129.60 38.03
C LEU BA 224 -14.77 -130.90 38.34
N SER BA 225 -14.08 -131.97 38.75
CA SER BA 225 -14.72 -133.24 39.08
C SER BA 225 -13.88 -134.11 40.01
N ASP BA 226 -14.51 -135.09 40.66
CA ASP BA 226 -13.86 -135.94 41.67
C ASP BA 226 -13.61 -137.38 41.19
N HIS BA 227 -13.95 -137.70 39.94
CA HIS BA 227 -14.08 -139.08 39.47
C HIS BA 227 -13.93 -139.22 37.95
N VAL BA 228 -13.06 -138.42 37.33
CA VAL BA 228 -12.84 -138.45 35.88
C VAL BA 228 -11.64 -139.29 35.49
N ALA BA 229 -10.63 -139.42 36.33
CA ALA BA 229 -9.40 -140.10 35.93
C ALA BA 229 -9.59 -141.61 35.74
N GLU BA 230 -9.04 -142.15 34.65
CA GLU BA 230 -8.80 -143.59 34.46
C GLU BA 230 -7.46 -143.82 33.77
N GLY BA 231 -6.68 -144.78 34.27
CA GLY BA 231 -5.33 -144.99 33.76
C GLY BA 231 -4.52 -143.71 33.76
N ASP BA 232 -3.88 -143.40 32.64
CA ASP BA 232 -3.13 -142.15 32.44
C ASP BA 232 -4.01 -140.95 32.08
N VAL BA 233 -5.31 -141.13 31.79
CA VAL BA 233 -6.21 -140.05 31.41
C VAL BA 233 -6.73 -139.34 32.63
N VAL BA 234 -6.57 -138.01 32.68
CA VAL BA 234 -6.94 -137.18 33.85
C VAL BA 234 -7.92 -136.07 33.53
N GLY BA 235 -8.30 -135.91 32.27
CA GLY BA 235 -9.27 -134.90 31.88
C GLY BA 235 -9.54 -134.87 30.39
N TYR BA 236 -10.48 -134.04 29.97
CA TYR BA 236 -10.86 -133.89 28.58
C TYR BA 236 -10.98 -132.41 28.23
N ALA BA 237 -10.76 -132.08 26.97
CA ALA BA 237 -11.03 -130.77 26.41
C ALA BA 237 -11.66 -130.97 25.04
N GLY BA 238 -12.58 -130.12 24.64
CA GLY BA 238 -13.19 -130.29 23.31
C GLY BA 238 -14.42 -129.44 23.10
N ASP BA 239 -15.20 -129.79 22.09
CA ASP BA 239 -16.50 -129.22 21.84
C ASP BA 239 -17.58 -130.05 22.52
N PHE BA 240 -17.90 -129.71 23.76
CA PHE BA 240 -18.92 -130.42 24.52
C PHE BA 240 -20.33 -130.25 23.94
N SER BA 241 -20.56 -129.31 23.01
CA SER BA 241 -21.86 -129.24 22.34
C SER BA 241 -22.16 -130.47 21.47
N GLN BA 242 -21.13 -131.25 21.14
CA GLN BA 242 -21.28 -132.49 20.38
C GLN BA 242 -21.91 -133.64 21.20
N ILE BA 243 -22.22 -133.47 22.48
CA ILE BA 243 -22.83 -134.51 23.34
C ILE BA 243 -24.29 -134.20 23.62
N ILE BA 244 -25.21 -135.13 23.37
CA ILE BA 244 -26.60 -135.06 23.83
C ILE BA 244 -27.02 -136.36 24.50
N TRP BA 245 -27.90 -136.27 25.48
CA TRP BA 245 -28.37 -137.45 26.23
C TRP BA 245 -29.82 -137.32 26.64
N GLY BA 246 -30.47 -138.42 26.98
CA GLY BA 246 -31.85 -138.40 27.46
C GLY BA 246 -32.12 -139.50 28.47
N GLN BA 247 -33.14 -139.32 29.30
CA GLN BA 247 -33.60 -140.33 30.26
C GLN BA 247 -35.07 -140.62 30.05
N VAL BA 248 -35.46 -141.90 30.05
CA VAL BA 248 -36.82 -142.34 29.77
C VAL BA 248 -37.49 -142.80 31.06
N GLY BA 249 -38.02 -141.87 31.84
CA GLY BA 249 -38.64 -142.14 33.14
C GLY BA 249 -37.64 -142.28 34.31
N GLY BA 250 -38.13 -142.15 35.54
CA GLY BA 250 -37.32 -142.26 36.77
C GLY BA 250 -36.91 -143.70 37.11
N LEU BA 251 -36.07 -143.86 38.14
CA LEU BA 251 -35.70 -145.19 38.65
C LEU BA 251 -36.95 -145.93 39.11
N SER BA 252 -37.04 -147.20 38.72
CA SER BA 252 -38.15 -148.09 39.03
C SER BA 252 -37.69 -149.23 39.95
N PHE BA 253 -38.50 -149.55 40.96
CA PHE BA 253 -38.24 -150.61 41.93
C PHE BA 253 -39.34 -151.67 41.92
N ASP BA 254 -38.98 -152.90 42.18
CA ASP BA 254 -39.86 -154.05 42.42
C ASP BA 254 -39.32 -154.87 43.57
N VAL BA 255 -40.16 -155.59 44.32
CA VAL BA 255 -39.71 -156.39 45.47
C VAL BA 255 -40.47 -157.70 45.52
N THR BA 256 -39.78 -158.82 45.78
CA THR BA 256 -40.41 -160.14 45.71
C THR BA 256 -39.67 -161.19 46.54
N ASP BA 257 -40.39 -162.23 46.95
CA ASP BA 257 -39.83 -163.50 47.43
C ASP BA 257 -40.30 -164.69 46.57
N GLN BA 258 -41.10 -164.47 45.54
CA GLN BA 258 -41.65 -165.54 44.71
C GLN BA 258 -40.62 -166.06 43.71
N ALA BA 259 -39.74 -165.22 43.22
CA ALA BA 259 -38.95 -165.48 42.03
C ALA BA 259 -37.86 -166.55 42.23
N THR BA 260 -37.54 -167.25 41.14
CA THR BA 260 -36.20 -167.82 40.93
C THR BA 260 -35.24 -166.71 40.54
N LEU BA 261 -34.00 -166.77 41.03
CA LEU BA 261 -32.87 -165.94 40.62
C LEU BA 261 -31.69 -166.82 40.20
N ASN BA 262 -30.81 -166.31 39.33
CA ASN BA 262 -29.58 -166.97 38.94
C ASN BA 262 -28.37 -166.22 39.53
N LEU BA 263 -27.50 -166.91 40.27
CA LEU BA 263 -26.29 -166.33 40.86
C LEU BA 263 -25.06 -166.45 39.97
N GLY BA 264 -25.12 -167.21 38.87
CA GLY BA 264 -24.07 -167.35 37.86
C GLY BA 264 -24.38 -166.57 36.58
N SER BA 265 -23.59 -166.75 35.52
CA SER BA 265 -23.93 -166.15 34.21
C SER BA 265 -25.11 -166.87 33.56
N GLN BA 266 -25.67 -166.31 32.48
CA GLN BA 266 -26.74 -166.95 31.72
C GLN BA 266 -26.31 -168.31 31.16
N GLU BA 267 -25.06 -168.44 30.76
CA GLU BA 267 -24.50 -169.65 30.14
C GLU BA 267 -23.82 -170.60 31.13
N SER BA 268 -23.78 -170.26 32.42
CA SER BA 268 -23.23 -171.10 33.49
C SER BA 268 -24.02 -170.89 34.79
N PRO BA 269 -25.32 -171.23 34.81
CA PRO BA 269 -26.22 -170.81 35.86
C PRO BA 269 -25.97 -171.52 37.18
N ASN BA 270 -26.44 -170.88 38.25
CA ASN BA 270 -26.45 -171.38 39.62
C ASN BA 270 -27.67 -170.81 40.31
N PHE BA 271 -28.80 -171.47 40.19
CA PHE BA 271 -30.09 -170.92 40.61
C PHE BA 271 -30.34 -171.01 42.11
N VAL BA 272 -31.13 -170.07 42.60
CA VAL BA 272 -31.74 -170.05 43.93
C VAL BA 272 -33.20 -169.68 43.75
N SER BA 273 -34.12 -170.38 44.41
CA SER BA 273 -35.53 -170.00 44.41
C SER BA 273 -35.85 -169.35 45.74
N LEU BA 274 -36.26 -168.09 45.72
CA LEU BA 274 -36.28 -167.26 46.93
C LEU BA 274 -37.21 -167.81 48.02
N TRP BA 275 -38.29 -168.49 47.64
CA TRP BA 275 -39.23 -169.16 48.55
C TRP BA 275 -38.96 -170.67 48.74
N GLN BA 276 -38.06 -171.29 47.98
CA GLN BA 276 -37.59 -172.66 48.28
C GLN BA 276 -36.52 -172.61 49.37
N HIS BA 277 -35.70 -171.55 49.37
CA HIS BA 277 -35.03 -171.01 50.56
C HIS BA 277 -35.94 -169.97 51.22
N ASN BA 278 -35.41 -169.10 52.09
CA ASN BA 278 -36.17 -168.03 52.74
C ASN BA 278 -35.46 -166.69 52.59
N LEU BA 279 -35.55 -166.11 51.38
CA LEU BA 279 -34.83 -164.91 50.98
C LEU BA 279 -35.80 -163.90 50.33
N VAL BA 280 -35.40 -162.63 50.23
CA VAL BA 280 -36.18 -161.55 49.59
C VAL BA 280 -35.27 -160.76 48.67
N ALA BA 281 -35.76 -160.37 47.50
CA ALA BA 281 -34.99 -159.61 46.52
C ALA BA 281 -35.68 -158.30 46.15
N VAL BA 282 -34.91 -157.24 45.99
CA VAL BA 282 -35.34 -155.96 45.43
C VAL BA 282 -34.68 -155.78 44.08
N ARG BA 283 -35.44 -155.37 43.07
CA ARG BA 283 -35.06 -155.40 41.65
C ARG BA 283 -35.23 -154.01 41.07
N VAL BA 284 -34.22 -153.45 40.42
CA VAL BA 284 -34.12 -152.01 40.10
C VAL BA 284 -33.79 -151.77 38.64
N GLU BA 285 -34.44 -150.81 37.97
CA GLU BA 285 -34.08 -150.45 36.60
C GLU BA 285 -34.27 -148.97 36.26
N ALA BA 286 -33.57 -148.49 35.23
CA ALA BA 286 -33.69 -147.15 34.64
C ALA BA 286 -33.22 -147.16 33.18
N GLU BA 287 -33.62 -146.19 32.36
CA GLU BA 287 -33.34 -146.20 30.91
C GLU BA 287 -32.80 -144.86 30.40
N TYR BA 288 -31.74 -144.89 29.59
CA TYR BA 288 -31.00 -143.72 29.12
C TYR BA 288 -30.56 -143.84 27.67
N GLY BA 289 -30.33 -142.73 26.99
CA GLY BA 289 -29.68 -142.68 25.68
C GLY BA 289 -28.58 -141.63 25.61
N LEU BA 290 -27.60 -141.82 24.72
CA LEU BA 290 -26.41 -140.97 24.60
C LEU BA 290 -25.88 -140.97 23.16
N LEU BA 291 -25.71 -139.78 22.58
CA LEU BA 291 -25.09 -139.61 21.28
C LEU BA 291 -23.97 -138.59 21.38
N ILE BA 292 -22.77 -138.98 20.98
CA ILE BA 292 -21.65 -138.07 20.78
C ILE BA 292 -21.47 -137.95 19.27
N ASN BA 293 -21.72 -136.77 18.72
CA ASN BA 293 -21.85 -136.61 17.28
C ASN BA 293 -20.55 -136.88 16.52
N ASP BA 294 -19.41 -136.49 17.08
CA ASP BA 294 -18.09 -136.76 16.51
C ASP BA 294 -17.06 -136.88 17.63
N VAL BA 295 -16.71 -138.10 18.02
CA VAL BA 295 -15.83 -138.33 19.16
C VAL BA 295 -14.39 -137.88 18.90
N ASN BA 296 -14.02 -137.62 17.64
CA ASN BA 296 -12.74 -137.02 17.31
C ASN BA 296 -12.63 -135.55 17.72
N ALA BA 297 -13.70 -134.93 18.21
CA ALA BA 297 -13.73 -133.52 18.63
C ALA BA 297 -13.27 -133.28 20.09
N PHE BA 298 -12.61 -134.26 20.72
CA PHE BA 298 -12.11 -134.16 22.09
C PHE BA 298 -10.64 -134.56 22.20
N VAL BA 299 -9.88 -133.96 23.10
CA VAL BA 299 -8.51 -134.35 23.43
C VAL BA 299 -8.49 -134.97 24.81
N LYS BA 300 -7.88 -136.14 24.95
CA LYS BA 300 -7.62 -136.79 26.24
C LYS BA 300 -6.41 -136.11 26.88
N LEU BA 301 -6.56 -135.42 28.01
CA LEU BA 301 -5.41 -134.92 28.76
C LEU BA 301 -4.83 -136.02 29.64
N THR BA 302 -3.51 -136.04 29.78
CA THR BA 302 -2.75 -137.09 30.48
C THR BA 302 -1.51 -136.50 31.16
N PHE BA 303 -0.88 -137.25 32.04
CA PHE BA 303 0.40 -136.87 32.64
C PHE BA 303 1.64 -137.44 31.92
N ASP BA 304 1.52 -138.11 30.77
CA ASP BA 304 2.66 -138.86 30.23
C ASP BA 304 3.86 -137.97 29.84
N PRO BA 305 5.11 -138.46 29.92
CA PRO BA 305 6.29 -137.65 29.62
C PRO BA 305 6.38 -137.23 28.16
N VAL BA 306 7.20 -136.22 27.87
CA VAL BA 306 7.59 -135.86 26.49
C VAL BA 306 8.61 -136.87 25.95
N LEU BA 307 8.28 -137.57 24.88
CA LEU BA 307 9.21 -138.50 24.22
C LEU BA 307 10.24 -137.73 23.39
N THR BA 308 11.50 -138.17 23.42
CA THR BA 308 12.50 -137.82 22.41
C THR BA 308 12.78 -139.03 21.53
N THR BA 309 12.88 -138.80 20.21
CA THR BA 309 13.10 -139.85 19.21
C THR BA 309 14.56 -139.85 18.75
N TYR BA 310 15.18 -141.02 18.65
CA TYR BA 310 16.59 -141.18 18.30
C TYR BA 310 16.79 -142.19 17.17
N ALA BA 311 17.62 -141.85 16.18
CA ALA BA 311 18.14 -142.74 15.16
C ALA BA 311 19.54 -143.24 15.57
N LEU BA 312 19.76 -144.56 15.62
CA LEU BA 312 20.99 -145.19 16.14
C LEU BA 312 21.73 -145.96 15.03
N ASP BA 313 22.97 -145.58 14.75
CA ASP BA 313 23.86 -146.21 13.74
C ASP BA 313 25.00 -147.01 14.40
N LEU BA 314 25.08 -148.31 14.09
CA LEU BA 314 26.05 -149.26 14.64
C LEU BA 314 27.15 -149.68 13.64
N ASP BA 315 27.28 -149.04 12.48
CA ASP BA 315 28.32 -149.34 11.48
C ASP BA 315 28.31 -150.79 10.93
N GLY BA 316 27.23 -151.55 11.13
CA GLY BA 316 27.11 -152.94 10.66
C GLY BA 316 28.04 -153.96 11.33
N ALA BA 317 28.57 -153.64 12.52
CA ALA BA 317 29.50 -154.49 13.28
C ALA BA 317 28.98 -155.92 13.51
N SER BA 318 29.87 -156.91 13.51
CA SER BA 318 29.58 -158.33 13.74
C SER BA 318 30.12 -158.88 15.07
N ALA BA 319 30.78 -158.06 15.88
CA ALA BA 319 31.36 -158.45 17.17
C ALA BA 319 31.51 -157.25 18.12
N GLY BA 320 31.60 -157.54 19.42
CA GLY BA 320 31.59 -156.53 20.47
C GLY BA 320 30.18 -156.10 20.89
N ASN BA 321 30.07 -155.35 21.98
CA ASN BA 321 28.80 -154.87 22.55
C ASN BA 321 28.91 -153.38 22.91
N PHE BA 322 27.80 -152.66 22.80
CA PHE BA 322 27.66 -151.26 23.22
C PHE BA 322 26.77 -151.14 24.46
N THR BA 323 26.71 -149.97 25.09
CA THR BA 323 25.76 -149.67 26.17
C THR BA 323 25.13 -148.29 25.98
N LEU BA 324 23.87 -148.18 26.38
CA LEU BA 324 23.08 -146.96 26.33
C LEU BA 324 22.80 -146.44 27.74
N SER BA 325 22.83 -145.13 27.94
CA SER BA 325 22.72 -144.49 29.24
C SER BA 325 21.71 -143.35 29.20
N LEU BA 326 20.79 -143.33 30.16
CA LEU BA 326 19.66 -142.42 30.22
C LEU BA 326 19.91 -141.44 31.36
N ASP BA 327 20.05 -140.14 31.05
CA ASP BA 327 20.38 -139.08 32.01
C ASP BA 327 21.60 -139.40 32.93
N GLY BA 328 22.53 -140.25 32.47
CA GLY BA 328 23.72 -140.65 33.20
C GLY BA 328 23.66 -141.98 33.96
N LYS BA 329 22.57 -142.76 33.84
CA LYS BA 329 22.44 -144.11 34.43
C LYS BA 329 22.37 -145.17 33.33
N THR BA 330 23.24 -146.20 33.41
CA THR BA 330 23.72 -146.96 32.25
C THR BA 330 23.27 -148.42 32.21
N SER BA 331 22.78 -148.88 31.05
CA SER BA 331 22.29 -150.24 30.80
C SER BA 331 23.40 -151.32 30.80
N ALA BA 332 22.97 -152.58 30.88
CA ALA BA 332 23.80 -153.77 30.61
C ALA BA 332 24.18 -153.91 29.12
N ASN BA 333 25.21 -154.72 28.82
CA ASN BA 333 25.80 -154.83 27.49
C ASN BA 333 24.78 -155.26 26.40
N ILE BA 334 24.81 -154.56 25.26
CA ILE BA 334 23.88 -154.73 24.13
C ILE BA 334 24.62 -155.29 22.91
N ALA BA 335 24.10 -156.37 22.32
CA ALA BA 335 24.72 -157.07 21.19
C ALA BA 335 24.72 -156.26 19.87
N TYR BA 336 25.75 -156.45 19.06
CA TYR BA 336 25.93 -155.82 17.74
C TYR BA 336 24.76 -156.11 16.76
N ASN BA 337 24.05 -157.22 16.97
CA ASN BA 337 22.88 -157.65 16.21
C ASN BA 337 21.63 -157.79 17.10
N ALA BA 338 21.56 -157.07 18.23
CA ALA BA 338 20.42 -157.09 19.16
C ALA BA 338 19.08 -156.84 18.44
N SER BA 339 18.15 -157.79 18.51
CA SER BA 339 16.79 -157.62 17.97
C SER BA 339 16.02 -156.56 18.77
N THR BA 340 14.96 -155.99 18.18
CA THR BA 340 14.20 -154.87 18.76
C THR BA 340 13.78 -155.13 20.21
N ALA BA 341 13.22 -156.31 20.51
CA ALA BA 341 12.81 -156.68 21.86
C ALA BA 341 13.99 -156.70 22.86
N THR BA 342 15.17 -157.14 22.44
CA THR BA 342 16.34 -157.12 23.32
C THR BA 342 16.81 -155.68 23.59
N VAL BA 343 16.86 -154.80 22.59
CA VAL BA 343 17.19 -153.37 22.78
C VAL BA 343 16.19 -152.70 23.73
N LYS BA 344 14.89 -152.97 23.53
CA LYS BA 344 13.83 -152.49 24.44
C LYS BA 344 14.07 -152.97 25.88
N SER BA 345 14.36 -154.26 26.06
CA SER BA 345 14.65 -154.82 27.38
C SER BA 345 15.87 -154.17 28.05
N ALA BA 346 16.93 -153.85 27.30
CA ALA BA 346 18.15 -153.23 27.83
C ALA BA 346 17.92 -151.80 28.33
N ILE BA 347 17.02 -151.04 27.69
CA ILE BA 347 16.65 -149.70 28.17
C ILE BA 347 15.83 -149.79 29.45
N VAL BA 348 14.74 -150.58 29.47
CA VAL BA 348 13.90 -150.64 30.69
C VAL BA 348 14.66 -151.20 31.89
N ALA BA 349 15.61 -152.11 31.67
CA ALA BA 349 16.45 -152.72 32.69
C ALA BA 349 17.53 -151.79 33.28
N ILE BA 350 17.54 -150.48 32.96
CA ILE BA 350 18.38 -149.51 33.66
C ILE BA 350 17.94 -149.37 35.14
N ASP BA 351 16.70 -149.75 35.48
CA ASP BA 351 16.11 -149.87 36.82
C ASP BA 351 16.03 -148.59 37.69
N ASP BA 352 16.63 -147.48 37.28
CA ASP BA 352 16.68 -146.21 38.03
C ASP BA 352 16.78 -145.07 37.00
N GLY BA 353 15.76 -144.23 36.87
CA GLY BA 353 15.58 -143.37 35.71
C GLY BA 353 14.98 -144.12 34.52
N VAL BA 354 13.87 -144.84 34.76
CA VAL BA 354 13.21 -145.73 33.78
C VAL BA 354 11.69 -145.64 33.78
N SER BA 355 11.07 -146.11 32.70
CA SER BA 355 9.63 -146.31 32.55
C SER BA 355 9.38 -147.45 31.55
N ALA BA 356 8.26 -148.16 31.68
CA ALA BA 356 8.01 -149.36 30.88
C ALA BA 356 7.45 -149.08 29.47
N ASP BA 357 6.49 -148.16 29.34
CA ASP BA 357 5.72 -147.98 28.09
C ASP BA 357 6.44 -147.13 27.03
N ASP BA 358 7.25 -146.16 27.47
CA ASP BA 358 7.85 -145.14 26.60
C ASP BA 358 8.87 -145.68 25.58
N VAL BA 359 9.42 -146.86 25.83
CA VAL BA 359 10.49 -147.45 25.02
C VAL BA 359 9.93 -148.08 23.74
N THR BA 360 9.70 -147.26 22.72
CA THR BA 360 9.38 -147.74 21.36
C THR BA 360 10.68 -148.03 20.61
N VAL BA 361 10.71 -149.10 19.81
CA VAL BA 361 11.86 -149.53 19.01
C VAL BA 361 11.42 -149.87 17.59
N THR BA 362 12.24 -149.56 16.60
CA THR BA 362 12.01 -149.74 15.16
C THR BA 362 13.34 -149.92 14.42
N GLY BA 363 13.36 -150.59 13.26
CA GLY BA 363 14.59 -150.97 12.55
C GLY BA 363 15.33 -152.15 13.21
N SER BA 364 16.31 -152.75 12.53
CA SER BA 364 17.06 -153.89 13.07
C SER BA 364 18.50 -153.99 12.58
N ALA BA 365 19.37 -154.56 13.42
CA ALA BA 365 20.82 -154.73 13.17
C ALA BA 365 21.53 -153.42 12.74
N GLY BA 366 21.24 -152.32 13.43
CA GLY BA 366 21.71 -150.98 13.11
C GLY BA 366 20.67 -150.12 12.38
N ASP BA 367 20.87 -148.81 12.36
CA ASP BA 367 19.92 -147.80 11.88
C ASP BA 367 18.53 -147.91 12.57
N TYR BA 368 18.53 -148.18 13.87
CA TYR BA 368 17.29 -148.27 14.66
C TYR BA 368 16.65 -146.90 14.86
N THR BA 369 15.33 -146.85 15.04
CA THR BA 369 14.61 -145.72 15.64
C THR BA 369 14.14 -146.10 17.05
N ILE BA 370 14.47 -145.30 18.05
CA ILE BA 370 14.22 -145.51 19.48
C ILE BA 370 13.42 -144.32 20.03
N THR BA 371 12.50 -144.52 20.98
CA THR BA 371 11.92 -143.42 21.77
C THR BA 371 12.19 -143.60 23.25
N VAL BA 372 12.54 -142.52 23.96
CA VAL BA 372 12.71 -142.52 25.42
C VAL BA 372 12.31 -141.15 26.01
N PRO BA 373 11.89 -141.07 27.29
CA PRO BA 373 11.39 -139.84 27.89
C PRO BA 373 12.48 -138.87 28.40
N GLY BA 374 13.72 -138.99 27.94
CA GLY BA 374 14.86 -138.23 28.46
C GLY BA 374 16.08 -138.18 27.54
N THR BA 375 17.23 -137.75 28.06
CA THR BA 375 18.47 -137.65 27.27
C THR BA 375 19.10 -139.04 27.11
N LEU BA 376 19.31 -139.48 25.88
CA LEU BA 376 19.90 -140.78 25.55
C LEU BA 376 21.34 -140.59 25.09
N THR BA 377 22.24 -141.36 25.69
CA THR BA 377 23.70 -141.29 25.48
C THR BA 377 24.27 -142.70 25.37
N ALA BA 378 25.50 -142.86 24.89
CA ALA BA 378 26.03 -144.18 24.53
C ALA BA 378 27.54 -144.31 24.72
N ASP BA 379 28.01 -145.56 24.88
CA ASP BA 379 29.40 -145.96 24.68
C ASP BA 379 29.49 -147.04 23.59
N PHE BA 380 30.22 -146.74 22.52
CA PHE BA 380 30.47 -147.66 21.40
C PHE BA 380 31.89 -148.25 21.39
N SER BA 381 32.74 -147.96 22.38
CA SER BA 381 34.13 -148.43 22.42
C SER BA 381 34.26 -149.96 22.57
N GLY BA 382 33.25 -150.62 23.12
CA GLY BA 382 33.17 -152.08 23.20
C GLY BA 382 32.63 -152.76 21.93
N LEU BA 383 32.09 -152.00 20.97
CA LEU BA 383 31.53 -152.50 19.71
C LEU BA 383 32.65 -152.71 18.67
N THR BA 384 33.59 -153.60 18.99
CA THR BA 384 34.93 -153.65 18.39
C THR BA 384 34.97 -153.78 16.86
N ASP BA 385 33.98 -154.41 16.24
CA ASP BA 385 33.94 -154.58 14.78
C ASP BA 385 33.41 -153.35 14.01
N GLY BA 386 33.06 -152.25 14.70
CA GLY BA 386 32.56 -151.01 14.09
C GLY BA 386 33.35 -149.76 14.49
N GLU BA 387 33.24 -148.71 13.70
CA GLU BA 387 33.82 -147.39 13.96
C GLU BA 387 32.89 -146.28 13.45
N GLY BA 388 32.92 -145.10 14.08
CA GLY BA 388 32.01 -144.00 13.73
C GLY BA 388 30.53 -144.28 14.03
N ALA BA 389 30.22 -145.31 14.83
CA ALA BA 389 28.88 -145.56 15.35
C ALA BA 389 28.41 -144.35 16.18
N SER BA 390 27.13 -143.96 16.02
CA SER BA 390 26.59 -142.75 16.66
C SER BA 390 25.05 -142.73 16.69
N ILE BA 391 24.49 -141.83 17.49
CA ILE BA 391 23.05 -141.68 17.73
C ILE BA 391 22.61 -140.22 17.58
N SER BA 392 21.47 -139.95 16.94
CA SER BA 392 21.04 -138.58 16.62
C SER BA 392 19.52 -138.39 16.65
N VAL BA 393 19.06 -137.16 16.89
CA VAL BA 393 17.65 -136.85 17.23
C VAL BA 393 16.77 -136.53 16.01
N VAL BA 394 17.36 -136.32 14.83
CA VAL BA 394 16.71 -135.59 13.71
C VAL BA 394 15.32 -136.11 13.31
N SER BA 395 15.12 -137.44 13.21
CA SER BA 395 13.81 -138.09 13.03
C SER BA 395 12.95 -137.63 11.82
N VAL BA 396 13.57 -137.00 10.82
CA VAL BA 396 12.91 -136.48 9.60
C VAL BA 396 13.92 -136.43 8.43
N GLY BA 397 13.44 -136.44 7.19
CA GLY BA 397 14.27 -136.31 5.98
C GLY BA 397 13.53 -136.57 4.69
N GLY CA 2 -28.29 -162.66 26.25
CA GLY CA 2 -29.68 -162.24 25.99
C GLY CA 2 -30.41 -163.28 25.18
N PHE CA 3 -31.07 -162.87 24.11
CA PHE CA 3 -31.71 -163.75 23.13
C PHE CA 3 -31.62 -163.16 21.73
N SER CA 4 -31.65 -164.02 20.72
CA SER CA 4 -31.58 -163.61 19.31
C SER CA 4 -32.73 -162.69 18.89
N ALA CA 5 -32.53 -161.90 17.85
CA ALA CA 5 -33.65 -161.38 17.08
C ALA CA 5 -34.37 -162.52 16.36
N ASP CA 6 -35.69 -162.39 16.15
CA ASP CA 6 -36.57 -163.40 15.57
C ASP CA 6 -36.47 -164.76 16.29
N HIS CA 7 -36.40 -164.72 17.62
CA HIS CA 7 -36.34 -165.92 18.45
C HIS CA 7 -37.67 -166.69 18.43
N SER CA 8 -37.62 -168.00 18.60
CA SER CA 8 -38.81 -168.87 18.59
C SER CA 8 -39.64 -168.80 19.88
N GLN CA 9 -39.05 -168.39 21.00
CA GLN CA 9 -39.74 -168.22 22.29
C GLN CA 9 -40.27 -166.78 22.43
N ILE CA 10 -40.66 -166.32 23.63
CA ILE CA 10 -41.34 -165.01 23.77
C ILE CA 10 -40.49 -163.87 23.17
N ALA CA 11 -41.14 -163.07 22.33
CA ALA CA 11 -40.58 -161.93 21.59
C ALA CA 11 -40.52 -160.65 22.43
N GLN CA 12 -39.63 -159.72 22.06
CA GLN CA 12 -39.55 -158.34 22.59
C GLN CA 12 -39.25 -157.36 21.43
N THR CA 13 -38.91 -156.10 21.70
CA THR CA 13 -38.83 -155.04 20.69
C THR CA 13 -37.91 -155.33 19.51
N LYS CA 14 -36.82 -156.07 19.68
CA LYS CA 14 -35.89 -156.44 18.59
C LYS CA 14 -36.55 -157.16 17.41
N ASP CA 15 -37.63 -157.89 17.63
CA ASP CA 15 -38.15 -158.90 16.71
C ASP CA 15 -38.88 -158.30 15.50
N THR CA 16 -38.61 -158.80 14.31
CA THR CA 16 -38.95 -158.10 13.07
C THR CA 16 -40.42 -158.02 12.74
N MET CA 17 -41.26 -158.90 13.28
CA MET CA 17 -42.72 -158.80 13.11
C MET CA 17 -43.29 -157.52 13.73
N PHE CA 18 -42.52 -156.81 14.57
CA PHE CA 18 -42.91 -155.49 15.09
C PHE CA 18 -42.36 -154.30 14.29
N THR CA 19 -41.61 -154.51 13.20
CA THR CA 19 -41.13 -153.37 12.37
C THR CA 19 -42.26 -152.53 11.81
N GLY CA 20 -42.00 -151.26 11.52
CA GLY CA 20 -43.00 -150.27 11.12
C GLY CA 20 -43.77 -149.68 12.31
N TYR CA 21 -44.03 -150.46 13.34
CA TYR CA 21 -44.38 -149.96 14.67
C TYR CA 21 -43.12 -149.51 15.42
N LEU CA 22 -43.28 -148.74 16.49
CA LEU CA 22 -42.20 -148.21 17.32
C LEU CA 22 -41.07 -147.49 16.58
N ASP CA 23 -41.32 -146.93 15.39
CA ASP CA 23 -40.34 -146.10 14.67
C ASP CA 23 -40.01 -144.81 15.44
N PRO CA 24 -38.73 -144.40 15.51
CA PRO CA 24 -38.27 -143.32 16.37
C PRO CA 24 -38.87 -141.97 16.03
N VAL CA 25 -38.99 -141.10 17.03
CA VAL CA 25 -39.58 -139.76 16.88
C VAL CA 25 -38.61 -138.82 16.18
N GLN CA 26 -39.05 -138.05 15.19
CA GLN CA 26 -38.16 -137.10 14.52
C GLN CA 26 -37.85 -135.91 15.42
N ALA CA 27 -36.62 -135.40 15.36
CA ALA CA 27 -36.13 -134.31 16.19
C ALA CA 27 -35.33 -133.26 15.40
N LYS CA 28 -35.24 -132.03 15.93
CA LYS CA 28 -34.46 -130.94 15.33
C LYS CA 28 -32.98 -131.26 15.25
N ASP CA 29 -32.26 -130.69 14.29
CA ASP CA 29 -30.84 -130.97 14.15
C ASP CA 29 -30.01 -130.27 15.24
N TYR CA 30 -29.71 -130.99 16.31
CA TYR CA 30 -28.90 -130.49 17.42
C TYR CA 30 -27.45 -130.17 17.04
N PHE CA 31 -26.99 -130.59 15.86
CA PHE CA 31 -25.60 -130.46 15.42
C PHE CA 31 -25.46 -129.64 14.13
N ALA CA 32 -26.48 -128.86 13.76
CA ALA CA 32 -26.37 -127.89 12.69
C ALA CA 32 -25.26 -126.86 12.96
N GLU CA 33 -24.72 -126.26 11.90
CA GLU CA 33 -23.84 -125.09 11.97
C GLU CA 33 -24.33 -124.02 10.99
N ALA CA 34 -24.35 -122.76 11.42
CA ALA CA 34 -24.98 -121.68 10.67
C ALA CA 34 -24.29 -121.40 9.32
N GLU CA 35 -25.04 -120.84 8.37
CA GLU CA 35 -24.55 -120.51 7.03
C GLU CA 35 -23.38 -119.52 7.05
N LYS CA 36 -22.32 -119.81 6.27
CA LYS CA 36 -21.15 -118.96 6.15
C LYS CA 36 -21.46 -117.69 5.37
N THR CA 37 -21.44 -116.55 6.04
CA THR CA 37 -21.47 -115.24 5.38
C THR CA 37 -20.15 -114.95 4.66
N SER CA 38 -20.15 -114.09 3.64
CA SER CA 38 -18.91 -113.64 3.01
C SER CA 38 -18.02 -112.93 4.01
N ILE CA 39 -16.71 -113.20 4.01
CA ILE CA 39 -15.75 -112.37 4.74
C ILE CA 39 -15.33 -111.17 3.90
N VAL CA 40 -15.17 -111.31 2.59
CA VAL CA 40 -14.65 -110.22 1.76
C VAL CA 40 -15.58 -109.01 1.81
N GLN CA 41 -16.88 -109.24 1.80
CA GLN CA 41 -17.88 -108.19 1.91
C GLN CA 41 -17.86 -107.44 3.25
N ARG CA 42 -17.18 -107.95 4.28
CA ARG CA 42 -17.00 -107.23 5.55
C ARG CA 42 -15.75 -106.34 5.59
N VAL CA 43 -14.80 -106.51 4.68
CA VAL CA 43 -13.52 -105.77 4.71
C VAL CA 43 -13.28 -104.91 3.48
N ALA CA 44 -13.81 -105.29 2.33
CA ALA CA 44 -13.72 -104.50 1.11
C ALA CA 44 -14.76 -103.37 1.11
N GLN CA 45 -14.45 -102.22 0.51
CA GLN CA 45 -15.42 -101.13 0.37
C GLN CA 45 -16.44 -101.42 -0.73
N LYS CA 46 -17.74 -101.35 -0.42
CA LYS CA 46 -18.79 -101.48 -1.43
C LYS CA 46 -18.94 -100.20 -2.23
N ILE CA 47 -18.97 -100.30 -3.54
CA ILE CA 47 -19.09 -99.19 -4.49
C ILE CA 47 -20.21 -99.47 -5.48
N PRO CA 48 -21.01 -98.47 -5.87
CA PRO CA 48 -22.22 -98.67 -6.68
C PRO CA 48 -21.91 -98.88 -8.16
N MET CA 49 -21.34 -100.03 -8.53
CA MET CA 49 -21.14 -100.37 -9.94
C MET CA 49 -22.49 -100.51 -10.64
N GLY CA 50 -22.71 -99.73 -11.70
CA GLY CA 50 -23.85 -99.93 -12.60
C GLY CA 50 -23.69 -101.19 -13.44
N ALA CA 51 -24.75 -101.64 -14.10
CA ALA CA 51 -24.72 -102.87 -14.91
C ALA CA 51 -23.72 -102.83 -16.08
N THR CA 52 -23.35 -101.65 -16.55
CA THR CA 52 -22.34 -101.45 -17.61
C THR CA 52 -20.90 -101.45 -17.09
N GLY CA 53 -20.69 -101.42 -15.78
CA GLY CA 53 -19.37 -101.26 -15.18
C GLY CA 53 -18.94 -99.80 -15.03
N ILE CA 54 -17.75 -99.59 -14.47
CA ILE CA 54 -17.23 -98.27 -14.13
C ILE CA 54 -15.79 -98.08 -14.56
N VAL CA 55 -15.36 -96.83 -14.66
CA VAL CA 55 -13.99 -96.44 -15.01
C VAL CA 55 -13.33 -95.76 -13.83
N ILE CA 56 -12.19 -96.27 -13.37
CA ILE CA 56 -11.38 -95.65 -12.33
C ILE CA 56 -10.25 -94.86 -13.00
N PRO CA 57 -10.22 -93.52 -12.92
CA PRO CA 57 -9.10 -92.73 -13.37
C PRO CA 57 -7.99 -92.76 -12.33
N HIS CA 58 -6.74 -92.59 -12.74
CA HIS CA 58 -5.59 -92.62 -11.84
C HIS CA 58 -4.41 -91.84 -12.42
N TRP CA 59 -3.94 -90.83 -11.70
CA TRP CA 59 -2.78 -90.02 -12.09
C TRP CA 59 -1.49 -90.84 -12.09
N THR CA 60 -0.57 -90.54 -13.00
CA THR CA 60 0.71 -91.26 -13.05
C THR CA 60 1.93 -90.40 -13.40
N GLY CA 61 1.73 -89.22 -14.01
CA GLY CA 61 2.84 -88.40 -14.49
C GLY CA 61 3.78 -87.93 -13.37
N ASP CA 62 5.07 -88.09 -13.58
CA ASP CA 62 6.12 -87.63 -12.67
C ASP CA 62 6.46 -86.15 -12.91
N VAL CA 63 5.69 -85.26 -12.30
CA VAL CA 63 5.85 -83.81 -12.43
C VAL CA 63 7.11 -83.33 -11.70
N SER CA 64 7.85 -82.37 -12.25
CA SER CA 64 9.16 -81.96 -11.71
C SER CA 64 9.48 -80.46 -11.82
N ALA CA 65 10.41 -79.99 -10.99
CA ALA CA 65 10.88 -78.60 -10.91
C ALA CA 65 12.35 -78.53 -10.50
N GLN CA 66 13.07 -77.46 -10.85
CA GLN CA 66 14.53 -77.39 -10.71
C GLN CA 66 15.00 -76.08 -10.08
N TRP CA 67 16.09 -76.15 -9.31
CA TRP CA 67 16.76 -75.01 -8.70
C TRP CA 67 17.44 -74.14 -9.75
N ILE CA 68 16.67 -73.37 -10.50
CA ILE CA 68 17.17 -72.71 -11.71
C ILE CA 68 18.29 -71.72 -11.44
N GLY CA 69 18.32 -71.11 -10.25
CA GLY CA 69 19.30 -70.09 -9.90
C GLY CA 69 19.21 -68.91 -10.89
N GLU CA 70 20.26 -68.71 -11.68
CA GLU CA 70 20.21 -67.85 -12.88
C GLU CA 70 21.15 -68.39 -13.97
N GLY CA 71 20.88 -68.07 -15.23
CA GLY CA 71 21.74 -68.42 -16.36
C GLY CA 71 21.39 -69.72 -17.07
N ASP CA 72 20.17 -70.24 -16.88
CA ASP CA 72 19.66 -71.41 -17.59
C ASP CA 72 18.14 -71.31 -17.84
N MET CA 73 17.61 -71.96 -18.87
CA MET CA 73 16.17 -71.88 -19.17
C MET CA 73 15.34 -72.77 -18.23
N LYS CA 74 14.24 -72.22 -17.73
CA LYS CA 74 13.31 -72.93 -16.83
C LYS CA 74 12.75 -74.15 -17.55
N PRO CA 75 12.77 -75.36 -16.96
CA PRO CA 75 12.44 -76.59 -17.66
C PRO CA 75 10.94 -76.71 -17.91
N ILE CA 76 10.56 -77.41 -18.98
CA ILE CA 76 9.16 -77.64 -19.34
C ILE CA 76 8.74 -79.04 -18.92
N THR CA 77 7.62 -79.19 -18.23
CA THR CA 77 7.13 -80.44 -17.67
C THR CA 77 5.70 -80.78 -18.11
N LYS CA 78 5.37 -82.06 -18.20
CA LYS CA 78 4.05 -82.57 -18.63
C LYS CA 78 3.58 -83.70 -17.69
N GLY CA 79 2.29 -83.70 -17.34
CA GLY CA 79 1.68 -84.77 -16.57
C GLY CA 79 1.27 -85.95 -17.44
N ASN CA 80 0.74 -87.01 -16.82
CA ASN CA 80 0.24 -88.18 -17.52
C ASN CA 80 -0.83 -88.87 -16.65
N MET CA 81 -1.78 -89.56 -17.26
CA MET CA 81 -2.93 -90.14 -16.57
C MET CA 81 -3.33 -91.48 -17.17
N THR CA 82 -4.01 -92.31 -16.38
CA THR CA 82 -4.47 -93.63 -16.79
C THR CA 82 -5.92 -93.85 -16.40
N LYS CA 83 -6.57 -94.83 -17.03
CA LYS CA 83 -7.89 -95.29 -16.62
C LYS CA 83 -7.96 -96.81 -16.64
N ARG CA 84 -8.51 -97.41 -15.59
CA ARG CA 84 -8.75 -98.85 -15.47
C ARG CA 84 -10.24 -99.08 -15.39
N ASP CA 85 -10.79 -99.88 -16.31
CA ASP CA 85 -12.21 -100.14 -16.42
C ASP CA 85 -12.56 -101.51 -15.85
N VAL CA 86 -13.67 -101.58 -15.12
CA VAL CA 86 -14.12 -102.78 -14.42
C VAL CA 86 -15.57 -103.04 -14.75
N HIS CA 87 -15.90 -104.26 -15.14
CA HIS CA 87 -17.27 -104.68 -15.46
C HIS CA 87 -17.73 -105.77 -14.49
N PRO CA 88 -19.01 -105.82 -14.12
CA PRO CA 88 -19.53 -106.88 -13.29
C PRO CA 88 -19.75 -108.18 -14.08
N ALA CA 89 -19.78 -109.32 -13.40
CA ALA CA 89 -20.03 -110.64 -13.97
C ALA CA 89 -21.18 -111.35 -13.25
N LYS CA 90 -21.98 -112.14 -13.96
CA LYS CA 90 -23.14 -112.85 -13.41
C LYS CA 90 -22.76 -114.21 -12.87
N ILE CA 91 -23.47 -114.65 -11.83
CA ILE CA 91 -23.41 -116.00 -11.28
C ILE CA 91 -24.83 -116.54 -11.20
N ALA CA 92 -25.02 -117.82 -11.52
CA ALA CA 92 -26.35 -118.38 -11.64
C ALA CA 92 -26.43 -119.88 -11.37
N THR CA 93 -27.64 -120.36 -11.13
CA THR CA 93 -27.95 -121.79 -11.05
C THR CA 93 -29.43 -122.06 -11.27
N ILE CA 94 -29.81 -123.29 -11.57
CA ILE CA 94 -31.20 -123.75 -11.66
C ILE CA 94 -31.32 -125.01 -10.81
N PHE CA 95 -32.42 -125.21 -10.11
CA PHE CA 95 -32.74 -126.51 -9.50
C PHE CA 95 -34.12 -126.97 -9.90
N VAL CA 96 -34.30 -128.27 -10.07
CA VAL CA 96 -35.47 -128.86 -10.74
C VAL CA 96 -36.03 -130.02 -9.94
N ALA CA 97 -37.35 -130.16 -9.85
CA ALA CA 97 -38.00 -131.30 -9.20
C ALA CA 97 -39.33 -131.64 -9.87
N SER CA 98 -39.78 -132.88 -9.73
CA SER CA 98 -41.07 -133.30 -10.29
C SER CA 98 -42.22 -132.62 -9.57
N ALA CA 99 -43.32 -132.35 -10.26
CA ALA CA 99 -44.47 -131.70 -9.65
C ALA CA 99 -44.98 -132.49 -8.45
N GLU CA 100 -44.95 -133.82 -8.50
CA GLU CA 100 -45.32 -134.69 -7.38
C GLU CA 100 -44.49 -134.40 -6.12
N THR CA 101 -43.19 -134.15 -6.26
CA THR CA 101 -42.34 -133.78 -5.14
C THR CA 101 -42.55 -132.33 -4.73
N VAL CA 102 -42.64 -131.39 -5.67
CA VAL CA 102 -42.83 -129.97 -5.35
C VAL CA 102 -44.12 -129.75 -4.56
N ARG CA 103 -45.19 -130.46 -4.92
CA ARG CA 103 -46.45 -130.48 -4.19
C ARG CA 103 -46.29 -130.94 -2.75
N ALA CA 104 -45.43 -131.92 -2.48
CA ALA CA 104 -45.22 -132.48 -1.15
C ALA CA 104 -44.24 -131.69 -0.29
N ASN CA 105 -43.23 -131.06 -0.90
CA ASN CA 105 -42.12 -130.37 -0.25
C ASN CA 105 -41.56 -131.13 0.98
N PRO CA 106 -41.12 -132.39 0.83
CA PRO CA 106 -40.67 -133.20 1.96
C PRO CA 106 -39.55 -132.52 2.74
N ALA CA 107 -39.60 -132.55 4.07
CA ALA CA 107 -38.58 -132.00 4.95
C ALA CA 107 -38.18 -130.54 4.61
N ASN CA 108 -39.09 -129.79 4.00
CA ASN CA 108 -38.85 -128.47 3.43
C ASN CA 108 -37.61 -128.40 2.52
N TYR CA 109 -37.38 -129.41 1.69
CA TYR CA 109 -36.28 -129.41 0.74
C TYR CA 109 -36.33 -128.19 -0.17
N LEU CA 110 -37.48 -127.88 -0.75
CA LEU CA 110 -37.58 -126.80 -1.73
C LEU CA 110 -37.32 -125.43 -1.09
N GLY CA 111 -37.74 -125.24 0.16
CA GLY CA 111 -37.41 -124.02 0.89
C GLY CA 111 -35.95 -123.98 1.34
N THR CA 112 -35.38 -125.10 1.75
CA THR CA 112 -33.99 -125.18 2.18
C THR CA 112 -33.05 -124.83 1.03
N MET CA 113 -33.32 -125.33 -0.18
CA MET CA 113 -32.52 -124.96 -1.34
C MET CA 113 -32.46 -123.45 -1.54
N ARG CA 114 -33.55 -122.73 -1.26
CA ARG CA 114 -33.61 -121.28 -1.45
C ARG CA 114 -32.54 -120.54 -0.69
N THR CA 115 -32.19 -120.95 0.54
CA THR CA 115 -31.09 -120.31 1.28
C THR CA 115 -29.75 -120.94 0.99
N LYS CA 116 -29.70 -122.24 0.71
CA LYS CA 116 -28.43 -122.91 0.40
C LYS CA 116 -27.82 -122.41 -0.89
N VAL CA 117 -28.58 -122.14 -1.95
CA VAL CA 117 -28.00 -121.51 -3.15
C VAL CA 117 -27.46 -120.11 -2.83
N ALA CA 118 -28.15 -119.31 -2.03
CA ALA CA 118 -27.68 -117.96 -1.68
C ALA CA 118 -26.36 -118.02 -0.90
N THR CA 119 -26.25 -118.97 0.03
CA THR CA 119 -25.01 -119.20 0.79
C THR CA 119 -23.91 -119.68 -0.13
N ALA CA 120 -24.20 -120.60 -1.05
CA ALA CA 120 -23.21 -121.06 -2.02
C ALA CA 120 -22.72 -119.91 -2.91
N ILE CA 121 -23.61 -119.00 -3.31
CA ILE CA 121 -23.24 -117.83 -4.10
C ILE CA 121 -22.34 -116.89 -3.30
N ALA CA 122 -22.61 -116.66 -2.02
CA ALA CA 122 -21.68 -115.90 -1.19
C ALA CA 122 -20.31 -116.58 -1.11
N MET CA 123 -20.27 -117.90 -0.91
CA MET CA 123 -19.00 -118.60 -0.86
C MET CA 123 -18.28 -118.63 -2.21
N ALA CA 124 -18.99 -118.63 -3.33
CA ALA CA 124 -18.35 -118.49 -4.63
C ALA CA 124 -17.62 -117.14 -4.71
N PHE CA 125 -18.23 -116.06 -4.22
CA PHE CA 125 -17.59 -114.76 -4.21
C PHE CA 125 -16.34 -114.74 -3.32
N ASP CA 126 -16.40 -115.24 -2.08
CA ASP CA 126 -15.20 -115.30 -1.25
C ASP CA 126 -14.09 -116.10 -1.91
N ASN CA 127 -14.36 -117.31 -2.40
CA ASN CA 127 -13.32 -118.14 -2.99
C ASN CA 127 -12.72 -117.49 -4.23
N ALA CA 128 -13.55 -116.86 -5.07
CA ALA CA 128 -13.07 -116.14 -6.24
C ALA CA 128 -12.24 -114.91 -5.86
N ALA CA 129 -12.50 -114.28 -4.72
CA ALA CA 129 -11.79 -113.08 -4.31
C ALA CA 129 -10.49 -113.38 -3.56
N LEU CA 130 -10.50 -114.35 -2.65
CA LEU CA 130 -9.33 -114.70 -1.85
C LEU CA 130 -8.36 -115.55 -2.65
N HIS CA 131 -8.80 -116.74 -3.06
CA HIS CA 131 -7.94 -117.76 -3.63
C HIS CA 131 -8.04 -117.86 -5.15
N GLY CA 132 -8.97 -117.15 -5.79
CA GLY CA 132 -9.10 -117.10 -7.23
C GLY CA 132 -9.65 -118.38 -7.87
N THR CA 133 -10.37 -119.22 -7.11
CA THR CA 133 -10.55 -120.64 -7.48
C THR CA 133 -11.22 -120.89 -8.83
N ASN CA 134 -12.23 -120.10 -9.19
CA ASN CA 134 -13.00 -120.25 -10.44
C ASN CA 134 -13.38 -118.90 -11.04
N ALA CA 135 -12.67 -117.83 -10.67
CA ALA CA 135 -13.15 -116.47 -10.86
C ALA CA 135 -13.46 -116.17 -12.33
N PRO CA 136 -14.48 -115.36 -12.62
CA PRO CA 136 -14.75 -114.92 -13.97
C PRO CA 136 -13.65 -113.98 -14.44
N SER CA 137 -13.41 -113.94 -15.75
CA SER CA 137 -12.36 -113.11 -16.35
C SER CA 137 -12.47 -111.63 -15.97
N ALA CA 138 -13.66 -111.15 -15.63
CA ALA CA 138 -13.89 -109.77 -15.26
C ALA CA 138 -13.41 -109.39 -13.84
N PHE CA 139 -13.15 -110.34 -12.94
CA PHE CA 139 -12.59 -110.02 -11.64
C PHE CA 139 -11.11 -109.71 -11.80
N GLN CA 140 -10.70 -108.46 -11.56
CA GLN CA 140 -9.31 -108.06 -11.71
C GLN CA 140 -8.53 -108.34 -10.44
N GLY CA 141 -7.82 -109.46 -10.44
CA GLY CA 141 -6.96 -109.90 -9.34
C GLY CA 141 -7.65 -110.77 -8.30
N TYR CA 142 -6.86 -111.53 -7.54
CA TYR CA 142 -7.31 -112.23 -6.33
C TYR CA 142 -6.21 -112.22 -5.28
N LEU CA 143 -6.58 -112.32 -4.01
CA LEU CA 143 -5.71 -111.91 -2.91
C LEU CA 143 -4.44 -112.75 -2.78
N ASP CA 144 -4.49 -114.04 -3.14
CA ASP CA 144 -3.33 -114.92 -3.10
C ASP CA 144 -2.20 -114.55 -4.07
N GLN CA 145 -2.42 -113.65 -5.02
CA GLN CA 145 -1.41 -113.29 -6.01
C GLN CA 145 -0.22 -112.47 -5.46
N SER CA 146 -0.23 -112.11 -4.18
CA SER CA 146 0.85 -111.30 -3.60
C SER CA 146 2.23 -111.94 -3.72
N ASN CA 147 3.25 -111.15 -4.03
CA ASN CA 147 4.64 -111.57 -4.05
C ASN CA 147 5.28 -111.66 -2.65
N LYS CA 148 4.51 -111.70 -1.56
CA LYS CA 148 5.03 -111.69 -0.18
C LYS CA 148 4.46 -112.81 0.69
N THR CA 149 5.31 -113.43 1.49
CA THR CA 149 4.91 -114.41 2.51
C THR CA 149 5.63 -114.14 3.82
N GLN CA 150 5.08 -114.60 4.94
CA GLN CA 150 5.72 -114.50 6.26
C GLN CA 150 5.34 -115.67 7.15
N SER CA 151 6.33 -116.38 7.68
CA SER CA 151 6.09 -117.39 8.71
C SER CA 151 5.72 -116.74 10.03
N ILE CA 152 4.72 -117.26 10.75
CA ILE CA 152 4.31 -116.74 12.06
C ILE CA 152 4.32 -117.77 13.17
N SER CA 153 4.69 -119.04 12.94
CA SER CA 153 4.54 -120.10 13.96
C SER CA 153 5.37 -119.96 15.24
N PRO CA 154 6.62 -119.47 15.27
CA PRO CA 154 7.38 -119.53 16.51
C PRO CA 154 6.94 -118.47 17.52
N ASN CA 155 6.66 -117.26 17.05
CA ASN CA 155 6.28 -116.11 17.89
C ASN CA 155 5.57 -115.06 17.03
N ALA CA 156 4.25 -114.97 17.13
CA ALA CA 156 3.47 -114.11 16.27
C ALA CA 156 3.83 -112.62 16.35
N TYR CA 157 4.31 -112.13 17.49
CA TYR CA 157 4.67 -110.72 17.62
C TYR CA 157 5.86 -110.37 16.73
N GLN CA 158 6.95 -111.13 16.81
CA GLN CA 158 8.07 -110.98 15.88
C GLN CA 158 7.63 -111.26 14.44
N GLY CA 159 6.69 -112.21 14.27
CA GLY CA 159 6.12 -112.56 12.98
C GLY CA 159 5.49 -111.38 12.28
N LEU CA 160 4.38 -110.86 12.79
CA LEU CA 160 3.66 -109.75 12.14
C LEU CA 160 4.37 -108.42 12.40
N GLY CA 161 4.66 -108.12 13.67
CA GLY CA 161 5.01 -106.77 14.12
C GLY CA 161 6.41 -106.31 13.77
N VAL CA 162 7.27 -107.20 13.26
CA VAL CA 162 8.65 -106.89 12.91
C VAL CA 162 9.01 -107.45 11.55
N SER CA 163 9.06 -108.77 11.39
CA SER CA 163 9.47 -109.36 10.12
C SER CA 163 8.45 -109.08 9.02
N GLY CA 164 7.18 -109.37 9.23
CA GLY CA 164 6.12 -109.15 8.25
C GLY CA 164 6.01 -107.68 7.85
N LEU CA 165 5.89 -106.79 8.83
CA LEU CA 165 5.82 -105.36 8.58
C LEU CA 165 7.02 -104.83 7.79
N THR CA 166 8.23 -105.38 7.99
CA THR CA 166 9.41 -104.94 7.23
C THR CA 166 9.19 -105.08 5.73
N LYS CA 167 8.53 -106.14 5.29
CA LYS CA 167 8.27 -106.38 3.86
C LYS CA 167 7.30 -105.37 3.25
N LEU CA 168 6.43 -104.77 4.06
CA LEU CA 168 5.48 -103.76 3.60
C LEU CA 168 6.10 -102.37 3.56
N VAL CA 169 6.71 -101.92 4.66
CA VAL CA 169 7.28 -100.57 4.68
C VAL CA 169 8.48 -100.43 3.74
N THR CA 170 9.22 -101.51 3.46
CA THR CA 170 10.31 -101.48 2.47
C THR CA 170 9.79 -101.19 1.06
N ASP CA 171 8.57 -101.61 0.71
CA ASP CA 171 7.91 -101.23 -0.54
C ASP CA 171 7.12 -99.92 -0.43
N GLY CA 172 7.07 -99.28 0.73
CA GLY CA 172 6.30 -98.06 0.94
C GLY CA 172 4.79 -98.30 0.92
N LYS CA 173 4.34 -99.48 1.35
CA LYS CA 173 2.93 -99.86 1.42
C LYS CA 173 2.52 -100.07 2.89
N LYS CA 174 1.27 -99.77 3.26
CA LYS CA 174 0.91 -99.52 4.66
C LYS CA 174 0.17 -100.68 5.32
N TRP CA 175 0.70 -101.24 6.40
CA TRP CA 175 -0.05 -102.21 7.20
C TRP CA 175 -1.21 -101.53 7.92
N THR CA 176 -2.45 -101.88 7.56
CA THR CA 176 -3.65 -101.23 8.11
C THR CA 176 -4.52 -102.21 8.88
N HIS CA 177 -4.69 -103.45 8.42
CA HIS CA 177 -5.44 -104.50 9.09
C HIS CA 177 -4.73 -105.84 9.02
N THR CA 178 -5.15 -106.79 9.83
CA THR CA 178 -4.80 -108.20 9.66
C THR CA 178 -6.03 -109.08 9.73
N LEU CA 179 -6.09 -110.08 8.89
CA LEU CA 179 -7.25 -110.96 8.68
C LEU CA 179 -6.80 -112.41 8.87
N LEU CA 180 -7.34 -113.09 9.87
CA LEU CA 180 -6.85 -114.37 10.38
C LEU CA 180 -7.97 -115.41 10.40
N ASP CA 181 -7.68 -116.70 10.19
CA ASP CA 181 -8.72 -117.70 10.43
C ASP CA 181 -8.79 -118.10 11.92
N ASP CA 182 -9.75 -118.96 12.28
CA ASP CA 182 -9.84 -119.54 13.62
C ASP CA 182 -8.60 -120.39 13.96
N THR CA 183 -8.06 -121.12 12.99
CA THR CA 183 -6.90 -122.00 13.18
C THR CA 183 -5.64 -121.27 13.59
N VAL CA 184 -5.53 -119.95 13.44
CA VAL CA 184 -4.39 -119.16 13.94
C VAL CA 184 -4.31 -119.10 15.46
N GLU CA 185 -5.37 -119.37 16.22
CA GLU CA 185 -5.35 -119.14 17.67
C GLU CA 185 -4.13 -119.70 18.43
N PRO CA 186 -3.67 -120.95 18.25
CA PRO CA 186 -2.59 -121.47 19.06
C PRO CA 186 -1.28 -120.74 18.83
N VAL CA 187 -0.99 -120.22 17.63
CA VAL CA 187 0.28 -119.49 17.45
C VAL CA 187 0.25 -118.12 18.12
N LEU CA 188 -0.94 -117.56 18.37
CA LEU CA 188 -1.06 -116.41 19.27
C LEU CA 188 -0.90 -116.87 20.71
N ASN CA 189 -1.65 -117.87 21.16
CA ASN CA 189 -1.60 -118.31 22.54
C ASN CA 189 -0.19 -118.74 22.97
N GLY CA 190 0.59 -119.32 22.06
CA GLY CA 190 1.94 -119.80 22.28
C GLY CA 190 3.05 -118.77 22.05
N SER CA 191 2.72 -117.51 21.79
CA SER CA 191 3.71 -116.45 21.61
C SER CA 191 4.30 -116.00 22.95
N VAL CA 192 5.00 -116.90 23.64
CA VAL CA 192 5.63 -116.61 24.92
C VAL CA 192 6.89 -115.78 24.79
N ASP CA 193 7.19 -115.00 25.82
CA ASP CA 193 8.49 -114.37 26.01
C ASP CA 193 9.51 -115.41 26.52
N ALA CA 194 10.77 -115.00 26.73
CA ALA CA 194 11.84 -115.93 27.10
C ALA CA 194 11.62 -116.59 28.46
N ASN CA 195 10.88 -115.96 29.37
CA ASN CA 195 10.53 -116.59 30.65
C ASN CA 195 9.33 -117.54 30.52
N GLY CA 196 8.72 -117.66 29.35
CA GLY CA 196 7.58 -118.53 29.12
C GLY CA 196 6.24 -117.89 29.46
N ARG CA 197 6.18 -116.61 29.83
CA ARG CA 197 4.89 -115.92 29.98
C ARG CA 197 4.35 -115.58 28.60
N PRO CA 198 3.05 -115.70 28.31
CA PRO CA 198 2.51 -115.33 27.01
C PRO CA 198 2.52 -113.81 26.79
N LEU CA 199 2.67 -113.38 25.55
CA LEU CA 199 2.21 -112.06 25.10
C LEU CA 199 0.69 -112.10 24.87
N PHE CA 200 0.06 -110.95 24.60
CA PHE CA 200 -1.34 -110.83 24.22
C PHE CA 200 -2.41 -111.29 25.22
N VAL CA 201 -2.09 -111.73 26.44
CA VAL CA 201 -3.09 -112.13 27.42
C VAL CA 201 -2.68 -111.80 28.87
N GLU CA 202 -3.64 -111.37 29.67
CA GLU CA 202 -3.41 -110.83 31.02
C GLU CA 202 -3.05 -111.88 32.08
N SER CA 203 -2.55 -111.41 33.22
CA SER CA 203 -1.81 -112.16 34.24
C SER CA 203 -2.34 -113.55 34.59
N THR CA 204 -3.61 -113.71 34.92
CA THR CA 204 -4.19 -115.00 35.33
C THR CA 204 -4.70 -115.87 34.19
N TYR CA 205 -4.52 -115.44 32.93
CA TYR CA 205 -4.82 -116.23 31.73
C TYR CA 205 -6.26 -116.74 31.62
N GLU CA 206 -7.20 -116.08 32.28
CA GLU CA 206 -8.61 -116.43 32.23
C GLU CA 206 -9.35 -115.86 31.02
N SER CA 207 -8.94 -114.71 30.47
CA SER CA 207 -9.61 -114.12 29.30
C SER CA 207 -9.25 -114.85 28.01
N LEU CA 208 -10.04 -114.68 26.95
CA LEU CA 208 -9.60 -115.00 25.59
C LEU CA 208 -8.42 -114.09 25.18
N THR CA 209 -7.56 -114.55 24.27
CA THR CA 209 -6.35 -113.83 23.85
C THR CA 209 -6.68 -112.59 23.04
N THR CA 210 -5.95 -111.49 23.22
CA THR CA 210 -6.39 -110.15 22.80
C THR CA 210 -6.89 -110.05 21.35
N PRO CA 211 -6.17 -110.45 20.30
CA PRO CA 211 -6.69 -110.35 18.95
C PRO CA 211 -7.94 -111.18 18.71
N PHE CA 212 -8.09 -112.30 19.39
CA PHE CA 212 -9.28 -113.14 19.30
C PHE CA 212 -10.50 -112.54 20.00
N ARG CA 213 -10.34 -111.47 20.77
CA ARG CA 213 -11.43 -110.58 21.21
C ARG CA 213 -11.80 -109.54 20.15
N GLU CA 214 -11.24 -109.67 18.94
CA GLU CA 214 -11.27 -108.67 17.87
C GLU CA 214 -10.64 -107.32 18.27
N GLY CA 215 -9.71 -107.34 19.23
CA GLY CA 215 -8.89 -106.20 19.61
C GLY CA 215 -7.82 -105.85 18.58
N ARG CA 216 -7.20 -104.68 18.74
CA ARG CA 216 -6.13 -104.19 17.89
C ARG CA 216 -4.82 -104.97 18.11
N ILE CA 217 -3.93 -104.98 17.14
CA ILE CA 217 -2.53 -105.40 17.24
C ILE CA 217 -1.68 -104.21 16.82
N LEU CA 218 -0.80 -103.68 17.67
CA LEU CA 218 0.08 -102.54 17.35
C LEU CA 218 -0.66 -101.44 16.59
N GLY CA 219 -1.86 -101.08 17.04
CA GLY CA 219 -2.72 -100.05 16.46
C GLY CA 219 -3.58 -100.48 15.27
N ARG CA 220 -3.26 -101.57 14.57
CA ARG CA 220 -4.07 -102.11 13.47
C ARG CA 220 -5.22 -102.96 13.99
N PRO CA 221 -6.45 -102.89 13.46
CA PRO CA 221 -7.51 -103.81 13.84
C PRO CA 221 -7.18 -105.26 13.48
N THR CA 222 -7.97 -106.19 14.02
CA THR CA 222 -7.97 -107.61 13.65
C THR CA 222 -9.31 -107.97 13.06
N ILE CA 223 -9.35 -108.85 12.07
CA ILE CA 223 -10.56 -109.44 11.52
C ILE CA 223 -10.43 -110.98 11.63
N LEU CA 224 -11.47 -111.66 12.09
CA LEU CA 224 -11.44 -113.11 12.35
C LEU CA 224 -12.46 -113.83 11.47
N SER CA 225 -12.21 -115.09 11.08
CA SER CA 225 -13.19 -115.90 10.33
C SER CA 225 -12.97 -117.39 10.42
N ASP CA 226 -14.01 -118.18 10.17
CA ASP CA 226 -13.89 -119.64 10.13
C ASP CA 226 -13.12 -120.15 8.91
N HIS CA 227 -13.22 -119.46 7.77
CA HIS CA 227 -13.02 -120.06 6.45
C HIS CA 227 -12.07 -119.32 5.51
N VAL CA 228 -11.33 -118.33 5.99
CA VAL CA 228 -10.46 -117.49 5.13
C VAL CA 228 -9.20 -118.21 4.65
N ALA CA 229 -8.72 -119.20 5.40
CA ALA CA 229 -7.51 -119.94 5.05
C ALA CA 229 -7.71 -120.90 3.87
N GLU CA 230 -6.63 -121.16 3.13
CA GLU CA 230 -6.55 -122.26 2.16
C GLU CA 230 -5.11 -122.77 2.05
N GLY CA 231 -4.95 -124.08 1.90
CA GLY CA 231 -3.65 -124.73 1.84
C GLY CA 231 -2.71 -124.27 2.94
N ASP CA 232 -1.56 -123.72 2.56
CA ASP CA 232 -0.52 -123.24 3.47
C ASP CA 232 -0.86 -121.91 4.15
N VAL CA 233 -1.82 -121.14 3.63
CA VAL CA 233 -2.01 -119.73 3.97
C VAL CA 233 -3.14 -119.56 4.98
N VAL CA 234 -2.81 -119.00 6.14
CA VAL CA 234 -3.74 -118.91 7.28
C VAL CA 234 -4.25 -117.49 7.53
N GLY CA 235 -3.71 -116.49 6.86
CA GLY CA 235 -4.16 -115.11 7.03
C GLY CA 235 -3.44 -114.12 6.13
N TYR CA 236 -3.91 -112.88 6.13
CA TYR CA 236 -3.44 -111.82 5.24
C TYR CA 236 -3.29 -110.52 6.03
N ALA CA 237 -2.24 -109.75 5.79
CA ALA CA 237 -2.04 -108.45 6.44
C ALA CA 237 -1.72 -107.38 5.40
N GLY CA 238 -2.32 -106.19 5.47
CA GLY CA 238 -2.14 -105.18 4.42
C GLY CA 238 -3.08 -103.99 4.57
N ASP CA 239 -3.40 -103.30 3.47
CA ASP CA 239 -4.35 -102.20 3.43
C ASP CA 239 -5.59 -102.55 2.60
N PHE CA 240 -6.57 -103.15 3.25
CA PHE CA 240 -7.81 -103.58 2.61
C PHE CA 240 -8.64 -102.45 1.97
N SER CA 241 -8.31 -101.18 2.21
CA SER CA 241 -8.85 -100.07 1.41
C SER CA 241 -8.51 -100.19 -0.08
N GLN CA 242 -7.51 -101.00 -0.44
CA GLN CA 242 -7.15 -101.31 -1.82
C GLN CA 242 -7.98 -102.43 -2.46
N ILE CA 243 -9.05 -102.91 -1.80
CA ILE CA 243 -10.06 -103.79 -2.39
C ILE CA 243 -11.36 -103.03 -2.57
N ILE CA 244 -11.94 -103.01 -3.77
CA ILE CA 244 -13.29 -102.47 -3.99
C ILE CA 244 -14.18 -103.51 -4.64
N TRP CA 245 -15.45 -103.53 -4.28
CA TRP CA 245 -16.41 -104.48 -4.82
C TRP CA 245 -17.74 -103.80 -5.06
N GLY CA 246 -18.60 -104.41 -5.86
CA GLY CA 246 -19.94 -103.92 -6.13
C GLY CA 246 -20.90 -105.06 -6.43
N GLN CA 247 -22.19 -104.81 -6.27
CA GLN CA 247 -23.24 -105.74 -6.62
C GLN CA 247 -24.27 -105.01 -7.48
N VAL CA 248 -24.67 -105.60 -8.59
CA VAL CA 248 -25.67 -105.01 -9.48
C VAL CA 248 -27.04 -105.50 -9.03
N GLY CA 249 -27.91 -104.60 -8.60
CA GLY CA 249 -29.18 -105.00 -8.00
C GLY CA 249 -28.96 -105.89 -6.77
N GLY CA 250 -29.55 -107.08 -6.78
CA GLY CA 250 -29.39 -108.06 -5.73
C GLY CA 250 -29.73 -109.48 -6.20
N LEU CA 251 -29.48 -110.46 -5.34
CA LEU CA 251 -29.81 -111.86 -5.63
C LEU CA 251 -31.31 -112.00 -5.87
N SER CA 252 -31.70 -112.79 -6.86
CA SER CA 252 -33.11 -112.92 -7.26
C SER CA 252 -33.46 -114.33 -7.72
N PHE CA 253 -34.77 -114.62 -7.71
CA PHE CA 253 -35.34 -115.91 -8.05
C PHE CA 253 -36.45 -115.77 -9.08
N ASP CA 254 -36.71 -116.85 -9.81
CA ASP CA 254 -37.78 -117.01 -10.78
C ASP CA 254 -38.21 -118.47 -10.80
N VAL CA 255 -39.45 -118.79 -11.15
CA VAL CA 255 -39.96 -120.16 -11.16
C VAL CA 255 -40.85 -120.42 -12.35
N THR CA 256 -40.75 -121.60 -12.96
CA THR CA 256 -41.54 -121.96 -14.14
C THR CA 256 -41.86 -123.44 -14.16
N ASP CA 257 -42.99 -123.78 -14.76
CA ASP CA 257 -43.37 -125.14 -15.10
C ASP CA 257 -43.27 -125.40 -16.61
N GLN CA 258 -42.88 -124.42 -17.42
CA GLN CA 258 -43.10 -124.48 -18.87
C GLN CA 258 -41.97 -123.97 -19.74
N ALA CA 259 -40.81 -123.61 -19.19
CA ALA CA 259 -39.60 -123.55 -19.99
C ALA CA 259 -39.21 -124.94 -20.52
N THR CA 260 -38.17 -124.99 -21.34
CA THR CA 260 -37.44 -126.23 -21.67
C THR CA 260 -36.03 -126.15 -21.11
N LEU CA 261 -35.51 -127.25 -20.55
CA LEU CA 261 -34.13 -127.31 -20.11
C LEU CA 261 -33.34 -128.24 -21.00
N ASN CA 262 -32.20 -127.77 -21.50
CA ASN CA 262 -31.14 -128.61 -21.98
C ASN CA 262 -30.39 -129.15 -20.78
N LEU CA 263 -30.53 -130.43 -20.48
CA LEU CA 263 -29.84 -131.06 -19.35
C LEU CA 263 -28.36 -131.35 -19.65
N GLY CA 264 -27.95 -131.26 -20.91
CA GLY CA 264 -26.62 -131.61 -21.39
C GLY CA 264 -25.69 -130.41 -21.41
N SER CA 265 -25.24 -130.00 -22.60
CA SER CA 265 -24.41 -128.82 -22.79
C SER CA 265 -24.78 -128.07 -24.08
N GLN CA 266 -24.26 -126.86 -24.24
CA GLN CA 266 -24.41 -126.06 -25.46
C GLN CA 266 -24.01 -126.84 -26.73
N GLU CA 267 -23.04 -127.74 -26.64
CA GLU CA 267 -22.59 -128.56 -27.77
C GLU CA 267 -23.29 -129.93 -27.85
N SER CA 268 -23.68 -130.50 -26.71
CA SER CA 268 -24.39 -131.78 -26.60
C SER CA 268 -25.81 -131.58 -26.04
N PRO CA 269 -26.74 -131.11 -26.86
CA PRO CA 269 -28.08 -130.79 -26.40
C PRO CA 269 -28.83 -132.05 -25.99
N ASN CA 270 -29.58 -131.95 -24.91
CA ASN CA 270 -30.47 -132.99 -24.41
C ASN CA 270 -31.69 -132.33 -23.77
N PHE CA 271 -32.68 -131.99 -24.59
CA PHE CA 271 -33.81 -131.20 -24.13
C PHE CA 271 -34.87 -132.03 -23.40
N VAL CA 272 -35.36 -131.51 -22.27
CA VAL CA 272 -36.61 -131.93 -21.64
C VAL CA 272 -37.49 -130.70 -21.47
N SER CA 273 -38.71 -130.73 -22.01
CA SER CA 273 -39.70 -129.69 -21.72
C SER CA 273 -40.20 -129.88 -20.30
N LEU CA 274 -40.17 -128.85 -19.46
CA LEU CA 274 -40.63 -128.98 -18.08
C LEU CA 274 -42.11 -129.33 -18.04
N TRP CA 275 -42.90 -128.74 -18.94
CA TRP CA 275 -44.33 -128.98 -18.98
C TRP CA 275 -44.65 -130.38 -19.49
N GLN CA 276 -44.03 -130.82 -20.58
CA GLN CA 276 -44.38 -132.08 -21.21
C GLN CA 276 -44.11 -133.28 -20.32
N HIS CA 277 -43.12 -133.21 -19.41
CA HIS CA 277 -42.87 -134.26 -18.43
C HIS CA 277 -43.06 -133.80 -16.97
N ASN CA 278 -43.96 -132.85 -16.74
CA ASN CA 278 -44.49 -132.50 -15.43
C ASN CA 278 -43.42 -132.15 -14.36
N LEU CA 279 -42.39 -131.40 -14.72
CA LEU CA 279 -41.39 -130.88 -13.79
C LEU CA 279 -41.68 -129.41 -13.43
N VAL CA 280 -40.98 -128.87 -12.43
CA VAL CA 280 -40.95 -127.45 -12.10
C VAL CA 280 -39.51 -127.04 -11.80
N ALA CA 281 -39.09 -125.85 -12.23
CA ALA CA 281 -37.72 -125.38 -12.09
C ALA CA 281 -37.63 -123.97 -11.50
N VAL CA 282 -36.68 -123.76 -10.59
CA VAL CA 282 -36.37 -122.45 -10.01
C VAL CA 282 -35.05 -121.97 -10.57
N ARG CA 283 -35.00 -120.72 -11.05
CA ARG CA 283 -33.81 -120.09 -11.64
C ARG CA 283 -33.30 -118.96 -10.76
N VAL CA 284 -32.00 -118.94 -10.51
CA VAL CA 284 -31.36 -118.07 -9.51
C VAL CA 284 -30.32 -117.19 -10.18
N GLU CA 285 -30.22 -115.91 -9.84
CA GLU CA 285 -29.19 -115.02 -10.39
C GLU CA 285 -28.66 -114.01 -9.37
N ALA CA 286 -27.39 -113.66 -9.50
CA ALA CA 286 -26.75 -112.51 -8.87
C ALA CA 286 -25.62 -111.98 -9.76
N GLU CA 287 -25.10 -110.78 -9.49
CA GLU CA 287 -24.14 -110.13 -10.37
C GLU CA 287 -23.21 -109.21 -9.59
N TYR CA 288 -21.90 -109.40 -9.72
CA TYR CA 288 -20.89 -108.79 -8.85
C TYR CA 288 -19.71 -108.23 -9.63
N GLY CA 289 -18.99 -107.28 -9.07
CA GLY CA 289 -17.68 -106.83 -9.56
C GLY CA 289 -16.68 -106.73 -8.42
N LEU CA 290 -15.39 -106.90 -8.74
CA LEU CA 290 -14.29 -106.84 -7.78
C LEU CA 290 -13.03 -106.29 -8.43
N LEU CA 291 -12.24 -105.52 -7.68
CA LEU CA 291 -10.90 -105.09 -8.07
C LEU CA 291 -9.97 -105.10 -6.87
N ILE CA 292 -8.76 -105.62 -7.04
CA ILE CA 292 -7.64 -105.35 -6.13
C ILE CA 292 -6.75 -104.32 -6.80
N ASN CA 293 -6.49 -103.17 -6.19
CA ASN CA 293 -5.70 -102.13 -6.85
C ASN CA 293 -4.23 -102.52 -7.01
N ASP CA 294 -3.66 -103.23 -6.03
CA ASP CA 294 -2.30 -103.75 -6.11
C ASP CA 294 -2.16 -104.99 -5.21
N VAL CA 295 -2.19 -106.17 -5.80
CA VAL CA 295 -2.11 -107.44 -5.06
C VAL CA 295 -0.83 -107.58 -4.25
N ASN CA 296 0.23 -106.83 -4.56
CA ASN CA 296 1.49 -106.92 -3.86
C ASN CA 296 1.47 -106.23 -2.50
N ALA CA 297 0.38 -105.56 -2.14
CA ALA CA 297 0.25 -104.81 -0.90
C ALA CA 297 -0.13 -105.67 0.32
N PHE CA 298 -0.43 -106.96 0.15
CA PHE CA 298 -0.82 -107.87 1.24
C PHE CA 298 0.27 -108.89 1.54
N VAL CA 299 0.71 -109.05 2.77
CA VAL CA 299 1.58 -110.18 3.17
C VAL CA 299 0.71 -111.38 3.47
N LYS CA 300 0.99 -112.53 2.86
CA LYS CA 300 0.37 -113.82 3.20
C LYS CA 300 1.03 -114.38 4.45
N LEU CA 301 0.28 -114.92 5.39
CA LEU CA 301 0.78 -115.47 6.65
C LEU CA 301 0.73 -117.00 6.62
N THR CA 302 1.79 -117.68 7.05
CA THR CA 302 1.88 -119.15 7.05
C THR CA 302 2.49 -119.65 8.36
N PHE CA 303 2.24 -120.89 8.77
CA PHE CA 303 2.85 -121.39 10.01
C PHE CA 303 4.35 -121.57 9.85
N ASP CA 304 4.81 -122.59 9.13
CA ASP CA 304 6.21 -122.75 8.76
C ASP CA 304 6.60 -121.74 7.66
N PRO CA 305 7.90 -121.47 7.45
CA PRO CA 305 8.36 -120.79 6.25
C PRO CA 305 8.15 -121.69 5.03
N VAL CA 306 7.90 -121.09 3.87
CA VAL CA 306 7.54 -121.81 2.63
C VAL CA 306 8.23 -121.25 1.39
N LEU CA 307 8.60 -122.12 0.45
CA LEU CA 307 9.07 -121.74 -0.88
C LEU CA 307 7.92 -121.19 -1.74
N THR CA 308 8.13 -120.07 -2.44
CA THR CA 308 7.13 -119.42 -3.28
C THR CA 308 7.36 -119.82 -4.73
N THR CA 309 6.31 -120.24 -5.45
CA THR CA 309 6.42 -120.63 -6.86
C THR CA 309 6.09 -119.45 -7.77
N TYR CA 310 6.94 -119.18 -8.76
CA TYR CA 310 6.77 -118.11 -9.73
C TYR CA 310 6.75 -118.65 -11.16
N ALA CA 311 6.05 -117.96 -12.05
CA ALA CA 311 6.28 -118.03 -13.49
C ALA CA 311 6.88 -116.72 -13.99
N LEU CA 312 7.91 -116.82 -14.82
CA LEU CA 312 8.58 -115.74 -15.54
C LEU CA 312 8.40 -115.97 -17.04
N ASP CA 313 7.80 -115.00 -17.74
CA ASP CA 313 7.39 -115.12 -19.13
C ASP CA 313 7.86 -113.91 -19.94
N LEU CA 314 8.72 -114.12 -20.94
CA LEU CA 314 9.27 -113.04 -21.75
C LEU CA 314 8.36 -112.63 -22.92
N ASP CA 315 7.20 -113.26 -23.12
CA ASP CA 315 6.19 -112.90 -24.11
C ASP CA 315 6.74 -112.71 -25.54
N GLY CA 316 7.65 -113.59 -25.96
CA GLY CA 316 8.23 -113.56 -27.31
C GLY CA 316 9.29 -112.48 -27.55
N ALA CA 317 9.89 -111.90 -26.49
CA ALA CA 317 11.02 -111.00 -26.61
C ALA CA 317 12.17 -111.58 -27.46
N SER CA 318 12.70 -110.78 -28.38
CA SER CA 318 13.54 -111.26 -29.49
C SER CA 318 15.03 -111.02 -29.29
N ALA CA 319 15.42 -110.03 -28.48
CA ALA CA 319 16.81 -109.67 -28.22
C ALA CA 319 16.94 -108.82 -26.95
N GLY CA 320 18.15 -108.62 -26.46
CA GLY CA 320 18.43 -107.81 -25.27
C GLY CA 320 18.48 -108.63 -23.98
N ASN CA 321 18.54 -107.97 -22.83
CA ASN CA 321 18.69 -108.61 -21.52
C ASN CA 321 17.65 -108.10 -20.50
N PHE CA 322 17.17 -108.99 -19.64
CA PHE CA 322 16.38 -108.66 -18.45
C PHE CA 322 17.21 -108.82 -17.18
N THR CA 323 16.62 -108.53 -16.01
CA THR CA 323 17.26 -108.68 -14.69
C THR CA 323 16.27 -109.23 -13.67
N LEU CA 324 16.77 -109.89 -12.63
CA LEU CA 324 15.99 -110.42 -11.51
C LEU CA 324 16.48 -109.80 -10.20
N SER CA 325 15.59 -109.63 -9.23
CA SER CA 325 15.96 -109.24 -7.87
C SER CA 325 15.22 -110.07 -6.82
N LEU CA 326 15.94 -110.54 -5.81
CA LEU CA 326 15.44 -111.39 -4.72
C LEU CA 326 15.60 -110.64 -3.40
N ASP CA 327 14.50 -110.36 -2.68
CA ASP CA 327 14.51 -109.48 -1.50
C ASP CA 327 15.23 -108.14 -1.75
N GLY CA 328 15.16 -107.64 -2.99
CA GLY CA 328 15.80 -106.40 -3.45
C GLY CA 328 17.29 -106.53 -3.82
N LYS CA 329 17.96 -107.65 -3.53
CA LYS CA 329 19.30 -107.94 -4.04
C LYS CA 329 19.24 -108.18 -5.54
N THR CA 330 20.01 -107.47 -6.36
CA THR CA 330 19.94 -107.58 -7.84
C THR CA 330 20.84 -108.66 -8.41
N SER CA 331 20.40 -109.32 -9.49
CA SER CA 331 21.24 -110.13 -10.36
C SER CA 331 22.09 -109.25 -11.29
N ALA CA 332 23.07 -109.88 -11.95
CA ALA CA 332 23.60 -109.38 -13.21
C ALA CA 332 22.55 -109.48 -14.34
N ASN CA 333 22.86 -108.92 -15.51
CA ASN CA 333 22.03 -109.02 -16.71
C ASN CA 333 21.86 -110.48 -17.19
N ILE CA 334 20.63 -110.85 -17.57
CA ILE CA 334 20.25 -112.19 -18.05
C ILE CA 334 19.79 -112.11 -19.52
N ALA CA 335 20.29 -112.98 -20.39
CA ALA CA 335 19.95 -112.99 -21.81
C ALA CA 335 18.54 -113.53 -22.10
N TYR CA 336 17.87 -112.97 -23.11
CA TYR CA 336 16.49 -113.31 -23.49
C TYR CA 336 16.24 -114.80 -23.81
N ASN CA 337 17.29 -115.57 -24.07
CA ASN CA 337 17.23 -117.01 -24.30
C ASN CA 337 18.22 -117.80 -23.43
N ALA CA 338 18.60 -117.27 -22.26
CA ALA CA 338 19.47 -117.97 -21.32
C ALA CA 338 18.90 -119.33 -20.92
N SER CA 339 19.75 -120.34 -20.73
CA SER CA 339 19.29 -121.71 -20.44
C SER CA 339 18.65 -121.82 -19.06
N THR CA 340 17.78 -122.82 -18.87
CA THR CA 340 17.10 -123.04 -17.58
C THR CA 340 18.10 -123.27 -16.43
N ALA CA 341 19.19 -124.01 -16.69
CA ALA CA 341 20.27 -124.16 -15.72
C ALA CA 341 21.08 -122.86 -15.50
N THR CA 342 21.22 -122.01 -16.52
CA THR CA 342 21.85 -120.69 -16.39
C THR CA 342 21.02 -119.79 -15.48
N VAL CA 343 19.69 -119.80 -15.59
CA VAL CA 343 18.81 -119.00 -14.73
C VAL CA 343 18.99 -119.41 -13.26
N LYS CA 344 18.99 -120.71 -12.92
CA LYS CA 344 19.33 -121.17 -11.56
C LYS CA 344 20.74 -120.70 -11.15
N SER CA 345 21.73 -120.97 -11.98
CA SER CA 345 23.13 -120.65 -11.69
C SER CA 345 23.37 -119.15 -11.48
N ALA CA 346 22.58 -118.28 -12.12
CA ALA CA 346 22.55 -116.87 -11.80
C ALA CA 346 21.94 -116.64 -10.42
N ILE CA 347 20.68 -117.04 -10.20
CA ILE CA 347 19.92 -116.73 -8.97
C ILE CA 347 20.69 -117.11 -7.70
N VAL CA 348 21.37 -118.27 -7.67
CA VAL CA 348 22.09 -118.73 -6.46
C VAL CA 348 23.23 -117.79 -6.05
N ALA CA 349 23.72 -116.94 -6.95
CA ALA CA 349 24.79 -115.99 -6.67
C ALA CA 349 24.31 -114.67 -6.04
N ILE CA 350 23.00 -114.45 -5.89
CA ILE CA 350 22.48 -113.12 -5.53
C ILE CA 350 22.46 -112.89 -4.01
N ASP CA 351 21.75 -113.69 -3.21
CA ASP CA 351 21.37 -113.30 -1.84
C ASP CA 351 22.13 -114.08 -0.75
N ASP CA 352 22.55 -113.40 0.31
CA ASP CA 352 23.29 -114.00 1.43
C ASP CA 352 22.61 -115.29 1.92
N GLY CA 353 23.40 -116.34 2.13
CA GLY CA 353 22.94 -117.65 2.61
C GLY CA 353 22.10 -118.48 1.62
N VAL CA 354 21.65 -117.96 0.48
CA VAL CA 354 20.74 -118.69 -0.43
C VAL CA 354 21.51 -119.75 -1.23
N SER CA 355 21.54 -120.97 -0.70
CA SER CA 355 22.20 -122.11 -1.32
C SER CA 355 21.48 -122.59 -2.58
N ALA CA 356 22.24 -123.18 -3.50
CA ALA CA 356 21.74 -123.97 -4.62
C ALA CA 356 20.92 -125.20 -4.19
N ASP CA 357 20.91 -125.55 -2.89
CA ASP CA 357 20.02 -126.57 -2.32
C ASP CA 357 18.54 -126.16 -2.31
N ASP CA 358 18.25 -124.87 -2.06
CA ASP CA 358 16.89 -124.41 -1.79
C ASP CA 358 16.21 -123.82 -3.03
N VAL CA 359 16.95 -123.11 -3.88
CA VAL CA 359 16.46 -122.64 -5.18
C VAL CA 359 16.25 -123.83 -6.12
N THR CA 360 15.18 -123.85 -6.91
CA THR CA 360 15.15 -124.68 -8.13
C THR CA 360 14.28 -124.07 -9.24
N VAL CA 361 14.55 -124.46 -10.48
CA VAL CA 361 14.01 -123.83 -11.70
C VAL CA 361 13.69 -124.91 -12.72
N THR CA 362 12.59 -124.77 -13.47
CA THR CA 362 12.27 -125.63 -14.61
C THR CA 362 11.49 -124.86 -15.67
N GLY CA 363 11.63 -125.22 -16.95
CA GLY CA 363 11.05 -124.47 -18.07
C GLY CA 363 11.90 -124.52 -19.33
N SER CA 364 11.66 -123.58 -20.24
CA SER CA 364 12.25 -123.50 -21.58
C SER CA 364 12.64 -122.05 -21.91
N ALA CA 365 13.43 -121.83 -22.96
CA ALA CA 365 13.88 -120.48 -23.32
C ALA CA 365 12.71 -119.51 -23.49
N GLY CA 366 12.71 -118.42 -22.71
CA GLY CA 366 11.64 -117.42 -22.66
C GLY CA 366 10.44 -117.74 -21.76
N ASP CA 367 10.38 -118.92 -21.13
CA ASP CA 367 9.29 -119.36 -20.26
C ASP CA 367 9.81 -120.23 -19.11
N TYR CA 368 10.02 -119.63 -17.95
CA TYR CA 368 10.68 -120.26 -16.81
C TYR CA 368 9.77 -120.28 -15.58
N THR CA 369 9.76 -121.37 -14.83
CA THR CA 369 9.10 -121.45 -13.53
C THR CA 369 10.15 -121.66 -12.44
N ILE CA 370 10.04 -120.91 -11.35
CA ILE CA 370 11.10 -120.75 -10.35
C ILE CA 370 10.48 -120.99 -8.97
N THR CA 371 11.14 -121.76 -8.10
CA THR CA 371 10.74 -121.89 -6.69
C THR CA 371 11.88 -121.43 -5.78
N VAL CA 372 11.61 -120.45 -4.91
CA VAL CA 372 12.63 -119.73 -4.16
C VAL CA 372 12.06 -119.23 -2.81
N PRO CA 373 12.85 -119.11 -1.72
CA PRO CA 373 12.30 -118.76 -0.40
C PRO CA 373 11.93 -117.27 -0.20
N GLY CA 374 12.56 -116.35 -0.91
CA GLY CA 374 12.33 -114.91 -0.79
C GLY CA 374 11.24 -114.35 -1.71
N THR CA 375 11.04 -113.02 -1.68
CA THR CA 375 10.27 -112.29 -2.69
C THR CA 375 11.11 -112.07 -3.94
N LEU CA 376 10.85 -112.83 -5.01
CA LEU CA 376 11.44 -112.61 -6.33
C LEU CA 376 10.67 -111.51 -7.08
N THR CA 377 11.40 -110.74 -7.88
CA THR CA 377 10.94 -109.63 -8.73
C THR CA 377 11.84 -109.52 -9.95
N ALA CA 378 11.45 -108.75 -10.97
CA ALA CA 378 12.21 -108.58 -12.21
C ALA CA 378 12.19 -107.13 -12.72
N ASP CA 379 13.15 -106.78 -13.56
CA ASP CA 379 13.11 -105.58 -14.40
C ASP CA 379 13.56 -105.93 -15.83
N PHE CA 380 12.66 -105.72 -16.79
CA PHE CA 380 12.83 -106.02 -18.21
C PHE CA 380 13.47 -104.87 -19.00
N SER CA 381 13.82 -103.75 -18.38
CA SER CA 381 14.40 -102.59 -19.07
C SER CA 381 15.75 -102.95 -19.72
N GLY CA 382 15.81 -102.95 -21.05
CA GLY CA 382 16.93 -103.47 -21.85
C GLY CA 382 16.63 -104.76 -22.62
N LEU CA 383 15.47 -105.37 -22.38
CA LEU CA 383 14.86 -106.38 -23.25
C LEU CA 383 14.17 -105.69 -24.43
N THR CA 384 14.05 -106.35 -25.58
CA THR CA 384 13.44 -105.78 -26.80
C THR CA 384 12.40 -106.71 -27.41
N ASP CA 385 11.35 -106.14 -27.99
CA ASP CA 385 10.08 -106.82 -28.29
C ASP CA 385 9.45 -107.48 -27.03
N GLY CA 386 9.77 -106.94 -25.86
CA GLY CA 386 9.54 -107.57 -24.56
C GLY CA 386 8.79 -106.71 -23.54
N GLU CA 387 8.19 -105.60 -23.96
CA GLU CA 387 7.35 -104.76 -23.09
C GLU CA 387 6.05 -105.47 -22.63
N GLY CA 388 5.70 -106.60 -23.23
CA GLY CA 388 4.63 -107.49 -22.77
C GLY CA 388 5.07 -108.57 -21.75
N ALA CA 389 6.37 -108.69 -21.45
CA ALA CA 389 6.88 -109.67 -20.50
C ALA CA 389 6.30 -109.50 -19.08
N SER CA 390 6.29 -110.57 -18.29
CA SER CA 390 5.69 -110.59 -16.96
C SER CA 390 6.34 -111.59 -16.02
N ILE CA 391 6.23 -111.32 -14.71
CA ILE CA 391 6.57 -112.25 -13.63
C ILE CA 391 5.44 -112.28 -12.61
N SER CA 392 5.03 -113.46 -12.16
CA SER CA 392 3.88 -113.62 -11.24
C SER CA 392 4.01 -114.83 -10.33
N VAL CA 393 3.39 -114.78 -9.14
CA VAL CA 393 3.27 -115.94 -8.24
C VAL CA 393 2.20 -116.90 -8.74
N VAL CA 394 2.45 -118.21 -8.60
CA VAL CA 394 1.63 -119.29 -9.16
C VAL CA 394 1.22 -120.27 -8.07
N SER CA 395 0.01 -120.81 -8.17
CA SER CA 395 -0.55 -121.82 -7.26
C SER CA 395 0.18 -123.16 -7.33
N VAL CA 396 -0.26 -124.15 -6.53
CA VAL CA 396 -0.02 -125.56 -6.87
C VAL CA 396 -0.59 -125.88 -8.26
N GLY CA 397 0.01 -126.83 -8.98
CA GLY CA 397 -0.39 -127.22 -10.34
C GLY CA 397 0.43 -128.36 -10.91
N GLY DA 2 -21.28 -118.33 -25.74
CA GLY DA 2 -22.61 -118.55 -26.33
C GLY DA 2 -22.95 -117.43 -27.30
N PHE DA 3 -23.48 -117.79 -28.47
CA PHE DA 3 -23.99 -116.87 -29.49
C PHE DA 3 -23.01 -115.78 -29.96
N SER DA 4 -21.74 -116.11 -30.14
CA SER DA 4 -20.78 -115.29 -30.89
C SER DA 4 -20.72 -113.82 -30.41
N ALA DA 5 -20.51 -112.88 -31.32
CA ALA DA 5 -20.84 -111.47 -31.19
C ALA DA 5 -21.29 -110.97 -32.57
N ASP DA 6 -22.18 -109.98 -32.63
CA ASP DA 6 -22.90 -109.65 -33.87
C ASP DA 6 -23.57 -110.90 -34.50
N HIS DA 7 -24.26 -111.67 -33.66
CA HIS DA 7 -24.94 -112.89 -34.09
C HIS DA 7 -26.05 -112.58 -35.07
N SER DA 8 -26.26 -113.42 -36.07
CA SER DA 8 -27.17 -113.11 -37.19
C SER DA 8 -28.65 -113.06 -36.81
N GLN DA 9 -29.04 -113.52 -35.62
CA GLN DA 9 -30.44 -113.60 -35.20
C GLN DA 9 -30.73 -113.04 -33.80
N ILE DA 10 -29.84 -113.22 -32.81
CA ILE DA 10 -30.09 -112.74 -31.45
C ILE DA 10 -29.47 -111.36 -31.26
N ALA DA 11 -30.23 -110.36 -30.83
CA ALA DA 11 -29.65 -109.08 -30.42
C ALA DA 11 -29.10 -109.17 -28.99
N GLN DA 12 -27.91 -108.66 -28.74
CA GLN DA 12 -27.27 -108.78 -27.42
C GLN DA 12 -26.31 -107.63 -27.15
N THR DA 13 -26.03 -107.35 -25.89
CA THR DA 13 -25.36 -106.13 -25.45
C THR DA 13 -23.97 -105.98 -26.04
N LYS DA 14 -23.26 -107.09 -26.21
CA LYS DA 14 -21.94 -107.13 -26.87
C LYS DA 14 -21.95 -106.79 -28.36
N ASP DA 15 -23.11 -106.71 -29.03
CA ASP DA 15 -23.17 -106.48 -30.48
C ASP DA 15 -22.62 -105.11 -30.89
N THR DA 16 -21.92 -105.08 -32.02
CA THR DA 16 -21.21 -103.88 -32.48
C THR DA 16 -22.14 -102.70 -32.66
N MET DA 17 -23.39 -102.91 -33.07
CA MET DA 17 -24.34 -101.82 -33.30
C MET DA 17 -24.55 -100.95 -32.06
N PHE DA 18 -24.52 -101.54 -30.87
CA PHE DA 18 -24.75 -100.79 -29.63
C PHE DA 18 -23.52 -100.04 -29.13
N THR DA 19 -22.32 -100.26 -29.68
CA THR DA 19 -21.13 -99.52 -29.25
C THR DA 19 -21.36 -98.00 -29.30
N GLY DA 20 -20.94 -97.30 -28.26
CA GLY DA 20 -21.24 -95.88 -28.04
C GLY DA 20 -22.46 -95.64 -27.15
N TYR DA 21 -23.41 -96.57 -27.13
CA TYR DA 21 -24.35 -96.69 -26.01
C TYR DA 21 -23.77 -97.65 -24.96
N LEU DA 22 -24.23 -97.55 -23.72
CA LEU DA 22 -23.86 -98.49 -22.65
C LEU DA 22 -22.37 -98.58 -22.32
N ASP DA 23 -21.58 -97.56 -22.64
CA ASP DA 23 -20.21 -97.43 -22.13
C ASP DA 23 -20.18 -97.27 -20.60
N PRO DA 24 -19.12 -97.70 -19.90
CA PRO DA 24 -19.06 -97.69 -18.44
C PRO DA 24 -19.05 -96.27 -17.88
N VAL DA 25 -19.51 -96.11 -16.65
CA VAL DA 25 -19.69 -94.79 -16.03
C VAL DA 25 -18.38 -94.28 -15.44
N GLN DA 26 -18.15 -92.97 -15.46
CA GLN DA 26 -17.05 -92.37 -14.70
C GLN DA 26 -17.20 -92.59 -13.19
N ALA DA 27 -16.07 -92.64 -12.46
CA ALA DA 27 -16.06 -92.75 -11.01
C ALA DA 27 -14.89 -91.96 -10.40
N LYS DA 28 -15.01 -91.56 -9.13
CA LYS DA 28 -13.91 -90.92 -8.41
C LYS DA 28 -12.76 -91.90 -8.20
N ASP DA 29 -11.53 -91.42 -8.15
CA ASP DA 29 -10.38 -92.28 -7.83
C ASP DA 29 -10.43 -92.69 -6.35
N TYR DA 30 -10.76 -93.94 -6.06
CA TYR DA 30 -10.80 -94.47 -4.71
C TYR DA 30 -9.42 -94.71 -4.09
N PHE DA 31 -8.35 -94.71 -4.89
CA PHE DA 31 -7.01 -95.08 -4.46
C PHE DA 31 -6.04 -93.88 -4.39
N ALA DA 32 -6.58 -92.66 -4.25
CA ALA DA 32 -5.80 -91.43 -4.34
C ALA DA 32 -4.65 -91.37 -3.32
N GLU DA 33 -3.43 -91.21 -3.80
CA GLU DA 33 -2.27 -90.88 -2.96
C GLU DA 33 -2.43 -89.45 -2.43
N ALA DA 34 -2.39 -89.26 -1.12
CA ALA DA 34 -2.38 -87.93 -0.52
C ALA DA 34 -1.03 -87.24 -0.76
N GLU DA 35 -1.04 -85.95 -1.09
CA GLU DA 35 0.17 -85.21 -1.46
C GLU DA 35 1.18 -85.12 -0.30
N LYS DA 36 2.42 -85.61 -0.52
CA LYS DA 36 3.48 -85.61 0.48
C LYS DA 36 3.94 -84.19 0.80
N THR DA 37 3.73 -83.76 2.04
CA THR DA 37 4.10 -82.43 2.53
C THR DA 37 5.57 -82.35 2.93
N SER DA 38 6.16 -81.15 2.97
CA SER DA 38 7.54 -80.99 3.43
C SER DA 38 7.68 -81.42 4.89
N ILE DA 39 8.72 -82.19 5.19
CA ILE DA 39 9.12 -82.40 6.58
C ILE DA 39 9.90 -81.22 7.10
N VAL DA 40 10.91 -80.72 6.37
CA VAL DA 40 11.84 -79.77 7.00
C VAL DA 40 11.13 -78.49 7.39
N GLN DA 41 10.13 -78.05 6.63
CA GLN DA 41 9.36 -76.84 6.93
C GLN DA 41 8.55 -76.93 8.23
N ARG DA 42 8.32 -78.14 8.77
CA ARG DA 42 7.70 -78.31 10.09
C ARG DA 42 8.71 -78.25 11.23
N VAL DA 43 9.89 -78.86 11.07
CA VAL DA 43 10.86 -78.99 12.18
C VAL DA 43 11.80 -77.79 12.30
N ALA DA 44 12.15 -77.14 11.20
CA ALA DA 44 13.06 -76.00 11.21
C ALA DA 44 12.34 -74.69 11.55
N GLN DA 45 13.03 -73.75 12.21
CA GLN DA 45 12.44 -72.46 12.55
C GLN DA 45 12.25 -71.60 11.29
N LYS DA 46 11.02 -71.17 11.03
CA LYS DA 46 10.68 -70.28 9.92
C LYS DA 46 11.06 -68.85 10.27
N ILE DA 47 11.80 -68.16 9.40
CA ILE DA 47 12.34 -66.82 9.59
C ILE DA 47 12.09 -65.94 8.37
N PRO DA 48 11.79 -64.65 8.53
CA PRO DA 48 11.32 -63.77 7.45
C PRO DA 48 12.46 -63.22 6.58
N MET DA 49 13.20 -64.08 5.88
CA MET DA 49 14.25 -63.64 4.95
C MET DA 49 13.67 -62.81 3.81
N GLY DA 50 14.24 -61.64 3.54
CA GLY DA 50 13.90 -60.82 2.38
C GLY DA 50 14.63 -61.26 1.11
N ALA DA 51 14.22 -60.74 -0.04
CA ALA DA 51 14.83 -61.04 -1.34
C ALA DA 51 16.35 -60.75 -1.38
N THR DA 52 16.80 -59.86 -0.52
CA THR DA 52 18.21 -59.47 -0.32
C THR DA 52 19.09 -60.54 0.31
N GLY DA 53 18.50 -61.56 0.94
CA GLY DA 53 19.17 -62.32 1.99
C GLY DA 53 19.23 -61.55 3.31
N ILE DA 54 19.74 -62.18 4.37
CA ILE DA 54 19.86 -61.62 5.72
C ILE DA 54 21.21 -61.95 6.36
N VAL DA 55 21.56 -61.23 7.42
CA VAL DA 55 22.83 -61.40 8.13
C VAL DA 55 22.62 -61.52 9.65
N ILE DA 56 23.30 -62.48 10.26
CA ILE DA 56 23.13 -62.95 11.63
C ILE DA 56 24.35 -62.58 12.46
N PRO DA 57 24.23 -61.88 13.59
CA PRO DA 57 25.33 -61.65 14.51
C PRO DA 57 25.47 -62.81 15.49
N HIS DA 58 26.70 -63.16 15.90
CA HIS DA 58 26.93 -64.18 16.94
C HIS DA 58 28.14 -63.85 17.81
N TRP DA 59 28.03 -64.01 19.13
CA TRP DA 59 29.09 -63.65 20.07
C TRP DA 59 30.28 -64.62 20.02
N THR DA 60 31.47 -64.15 20.37
CA THR DA 60 32.67 -65.00 20.46
C THR DA 60 33.60 -64.67 21.61
N GLY DA 61 33.58 -63.44 22.14
CA GLY DA 61 34.62 -62.94 23.03
C GLY DA 61 34.66 -63.61 24.40
N ASP DA 62 35.86 -64.00 24.82
CA ASP DA 62 36.15 -64.54 26.14
C ASP DA 62 36.34 -63.40 27.15
N VAL DA 63 35.26 -62.70 27.47
CA VAL DA 63 35.22 -61.64 28.48
C VAL DA 63 35.69 -62.17 29.84
N SER DA 64 36.45 -61.40 30.59
CA SER DA 64 37.14 -61.89 31.80
C SER DA 64 37.23 -60.88 32.95
N ALA DA 65 37.36 -61.39 34.18
CA ALA DA 65 37.52 -60.63 35.41
C ALA DA 65 38.45 -61.39 36.37
N GLN DA 66 39.18 -60.68 37.23
CA GLN DA 66 40.27 -61.28 38.01
C GLN DA 66 40.23 -60.85 39.48
N TRP DA 67 40.68 -61.70 40.37
CA TRP DA 67 40.77 -61.40 41.79
C TRP DA 67 41.88 -60.40 42.07
N ILE DA 68 41.68 -59.45 42.98
CA ILE DA 68 42.64 -58.38 43.25
C ILE DA 68 42.73 -58.05 44.74
N GLY DA 69 43.82 -57.45 45.20
CA GLY DA 69 44.00 -57.00 46.59
C GLY DA 69 43.44 -55.59 46.87
N GLU DA 70 43.81 -55.02 48.02
CA GLU DA 70 43.73 -53.57 48.22
C GLU DA 70 44.70 -52.84 47.29
N GLY DA 71 44.28 -51.68 46.79
CA GLY DA 71 45.20 -50.80 46.04
C GLY DA 71 45.87 -51.51 44.88
N ASP DA 72 45.13 -52.35 44.16
CA ASP DA 72 45.68 -53.27 43.17
C ASP DA 72 45.05 -53.04 41.80
N MET DA 73 45.84 -53.10 40.74
CA MET DA 73 45.46 -52.59 39.43
C MET DA 73 44.39 -53.46 38.79
N LYS DA 74 43.22 -52.91 38.50
CA LYS DA 74 42.15 -53.63 37.82
C LYS DA 74 42.55 -53.99 36.40
N PRO DA 75 42.23 -55.18 35.90
CA PRO DA 75 42.49 -55.58 34.53
C PRO DA 75 41.50 -54.93 33.59
N ILE DA 76 41.82 -54.88 32.29
CA ILE DA 76 40.93 -54.35 31.24
C ILE DA 76 40.58 -55.48 30.28
N THR DA 77 39.36 -55.51 29.76
CA THR DA 77 38.88 -56.55 28.84
C THR DA 77 37.98 -56.01 27.73
N LYS DA 78 37.83 -56.75 26.64
CA LYS DA 78 37.07 -56.37 25.43
C LYS DA 78 36.23 -57.55 24.94
N GLY DA 79 34.97 -57.32 24.60
CA GLY DA 79 34.13 -58.30 23.93
C GLY DA 79 34.56 -58.58 22.48
N ASN DA 80 34.00 -59.61 21.87
CA ASN DA 80 34.18 -59.91 20.45
C ASN DA 80 32.96 -60.64 19.91
N MET DA 81 32.64 -60.46 18.63
CA MET DA 81 31.51 -61.10 17.97
C MET DA 81 31.67 -61.07 16.45
N THR DA 82 30.87 -61.84 15.73
CA THR DA 82 31.07 -62.15 14.31
C THR DA 82 29.76 -62.21 13.54
N LYS DA 83 29.84 -62.27 12.21
CA LYS DA 83 28.71 -62.15 11.27
C LYS DA 83 28.66 -63.35 10.32
N ARG DA 84 27.47 -63.81 9.97
CA ARG DA 84 27.20 -64.78 8.89
C ARG DA 84 26.03 -64.27 8.05
N ASP DA 85 26.08 -64.38 6.74
CA ASP DA 85 24.99 -63.99 5.85
C ASP DA 85 24.44 -65.18 5.05
N VAL DA 86 23.16 -65.10 4.66
CA VAL DA 86 22.42 -66.14 3.94
C VAL DA 86 21.60 -65.53 2.82
N HIS DA 87 21.60 -66.12 1.63
CA HIS DA 87 20.84 -65.66 0.47
C HIS DA 87 19.83 -66.70 0.00
N PRO DA 88 18.65 -66.29 -0.49
CA PRO DA 88 17.70 -67.20 -1.10
C PRO DA 88 18.16 -67.65 -2.49
N ALA DA 89 17.53 -68.68 -3.02
CA ALA DA 89 17.66 -69.15 -4.39
C ALA DA 89 16.30 -69.54 -4.96
N LYS DA 90 16.14 -69.44 -6.28
CA LYS DA 90 14.88 -69.74 -6.98
C LYS DA 90 14.76 -71.21 -7.35
N ILE DA 91 13.57 -71.76 -7.22
CA ILE DA 91 13.13 -73.01 -7.84
C ILE DA 91 11.97 -72.71 -8.79
N ALA DA 92 11.94 -73.35 -9.95
CA ALA DA 92 10.95 -73.03 -10.98
C ALA DA 92 10.61 -74.22 -11.88
N THR DA 93 9.44 -74.17 -12.52
CA THR DA 93 9.07 -75.07 -13.62
C THR DA 93 8.00 -74.45 -14.50
N ILE DA 94 7.85 -74.96 -15.72
CA ILE DA 94 6.91 -74.46 -16.72
C ILE DA 94 6.06 -75.62 -17.18
N PHE DA 95 4.76 -75.44 -17.34
CA PHE DA 95 3.94 -76.41 -18.07
C PHE DA 95 3.11 -75.71 -19.14
N VAL DA 96 2.86 -76.39 -20.25
CA VAL DA 96 2.36 -75.78 -21.49
C VAL DA 96 1.20 -76.59 -22.01
N ALA DA 97 0.14 -75.93 -22.47
CA ALA DA 97 -1.04 -76.59 -22.99
C ALA DA 97 -1.65 -75.82 -24.16
N SER DA 98 -2.28 -76.55 -25.07
CA SER DA 98 -2.97 -75.95 -26.21
C SER DA 98 -4.26 -75.28 -25.78
N ALA DA 99 -4.65 -74.18 -26.41
CA ALA DA 99 -5.87 -73.47 -26.02
C ALA DA 99 -7.11 -74.38 -26.01
N GLU DA 100 -7.21 -75.35 -26.92
CA GLU DA 100 -8.31 -76.32 -26.86
C GLU DA 100 -8.32 -77.09 -25.54
N THR DA 101 -7.17 -77.59 -25.08
CA THR DA 101 -7.07 -78.27 -23.79
C THR DA 101 -7.37 -77.33 -22.65
N VAL DA 102 -7.02 -76.04 -22.74
CA VAL DA 102 -7.38 -75.07 -21.72
C VAL DA 102 -8.88 -74.83 -21.67
N ARG DA 103 -9.56 -74.72 -22.82
CA ARG DA 103 -11.01 -74.54 -22.84
C ARG DA 103 -11.73 -75.74 -22.27
N ALA DA 104 -11.35 -76.95 -22.67
CA ALA DA 104 -12.04 -78.16 -22.25
C ALA DA 104 -11.65 -78.64 -20.84
N ASN DA 105 -10.42 -78.37 -20.40
CA ASN DA 105 -9.83 -78.82 -19.13
C ASN DA 105 -10.21 -80.25 -18.73
N PRO DA 106 -9.90 -81.26 -19.56
CA PRO DA 106 -10.28 -82.64 -19.31
C PRO DA 106 -9.63 -83.16 -18.02
N ALA DA 107 -10.38 -83.95 -17.24
CA ALA DA 107 -9.93 -84.46 -15.95
C ALA DA 107 -9.38 -83.38 -15.00
N ASN DA 108 -9.83 -82.13 -15.15
CA ASN DA 108 -9.28 -80.94 -14.51
C ASN DA 108 -7.74 -80.86 -14.53
N TYR DA 109 -7.10 -81.37 -15.58
CA TYR DA 109 -5.65 -81.40 -15.74
C TYR DA 109 -4.97 -80.06 -15.41
N LEU DA 110 -5.46 -78.91 -15.88
CA LEU DA 110 -4.85 -77.62 -15.57
C LEU DA 110 -4.96 -77.21 -14.09
N GLY DA 111 -5.90 -77.79 -13.35
CA GLY DA 111 -6.03 -77.63 -11.89
C GLY DA 111 -5.16 -78.63 -11.15
N THR DA 112 -5.26 -79.92 -11.48
CA THR DA 112 -4.44 -80.96 -10.85
C THR DA 112 -2.96 -80.70 -11.05
N MET DA 113 -2.56 -80.21 -12.22
CA MET DA 113 -1.15 -79.92 -12.49
C MET DA 113 -0.60 -78.92 -11.48
N ARG DA 114 -1.36 -77.90 -11.07
CA ARG DA 114 -0.89 -76.94 -10.07
C ARG DA 114 -0.51 -77.63 -8.77
N THR DA 115 -1.38 -78.47 -8.21
CA THR DA 115 -1.11 -79.06 -6.90
C THR DA 115 0.01 -80.10 -6.98
N LYS DA 116 0.09 -80.88 -8.06
CA LYS DA 116 1.23 -81.78 -8.28
C LYS DA 116 2.53 -81.00 -8.40
N VAL DA 117 2.58 -79.86 -9.11
CA VAL DA 117 3.78 -79.02 -9.11
C VAL DA 117 4.09 -78.52 -7.71
N ALA DA 118 3.11 -77.98 -6.97
CA ALA DA 118 3.36 -77.47 -5.64
C ALA DA 118 3.93 -78.55 -4.72
N THR DA 119 3.42 -79.78 -4.85
CA THR DA 119 3.97 -80.93 -4.16
C THR DA 119 5.41 -81.16 -4.56
N ALA DA 120 5.73 -81.19 -5.84
CA ALA DA 120 7.10 -81.40 -6.29
C ALA DA 120 8.05 -80.32 -5.75
N ILE DA 121 7.62 -79.06 -5.70
CA ILE DA 121 8.44 -77.98 -5.15
C ILE DA 121 8.69 -78.19 -3.66
N ALA DA 122 7.68 -78.57 -2.88
CA ALA DA 122 7.90 -78.88 -1.47
C ALA DA 122 8.88 -80.05 -1.29
N MET DA 123 8.73 -81.12 -2.08
CA MET DA 123 9.62 -82.28 -1.98
C MET DA 123 11.06 -81.95 -2.34
N ALA DA 124 11.28 -81.10 -3.34
CA ALA DA 124 12.63 -80.69 -3.69
C ALA DA 124 13.31 -80.00 -2.50
N PHE DA 125 12.57 -79.19 -1.74
CA PHE DA 125 13.15 -78.48 -0.60
C PHE DA 125 13.55 -79.43 0.54
N ASP DA 126 12.78 -80.48 0.82
CA ASP DA 126 13.25 -81.51 1.74
C ASP DA 126 14.53 -82.15 1.23
N ASN DA 127 14.57 -82.61 -0.02
CA ASN DA 127 15.74 -83.32 -0.52
C ASN DA 127 16.99 -82.44 -0.51
N ALA DA 128 16.85 -81.16 -0.83
CA ALA DA 128 17.95 -80.21 -0.76
C ALA DA 128 18.43 -79.98 0.68
N ALA DA 129 17.54 -80.02 1.67
CA ALA DA 129 17.89 -79.75 3.05
C ALA DA 129 18.40 -80.99 3.81
N LEU DA 130 17.83 -82.16 3.55
CA LEU DA 130 18.23 -83.40 4.21
C LEU DA 130 19.51 -83.95 3.58
N HIS DA 131 19.55 -84.16 2.28
CA HIS DA 131 20.63 -84.88 1.61
C HIS DA 131 21.42 -84.06 0.59
N GLY DA 132 21.05 -82.80 0.37
CA GLY DA 132 21.79 -81.92 -0.52
C GLY DA 132 21.68 -82.26 -2.01
N THR DA 133 20.75 -83.13 -2.41
CA THR DA 133 20.85 -83.88 -3.68
C THR DA 133 21.05 -83.03 -4.92
N ASN DA 134 20.44 -81.85 -4.97
CA ASN DA 134 20.59 -80.91 -6.07
C ASN DA 134 20.63 -79.46 -5.54
N ALA DA 135 21.06 -79.28 -4.28
CA ALA DA 135 20.91 -78.00 -3.60
C ALA DA 135 21.62 -76.87 -4.36
N PRO DA 136 21.05 -75.66 -4.41
CA PRO DA 136 21.73 -74.52 -4.97
C PRO DA 136 22.90 -74.14 -4.07
N SER DA 137 23.92 -73.50 -4.61
CA SER DA 137 25.11 -73.10 -3.84
C SER DA 137 24.80 -72.19 -2.66
N ALA DA 138 23.68 -71.47 -2.70
CA ALA DA 138 23.23 -70.57 -1.65
C ALA DA 138 22.80 -71.27 -0.34
N PHE DA 139 22.50 -72.57 -0.36
CA PHE DA 139 22.16 -73.31 0.84
C PHE DA 139 23.43 -73.66 1.64
N GLN DA 140 23.44 -73.35 2.93
CA GLN DA 140 24.60 -73.60 3.80
C GLN DA 140 24.41 -74.88 4.61
N GLY DA 141 24.85 -75.99 4.03
CA GLY DA 141 24.86 -77.32 4.65
C GLY DA 141 23.57 -78.12 4.48
N TYR DA 142 23.64 -79.43 4.73
CA TYR DA 142 22.52 -80.36 4.72
C TYR DA 142 22.75 -81.50 5.71
N LEU DA 143 21.71 -82.09 6.29
CA LEU DA 143 21.88 -82.96 7.46
C LEU DA 143 22.73 -84.19 7.21
N ASP DA 144 22.69 -84.78 6.03
CA ASP DA 144 23.51 -85.93 5.68
C ASP DA 144 25.03 -85.62 5.72
N GLN DA 145 25.41 -84.34 5.77
CA GLN DA 145 26.79 -83.88 5.86
C GLN DA 145 27.44 -84.02 7.25
N SER DA 146 26.71 -84.46 8.27
CA SER DA 146 27.25 -84.64 9.64
C SER DA 146 28.43 -85.59 9.70
N ASN DA 147 29.34 -85.37 10.64
CA ASN DA 147 30.49 -86.23 10.90
C ASN DA 147 30.22 -87.42 11.84
N LYS DA 148 29.00 -87.63 12.36
CA LYS DA 148 28.73 -88.67 13.38
C LYS DA 148 27.47 -89.50 13.11
N THR DA 149 27.58 -90.81 13.34
CA THR DA 149 26.57 -91.83 12.95
C THR DA 149 26.34 -92.82 14.09
N GLN DA 150 25.11 -93.31 14.26
CA GLN DA 150 24.78 -94.34 15.25
C GLN DA 150 23.87 -95.42 14.69
N SER DA 151 24.22 -96.68 14.90
CA SER DA 151 23.35 -97.81 14.59
C SER DA 151 22.22 -97.93 15.60
N ILE DA 152 20.99 -98.10 15.11
CA ILE DA 152 19.78 -98.27 15.91
C ILE DA 152 19.26 -99.70 15.87
N SER DA 153 19.63 -100.51 14.88
CA SER DA 153 18.91 -101.72 14.54
C SER DA 153 18.80 -102.82 15.62
N PRO DA 154 19.79 -103.10 16.48
CA PRO DA 154 19.63 -104.21 17.42
C PRO DA 154 18.69 -103.85 18.57
N ASN DA 155 18.75 -102.62 19.07
CA ASN DA 155 17.99 -102.14 20.22
C ASN DA 155 17.94 -100.61 20.21
N ALA DA 156 16.77 -100.04 19.94
CA ALA DA 156 16.65 -98.61 19.77
C ALA DA 156 16.93 -97.80 21.03
N TYR DA 157 16.59 -98.31 22.22
CA TYR DA 157 16.82 -97.56 23.46
C TYR DA 157 18.30 -97.40 23.76
N GLN DA 158 19.08 -98.48 23.68
CA GLN DA 158 20.54 -98.37 23.81
C GLN DA 158 21.12 -97.49 22.71
N GLY DA 159 20.63 -97.65 21.48
CA GLY DA 159 21.07 -96.86 20.34
C GLY DA 159 20.89 -95.36 20.54
N LEU DA 160 19.68 -94.90 20.80
CA LEU DA 160 19.41 -93.47 21.01
C LEU DA 160 19.90 -93.01 22.37
N GLY DA 161 19.42 -93.66 23.43
CA GLY DA 161 19.49 -93.12 24.79
C GLY DA 161 20.87 -93.15 25.41
N VAL DA 162 21.76 -94.03 24.93
CA VAL DA 162 23.11 -94.17 25.47
C VAL DA 162 24.14 -93.83 24.42
N SER DA 163 24.29 -94.65 23.38
CA SER DA 163 25.41 -94.49 22.45
C SER DA 163 25.28 -93.22 21.64
N GLY DA 164 24.12 -92.98 21.02
CA GLY DA 164 23.87 -91.76 20.25
C GLY DA 164 24.00 -90.51 21.10
N LEU DA 165 23.38 -90.48 22.28
CA LEU DA 165 23.51 -89.31 23.15
C LEU DA 165 24.94 -89.10 23.62
N THR DA 166 25.74 -90.15 23.81
CA THR DA 166 27.16 -89.97 24.16
C THR DA 166 27.90 -89.19 23.09
N LYS DA 167 27.68 -89.53 21.81
CA LYS DA 167 28.32 -88.82 20.70
C LYS DA 167 27.92 -87.35 20.62
N LEU DA 168 26.70 -86.98 21.03
CA LEU DA 168 26.28 -85.59 21.10
C LEU DA 168 26.90 -84.84 22.28
N VAL DA 169 26.76 -85.35 23.51
CA VAL DA 169 27.22 -84.58 24.68
C VAL DA 169 28.73 -84.45 24.73
N THR DA 170 29.47 -85.38 24.14
CA THR DA 170 30.94 -85.28 23.98
C THR DA 170 31.34 -84.06 23.16
N ASP DA 171 30.56 -83.70 22.15
CA ASP DA 171 30.77 -82.50 21.32
C ASP DA 171 30.17 -81.23 21.97
N GLY DA 172 29.53 -81.34 23.13
CA GLY DA 172 28.85 -80.24 23.81
C GLY DA 172 27.49 -79.83 23.20
N LYS DA 173 27.03 -80.50 22.15
CA LYS DA 173 25.74 -80.24 21.50
C LYS DA 173 24.60 -80.94 22.27
N LYS DA 174 23.40 -80.36 22.30
CA LYS DA 174 22.26 -80.86 23.08
C LYS DA 174 21.25 -81.59 22.20
N TRP DA 175 20.79 -82.78 22.60
CA TRP DA 175 19.70 -83.48 21.91
C TRP DA 175 18.33 -82.90 22.25
N THR DA 176 17.59 -82.38 21.26
CA THR DA 176 16.24 -81.86 21.48
C THR DA 176 15.16 -82.57 20.70
N HIS DA 177 15.42 -83.08 19.49
CA HIS DA 177 14.39 -83.77 18.71
C HIS DA 177 14.96 -85.00 18.04
N THR DA 178 14.10 -85.92 17.63
CA THR DA 178 14.48 -87.01 16.73
C THR DA 178 13.50 -87.10 15.58
N LEU DA 179 14.01 -87.24 14.37
CA LEU DA 179 13.27 -87.29 13.13
C LEU DA 179 13.47 -88.66 12.49
N LEU DA 180 12.39 -89.36 12.18
CA LEU DA 180 12.44 -90.76 11.72
C LEU DA 180 11.63 -90.99 10.46
N ASP DA 181 12.15 -91.82 9.56
CA ASP DA 181 11.38 -92.33 8.43
C ASP DA 181 10.37 -93.39 8.88
N ASP DA 182 9.18 -93.45 8.31
CA ASP DA 182 8.21 -94.50 8.62
C ASP DA 182 8.79 -95.93 8.47
N THR DA 183 9.78 -96.15 7.61
CA THR DA 183 10.47 -97.43 7.48
C THR DA 183 11.19 -97.88 8.75
N VAL DA 184 11.36 -97.03 9.76
CA VAL DA 184 11.94 -97.42 11.04
C VAL DA 184 10.98 -98.21 11.92
N GLU DA 185 9.66 -98.17 11.68
CA GLU DA 185 8.69 -98.73 12.62
C GLU DA 185 9.02 -100.17 13.07
N PRO DA 186 9.39 -101.10 12.18
CA PRO DA 186 9.80 -102.43 12.58
C PRO DA 186 10.85 -102.45 13.68
N VAL DA 187 11.93 -101.69 13.57
CA VAL DA 187 13.01 -101.83 14.56
C VAL DA 187 12.66 -101.20 15.89
N LEU DA 188 11.73 -100.25 15.93
CA LEU DA 188 11.21 -99.79 17.22
C LEU DA 188 10.29 -100.84 17.83
N ASN DA 189 9.33 -101.36 17.06
CA ASN DA 189 8.43 -102.40 17.56
C ASN DA 189 9.18 -103.66 17.97
N GLY DA 190 10.28 -103.99 17.31
CA GLY DA 190 11.13 -105.13 17.62
C GLY DA 190 12.23 -104.87 18.65
N SER DA 191 12.37 -103.66 19.17
CA SER DA 191 13.36 -103.39 20.21
C SER DA 191 12.88 -103.95 21.56
N VAL DA 192 13.57 -104.99 22.04
CA VAL DA 192 13.15 -105.80 23.18
C VAL DA 192 14.17 -105.80 24.30
N ASP DA 193 13.69 -105.99 25.52
CA ASP DA 193 14.55 -106.31 26.66
C ASP DA 193 15.10 -107.75 26.55
N ALA DA 194 15.91 -108.19 27.51
CA ALA DA 194 16.45 -109.55 27.49
C ALA DA 194 15.39 -110.65 27.67
N ASN DA 195 14.21 -110.33 28.21
CA ASN DA 195 13.10 -111.26 28.25
C ASN DA 195 12.45 -111.43 26.89
N GLY DA 196 12.66 -110.50 25.95
CA GLY DA 196 11.92 -110.46 24.71
C GLY DA 196 10.61 -109.67 24.79
N ARG DA 197 10.37 -108.94 25.89
CA ARG DA 197 9.27 -107.98 25.98
C ARG DA 197 9.64 -106.72 25.17
N PRO DA 198 8.77 -106.17 24.35
CA PRO DA 198 9.00 -104.89 23.69
C PRO DA 198 9.22 -103.77 24.69
N LEU DA 199 10.11 -102.83 24.42
CA LEU DA 199 10.32 -101.69 25.31
C LEU DA 199 9.23 -100.62 25.18
N PHE DA 200 8.85 -100.22 23.96
CA PHE DA 200 8.05 -99.02 23.73
C PHE DA 200 6.53 -99.23 23.66
N VAL DA 201 6.01 -100.37 24.14
CA VAL DA 201 4.56 -100.65 24.21
C VAL DA 201 4.24 -101.60 25.38
N GLU DA 202 3.07 -101.44 26.01
CA GLU DA 202 2.70 -102.14 27.25
C GLU DA 202 1.95 -103.47 27.05
N SER DA 203 1.80 -104.23 28.15
CA SER DA 203 1.63 -105.70 28.18
C SER DA 203 0.49 -106.36 27.41
N THR DA 204 -0.50 -105.63 26.89
CA THR DA 204 -1.52 -106.21 26.01
C THR DA 204 -1.18 -106.09 24.53
N TYR DA 205 -0.25 -105.20 24.16
CA TYR DA 205 0.19 -104.92 22.80
C TYR DA 205 -0.92 -104.48 21.83
N GLU DA 206 -1.98 -103.86 22.33
CA GLU DA 206 -3.03 -103.34 21.48
C GLU DA 206 -2.59 -102.14 20.65
N SER DA 207 -1.99 -101.12 21.27
CA SER DA 207 -1.76 -99.82 20.62
C SER DA 207 -0.36 -99.66 20.02
N LEU DA 208 -0.17 -98.65 19.16
CA LEU DA 208 1.14 -98.32 18.58
C LEU DA 208 2.18 -97.97 19.66
N THR DA 209 3.45 -98.22 19.36
CA THR DA 209 4.58 -97.83 20.23
C THR DA 209 4.65 -96.34 20.43
N THR DA 210 5.08 -95.89 21.62
CA THR DA 210 4.96 -94.47 21.98
C THR DA 210 5.54 -93.49 20.96
N PRO DA 211 6.73 -93.66 20.36
CA PRO DA 211 7.21 -92.71 19.37
C PRO DA 211 6.35 -92.66 18.11
N PHE DA 212 5.74 -93.77 17.70
CA PHE DA 212 4.82 -93.77 16.56
C PHE DA 212 3.46 -93.15 16.86
N ARG DA 213 3.17 -92.82 18.11
CA ARG DA 213 2.09 -91.91 18.48
C ARG DA 213 2.55 -90.45 18.54
N GLU DA 214 3.68 -90.13 17.90
CA GLU DA 214 4.40 -88.86 18.03
C GLU DA 214 4.87 -88.60 19.48
N GLY DA 215 4.86 -89.62 20.34
CA GLY DA 215 5.24 -89.47 21.74
C GLY DA 215 6.69 -89.04 21.92
N ARG DA 216 6.98 -88.38 23.03
CA ARG DA 216 8.36 -88.12 23.41
C ARG DA 216 9.11 -89.44 23.62
N ILE DA 217 10.40 -89.46 23.31
CA ILE DA 217 11.36 -90.43 23.83
C ILE DA 217 12.24 -89.67 24.80
N LEU DA 218 12.38 -90.12 26.05
CA LEU DA 218 13.26 -89.48 27.03
C LEU DA 218 13.09 -87.95 27.08
N GLY DA 219 11.84 -87.47 26.99
CA GLY DA 219 11.52 -86.05 27.03
C GLY DA 219 11.69 -85.29 25.72
N ARG DA 220 12.27 -85.88 24.66
CA ARG DA 220 12.43 -85.26 23.35
C ARG DA 220 11.30 -85.69 22.42
N PRO DA 221 10.58 -84.79 21.74
CA PRO DA 221 9.52 -85.19 20.82
C PRO DA 221 10.05 -85.98 19.63
N THR DA 222 9.23 -86.85 19.05
CA THR DA 222 9.59 -87.67 17.89
C THR DA 222 8.80 -87.24 16.69
N ILE DA 223 9.45 -86.91 15.58
CA ILE DA 223 8.80 -86.47 14.34
C ILE DA 223 8.90 -87.57 13.29
N LEU DA 224 7.82 -87.84 12.57
CA LEU DA 224 7.73 -88.96 11.63
C LEU DA 224 7.46 -88.45 10.22
N SER DA 225 8.02 -89.09 9.19
CA SER DA 225 7.55 -88.90 7.81
C SER DA 225 7.89 -90.07 6.90
N ASP DA 226 7.19 -90.25 5.79
CA ASP DA 226 7.36 -91.39 4.88
C ASP DA 226 8.56 -91.27 3.92
N HIS DA 227 9.35 -90.19 3.99
CA HIS DA 227 10.39 -89.88 3.00
C HIS DA 227 11.64 -89.22 3.57
N VAL DA 228 12.02 -89.54 4.80
CA VAL DA 228 13.28 -89.07 5.39
C VAL DA 228 14.46 -89.91 4.89
N ALA DA 229 14.25 -91.19 4.63
CA ALA DA 229 15.30 -92.11 4.27
C ALA DA 229 15.81 -91.93 2.84
N GLU DA 230 17.14 -91.92 2.68
CA GLU DA 230 17.84 -92.30 1.45
C GLU DA 230 19.14 -93.00 1.82
N GLY DA 231 19.62 -93.91 0.98
CA GLY DA 231 20.83 -94.68 1.27
C GLY DA 231 20.72 -95.45 2.59
N ASP DA 232 21.80 -95.48 3.36
CA ASP DA 232 21.86 -96.20 4.63
C ASP DA 232 21.14 -95.51 5.80
N VAL DA 233 20.69 -94.25 5.63
CA VAL DA 233 20.24 -93.40 6.73
C VAL DA 233 18.73 -93.39 6.84
N VAL DA 234 18.19 -93.68 8.02
CA VAL DA 234 16.74 -93.75 8.27
C VAL DA 234 16.19 -92.57 9.05
N GLY DA 235 17.03 -91.70 9.57
CA GLY DA 235 16.57 -90.59 10.40
C GLY DA 235 17.72 -89.82 11.03
N TYR DA 236 17.41 -88.78 11.77
CA TYR DA 236 18.40 -87.89 12.38
C TYR DA 236 17.98 -87.56 13.80
N ALA DA 237 18.91 -87.59 14.74
CA ALA DA 237 18.67 -87.14 16.10
C ALA DA 237 19.63 -86.02 16.43
N GLY DA 238 19.18 -84.90 17.01
CA GLY DA 238 20.11 -83.83 17.33
C GLY DA 238 19.50 -82.51 17.71
N ASP DA 239 20.27 -81.45 17.51
CA ASP DA 239 19.91 -80.10 17.92
C ASP DA 239 19.11 -79.36 16.84
N PHE DA 240 17.85 -79.74 16.64
CA PHE DA 240 16.99 -79.10 15.65
C PHE DA 240 16.73 -77.59 15.88
N SER DA 241 17.28 -76.98 16.93
CA SER DA 241 17.34 -75.51 17.03
C SER DA 241 18.25 -74.90 15.97
N GLN DA 242 19.27 -75.62 15.52
CA GLN DA 242 20.34 -75.10 14.67
C GLN DA 242 19.95 -74.86 13.19
N ILE DA 243 18.71 -75.11 12.79
CA ILE DA 243 18.23 -74.98 11.41
C ILE DA 243 17.27 -73.82 11.27
N ILE DA 244 17.51 -72.92 10.31
CA ILE DA 244 16.59 -71.84 9.96
C ILE DA 244 16.28 -71.87 8.48
N TRP DA 245 15.08 -71.46 8.10
CA TRP DA 245 14.69 -71.35 6.71
C TRP DA 245 13.73 -70.19 6.49
N GLY DA 246 13.72 -69.66 5.28
CA GLY DA 246 12.86 -68.55 4.89
C GLY DA 246 12.42 -68.65 3.45
N GLN DA 247 11.33 -67.99 3.12
CA GLN DA 247 10.75 -68.02 1.78
C GLN DA 247 10.41 -66.60 1.35
N VAL DA 248 10.79 -66.21 0.13
CA VAL DA 248 10.66 -64.85 -0.35
C VAL DA 248 9.27 -64.64 -0.97
N GLY DA 249 8.24 -64.67 -0.14
CA GLY DA 249 6.86 -64.56 -0.59
C GLY DA 249 6.29 -65.84 -1.23
N GLY DA 250 5.00 -65.83 -1.54
CA GLY DA 250 4.24 -67.03 -1.85
C GLY DA 250 4.70 -67.81 -3.08
N LEU DA 251 4.35 -69.09 -3.15
CA LEU DA 251 4.47 -69.89 -4.37
C LEU DA 251 3.62 -69.23 -5.46
N SER DA 252 4.24 -68.85 -6.57
CA SER DA 252 3.62 -68.01 -7.59
C SER DA 252 3.26 -68.80 -8.83
N PHE DA 253 2.06 -68.57 -9.37
CA PHE DA 253 1.65 -69.08 -10.67
C PHE DA 253 1.35 -67.91 -11.61
N ASP DA 254 2.10 -67.79 -12.69
CA ASP DA 254 1.83 -66.83 -13.75
C ASP DA 254 1.32 -67.58 -14.99
N VAL DA 255 0.12 -67.27 -15.46
CA VAL DA 255 -0.49 -67.91 -16.64
C VAL DA 255 -0.56 -66.94 -17.79
N THR DA 256 -0.04 -67.31 -18.96
CA THR DA 256 0.13 -66.37 -20.08
C THR DA 256 0.30 -67.07 -21.42
N ASP DA 257 0.08 -66.34 -22.50
CA ASP DA 257 0.60 -66.68 -23.83
C ASP DA 257 1.47 -65.55 -24.42
N GLN DA 258 1.75 -64.51 -23.63
CA GLN DA 258 2.50 -63.33 -24.04
C GLN DA 258 4.03 -63.54 -24.01
N ALA DA 259 4.52 -64.69 -24.49
CA ALA DA 259 5.94 -64.99 -24.54
C ALA DA 259 6.29 -66.03 -25.62
N THR DA 260 7.55 -66.03 -26.06
CA THR DA 260 8.17 -67.17 -26.73
C THR DA 260 8.79 -68.10 -25.69
N LEU DA 261 8.90 -69.39 -25.97
CA LEU DA 261 9.79 -70.28 -25.23
C LEU DA 261 10.52 -71.26 -26.15
N ASN DA 262 11.56 -71.90 -25.65
CA ASN DA 262 12.40 -72.82 -26.41
C ASN DA 262 12.06 -74.28 -26.07
N LEU DA 263 11.65 -75.06 -27.05
CA LEU DA 263 11.41 -76.50 -26.89
C LEU DA 263 12.68 -77.35 -27.10
N GLY DA 264 13.75 -76.76 -27.62
CA GLY DA 264 15.01 -77.44 -27.94
C GLY DA 264 16.10 -77.26 -26.88
N SER DA 265 17.34 -77.59 -27.23
CA SER DA 265 18.50 -77.37 -26.35
C SER DA 265 18.88 -75.90 -26.26
N GLN DA 266 19.81 -75.55 -25.38
CA GLN DA 266 20.33 -74.19 -25.26
C GLN DA 266 21.04 -73.74 -26.55
N GLU DA 267 21.90 -74.58 -27.13
CA GLU DA 267 22.75 -74.23 -28.29
C GLU DA 267 22.12 -74.56 -29.65
N SER DA 268 21.10 -75.42 -29.69
CA SER DA 268 20.38 -75.83 -30.90
C SER DA 268 18.86 -75.70 -30.67
N PRO DA 269 18.36 -74.45 -30.56
CA PRO DA 269 17.03 -74.18 -30.05
C PRO DA 269 15.94 -74.53 -31.06
N ASN DA 270 14.72 -74.63 -30.53
CA ASN DA 270 13.48 -74.73 -31.29
C ASN DA 270 12.45 -73.81 -30.65
N PHE DA 271 12.55 -72.52 -30.95
CA PHE DA 271 11.69 -71.50 -30.38
C PHE DA 271 10.26 -71.57 -30.93
N VAL DA 272 9.29 -71.36 -30.05
CA VAL DA 272 7.87 -71.32 -30.35
C VAL DA 272 7.26 -70.11 -29.68
N SER DA 273 6.47 -69.33 -30.40
CA SER DA 273 5.65 -68.26 -29.81
C SER DA 273 4.37 -68.86 -29.24
N LEU DA 274 4.04 -68.62 -27.97
CA LEU DA 274 2.85 -69.18 -27.36
C LEU DA 274 1.59 -68.59 -28.00
N TRP DA 275 1.46 -67.27 -27.99
CA TRP DA 275 0.32 -66.56 -28.56
C TRP DA 275 0.04 -66.96 -30.00
N GLN DA 276 1.09 -67.06 -30.80
CA GLN DA 276 0.96 -67.15 -32.24
C GLN DA 276 0.64 -68.58 -32.72
N HIS DA 277 0.91 -69.59 -31.88
CA HIS DA 277 0.38 -70.95 -32.01
C HIS DA 277 -0.85 -71.19 -31.13
N ASN DA 278 -1.35 -70.17 -30.44
CA ASN DA 278 -2.38 -70.28 -29.40
C ASN DA 278 -2.15 -71.46 -28.42
N LEU DA 279 -0.90 -71.66 -28.02
CA LEU DA 279 -0.58 -72.35 -26.78
C LEU DA 279 -0.78 -71.39 -25.61
N VAL DA 280 -0.86 -71.92 -24.40
CA VAL DA 280 -0.83 -71.17 -23.15
C VAL DA 280 0.18 -71.84 -22.23
N ALA DA 281 0.94 -71.08 -21.46
CA ALA DA 281 1.90 -71.62 -20.50
C ALA DA 281 1.61 -71.11 -19.10
N VAL DA 282 1.91 -71.93 -18.10
CA VAL DA 282 1.95 -71.53 -16.70
C VAL DA 282 3.38 -71.60 -16.23
N ARG DA 283 3.89 -70.52 -15.65
CA ARG DA 283 5.23 -70.45 -15.06
C ARG DA 283 5.09 -70.47 -13.56
N VAL DA 284 5.69 -71.45 -12.91
CA VAL DA 284 5.57 -71.67 -11.47
C VAL DA 284 6.91 -71.41 -10.81
N GLU DA 285 6.96 -70.49 -9.85
CA GLU DA 285 8.23 -70.05 -9.27
C GLU DA 285 8.10 -69.77 -7.76
N ALA DA 286 9.14 -70.09 -7.01
CA ALA DA 286 9.28 -69.76 -5.59
C ALA DA 286 10.75 -69.55 -5.23
N GLU DA 287 11.03 -68.82 -4.17
CA GLU DA 287 12.40 -68.59 -3.69
C GLU DA 287 12.54 -68.94 -2.22
N TYR DA 288 13.56 -69.71 -1.87
CA TYR DA 288 13.81 -70.24 -0.54
C TYR DA 288 15.24 -69.99 -0.11
N GLY DA 289 15.50 -69.90 1.19
CA GLY DA 289 16.85 -69.91 1.76
C GLY DA 289 16.90 -70.78 3.00
N LEU DA 290 18.05 -71.41 3.28
CA LEU DA 290 18.22 -72.30 4.41
C LEU DA 290 19.67 -72.29 4.92
N LEU DA 291 19.81 -72.38 6.24
CA LEU DA 291 21.09 -72.44 6.93
C LEU DA 291 21.03 -73.49 8.03
N ILE DA 292 22.05 -74.33 8.11
CA ILE DA 292 22.27 -75.20 9.26
C ILE DA 292 23.53 -74.70 9.97
N ASN DA 293 23.39 -74.25 11.21
CA ASN DA 293 24.45 -73.52 11.90
C ASN DA 293 25.65 -74.40 12.27
N ASP DA 294 25.45 -75.69 12.52
CA ASP DA 294 26.53 -76.67 12.65
C ASP DA 294 26.05 -78.06 12.25
N VAL DA 295 26.40 -78.51 11.04
CA VAL DA 295 25.99 -79.84 10.56
C VAL DA 295 26.52 -80.98 11.42
N ASN DA 296 27.53 -80.76 12.26
CA ASN DA 296 28.01 -81.76 13.20
C ASN DA 296 27.09 -81.94 14.42
N ALA DA 297 26.07 -81.11 14.59
CA ALA DA 297 25.15 -81.17 15.72
C ALA DA 297 24.02 -82.21 15.59
N PHE DA 298 24.14 -83.15 14.66
CA PHE DA 298 23.14 -84.20 14.41
C PHE DA 298 23.82 -85.55 14.28
N VAL DA 299 23.27 -86.59 14.88
CA VAL DA 299 23.74 -87.96 14.66
C VAL DA 299 22.84 -88.59 13.62
N LYS DA 300 23.43 -89.10 12.54
CA LYS DA 300 22.70 -89.87 11.52
C LYS DA 300 22.33 -91.24 12.08
N LEU DA 301 21.09 -91.67 11.91
CA LEU DA 301 20.61 -92.94 12.42
C LEU DA 301 20.60 -93.96 11.29
N THR DA 302 21.15 -95.14 11.53
CA THR DA 302 21.36 -96.18 10.50
C THR DA 302 21.07 -97.56 11.03
N PHE DA 303 20.93 -98.54 10.16
CA PHE DA 303 20.74 -99.94 10.54
C PHE DA 303 22.02 -100.79 10.61
N ASP DA 304 23.18 -100.25 10.26
CA ASP DA 304 24.39 -101.06 10.04
C ASP DA 304 24.77 -101.91 11.27
N PRO DA 305 25.28 -103.14 11.05
CA PRO DA 305 25.53 -104.11 12.12
C PRO DA 305 26.67 -103.71 13.05
N VAL DA 306 26.72 -104.33 14.22
CA VAL DA 306 27.81 -104.17 15.19
C VAL DA 306 29.09 -104.81 14.65
N LEU DA 307 30.00 -103.99 14.14
CA LEU DA 307 31.32 -104.43 13.68
C LEU DA 307 32.19 -104.88 14.85
N THR DA 308 33.13 -105.78 14.56
CA THR DA 308 34.21 -106.18 15.44
C THR DA 308 35.52 -106.20 14.65
N THR DA 309 36.64 -105.94 15.32
CA THR DA 309 37.95 -105.86 14.66
C THR DA 309 38.82 -107.03 15.12
N TYR DA 310 39.22 -107.86 14.16
CA TYR DA 310 40.14 -108.96 14.36
C TYR DA 310 41.50 -108.65 13.74
N ALA DA 311 42.57 -108.75 14.50
CA ALA DA 311 43.92 -108.88 13.95
C ALA DA 311 44.22 -110.37 13.75
N LEU DA 312 44.46 -110.76 12.50
CA LEU DA 312 44.68 -112.16 12.12
C LEU DA 312 46.04 -112.68 12.58
N ASP DA 313 47.03 -111.79 12.69
CA ASP DA 313 48.36 -112.05 13.28
C ASP DA 313 49.16 -113.23 12.68
N LEU DA 314 48.85 -113.67 11.44
CA LEU DA 314 49.62 -114.69 10.74
C LEU DA 314 51.05 -114.19 10.45
N ASP DA 315 52.03 -115.08 10.49
CA ASP DA 315 53.46 -114.76 10.39
C ASP DA 315 54.24 -115.88 9.69
N GLY DA 316 55.41 -115.55 9.14
CA GLY DA 316 56.22 -116.45 8.32
C GLY DA 316 55.64 -116.70 6.93
N ALA DA 317 56.18 -117.69 6.22
CA ALA DA 317 55.77 -118.04 4.86
C ALA DA 317 56.06 -119.52 4.54
N SER DA 318 55.29 -120.08 3.60
CA SER DA 318 55.49 -121.42 3.05
C SER DA 318 54.68 -121.62 1.77
N ALA DA 319 54.83 -122.77 1.11
CA ALA DA 319 53.80 -123.24 0.19
C ALA DA 319 52.43 -123.37 0.91
N GLY DA 320 51.33 -123.14 0.16
CA GLY DA 320 49.96 -123.28 0.66
C GLY DA 320 49.18 -121.98 0.84
N ASN DA 321 47.92 -122.11 1.27
CA ASN DA 321 46.89 -121.07 1.36
C ASN DA 321 46.08 -121.18 2.67
N PHE DA 322 45.35 -120.13 3.05
CA PHE DA 322 44.50 -120.09 4.25
C PHE DA 322 43.07 -119.63 3.90
N THR DA 323 42.08 -119.91 4.74
CA THR DA 323 40.68 -119.47 4.52
C THR DA 323 40.05 -118.87 5.77
N LEU DA 324 39.31 -117.77 5.59
CA LEU DA 324 38.44 -117.16 6.59
C LEU DA 324 37.04 -117.80 6.56
N SER DA 325 36.37 -117.90 7.70
CA SER DA 325 35.07 -118.52 7.89
C SER DA 325 34.15 -117.64 8.71
N LEU DA 326 32.90 -117.46 8.27
CA LEU DA 326 31.90 -116.58 8.88
C LEU DA 326 30.54 -117.30 8.85
N ASP DA 327 29.78 -117.24 9.95
CA ASP DA 327 28.44 -117.84 10.05
C ASP DA 327 28.39 -119.32 9.62
N GLY DA 328 29.45 -120.07 9.92
CA GLY DA 328 29.55 -121.50 9.62
C GLY DA 328 29.86 -121.87 8.17
N LYS DA 329 30.32 -120.95 7.31
CA LYS DA 329 30.79 -121.28 5.95
C LYS DA 329 32.06 -120.49 5.55
N THR DA 330 32.86 -121.07 4.65
CA THR DA 330 34.26 -120.68 4.37
C THR DA 330 34.46 -119.95 3.05
N SER DA 331 35.26 -118.90 3.06
CA SER DA 331 35.76 -118.21 1.85
C SER DA 331 36.62 -119.12 0.97
N ALA DA 332 36.69 -118.84 -0.33
CA ALA DA 332 37.67 -119.46 -1.23
C ALA DA 332 39.10 -119.10 -0.76
N ASN DA 333 39.96 -120.11 -0.56
CA ASN DA 333 41.25 -119.92 0.12
C ASN DA 333 42.21 -118.95 -0.61
N ILE DA 334 43.05 -118.27 0.18
CA ILE DA 334 43.86 -117.11 -0.22
C ILE DA 334 45.35 -117.39 0.00
N ALA DA 335 46.20 -116.91 -0.91
CA ALA DA 335 47.66 -117.00 -0.77
C ALA DA 335 48.19 -116.13 0.38
N TYR DA 336 49.17 -116.62 1.13
CA TYR DA 336 49.84 -115.86 2.19
C TYR DA 336 50.50 -114.55 1.68
N ASN DA 337 50.79 -114.45 0.37
CA ASN DA 337 51.31 -113.25 -0.28
C ASN DA 337 50.29 -112.10 -0.43
N ALA DA 338 49.01 -112.32 -0.14
CA ALA DA 338 47.93 -111.42 -0.54
C ALA DA 338 48.01 -110.02 0.07
N SER DA 339 47.63 -109.01 -0.72
CA SER DA 339 47.33 -107.65 -0.24
C SER DA 339 46.01 -107.62 0.54
N THR DA 340 45.85 -106.67 1.45
CA THR DA 340 44.60 -106.50 2.21
C THR DA 340 43.40 -106.30 1.30
N ALA DA 341 43.55 -105.58 0.18
CA ALA DA 341 42.49 -105.38 -0.81
C ALA DA 341 42.07 -106.68 -1.54
N THR DA 342 42.99 -107.64 -1.71
CA THR DA 342 42.63 -108.96 -2.30
C THR DA 342 42.17 -109.96 -1.24
N VAL DA 343 42.52 -109.79 0.04
CA VAL DA 343 41.80 -110.48 1.15
C VAL DA 343 40.35 -109.99 1.24
N LYS DA 344 40.09 -108.68 1.17
CA LYS DA 344 38.74 -108.10 1.13
C LYS DA 344 37.87 -108.76 0.05
N SER DA 345 38.36 -108.84 -1.17
CA SER DA 345 37.62 -109.45 -2.28
C SER DA 345 37.36 -110.97 -2.10
N ALA DA 346 38.06 -111.66 -1.19
CA ALA DA 346 37.81 -113.06 -0.85
C ALA DA 346 36.83 -113.25 0.33
N ILE DA 347 36.73 -112.30 1.27
CA ILE DA 347 35.72 -112.33 2.34
C ILE DA 347 34.37 -111.75 1.88
N VAL DA 348 34.36 -110.83 0.91
CA VAL DA 348 33.18 -110.55 0.08
C VAL DA 348 32.80 -111.82 -0.70
N ALA DA 349 31.51 -112.13 -0.78
CA ALA DA 349 30.98 -113.38 -1.31
C ALA DA 349 31.50 -114.64 -0.59
N ILE DA 350 31.61 -114.57 0.75
CA ILE DA 350 31.76 -115.78 1.59
C ILE DA 350 30.43 -116.56 1.70
N ASP DA 351 29.30 -115.87 1.64
CA ASP DA 351 28.00 -116.47 1.37
C ASP DA 351 27.95 -117.09 -0.04
N ASP DA 352 27.00 -117.99 -0.30
CA ASP DA 352 26.77 -118.49 -1.68
C ASP DA 352 26.25 -117.38 -2.60
N GLY DA 353 25.42 -116.47 -2.06
CA GLY DA 353 25.09 -115.20 -2.70
C GLY DA 353 26.05 -114.06 -2.31
N VAL DA 354 25.60 -112.81 -2.38
CA VAL DA 354 26.41 -111.66 -1.94
C VAL DA 354 26.64 -111.70 -0.43
N SER DA 355 27.66 -110.97 0.05
CA SER DA 355 27.90 -110.72 1.48
C SER DA 355 28.44 -109.31 1.69
N ALA DA 356 28.44 -108.84 2.94
CA ALA DA 356 28.67 -107.43 3.27
C ALA DA 356 29.95 -106.81 2.67
N ASP DA 357 29.80 -105.72 1.91
CA ASP DA 357 30.90 -105.02 1.23
C ASP DA 357 31.43 -103.78 2.00
N ASP DA 358 30.78 -103.37 3.08
CA ASP DA 358 31.32 -102.37 4.01
C ASP DA 358 32.44 -102.93 4.92
N VAL DA 359 32.68 -104.25 4.87
CA VAL DA 359 33.87 -104.91 5.45
C VAL DA 359 35.16 -104.25 4.96
N THR DA 360 36.09 -103.98 5.88
CA THR DA 360 37.35 -103.29 5.58
C THR DA 360 38.54 -103.97 6.26
N VAL DA 361 39.70 -103.98 5.60
CA VAL DA 361 40.88 -104.71 6.06
C VAL DA 361 42.12 -103.81 6.05
N THR DA 362 42.87 -103.83 7.15
CA THR DA 362 44.12 -103.09 7.37
C THR DA 362 45.21 -104.03 7.91
N GLY DA 363 46.34 -103.53 8.39
CA GLY DA 363 47.50 -104.38 8.72
C GLY DA 363 48.24 -104.86 7.46
N SER DA 364 49.10 -105.87 7.57
CA SER DA 364 49.94 -106.35 6.46
C SER DA 364 50.53 -107.75 6.67
N ALA DA 365 51.03 -108.37 5.59
CA ALA DA 365 51.91 -109.56 5.64
C ALA DA 365 51.35 -110.77 6.42
N GLY DA 366 50.04 -110.96 6.43
CA GLY DA 366 49.33 -112.00 7.18
C GLY DA 366 48.74 -111.52 8.50
N ASP DA 367 49.24 -110.43 9.10
CA ASP DA 367 48.78 -110.00 10.42
C ASP DA 367 47.36 -109.39 10.45
N TYR DA 368 46.74 -109.28 9.26
CA TYR DA 368 45.74 -108.29 8.88
C TYR DA 368 44.70 -107.94 9.95
N THR DA 369 44.55 -106.64 10.21
CA THR DA 369 43.49 -106.05 11.03
C THR DA 369 42.21 -105.93 10.20
N ILE DA 370 41.47 -107.03 10.12
CA ILE DA 370 40.15 -107.18 9.50
C ILE DA 370 39.10 -106.52 10.41
N THR DA 371 38.17 -105.75 9.85
CA THR DA 371 36.96 -105.30 10.56
C THR DA 371 35.70 -105.76 9.83
N VAL DA 372 34.84 -106.49 10.55
CA VAL DA 372 33.73 -107.28 9.99
C VAL DA 372 32.52 -107.27 10.94
N PRO DA 373 31.29 -107.49 10.43
CA PRO DA 373 30.14 -107.75 11.27
C PRO DA 373 30.18 -109.17 11.86
N GLY DA 374 29.35 -109.44 12.87
CA GLY DA 374 29.12 -110.79 13.40
C GLY DA 374 30.34 -111.40 14.08
N THR DA 375 30.64 -112.67 13.79
CA THR DA 375 31.82 -113.40 14.29
C THR DA 375 32.58 -114.12 13.18
N LEU DA 376 33.90 -114.08 13.24
CA LEU DA 376 34.82 -114.64 12.25
C LEU DA 376 35.74 -115.71 12.87
N THR DA 377 36.13 -116.71 12.08
CA THR DA 377 37.13 -117.73 12.44
C THR DA 377 37.92 -118.13 11.18
N ALA DA 378 38.94 -118.98 11.28
CA ALA DA 378 39.81 -119.30 10.14
C ALA DA 378 40.34 -120.74 10.16
N ASP DA 379 40.72 -121.25 9.00
CA ASP DA 379 41.45 -122.51 8.82
C ASP DA 379 42.79 -122.26 8.10
N PHE DA 380 43.87 -122.64 8.77
CA PHE DA 380 45.25 -122.51 8.31
C PHE DA 380 45.89 -123.84 7.90
N SER DA 381 45.15 -124.96 7.93
CA SER DA 381 45.67 -126.30 7.59
C SER DA 381 46.11 -126.42 6.12
N GLY DA 382 45.68 -125.52 5.25
CA GLY DA 382 46.16 -125.40 3.88
C GLY DA 382 47.53 -124.71 3.74
N LEU DA 383 48.06 -124.09 4.80
CA LEU DA 383 49.33 -123.34 4.82
C LEU DA 383 50.38 -124.12 5.63
N THR DA 384 51.52 -124.42 5.02
CA THR DA 384 52.40 -125.51 5.49
C THR DA 384 53.26 -125.14 6.71
N ASP DA 385 53.83 -123.94 6.75
CA ASP DA 385 54.85 -123.51 7.72
C ASP DA 385 54.85 -121.98 7.90
N GLY DA 386 55.56 -121.48 8.91
CA GLY DA 386 55.53 -120.09 9.38
C GLY DA 386 54.83 -119.97 10.73
N GLU DA 387 53.80 -120.78 10.94
CA GLU DA 387 53.19 -121.15 12.24
C GLU DA 387 52.61 -119.99 13.08
N GLY DA 388 52.59 -118.76 12.57
CA GLY DA 388 51.92 -117.63 13.23
C GLY DA 388 50.38 -117.70 13.23
N ALA DA 389 49.80 -118.74 12.63
CA ALA DA 389 48.36 -119.00 12.48
C ALA DA 389 47.55 -118.70 13.76
N SER DA 390 46.71 -117.67 13.69
CA SER DA 390 46.03 -117.03 14.84
C SER DA 390 44.75 -116.31 14.41
N ILE DA 391 43.94 -115.90 15.39
CA ILE DA 391 43.02 -114.76 15.24
C ILE DA 391 42.85 -114.09 16.62
N SER DA 392 42.72 -112.77 16.67
CA SER DA 392 42.75 -112.00 17.92
C SER DA 392 41.94 -110.70 17.81
N VAL DA 393 41.51 -110.11 18.92
CA VAL DA 393 40.62 -108.92 18.96
C VAL DA 393 41.36 -107.70 19.51
N VAL DA 394 41.13 -106.51 18.94
CA VAL DA 394 41.79 -105.25 19.34
C VAL DA 394 40.84 -104.04 19.21
N SER DA 395 40.98 -103.03 20.09
CA SER DA 395 39.96 -101.97 20.27
C SER DA 395 40.47 -100.51 20.28
N VAL DA 396 41.73 -100.26 20.66
CA VAL DA 396 42.25 -98.89 20.89
C VAL DA 396 42.78 -98.18 19.63
N GLY DA 397 42.95 -98.89 18.51
CA GLY DA 397 43.49 -98.35 17.25
C GLY DA 397 44.97 -98.01 17.31
N SER EA 6 -33.57 -68.07 -28.20
CA SER EA 6 -33.09 -67.79 -29.57
C SER EA 6 -31.57 -67.86 -29.63
N ILE EA 7 -30.85 -66.82 -29.18
CA ILE EA 7 -29.39 -66.77 -29.19
C ILE EA 7 -28.82 -67.82 -28.22
N ASP EA 8 -27.78 -68.54 -28.64
CA ASP EA 8 -27.11 -69.54 -27.80
C ASP EA 8 -26.45 -68.85 -26.58
N PRO EA 9 -26.87 -69.16 -25.35
CA PRO EA 9 -26.37 -68.46 -24.16
C PRO EA 9 -24.93 -68.86 -23.85
N GLU EA 10 -24.54 -70.10 -24.10
CA GLU EA 10 -23.18 -70.57 -23.85
C GLU EA 10 -22.21 -69.89 -24.83
N LYS EA 11 -22.61 -69.77 -26.09
CA LYS EA 11 -21.89 -68.96 -27.09
C LYS EA 11 -21.80 -67.52 -26.66
N LEU EA 12 -22.93 -66.91 -26.30
CA LEU EA 12 -22.98 -65.49 -26.00
C LEU EA 12 -22.10 -65.15 -24.80
N ARG EA 13 -22.01 -66.04 -23.82
CA ARG EA 13 -21.06 -65.92 -22.71
C ARG EA 13 -19.63 -65.85 -23.20
N ASP EA 14 -19.19 -66.80 -24.02
CA ASP EA 14 -17.83 -66.77 -24.58
C ASP EA 14 -17.58 -65.49 -25.39
N GLN EA 15 -18.53 -65.13 -26.25
CA GLN EA 15 -18.44 -63.94 -27.09
C GLN EA 15 -18.33 -62.65 -26.26
N LEU EA 16 -19.07 -62.53 -25.17
CA LEU EA 16 -19.01 -61.34 -24.33
C LEU EA 16 -17.79 -61.32 -23.43
N LEU EA 17 -17.24 -62.46 -23.01
CA LEU EA 17 -15.93 -62.44 -22.33
C LEU EA 17 -14.83 -61.92 -23.24
N ASP EA 18 -14.85 -62.27 -24.52
CA ASP EA 18 -13.94 -61.70 -25.51
C ASP EA 18 -14.13 -60.18 -25.65
N ALA EA 19 -15.38 -59.71 -25.79
CA ALA EA 19 -15.66 -58.29 -25.86
C ALA EA 19 -15.24 -57.52 -24.58
N PHE EA 20 -15.43 -58.14 -23.42
CA PHE EA 20 -15.05 -57.61 -22.13
C PHE EA 20 -13.54 -57.46 -21.99
N GLU EA 21 -12.76 -58.47 -22.35
CA GLU EA 21 -11.30 -58.38 -22.30
C GLU EA 21 -10.76 -57.34 -23.28
N ASN EA 22 -11.37 -57.18 -24.44
CA ASN EA 22 -11.00 -56.11 -25.37
C ASN EA 22 -11.13 -54.72 -24.76
N LYS EA 23 -12.13 -54.48 -23.91
CA LYS EA 23 -12.25 -53.18 -23.25
C LYS EA 23 -11.09 -52.93 -22.27
N GLN EA 24 -10.57 -53.96 -21.60
CA GLN EA 24 -9.49 -53.77 -20.62
C GLN EA 24 -8.22 -53.22 -21.27
N ASN EA 25 -7.94 -53.56 -22.53
CA ASN EA 25 -6.80 -53.01 -23.25
C ASN EA 25 -6.85 -51.47 -23.32
N GLU EA 26 -8.03 -50.88 -23.47
CA GLU EA 26 -8.18 -49.43 -23.39
C GLU EA 26 -8.06 -48.94 -21.94
N LEU EA 27 -8.80 -49.53 -21.00
CA LEU EA 27 -8.87 -48.98 -19.65
C LEU EA 27 -7.52 -48.93 -18.92
N LYS EA 28 -6.63 -49.88 -19.22
CA LYS EA 28 -5.26 -49.90 -18.67
C LYS EA 28 -4.49 -48.61 -18.94
N SER EA 29 -4.86 -47.83 -19.96
CA SER EA 29 -4.21 -46.56 -20.29
C SER EA 29 -4.69 -45.38 -19.44
N SER EA 30 -5.96 -45.33 -19.03
CA SER EA 30 -6.49 -44.22 -18.21
C SER EA 30 -6.35 -44.49 -16.73
N LYS EA 31 -6.47 -45.74 -16.28
CA LYS EA 31 -6.03 -46.19 -14.94
C LYS EA 31 -4.65 -45.67 -14.61
N ALA EA 32 -3.70 -45.78 -15.54
CA ALA EA 32 -2.32 -45.41 -15.30
C ALA EA 32 -2.13 -43.91 -15.00
N TYR EA 33 -3.05 -43.03 -15.36
CA TYR EA 33 -2.99 -41.62 -14.95
C TYR EA 33 -3.53 -41.41 -13.54
N TYR EA 34 -4.58 -42.10 -13.12
CA TYR EA 34 -5.12 -41.92 -11.78
C TYR EA 34 -4.31 -42.64 -10.70
N ASP EA 35 -3.81 -43.83 -11.01
CA ASP EA 35 -2.89 -44.55 -10.12
C ASP EA 35 -1.44 -44.04 -10.20
N ALA EA 36 -1.13 -43.24 -11.19
CA ALA EA 36 0.23 -42.78 -11.48
C ALA EA 36 1.25 -43.94 -11.55
N GLU EA 37 0.97 -44.96 -12.34
CA GLU EA 37 1.97 -45.95 -12.74
C GLU EA 37 3.06 -45.28 -13.61
N ARG EA 38 4.19 -45.96 -13.85
CA ARG EA 38 5.20 -45.49 -14.81
C ARG EA 38 4.59 -45.37 -16.21
N ARG EA 39 4.75 -44.23 -16.88
CA ARG EA 39 4.30 -44.02 -18.27
C ARG EA 39 5.48 -43.70 -19.18
N PRO EA 40 5.49 -44.20 -20.43
CA PRO EA 40 6.58 -43.93 -21.37
C PRO EA 40 6.85 -42.44 -21.57
N ASP EA 41 5.82 -41.61 -21.67
CA ASP EA 41 5.98 -40.17 -21.92
C ASP EA 41 6.48 -39.39 -20.70
N ALA EA 42 6.45 -39.94 -19.48
CA ALA EA 42 6.83 -39.20 -18.29
C ALA EA 42 8.34 -39.10 -18.07
N ILE EA 43 9.18 -39.92 -18.71
CA ILE EA 43 10.62 -39.97 -18.41
C ILE EA 43 11.34 -38.69 -18.84
N GLY EA 44 12.12 -38.08 -17.95
CA GLY EA 44 12.81 -36.83 -18.23
C GLY EA 44 14.01 -37.06 -19.13
N LEU EA 45 13.95 -36.60 -20.39
CA LEU EA 45 14.91 -37.05 -21.40
C LEU EA 45 16.37 -36.70 -21.09
N ALA EA 46 16.61 -35.58 -20.41
CA ALA EA 46 17.97 -35.16 -20.10
C ALA EA 46 18.65 -36.02 -19.03
N VAL EA 47 17.92 -36.86 -18.29
CA VAL EA 47 18.45 -37.68 -17.20
C VAL EA 47 19.14 -38.94 -17.75
N PRO EA 48 20.37 -39.30 -17.31
CA PRO EA 48 21.12 -40.45 -17.79
C PRO EA 48 20.43 -41.79 -17.57
N LEU EA 49 20.84 -42.82 -18.32
CA LEU EA 49 20.08 -44.06 -18.45
C LEU EA 49 19.92 -44.86 -17.14
N ASP EA 50 20.77 -44.65 -16.14
CA ASP EA 50 20.60 -45.24 -14.82
C ASP EA 50 19.65 -44.41 -13.95
N MET EA 51 19.84 -43.11 -13.87
CA MET EA 51 18.99 -42.22 -13.07
C MET EA 51 17.55 -42.14 -13.56
N ARG EA 52 17.23 -42.62 -14.76
CA ARG EA 52 15.84 -42.80 -15.20
C ARG EA 52 15.04 -43.79 -14.36
N LYS EA 53 15.62 -44.50 -13.40
CA LYS EA 53 14.83 -45.22 -12.38
C LYS EA 53 14.05 -44.28 -11.46
N TYR EA 54 14.52 -43.06 -11.24
CA TYR EA 54 13.93 -42.10 -10.31
C TYR EA 54 12.75 -41.38 -10.94
N LEU EA 55 11.62 -42.06 -11.03
CA LEU EA 55 10.38 -41.52 -11.58
C LEU EA 55 9.85 -40.34 -10.76
N ALA EA 56 8.96 -39.54 -11.34
CA ALA EA 56 8.46 -38.32 -10.74
C ALA EA 56 6.96 -38.19 -11.01
N HIS EA 57 6.17 -39.02 -10.33
CA HIS EA 57 4.72 -39.11 -10.51
C HIS EA 57 4.01 -37.80 -10.16
N VAL EA 58 3.12 -37.32 -11.03
CA VAL EA 58 2.41 -36.04 -10.89
C VAL EA 58 0.93 -36.24 -10.64
N GLY EA 59 0.38 -35.55 -9.64
CA GLY EA 59 -0.95 -35.82 -9.09
C GLY EA 59 -2.11 -35.00 -9.61
N TYR EA 60 -2.01 -34.31 -10.74
CA TYR EA 60 -3.16 -33.56 -11.26
C TYR EA 60 -4.39 -34.45 -11.53
N PRO EA 61 -4.31 -35.63 -12.16
CA PRO EA 61 -5.48 -36.44 -12.41
C PRO EA 61 -6.14 -36.90 -11.13
N ARG EA 62 -5.36 -37.37 -10.16
CA ARG EA 62 -5.84 -37.76 -8.85
C ARG EA 62 -6.62 -36.62 -8.20
N THR EA 63 -6.04 -35.42 -8.23
CA THR EA 63 -6.64 -34.23 -7.65
C THR EA 63 -7.95 -33.88 -8.34
N TYR EA 64 -7.94 -33.83 -9.66
CA TYR EA 64 -9.10 -33.37 -10.41
C TYR EA 64 -10.30 -34.30 -10.28
N VAL EA 65 -10.11 -35.61 -10.30
CA VAL EA 65 -11.21 -36.55 -10.10
C VAL EA 65 -11.69 -36.55 -8.65
N ASP EA 66 -10.81 -36.52 -7.65
CA ASP EA 66 -11.24 -36.40 -6.26
C ASP EA 66 -12.10 -35.17 -6.05
N ALA EA 67 -11.64 -34.01 -6.51
CA ALA EA 67 -12.33 -32.76 -6.26
C ALA EA 67 -13.72 -32.69 -6.92
N ILE EA 68 -14.03 -33.55 -7.89
CA ILE EA 68 -15.40 -33.74 -8.37
C ILE EA 68 -16.11 -34.77 -7.51
N ALA EA 69 -15.58 -35.99 -7.42
CA ALA EA 69 -16.29 -37.12 -6.84
C ALA EA 69 -16.64 -36.96 -5.36
N GLU EA 70 -15.89 -36.14 -4.63
CA GLU EA 70 -16.15 -35.89 -3.22
C GLU EA 70 -17.19 -34.80 -2.98
N ARG EA 71 -17.43 -33.91 -3.95
CA ARG EA 71 -18.48 -32.89 -3.84
C ARG EA 71 -19.87 -33.49 -4.04
N GLN EA 72 -20.00 -34.53 -4.85
CA GLN EA 72 -21.27 -35.16 -5.20
C GLN EA 72 -21.87 -35.90 -4.00
N GLU EA 73 -23.15 -35.71 -3.73
CA GLU EA 73 -23.89 -36.53 -2.77
C GLU EA 73 -25.40 -36.48 -3.01
N LEU EA 74 -26.02 -37.63 -3.20
CA LEU EA 74 -27.48 -37.73 -3.32
C LEU EA 74 -28.11 -37.56 -1.93
N GLU EA 75 -29.25 -36.89 -1.85
CA GLU EA 75 -29.96 -36.72 -0.58
C GLU EA 75 -31.46 -37.05 -0.62
N GLY EA 76 -32.02 -37.41 -1.77
CA GLY EA 76 -33.40 -37.90 -1.83
C GLY EA 76 -33.95 -38.01 -3.24
N PHE EA 77 -35.23 -38.37 -3.35
CA PHE EA 77 -35.95 -38.44 -4.60
C PHE EA 77 -37.24 -37.63 -4.50
N ARG EA 78 -37.60 -36.92 -5.57
CA ARG EA 78 -38.88 -36.26 -5.76
C ARG EA 78 -39.71 -37.06 -6.76
N ILE EA 79 -40.96 -37.35 -6.46
CA ILE EA 79 -41.89 -38.01 -7.37
C ILE EA 79 -43.18 -37.20 -7.37
N PRO EA 80 -43.37 -36.26 -8.32
CA PRO EA 80 -44.51 -35.35 -8.32
C PRO EA 80 -45.83 -36.10 -8.34
N SER EA 81 -46.58 -36.06 -7.23
CA SER EA 81 -47.77 -36.88 -7.05
C SER EA 81 -48.92 -36.46 -7.97
N ALA EA 82 -49.86 -37.36 -8.23
CA ALA EA 82 -51.22 -36.96 -8.59
C ALA EA 82 -51.74 -36.00 -7.51
N ASN EA 83 -52.32 -34.88 -7.93
CA ASN EA 83 -52.51 -33.73 -7.05
C ASN EA 83 -53.47 -34.07 -5.90
N GLY EA 84 -53.12 -33.68 -4.67
CA GLY EA 84 -53.86 -34.04 -3.47
C GLY EA 84 -53.19 -33.56 -2.18
N GLU EA 85 -53.57 -34.16 -1.06
CA GLU EA 85 -53.08 -33.82 0.29
C GLU EA 85 -51.60 -34.17 0.53
N GLU EA 86 -50.96 -34.88 -0.40
CA GLU EA 86 -49.55 -35.24 -0.39
C GLU EA 86 -48.87 -34.78 -1.72
N PRO EA 87 -48.60 -33.47 -1.91
CA PRO EA 87 -48.03 -32.96 -3.15
C PRO EA 87 -46.65 -33.56 -3.49
N GLU EA 88 -45.85 -33.85 -2.46
CA GLU EA 88 -44.55 -34.52 -2.56
C GLU EA 88 -44.42 -35.68 -1.54
N SER EA 89 -44.86 -35.48 -0.31
CA SER EA 89 -44.79 -36.47 0.77
C SER EA 89 -45.92 -36.30 1.79
N GLY EA 90 -46.21 -37.36 2.53
CA GLY EA 90 -46.99 -37.33 3.77
C GLY EA 90 -46.12 -37.53 5.02
N GLY EA 91 -44.91 -38.09 4.85
CA GLY EA 91 -43.90 -38.32 5.90
C GLY EA 91 -43.60 -39.80 6.17
N GLU EA 92 -44.55 -40.68 5.87
CA GLU EA 92 -44.37 -42.14 5.77
C GLU EA 92 -45.35 -42.72 4.74
N ASN EA 93 -45.05 -43.88 4.16
CA ASN EA 93 -45.89 -44.57 3.17
C ASN EA 93 -46.16 -43.72 1.90
N ASP EA 94 -45.11 -43.10 1.37
CA ASP EA 94 -45.13 -42.33 0.12
C ASP EA 94 -43.94 -42.71 -0.79
N PRO EA 95 -44.01 -42.48 -2.11
CA PRO EA 95 -42.97 -42.90 -3.03
C PRO EA 95 -41.57 -42.42 -2.66
N ALA EA 96 -41.44 -41.19 -2.16
CA ALA EA 96 -40.13 -40.65 -1.78
C ALA EA 96 -39.51 -41.46 -0.65
N SER EA 97 -40.28 -41.79 0.39
CA SER EA 97 -39.81 -42.69 1.46
C SER EA 97 -39.53 -44.09 0.94
N GLU EA 98 -40.37 -44.59 0.05
CA GLU EA 98 -40.24 -45.95 -0.48
C GLU EA 98 -38.89 -46.17 -1.17
N LEU EA 99 -38.44 -45.23 -2.01
CA LEU EA 99 -37.12 -45.37 -2.63
C LEU EA 99 -35.99 -45.12 -1.65
N TRP EA 100 -36.15 -44.14 -0.75
CA TRP EA 100 -35.07 -43.83 0.15
C TRP EA 100 -34.79 -44.96 1.15
N ASP EA 101 -35.81 -45.74 1.51
CA ASP EA 101 -35.64 -46.98 2.26
C ASP EA 101 -34.66 -47.92 1.56
N TRP EA 102 -34.86 -48.22 0.28
CA TRP EA 102 -33.98 -49.13 -0.46
C TRP EA 102 -32.57 -48.56 -0.61
N TRP EA 103 -32.44 -47.26 -0.85
CA TRP EA 103 -31.14 -46.61 -0.91
C TRP EA 103 -30.37 -46.77 0.40
N GLN EA 104 -31.01 -46.54 1.54
CA GLN EA 104 -30.37 -46.77 2.82
C GLN EA 104 -30.02 -48.25 3.01
N ALA EA 105 -30.96 -49.18 2.75
CA ALA EA 105 -30.76 -50.59 3.08
C ALA EA 105 -29.60 -51.22 2.30
N ASN EA 106 -29.34 -50.74 1.09
CA ASN EA 106 -28.22 -51.17 0.25
C ASN EA 106 -26.92 -50.39 0.50
N ASN EA 107 -26.88 -49.44 1.43
CA ASN EA 107 -25.73 -48.58 1.69
C ASN EA 107 -25.22 -47.86 0.44
N LEU EA 108 -26.09 -47.49 -0.49
CA LEU EA 108 -25.64 -46.85 -1.72
C LEU EA 108 -25.00 -45.49 -1.48
N ASP EA 109 -25.21 -44.84 -0.34
CA ASP EA 109 -24.46 -43.67 0.05
C ASP EA 109 -22.96 -43.96 0.17
N ILE EA 110 -22.58 -45.16 0.61
CA ILE EA 110 -21.19 -45.61 0.58
C ILE EA 110 -20.81 -45.99 -0.85
N GLU EA 111 -21.52 -46.93 -1.45
CA GLU EA 111 -21.13 -47.56 -2.71
C GLU EA 111 -21.15 -46.58 -3.88
N ALA EA 112 -22.21 -45.81 -4.05
CA ALA EA 112 -22.33 -44.91 -5.18
C ALA EA 112 -21.33 -43.75 -5.12
N THR EA 113 -20.87 -43.35 -3.93
CA THR EA 113 -19.76 -42.40 -3.82
C THR EA 113 -18.52 -42.94 -4.52
N LEU EA 114 -18.24 -44.23 -4.35
CA LEU EA 114 -17.17 -44.89 -5.08
C LEU EA 114 -17.54 -45.07 -6.56
N GLY EA 115 -18.77 -45.47 -6.87
CA GLY EA 115 -19.22 -45.67 -8.24
C GLY EA 115 -19.02 -44.44 -9.13
N HIS EA 116 -19.29 -43.25 -8.63
CA HIS EA 116 -18.99 -42.02 -9.35
C HIS EA 116 -17.49 -41.86 -9.62
N THR EA 117 -16.63 -42.30 -8.70
CA THR EA 117 -15.19 -42.22 -8.89
C THR EA 117 -14.75 -43.10 -10.06
N ASP EA 118 -15.13 -44.37 -10.08
CA ASP EA 118 -14.81 -45.26 -11.19
C ASP EA 118 -15.45 -44.78 -12.49
N ALA EA 119 -16.64 -44.18 -12.43
CA ALA EA 119 -17.28 -43.63 -13.62
C ALA EA 119 -16.56 -42.42 -14.20
N LEU EA 120 -15.93 -41.58 -13.38
CA LEU EA 120 -15.13 -40.46 -13.84
C LEU EA 120 -13.77 -40.90 -14.37
N ILE EA 121 -13.13 -41.89 -13.73
CA ILE EA 121 -11.83 -42.42 -14.17
C ILE EA 121 -11.97 -43.16 -15.49
N TYR EA 122 -12.69 -44.27 -15.53
CA TYR EA 122 -12.80 -45.11 -16.73
C TYR EA 122 -13.81 -44.58 -17.75
N GLY EA 123 -14.70 -43.67 -17.35
CA GLY EA 123 -15.70 -43.05 -18.23
C GLY EA 123 -17.11 -43.62 -18.10
N THR EA 124 -17.28 -44.78 -17.46
CA THR EA 124 -18.59 -45.37 -17.22
C THR EA 124 -18.53 -46.42 -16.10
N ALA EA 125 -19.65 -46.73 -15.48
CA ALA EA 125 -19.83 -47.79 -14.49
C ALA EA 125 -21.30 -48.21 -14.50
N TYR EA 126 -21.68 -49.32 -13.90
CA TYR EA 126 -23.01 -49.90 -14.11
C TYR EA 126 -23.76 -50.15 -12.81
N ILE EA 127 -25.08 -50.02 -12.83
CA ILE EA 127 -25.96 -50.39 -11.73
C ILE EA 127 -26.64 -51.69 -12.11
N THR EA 128 -26.51 -52.75 -11.30
CA THR EA 128 -27.15 -54.05 -11.54
C THR EA 128 -28.20 -54.31 -10.47
N ILE EA 129 -29.44 -54.58 -10.86
CA ILE EA 129 -30.58 -54.67 -9.95
C ILE EA 129 -31.08 -56.11 -9.86
N SER EA 130 -31.21 -56.67 -8.65
CA SER EA 130 -31.60 -58.08 -8.45
C SER EA 130 -32.51 -58.25 -7.25
N MET EA 131 -33.34 -59.30 -7.22
CA MET EA 131 -33.89 -59.77 -5.95
C MET EA 131 -32.80 -60.51 -5.17
N PRO EA 132 -32.72 -60.38 -3.84
CA PRO EA 132 -31.77 -61.14 -3.05
C PRO EA 132 -32.19 -62.62 -3.05
N ASP EA 133 -31.22 -63.54 -2.98
CA ASP EA 133 -31.51 -64.96 -2.79
C ASP EA 133 -31.02 -65.41 -1.41
N PRO EA 134 -31.91 -65.80 -0.48
CA PRO EA 134 -31.52 -66.17 0.87
C PRO EA 134 -30.71 -67.47 0.93
N GLU EA 135 -30.67 -68.25 -0.16
CA GLU EA 135 -29.78 -69.41 -0.27
C GLU EA 135 -28.33 -69.03 -0.62
N VAL EA 136 -28.06 -67.76 -0.97
CA VAL EA 136 -26.76 -67.32 -1.51
C VAL EA 136 -26.21 -66.08 -0.81
N ASP EA 137 -27.04 -65.09 -0.48
CA ASP EA 137 -26.61 -63.80 0.05
C ASP EA 137 -27.25 -63.44 1.40
N PHE EA 138 -26.50 -62.69 2.22
CA PHE EA 138 -26.77 -62.52 3.65
C PHE EA 138 -26.38 -61.11 4.13
N ASP EA 139 -26.91 -60.71 5.28
CA ASP EA 139 -26.81 -59.34 5.83
C ASP EA 139 -27.53 -58.28 4.96
N VAL EA 140 -28.62 -58.64 4.30
CA VAL EA 140 -29.51 -57.71 3.57
C VAL EA 140 -30.97 -58.01 3.85
N ASP EA 141 -31.82 -56.97 3.86
CA ASP EA 141 -33.24 -57.11 4.18
C ASP EA 141 -33.96 -57.90 3.07
N PRO EA 142 -34.49 -59.11 3.31
CA PRO EA 142 -34.98 -59.97 2.23
C PRO EA 142 -36.10 -59.38 1.36
N GLU EA 143 -36.86 -58.41 1.84
CA GLU EA 143 -37.96 -57.81 1.09
C GLU EA 143 -37.54 -56.65 0.15
N VAL EA 144 -36.36 -56.04 0.33
CA VAL EA 144 -35.88 -54.97 -0.57
C VAL EA 144 -35.12 -55.53 -1.76
N PRO EA 145 -35.09 -54.86 -2.91
CA PRO EA 145 -34.26 -55.27 -4.02
C PRO EA 145 -32.78 -55.04 -3.67
N LEU EA 146 -31.93 -55.99 -4.05
CA LEU EA 146 -30.49 -55.92 -3.90
C LEU EA 146 -29.91 -55.14 -5.07
N ILE EA 147 -29.37 -53.96 -4.81
CA ILE EA 147 -28.77 -53.09 -5.83
C ILE EA 147 -27.27 -53.06 -5.65
N ARG EA 148 -26.52 -53.35 -6.70
CA ARG EA 148 -25.04 -53.28 -6.69
C ARG EA 148 -24.59 -52.31 -7.76
N VAL EA 149 -23.50 -51.61 -7.51
CA VAL EA 149 -22.81 -50.82 -8.53
C VAL EA 149 -21.48 -51.51 -8.86
N GLU EA 150 -21.17 -51.69 -10.14
CA GLU EA 150 -20.00 -52.44 -10.59
C GLU EA 150 -19.20 -51.67 -11.64
N PRO EA 151 -17.87 -51.67 -11.57
CA PRO EA 151 -17.02 -50.91 -12.49
C PRO EA 151 -16.79 -51.66 -13.79
N PRO EA 152 -16.34 -50.99 -14.86
CA PRO EA 152 -16.15 -51.62 -16.16
C PRO EA 152 -14.95 -52.58 -16.18
N THR EA 153 -14.07 -52.52 -15.18
CA THR EA 153 -13.05 -53.56 -14.98
C THR EA 153 -13.61 -54.90 -14.49
N ALA EA 154 -14.92 -55.02 -14.27
CA ALA EA 154 -15.58 -56.25 -13.84
C ALA EA 154 -16.92 -56.51 -14.53
N LEU EA 155 -17.35 -55.67 -15.48
CA LEU EA 155 -18.63 -55.79 -16.16
C LEU EA 155 -18.59 -55.09 -17.51
N TYR EA 156 -19.26 -55.64 -18.51
CA TYR EA 156 -19.41 -55.00 -19.82
C TYR EA 156 -20.83 -55.15 -20.34
N ALA EA 157 -21.37 -54.12 -20.96
CA ALA EA 157 -22.74 -54.10 -21.49
C ALA EA 157 -22.76 -53.54 -22.91
N GLU EA 158 -23.39 -54.25 -23.83
CA GLU EA 158 -23.57 -53.78 -25.20
C GLU EA 158 -24.90 -53.05 -25.35
N VAL EA 159 -24.89 -51.95 -26.08
CA VAL EA 159 -26.03 -51.06 -26.28
C VAL EA 159 -26.55 -51.23 -27.70
N ASP EA 160 -27.86 -51.37 -27.89
CA ASP EA 160 -28.45 -51.16 -29.21
C ASP EA 160 -28.29 -49.68 -29.57
N PRO EA 161 -27.49 -49.32 -30.59
CA PRO EA 161 -27.16 -47.93 -30.83
C PRO EA 161 -28.39 -47.12 -31.19
N ARG EA 162 -29.41 -47.76 -31.78
CA ARG EA 162 -30.65 -47.14 -32.26
C ARG EA 162 -31.56 -46.72 -31.12
N THR EA 163 -31.91 -47.65 -30.23
CA THR EA 163 -32.80 -47.37 -29.09
C THR EA 163 -32.04 -46.75 -27.91
N ARG EA 164 -30.70 -46.82 -27.91
CA ARG EA 164 -29.83 -46.39 -26.80
C ARG EA 164 -30.17 -47.11 -25.49
N LYS EA 165 -30.48 -48.39 -25.58
CA LYS EA 165 -30.72 -49.28 -24.42
C LYS EA 165 -29.83 -50.52 -24.47
N VAL EA 166 -29.51 -51.10 -23.32
CA VAL EA 166 -28.64 -52.29 -23.26
C VAL EA 166 -29.32 -53.52 -23.88
N LEU EA 167 -28.60 -54.26 -24.70
CA LEU EA 167 -29.03 -55.53 -25.29
C LEU EA 167 -28.75 -56.72 -24.39
N TYR EA 168 -27.54 -56.81 -23.85
CA TYR EA 168 -27.09 -57.85 -22.93
C TYR EA 168 -25.80 -57.39 -22.24
N ALA EA 169 -25.42 -58.01 -21.15
CA ALA EA 169 -24.22 -57.63 -20.42
C ALA EA 169 -23.65 -58.81 -19.65
N ILE EA 170 -22.36 -58.79 -19.33
CA ILE EA 170 -21.69 -59.86 -18.61
C ILE EA 170 -20.88 -59.33 -17.45
N ARG EA 171 -21.10 -59.86 -16.25
CA ARG EA 171 -20.24 -59.58 -15.09
C ARG EA 171 -19.19 -60.68 -15.04
N ALA EA 172 -17.91 -60.31 -15.03
CA ALA EA 172 -16.81 -61.25 -15.06
C ALA EA 172 -15.92 -61.04 -13.84
N ILE EA 173 -15.83 -62.04 -12.99
CA ILE EA 173 -15.12 -61.95 -11.73
C ILE EA 173 -13.82 -62.73 -11.85
N TYR EA 174 -12.68 -62.11 -11.58
CA TYR EA 174 -11.40 -62.81 -11.57
C TYR EA 174 -11.11 -63.45 -10.21
N GLY EA 175 -10.33 -64.53 -10.20
CA GLY EA 175 -9.81 -65.19 -8.99
C GLY EA 175 -8.68 -64.41 -8.31
N ALA EA 176 -8.82 -63.10 -8.18
CA ALA EA 176 -7.83 -62.17 -7.64
C ALA EA 176 -6.43 -62.38 -8.27
N ASP EA 177 -5.44 -62.76 -7.48
CA ASP EA 177 -4.06 -62.95 -7.95
C ASP EA 177 -3.91 -64.10 -8.97
N GLY EA 178 -4.89 -64.99 -9.10
CA GLY EA 178 -4.88 -66.07 -10.08
C GLY EA 178 -4.98 -65.60 -11.55
N ASN EA 179 -5.34 -64.34 -11.81
CA ASN EA 179 -5.46 -63.76 -13.15
C ASN EA 179 -6.30 -64.62 -14.13
N GLU EA 180 -7.40 -65.19 -13.65
CA GLU EA 180 -8.31 -66.06 -14.41
C GLU EA 180 -9.74 -65.81 -13.98
N ILE EA 181 -10.73 -66.04 -14.85
CA ILE EA 181 -12.13 -65.84 -14.49
C ILE EA 181 -12.54 -66.94 -13.52
N VAL EA 182 -13.01 -66.58 -12.33
CA VAL EA 182 -13.54 -67.53 -11.34
C VAL EA 182 -15.04 -67.76 -11.52
N SER EA 183 -15.78 -66.76 -11.98
CA SER EA 183 -17.22 -66.87 -12.25
C SER EA 183 -17.64 -65.83 -13.27
N ALA EA 184 -18.71 -66.10 -14.02
CA ALA EA 184 -19.30 -65.14 -14.94
C ALA EA 184 -20.82 -65.23 -14.94
N THR EA 185 -21.47 -64.07 -15.05
CA THR EA 185 -22.93 -63.93 -15.02
C THR EA 185 -23.37 -63.13 -16.22
N LEU EA 186 -24.34 -63.61 -16.98
CA LEU EA 186 -24.82 -63.01 -18.22
C LEU EA 186 -26.26 -62.57 -18.02
N TYR EA 187 -26.52 -61.28 -18.21
CA TYR EA 187 -27.84 -60.67 -18.06
C TYR EA 187 -28.50 -60.53 -19.43
N LEU EA 188 -29.70 -61.08 -19.56
CA LEU EA 188 -30.54 -61.01 -20.75
C LEU EA 188 -31.83 -60.25 -20.43
N PRO EA 189 -32.57 -59.76 -21.43
CA PRO EA 189 -33.87 -59.16 -21.19
C PRO EA 189 -34.84 -60.14 -20.53
N ASP EA 190 -34.78 -61.43 -20.84
CA ASP EA 190 -35.72 -62.43 -20.30
C ASP EA 190 -35.29 -63.04 -18.95
N THR EA 191 -33.99 -63.02 -18.63
CA THR EA 191 -33.44 -63.78 -17.49
C THR EA 191 -32.06 -63.29 -17.09
N THR EA 192 -31.61 -63.57 -15.88
CA THR EA 192 -30.17 -63.64 -15.60
C THR EA 192 -29.73 -65.09 -15.65
N MET EA 193 -28.43 -65.34 -15.77
CA MET EA 193 -27.87 -66.68 -15.81
C MET EA 193 -26.41 -66.65 -15.39
N THR EA 194 -25.96 -67.58 -14.55
CA THR EA 194 -24.61 -67.54 -13.99
C THR EA 194 -23.94 -68.90 -13.98
N TRP EA 195 -22.67 -68.98 -14.37
CA TRP EA 195 -21.91 -70.23 -14.35
C TRP EA 195 -20.96 -70.19 -13.16
N LEU EA 196 -21.40 -70.79 -12.04
CA LEU EA 196 -20.88 -70.46 -10.70
C LEU EA 196 -19.38 -70.69 -10.51
N ARG EA 197 -18.74 -71.52 -11.32
CA ARG EA 197 -17.29 -71.74 -11.31
C ARG EA 197 -16.75 -71.86 -12.72
N ALA EA 198 -15.63 -71.20 -12.96
CA ALA EA 198 -14.92 -71.13 -14.23
C ALA EA 198 -13.43 -71.55 -14.13
N GLU EA 199 -13.05 -72.04 -12.94
CA GLU EA 199 -11.72 -72.55 -12.59
C GLU EA 199 -11.81 -74.04 -12.21
N GLY EA 200 -10.79 -74.83 -12.55
CA GLY EA 200 -11.02 -76.27 -12.70
C GLY EA 200 -12.00 -76.51 -13.86
N GLU EA 201 -13.04 -77.30 -13.65
CA GLU EA 201 -14.10 -77.50 -14.64
C GLU EA 201 -15.06 -76.30 -14.70
N TRP EA 202 -15.51 -75.92 -15.89
CA TRP EA 202 -16.51 -74.87 -16.06
C TRP EA 202 -17.92 -75.39 -15.73
N GLU EA 203 -18.50 -75.01 -14.60
CA GLU EA 203 -19.76 -75.59 -14.09
C GLU EA 203 -21.01 -75.19 -14.91
N ALA EA 204 -22.07 -75.98 -14.85
CA ALA EA 204 -23.36 -75.72 -15.50
C ALA EA 204 -24.08 -74.47 -14.98
N PRO EA 205 -24.90 -73.79 -15.80
CA PRO EA 205 -25.51 -72.52 -15.45
C PRO EA 205 -26.65 -72.66 -14.44
N THR EA 206 -26.66 -71.78 -13.45
CA THR EA 206 -27.85 -71.41 -12.68
C THR EA 206 -28.58 -70.27 -13.40
N SER EA 207 -29.73 -70.56 -13.99
CA SER EA 207 -30.62 -69.52 -14.55
C SER EA 207 -31.43 -68.84 -13.43
N THR EA 208 -31.97 -67.64 -13.67
CA THR EA 208 -33.08 -67.09 -12.86
C THR EA 208 -33.91 -66.12 -13.70
N PRO EA 209 -35.17 -66.44 -14.01
CA PRO EA 209 -36.02 -65.61 -14.85
C PRO EA 209 -36.47 -64.35 -14.10
N HIS EA 210 -36.84 -63.31 -14.84
CA HIS EA 210 -37.37 -62.09 -14.27
C HIS EA 210 -38.44 -61.48 -15.18
N GLY EA 211 -39.39 -60.73 -14.62
CA GLY EA 211 -40.60 -60.32 -15.34
C GLY EA 211 -40.44 -59.14 -16.30
N LEU EA 212 -39.30 -58.46 -16.23
CA LEU EA 212 -39.04 -57.22 -16.95
C LEU EA 212 -38.96 -57.44 -18.47
N GLU EA 213 -39.23 -56.42 -19.27
CA GLU EA 213 -38.80 -56.41 -20.68
C GLU EA 213 -37.32 -56.00 -20.78
N MET EA 214 -36.90 -55.07 -19.93
CA MET EA 214 -35.53 -54.56 -19.86
C MET EA 214 -34.55 -55.62 -19.35
N VAL EA 215 -33.29 -55.53 -19.76
CA VAL EA 215 -32.19 -56.23 -19.07
C VAL EA 215 -31.83 -55.47 -17.78
N PRO EA 216 -31.62 -56.14 -16.63
CA PRO EA 216 -31.55 -55.50 -15.32
C PRO EA 216 -30.18 -54.90 -14.98
N VAL EA 217 -29.58 -54.18 -15.93
CA VAL EA 217 -28.38 -53.37 -15.71
C VAL EA 217 -28.51 -52.05 -16.43
N ILE EA 218 -28.07 -50.95 -15.83
CA ILE EA 218 -28.07 -49.64 -16.49
C ILE EA 218 -26.72 -48.95 -16.30
N PRO EA 219 -26.14 -48.34 -17.33
CA PRO EA 219 -24.88 -47.63 -17.24
C PRO EA 219 -25.04 -46.22 -16.68
N ILE EA 220 -24.25 -45.87 -15.68
CA ILE EA 220 -23.81 -44.49 -15.45
C ILE EA 220 -22.77 -44.19 -16.52
N SER EA 221 -22.84 -43.04 -17.18
CA SER EA 221 -21.82 -42.65 -18.16
C SER EA 221 -21.43 -41.19 -17.99
N ASN EA 222 -20.15 -40.88 -18.12
CA ASN EA 222 -19.64 -39.51 -18.04
C ASN EA 222 -19.87 -38.73 -19.35
N ARG EA 223 -20.97 -39.02 -20.05
CA ARG EA 223 -21.22 -38.56 -21.42
C ARG EA 223 -21.34 -37.04 -21.48
N THR EA 224 -20.31 -36.34 -21.95
CA THR EA 224 -20.24 -34.87 -21.94
C THR EA 224 -20.97 -34.18 -23.10
N ARG EA 225 -21.44 -34.94 -24.08
CA ARG EA 225 -21.82 -34.46 -25.42
C ARG EA 225 -22.54 -35.58 -26.15
N LEU EA 226 -23.62 -35.32 -26.90
CA LEU EA 226 -24.44 -36.39 -27.47
C LEU EA 226 -23.65 -37.30 -28.42
N SER EA 227 -22.66 -36.79 -29.15
CA SER EA 227 -21.83 -37.63 -30.01
C SER EA 227 -20.99 -38.67 -29.28
N ASP EA 228 -20.81 -38.60 -27.96
CA ASP EA 228 -20.10 -39.62 -27.18
C ASP EA 228 -21.05 -40.79 -26.80
N LEU EA 229 -21.41 -41.60 -27.79
CA LEU EA 229 -22.45 -42.64 -27.67
C LEU EA 229 -22.17 -43.70 -26.59
N TYR EA 230 -20.91 -43.90 -26.23
CA TYR EA 230 -20.45 -44.64 -25.06
C TYR EA 230 -19.59 -43.70 -24.22
N GLY EA 231 -19.61 -43.84 -22.89
CA GLY EA 231 -19.00 -42.87 -21.97
C GLY EA 231 -17.50 -42.65 -22.17
N THR EA 232 -16.99 -41.50 -21.75
CA THR EA 232 -15.57 -41.10 -21.92
C THR EA 232 -14.94 -40.63 -20.61
N SER EA 233 -13.66 -40.95 -20.38
CA SER EA 233 -12.94 -40.57 -19.16
C SER EA 233 -12.96 -39.08 -18.91
N GLU EA 234 -13.03 -38.66 -17.64
CA GLU EA 234 -12.95 -37.26 -17.28
C GLU EA 234 -11.51 -36.73 -17.31
N ILE EA 235 -10.51 -37.61 -17.21
CA ILE EA 235 -9.10 -37.24 -17.29
C ILE EA 235 -8.75 -36.97 -18.75
N SER EA 236 -9.15 -35.82 -19.26
CA SER EA 236 -9.16 -35.49 -20.68
C SER EA 236 -7.77 -35.55 -21.31
N PRO EA 237 -7.62 -35.80 -22.63
CA PRO EA 237 -6.32 -35.77 -23.29
C PRO EA 237 -5.58 -34.46 -23.03
N GLU EA 238 -6.35 -33.38 -22.97
CA GLU EA 238 -5.93 -32.05 -22.58
C GLU EA 238 -5.24 -31.99 -21.22
N LEU EA 239 -5.77 -32.64 -20.18
CA LEU EA 239 -5.11 -32.70 -18.88
C LEU EA 239 -3.99 -33.75 -18.81
N ARG EA 240 -4.11 -34.85 -19.55
CA ARG EA 240 -3.06 -35.87 -19.60
C ARG EA 240 -1.76 -35.27 -20.10
N SER EA 241 -1.81 -34.50 -21.18
CA SER EA 241 -0.63 -33.84 -21.74
C SER EA 241 0.11 -32.99 -20.71
N VAL EA 242 -0.57 -32.13 -19.95
CA VAL EA 242 0.10 -31.32 -18.92
C VAL EA 242 0.58 -32.15 -17.74
N THR EA 243 -0.10 -33.23 -17.40
CA THR EA 243 0.39 -34.14 -16.35
C THR EA 243 1.72 -34.75 -16.74
N ASP EA 244 1.86 -35.24 -17.98
CA ASP EA 244 3.11 -35.82 -18.46
C ASP EA 244 4.18 -34.75 -18.68
N ALA EA 245 3.83 -33.59 -19.24
CA ALA EA 245 4.78 -32.50 -19.42
C ALA EA 245 5.39 -32.06 -18.10
N ALA EA 246 4.59 -31.90 -17.04
CA ALA EA 246 5.09 -31.56 -15.73
C ALA EA 246 6.06 -32.61 -15.19
N ALA EA 247 5.78 -33.91 -15.38
CA ALA EA 247 6.67 -34.97 -14.91
C ALA EA 247 8.05 -34.87 -15.57
N GLN EA 248 8.14 -34.57 -16.86
CA GLN EA 248 9.43 -34.38 -17.50
C GLN EA 248 10.20 -33.24 -16.86
N ILE EA 249 9.61 -32.05 -16.69
CA ILE EA 249 10.28 -30.91 -16.06
C ILE EA 249 10.75 -31.25 -14.65
N LEU EA 250 9.89 -31.92 -13.88
CA LEU EA 250 10.18 -32.29 -12.51
C LEU EA 250 11.32 -33.30 -12.43
N MET EA 251 11.38 -34.24 -13.36
CA MET EA 251 12.45 -35.22 -13.39
C MET EA 251 13.76 -34.63 -13.90
N ASN EA 252 13.74 -33.76 -14.91
CA ASN EA 252 14.94 -33.04 -15.34
C ASN EA 252 15.52 -32.20 -14.21
N MET EA 253 14.68 -31.52 -13.44
CA MET EA 253 15.14 -30.81 -12.25
C MET EA 253 15.76 -31.81 -11.27
N GLN EA 254 15.12 -32.94 -11.01
CA GLN EA 254 15.62 -33.90 -10.04
C GLN EA 254 16.97 -34.50 -10.43
N GLY EA 255 17.24 -34.69 -11.72
CA GLY EA 255 18.59 -35.04 -12.18
C GLY EA 255 19.56 -33.88 -11.98
N THR EA 256 19.17 -32.67 -12.37
CA THR EA 256 20.03 -31.49 -12.25
C THR EA 256 20.42 -31.23 -10.79
N ALA EA 257 19.53 -31.47 -9.84
CA ALA EA 257 19.83 -31.30 -8.43
C ALA EA 257 20.87 -32.29 -7.87
N ASN EA 258 21.18 -33.38 -8.58
CA ASN EA 258 22.25 -34.30 -8.23
C ASN EA 258 23.57 -33.98 -8.94
N LEU EA 259 23.57 -33.75 -10.26
CA LEU EA 259 24.80 -33.54 -11.01
C LEU EA 259 25.30 -32.09 -11.06
N MET EA 260 24.40 -31.10 -11.07
CA MET EA 260 24.65 -29.79 -11.69
C MET EA 260 24.37 -28.58 -10.81
N ALA EA 261 23.76 -28.77 -9.63
CA ALA EA 261 23.39 -27.64 -8.76
C ALA EA 261 24.60 -26.92 -8.13
N ILE EA 262 25.80 -27.48 -8.27
CA ILE EA 262 27.07 -26.98 -7.72
C ILE EA 262 28.10 -26.78 -8.83
N PRO EA 263 29.01 -25.80 -8.72
CA PRO EA 263 30.03 -25.60 -9.72
C PRO EA 263 31.00 -26.78 -9.75
N GLN EA 264 31.62 -27.06 -10.89
CA GLN EA 264 32.69 -28.06 -10.98
C GLN EA 264 34.03 -27.34 -11.12
N ARG EA 265 34.94 -27.58 -10.20
CA ARG EA 265 36.22 -26.88 -10.07
C ARG EA 265 37.32 -27.58 -10.87
N LEU EA 266 38.22 -26.83 -11.50
CA LEU EA 266 39.25 -27.31 -12.42
C LEU EA 266 40.59 -26.60 -12.17
N ILE EA 267 41.71 -27.27 -12.42
CA ILE EA 267 43.04 -26.65 -12.44
C ILE EA 267 43.74 -27.05 -13.73
N PHE EA 268 44.32 -26.10 -14.46
CA PHE EA 268 44.92 -26.31 -15.79
C PHE EA 268 46.45 -26.19 -15.83
N GLY EA 269 47.09 -26.09 -14.68
CA GLY EA 269 48.53 -25.85 -14.56
C GLY EA 269 49.39 -27.11 -14.64
N ALA EA 270 49.96 -27.49 -13.50
CA ALA EA 270 50.98 -28.51 -13.41
C ALA EA 270 50.45 -29.92 -13.69
N LYS EA 271 51.37 -30.82 -14.09
CA LYS EA 271 51.09 -32.23 -14.37
C LYS EA 271 50.74 -32.95 -13.06
N PRO EA 272 49.90 -34.00 -13.08
CA PRO EA 272 49.49 -34.73 -11.90
C PRO EA 272 50.60 -35.10 -10.91
N GLU EA 273 51.74 -35.59 -11.39
CA GLU EA 273 52.85 -35.97 -10.50
C GLU EA 273 53.47 -34.76 -9.80
N GLU EA 274 53.47 -33.59 -10.44
CA GLU EA 274 53.93 -32.33 -9.85
C GLU EA 274 52.88 -31.77 -8.88
N LEU EA 275 51.60 -31.97 -9.14
CA LEU EA 275 50.51 -31.73 -8.19
C LEU EA 275 50.46 -32.76 -7.05
N GLY EA 276 51.38 -33.73 -7.01
CA GLY EA 276 51.44 -34.72 -5.93
C GLY EA 276 50.31 -35.73 -5.96
N ILE EA 277 49.63 -35.90 -7.09
CA ILE EA 277 48.58 -36.89 -7.29
C ILE EA 277 49.20 -38.30 -7.34
N ASN EA 278 48.63 -39.26 -6.63
CA ASN EA 278 49.05 -40.66 -6.71
C ASN EA 278 48.73 -41.23 -8.10
N ALA EA 279 49.74 -41.66 -8.85
CA ALA EA 279 49.60 -42.01 -10.26
C ALA EA 279 48.77 -43.27 -10.51
N GLU EA 280 48.71 -44.21 -9.57
CA GLU EA 280 47.91 -45.43 -9.71
C GLU EA 280 46.42 -45.14 -9.62
N THR EA 281 46.01 -44.41 -8.59
CA THR EA 281 44.58 -44.13 -8.32
C THR EA 281 44.06 -42.87 -9.01
N GLY EA 282 44.93 -41.92 -9.34
CA GLY EA 282 44.55 -40.63 -9.92
C GLY EA 282 43.94 -39.66 -8.91
N GLN EA 283 44.31 -39.75 -7.62
CA GLN EA 283 43.71 -38.99 -6.52
C GLN EA 283 44.75 -38.48 -5.51
N ARG EA 284 44.36 -37.48 -4.70
CA ARG EA 284 45.05 -37.12 -3.46
C ARG EA 284 44.03 -36.62 -2.45
N MET EA 285 44.27 -36.82 -1.15
CA MET EA 285 43.38 -36.34 -0.10
C MET EA 285 43.64 -34.87 0.27
N PHE EA 286 43.06 -33.97 -0.50
CA PHE EA 286 42.87 -32.55 -0.16
C PHE EA 286 42.28 -32.46 1.26
N ASP EA 287 43.06 -32.04 2.25
CA ASP EA 287 42.61 -32.07 3.65
C ASP EA 287 41.82 -30.81 4.04
N ALA EA 288 40.65 -30.66 3.45
CA ALA EA 288 39.94 -29.38 3.29
C ALA EA 288 39.10 -28.93 4.49
N TYR EA 289 39.69 -28.78 5.67
CA TYR EA 289 39.07 -27.96 6.73
C TYR EA 289 39.07 -26.50 6.32
N MET EA 290 38.11 -25.72 6.80
CA MET EA 290 37.61 -24.55 6.07
C MET EA 290 38.61 -23.46 5.67
N ALA EA 291 39.49 -22.99 6.54
CA ALA EA 291 40.29 -21.80 6.26
C ALA EA 291 41.55 -22.01 5.40
N ARG EA 292 41.95 -23.26 5.17
CA ARG EA 292 43.27 -23.61 4.63
C ARG EA 292 43.47 -23.12 3.20
N ILE EA 293 44.70 -22.72 2.89
CA ILE EA 293 45.11 -22.24 1.57
C ILE EA 293 45.93 -23.34 0.89
N LEU EA 294 45.52 -23.77 -0.31
CA LEU EA 294 46.34 -24.67 -1.11
C LEU EA 294 47.41 -23.87 -1.83
N ALA EA 295 48.65 -24.34 -1.86
CA ALA EA 295 49.74 -23.70 -2.58
C ALA EA 295 50.28 -24.62 -3.68
N PHE EA 296 50.56 -24.06 -4.85
CA PHE EA 296 51.11 -24.79 -5.99
C PHE EA 296 52.30 -24.09 -6.62
N GLU EA 297 53.28 -24.88 -7.04
CA GLU EA 297 54.44 -24.43 -7.79
C GLU EA 297 54.02 -23.76 -9.11
N GLY EA 298 52.92 -24.21 -9.73
CA GLY EA 298 52.20 -23.44 -10.74
C GLY EA 298 52.96 -23.17 -12.04
N GLY EA 299 53.71 -24.16 -12.53
CA GLY EA 299 54.53 -24.02 -13.73
C GLY EA 299 53.77 -23.67 -15.01
N GLU EA 300 54.47 -23.11 -15.99
CA GLU EA 300 53.96 -22.77 -17.33
C GLU EA 300 52.72 -21.85 -17.36
N GLY EA 301 52.60 -20.95 -16.37
CA GLY EA 301 51.50 -20.00 -16.31
C GLY EA 301 50.17 -20.64 -15.90
N ALA EA 302 50.20 -21.48 -14.85
CA ALA EA 302 49.05 -22.18 -14.30
C ALA EA 302 47.89 -21.26 -13.91
N HIS EA 303 46.66 -21.76 -14.07
CA HIS EA 303 45.44 -21.12 -13.58
C HIS EA 303 44.41 -22.14 -13.12
N ALA EA 304 43.45 -21.69 -12.34
CA ALA EA 304 42.30 -22.47 -11.91
C ALA EA 304 41.00 -21.81 -12.32
N GLU EA 305 39.98 -22.59 -12.66
CA GLU EA 305 38.66 -22.07 -13.04
C GLU EA 305 37.57 -23.12 -12.84
N GLN EA 306 36.31 -22.72 -12.91
CA GLN EA 306 35.17 -23.60 -12.64
C GLN EA 306 34.07 -23.45 -13.67
N PHE EA 307 33.42 -24.56 -14.02
CA PHE EA 307 32.14 -24.52 -14.69
C PHE EA 307 31.06 -24.04 -13.71
N SER EA 308 30.08 -23.28 -14.18
CA SER EA 308 29.03 -22.75 -13.30
C SER EA 308 28.15 -23.86 -12.75
N ALA EA 309 27.49 -23.59 -11.63
CA ALA EA 309 26.25 -24.29 -11.28
C ALA EA 309 25.17 -23.98 -12.31
N ALA EA 310 24.29 -24.94 -12.61
CA ALA EA 310 23.05 -24.66 -13.31
C ALA EA 310 22.06 -23.97 -12.37
N GLU EA 311 21.38 -22.93 -12.83
CA GLU EA 311 20.34 -22.22 -12.06
C GLU EA 311 19.06 -23.06 -11.98
N LEU EA 312 18.77 -23.71 -10.85
CA LEU EA 312 17.58 -24.56 -10.75
C LEU EA 312 16.29 -23.77 -10.95
N ARG EA 313 16.26 -22.47 -10.61
CA ARG EA 313 15.08 -21.66 -10.87
C ARG EA 313 14.69 -21.57 -12.34
N ASN EA 314 15.55 -21.90 -13.31
CA ASN EA 314 15.08 -22.06 -14.70
C ASN EA 314 13.98 -23.12 -14.81
N PHE EA 315 14.11 -24.24 -14.10
CA PHE EA 315 13.04 -25.22 -14.09
C PHE EA 315 11.86 -24.76 -13.24
N VAL EA 316 12.08 -24.05 -12.15
CA VAL EA 316 10.96 -23.60 -11.31
C VAL EA 316 10.03 -22.68 -12.11
N ASP EA 317 10.57 -21.77 -12.93
CA ASP EA 317 9.75 -20.94 -13.81
C ASP EA 317 8.84 -21.77 -14.74
N ALA EA 318 9.31 -22.93 -15.22
CA ALA EA 318 8.51 -23.81 -16.06
C ALA EA 318 7.47 -24.62 -15.29
N LEU EA 319 7.75 -25.02 -14.04
CA LEU EA 319 6.75 -25.65 -13.20
C LEU EA 319 5.62 -24.67 -12.83
N ASP EA 320 5.95 -23.42 -12.55
CA ASP EA 320 4.92 -22.41 -12.28
C ASP EA 320 4.04 -22.18 -13.49
N ALA EA 321 4.61 -22.06 -14.69
CA ALA EA 321 3.82 -21.97 -15.91
C ALA EA 321 2.87 -23.17 -16.08
N LEU EA 322 3.35 -24.40 -15.92
CA LEU EA 322 2.47 -25.57 -16.07
C LEU EA 322 1.41 -25.67 -14.98
N ASP EA 323 1.68 -25.27 -13.73
CA ASP EA 323 0.62 -25.18 -12.73
C ASP EA 323 -0.47 -24.19 -13.12
N ARG EA 324 -0.14 -23.01 -13.67
CA ARG EA 324 -1.18 -22.12 -14.15
C ARG EA 324 -2.02 -22.76 -15.23
N LYS EA 325 -1.44 -23.62 -16.07
CA LYS EA 325 -2.19 -24.34 -17.11
C LYS EA 325 -3.08 -25.40 -16.50
N ALA EA 326 -2.58 -26.23 -15.58
CA ALA EA 326 -3.40 -27.28 -14.99
C ALA EA 326 -4.61 -26.71 -14.26
N ALA EA 327 -4.46 -25.58 -13.59
CA ALA EA 327 -5.60 -24.86 -13.02
C ALA EA 327 -6.58 -24.44 -14.10
N SER EA 328 -6.11 -23.82 -15.18
CA SER EA 328 -6.98 -23.37 -16.26
C SER EA 328 -7.74 -24.50 -16.94
N TYR EA 329 -7.12 -25.64 -17.20
CA TYR EA 329 -7.80 -26.73 -17.89
C TYR EA 329 -8.84 -27.39 -17.00
N SER EA 330 -8.44 -27.79 -15.79
CA SER EA 330 -9.31 -28.52 -14.88
C SER EA 330 -10.48 -27.66 -14.39
N GLY EA 331 -10.26 -26.37 -14.19
CA GLY EA 331 -11.23 -25.51 -13.53
C GLY EA 331 -11.28 -25.70 -12.01
N LEU EA 332 -10.33 -26.40 -11.41
CA LEU EA 332 -10.15 -26.39 -9.97
C LEU EA 332 -9.91 -24.95 -9.47
N PRO EA 333 -10.27 -24.62 -8.22
CA PRO EA 333 -9.84 -23.37 -7.61
C PRO EA 333 -8.32 -23.19 -7.71
N PRO EA 334 -7.81 -21.97 -7.85
CA PRO EA 334 -6.37 -21.76 -8.06
C PRO EA 334 -5.52 -22.24 -6.89
N GLN EA 335 -6.07 -22.22 -5.68
CA GLN EA 335 -5.42 -22.73 -4.47
C GLN EA 335 -5.23 -24.26 -4.45
N TYR EA 336 -6.05 -25.05 -5.14
CA TYR EA 336 -5.94 -26.52 -5.06
C TYR EA 336 -4.70 -27.05 -5.80
N LEU EA 337 -4.21 -26.31 -6.78
CA LEU EA 337 -2.92 -26.55 -7.42
C LEU EA 337 -1.74 -25.90 -6.67
N SER EA 338 -1.99 -25.18 -5.58
CA SER EA 338 -1.04 -24.26 -4.94
C SER EA 338 -0.48 -23.19 -5.89
N SER EA 339 -1.17 -22.94 -7.01
CA SER EA 339 -0.64 -22.20 -8.16
C SER EA 339 -0.38 -20.72 -7.89
N SER EA 340 -1.12 -20.11 -6.96
CA SER EA 340 -0.94 -18.73 -6.52
C SER EA 340 -1.49 -18.53 -5.10
N SER EA 341 -0.91 -17.58 -4.35
CA SER EA 341 -1.11 -17.42 -2.90
C SER EA 341 -2.23 -16.44 -2.51
N ASP EA 342 -3.09 -16.07 -3.46
CA ASP EA 342 -4.18 -15.10 -3.31
C ASP EA 342 -5.41 -15.67 -2.57
N ASN EA 343 -5.19 -16.23 -1.39
CA ASN EA 343 -6.17 -16.93 -0.57
C ASN EA 343 -7.50 -16.12 -0.43
N PRO EA 344 -8.67 -16.67 -0.79
CA PRO EA 344 -9.90 -15.89 -0.93
C PRO EA 344 -10.56 -15.60 0.44
N ALA EA 345 -10.02 -14.63 1.17
CA ALA EA 345 -10.42 -14.31 2.54
C ALA EA 345 -11.71 -13.45 2.65
N SER EA 346 -12.75 -13.78 1.89
CA SER EA 346 -14.04 -13.07 1.95
C SER EA 346 -15.21 -14.03 1.69
N ALA EA 347 -16.35 -13.81 2.32
CA ALA EA 347 -17.52 -14.68 2.21
C ALA EA 347 -17.98 -14.88 0.77
N GLU EA 348 -17.97 -13.81 -0.03
CA GLU EA 348 -18.37 -13.86 -1.42
C GLU EA 348 -17.22 -14.31 -2.33
N ALA EA 349 -15.97 -13.97 -2.00
CA ALA EA 349 -14.82 -14.34 -2.81
C ALA EA 349 -14.63 -15.86 -2.90
N ILE EA 350 -15.06 -16.60 -1.88
CA ILE EA 350 -15.13 -18.05 -1.95
C ILE EA 350 -16.07 -18.50 -3.06
N LYS EA 351 -17.29 -17.96 -3.16
CA LYS EA 351 -18.23 -18.31 -4.24
C LYS EA 351 -17.60 -18.05 -5.61
N ALA EA 352 -16.80 -16.99 -5.74
CA ALA EA 352 -16.09 -16.68 -6.97
C ALA EA 352 -15.03 -17.75 -7.30
N ALA EA 353 -14.15 -18.08 -6.36
CA ALA EA 353 -13.07 -19.04 -6.59
C ALA EA 353 -13.60 -20.46 -6.84
N GLU EA 354 -14.66 -20.86 -6.15
CA GLU EA 354 -15.31 -22.15 -6.39
C GLU EA 354 -16.09 -22.22 -7.70
N SER EA 355 -16.50 -21.08 -8.27
CA SER EA 355 -17.61 -21.01 -9.22
C SER EA 355 -17.58 -22.05 -10.33
N ARG EA 356 -16.45 -22.28 -11.01
CA ARG EA 356 -16.40 -23.22 -12.13
C ARG EA 356 -16.37 -24.67 -11.68
N LEU EA 357 -15.68 -25.03 -10.60
CA LEU EA 357 -15.77 -26.39 -10.04
C LEU EA 357 -17.17 -26.70 -9.55
N VAL EA 358 -17.77 -25.79 -8.78
CA VAL EA 358 -19.14 -25.95 -8.27
C VAL EA 358 -20.09 -26.18 -9.42
N LYS EA 359 -20.02 -25.35 -10.46
CA LYS EA 359 -20.96 -25.48 -11.56
C LYS EA 359 -20.73 -26.77 -12.35
N LYS EA 360 -19.49 -27.16 -12.61
CA LYS EA 360 -19.17 -28.45 -13.25
C LYS EA 360 -19.75 -29.61 -12.46
N VAL EA 361 -19.63 -29.62 -11.13
CA VAL EA 361 -20.22 -30.68 -10.30
C VAL EA 361 -21.74 -30.72 -10.45
N GLU EA 362 -22.44 -29.59 -10.53
CA GLU EA 362 -23.88 -29.61 -10.76
C GLU EA 362 -24.26 -30.28 -12.08
N ARG EA 363 -23.41 -30.25 -13.11
CA ARG EA 363 -23.66 -30.97 -14.37
C ARG EA 363 -23.42 -32.45 -14.23
N LYS EA 364 -22.38 -32.88 -13.52
CA LYS EA 364 -22.18 -34.32 -13.23
C LYS EA 364 -23.33 -34.86 -12.39
N ASN EA 365 -23.83 -34.09 -11.41
CA ASN EA 365 -25.01 -34.49 -10.65
C ASN EA 365 -26.19 -34.76 -11.58
N LYS EA 366 -26.49 -33.88 -12.52
CA LYS EA 366 -27.60 -34.12 -13.45
C LYS EA 366 -27.37 -35.39 -14.25
N ILE EA 367 -26.22 -35.52 -14.90
CA ILE EA 367 -25.97 -36.64 -15.82
C ILE EA 367 -25.98 -38.00 -15.11
N PHE EA 368 -25.53 -38.08 -13.86
CA PHE EA 368 -25.64 -39.32 -13.08
C PHE EA 368 -27.04 -39.49 -12.48
N GLY EA 369 -27.72 -38.42 -12.09
CA GLY EA 369 -29.10 -38.46 -11.63
C GLY EA 369 -30.04 -39.07 -12.66
N GLY EA 370 -29.84 -38.77 -13.94
CA GLY EA 370 -30.58 -39.42 -15.01
C GLY EA 370 -30.46 -40.95 -15.02
N ALA EA 371 -29.33 -41.52 -14.61
CA ALA EA 371 -29.18 -42.97 -14.49
C ALA EA 371 -29.80 -43.50 -13.19
N TRP EA 372 -29.59 -42.81 -12.06
CA TRP EA 372 -30.16 -43.23 -10.79
C TRP EA 372 -31.68 -43.23 -10.79
N GLU EA 373 -32.34 -42.33 -11.54
CA GLU EA 373 -33.76 -42.48 -11.81
C GLU EA 373 -34.07 -43.85 -12.41
N GLN EA 374 -33.42 -44.23 -13.50
CA GLN EA 374 -33.80 -45.45 -14.22
C GLN EA 374 -33.55 -46.69 -13.38
N ALA EA 375 -32.49 -46.69 -12.56
CA ALA EA 375 -32.24 -47.79 -11.65
C ALA EA 375 -33.41 -47.99 -10.68
N MET EA 376 -33.99 -46.90 -10.16
CA MET EA 376 -35.15 -47.01 -9.29
C MET EA 376 -36.42 -47.37 -10.03
N ARG EA 377 -36.61 -46.92 -11.28
CA ARG EA 377 -37.73 -47.39 -12.11
C ARG EA 377 -37.63 -48.90 -12.32
N LEU EA 378 -36.46 -49.44 -12.65
CA LEU EA 378 -36.27 -50.88 -12.75
C LEU EA 378 -36.51 -51.56 -11.42
N ALA EA 379 -35.95 -51.07 -10.31
CA ALA EA 379 -36.12 -51.71 -9.02
C ALA EA 379 -37.60 -51.80 -8.63
N TYR EA 380 -38.36 -50.74 -8.78
CA TYR EA 380 -39.79 -50.79 -8.48
C TYR EA 380 -40.52 -51.78 -9.37
N LYS EA 381 -40.28 -51.74 -10.69
CA LYS EA 381 -40.93 -52.65 -11.63
C LYS EA 381 -40.65 -54.10 -11.29
N MET EA 382 -39.43 -54.41 -10.87
CA MET EA 382 -39.05 -55.76 -10.45
C MET EA 382 -39.74 -56.18 -9.16
N VAL EA 383 -39.77 -55.32 -8.13
CA VAL EA 383 -40.30 -55.69 -6.81
C VAL EA 383 -41.82 -55.78 -6.82
N LYS EA 384 -42.51 -54.81 -7.41
CA LYS EA 384 -43.98 -54.74 -7.39
C LYS EA 384 -44.64 -55.49 -8.55
N GLY EA 385 -43.89 -55.87 -9.58
CA GLY EA 385 -44.33 -56.72 -10.69
C GLY EA 385 -45.22 -56.04 -11.73
N GLY EA 386 -46.18 -55.23 -11.32
CA GLY EA 386 -47.00 -54.43 -12.22
C GLY EA 386 -46.20 -53.33 -12.92
N ASP EA 387 -46.72 -52.81 -14.02
CA ASP EA 387 -46.16 -51.61 -14.67
C ASP EA 387 -46.26 -50.38 -13.74
N ILE EA 388 -45.27 -49.49 -13.82
CA ILE EA 388 -45.07 -48.48 -12.79
C ILE EA 388 -46.12 -47.36 -12.86
N PRO EA 389 -46.55 -46.78 -11.73
CA PRO EA 389 -47.38 -45.57 -11.73
C PRO EA 389 -46.71 -44.45 -12.52
N THR EA 390 -47.48 -43.71 -13.30
CA THR EA 390 -46.90 -42.84 -14.33
C THR EA 390 -46.07 -41.67 -13.79
N GLU EA 391 -46.21 -41.34 -12.50
CA GLU EA 391 -45.41 -40.33 -11.85
C GLU EA 391 -43.94 -40.73 -11.69
N TYR EA 392 -43.61 -42.03 -11.68
CA TYR EA 392 -42.21 -42.45 -11.69
C TYR EA 392 -41.48 -42.10 -12.98
N TYR EA 393 -42.17 -41.96 -14.11
CA TYR EA 393 -41.54 -41.40 -15.32
C TYR EA 393 -41.20 -39.92 -15.17
N ARG EA 394 -41.71 -39.25 -14.13
CA ARG EA 394 -41.49 -37.82 -13.85
C ARG EA 394 -40.66 -37.58 -12.58
N MET EA 395 -40.03 -38.64 -12.06
CA MET EA 395 -39.16 -38.60 -10.90
C MET EA 395 -37.94 -37.69 -11.11
N GLU EA 396 -37.39 -37.14 -10.04
CA GLU EA 396 -36.21 -36.28 -10.04
C GLU EA 396 -35.32 -36.58 -8.83
N THR EA 397 -34.03 -36.84 -9.03
CA THR EA 397 -33.08 -37.01 -7.92
C THR EA 397 -32.72 -35.66 -7.32
N VAL EA 398 -32.61 -35.56 -6.00
CA VAL EA 398 -32.21 -34.34 -5.31
C VAL EA 398 -30.80 -34.50 -4.72
N TRP EA 399 -29.90 -33.57 -5.07
CA TRP EA 399 -28.48 -33.64 -4.74
C TRP EA 399 -28.07 -32.52 -3.79
N ARG EA 400 -27.18 -32.80 -2.84
CA ARG EA 400 -26.67 -31.80 -1.92
C ARG EA 400 -25.90 -30.71 -2.68
N ASP EA 401 -26.13 -29.45 -2.34
CA ASP EA 401 -25.44 -28.29 -2.91
C ASP EA 401 -23.91 -28.46 -2.79
N PRO EA 402 -23.15 -28.40 -3.90
CA PRO EA 402 -21.73 -28.68 -3.87
C PRO EA 402 -20.88 -27.51 -3.38
N SER EA 403 -21.44 -26.32 -3.19
CA SER EA 403 -20.67 -25.18 -2.69
C SER EA 403 -20.24 -25.39 -1.23
N THR EA 404 -19.08 -24.87 -0.84
CA THR EA 404 -18.62 -24.93 0.56
C THR EA 404 -19.59 -24.20 1.48
N PRO EA 405 -19.90 -24.70 2.69
CA PRO EA 405 -21.09 -24.30 3.43
C PRO EA 405 -21.36 -22.80 3.61
N THR EA 406 -20.39 -22.01 4.09
CA THR EA 406 -20.59 -20.58 4.42
C THR EA 406 -21.80 -20.33 5.34
N TYR EA 407 -22.02 -21.20 6.32
CA TYR EA 407 -23.25 -21.26 7.13
C TYR EA 407 -23.72 -19.91 7.66
N ALA EA 408 -22.82 -19.11 8.26
CA ALA EA 408 -23.20 -17.82 8.84
C ALA EA 408 -23.71 -16.78 7.83
N ALA EA 409 -23.28 -16.82 6.57
CA ALA EA 409 -23.78 -15.91 5.54
C ALA EA 409 -25.22 -16.26 5.13
N LYS EA 410 -25.50 -17.54 4.94
CA LYS EA 410 -26.88 -18.03 4.69
C LYS EA 410 -27.78 -17.81 5.90
N ALA EA 411 -27.25 -17.97 7.10
CA ALA EA 411 -28.01 -17.87 8.33
C ALA EA 411 -28.61 -16.48 8.54
N ASP EA 412 -27.80 -15.45 8.41
CA ASP EA 412 -28.28 -14.09 8.57
C ASP EA 412 -29.31 -13.76 7.48
N ALA EA 413 -29.03 -14.13 6.23
CA ALA EA 413 -29.94 -13.96 5.10
C ALA EA 413 -31.30 -14.64 5.30
N ALA EA 414 -31.34 -15.91 5.72
CA ALA EA 414 -32.58 -16.63 5.94
C ALA EA 414 -33.40 -16.01 7.06
N ALA EA 415 -32.80 -15.71 8.21
CA ALA EA 415 -33.52 -15.06 9.30
C ALA EA 415 -34.08 -13.70 8.87
N LYS EA 416 -33.34 -12.93 8.06
CA LYS EA 416 -33.81 -11.62 7.56
C LYS EA 416 -35.03 -11.76 6.64
N LEU EA 417 -35.10 -12.83 5.84
CA LEU EA 417 -36.25 -13.09 4.99
C LEU EA 417 -37.46 -13.58 5.77
N PHE EA 418 -37.30 -14.48 6.73
CA PHE EA 418 -38.43 -15.08 7.44
C PHE EA 418 -39.08 -14.16 8.48
N ALA EA 419 -38.31 -13.28 9.14
CA ALA EA 419 -38.80 -12.23 10.02
C ALA EA 419 -39.86 -12.67 11.05
N ASN EA 420 -39.59 -13.74 11.79
CA ASN EA 420 -40.50 -14.31 12.78
C ASN EA 420 -41.89 -14.64 12.21
N GLY EA 421 -41.96 -15.09 10.96
CA GLY EA 421 -43.19 -15.47 10.27
C GLY EA 421 -43.88 -14.33 9.54
N ALA EA 422 -43.56 -13.07 9.85
CA ALA EA 422 -44.12 -11.91 9.15
C ALA EA 422 -43.42 -11.64 7.80
N GLY EA 423 -42.47 -12.46 7.41
CA GLY EA 423 -41.54 -12.20 6.31
C GLY EA 423 -41.99 -12.68 4.94
N LEU EA 424 -41.04 -12.72 4.00
CA LEU EA 424 -41.29 -12.97 2.59
C LEU EA 424 -41.62 -14.43 2.26
N ILE EA 425 -41.02 -15.41 2.93
CA ILE EA 425 -41.07 -16.83 2.55
C ILE EA 425 -41.66 -17.72 3.64
N PRO EA 426 -42.31 -18.84 3.28
CA PRO EA 426 -42.83 -19.78 4.26
C PRO EA 426 -41.71 -20.45 5.02
N ARG EA 427 -41.94 -20.86 6.27
CA ARG EA 427 -40.88 -21.43 7.13
C ARG EA 427 -40.16 -22.56 6.40
N GLU EA 428 -40.91 -23.44 5.75
CA GLU EA 428 -40.36 -24.59 5.05
C GLU EA 428 -39.31 -24.21 4.01
N ARG EA 429 -39.53 -23.15 3.23
CA ARG EA 429 -38.53 -22.69 2.26
C ARG EA 429 -37.31 -22.15 2.97
N GLY EA 430 -37.48 -21.52 4.12
CA GLY EA 430 -36.37 -21.12 4.96
C GLY EA 430 -35.44 -22.31 5.24
N TRP EA 431 -35.98 -23.46 5.60
CA TRP EA 431 -35.18 -24.67 5.80
C TRP EA 431 -34.50 -25.12 4.51
N VAL EA 432 -35.20 -25.12 3.37
CA VAL EA 432 -34.59 -25.53 2.11
C VAL EA 432 -33.41 -24.64 1.76
N ASP EA 433 -33.57 -23.31 1.80
CA ASP EA 433 -32.48 -22.39 1.47
C ASP EA 433 -31.33 -22.47 2.48
N MET EA 434 -31.63 -22.76 3.74
CA MET EA 434 -30.60 -22.98 4.74
C MET EA 434 -29.86 -24.31 4.52
N GLY EA 435 -30.36 -25.18 3.65
CA GLY EA 435 -29.62 -26.32 3.11
C GLY EA 435 -29.74 -27.63 3.89
N TYR EA 436 -30.71 -27.77 4.79
CA TYR EA 436 -30.98 -29.04 5.45
C TYR EA 436 -31.53 -30.07 4.45
N THR EA 437 -31.16 -31.35 4.58
CA THR EA 437 -31.59 -32.42 3.65
C THR EA 437 -33.08 -32.73 3.74
N ILE EA 438 -33.64 -33.50 2.82
CA ILE EA 438 -35.06 -33.89 2.92
C ILE EA 438 -35.33 -34.70 4.20
N VAL EA 439 -34.40 -35.53 4.65
CA VAL EA 439 -34.54 -36.27 5.90
C VAL EA 439 -34.47 -35.33 7.10
N GLU EA 440 -33.54 -34.37 7.10
CA GLU EA 440 -33.48 -33.38 8.17
C GLU EA 440 -34.74 -32.53 8.22
N ARG EA 441 -35.32 -32.20 7.07
CA ARG EA 441 -36.56 -31.41 6.99
C ARG EA 441 -37.71 -32.14 7.64
N GLU EA 442 -37.92 -33.41 7.32
CA GLU EA 442 -39.05 -34.20 7.82
C GLU EA 442 -38.85 -34.64 9.28
N GLN EA 443 -37.61 -34.78 9.75
CA GLN EA 443 -37.27 -34.92 11.16
C GLN EA 443 -37.54 -33.62 11.91
N MET EA 444 -37.05 -32.49 11.40
CA MET EA 444 -37.14 -31.20 12.07
C MET EA 444 -38.58 -30.75 12.26
N ARG EA 445 -39.51 -31.16 11.40
CA ARG EA 445 -40.93 -30.92 11.63
C ARG EA 445 -41.40 -31.48 12.96
N GLN EA 446 -40.93 -32.65 13.38
CA GLN EA 446 -41.35 -33.27 14.63
C GLN EA 446 -40.98 -32.40 15.83
N TRP EA 447 -39.76 -31.87 15.86
CA TRP EA 447 -39.33 -30.99 16.93
C TRP EA 447 -40.14 -29.69 16.96
N LEU EA 448 -40.57 -29.18 15.81
CA LEU EA 448 -41.40 -27.99 15.78
C LEU EA 448 -42.75 -28.27 16.43
N GLU EA 449 -43.35 -29.44 16.20
CA GLU EA 449 -44.59 -29.83 16.88
C GLU EA 449 -44.38 -30.02 18.37
N GLN EA 450 -43.27 -30.63 18.82
CA GLN EA 450 -42.94 -30.67 20.24
C GLN EA 450 -42.87 -29.27 20.86
N ASP EA 451 -42.15 -28.33 20.23
CA ASP EA 451 -42.04 -26.96 20.74
C ASP EA 451 -43.39 -26.24 20.77
N GLN EA 452 -44.19 -26.31 19.71
CA GLN EA 452 -45.52 -25.66 19.72
C GLN EA 452 -46.49 -26.32 20.70
N LYS EA 453 -46.39 -27.63 20.91
CA LYS EA 453 -47.24 -28.36 21.88
C LYS EA 453 -46.92 -27.98 23.32
N GLN EA 454 -45.66 -27.66 23.63
CA GLN EA 454 -45.27 -27.09 24.91
C GLN EA 454 -45.65 -25.61 25.02
N GLY EA 455 -45.58 -24.87 23.92
CA GLY EA 455 -45.96 -23.44 23.82
C GLY EA 455 -44.78 -22.49 23.89
N SER FA 6 -43.95 -34.48 -56.95
CA SER FA 6 -43.46 -35.52 -56.04
C SER FA 6 -41.97 -35.78 -56.27
N ILE FA 7 -41.31 -36.49 -55.35
CA ILE FA 7 -39.90 -36.91 -55.46
C ILE FA 7 -39.77 -38.36 -54.98
N ASP FA 8 -38.92 -39.15 -55.65
CA ASP FA 8 -38.62 -40.54 -55.32
C ASP FA 8 -37.97 -40.69 -53.93
N PRO FA 9 -38.58 -41.38 -52.96
CA PRO FA 9 -38.05 -41.47 -51.60
C PRO FA 9 -36.81 -42.36 -51.49
N GLU FA 10 -36.64 -43.37 -52.34
CA GLU FA 10 -35.39 -44.12 -52.38
C GLU FA 10 -34.28 -43.30 -53.04
N LYS FA 11 -34.60 -42.38 -53.95
CA LYS FA 11 -33.62 -41.40 -54.41
C LYS FA 11 -33.27 -40.45 -53.28
N LEU FA 12 -34.26 -39.88 -52.58
CA LEU FA 12 -34.00 -38.99 -51.45
C LEU FA 12 -33.14 -39.66 -50.40
N ARG FA 13 -33.40 -40.93 -50.07
CA ARG FA 13 -32.58 -41.71 -49.14
C ARG FA 13 -31.11 -41.62 -49.51
N ASP FA 14 -30.76 -42.02 -50.73
CA ASP FA 14 -29.36 -42.03 -51.14
C ASP FA 14 -28.80 -40.61 -51.28
N GLN FA 15 -29.58 -39.68 -51.85
CA GLN FA 15 -29.19 -38.31 -52.08
C GLN FA 15 -28.86 -37.57 -50.78
N LEU FA 16 -29.72 -37.68 -49.77
CA LEU FA 16 -29.49 -37.09 -48.47
C LEU FA 16 -28.39 -37.83 -47.72
N LEU FA 17 -28.28 -39.15 -47.86
CA LEU FA 17 -27.22 -39.89 -47.20
C LEU FA 17 -25.85 -39.46 -47.71
N ASP FA 18 -25.71 -39.21 -49.02
CA ASP FA 18 -24.48 -38.65 -49.57
C ASP FA 18 -24.26 -37.19 -49.19
N ALA FA 19 -25.32 -36.41 -48.98
CA ALA FA 19 -25.22 -35.05 -48.45
C ALA FA 19 -24.71 -35.03 -47.01
N PHE FA 20 -25.29 -35.85 -46.14
CA PHE FA 20 -24.83 -36.04 -44.78
C PHE FA 20 -23.39 -36.52 -44.74
N GLU FA 21 -23.06 -37.58 -45.47
CA GLU FA 21 -21.75 -38.22 -45.31
C GLU FA 21 -20.60 -37.34 -45.78
N ASN FA 22 -20.82 -36.44 -46.74
CA ASN FA 22 -19.78 -35.45 -47.03
C ASN FA 22 -19.71 -34.38 -45.94
N LYS FA 23 -20.83 -33.94 -45.38
CA LYS FA 23 -20.89 -32.89 -44.36
C LYS FA 23 -20.07 -33.23 -43.11
N GLN FA 24 -20.01 -34.49 -42.71
CA GLN FA 24 -19.26 -34.91 -41.52
C GLN FA 24 -17.80 -34.45 -41.52
N ASN FA 25 -17.16 -34.28 -42.69
CA ASN FA 25 -15.77 -33.86 -42.76
C ASN FA 25 -15.55 -32.46 -42.20
N GLU FA 26 -16.51 -31.53 -42.34
CA GLU FA 26 -16.40 -30.24 -41.66
C GLU FA 26 -16.40 -30.47 -40.16
N LEU FA 27 -17.30 -31.30 -39.65
CA LEU FA 27 -17.51 -31.46 -38.23
C LEU FA 27 -16.27 -32.01 -37.52
N LYS FA 28 -15.50 -32.90 -38.17
CA LYS FA 28 -14.23 -33.42 -37.61
C LYS FA 28 -13.23 -32.29 -37.34
N SER FA 29 -13.20 -31.25 -38.15
CA SER FA 29 -12.33 -30.08 -37.93
C SER FA 29 -12.72 -29.23 -36.72
N SER FA 30 -13.96 -29.32 -36.23
CA SER FA 30 -14.40 -28.68 -34.99
C SER FA 30 -14.27 -29.58 -33.79
N LYS FA 31 -14.58 -30.87 -33.94
CA LYS FA 31 -14.31 -31.87 -32.89
C LYS FA 31 -12.85 -31.81 -32.45
N ALA FA 32 -11.91 -31.71 -33.39
CA ALA FA 32 -10.48 -31.67 -33.11
C ALA FA 32 -9.97 -30.49 -32.28
N TYR FA 33 -10.81 -29.48 -31.99
CA TYR FA 33 -10.50 -28.46 -31.00
C TYR FA 33 -11.15 -28.75 -29.65
N TYR FA 34 -12.42 -29.17 -29.62
CA TYR FA 34 -13.12 -29.40 -28.35
C TYR FA 34 -12.59 -30.61 -27.58
N ASP FA 35 -12.13 -31.65 -28.28
CA ASP FA 35 -11.27 -32.66 -27.66
C ASP FA 35 -9.98 -32.75 -28.46
N ALA FA 36 -8.87 -32.94 -27.75
CA ALA FA 36 -7.57 -32.61 -28.29
C ALA FA 36 -7.02 -33.74 -29.19
N GLU FA 37 -7.37 -33.73 -30.46
CA GLU FA 37 -6.70 -34.52 -31.47
C GLU FA 37 -5.34 -33.91 -31.84
N ARG FA 38 -4.50 -34.64 -32.56
CA ARG FA 38 -3.24 -34.12 -33.12
C ARG FA 38 -3.51 -33.20 -34.31
N ARG FA 39 -3.86 -31.95 -34.05
CA ARG FA 39 -3.92 -30.90 -35.08
C ARG FA 39 -2.55 -30.74 -35.73
N PRO FA 40 -2.45 -30.61 -37.05
CA PRO FA 40 -1.15 -30.49 -37.71
C PRO FA 40 -0.49 -29.14 -37.44
N ASP FA 41 -1.27 -28.09 -37.27
CA ASP FA 41 -0.75 -26.75 -37.03
C ASP FA 41 -0.23 -26.51 -35.61
N ALA FA 42 -0.49 -27.39 -34.66
CA ALA FA 42 -0.07 -27.21 -33.28
C ALA FA 42 1.39 -27.56 -33.03
N ILE FA 43 2.04 -28.33 -33.91
CA ILE FA 43 3.37 -28.89 -33.66
C ILE FA 43 4.41 -27.78 -33.57
N GLY FA 44 5.13 -27.69 -32.44
CA GLY FA 44 6.16 -26.69 -32.23
C GLY FA 44 7.40 -26.98 -33.06
N LEU FA 45 7.74 -26.11 -34.00
CA LEU FA 45 8.68 -26.45 -35.06
C LEU FA 45 10.12 -26.62 -34.61
N ALA FA 46 10.52 -26.03 -33.49
CA ALA FA 46 11.90 -26.12 -33.02
C ALA FA 46 12.24 -27.51 -32.46
N VAL FA 47 11.26 -28.28 -32.00
CA VAL FA 47 11.47 -29.61 -31.43
C VAL FA 47 12.05 -30.55 -32.51
N PRO FA 48 13.13 -31.29 -32.26
CA PRO FA 48 13.75 -32.14 -33.28
C PRO FA 48 12.87 -33.34 -33.63
N LEU FA 49 13.02 -33.91 -34.82
CA LEU FA 49 12.01 -34.78 -35.42
C LEU FA 49 11.67 -36.03 -34.60
N ASP FA 50 12.62 -36.58 -33.86
CA ASP FA 50 12.40 -37.75 -33.02
C ASP FA 50 11.66 -37.42 -31.70
N MET FA 51 11.53 -36.15 -31.33
CA MET FA 51 10.74 -35.69 -30.20
C MET FA 51 9.38 -35.10 -30.59
N ARG FA 52 9.08 -34.92 -31.88
CA ARG FA 52 7.80 -34.37 -32.35
C ARG FA 52 6.59 -35.14 -31.86
N LYS FA 53 6.74 -36.40 -31.44
CA LYS FA 53 5.63 -37.19 -30.86
C LYS FA 53 5.13 -36.68 -29.51
N TYR FA 54 5.91 -35.88 -28.78
CA TYR FA 54 5.51 -35.35 -27.48
C TYR FA 54 4.58 -34.14 -27.65
N LEU FA 55 3.32 -34.40 -28.02
CA LEU FA 55 2.34 -33.36 -28.26
C LEU FA 55 2.01 -32.59 -26.98
N ALA FA 56 1.92 -31.27 -27.09
CA ALA FA 56 1.35 -30.41 -26.07
C ALA FA 56 -0.11 -30.09 -26.43
N HIS FA 57 -1.04 -30.27 -25.50
CA HIS FA 57 -2.45 -29.96 -25.67
C HIS FA 57 -2.89 -28.82 -24.77
N VAL FA 58 -3.89 -28.08 -25.20
CA VAL FA 58 -4.32 -26.81 -24.61
C VAL FA 58 -5.82 -26.74 -24.43
N GLY FA 59 -6.27 -26.21 -23.30
CA GLY FA 59 -7.66 -26.30 -22.88
C GLY FA 59 -8.58 -25.16 -23.25
N TYR FA 60 -8.13 -24.16 -24.01
CA TYR FA 60 -8.99 -23.00 -24.26
C TYR FA 60 -10.31 -23.35 -24.96
N PRO FA 61 -10.36 -24.15 -26.04
CA PRO FA 61 -11.63 -24.38 -26.73
C PRO FA 61 -12.63 -25.14 -25.87
N ARG FA 62 -12.16 -26.14 -25.13
CA ARG FA 62 -13.00 -26.92 -24.23
C ARG FA 62 -13.50 -26.05 -23.10
N THR FA 63 -12.64 -25.24 -22.51
CA THR FA 63 -13.02 -24.34 -21.42
C THR FA 63 -14.07 -23.34 -21.87
N TYR FA 64 -13.94 -22.78 -23.06
CA TYR FA 64 -14.90 -21.81 -23.55
C TYR FA 64 -16.26 -22.44 -23.87
N VAL FA 65 -16.29 -23.58 -24.55
CA VAL FA 65 -17.57 -24.28 -24.84
C VAL FA 65 -18.24 -24.74 -23.56
N ASP FA 66 -17.50 -25.27 -22.59
CA ASP FA 66 -18.09 -25.61 -21.31
C ASP FA 66 -18.66 -24.38 -20.63
N ALA FA 67 -17.88 -23.33 -20.40
CA ALA FA 67 -18.32 -22.21 -19.58
C ALA FA 67 -19.61 -21.54 -20.10
N ILE FA 68 -19.87 -21.54 -21.40
CA ILE FA 68 -21.17 -21.11 -21.93
C ILE FA 68 -22.24 -22.16 -21.63
N ALA FA 69 -22.12 -23.36 -22.20
CA ALA FA 69 -23.21 -24.34 -22.19
C ALA FA 69 -23.52 -24.88 -20.79
N GLU FA 70 -22.61 -24.69 -19.85
CA GLU FA 70 -22.77 -25.02 -18.44
C GLU FA 70 -23.76 -24.08 -17.71
N ARG FA 71 -23.75 -22.78 -17.99
CA ARG FA 71 -24.61 -21.82 -17.30
C ARG FA 71 -26.08 -21.96 -17.67
N GLN FA 72 -26.40 -22.50 -18.84
CA GLN FA 72 -27.76 -22.58 -19.37
C GLN FA 72 -28.61 -23.66 -18.70
N GLU FA 73 -29.80 -23.29 -18.24
CA GLU FA 73 -30.80 -24.22 -17.73
C GLU FA 73 -32.20 -23.62 -17.91
N LEU FA 74 -33.18 -24.46 -18.22
CA LEU FA 74 -34.56 -24.04 -18.45
C LEU FA 74 -35.37 -24.21 -17.17
N GLU FA 75 -36.08 -23.17 -16.72
CA GLU FA 75 -36.98 -23.24 -15.57
C GLU FA 75 -38.38 -23.76 -15.93
N GLY FA 76 -38.88 -23.39 -17.11
CA GLY FA 76 -40.25 -23.69 -17.52
C GLY FA 76 -40.69 -22.88 -18.72
N PHE FA 77 -41.92 -23.10 -19.16
CA PHE FA 77 -42.53 -22.39 -20.27
C PHE FA 77 -43.58 -21.41 -19.78
N ARG FA 78 -43.55 -20.18 -20.28
CA ARG FA 78 -44.57 -19.16 -20.01
C ARG FA 78 -45.44 -19.04 -21.24
N ILE FA 79 -46.74 -19.30 -21.12
CA ILE FA 79 -47.72 -19.05 -22.18
C ILE FA 79 -48.59 -17.88 -21.72
N PRO FA 80 -48.80 -16.84 -22.53
CA PRO FA 80 -49.56 -15.68 -22.10
C PRO FA 80 -51.03 -16.01 -21.84
N SER FA 81 -51.66 -15.19 -21.00
CA SER FA 81 -52.95 -15.53 -20.39
C SER FA 81 -54.11 -15.57 -21.39
N ALA FA 82 -55.10 -16.43 -21.11
CA ALA FA 82 -56.30 -16.62 -21.91
C ALA FA 82 -57.35 -15.49 -21.70
N ASN FA 83 -58.56 -15.66 -22.25
CA ASN FA 83 -59.66 -14.69 -22.20
C ASN FA 83 -59.93 -14.12 -20.80
N GLY FA 84 -60.04 -12.79 -20.71
CA GLY FA 84 -60.18 -12.04 -19.45
C GLY FA 84 -58.83 -11.73 -18.79
N GLU FA 85 -57.74 -12.33 -19.27
CA GLU FA 85 -56.37 -11.95 -18.98
C GLU FA 85 -56.01 -12.04 -17.48
N GLU FA 86 -56.38 -13.17 -16.86
CA GLU FA 86 -56.02 -13.54 -15.49
C GLU FA 86 -54.48 -13.51 -15.27
N PRO FA 87 -53.97 -13.33 -14.03
CA PRO FA 87 -52.53 -13.26 -13.78
C PRO FA 87 -51.82 -14.58 -14.16
N GLU FA 88 -52.44 -15.70 -13.81
CA GLU FA 88 -52.10 -17.04 -14.30
C GLU FA 88 -53.36 -17.91 -14.25
N SER FA 89 -53.44 -18.92 -15.11
CA SER FA 89 -54.47 -19.97 -15.07
C SER FA 89 -54.08 -21.14 -14.15
N GLY FA 90 -53.23 -20.86 -13.15
CA GLY FA 90 -52.48 -21.85 -12.35
C GLY FA 90 -53.32 -22.93 -11.66
N GLY FA 91 -52.72 -24.11 -11.47
CA GLY FA 91 -53.32 -25.29 -10.84
C GLY FA 91 -54.31 -26.06 -11.72
N GLU FA 92 -55.11 -25.37 -12.53
CA GLU FA 92 -56.12 -25.95 -13.43
C GLU FA 92 -55.52 -26.45 -14.75
N ASN FA 93 -54.49 -27.31 -14.66
CA ASN FA 93 -53.77 -27.93 -15.78
C ASN FA 93 -53.39 -26.94 -16.91
N ASP FA 94 -52.89 -25.77 -16.53
CA ASP FA 94 -52.51 -24.71 -17.47
C ASP FA 94 -51.51 -25.20 -18.54
N PRO FA 95 -51.48 -24.56 -19.71
CA PRO FA 95 -50.57 -24.97 -20.77
C PRO FA 95 -49.10 -24.91 -20.32
N ALA FA 96 -48.76 -24.04 -19.38
CA ALA FA 96 -47.42 -24.04 -18.80
C ALA FA 96 -47.09 -25.37 -18.11
N SER FA 97 -47.95 -25.89 -17.24
CA SER FA 97 -47.70 -27.17 -16.60
C SER FA 97 -47.83 -28.34 -17.58
N GLU FA 98 -48.68 -28.25 -18.60
CA GLU FA 98 -48.74 -29.30 -19.61
C GLU FA 98 -47.42 -29.42 -20.39
N LEU FA 99 -46.89 -28.33 -20.95
CA LEU FA 99 -45.62 -28.40 -21.67
C LEU FA 99 -44.48 -28.82 -20.75
N TRP FA 100 -44.48 -28.37 -19.51
CA TRP FA 100 -43.46 -28.77 -18.56
C TRP FA 100 -43.58 -30.23 -18.16
N ASP FA 101 -44.78 -30.81 -18.21
CA ASP FA 101 -44.93 -32.24 -17.93
C ASP FA 101 -44.18 -33.08 -18.97
N TRP FA 102 -44.36 -32.79 -20.25
CA TRP FA 102 -43.66 -33.52 -21.30
C TRP FA 102 -42.15 -33.32 -21.21
N TRP FA 103 -41.70 -32.14 -20.81
CA TRP FA 103 -40.28 -31.87 -20.60
C TRP FA 103 -39.69 -32.73 -19.50
N GLN FA 104 -40.37 -32.82 -18.36
CA GLN FA 104 -39.98 -33.70 -17.26
C GLN FA 104 -39.98 -35.17 -17.71
N ALA FA 105 -41.08 -35.64 -18.29
CA ALA FA 105 -41.27 -37.05 -18.60
C ALA FA 105 -40.26 -37.61 -19.62
N ASN FA 106 -39.69 -36.76 -20.47
CA ASN FA 106 -38.65 -37.14 -21.43
C ASN FA 106 -37.21 -36.99 -20.89
N ASN FA 107 -37.01 -36.53 -19.65
CA ASN FA 107 -35.70 -36.15 -19.11
C ASN FA 107 -34.96 -35.13 -20.01
N LEU FA 108 -35.68 -34.21 -20.65
CA LEU FA 108 -35.03 -33.19 -21.47
C LEU FA 108 -34.12 -32.26 -20.66
N ASP FA 109 -34.29 -32.18 -19.34
CA ASP FA 109 -33.34 -31.50 -18.47
C ASP FA 109 -31.95 -32.13 -18.49
N ILE FA 110 -31.82 -33.41 -18.84
CA ILE FA 110 -30.53 -34.05 -19.17
C ILE FA 110 -30.19 -33.87 -20.65
N GLU FA 111 -31.07 -34.28 -21.56
CA GLU FA 111 -30.70 -34.36 -22.97
C GLU FA 111 -30.46 -33.00 -23.62
N ALA FA 112 -31.13 -31.94 -23.17
CA ALA FA 112 -30.86 -30.59 -23.66
C ALA FA 112 -29.49 -30.10 -23.19
N THR FA 113 -29.09 -30.30 -21.94
CA THR FA 113 -27.79 -29.78 -21.48
C THR FA 113 -26.63 -30.47 -22.19
N LEU FA 114 -26.76 -31.74 -22.59
CA LEU FA 114 -25.81 -32.32 -23.53
C LEU FA 114 -25.96 -31.63 -24.89
N GLY FA 115 -27.15 -31.67 -25.50
CA GLY FA 115 -27.35 -31.26 -26.88
C GLY FA 115 -26.97 -29.82 -27.19
N HIS FA 116 -27.06 -28.91 -26.22
CA HIS FA 116 -26.54 -27.57 -26.39
C HIS FA 116 -25.02 -27.57 -26.59
N THR FA 117 -24.25 -28.43 -25.96
CA THR FA 117 -22.81 -28.51 -26.26
C THR FA 117 -22.57 -28.97 -27.69
N ASP FA 118 -23.32 -29.94 -28.21
CA ASP FA 118 -23.24 -30.31 -29.62
C ASP FA 118 -23.60 -29.12 -30.51
N ALA FA 119 -24.60 -28.34 -30.16
CA ALA FA 119 -24.96 -27.15 -30.92
C ALA FA 119 -23.86 -26.08 -30.88
N LEU FA 120 -23.11 -25.95 -29.80
CA LEU FA 120 -21.96 -25.04 -29.74
C LEU FA 120 -20.77 -25.56 -30.54
N ILE FA 121 -20.40 -26.83 -30.39
CA ILE FA 121 -19.18 -27.34 -31.03
C ILE FA 121 -19.37 -27.37 -32.54
N TYR FA 122 -20.47 -27.99 -33.00
CA TYR FA 122 -20.73 -28.23 -34.42
C TYR FA 122 -21.56 -27.15 -35.09
N GLY FA 123 -22.21 -26.29 -34.32
CA GLY FA 123 -23.08 -25.23 -34.82
C GLY FA 123 -24.54 -25.61 -34.99
N THR FA 124 -24.91 -26.88 -34.84
CA THR FA 124 -26.29 -27.34 -35.05
C THR FA 124 -26.59 -28.56 -34.20
N ALA FA 125 -27.83 -28.77 -33.80
CA ALA FA 125 -28.32 -30.02 -33.22
C ALA FA 125 -29.82 -30.14 -33.49
N TYR FA 126 -30.38 -31.33 -33.55
CA TYR FA 126 -31.72 -31.54 -34.11
C TYR FA 126 -32.69 -32.08 -33.09
N ILE FA 127 -33.84 -31.42 -32.93
CA ILE FA 127 -34.90 -31.84 -32.04
C ILE FA 127 -35.87 -32.68 -32.84
N THR FA 128 -36.01 -33.96 -32.54
CA THR FA 128 -36.98 -34.83 -33.20
C THR FA 128 -38.20 -34.98 -32.31
N ILE FA 129 -39.39 -34.76 -32.86
CA ILE FA 129 -40.65 -34.89 -32.12
C ILE FA 129 -41.43 -36.05 -32.70
N SER FA 130 -41.85 -37.01 -31.89
CA SER FA 130 -42.38 -38.27 -32.39
C SER FA 130 -43.44 -38.87 -31.47
N MET FA 131 -44.37 -39.63 -32.04
CA MET FA 131 -45.36 -40.33 -31.25
C MET FA 131 -44.71 -41.51 -30.52
N PRO FA 132 -45.09 -41.83 -29.27
CA PRO FA 132 -44.62 -43.02 -28.59
C PRO FA 132 -44.96 -44.28 -29.39
N ASP FA 133 -44.09 -45.28 -29.33
CA ASP FA 133 -44.30 -46.60 -29.93
C ASP FA 133 -44.00 -47.69 -28.90
N PRO FA 134 -44.97 -48.00 -28.00
CA PRO FA 134 -44.74 -48.88 -26.85
C PRO FA 134 -44.29 -50.28 -27.21
N GLU FA 135 -44.62 -50.74 -28.42
CA GLU FA 135 -44.18 -52.01 -28.98
C GLU FA 135 -42.70 -52.02 -29.41
N VAL FA 136 -42.00 -50.89 -29.32
CA VAL FA 136 -40.59 -50.75 -29.68
C VAL FA 136 -39.74 -50.20 -28.53
N ASP FA 137 -40.22 -49.18 -27.82
CA ASP FA 137 -39.58 -48.74 -26.57
C ASP FA 137 -40.53 -48.96 -25.38
N PHE FA 138 -40.13 -49.88 -24.51
CA PHE FA 138 -40.97 -50.44 -23.45
C PHE FA 138 -40.76 -49.77 -22.09
N ASP FA 139 -40.01 -48.66 -22.01
CA ASP FA 139 -39.82 -47.94 -20.74
C ASP FA 139 -39.95 -46.41 -20.85
N VAL FA 140 -41.09 -45.97 -21.37
CA VAL FA 140 -41.55 -44.58 -21.43
C VAL FA 140 -43.06 -44.51 -21.17
N ASP FA 141 -43.55 -43.39 -20.66
CA ASP FA 141 -44.98 -43.14 -20.51
C ASP FA 141 -45.65 -43.12 -21.89
N PRO FA 142 -46.56 -44.05 -22.22
CA PRO FA 142 -47.13 -44.16 -23.56
C PRO FA 142 -48.10 -43.03 -23.93
N GLU FA 143 -48.47 -42.16 -22.99
CA GLU FA 143 -49.39 -41.04 -23.27
C GLU FA 143 -48.67 -39.78 -23.80
N VAL FA 144 -47.34 -39.71 -23.67
CA VAL FA 144 -46.53 -38.49 -23.86
C VAL FA 144 -45.72 -38.52 -25.16
N PRO FA 145 -45.64 -37.43 -25.95
CA PRO FA 145 -44.84 -37.40 -27.16
C PRO FA 145 -43.36 -37.54 -26.84
N LEU FA 146 -42.67 -38.42 -27.55
CA LEU FA 146 -41.23 -38.62 -27.41
C LEU FA 146 -40.53 -37.50 -28.14
N ILE FA 147 -39.85 -36.65 -27.38
CA ILE FA 147 -38.99 -35.59 -27.91
C ILE FA 147 -37.55 -36.00 -27.59
N ARG FA 148 -36.71 -36.16 -28.60
CA ARG FA 148 -35.32 -36.61 -28.45
C ARG FA 148 -34.38 -35.76 -29.28
N VAL FA 149 -33.18 -35.51 -28.76
CA VAL FA 149 -32.21 -34.62 -29.40
C VAL FA 149 -31.14 -35.44 -30.10
N GLU FA 150 -30.88 -35.17 -31.37
CA GLU FA 150 -29.92 -35.89 -32.19
C GLU FA 150 -28.76 -34.98 -32.58
N PRO FA 151 -27.50 -35.41 -32.46
CA PRO FA 151 -26.37 -34.59 -32.86
C PRO FA 151 -26.25 -34.52 -34.38
N PRO FA 152 -25.52 -33.55 -34.93
CA PRO FA 152 -25.31 -33.43 -36.37
C PRO FA 152 -24.37 -34.50 -36.93
N THR FA 153 -23.74 -35.33 -36.08
CA THR FA 153 -23.08 -36.58 -36.46
C THR FA 153 -24.05 -37.76 -36.58
N ALA FA 154 -25.36 -37.52 -36.69
CA ALA FA 154 -26.35 -38.58 -36.80
C ALA FA 154 -27.60 -38.18 -37.59
N LEU FA 155 -27.97 -36.91 -37.58
CA LEU FA 155 -29.11 -36.39 -38.34
C LEU FA 155 -28.66 -35.22 -39.23
N TYR FA 156 -29.24 -35.10 -40.41
CA TYR FA 156 -29.01 -34.00 -41.33
C TYR FA 156 -30.29 -33.54 -42.00
N ALA FA 157 -30.46 -32.25 -42.25
CA ALA FA 157 -31.70 -31.70 -42.80
C ALA FA 157 -31.43 -30.65 -43.86
N GLU FA 158 -32.14 -30.70 -44.99
CA GLU FA 158 -32.14 -29.57 -45.93
C GLU FA 158 -33.10 -28.50 -45.41
N VAL FA 159 -32.63 -27.26 -45.30
CA VAL FA 159 -33.44 -26.11 -44.89
C VAL FA 159 -33.78 -25.28 -46.12
N ASP FA 160 -35.05 -24.94 -46.32
CA ASP FA 160 -35.44 -23.98 -47.36
C ASP FA 160 -34.90 -22.59 -47.01
N PRO FA 161 -34.03 -21.97 -47.83
CA PRO FA 161 -33.50 -20.66 -47.50
C PRO FA 161 -34.58 -19.55 -47.51
N ARG FA 162 -35.75 -19.78 -48.13
CA ARG FA 162 -36.85 -18.80 -48.18
C ARG FA 162 -37.70 -18.79 -46.91
N THR FA 163 -38.32 -19.91 -46.56
CA THR FA 163 -39.22 -20.01 -45.39
C THR FA 163 -38.52 -20.45 -44.11
N ARG FA 164 -37.27 -20.91 -44.17
CA ARG FA 164 -36.53 -21.56 -43.06
C ARG FA 164 -37.14 -22.84 -42.50
N LYS FA 165 -38.24 -23.36 -43.05
CA LYS FA 165 -38.72 -24.70 -42.70
C LYS FA 165 -37.74 -25.75 -43.21
N VAL FA 166 -37.64 -26.88 -42.55
CA VAL FA 166 -36.95 -28.06 -43.11
C VAL FA 166 -37.75 -28.58 -44.29
N LEU FA 167 -37.09 -28.89 -45.41
CA LEU FA 167 -37.74 -29.50 -46.58
C LEU FA 167 -37.84 -31.01 -46.45
N TYR FA 168 -36.76 -31.64 -45.98
CA TYR FA 168 -36.71 -33.05 -45.59
C TYR FA 168 -35.43 -33.28 -44.80
N ALA FA 169 -35.35 -34.38 -44.06
CA ALA FA 169 -34.18 -34.70 -43.25
C ALA FA 169 -33.96 -36.21 -43.16
N ILE FA 170 -32.71 -36.63 -42.99
CA ILE FA 170 -32.35 -38.04 -42.88
C ILE FA 170 -31.57 -38.25 -41.60
N ARG FA 171 -31.70 -39.43 -41.03
CA ARG FA 171 -30.96 -39.88 -39.87
C ARG FA 171 -30.31 -41.20 -40.20
N ALA FA 172 -29.08 -41.43 -39.76
CA ALA FA 172 -28.34 -42.66 -40.01
C ALA FA 172 -27.48 -43.02 -38.81
N ILE FA 173 -27.21 -44.30 -38.59
CA ILE FA 173 -26.39 -44.75 -37.48
C ILE FA 173 -25.61 -46.01 -37.83
N TYR FA 174 -24.47 -46.24 -37.18
CA TYR FA 174 -23.53 -47.32 -37.49
C TYR FA 174 -23.47 -48.34 -36.36
N GLY FA 175 -23.52 -49.64 -36.67
CA GLY FA 175 -23.67 -50.72 -35.69
C GLY FA 175 -22.48 -51.64 -35.51
N ALA FA 176 -21.33 -51.29 -36.10
CA ALA FA 176 -20.14 -52.12 -36.15
C ALA FA 176 -18.86 -51.28 -36.18
N ASP FA 177 -17.74 -51.88 -35.81
CA ASP FA 177 -16.45 -51.17 -35.71
C ASP FA 177 -15.94 -50.70 -37.08
N GLY FA 178 -16.30 -51.41 -38.16
CA GLY FA 178 -16.09 -50.94 -39.53
C GLY FA 178 -16.93 -49.73 -39.93
N ASN FA 179 -17.88 -49.32 -39.09
CA ASN FA 179 -18.77 -48.20 -39.30
C ASN FA 179 -19.58 -48.30 -40.60
N GLU FA 180 -20.10 -49.49 -40.86
CA GLU FA 180 -21.20 -49.73 -41.78
C GLU FA 180 -22.53 -49.20 -41.18
N ILE FA 181 -23.42 -48.65 -41.99
CA ILE FA 181 -24.73 -48.17 -41.49
C ILE FA 181 -25.58 -49.37 -41.06
N VAL FA 182 -26.09 -49.37 -39.82
CA VAL FA 182 -27.01 -50.41 -39.33
C VAL FA 182 -28.47 -50.06 -39.57
N SER FA 183 -28.83 -48.77 -39.65
CA SER FA 183 -30.16 -48.34 -40.13
C SER FA 183 -30.18 -46.86 -40.52
N ALA FA 184 -31.16 -46.48 -41.32
CA ALA FA 184 -31.41 -45.10 -41.71
C ALA FA 184 -32.90 -44.78 -41.72
N THR FA 185 -33.25 -43.52 -41.48
CA THR FA 185 -34.63 -43.03 -41.37
C THR FA 185 -34.77 -41.73 -42.11
N LEU FA 186 -35.81 -41.58 -42.93
CA LEU FA 186 -36.12 -40.38 -43.68
C LEU FA 186 -37.35 -39.72 -43.06
N TYR FA 187 -37.29 -38.41 -42.82
CA TYR FA 187 -38.40 -37.60 -42.36
C TYR FA 187 -38.88 -36.71 -43.50
N LEU FA 188 -40.16 -36.78 -43.81
CA LEU FA 188 -40.81 -36.08 -44.92
C LEU FA 188 -41.99 -35.26 -44.39
N PRO FA 189 -42.45 -34.24 -45.13
CA PRO FA 189 -43.51 -33.35 -44.68
C PRO FA 189 -44.73 -34.04 -44.08
N ASP FA 190 -45.10 -35.24 -44.54
CA ASP FA 190 -46.31 -35.95 -44.10
C ASP FA 190 -46.05 -37.40 -43.64
N THR FA 191 -44.81 -37.85 -43.57
CA THR FA 191 -44.49 -39.25 -43.24
C THR FA 191 -43.07 -39.44 -42.73
N THR FA 192 -42.77 -40.58 -42.11
CA THR FA 192 -41.42 -41.05 -41.91
C THR FA 192 -41.28 -42.50 -42.37
N MET FA 193 -40.11 -42.84 -42.90
CA MET FA 193 -39.74 -44.16 -43.41
C MET FA 193 -38.45 -44.61 -42.77
N THR FA 194 -38.31 -45.88 -42.41
CA THR FA 194 -37.07 -46.45 -41.87
C THR FA 194 -36.71 -47.74 -42.58
N TRP FA 195 -35.47 -47.85 -43.02
CA TRP FA 195 -34.95 -49.11 -43.56
C TRP FA 195 -34.12 -49.80 -42.46
N LEU FA 196 -34.58 -50.98 -42.04
CA LEU FA 196 -34.13 -51.68 -40.83
C LEU FA 196 -32.70 -52.21 -40.90
N ARG FA 197 -32.12 -52.21 -42.09
CA ARG FA 197 -30.74 -52.55 -42.44
C ARG FA 197 -30.35 -51.72 -43.66
N ALA FA 198 -29.07 -51.44 -43.85
CA ALA FA 198 -28.63 -50.35 -44.72
C ALA FA 198 -27.24 -50.56 -45.34
N GLU FA 199 -26.93 -49.72 -46.32
CA GLU FA 199 -25.64 -49.67 -47.02
C GLU FA 199 -25.29 -50.98 -47.75
N GLY FA 200 -26.04 -51.26 -48.83
CA GLY FA 200 -26.23 -52.60 -49.36
C GLY FA 200 -27.24 -53.39 -48.53
N GLU FA 201 -27.79 -54.48 -49.08
CA GLU FA 201 -28.70 -55.40 -48.37
C GLU FA 201 -29.82 -54.72 -47.55
N TRP FA 202 -30.38 -53.63 -48.10
CA TRP FA 202 -31.43 -52.84 -47.47
C TRP FA 202 -32.68 -53.67 -47.18
N GLU FA 203 -33.27 -53.46 -46.00
CA GLU FA 203 -34.58 -54.02 -45.65
C GLU FA 203 -35.74 -53.18 -46.21
N ALA FA 204 -36.97 -53.70 -46.12
CA ALA FA 204 -38.17 -52.97 -46.53
C ALA FA 204 -38.43 -51.71 -45.68
N PRO FA 205 -39.00 -50.63 -46.25
CA PRO FA 205 -39.27 -49.40 -45.53
C PRO FA 205 -40.44 -49.53 -44.55
N THR FA 206 -40.14 -49.70 -43.27
CA THR FA 206 -41.11 -49.52 -42.18
C THR FA 206 -41.62 -48.09 -42.23
N SER FA 207 -42.91 -47.90 -42.40
CA SER FA 207 -43.51 -46.61 -42.78
C SER FA 207 -44.51 -46.10 -41.75
N THR FA 208 -44.64 -44.79 -41.62
CA THR FA 208 -45.62 -44.14 -40.72
C THR FA 208 -46.04 -42.78 -41.29
N PRO FA 209 -47.32 -42.54 -41.58
CA PRO FA 209 -47.80 -41.21 -41.90
C PRO FA 209 -47.97 -40.38 -40.63
N HIS FA 210 -47.99 -39.05 -40.73
CA HIS FA 210 -48.32 -38.16 -39.62
C HIS FA 210 -49.18 -36.99 -40.08
N GLY FA 211 -49.92 -36.36 -39.18
CA GLY FA 211 -50.94 -35.38 -39.56
C GLY FA 211 -50.41 -34.02 -40.04
N LEU FA 212 -49.17 -33.68 -39.68
CA LEU FA 212 -48.58 -32.38 -39.92
C LEU FA 212 -48.39 -32.08 -41.40
N GLU FA 213 -48.31 -30.79 -41.76
CA GLU FA 213 -47.69 -30.34 -43.01
C GLU FA 213 -46.16 -30.25 -42.89
N MET FA 214 -45.65 -30.35 -41.66
CA MET FA 214 -44.32 -29.96 -41.25
C MET FA 214 -43.43 -31.18 -41.04
N VAL FA 215 -42.18 -31.11 -41.49
CA VAL FA 215 -41.22 -32.18 -41.21
C VAL FA 215 -40.98 -32.23 -39.69
N PRO FA 216 -41.06 -33.39 -39.03
CA PRO FA 216 -41.05 -33.52 -37.57
C PRO FA 216 -39.66 -33.40 -36.94
N VAL FA 217 -38.79 -32.57 -37.49
CA VAL FA 217 -37.50 -32.23 -36.90
C VAL FA 217 -37.27 -30.73 -36.91
N ILE FA 218 -36.86 -30.18 -35.78
CA ILE FA 218 -36.62 -28.76 -35.59
C ILE FA 218 -35.14 -28.54 -35.26
N PRO FA 219 -34.38 -27.75 -36.02
CA PRO FA 219 -32.97 -27.52 -35.76
C PRO FA 219 -32.76 -26.48 -34.68
N ILE FA 220 -32.03 -26.80 -33.61
CA ILE FA 220 -31.26 -25.81 -32.86
C ILE FA 220 -30.11 -25.41 -33.75
N SER FA 221 -29.87 -24.12 -33.97
CA SER FA 221 -28.66 -23.67 -34.67
C SER FA 221 -28.04 -22.46 -34.00
N ASN FA 222 -26.72 -22.47 -33.89
CA ASN FA 222 -25.97 -21.43 -33.21
C ASN FA 222 -25.77 -20.18 -34.09
N ARG FA 223 -26.86 -19.52 -34.51
CA ARG FA 223 -26.77 -18.31 -35.34
C ARG FA 223 -26.21 -17.14 -34.53
N THR FA 224 -25.47 -16.25 -35.18
CA THR FA 224 -24.91 -15.02 -34.59
C THR FA 224 -25.16 -13.75 -35.41
N ARG FA 225 -25.65 -13.90 -36.64
CA ARG FA 225 -26.10 -12.83 -37.54
C ARG FA 225 -27.34 -13.33 -38.29
N LEU FA 226 -28.08 -12.45 -38.95
CA LEU FA 226 -28.90 -12.86 -40.09
C LEU FA 226 -27.99 -13.21 -41.26
N SER FA 227 -28.51 -13.82 -42.32
CA SER FA 227 -27.69 -14.73 -43.16
C SER FA 227 -27.07 -15.79 -42.24
N ASP FA 228 -25.96 -16.43 -42.61
CA ASP FA 228 -25.25 -17.36 -41.71
C ASP FA 228 -26.17 -18.47 -41.17
N LEU FA 229 -27.19 -18.83 -41.95
CA LEU FA 229 -28.43 -19.36 -41.38
C LEU FA 229 -28.30 -20.78 -40.81
N TYR FA 230 -27.28 -21.53 -41.25
CA TYR FA 230 -26.98 -22.85 -40.72
C TYR FA 230 -26.30 -22.81 -39.35
N GLY FA 231 -25.90 -21.63 -38.89
CA GLY FA 231 -25.17 -21.45 -37.65
C GLY FA 231 -23.72 -21.91 -37.77
N THR FA 232 -22.94 -21.65 -36.73
CA THR FA 232 -21.49 -21.85 -36.76
C THR FA 232 -21.01 -22.54 -35.50
N SER FA 233 -19.83 -23.15 -35.55
CA SER FA 233 -19.15 -23.48 -34.31
C SER FA 233 -18.96 -22.23 -33.47
N GLU FA 234 -19.07 -22.34 -32.15
CA GLU FA 234 -18.72 -21.25 -31.26
C GLU FA 234 -17.21 -21.10 -31.13
N ILE FA 235 -16.42 -22.14 -31.49
CA ILE FA 235 -14.96 -22.14 -31.42
C ILE FA 235 -14.41 -21.34 -32.60
N SER FA 236 -14.56 -20.02 -32.53
CA SER FA 236 -14.32 -19.07 -33.63
C SER FA 236 -12.87 -19.07 -34.13
N PRO FA 237 -12.61 -18.69 -35.39
CA PRO FA 237 -11.27 -18.67 -35.97
C PRO FA 237 -10.22 -17.95 -35.13
N GLU FA 238 -10.58 -16.88 -34.42
CA GLU FA 238 -9.66 -16.23 -33.50
C GLU FA 238 -9.21 -17.17 -32.39
N LEU FA 239 -10.15 -17.77 -31.67
CA LEU FA 239 -9.81 -18.66 -30.57
C LEU FA 239 -9.07 -19.89 -31.05
N ARG FA 240 -9.37 -20.39 -32.25
CA ARG FA 240 -8.60 -21.47 -32.87
C ARG FA 240 -7.15 -21.05 -33.07
N SER FA 241 -6.89 -19.91 -33.69
CA SER FA 241 -5.51 -19.49 -33.93
C SER FA 241 -4.74 -19.22 -32.64
N VAL FA 242 -5.37 -18.69 -31.60
CA VAL FA 242 -4.70 -18.52 -30.31
C VAL FA 242 -4.45 -19.85 -29.63
N THR FA 243 -5.35 -20.81 -29.77
CA THR FA 243 -5.12 -22.17 -29.25
C THR FA 243 -3.91 -22.80 -29.90
N ASP FA 244 -3.83 -22.79 -31.23
CA ASP FA 244 -2.70 -23.37 -31.95
C ASP FA 244 -1.40 -22.62 -31.65
N ALA FA 245 -1.39 -21.29 -31.64
CA ALA FA 245 -0.19 -20.54 -31.30
C ALA FA 245 0.31 -20.87 -29.89
N ALA FA 246 -0.59 -20.99 -28.90
CA ALA FA 246 -0.17 -21.36 -27.56
C ALA FA 246 0.35 -22.79 -27.48
N ALA FA 247 -0.22 -23.74 -28.24
CA ALA FA 247 0.28 -25.10 -28.27
C ALA FA 247 1.71 -25.17 -28.83
N GLN FA 248 2.00 -24.46 -29.92
CA GLN FA 248 3.35 -24.41 -30.48
C GLN FA 248 4.35 -23.92 -29.45
N ILE FA 249 4.05 -22.84 -28.74
CA ILE FA 249 4.97 -22.30 -27.75
C ILE FA 249 5.15 -23.26 -26.58
N LEU FA 250 4.14 -24.03 -26.17
CA LEU FA 250 4.38 -25.09 -25.18
C LEU FA 250 5.34 -26.15 -25.71
N MET FA 251 5.19 -26.64 -26.94
CA MET FA 251 6.12 -27.66 -27.43
C MET FA 251 7.55 -27.14 -27.49
N ASN FA 252 7.80 -25.95 -28.03
CA ASN FA 252 9.16 -25.43 -28.07
C ASN FA 252 9.72 -25.23 -26.65
N MET FA 253 8.88 -24.84 -25.70
CA MET FA 253 9.29 -24.63 -24.31
C MET FA 253 9.60 -25.94 -23.61
N GLN FA 254 8.79 -26.98 -23.80
CA GLN FA 254 9.07 -28.31 -23.27
C GLN FA 254 10.33 -28.91 -23.91
N GLY FA 255 10.44 -28.88 -25.23
CA GLY FA 255 11.64 -29.36 -25.92
C GLY FA 255 12.89 -28.58 -25.52
N THR FA 256 12.76 -27.31 -25.13
CA THR FA 256 13.88 -26.55 -24.57
C THR FA 256 14.31 -27.15 -23.25
N ALA FA 257 13.38 -27.46 -22.35
CA ALA FA 257 13.73 -28.01 -21.05
C ALA FA 257 14.48 -29.35 -21.14
N ASN FA 258 14.15 -30.17 -22.12
CA ASN FA 258 14.83 -31.45 -22.36
C ASN FA 258 16.24 -31.31 -22.96
N LEU FA 259 16.66 -30.13 -23.42
CA LEU FA 259 17.86 -29.96 -24.24
C LEU FA 259 18.81 -28.86 -23.77
N MET FA 260 18.29 -27.77 -23.18
CA MET FA 260 19.07 -26.54 -22.97
C MET FA 260 18.85 -25.85 -21.63
N ALA FA 261 18.09 -26.41 -20.69
CA ALA FA 261 18.01 -25.85 -19.34
C ALA FA 261 19.36 -25.94 -18.59
N ILE FA 262 20.25 -26.82 -19.04
CA ILE FA 262 21.54 -27.11 -18.43
C ILE FA 262 22.66 -26.50 -19.29
N PRO FA 263 23.63 -25.77 -18.73
CA PRO FA 263 24.74 -25.24 -19.50
C PRO FA 263 25.65 -26.37 -19.97
N GLN FA 264 25.97 -26.45 -21.26
CA GLN FA 264 26.82 -27.50 -21.81
C GLN FA 264 28.30 -27.16 -21.59
N ARG FA 265 28.98 -27.91 -20.73
CA ARG FA 265 30.39 -27.71 -20.35
C ARG FA 265 31.33 -28.22 -21.46
N LEU FA 266 32.41 -27.50 -21.77
CA LEU FA 266 33.40 -27.85 -22.80
C LEU FA 266 34.84 -27.63 -22.30
N ILE FA 267 35.80 -28.32 -22.90
CA ILE FA 267 37.23 -28.06 -22.74
C ILE FA 267 37.90 -27.97 -24.11
N PHE FA 268 38.74 -26.96 -24.32
CA PHE FA 268 39.53 -26.80 -25.55
C PHE FA 268 41.01 -26.90 -25.25
N GLY FA 269 41.78 -27.47 -26.19
CA GLY FA 269 43.23 -27.56 -26.11
C GLY FA 269 43.76 -28.80 -25.41
N ALA FA 270 42.94 -29.83 -25.18
CA ALA FA 270 43.32 -31.06 -24.50
C ALA FA 270 43.25 -32.27 -25.43
N LYS FA 271 44.33 -33.04 -25.56
CA LYS FA 271 44.37 -34.29 -26.32
C LYS FA 271 43.60 -35.39 -25.58
N PRO FA 272 42.53 -35.99 -26.15
CA PRO FA 272 41.72 -36.99 -25.45
C PRO FA 272 42.50 -38.17 -24.86
N GLU FA 273 43.58 -38.59 -25.50
CA GLU FA 273 44.45 -39.64 -25.00
C GLU FA 273 45.28 -39.22 -23.77
N GLU FA 274 45.54 -37.93 -23.56
CA GLU FA 274 46.13 -37.43 -22.32
C GLU FA 274 45.10 -37.43 -21.19
N LEU FA 275 43.85 -37.11 -21.51
CA LEU FA 275 42.70 -37.22 -20.60
C LEU FA 275 42.29 -38.68 -20.29
N GLY FA 276 42.87 -39.67 -20.97
CA GLY FA 276 42.59 -41.08 -20.76
C GLY FA 276 41.26 -41.55 -21.36
N ILE FA 277 40.73 -40.87 -22.38
CA ILE FA 277 39.53 -41.34 -23.10
C ILE FA 277 39.81 -42.73 -23.66
N ASN FA 278 38.91 -43.68 -23.38
CA ASN FA 278 38.91 -44.96 -24.04
C ASN FA 278 38.47 -44.80 -25.50
N ALA FA 279 39.37 -45.04 -26.45
CA ALA FA 279 39.15 -44.67 -27.85
C ALA FA 279 37.99 -45.41 -28.52
N GLU FA 280 37.65 -46.61 -28.06
CA GLU FA 280 36.50 -47.37 -28.57
C GLU FA 280 35.17 -46.67 -28.25
N THR FA 281 34.98 -46.24 -27.00
CA THR FA 281 33.74 -45.61 -26.52
C THR FA 281 33.72 -44.10 -26.72
N GLY FA 282 34.90 -43.47 -26.87
CA GLY FA 282 35.04 -42.02 -26.88
C GLY FA 282 34.75 -41.35 -25.53
N GLN FA 283 34.78 -42.11 -24.42
CA GLN FA 283 34.31 -41.67 -23.11
C GLN FA 283 35.32 -41.97 -21.99
N ARG FA 284 35.22 -41.23 -20.89
CA ARG FA 284 35.99 -41.40 -19.65
C ARG FA 284 35.05 -41.22 -18.47
N MET FA 285 35.15 -42.05 -17.45
CA MET FA 285 34.29 -41.94 -16.27
C MET FA 285 34.83 -40.90 -15.28
N PHE FA 286 34.43 -39.65 -15.50
CA PHE FA 286 34.51 -38.57 -14.53
C PHE FA 286 34.00 -39.06 -13.17
N ASP FA 287 34.68 -38.72 -12.09
CA ASP FA 287 34.22 -39.04 -10.74
C ASP FA 287 33.37 -37.88 -10.18
N ALA FA 288 32.08 -38.10 -9.94
CA ALA FA 288 31.10 -37.01 -9.96
C ALA FA 288 30.88 -36.25 -8.64
N TYR FA 289 31.32 -36.78 -7.50
CA TYR FA 289 30.90 -36.28 -6.19
C TYR FA 289 31.28 -34.83 -5.92
N MET FA 290 30.57 -34.16 -5.01
CA MET FA 290 30.75 -32.74 -4.73
C MET FA 290 32.18 -32.39 -4.30
N ALA FA 291 32.63 -31.19 -4.64
CA ALA FA 291 33.94 -30.62 -4.29
C ALA FA 291 35.20 -31.39 -4.77
N ARG FA 292 35.10 -32.42 -5.62
CA ARG FA 292 36.24 -32.88 -6.43
C ARG FA 292 36.79 -31.71 -7.24
N ILE FA 293 38.11 -31.55 -7.28
CA ILE FA 293 38.79 -30.63 -8.20
C ILE FA 293 39.44 -31.47 -9.28
N LEU FA 294 39.16 -31.20 -10.56
CA LEU FA 294 39.83 -31.89 -11.66
C LEU FA 294 41.19 -31.25 -11.96
N ALA FA 295 42.20 -32.07 -12.19
CA ALA FA 295 43.53 -31.63 -12.60
C ALA FA 295 43.78 -31.94 -14.08
N PHE FA 296 44.25 -30.96 -14.84
CA PHE FA 296 44.65 -31.11 -16.23
C PHE FA 296 46.06 -30.57 -16.48
N GLU FA 297 46.77 -31.27 -17.35
CA GLU FA 297 48.00 -30.84 -17.98
C GLU FA 297 47.73 -29.71 -18.98
N GLY FA 298 48.71 -28.84 -19.24
CA GLY FA 298 48.48 -27.63 -20.03
C GLY FA 298 48.10 -27.85 -21.50
N GLY FA 299 48.44 -29.00 -22.10
CA GLY FA 299 48.09 -29.34 -23.47
C GLY FA 299 48.60 -28.29 -24.47
N GLU FA 300 47.69 -27.74 -25.28
CA GLU FA 300 47.93 -26.63 -26.22
C GLU FA 300 48.20 -25.25 -25.55
N GLY FA 301 48.03 -25.16 -24.22
CA GLY FA 301 47.64 -23.92 -23.54
C GLY FA 301 46.12 -23.89 -23.34
N ALA FA 302 45.58 -25.00 -22.85
CA ALA FA 302 44.16 -25.30 -22.74
C ALA FA 302 43.37 -24.38 -21.79
N HIS FA 303 42.06 -24.30 -21.99
CA HIS FA 303 41.12 -23.61 -21.08
C HIS FA 303 39.71 -24.20 -21.18
N ALA FA 304 38.90 -23.99 -20.15
CA ALA FA 304 37.51 -24.46 -20.11
C ALA FA 304 36.53 -23.34 -20.49
N GLU FA 305 35.41 -23.69 -21.10
CA GLU FA 305 34.30 -22.75 -21.30
C GLU FA 305 32.98 -23.50 -21.50
N GLN FA 306 31.84 -22.83 -21.28
CA GLN FA 306 30.51 -23.47 -21.34
C GLN FA 306 29.59 -22.72 -22.31
N PHE FA 307 28.73 -23.43 -23.03
CA PHE FA 307 27.55 -22.80 -23.62
C PHE FA 307 26.54 -22.51 -22.52
N SER FA 308 25.86 -21.37 -22.56
CA SER FA 308 24.87 -21.04 -21.54
C SER FA 308 23.65 -21.95 -21.63
N ALA FA 309 22.88 -22.02 -20.54
CA ALA FA 309 21.51 -22.47 -20.63
C ALA FA 309 20.68 -21.54 -21.54
N ALA FA 310 19.56 -22.04 -22.06
CA ALA FA 310 18.48 -21.18 -22.52
C ALA FA 310 17.69 -20.68 -21.31
N GLU FA 311 17.18 -19.46 -21.37
CA GLU FA 311 16.33 -18.92 -20.31
C GLU FA 311 14.88 -19.41 -20.51
N LEU FA 312 14.44 -20.48 -19.83
CA LEU FA 312 13.10 -21.05 -20.07
C LEU FA 312 12.01 -19.99 -19.90
N ARG FA 313 12.17 -19.08 -18.95
CA ARG FA 313 11.18 -18.01 -18.73
C ARG FA 313 11.00 -17.05 -19.90
N ASN FA 314 11.91 -17.01 -20.87
CA ASN FA 314 11.73 -16.24 -22.11
C ASN FA 314 10.61 -16.82 -23.00
N PHE FA 315 10.14 -18.05 -22.76
CA PHE FA 315 8.88 -18.54 -23.29
C PHE FA 315 7.72 -18.24 -22.36
N VAL FA 316 7.91 -18.36 -21.05
CA VAL FA 316 6.83 -18.16 -20.08
C VAL FA 316 6.28 -16.74 -20.14
N ASP FA 317 7.13 -15.72 -20.24
CA ASP FA 317 6.66 -14.35 -20.43
C ASP FA 317 6.13 -14.07 -21.85
N ALA FA 318 6.02 -15.09 -22.72
CA ALA FA 318 5.20 -15.06 -23.93
C ALA FA 318 3.87 -15.80 -23.76
N LEU FA 319 3.82 -16.95 -23.08
CA LEU FA 319 2.57 -17.61 -22.74
C LEU FA 319 1.67 -16.71 -21.90
N ASP FA 320 2.24 -15.93 -20.98
CA ASP FA 320 1.51 -14.93 -20.21
C ASP FA 320 0.91 -13.80 -21.09
N ALA FA 321 1.28 -13.69 -22.36
CA ALA FA 321 0.53 -12.88 -23.31
C ALA FA 321 -0.63 -13.65 -23.91
N LEU FA 322 -0.41 -14.88 -24.37
CA LEU FA 322 -1.44 -15.63 -25.06
C LEU FA 322 -2.62 -15.98 -24.17
N ASP FA 323 -2.44 -16.20 -22.86
CA ASP FA 323 -3.59 -16.30 -21.96
C ASP FA 323 -4.45 -15.04 -21.98
N ARG FA 324 -3.83 -13.86 -21.97
CA ARG FA 324 -4.56 -12.59 -21.97
C ARG FA 324 -5.24 -12.34 -23.31
N LYS FA 325 -4.64 -12.76 -24.43
CA LYS FA 325 -5.35 -12.78 -25.71
C LYS FA 325 -6.54 -13.72 -25.65
N ALA FA 326 -6.35 -14.97 -25.25
CA ALA FA 326 -7.43 -15.95 -25.20
C ALA FA 326 -8.58 -15.50 -24.30
N ALA FA 327 -8.30 -14.83 -23.18
CA ALA FA 327 -9.34 -14.23 -22.37
C ALA FA 327 -10.10 -13.17 -23.16
N SER FA 328 -9.41 -12.19 -23.77
CA SER FA 328 -10.10 -11.12 -24.48
C SER FA 328 -10.92 -11.61 -25.66
N TYR FA 329 -10.52 -12.65 -26.39
CA TYR FA 329 -11.28 -13.12 -27.56
C TYR FA 329 -12.46 -14.02 -27.18
N SER FA 330 -12.51 -14.54 -25.95
CA SER FA 330 -13.60 -15.40 -25.47
C SER FA 330 -14.57 -14.69 -24.52
N GLY FA 331 -14.11 -13.69 -23.77
CA GLY FA 331 -14.93 -13.02 -22.77
C GLY FA 331 -15.17 -13.82 -21.49
N LEU FA 332 -14.38 -14.85 -21.22
CA LEU FA 332 -14.38 -15.49 -19.89
C LEU FA 332 -13.92 -14.50 -18.80
N PRO FA 333 -14.38 -14.64 -17.56
CA PRO FA 333 -13.77 -13.95 -16.43
C PRO FA 333 -12.26 -14.14 -16.40
N PRO FA 334 -11.44 -13.12 -16.12
CA PRO FA 334 -9.98 -13.22 -16.20
C PRO FA 334 -9.36 -14.40 -15.45
N GLN FA 335 -9.94 -14.84 -14.34
CA GLN FA 335 -9.41 -15.95 -13.55
C GLN FA 335 -9.68 -17.33 -14.14
N TYR FA 336 -10.61 -17.52 -15.09
CA TYR FA 336 -10.83 -18.84 -15.69
C TYR FA 336 -9.63 -19.30 -16.50
N LEU FA 337 -8.97 -18.38 -17.19
CA LEU FA 337 -7.70 -18.65 -17.88
C LEU FA 337 -6.48 -18.26 -17.02
N SER FA 338 -6.65 -18.23 -15.70
CA SER FA 338 -5.59 -17.96 -14.70
C SER FA 338 -4.71 -16.74 -15.05
N SER FA 339 -5.33 -15.72 -15.65
CA SER FA 339 -4.68 -14.54 -16.23
C SER FA 339 -4.60 -13.33 -15.28
N SER FA 340 -4.86 -13.55 -13.98
CA SER FA 340 -4.83 -12.52 -12.94
C SER FA 340 -4.28 -13.06 -11.62
N SER FA 341 -3.46 -12.25 -10.95
CA SER FA 341 -3.11 -12.42 -9.53
C SER FA 341 -4.21 -11.90 -8.59
N ASP FA 342 -4.98 -10.89 -9.02
CA ASP FA 342 -6.16 -10.40 -8.33
C ASP FA 342 -7.33 -11.39 -8.48
N ASN FA 343 -8.26 -11.43 -7.52
CA ASN FA 343 -9.53 -12.16 -7.64
C ASN FA 343 -10.70 -11.40 -6.98
N PRO FA 344 -11.96 -11.66 -7.36
CA PRO FA 344 -13.08 -10.83 -6.95
C PRO FA 344 -13.34 -10.86 -5.43
N ALA FA 345 -13.15 -9.73 -4.76
CA ALA FA 345 -13.26 -9.65 -3.30
C ALA FA 345 -14.70 -9.50 -2.78
N SER FA 346 -15.62 -9.02 -3.62
CA SER FA 346 -16.93 -8.51 -3.22
C SER FA 346 -18.02 -8.93 -4.21
N ALA FA 347 -19.29 -8.84 -3.82
CA ALA FA 347 -20.40 -9.18 -4.70
C ALA FA 347 -20.40 -8.35 -5.99
N GLU FA 348 -20.10 -7.06 -5.91
CA GLU FA 348 -20.04 -6.21 -7.09
C GLU FA 348 -18.82 -6.53 -7.96
N ALA FA 349 -17.65 -6.83 -7.39
CA ALA FA 349 -16.51 -7.27 -8.18
C ALA FA 349 -16.82 -8.55 -8.96
N ILE FA 350 -17.56 -9.49 -8.36
CA ILE FA 350 -18.00 -10.70 -9.06
C ILE FA 350 -18.95 -10.33 -10.19
N LYS FA 351 -19.97 -9.52 -9.90
CA LYS FA 351 -20.98 -9.14 -10.89
C LYS FA 351 -20.37 -8.39 -12.08
N ALA FA 352 -19.31 -7.62 -11.86
CA ALA FA 352 -18.57 -6.96 -12.91
C ALA FA 352 -17.66 -7.92 -13.69
N ALA FA 353 -16.95 -8.80 -13.00
CA ALA FA 353 -15.95 -9.66 -13.61
C ALA FA 353 -16.55 -10.63 -14.64
N GLU FA 354 -17.74 -11.17 -14.41
CA GLU FA 354 -18.40 -12.03 -15.40
C GLU FA 354 -19.36 -11.29 -16.33
N SER FA 355 -19.36 -9.95 -16.36
CA SER FA 355 -20.34 -9.18 -17.14
C SER FA 355 -20.35 -9.49 -18.64
N ARG FA 356 -19.23 -9.96 -19.22
CA ARG FA 356 -19.24 -10.49 -20.58
C ARG FA 356 -19.94 -11.83 -20.66
N LEU FA 357 -19.42 -12.82 -19.92
CA LEU FA 357 -19.90 -14.20 -19.98
C LEU FA 357 -21.39 -14.28 -19.71
N VAL FA 358 -21.89 -13.58 -18.70
CA VAL FA 358 -23.31 -13.62 -18.38
C VAL FA 358 -24.18 -13.10 -19.51
N LYS FA 359 -23.74 -12.12 -20.30
CA LYS FA 359 -24.49 -11.63 -21.45
C LYS FA 359 -24.33 -12.50 -22.69
N LYS FA 360 -23.18 -13.13 -22.90
CA LYS FA 360 -23.02 -14.19 -23.90
C LYS FA 360 -24.06 -15.28 -23.66
N VAL FA 361 -24.23 -15.72 -22.43
CA VAL FA 361 -25.19 -16.77 -22.08
C VAL FA 361 -26.63 -16.29 -22.20
N GLU FA 362 -26.96 -15.09 -21.72
CA GLU FA 362 -28.30 -14.55 -21.90
C GLU FA 362 -28.68 -14.42 -23.37
N ARG FA 363 -27.72 -14.11 -24.26
CA ARG FA 363 -27.91 -14.17 -25.71
C ARG FA 363 -28.18 -15.60 -26.18
N LYS FA 364 -27.39 -16.60 -25.81
CA LYS FA 364 -27.64 -18.00 -26.22
C LYS FA 364 -29.00 -18.49 -25.74
N ASN FA 365 -29.45 -18.10 -24.56
CA ASN FA 365 -30.78 -18.47 -24.08
C ASN FA 365 -31.86 -18.05 -25.07
N LYS FA 366 -31.81 -16.85 -25.64
CA LYS FA 366 -32.81 -16.46 -26.63
C LYS FA 366 -32.72 -17.29 -27.91
N ILE FA 367 -31.53 -17.48 -28.44
CA ILE FA 367 -31.33 -18.16 -29.72
C ILE FA 367 -31.73 -19.64 -29.66
N PHE FA 368 -31.51 -20.35 -28.55
CA PHE FA 368 -32.03 -21.70 -28.37
C PHE FA 368 -33.49 -21.74 -27.91
N GLY FA 369 -33.95 -20.71 -27.19
CA GLY FA 369 -35.35 -20.56 -26.84
C GLY FA 369 -36.24 -20.63 -28.07
N GLY FA 370 -35.86 -19.96 -29.16
CA GLY FA 370 -36.61 -20.00 -30.41
C GLY FA 370 -36.84 -21.41 -30.94
N ALA FA 371 -35.86 -22.29 -30.81
CA ALA FA 371 -36.00 -23.67 -31.23
C ALA FA 371 -36.87 -24.47 -30.26
N TRP FA 372 -36.75 -24.28 -28.96
CA TRP FA 372 -37.58 -25.01 -28.01
C TRP FA 372 -39.06 -24.61 -28.05
N GLU FA 373 -39.39 -23.33 -28.25
CA GLU FA 373 -40.76 -22.94 -28.55
C GLU FA 373 -41.25 -23.67 -29.82
N GLN FA 374 -40.49 -23.58 -30.91
CA GLN FA 374 -40.85 -24.19 -32.19
C GLN FA 374 -41.00 -25.70 -32.08
N ALA FA 375 -40.27 -26.37 -31.19
CA ALA FA 375 -40.44 -27.78 -30.92
C ALA FA 375 -41.72 -28.08 -30.13
N MET FA 376 -42.03 -27.33 -29.08
CA MET FA 376 -43.24 -27.60 -28.29
C MET FA 376 -44.52 -27.30 -29.06
N ARG FA 377 -44.57 -26.24 -29.87
CA ARG FA 377 -45.73 -26.00 -30.74
C ARG FA 377 -45.98 -27.18 -31.68
N LEU FA 378 -44.92 -27.83 -32.14
CA LEU FA 378 -45.01 -29.01 -32.99
C LEU FA 378 -45.51 -30.21 -32.18
N ALA FA 379 -44.98 -30.44 -30.98
CA ALA FA 379 -45.42 -31.54 -30.12
C ALA FA 379 -46.91 -31.46 -29.74
N TYR FA 380 -47.45 -30.26 -29.55
CA TYR FA 380 -48.89 -30.09 -29.33
C TYR FA 380 -49.70 -30.57 -30.53
N LYS FA 381 -49.31 -30.19 -31.76
CA LYS FA 381 -49.99 -30.65 -32.97
C LYS FA 381 -49.90 -32.16 -33.15
N MET FA 382 -48.82 -32.80 -32.71
CA MET FA 382 -48.73 -34.26 -32.72
C MET FA 382 -49.79 -34.87 -31.80
N VAL FA 383 -49.69 -34.63 -30.49
CA VAL FA 383 -50.45 -35.42 -29.52
C VAL FA 383 -51.89 -34.93 -29.35
N LYS FA 384 -52.13 -33.61 -29.32
CA LYS FA 384 -53.49 -33.05 -29.18
C LYS FA 384 -54.23 -32.97 -30.51
N GLY FA 385 -53.53 -33.20 -31.63
CA GLY FA 385 -54.08 -33.50 -32.96
C GLY FA 385 -54.69 -32.34 -33.73
N GLY FA 386 -55.49 -31.49 -33.08
CA GLY FA 386 -56.12 -30.34 -33.72
C GLY FA 386 -55.14 -29.23 -34.09
N ASP FA 387 -55.64 -28.18 -34.72
CA ASP FA 387 -54.90 -26.93 -34.88
C ASP FA 387 -54.59 -26.28 -33.52
N ILE FA 388 -53.50 -25.52 -33.47
CA ILE FA 388 -52.91 -24.99 -32.25
C ILE FA 388 -53.66 -23.73 -31.76
N PRO FA 389 -53.96 -23.57 -30.46
CA PRO FA 389 -54.63 -22.39 -29.94
C PRO FA 389 -53.66 -21.20 -29.91
N THR FA 390 -54.12 -20.03 -30.35
CA THR FA 390 -53.21 -18.99 -30.82
C THR FA 390 -52.29 -18.38 -29.76
N GLU FA 391 -52.60 -18.50 -28.48
CA GLU FA 391 -51.68 -18.08 -27.43
C GLU FA 391 -50.35 -18.86 -27.44
N TYR FA 392 -50.30 -20.07 -27.99
CA TYR FA 392 -49.05 -20.81 -28.08
C TYR FA 392 -48.05 -20.16 -29.04
N TYR FA 393 -48.51 -19.44 -30.06
CA TYR FA 393 -47.61 -18.70 -30.95
C TYR FA 393 -46.85 -17.60 -30.23
N ARG FA 394 -47.25 -17.26 -29.00
CA ARG FA 394 -46.72 -16.17 -28.19
C ARG FA 394 -45.98 -16.67 -26.94
N MET FA 395 -45.73 -17.97 -26.81
CA MET FA 395 -45.07 -18.51 -25.62
C MET FA 395 -43.64 -18.04 -25.51
N GLU FA 396 -43.06 -18.14 -24.31
CA GLU FA 396 -41.68 -17.83 -24.03
C GLU FA 396 -41.06 -18.93 -23.16
N THR FA 397 -39.83 -19.35 -23.47
CA THR FA 397 -39.03 -20.13 -22.53
C THR FA 397 -38.55 -19.24 -21.39
N VAL FA 398 -38.57 -19.72 -20.16
CA VAL FA 398 -37.96 -19.03 -19.02
C VAL FA 398 -36.72 -19.78 -18.59
N TRP FA 399 -35.55 -19.14 -18.63
CA TRP FA 399 -34.27 -19.75 -18.25
C TRP FA 399 -33.83 -19.31 -16.86
N ARG FA 400 -32.88 -20.00 -16.22
CA ARG FA 400 -32.27 -19.52 -14.98
C ARG FA 400 -31.60 -18.18 -15.19
N ASP FA 401 -31.40 -17.42 -14.13
CA ASP FA 401 -30.37 -16.38 -14.10
C ASP FA 401 -28.99 -17.04 -14.30
N PRO FA 402 -28.24 -16.74 -15.37
CA PRO FA 402 -26.98 -17.40 -15.65
C PRO FA 402 -25.82 -16.86 -14.82
N SER FA 403 -26.01 -15.84 -13.98
CA SER FA 403 -24.94 -15.36 -13.11
C SER FA 403 -24.65 -16.31 -11.94
N THR FA 404 -23.49 -16.18 -11.29
CA THR FA 404 -23.27 -16.87 -10.02
C THR FA 404 -24.20 -16.31 -8.95
N PRO FA 405 -24.87 -17.15 -8.14
CA PRO FA 405 -25.83 -16.68 -7.15
C PRO FA 405 -25.13 -15.95 -6.01
N THR FA 406 -25.82 -14.96 -5.44
CA THR FA 406 -25.27 -14.03 -4.43
C THR FA 406 -26.27 -13.87 -3.28
N TYR FA 407 -26.70 -15.01 -2.74
CA TYR FA 407 -27.91 -15.12 -1.93
C TYR FA 407 -28.01 -14.10 -0.80
N ALA FA 408 -26.94 -13.82 -0.06
CA ALA FA 408 -27.01 -12.83 1.01
C ALA FA 408 -27.36 -11.43 0.51
N ALA FA 409 -26.76 -10.99 -0.61
CA ALA FA 409 -27.05 -9.70 -1.22
C ALA FA 409 -28.38 -9.66 -1.98
N LYS FA 410 -28.94 -10.81 -2.38
CA LYS FA 410 -30.32 -10.88 -2.85
C LYS FA 410 -31.28 -10.77 -1.66
N ALA FA 411 -31.02 -11.49 -0.57
CA ALA FA 411 -31.92 -11.59 0.56
C ALA FA 411 -32.13 -10.27 1.30
N ASP FA 412 -31.07 -9.60 1.77
CA ASP FA 412 -31.25 -8.35 2.50
C ASP FA 412 -31.62 -7.16 1.61
N ALA FA 413 -31.68 -7.36 0.29
CA ALA FA 413 -32.34 -6.47 -0.65
C ALA FA 413 -33.83 -6.78 -0.77
N ALA FA 414 -34.20 -8.03 -1.07
CA ALA FA 414 -35.59 -8.41 -1.25
C ALA FA 414 -36.42 -8.23 0.02
N ALA FA 415 -35.88 -8.61 1.19
CA ALA FA 415 -36.57 -8.41 2.45
C ALA FA 415 -36.86 -6.94 2.72
N LYS FA 416 -35.92 -6.05 2.38
CA LYS FA 416 -36.01 -4.62 2.57
C LYS FA 416 -37.02 -3.97 1.61
N LEU FA 417 -37.16 -4.48 0.40
CA LEU FA 417 -38.20 -4.06 -0.53
C LEU FA 417 -39.59 -4.47 -0.07
N PHE FA 418 -39.77 -5.71 0.38
CA PHE FA 418 -41.07 -6.22 0.78
C PHE FA 418 -41.55 -5.63 2.10
N ALA FA 419 -40.67 -5.44 3.09
CA ALA FA 419 -40.95 -4.80 4.37
C ALA FA 419 -42.27 -5.27 5.04
N ASN FA 420 -42.40 -6.58 5.22
CA ASN FA 420 -43.55 -7.21 5.85
C ASN FA 420 -44.89 -6.83 5.19
N GLY FA 421 -44.93 -6.83 3.86
CA GLY FA 421 -46.10 -6.50 3.05
C GLY FA 421 -46.31 -5.01 2.81
N ALA FA 422 -45.80 -4.13 3.68
CA ALA FA 422 -46.05 -2.70 3.55
C ALA FA 422 -45.25 -2.04 2.43
N GLY FA 423 -44.20 -2.70 1.94
CA GLY FA 423 -43.18 -2.10 1.09
C GLY FA 423 -43.53 -1.98 -0.40
N LEU FA 424 -42.49 -1.86 -1.21
CA LEU FA 424 -42.57 -1.47 -2.60
C LEU FA 424 -43.12 -2.56 -3.55
N ILE FA 425 -43.11 -3.84 -3.17
CA ILE FA 425 -43.42 -4.96 -4.08
C ILE FA 425 -44.49 -5.92 -3.53
N PRO FA 426 -45.31 -6.55 -4.39
CA PRO FA 426 -46.20 -7.63 -3.98
C PRO FA 426 -45.36 -8.85 -3.63
N ARG FA 427 -45.82 -9.70 -2.70
CA ARG FA 427 -45.02 -10.81 -2.15
C ARG FA 427 -44.30 -11.59 -3.23
N GLU FA 428 -45.02 -12.15 -4.19
CA GLU FA 428 -44.40 -13.11 -5.09
C GLU FA 428 -43.60 -12.50 -6.23
N ARG FA 429 -43.50 -11.16 -6.35
CA ARG FA 429 -42.37 -10.60 -7.10
C ARG FA 429 -41.08 -10.85 -6.35
N GLY FA 430 -41.06 -10.74 -5.03
CA GLY FA 430 -39.86 -11.02 -4.25
C GLY FA 430 -39.36 -12.44 -4.47
N TRP FA 431 -40.27 -13.40 -4.56
CA TRP FA 431 -39.91 -14.78 -4.85
C TRP FA 431 -39.20 -14.95 -6.18
N VAL FA 432 -39.59 -14.24 -7.24
CA VAL FA 432 -38.88 -14.35 -8.52
C VAL FA 432 -37.61 -13.49 -8.58
N ASP FA 433 -37.51 -12.39 -7.84
CA ASP FA 433 -36.22 -11.71 -7.67
C ASP FA 433 -35.19 -12.58 -6.96
N MET FA 434 -35.60 -13.38 -5.97
CA MET FA 434 -34.75 -14.37 -5.34
C MET FA 434 -34.38 -15.55 -6.25
N GLY FA 435 -34.96 -15.64 -7.44
CA GLY FA 435 -34.63 -16.69 -8.41
C GLY FA 435 -35.30 -18.03 -8.14
N TYR FA 436 -36.31 -18.12 -7.30
CA TYR FA 436 -37.07 -19.36 -7.16
C TYR FA 436 -37.82 -19.65 -8.46
N THR FA 437 -37.63 -20.85 -9.01
CA THR FA 437 -38.12 -21.22 -10.34
C THR FA 437 -39.65 -21.38 -10.38
N ILE FA 438 -40.22 -21.56 -11.57
CA ILE FA 438 -41.66 -21.77 -11.77
C ILE FA 438 -42.21 -22.87 -10.85
N VAL FA 439 -41.53 -24.01 -10.75
CA VAL FA 439 -41.96 -25.11 -9.89
C VAL FA 439 -41.81 -24.76 -8.41
N GLU FA 440 -40.72 -24.11 -8.01
CA GLU FA 440 -40.51 -23.71 -6.62
C GLU FA 440 -41.60 -22.75 -6.14
N ARG FA 441 -42.01 -21.81 -6.99
CA ARG FA 441 -43.10 -20.90 -6.65
C ARG FA 441 -44.45 -21.60 -6.67
N GLU FA 442 -44.73 -22.48 -7.61
CA GLU FA 442 -45.97 -23.26 -7.54
C GLU FA 442 -46.03 -24.13 -6.28
N GLN FA 443 -44.90 -24.62 -5.77
CA GLN FA 443 -44.87 -25.33 -4.50
C GLN FA 443 -45.07 -24.40 -3.31
N MET FA 444 -44.40 -23.25 -3.24
CA MET FA 444 -44.51 -22.41 -2.06
C MET FA 444 -45.91 -21.87 -1.78
N ARG FA 445 -46.81 -21.76 -2.75
CA ARG FA 445 -48.22 -21.43 -2.44
C ARG FA 445 -48.81 -22.37 -1.40
N GLN FA 446 -48.50 -23.66 -1.45
CA GLN FA 446 -49.00 -24.62 -0.47
C GLN FA 446 -48.38 -24.37 0.91
N TRP FA 447 -47.07 -24.26 1.03
CA TRP FA 447 -46.46 -24.05 2.34
C TRP FA 447 -46.89 -22.72 2.97
N LEU FA 448 -47.07 -21.68 2.16
CA LEU FA 448 -47.57 -20.40 2.65
C LEU FA 448 -48.98 -20.58 3.22
N GLU FA 449 -49.87 -21.29 2.52
CA GLU FA 449 -51.19 -21.60 3.04
C GLU FA 449 -51.13 -22.43 4.33
N GLN FA 450 -50.24 -23.42 4.41
CA GLN FA 450 -50.04 -24.22 5.62
C GLN FA 450 -49.47 -23.42 6.79
N ASP FA 451 -48.73 -22.33 6.55
CA ASP FA 451 -48.36 -21.37 7.60
C ASP FA 451 -49.52 -20.41 7.91
N GLN FA 452 -50.35 -20.05 6.94
CA GLN FA 452 -51.51 -19.18 7.12
C GLN FA 452 -52.64 -19.82 7.95
N LYS FA 453 -52.70 -21.16 8.03
CA LYS FA 453 -53.48 -21.87 9.04
C LYS FA 453 -53.06 -21.57 10.49
N GLN FA 454 -51.81 -21.17 10.73
CA GLN FA 454 -51.26 -20.98 12.08
C GLN FA 454 -51.42 -19.55 12.57
N GLY FA 455 -51.43 -19.35 13.89
CA GLY FA 455 -51.55 -18.04 14.56
C GLY FA 455 -51.48 -18.11 16.08
N SER GA 6 -45.02 4.07 -65.00
CA SER GA 6 -43.87 4.51 -65.82
C SER GA 6 -42.89 3.35 -66.08
N ILE GA 7 -42.20 2.82 -65.05
CA ILE GA 7 -41.17 1.78 -65.21
C ILE GA 7 -41.75 0.37 -65.38
N ASP GA 8 -40.94 -0.57 -65.91
CA ASP GA 8 -41.32 -1.94 -66.23
C ASP GA 8 -40.63 -2.97 -65.29
N PRO GA 9 -41.36 -3.84 -64.59
CA PRO GA 9 -40.81 -4.78 -63.62
C PRO GA 9 -39.67 -5.65 -64.14
N GLU GA 10 -39.80 -6.30 -65.30
CA GLU GA 10 -38.83 -7.31 -65.71
C GLU GA 10 -37.43 -6.72 -65.86
N LYS GA 11 -37.31 -5.52 -66.43
CA LYS GA 11 -36.01 -4.83 -66.54
C LYS GA 11 -35.57 -4.19 -65.24
N LEU GA 12 -36.50 -3.65 -64.44
CA LEU GA 12 -36.16 -3.06 -63.15
C LEU GA 12 -35.57 -4.13 -62.22
N ARG GA 13 -36.13 -5.35 -62.25
CA ARG GA 13 -35.64 -6.51 -61.51
C ARG GA 13 -34.19 -6.77 -61.82
N ASP GA 14 -33.83 -6.92 -63.09
CA ASP GA 14 -32.42 -7.12 -63.45
C ASP GA 14 -31.55 -5.89 -63.18
N GLN GA 15 -32.09 -4.67 -63.29
CA GLN GA 15 -31.35 -3.46 -62.96
C GLN GA 15 -30.98 -3.43 -61.46
N LEU GA 16 -31.92 -3.68 -60.55
CA LEU GA 16 -31.60 -3.77 -59.13
C LEU GA 16 -30.70 -4.95 -58.85
N LEU GA 17 -30.97 -6.12 -59.42
CA LEU GA 17 -30.19 -7.30 -59.12
C LEU GA 17 -28.70 -7.08 -59.47
N ASP GA 18 -28.41 -6.35 -60.55
CA ASP GA 18 -27.04 -5.99 -60.88
C ASP GA 18 -26.42 -5.05 -59.83
N ALA GA 19 -27.14 -4.03 -59.38
CA ALA GA 19 -26.64 -3.13 -58.35
C ALA GA 19 -26.41 -3.85 -57.00
N PHE GA 20 -27.28 -4.78 -56.68
CA PHE GA 20 -27.16 -5.65 -55.51
C PHE GA 20 -25.90 -6.50 -55.60
N GLU GA 21 -25.63 -7.15 -56.72
CA GLU GA 21 -24.39 -7.90 -56.86
C GLU GA 21 -23.16 -7.00 -56.76
N ASN GA 22 -23.22 -5.78 -57.28
CA ASN GA 22 -22.11 -4.85 -57.12
C ASN GA 22 -21.90 -4.47 -55.65
N LYS GA 23 -22.97 -4.25 -54.89
CA LYS GA 23 -22.87 -3.94 -53.46
C LYS GA 23 -22.16 -5.04 -52.68
N GLN GA 24 -22.32 -6.31 -53.04
CA GLN GA 24 -21.67 -7.41 -52.33
C GLN GA 24 -20.14 -7.36 -52.37
N ASN GA 25 -19.53 -6.58 -53.26
CA ASN GA 25 -18.06 -6.43 -53.28
C ASN GA 25 -17.55 -5.44 -52.23
N GLU GA 26 -18.37 -4.50 -51.76
CA GLU GA 26 -17.99 -3.66 -50.62
C GLU GA 26 -18.16 -4.41 -49.30
N LEU GA 27 -19.29 -5.07 -49.09
CA LEU GA 27 -19.68 -5.65 -47.80
C LEU GA 27 -18.67 -6.65 -47.28
N LYS GA 28 -18.19 -7.57 -48.12
CA LYS GA 28 -17.27 -8.62 -47.67
C LYS GA 28 -15.95 -8.08 -47.14
N SER GA 29 -15.53 -6.88 -47.53
CA SER GA 29 -14.33 -6.26 -46.96
C SER GA 29 -14.48 -5.99 -45.47
N SER GA 30 -15.69 -5.67 -44.99
CA SER GA 30 -15.99 -5.54 -43.56
C SER GA 30 -16.27 -6.88 -42.90
N LYS GA 31 -16.88 -7.84 -43.60
CA LYS GA 31 -17.09 -9.18 -43.05
C LYS GA 31 -15.76 -9.87 -42.72
N ALA GA 32 -14.74 -9.66 -43.53
CA ALA GA 32 -13.40 -10.19 -43.27
C ALA GA 32 -12.82 -9.76 -41.91
N TYR GA 33 -13.29 -8.66 -41.32
CA TYR GA 33 -12.93 -8.32 -39.95
C TYR GA 33 -13.79 -9.07 -38.95
N TYR GA 34 -15.12 -9.06 -39.06
CA TYR GA 34 -15.94 -9.72 -38.05
C TYR GA 34 -15.78 -11.24 -38.04
N ASP GA 35 -15.80 -11.89 -39.21
CA ASP GA 35 -15.61 -13.35 -39.31
C ASP GA 35 -14.14 -13.80 -39.14
N ALA GA 36 -13.21 -12.86 -39.03
CA ALA GA 36 -11.78 -13.13 -38.89
C ALA GA 36 -11.22 -14.10 -39.96
N GLU GA 37 -11.58 -13.88 -41.22
CA GLU GA 37 -10.91 -14.52 -42.36
C GLU GA 37 -9.56 -13.86 -42.65
N ARG GA 38 -8.69 -14.51 -43.43
CA ARG GA 38 -7.36 -14.00 -43.82
C ARG GA 38 -7.47 -12.64 -44.49
N ARG GA 39 -6.70 -11.66 -44.01
CA ARG GA 39 -6.50 -10.33 -44.60
C ARG GA 39 -5.07 -10.19 -45.11
N PRO GA 40 -4.83 -9.69 -46.33
CA PRO GA 40 -3.48 -9.45 -46.83
C PRO GA 40 -2.59 -8.64 -45.89
N ASP GA 41 -3.13 -7.63 -45.20
CA ASP GA 41 -2.38 -6.79 -44.27
C ASP GA 41 -2.04 -7.46 -42.92
N ALA GA 42 -2.61 -8.62 -42.61
CA ALA GA 42 -2.37 -9.28 -41.34
C ALA GA 42 -1.02 -10.00 -41.26
N ILE GA 43 -0.40 -10.36 -42.38
CA ILE GA 43 0.76 -11.24 -42.40
C ILE GA 43 2.01 -10.56 -41.80
N GLY GA 44 2.71 -11.25 -40.90
CA GLY GA 44 3.85 -10.70 -40.18
C GLY GA 44 5.12 -10.75 -41.01
N LEU GA 45 5.63 -9.60 -41.44
CA LEU GA 45 6.65 -9.54 -42.49
C LEU GA 45 8.02 -10.11 -42.07
N ALA GA 46 8.27 -10.31 -40.78
CA ALA GA 46 9.50 -10.95 -40.31
C ALA GA 46 9.48 -12.48 -40.47
N VAL GA 47 8.30 -13.09 -40.64
CA VAL GA 47 8.16 -14.55 -40.72
C VAL GA 47 8.52 -15.04 -42.12
N PRO GA 48 9.37 -16.07 -42.28
CA PRO GA 48 9.82 -16.51 -43.58
C PRO GA 48 8.70 -17.16 -44.39
N LEU GA 49 8.85 -17.17 -45.72
CA LEU GA 49 7.76 -17.44 -46.66
C LEU GA 49 7.16 -18.83 -46.56
N ASP GA 50 7.85 -19.79 -45.97
CA ASP GA 50 7.33 -21.14 -45.71
C ASP GA 50 6.48 -21.23 -44.43
N MET GA 51 6.64 -20.32 -43.46
CA MET GA 51 5.84 -20.28 -42.24
C MET GA 51 4.64 -19.34 -42.31
N ARG GA 52 4.49 -18.49 -43.33
CA ARG GA 52 3.33 -17.58 -43.42
C ARG GA 52 1.97 -18.25 -43.63
N LYS GA 53 1.90 -19.58 -43.67
CA LYS GA 53 0.63 -20.32 -43.57
C LYS GA 53 0.07 -20.40 -42.15
N TYR GA 54 0.86 -20.10 -41.12
CA TYR GA 54 0.40 -19.95 -39.73
C TYR GA 54 -0.19 -18.55 -39.48
N LEU GA 55 -1.38 -18.27 -40.01
CA LEU GA 55 -2.06 -17.00 -39.73
C LEU GA 55 -2.35 -16.89 -38.22
N ALA GA 56 -2.30 -15.67 -37.70
CA ALA GA 56 -2.76 -15.34 -36.35
C ALA GA 56 -3.96 -14.40 -36.47
N HIS GA 57 -5.12 -14.79 -35.93
CA HIS GA 57 -6.36 -14.03 -36.07
C HIS GA 57 -6.71 -13.36 -34.75
N VAL GA 58 -6.95 -12.05 -34.80
CA VAL GA 58 -7.13 -11.14 -33.64
C VAL GA 58 -8.57 -10.72 -33.45
N GLY GA 59 -9.13 -10.89 -32.26
CA GLY GA 59 -10.57 -10.77 -32.01
C GLY GA 59 -11.07 -9.41 -31.53
N TYR GA 60 -10.40 -8.29 -31.80
CA TYR GA 60 -10.97 -7.00 -31.42
C TYR GA 60 -12.29 -6.68 -32.13
N PRO GA 61 -12.44 -6.84 -33.46
CA PRO GA 61 -13.68 -6.50 -34.14
C PRO GA 61 -14.88 -7.27 -33.63
N ARG GA 62 -14.75 -8.59 -33.47
CA ARG GA 62 -15.84 -9.42 -32.97
C ARG GA 62 -16.20 -9.06 -31.54
N THR GA 63 -15.20 -8.85 -30.68
CA THR GA 63 -15.42 -8.44 -29.29
C THR GA 63 -16.21 -7.16 -29.21
N TYR GA 64 -15.86 -6.16 -30.02
CA TYR GA 64 -16.52 -4.87 -29.94
C TYR GA 64 -17.98 -4.94 -30.36
N VAL GA 65 -18.28 -5.54 -31.51
CA VAL GA 65 -19.66 -5.65 -31.99
C VAL GA 65 -20.49 -6.54 -31.08
N ASP GA 66 -19.96 -7.64 -30.58
CA ASP GA 66 -20.73 -8.47 -29.64
C ASP GA 66 -21.07 -7.68 -28.37
N ALA GA 67 -20.11 -6.94 -27.81
CA ALA GA 67 -20.32 -6.23 -26.56
C ALA GA 67 -21.41 -5.16 -26.65
N ILE GA 68 -21.53 -4.45 -27.77
CA ILE GA 68 -22.68 -3.58 -28.01
C ILE GA 68 -23.92 -4.43 -28.23
N ALA GA 69 -23.93 -5.31 -29.21
CA ALA GA 69 -25.15 -5.91 -29.73
C ALA GA 69 -25.89 -6.82 -28.73
N GLU GA 70 -25.17 -7.39 -27.76
CA GLU GA 70 -25.72 -8.27 -26.72
C GLU GA 70 -26.42 -7.54 -25.57
N ARG GA 71 -26.31 -6.21 -25.49
CA ARG GA 71 -26.85 -5.41 -24.36
C ARG GA 71 -28.07 -4.58 -24.72
N GLN GA 72 -28.65 -4.83 -25.90
CA GLN GA 72 -29.83 -4.14 -26.42
C GLN GA 72 -31.07 -5.05 -26.36
N GLU GA 73 -32.10 -4.59 -25.66
CA GLU GA 73 -33.37 -5.27 -25.46
C GLU GA 73 -34.50 -4.27 -25.54
N LEU GA 74 -35.62 -4.60 -26.18
CA LEU GA 74 -36.79 -3.73 -26.20
C LEU GA 74 -37.78 -4.21 -25.13
N GLU GA 75 -38.17 -3.37 -24.18
CA GLU GA 75 -39.22 -3.75 -23.21
C GLU GA 75 -40.60 -3.74 -23.86
N GLY GA 76 -40.87 -2.73 -24.68
CA GLY GA 76 -42.17 -2.48 -25.25
C GLY GA 76 -42.29 -1.08 -25.81
N PHE GA 77 -43.36 -0.83 -26.55
CA PHE GA 77 -43.66 0.50 -27.04
C PHE GA 77 -44.35 1.33 -25.98
N ARG GA 78 -44.42 2.63 -26.21
CA ARG GA 78 -45.22 3.60 -25.48
C ARG GA 78 -45.95 4.43 -26.52
N ILE GA 79 -47.24 4.71 -26.35
CA ILE GA 79 -47.98 5.58 -27.27
C ILE GA 79 -48.77 6.60 -26.44
N PRO GA 80 -48.71 7.91 -26.73
CA PRO GA 80 -49.34 8.91 -25.90
C PRO GA 80 -50.86 8.90 -26.06
N SER GA 81 -51.59 9.18 -24.97
CA SER GA 81 -53.05 9.25 -24.99
C SER GA 81 -53.55 10.58 -25.58
N ALA GA 82 -54.77 10.61 -26.13
CA ALA GA 82 -55.26 11.71 -26.95
C ALA GA 82 -55.30 13.10 -26.27
N ASN GA 83 -55.49 13.17 -24.95
CA ASN GA 83 -55.49 14.41 -24.17
C ASN GA 83 -54.63 14.31 -22.89
N GLY GA 84 -53.81 13.27 -22.75
CA GLY GA 84 -53.06 12.98 -21.52
C GLY GA 84 -53.92 12.43 -20.37
N GLU GA 85 -55.05 11.80 -20.69
CA GLU GA 85 -56.10 11.39 -19.74
C GLU GA 85 -55.64 10.39 -18.67
N GLU GA 86 -54.79 9.43 -19.06
CA GLU GA 86 -54.35 8.31 -18.24
C GLU GA 86 -52.85 8.05 -18.47
N PRO GA 87 -52.07 7.72 -17.42
CA PRO GA 87 -50.63 7.48 -17.57
C PRO GA 87 -50.35 6.17 -18.32
N GLU GA 88 -51.06 5.10 -17.96
CA GLU GA 88 -51.14 3.85 -18.71
C GLU GA 88 -52.61 3.39 -18.72
N SER GA 89 -53.17 3.04 -19.88
CA SER GA 89 -54.56 2.59 -20.03
C SER GA 89 -54.77 1.08 -19.79
N GLY GA 90 -53.88 0.45 -19.02
CA GLY GA 90 -54.03 -0.93 -18.54
C GLY GA 90 -53.83 -2.03 -19.58
N GLY GA 91 -54.12 -3.26 -19.19
CA GLY GA 91 -53.97 -4.48 -20.01
C GLY GA 91 -55.13 -4.77 -20.97
N GLU GA 92 -56.18 -3.94 -21.00
CA GLU GA 92 -57.35 -4.07 -21.88
C GLU GA 92 -57.06 -3.66 -23.34
N ASN GA 93 -56.08 -4.32 -23.97
CA ASN GA 93 -55.64 -4.13 -25.36
C ASN GA 93 -55.34 -2.66 -25.70
N ASP GA 94 -54.58 -1.97 -24.85
CA ASP GA 94 -54.17 -0.59 -25.12
C ASP GA 94 -53.29 -0.50 -26.40
N PRO GA 95 -53.20 0.68 -27.03
CA PRO GA 95 -52.48 0.85 -28.28
C PRO GA 95 -51.04 0.33 -28.27
N ALA GA 96 -50.38 0.34 -27.11
CA ALA GA 96 -49.03 -0.18 -26.95
C ALA GA 96 -48.98 -1.70 -26.86
N SER GA 97 -49.85 -2.34 -26.09
CA SER GA 97 -49.85 -3.79 -25.98
C SER GA 97 -50.30 -4.46 -27.27
N GLU GA 98 -51.10 -3.78 -28.09
CA GLU GA 98 -51.39 -4.25 -29.45
C GLU GA 98 -50.10 -4.44 -30.23
N LEU GA 99 -49.25 -3.42 -30.32
CA LEU GA 99 -47.99 -3.53 -31.07
C LEU GA 99 -47.06 -4.56 -30.44
N TRP GA 100 -47.07 -4.67 -29.11
CA TRP GA 100 -46.26 -5.67 -28.44
C TRP GA 100 -46.73 -7.10 -28.74
N ASP GA 101 -48.01 -7.32 -29.00
CA ASP GA 101 -48.49 -8.65 -29.36
C ASP GA 101 -47.84 -9.16 -30.65
N TRP GA 102 -47.69 -8.31 -31.66
CA TRP GA 102 -47.02 -8.69 -32.90
C TRP GA 102 -45.54 -8.94 -32.69
N TRP GA 103 -44.90 -8.25 -31.74
CA TRP GA 103 -43.50 -8.46 -31.43
C TRP GA 103 -43.27 -9.89 -30.95
N GLN GA 104 -44.01 -10.34 -29.95
CA GLN GA 104 -43.95 -11.72 -29.52
C GLN GA 104 -44.42 -12.68 -30.61
N ALA GA 105 -45.48 -12.36 -31.35
CA ALA GA 105 -46.03 -13.30 -32.33
C ALA GA 105 -45.10 -13.55 -33.53
N ASN GA 106 -44.13 -12.68 -33.79
CA ASN GA 106 -43.08 -12.90 -34.78
C ASN GA 106 -41.76 -13.39 -34.16
N ASN GA 107 -41.67 -13.59 -32.85
CA ASN GA 107 -40.41 -13.82 -32.13
C ASN GA 107 -39.36 -12.76 -32.46
N LEU GA 108 -39.79 -11.51 -32.66
CA LEU GA 108 -38.86 -10.43 -32.97
C LEU GA 108 -37.81 -10.22 -31.89
N ASP GA 109 -38.02 -10.65 -30.65
CA ASP GA 109 -36.98 -10.53 -29.63
C ASP GA 109 -35.77 -11.42 -29.92
N ILE GA 110 -35.91 -12.48 -30.71
CA ILE GA 110 -34.78 -13.27 -31.22
C ILE GA 110 -34.20 -12.61 -32.46
N GLU GA 111 -35.04 -12.29 -33.44
CA GLU GA 111 -34.59 -11.83 -34.74
C GLU GA 111 -33.98 -10.44 -34.71
N ALA GA 112 -34.48 -9.55 -33.85
CA ALA GA 112 -33.96 -8.22 -33.74
C ALA GA 112 -32.50 -8.22 -33.28
N THR GA 113 -32.11 -8.98 -32.25
CA THR GA 113 -30.71 -8.92 -31.76
C THR GA 113 -29.72 -9.48 -32.77
N LEU GA 114 -30.15 -10.40 -33.65
CA LEU GA 114 -29.37 -10.78 -34.81
C LEU GA 114 -29.31 -9.61 -35.80
N GLY GA 115 -30.44 -9.01 -36.17
CA GLY GA 115 -30.47 -7.87 -37.10
C GLY GA 115 -29.61 -6.70 -36.65
N HIS GA 116 -29.59 -6.38 -35.36
CA HIS GA 116 -28.71 -5.36 -34.81
C HIS GA 116 -27.24 -5.73 -34.99
N THR GA 117 -26.89 -7.01 -34.94
CA THR GA 117 -25.50 -7.42 -35.17
C THR GA 117 -25.10 -7.15 -36.62
N ASP GA 118 -26.00 -7.34 -37.59
CA ASP GA 118 -25.72 -6.97 -38.97
C ASP GA 118 -25.73 -5.46 -39.19
N ALA GA 119 -26.63 -4.72 -38.54
CA ALA GA 119 -26.62 -3.29 -38.66
C ALA GA 119 -25.27 -2.74 -38.20
N LEU GA 120 -24.68 -3.31 -37.16
CA LEU GA 120 -23.36 -2.89 -36.68
C LEU GA 120 -22.23 -3.38 -37.57
N ILE GA 121 -22.27 -4.59 -38.12
CA ILE GA 121 -21.20 -5.04 -39.01
C ILE GA 121 -21.20 -4.26 -40.32
N TYR GA 122 -22.32 -4.26 -41.04
CA TYR GA 122 -22.40 -3.76 -42.42
C TYR GA 122 -22.83 -2.30 -42.55
N GLY GA 123 -23.24 -1.67 -41.46
CA GLY GA 123 -23.81 -0.33 -41.47
C GLY GA 123 -25.30 -0.30 -41.70
N THR GA 124 -25.93 -1.37 -42.19
CA THR GA 124 -27.38 -1.44 -42.36
C THR GA 124 -27.92 -2.86 -42.38
N ALA GA 125 -29.20 -3.05 -42.08
CA ALA GA 125 -29.98 -4.26 -42.26
C ALA GA 125 -31.45 -3.86 -42.38
N TYR GA 126 -32.32 -4.65 -42.99
CA TYR GA 126 -33.63 -4.19 -43.39
C TYR GA 126 -34.75 -4.92 -42.67
N ILE GA 127 -35.67 -4.20 -42.05
CA ILE GA 127 -36.96 -4.72 -41.65
C ILE GA 127 -37.82 -4.89 -42.90
N THR GA 128 -38.71 -5.86 -42.94
CA THR GA 128 -39.69 -6.02 -44.02
C THR GA 128 -41.04 -6.43 -43.45
N ILE GA 129 -42.14 -6.07 -44.10
CA ILE GA 129 -43.48 -6.38 -43.60
C ILE GA 129 -44.33 -7.00 -44.70
N SER GA 130 -45.11 -8.03 -44.40
CA SER GA 130 -46.01 -8.69 -45.34
C SER GA 130 -47.15 -9.39 -44.60
N MET GA 131 -48.28 -9.64 -45.23
CA MET GA 131 -49.26 -10.56 -44.66
C MET GA 131 -48.81 -12.01 -44.89
N PRO GA 132 -49.08 -12.94 -43.96
CA PRO GA 132 -48.76 -14.35 -44.16
C PRO GA 132 -49.68 -14.96 -45.22
N ASP GA 133 -49.18 -15.88 -46.02
CA ASP GA 133 -50.00 -16.60 -47.01
C ASP GA 133 -50.85 -17.70 -46.35
N PRO GA 134 -52.03 -18.03 -46.90
CA PRO GA 134 -52.69 -19.29 -46.59
C PRO GA 134 -51.85 -20.49 -47.05
N GLU GA 135 -51.20 -20.36 -48.20
CA GLU GA 135 -50.56 -21.45 -48.96
C GLU GA 135 -49.17 -21.83 -48.45
N VAL GA 136 -48.48 -20.89 -47.80
CA VAL GA 136 -47.05 -20.94 -47.48
C VAL GA 136 -46.83 -20.27 -46.12
N ASP GA 137 -45.77 -20.66 -45.41
CA ASP GA 137 -45.57 -20.32 -44.01
C ASP GA 137 -46.70 -20.86 -43.12
N PHE GA 138 -46.67 -22.17 -42.91
CA PHE GA 138 -47.22 -22.78 -41.69
C PHE GA 138 -46.52 -22.20 -40.45
N ASP GA 139 -47.07 -22.41 -39.26
CA ASP GA 139 -46.49 -21.96 -37.99
C ASP GA 139 -46.34 -20.43 -37.86
N VAL GA 140 -47.42 -19.69 -38.11
CA VAL GA 140 -47.62 -18.31 -37.64
C VAL GA 140 -49.10 -18.04 -37.43
N ASP GA 141 -49.46 -17.15 -36.51
CA ASP GA 141 -50.85 -16.78 -36.24
C ASP GA 141 -51.48 -16.05 -37.44
N PRO GA 142 -52.48 -16.61 -38.15
CA PRO GA 142 -52.96 -16.05 -39.40
C PRO GA 142 -53.50 -14.62 -39.39
N GLU GA 143 -53.78 -14.01 -38.24
CA GLU GA 143 -54.22 -12.61 -38.17
C GLU GA 143 -53.07 -11.59 -38.13
N VAL GA 144 -51.88 -11.95 -37.63
CA VAL GA 144 -50.82 -10.96 -37.38
C VAL GA 144 -50.05 -10.64 -38.66
N PRO GA 145 -49.52 -9.42 -38.85
CA PRO GA 145 -48.65 -9.14 -39.98
C PRO GA 145 -47.33 -9.85 -39.76
N LEU GA 146 -46.81 -10.49 -40.80
CA LEU GA 146 -45.53 -11.15 -40.81
C LEU GA 146 -44.47 -10.07 -40.99
N ILE GA 147 -43.76 -9.73 -39.93
CA ILE GA 147 -42.66 -8.76 -39.94
C ILE GA 147 -41.38 -9.53 -39.71
N ARG GA 148 -40.43 -9.45 -40.65
CA ARG GA 148 -39.17 -10.18 -40.60
C ARG GA 148 -38.02 -9.33 -41.09
N VAL GA 149 -36.81 -9.59 -40.63
CA VAL GA 149 -35.64 -8.75 -40.87
C VAL GA 149 -34.61 -9.50 -41.70
N GLU GA 150 -33.92 -8.81 -42.61
CA GLU GA 150 -32.98 -9.40 -43.58
C GLU GA 150 -31.71 -8.55 -43.71
N PRO GA 151 -30.54 -9.15 -43.90
CA PRO GA 151 -29.27 -8.44 -43.98
C PRO GA 151 -29.01 -7.87 -45.37
N PRO GA 152 -28.03 -6.98 -45.54
CA PRO GA 152 -27.71 -6.43 -46.83
C PRO GA 152 -26.96 -7.43 -47.73
N THR GA 153 -26.63 -8.62 -47.24
CA THR GA 153 -26.20 -9.77 -48.06
C THR GA 153 -27.35 -10.50 -48.74
N ALA GA 154 -28.61 -10.04 -48.58
CA ALA GA 154 -29.77 -10.72 -49.16
C ALA GA 154 -30.89 -9.78 -49.61
N LEU GA 155 -30.99 -8.57 -49.09
CA LEU GA 155 -32.00 -7.58 -49.49
C LEU GA 155 -31.32 -6.24 -49.73
N TYR GA 156 -31.74 -5.55 -50.78
CA TYR GA 156 -31.16 -4.27 -51.20
C TYR GA 156 -32.25 -3.29 -51.59
N ALA GA 157 -32.08 -1.99 -51.30
CA ALA GA 157 -33.10 -0.99 -51.55
C ALA GA 157 -32.51 0.33 -52.05
N GLU GA 158 -33.09 0.90 -53.11
CA GLU GA 158 -32.68 2.20 -53.62
C GLU GA 158 -33.24 3.29 -52.73
N VAL GA 159 -32.53 3.62 -51.64
CA VAL GA 159 -32.90 4.75 -50.79
C VAL GA 159 -32.82 6.05 -51.57
N ASP GA 160 -33.87 6.87 -51.49
CA ASP GA 160 -34.07 8.05 -52.31
C ASP GA 160 -33.60 9.30 -51.54
N PRO GA 161 -32.46 9.91 -51.89
CA PRO GA 161 -31.84 10.90 -51.01
C PRO GA 161 -32.64 12.19 -50.89
N ARG GA 162 -33.51 12.49 -51.87
CA ARG GA 162 -34.40 13.65 -51.86
C ARG GA 162 -35.55 13.53 -50.84
N THR GA 163 -35.90 12.32 -50.41
CA THR GA 163 -37.10 12.05 -49.60
C THR GA 163 -36.87 11.12 -48.41
N ARG GA 164 -35.72 10.43 -48.34
CA ARG GA 164 -35.38 9.45 -47.30
C ARG GA 164 -36.33 8.23 -47.22
N LYS GA 165 -37.21 8.03 -48.21
CA LYS GA 165 -37.93 6.76 -48.45
C LYS GA 165 -37.10 5.86 -49.39
N VAL GA 166 -37.60 4.69 -49.76
CA VAL GA 166 -36.96 3.83 -50.77
C VAL GA 166 -37.83 3.77 -52.03
N LEU GA 167 -37.24 3.89 -53.21
CA LEU GA 167 -37.98 3.83 -54.47
C LEU GA 167 -38.51 2.41 -54.72
N TYR GA 168 -37.64 1.43 -54.57
CA TYR GA 168 -37.91 0.01 -54.77
C TYR GA 168 -36.81 -0.82 -54.11
N ALA GA 169 -37.05 -2.10 -53.90
CA ALA GA 169 -36.10 -2.97 -53.23
C ALA GA 169 -36.23 -4.42 -53.72
N ILE GA 170 -35.15 -5.19 -53.66
CA ILE GA 170 -35.13 -6.57 -54.13
C ILE GA 170 -34.51 -7.49 -53.09
N ARG GA 171 -35.13 -8.64 -52.85
CA ARG GA 171 -34.66 -9.68 -51.95
C ARG GA 171 -34.23 -10.85 -52.80
N ALA GA 172 -32.97 -11.24 -52.76
CA ALA GA 172 -32.43 -12.32 -53.57
C ALA GA 172 -32.02 -13.50 -52.70
N ILE GA 173 -32.73 -14.61 -52.82
CA ILE GA 173 -32.45 -15.83 -52.06
C ILE GA 173 -31.41 -16.64 -52.84
N TYR GA 174 -30.20 -16.79 -52.33
CA TYR GA 174 -29.22 -17.72 -52.87
C TYR GA 174 -29.53 -19.14 -52.41
N GLY GA 175 -29.26 -20.12 -53.27
CA GLY GA 175 -29.39 -21.54 -52.95
C GLY GA 175 -28.34 -22.03 -51.95
N ALA GA 176 -28.42 -23.31 -51.59
CA ALA GA 176 -27.58 -23.90 -50.54
C ALA GA 176 -26.07 -23.76 -50.81
N ASP GA 177 -25.64 -23.91 -52.07
CA ASP GA 177 -24.24 -23.75 -52.49
C ASP GA 177 -24.07 -22.59 -53.48
N GLY GA 178 -23.27 -21.60 -53.09
CA GLY GA 178 -22.68 -20.62 -54.00
C GLY GA 178 -23.66 -19.85 -54.89
N ASN GA 179 -23.23 -19.59 -56.13
CA ASN GA 179 -23.76 -18.54 -57.00
C ASN GA 179 -25.21 -18.69 -57.49
N GLU GA 180 -25.90 -19.82 -57.29
CA GLU GA 180 -27.24 -19.94 -57.86
C GLU GA 180 -28.29 -19.16 -57.06
N ILE GA 181 -28.92 -18.16 -57.67
CA ILE GA 181 -30.15 -17.58 -57.14
C ILE GA 181 -31.26 -18.60 -57.29
N VAL GA 182 -31.98 -18.91 -56.22
CA VAL GA 182 -33.16 -19.78 -56.29
C VAL GA 182 -34.45 -18.99 -56.42
N SER GA 183 -34.52 -17.76 -55.91
CA SER GA 183 -35.64 -16.85 -56.17
C SER GA 183 -35.28 -15.39 -55.92
N ALA GA 184 -36.02 -14.49 -56.52
CA ALA GA 184 -35.92 -13.05 -56.30
C ALA GA 184 -37.30 -12.47 -56.05
N THR GA 185 -37.44 -11.61 -55.05
CA THR GA 185 -38.68 -10.91 -54.75
C THR GA 185 -38.48 -9.41 -54.82
N LEU GA 186 -39.32 -8.71 -55.57
CA LEU GA 186 -39.22 -7.28 -55.84
C LEU GA 186 -40.36 -6.52 -55.17
N TYR GA 187 -40.07 -5.48 -54.39
CA TYR GA 187 -41.04 -4.68 -53.66
C TYR GA 187 -41.25 -3.32 -54.31
N LEU GA 188 -42.48 -3.02 -54.73
CA LEU GA 188 -42.88 -1.74 -55.30
C LEU GA 188 -43.68 -0.94 -54.28
N PRO GA 189 -43.90 0.36 -54.52
CA PRO GA 189 -44.81 1.20 -53.73
C PRO GA 189 -46.25 0.73 -53.59
N ASP GA 190 -46.70 -0.29 -54.34
CA ASP GA 190 -48.07 -0.79 -54.28
C ASP GA 190 -48.21 -2.31 -54.55
N THR GA 191 -47.11 -2.99 -54.82
CA THR GA 191 -47.11 -4.35 -55.39
C THR GA 191 -45.89 -5.14 -54.91
N THR GA 192 -45.94 -6.45 -54.96
CA THR GA 192 -44.79 -7.34 -54.78
C THR GA 192 -44.82 -8.44 -55.82
N MET GA 193 -43.67 -8.85 -56.33
CA MET GA 193 -43.53 -9.91 -57.34
C MET GA 193 -42.42 -10.86 -56.95
N THR GA 194 -42.62 -12.17 -57.10
CA THR GA 194 -41.61 -13.19 -56.85
C THR GA 194 -41.38 -14.05 -58.08
N TRP GA 195 -40.14 -14.14 -58.56
CA TRP GA 195 -39.75 -15.12 -59.55
C TRP GA 195 -38.95 -16.22 -58.87
N LEU GA 196 -39.33 -17.48 -59.02
CA LEU GA 196 -38.44 -18.61 -58.75
C LEU GA 196 -37.61 -18.88 -60.01
N ARG GA 197 -36.38 -19.35 -59.84
CA ARG GA 197 -35.42 -19.54 -60.94
C ARG GA 197 -35.14 -21.02 -61.20
N ALA GA 198 -36.18 -21.81 -61.40
CA ALA GA 198 -36.07 -23.25 -61.68
C ALA GA 198 -35.48 -23.54 -63.08
N GLU GA 199 -34.72 -24.63 -63.19
CA GLU GA 199 -34.15 -25.12 -64.46
C GLU GA 199 -33.30 -24.08 -65.23
N GLY GA 200 -32.73 -23.10 -64.51
CA GLY GA 200 -31.93 -22.00 -65.06
C GLY GA 200 -32.73 -20.80 -65.60
N GLU GA 201 -34.05 -20.83 -65.52
CA GLU GA 201 -34.96 -19.82 -66.07
C GLU GA 201 -35.83 -19.18 -64.97
N TRP GA 202 -36.15 -17.90 -65.07
CA TRP GA 202 -37.24 -17.35 -64.26
C TRP GA 202 -38.58 -17.95 -64.68
N GLU GA 203 -39.41 -18.43 -63.75
CA GLU GA 203 -40.83 -18.70 -64.02
C GLU GA 203 -41.65 -17.39 -64.05
N ALA GA 204 -42.97 -17.47 -64.26
CA ALA GA 204 -43.83 -16.29 -64.24
C ALA GA 204 -43.89 -15.65 -62.84
N PRO GA 205 -43.90 -14.31 -62.72
CA PRO GA 205 -43.93 -13.65 -61.42
C PRO GA 205 -45.28 -13.84 -60.73
N THR GA 206 -45.35 -14.73 -59.76
CA THR GA 206 -46.47 -14.70 -58.80
C THR GA 206 -46.42 -13.37 -58.06
N SER GA 207 -47.56 -12.75 -57.78
CA SER GA 207 -47.61 -11.36 -57.35
C SER GA 207 -48.82 -11.04 -56.48
N THR GA 208 -48.64 -10.10 -55.57
CA THR GA 208 -49.70 -9.54 -54.72
C THR GA 208 -49.65 -8.02 -54.73
N PRO GA 209 -50.79 -7.32 -54.69
CA PRO GA 209 -50.83 -5.91 -54.35
C PRO GA 209 -50.54 -5.74 -52.85
N HIS GA 210 -50.42 -4.52 -52.36
CA HIS GA 210 -50.48 -4.27 -50.91
C HIS GA 210 -51.22 -2.96 -50.59
N GLY GA 211 -51.66 -2.85 -49.34
CA GLY GA 211 -52.52 -1.76 -48.87
C GLY GA 211 -51.80 -0.47 -48.48
N LEU GA 212 -50.47 -0.39 -48.61
CA LEU GA 212 -49.73 0.85 -48.40
C LEU GA 212 -49.80 1.74 -49.66
N GLU GA 213 -49.12 2.87 -49.66
CA GLU GA 213 -48.68 3.55 -50.88
C GLU GA 213 -47.17 3.88 -50.78
N MET GA 214 -46.44 3.03 -50.05
CA MET GA 214 -45.03 3.14 -49.70
C MET GA 214 -44.43 1.74 -49.68
N VAL GA 215 -43.15 1.59 -50.02
CA VAL GA 215 -42.53 0.27 -50.12
C VAL GA 215 -42.46 -0.38 -48.73
N PRO GA 216 -42.90 -1.63 -48.52
CA PRO GA 216 -42.93 -2.28 -47.21
C PRO GA 216 -41.56 -2.83 -46.77
N VAL GA 217 -40.52 -2.01 -46.92
CA VAL GA 217 -39.15 -2.29 -46.45
C VAL GA 217 -38.62 -1.05 -45.74
N ILE GA 218 -38.00 -1.24 -44.58
CA ILE GA 218 -37.47 -0.16 -43.75
C ILE GA 218 -36.03 -0.47 -43.35
N PRO GA 219 -35.05 0.39 -43.61
CA PRO GA 219 -33.67 0.14 -43.23
C PRO GA 219 -33.41 0.54 -41.78
N ILE GA 220 -32.90 -0.37 -40.96
CA ILE GA 220 -32.07 0.01 -39.83
C ILE GA 220 -30.75 0.53 -40.43
N SER GA 221 -30.24 1.68 -40.00
CA SER GA 221 -28.93 2.13 -40.44
C SER GA 221 -28.11 2.68 -39.29
N ASN GA 222 -26.84 2.33 -39.27
CA ASN GA 222 -25.88 2.67 -38.24
C ASN GA 222 -25.38 4.12 -38.37
N ARG GA 223 -26.27 5.09 -38.59
CA ARG GA 223 -25.91 6.48 -38.89
C ARG GA 223 -25.05 7.06 -37.78
N THR GA 224 -23.76 7.25 -38.03
CA THR GA 224 -22.82 7.75 -37.02
C THR GA 224 -23.08 9.22 -36.71
N ARG GA 225 -23.33 10.02 -37.73
CA ARG GA 225 -23.63 11.45 -37.68
C ARG GA 225 -24.46 11.86 -38.89
N LEU GA 226 -25.06 13.05 -38.89
CA LEU GA 226 -26.17 13.39 -39.78
C LEU GA 226 -25.84 13.24 -41.28
N SER GA 227 -24.66 13.71 -41.70
CA SER GA 227 -24.16 13.58 -43.08
C SER GA 227 -23.67 12.19 -43.49
N ASP GA 228 -23.59 11.20 -42.58
CA ASP GA 228 -23.39 9.79 -42.93
C ASP GA 228 -24.70 9.21 -43.48
N LEU GA 229 -24.96 9.43 -44.76
CA LEU GA 229 -26.28 9.23 -45.36
C LEU GA 229 -26.74 7.77 -45.53
N TYR GA 230 -25.88 6.76 -45.34
CA TYR GA 230 -26.25 5.35 -45.46
C TYR GA 230 -25.88 4.49 -44.23
N GLY GA 231 -25.11 5.03 -43.29
CA GLY GA 231 -24.60 4.32 -42.13
C GLY GA 231 -23.32 3.57 -42.47
N THR GA 232 -22.23 3.88 -41.78
CA THR GA 232 -20.97 3.13 -41.90
C THR GA 232 -21.01 1.84 -41.10
N SER GA 233 -20.10 0.91 -41.40
CA SER GA 233 -19.76 -0.15 -40.47
C SER GA 233 -19.40 0.41 -39.11
N GLU GA 234 -19.66 -0.32 -38.03
CA GLU GA 234 -19.16 0.01 -36.71
C GLU GA 234 -17.69 -0.36 -36.53
N ILE GA 235 -17.14 -1.29 -37.31
CA ILE GA 235 -15.71 -1.62 -37.28
C ILE GA 235 -14.95 -0.48 -38.00
N SER GA 236 -14.78 0.65 -37.33
CA SER GA 236 -14.27 1.87 -37.94
C SER GA 236 -12.80 1.76 -38.37
N PRO GA 237 -12.29 2.63 -39.25
CA PRO GA 237 -10.92 2.56 -39.72
C PRO GA 237 -9.87 2.53 -38.62
N GLU GA 238 -10.09 3.19 -37.49
CA GLU GA 238 -9.16 3.10 -36.36
C GLU GA 238 -9.12 1.71 -35.78
N LEU GA 239 -10.27 1.07 -35.58
CA LEU GA 239 -10.33 -0.26 -35.02
C LEU GA 239 -9.87 -1.32 -36.01
N ARG GA 240 -10.10 -1.15 -37.31
CA ARG GA 240 -9.49 -2.02 -38.33
C ARG GA 240 -7.98 -1.91 -38.26
N SER GA 241 -7.46 -0.68 -38.20
CA SER GA 241 -6.02 -0.46 -38.20
C SER GA 241 -5.35 -1.11 -37.01
N VAL GA 242 -5.84 -0.92 -35.78
CA VAL GA 242 -5.23 -1.59 -34.62
C VAL GA 242 -5.47 -3.10 -34.62
N THR GA 243 -6.51 -3.60 -35.29
CA THR GA 243 -6.67 -5.04 -35.50
C THR GA 243 -5.58 -5.58 -36.41
N ASP GA 244 -5.37 -4.99 -37.58
CA ASP GA 244 -4.32 -5.46 -38.50
C ASP GA 244 -2.93 -5.25 -37.92
N ALA GA 245 -2.68 -4.15 -37.23
CA ALA GA 245 -1.39 -3.91 -36.60
C ALA GA 245 -1.08 -4.99 -35.55
N ALA GA 246 -2.03 -5.31 -34.68
CA ALA GA 246 -1.81 -6.33 -33.67
C ALA GA 246 -1.70 -7.74 -34.28
N ALA GA 247 -2.34 -8.02 -35.40
CA ALA GA 247 -2.15 -9.29 -36.10
C ALA GA 247 -0.70 -9.49 -36.52
N GLN GA 248 -0.06 -8.47 -37.09
CA GLN GA 248 1.35 -8.56 -37.47
C GLN GA 248 2.24 -8.81 -36.26
N ILE GA 249 2.09 -8.06 -35.16
CA ILE GA 249 2.95 -8.26 -33.99
C ILE GA 249 2.78 -9.66 -33.42
N LEU GA 250 1.54 -10.17 -33.36
CA LEU GA 250 1.32 -11.52 -32.85
C LEU GA 250 2.02 -12.53 -33.75
N MET GA 251 1.90 -12.39 -35.08
CA MET GA 251 2.50 -13.35 -35.99
C MET GA 251 4.03 -13.33 -35.93
N ASN GA 252 4.68 -12.16 -35.88
CA ASN GA 252 6.13 -12.10 -35.68
C ASN GA 252 6.52 -12.76 -34.37
N MET GA 253 5.84 -12.44 -33.28
CA MET GA 253 6.15 -12.99 -31.95
C MET GA 253 6.05 -14.52 -31.97
N GLN GA 254 5.00 -15.08 -32.56
CA GLN GA 254 4.85 -16.52 -32.70
C GLN GA 254 6.00 -17.12 -33.53
N GLY GA 255 6.31 -16.55 -34.68
CA GLY GA 255 7.41 -17.03 -35.53
C GLY GA 255 8.74 -17.00 -34.81
N THR GA 256 8.98 -15.99 -33.98
CA THR GA 256 10.23 -15.85 -33.22
C THR GA 256 10.43 -17.03 -32.29
N ALA GA 257 9.37 -17.49 -31.63
CA ALA GA 257 9.46 -18.65 -30.75
C ALA GA 257 9.80 -19.94 -31.50
N ASN GA 258 9.47 -20.04 -32.80
CA ASN GA 258 9.82 -21.20 -33.62
C ASN GA 258 11.27 -21.18 -34.13
N LEU GA 259 11.96 -20.05 -34.12
CA LEU GA 259 13.23 -19.88 -34.86
C LEU GA 259 14.38 -19.25 -34.09
N MET GA 260 14.10 -18.49 -33.03
CA MET GA 260 15.00 -17.42 -32.60
C MET GA 260 14.97 -17.16 -31.09
N ALA GA 261 14.04 -17.75 -30.34
CA ALA GA 261 13.93 -17.60 -28.89
C ALA GA 261 14.92 -18.46 -28.09
N ILE GA 262 15.86 -19.07 -28.79
CA ILE GA 262 16.82 -20.07 -28.32
C ILE GA 262 18.22 -19.59 -28.70
N PRO GA 263 19.24 -19.71 -27.83
CA PRO GA 263 20.60 -19.35 -28.18
C PRO GA 263 21.14 -20.29 -29.25
N GLN GA 264 21.95 -19.80 -30.19
CA GLN GA 264 22.54 -20.63 -31.24
C GLN GA 264 24.03 -20.82 -30.98
N ARG GA 265 24.53 -22.05 -30.99
CA ARG GA 265 25.83 -22.42 -30.42
C ARG GA 265 26.87 -22.72 -31.50
N LEU GA 266 27.99 -22.02 -31.50
CA LEU GA 266 29.00 -22.11 -32.55
C LEU GA 266 30.36 -22.56 -31.99
N ILE GA 267 31.12 -23.30 -32.77
CA ILE GA 267 32.52 -23.64 -32.51
C ILE GA 267 33.37 -23.18 -33.71
N PHE GA 268 34.40 -22.37 -33.45
CA PHE GA 268 35.36 -21.95 -34.46
C PHE GA 268 36.68 -22.71 -34.33
N GLY GA 269 37.50 -22.70 -35.37
CA GLY GA 269 38.81 -23.36 -35.40
C GLY GA 269 38.75 -24.87 -35.60
N ALA GA 270 37.72 -25.50 -35.08
CA ALA GA 270 37.48 -26.94 -35.19
C ALA GA 270 37.34 -27.44 -36.63
N LYS GA 271 38.28 -28.28 -37.06
CA LYS GA 271 38.21 -28.99 -38.35
C LYS GA 271 37.08 -30.03 -38.30
N PRO GA 272 36.11 -30.03 -39.25
CA PRO GA 272 35.06 -31.04 -39.30
C PRO GA 272 35.56 -32.49 -39.25
N GLU GA 273 36.72 -32.76 -39.84
CA GLU GA 273 37.36 -34.08 -39.78
C GLU GA 273 37.85 -34.44 -38.37
N GLU GA 274 38.39 -33.49 -37.61
CA GLU GA 274 38.88 -33.72 -36.24
C GLU GA 274 37.73 -33.96 -35.27
N LEU GA 275 36.59 -33.30 -35.52
CA LEU GA 275 35.34 -33.53 -34.79
C LEU GA 275 34.64 -34.82 -35.23
N GLY GA 276 35.13 -35.50 -36.26
CA GLY GA 276 34.59 -36.78 -36.69
C GLY GA 276 33.21 -36.69 -37.35
N ILE GA 277 32.89 -35.57 -37.99
CA ILE GA 277 31.65 -35.45 -38.76
C ILE GA 277 31.63 -36.55 -39.82
N ASN GA 278 30.53 -37.29 -39.92
CA ASN GA 278 30.30 -38.25 -40.99
C ASN GA 278 30.08 -37.48 -42.31
N ALA GA 279 31.10 -37.41 -43.15
CA ALA GA 279 31.21 -36.40 -44.20
C ALA GA 279 30.15 -36.47 -45.30
N GLU GA 280 29.51 -37.62 -45.50
CA GLU GA 280 28.41 -37.75 -46.46
C GLU GA 280 27.05 -37.26 -45.92
N THR GA 281 26.93 -37.01 -44.61
CA THR GA 281 25.72 -36.47 -43.97
C THR GA 281 25.92 -35.09 -43.33
N GLY GA 282 27.11 -34.79 -42.80
CA GLY GA 282 27.40 -33.50 -42.15
C GLY GA 282 27.01 -33.42 -40.68
N GLN GA 283 26.91 -34.55 -39.97
CA GLN GA 283 26.43 -34.64 -38.59
C GLN GA 283 27.22 -35.66 -37.76
N ARG GA 284 27.16 -35.52 -36.43
CA ARG GA 284 27.59 -36.52 -35.45
C ARG GA 284 26.69 -36.41 -34.21
N MET GA 285 26.46 -37.51 -33.51
CA MET GA 285 25.42 -37.56 -32.49
C MET GA 285 25.94 -37.22 -31.10
N PHE GA 286 25.82 -35.95 -30.74
CA PHE GA 286 25.86 -35.41 -29.39
C PHE GA 286 24.89 -36.16 -28.45
N ASP GA 287 25.41 -37.03 -27.58
CA ASP GA 287 24.63 -37.62 -26.49
C ASP GA 287 24.51 -36.60 -25.34
N ALA GA 288 23.30 -36.12 -25.06
CA ALA GA 288 23.08 -34.86 -24.36
C ALA GA 288 22.96 -34.94 -22.82
N TYR GA 289 23.00 -36.13 -22.23
CA TYR GA 289 22.50 -36.34 -20.88
C TYR GA 289 23.30 -35.57 -19.80
N MET GA 290 22.61 -34.77 -18.99
CA MET GA 290 23.17 -33.98 -17.88
C MET GA 290 24.55 -33.37 -18.15
N ALA GA 291 25.57 -33.73 -17.37
CA ALA GA 291 26.80 -32.98 -17.20
C ALA GA 291 28.00 -33.48 -18.01
N ARG GA 292 27.78 -34.25 -19.08
CA ARG GA 292 28.86 -34.84 -19.89
C ARG GA 292 29.69 -33.74 -20.54
N ILE GA 293 30.91 -33.53 -20.05
CA ILE GA 293 31.84 -32.47 -20.49
C ILE GA 293 32.41 -32.84 -21.87
N LEU GA 294 32.25 -32.00 -22.89
CA LEU GA 294 32.89 -32.24 -24.20
C LEU GA 294 34.36 -31.81 -24.19
N ALA GA 295 35.19 -32.40 -25.05
CA ALA GA 295 36.60 -32.02 -25.16
C ALA GA 295 37.10 -31.97 -26.61
N PHE GA 296 37.99 -31.03 -26.92
CA PHE GA 296 38.51 -30.78 -28.25
C PHE GA 296 39.99 -30.36 -28.29
N GLU GA 297 40.65 -30.58 -29.41
CA GLU GA 297 41.92 -29.97 -29.77
C GLU GA 297 41.80 -28.48 -30.13
N GLY GA 298 42.83 -27.68 -29.81
CA GLY GA 298 42.76 -26.22 -29.74
C GLY GA 298 43.40 -25.45 -30.91
N GLY GA 299 43.76 -26.12 -32.01
CA GLY GA 299 44.37 -25.46 -33.16
C GLY GA 299 43.48 -24.39 -33.81
N GLU GA 300 44.05 -23.56 -34.68
CA GLU GA 300 43.35 -22.40 -35.31
C GLU GA 300 42.76 -21.41 -34.28
N GLY GA 301 43.23 -21.42 -33.03
CA GLY GA 301 42.65 -20.63 -31.94
C GLY GA 301 41.22 -21.03 -31.60
N ALA GA 302 40.88 -22.31 -31.73
CA ALA GA 302 39.52 -22.81 -31.58
C ALA GA 302 38.87 -22.39 -30.27
N HIS GA 303 37.63 -21.92 -30.36
CA HIS GA 303 36.82 -21.52 -29.21
C HIS GA 303 35.34 -21.61 -29.53
N ALA GA 304 34.52 -21.74 -28.49
CA ALA GA 304 33.08 -21.76 -28.56
C ALA GA 304 32.50 -20.40 -28.21
N GLU GA 305 31.59 -19.91 -29.02
CA GLU GA 305 30.80 -18.71 -28.73
C GLU GA 305 29.38 -18.89 -29.28
N GLN GA 306 28.44 -18.04 -28.88
CA GLN GA 306 27.03 -18.28 -29.19
C GLN GA 306 26.31 -16.98 -29.54
N PHE GA 307 25.39 -17.03 -30.49
CA PHE GA 307 24.46 -15.93 -30.68
C PHE GA 307 23.40 -15.96 -29.59
N SER GA 308 23.02 -14.80 -29.09
CA SER GA 308 21.94 -14.66 -28.12
C SER GA 308 20.56 -14.99 -28.72
N ALA GA 309 19.63 -15.35 -27.85
CA ALA GA 309 18.22 -15.43 -28.18
C ALA GA 309 17.61 -14.03 -28.34
N ALA GA 310 16.54 -13.89 -29.11
CA ALA GA 310 15.69 -12.71 -29.03
C ALA GA 310 14.88 -12.73 -27.72
N GLU GA 311 14.64 -11.56 -27.12
CA GLU GA 311 13.62 -11.42 -26.07
C GLU GA 311 12.21 -11.51 -26.70
N LEU GA 312 11.40 -12.53 -26.40
CA LEU GA 312 9.99 -12.49 -26.82
C LEU GA 312 9.26 -11.35 -26.12
N ARG GA 313 9.71 -10.95 -24.94
CA ARG GA 313 9.16 -9.81 -24.20
C ARG GA 313 9.24 -8.50 -24.98
N ASN GA 314 10.22 -8.33 -25.86
CA ASN GA 314 10.32 -7.16 -26.72
C ASN GA 314 9.15 -7.03 -27.71
N PHE GA 315 8.38 -8.10 -27.97
CA PHE GA 315 7.10 -7.99 -28.65
C PHE GA 315 5.96 -7.81 -27.67
N VAL GA 316 5.96 -8.56 -26.57
CA VAL GA 316 4.84 -8.53 -25.62
C VAL GA 316 4.64 -7.14 -25.04
N ASP GA 317 5.72 -6.43 -24.73
CA ASP GA 317 5.63 -5.06 -24.21
C ASP GA 317 5.20 -4.03 -25.28
N ALA GA 318 5.07 -4.41 -26.56
CA ALA GA 318 4.35 -3.65 -27.57
C ALA GA 318 2.92 -4.15 -27.80
N LEU GA 319 2.62 -5.44 -27.65
CA LEU GA 319 1.24 -5.92 -27.62
C LEU GA 319 0.45 -5.27 -26.48
N ASP GA 320 1.05 -5.16 -25.31
CA ASP GA 320 0.44 -4.44 -24.19
C ASP GA 320 0.18 -2.98 -24.49
N ALA GA 321 0.92 -2.36 -25.41
CA ALA GA 321 0.62 -0.99 -25.83
C ALA GA 321 -0.56 -0.95 -26.80
N LEU GA 322 -0.64 -1.87 -27.76
CA LEU GA 322 -1.75 -1.92 -28.71
C LEU GA 322 -3.09 -2.25 -28.02
N ASP GA 323 -3.12 -3.08 -26.99
CA ASP GA 323 -4.35 -3.30 -26.22
C ASP GA 323 -4.88 -2.01 -25.59
N ARG GA 324 -4.03 -1.15 -25.04
CA ARG GA 324 -4.47 0.14 -24.50
C ARG GA 324 -5.04 1.05 -25.59
N LYS GA 325 -4.55 0.96 -26.83
CA LYS GA 325 -5.19 1.65 -27.96
C LYS GA 325 -6.54 1.01 -28.30
N ALA GA 326 -6.62 -0.31 -28.38
CA ALA GA 326 -7.86 -1.00 -28.73
C ALA GA 326 -8.98 -0.72 -27.73
N ALA GA 327 -8.67 -0.57 -26.44
CA ALA GA 327 -9.62 -0.03 -25.47
C ALA GA 327 -9.96 1.42 -25.81
N SER GA 328 -8.97 2.30 -25.95
CA SER GA 328 -9.21 3.74 -26.15
C SER GA 328 -10.09 4.05 -27.36
N TYR GA 329 -9.94 3.35 -28.49
CA TYR GA 329 -10.74 3.60 -29.69
C TYR GA 329 -12.14 3.00 -29.64
N SER GA 330 -12.38 1.97 -28.82
CA SER GA 330 -13.68 1.30 -28.74
C SER GA 330 -14.53 1.75 -27.54
N GLY GA 331 -13.90 2.20 -26.45
CA GLY GA 331 -14.60 2.59 -25.24
C GLY GA 331 -15.13 1.42 -24.40
N LEU GA 332 -14.72 0.18 -24.70
CA LEU GA 332 -15.04 -0.95 -23.83
C LEU GA 332 -14.47 -0.74 -22.43
N PRO GA 333 -15.10 -1.28 -21.37
CA PRO GA 333 -14.49 -1.35 -20.05
C PRO GA 333 -13.10 -1.98 -20.16
N PRO GA 334 -12.06 -1.48 -19.49
CA PRO GA 334 -10.69 -1.93 -19.75
C PRO GA 334 -10.51 -3.44 -19.67
N GLN GA 335 -11.12 -4.10 -18.69
CA GLN GA 335 -10.97 -5.55 -18.51
C GLN GA 335 -11.57 -6.38 -19.66
N TYR GA 336 -12.33 -5.81 -20.59
CA TYR GA 336 -12.77 -6.54 -21.78
C TYR GA 336 -11.62 -6.78 -22.75
N LEU GA 337 -10.63 -5.89 -22.83
CA LEU GA 337 -9.37 -6.15 -23.53
C LEU GA 337 -8.38 -6.95 -22.67
N SER GA 338 -8.71 -7.18 -21.39
CA SER GA 338 -7.78 -7.70 -20.39
C SER GA 338 -6.48 -6.89 -20.31
N SER GA 339 -6.59 -5.57 -20.42
CA SER GA 339 -5.45 -4.64 -20.36
C SER GA 339 -4.64 -4.80 -19.08
N SER GA 340 -5.32 -5.12 -17.98
CA SER GA 340 -4.76 -5.30 -16.65
C SER GA 340 -5.71 -6.15 -15.79
N SER GA 341 -5.21 -6.66 -14.66
CA SER GA 341 -5.96 -7.48 -13.71
C SER GA 341 -7.04 -6.72 -12.95
N ASP GA 342 -6.79 -5.45 -12.60
CA ASP GA 342 -7.68 -4.66 -11.75
C ASP GA 342 -9.03 -4.39 -12.43
N ASN GA 343 -10.09 -4.43 -11.63
CA ASN GA 343 -11.48 -4.36 -12.06
C ASN GA 343 -12.31 -3.74 -10.91
N PRO GA 344 -13.48 -3.15 -11.19
CA PRO GA 344 -14.14 -2.27 -10.24
C PRO GA 344 -14.69 -3.03 -9.02
N ALA GA 345 -14.33 -2.57 -7.82
CA ALA GA 345 -14.61 -3.25 -6.57
C ALA GA 345 -16.02 -3.00 -5.98
N SER GA 346 -16.71 -1.96 -6.46
CA SER GA 346 -17.96 -1.44 -5.88
C SER GA 346 -18.94 -1.01 -6.97
N ALA GA 347 -20.23 -0.89 -6.64
CA ALA GA 347 -21.25 -0.45 -7.59
C ALA GA 347 -20.95 0.94 -8.16
N GLU GA 348 -20.37 1.81 -7.34
CA GLU GA 348 -19.95 3.15 -7.74
C GLU GA 348 -18.82 3.07 -8.77
N ALA GA 349 -17.81 2.23 -8.55
CA ALA GA 349 -16.72 2.04 -9.50
C ALA GA 349 -17.19 1.39 -10.80
N ILE GA 350 -18.18 0.50 -10.77
CA ILE GA 350 -18.75 -0.09 -11.99
C ILE GA 350 -19.42 0.97 -12.84
N LYS GA 351 -20.29 1.78 -12.26
CA LYS GA 351 -21.06 2.77 -13.01
C LYS GA 351 -20.15 3.74 -13.75
N ALA GA 352 -18.98 4.06 -13.20
CA ALA GA 352 -17.97 4.85 -13.88
C ALA GA 352 -17.19 4.06 -14.93
N ALA GA 353 -16.76 2.84 -14.63
CA ALA GA 353 -15.93 2.05 -15.53
C ALA GA 353 -16.63 1.76 -16.85
N GLU GA 354 -17.93 1.49 -16.82
CA GLU GA 354 -18.71 1.22 -18.03
C GLU GA 354 -19.25 2.47 -18.71
N SER GA 355 -18.94 3.68 -18.23
CA SER GA 355 -19.65 4.90 -18.61
C SER GA 355 -19.58 5.26 -20.09
N ARG GA 356 -18.58 4.82 -20.86
CA ARG GA 356 -18.60 4.98 -22.31
C ARG GA 356 -19.52 3.97 -22.97
N LEU GA 357 -19.31 2.68 -22.73
CA LEU GA 357 -20.09 1.62 -23.38
C LEU GA 357 -21.58 1.76 -23.09
N VAL GA 358 -21.97 2.15 -21.88
CA VAL GA 358 -23.36 2.41 -21.54
C VAL GA 358 -23.95 3.53 -22.39
N LYS GA 359 -23.30 4.68 -22.48
CA LYS GA 359 -23.86 5.80 -23.26
C LYS GA 359 -23.79 5.54 -24.78
N LYS GA 360 -22.82 4.76 -25.26
CA LYS GA 360 -22.77 4.28 -26.64
C LYS GA 360 -24.02 3.46 -26.96
N VAL GA 361 -24.38 2.52 -26.09
CA VAL GA 361 -25.58 1.72 -26.30
C VAL GA 361 -26.83 2.57 -26.19
N GLU GA 362 -26.92 3.51 -25.25
CA GLU GA 362 -28.07 4.42 -25.25
C GLU GA 362 -28.21 5.21 -26.56
N ARG GA 363 -27.11 5.62 -27.18
CA ARG GA 363 -27.10 6.29 -28.49
C ARG GA 363 -27.56 5.34 -29.59
N LYS GA 364 -27.10 4.09 -29.63
CA LYS GA 364 -27.57 3.11 -30.63
C LYS GA 364 -29.04 2.81 -30.46
N ASN GA 365 -29.54 2.64 -29.24
CA ASN GA 365 -30.96 2.36 -29.01
C ASN GA 365 -31.84 3.46 -29.60
N LYS GA 366 -31.47 4.71 -29.43
CA LYS GA 366 -32.26 5.80 -30.00
C LYS GA 366 -32.26 5.78 -31.52
N ILE GA 367 -31.15 5.43 -32.16
CA ILE GA 367 -31.02 5.36 -33.62
C ILE GA 367 -31.78 4.16 -34.22
N PHE GA 368 -31.72 2.98 -33.62
CA PHE GA 368 -32.49 1.82 -34.09
C PHE GA 368 -33.97 1.93 -33.73
N GLY GA 369 -34.33 2.64 -32.66
CA GLY GA 369 -35.73 2.89 -32.31
C GLY GA 369 -36.53 3.52 -33.45
N GLY GA 370 -35.96 4.48 -34.17
CA GLY GA 370 -36.63 5.08 -35.32
C GLY GA 370 -37.00 4.10 -36.44
N ALA GA 371 -36.26 3.00 -36.60
CA ALA GA 371 -36.60 1.98 -37.58
C ALA GA 371 -37.77 1.13 -37.07
N TRP GA 372 -37.76 0.70 -35.83
CA TRP GA 372 -38.88 -0.09 -35.29
C TRP GA 372 -40.15 0.75 -35.14
N GLU GA 373 -40.09 2.05 -34.86
CA GLU GA 373 -41.24 2.93 -34.99
C GLU GA 373 -41.83 2.87 -36.41
N GLN GA 374 -41.03 3.14 -37.46
CA GLN GA 374 -41.53 3.12 -38.84
C GLN GA 374 -42.03 1.75 -39.26
N ALA GA 375 -41.41 0.67 -38.83
CA ALA GA 375 -41.88 -0.67 -39.15
C ALA GA 375 -43.24 -0.94 -38.52
N MET GA 376 -43.49 -0.50 -37.29
CA MET GA 376 -44.78 -0.66 -36.68
C MET GA 376 -45.84 0.24 -37.30
N ARG GA 377 -45.53 1.48 -37.69
CA ARG GA 377 -46.52 2.32 -38.38
C ARG GA 377 -46.97 1.70 -39.70
N LEU GA 378 -46.05 1.15 -40.49
CA LEU GA 378 -46.42 0.41 -41.68
C LEU GA 378 -47.22 -0.84 -41.32
N ALA GA 379 -46.77 -1.66 -40.38
CA ALA GA 379 -47.49 -2.86 -39.97
C ALA GA 379 -48.92 -2.53 -39.55
N TYR GA 380 -49.14 -1.42 -38.87
CA TYR GA 380 -50.47 -0.97 -38.52
C TYR GA 380 -51.32 -0.74 -39.77
N LYS GA 381 -50.87 0.07 -40.73
CA LYS GA 381 -51.65 0.25 -41.97
C LYS GA 381 -51.93 -1.07 -42.65
N MET GA 382 -50.96 -1.97 -42.64
CA MET GA 382 -51.04 -3.20 -43.41
C MET GA 382 -52.14 -4.15 -42.92
N VAL GA 383 -52.29 -4.38 -41.61
CA VAL GA 383 -53.44 -5.15 -41.11
C VAL GA 383 -54.69 -4.30 -40.94
N LYS GA 384 -54.57 -3.12 -40.33
CA LYS GA 384 -55.71 -2.39 -39.81
C LYS GA 384 -56.36 -1.47 -40.85
N GLY GA 385 -55.65 -1.09 -41.90
CA GLY GA 385 -56.14 -0.21 -42.95
C GLY GA 385 -56.35 1.24 -42.52
N GLY GA 386 -56.77 2.09 -43.47
CA GLY GA 386 -57.07 3.51 -43.24
C GLY GA 386 -55.86 4.35 -42.85
N ASP GA 387 -56.08 5.62 -42.55
CA ASP GA 387 -55.05 6.50 -42.00
C ASP GA 387 -54.76 6.17 -40.53
N ILE GA 388 -53.49 6.15 -40.17
CA ILE GA 388 -53.04 5.82 -38.82
C ILE GA 388 -53.56 6.87 -37.82
N PRO GA 389 -54.07 6.50 -36.64
CA PRO GA 389 -54.37 7.46 -35.58
C PRO GA 389 -53.14 8.31 -35.28
N THR GA 390 -53.25 9.63 -35.27
CA THR GA 390 -52.06 10.50 -35.28
C THR GA 390 -51.27 10.49 -33.98
N GLU GA 391 -51.74 9.82 -32.94
CA GLU GA 391 -50.92 9.49 -31.77
C GLU GA 391 -49.76 8.57 -32.13
N TYR GA 392 -49.87 7.72 -33.15
CA TYR GA 392 -48.78 6.82 -33.50
C TYR GA 392 -47.57 7.55 -34.08
N TYR GA 393 -47.68 8.76 -34.63
CA TYR GA 393 -46.50 9.51 -35.07
C TYR GA 393 -45.61 9.96 -33.91
N ARG GA 394 -46.12 9.86 -32.68
CA ARG GA 394 -45.54 10.36 -31.41
C ARG GA 394 -45.14 9.22 -30.48
N MET GA 395 -45.27 7.97 -30.93
CA MET GA 395 -44.91 6.80 -30.15
C MET GA 395 -43.42 6.73 -29.88
N GLU GA 396 -43.03 5.91 -28.92
CA GLU GA 396 -41.65 5.76 -28.47
C GLU GA 396 -41.37 4.30 -28.14
N THR GA 397 -40.12 3.88 -28.25
CA THR GA 397 -39.68 2.53 -27.90
C THR GA 397 -38.96 2.56 -26.56
N VAL GA 398 -39.34 1.73 -25.60
CA VAL GA 398 -38.71 1.69 -24.28
C VAL GA 398 -37.68 0.57 -24.25
N TRP GA 399 -36.41 0.86 -24.53
CA TRP GA 399 -35.35 -0.12 -24.41
C TRP GA 399 -34.99 -0.36 -22.94
N ARG GA 400 -34.51 -1.54 -22.56
CA ARG GA 400 -34.02 -1.78 -21.19
C ARG GA 400 -32.79 -0.94 -20.92
N ASP GA 401 -32.57 -0.58 -19.66
CA ASP GA 401 -31.32 0.05 -19.22
C ASP GA 401 -30.12 -0.86 -19.56
N PRO GA 402 -29.16 -0.40 -20.39
CA PRO GA 402 -28.07 -1.24 -20.89
C PRO GA 402 -26.90 -1.37 -19.92
N SER GA 403 -27.01 -0.81 -18.71
CA SER GA 403 -25.97 -0.90 -17.68
C SER GA 403 -26.06 -2.18 -16.85
N THR GA 404 -24.96 -2.58 -16.20
CA THR GA 404 -24.93 -3.81 -15.40
C THR GA 404 -25.88 -3.67 -14.21
N PRO GA 405 -26.84 -4.59 -14.01
CA PRO GA 405 -27.87 -4.42 -12.99
C PRO GA 405 -27.36 -4.73 -11.58
N THR GA 406 -27.04 -3.69 -10.82
CA THR GA 406 -26.67 -3.77 -9.40
C THR GA 406 -27.92 -3.80 -8.51
N TYR GA 407 -28.61 -4.93 -8.50
CA TYR GA 407 -29.92 -5.06 -7.84
C TYR GA 407 -29.92 -4.68 -6.36
N ALA GA 408 -28.91 -5.04 -5.58
CA ALA GA 408 -28.88 -4.69 -4.16
C ALA GA 408 -28.82 -3.17 -3.91
N ALA GA 409 -27.98 -2.43 -4.64
CA ALA GA 409 -27.91 -0.98 -4.48
C ALA GA 409 -29.24 -0.32 -4.90
N LYS GA 410 -29.85 -0.76 -5.99
CA LYS GA 410 -31.16 -0.25 -6.43
C LYS GA 410 -32.25 -0.54 -5.38
N ALA GA 411 -32.28 -1.73 -4.81
CA ALA GA 411 -33.24 -2.12 -3.78
C ALA GA 411 -33.17 -1.23 -2.54
N ASP GA 412 -31.98 -1.05 -1.98
CA ASP GA 412 -31.79 -0.20 -0.80
C ASP GA 412 -32.24 1.23 -1.09
N ALA GA 413 -31.85 1.79 -2.24
CA ALA GA 413 -32.23 3.12 -2.65
C ALA GA 413 -33.75 3.29 -2.82
N ALA GA 414 -34.42 2.44 -3.60
CA ALA GA 414 -35.84 2.62 -3.87
C ALA GA 414 -36.70 2.38 -2.62
N ALA GA 415 -36.36 1.41 -1.76
CA ALA GA 415 -37.06 1.21 -0.50
C ALA GA 415 -36.98 2.45 0.39
N LYS GA 416 -35.90 3.23 0.30
CA LYS GA 416 -35.73 4.50 1.00
C LYS GA 416 -36.59 5.61 0.44
N LEU GA 417 -36.79 5.67 -0.87
CA LEU GA 417 -37.66 6.69 -1.47
C LEU GA 417 -39.12 6.42 -1.16
N PHE GA 418 -39.57 5.17 -1.20
CA PHE GA 418 -40.98 4.87 -1.04
C PHE GA 418 -41.43 4.89 0.43
N ALA GA 419 -40.58 4.45 1.36
CA ALA GA 419 -40.81 4.52 2.81
C ALA GA 419 -42.21 4.04 3.24
N ASN GA 420 -42.60 2.84 2.81
CA ASN GA 420 -43.91 2.23 3.10
C ASN GA 420 -45.11 3.11 2.69
N GLY GA 421 -44.95 3.95 1.67
CA GLY GA 421 -45.99 4.83 1.14
C GLY GA 421 -45.93 6.26 1.68
N ALA GA 422 -45.16 6.53 2.72
CA ALA GA 422 -45.04 7.88 3.29
C ALA GA 422 -43.93 8.74 2.67
N GLY GA 423 -43.20 8.22 1.67
CA GLY GA 423 -42.02 8.84 1.08
C GLY GA 423 -42.30 9.75 -0.11
N LEU GA 424 -41.26 10.06 -0.88
CA LEU GA 424 -41.34 10.99 -2.01
C LEU GA 424 -41.58 10.32 -3.37
N ILE GA 425 -42.08 9.09 -3.44
CA ILE GA 425 -42.29 8.34 -4.68
C ILE GA 425 -43.65 7.65 -4.70
N PRO GA 426 -44.43 7.69 -5.79
CA PRO GA 426 -45.60 6.85 -5.94
C PRO GA 426 -45.14 5.43 -6.26
N ARG GA 427 -45.83 4.40 -5.77
CA ARG GA 427 -45.33 3.02 -5.81
C ARG GA 427 -44.78 2.65 -7.18
N GLU GA 428 -45.55 2.78 -8.25
CA GLU GA 428 -45.10 2.24 -9.51
C GLU GA 428 -44.08 3.07 -10.28
N ARG GA 429 -43.65 4.23 -9.77
CA ARG GA 429 -42.35 4.78 -10.22
C ARG GA 429 -41.20 4.02 -9.62
N GLY GA 430 -41.30 3.62 -8.36
CA GLY GA 430 -40.26 2.80 -7.74
C GLY GA 430 -40.02 1.51 -8.53
N TRP GA 431 -41.03 0.96 -9.17
CA TRP GA 431 -40.84 -0.18 -10.07
C TRP GA 431 -39.97 0.17 -11.27
N VAL GA 432 -40.27 1.21 -12.05
CA VAL GA 432 -39.41 1.51 -13.22
C VAL GA 432 -38.04 2.02 -12.80
N ASP GA 433 -37.85 2.59 -11.62
CA ASP GA 433 -36.50 2.78 -11.08
C ASP GA 433 -35.81 1.44 -10.80
N MET GA 434 -36.53 0.45 -10.29
CA MET GA 434 -35.99 -0.90 -10.07
C MET GA 434 -35.67 -1.61 -11.38
N GLY GA 435 -36.31 -1.20 -12.48
CA GLY GA 435 -36.08 -1.72 -13.82
C GLY GA 435 -37.00 -2.86 -14.25
N TYR GA 436 -38.02 -3.20 -13.46
CA TYR GA 436 -39.03 -4.16 -13.91
C TYR GA 436 -39.72 -3.65 -15.17
N THR GA 437 -39.86 -4.48 -16.20
CA THR GA 437 -40.21 -4.01 -17.54
C THR GA 437 -41.68 -3.60 -17.70
N ILE GA 438 -42.00 -2.86 -18.76
CA ILE GA 438 -43.39 -2.52 -19.16
C ILE GA 438 -44.31 -3.74 -19.13
N VAL GA 439 -43.82 -4.88 -19.60
CA VAL GA 439 -44.55 -6.16 -19.66
C VAL GA 439 -44.62 -6.84 -18.30
N GLU GA 440 -43.59 -6.69 -17.48
CA GLU GA 440 -43.53 -7.36 -16.18
C GLU GA 440 -44.37 -6.64 -15.13
N ARG GA 441 -44.32 -5.31 -15.08
CA ARG GA 441 -45.07 -4.51 -14.12
C ARG GA 441 -46.58 -4.79 -14.14
N GLU GA 442 -47.17 -5.11 -15.29
CA GLU GA 442 -48.58 -5.49 -15.34
C GLU GA 442 -48.90 -6.67 -14.42
N GLN GA 443 -48.01 -7.66 -14.35
CA GLN GA 443 -48.19 -8.78 -13.45
C GLN GA 443 -48.10 -8.32 -12.00
N MET GA 444 -47.25 -7.35 -11.68
CA MET GA 444 -47.21 -6.79 -10.33
C MET GA 444 -48.47 -6.01 -10.02
N ARG GA 445 -49.12 -5.33 -10.97
CA ARG GA 445 -50.44 -4.73 -10.71
C ARG GA 445 -51.48 -5.80 -10.40
N GLN GA 446 -51.48 -6.92 -11.12
CA GLN GA 446 -52.38 -8.04 -10.82
C GLN GA 446 -52.10 -8.68 -9.46
N TRP GA 447 -50.84 -9.00 -9.16
CA TRP GA 447 -50.48 -9.59 -7.88
C TRP GA 447 -50.75 -8.64 -6.72
N LEU GA 448 -50.45 -7.35 -6.86
CA LEU GA 448 -50.73 -6.40 -5.79
C LEU GA 448 -52.23 -6.28 -5.54
N GLU GA 449 -53.05 -6.22 -6.60
CA GLU GA 449 -54.51 -6.18 -6.47
C GLU GA 449 -55.03 -7.37 -5.66
N GLN GA 450 -54.43 -8.55 -5.85
CA GLN GA 450 -54.74 -9.73 -5.06
C GLN GA 450 -54.16 -9.67 -3.64
N ASP GA 451 -52.94 -9.18 -3.46
CA ASP GA 451 -52.27 -9.12 -2.17
C ASP GA 451 -53.02 -8.19 -1.20
N GLN GA 452 -53.62 -7.12 -1.73
CA GLN GA 452 -54.48 -6.21 -0.96
C GLN GA 452 -55.73 -6.90 -0.37
N LYS GA 453 -56.10 -8.09 -0.83
CA LYS GA 453 -57.19 -8.89 -0.24
C LYS GA 453 -56.76 -9.63 1.03
N GLN GA 454 -55.46 -9.63 1.37
CA GLN GA 454 -54.89 -10.34 2.52
C GLN GA 454 -54.10 -9.46 3.50
N GLY GA 455 -53.63 -8.28 3.08
CA GLY GA 455 -52.90 -7.33 3.95
C GLY GA 455 -52.64 -5.97 3.31
N SER HA 6 -32.37 44.81 -58.41
CA SER HA 6 -33.01 43.51 -58.12
C SER HA 6 -32.13 42.35 -58.57
N ILE HA 7 -32.45 41.13 -58.16
CA ILE HA 7 -31.82 39.89 -58.63
C ILE HA 7 -32.87 38.82 -58.90
N ASP HA 8 -32.75 38.12 -60.02
CA ASP HA 8 -33.61 37.00 -60.37
C ASP HA 8 -33.21 35.74 -59.59
N PRO HA 9 -34.17 35.02 -58.99
CA PRO HA 9 -33.84 33.91 -58.11
C PRO HA 9 -33.17 32.78 -58.86
N GLU HA 10 -33.55 32.54 -60.12
CA GLU HA 10 -32.91 31.52 -60.96
C GLU HA 10 -31.45 31.85 -61.33
N LYS HA 11 -30.98 33.10 -61.12
CA LYS HA 11 -29.55 33.46 -61.16
C LYS HA 11 -28.91 33.31 -59.79
N LEU HA 12 -29.59 33.77 -58.73
CA LEU HA 12 -29.11 33.62 -57.37
C LEU HA 12 -28.88 32.15 -56.99
N ARG HA 13 -29.71 31.25 -57.52
CA ARG HA 13 -29.55 29.80 -57.38
C ARG HA 13 -28.13 29.37 -57.72
N ASP HA 14 -27.68 29.63 -58.94
CA ASP HA 14 -26.35 29.18 -59.38
C ASP HA 14 -25.22 29.87 -58.61
N GLN HA 15 -25.40 31.12 -58.22
CA GLN HA 15 -24.45 31.83 -57.36
C GLN HA 15 -24.29 31.17 -55.98
N LEU HA 16 -25.40 30.79 -55.34
CA LEU HA 16 -25.34 30.12 -54.05
C LEU HA 16 -24.85 28.69 -54.18
N LEU HA 17 -25.20 27.97 -55.25
CA LEU HA 17 -24.62 26.66 -55.52
C LEU HA 17 -23.10 26.75 -55.63
N ASP HA 18 -22.59 27.77 -56.32
CA ASP HA 18 -21.16 28.01 -56.43
C ASP HA 18 -20.50 28.26 -55.06
N ALA HA 19 -21.05 29.17 -54.25
CA ALA HA 19 -20.53 29.43 -52.90
C ALA HA 19 -20.59 28.18 -52.00
N PHE HA 20 -21.64 27.37 -52.14
CA PHE HA 20 -21.80 26.13 -51.41
C PHE HA 20 -20.73 25.11 -51.78
N GLU HA 21 -20.46 24.90 -53.08
CA GLU HA 21 -19.40 24.01 -53.51
C GLU HA 21 -18.03 24.52 -53.05
N ASN HA 22 -17.78 25.82 -53.10
CA ASN HA 22 -16.54 26.40 -52.59
C ASN HA 22 -16.35 26.10 -51.10
N LYS HA 23 -17.39 26.22 -50.28
CA LYS HA 23 -17.31 25.88 -48.85
C LYS HA 23 -16.89 24.43 -48.61
N GLN HA 24 -17.28 23.49 -49.47
CA GLN HA 24 -16.97 22.07 -49.22
C GLN HA 24 -15.48 21.80 -49.09
N ASN HA 25 -14.62 22.56 -49.76
CA ASN HA 25 -13.19 22.36 -49.67
C ASN HA 25 -12.63 22.60 -48.26
N GLU HA 26 -13.32 23.37 -47.41
CA GLU HA 26 -12.91 23.54 -46.02
C GLU HA 26 -13.26 22.30 -45.18
N LEU HA 27 -14.44 21.73 -45.38
CA LEU HA 27 -14.97 20.68 -44.50
C LEU HA 27 -14.18 19.38 -44.58
N LYS HA 28 -13.52 19.12 -45.71
CA LYS HA 28 -12.69 17.91 -45.88
C LYS HA 28 -11.60 17.82 -44.82
N SER HA 29 -11.12 18.96 -44.34
CA SER HA 29 -10.07 19.00 -43.31
C SER HA 29 -10.50 18.29 -42.03
N SER HA 30 -11.68 18.59 -41.47
CA SER HA 30 -12.11 17.94 -40.22
C SER HA 30 -12.72 16.57 -40.46
N LYS HA 31 -13.39 16.32 -41.59
CA LYS HA 31 -13.84 14.96 -41.92
C LYS HA 31 -12.68 13.97 -41.91
N ALA HA 32 -11.53 14.34 -42.44
CA ALA HA 32 -10.35 13.48 -42.45
C ALA HA 32 -9.90 13.09 -41.03
N TYR HA 33 -10.10 13.93 -40.02
CA TYR HA 33 -9.78 13.58 -38.64
C TYR HA 33 -10.82 12.67 -38.00
N TYR HA 34 -12.11 12.88 -38.25
CA TYR HA 34 -13.14 12.05 -37.63
C TYR HA 34 -13.27 10.68 -38.28
N ASP HA 35 -13.27 10.60 -39.61
CA ASP HA 35 -13.27 9.30 -40.30
C ASP HA 35 -11.90 8.60 -40.30
N ALA HA 36 -10.84 9.27 -39.85
CA ALA HA 36 -9.46 8.79 -39.91
C ALA HA 36 -9.05 8.37 -41.34
N GLU HA 37 -9.21 9.27 -42.30
CA GLU HA 37 -8.69 9.09 -43.66
C GLU HA 37 -7.16 9.24 -43.69
N ARG HA 38 -6.51 8.84 -44.78
CA ARG HA 38 -5.07 9.06 -44.97
C ARG HA 38 -4.75 10.54 -44.98
N ARG HA 39 -3.75 10.96 -44.19
CA ARG HA 39 -3.27 12.35 -44.10
C ARG HA 39 -1.75 12.39 -44.29
N PRO HA 40 -1.18 13.32 -45.06
CA PRO HA 40 0.26 13.41 -45.23
C PRO HA 40 1.05 13.48 -43.92
N ASP HA 41 0.66 14.37 -43.01
CA ASP HA 41 1.44 14.63 -41.79
C ASP HA 41 1.36 13.48 -40.77
N ALA HA 42 0.48 12.51 -40.96
CA ALA HA 42 0.39 11.34 -40.10
C ALA HA 42 1.44 10.26 -40.41
N ILE HA 43 2.01 10.27 -41.60
CA ILE HA 43 2.83 9.16 -42.11
C ILE HA 43 4.19 9.11 -41.41
N GLY HA 44 4.56 7.95 -40.89
CA GLY HA 44 5.79 7.76 -40.14
C GLY HA 44 7.03 7.69 -41.03
N LEU HA 45 7.96 8.62 -40.86
CA LEU HA 45 9.02 8.84 -41.84
C LEU HA 45 10.12 7.76 -41.82
N ALA HA 46 10.37 7.09 -40.69
CA ALA HA 46 11.43 6.09 -40.60
C ALA HA 46 11.06 4.76 -41.28
N VAL HA 47 9.79 4.54 -41.61
CA VAL HA 47 9.32 3.34 -42.33
C VAL HA 47 9.74 3.43 -43.80
N PRO HA 48 10.33 2.39 -44.39
CA PRO HA 48 10.81 2.44 -45.78
C PRO HA 48 9.68 2.58 -46.78
N LEU HA 49 9.96 3.14 -47.96
CA LEU HA 49 8.95 3.64 -48.88
C LEU HA 49 7.90 2.60 -49.31
N ASP HA 50 8.26 1.34 -49.44
CA ASP HA 50 7.32 0.29 -49.84
C ASP HA 50 6.43 -0.20 -48.69
N MET HA 51 6.85 -0.01 -47.42
CA MET HA 51 6.00 -0.28 -46.26
C MET HA 51 5.04 0.86 -45.93
N ARG HA 52 5.11 2.02 -46.58
CA ARG HA 52 4.23 3.16 -46.28
C ARG HA 52 2.74 2.88 -46.48
N LYS HA 53 2.37 1.79 -47.16
CA LYS HA 53 0.97 1.33 -47.28
C LYS HA 53 0.36 0.92 -45.95
N TYR HA 54 1.15 0.48 -44.97
CA TYR HA 54 0.67 0.03 -43.66
C TYR HA 54 0.39 1.19 -42.70
N LEU HA 55 -0.60 2.01 -43.04
CA LEU HA 55 -0.98 3.18 -42.27
C LEU HA 55 -1.55 2.79 -40.91
N ALA HA 56 -1.04 3.39 -39.84
CA ALA HA 56 -1.63 3.32 -38.50
C ALA HA 56 -2.59 4.51 -38.31
N HIS HA 57 -3.87 4.24 -38.07
CA HIS HA 57 -4.87 5.25 -37.76
C HIS HA 57 -5.03 5.46 -36.25
N VAL HA 58 -5.60 6.58 -35.83
CA VAL HA 58 -5.68 6.99 -34.42
C VAL HA 58 -7.03 7.60 -34.09
N GLY HA 59 -7.57 7.21 -32.93
CA GLY HA 59 -8.97 7.48 -32.58
C GLY HA 59 -9.21 8.58 -31.56
N TYR HA 60 -8.27 9.48 -31.24
CA TYR HA 60 -8.60 10.55 -30.29
C TYR HA 60 -9.74 11.46 -30.78
N PRO HA 61 -9.77 11.96 -32.02
CA PRO HA 61 -10.78 12.92 -32.43
C PRO HA 61 -12.19 12.36 -32.43
N ARG HA 62 -12.39 11.13 -32.89
CA ARG HA 62 -13.68 10.46 -32.77
C ARG HA 62 -14.08 10.31 -31.32
N THR HA 63 -13.15 9.84 -30.49
CA THR HA 63 -13.40 9.60 -29.06
C THR HA 63 -13.87 10.86 -28.36
N TYR HA 64 -13.22 11.99 -28.63
CA TYR HA 64 -13.59 13.26 -28.02
C TYR HA 64 -14.92 13.80 -28.55
N VAL HA 65 -15.11 13.88 -29.87
CA VAL HA 65 -16.35 14.44 -30.42
C VAL HA 65 -17.55 13.58 -30.07
N ASP HA 66 -17.39 12.26 -30.04
CA ASP HA 66 -18.45 11.38 -29.55
C ASP HA 66 -18.75 11.65 -28.09
N ALA HA 67 -17.75 11.69 -27.21
CA ALA HA 67 -17.97 11.85 -25.77
C ALA HA 67 -18.67 13.14 -25.36
N ILE HA 68 -18.67 14.19 -26.19
CA ILE HA 68 -19.51 15.37 -25.95
C ILE HA 68 -20.92 15.12 -26.43
N ALA HA 69 -21.14 14.80 -27.70
CA ALA HA 69 -22.50 14.69 -28.25
C ALA HA 69 -23.31 13.57 -27.60
N GLU HA 70 -22.65 12.52 -27.13
CA GLU HA 70 -23.21 11.39 -26.41
C GLU HA 70 -23.92 11.75 -25.10
N ARG HA 71 -23.51 12.84 -24.43
CA ARG HA 71 -24.07 13.25 -23.14
C ARG HA 71 -25.29 14.15 -23.24
N GLN HA 72 -25.48 14.85 -24.35
CA GLN HA 72 -26.54 15.85 -24.50
C GLN HA 72 -27.91 15.21 -24.76
N GLU HA 73 -28.93 15.59 -23.99
CA GLU HA 73 -30.33 15.29 -24.25
C GLU HA 73 -31.22 16.42 -23.76
N LEU HA 74 -32.31 16.71 -24.47
CA LEU HA 74 -33.25 17.76 -24.12
C LEU HA 74 -34.50 17.13 -23.52
N GLU HA 75 -34.95 17.62 -22.37
CA GLU HA 75 -36.14 17.10 -21.70
C GLU HA 75 -37.43 17.83 -22.07
N GLY HA 76 -37.34 19.13 -22.34
CA GLY HA 76 -38.47 19.97 -22.64
C GLY HA 76 -38.11 21.44 -22.58
N PHE HA 77 -39.10 22.31 -22.52
CA PHE HA 77 -38.90 23.75 -22.46
C PHE HA 77 -39.63 24.34 -21.26
N ARG HA 78 -39.11 25.43 -20.68
CA ARG HA 78 -39.87 26.29 -19.77
C ARG HA 78 -40.27 27.54 -20.52
N ILE HA 79 -41.55 27.87 -20.52
CA ILE HA 79 -42.06 29.18 -20.94
C ILE HA 79 -42.64 29.83 -19.68
N PRO HA 80 -42.26 31.05 -19.28
CA PRO HA 80 -42.68 31.60 -18.01
C PRO HA 80 -44.18 31.92 -18.01
N SER HA 81 -44.82 31.70 -16.86
CA SER HA 81 -46.27 31.87 -16.71
C SER HA 81 -46.72 33.34 -16.63
N ALA HA 82 -48.03 33.57 -16.77
CA ALA HA 82 -48.66 34.86 -16.47
C ALA HA 82 -49.10 34.94 -14.99
N ASN HA 83 -48.53 35.89 -14.24
CA ASN HA 83 -48.91 36.22 -12.86
C ASN HA 83 -48.85 35.04 -11.85
N GLY HA 84 -47.94 34.09 -12.06
CA GLY HA 84 -47.62 33.03 -11.09
C GLY HA 84 -48.58 31.85 -11.13
N GLU HA 85 -48.40 30.96 -12.11
CA GLU HA 85 -49.30 29.84 -12.43
C GLU HA 85 -48.54 28.50 -12.60
N GLU HA 86 -47.29 28.46 -12.15
CA GLU HA 86 -46.31 27.40 -12.44
C GLU HA 86 -46.62 25.99 -11.90
N PRO HA 87 -47.41 25.76 -10.83
CA PRO HA 87 -47.77 24.42 -10.36
C PRO HA 87 -48.55 23.53 -11.35
N GLU HA 88 -49.10 24.09 -12.44
CA GLU HA 88 -49.93 23.36 -13.41
C GLU HA 88 -49.16 22.32 -14.26
N SER HA 89 -49.93 21.41 -14.87
CA SER HA 89 -49.44 20.13 -15.43
C SER HA 89 -48.56 20.26 -16.69
N GLY HA 90 -47.96 19.14 -17.09
CA GLY HA 90 -47.31 18.96 -18.40
C GLY HA 90 -48.27 18.60 -19.54
N GLY HA 91 -49.57 18.45 -19.26
CA GLY HA 91 -50.61 18.14 -20.25
C GLY HA 91 -51.50 19.35 -20.53
N GLU HA 92 -52.82 19.13 -20.61
CA GLU HA 92 -53.86 20.17 -20.55
C GLU HA 92 -53.72 21.32 -21.58
N ASN HA 93 -53.04 21.07 -22.70
CA ASN HA 93 -52.78 22.02 -23.77
C ASN HA 93 -51.96 23.27 -23.32
N ASP HA 94 -51.10 23.09 -22.31
CA ASP HA 94 -50.19 24.12 -21.78
C ASP HA 94 -49.18 24.61 -22.84
N PRO HA 95 -48.87 25.92 -22.92
CA PRO HA 95 -47.96 26.49 -23.91
C PRO HA 95 -46.63 25.77 -24.08
N ALA HA 96 -46.01 25.34 -22.98
CA ALA HA 96 -44.70 24.70 -23.04
C ALA HA 96 -44.77 23.26 -23.52
N SER HA 97 -45.94 22.63 -23.43
CA SER HA 97 -46.12 21.25 -23.84
C SER HA 97 -46.35 21.12 -25.34
N GLU HA 98 -47.00 22.08 -25.98
CA GLU HA 98 -47.18 22.01 -27.43
C GLU HA 98 -45.85 22.02 -28.18
N LEU HA 99 -44.90 22.87 -27.76
CA LEU HA 99 -43.56 22.90 -28.35
C LEU HA 99 -42.77 21.62 -28.10
N TRP HA 100 -43.17 20.81 -27.13
CA TRP HA 100 -42.58 19.49 -26.93
C TRP HA 100 -43.28 18.42 -27.76
N ASP HA 101 -44.55 18.59 -28.09
CA ASP HA 101 -45.21 17.68 -29.02
C ASP HA 101 -44.60 17.77 -30.42
N TRP HA 102 -44.31 18.96 -30.92
CA TRP HA 102 -43.63 19.12 -32.21
C TRP HA 102 -42.19 18.60 -32.18
N TRP HA 103 -41.60 18.36 -31.02
CA TRP HA 103 -40.29 17.71 -30.92
C TRP HA 103 -40.47 16.21 -31.08
N GLN HA 104 -41.36 15.59 -30.32
CA GLN HA 104 -41.62 14.16 -30.47
C GLN HA 104 -42.15 13.79 -31.85
N ALA HA 105 -43.08 14.55 -32.43
CA ALA HA 105 -43.71 14.16 -33.68
C ALA HA 105 -42.72 14.15 -34.84
N ASN HA 106 -41.73 15.07 -34.82
CA ASN HA 106 -40.62 15.09 -35.77
C ASN HA 106 -39.47 14.15 -35.38
N ASN HA 107 -39.64 13.32 -34.35
CA ASN HA 107 -38.59 12.46 -33.79
C ASN HA 107 -37.26 13.19 -33.61
N LEU HA 108 -37.30 14.47 -33.25
CA LEU HA 108 -36.09 15.27 -33.10
C LEU HA 108 -35.22 14.74 -31.96
N ASP HA 109 -35.78 13.91 -31.08
CA ASP HA 109 -35.09 13.05 -30.12
C ASP HA 109 -33.98 12.25 -30.77
N ILE HA 110 -34.30 11.66 -31.90
CA ILE HA 110 -33.36 10.94 -32.76
C ILE HA 110 -32.51 11.93 -33.54
N GLU HA 111 -33.12 12.80 -34.33
CA GLU HA 111 -32.38 13.58 -35.32
C GLU HA 111 -31.47 14.64 -34.72
N ALA HA 112 -31.81 15.26 -33.59
CA ALA HA 112 -30.98 16.29 -33.01
C ALA HA 112 -29.68 15.74 -32.43
N THR HA 113 -29.61 14.50 -31.94
CA THR HA 113 -28.31 13.97 -31.48
C THR HA 113 -27.35 13.72 -32.64
N LEU HA 114 -27.88 13.41 -33.82
CA LEU HA 114 -27.09 13.38 -35.05
C LEU HA 114 -26.67 14.79 -35.46
N GLY HA 115 -27.61 15.73 -35.55
CA GLY HA 115 -27.32 17.11 -35.92
C GLY HA 115 -26.32 17.80 -35.01
N HIS HA 116 -26.40 17.60 -33.70
CA HIS HA 116 -25.41 18.10 -32.77
C HIS HA 116 -24.04 17.48 -33.02
N THR HA 117 -23.94 16.27 -33.55
CA THR HA 117 -22.63 15.71 -33.86
C THR HA 117 -22.01 16.44 -35.04
N ASP HA 118 -22.73 16.64 -36.14
CA ASP HA 118 -22.22 17.45 -37.25
C ASP HA 118 -21.90 18.89 -36.83
N ALA HA 119 -22.68 19.49 -35.92
CA ALA HA 119 -22.35 20.80 -35.41
C ALA HA 119 -20.99 20.83 -34.73
N LEU HA 120 -20.56 19.77 -34.05
CA LEU HA 120 -19.21 19.67 -33.49
C LEU HA 120 -18.18 19.38 -34.57
N ILE HA 121 -18.42 18.44 -35.48
CA ILE HA 121 -17.47 18.06 -36.52
C ILE HA 121 -17.11 19.24 -37.42
N TYR HA 122 -18.10 19.94 -37.93
CA TYR HA 122 -17.91 21.00 -38.94
C TYR HA 122 -18.04 22.40 -38.36
N GLY HA 123 -18.31 22.53 -37.07
CA GLY HA 123 -18.53 23.82 -36.42
C GLY HA 123 -19.91 24.42 -36.65
N THR HA 124 -20.75 23.85 -37.52
CA THR HA 124 -22.12 24.32 -37.77
C THR HA 124 -23.00 23.19 -38.31
N ALA HA 125 -24.28 23.21 -38.01
CA ALA HA 125 -25.32 22.53 -38.76
C ALA HA 125 -26.52 23.47 -38.88
N TYR HA 126 -27.57 23.10 -39.59
CA TYR HA 126 -28.71 23.98 -39.79
C TYR HA 126 -30.02 23.30 -39.47
N ILE HA 127 -30.95 24.05 -38.90
CA ILE HA 127 -32.31 23.62 -38.62
C ILE HA 127 -33.21 24.34 -39.61
N THR HA 128 -34.18 23.66 -40.20
CA THR HA 128 -35.06 24.23 -41.23
C THR HA 128 -36.50 23.93 -40.93
N ILE HA 129 -37.42 24.77 -41.41
CA ILE HA 129 -38.83 24.72 -41.02
C ILE HA 129 -39.71 24.87 -42.26
N SER HA 130 -40.77 24.08 -42.35
CA SER HA 130 -41.82 24.24 -43.35
C SER HA 130 -43.11 23.65 -42.82
N MET HA 131 -44.28 24.11 -43.26
CA MET HA 131 -45.45 23.25 -43.19
C MET HA 131 -45.26 22.11 -44.19
N PRO HA 132 -45.70 20.87 -43.90
CA PRO HA 132 -45.52 19.75 -44.81
C PRO HA 132 -46.48 19.85 -46.01
N ASP HA 133 -46.14 19.22 -47.12
CA ASP HA 133 -46.98 19.09 -48.31
C ASP HA 133 -47.51 17.64 -48.43
N PRO HA 134 -48.65 17.30 -47.81
CA PRO HA 134 -49.21 15.95 -47.87
C PRO HA 134 -49.67 15.54 -49.29
N GLU HA 135 -49.61 16.46 -50.26
CA GLU HA 135 -49.68 16.17 -51.68
C GLU HA 135 -48.63 15.15 -52.17
N VAL HA 136 -47.54 14.95 -51.43
CA VAL HA 136 -46.68 13.76 -51.54
C VAL HA 136 -46.86 12.88 -50.29
N ASP HA 137 -47.12 11.58 -50.50
CA ASP HA 137 -47.43 10.63 -49.43
C ASP HA 137 -46.24 10.45 -48.46
N PHE HA 138 -46.49 10.70 -47.18
CA PHE HA 138 -45.50 10.69 -46.09
C PHE HA 138 -46.06 10.03 -44.82
N ASP HA 139 -45.18 9.64 -43.89
CA ASP HA 139 -45.56 9.21 -42.54
C ASP HA 139 -45.41 10.35 -41.51
N VAL HA 140 -46.04 11.51 -41.75
CA VAL HA 140 -46.10 12.62 -40.78
C VAL HA 140 -47.53 13.11 -40.55
N ASP HA 141 -47.83 13.57 -39.34
CA ASP HA 141 -49.08 14.28 -39.05
C ASP HA 141 -49.11 15.59 -39.84
N PRO HA 142 -50.01 15.78 -40.82
CA PRO HA 142 -49.97 16.93 -41.70
C PRO HA 142 -50.25 18.26 -41.00
N GLU HA 143 -50.66 18.27 -39.73
CA GLU HA 143 -50.77 19.50 -38.97
C GLU HA 143 -49.41 20.03 -38.48
N VAL HA 144 -48.48 19.15 -38.12
CA VAL HA 144 -47.27 19.51 -37.38
C VAL HA 144 -46.25 20.22 -38.28
N PRO HA 145 -45.60 21.32 -37.85
CA PRO HA 145 -44.57 21.97 -38.64
C PRO HA 145 -43.36 21.06 -38.75
N LEU HA 146 -42.86 20.87 -39.96
CA LEU HA 146 -41.83 19.89 -40.29
C LEU HA 146 -40.43 20.41 -39.97
N ILE HA 147 -40.13 20.71 -38.70
CA ILE HA 147 -38.79 21.05 -38.25
C ILE HA 147 -37.86 19.90 -38.61
N ARG HA 148 -36.77 20.17 -39.32
CA ARG HA 148 -35.83 19.17 -39.82
C ARG HA 148 -34.41 19.71 -39.78
N VAL HA 149 -33.40 18.84 -39.74
CA VAL HA 149 -32.00 19.26 -39.57
C VAL HA 149 -31.19 18.91 -40.82
N GLU HA 150 -30.35 19.81 -41.30
CA GLU HA 150 -29.49 19.61 -42.46
C GLU HA 150 -28.01 19.87 -42.12
N PRO HA 151 -27.07 19.05 -42.61
CA PRO HA 151 -25.66 19.22 -42.33
C PRO HA 151 -25.05 20.28 -43.24
N PRO HA 152 -23.88 20.84 -42.91
CA PRO HA 152 -23.22 21.82 -43.75
C PRO HA 152 -22.61 21.22 -45.01
N THR HA 153 -22.58 19.90 -45.13
CA THR HA 153 -22.28 19.20 -46.39
C THR HA 153 -23.44 19.26 -47.39
N ALA HA 154 -24.58 19.85 -47.03
CA ALA HA 154 -25.77 19.88 -47.87
C ALA HA 154 -26.50 21.23 -47.87
N LEU HA 155 -26.38 22.04 -46.82
CA LEU HA 155 -27.03 23.33 -46.73
C LEU HA 155 -26.00 24.42 -46.44
N TYR HA 156 -26.14 25.56 -47.09
CA TYR HA 156 -25.29 26.71 -46.90
C TYR HA 156 -26.13 27.99 -46.75
N ALA HA 157 -25.79 28.84 -45.79
CA ALA HA 157 -26.55 30.04 -45.47
C ALA HA 157 -25.63 31.23 -45.30
N GLU HA 158 -25.95 32.37 -45.92
CA GLU HA 158 -25.11 33.56 -45.84
C GLU HA 158 -25.59 34.49 -44.74
N VAL HA 159 -24.78 34.63 -43.70
CA VAL HA 159 -25.06 35.51 -42.57
C VAL HA 159 -24.78 36.96 -42.96
N ASP HA 160 -25.65 37.88 -42.57
CA ASP HA 160 -25.32 39.31 -42.52
C ASP HA 160 -24.46 39.58 -41.27
N PRO HA 161 -23.22 40.05 -41.40
CA PRO HA 161 -22.36 40.25 -40.23
C PRO HA 161 -22.87 41.38 -39.32
N ARG HA 162 -23.69 42.31 -39.82
CA ARG HA 162 -24.20 43.43 -39.01
C ARG HA 162 -25.22 42.94 -37.99
N THR HA 163 -26.28 42.25 -38.44
CA THR HA 163 -27.36 41.75 -37.57
C THR HA 163 -27.11 40.36 -37.00
N ARG HA 164 -26.19 39.59 -37.60
CA ARG HA 164 -26.05 38.15 -37.41
C ARG HA 164 -27.30 37.33 -37.82
N LYS HA 165 -28.21 37.92 -38.59
CA LYS HA 165 -29.34 37.21 -39.24
C LYS HA 165 -28.84 36.43 -40.46
N VAL HA 166 -29.53 35.39 -40.90
CA VAL HA 166 -29.33 34.81 -42.24
C VAL HA 166 -30.00 35.68 -43.29
N LEU HA 167 -29.31 36.02 -44.38
CA LEU HA 167 -29.88 36.74 -45.52
C LEU HA 167 -30.67 35.83 -46.45
N TYR HA 168 -30.10 34.68 -46.79
CA TYR HA 168 -30.69 33.63 -47.63
C TYR HA 168 -29.86 32.36 -47.52
N ALA HA 169 -30.40 31.23 -47.93
CA ALA HA 169 -29.73 29.94 -47.83
C ALA HA 169 -30.15 28.98 -48.93
N ILE HA 170 -29.30 28.02 -49.26
CA ILE HA 170 -29.58 27.00 -50.26
C ILE HA 170 -29.33 25.62 -49.68
N ARG HA 171 -30.24 24.68 -49.94
CA ARG HA 171 -30.08 23.26 -49.66
C ARG HA 171 -29.91 22.54 -50.98
N ALA HA 172 -28.85 21.77 -51.12
CA ALA HA 172 -28.58 20.94 -52.26
C ALA HA 172 -28.52 19.48 -51.85
N ILE HA 173 -28.90 18.56 -52.73
CA ILE HA 173 -28.68 17.14 -52.49
C ILE HA 173 -28.13 16.46 -53.74
N TYR HA 174 -27.24 15.49 -53.58
CA TYR HA 174 -26.54 14.82 -54.68
C TYR HA 174 -27.16 13.46 -54.95
N GLY HA 175 -27.40 13.12 -56.21
CA GLY HA 175 -28.25 11.99 -56.57
C GLY HA 175 -27.66 10.62 -56.27
N ALA HA 176 -26.43 10.37 -56.71
CA ALA HA 176 -25.72 9.12 -56.50
C ALA HA 176 -24.20 9.34 -56.45
N ASP HA 177 -23.43 8.26 -56.52
CA ASP HA 177 -21.95 8.28 -56.51
C ASP HA 177 -21.34 9.08 -57.68
N GLY HA 178 -22.11 9.41 -58.72
CA GLY HA 178 -21.72 10.38 -59.75
C GLY HA 178 -21.49 11.81 -59.24
N ASN HA 179 -21.95 12.13 -58.03
CA ASN HA 179 -21.80 13.43 -57.38
C ASN HA 179 -22.30 14.63 -58.21
N GLU HA 180 -23.30 14.41 -59.06
CA GLU HA 180 -24.18 15.43 -59.61
C GLU HA 180 -25.21 15.93 -58.59
N ILE HA 181 -25.54 17.22 -58.61
CA ILE HA 181 -26.62 17.80 -57.81
C ILE HA 181 -27.99 17.48 -58.42
N VAL HA 182 -28.98 17.13 -57.60
CA VAL HA 182 -30.24 16.54 -58.06
C VAL HA 182 -31.53 17.19 -57.51
N SER HA 183 -31.45 18.05 -56.49
CA SER HA 183 -32.43 19.12 -56.29
C SER HA 183 -31.80 20.27 -55.53
N ALA HA 184 -32.29 21.48 -55.77
CA ALA HA 184 -31.77 22.69 -55.15
C ALA HA 184 -32.94 23.51 -54.60
N THR HA 185 -33.04 23.62 -53.28
CA THR HA 185 -34.08 24.41 -52.61
C THR HA 185 -33.48 25.68 -52.04
N LEU HA 186 -34.04 26.83 -52.37
CA LEU HA 186 -33.57 28.15 -52.00
C LEU HA 186 -34.54 28.78 -51.00
N TYR HA 187 -34.04 29.23 -49.86
CA TYR HA 187 -34.82 29.93 -48.86
C TYR HA 187 -34.55 31.43 -48.91
N LEU HA 188 -35.61 32.23 -49.06
CA LEU HA 188 -35.55 33.68 -49.17
C LEU HA 188 -36.46 34.30 -48.11
N PRO HA 189 -36.22 35.54 -47.64
CA PRO HA 189 -36.89 36.08 -46.47
C PRO HA 189 -38.40 35.92 -46.41
N ASP HA 190 -39.11 35.97 -47.53
CA ASP HA 190 -40.58 35.84 -47.58
C ASP HA 190 -41.09 34.64 -48.40
N THR HA 191 -40.21 33.79 -48.92
CA THR HA 191 -40.63 32.61 -49.68
C THR HA 191 -39.60 31.48 -49.71
N THR HA 192 -40.07 30.25 -49.91
CA THR HA 192 -39.24 29.09 -50.20
C THR HA 192 -39.49 28.64 -51.62
N MET HA 193 -38.44 28.57 -52.42
CA MET HA 193 -38.54 28.30 -53.85
C MET HA 193 -37.59 27.16 -54.20
N THR HA 194 -38.04 26.21 -55.00
CA THR HA 194 -37.33 24.95 -55.16
C THR HA 194 -37.33 24.53 -56.61
N TRP HA 195 -36.16 24.19 -57.12
CA TRP HA 195 -36.04 23.56 -58.43
C TRP HA 195 -36.18 22.08 -58.18
N LEU HA 196 -37.43 21.69 -57.98
CA LEU HA 196 -37.89 20.56 -57.18
C LEU HA 196 -37.09 19.28 -57.35
N ARG HA 197 -36.74 18.92 -58.59
CA ARG HA 197 -35.76 17.87 -58.93
C ARG HA 197 -35.03 18.24 -60.22
N ALA HA 198 -33.91 17.60 -60.45
CA ALA HA 198 -33.25 17.42 -61.74
C ALA HA 198 -33.00 15.91 -61.95
N GLU HA 199 -34.06 15.10 -61.83
CA GLU HA 199 -34.06 13.62 -61.86
C GLU HA 199 -33.85 13.07 -63.29
N GLY HA 200 -32.61 13.09 -63.75
CA GLY HA 200 -32.34 13.17 -65.19
C GLY HA 200 -32.81 14.52 -65.74
N GLU HA 201 -32.79 14.68 -67.06
CA GLU HA 201 -33.19 15.94 -67.72
C GLU HA 201 -32.46 17.14 -67.08
N TRP HA 202 -33.19 18.22 -66.81
CA TRP HA 202 -32.88 19.30 -65.87
C TRP HA 202 -34.20 19.84 -65.29
N GLU HA 203 -34.11 20.68 -64.27
CA GLU HA 203 -35.22 21.11 -63.44
C GLU HA 203 -36.36 21.93 -64.08
N ALA HA 204 -37.48 22.03 -63.38
CA ALA HA 204 -38.49 23.09 -63.49
C ALA HA 204 -38.96 23.56 -62.10
N PRO HA 205 -39.13 24.87 -61.86
CA PRO HA 205 -39.31 25.44 -60.52
C PRO HA 205 -40.67 25.17 -59.86
N THR HA 206 -40.73 25.42 -58.54
CA THR HA 206 -41.94 25.45 -57.71
C THR HA 206 -41.74 26.42 -56.54
N SER HA 207 -42.78 27.05 -56.02
CA SER HA 207 -42.65 28.10 -55.00
C SER HA 207 -43.80 28.10 -53.99
N THR HA 208 -43.50 28.41 -52.73
CA THR HA 208 -44.47 28.50 -51.63
C THR HA 208 -44.08 29.66 -50.70
N PRO HA 209 -44.82 30.78 -50.69
CA PRO HA 209 -44.52 31.89 -49.80
C PRO HA 209 -44.86 31.51 -48.36
N HIS HA 210 -44.17 32.11 -47.40
CA HIS HA 210 -44.30 31.76 -45.97
C HIS HA 210 -44.62 32.98 -45.10
N GLY HA 211 -45.30 32.77 -43.99
CA GLY HA 211 -45.83 33.86 -43.16
C GLY HA 211 -44.79 34.69 -42.42
N LEU HA 212 -43.55 34.21 -42.34
CA LEU HA 212 -42.46 34.88 -41.63
C LEU HA 212 -41.93 36.07 -42.44
N GLU HA 213 -41.32 37.04 -41.76
CA GLU HA 213 -40.60 38.16 -42.37
C GLU HA 213 -39.08 37.94 -42.36
N MET HA 214 -38.63 36.72 -42.13
CA MET HA 214 -37.22 36.32 -42.10
C MET HA 214 -37.04 34.86 -42.50
N VAL HA 215 -35.84 34.49 -42.92
CA VAL HA 215 -35.56 33.19 -43.52
C VAL HA 215 -35.78 32.06 -42.51
N PRO HA 216 -36.58 31.02 -42.82
CA PRO HA 216 -36.90 29.92 -41.92
C PRO HA 216 -35.79 28.86 -41.89
N VAL HA 217 -34.56 29.30 -41.64
CA VAL HA 217 -33.40 28.44 -41.41
C VAL HA 217 -32.62 29.01 -40.24
N ILE HA 218 -32.24 28.19 -39.27
CA ILE HA 218 -31.46 28.62 -38.11
C ILE HA 218 -30.13 27.87 -38.06
N PRO HA 219 -28.98 28.54 -38.02
CA PRO HA 219 -27.71 27.89 -37.85
C PRO HA 219 -27.53 27.52 -36.38
N ILE HA 220 -27.20 26.28 -36.10
CA ILE HA 220 -26.78 25.81 -34.79
C ILE HA 220 -25.27 25.67 -34.86
N SER HA 221 -24.52 26.41 -34.07
CA SER HA 221 -23.08 26.58 -34.33
C SER HA 221 -22.22 26.60 -33.07
N ASN HA 222 -21.04 26.01 -33.15
CA ASN HA 222 -20.14 25.78 -32.03
C ASN HA 222 -19.32 27.02 -31.66
N ARG HA 223 -19.87 28.23 -31.82
CA ARG HA 223 -19.11 29.47 -31.59
C ARG HA 223 -18.63 29.55 -30.15
N THR HA 224 -17.34 29.64 -29.95
CA THR HA 224 -16.72 29.43 -28.63
C THR HA 224 -16.46 30.73 -27.86
N ARG HA 225 -16.31 31.86 -28.56
CA ARG HA 225 -16.31 33.21 -27.97
C ARG HA 225 -16.79 34.22 -29.01
N LEU HA 226 -17.23 35.43 -28.67
CA LEU HA 226 -17.93 36.34 -29.60
C LEU HA 226 -17.15 36.62 -30.89
N SER HA 227 -15.82 36.58 -30.84
CA SER HA 227 -14.98 36.74 -32.03
C SER HA 227 -15.32 35.74 -33.16
N ASP HA 228 -15.94 34.59 -32.85
CA ASP HA 228 -16.51 33.66 -33.83
C ASP HA 228 -17.85 34.17 -34.36
N LEU HA 229 -17.85 34.77 -35.55
CA LEU HA 229 -19.08 34.99 -36.30
C LEU HA 229 -19.66 33.68 -36.87
N TYR HA 230 -18.85 32.62 -36.91
CA TYR HA 230 -19.24 31.27 -37.34
C TYR HA 230 -18.50 30.26 -36.48
N GLY HA 231 -19.12 29.13 -36.17
CA GLY HA 231 -18.49 28.19 -35.23
C GLY HA 231 -17.25 27.52 -35.79
N THR HA 232 -16.22 27.36 -34.97
CA THR HA 232 -15.08 26.49 -35.28
C THR HA 232 -15.44 25.01 -35.11
N SER HA 233 -14.81 24.12 -35.87
CA SER HA 233 -14.85 22.69 -35.56
C SER HA 233 -14.40 22.44 -34.12
N GLU HA 234 -15.00 21.47 -33.45
CA GLU HA 234 -14.58 21.09 -32.10
C GLU HA 234 -13.25 20.33 -32.08
N ILE HA 235 -12.85 19.73 -33.20
CA ILE HA 235 -11.57 19.02 -33.29
C ILE HA 235 -10.46 20.07 -33.35
N SER HA 236 -9.98 20.50 -32.19
CA SER HA 236 -9.07 21.64 -32.01
C SER HA 236 -7.68 21.41 -32.62
N PRO HA 237 -7.00 22.46 -33.09
CA PRO HA 237 -5.65 22.34 -33.64
C PRO HA 237 -4.67 21.62 -32.72
N GLU HA 238 -4.77 21.83 -31.40
CA GLU HA 238 -3.96 21.07 -30.45
C GLU HA 238 -4.21 19.58 -30.58
N LEU HA 239 -5.49 19.15 -30.57
CA LEU HA 239 -5.81 17.74 -30.65
C LEU HA 239 -5.43 17.14 -32.00
N ARG HA 240 -5.58 17.88 -33.11
CA ARG HA 240 -5.08 17.42 -34.40
C ARG HA 240 -3.60 17.14 -34.33
N SER HA 241 -2.81 18.05 -33.77
CA SER HA 241 -1.36 17.87 -33.75
C SER HA 241 -0.91 16.68 -32.92
N VAL HA 242 -1.55 16.37 -31.78
CA VAL HA 242 -1.19 15.15 -31.04
C VAL HA 242 -1.80 13.90 -31.65
N THR HA 243 -2.86 14.02 -32.43
CA THR HA 243 -3.37 12.90 -33.23
C THR HA 243 -2.34 12.53 -34.27
N ASP HA 244 -1.91 13.47 -35.10
CA ASP HA 244 -0.94 13.19 -36.14
C ASP HA 244 0.43 12.79 -35.58
N ALA HA 245 0.88 13.38 -34.47
CA ALA HA 245 2.09 12.91 -33.83
C ALA HA 245 1.93 11.45 -33.40
N ALA HA 246 0.86 11.08 -32.71
CA ALA HA 246 0.70 9.70 -32.27
C ALA HA 246 0.55 8.72 -33.43
N ALA HA 247 0.06 9.16 -34.58
CA ALA HA 247 0.06 8.33 -35.79
C ALA HA 247 1.50 8.03 -36.25
N GLN HA 248 2.38 9.03 -36.32
CA GLN HA 248 3.77 8.80 -36.68
C GLN HA 248 4.42 7.81 -35.72
N ILE HA 249 4.28 7.99 -34.41
CA ILE HA 249 4.93 7.11 -33.44
C ILE HA 249 4.41 5.68 -33.55
N LEU HA 250 3.11 5.46 -33.75
CA LEU HA 250 2.58 4.11 -33.96
C LEU HA 250 3.14 3.50 -35.23
N MET HA 251 3.21 4.26 -36.32
CA MET HA 251 3.66 3.74 -37.60
C MET HA 251 5.16 3.43 -37.59
N ASN HA 252 6.00 4.31 -37.05
CA ASN HA 252 7.43 4.01 -36.88
C ASN HA 252 7.62 2.79 -35.99
N MET HA 253 6.88 2.68 -34.89
CA MET HA 253 7.00 1.54 -34.01
C MET HA 253 6.57 0.25 -34.73
N GLN HA 254 5.46 0.27 -35.46
CA GLN HA 254 4.97 -0.86 -36.23
C GLN HA 254 6.01 -1.35 -37.25
N GLY HA 255 6.60 -0.45 -38.02
CA GLY HA 255 7.67 -0.83 -38.95
C GLY HA 255 8.89 -1.38 -38.22
N THR HA 256 9.26 -0.81 -37.08
CA THR HA 256 10.40 -1.27 -36.28
C THR HA 256 10.17 -2.68 -35.79
N ALA HA 257 8.95 -3.03 -35.42
CA ALA HA 257 8.65 -4.38 -34.95
C ALA HA 257 8.84 -5.44 -36.03
N ASN HA 258 8.59 -5.10 -37.31
CA ASN HA 258 8.86 -5.99 -38.42
C ASN HA 258 10.37 -6.08 -38.72
N LEU HA 259 11.04 -4.94 -38.89
CA LEU HA 259 12.40 -4.92 -39.45
C LEU HA 259 13.54 -5.03 -38.43
N MET HA 260 13.35 -4.69 -37.15
CA MET HA 260 14.45 -4.53 -36.20
C MET HA 260 14.24 -5.19 -34.84
N ALA HA 261 13.09 -5.77 -34.55
CA ALA HA 261 12.84 -6.38 -33.24
C ALA HA 261 13.69 -7.62 -32.96
N ILE HA 262 14.30 -8.19 -34.00
CA ILE HA 262 15.15 -9.38 -33.91
C ILE HA 262 16.63 -8.98 -34.08
N PRO HA 263 17.55 -9.38 -33.19
CA PRO HA 263 18.94 -9.05 -33.36
C PRO HA 263 19.49 -9.81 -34.57
N GLN HA 264 20.05 -9.09 -35.55
CA GLN HA 264 20.60 -9.68 -36.76
C GLN HA 264 21.96 -10.37 -36.49
N ARG HA 265 22.22 -11.51 -37.12
CA ARG HA 265 23.37 -12.36 -36.83
C ARG HA 265 24.41 -12.30 -37.95
N LEU HA 266 25.68 -12.04 -37.63
CA LEU HA 266 26.78 -11.92 -38.58
C LEU HA 266 27.92 -12.88 -38.25
N ILE HA 267 28.57 -13.40 -39.28
CA ILE HA 267 29.84 -14.12 -39.22
C ILE HA 267 30.85 -13.36 -40.04
N PHE HA 268 32.08 -13.20 -39.55
CA PHE HA 268 33.18 -12.58 -40.28
C PHE HA 268 34.36 -13.54 -40.46
N GLY HA 269 35.15 -13.32 -41.51
CA GLY HA 269 36.32 -14.13 -41.87
C GLY HA 269 35.97 -15.31 -42.76
N ALA HA 270 35.09 -16.18 -42.29
CA ALA HA 270 34.74 -17.42 -42.99
C ALA HA 270 34.17 -17.17 -44.39
N LYS HA 271 34.81 -17.69 -45.42
CA LYS HA 271 34.50 -17.37 -46.82
C LYS HA 271 33.19 -18.02 -47.29
N PRO HA 272 32.50 -17.46 -48.28
CA PRO HA 272 31.29 -18.07 -48.82
C PRO HA 272 31.55 -19.43 -49.47
N GLU HA 273 32.70 -19.60 -50.11
CA GLU HA 273 33.12 -20.88 -50.71
C GLU HA 273 33.49 -21.93 -49.67
N GLU HA 274 33.97 -21.49 -48.51
CA GLU HA 274 34.34 -22.32 -47.35
C GLU HA 274 33.11 -22.82 -46.58
N LEU HA 275 32.02 -22.06 -46.58
CA LEU HA 275 30.70 -22.50 -46.14
C LEU HA 275 30.01 -23.41 -47.18
N GLY HA 276 30.38 -23.30 -48.46
CA GLY HA 276 29.73 -24.04 -49.53
C GLY HA 276 28.34 -23.50 -49.85
N ILE HA 277 28.16 -22.18 -49.89
CA ILE HA 277 26.90 -21.58 -50.34
C ILE HA 277 26.63 -21.89 -51.82
N ASN HA 278 25.37 -22.04 -52.20
CA ASN HA 278 24.98 -22.22 -53.59
C ASN HA 278 25.24 -20.95 -54.41
N ALA HA 279 26.09 -21.00 -55.43
CA ALA HA 279 26.50 -19.83 -56.19
C ALA HA 279 25.40 -19.23 -57.08
N GLU HA 280 24.31 -19.94 -57.37
CA GLU HA 280 23.19 -19.38 -58.12
C GLU HA 280 22.30 -18.46 -57.26
N THR HA 281 22.23 -18.69 -55.95
CA THR HA 281 21.23 -18.08 -55.06
C THR HA 281 21.78 -17.56 -53.72
N GLY HA 282 23.07 -17.74 -53.47
CA GLY HA 282 23.79 -17.11 -52.36
C GLY HA 282 23.40 -17.59 -50.97
N GLN HA 283 23.07 -18.87 -50.78
CA GLN HA 283 22.59 -19.39 -49.49
C GLN HA 283 22.78 -20.90 -49.29
N ARG HA 284 22.66 -21.36 -48.04
CA ARG HA 284 22.44 -22.76 -47.65
C ARG HA 284 21.18 -22.90 -46.81
N MET HA 285 20.49 -24.01 -46.96
CA MET HA 285 19.45 -24.40 -46.01
C MET HA 285 20.09 -25.16 -44.84
N PHE HA 286 20.63 -24.46 -43.86
CA PHE HA 286 21.01 -25.07 -42.57
C PHE HA 286 19.79 -25.70 -41.87
N ASP HA 287 19.96 -26.78 -41.13
CA ASP HA 287 18.84 -27.59 -40.63
C ASP HA 287 18.08 -26.96 -39.45
N ALA HA 288 18.77 -26.22 -38.59
CA ALA HA 288 18.20 -25.26 -37.62
C ALA HA 288 17.22 -25.74 -36.52
N TYR HA 289 16.99 -27.04 -36.33
CA TYR HA 289 16.25 -27.55 -35.16
C TYR HA 289 17.04 -27.37 -33.86
N MET HA 290 16.38 -27.51 -32.72
CA MET HA 290 16.78 -26.87 -31.46
C MET HA 290 18.14 -27.28 -30.87
N ALA HA 291 18.49 -28.56 -30.91
CA ALA HA 291 19.66 -29.07 -30.17
C ALA HA 291 21.03 -28.64 -30.74
N ARG HA 292 21.09 -28.26 -32.02
CA ARG HA 292 22.29 -28.34 -32.86
C ARG HA 292 23.40 -27.39 -32.42
N ILE HA 293 24.62 -27.76 -32.78
CA ILE HA 293 25.84 -26.95 -32.65
C ILE HA 293 26.46 -26.79 -34.05
N LEU HA 294 26.93 -25.60 -34.39
CA LEU HA 294 27.58 -25.32 -35.68
C LEU HA 294 29.10 -25.30 -35.53
N ALA HA 295 29.83 -26.13 -36.27
CA ALA HA 295 31.29 -26.03 -36.35
C ALA HA 295 31.68 -25.38 -37.68
N PHE HA 296 32.45 -24.29 -37.65
CA PHE HA 296 32.70 -23.45 -38.83
C PHE HA 296 34.13 -23.44 -39.37
N GLU HA 297 34.95 -24.41 -38.98
CA GLU HA 297 36.36 -24.48 -39.38
C GLU HA 297 37.14 -23.22 -38.94
N GLY HA 298 38.37 -23.02 -39.40
CA GLY HA 298 39.18 -21.89 -38.98
C GLY HA 298 38.63 -20.55 -39.44
N GLY HA 299 37.95 -20.52 -40.59
CA GLY HA 299 37.46 -19.28 -41.20
C GLY HA 299 38.55 -18.22 -41.43
N GLU HA 300 39.81 -18.65 -41.53
CA GLU HA 300 41.00 -17.80 -41.58
C GLU HA 300 41.16 -16.84 -40.38
N GLY HA 301 40.67 -17.24 -39.20
CA GLY HA 301 40.56 -16.39 -38.01
C GLY HA 301 39.19 -15.73 -37.85
N ALA HA 302 38.11 -16.46 -38.11
CA ALA HA 302 36.73 -15.97 -38.04
C ALA HA 302 36.22 -15.65 -36.63
N HIS HA 303 35.14 -14.87 -36.56
CA HIS HA 303 34.37 -14.61 -35.34
C HIS HA 303 32.90 -14.36 -35.67
N ALA HA 304 32.01 -14.54 -34.69
CA ALA HA 304 30.58 -14.26 -34.78
C ALA HA 304 30.20 -13.03 -33.96
N GLU HA 305 29.32 -12.18 -34.47
CA GLU HA 305 28.81 -11.03 -33.72
C GLU HA 305 27.44 -10.57 -34.22
N GLN HA 306 26.74 -9.72 -33.45
CA GLN HA 306 25.34 -9.39 -33.69
C GLN HA 306 25.11 -7.90 -33.75
N PHE HA 307 24.19 -7.46 -34.60
CA PHE HA 307 23.54 -6.19 -34.37
C PHE HA 307 22.46 -6.38 -33.31
N SER HA 308 22.30 -5.43 -32.39
CA SER HA 308 21.27 -5.48 -31.36
C SER HA 308 19.89 -5.28 -31.95
N ALA HA 309 18.87 -5.80 -31.28
CA ALA HA 309 17.48 -5.45 -31.57
C ALA HA 309 17.21 -4.00 -31.22
N ALA HA 310 16.34 -3.33 -31.96
CA ALA HA 310 15.68 -2.16 -31.42
C ALA HA 310 14.73 -2.62 -30.30
N GLU HA 311 14.63 -1.88 -29.19
CA GLU HA 311 13.72 -2.26 -28.12
C GLU HA 311 12.49 -1.37 -28.09
N LEU HA 312 11.31 -1.98 -28.23
CA LEU HA 312 10.10 -1.24 -28.54
C LEU HA 312 9.61 -0.39 -27.37
N ARG HA 313 10.01 -0.67 -26.12
CA ARG HA 313 9.70 0.22 -24.99
C ARG HA 313 10.21 1.64 -25.18
N ASN HA 314 11.23 1.87 -26.01
CA ASN HA 314 11.67 3.24 -26.30
C ASN HA 314 10.58 4.04 -27.03
N PHE HA 315 9.73 3.40 -27.82
CA PHE HA 315 8.55 4.04 -28.41
C PHE HA 315 7.37 4.10 -27.45
N VAL HA 316 7.13 3.07 -26.66
CA VAL HA 316 5.95 3.03 -25.79
C VAL HA 316 5.97 4.17 -24.79
N ASP HA 317 7.13 4.58 -24.26
CA ASP HA 317 7.19 5.76 -23.40
C ASP HA 317 6.77 7.05 -24.12
N ALA HA 318 7.01 7.18 -25.41
CA ALA HA 318 6.52 8.32 -26.19
C ALA HA 318 5.02 8.18 -26.50
N LEU HA 319 4.51 6.98 -26.78
CA LEU HA 319 3.07 6.77 -26.94
C LEU HA 319 2.33 7.12 -25.66
N ASP HA 320 2.84 6.75 -24.49
CA ASP HA 320 2.26 7.13 -23.22
C ASP HA 320 2.30 8.65 -23.01
N ALA HA 321 3.40 9.32 -23.32
CA ALA HA 321 3.45 10.77 -23.20
C ALA HA 321 2.40 11.44 -24.11
N LEU HA 322 2.26 11.00 -25.35
CA LEU HA 322 1.23 11.55 -26.24
C LEU HA 322 -0.20 11.19 -25.80
N ASP HA 323 -0.42 10.05 -25.15
CA ASP HA 323 -1.72 9.78 -24.51
C ASP HA 323 -2.02 10.74 -23.37
N ARG HA 324 -1.08 11.02 -22.46
CA ARG HA 324 -1.26 12.05 -21.42
C ARG HA 324 -1.55 13.42 -22.03
N LYS HA 325 -0.84 13.83 -23.08
CA LYS HA 325 -1.15 15.10 -23.76
C LYS HA 325 -2.55 15.07 -24.36
N ALA HA 326 -2.93 14.02 -25.06
CA ALA HA 326 -4.26 13.93 -25.65
C ALA HA 326 -5.37 13.94 -24.57
N ALA HA 327 -5.15 13.33 -23.41
CA ALA HA 327 -6.07 13.46 -22.28
C ALA HA 327 -6.13 14.91 -21.80
N SER HA 328 -4.98 15.55 -21.58
CA SER HA 328 -4.93 16.94 -21.14
C SER HA 328 -5.65 17.89 -22.08
N TYR HA 329 -5.41 17.82 -23.39
CA TYR HA 329 -6.00 18.77 -24.32
C TYR HA 329 -7.48 18.49 -24.59
N SER HA 330 -7.94 17.24 -24.45
CA SER HA 330 -9.36 16.91 -24.59
C SER HA 330 -10.17 17.28 -23.35
N GLY HA 331 -9.64 16.97 -22.16
CA GLY HA 331 -10.35 17.10 -20.90
C GLY HA 331 -11.28 15.94 -20.57
N LEU HA 332 -11.16 14.81 -21.26
CA LEU HA 332 -11.84 13.57 -20.87
C LEU HA 332 -11.31 13.05 -19.53
N PRO HA 333 -12.06 12.21 -18.80
CA PRO HA 333 -11.53 11.46 -17.68
C PRO HA 333 -10.27 10.69 -18.07
N PRO HA 334 -9.29 10.51 -17.19
CA PRO HA 334 -8.00 9.97 -17.57
C PRO HA 334 -8.08 8.52 -18.05
N GLN HA 335 -9.05 7.74 -17.57
CA GLN HA 335 -9.23 6.36 -18.00
C GLN HA 335 -9.92 6.22 -19.37
N TYR HA 336 -10.51 7.28 -19.94
CA TYR HA 336 -11.09 7.19 -21.29
C TYR HA 336 -10.01 6.98 -22.34
N LEU HA 337 -8.80 7.47 -22.11
CA LEU HA 337 -7.60 7.20 -22.92
C LEU HA 337 -6.67 6.15 -22.26
N SER HA 338 -7.14 5.44 -21.24
CA SER HA 338 -6.35 4.45 -20.48
C SER HA 338 -5.03 5.00 -19.90
N SER HA 339 -4.95 6.32 -19.69
CA SER HA 339 -3.73 6.98 -19.19
C SER HA 339 -3.46 6.73 -17.70
N SER HA 340 -4.47 6.35 -16.92
CA SER HA 340 -4.32 5.68 -15.64
C SER HA 340 -5.41 4.64 -15.45
N SER HA 341 -5.08 3.49 -14.86
CA SER HA 341 -6.04 2.45 -14.52
C SER HA 341 -6.87 2.80 -13.27
N ASP HA 342 -6.56 3.90 -12.59
CA ASP HA 342 -7.20 4.34 -11.35
C ASP HA 342 -8.68 4.71 -11.54
N ASN HA 343 -9.54 3.70 -11.49
CA ASN HA 343 -10.98 3.88 -11.57
C ASN HA 343 -11.50 4.50 -10.26
N PRO HA 344 -12.47 5.41 -10.32
CA PRO HA 344 -12.96 6.11 -9.13
C PRO HA 344 -13.68 5.14 -8.19
N ALA HA 345 -13.18 4.99 -6.97
CA ALA HA 345 -13.73 4.01 -6.03
C ALA HA 345 -15.14 4.35 -5.51
N SER HA 346 -15.58 5.60 -5.63
CA SER HA 346 -16.71 6.15 -4.88
C SER HA 346 -17.48 7.21 -5.66
N ALA HA 347 -18.74 7.45 -5.30
CA ALA HA 347 -19.65 8.38 -5.98
C ALA HA 347 -19.14 9.82 -6.03
N GLU HA 348 -18.32 10.25 -5.07
CA GLU HA 348 -17.65 11.55 -5.13
C GLU HA 348 -16.54 11.54 -6.18
N ALA HA 349 -15.68 10.53 -6.15
CA ALA HA 349 -14.53 10.44 -7.05
C ALA HA 349 -14.92 10.29 -8.52
N ILE HA 350 -16.14 9.85 -8.84
CA ILE HA 350 -16.64 9.83 -10.21
C ILE HA 350 -16.70 11.26 -10.75
N LYS HA 351 -17.55 12.12 -10.18
CA LYS HA 351 -17.70 13.48 -10.69
C LYS HA 351 -16.54 14.42 -10.34
N ALA HA 352 -15.58 13.97 -9.55
CA ALA HA 352 -14.27 14.60 -9.50
C ALA HA 352 -13.56 14.51 -10.85
N ALA HA 353 -13.42 13.29 -11.38
CA ALA HA 353 -12.79 13.04 -12.67
C ALA HA 353 -13.60 13.62 -13.84
N GLU HA 354 -14.92 13.51 -13.83
CA GLU HA 354 -15.76 14.02 -14.92
C GLU HA 354 -15.85 15.55 -14.97
N SER HA 355 -15.41 16.27 -13.94
CA SER HA 355 -15.74 17.69 -13.77
C SER HA 355 -15.39 18.55 -14.98
N ARG HA 356 -14.25 18.31 -15.66
CA ARG HA 356 -13.88 19.09 -16.86
C ARG HA 356 -14.66 18.68 -18.12
N LEU HA 357 -15.18 17.47 -18.18
CA LEU HA 357 -16.09 17.07 -19.25
C LEU HA 357 -17.49 17.63 -19.01
N VAL HA 358 -18.02 17.50 -17.80
CA VAL HA 358 -19.35 17.99 -17.45
C VAL HA 358 -19.45 19.48 -17.66
N LYS HA 359 -18.50 20.28 -17.17
CA LYS HA 359 -18.56 21.73 -17.38
C LYS HA 359 -18.46 22.13 -18.85
N LYS HA 360 -17.82 21.31 -19.68
CA LYS HA 360 -17.80 21.52 -21.14
C LYS HA 360 -19.15 21.22 -21.75
N VAL HA 361 -19.75 20.06 -21.46
CA VAL HA 361 -21.07 19.70 -21.99
C VAL HA 361 -22.12 20.71 -21.56
N GLU HA 362 -22.10 21.19 -20.32
CA GLU HA 362 -23.04 22.22 -19.90
C GLU HA 362 -22.88 23.53 -20.68
N ARG HA 363 -21.67 23.94 -21.05
CA ARG HA 363 -21.52 25.08 -21.96
C ARG HA 363 -22.12 24.76 -23.32
N LYS HA 364 -21.89 23.59 -23.91
CA LYS HA 364 -22.50 23.24 -25.20
C LYS HA 364 -24.02 23.22 -25.13
N ASN HA 365 -24.62 22.76 -24.05
CA ASN HA 365 -26.06 22.82 -23.86
C ASN HA 365 -26.55 24.27 -23.92
N LYS HA 366 -25.92 25.22 -23.24
CA LYS HA 366 -26.32 26.63 -23.36
C LYS HA 366 -26.16 27.14 -24.79
N ILE HA 367 -25.02 26.91 -25.42
CA ILE HA 367 -24.68 27.42 -26.76
C ILE HA 367 -25.61 26.84 -27.84
N PHE HA 368 -26.05 25.60 -27.73
CA PHE HA 368 -27.03 25.02 -28.65
C PHE HA 368 -28.46 25.35 -28.25
N GLY HA 369 -28.76 25.54 -26.97
CA GLY HA 369 -30.09 25.92 -26.50
C GLY HA 369 -30.63 27.16 -27.22
N GLY HA 370 -29.77 28.12 -27.52
CA GLY HA 370 -30.16 29.30 -28.28
C GLY HA 370 -30.68 29.01 -29.69
N ALA HA 371 -30.16 28.00 -30.38
CA ALA HA 371 -30.71 27.64 -31.68
C ALA HA 371 -32.10 27.04 -31.53
N TRP HA 372 -32.31 26.21 -30.51
CA TRP HA 372 -33.61 25.59 -30.29
C TRP HA 372 -34.62 26.57 -29.73
N GLU HA 373 -34.24 27.68 -29.12
CA GLU HA 373 -35.18 28.77 -28.95
C GLU HA 373 -35.71 29.23 -30.32
N GLN HA 374 -34.86 29.70 -31.23
CA GLN HA 374 -35.34 30.28 -32.48
C GLN HA 374 -36.08 29.25 -33.33
N ALA HA 375 -35.63 28.01 -33.40
CA ALA HA 375 -36.34 27.00 -34.18
C ALA HA 375 -37.78 26.83 -33.72
N MET HA 376 -38.04 26.90 -32.42
CA MET HA 376 -39.40 26.84 -31.90
C MET HA 376 -40.13 28.17 -32.03
N ARG HA 377 -39.48 29.30 -31.80
CA ARG HA 377 -40.15 30.60 -31.96
C ARG HA 377 -40.58 30.84 -33.40
N LEU HA 378 -39.79 30.48 -34.40
CA LEU HA 378 -40.22 30.53 -35.78
C LEU HA 378 -41.38 29.56 -36.01
N ALA HA 379 -41.28 28.32 -35.52
CA ALA HA 379 -42.31 27.32 -35.78
C ALA HA 379 -43.67 27.72 -35.21
N TYR HA 380 -43.72 28.42 -34.07
CA TYR HA 380 -44.99 28.97 -33.59
C TYR HA 380 -45.59 29.91 -34.63
N LYS HA 381 -44.85 30.91 -35.11
CA LYS HA 381 -45.39 31.88 -36.07
C LYS HA 381 -45.79 31.22 -37.38
N MET HA 382 -44.97 30.29 -37.85
CA MET HA 382 -45.21 29.52 -39.06
C MET HA 382 -46.55 28.80 -39.00
N VAL HA 383 -46.86 28.15 -37.88
CA VAL HA 383 -48.13 27.42 -37.71
C VAL HA 383 -49.27 28.35 -37.39
N LYS HA 384 -49.17 29.09 -36.29
CA LYS HA 384 -50.29 29.78 -35.67
C LYS HA 384 -50.61 31.11 -36.34
N GLY HA 385 -49.70 31.65 -37.13
CA GLY HA 385 -49.83 33.00 -37.68
C GLY HA 385 -49.85 34.07 -36.59
N GLY HA 386 -50.25 35.29 -36.95
CA GLY HA 386 -50.28 36.41 -36.01
C GLY HA 386 -48.88 36.77 -35.51
N ASP HA 387 -48.70 36.81 -34.19
CA ASP HA 387 -47.45 37.21 -33.55
C ASP HA 387 -47.11 36.31 -32.36
N ILE HA 388 -45.86 36.32 -31.94
CA ILE HA 388 -45.35 35.56 -30.79
C ILE HA 388 -45.92 36.14 -29.49
N PRO HA 389 -46.64 35.37 -28.65
CA PRO HA 389 -46.98 35.82 -27.31
C PRO HA 389 -45.69 36.09 -26.55
N THR HA 390 -45.49 37.27 -25.98
CA THR HA 390 -44.16 37.73 -25.52
C THR HA 390 -43.52 36.86 -24.43
N GLU HA 391 -44.28 36.03 -23.73
CA GLU HA 391 -43.72 35.00 -22.86
C GLU HA 391 -42.78 34.04 -23.60
N TYR HA 392 -42.99 33.78 -24.90
CA TYR HA 392 -42.12 32.90 -25.68
C TYR HA 392 -40.74 33.51 -25.91
N TYR HA 393 -40.56 34.83 -25.92
CA TYR HA 393 -39.21 35.40 -26.06
C TYR HA 393 -38.30 35.07 -24.88
N ARG HA 394 -38.85 34.55 -23.79
CA ARG HA 394 -38.13 34.21 -22.56
C ARG HA 394 -37.97 32.71 -22.37
N MET HA 395 -38.47 31.89 -23.29
CA MET HA 395 -38.45 30.45 -23.13
C MET HA 395 -37.02 29.92 -23.08
N GLU HA 396 -36.75 28.92 -22.25
CA GLU HA 396 -35.42 28.31 -22.18
C GLU HA 396 -35.51 26.80 -22.11
N THR HA 397 -34.61 26.13 -22.84
CA THR HA 397 -34.52 24.67 -22.92
C THR HA 397 -34.13 24.07 -21.59
N VAL HA 398 -34.71 22.94 -21.20
CA VAL HA 398 -34.25 22.17 -20.05
C VAL HA 398 -33.55 20.93 -20.56
N TRP HA 399 -32.26 20.81 -20.29
CA TRP HA 399 -31.43 19.68 -20.68
C TRP HA 399 -31.32 18.68 -19.54
N ARG HA 400 -30.92 17.45 -19.82
CA ARG HA 400 -30.58 16.48 -18.77
C ARG HA 400 -29.26 16.82 -18.10
N ASP HA 401 -29.09 16.41 -16.85
CA ASP HA 401 -27.80 16.46 -16.17
C ASP HA 401 -26.81 15.56 -16.92
N PRO HA 402 -25.67 16.07 -17.42
CA PRO HA 402 -24.76 15.29 -18.26
C PRO HA 402 -23.82 14.36 -17.48
N SER HA 403 -23.80 14.40 -16.15
CA SER HA 403 -22.91 13.56 -15.34
C SER HA 403 -23.34 12.10 -15.30
N THR HA 404 -22.47 11.19 -14.84
CA THR HA 404 -22.82 9.77 -14.64
C THR HA 404 -24.02 9.64 -13.69
N PRO HA 405 -25.03 8.82 -13.99
CA PRO HA 405 -26.23 8.71 -13.15
C PRO HA 405 -25.95 7.90 -11.89
N THR HA 406 -25.45 8.55 -10.84
CA THR HA 406 -25.18 7.95 -9.52
C THR HA 406 -26.47 7.79 -8.73
N TYR HA 407 -27.35 6.88 -9.12
CA TYR HA 407 -28.71 6.79 -8.58
C TYR HA 407 -28.78 6.59 -7.08
N ALA HA 408 -28.18 5.53 -6.54
CA ALA HA 408 -28.31 5.25 -5.11
C ALA HA 408 -27.74 6.39 -4.25
N ALA HA 409 -26.68 7.05 -4.70
CA ALA HA 409 -26.11 8.19 -3.99
C ALA HA 409 -27.05 9.40 -3.90
N LYS HA 410 -28.02 9.54 -4.80
CA LYS HA 410 -29.07 10.57 -4.71
C LYS HA 410 -30.23 10.16 -3.80
N ALA HA 411 -30.55 8.87 -3.67
CA ALA HA 411 -31.71 8.45 -2.89
C ALA HA 411 -31.56 8.78 -1.40
N ASP HA 412 -30.37 8.65 -0.83
CA ASP HA 412 -30.12 9.05 0.55
C ASP HA 412 -30.39 10.53 0.77
N ALA HA 413 -29.87 11.38 -0.12
CA ALA HA 413 -30.05 12.82 -0.05
C ALA HA 413 -31.51 13.23 -0.22
N ALA HA 414 -32.19 12.76 -1.27
CA ALA HA 414 -33.57 13.14 -1.52
C ALA HA 414 -34.52 12.62 -0.44
N ALA HA 415 -34.29 11.43 0.11
CA ALA HA 415 -35.04 10.95 1.25
C ALA HA 415 -34.84 11.84 2.48
N LYS HA 416 -33.59 12.13 2.87
CA LYS HA 416 -33.31 12.93 4.06
C LYS HA 416 -33.80 14.37 3.96
N LEU HA 417 -33.74 14.98 2.78
CA LEU HA 417 -34.25 16.34 2.61
C LEU HA 417 -35.76 16.39 2.71
N PHE HA 418 -36.47 15.37 2.21
CA PHE HA 418 -37.93 15.34 2.31
C PHE HA 418 -38.39 14.92 3.70
N ALA HA 419 -37.83 13.85 4.26
CA ALA HA 419 -38.15 13.31 5.59
C ALA HA 419 -39.67 13.12 5.79
N ASN HA 420 -40.28 12.29 4.96
CA ASN HA 420 -41.74 12.22 4.84
C ASN HA 420 -42.30 13.63 4.62
N GLY HA 421 -43.36 14.08 5.28
CA GLY HA 421 -43.82 15.46 5.08
C GLY HA 421 -42.87 16.55 5.63
N ALA HA 422 -42.00 16.21 6.58
CA ALA HA 422 -41.52 17.21 7.56
C ALA HA 422 -40.33 18.07 7.13
N GLY HA 423 -39.56 17.65 6.15
CA GLY HA 423 -38.24 18.19 5.84
C GLY HA 423 -38.25 19.52 5.08
N LEU HA 424 -37.08 19.96 4.63
CA LEU HA 424 -36.91 21.31 4.14
C LEU HA 424 -37.38 21.53 2.69
N ILE HA 425 -37.51 20.51 1.85
CA ILE HA 425 -37.96 20.65 0.44
C ILE HA 425 -39.41 20.20 0.24
N PRO HA 426 -40.18 20.82 -0.67
CA PRO HA 426 -41.47 20.30 -1.10
C PRO HA 426 -41.28 19.02 -1.91
N ARG HA 427 -42.32 18.21 -2.13
CA ARG HA 427 -42.19 16.94 -2.83
C ARG HA 427 -41.60 17.11 -4.21
N GLU HA 428 -42.15 18.00 -5.02
CA GLU HA 428 -41.73 18.20 -6.41
C GLU HA 428 -40.23 18.43 -6.56
N ARG HA 429 -39.61 19.19 -5.65
CA ARG HA 429 -38.17 19.46 -5.75
C ARG HA 429 -37.36 18.19 -5.57
N GLY HA 430 -37.84 17.24 -4.79
CA GLY HA 430 -37.20 15.95 -4.66
C GLY HA 430 -37.16 15.21 -6.00
N TRP HA 431 -38.19 15.32 -6.82
CA TRP HA 431 -38.18 14.75 -8.15
C TRP HA 431 -37.21 15.48 -9.07
N VAL HA 432 -37.19 16.80 -9.05
CA VAL HA 432 -36.23 17.56 -9.88
C VAL HA 432 -34.81 17.18 -9.53
N ASP HA 433 -34.45 17.07 -8.25
CA ASP HA 433 -33.10 16.67 -7.87
C ASP HA 433 -32.78 15.23 -8.26
N MET HA 434 -33.77 14.35 -8.29
CA MET HA 434 -33.58 12.99 -8.78
C MET HA 434 -33.32 12.94 -10.28
N GLY HA 435 -33.72 13.95 -11.03
CA GLY HA 435 -33.55 14.00 -12.47
C GLY HA 435 -34.61 13.23 -13.25
N TYR HA 436 -35.76 12.93 -12.66
CA TYR HA 436 -36.90 12.51 -13.45
C TYR HA 436 -37.30 13.65 -14.40
N THR HA 437 -37.51 13.36 -15.68
CA THR HA 437 -37.60 14.43 -16.69
C THR HA 437 -38.91 15.21 -16.65
N ILE HA 438 -38.99 16.36 -17.34
CA ILE HA 438 -40.24 17.14 -17.49
C ILE HA 438 -41.43 16.26 -17.85
N VAL HA 439 -41.27 15.35 -18.81
CA VAL HA 439 -42.31 14.42 -19.25
C VAL HA 439 -42.62 13.37 -18.19
N GLU HA 440 -41.59 12.92 -17.47
CA GLU HA 440 -41.74 11.89 -16.46
C GLU HA 440 -42.45 12.44 -15.22
N ARG HA 441 -42.08 13.62 -14.73
CA ARG HA 441 -42.74 14.22 -13.57
C ARG HA 441 -44.22 14.50 -13.81
N GLU HA 442 -44.67 14.70 -15.04
CA GLU HA 442 -46.10 14.72 -15.28
C GLU HA 442 -46.73 13.33 -15.12
N GLN HA 443 -46.12 12.28 -15.67
CA GLN HA 443 -46.59 10.91 -15.47
C GLN HA 443 -46.66 10.57 -13.97
N MET HA 444 -45.70 11.08 -13.20
CA MET HA 444 -45.62 10.87 -11.77
C MET HA 444 -46.82 11.39 -11.02
N ARG HA 445 -47.29 12.61 -11.29
CA ARG HA 445 -48.46 13.18 -10.61
C ARG HA 445 -49.69 12.30 -10.81
N GLN HA 446 -49.87 11.73 -11.99
CA GLN HA 446 -51.01 10.87 -12.26
C GLN HA 446 -50.96 9.57 -11.45
N TRP HA 447 -49.79 8.95 -11.27
CA TRP HA 447 -49.68 7.80 -10.37
C TRP HA 447 -49.85 8.17 -8.91
N LEU HA 448 -49.33 9.32 -8.49
CA LEU HA 448 -49.42 9.72 -7.09
C LEU HA 448 -50.86 10.05 -6.70
N GLU HA 449 -51.63 10.66 -7.60
CA GLU HA 449 -53.06 10.87 -7.40
C GLU HA 449 -53.75 9.53 -7.13
N GLN HA 450 -53.44 8.48 -7.89
CA GLN HA 450 -54.07 7.17 -7.70
C GLN HA 450 -53.70 6.56 -6.35
N ASP HA 451 -52.44 6.59 -5.93
CA ASP HA 451 -52.04 6.13 -4.59
C ASP HA 451 -52.71 6.94 -3.48
N GLN HA 452 -52.95 8.23 -3.69
CA GLN HA 452 -53.66 9.07 -2.74
C GLN HA 452 -55.15 8.69 -2.67
N LYS HA 453 -55.83 8.50 -3.81
CA LYS HA 453 -57.25 8.11 -3.84
C LYS HA 453 -57.48 6.71 -3.28
N GLN HA 454 -56.57 5.79 -3.53
CA GLN HA 454 -56.63 4.44 -2.97
C GLN HA 454 -56.56 4.49 -1.44
N GLY HA 455 -55.62 5.26 -0.89
CA GLY HA 455 -55.37 5.34 0.56
C GLY HA 455 -54.98 4.01 1.18
N SER IA 6 -16.55 69.35 -28.15
CA SER IA 6 -16.89 68.23 -29.05
C SER IA 6 -16.15 68.35 -30.38
N ILE IA 7 -16.18 67.30 -31.20
CA ILE IA 7 -15.45 67.20 -32.49
C ILE IA 7 -16.40 66.76 -33.60
N ASP IA 8 -16.16 67.23 -34.83
CA ASP IA 8 -16.85 66.78 -36.04
C ASP IA 8 -16.94 65.24 -36.11
N PRO IA 9 -18.15 64.65 -36.20
CA PRO IA 9 -18.33 63.21 -36.28
C PRO IA 9 -17.45 62.50 -37.31
N GLU IA 10 -17.24 63.06 -38.50
CA GLU IA 10 -16.43 62.39 -39.50
C GLU IA 10 -14.96 62.33 -39.10
N LYS IA 11 -14.40 63.45 -38.63
CA LYS IA 11 -13.04 63.51 -38.12
C LYS IA 11 -12.87 62.53 -36.95
N LEU IA 12 -13.83 62.53 -36.03
CA LEU IA 12 -13.80 61.67 -34.86
C LEU IA 12 -13.86 60.20 -35.28
N ARG IA 13 -14.72 59.85 -36.24
CA ARG IA 13 -14.82 58.51 -36.81
C ARG IA 13 -13.47 58.06 -37.35
N ASP IA 14 -12.79 58.88 -38.16
CA ASP IA 14 -11.47 58.50 -38.68
C ASP IA 14 -10.44 58.32 -37.56
N GLN IA 15 -10.43 59.18 -36.54
CA GLN IA 15 -9.50 59.03 -35.41
C GLN IA 15 -9.74 57.71 -34.67
N LEU IA 16 -11.00 57.38 -34.41
CA LEU IA 16 -11.34 56.18 -33.67
C LEU IA 16 -11.11 54.92 -34.51
N LEU IA 17 -11.44 54.92 -35.80
CA LEU IA 17 -11.16 53.76 -36.64
C LEU IA 17 -9.66 53.51 -36.77
N ASP IA 18 -8.83 54.55 -36.78
CA ASP IA 18 -7.37 54.40 -36.66
C ASP IA 18 -7.02 53.74 -35.32
N ALA IA 19 -7.47 54.27 -34.19
CA ALA IA 19 -7.17 53.71 -32.88
C ALA IA 19 -7.62 52.24 -32.74
N PHE IA 20 -8.81 51.92 -33.22
CA PHE IA 20 -9.32 50.56 -33.29
C PHE IA 20 -8.42 49.66 -34.13
N GLU IA 21 -8.11 50.07 -35.36
CA GLU IA 21 -7.38 49.22 -36.30
C GLU IA 21 -5.91 49.08 -35.92
N ASN IA 22 -5.36 50.06 -35.23
CA ASN IA 22 -4.07 49.97 -34.56
C ASN IA 22 -4.09 48.94 -33.41
N LYS IA 23 -5.08 48.99 -32.53
CA LYS IA 23 -5.14 48.16 -31.32
C LYS IA 23 -5.06 46.67 -31.64
N GLN IA 24 -5.58 46.24 -32.79
CA GLN IA 24 -5.56 44.84 -33.22
C GLN IA 24 -4.18 44.21 -33.16
N ASN IA 25 -3.10 44.98 -33.36
CA ASN IA 25 -1.75 44.42 -33.35
C ASN IA 25 -1.35 43.91 -31.96
N GLU IA 26 -1.94 44.41 -30.88
CA GLU IA 26 -1.79 43.76 -29.58
C GLU IA 26 -2.63 42.49 -29.50
N LEU IA 27 -3.91 42.56 -29.84
CA LEU IA 27 -4.87 41.47 -29.62
C LEU IA 27 -4.49 40.19 -30.37
N LYS IA 28 -4.05 40.30 -31.63
CA LYS IA 28 -3.68 39.16 -32.46
C LYS IA 28 -2.51 38.36 -31.88
N SER IA 29 -1.76 38.91 -30.93
CA SER IA 29 -0.73 38.14 -30.22
C SER IA 29 -1.33 37.18 -29.19
N SER IA 30 -2.43 37.54 -28.53
CA SER IA 30 -3.10 36.67 -27.54
C SER IA 30 -3.92 35.58 -28.21
N LYS IA 31 -4.59 35.89 -29.32
CA LYS IA 31 -5.32 34.92 -30.14
C LYS IA 31 -4.44 33.73 -30.49
N ALA IA 32 -3.17 33.96 -30.80
CA ALA IA 32 -2.23 32.92 -31.21
C ALA IA 32 -1.98 31.86 -30.13
N TYR IA 33 -2.16 32.19 -28.85
CA TYR IA 33 -2.10 31.20 -27.78
C TYR IA 33 -3.42 30.46 -27.57
N TYR IA 34 -4.57 31.14 -27.65
CA TYR IA 34 -5.85 30.47 -27.43
C TYR IA 34 -6.22 29.55 -28.59
N ASP IA 35 -6.13 30.02 -29.84
CA ASP IA 35 -6.42 29.20 -31.03
C ASP IA 35 -5.29 28.25 -31.42
N ALA IA 36 -4.16 28.26 -30.70
CA ALA IA 36 -3.00 27.44 -31.00
C ALA IA 36 -2.51 27.57 -32.46
N GLU IA 37 -2.35 28.80 -32.91
CA GLU IA 37 -1.73 29.14 -34.20
C GLU IA 37 -0.24 28.77 -34.19
N ARG IA 38 0.40 28.74 -35.36
CA ARG IA 38 1.87 28.76 -35.45
C ARG IA 38 2.39 30.06 -34.83
N ARG IA 39 3.45 29.96 -34.02
CA ARG IA 39 4.24 31.11 -33.57
C ARG IA 39 5.71 30.75 -33.49
N PRO IA 40 6.66 31.63 -33.81
CA PRO IA 40 8.02 31.22 -34.08
C PRO IA 40 8.76 30.70 -32.84
N ASP IA 41 8.43 31.18 -31.65
CA ASP IA 41 9.11 30.71 -30.43
C ASP IA 41 8.74 29.27 -30.04
N ALA IA 42 7.69 28.69 -30.61
CA ALA IA 42 7.28 27.33 -30.28
C ALA IA 42 8.11 26.26 -30.99
N ILE IA 43 8.80 26.61 -32.08
CA ILE IA 43 9.42 25.63 -32.98
C ILE IA 43 10.69 25.07 -32.35
N GLY IA 44 10.78 23.76 -32.16
CA GLY IA 44 11.94 23.11 -31.54
C GLY IA 44 13.14 23.14 -32.47
N LEU IA 45 14.37 23.31 -31.96
CA LEU IA 45 15.51 23.62 -32.82
C LEU IA 45 16.28 22.41 -33.33
N ALA IA 46 16.21 21.25 -32.67
CA ALA IA 46 16.97 20.08 -33.09
C ALA IA 46 16.45 19.45 -34.39
N VAL IA 47 15.18 19.65 -34.72
CA VAL IA 47 14.59 19.14 -35.96
C VAL IA 47 15.13 19.88 -37.18
N PRO IA 48 15.57 19.18 -38.23
CA PRO IA 48 16.14 19.79 -39.42
C PRO IA 48 15.07 20.51 -40.23
N LEU IA 49 15.46 21.47 -41.07
CA LEU IA 49 14.51 22.37 -41.73
C LEU IA 49 13.44 21.65 -42.56
N ASP IA 50 13.72 20.46 -43.10
CA ASP IA 50 12.74 19.69 -43.88
C ASP IA 50 11.59 19.15 -43.03
N MET IA 51 11.79 18.94 -41.72
CA MET IA 51 10.73 18.49 -40.81
C MET IA 51 9.98 19.61 -40.11
N ARG IA 52 10.48 20.86 -40.10
CA ARG IA 52 9.86 21.94 -39.31
C ARG IA 52 8.43 22.30 -39.69
N LYS IA 53 7.91 21.84 -40.83
CA LYS IA 53 6.48 21.97 -41.14
C LYS IA 53 5.59 21.17 -40.19
N TYR IA 54 6.09 20.10 -39.58
CA TYR IA 54 5.33 19.21 -38.70
C TYR IA 54 5.25 19.73 -37.26
N LEU IA 55 4.66 20.91 -37.07
CA LEU IA 55 4.54 21.58 -35.77
C LEU IA 55 3.85 20.70 -34.72
N ALA IA 56 4.19 20.92 -33.45
CA ALA IA 56 3.45 20.41 -32.30
C ALA IA 56 2.84 21.60 -31.52
N HIS IA 57 1.54 21.54 -31.22
CA HIS IA 57 0.81 22.62 -30.55
C HIS IA 57 0.38 22.21 -29.15
N VAL IA 58 0.65 23.04 -28.15
CA VAL IA 58 0.41 22.73 -26.74
C VAL IA 58 -0.80 23.50 -26.22
N GLY IA 59 -1.72 22.81 -25.54
CA GLY IA 59 -3.04 23.33 -25.19
C GLY IA 59 -3.19 23.94 -23.80
N TYR IA 60 -2.13 24.34 -23.08
CA TYR IA 60 -2.32 24.93 -21.76
C TYR IA 60 -3.20 26.19 -21.78
N PRO IA 61 -3.01 27.18 -22.67
CA PRO IA 61 -3.76 28.42 -22.60
C PRO IA 61 -5.25 28.22 -22.75
N ARG IA 62 -5.70 27.44 -23.73
CA ARG IA 62 -7.12 27.13 -23.93
C ARG IA 62 -7.67 26.41 -22.72
N THR IA 63 -6.95 25.42 -22.21
CA THR IA 63 -7.37 24.66 -21.03
C THR IA 63 -7.57 25.56 -19.83
N TYR IA 64 -6.72 26.56 -19.61
CA TYR IA 64 -6.86 27.50 -18.51
C TYR IA 64 -8.02 28.47 -18.72
N VAL IA 65 -8.06 29.16 -19.85
CA VAL IA 65 -9.10 30.18 -20.11
C VAL IA 65 -10.48 29.57 -20.19
N ASP IA 66 -10.64 28.37 -20.74
CA ASP IA 66 -11.92 27.69 -20.70
C ASP IA 66 -12.31 27.31 -19.27
N ALA IA 67 -11.40 26.79 -18.45
CA ALA IA 67 -11.74 26.28 -17.12
C ALA IA 67 -12.25 27.38 -16.18
N ILE IA 68 -11.83 28.63 -16.35
CA ILE IA 68 -12.43 29.77 -15.68
C ILE IA 68 -13.79 30.11 -16.28
N ALA IA 69 -13.87 30.39 -17.59
CA ALA IA 69 -15.07 30.88 -18.23
C ALA IA 69 -16.27 29.93 -18.14
N GLU IA 70 -16.03 28.62 -18.06
CA GLU IA 70 -17.09 27.63 -17.95
C GLU IA 70 -17.70 27.50 -16.55
N ARG IA 71 -17.07 28.05 -15.50
CA ARG IA 71 -17.62 28.02 -14.15
C ARG IA 71 -18.45 29.25 -13.77
N GLN IA 72 -18.28 30.36 -14.46
CA GLN IA 72 -19.02 31.59 -14.19
C GLN IA 72 -20.48 31.50 -14.66
N GLU IA 73 -21.45 31.80 -13.79
CA GLU IA 73 -22.86 31.83 -14.15
C GLU IA 73 -23.65 32.79 -13.26
N LEU IA 74 -24.25 33.82 -13.84
CA LEU IA 74 -25.02 34.81 -13.09
C LEU IA 74 -26.37 34.23 -12.68
N GLU IA 75 -26.66 34.24 -11.39
CA GLU IA 75 -27.84 33.61 -10.77
C GLU IA 75 -29.01 34.55 -10.59
N GLY IA 76 -28.75 35.84 -10.34
CA GLY IA 76 -29.77 36.87 -10.19
C GLY IA 76 -29.21 38.19 -9.67
N PHE IA 77 -30.05 39.21 -9.58
CA PHE IA 77 -29.70 40.53 -9.07
C PHE IA 77 -30.35 40.78 -7.72
N ARG IA 78 -29.59 41.25 -6.73
CA ARG IA 78 -30.06 41.50 -5.36
C ARG IA 78 -30.09 42.99 -5.13
N ILE IA 79 -31.26 43.57 -4.90
CA ILE IA 79 -31.46 45.01 -4.66
C ILE IA 79 -31.88 45.19 -3.20
N PRO IA 80 -31.22 46.04 -2.41
CA PRO IA 80 -31.67 46.33 -1.06
C PRO IA 80 -32.98 47.13 -1.11
N SER IA 81 -33.94 46.78 -0.27
CA SER IA 81 -35.28 47.39 -0.31
C SER IA 81 -35.32 48.80 0.29
N ALA IA 82 -36.31 49.60 -0.12
CA ALA IA 82 -36.65 50.87 0.52
C ALA IA 82 -37.19 50.67 1.95
N ASN IA 83 -36.83 51.58 2.86
CA ASN IA 83 -37.17 51.57 4.30
C ASN IA 83 -36.81 50.27 5.06
N GLY IA 84 -35.98 49.39 4.48
CA GLY IA 84 -35.70 48.06 5.02
C GLY IA 84 -36.91 47.11 5.00
N GLU IA 85 -37.94 47.38 4.19
CA GLU IA 85 -39.14 46.55 4.06
C GLU IA 85 -38.81 45.14 3.53
N GLU IA 86 -39.69 44.16 3.75
CA GLU IA 86 -39.45 42.75 3.38
C GLU IA 86 -39.07 42.60 1.89
N PRO IA 87 -37.82 42.25 1.56
CA PRO IA 87 -37.22 42.56 0.26
C PRO IA 87 -37.57 41.57 -0.87
N GLU IA 88 -38.56 40.69 -0.71
CA GLU IA 88 -38.80 39.59 -1.63
C GLU IA 88 -40.28 39.42 -2.02
N SER IA 89 -40.55 39.26 -3.32
CA SER IA 89 -41.83 38.76 -3.84
C SER IA 89 -41.69 37.91 -5.11
N GLY IA 90 -40.57 38.01 -5.86
CA GLY IA 90 -40.31 37.19 -7.05
C GLY IA 90 -41.27 37.39 -8.22
N GLY IA 91 -42.01 38.50 -8.22
CA GLY IA 91 -43.15 38.74 -9.10
C GLY IA 91 -43.89 40.01 -8.69
N GLU IA 92 -44.78 40.48 -9.57
CA GLU IA 92 -45.43 41.81 -9.47
C GLU IA 92 -44.39 42.96 -9.34
N ASN IA 93 -43.28 42.79 -10.06
CA ASN IA 93 -42.16 43.73 -10.22
C ASN IA 93 -41.51 44.21 -8.92
N ASP IA 94 -40.99 43.27 -8.11
CA ASP IA 94 -39.87 43.64 -7.26
C ASP IA 94 -38.66 43.91 -8.20
N PRO IA 95 -37.79 44.88 -7.91
CA PRO IA 95 -36.81 45.34 -8.89
C PRO IA 95 -35.81 44.26 -9.28
N ALA IA 96 -35.53 43.29 -8.42
CA ALA IA 96 -34.73 42.12 -8.79
C ALA IA 96 -35.28 41.38 -10.01
N SER IA 97 -36.59 41.16 -10.08
CA SER IA 97 -37.22 40.42 -11.16
C SER IA 97 -37.33 41.23 -12.44
N GLU IA 98 -37.28 42.56 -12.36
CA GLU IA 98 -37.23 43.41 -13.54
C GLU IA 98 -35.90 43.21 -14.26
N LEU IA 99 -34.78 43.39 -13.56
CA LEU IA 99 -33.46 43.30 -14.17
C LEU IA 99 -33.18 41.88 -14.66
N TRP IA 100 -33.63 40.86 -13.91
CA TRP IA 100 -33.52 39.48 -14.36
C TRP IA 100 -34.38 39.17 -15.59
N ASP IA 101 -35.55 39.80 -15.74
CA ASP IA 101 -36.35 39.58 -16.95
C ASP IA 101 -35.60 40.04 -18.19
N TRP IA 102 -35.00 41.22 -18.18
CA TRP IA 102 -34.23 41.71 -19.31
C TRP IA 102 -33.03 40.82 -19.60
N TRP IA 103 -32.40 40.24 -18.58
CA TRP IA 103 -31.32 39.29 -18.76
C TRP IA 103 -31.78 38.02 -19.47
N GLN IA 104 -32.98 37.49 -19.18
CA GLN IA 104 -33.55 36.37 -19.92
C GLN IA 104 -34.03 36.75 -21.31
N ALA IA 105 -34.73 37.86 -21.50
CA ALA IA 105 -35.26 38.22 -22.82
C ALA IA 105 -34.17 38.49 -23.85
N ASN IA 106 -33.02 39.04 -23.42
CA ASN IA 106 -31.82 39.21 -24.24
C ASN IA 106 -30.96 37.94 -24.33
N ASN IA 107 -31.41 36.82 -23.77
CA ASN IA 107 -30.66 35.58 -23.56
C ASN IA 107 -29.18 35.77 -23.21
N LEU IA 108 -28.86 36.75 -22.38
CA LEU IA 108 -27.49 37.06 -22.03
C LEU IA 108 -26.83 35.91 -21.26
N ASP IA 109 -27.59 35.03 -20.64
CA ASP IA 109 -27.03 33.81 -20.07
C ASP IA 109 -26.30 32.96 -21.12
N ILE IA 110 -26.65 33.04 -22.40
CA ILE IA 110 -25.81 32.54 -23.47
C ILE IA 110 -24.71 33.53 -23.80
N GLU IA 111 -25.03 34.69 -24.35
CA GLU IA 111 -24.03 35.55 -24.97
C GLU IA 111 -22.99 36.10 -23.97
N ALA IA 112 -23.33 36.28 -22.70
CA ALA IA 112 -22.34 36.64 -21.69
C ALA IA 112 -21.46 35.47 -21.27
N THR IA 113 -21.91 34.21 -21.41
CA THR IA 113 -21.01 33.07 -21.23
C THR IA 113 -19.90 33.11 -22.26
N LEU IA 114 -20.18 33.56 -23.48
CA LEU IA 114 -19.16 33.82 -24.48
C LEU IA 114 -18.36 35.07 -24.11
N GLY IA 115 -18.99 36.16 -23.68
CA GLY IA 115 -18.30 37.41 -23.31
C GLY IA 115 -17.23 37.25 -22.25
N HIS IA 116 -17.48 36.45 -21.23
CA HIS IA 116 -16.46 36.13 -20.24
C HIS IA 116 -15.33 35.25 -20.79
N THR IA 117 -15.37 34.81 -22.05
CA THR IA 117 -14.20 34.24 -22.72
C THR IA 117 -13.41 35.33 -23.44
N ASP IA 118 -14.00 36.14 -24.32
CA ASP IA 118 -13.25 37.25 -24.94
C ASP IA 118 -12.66 38.20 -23.89
N ALA IA 119 -13.35 38.44 -22.79
CA ALA IA 119 -12.82 39.26 -21.72
C ALA IA 119 -11.55 38.69 -21.09
N LEU IA 120 -11.39 37.37 -21.04
CA LEU IA 120 -10.20 36.73 -20.48
C LEU IA 120 -9.10 36.53 -21.52
N ILE IA 121 -9.44 36.19 -22.77
CA ILE IA 121 -8.45 36.13 -23.85
C ILE IA 121 -7.80 37.50 -24.05
N TYR IA 122 -8.58 38.52 -24.37
CA TYR IA 122 -8.04 39.83 -24.74
C TYR IA 122 -7.84 40.78 -23.57
N GLY IA 123 -8.39 40.47 -22.40
CA GLY IA 123 -8.36 41.34 -21.22
C GLY IA 123 -9.49 42.35 -21.13
N THR IA 124 -10.32 42.52 -22.16
CA THR IA 124 -11.38 43.55 -22.19
C THR IA 124 -12.54 43.10 -23.09
N ALA IA 125 -13.76 43.56 -22.84
CA ALA IA 125 -14.92 43.35 -23.71
C ALA IA 125 -15.98 44.41 -23.40
N TYR IA 126 -16.97 44.64 -24.26
CA TYR IA 126 -17.84 45.79 -24.11
C TYR IA 126 -19.31 45.42 -24.13
N ILE IA 127 -20.08 45.90 -23.16
CA ILE IA 127 -21.54 45.78 -23.13
C ILE IA 127 -22.14 46.97 -23.84
N THR IA 128 -23.02 46.76 -24.80
CA THR IA 128 -23.71 47.81 -25.56
C THR IA 128 -25.18 47.82 -25.18
N ILE IA 129 -25.74 48.97 -24.80
CA ILE IA 129 -27.17 49.10 -24.49
C ILE IA 129 -27.89 49.91 -25.58
N SER IA 130 -29.06 49.49 -26.02
CA SER IA 130 -29.89 50.27 -26.96
C SER IA 130 -31.37 49.96 -26.79
N MET IA 131 -32.27 50.85 -27.19
CA MET IA 131 -33.61 50.41 -27.55
C MET IA 131 -33.59 49.74 -28.93
N PRO IA 132 -34.47 48.79 -29.23
CA PRO IA 132 -34.50 48.12 -30.53
C PRO IA 132 -35.16 49.02 -31.59
N ASP IA 133 -34.89 48.76 -32.87
CA ASP IA 133 -35.62 49.38 -33.99
C ASP IA 133 -36.61 48.37 -34.60
N PRO IA 134 -37.93 48.62 -34.56
CA PRO IA 134 -38.94 47.68 -35.04
C PRO IA 134 -38.78 47.24 -36.49
N GLU IA 135 -38.07 48.01 -37.33
CA GLU IA 135 -37.86 47.68 -38.74
C GLU IA 135 -36.48 47.05 -39.03
N VAL IA 136 -35.71 46.71 -37.99
CA VAL IA 136 -34.41 46.02 -38.11
C VAL IA 136 -34.29 44.86 -37.14
N ASP IA 137 -34.65 45.08 -35.88
CA ASP IA 137 -34.60 44.08 -34.81
C ASP IA 137 -35.89 43.26 -34.76
N PHE IA 138 -36.10 42.43 -35.78
CA PHE IA 138 -37.15 41.39 -35.78
C PHE IA 138 -36.74 40.21 -34.88
N ASP IA 139 -37.73 39.48 -34.36
CA ASP IA 139 -37.54 38.35 -33.43
C ASP IA 139 -36.70 38.70 -32.18
N VAL IA 140 -37.02 39.85 -31.57
CA VAL IA 140 -36.73 40.19 -30.17
C VAL IA 140 -37.95 40.90 -29.56
N ASP IA 141 -38.10 40.82 -28.24
CA ASP IA 141 -39.23 41.44 -27.55
C ASP IA 141 -39.19 42.98 -27.67
N PRO IA 142 -40.18 43.67 -28.27
CA PRO IA 142 -40.07 45.09 -28.58
C PRO IA 142 -39.92 46.01 -27.36
N GLU IA 143 -40.40 45.60 -26.20
CA GLU IA 143 -40.51 46.46 -25.01
C GLU IA 143 -39.23 46.50 -24.16
N VAL IA 144 -38.38 45.48 -24.19
CA VAL IA 144 -37.16 45.42 -23.38
C VAL IA 144 -36.03 46.19 -24.04
N PRO IA 145 -35.06 46.71 -23.29
CA PRO IA 145 -33.86 47.27 -23.87
C PRO IA 145 -33.05 46.12 -24.46
N LEU IA 146 -32.50 46.34 -25.64
CA LEU IA 146 -31.60 45.43 -26.32
C LEU IA 146 -30.21 45.64 -25.75
N ILE IA 147 -29.69 44.64 -25.04
CA ILE IA 147 -28.37 44.68 -24.40
C ILE IA 147 -27.51 43.59 -25.03
N ARG IA 148 -26.37 43.93 -25.64
CA ARG IA 148 -25.49 42.95 -26.30
C ARG IA 148 -24.03 43.18 -25.99
N VAL IA 149 -23.28 42.11 -25.71
CA VAL IA 149 -21.83 42.16 -25.54
C VAL IA 149 -21.12 42.11 -26.90
N GLU IA 150 -20.03 42.86 -27.07
CA GLU IA 150 -19.18 42.85 -28.27
C GLU IA 150 -17.70 42.69 -27.88
N PRO IA 151 -16.89 41.96 -28.65
CA PRO IA 151 -15.50 41.73 -28.36
C PRO IA 151 -14.62 42.92 -28.77
N PRO IA 152 -13.40 43.04 -28.24
CA PRO IA 152 -12.50 44.13 -28.59
C PRO IA 152 -11.97 44.02 -30.03
N THR IA 153 -12.16 42.87 -30.68
CA THR IA 153 -11.93 42.68 -32.12
C THR IA 153 -13.03 43.28 -33.00
N ALA IA 154 -14.04 43.95 -32.43
CA ALA IA 154 -15.12 44.60 -33.17
C ALA IA 154 -15.62 45.92 -32.57
N LEU IA 155 -15.36 46.19 -31.29
CA LEU IA 155 -15.73 47.45 -30.63
C LEU IA 155 -14.52 48.00 -29.90
N TYR IA 156 -14.25 49.29 -30.00
CA TYR IA 156 -13.19 49.97 -29.26
C TYR IA 156 -13.70 51.24 -28.59
N ALA IA 157 -13.21 51.55 -27.39
CA ALA IA 157 -13.71 52.64 -26.58
C ALA IA 157 -12.57 53.41 -25.89
N GLU IA 158 -12.59 54.73 -25.98
CA GLU IA 158 -11.63 55.59 -25.30
C GLU IA 158 -12.02 55.84 -23.85
N VAL IA 159 -11.06 55.95 -22.95
CA VAL IA 159 -11.31 56.18 -21.52
C VAL IA 159 -10.69 57.50 -21.08
N ASP IA 160 -11.41 58.29 -20.30
CA ASP IA 160 -10.87 59.48 -19.63
C ASP IA 160 -10.06 59.06 -18.39
N PRO IA 161 -8.73 59.18 -18.37
CA PRO IA 161 -7.94 58.72 -17.25
C PRO IA 161 -8.14 59.57 -15.99
N ARG IA 162 -8.75 60.76 -16.11
CA ARG IA 162 -9.14 61.58 -14.96
C ARG IA 162 -10.27 60.93 -14.15
N THR IA 163 -11.25 60.33 -14.83
CA THR IA 163 -12.55 59.96 -14.24
C THR IA 163 -12.93 58.49 -14.37
N ARG IA 164 -12.21 57.71 -15.16
CA ARG IA 164 -12.57 56.33 -15.58
C ARG IA 164 -13.86 56.25 -16.40
N LYS IA 165 -14.44 57.37 -16.82
CA LYS IA 165 -15.59 57.43 -17.73
C LYS IA 165 -15.15 57.07 -19.16
N VAL IA 166 -15.94 56.30 -19.89
CA VAL IA 166 -15.71 56.11 -21.33
C VAL IA 166 -16.01 57.43 -22.04
N LEU IA 167 -15.11 57.93 -22.89
CA LEU IA 167 -15.31 59.18 -23.62
C LEU IA 167 -16.26 59.00 -24.80
N TYR IA 168 -15.92 58.09 -25.69
CA TYR IA 168 -16.68 57.73 -26.89
C TYR IA 168 -16.15 56.40 -27.40
N ALA IA 169 -16.90 55.73 -28.25
CA ALA IA 169 -16.57 54.40 -28.71
C ALA IA 169 -17.09 54.15 -30.11
N ILE IA 170 -16.44 53.24 -30.82
CA ILE IA 170 -16.74 52.90 -32.21
C ILE IA 170 -16.98 51.40 -32.32
N ARG IA 171 -18.00 50.98 -33.05
CA ARG IA 171 -18.17 49.58 -33.45
C ARG IA 171 -17.88 49.49 -34.94
N ALA IA 172 -16.99 48.60 -35.35
CA ALA IA 172 -16.60 48.43 -36.74
C ALA IA 172 -16.91 47.01 -37.20
N ILE IA 173 -17.89 46.86 -38.09
CA ILE IA 173 -18.25 45.57 -38.66
C ILE IA 173 -17.41 45.33 -39.91
N TYR IA 174 -16.35 44.54 -39.79
CA TYR IA 174 -15.71 43.98 -40.98
C TYR IA 174 -16.71 43.07 -41.71
N GLY IA 175 -16.66 43.06 -43.04
CA GLY IA 175 -17.44 42.14 -43.87
C GLY IA 175 -16.99 40.68 -43.69
N ALA IA 176 -17.67 39.75 -44.38
CA ALA IA 176 -17.34 38.32 -44.30
C ALA IA 176 -15.88 37.98 -44.71
N ASP IA 177 -15.26 38.87 -45.48
CA ASP IA 177 -13.86 38.85 -45.88
C ASP IA 177 -12.85 39.19 -44.76
N GLY IA 178 -13.31 39.77 -43.64
CA GLY IA 178 -12.45 40.11 -42.50
C GLY IA 178 -11.42 41.21 -42.74
N ASN IA 179 -11.52 42.01 -43.80
CA ASN IA 179 -10.56 43.05 -44.15
C ASN IA 179 -11.17 44.42 -44.53
N GLU IA 180 -12.40 44.49 -45.05
CA GLU IA 180 -13.07 45.77 -45.31
C GLU IA 180 -14.16 46.04 -44.25
N ILE IA 181 -14.19 47.25 -43.69
CA ILE IA 181 -15.26 47.67 -42.78
C ILE IA 181 -16.52 47.99 -43.60
N VAL IA 182 -17.58 47.19 -43.46
CA VAL IA 182 -18.81 47.39 -44.24
C VAL IA 182 -19.87 48.21 -43.53
N SER IA 183 -19.76 48.42 -42.21
CA SER IA 183 -20.53 49.45 -41.50
C SER IA 183 -19.85 49.84 -40.20
N ALA IA 184 -20.02 51.09 -39.77
CA ALA IA 184 -19.43 51.62 -38.55
C ALA IA 184 -20.44 52.45 -37.76
N THR IA 185 -20.40 52.35 -36.45
CA THR IA 185 -21.31 53.02 -35.52
C THR IA 185 -20.52 53.75 -34.45
N LEU IA 186 -20.85 55.00 -34.17
CA LEU IA 186 -20.18 55.84 -33.21
C LEU IA 186 -21.13 56.12 -32.05
N TYR IA 187 -20.72 55.80 -30.83
CA TYR IA 187 -21.46 56.13 -29.62
C TYR IA 187 -20.85 57.37 -28.97
N LEU IA 188 -21.58 58.49 -28.95
CA LEU IA 188 -21.22 59.71 -28.23
C LEU IA 188 -22.07 59.83 -26.96
N PRO IA 189 -21.77 60.73 -26.01
CA PRO IA 189 -22.61 60.91 -24.83
C PRO IA 189 -24.08 61.25 -25.16
N ASP IA 190 -24.32 62.17 -26.08
CA ASP IA 190 -25.69 62.64 -26.37
C ASP IA 190 -26.48 61.70 -27.28
N THR IA 191 -25.81 61.07 -28.24
CA THR IA 191 -26.43 60.35 -29.37
C THR IA 191 -25.55 59.22 -29.90
N THR IA 192 -26.15 58.34 -30.70
CA THR IA 192 -25.47 57.27 -31.43
C THR IA 192 -25.79 57.39 -32.91
N MET IA 193 -24.82 57.17 -33.79
CA MET IA 193 -25.04 57.28 -35.23
C MET IA 193 -24.21 56.29 -36.04
N THR IA 194 -24.71 55.89 -37.21
CA THR IA 194 -24.19 54.77 -38.00
C THR IA 194 -24.09 55.07 -39.47
N TRP IA 195 -22.95 54.71 -40.07
CA TRP IA 195 -22.70 54.78 -41.51
C TRP IA 195 -22.71 53.36 -42.12
N LEU IA 196 -23.36 53.18 -43.26
CA LEU IA 196 -23.10 52.01 -44.13
C LEU IA 196 -21.92 52.29 -45.06
N ARG IA 197 -21.22 51.24 -45.52
CA ARG IA 197 -20.07 51.34 -46.44
C ARG IA 197 -20.15 50.31 -47.57
N ALA IA 198 -21.35 50.05 -48.07
CA ALA IA 198 -21.52 49.50 -49.41
C ALA IA 198 -20.97 50.49 -50.47
N GLU IA 199 -20.69 50.00 -51.68
CA GLU IA 199 -20.25 50.86 -52.80
C GLU IA 199 -18.99 51.72 -52.50
N GLY IA 200 -18.08 51.18 -51.68
CA GLY IA 200 -16.71 51.70 -51.49
C GLY IA 200 -16.55 52.96 -50.63
N GLU IA 201 -17.61 53.69 -50.30
CA GLU IA 201 -17.54 54.91 -49.51
C GLU IA 201 -18.78 55.08 -48.61
N TRP IA 202 -18.63 55.78 -47.49
CA TRP IA 202 -19.69 55.94 -46.50
C TRP IA 202 -20.97 56.54 -47.09
N GLU IA 203 -22.11 55.90 -46.84
CA GLU IA 203 -23.43 56.51 -47.03
C GLU IA 203 -23.70 57.58 -45.96
N ALA IA 204 -24.73 58.40 -46.15
CA ALA IA 204 -25.12 59.39 -45.14
C ALA IA 204 -25.55 58.70 -43.83
N PRO IA 205 -25.11 59.14 -42.66
CA PRO IA 205 -25.33 58.42 -41.43
C PRO IA 205 -26.79 58.46 -40.98
N THR IA 206 -27.32 57.32 -40.56
CA THR IA 206 -28.52 57.27 -39.71
C THR IA 206 -28.14 57.68 -38.29
N SER IA 207 -29.07 58.23 -37.50
CA SER IA 207 -28.77 58.71 -36.15
C SER IA 207 -29.94 58.49 -35.19
N THR IA 208 -29.64 58.31 -33.91
CA THR IA 208 -30.63 58.18 -32.83
C THR IA 208 -30.10 58.82 -31.55
N PRO IA 209 -30.83 59.74 -30.90
CA PRO IA 209 -30.48 60.23 -29.59
C PRO IA 209 -30.82 59.22 -28.50
N HIS IA 210 -30.29 59.40 -27.30
CA HIS IA 210 -30.66 58.60 -26.13
C HIS IA 210 -30.72 59.39 -24.82
N GLY IA 211 -30.36 60.66 -24.80
CA GLY IA 211 -30.58 61.57 -23.66
C GLY IA 211 -29.79 61.25 -22.37
N LEU IA 212 -29.07 60.13 -22.30
CA LEU IA 212 -28.16 59.81 -21.20
C LEU IA 212 -27.10 60.90 -21.01
N GLU IA 213 -26.59 61.05 -19.80
CA GLU IA 213 -25.42 61.88 -19.53
C GLU IA 213 -24.11 61.25 -20.05
N MET IA 214 -24.16 59.99 -20.46
CA MET IA 214 -22.99 59.15 -20.74
C MET IA 214 -23.24 58.13 -21.84
N VAL IA 215 -22.17 57.74 -22.53
CA VAL IA 215 -22.21 56.84 -23.67
C VAL IA 215 -22.70 55.42 -23.29
N PRO IA 216 -23.57 54.74 -24.06
CA PRO IA 216 -24.18 53.47 -23.70
C PRO IA 216 -23.27 52.25 -23.91
N VAL IA 217 -21.99 52.37 -23.62
CA VAL IA 217 -20.97 51.31 -23.69
C VAL IA 217 -20.30 51.16 -22.33
N ILE IA 218 -20.26 49.95 -21.80
CA ILE IA 218 -19.59 49.66 -20.52
C ILE IA 218 -18.50 48.62 -20.73
N PRO IA 219 -17.25 48.87 -20.32
CA PRO IA 219 -16.18 47.89 -20.45
C PRO IA 219 -16.22 46.87 -19.32
N ILE IA 220 -16.49 45.62 -19.66
CA ILE IA 220 -15.98 44.50 -18.87
C ILE IA 220 -14.46 44.55 -19.03
N SER IA 221 -13.71 44.37 -17.96
CA SER IA 221 -12.26 44.17 -18.08
C SER IA 221 -11.78 43.15 -17.08
N ASN IA 222 -10.83 42.31 -17.47
CA ASN IA 222 -10.03 41.59 -16.51
C ASN IA 222 -9.23 42.63 -15.71
N ARG IA 223 -8.92 42.42 -14.43
CA ARG IA 223 -8.21 43.44 -13.63
C ARG IA 223 -7.32 42.76 -12.62
N THR IA 224 -6.04 42.66 -12.94
CA THR IA 224 -5.09 42.00 -12.05
C THR IA 224 -4.86 42.79 -10.76
N ARG IA 225 -4.89 44.12 -10.86
CA ARG IA 225 -4.49 45.09 -9.84
C ARG IA 225 -5.33 46.35 -9.99
N LEU IA 226 -5.30 47.21 -9.01
CA LEU IA 226 -5.80 48.58 -9.14
C LEU IA 226 -5.00 49.39 -10.18
N SER IA 227 -3.68 49.18 -10.25
CA SER IA 227 -2.78 49.76 -11.27
C SER IA 227 -3.08 49.33 -12.71
N ASP IA 228 -3.85 48.26 -12.92
CA ASP IA 228 -4.08 47.65 -14.24
C ASP IA 228 -5.19 48.42 -14.99
N LEU IA 229 -4.93 49.68 -15.35
CA LEU IA 229 -5.96 50.67 -15.74
C LEU IA 229 -6.85 50.25 -16.92
N TYR IA 230 -6.40 49.33 -17.78
CA TYR IA 230 -7.16 48.87 -18.94
C TYR IA 230 -7.46 47.36 -18.93
N GLY IA 231 -6.85 46.61 -18.01
CA GLY IA 231 -7.11 45.19 -17.84
C GLY IA 231 -6.26 44.27 -18.69
N THR IA 232 -5.39 43.50 -18.05
CA THR IA 232 -4.43 42.61 -18.70
C THR IA 232 -5.05 41.27 -19.14
N SER IA 233 -4.59 40.66 -20.23
CA SER IA 233 -5.03 39.31 -20.66
C SER IA 233 -4.81 38.25 -19.59
N GLU IA 234 -5.70 37.27 -19.48
CA GLU IA 234 -5.55 36.21 -18.50
C GLU IA 234 -4.49 35.19 -18.92
N ILE IA 235 -4.14 35.10 -20.21
CA ILE IA 235 -3.07 34.21 -20.68
C ILE IA 235 -1.74 34.86 -20.31
N SER IA 236 -1.34 34.69 -19.06
CA SER IA 236 -0.25 35.42 -18.42
C SER IA 236 1.11 35.14 -19.07
N PRO IA 237 2.07 36.07 -19.01
CA PRO IA 237 3.35 35.89 -19.68
C PRO IA 237 4.14 34.68 -19.17
N GLU IA 238 4.01 34.26 -17.91
CA GLU IA 238 4.64 33.01 -17.51
C GLU IA 238 3.97 31.78 -18.13
N LEU IA 239 2.64 31.77 -18.28
CA LEU IA 239 1.94 30.68 -18.95
C LEU IA 239 2.25 30.64 -20.45
N ARG IA 240 2.41 31.80 -21.09
CA ARG IA 240 2.89 31.85 -22.47
C ARG IA 240 4.26 31.20 -22.56
N SER IA 241 5.18 31.53 -21.64
CA SER IA 241 6.53 31.00 -21.71
C SER IA 241 6.58 29.48 -21.56
N VAL IA 242 5.79 28.88 -20.66
CA VAL IA 242 5.80 27.41 -20.50
C VAL IA 242 5.03 26.71 -21.60
N THR IA 243 4.07 27.36 -22.25
CA THR IA 243 3.42 26.82 -23.45
C THR IA 243 4.41 26.68 -24.59
N ASP IA 244 5.19 27.71 -24.86
CA ASP IA 244 6.18 27.67 -25.93
C ASP IA 244 7.34 26.73 -25.58
N ALA IA 245 7.82 26.74 -24.33
CA ALA IA 245 8.86 25.81 -23.91
C ALA IA 245 8.41 24.36 -24.08
N ALA IA 246 7.18 24.02 -23.67
CA ALA IA 246 6.68 22.68 -23.87
C ALA IA 246 6.49 22.36 -25.34
N ALA IA 247 6.08 23.31 -26.18
CA ALA IA 247 5.98 23.05 -27.60
C ALA IA 247 7.36 22.71 -28.21
N GLN IA 248 8.42 23.39 -27.80
CA GLN IA 248 9.76 23.03 -28.29
C GLN IA 248 10.11 21.61 -27.88
N ILE IA 249 9.98 21.23 -26.61
CA ILE IA 249 10.41 19.89 -26.17
C ILE IA 249 9.54 18.80 -26.79
N LEU IA 250 8.24 19.04 -26.96
CA LEU IA 250 7.37 18.07 -27.60
C LEU IA 250 7.77 17.87 -29.07
N MET IA 251 8.09 18.94 -29.79
CA MET IA 251 8.52 18.84 -31.19
C MET IA 251 9.87 18.14 -31.36
N ASN IA 252 10.83 18.33 -30.45
CA ASN IA 252 12.08 17.58 -30.48
C ASN IA 252 11.87 16.08 -30.21
N MET IA 253 10.95 15.70 -29.32
CA MET IA 253 10.66 14.27 -29.11
C MET IA 253 10.10 13.66 -30.38
N GLN IA 254 9.11 14.29 -31.00
CA GLN IA 254 8.52 13.82 -32.26
C GLN IA 254 9.57 13.73 -33.36
N GLY IA 255 10.47 14.70 -33.49
CA GLY IA 255 11.60 14.62 -34.42
C GLY IA 255 12.53 13.45 -34.13
N THR IA 256 12.89 13.24 -32.87
CA THR IA 256 13.79 12.13 -32.50
C THR IA 256 13.19 10.78 -32.86
N ALA IA 257 11.88 10.64 -32.77
CA ALA IA 257 11.21 9.39 -33.11
C ALA IA 257 11.23 9.07 -34.60
N ASN IA 258 11.38 10.07 -35.48
CA ASN IA 258 11.55 9.83 -36.92
C ASN IA 258 12.99 9.50 -37.33
N LEU IA 259 13.98 9.68 -36.45
CA LEU IA 259 15.39 9.69 -36.86
C LEU IA 259 16.31 8.83 -36.00
N MET IA 260 16.04 8.63 -34.72
CA MET IA 260 17.02 8.10 -33.76
C MET IA 260 16.45 7.20 -32.66
N ALA IA 261 15.16 6.88 -32.67
CA ALA IA 261 14.58 5.98 -31.67
C ALA IA 261 15.07 4.53 -31.82
N ILE IA 262 15.74 4.24 -32.93
CA ILE IA 262 16.32 2.96 -33.32
C ILE IA 262 17.84 3.11 -33.46
N PRO IA 263 18.64 2.07 -33.20
CA PRO IA 263 20.06 2.14 -33.42
C PRO IA 263 20.37 2.27 -34.91
N GLN IA 264 21.53 2.80 -35.26
CA GLN IA 264 22.05 2.70 -36.63
C GLN IA 264 23.14 1.64 -36.68
N ARG IA 265 23.09 0.77 -37.69
CA ARG IA 265 23.99 -0.36 -37.86
C ARG IA 265 25.06 -0.06 -38.92
N LEU IA 266 26.32 -0.38 -38.65
CA LEU IA 266 27.44 -0.11 -39.55
C LEU IA 266 28.38 -1.30 -39.65
N ILE IA 267 29.04 -1.44 -40.81
CA ILE IA 267 30.15 -2.37 -40.99
C ILE IA 267 31.36 -1.61 -41.54
N PHE IA 268 32.49 -1.75 -40.86
CA PHE IA 268 33.75 -1.13 -41.23
C PHE IA 268 34.71 -2.19 -41.75
N GLY IA 269 35.52 -1.85 -42.75
CA GLY IA 269 36.58 -2.71 -43.29
C GLY IA 269 36.13 -3.58 -44.47
N ALA IA 270 34.86 -3.49 -44.87
CA ALA IA 270 34.34 -4.22 -46.02
C ALA IA 270 34.36 -3.34 -47.28
N LYS IA 271 35.09 -3.76 -48.31
CA LYS IA 271 35.13 -3.05 -49.60
C LYS IA 271 33.76 -3.11 -50.24
N PRO IA 272 33.10 -2.00 -50.62
CA PRO IA 272 31.75 -2.03 -51.17
C PRO IA 272 31.52 -3.01 -52.31
N GLU IA 273 32.46 -3.12 -53.23
CA GLU IA 273 32.32 -4.05 -54.35
C GLU IA 273 32.50 -5.53 -53.93
N GLU IA 274 33.17 -5.80 -52.81
CA GLU IA 274 33.23 -7.13 -52.21
C GLU IA 274 31.87 -7.55 -51.63
N LEU IA 275 31.07 -6.59 -51.15
CA LEU IA 275 29.67 -6.83 -50.75
C LEU IA 275 28.70 -6.86 -51.93
N GLY IA 276 29.18 -6.70 -53.16
CA GLY IA 276 28.33 -6.61 -54.34
C GLY IA 276 27.45 -5.37 -54.37
N ILE IA 277 27.84 -4.29 -53.69
CA ILE IA 277 27.14 -3.00 -53.79
C ILE IA 277 27.23 -2.52 -55.24
N ASN IA 278 26.09 -2.48 -55.90
CA ASN IA 278 25.97 -2.12 -57.30
C ASN IA 278 26.32 -0.63 -57.50
N ALA IA 279 27.50 -0.32 -58.02
CA ALA IA 279 28.00 1.05 -58.06
C ALA IA 279 27.15 2.00 -58.92
N GLU IA 280 26.38 1.46 -59.87
CA GLU IA 280 25.39 2.23 -60.65
C GLU IA 280 24.20 2.74 -59.82
N THR IA 281 23.99 2.22 -58.62
CA THR IA 281 22.84 2.57 -57.75
C THR IA 281 23.19 2.80 -56.28
N GLY IA 282 24.38 2.39 -55.83
CA GLY IA 282 24.91 2.62 -54.48
C GLY IA 282 24.30 1.77 -53.38
N GLN IA 283 23.61 0.67 -53.70
CA GLN IA 283 22.83 -0.14 -52.76
C GLN IA 283 23.04 -1.63 -52.98
N ARG IA 284 22.64 -2.46 -52.01
CA ARG IA 284 22.50 -3.91 -52.18
C ARG IA 284 21.38 -4.46 -51.32
N MET IA 285 20.68 -5.50 -51.77
CA MET IA 285 19.53 -6.02 -51.07
C MET IA 285 19.94 -7.17 -50.15
N PHE IA 286 19.60 -7.05 -48.88
CA PHE IA 286 19.50 -8.17 -47.95
C PHE IA 286 18.35 -9.10 -48.38
N ASP IA 287 18.02 -10.11 -47.59
CA ASP IA 287 16.71 -10.78 -47.67
C ASP IA 287 16.30 -11.24 -46.26
N ALA IA 288 15.99 -10.28 -45.40
CA ALA IA 288 16.08 -10.41 -43.95
C ALA IA 288 14.81 -10.92 -43.25
N TYR IA 289 14.39 -12.14 -43.53
CA TYR IA 289 13.46 -12.86 -42.64
C TYR IA 289 14.18 -13.38 -41.40
N MET IA 290 13.47 -13.58 -40.29
CA MET IA 290 14.07 -13.52 -38.94
C MET IA 290 15.18 -14.51 -38.61
N ALA IA 291 15.14 -15.73 -39.12
CA ALA IA 291 16.08 -16.78 -38.68
C ALA IA 291 17.50 -16.61 -39.23
N ARG IA 292 17.63 -15.88 -40.34
CA ARG IA 292 18.78 -15.91 -41.23
C ARG IA 292 20.02 -15.32 -40.60
N ILE IA 293 21.15 -15.60 -41.22
CA ILE IA 293 22.50 -15.27 -40.77
C ILE IA 293 23.31 -14.74 -41.94
N LEU IA 294 24.13 -13.73 -41.74
CA LEU IA 294 24.95 -13.18 -42.81
C LEU IA 294 26.38 -13.68 -42.65
N ALA IA 295 26.91 -14.40 -43.63
CA ALA IA 295 28.34 -14.68 -43.71
C ALA IA 295 29.00 -13.59 -44.54
N PHE IA 296 29.78 -12.72 -43.90
CA PHE IA 296 30.52 -11.67 -44.59
C PHE IA 296 31.78 -12.24 -45.22
N GLU IA 297 31.98 -11.90 -46.49
CA GLU IA 297 33.10 -12.42 -47.28
C GLU IA 297 34.45 -11.87 -46.76
N GLY IA 298 34.44 -10.64 -46.22
CA GLY IA 298 35.61 -9.95 -45.70
C GLY IA 298 36.08 -10.39 -44.31
N GLY IA 299 37.17 -9.78 -43.87
CA GLY IA 299 37.86 -10.07 -42.62
C GLY IA 299 39.02 -9.08 -42.37
N GLU IA 300 40.09 -9.53 -41.73
CA GLU IA 300 41.30 -8.70 -41.48
C GLU IA 300 40.98 -7.37 -40.80
N GLY IA 301 40.30 -7.45 -39.65
CA GLY IA 301 39.86 -6.30 -38.84
C GLY IA 301 38.50 -5.74 -39.23
N ALA IA 302 37.88 -6.21 -40.31
CA ALA IA 302 36.49 -5.86 -40.62
C ALA IA 302 35.56 -6.28 -39.46
N HIS IA 303 34.63 -5.41 -39.07
CA HIS IA 303 33.76 -5.66 -37.93
C HIS IA 303 32.47 -4.85 -38.01
N ALA IA 304 31.44 -5.32 -37.29
CA ALA IA 304 30.13 -4.69 -37.23
C ALA IA 304 29.92 -3.95 -35.91
N GLU IA 305 29.44 -2.71 -35.95
CA GLU IA 305 29.15 -1.93 -34.74
C GLU IA 305 28.05 -0.90 -34.98
N GLN IA 306 27.60 -0.24 -33.92
CA GLN IA 306 26.37 0.55 -33.94
C GLN IA 306 26.55 1.93 -33.32
N PHE IA 307 25.73 2.87 -33.77
CA PHE IA 307 25.37 4.03 -32.97
C PHE IA 307 24.07 3.71 -32.22
N SER IA 308 24.01 3.98 -30.92
CA SER IA 308 22.84 3.61 -30.13
C SER IA 308 21.60 4.39 -30.56
N ALA IA 309 20.43 3.89 -30.19
CA ALA IA 309 19.23 4.71 -30.16
C ALA IA 309 19.41 5.86 -29.18
N ALA IA 310 18.71 6.96 -29.40
CA ALA IA 310 18.46 7.97 -28.38
C ALA IA 310 17.33 7.48 -27.46
N GLU IA 311 17.39 7.75 -26.16
CA GLU IA 311 16.22 7.54 -25.30
C GLU IA 311 15.16 8.59 -25.59
N LEU IA 312 13.95 8.22 -26.04
CA LEU IA 312 12.84 9.19 -26.07
C LEU IA 312 12.44 9.59 -24.65
N ARG IA 313 12.62 8.67 -23.69
CA ARG IA 313 12.44 8.88 -22.24
C ARG IA 313 13.13 10.13 -21.71
N ASN IA 314 14.29 10.50 -22.26
CA ASN IA 314 15.03 11.67 -21.81
C ASN IA 314 14.19 12.95 -21.96
N PHE IA 315 13.32 13.04 -22.97
CA PHE IA 315 12.36 14.13 -23.09
C PHE IA 315 11.15 13.97 -22.20
N VAL IA 316 10.60 12.77 -22.08
CA VAL IA 316 9.39 12.52 -21.27
C VAL IA 316 9.60 12.93 -19.82
N ASP IA 317 10.78 12.66 -19.25
CA ASP IA 317 11.12 13.12 -17.91
C ASP IA 317 11.15 14.65 -17.80
N ALA IA 318 11.43 15.39 -18.87
CA ALA IA 318 11.33 16.84 -18.87
C ALA IA 318 9.92 17.35 -19.15
N LEU IA 319 9.13 16.66 -19.97
CA LEU IA 319 7.76 17.04 -20.26
C LEU IA 319 6.89 17.01 -19.00
N ASP IA 320 7.09 16.05 -18.11
CA ASP IA 320 6.43 16.07 -16.81
C ASP IA 320 6.89 17.22 -15.92
N ALA IA 321 8.14 17.69 -16.02
CA ALA IA 321 8.58 18.87 -15.28
C ALA IA 321 7.86 20.13 -15.76
N LEU IA 322 7.72 20.30 -17.08
CA LEU IA 322 6.97 21.41 -17.63
C LEU IA 322 5.47 21.32 -17.33
N ASP IA 323 4.86 20.13 -17.34
CA ASP IA 323 3.46 20.00 -16.91
C ASP IA 323 3.26 20.41 -15.46
N ARG IA 324 4.13 19.97 -14.55
CA ARG IA 324 4.04 20.35 -13.13
C ARG IA 324 4.20 21.85 -12.93
N LYS IA 325 5.06 22.52 -13.69
CA LYS IA 325 5.11 23.99 -13.69
C LYS IA 325 3.81 24.57 -14.22
N ALA IA 326 3.33 24.16 -15.39
CA ALA IA 326 2.11 24.71 -15.98
C ALA IA 326 0.89 24.56 -15.06
N ALA IA 327 0.79 23.45 -14.33
CA ALA IA 327 -0.21 23.30 -13.27
C ALA IA 327 -0.02 24.35 -12.18
N SER IA 328 1.18 24.53 -11.64
CA SER IA 328 1.41 25.53 -10.59
C SER IA 328 1.13 26.96 -11.04
N TYR IA 329 1.47 27.35 -12.27
CA TYR IA 329 1.17 28.71 -12.75
C TYR IA 329 -0.32 28.92 -12.97
N SER IA 330 -1.03 27.89 -13.42
CA SER IA 330 -2.48 27.97 -13.68
C SER IA 330 -3.32 27.88 -12.41
N GLY IA 331 -2.86 27.11 -11.42
CA GLY IA 331 -3.62 26.78 -10.21
C GLY IA 331 -4.73 25.75 -10.39
N LEU IA 332 -4.85 25.15 -11.57
CA LEU IA 332 -5.82 24.09 -11.84
C LEU IA 332 -5.57 22.85 -10.97
N PRO IA 333 -6.58 22.02 -10.68
CA PRO IA 333 -6.39 20.74 -10.02
C PRO IA 333 -5.29 19.92 -10.69
N PRO IA 334 -4.49 19.16 -9.95
CA PRO IA 334 -3.29 18.57 -10.52
C PRO IA 334 -3.59 17.50 -11.56
N GLN IA 335 -4.76 16.85 -11.48
CA GLN IA 335 -5.19 15.88 -12.48
C GLN IA 335 -5.73 16.52 -13.77
N TYR IA 336 -5.96 17.84 -13.81
CA TYR IA 336 -6.39 18.49 -15.06
C TYR IA 336 -5.28 18.48 -16.11
N LEU IA 337 -4.02 18.66 -15.72
CA LEU IA 337 -2.87 18.60 -16.63
C LEU IA 337 -2.18 17.24 -16.60
N SER IA 338 -1.61 16.87 -15.44
CA SER IA 338 -0.63 15.77 -15.35
C SER IA 338 -1.19 14.40 -15.73
N SER IA 339 -2.50 14.19 -15.54
CA SER IA 339 -3.17 12.88 -15.62
C SER IA 339 -2.42 11.77 -14.84
N SER IA 340 -1.69 12.17 -13.79
CA SER IA 340 -0.67 11.35 -13.12
C SER IA 340 -0.79 11.42 -11.59
N SER IA 341 -1.01 12.62 -11.04
CA SER IA 341 -1.47 12.73 -9.65
C SER IA 341 -2.85 12.08 -9.46
N ASP IA 342 -3.10 11.50 -8.29
CA ASP IA 342 -4.30 10.71 -8.00
C ASP IA 342 -5.60 11.52 -8.06
N ASN IA 343 -6.66 10.85 -8.49
CA ASN IA 343 -8.00 11.43 -8.52
C ASN IA 343 -8.52 11.63 -7.08
N PRO IA 344 -8.92 12.84 -6.66
CA PRO IA 344 -9.36 13.12 -5.30
C PRO IA 344 -10.49 12.18 -4.83
N ALA IA 345 -10.20 11.39 -3.80
CA ALA IA 345 -11.01 10.23 -3.43
C ALA IA 345 -12.26 10.51 -2.58
N SER IA 346 -12.36 11.70 -1.99
CA SER IA 346 -13.42 12.07 -1.02
C SER IA 346 -13.92 13.48 -1.30
N ALA IA 347 -15.10 13.84 -0.80
CA ALA IA 347 -15.62 15.20 -0.94
C ALA IA 347 -14.66 16.26 -0.39
N GLU IA 348 -13.97 15.97 0.71
CA GLU IA 348 -12.94 16.85 1.27
C GLU IA 348 -11.73 16.97 0.34
N ALA IA 349 -11.23 15.87 -0.22
CA ALA IA 349 -10.11 15.94 -1.16
C ALA IA 349 -10.47 16.73 -2.42
N ILE IA 350 -11.71 16.67 -2.89
CA ILE IA 350 -12.16 17.47 -4.03
C ILE IA 350 -12.19 18.95 -3.64
N LYS IA 351 -12.72 19.29 -2.47
CA LYS IA 351 -12.70 20.68 -1.99
C LYS IA 351 -11.29 21.20 -1.81
N ALA IA 352 -10.35 20.38 -1.33
CA ALA IA 352 -8.95 20.76 -1.23
C ALA IA 352 -8.36 21.08 -2.61
N ALA IA 353 -8.49 20.15 -3.56
CA ALA IA 353 -7.87 20.25 -4.87
C ALA IA 353 -8.39 21.42 -5.70
N GLU IA 354 -9.69 21.74 -5.63
CA GLU IA 354 -10.25 22.88 -6.36
C GLU IA 354 -9.90 24.25 -5.74
N SER IA 355 -9.42 24.31 -4.50
CA SER IA 355 -9.45 25.54 -3.71
C SER IA 355 -8.85 26.77 -4.38
N ARG IA 356 -7.67 26.69 -5.03
CA ARG IA 356 -7.08 27.87 -5.67
C ARG IA 356 -7.80 28.24 -6.96
N LEU IA 357 -8.26 27.26 -7.72
CA LEU IA 357 -9.05 27.52 -8.92
C LEU IA 357 -10.37 28.19 -8.56
N VAL IA 358 -11.11 27.64 -7.60
CA VAL IA 358 -12.39 28.18 -7.14
C VAL IA 358 -12.27 29.63 -6.69
N LYS IA 359 -11.29 29.97 -5.87
CA LYS IA 359 -11.08 31.37 -5.47
C LYS IA 359 -10.70 32.26 -6.66
N LYS IA 360 -9.90 31.79 -7.61
CA LYS IA 360 -9.57 32.60 -8.79
C LYS IA 360 -10.76 32.80 -9.74
N VAL IA 361 -11.73 31.88 -9.78
CA VAL IA 361 -13.01 32.11 -10.48
C VAL IA 361 -13.83 33.13 -9.71
N GLU IA 362 -13.86 33.06 -8.39
CA GLU IA 362 -14.59 34.02 -7.58
C GLU IA 362 -14.09 35.45 -7.73
N ARG IA 363 -12.78 35.68 -7.95
CA ARG IA 363 -12.28 37.01 -8.34
C ARG IA 363 -13.01 37.51 -9.58
N LYS IA 364 -13.08 36.71 -10.64
CA LYS IA 364 -13.72 37.13 -11.88
C LYS IA 364 -15.20 37.44 -11.67
N ASN IA 365 -15.89 36.75 -10.80
CA ASN IA 365 -17.29 37.07 -10.51
C ASN IA 365 -17.41 38.49 -9.95
N LYS IA 366 -16.62 38.85 -8.94
CA LYS IA 366 -16.64 40.22 -8.42
C LYS IA 366 -16.28 41.22 -9.51
N ILE IA 367 -15.19 40.97 -10.24
CA ILE IA 367 -14.62 41.93 -11.19
C ILE IA 367 -15.49 42.12 -12.44
N PHE IA 368 -16.24 41.12 -12.89
CA PHE IA 368 -17.24 41.29 -13.95
C PHE IA 368 -18.59 41.74 -13.41
N GLY IA 369 -18.94 41.38 -12.18
CA GLY IA 369 -20.20 41.82 -11.57
C GLY IA 369 -20.35 43.33 -11.61
N GLY IA 370 -19.30 44.07 -11.29
CA GLY IA 370 -19.31 45.53 -11.37
C GLY IA 370 -19.65 46.09 -12.75
N ALA IA 371 -19.35 45.37 -13.83
CA ALA IA 371 -19.73 45.79 -15.16
C ALA IA 371 -21.20 45.48 -15.45
N TRP IA 372 -21.70 44.29 -15.11
CA TRP IA 372 -23.10 43.96 -15.33
C TRP IA 372 -24.03 44.82 -14.49
N GLU IA 373 -23.65 45.11 -13.25
CA GLU IA 373 -24.32 46.12 -12.44
C GLU IA 373 -24.43 47.45 -13.17
N GLN IA 374 -23.32 48.01 -13.68
CA GLN IA 374 -23.34 49.29 -14.37
C GLN IA 374 -24.17 49.24 -15.65
N ALA IA 375 -24.15 48.13 -16.38
CA ALA IA 375 -24.99 47.96 -17.56
C ALA IA 375 -26.48 47.95 -17.19
N MET IA 376 -26.86 47.25 -16.13
CA MET IA 376 -28.26 47.23 -15.72
C MET IA 376 -28.72 48.59 -15.23
N ARG IA 377 -27.87 49.41 -14.60
CA ARG IA 377 -28.27 50.78 -14.27
C ARG IA 377 -28.48 51.66 -15.48
N LEU IA 378 -27.62 51.58 -16.50
CA LEU IA 378 -27.89 52.29 -17.76
C LEU IA 378 -29.15 51.78 -18.44
N ALA IA 379 -29.37 50.47 -18.52
CA ALA IA 379 -30.56 49.94 -19.16
C ALA IA 379 -31.82 50.47 -18.48
N TYR IA 380 -31.85 50.54 -17.14
CA TYR IA 380 -32.96 51.15 -16.44
C TYR IA 380 -33.15 52.61 -16.85
N LYS IA 381 -32.09 53.42 -16.84
CA LYS IA 381 -32.22 54.83 -17.20
C LYS IA 381 -32.68 55.00 -18.65
N MET IA 382 -32.21 54.16 -19.56
CA MET IA 382 -32.59 54.27 -20.97
C MET IA 382 -34.05 53.90 -21.20
N VAL IA 383 -34.60 52.91 -20.48
CA VAL IA 383 -36.01 52.53 -20.64
C VAL IA 383 -36.95 53.48 -19.91
N LYS IA 384 -36.73 53.69 -18.61
CA LYS IA 384 -37.68 54.42 -17.76
C LYS IA 384 -37.58 55.93 -17.91
N GLY IA 385 -36.41 56.46 -18.25
CA GLY IA 385 -36.12 57.88 -18.15
C GLY IA 385 -36.11 58.40 -16.71
N GLY IA 386 -35.68 59.64 -16.52
CA GLY IA 386 -35.54 60.24 -15.19
C GLY IA 386 -34.40 59.62 -14.37
N ASP IA 387 -34.17 60.15 -13.17
CA ASP IA 387 -33.07 59.72 -12.32
C ASP IA 387 -33.26 58.29 -11.77
N ILE IA 388 -32.16 57.54 -11.62
CA ILE IA 388 -32.18 56.16 -11.12
C ILE IA 388 -32.57 56.16 -9.64
N PRO IA 389 -33.48 55.31 -9.17
CA PRO IA 389 -33.86 55.27 -7.76
C PRO IA 389 -32.71 54.81 -6.89
N THR IA 390 -32.51 55.44 -5.74
CA THR IA 390 -31.27 55.35 -4.95
C THR IA 390 -30.90 53.95 -4.46
N GLU IA 391 -31.85 53.03 -4.40
CA GLU IA 391 -31.60 51.63 -4.11
C GLU IA 391 -30.74 50.95 -5.19
N TYR IA 392 -30.89 51.33 -6.46
CA TYR IA 392 -30.20 50.66 -7.55
C TYR IA 392 -28.70 50.97 -7.55
N TYR IA 393 -28.24 52.06 -6.94
CA TYR IA 393 -26.79 52.31 -6.76
C TYR IA 393 -26.11 51.30 -5.85
N ARG IA 394 -26.89 50.47 -5.15
CA ARG IA 394 -26.39 49.51 -4.16
C ARG IA 394 -26.65 48.07 -4.55
N MET IA 395 -27.24 47.83 -5.73
CA MET IA 395 -27.52 46.47 -6.16
C MET IA 395 -26.24 45.66 -6.28
N GLU IA 396 -26.31 44.36 -6.12
CA GLU IA 396 -25.19 43.48 -6.42
C GLU IA 396 -25.64 42.21 -7.13
N THR IA 397 -24.82 41.69 -8.04
CA THR IA 397 -25.05 40.43 -8.73
C THR IA 397 -24.80 39.25 -7.82
N VAL IA 398 -25.61 38.21 -7.91
CA VAL IA 398 -25.35 36.91 -7.29
C VAL IA 398 -24.91 35.93 -8.37
N TRP IA 399 -23.84 35.18 -8.16
CA TRP IA 399 -23.31 34.19 -9.09
C TRP IA 399 -23.35 32.80 -8.46
N ARG IA 400 -23.69 31.76 -9.22
CA ARG IA 400 -23.71 30.38 -8.72
C ARG IA 400 -22.35 30.01 -8.18
N ASP IA 401 -22.27 29.23 -7.11
CA ASP IA 401 -20.97 28.90 -6.53
C ASP IA 401 -20.12 28.07 -7.51
N PRO IA 402 -18.88 28.46 -7.80
CA PRO IA 402 -18.08 27.85 -8.87
C PRO IA 402 -17.48 26.49 -8.53
N SER IA 403 -17.62 25.98 -7.32
CA SER IA 403 -17.10 24.65 -6.94
C SER IA 403 -17.92 23.53 -7.59
N THR IA 404 -17.33 22.35 -7.75
CA THR IA 404 -18.09 21.19 -8.24
C THR IA 404 -19.14 20.78 -7.21
N PRO IA 405 -20.38 20.41 -7.60
CA PRO IA 405 -21.45 20.17 -6.65
C PRO IA 405 -21.19 18.91 -5.82
N THR IA 406 -21.73 18.89 -4.62
CA THR IA 406 -21.48 17.85 -3.60
C THR IA 406 -22.82 17.36 -3.04
N TYR IA 407 -23.73 16.96 -3.93
CA TYR IA 407 -25.14 16.88 -3.57
C TYR IA 407 -25.39 15.98 -2.36
N ALA IA 408 -24.77 14.81 -2.31
CA ALA IA 408 -24.97 13.90 -1.20
C ALA IA 408 -24.60 14.52 0.16
N ALA IA 409 -23.38 15.03 0.33
CA ALA IA 409 -22.94 15.56 1.60
C ALA IA 409 -23.65 16.87 1.97
N LYS IA 410 -23.99 17.72 1.00
CA LYS IA 410 -24.74 18.94 1.28
C LYS IA 410 -26.15 18.64 1.78
N ALA IA 411 -26.81 17.64 1.23
CA ALA IA 411 -28.13 17.24 1.69
C ALA IA 411 -28.10 16.69 3.12
N ASP IA 412 -27.12 15.84 3.47
CA ASP IA 412 -26.96 15.36 4.85
C ASP IA 412 -26.86 16.53 5.82
N ALA IA 413 -26.01 17.51 5.53
CA ALA IA 413 -25.80 18.67 6.38
C ALA IA 413 -27.03 19.56 6.49
N ALA IA 414 -27.64 19.96 5.38
CA ALA IA 414 -28.80 20.83 5.40
C ALA IA 414 -29.97 20.19 6.16
N ALA IA 415 -30.24 18.90 5.97
CA ALA IA 415 -31.30 18.21 6.68
C ALA IA 415 -31.03 18.14 8.18
N LYS IA 416 -29.78 17.90 8.58
CA LYS IA 416 -29.39 17.83 9.99
C LYS IA 416 -29.44 19.17 10.69
N LEU IA 417 -29.13 20.25 9.97
CA LEU IA 417 -29.13 21.60 10.53
C LEU IA 417 -30.53 22.18 10.65
N PHE IA 418 -31.46 21.80 9.78
CA PHE IA 418 -32.85 22.22 9.84
C PHE IA 418 -33.69 21.41 10.82
N ALA IA 419 -33.42 20.11 10.96
CA ALA IA 419 -34.07 19.22 11.95
C ALA IA 419 -35.60 19.38 12.01
N ASN IA 420 -36.26 19.23 10.87
CA ASN IA 420 -37.72 19.32 10.76
C ASN IA 420 -38.29 20.61 11.35
N GLY IA 421 -37.60 21.73 11.17
CA GLY IA 421 -38.03 23.05 11.62
C GLY IA 421 -37.71 23.37 13.07
N ALA IA 422 -37.26 22.40 13.86
CA ALA IA 422 -36.79 22.65 15.22
C ALA IA 422 -35.33 23.15 15.26
N GLY IA 423 -34.59 23.04 14.15
CA GLY IA 423 -33.14 23.24 14.10
C GLY IA 423 -32.68 24.68 14.05
N LEU IA 424 -31.43 24.86 13.67
CA LEU IA 424 -30.72 26.13 13.81
C LEU IA 424 -31.20 27.19 12.85
N ILE IA 425 -31.55 26.85 11.60
CA ILE IA 425 -31.75 27.80 10.50
C ILE IA 425 -33.18 27.81 9.95
N PRO IA 426 -33.69 28.94 9.46
CA PRO IA 426 -35.01 28.99 8.84
C PRO IA 426 -35.02 28.19 7.54
N ARG IA 427 -36.19 27.76 7.06
CA ARG IA 427 -36.26 26.91 5.85
C ARG IA 427 -35.60 27.56 4.65
N GLU IA 428 -35.86 28.83 4.40
CA GLU IA 428 -35.28 29.55 3.27
C GLU IA 428 -33.75 29.46 3.23
N ARG IA 429 -33.07 29.56 4.38
CA ARG IA 429 -31.61 29.45 4.37
C ARG IA 429 -31.18 28.06 3.95
N GLY IA 430 -31.93 27.02 4.30
CA GLY IA 430 -31.63 25.67 3.82
C GLY IA 430 -31.63 25.62 2.29
N TRP IA 431 -32.62 26.24 1.65
CA TRP IA 431 -32.64 26.30 0.20
C TRP IA 431 -31.44 27.05 -0.37
N VAL IA 432 -31.01 28.15 0.26
CA VAL IA 432 -29.83 28.88 -0.19
C VAL IA 432 -28.57 28.03 -0.03
N ASP IA 433 -28.38 27.34 1.09
CA ASP IA 433 -27.17 26.53 1.31
C ASP IA 433 -27.13 25.32 0.40
N MET IA 434 -28.27 24.76 0.02
CA MET IA 434 -28.33 23.75 -1.04
C MET IA 434 -28.04 24.30 -2.44
N GLY IA 435 -27.93 25.61 -2.59
CA GLY IA 435 -27.56 26.25 -3.85
C GLY IA 435 -28.70 26.34 -4.86
N TYR IA 436 -29.96 26.16 -4.45
CA TYR IA 436 -31.07 26.44 -5.35
C TYR IA 436 -31.09 27.94 -5.68
N THR IA 437 -31.13 28.27 -6.95
CA THR IA 437 -31.05 29.64 -7.47
C THR IA 437 -32.24 30.51 -7.10
N ILE IA 438 -32.15 31.84 -7.24
CA ILE IA 438 -33.29 32.74 -7.07
C ILE IA 438 -34.51 32.24 -7.86
N VAL IA 439 -34.30 31.90 -9.14
CA VAL IA 439 -35.37 31.42 -10.02
C VAL IA 439 -36.00 30.12 -9.54
N GLU IA 440 -35.22 29.24 -8.92
CA GLU IA 440 -35.76 28.01 -8.31
C GLU IA 440 -36.45 28.28 -6.99
N ARG IA 441 -35.89 29.07 -6.08
CA ARG IA 441 -36.50 29.32 -4.77
C ARG IA 441 -37.83 30.04 -4.91
N GLU IA 442 -37.97 30.95 -5.86
CA GLU IA 442 -39.25 31.59 -6.15
C GLU IA 442 -40.27 30.63 -6.78
N GLN IA 443 -39.89 29.45 -7.27
CA GLN IA 443 -40.86 28.39 -7.54
C GLN IA 443 -41.08 27.48 -6.34
N MET IA 444 -40.06 27.16 -5.55
CA MET IA 444 -40.23 26.22 -4.44
C MET IA 444 -41.24 26.72 -3.41
N ARG IA 445 -41.38 28.01 -3.16
CA ARG IA 445 -42.49 28.50 -2.33
C ARG IA 445 -43.85 28.18 -2.95
N GLN IA 446 -43.99 28.23 -4.27
CA GLN IA 446 -45.26 27.92 -4.94
C GLN IA 446 -45.59 26.44 -4.84
N TRP IA 447 -44.61 25.55 -4.93
CA TRP IA 447 -44.86 24.13 -4.66
C TRP IA 447 -45.17 23.88 -3.19
N LEU IA 448 -44.45 24.51 -2.27
CA LEU IA 448 -44.64 24.29 -0.85
C LEU IA 448 -46.02 24.72 -0.39
N GLU IA 449 -46.58 25.79 -0.95
CA GLU IA 449 -47.99 26.12 -0.73
C GLU IA 449 -48.93 24.98 -1.11
N GLN IA 450 -48.67 24.22 -2.17
CA GLN IA 450 -49.52 23.08 -2.53
C GLN IA 450 -49.39 21.98 -1.47
N ASP IA 451 -48.18 21.62 -1.07
CA ASP IA 451 -48.00 20.57 -0.06
C ASP IA 451 -48.60 20.97 1.29
N GLN IA 452 -48.46 22.23 1.71
CA GLN IA 452 -49.08 22.73 2.95
C GLN IA 452 -50.61 22.80 2.89
N LYS IA 453 -51.23 22.73 1.71
CA LYS IA 453 -52.68 22.49 1.58
C LYS IA 453 -53.05 21.07 2.04
N GLN IA 454 -52.16 20.10 1.82
CA GLN IA 454 -52.37 18.69 2.22
C GLN IA 454 -51.95 18.44 3.68
N GLY IA 455 -50.79 18.97 4.09
CA GLY IA 455 -50.21 18.84 5.44
C GLY IA 455 -49.25 17.66 5.60
N SER JA 6 3.64 78.47 6.40
CA SER JA 6 2.76 78.11 5.26
C SER JA 6 3.59 77.76 4.02
N ILE JA 7 2.95 77.23 2.98
CA ILE JA 7 3.59 76.93 1.68
C ILE JA 7 2.70 77.42 0.53
N ASP JA 8 3.30 78.02 -0.50
CA ASP JA 8 2.64 78.31 -1.78
C ASP JA 8 2.32 77.00 -2.54
N PRO JA 9 1.06 76.69 -2.85
CA PRO JA 9 0.73 75.48 -3.58
C PRO JA 9 1.32 75.40 -4.99
N GLU JA 10 1.59 76.51 -5.67
CA GLU JA 10 2.18 76.46 -7.01
C GLU JA 10 3.55 75.80 -7.00
N LYS JA 11 4.46 76.20 -6.10
CA LYS JA 11 5.76 75.52 -5.96
C LYS JA 11 5.62 74.15 -5.34
N LEU JA 12 4.67 73.97 -4.42
CA LEU JA 12 4.49 72.69 -3.75
C LEU JA 12 4.02 71.59 -4.71
N ARG JA 13 3.25 71.94 -5.75
CA ARG JA 13 2.90 71.03 -6.85
C ARG JA 13 4.16 70.41 -7.43
N ASP JA 14 5.04 71.26 -7.94
CA ASP JA 14 6.28 70.82 -8.58
C ASP JA 14 7.19 70.11 -7.56
N GLN JA 15 7.23 70.57 -6.32
CA GLN JA 15 8.06 70.00 -5.27
C GLN JA 15 7.66 68.56 -4.93
N LEU JA 16 6.38 68.24 -4.85
CA LEU JA 16 5.96 66.87 -4.53
C LEU JA 16 5.87 65.96 -5.76
N LEU JA 17 5.59 66.50 -6.96
CA LEU JA 17 5.67 65.71 -8.19
C LEU JA 17 7.10 65.14 -8.38
N ASP JA 18 8.13 65.89 -8.02
CA ASP JA 18 9.51 65.39 -8.06
C ASP JA 18 9.70 64.13 -7.20
N ALA JA 19 9.19 64.14 -5.97
CA ALA JA 19 9.27 62.98 -5.07
C ALA JA 19 8.45 61.81 -5.63
N PHE JA 20 7.24 62.08 -6.12
CA PHE JA 20 6.39 61.07 -6.73
C PHE JA 20 7.07 60.37 -7.90
N GLU JA 21 7.61 61.11 -8.85
CA GLU JA 21 8.25 60.49 -10.01
C GLU JA 21 9.57 59.80 -9.64
N ASN JA 22 10.31 60.29 -8.64
CA ASN JA 22 11.47 59.58 -8.11
C ASN JA 22 11.08 58.21 -7.52
N LYS JA 23 9.94 58.13 -6.82
CA LYS JA 23 9.47 56.86 -6.24
C LYS JA 23 9.19 55.80 -7.30
N GLN JA 24 8.73 56.16 -8.49
CA GLN JA 24 8.44 55.16 -9.51
C GLN JA 24 9.65 54.30 -9.89
N ASN JA 25 10.86 54.84 -9.80
CA ASN JA 25 12.06 54.07 -10.11
C ASN JA 25 12.34 52.97 -9.07
N GLU JA 26 11.81 53.07 -7.86
CA GLU JA 26 11.88 51.96 -6.89
C GLU JA 26 10.82 50.90 -7.21
N LEU JA 27 9.57 51.32 -7.41
CA LEU JA 27 8.44 50.42 -7.53
C LEU JA 27 8.51 49.51 -8.76
N LYS JA 28 9.11 49.99 -9.85
CA LYS JA 28 9.31 49.19 -11.07
C LYS JA 28 10.26 48.01 -10.87
N SER JA 29 10.91 47.86 -9.72
CA SER JA 29 11.60 46.62 -9.35
C SER JA 29 10.60 45.55 -8.91
N SER JA 30 9.76 45.83 -7.92
CA SER JA 30 8.77 44.89 -7.41
C SER JA 30 7.75 44.50 -8.47
N LYS JA 31 7.36 45.44 -9.34
CA LYS JA 31 6.42 45.14 -10.43
C LYS JA 31 6.96 44.08 -11.38
N ALA JA 32 8.26 44.08 -11.67
CA ALA JA 32 8.84 43.16 -12.63
C ALA JA 32 8.76 41.70 -12.17
N TYR JA 33 8.76 41.43 -10.87
CA TYR JA 33 8.52 40.09 -10.36
C TYR JA 33 7.06 39.68 -10.46
N TYR JA 34 6.10 40.56 -10.17
CA TYR JA 34 4.68 40.22 -10.28
C TYR JA 34 4.25 40.04 -11.74
N ASP JA 35 4.61 40.96 -12.63
CA ASP JA 35 4.27 40.89 -14.05
C ASP JA 35 5.08 39.87 -14.86
N ALA JA 36 6.06 39.20 -14.26
CA ALA JA 36 7.01 38.32 -14.93
C ALA JA 36 7.70 38.99 -16.14
N GLU JA 37 8.31 40.15 -15.91
CA GLU JA 37 9.02 40.91 -16.93
C GLU JA 37 10.46 40.42 -17.10
N ARG JA 38 11.12 40.83 -18.20
CA ARG JA 38 12.49 40.47 -18.58
C ARG JA 38 13.54 41.07 -17.64
N ARG JA 39 13.74 40.46 -16.48
CA ARG JA 39 14.87 40.73 -15.58
C ARG JA 39 16.19 40.33 -16.25
N PRO JA 40 17.32 40.95 -15.89
CA PRO JA 40 18.62 40.47 -16.32
C PRO JA 40 18.99 39.16 -15.61
N ASP JA 41 18.81 39.08 -14.29
CA ASP JA 41 19.33 37.96 -13.49
C ASP JA 41 18.60 36.63 -13.73
N ALA JA 42 17.42 36.66 -14.34
CA ALA JA 42 16.71 35.44 -14.73
C ALA JA 42 17.34 34.72 -15.92
N ILE JA 43 18.20 35.36 -16.71
CA ILE JA 43 18.71 34.79 -17.96
C ILE JA 43 19.78 33.73 -17.66
N GLY JA 44 19.43 32.45 -17.78
CA GLY JA 44 20.30 31.31 -17.46
C GLY JA 44 21.55 31.25 -18.34
N LEU JA 45 22.72 31.12 -17.71
CA LEU JA 45 23.98 31.51 -18.34
C LEU JA 45 24.53 30.50 -19.36
N ALA JA 46 24.30 29.21 -19.19
CA ALA JA 46 24.89 28.22 -20.08
C ALA JA 46 24.30 28.27 -21.50
N VAL JA 47 23.11 28.86 -21.69
CA VAL JA 47 22.49 28.97 -23.01
C VAL JA 47 23.32 29.89 -23.90
N PRO JA 48 23.74 29.47 -25.10
CA PRO JA 48 24.52 30.29 -26.02
C PRO JA 48 23.81 31.58 -26.41
N LEU JA 49 24.58 32.59 -26.77
CA LEU JA 49 24.10 33.96 -26.96
C LEU JA 49 22.93 34.10 -27.93
N ASP JA 50 22.88 33.31 -29.01
CA ASP JA 50 21.79 33.39 -29.98
C ASP JA 50 20.49 32.75 -29.49
N MET JA 51 20.55 31.84 -28.50
CA MET JA 51 19.37 31.21 -27.90
C MET JA 51 18.81 31.97 -26.70
N ARG JA 52 19.52 32.96 -26.14
CA ARG JA 52 19.03 33.76 -25.01
C ARG JA 52 17.81 34.63 -25.32
N LYS JA 53 17.30 34.63 -26.55
CA LYS JA 53 16.00 35.22 -26.89
C LYS JA 53 14.82 34.52 -26.23
N TYR JA 54 14.94 33.25 -25.89
CA TYR JA 54 13.85 32.45 -25.33
C TYR JA 54 13.76 32.56 -23.81
N LEU JA 55 13.31 33.69 -23.28
CA LEU JA 55 13.13 33.89 -21.84
C LEU JA 55 12.25 32.79 -21.22
N ALA JA 56 12.68 32.23 -20.11
CA ALA JA 56 11.88 31.37 -19.25
C ALA JA 56 11.43 32.17 -18.03
N HIS JA 57 10.14 32.09 -17.68
CA HIS JA 57 9.55 32.83 -16.56
C HIS JA 57 9.01 31.89 -15.49
N VAL JA 58 9.07 32.34 -14.24
CA VAL JA 58 8.60 31.60 -13.06
C VAL JA 58 7.45 32.35 -12.41
N GLY JA 59 6.35 31.65 -12.14
CA GLY JA 59 5.13 32.24 -11.61
C GLY JA 59 5.10 32.43 -10.09
N TYR JA 60 6.13 32.07 -9.32
CA TYR JA 60 6.04 32.08 -7.86
C TYR JA 60 5.57 33.41 -7.25
N PRO JA 61 6.07 34.59 -7.65
CA PRO JA 61 5.66 35.83 -6.99
C PRO JA 61 4.18 36.12 -7.21
N ARG JA 62 3.68 35.95 -8.43
CA ARG JA 62 2.26 36.13 -8.72
C ARG JA 62 1.42 35.10 -8.00
N THR JA 63 1.89 33.85 -7.96
CA THR JA 63 1.18 32.76 -7.27
C THR JA 63 1.00 33.05 -5.80
N TYR JA 64 2.03 33.58 -5.13
CA TYR JA 64 1.93 33.94 -3.72
C TYR JA 64 1.03 35.13 -3.48
N VAL JA 65 1.25 36.25 -4.17
CA VAL JA 65 0.41 37.43 -4.00
C VAL JA 65 -1.05 37.14 -4.33
N ASP JA 66 -1.34 36.41 -5.40
CA ASP JA 66 -2.72 36.02 -5.73
C ASP JA 66 -3.34 35.09 -4.70
N ALA JA 67 -2.58 34.22 -4.04
CA ALA JA 67 -3.14 33.34 -3.02
C ALA JA 67 -3.52 34.08 -1.75
N ILE JA 68 -2.79 35.14 -1.39
CA ILE JA 68 -3.12 36.00 -0.24
C ILE JA 68 -4.28 36.93 -0.55
N ALA JA 69 -4.27 37.59 -1.70
CA ALA JA 69 -5.17 38.70 -1.99
C ALA JA 69 -6.65 38.32 -2.04
N GLU JA 70 -7.02 37.19 -2.63
CA GLU JA 70 -8.45 36.82 -2.73
C GLU JA 70 -9.02 36.25 -1.43
N ARG JA 71 -8.19 35.64 -0.57
CA ARG JA 71 -8.71 35.02 0.66
C ARG JA 71 -9.21 36.00 1.70
N GLN JA 72 -9.01 37.30 1.53
CA GLN JA 72 -9.50 38.33 2.44
C GLN JA 72 -10.65 39.15 1.83
N GLU JA 73 -11.78 39.18 2.54
CA GLU JA 73 -13.00 39.88 2.17
C GLU JA 73 -13.62 40.52 3.41
N LEU JA 74 -13.98 41.80 3.34
CA LEU JA 74 -14.62 42.50 4.45
C LEU JA 74 -16.05 42.02 4.64
N GLU JA 75 -16.35 41.48 5.81
CA GLU JA 75 -17.66 40.94 6.17
C GLU JA 75 -18.56 42.03 6.73
N GLY JA 76 -17.99 43.04 7.39
CA GLY JA 76 -18.73 44.16 7.96
C GLY JA 76 -17.91 45.05 8.89
N PHE JA 77 -18.59 45.92 9.62
CA PHE JA 77 -18.05 46.71 10.71
C PHE JA 77 -18.83 46.38 11.99
N ARG JA 78 -18.18 46.38 13.15
CA ARG JA 78 -18.83 46.33 14.45
C ARG JA 78 -18.48 47.59 15.22
N ILE JA 79 -19.49 48.27 15.78
CA ILE JA 79 -19.31 49.45 16.63
C ILE JA 79 -20.05 49.20 17.94
N PRO JA 80 -19.43 49.35 19.11
CA PRO JA 80 -20.05 49.00 20.36
C PRO JA 80 -21.16 49.98 20.74
N SER JA 81 -22.27 49.47 21.26
CA SER JA 81 -23.38 50.29 21.77
C SER JA 81 -23.05 50.89 23.14
N ALA JA 82 -23.80 51.92 23.53
CA ALA JA 82 -23.86 52.35 24.93
C ALA JA 82 -24.22 51.17 25.85
N ASN JA 83 -23.60 51.11 27.03
CA ASN JA 83 -23.70 50.03 28.03
C ASN JA 83 -23.37 48.60 27.54
N GLY JA 84 -22.84 48.43 26.33
CA GLY JA 84 -22.61 47.11 25.72
C GLY JA 84 -23.85 46.42 25.14
N GLU JA 85 -24.95 47.16 24.93
CA GLU JA 85 -26.23 46.64 24.40
C GLU JA 85 -26.14 46.04 23.00
N GLU JA 86 -27.07 45.14 22.66
CA GLU JA 86 -27.22 44.59 21.32
C GLU JA 86 -27.82 45.65 20.34
N PRO JA 87 -27.15 45.99 19.22
CA PRO JA 87 -27.64 46.93 18.21
C PRO JA 87 -28.92 46.46 17.49
N GLU JA 88 -29.61 47.37 16.80
CA GLU JA 88 -30.73 47.06 15.88
C GLU JA 88 -30.78 47.98 14.64
N SER JA 89 -31.38 47.52 13.55
CA SER JA 89 -31.29 48.16 12.22
C SER JA 89 -32.17 49.41 12.00
N GLY JA 90 -32.96 49.80 12.99
CA GLY JA 90 -34.12 50.70 12.83
C GLY JA 90 -33.82 52.21 12.69
N GLY JA 91 -34.81 53.05 13.00
CA GLY JA 91 -34.58 54.50 13.18
C GLY JA 91 -33.73 54.74 14.43
N GLU JA 92 -32.76 55.67 14.35
CA GLU JA 92 -31.54 55.63 15.18
C GLU JA 92 -30.79 54.29 14.93
N ASN JA 93 -30.33 54.13 13.70
CA ASN JA 93 -29.73 52.89 13.19
C ASN JA 93 -28.51 52.43 13.98
N ASP JA 94 -28.18 51.15 13.85
CA ASP JA 94 -26.84 50.69 14.17
C ASP JA 94 -25.84 51.41 13.24
N PRO JA 95 -24.81 52.09 13.76
CA PRO JA 95 -23.84 52.76 12.88
C PRO JA 95 -23.04 51.74 12.06
N ALA JA 96 -23.03 50.47 12.45
CA ALA JA 96 -22.51 49.40 11.63
C ALA JA 96 -23.13 49.36 10.23
N SER JA 97 -24.43 49.65 10.09
CA SER JA 97 -25.07 49.59 8.78
C SER JA 97 -24.95 50.88 7.98
N GLU JA 98 -24.82 52.06 8.59
CA GLU JA 98 -24.61 53.28 7.79
C GLU JA 98 -23.25 53.22 7.09
N LEU JA 99 -22.19 52.83 7.80
CA LEU JA 99 -20.87 52.68 7.20
C LEU JA 99 -20.88 51.59 6.14
N TRP JA 100 -21.57 50.48 6.39
CA TRP JA 100 -21.72 49.44 5.39
C TRP JA 100 -22.47 49.94 4.14
N ASP JA 101 -23.47 50.78 4.30
CA ASP JA 101 -24.18 51.33 3.16
C ASP JA 101 -23.25 52.18 2.30
N TRP JA 102 -22.42 53.05 2.90
CA TRP JA 102 -21.43 53.79 2.14
C TRP JA 102 -20.46 52.84 1.45
N TRP JA 103 -20.03 51.77 2.12
CA TRP JA 103 -19.10 50.81 1.54
C TRP JA 103 -19.69 50.14 0.30
N GLN JA 104 -20.93 49.68 0.39
CA GLN JA 104 -21.59 49.02 -0.72
C GLN JA 104 -21.94 49.99 -1.84
N ALA JA 105 -22.35 51.23 -1.54
CA ALA JA 105 -22.70 52.19 -2.58
C ALA JA 105 -21.50 52.68 -3.39
N ASN JA 106 -20.31 52.65 -2.80
CA ASN JA 106 -19.04 52.93 -3.48
C ASN JA 106 -18.46 51.70 -4.22
N ASN JA 107 -19.15 50.56 -4.26
CA ASN JA 107 -18.65 49.30 -4.80
C ASN JA 107 -17.31 48.87 -4.18
N LEU JA 108 -17.03 49.21 -2.93
CA LEU JA 108 -15.70 48.99 -2.39
C LEU JA 108 -15.33 47.52 -2.29
N ASP JA 109 -16.25 46.58 -2.31
CA ASP JA 109 -15.89 45.17 -2.33
C ASP JA 109 -15.16 44.77 -3.63
N ILE JA 110 -15.31 45.52 -4.71
CA ILE JA 110 -14.45 45.40 -5.89
C ILE JA 110 -13.17 46.21 -5.70
N GLU JA 111 -13.28 47.51 -5.40
CA GLU JA 111 -12.11 48.39 -5.35
C GLU JA 111 -11.10 47.91 -4.30
N ALA JA 112 -11.53 47.41 -3.16
CA ALA JA 112 -10.64 46.91 -2.12
C ALA JA 112 -10.01 45.56 -2.50
N THR JA 113 -10.74 44.63 -3.10
CA THR JA 113 -10.15 43.34 -3.49
C THR JA 113 -9.12 43.52 -4.59
N LEU JA 114 -9.25 44.54 -5.45
CA LEU JA 114 -8.14 44.99 -6.29
C LEU JA 114 -7.05 45.65 -5.45
N GLY JA 115 -7.36 46.72 -4.74
CA GLY JA 115 -6.39 47.58 -4.07
C GLY JA 115 -5.50 46.88 -3.04
N HIS JA 116 -5.99 45.85 -2.37
CA HIS JA 116 -5.16 45.03 -1.50
C HIS JA 116 -4.07 44.31 -2.27
N THR JA 117 -4.26 43.99 -3.55
CA THR JA 117 -3.20 43.38 -4.34
C THR JA 117 -2.05 44.36 -4.52
N ASP JA 118 -2.33 45.61 -4.89
CA ASP JA 118 -1.32 46.65 -5.03
C ASP JA 118 -0.64 46.93 -3.69
N ALA JA 119 -1.37 46.92 -2.58
CA ALA JA 119 -0.76 47.06 -1.27
C ALA JA 119 0.21 45.94 -0.93
N LEU JA 120 -0.03 44.70 -1.39
CA LEU JA 120 0.93 43.61 -1.25
C LEU JA 120 2.11 43.78 -2.20
N ILE JA 121 1.90 44.17 -3.46
CA ILE JA 121 2.99 44.29 -4.43
C ILE JA 121 3.95 45.43 -4.07
N TYR JA 122 3.45 46.65 -3.88
CA TYR JA 122 4.27 47.83 -3.62
C TYR JA 122 4.51 48.10 -2.14
N GLY JA 123 3.87 47.37 -1.22
CA GLY JA 123 3.92 47.62 0.20
C GLY JA 123 2.96 48.68 0.70
N THR JA 124 2.28 49.44 -0.17
CA THR JA 124 1.32 50.47 0.24
C THR JA 124 0.30 50.81 -0.84
N ALA JA 125 -0.84 51.37 -0.45
CA ALA JA 125 -1.89 51.89 -1.31
C ALA JA 125 -2.66 52.96 -0.53
N TYR JA 126 -3.47 53.79 -1.16
CA TYR JA 126 -4.07 54.93 -0.50
C TYR JA 126 -5.59 54.91 -0.64
N ILE JA 127 -6.31 55.25 0.42
CA ILE JA 127 -7.75 55.41 0.43
C ILE JA 127 -8.05 56.89 0.44
N THR JA 128 -8.93 57.36 -0.43
CA THR JA 128 -9.23 58.77 -0.62
C THR JA 128 -10.70 59.02 -0.39
N ILE JA 129 -11.05 60.11 0.31
CA ILE JA 129 -12.45 60.42 0.65
C ILE JA 129 -12.84 61.83 0.19
N SER JA 130 -14.07 62.03 -0.26
CA SER JA 130 -14.63 63.37 -0.58
C SER JA 130 -16.15 63.34 -0.61
N MET JA 131 -16.85 64.47 -0.43
CA MET JA 131 -18.20 64.56 -0.99
C MET JA 131 -18.08 64.57 -2.52
N PRO JA 132 -19.00 63.96 -3.26
CA PRO JA 132 -18.94 63.95 -4.71
C PRO JA 132 -19.19 65.34 -5.28
N ASP JA 133 -18.82 65.53 -6.55
CA ASP JA 133 -19.03 66.75 -7.33
C ASP JA 133 -20.13 66.51 -8.37
N PRO JA 134 -21.42 66.51 -7.99
CA PRO JA 134 -22.48 66.01 -8.85
C PRO JA 134 -22.63 66.82 -10.15
N GLU JA 135 -22.17 68.06 -10.18
CA GLU JA 135 -22.05 68.87 -11.41
C GLU JA 135 -21.05 68.32 -12.45
N VAL JA 136 -20.34 67.23 -12.13
CA VAL JA 136 -19.43 66.50 -13.04
C VAL JA 136 -20.08 65.22 -13.61
N ASP JA 137 -21.38 64.96 -13.33
CA ASP JA 137 -22.14 63.82 -13.86
C ASP JA 137 -21.50 62.43 -13.57
N PHE JA 138 -21.32 62.11 -12.29
CA PHE JA 138 -20.64 60.89 -11.84
C PHE JA 138 -21.38 59.56 -12.13
N ASP JA 139 -22.72 59.54 -12.25
CA ASP JA 139 -23.54 58.33 -12.09
C ASP JA 139 -23.34 57.64 -10.73
N VAL JA 140 -23.29 58.43 -9.65
CA VAL JA 140 -23.09 57.96 -8.28
C VAL JA 140 -24.04 58.70 -7.34
N ASP JA 141 -24.50 58.02 -6.28
CA ASP JA 141 -25.38 58.60 -5.28
C ASP JA 141 -24.74 59.86 -4.67
N PRO JA 142 -25.35 61.06 -4.78
CA PRO JA 142 -24.72 62.29 -4.33
C PRO JA 142 -24.69 62.46 -2.81
N GLU JA 143 -25.46 61.71 -2.04
CA GLU JA 143 -25.55 61.83 -0.58
C GLU JA 143 -24.79 60.71 0.16
N VAL JA 144 -23.66 60.28 -0.41
CA VAL JA 144 -22.72 59.32 0.17
C VAL JA 144 -21.31 59.90 0.04
N PRO JA 145 -20.43 59.80 1.04
CA PRO JA 145 -19.05 60.18 0.87
C PRO JA 145 -18.41 59.27 -0.15
N LEU JA 146 -17.93 59.85 -1.25
CA LEU JA 146 -17.28 59.17 -2.35
C LEU JA 146 -15.91 58.72 -1.90
N ILE JA 147 -15.74 57.41 -1.72
CA ILE JA 147 -14.52 56.79 -1.20
C ILE JA 147 -13.91 55.96 -2.33
N ARG JA 148 -12.64 56.13 -2.65
CA ARG JA 148 -11.94 55.32 -3.67
C ARG JA 148 -10.54 54.93 -3.20
N VAL JA 149 -9.97 53.91 -3.83
CA VAL JA 149 -8.60 53.49 -3.58
C VAL JA 149 -7.74 53.97 -4.74
N GLU JA 150 -6.56 54.51 -4.48
CA GLU JA 150 -5.58 54.90 -5.49
C GLU JA 150 -4.24 54.20 -5.22
N PRO JA 151 -3.55 53.70 -6.25
CA PRO JA 151 -2.31 52.94 -6.11
C PRO JA 151 -1.09 53.87 -6.00
N PRO JA 152 0.07 53.41 -5.50
CA PRO JA 152 1.27 54.23 -5.46
C PRO JA 152 1.90 54.46 -6.84
N THR JA 153 1.39 53.83 -7.90
CA THR JA 153 1.70 54.22 -9.28
C THR JA 153 1.00 55.51 -9.72
N ALA JA 154 0.15 56.11 -8.88
CA ALA JA 154 -0.58 57.34 -9.23
C ALA JA 154 -0.80 58.34 -8.08
N LEU JA 155 -0.44 58.02 -6.85
CA LEU JA 155 -0.56 58.89 -5.68
C LEU JA 155 0.66 58.76 -4.79
N TYR JA 156 1.12 59.85 -4.18
CA TYR JA 156 2.19 59.86 -3.19
C TYR JA 156 1.88 60.83 -2.05
N ALA JA 157 2.32 60.50 -0.84
CA ALA JA 157 2.00 61.23 0.37
C ALA JA 157 3.22 61.33 1.29
N GLU JA 158 3.55 62.53 1.75
CA GLU JA 158 4.63 62.75 2.71
C GLU JA 158 4.14 62.47 4.12
N VAL JA 159 4.76 61.53 4.84
CA VAL JA 159 4.29 61.11 6.17
C VAL JA 159 5.13 61.76 7.25
N ASP JA 160 4.51 62.36 8.25
CA ASP JA 160 5.21 62.99 9.36
C ASP JA 160 5.99 61.96 10.20
N PRO JA 161 7.32 62.06 10.32
CA PRO JA 161 8.09 61.22 11.23
C PRO JA 161 7.55 61.17 12.67
N ARG JA 162 7.05 62.31 13.21
CA ARG JA 162 6.63 62.42 14.61
C ARG JA 162 5.29 61.71 14.88
N THR JA 163 4.21 62.20 14.29
CA THR JA 163 2.83 61.73 14.55
C THR JA 163 2.39 60.59 13.64
N ARG JA 164 3.14 60.31 12.56
CA ARG JA 164 2.76 59.41 11.46
C ARG JA 164 1.50 59.82 10.70
N LYS JA 165 0.94 61.02 10.87
CA LYS JA 165 -0.13 61.51 9.99
C LYS JA 165 0.43 61.96 8.64
N VAL JA 166 -0.38 61.93 7.59
CA VAL JA 166 0.01 62.49 6.29
C VAL JA 166 0.12 64.01 6.39
N LEU JA 167 1.23 64.60 5.95
CA LEU JA 167 1.40 66.05 5.90
C LEU JA 167 0.70 66.69 4.70
N TYR JA 168 0.94 66.10 3.53
CA TYR JA 168 0.50 66.56 2.25
C TYR JA 168 0.60 65.43 1.23
N ALA JA 169 -0.22 65.44 0.18
CA ALA JA 169 -0.21 64.37 -0.84
C ALA JA 169 -0.64 64.88 -2.21
N ILE JA 170 -0.21 64.21 -3.28
CA ILE JA 170 -0.64 64.51 -4.65
C ILE JA 170 -1.03 63.24 -5.38
N ARG JA 171 -2.18 63.25 -6.07
CA ARG JA 171 -2.54 62.26 -7.10
C ARG JA 171 -2.18 62.85 -8.45
N ALA JA 172 -1.40 62.15 -9.26
CA ALA JA 172 -1.04 62.63 -10.58
C ALA JA 172 -1.22 61.53 -11.62
N ILE JA 173 -1.88 61.87 -12.72
CA ILE JA 173 -2.30 60.92 -13.73
C ILE JA 173 -1.47 61.13 -14.98
N TYR JA 174 -0.68 60.14 -15.37
CA TYR JA 174 -0.10 60.12 -16.71
C TYR JA 174 -1.19 59.91 -17.74
N GLY JA 175 -1.09 60.59 -18.88
CA GLY JA 175 -2.07 60.56 -19.95
C GLY JA 175 -2.30 59.19 -20.58
N ALA JA 176 -3.37 59.09 -21.37
CA ALA JA 176 -3.74 57.84 -22.03
C ALA JA 176 -2.65 57.35 -22.99
N ASP JA 177 -1.91 58.26 -23.60
CA ASP JA 177 -0.66 57.99 -24.31
C ASP JA 177 0.55 58.27 -23.40
N GLY JA 178 1.51 57.34 -23.38
CA GLY JA 178 2.85 57.62 -22.85
C GLY JA 178 2.92 57.88 -21.35
N ASN JA 179 3.74 58.86 -20.97
CA ASN JA 179 4.15 59.16 -19.59
C ASN JA 179 4.34 60.68 -19.43
N GLU JA 180 3.24 61.43 -19.51
CA GLU JA 180 3.17 62.86 -19.28
C GLU JA 180 1.93 63.20 -18.44
N ILE JA 181 2.07 64.03 -17.41
CA ILE JA 181 0.99 64.27 -16.43
C ILE JA 181 -0.12 65.11 -17.06
N VAL JA 182 -1.31 64.53 -17.21
CA VAL JA 182 -2.51 65.27 -17.70
C VAL JA 182 -3.30 65.93 -16.59
N SER JA 183 -3.17 65.51 -15.34
CA SER JA 183 -3.76 66.20 -14.19
C SER JA 183 -3.04 65.90 -12.89
N ALA JA 184 -3.07 66.85 -11.95
CA ALA JA 184 -2.61 66.68 -10.59
C ALA JA 184 -3.65 67.20 -9.60
N THR JA 185 -3.89 66.48 -8.51
CA THR JA 185 -4.80 66.88 -7.43
C THR JA 185 -4.04 66.83 -6.12
N LEU JA 186 -4.13 67.90 -5.35
CA LEU JA 186 -3.28 68.23 -4.21
C LEU JA 186 -4.12 68.24 -2.95
N TYR JA 187 -3.72 67.49 -1.93
CA TYR JA 187 -4.47 67.33 -0.68
C TYR JA 187 -3.74 68.01 0.46
N LEU JA 188 -4.08 69.27 0.76
CA LEU JA 188 -3.66 69.94 1.98
C LEU JA 188 -4.56 69.50 3.15
N PRO JA 189 -4.14 69.64 4.42
CA PRO JA 189 -5.01 69.41 5.57
C PRO JA 189 -6.33 70.19 5.49
N ASP JA 190 -6.28 71.45 5.11
CA ASP JA 190 -7.46 72.30 5.05
C ASP JA 190 -8.31 72.10 3.78
N THR JA 191 -7.68 71.77 2.65
CA THR JA 191 -8.25 71.97 1.31
C THR JA 191 -7.77 70.94 0.29
N THR JA 192 -8.61 70.58 -0.67
CA THR JA 192 -8.20 69.89 -1.89
C THR JA 192 -8.22 70.85 -3.05
N MET JA 193 -7.22 70.81 -3.93
CA MET JA 193 -7.19 71.63 -5.13
C MET JA 193 -6.61 70.85 -6.31
N THR JA 194 -6.92 71.24 -7.53
CA THR JA 194 -6.62 70.42 -8.71
C THR JA 194 -6.41 71.22 -9.98
N TRP JA 195 -5.53 70.72 -10.85
CA TRP JA 195 -5.10 71.36 -12.08
C TRP JA 195 -5.20 70.36 -13.23
N LEU JA 196 -5.49 70.81 -14.45
CA LEU JA 196 -5.40 70.00 -15.67
C LEU JA 196 -4.23 70.50 -16.50
N ARG JA 197 -3.35 69.65 -17.01
CA ARG JA 197 -2.41 70.06 -18.07
C ARG JA 197 -3.16 70.05 -19.42
N ALA JA 198 -4.16 70.92 -19.54
CA ALA JA 198 -5.22 70.77 -20.53
C ALA JA 198 -4.75 70.83 -22.00
N GLU JA 199 -3.78 71.69 -22.32
CA GLU JA 199 -3.26 71.85 -23.71
C GLU JA 199 -1.73 71.83 -23.81
N GLY JA 200 -1.02 71.56 -22.71
CA GLY JA 200 0.44 71.47 -22.66
C GLY JA 200 1.08 72.06 -21.38
N GLU JA 201 0.33 72.86 -20.62
CA GLU JA 201 0.72 73.40 -19.32
C GLU JA 201 -0.47 73.46 -18.36
N TRP JA 202 -0.22 73.48 -17.05
CA TRP JA 202 -1.27 73.43 -16.04
C TRP JA 202 -2.15 74.68 -16.00
N GLU JA 203 -3.46 74.49 -16.22
CA GLU JA 203 -4.49 75.51 -16.08
C GLU JA 203 -4.69 75.93 -14.62
N ALA JA 204 -5.30 77.09 -14.39
CA ALA JA 204 -5.51 77.63 -13.03
C ALA JA 204 -6.29 76.66 -12.14
N PRO JA 205 -5.99 76.59 -10.82
CA PRO JA 205 -6.48 75.53 -9.97
C PRO JA 205 -7.94 75.71 -9.59
N THR JA 206 -8.72 74.63 -9.74
CA THR JA 206 -9.98 74.46 -8.99
C THR JA 206 -9.64 74.16 -7.53
N SER JA 207 -10.47 74.59 -6.57
CA SER JA 207 -10.23 74.41 -5.13
C SER JA 207 -11.51 74.06 -4.38
N THR JA 208 -11.38 73.36 -3.25
CA THR JA 208 -12.50 72.84 -2.45
C THR JA 208 -12.05 72.62 -1.01
N PRO JA 209 -12.54 73.37 -0.03
CA PRO JA 209 -12.13 73.22 1.36
C PRO JA 209 -12.78 72.02 2.04
N HIS JA 210 -12.11 71.45 3.03
CA HIS JA 210 -12.63 70.40 3.91
C HIS JA 210 -12.58 70.76 5.39
N GLY JA 211 -11.72 71.69 5.78
CA GLY JA 211 -11.65 72.24 7.14
C GLY JA 211 -11.23 71.27 8.25
N LEU JA 212 -10.98 70.00 7.92
CA LEU JA 212 -10.54 68.98 8.88
C LEU JA 212 -9.13 69.22 9.42
N GLU JA 213 -8.81 68.58 10.54
CA GLU JA 213 -7.46 68.54 11.09
C GLU JA 213 -6.54 67.52 10.37
N MET JA 214 -7.09 66.71 9.46
CA MET JA 214 -6.40 65.65 8.74
C MET JA 214 -6.53 65.80 7.23
N VAL JA 215 -5.50 65.38 6.49
CA VAL JA 215 -5.56 65.24 5.04
C VAL JA 215 -6.56 64.14 4.67
N PRO JA 216 -7.40 64.29 3.64
CA PRO JA 216 -8.40 63.31 3.24
C PRO JA 216 -7.84 62.07 2.51
N VAL JA 217 -6.60 61.67 2.81
CA VAL JA 217 -5.93 60.50 2.24
C VAL JA 217 -5.37 59.64 3.36
N ILE JA 218 -5.68 58.35 3.37
CA ILE JA 218 -5.22 57.38 4.36
C ILE JA 218 -4.36 56.30 3.72
N PRO JA 219 -3.12 56.05 4.16
CA PRO JA 219 -2.31 54.98 3.62
C PRO JA 219 -2.65 53.63 4.24
N ILE JA 220 -3.07 52.67 3.42
CA ILE JA 220 -2.90 51.23 3.72
C ILE JA 220 -1.41 50.91 3.60
N SER JA 221 -0.85 50.09 4.48
CA SER JA 221 0.56 49.70 4.34
C SER JA 221 0.80 48.30 4.86
N ASN JA 222 1.65 47.55 4.16
CA ASN JA 222 1.96 46.15 4.44
C ASN JA 222 2.98 46.01 5.56
N ARG JA 223 2.82 46.71 6.68
CA ARG JA 223 3.82 46.71 7.76
C ARG JA 223 3.96 45.32 8.38
N THR JA 224 5.17 44.77 8.36
CA THR JA 224 5.47 43.45 8.97
C THR JA 224 5.89 43.54 10.43
N ARG JA 225 6.37 44.71 10.85
CA ARG JA 225 7.29 44.93 11.97
C ARG JA 225 7.29 46.43 12.26
N LEU JA 226 7.31 46.88 13.51
CA LEU JA 226 7.23 48.31 13.84
C LEU JA 226 8.34 49.11 13.18
N SER JA 227 9.58 48.59 13.17
CA SER JA 227 10.70 49.28 12.54
C SER JA 227 10.59 49.42 11.01
N ASP JA 228 9.60 48.78 10.35
CA ASP JA 228 9.19 49.21 9.00
C ASP JA 228 8.18 50.35 9.11
N LEU JA 229 8.65 51.59 9.00
CA LEU JA 229 7.82 52.77 9.16
C LEU JA 229 6.87 53.03 7.98
N TYR JA 230 7.18 52.55 6.78
CA TYR JA 230 6.47 52.94 5.55
C TYR JA 230 5.78 51.80 4.82
N GLY JA 231 6.04 50.55 5.19
CA GLY JA 231 5.48 49.36 4.54
C GLY JA 231 6.29 48.92 3.33
N THR JA 232 6.37 47.61 3.13
CA THR JA 232 7.28 46.99 2.16
C THR JA 232 6.62 45.85 1.39
N SER JA 233 7.18 45.51 0.23
CA SER JA 233 6.59 44.53 -0.67
C SER JA 233 6.45 43.16 -0.02
N GLU JA 234 5.36 42.47 -0.33
CA GLU JA 234 5.18 41.08 0.07
C GLU JA 234 6.07 40.11 -0.72
N ILE JA 235 6.52 40.49 -1.91
CA ILE JA 235 7.46 39.71 -2.71
C ILE JA 235 8.86 39.89 -2.12
N SER JA 236 9.16 39.14 -1.06
CA SER JA 236 10.34 39.37 -0.21
C SER JA 236 11.66 38.87 -0.83
N PRO JA 237 12.84 39.30 -0.36
CA PRO JA 237 14.13 38.93 -0.95
C PRO JA 237 14.38 37.44 -1.12
N GLU JA 238 13.98 36.59 -0.17
CA GLU JA 238 14.15 35.15 -0.33
C GLU JA 238 13.22 34.58 -1.39
N LEU JA 239 12.01 35.11 -1.55
CA LEU JA 239 11.12 34.68 -2.62
C LEU JA 239 11.58 35.22 -3.97
N ARG JA 240 12.18 36.42 -4.04
CA ARG JA 240 12.84 36.90 -5.25
C ARG JA 240 14.00 35.99 -5.62
N SER JA 241 14.84 35.63 -4.66
CA SER JA 241 16.02 34.83 -4.91
C SER JA 241 15.68 33.46 -5.48
N VAL JA 242 14.75 32.72 -4.88
CA VAL JA 242 14.37 31.41 -5.43
C VAL JA 242 13.62 31.55 -6.75
N THR JA 243 12.92 32.65 -6.99
CA THR JA 243 12.29 32.91 -8.29
C THR JA 243 13.33 33.06 -9.38
N ASP JA 244 14.30 33.96 -9.22
CA ASP JA 244 15.32 34.18 -10.25
C ASP JA 244 16.21 32.95 -10.43
N ALA JA 245 16.60 32.28 -9.35
CA ALA JA 245 17.38 31.05 -9.46
C ALA JA 245 16.63 29.99 -10.27
N ALA JA 246 15.35 29.75 -10.00
CA ALA JA 246 14.59 28.78 -10.78
C ALA JA 246 14.38 29.21 -12.23
N ALA JA 247 14.28 30.51 -12.50
CA ALA JA 247 14.19 30.98 -13.87
C ALA JA 247 15.45 30.63 -14.66
N GLN JA 248 16.64 30.75 -14.06
CA GLN JA 248 17.86 30.31 -14.72
C GLN JA 248 17.84 28.81 -14.98
N ILE JA 249 17.40 27.97 -14.04
CA ILE JA 249 17.42 26.52 -14.27
C ILE JA 249 16.49 26.13 -15.40
N LEU JA 250 15.28 26.67 -15.47
CA LEU JA 250 14.38 26.38 -16.59
C LEU JA 250 15.02 26.80 -17.90
N MET JA 251 15.66 27.96 -17.95
CA MET JA 251 16.35 28.41 -19.15
C MET JA 251 17.44 27.41 -19.57
N ASN JA 252 18.32 27.01 -18.66
CA ASN JA 252 19.37 26.06 -19.02
C ASN JA 252 18.80 24.71 -19.45
N MET JA 253 17.71 24.24 -18.83
CA MET JA 253 17.12 22.97 -19.23
C MET JA 253 16.54 23.05 -20.63
N GLN JA 254 15.82 24.13 -20.98
CA GLN JA 254 15.33 24.33 -22.34
C GLN JA 254 16.47 24.32 -23.37
N GLY JA 255 17.57 25.02 -23.11
CA GLY JA 255 18.72 25.01 -24.01
C GLY JA 255 19.30 23.60 -24.19
N THR JA 256 19.44 22.87 -23.09
CA THR JA 256 19.94 21.49 -23.13
C THR JA 256 19.03 20.61 -23.97
N ALA JA 257 17.72 20.79 -23.87
CA ALA JA 257 16.75 20.01 -24.62
C ALA JA 257 16.76 20.32 -26.12
N ASN JA 258 17.35 21.41 -26.58
CA ASN JA 258 17.64 21.62 -28.00
C ASN JA 258 19.00 21.06 -28.42
N LEU JA 259 20.06 21.31 -27.65
CA LEU JA 259 21.43 21.11 -28.10
C LEU JA 259 22.07 19.77 -27.71
N MET JA 260 21.60 19.12 -26.65
CA MET JA 260 22.40 18.11 -25.94
C MET JA 260 21.61 16.85 -25.57
N ALA JA 261 20.28 16.85 -25.62
CA ALA JA 261 19.48 15.70 -25.18
C ALA JA 261 19.60 14.48 -26.09
N ILE JA 262 20.18 14.66 -27.28
CA ILE JA 262 20.37 13.66 -28.33
C ILE JA 262 21.85 13.27 -28.40
N PRO JA 263 22.24 11.99 -28.48
CA PRO JA 263 23.64 11.61 -28.63
C PRO JA 263 24.18 12.05 -29.99
N GLN JA 264 25.41 12.57 -30.03
CA GLN JA 264 26.03 13.04 -31.27
C GLN JA 264 26.95 11.94 -31.82
N ARG JA 265 26.72 11.51 -33.05
CA ARG JA 265 27.48 10.45 -33.72
C ARG JA 265 28.72 10.97 -34.43
N LEU JA 266 29.84 10.27 -34.32
CA LEU JA 266 31.11 10.56 -34.98
C LEU JA 266 31.66 9.33 -35.70
N ILE JA 267 32.38 9.49 -36.80
CA ILE JA 267 33.31 8.47 -37.30
C ILE JA 267 34.71 9.04 -37.41
N PHE JA 268 35.71 8.24 -37.06
CA PHE JA 268 37.12 8.62 -37.08
C PHE JA 268 37.92 7.79 -38.07
N GLY JA 269 38.96 8.37 -38.64
CA GLY JA 269 39.92 7.70 -39.52
C GLY JA 269 39.51 7.70 -41.00
N ALA JA 270 38.21 7.76 -41.29
CA ALA JA 270 37.72 7.73 -42.65
C ALA JA 270 38.05 9.04 -43.41
N LYS JA 271 38.62 8.92 -44.61
CA LYS JA 271 39.04 10.05 -45.45
C LYS JA 271 37.80 10.65 -46.14
N PRO JA 272 37.41 11.92 -45.95
CA PRO JA 272 36.13 12.46 -46.45
C PRO JA 272 35.82 12.16 -47.92
N GLU JA 273 36.82 12.19 -48.80
CA GLU JA 273 36.65 11.88 -50.21
C GLU JA 273 36.28 10.42 -50.48
N GLU JA 274 36.64 9.47 -49.61
CA GLU JA 274 36.27 8.06 -49.79
C GLU JA 274 34.82 7.77 -49.40
N LEU JA 275 34.22 8.58 -48.51
CA LEU JA 275 32.78 8.56 -48.25
C LEU JA 275 31.98 9.27 -49.36
N GLY JA 276 32.64 9.92 -50.31
CA GLY JA 276 31.98 10.70 -51.35
C GLY JA 276 31.37 12.00 -50.84
N ILE JA 277 31.90 12.60 -49.77
CA ILE JA 277 31.42 13.88 -49.26
C ILE JA 277 31.65 14.98 -50.30
N ASN JA 278 30.60 15.74 -50.61
CA ASN JA 278 30.63 16.81 -51.61
C ASN JA 278 31.52 17.97 -51.13
N ALA JA 279 32.70 18.15 -51.71
CA ALA JA 279 33.62 19.21 -51.33
C ALA JA 279 33.03 20.63 -51.52
N GLU JA 280 31.99 20.74 -52.34
CA GLU JA 280 31.22 21.96 -52.57
C GLU JA 280 30.46 22.44 -51.31
N THR JA 281 30.20 21.56 -50.34
CA THR JA 281 29.36 21.86 -49.16
C THR JA 281 29.88 21.27 -47.85
N GLY JA 282 30.69 20.22 -47.91
CA GLY JA 282 31.08 19.41 -46.77
C GLY JA 282 30.01 18.40 -46.32
N GLN JA 283 28.93 18.21 -47.09
CA GLN JA 283 27.83 17.34 -46.69
C GLN JA 283 27.41 16.38 -47.80
N ARG JA 284 27.29 15.09 -47.48
CA ARG JA 284 26.54 14.09 -48.26
C ARG JA 284 25.57 13.43 -47.30
N MET JA 285 24.29 13.36 -47.65
CA MET JA 285 23.28 12.73 -46.79
C MET JA 285 22.58 11.58 -47.52
N PHE JA 286 22.61 10.40 -46.92
CA PHE JA 286 22.00 9.16 -47.40
C PHE JA 286 20.53 9.01 -46.93
N ASP JA 287 19.81 7.98 -47.37
CA ASP JA 287 18.44 7.68 -46.94
C ASP JA 287 18.41 7.04 -45.55
N ALA JA 288 17.66 7.63 -44.62
CA ALA JA 288 17.64 7.22 -43.21
C ALA JA 288 16.64 6.10 -42.86
N TYR JA 289 16.00 5.44 -43.82
CA TYR JA 289 14.99 4.43 -43.54
C TYR JA 289 15.55 3.28 -42.69
N MET JA 290 14.73 2.73 -41.80
CA MET JA 290 15.21 2.13 -40.55
C MET JA 290 16.32 1.06 -40.60
N ALA JA 291 16.10 -0.11 -41.19
CA ALA JA 291 17.01 -1.23 -40.97
C ALA JA 291 18.24 -1.27 -41.90
N ARG JA 292 18.44 -0.28 -42.78
CA ARG JA 292 19.56 -0.27 -43.71
C ARG JA 292 20.90 -0.20 -42.98
N ILE JA 293 21.75 -1.21 -43.18
CA ILE JA 293 23.13 -1.26 -42.66
C ILE JA 293 24.02 -0.37 -43.52
N LEU JA 294 24.83 0.52 -42.94
CA LEU JA 294 25.86 1.24 -43.71
C LEU JA 294 27.09 0.37 -43.92
N ALA JA 295 27.65 0.36 -45.13
CA ALA JA 295 28.97 -0.20 -45.41
C ALA JA 295 29.98 0.94 -45.61
N PHE JA 296 31.12 0.90 -44.91
CA PHE JA 296 32.20 1.87 -45.10
C PHE JA 296 33.53 1.18 -45.38
N GLU JA 297 34.33 1.76 -46.29
CA GLU JA 297 35.67 1.27 -46.65
C GLU JA 297 36.52 1.03 -45.40
N GLY JA 298 36.62 2.05 -44.54
CA GLY JA 298 37.20 1.97 -43.20
C GLY JA 298 38.66 1.54 -43.09
N GLY JA 299 39.39 1.42 -44.21
CA GLY JA 299 40.69 0.74 -44.29
C GLY JA 299 41.81 1.38 -43.46
N GLU JA 300 41.66 2.64 -43.07
CA GLU JA 300 42.62 3.40 -42.26
C GLU JA 300 42.66 2.97 -40.77
N GLY JA 301 42.08 1.83 -40.41
CA GLY JA 301 41.82 1.47 -39.01
C GLY JA 301 40.67 2.30 -38.40
N ALA JA 302 39.73 2.74 -39.24
CA ALA JA 302 38.64 3.63 -38.86
C ALA JA 302 37.61 2.98 -37.93
N HIS JA 303 36.89 3.80 -37.17
CA HIS JA 303 35.83 3.32 -36.26
C HIS JA 303 34.84 4.42 -35.86
N ALA JA 304 33.69 4.00 -35.35
CA ALA JA 304 32.63 4.87 -34.87
C ALA JA 304 32.73 5.14 -33.36
N GLU JA 305 32.35 6.34 -32.93
CA GLU JA 305 32.25 6.75 -31.53
C GLU JA 305 31.10 7.75 -31.38
N GLN JA 306 30.53 7.91 -30.19
CA GLN JA 306 29.47 8.89 -29.98
C GLN JA 306 29.65 9.65 -28.67
N PHE JA 307 29.39 10.95 -28.69
CA PHE JA 307 29.19 11.71 -27.47
C PHE JA 307 27.80 11.39 -26.93
N SER JA 308 27.70 11.09 -25.63
CA SER JA 308 26.43 10.71 -25.01
C SER JA 308 25.43 11.87 -24.96
N ALA JA 309 24.14 11.56 -24.80
CA ALA JA 309 23.14 12.56 -24.46
C ALA JA 309 23.42 13.16 -23.08
N ALA JA 310 23.08 14.43 -22.87
CA ALA JA 310 22.94 14.97 -21.53
C ALA JA 310 21.68 14.40 -20.86
N GLU JA 311 21.75 14.06 -19.58
CA GLU JA 311 20.62 13.53 -18.82
C GLU JA 311 19.74 14.68 -18.31
N LEU JA 312 18.56 14.94 -18.90
CA LEU JA 312 17.72 16.06 -18.46
C LEU JA 312 17.26 15.93 -17.00
N ARG JA 313 17.19 14.70 -16.48
CA ARG JA 313 16.85 14.41 -15.07
C ARG JA 313 17.73 15.19 -14.09
N ASN JA 314 18.98 15.42 -14.45
CA ASN JA 314 19.94 16.13 -13.62
C ASN JA 314 19.55 17.61 -13.39
N PHE JA 315 18.74 18.21 -14.28
CA PHE JA 315 18.10 19.49 -13.99
C PHE JA 315 16.80 19.35 -13.21
N VAL JA 316 15.99 18.33 -13.48
CA VAL JA 316 14.70 18.15 -12.80
C VAL JA 316 14.87 17.91 -11.30
N ASP JA 317 15.93 17.23 -10.89
CA ASP JA 317 16.28 17.13 -9.46
C ASP JA 317 16.50 18.50 -8.81
N ALA JA 318 17.06 19.48 -9.50
CA ALA JA 318 17.18 20.84 -8.98
C ALA JA 318 15.86 21.60 -9.05
N LEU JA 319 15.06 21.45 -10.12
CA LEU JA 319 13.76 22.11 -10.20
C LEU JA 319 12.84 21.68 -9.06
N ASP JA 320 12.88 20.42 -8.65
CA ASP JA 320 12.14 19.96 -7.46
C ASP JA 320 12.68 20.58 -6.18
N ALA JA 321 14.00 20.59 -5.98
CA ALA JA 321 14.58 21.19 -4.79
C ALA JA 321 14.18 22.67 -4.65
N LEU JA 322 14.07 23.42 -5.75
CA LEU JA 322 13.65 24.82 -5.71
C LEU JA 322 12.15 24.99 -5.46
N ASP JA 323 11.27 24.18 -6.05
CA ASP JA 323 9.83 24.19 -5.71
C ASP JA 323 9.61 23.93 -4.23
N ARG JA 324 10.33 22.94 -3.68
CA ARG JA 324 10.28 22.59 -2.26
C ARG JA 324 10.76 23.72 -1.37
N LYS JA 325 11.73 24.53 -1.80
CA LYS JA 325 12.18 25.71 -1.05
C LYS JA 325 11.20 26.86 -1.16
N ALA JA 326 10.67 27.16 -2.34
CA ALA JA 326 9.69 28.23 -2.50
C ALA JA 326 8.42 27.98 -1.67
N ALA JA 327 8.01 26.72 -1.49
CA ALA JA 327 6.90 26.38 -0.60
C ALA JA 327 7.24 26.71 0.86
N SER JA 328 8.47 26.43 1.31
CA SER JA 328 8.87 26.76 2.68
C SER JA 328 8.91 28.27 2.95
N TYR JA 329 9.45 29.09 2.04
CA TYR JA 329 9.54 30.55 2.27
C TYR JA 329 8.18 31.24 2.24
N SER JA 330 7.30 30.82 1.34
CA SER JA 330 6.00 31.48 1.14
C SER JA 330 4.90 30.95 2.06
N GLY JA 331 5.02 29.71 2.55
CA GLY JA 331 3.97 29.10 3.35
C GLY JA 331 2.71 28.72 2.58
N LEU JA 332 2.73 28.77 1.25
CA LEU JA 332 1.65 28.20 0.44
C LEU JA 332 1.45 26.73 0.84
N PRO JA 333 0.21 26.21 0.87
CA PRO JA 333 -0.02 24.81 1.16
C PRO JA 333 0.65 23.95 0.08
N PRO JA 334 1.33 22.85 0.42
CA PRO JA 334 2.33 22.24 -0.45
C PRO JA 334 1.88 22.00 -1.89
N GLN JA 335 0.65 21.53 -2.09
CA GLN JA 335 0.13 21.22 -3.41
C GLN JA 335 -0.02 22.44 -4.34
N TYR JA 336 0.05 23.67 -3.84
CA TYR JA 336 -0.05 24.86 -4.70
C TYR JA 336 1.15 25.06 -5.60
N LEU JA 337 2.36 24.63 -5.22
CA LEU JA 337 3.55 24.78 -6.05
C LEU JA 337 3.98 23.49 -6.77
N SER JA 338 3.78 22.32 -6.16
CA SER JA 338 4.06 21.03 -6.79
C SER JA 338 3.14 19.96 -6.25
N SER JA 339 2.82 18.94 -7.05
CA SER JA 339 2.32 17.67 -6.52
C SER JA 339 3.26 17.12 -5.45
N SER JA 340 2.72 16.42 -4.45
CA SER JA 340 3.47 16.00 -3.27
C SER JA 340 2.86 14.73 -2.65
N SER JA 341 3.24 14.40 -1.42
CA SER JA 341 2.86 13.17 -0.70
C SER JA 341 1.34 13.02 -0.43
N ASP JA 342 0.56 14.08 -0.62
CA ASP JA 342 -0.86 14.15 -0.26
C ASP JA 342 -1.63 15.06 -1.23
N ASN JA 343 -2.95 14.90 -1.25
CA ASN JA 343 -3.90 15.94 -1.61
C ASN JA 343 -5.05 15.84 -0.56
N PRO JA 344 -5.12 16.76 0.42
CA PRO JA 344 -5.72 16.54 1.73
C PRO JA 344 -7.04 15.75 1.81
N ALA JA 345 -7.01 14.60 2.49
CA ALA JA 345 -8.10 13.63 2.47
C ALA JA 345 -9.35 13.96 3.29
N SER JA 346 -9.22 14.77 4.34
CA SER JA 346 -10.21 14.95 5.41
C SER JA 346 -10.29 16.41 5.86
N ALA JA 347 -11.35 16.79 6.58
CA ALA JA 347 -11.49 18.17 7.06
C ALA JA 347 -10.32 18.59 7.95
N GLU JA 348 -9.79 17.67 8.74
CA GLU JA 348 -8.59 17.90 9.53
C GLU JA 348 -7.37 18.08 8.64
N ALA JA 349 -7.14 17.17 7.69
CA ALA JA 349 -5.98 17.23 6.81
C ALA JA 349 -5.98 18.51 5.96
N ILE JA 350 -7.15 19.04 5.59
CA ILE JA 350 -7.25 20.34 4.94
C ILE JA 350 -6.74 21.40 5.92
N LYS JA 351 -7.38 21.53 7.08
CA LYS JA 351 -7.07 22.63 8.00
C LYS JA 351 -5.62 22.59 8.48
N ALA JA 352 -4.99 21.42 8.52
CA ALA JA 352 -3.57 21.28 8.78
C ALA JA 352 -2.72 21.99 7.71
N ALA JA 353 -2.88 21.64 6.44
CA ALA JA 353 -2.05 22.17 5.37
C ALA JA 353 -2.26 23.67 5.16
N GLU JA 354 -3.50 24.13 5.28
CA GLU JA 354 -3.85 25.54 5.09
C GLU JA 354 -3.25 26.47 6.15
N SER JA 355 -2.84 25.97 7.31
CA SER JA 355 -2.64 26.80 8.51
C SER JA 355 -1.64 27.94 8.32
N ARG JA 356 -0.54 27.75 7.60
CA ARG JA 356 0.42 28.82 7.29
C ARG JA 356 -0.26 29.96 6.56
N LEU JA 357 -1.01 29.65 5.53
CA LEU JA 357 -1.67 30.62 4.68
C LEU JA 357 -2.79 31.32 5.46
N VAL JA 358 -3.59 30.58 6.21
CA VAL JA 358 -4.66 31.15 7.03
C VAL JA 358 -4.13 32.12 8.08
N LYS JA 359 -3.15 31.74 8.88
CA LYS JA 359 -2.60 32.66 9.88
C LYS JA 359 -1.84 33.82 9.27
N LYS JA 360 -1.26 33.68 8.07
CA LYS JA 360 -0.71 34.82 7.32
C LYS JA 360 -1.81 35.78 6.89
N VAL JA 361 -2.95 35.31 6.39
CA VAL JA 361 -4.05 36.19 5.99
C VAL JA 361 -4.69 36.89 7.19
N GLU JA 362 -4.78 36.23 8.33
CA GLU JA 362 -5.27 36.89 9.55
C GLU JA 362 -4.46 38.15 9.87
N ARG JA 363 -3.12 38.12 9.71
CA ARG JA 363 -2.27 39.28 9.91
C ARG JA 363 -2.63 40.38 8.91
N LYS JA 364 -2.87 40.05 7.65
CA LYS JA 364 -3.25 41.04 6.62
C LYS JA 364 -4.63 41.65 6.87
N ASN JA 365 -5.59 40.89 7.37
CA ASN JA 365 -6.87 41.46 7.76
C ASN JA 365 -6.71 42.49 8.87
N LYS JA 366 -5.94 42.21 9.91
CA LYS JA 366 -5.76 43.17 10.99
C LYS JA 366 -5.06 44.43 10.51
N ILE JA 367 -3.95 44.30 9.79
CA ILE JA 367 -3.14 45.45 9.38
C ILE JA 367 -3.85 46.32 8.33
N PHE JA 368 -4.65 45.77 7.42
CA PHE JA 368 -5.48 46.58 6.51
C PHE JA 368 -6.75 47.08 7.19
N GLY JA 369 -7.30 46.36 8.16
CA GLY JA 369 -8.44 46.78 8.97
C GLY JA 369 -8.20 48.12 9.66
N GLY JA 370 -7.00 48.35 10.20
CA GLY JA 370 -6.65 49.63 10.82
C GLY JA 370 -6.81 50.83 9.88
N ALA JA 371 -6.36 50.70 8.63
CA ALA JA 371 -6.53 51.76 7.65
C ALA JA 371 -7.99 51.93 7.24
N TRP JA 372 -8.75 50.85 7.01
CA TRP JA 372 -10.15 50.99 6.63
C TRP JA 372 -11.00 51.60 7.74
N GLU JA 373 -10.78 51.23 8.99
CA GLU JA 373 -11.45 51.88 10.12
C GLU JA 373 -11.17 53.38 10.12
N GLN JA 374 -9.91 53.76 9.95
CA GLN JA 374 -9.52 55.15 9.96
C GLN JA 374 -10.12 55.92 8.79
N ALA JA 375 -10.22 55.31 7.61
CA ALA JA 375 -10.88 55.92 6.47
C ALA JA 375 -12.39 56.11 6.70
N MET JA 376 -13.07 55.17 7.36
CA MET JA 376 -14.49 55.35 7.68
C MET JA 376 -14.69 56.44 8.73
N ARG JA 377 -13.83 56.56 9.74
CA ARG JA 377 -13.91 57.70 10.66
C ARG JA 377 -13.75 59.02 9.92
N LEU JA 378 -12.79 59.11 9.00
CA LEU JA 378 -12.62 60.29 8.15
C LEU JA 378 -13.89 60.57 7.34
N ALA JA 379 -14.44 59.56 6.67
CA ALA JA 379 -15.61 59.75 5.84
C ALA JA 379 -16.81 60.25 6.66
N TYR JA 380 -17.03 59.72 7.87
CA TYR JA 380 -18.08 60.21 8.75
C TYR JA 380 -17.85 61.67 9.12
N LYS JA 381 -16.68 61.99 9.66
CA LYS JA 381 -16.32 63.34 10.10
C LYS JA 381 -16.51 64.36 8.99
N MET JA 382 -16.24 63.96 7.75
CA MET JA 382 -16.37 64.79 6.56
C MET JA 382 -17.81 64.94 6.08
N VAL JA 383 -18.63 63.88 6.04
CA VAL JA 383 -20.00 63.98 5.52
C VAL JA 383 -21.00 64.51 6.54
N LYS JA 384 -20.92 64.11 7.82
CA LYS JA 384 -21.86 64.58 8.84
C LYS JA 384 -21.41 65.85 9.56
N GLY JA 385 -20.17 66.29 9.35
CA GLY JA 385 -19.60 67.43 10.08
C GLY JA 385 -19.50 67.18 11.59
N GLY JA 386 -19.31 68.25 12.37
CA GLY JA 386 -19.23 68.15 13.82
C GLY JA 386 -18.01 67.35 14.27
N ASP JA 387 -18.22 66.38 15.16
CA ASP JA 387 -17.16 65.49 15.65
C ASP JA 387 -17.60 64.03 15.70
N ILE JA 388 -16.61 63.14 15.76
CA ILE JA 388 -16.81 61.69 15.74
C ILE JA 388 -17.31 61.24 17.12
N PRO JA 389 -18.46 60.58 17.25
CA PRO JA 389 -18.95 60.05 18.51
C PRO JA 389 -17.96 59.05 19.11
N THR JA 390 -17.88 58.99 20.44
CA THR JA 390 -16.85 58.23 21.16
C THR JA 390 -16.72 56.79 20.70
N GLU JA 391 -17.83 56.13 20.41
CA GLU JA 391 -17.83 54.71 20.07
C GLU JA 391 -17.06 54.39 18.78
N TYR JA 392 -16.95 55.32 17.84
CA TYR JA 392 -16.27 55.06 16.58
C TYR JA 392 -14.74 54.95 16.78
N TYR JA 393 -14.19 55.46 17.87
CA TYR JA 393 -12.79 55.18 18.22
C TYR JA 393 -12.59 53.72 18.67
N ARG JA 394 -13.65 53.00 19.05
CA ARG JA 394 -13.63 51.60 19.47
C ARG JA 394 -14.21 50.66 18.39
N MET JA 395 -14.34 51.14 17.16
CA MET JA 395 -14.81 50.36 16.02
C MET JA 395 -13.88 49.19 15.70
N GLU JA 396 -14.44 48.11 15.16
CA GLU JA 396 -13.71 46.97 14.61
C GLU JA 396 -14.20 46.70 13.19
N THR JA 397 -13.31 46.56 12.21
CA THR JA 397 -13.65 45.85 10.97
C THR JA 397 -13.73 44.36 11.24
N VAL JA 398 -14.53 43.64 10.48
CA VAL JA 398 -14.65 42.17 10.57
C VAL JA 398 -14.68 41.54 9.20
N TRP JA 399 -14.03 40.39 9.04
CA TRP JA 399 -13.65 39.80 7.75
C TRP JA 399 -14.04 38.32 7.68
N ARG JA 400 -14.37 37.78 6.51
CA ARG JA 400 -14.72 36.35 6.40
C ARG JA 400 -13.55 35.44 6.77
N ASP JA 401 -13.83 34.26 7.28
CA ASP JA 401 -12.82 33.25 7.64
C ASP JA 401 -11.91 32.93 6.45
N PRO JA 402 -10.59 33.17 6.51
CA PRO JA 402 -9.69 32.95 5.39
C PRO JA 402 -9.54 31.50 4.93
N SER JA 403 -9.96 30.53 5.73
CA SER JA 403 -9.81 29.11 5.40
C SER JA 403 -10.84 28.64 4.39
N THR JA 404 -10.63 27.47 3.80
CA THR JA 404 -11.57 26.91 2.83
C THR JA 404 -12.92 26.58 3.50
N PRO JA 405 -14.05 26.91 2.86
CA PRO JA 405 -15.35 26.49 3.34
C PRO JA 405 -15.39 24.98 3.53
N THR JA 406 -15.99 24.52 4.63
CA THR JA 406 -16.05 23.11 5.01
C THR JA 406 -17.43 22.72 5.52
N TYR JA 407 -18.45 23.38 4.98
CA TYR JA 407 -19.82 23.42 5.49
C TYR JA 407 -20.40 22.06 5.90
N ALA JA 408 -20.28 21.04 5.08
CA ALA JA 408 -20.87 19.74 5.38
C ALA JA 408 -20.27 19.08 6.63
N ALA JA 409 -19.03 19.40 7.01
CA ALA JA 409 -18.41 18.98 8.26
C ALA JA 409 -18.66 19.94 9.43
N LYS JA 410 -19.08 21.18 9.15
CA LYS JA 410 -19.43 22.18 10.16
C LYS JA 410 -20.86 22.00 10.67
N ALA JA 411 -21.81 21.64 9.81
CA ALA JA 411 -23.22 21.52 10.19
C ALA JA 411 -23.43 20.51 11.31
N ASP JA 412 -22.79 19.35 11.24
CA ASP JA 412 -22.95 18.31 12.27
C ASP JA 412 -22.49 18.77 13.65
N ALA JA 413 -21.44 19.59 13.71
CA ALA JA 413 -20.98 20.22 14.94
C ALA JA 413 -21.98 21.24 15.47
N ALA JA 414 -22.34 22.25 14.69
CA ALA JA 414 -23.21 23.31 15.19
C ALA JA 414 -24.60 22.79 15.54
N ALA JA 415 -25.19 21.89 14.76
CA ALA JA 415 -26.48 21.30 15.09
C ALA JA 415 -26.44 20.53 16.41
N LYS JA 416 -25.35 19.82 16.69
CA LYS JA 416 -25.16 19.04 17.91
C LYS JA 416 -24.88 19.92 19.13
N LEU JA 417 -24.28 21.10 18.97
CA LEU JA 417 -24.20 22.08 20.04
C LEU JA 417 -25.53 22.76 20.32
N PHE JA 418 -26.30 23.12 19.30
CA PHE JA 418 -27.55 23.84 19.48
C PHE JA 418 -28.68 22.94 19.98
N ALA JA 419 -28.71 21.69 19.55
CA ALA JA 419 -29.65 20.66 20.02
C ALA JA 419 -31.11 21.14 20.06
N ASN JA 420 -31.58 21.72 18.96
CA ASN JA 420 -32.93 22.23 18.82
C ASN JA 420 -33.33 23.22 19.93
N GLY JA 421 -32.40 24.07 20.35
CA GLY JA 421 -32.61 25.08 21.38
C GLY JA 421 -32.32 24.60 22.80
N ALA JA 422 -32.32 23.30 23.06
CA ALA JA 422 -32.04 22.77 24.39
C ALA JA 422 -30.53 22.80 24.75
N GLY JA 423 -29.66 23.05 23.78
CA GLY JA 423 -28.23 22.79 23.87
C GLY JA 423 -27.40 23.88 24.53
N LEU JA 424 -26.10 23.83 24.26
CA LEU JA 424 -25.10 24.64 24.93
C LEU JA 424 -25.12 26.11 24.52
N ILE JA 425 -25.52 26.44 23.29
CA ILE JA 425 -25.34 27.77 22.69
C ILE JA 425 -26.67 28.43 22.30
N PRO JA 426 -26.76 29.77 22.31
CA PRO JA 426 -27.89 30.48 21.74
C PRO JA 426 -27.89 30.36 20.22
N ARG JA 427 -29.07 30.37 19.58
CA ARG JA 427 -29.20 30.22 18.11
C ARG JA 427 -28.27 31.16 17.38
N GLU JA 428 -28.22 32.43 17.77
CA GLU JA 428 -27.41 33.42 17.08
C GLU JA 428 -25.93 33.03 17.03
N ARG JA 429 -25.36 32.45 18.10
CA ARG JA 429 -23.95 32.04 18.05
C ARG JA 429 -23.76 30.88 17.10
N GLY JA 430 -24.74 29.98 16.97
CA GLY JA 430 -24.67 28.97 15.92
C GLY JA 430 -24.56 29.60 14.54
N TRP JA 431 -25.36 30.62 14.23
CA TRP JA 431 -25.26 31.31 12.95
C TRP JA 431 -23.89 31.95 12.76
N VAL JA 432 -23.27 32.51 13.80
CA VAL JA 432 -21.93 33.09 13.69
C VAL JA 432 -20.89 32.02 13.41
N ASP JA 433 -20.87 30.92 14.16
CA ASP JA 433 -19.88 29.87 13.96
C ASP JA 433 -20.02 29.18 12.60
N MET JA 434 -21.23 29.11 12.06
CA MET JA 434 -21.47 28.61 10.72
C MET JA 434 -20.92 29.54 9.62
N GLY JA 435 -20.61 30.78 9.98
CA GLY JA 435 -19.88 31.71 9.14
C GLY JA 435 -20.73 32.64 8.28
N TYR JA 436 -22.04 32.67 8.45
CA TYR JA 436 -22.89 33.59 7.70
C TYR JA 436 -22.55 35.05 8.05
N THR JA 437 -22.50 35.93 7.05
CA THR JA 437 -22.06 37.31 7.23
C THR JA 437 -23.08 38.14 8.02
N ILE JA 438 -22.75 39.37 8.41
CA ILE JA 438 -23.69 40.29 9.06
C ILE JA 438 -24.94 40.45 8.20
N VAL JA 439 -24.79 40.56 6.89
CA VAL JA 439 -25.92 40.68 5.96
C VAL JA 439 -26.74 39.39 5.92
N GLU JA 440 -26.09 38.23 5.79
CA GLU JA 440 -26.82 36.97 5.71
C GLU JA 440 -27.53 36.62 7.03
N ARG JA 441 -26.97 36.98 8.18
CA ARG JA 441 -27.65 36.79 9.46
C ARG JA 441 -28.84 37.71 9.60
N GLU JA 442 -28.76 38.95 9.15
CA GLU JA 442 -29.92 39.82 9.14
C GLU JA 442 -31.03 39.26 8.25
N GLN JA 443 -30.70 38.71 7.08
CA GLN JA 443 -31.71 38.09 6.23
C GLN JA 443 -32.38 36.93 6.96
N MET JA 444 -31.61 36.06 7.62
CA MET JA 444 -32.18 34.95 8.38
C MET JA 444 -33.04 35.43 9.52
N ARG JA 445 -32.71 36.54 10.17
CA ARG JA 445 -33.51 37.07 11.27
C ARG JA 445 -34.94 37.32 10.80
N GLN JA 446 -35.12 37.80 9.57
CA GLN JA 446 -36.43 37.98 8.96
C GLN JA 446 -37.07 36.66 8.55
N TRP JA 447 -36.37 35.79 7.83
CA TRP JA 447 -36.96 34.50 7.44
C TRP JA 447 -37.38 33.66 8.66
N LEU JA 448 -36.68 33.76 9.78
CA LEU JA 448 -37.04 33.05 11.00
C LEU JA 448 -38.32 33.63 11.60
N GLU JA 449 -38.46 34.96 11.60
CA GLU JA 449 -39.70 35.59 12.04
C GLU JA 449 -40.89 35.16 11.17
N GLN JA 450 -40.75 35.17 9.84
CA GLN JA 450 -41.77 34.62 8.95
C GLN JA 450 -42.11 33.17 9.31
N ASP JA 451 -41.11 32.31 9.50
CA ASP JA 451 -41.32 30.88 9.73
C ASP JA 451 -42.09 30.56 11.01
N GLN JA 452 -42.11 31.46 12.00
CA GLN JA 452 -42.96 31.30 13.18
C GLN JA 452 -44.44 31.64 12.93
N LYS JA 453 -44.75 32.50 11.94
CA LYS JA 453 -46.12 32.86 11.56
C LYS JA 453 -46.66 31.96 10.45
N GLN JA 454 -45.92 31.82 9.36
CA GLN JA 454 -46.39 31.28 8.09
C GLN JA 454 -46.27 29.74 8.01
N GLY JA 455 -46.68 29.04 9.09
CA GLY JA 455 -46.76 27.57 9.17
C GLY JA 455 -48.11 27.00 8.73
N SER KA 6 20.78 64.14 40.98
CA SER KA 6 20.19 64.78 39.79
C SER KA 6 21.25 65.06 38.74
N ILE KA 7 20.86 65.07 37.46
CA ILE KA 7 21.74 65.34 36.30
C ILE KA 7 21.05 66.34 35.38
N ASP KA 8 21.81 67.27 34.83
CA ASP KA 8 21.32 68.26 33.87
C ASP KA 8 20.82 67.56 32.59
N PRO KA 9 19.54 67.72 32.20
CA PRO KA 9 19.00 67.01 31.06
C PRO KA 9 19.65 67.38 29.71
N GLU KA 10 20.32 68.52 29.58
CA GLU KA 10 21.15 68.78 28.41
C GLU KA 10 22.24 67.72 28.26
N LYS KA 11 22.97 67.44 29.35
CA LYS KA 11 24.05 66.44 29.34
C LYS KA 11 23.47 65.04 29.20
N LEU KA 12 22.39 64.75 29.91
CA LEU KA 12 21.78 63.44 29.89
C LEU KA 12 21.28 63.09 28.48
N ARG KA 13 20.68 64.03 27.75
CA ARG KA 13 20.28 63.81 26.35
C ARG KA 13 21.46 63.27 25.55
N ASP KA 14 22.56 63.99 25.53
CA ASP KA 14 23.69 63.64 24.68
C ASP KA 14 24.41 62.36 25.16
N GLN KA 15 24.40 62.09 26.46
CA GLN KA 15 24.85 60.81 26.99
C GLN KA 15 23.99 59.65 26.46
N LEU KA 16 22.68 59.85 26.34
CA LEU KA 16 21.74 58.81 25.93
C LEU KA 16 21.70 58.59 24.41
N LEU KA 17 21.90 59.61 23.56
CA LEU KA 17 22.10 59.35 22.13
C LEU KA 17 23.34 58.50 21.87
N ASP KA 18 24.40 58.67 22.67
CA ASP KA 18 25.59 57.83 22.55
C ASP KA 18 25.26 56.37 22.85
N ALA KA 19 24.64 56.10 24.00
CA ALA KA 19 24.25 54.74 24.36
C ALA KA 19 23.33 54.12 23.30
N PHE KA 20 22.35 54.88 22.82
CA PHE KA 20 21.44 54.45 21.76
C PHE KA 20 22.18 54.06 20.49
N GLU KA 21 23.06 54.91 19.97
CA GLU KA 21 23.81 54.60 18.76
C GLU KA 21 24.77 53.43 18.95
N ASN KA 22 25.35 53.23 20.13
CA ASN KA 22 26.15 52.04 20.40
C ASN KA 22 25.30 50.76 20.26
N LYS KA 23 24.00 50.81 20.56
CA LYS KA 23 23.10 49.66 20.33
C LYS KA 23 22.82 49.47 18.85
N GLN KA 24 22.50 50.54 18.13
CA GLN KA 24 22.12 50.40 16.72
C GLN KA 24 23.14 49.62 15.91
N ASN KA 25 24.43 49.85 16.16
CA ASN KA 25 25.51 49.19 15.43
C ASN KA 25 25.49 47.66 15.58
N GLU KA 26 25.02 47.11 16.70
CA GLU KA 26 24.88 45.66 16.86
C GLU KA 26 23.50 45.11 16.46
N LEU KA 27 22.43 45.89 16.62
CA LEU KA 27 21.10 45.51 16.10
C LEU KA 27 21.11 45.27 14.60
N LYS KA 28 22.01 45.91 13.84
CA LYS KA 28 22.21 45.65 12.42
C LYS KA 28 22.31 44.16 12.12
N SER KA 29 23.01 43.39 12.95
CA SER KA 29 23.21 41.96 12.72
C SER KA 29 21.88 41.20 12.77
N SER KA 30 21.04 41.46 13.76
CA SER KA 30 19.75 40.78 13.90
C SER KA 30 18.79 41.15 12.78
N LYS KA 31 18.82 42.40 12.33
CA LYS KA 31 18.01 42.80 11.17
C LYS KA 31 18.42 42.04 9.92
N ALA KA 32 19.71 41.81 9.72
CA ALA KA 32 20.22 41.24 8.49
C ALA KA 32 19.71 39.82 8.21
N TYR KA 33 19.37 39.03 9.22
CA TYR KA 33 18.75 37.73 9.01
C TYR KA 33 17.26 37.86 8.65
N TYR KA 34 16.47 38.64 9.38
CA TYR KA 34 15.03 38.76 9.08
C TYR KA 34 14.78 39.44 7.74
N ASP KA 35 15.45 40.55 7.44
CA ASP KA 35 15.37 41.19 6.12
C ASP KA 35 16.06 40.37 5.01
N ALA KA 36 16.77 39.30 5.35
CA ALA KA 36 17.53 38.47 4.42
C ALA KA 36 18.48 39.29 3.54
N GLU KA 37 19.17 40.26 4.13
CA GLU KA 37 20.19 41.05 3.44
C GLU KA 37 21.43 40.21 3.10
N ARG KA 38 22.33 40.75 2.26
CA ARG KA 38 23.66 40.15 2.01
C ARG KA 38 24.44 40.02 3.30
N ARG KA 39 25.04 38.86 3.55
CA ARG KA 39 25.92 38.59 4.69
C ARG KA 39 27.22 37.98 4.20
N PRO KA 40 28.41 38.39 4.68
CA PRO KA 40 29.67 37.87 4.17
C PRO KA 40 29.76 36.34 4.25
N ASP KA 41 29.22 35.74 5.31
CA ASP KA 41 29.32 34.29 5.51
C ASP KA 41 28.32 33.48 4.68
N ALA KA 42 27.33 34.10 4.05
CA ALA KA 42 26.32 33.40 3.26
C ALA KA 42 26.78 33.03 1.85
N ILE KA 43 27.86 33.64 1.35
CA ILE KA 43 28.27 33.51 -0.05
C ILE KA 43 28.94 32.16 -0.30
N GLY KA 44 28.44 31.37 -1.25
CA GLY KA 44 28.94 30.03 -1.54
C GLY KA 44 30.27 30.07 -2.29
N LEU KA 45 31.31 29.42 -1.77
CA LEU KA 45 32.68 29.72 -2.18
C LEU KA 45 33.07 29.14 -3.54
N ALA KA 46 32.50 28.01 -3.96
CA ALA KA 46 32.89 27.35 -5.20
C ALA KA 46 32.52 28.14 -6.46
N VAL KA 47 31.64 29.13 -6.34
CA VAL KA 47 31.26 30.01 -7.45
C VAL KA 47 32.41 30.95 -7.78
N PRO KA 48 32.79 31.11 -9.06
CA PRO KA 48 33.87 32.02 -9.46
C PRO KA 48 33.51 33.49 -9.21
N LEU KA 49 34.52 34.32 -8.91
CA LEU KA 49 34.31 35.62 -8.27
C LEU KA 49 33.39 36.56 -9.05
N ASP KA 50 33.40 36.51 -10.37
CA ASP KA 50 32.54 37.32 -11.22
C ASP KA 50 31.08 36.82 -11.23
N MET KA 51 30.83 35.54 -10.97
CA MET KA 51 29.48 35.01 -10.80
C MET KA 51 28.97 35.13 -9.36
N ARG KA 52 29.82 35.34 -8.35
CA ARG KA 52 29.39 35.52 -6.95
C ARG KA 52 28.45 36.70 -6.71
N LYS KA 53 28.27 37.59 -7.67
CA LYS KA 53 27.31 38.71 -7.58
C LYS KA 53 25.87 38.22 -7.47
N TYR KA 54 25.55 37.04 -8.01
CA TYR KA 54 24.24 36.41 -7.83
C TYR KA 54 24.09 35.82 -6.43
N LEU KA 55 23.53 36.57 -5.49
CA LEU KA 55 23.19 36.06 -4.17
C LEU KA 55 22.06 35.04 -4.26
N ALA KA 56 21.88 34.25 -3.20
CA ALA KA 56 20.78 33.29 -3.06
C ALA KA 56 20.33 33.22 -1.60
N HIS KA 57 19.41 34.09 -1.22
CA HIS KA 57 18.90 34.23 0.15
C HIS KA 57 17.99 33.06 0.56
N VAL KA 58 17.81 32.86 1.86
CA VAL KA 58 17.09 31.72 2.46
C VAL KA 58 16.11 32.16 3.54
N GLY KA 59 14.95 31.50 3.61
CA GLY KA 59 13.82 31.95 4.41
C GLY KA 59 13.69 31.38 5.83
N TYR KA 60 14.59 30.53 6.31
CA TYR KA 60 14.44 29.94 7.64
C TYR KA 60 14.23 30.95 8.77
N PRO KA 61 15.01 32.02 8.94
CA PRO KA 61 14.92 32.83 10.14
C PRO KA 61 13.66 33.68 10.15
N ARG KA 62 13.20 34.18 8.99
CA ARG KA 62 11.91 34.86 8.93
C ARG KA 62 10.77 33.90 9.22
N THR KA 63 10.82 32.70 8.65
CA THR KA 63 9.76 31.71 8.84
C THR KA 63 9.56 31.41 10.31
N TYR KA 64 10.62 31.17 11.07
CA TYR KA 64 10.49 30.90 12.50
C TYR KA 64 9.92 32.09 13.25
N VAL KA 65 10.39 33.32 13.02
CA VAL KA 65 9.86 34.49 13.73
C VAL KA 65 8.41 34.80 13.34
N ASP KA 66 8.02 34.66 12.08
CA ASP KA 66 6.63 34.84 11.69
C ASP KA 66 5.72 33.79 12.34
N ALA KA 67 6.14 32.53 12.36
CA ALA KA 67 5.33 31.44 12.89
C ALA KA 67 5.01 31.61 14.38
N ILE KA 68 5.90 32.23 15.15
CA ILE KA 68 5.61 32.64 16.52
C ILE KA 68 4.67 33.83 16.50
N ALA KA 69 5.08 34.96 15.90
CA ALA KA 69 4.42 36.22 16.10
C ALA KA 69 3.00 36.27 15.54
N GLU KA 70 2.72 35.52 14.48
CA GLU KA 70 1.39 35.47 13.84
C GLU KA 70 0.43 34.51 14.56
N ARG KA 71 0.89 33.80 15.59
CA ARG KA 71 0.08 32.87 16.39
C ARG KA 71 -0.41 33.47 17.72
N GLN KA 72 0.07 34.65 18.10
CA GLN KA 72 -0.28 35.32 19.35
C GLN KA 72 -1.44 36.29 19.17
N GLU KA 73 -2.43 36.25 20.07
CA GLU KA 73 -3.41 37.34 20.21
C GLU KA 73 -3.82 37.49 21.67
N LEU KA 74 -3.74 38.71 22.19
CA LEU KA 74 -4.22 39.09 23.51
C LEU KA 74 -5.75 39.12 23.54
N GLU KA 75 -6.30 38.64 24.63
CA GLU KA 75 -7.72 38.70 25.00
C GLU KA 75 -7.91 39.67 26.18
N GLY KA 76 -9.16 39.91 26.60
CA GLY KA 76 -9.42 40.76 27.76
C GLY KA 76 -8.60 40.41 29.02
N PHE KA 77 -8.03 41.43 29.67
CA PHE KA 77 -7.42 41.28 30.99
C PHE KA 77 -8.45 40.77 31.99
N ARG KA 78 -8.05 39.95 32.97
CA ARG KA 78 -8.92 39.57 34.09
C ARG KA 78 -8.38 40.12 35.40
N ILE KA 79 -9.21 40.86 36.12
CA ILE KA 79 -8.89 41.40 37.45
C ILE KA 79 -9.65 40.55 38.47
N PRO KA 80 -9.01 40.01 39.51
CA PRO KA 80 -9.72 39.31 40.57
C PRO KA 80 -10.53 40.30 41.41
N SER KA 81 -11.42 39.81 42.28
CA SER KA 81 -12.19 40.66 43.18
C SER KA 81 -12.52 39.92 44.48
N ALA KA 82 -11.80 40.23 45.56
CA ALA KA 82 -12.01 39.64 46.87
C ALA KA 82 -13.41 39.97 47.40
N ASN KA 83 -14.13 39.00 47.97
CA ASN KA 83 -15.53 39.13 48.38
C ASN KA 83 -16.45 39.70 47.28
N GLY KA 84 -16.19 39.39 46.00
CA GLY KA 84 -16.86 40.01 44.86
C GLY KA 84 -18.38 39.85 44.88
N GLU KA 85 -19.11 40.97 44.76
CA GLU KA 85 -20.58 41.00 44.68
C GLU KA 85 -21.10 40.70 43.26
N GLU KA 86 -20.37 41.14 42.23
CA GLU KA 86 -20.63 40.82 40.81
C GLU KA 86 -19.34 40.34 40.13
N PRO KA 87 -18.77 39.19 40.55
CA PRO KA 87 -17.41 38.77 40.22
C PRO KA 87 -17.22 38.38 38.75
N GLU KA 88 -18.29 38.25 37.97
CA GLU KA 88 -18.21 38.04 36.52
C GLU KA 88 -17.58 39.23 35.78
N SER KA 89 -17.61 40.44 36.38
CA SER KA 89 -16.96 41.66 35.89
C SER KA 89 -17.43 42.20 34.52
N GLY KA 90 -18.61 41.80 34.06
CA GLY KA 90 -19.18 42.23 32.77
C GLY KA 90 -19.98 43.56 32.80
N GLY KA 91 -20.34 44.08 33.97
CA GLY KA 91 -21.14 45.29 34.13
C GLY KA 91 -20.35 46.58 33.89
N GLU KA 92 -21.06 47.68 33.63
CA GLU KA 92 -20.46 48.96 33.26
C GLU KA 92 -19.56 49.59 34.36
N ASN KA 93 -19.72 49.16 35.61
CA ASN KA 93 -18.89 49.58 36.73
C ASN KA 93 -17.59 48.77 36.90
N ASP KA 94 -17.40 47.67 36.16
CA ASP KA 94 -16.46 46.61 36.54
C ASP KA 94 -15.08 46.73 35.89
N PRO KA 95 -13.98 46.54 36.65
CA PRO KA 95 -12.68 47.08 36.30
C PRO KA 95 -12.04 46.41 35.10
N ALA KA 96 -12.32 45.12 34.87
CA ALA KA 96 -11.81 44.42 33.70
C ALA KA 96 -12.26 45.04 32.38
N SER KA 97 -13.37 45.78 32.37
CA SER KA 97 -13.84 46.46 31.16
C SER KA 97 -12.99 47.68 30.79
N GLU KA 98 -12.54 48.48 31.76
CA GLU KA 98 -11.90 49.76 31.45
C GLU KA 98 -10.60 49.55 30.68
N LEU KA 99 -9.83 48.53 31.06
CA LEU KA 99 -8.58 48.24 30.38
C LEU KA 99 -8.83 47.84 28.93
N TRP KA 100 -9.97 47.22 28.65
CA TRP KA 100 -10.31 46.87 27.28
C TRP KA 100 -10.81 48.06 26.48
N ASP KA 101 -11.51 49.01 27.09
CA ASP KA 101 -11.79 50.28 26.41
C ASP KA 101 -10.47 50.94 25.99
N TRP KA 102 -9.47 50.98 26.86
CA TRP KA 102 -8.18 51.58 26.55
C TRP KA 102 -7.43 50.79 25.47
N TRP KA 103 -7.47 49.47 25.52
CA TRP KA 103 -6.87 48.61 24.49
C TRP KA 103 -7.48 48.84 23.13
N GLN KA 104 -8.81 48.83 23.04
CA GLN KA 104 -9.52 49.07 21.81
C GLN KA 104 -9.30 50.47 21.28
N ALA KA 105 -9.42 51.50 22.11
CA ALA KA 105 -9.38 52.87 21.65
C ALA KA 105 -8.03 53.26 21.05
N ASN KA 106 -6.93 52.73 21.59
CA ASN KA 106 -5.59 52.91 21.04
C ASN KA 106 -5.31 52.03 19.80
N ASN KA 107 -6.21 51.13 19.42
CA ASN KA 107 -5.97 50.05 18.47
C ASN KA 107 -4.70 49.26 18.74
N LEU KA 108 -4.43 49.00 20.03
CA LEU KA 108 -3.36 48.10 20.42
C LEU KA 108 -3.58 46.68 19.89
N ASP KA 109 -4.80 46.31 19.52
CA ASP KA 109 -5.09 45.04 18.87
C ASP KA 109 -4.34 44.89 17.54
N ILE KA 110 -3.96 45.99 16.89
CA ILE KA 110 -3.04 46.03 15.76
C ILE KA 110 -1.62 46.30 16.25
N GLU KA 111 -1.38 47.41 16.95
CA GLU KA 111 0.00 47.82 17.24
C GLU KA 111 0.79 46.74 17.99
N ALA KA 112 0.17 46.04 18.93
CA ALA KA 112 0.85 44.99 19.68
C ALA KA 112 1.28 43.86 18.77
N THR KA 113 0.51 43.53 17.74
CA THR KA 113 0.86 42.40 16.86
C THR KA 113 2.15 42.66 16.11
N LEU KA 114 2.42 43.92 15.75
CA LEU KA 114 3.72 44.31 15.20
C LEU KA 114 4.75 44.36 16.31
N GLY KA 115 4.46 45.00 17.44
CA GLY KA 115 5.43 45.15 18.54
C GLY KA 115 5.95 43.83 19.09
N HIS KA 116 5.17 42.76 19.02
CA HIS KA 116 5.65 41.42 19.34
C HIS KA 116 6.64 40.87 18.32
N THR KA 117 6.53 41.21 17.04
CA THR KA 117 7.57 40.86 16.06
C THR KA 117 8.90 41.51 16.41
N ASP KA 118 8.94 42.81 16.65
CA ASP KA 118 10.18 43.50 17.00
C ASP KA 118 10.80 42.97 18.30
N ALA KA 119 9.98 42.67 19.31
CA ALA KA 119 10.46 42.06 20.53
C ALA KA 119 11.13 40.71 20.26
N LEU KA 120 10.74 39.97 19.22
CA LEU KA 120 11.41 38.72 18.84
C LEU KA 120 12.61 38.96 17.93
N ILE KA 121 12.55 39.82 16.92
CA ILE KA 121 13.69 40.06 16.03
C ILE KA 121 14.86 40.64 16.82
N TYR KA 122 14.63 41.72 17.58
CA TYR KA 122 15.67 42.47 18.26
C TYR KA 122 15.86 42.09 19.73
N GLY KA 123 14.91 41.37 20.31
CA GLY KA 123 14.92 41.00 21.72
C GLY KA 123 14.16 41.93 22.66
N THR KA 124 13.79 43.14 22.22
CA THR KA 124 13.04 44.10 23.03
C THR KA 124 12.13 44.97 22.18
N ALA KA 125 11.12 45.56 22.81
CA ALA KA 125 10.37 46.70 22.31
C ALA KA 125 9.87 47.48 23.53
N TYR KA 126 9.52 48.75 23.38
CA TYR KA 126 9.19 49.58 24.54
C TYR KA 126 7.75 50.09 24.46
N ILE KA 127 6.92 49.78 25.45
CA ILE KA 127 5.62 50.42 25.65
C ILE KA 127 5.86 51.81 26.18
N THR KA 128 5.14 52.82 25.69
CA THR KA 128 5.25 54.21 26.15
C THR KA 128 3.87 54.83 26.31
N ILE KA 129 3.66 55.63 27.36
CA ILE KA 129 2.33 56.08 27.80
C ILE KA 129 2.28 57.61 27.94
N SER KA 130 1.18 58.26 27.59
CA SER KA 130 0.93 59.67 27.89
C SER KA 130 -0.56 59.99 27.92
N MET KA 131 -1.01 61.04 28.60
CA MET KA 131 -2.28 61.67 28.21
C MET KA 131 -2.08 62.40 26.87
N PRO KA 132 -3.08 62.42 25.99
CA PRO KA 132 -2.93 63.05 24.69
C PRO KA 132 -3.04 64.58 24.82
N ASP KA 133 -2.13 65.31 24.20
CA ASP KA 133 -2.30 66.76 24.01
C ASP KA 133 -3.27 67.03 22.85
N PRO KA 134 -4.44 67.63 23.10
CA PRO KA 134 -5.39 67.93 22.03
C PRO KA 134 -4.86 69.02 21.10
N GLU KA 135 -3.81 69.73 21.51
CA GLU KA 135 -3.03 70.67 20.70
C GLU KA 135 -2.38 70.01 19.47
N VAL KA 136 -2.27 68.68 19.46
CA VAL KA 136 -1.70 67.88 18.37
C VAL KA 136 -2.77 67.35 17.41
N ASP KA 137 -4.06 67.54 17.70
CA ASP KA 137 -5.20 67.08 16.88
C ASP KA 137 -5.21 65.55 16.62
N PHE KA 138 -4.87 64.74 17.62
CA PHE KA 138 -4.86 63.29 17.48
C PHE KA 138 -6.22 62.68 17.06
N ASP KA 139 -6.17 61.57 16.32
CA ASP KA 139 -7.30 60.68 16.06
C ASP KA 139 -7.59 59.80 17.30
N VAL KA 140 -7.96 60.42 18.43
CA VAL KA 140 -8.28 59.71 19.69
C VAL KA 140 -9.34 60.43 20.51
N ASP KA 141 -10.16 59.69 21.25
CA ASP KA 141 -11.02 60.19 22.30
C ASP KA 141 -10.17 60.67 23.48
N PRO KA 142 -10.12 61.97 23.79
CA PRO KA 142 -9.00 62.55 24.54
C PRO KA 142 -8.97 62.21 26.03
N GLU KA 143 -9.98 61.54 26.58
CA GLU KA 143 -9.98 61.05 27.96
C GLU KA 143 -9.27 59.69 28.15
N VAL KA 144 -9.03 58.93 27.07
CA VAL KA 144 -8.26 57.69 27.10
C VAL KA 144 -6.75 57.96 27.18
N PRO KA 145 -5.95 57.20 27.96
CA PRO KA 145 -4.50 57.33 27.94
C PRO KA 145 -3.96 56.85 26.59
N LEU KA 146 -3.13 57.67 25.95
CA LEU KA 146 -2.46 57.38 24.69
C LEU KA 146 -1.30 56.43 24.95
N ILE KA 147 -1.43 55.19 24.52
CA ILE KA 147 -0.40 54.16 24.66
C ILE KA 147 0.15 53.79 23.28
N ARG KA 148 1.47 53.72 23.13
CA ARG KA 148 2.15 53.23 21.91
C ARG KA 148 3.20 52.20 22.27
N VAL KA 149 3.61 51.38 21.31
CA VAL KA 149 4.77 50.50 21.43
C VAL KA 149 5.76 50.86 20.34
N GLU KA 150 7.05 50.92 20.67
CA GLU KA 150 8.09 51.46 19.80
C GLU KA 150 9.29 50.52 19.68
N PRO KA 151 9.94 50.44 18.51
CA PRO KA 151 11.02 49.51 18.28
C PRO KA 151 12.30 49.99 18.94
N PRO KA 152 13.25 49.10 19.24
CA PRO KA 152 14.53 49.48 19.81
C PRO KA 152 15.44 50.22 18.81
N THR KA 153 15.03 50.35 17.55
CA THR KA 153 15.65 51.26 16.58
C THR KA 153 15.17 52.71 16.73
N ALA KA 154 14.34 53.02 17.72
CA ALA KA 154 13.78 54.36 17.92
C ALA KA 154 13.75 54.80 19.39
N LEU KA 155 13.72 53.87 20.34
CA LEU KA 155 13.65 54.18 21.78
C LEU KA 155 14.66 53.33 22.54
N TYR KA 156 15.38 53.94 23.47
CA TYR KA 156 16.35 53.26 24.33
C TYR KA 156 16.17 53.67 25.78
N ALA KA 157 16.39 52.76 26.72
CA ALA KA 157 16.01 52.92 28.12
C ALA KA 157 17.01 52.20 29.04
N GLU KA 158 17.70 52.92 29.90
CA GLU KA 158 18.70 52.32 30.78
C GLU KA 158 18.03 51.69 32.00
N VAL KA 159 18.01 50.35 32.08
CA VAL KA 159 17.44 49.62 33.22
C VAL KA 159 18.42 49.62 34.40
N ASP KA 160 17.92 49.86 35.61
CA ASP KA 160 18.66 49.65 36.85
C ASP KA 160 18.88 48.14 37.09
N PRO KA 161 20.12 47.66 37.17
CA PRO KA 161 20.38 46.27 37.48
C PRO KA 161 19.72 45.75 38.77
N ARG KA 162 19.56 46.57 39.82
CA ARG KA 162 19.01 46.08 41.10
C ARG KA 162 17.51 45.85 41.02
N THR KA 163 16.74 46.89 40.74
CA THR KA 163 15.27 46.83 40.77
C THR KA 163 14.63 46.30 39.50
N ARG KA 164 15.37 46.26 38.38
CA ARG KA 164 14.84 46.04 37.02
C ARG KA 164 13.86 47.12 36.54
N LYS KA 165 13.78 48.27 37.22
CA LYS KA 165 13.06 49.47 36.75
C LYS KA 165 13.88 50.21 35.70
N VAL KA 166 13.23 50.96 34.82
CA VAL KA 166 13.92 51.91 33.93
C VAL KA 166 14.30 53.18 34.71
N LEU KA 167 15.51 53.68 34.55
CA LEU KA 167 15.99 54.90 35.21
C LEU KA 167 15.58 56.18 34.46
N TYR KA 168 15.82 56.19 33.15
CA TYR KA 168 15.46 57.23 32.21
C TYR KA 168 15.55 56.64 30.79
N ALA KA 169 14.98 57.31 29.82
CA ALA KA 169 14.94 56.81 28.45
C ALA KA 169 14.91 57.94 27.43
N ILE KA 170 15.26 57.67 26.18
CA ILE KA 170 15.12 58.63 25.09
C ILE KA 170 14.49 57.98 23.86
N ARG KA 171 13.58 58.69 23.19
CA ARG KA 171 13.09 58.34 21.85
C ARG KA 171 13.69 59.30 20.84
N ALA KA 172 14.36 58.78 19.83
CA ALA KA 172 14.90 59.53 18.71
C ALA KA 172 14.02 59.33 17.46
N ILE KA 173 13.48 60.41 16.90
CA ILE KA 173 12.52 60.33 15.79
C ILE KA 173 13.22 60.24 14.42
N TYR KA 174 14.52 60.55 14.37
CA TYR KA 174 15.46 60.03 13.37
C TYR KA 174 15.20 60.38 11.89
N GLY KA 175 14.47 61.45 11.63
CA GLY KA 175 14.45 62.11 10.33
C GLY KA 175 13.65 61.41 9.24
N ALA KA 176 13.76 61.93 8.02
CA ALA KA 176 13.12 61.36 6.85
C ALA KA 176 13.94 60.16 6.32
N ASP KA 177 15.23 60.38 6.13
CA ASP KA 177 16.26 59.36 5.91
C ASP KA 177 17.63 60.03 6.00
N GLY KA 178 18.58 59.42 6.72
CA GLY KA 178 19.96 59.92 6.76
C GLY KA 178 20.62 60.12 8.13
N ASN KA 179 20.09 59.52 9.19
CA ASN KA 179 20.61 59.63 10.56
C ASN KA 179 20.56 61.06 11.16
N GLU KA 180 19.86 62.01 10.53
CA GLU KA 180 19.53 63.28 11.15
C GLU KA 180 18.49 63.09 12.26
N ILE KA 181 18.84 63.40 13.51
CA ILE KA 181 17.97 63.17 14.66
C ILE KA 181 16.96 64.31 14.76
N VAL KA 182 15.99 64.33 13.83
CA VAL KA 182 15.17 65.52 13.57
C VAL KA 182 14.37 66.00 14.77
N SER KA 183 14.07 65.14 15.74
CA SER KA 183 13.46 65.49 17.02
C SER KA 183 13.76 64.40 18.05
N ALA KA 184 13.74 64.73 19.34
CA ALA KA 184 13.99 63.75 20.40
C ALA KA 184 13.15 64.00 21.65
N THR KA 185 12.68 62.94 22.29
CA THR KA 185 11.86 62.97 23.51
C THR KA 185 12.61 62.29 24.66
N LEU KA 186 12.84 62.98 25.77
CA LEU KA 186 13.56 62.46 26.93
C LEU KA 186 12.58 62.20 28.07
N TYR KA 187 12.53 60.97 28.57
CA TYR KA 187 11.65 60.54 29.66
C TYR KA 187 12.43 60.46 30.95
N LEU KA 188 11.99 61.19 31.96
CA LEU KA 188 12.53 61.20 33.32
C LEU KA 188 11.38 60.93 34.30
N PRO KA 189 11.66 60.44 35.51
CA PRO KA 189 10.62 60.05 36.45
C PRO KA 189 9.48 61.06 36.59
N ASP KA 190 9.78 62.33 36.85
CA ASP KA 190 8.75 63.35 37.10
C ASP KA 190 8.27 64.11 35.86
N THR KA 191 8.97 64.02 34.73
CA THR KA 191 8.70 64.84 33.54
C THR KA 191 9.08 64.15 32.24
N THR KA 192 8.35 64.43 31.18
CA THR KA 192 8.78 64.12 29.81
C THR KA 192 9.09 65.40 29.07
N MET KA 193 10.23 65.49 28.38
CA MET KA 193 10.59 66.67 27.57
C MET KA 193 10.75 66.31 26.10
N THR KA 194 10.43 67.23 25.19
CA THR KA 194 10.79 67.11 23.77
C THR KA 194 11.70 68.24 23.35
N TRP KA 195 12.89 67.90 22.87
CA TRP KA 195 13.80 68.83 22.20
C TRP KA 195 13.27 69.05 20.79
N LEU KA 196 12.40 70.05 20.64
CA LEU KA 196 11.35 70.13 19.61
C LEU KA 196 11.79 69.67 18.22
N ARG KA 197 12.93 70.19 17.76
CA ARG KA 197 13.59 69.88 16.50
C ARG KA 197 15.10 69.86 16.71
N ALA KA 198 15.83 69.28 15.77
CA ALA KA 198 17.24 69.59 15.56
C ALA KA 198 17.42 70.31 14.21
N GLU KA 199 16.68 71.38 13.97
CA GLU KA 199 16.74 72.13 12.71
C GLU KA 199 17.98 73.04 12.67
N GLY KA 200 19.05 72.58 12.02
CA GLY KA 200 20.38 73.21 12.03
C GLY KA 200 21.10 73.08 13.38
N GLU KA 201 20.37 73.25 14.47
CA GLU KA 201 20.77 73.09 15.87
C GLU KA 201 19.57 72.61 16.70
N TRP KA 202 19.81 72.14 17.93
CA TRP KA 202 18.71 71.84 18.85
C TRP KA 202 17.88 73.09 19.16
N GLU KA 203 16.57 72.96 19.12
CA GLU KA 203 15.64 73.90 19.75
C GLU KA 203 15.74 73.85 21.29
N ALA KA 204 15.20 74.85 21.98
CA ALA KA 204 14.94 74.76 23.42
C ALA KA 204 13.89 73.66 23.73
N PRO KA 205 13.97 72.97 24.86
CA PRO KA 205 13.05 71.89 25.19
C PRO KA 205 11.68 72.45 25.58
N THR KA 206 10.63 71.67 25.35
CA THR KA 206 9.34 71.86 26.00
C THR KA 206 9.01 70.64 26.86
N SER KA 207 8.39 70.85 28.02
CA SER KA 207 8.32 69.87 29.09
C SER KA 207 6.89 69.68 29.60
N THR KA 208 6.52 68.43 29.88
CA THR KA 208 5.29 68.07 30.59
C THR KA 208 5.62 67.33 31.87
N PRO KA 209 5.23 67.82 33.06
CA PRO KA 209 5.34 67.05 34.28
C PRO KA 209 4.24 65.99 34.35
N HIS KA 210 4.48 64.90 35.07
CA HIS KA 210 3.46 63.88 35.33
C HIS KA 210 3.65 63.26 36.70
N GLY KA 211 2.55 62.90 37.35
CA GLY KA 211 2.51 62.55 38.78
C GLY KA 211 3.15 61.22 39.16
N LEU KA 212 3.55 60.40 38.19
CA LEU KA 212 4.20 59.12 38.45
C LEU KA 212 5.52 59.32 39.20
N GLU KA 213 5.86 58.40 40.10
CA GLU KA 213 7.23 58.26 40.61
C GLU KA 213 8.16 57.56 39.60
N MET KA 214 7.58 57.00 38.54
CA MET KA 214 8.20 56.07 37.59
C MET KA 214 8.11 56.64 36.17
N VAL KA 215 9.12 56.39 35.32
CA VAL KA 215 9.09 56.80 33.92
C VAL KA 215 7.96 56.11 33.15
N PRO KA 216 7.27 56.80 32.24
CA PRO KA 216 6.14 56.24 31.51
C PRO KA 216 6.56 55.36 30.33
N VAL KA 217 7.59 54.53 30.52
CA VAL KA 217 8.09 53.57 29.51
C VAL KA 217 8.35 52.22 30.15
N ILE KA 218 7.92 51.14 29.51
CA ILE KA 218 7.98 49.77 30.04
C ILE KA 218 8.51 48.82 28.97
N PRO KA 219 9.52 47.99 29.23
CA PRO KA 219 10.10 47.13 28.22
C PRO KA 219 9.30 45.83 28.05
N ILE KA 220 8.90 45.52 26.83
CA ILE KA 220 8.70 44.13 26.42
C ILE KA 220 10.09 43.54 26.22
N SER KA 221 10.42 42.42 26.84
CA SER KA 221 11.74 41.81 26.69
C SER KA 221 11.63 40.32 26.46
N ASN KA 222 12.34 39.79 25.47
CA ASN KA 222 12.34 38.37 25.13
C ASN KA 222 13.25 37.58 26.08
N ARG KA 223 12.92 37.54 27.38
CA ARG KA 223 13.74 36.93 28.43
C ARG KA 223 13.87 35.42 28.21
N THR KA 224 15.01 34.95 27.72
CA THR KA 224 15.24 33.52 27.45
C THR KA 224 15.43 32.70 28.72
N ARG KA 225 16.15 33.24 29.71
CA ARG KA 225 16.53 32.59 30.97
C ARG KA 225 16.74 33.66 32.03
N LEU KA 226 16.69 33.30 33.30
CA LEU KA 226 16.72 34.27 34.40
C LEU KA 226 18.04 35.04 34.46
N SER KA 227 19.16 34.38 34.16
CA SER KA 227 20.49 34.98 34.05
C SER KA 227 20.67 35.99 32.91
N ASP KA 228 19.67 36.16 32.03
CA ASP KA 228 19.61 37.25 31.07
C ASP KA 228 18.70 38.36 31.63
N LEU KA 229 19.19 39.60 31.69
CA LEU KA 229 18.46 40.75 32.22
C LEU KA 229 18.14 41.85 31.20
N TYR KA 230 18.26 41.58 29.90
CA TYR KA 230 17.88 42.53 28.85
C TYR KA 230 17.05 41.94 27.70
N GLY KA 231 17.14 40.64 27.45
CA GLY KA 231 16.43 39.97 26.36
C GLY KA 231 17.24 39.92 25.08
N THR KA 232 17.05 38.85 24.31
CA THR KA 232 17.89 38.47 23.17
C THR KA 232 17.05 38.29 21.92
N SER KA 233 17.66 38.42 20.74
CA SER KA 233 17.00 38.04 19.49
C SER KA 233 16.51 36.60 19.54
N GLU KA 234 15.35 36.34 18.98
CA GLU KA 234 14.80 35.00 18.84
C GLU KA 234 15.45 34.21 17.70
N ILE KA 235 16.06 34.89 16.73
CA ILE KA 235 16.82 34.24 15.65
C ILE KA 235 18.15 33.75 16.24
N SER KA 236 18.11 32.62 16.94
CA SER KA 236 19.18 32.16 17.81
C SER KA 236 20.44 31.74 17.06
N PRO KA 237 21.62 31.71 17.70
CA PRO KA 237 22.89 31.43 17.01
C PRO KA 237 22.90 30.17 16.16
N GLU KA 238 22.27 29.08 16.60
CA GLU KA 238 22.20 27.86 15.81
C GLU KA 238 21.45 28.09 14.53
N LEU KA 239 20.29 28.76 14.63
CA LEU KA 239 19.44 29.06 13.50
C LEU KA 239 20.07 30.08 12.57
N ARG KA 240 20.90 31.00 13.07
CA ARG KA 240 21.74 31.83 12.21
C ARG KA 240 22.71 30.94 11.43
N SER KA 241 23.45 30.07 12.10
CA SER KA 241 24.46 29.26 11.44
C SER KA 241 23.85 28.30 10.41
N VAL KA 242 22.72 27.64 10.70
CA VAL KA 242 22.10 26.73 9.73
C VAL KA 242 21.49 27.48 8.56
N THR KA 243 21.09 28.72 8.75
CA THR KA 243 20.67 29.58 7.64
C THR KA 243 21.86 29.89 6.75
N ASP KA 244 22.97 30.36 7.33
CA ASP KA 244 24.15 30.69 6.54
C ASP KA 244 24.78 29.46 5.89
N ALA KA 245 24.69 28.30 6.52
CA ALA KA 245 25.09 27.04 5.89
C ALA KA 245 24.26 26.77 4.64
N ALA KA 246 22.93 26.80 4.73
CA ALA KA 246 22.08 26.50 3.61
C ALA KA 246 22.20 27.51 2.47
N ALA KA 247 22.47 28.78 2.76
CA ALA KA 247 22.70 29.79 1.73
C ALA KA 247 23.88 29.43 0.83
N GLN KA 248 25.00 28.99 1.41
CA GLN KA 248 26.15 28.57 0.61
C GLN KA 248 25.81 27.34 -0.24
N ILE KA 249 25.13 26.33 0.31
CA ILE KA 249 24.81 25.12 -0.45
C ILE KA 249 23.92 25.48 -1.62
N LEU KA 250 22.88 26.29 -1.40
CA LEU KA 250 21.99 26.74 -2.45
C LEU KA 250 22.76 27.48 -3.54
N MET KA 251 23.69 28.36 -3.16
CA MET KA 251 24.50 29.09 -4.13
C MET KA 251 25.47 28.20 -4.91
N ASN KA 252 26.15 27.25 -4.27
CA ASN KA 252 27.01 26.31 -4.98
C ASN KA 252 26.19 25.43 -5.92
N MET KA 253 25.01 24.95 -5.51
CA MET KA 253 24.16 24.16 -6.39
C MET KA 253 23.74 24.97 -7.62
N GLN KA 254 23.40 26.24 -7.42
CA GLN KA 254 23.06 27.13 -8.51
C GLN KA 254 24.23 27.35 -9.47
N GLY KA 255 25.41 27.68 -8.94
CA GLY KA 255 26.60 27.87 -9.76
C GLY KA 255 26.94 26.63 -10.56
N THR KA 256 26.81 25.44 -9.95
CA THR KA 256 27.04 24.17 -10.64
C THR KA 256 26.15 24.06 -11.86
N ALA KA 257 24.87 24.41 -11.73
CA ALA KA 257 23.96 24.29 -12.85
C ALA KA 257 24.31 25.23 -14.01
N ASN KA 258 24.79 26.44 -13.74
CA ASN KA 258 25.22 27.35 -14.81
C ASN KA 258 26.53 26.95 -15.49
N LEU KA 259 27.40 26.16 -14.85
CA LEU KA 259 28.76 25.91 -15.34
C LEU KA 259 29.05 24.45 -15.71
N MET KA 260 28.34 23.49 -15.12
CA MET KA 260 28.92 22.16 -14.94
C MET KA 260 27.93 20.99 -14.90
N ALA KA 261 26.63 21.23 -14.98
CA ALA KA 261 25.63 20.17 -15.17
C ALA KA 261 25.63 19.61 -16.60
N ILE KA 262 26.39 20.21 -17.51
CA ILE KA 262 26.63 19.75 -18.87
C ILE KA 262 27.97 19.02 -18.93
N PRO KA 263 28.05 17.83 -19.53
CA PRO KA 263 29.34 17.20 -19.82
C PRO KA 263 30.00 17.94 -20.99
N GLN KA 264 31.23 18.42 -20.87
CA GLN KA 264 31.94 19.06 -22.00
C GLN KA 264 32.49 18.01 -22.95
N ARG KA 265 32.23 18.17 -24.25
CA ARG KA 265 32.76 17.32 -25.32
C ARG KA 265 34.20 17.70 -25.69
N LEU KA 266 35.09 16.74 -25.79
CA LEU KA 266 36.50 16.93 -26.12
C LEU KA 266 36.89 16.06 -27.32
N ILE KA 267 37.82 16.50 -28.16
CA ILE KA 267 38.50 15.67 -29.17
C ILE KA 267 40.00 15.77 -28.97
N PHE KA 268 40.69 14.64 -28.86
CA PHE KA 268 42.14 14.58 -28.78
C PHE KA 268 42.73 13.97 -30.04
N GLY KA 269 43.84 14.55 -30.52
CA GLY KA 269 44.58 14.01 -31.67
C GLY KA 269 44.23 14.67 -32.99
N ALA KA 270 43.83 15.94 -32.99
CA ALA KA 270 43.64 16.68 -34.24
C ALA KA 270 44.21 18.09 -34.13
N LYS KA 271 45.01 18.53 -35.11
CA LYS KA 271 45.42 19.93 -35.22
C LYS KA 271 44.23 20.75 -35.77
N PRO KA 272 43.92 21.94 -35.25
CA PRO KA 272 42.73 22.68 -35.63
C PRO KA 272 42.54 22.88 -37.14
N GLU KA 273 43.60 23.13 -37.89
CA GLU KA 273 43.54 23.33 -39.34
C GLU KA 273 43.20 22.03 -40.10
N GLU KA 274 43.48 20.87 -39.51
CA GLU KA 274 43.05 19.57 -40.03
C GLU KA 274 41.51 19.42 -39.91
N LEU KA 275 40.93 20.03 -38.87
CA LEU KA 275 39.49 20.15 -38.68
C LEU KA 275 38.88 21.31 -39.48
N GLY KA 276 39.69 22.10 -40.16
CA GLY KA 276 39.24 23.32 -40.83
C GLY KA 276 38.76 24.42 -39.88
N ILE KA 277 39.22 24.42 -38.63
CA ILE KA 277 38.98 25.52 -37.69
C ILE KA 277 39.67 26.78 -38.21
N ASN KA 278 38.96 27.90 -38.24
CA ASN KA 278 39.49 29.18 -38.70
C ASN KA 278 40.56 29.69 -37.72
N ALA KA 279 41.83 29.63 -38.10
CA ALA KA 279 42.95 29.89 -37.19
C ALA KA 279 42.98 31.33 -36.67
N GLU KA 280 42.41 32.26 -37.44
CA GLU KA 280 42.33 33.68 -37.09
C GLU KA 280 41.30 33.99 -35.99
N THR KA 281 40.32 33.10 -35.77
CA THR KA 281 39.21 33.33 -34.82
C THR KA 281 38.99 32.19 -33.82
N GLY KA 282 39.61 31.03 -34.01
CA GLY KA 282 39.65 29.95 -33.03
C GLY KA 282 38.39 29.09 -32.93
N GLN KA 283 37.45 29.18 -33.88
CA GLN KA 283 36.27 28.30 -33.95
C GLN KA 283 35.76 28.15 -35.37
N ARG KA 284 34.98 27.10 -35.64
CA ARG KA 284 34.16 26.98 -36.84
C ARG KA 284 32.73 26.62 -36.50
N MET KA 285 31.78 27.08 -37.30
CA MET KA 285 30.38 26.71 -37.15
C MET KA 285 30.17 25.23 -37.50
N PHE KA 286 29.10 24.68 -36.94
CA PHE KA 286 28.67 23.29 -37.04
C PHE KA 286 27.16 23.30 -37.33
N ASP KA 287 26.66 22.43 -38.21
CA ASP KA 287 25.21 22.25 -38.33
C ASP KA 287 24.74 21.24 -37.28
N ALA KA 288 24.03 21.70 -36.28
CA ALA KA 288 23.71 20.89 -35.09
C ALA KA 288 22.49 19.97 -35.22
N TYR KA 289 21.81 19.93 -36.37
CA TYR KA 289 20.55 19.19 -36.51
C TYR KA 289 20.69 17.70 -36.18
N MET KA 290 19.67 17.11 -35.58
CA MET KA 290 19.85 15.97 -34.68
C MET KA 290 20.49 14.71 -35.27
N ALA KA 291 20.18 14.34 -36.51
CA ALA KA 291 20.64 13.08 -37.07
C ALA KA 291 22.08 13.10 -37.61
N ARG KA 292 22.66 14.28 -37.84
CA ARG KA 292 23.87 14.43 -38.66
C ARG KA 292 25.08 13.75 -38.01
N ILE KA 293 25.87 13.03 -38.80
CA ILE KA 293 27.05 12.28 -38.36
C ILE KA 293 28.32 13.04 -38.77
N LEU KA 294 29.25 13.27 -37.85
CA LEU KA 294 30.48 14.01 -38.15
C LEU KA 294 31.60 13.05 -38.53
N ALA KA 295 32.13 13.19 -39.75
CA ALA KA 295 33.30 12.44 -40.19
C ALA KA 295 34.57 13.26 -39.94
N PHE KA 296 35.46 12.75 -39.11
CA PHE KA 296 36.79 13.32 -38.89
C PHE KA 296 37.85 12.47 -39.54
N GLU KA 297 38.75 13.09 -40.29
CA GLU KA 297 39.86 12.39 -40.93
C GLU KA 297 40.71 11.65 -39.90
N GLY KA 298 40.90 12.24 -38.71
CA GLY KA 298 41.27 11.53 -37.49
C GLY KA 298 42.62 10.82 -37.47
N GLY KA 299 43.54 11.19 -38.36
CA GLY KA 299 44.85 10.55 -38.49
C GLY KA 299 45.66 10.53 -37.20
N GLU KA 300 46.59 9.56 -37.10
CA GLU KA 300 47.43 9.35 -35.92
C GLU KA 300 46.64 9.04 -34.64
N GLY KA 301 45.48 8.37 -34.78
CA GLY KA 301 44.74 7.79 -33.67
C GLY KA 301 43.88 8.77 -32.88
N ALA KA 302 43.23 9.73 -33.54
CA ALA KA 302 42.31 10.66 -32.89
C ALA KA 302 41.15 9.92 -32.18
N HIS KA 303 40.59 10.52 -31.13
CA HIS KA 303 39.42 9.97 -30.43
C HIS KA 303 38.67 11.05 -29.67
N ALA KA 304 37.43 10.75 -29.30
CA ALA KA 304 36.54 11.64 -28.58
C ALA KA 304 36.43 11.29 -27.09
N GLU KA 305 36.33 12.28 -26.23
CA GLU KA 305 36.19 12.11 -24.78
C GLU KA 305 35.20 13.12 -24.21
N GLN KA 306 34.74 12.90 -22.98
CA GLN KA 306 33.91 13.87 -22.26
C GLN KA 306 34.40 14.03 -20.83
N PHE KA 307 34.45 15.25 -20.34
CA PHE KA 307 34.39 15.43 -18.90
C PHE KA 307 32.97 15.15 -18.44
N SER KA 308 32.82 14.49 -17.30
CA SER KA 308 31.50 14.12 -16.79
C SER KA 308 30.71 15.34 -16.32
N ALA KA 309 29.38 15.25 -16.35
CA ALA KA 309 28.52 16.24 -15.73
C ALA KA 309 28.59 16.14 -14.20
N ALA KA 310 28.58 17.27 -13.50
CA ALA KA 310 28.36 17.25 -12.07
C ALA KA 310 26.94 16.77 -11.76
N GLU KA 311 26.77 15.87 -10.79
CA GLU KA 311 25.46 15.37 -10.37
C GLU KA 311 24.80 16.33 -9.37
N LEU KA 312 23.82 17.13 -9.77
CA LEU KA 312 23.22 18.12 -8.88
C LEU KA 312 22.55 17.47 -7.66
N ARG KA 313 22.09 16.23 -7.79
CA ARG KA 313 21.55 15.43 -6.70
C ARG KA 313 22.53 15.30 -5.53
N ASN KA 314 23.83 15.40 -5.75
CA ASN KA 314 24.81 15.39 -4.67
C ASN KA 314 24.67 16.58 -3.73
N PHE KA 315 24.11 17.71 -4.18
CA PHE KA 315 23.73 18.83 -3.31
C PHE KA 315 22.34 18.64 -2.71
N VAL KA 316 21.38 18.11 -3.45
CA VAL KA 316 20.03 17.88 -2.90
C VAL KA 316 20.07 16.89 -1.74
N ASP KA 317 20.98 15.91 -1.76
CA ASP KA 317 21.25 15.04 -0.62
C ASP KA 317 21.71 15.79 0.64
N ALA KA 318 22.33 16.97 0.50
CA ALA KA 318 22.74 17.81 1.61
C ALA KA 318 21.68 18.84 2.00
N LEU KA 319 21.02 19.50 1.03
CA LEU KA 319 19.98 20.48 1.32
C LEU KA 319 18.88 19.90 2.21
N ASP KA 320 18.49 18.65 2.01
CA ASP KA 320 17.51 18.01 2.88
C ASP KA 320 18.00 17.92 4.33
N ALA KA 321 19.28 17.70 4.56
CA ALA KA 321 19.82 17.68 5.92
C ALA KA 321 19.82 19.07 6.58
N LEU KA 322 20.14 20.13 5.85
CA LEU KA 322 20.02 21.48 6.41
C LEU KA 322 18.55 21.84 6.71
N ASP KA 323 17.60 21.49 5.83
CA ASP KA 323 16.17 21.67 6.13
C ASP KA 323 15.75 20.88 7.37
N ARG KA 324 16.17 19.62 7.48
CA ARG KA 324 15.87 18.74 8.62
C ARG KA 324 16.43 19.27 9.91
N LYS KA 325 17.61 19.87 9.91
CA LYS KA 325 18.16 20.56 11.10
C LYS KA 325 17.42 21.85 11.40
N ALA KA 326 17.09 22.68 10.42
CA ALA KA 326 16.35 23.90 10.69
C ALA KA 326 15.00 23.61 11.35
N ALA KA 327 14.29 22.56 10.94
CA ALA KA 327 13.08 22.11 11.64
C ALA KA 327 13.41 21.72 13.09
N SER KA 328 14.37 20.84 13.30
CA SER KA 328 14.67 20.36 14.64
C SER KA 328 15.17 21.45 15.61
N TYR KA 329 15.93 22.45 15.14
CA TYR KA 329 16.37 23.56 16.00
C TYR KA 329 15.21 24.48 16.37
N SER KA 330 14.40 24.88 15.39
CA SER KA 330 13.33 25.87 15.59
C SER KA 330 12.08 25.32 16.24
N GLY KA 331 11.80 24.03 16.09
CA GLY KA 331 10.61 23.39 16.63
C GLY KA 331 9.35 23.60 15.80
N LEU KA 332 9.45 24.18 14.61
CA LEU KA 332 8.32 24.27 13.69
C LEU KA 332 7.78 22.87 13.33
N PRO KA 333 6.49 22.75 12.98
CA PRO KA 333 5.96 21.52 12.41
C PRO KA 333 6.76 21.09 11.18
N PRO KA 334 6.98 19.80 10.94
CA PRO KA 334 7.89 19.35 9.90
C PRO KA 334 7.43 19.69 8.49
N GLN KA 335 6.15 19.93 8.26
CA GLN KA 335 5.64 20.42 6.98
C GLN KA 335 5.86 21.93 6.74
N TYR KA 336 6.45 22.68 7.68
CA TYR KA 336 6.84 24.08 7.43
C TYR KA 336 8.20 24.19 6.72
N LEU KA 337 9.12 23.26 6.95
CA LEU KA 337 10.38 23.18 6.21
C LEU KA 337 10.27 22.20 5.05
N SER KA 338 10.25 20.90 5.35
CA SER KA 338 10.41 19.84 4.35
C SER KA 338 9.43 19.92 3.19
N SER KA 339 8.21 20.41 3.42
CA SER KA 339 7.15 20.51 2.41
C SER KA 339 6.83 19.17 1.70
N SER KA 340 7.13 18.05 2.36
CA SER KA 340 7.10 16.68 1.84
C SER KA 340 6.74 15.63 2.89
N SER KA 341 7.08 15.89 4.15
CA SER KA 341 6.77 15.00 5.29
C SER KA 341 5.27 14.82 5.46
N ASP KA 342 4.88 13.70 6.08
CA ASP KA 342 3.49 13.27 6.25
C ASP KA 342 2.56 14.41 6.73
N ASN KA 343 1.58 14.79 5.91
CA ASN KA 343 0.60 15.80 6.31
C ASN KA 343 -0.33 15.22 7.39
N PRO KA 344 -0.49 15.86 8.57
CA PRO KA 344 -1.31 15.34 9.66
C PRO KA 344 -2.75 15.01 9.25
N ALA KA 345 -3.11 13.72 9.27
CA ALA KA 345 -4.37 13.22 8.74
C ALA KA 345 -5.60 13.42 9.66
N SER KA 346 -5.40 13.77 10.92
CA SER KA 346 -6.43 13.73 11.96
C SER KA 346 -6.27 14.83 13.01
N ALA KA 347 -7.30 15.08 13.82
CA ALA KA 347 -7.21 16.04 14.91
C ALA KA 347 -6.12 15.70 15.92
N GLU KA 348 -5.91 14.41 16.23
CA GLU KA 348 -4.81 13.99 17.09
C GLU KA 348 -3.47 14.29 16.44
N ALA KA 349 -3.30 13.95 15.16
CA ALA KA 349 -2.03 14.15 14.47
C ALA KA 349 -1.66 15.64 14.39
N ILE KA 350 -2.64 16.53 14.18
CA ILE KA 350 -2.42 17.97 14.22
C ILE KA 350 -1.99 18.38 15.62
N LYS KA 351 -2.71 17.94 16.66
CA LYS KA 351 -2.41 18.30 18.06
C LYS KA 351 -0.99 17.89 18.42
N ALA KA 352 -0.52 16.75 17.92
CA ALA KA 352 0.84 16.28 18.11
C ALA KA 352 1.86 17.13 17.35
N ALA KA 353 1.70 17.33 16.04
CA ALA KA 353 2.72 17.99 15.21
C ALA KA 353 2.93 19.45 15.61
N GLU KA 354 1.87 20.16 15.96
CA GLU KA 354 1.96 21.55 16.43
C GLU KA 354 2.58 21.67 17.82
N SER KA 355 2.69 20.59 18.61
CA SER KA 355 2.84 20.67 20.07
C SER KA 355 4.01 21.50 20.55
N ARG KA 356 5.19 21.39 19.94
CA ARG KA 356 6.34 22.20 20.35
C ARG KA 356 6.17 23.67 19.98
N LEU KA 357 5.63 23.97 18.80
CA LEU KA 357 5.31 25.34 18.42
C LEU KA 357 4.26 25.94 19.35
N VAL KA 358 3.21 25.18 19.69
CA VAL KA 358 2.19 25.63 20.64
C VAL KA 358 2.79 25.94 22.00
N LYS KA 359 3.55 25.03 22.60
CA LYS KA 359 4.15 25.30 23.91
C LYS KA 359 5.12 26.46 23.87
N LYS KA 360 5.90 26.63 22.80
CA LYS KA 360 6.77 27.81 22.64
C LYS KA 360 5.96 29.08 22.61
N VAL KA 361 4.94 29.17 21.77
CA VAL KA 361 4.08 30.36 21.69
C VAL KA 361 3.40 30.63 23.02
N GLU KA 362 2.94 29.60 23.71
CA GLU KA 362 2.30 29.77 25.02
C GLU KA 362 3.28 30.33 26.04
N ARG KA 363 4.54 29.86 26.07
CA ARG KA 363 5.55 30.47 26.92
C ARG KA 363 5.79 31.93 26.54
N LYS KA 364 5.92 32.29 25.26
CA LYS KA 364 6.09 33.70 24.87
C LYS KA 364 4.94 34.56 25.36
N ASN KA 365 3.70 34.10 25.25
CA ASN KA 365 2.54 34.81 25.79
C ASN KA 365 2.73 35.06 27.28
N LYS KA 366 3.21 34.07 28.03
CA LYS KA 366 3.44 34.23 29.47
C LYS KA 366 4.47 35.32 29.75
N ILE KA 367 5.52 35.45 28.92
CA ILE KA 367 6.57 36.46 29.12
C ILE KA 367 6.12 37.85 28.71
N PHE KA 368 5.45 38.01 27.56
CA PHE KA 368 5.00 39.32 27.09
C PHE KA 368 3.78 39.83 27.86
N GLY KA 369 2.96 38.94 28.42
CA GLY KA 369 1.83 39.33 29.28
C GLY KA 369 2.31 40.22 30.42
N GLY KA 370 3.42 39.85 31.07
CA GLY KA 370 4.02 40.64 32.12
C GLY KA 370 4.37 42.08 31.74
N ALA KA 371 4.61 42.38 30.46
CA ALA KA 371 4.87 43.75 30.03
C ALA KA 371 3.57 44.55 29.89
N TRP KA 372 2.53 44.02 29.24
CA TRP KA 372 1.26 44.74 29.13
C TRP KA 372 0.57 44.87 30.47
N GLU KA 373 0.63 43.83 31.29
CA GLU KA 373 0.11 43.84 32.64
C GLU KA 373 0.71 45.01 33.46
N GLN KA 374 2.03 45.14 33.41
CA GLN KA 374 2.76 46.25 34.01
C GLN KA 374 2.33 47.59 33.41
N ALA KA 375 2.24 47.69 32.09
CA ALA KA 375 1.86 48.92 31.42
C ALA KA 375 0.46 49.38 31.81
N MET KA 376 -0.52 48.47 31.91
CA MET KA 376 -1.87 48.86 32.31
C MET KA 376 -1.90 49.38 33.74
N ARG KA 377 -1.21 48.73 34.68
CA ARG KA 377 -1.06 49.28 36.04
C ARG KA 377 -0.51 50.68 35.99
N LEU KA 378 0.53 50.94 35.21
CA LEU KA 378 1.12 52.28 35.14
C LEU KA 378 0.15 53.28 34.50
N ALA KA 379 -0.60 52.89 33.47
CA ALA KA 379 -1.61 53.74 32.85
C ALA KA 379 -2.74 54.11 33.80
N TYR KA 380 -3.12 53.21 34.72
CA TYR KA 380 -4.13 53.54 35.71
C TYR KA 380 -3.70 54.73 36.58
N LYS KA 381 -2.47 54.75 37.09
CA LYS KA 381 -1.97 55.90 37.87
C LYS KA 381 -1.93 57.18 37.06
N MET KA 382 -1.85 57.11 35.74
CA MET KA 382 -1.92 58.30 34.91
C MET KA 382 -3.34 58.84 34.80
N VAL KA 383 -4.33 58.00 34.55
CA VAL KA 383 -5.72 58.43 34.32
C VAL KA 383 -6.44 58.75 35.63
N LYS KA 384 -6.37 57.85 36.60
CA LYS KA 384 -7.10 57.94 37.87
C LYS KA 384 -6.10 58.11 39.01
N GLY KA 385 -5.47 59.28 39.04
CA GLY KA 385 -4.32 59.58 39.90
C GLY KA 385 -4.49 59.17 41.35
N GLY KA 386 -3.45 58.59 41.93
CA GLY KA 386 -3.44 58.01 43.28
C GLY KA 386 -2.57 56.75 43.34
N ASP KA 387 -2.62 56.02 44.45
CA ASP KA 387 -2.14 54.63 44.48
C ASP KA 387 -3.15 53.70 43.78
N ILE KA 388 -2.63 52.62 43.20
CA ILE KA 388 -3.43 51.67 42.44
C ILE KA 388 -4.29 50.86 43.42
N PRO KA 389 -5.58 50.60 43.16
CA PRO KA 389 -6.37 49.70 43.97
C PRO KA 389 -5.71 48.33 44.09
N THR KA 390 -5.81 47.72 45.27
CA THR KA 390 -5.03 46.54 45.64
C THR KA 390 -5.20 45.36 44.69
N GLU KA 391 -6.31 45.26 43.96
CA GLU KA 391 -6.59 44.12 43.08
C GLU KA 391 -5.71 44.09 41.82
N TYR KA 392 -5.29 45.24 41.28
CA TYR KA 392 -4.60 45.25 40.00
C TYR KA 392 -3.19 44.64 40.09
N TYR KA 393 -2.57 44.56 41.27
CA TYR KA 393 -1.30 43.86 41.43
C TYR KA 393 -1.41 42.35 41.15
N ARG KA 394 -2.62 41.79 41.14
CA ARG KA 394 -2.88 40.37 40.87
C ARG KA 394 -3.48 40.08 39.50
N MET KA 395 -3.65 41.08 38.63
CA MET KA 395 -4.32 40.88 37.34
C MET KA 395 -3.58 39.89 36.44
N GLU KA 396 -4.30 39.23 35.54
CA GLU KA 396 -3.72 38.38 34.51
C GLU KA 396 -4.13 38.86 33.12
N THR KA 397 -3.24 38.77 32.14
CA THR KA 397 -3.63 38.79 30.73
C THR KA 397 -4.30 37.48 30.34
N VAL KA 398 -5.15 37.48 29.33
CA VAL KA 398 -5.66 36.24 28.71
C VAL KA 398 -5.21 36.21 27.24
N TRP KA 399 -5.09 35.04 26.65
CA TRP KA 399 -4.58 34.89 25.28
C TRP KA 399 -5.36 33.82 24.54
N ARG KA 400 -5.51 33.94 23.23
CA ARG KA 400 -6.11 32.87 22.41
C ARG KA 400 -5.26 31.61 22.56
N ASP KA 401 -5.85 30.42 22.55
CA ASP KA 401 -5.06 29.19 22.54
C ASP KA 401 -4.25 29.11 21.23
N PRO KA 402 -2.92 28.90 21.25
CA PRO KA 402 -2.10 28.92 20.04
C PRO KA 402 -2.33 27.79 19.03
N SER KA 403 -3.03 26.71 19.38
CA SER KA 403 -3.23 25.60 18.44
C SER KA 403 -4.23 25.99 17.35
N THR KA 404 -4.21 25.27 16.22
CA THR KA 404 -5.14 25.53 15.13
C THR KA 404 -6.59 25.26 15.56
N PRO KA 405 -7.58 26.00 15.04
CA PRO KA 405 -8.96 25.94 15.53
C PRO KA 405 -9.68 24.69 15.01
N THR KA 406 -9.47 23.54 15.65
CA THR KA 406 -10.11 22.25 15.36
C THR KA 406 -11.55 22.21 15.86
N TYR KA 407 -12.43 23.02 15.29
CA TYR KA 407 -13.75 23.29 15.84
C TYR KA 407 -14.64 22.05 15.98
N ALA KA 408 -14.77 21.25 14.93
CA ALA KA 408 -15.73 20.16 14.92
C ALA KA 408 -15.43 19.09 15.98
N ALA KA 409 -14.17 18.88 16.34
CA ALA KA 409 -13.79 17.99 17.43
C ALA KA 409 -14.22 18.52 18.80
N LYS KA 410 -13.98 19.81 19.08
CA LYS KA 410 -14.42 20.45 20.31
C LYS KA 410 -15.94 20.46 20.42
N ALA KA 411 -16.64 20.78 19.34
CA ALA KA 411 -18.09 20.93 19.34
C ALA KA 411 -18.85 19.66 19.75
N ASP KA 412 -18.39 18.48 19.31
CA ASP KA 412 -18.95 17.21 19.78
C ASP KA 412 -18.62 16.99 21.26
N ALA KA 413 -17.36 17.16 21.63
CA ALA KA 413 -16.90 16.97 23.00
C ALA KA 413 -17.66 17.83 24.02
N ALA KA 414 -17.87 19.10 23.74
CA ALA KA 414 -18.60 19.97 24.67
C ALA KA 414 -20.07 19.58 24.81
N ALA KA 415 -20.75 19.22 23.72
CA ALA KA 415 -22.12 18.74 23.82
C ALA KA 415 -22.22 17.51 24.72
N LYS KA 416 -21.31 16.55 24.56
CA LYS KA 416 -21.30 15.33 25.36
C LYS KA 416 -21.05 15.58 26.84
N LEU KA 417 -20.23 16.58 27.19
CA LEU KA 417 -20.05 16.98 28.59
C LEU KA 417 -21.28 17.67 29.15
N PHE KA 418 -21.85 18.62 28.42
CA PHE KA 418 -22.94 19.44 28.94
C PHE KA 418 -24.27 18.70 29.02
N ALA KA 419 -24.52 17.75 28.11
CA ALA KA 419 -25.70 16.88 28.10
C ALA KA 419 -27.02 17.62 28.31
N ASN KA 420 -27.24 18.71 27.58
CA ASN KA 420 -28.43 19.55 27.67
C ASN KA 420 -28.74 20.00 29.10
N GLY KA 421 -27.73 20.41 29.85
CA GLY KA 421 -27.86 20.97 31.20
C GLY KA 421 -27.89 19.95 32.32
N ALA KA 422 -27.97 18.65 32.01
CA ALA KA 422 -27.87 17.61 33.02
C ALA KA 422 -26.43 17.24 33.38
N GLY KA 423 -25.47 17.60 32.54
CA GLY KA 423 -24.15 16.98 32.51
C GLY KA 423 -23.12 17.54 33.47
N LEU KA 424 -21.85 17.23 33.20
CA LEU KA 424 -20.76 17.39 34.14
C LEU KA 424 -20.37 18.84 34.42
N ILE KA 425 -20.45 19.73 33.42
CA ILE KA 425 -19.91 21.10 33.49
C ILE KA 425 -21.01 22.16 33.37
N PRO KA 426 -20.88 23.33 33.99
CA PRO KA 426 -21.84 24.42 33.84
C PRO KA 426 -21.79 24.99 32.43
N ARG KA 427 -22.84 25.67 31.97
CA ARG KA 427 -22.94 26.22 30.61
C ARG KA 427 -21.76 27.12 30.28
N GLU KA 428 -21.40 27.99 31.21
CA GLU KA 428 -20.33 28.95 31.01
C GLU KA 428 -19.00 28.28 30.67
N ARG KA 429 -18.67 27.15 31.31
CA ARG KA 429 -17.42 26.46 31.00
C ARG KA 429 -17.43 25.92 29.59
N GLY KA 430 -18.57 25.45 29.09
CA GLY KA 430 -18.65 24.93 27.73
C GLY KA 430 -18.23 26.00 26.73
N TRP KA 431 -18.75 27.21 26.88
CA TRP KA 431 -18.36 28.36 26.05
C TRP KA 431 -16.87 28.64 26.16
N VAL KA 432 -16.30 28.62 27.36
CA VAL KA 432 -14.87 28.87 27.55
C VAL KA 432 -14.04 27.80 26.86
N ASP KA 433 -14.36 26.52 27.00
CA ASP KA 433 -13.62 25.44 26.36
C ASP KA 433 -13.79 25.39 24.84
N MET KA 434 -14.90 25.92 24.33
CA MET KA 434 -15.06 26.17 22.91
C MET KA 434 -14.17 27.30 22.40
N GLY KA 435 -13.60 28.09 23.31
CA GLY KA 435 -12.56 29.08 23.01
C GLY KA 435 -13.06 30.48 22.74
N TYR KA 436 -14.35 30.78 22.92
CA TYR KA 436 -14.86 32.12 22.66
C TYR KA 436 -14.22 33.19 23.58
N THR KA 437 -13.95 34.37 23.03
CA THR KA 437 -13.32 35.49 23.73
C THR KA 437 -14.17 36.01 24.90
N ILE KA 438 -13.62 36.88 25.75
CA ILE KA 438 -14.41 37.55 26.79
C ILE KA 438 -15.50 38.40 26.15
N VAL KA 439 -15.21 39.08 25.04
CA VAL KA 439 -16.18 39.93 24.35
C VAL KA 439 -17.33 39.09 23.78
N GLU KA 440 -17.01 38.05 23.04
CA GLU KA 440 -18.00 37.18 22.41
C GLU KA 440 -18.84 36.45 23.45
N ARG KA 441 -18.29 36.04 24.59
CA ARG KA 441 -19.12 35.48 25.66
C ARG KA 441 -20.06 36.51 26.25
N GLU KA 442 -19.60 37.72 26.53
CA GLU KA 442 -20.51 38.72 27.10
C GLU KA 442 -21.60 39.13 26.10
N GLN KA 443 -21.37 39.03 24.80
CA GLN KA 443 -22.44 39.15 23.81
C GLN KA 443 -23.35 37.91 23.81
N MET KA 444 -22.81 36.69 23.87
CA MET KA 444 -23.63 35.47 23.95
C MET KA 444 -24.54 35.50 25.17
N ARG KA 445 -24.09 36.07 26.29
CA ARG KA 445 -24.93 36.25 27.47
C ARG KA 445 -26.18 37.05 27.16
N GLN KA 446 -26.12 38.04 26.27
CA GLN KA 446 -27.32 38.77 25.83
C GLN KA 446 -28.22 37.90 24.95
N TRP KA 447 -27.67 37.23 23.93
CA TRP KA 447 -28.47 36.41 23.03
C TRP KA 447 -29.19 35.28 23.75
N LEU KA 448 -28.62 34.75 24.83
CA LEU KA 448 -29.28 33.70 25.58
C LEU KA 448 -30.55 34.18 26.27
N GLU KA 449 -30.61 35.43 26.71
CA GLU KA 449 -31.86 35.97 27.23
C GLU KA 449 -32.93 35.99 26.14
N GLN KA 450 -32.60 36.40 24.92
CA GLN KA 450 -33.57 36.41 23.82
C GLN KA 450 -34.16 35.01 23.60
N ASP KA 451 -33.33 33.96 23.58
CA ASP KA 451 -33.81 32.58 23.40
C ASP KA 451 -34.62 32.05 24.60
N GLN KA 452 -34.42 32.56 25.81
CA GLN KA 452 -35.28 32.22 26.95
C GLN KA 452 -36.60 32.98 26.90
N LYS KA 453 -36.57 34.26 26.51
CA LYS KA 453 -37.72 35.18 26.52
C LYS KA 453 -38.73 34.88 25.42
N GLN KA 454 -38.31 34.40 24.25
CA GLN KA 454 -39.22 34.08 23.15
C GLN KA 454 -40.16 32.89 23.45
N GLY KA 455 -39.79 31.99 24.37
CA GLY KA 455 -40.56 30.79 24.72
C GLY KA 455 -40.64 29.76 23.61
N SER LA 6 31.68 35.68 67.69
CA SER LA 6 30.97 36.20 66.52
C SER LA 6 31.92 36.37 65.33
N ILE LA 7 31.38 36.59 64.13
CA ILE LA 7 32.13 36.70 62.87
C ILE LA 7 31.80 38.04 62.19
N ASP LA 8 32.79 38.67 61.57
CA ASP LA 8 32.69 39.96 60.90
C ASP LA 8 31.97 39.88 59.53
N PRO LA 9 30.94 40.70 59.27
CA PRO LA 9 30.29 40.73 57.97
C PRO LA 9 31.17 41.30 56.86
N GLU LA 10 32.11 42.19 57.14
CA GLU LA 10 33.02 42.70 56.10
C GLU LA 10 33.97 41.59 55.63
N LYS LA 11 34.57 40.83 56.55
CA LYS LA 11 35.27 39.57 56.23
C LYS LA 11 34.40 38.67 55.36
N LEU LA 12 33.14 38.46 55.75
CA LEU LA 12 32.29 37.55 55.00
C LEU LA 12 32.02 38.09 53.59
N ARG LA 13 31.69 39.35 53.37
CA ARG LA 13 31.44 39.82 52.00
C ARG LA 13 32.69 39.80 51.14
N ASP LA 14 33.85 40.11 51.70
CA ASP LA 14 35.11 39.97 50.94
C ASP LA 14 35.45 38.50 50.65
N GLN LA 15 35.17 37.58 51.56
CA GLN LA 15 35.35 36.15 51.33
C GLN LA 15 34.34 35.59 50.32
N LEU LA 16 33.05 35.77 50.56
CA LEU LA 16 31.99 35.17 49.75
C LEU LA 16 31.99 35.74 48.33
N LEU LA 17 32.39 37.00 48.11
CA LEU LA 17 32.61 37.48 46.75
C LEU LA 17 33.70 36.69 46.02
N ASP LA 18 34.77 36.26 46.68
CA ASP LA 18 35.77 35.45 45.98
C ASP LA 18 35.19 34.07 45.64
N ALA LA 19 34.36 33.46 46.51
CA ALA LA 19 33.74 32.18 46.23
C ALA LA 19 32.74 32.29 45.08
N PHE LA 20 31.90 33.32 45.09
CA PHE LA 20 30.95 33.60 44.02
C PHE LA 20 31.64 33.85 42.69
N GLU LA 21 32.75 34.58 42.65
CA GLU LA 21 33.47 34.86 41.42
C GLU LA 21 34.22 33.62 40.89
N ASN LA 22 34.81 32.83 41.78
CA ASN LA 22 35.44 31.55 41.46
C ASN LA 22 34.43 30.58 40.82
N LYS LA 23 33.24 30.46 41.39
CA LYS LA 23 32.19 29.54 40.92
C LYS LA 23 31.85 29.71 39.44
N GLN LA 24 31.97 30.91 38.89
CA GLN LA 24 31.66 31.18 37.48
C GLN LA 24 32.44 30.31 36.50
N ASN LA 25 33.63 29.84 36.86
CA ASN LA 25 34.42 28.97 36.00
C ASN LA 25 33.83 27.55 35.88
N GLU LA 26 32.92 27.14 36.76
CA GLU LA 26 32.06 25.98 36.50
C GLU LA 26 30.99 26.33 35.45
N LEU LA 27 30.27 27.43 35.70
CA LEU LA 27 29.05 27.76 34.98
C LEU LA 27 29.30 28.13 33.52
N LYS LA 28 30.40 28.82 33.21
CA LYS LA 28 30.75 29.19 31.84
C LYS LA 28 30.79 27.98 30.90
N SER LA 29 31.19 26.81 31.40
CA SER LA 29 31.21 25.60 30.58
C SER LA 29 29.81 25.16 30.16
N SER LA 30 28.81 25.21 31.05
CA SER LA 30 27.43 24.84 30.72
C SER LA 30 26.75 25.90 29.86
N LYS LA 31 26.95 27.18 30.19
CA LYS LA 31 26.41 28.30 29.40
C LYS LA 31 26.79 28.18 27.93
N ALA LA 32 28.01 27.76 27.64
CA ALA LA 32 28.48 27.62 26.26
C ALA LA 32 27.62 26.66 25.43
N TYR LA 33 27.01 25.63 26.03
CA TYR LA 33 26.10 24.75 25.32
C TYR LA 33 24.72 25.37 25.13
N TYR LA 34 24.07 25.88 26.17
CA TYR LA 34 22.73 26.42 26.02
C TYR LA 34 22.69 27.67 25.14
N ASP LA 35 23.68 28.56 25.24
CA ASP LA 35 23.76 29.72 24.34
C ASP LA 35 24.20 29.36 22.92
N ALA LA 36 24.74 28.15 22.71
CA ALA LA 36 25.43 27.78 21.49
C ALA LA 36 26.58 28.75 21.13
N GLU LA 37 27.46 29.04 22.08
CA GLU LA 37 28.72 29.75 21.83
C GLU LA 37 29.80 28.78 21.31
N ARG LA 38 30.93 29.31 20.83
CA ARG LA 38 32.04 28.52 20.26
C ARG LA 38 32.67 27.59 21.27
N ARG LA 39 32.86 26.32 20.91
CA ARG LA 39 33.74 25.38 21.62
C ARG LA 39 34.84 24.90 20.68
N PRO LA 40 36.06 24.63 21.17
CA PRO LA 40 37.09 24.02 20.35
C PRO LA 40 36.71 22.61 19.91
N ASP LA 41 36.11 21.79 20.77
CA ASP LA 41 35.71 20.42 20.42
C ASP LA 41 34.66 20.34 19.30
N ALA LA 42 33.87 21.39 19.09
CA ALA LA 42 32.87 21.42 18.04
C ALA LA 42 33.46 21.67 16.64
N ILE LA 43 34.71 22.12 16.54
CA ILE LA 43 35.31 22.47 15.25
C ILE LA 43 35.69 21.21 14.48
N GLY LA 44 35.16 21.05 13.26
CA GLY LA 44 35.51 19.94 12.38
C GLY LA 44 36.95 20.06 11.90
N LEU LA 45 37.78 19.04 12.04
CA LEU LA 45 39.21 19.16 11.73
C LEU LA 45 39.50 19.23 10.22
N ALA LA 46 38.70 18.58 9.39
CA ALA LA 46 39.02 18.39 7.98
C ALA LA 46 38.96 19.65 7.13
N VAL LA 47 38.30 20.73 7.58
CA VAL LA 47 38.27 21.98 6.82
C VAL LA 47 39.61 22.70 6.93
N PRO LA 48 40.15 23.26 5.83
CA PRO LA 48 41.39 24.02 5.85
C PRO LA 48 41.38 25.17 6.85
N LEU LA 49 42.55 25.59 7.35
CA LEU LA 49 42.64 26.58 8.42
C LEU LA 49 41.90 27.89 8.10
N ASP LA 50 41.99 28.35 6.86
CA ASP LA 50 41.32 29.58 6.42
C ASP LA 50 39.79 29.48 6.51
N MET LA 51 39.24 28.26 6.49
CA MET LA 51 37.80 27.99 6.59
C MET LA 51 37.31 27.82 8.03
N ARG LA 52 38.19 27.66 9.02
CA ARG LA 52 37.78 27.39 10.41
C ARG LA 52 36.88 28.48 11.03
N LYS LA 53 36.82 29.69 10.44
CA LYS LA 53 35.90 30.75 10.85
C LYS LA 53 34.42 30.41 10.61
N TYR LA 54 34.11 29.50 9.69
CA TYR LA 54 32.75 29.07 9.39
C TYR LA 54 32.24 28.02 10.40
N LEU LA 55 31.96 28.45 11.63
CA LEU LA 55 31.32 27.62 12.64
C LEU LA 55 29.93 27.16 12.19
N ALA LA 56 29.45 26.05 12.73
CA ALA LA 56 28.10 25.55 12.52
C ALA LA 56 27.62 24.86 13.80
N HIS LA 57 26.75 25.53 14.55
CA HIS LA 57 26.33 25.10 15.89
C HIS LA 57 25.19 24.07 15.83
N VAL LA 58 24.93 23.41 16.95
CA VAL LA 58 23.93 22.34 17.07
C VAL LA 58 22.95 22.64 18.18
N GLY LA 59 21.65 22.54 17.89
CA GLY LA 59 20.58 23.00 18.80
C GLY LA 59 20.13 22.01 19.86
N TYR LA 60 20.67 20.79 19.93
CA TYR LA 60 20.18 19.79 20.87
C TYR LA 60 20.13 20.26 22.33
N PRO LA 61 21.14 20.92 22.92
CA PRO LA 61 21.08 21.33 24.31
C PRO LA 61 19.94 22.30 24.60
N ARG LA 62 19.76 23.31 23.74
CA ARG LA 62 18.65 24.26 23.90
C ARG LA 62 17.31 23.55 23.69
N THR LA 63 17.21 22.66 22.72
CA THR LA 63 15.97 21.92 22.49
C THR LA 63 15.62 20.99 23.65
N TYR LA 64 16.58 20.29 24.26
CA TYR LA 64 16.26 19.46 25.41
C TYR LA 64 15.84 20.29 26.62
N VAL LA 65 16.55 21.35 26.96
CA VAL LA 65 16.20 22.16 28.13
C VAL LA 65 14.87 22.85 27.97
N ASP LA 66 14.60 23.46 26.83
CA ASP LA 66 13.31 24.09 26.60
C ASP LA 66 12.18 23.06 26.63
N ALA LA 67 12.37 21.85 26.09
CA ALA LA 67 11.32 20.84 26.07
C ALA LA 67 10.87 20.39 27.46
N ILE LA 68 11.71 20.53 28.50
CA ILE LA 68 11.27 20.39 29.89
C ILE LA 68 10.70 21.71 30.41
N ALA LA 69 11.47 22.79 30.33
CA ALA LA 69 11.14 24.04 31.00
C ALA LA 69 9.82 24.68 30.52
N GLU LA 70 9.39 24.40 29.29
CA GLU LA 70 8.11 24.87 28.76
C GLU LA 70 6.88 24.25 29.45
N ARG LA 71 7.03 23.08 30.07
CA ARG LA 71 5.89 22.27 30.55
C ARG LA 71 5.61 22.34 32.03
N GLN LA 72 6.56 22.84 32.82
CA GLN LA 72 6.40 22.98 34.26
C GLN LA 72 5.52 24.19 34.57
N GLU LA 73 4.30 23.96 35.03
CA GLU LA 73 3.39 25.02 35.48
C GLU LA 73 2.70 24.62 36.78
N LEU LA 74 2.67 25.54 37.75
CA LEU LA 74 2.09 25.34 39.07
C LEU LA 74 0.63 25.76 39.04
N GLU LA 75 -0.29 24.88 39.44
CA GLU LA 75 -1.70 25.21 39.60
C GLU LA 75 -1.99 25.88 40.95
N GLY LA 76 -1.27 25.49 41.99
CA GLY LA 76 -1.52 25.98 43.35
C GLY LA 76 -0.90 25.08 44.42
N PHE LA 77 -1.30 25.30 45.66
CA PHE LA 77 -0.86 24.54 46.82
C PHE LA 77 -2.04 23.82 47.46
N ARG LA 78 -1.82 22.63 48.00
CA ARG LA 78 -2.78 21.93 48.85
C ARG LA 78 -2.22 21.84 50.27
N ILE LA 79 -2.99 22.20 51.28
CA ILE LA 79 -2.61 22.05 52.69
C ILE LA 79 -3.72 21.27 53.39
N PRO LA 80 -3.41 20.24 54.18
CA PRO LA 80 -4.44 19.53 54.93
C PRO LA 80 -5.00 20.46 56.01
N SER LA 81 -6.32 20.54 56.11
CA SER LA 81 -7.01 21.62 56.82
C SER LA 81 -7.18 21.37 58.33
N ALA LA 82 -6.35 20.51 58.92
CA ALA LA 82 -6.68 19.77 60.15
C ALA LA 82 -8.00 19.00 59.97
N ASN LA 83 -8.08 18.24 58.87
CA ASN LA 83 -9.28 17.54 58.39
C ASN LA 83 -9.85 16.49 59.36
N GLY LA 84 -9.06 16.04 60.35
CA GLY LA 84 -9.56 15.28 61.51
C GLY LA 84 -10.60 16.05 62.35
N GLU LA 85 -10.73 17.36 62.16
CA GLU LA 85 -11.78 18.21 62.72
C GLU LA 85 -12.57 19.00 61.66
N GLU LA 86 -11.95 19.50 60.59
CA GLU LA 86 -12.65 20.33 59.59
C GLU LA 86 -12.07 20.19 58.15
N PRO LA 87 -12.54 19.23 57.34
CA PRO LA 87 -12.15 19.08 55.93
C PRO LA 87 -12.56 20.25 55.01
N GLU LA 88 -13.62 20.99 55.35
CA GLU LA 88 -14.19 22.04 54.50
C GLU LA 88 -13.15 23.10 54.09
N SER LA 89 -13.01 23.29 52.78
CA SER LA 89 -11.96 24.10 52.15
C SER LA 89 -12.34 24.46 50.71
N GLY LA 90 -11.67 25.43 50.12
CA GLY LA 90 -11.97 25.96 48.78
C GLY LA 90 -12.88 27.20 48.84
N GLY LA 91 -12.34 28.32 49.30
CA GLY LA 91 -13.06 29.58 49.43
C GLY LA 91 -12.22 30.73 49.99
N GLU LA 92 -12.87 31.75 50.53
CA GLU LA 92 -12.19 32.86 51.22
C GLU LA 92 -11.47 32.38 52.50
N ASN LA 93 -10.45 33.13 52.94
CA ASN LA 93 -9.71 32.96 54.21
C ASN LA 93 -8.90 31.65 54.41
N ASP LA 94 -8.98 30.67 53.50
CA ASP LA 94 -8.29 29.39 53.64
C ASP LA 94 -6.78 29.50 53.29
N PRO LA 95 -5.92 28.58 53.78
CA PRO LA 95 -4.47 28.73 53.64
C PRO LA 95 -3.99 28.50 52.21
N ALA LA 96 -4.66 27.66 51.42
CA ALA LA 96 -4.30 27.45 50.02
C ALA LA 96 -4.47 28.74 49.21
N SER LA 97 -5.53 29.51 49.43
CA SER LA 97 -5.69 30.83 48.83
C SER LA 97 -4.70 31.84 49.42
N GLU LA 98 -4.49 31.85 50.74
CA GLU LA 98 -3.58 32.79 51.39
C GLU LA 98 -2.17 32.74 50.79
N LEU LA 99 -1.68 31.56 50.43
CA LEU LA 99 -0.40 31.41 49.74
C LEU LA 99 -0.52 31.65 48.24
N TRP LA 100 -1.60 31.24 47.59
CA TRP LA 100 -1.75 31.47 46.16
C TRP LA 100 -1.88 32.96 45.81
N ASP LA 101 -2.40 33.77 46.73
CA ASP LA 101 -2.44 35.22 46.62
C ASP LA 101 -1.04 35.79 46.42
N TRP LA 102 -0.11 35.48 47.32
CA TRP LA 102 1.27 35.95 47.23
C TRP LA 102 1.94 35.48 45.94
N TRP LA 103 1.62 34.29 45.46
CA TRP LA 103 2.21 33.76 44.24
C TRP LA 103 1.87 34.62 43.04
N GLN LA 104 0.60 34.94 42.85
CA GLN LA 104 0.17 35.83 41.79
C GLN LA 104 0.67 37.26 42.00
N ALA LA 105 0.63 37.78 43.23
CA ALA LA 105 1.00 39.16 43.48
C ALA LA 105 2.47 39.47 43.15
N ASN LA 106 3.35 38.45 43.24
CA ASN LA 106 4.74 38.53 42.80
C ASN LA 106 4.96 38.18 41.31
N ASN LA 107 3.93 37.77 40.57
CA ASN LA 107 4.03 37.16 39.24
C ASN LA 107 5.02 35.99 39.16
N LEU LA 108 5.13 35.17 40.20
CA LEU LA 108 5.98 33.99 40.15
C LEU LA 108 5.53 32.99 39.09
N ASP LA 109 4.30 33.05 38.59
CA ASP LA 109 3.90 32.26 37.43
C ASP LA 109 4.62 32.68 36.15
N ILE LA 110 5.21 33.87 36.07
CA ILE LA 110 6.16 34.23 35.03
C ILE LA 110 7.58 33.84 35.47
N GLU LA 111 8.10 34.46 36.53
CA GLU LA 111 9.52 34.30 36.88
C GLU LA 111 9.92 32.89 37.30
N ALA LA 112 9.04 32.06 37.83
CA ALA LA 112 9.40 30.67 38.12
C ALA LA 112 9.71 29.90 36.83
N THR LA 113 9.08 30.21 35.70
CA THR LA 113 9.42 29.52 34.43
C THR LA 113 10.87 29.77 34.04
N LEU LA 114 11.30 31.02 34.21
CA LEU LA 114 12.69 31.40 34.04
C LEU LA 114 13.55 30.70 35.09
N GLY LA 115 13.19 30.78 36.36
CA GLY LA 115 13.95 30.17 37.45
C GLY LA 115 14.17 28.66 37.27
N HIS LA 116 13.14 27.94 36.84
CA HIS LA 116 13.26 26.53 36.50
C HIS LA 116 14.20 26.33 35.32
N THR LA 117 14.18 27.20 34.31
CA THR LA 117 15.11 27.09 33.18
C THR LA 117 16.56 27.16 33.65
N ASP LA 118 16.93 28.15 34.47
CA ASP LA 118 18.29 28.25 35.00
C ASP LA 118 18.65 27.08 35.90
N ALA LA 119 17.72 26.58 36.70
CA ALA LA 119 17.96 25.40 37.51
C ALA LA 119 18.30 24.18 36.65
N LEU LA 120 17.76 24.07 35.44
CA LEU LA 120 18.10 22.99 34.51
C LEU LA 120 19.42 23.28 33.78
N ILE LA 121 19.68 24.52 33.36
CA ILE LA 121 20.93 24.87 32.65
C ILE LA 121 22.13 24.75 33.57
N TYR LA 122 22.16 25.47 34.69
CA TYR LA 122 23.34 25.54 35.57
C TYR LA 122 23.34 24.50 36.67
N GLY LA 123 22.16 23.95 36.98
CA GLY LA 123 21.97 22.95 38.03
C GLY LA 123 21.38 23.49 39.32
N THR LA 124 21.32 24.81 39.53
CA THR LA 124 20.74 25.42 40.74
C THR LA 124 20.23 26.83 40.47
N ALA LA 125 19.26 27.31 41.24
CA ALA LA 125 18.75 28.68 41.25
C ALA LA 125 18.20 29.00 42.64
N TYR LA 126 18.10 30.26 43.05
CA TYR LA 126 17.82 30.59 44.44
C TYR LA 126 16.55 31.41 44.59
N ILE LA 127 15.58 30.91 45.34
CA ILE LA 127 14.41 31.68 45.75
C ILE LA 127 14.82 32.57 46.92
N THR LA 128 14.43 33.84 46.91
CA THR LA 128 14.88 34.85 47.86
C THR LA 128 13.69 35.62 48.39
N ILE LA 129 13.63 35.87 49.70
CA ILE LA 129 12.41 36.32 50.38
C ILE LA 129 12.68 37.56 51.23
N SER LA 130 11.84 38.58 51.14
CA SER LA 130 11.89 39.79 51.99
C SER LA 130 10.54 40.47 52.09
N MET LA 131 10.26 41.26 53.12
CA MET LA 131 9.21 42.27 52.99
C MET LA 131 9.66 43.39 52.04
N PRO LA 132 8.75 44.09 51.34
CA PRO LA 132 9.09 45.17 50.43
C PRO LA 132 9.55 46.42 51.19
N ASP LA 133 10.55 47.13 50.68
CA ASP LA 133 10.94 48.44 51.21
C ASP LA 133 9.87 49.49 50.88
N PRO LA 134 9.32 50.21 51.87
CA PRO LA 134 8.40 51.32 51.60
C PRO LA 134 9.16 52.53 51.05
N GLU LA 135 10.45 52.63 51.36
CA GLU LA 135 11.34 53.74 50.98
C GLU LA 135 11.53 53.89 49.46
N VAL LA 136 11.35 52.80 48.72
CA VAL LA 136 11.56 52.74 47.28
C VAL LA 136 10.20 52.65 46.60
N ASP LA 137 9.89 53.59 45.69
CA ASP LA 137 8.65 53.49 44.91
C ASP LA 137 8.69 52.22 44.03
N PHE LA 138 7.59 51.48 44.01
CA PHE LA 138 7.52 50.16 43.39
C PHE LA 138 6.19 49.91 42.68
N ASP LA 139 6.22 48.95 41.76
CA ASP LA 139 5.03 48.17 41.40
C ASP LA 139 4.89 46.97 42.35
N VAL LA 140 4.42 47.17 43.59
CA VAL LA 140 4.18 46.05 44.52
C VAL LA 140 3.03 46.35 45.48
N ASP LA 141 2.31 45.31 45.87
CA ASP LA 141 1.42 45.34 47.04
C ASP LA 141 2.26 45.36 48.33
N PRO LA 142 2.20 46.42 49.16
CA PRO LA 142 3.08 46.55 50.31
C PRO LA 142 2.79 45.55 51.45
N GLU LA 143 1.66 44.84 51.45
CA GLU LA 143 1.35 43.81 52.46
C GLU LA 143 1.93 42.43 52.09
N VAL LA 144 2.25 42.19 50.81
CA VAL LA 144 2.72 40.89 50.33
C VAL LA 144 4.21 40.69 50.60
N PRO LA 145 4.68 39.52 51.07
CA PRO LA 145 6.10 39.23 51.11
C PRO LA 145 6.62 39.20 49.68
N LEU LA 146 7.64 39.99 49.43
CA LEU LA 146 8.27 40.16 48.13
C LEU LA 146 9.24 39.01 47.90
N ILE LA 147 8.82 38.04 47.10
CA ILE LA 147 9.55 36.80 46.82
C ILE LA 147 10.08 36.87 45.39
N ARG LA 148 11.37 36.60 45.19
CA ARG LA 148 12.05 36.69 43.88
C ARG LA 148 12.86 35.44 43.62
N VAL LA 149 13.14 35.12 42.36
CA VAL LA 149 14.13 34.09 42.02
C VAL LA 149 15.38 34.76 41.50
N GLU LA 150 16.55 34.34 41.99
CA GLU LA 150 17.86 34.86 41.60
C GLU LA 150 18.71 33.74 40.99
N PRO LA 151 19.38 33.98 39.86
CA PRO LA 151 20.15 32.97 39.14
C PRO LA 151 21.51 32.75 39.77
N PRO LA 152 22.18 31.61 39.51
CA PRO LA 152 23.48 31.31 40.09
C PRO LA 152 24.61 32.19 39.55
N THR LA 153 24.39 32.92 38.45
CA THR LA 153 25.29 33.97 37.96
C THR LA 153 25.20 35.25 38.80
N ALA LA 154 24.36 35.30 39.84
CA ALA LA 154 24.18 36.49 40.68
C ALA LA 154 24.02 36.19 42.17
N LEU LA 155 23.93 34.93 42.58
CA LEU LA 155 23.83 34.54 43.99
C LEU LA 155 24.64 33.27 44.26
N TYR LA 156 25.35 33.22 45.39
CA TYR LA 156 26.01 32.02 45.89
C TYR LA 156 25.69 31.82 47.38
N ALA LA 157 25.38 30.59 47.76
CA ALA LA 157 24.99 30.23 49.11
C ALA LA 157 25.82 29.05 49.62
N GLU LA 158 26.45 29.19 50.77
CA GLU LA 158 27.22 28.12 51.38
C GLU LA 158 26.28 27.16 52.12
N VAL LA 159 26.30 25.87 51.77
CA VAL LA 159 25.40 24.86 52.32
C VAL LA 159 26.13 23.87 53.22
N ASP LA 160 25.55 23.57 54.38
CA ASP LA 160 26.07 22.56 55.30
C ASP LA 160 25.82 21.16 54.76
N PRO LA 161 26.84 20.36 54.43
CA PRO LA 161 26.64 19.01 53.93
C PRO LA 161 26.07 18.05 54.99
N ARG LA 162 26.17 18.40 56.28
CA ARG LA 162 25.63 17.58 57.39
C ARG LA 162 24.09 17.62 57.41
N THR LA 163 23.53 18.83 57.27
CA THR LA 163 22.10 19.13 57.48
C THR LA 163 21.37 19.58 56.21
N ARG LA 164 22.08 19.76 55.09
CA ARG LA 164 21.56 20.23 53.79
C ARG LA 164 21.03 21.67 53.84
N LYS LA 165 21.49 22.47 54.80
CA LYS LA 165 20.94 23.80 55.15
C LYS LA 165 21.91 24.94 54.83
N VAL LA 166 21.43 26.07 54.33
CA VAL LA 166 22.29 27.25 54.03
C VAL LA 166 22.83 27.88 55.32
N LEU LA 167 24.13 28.19 55.38
CA LEU LA 167 24.72 28.93 56.50
C LEU LA 167 24.65 30.45 56.30
N TYR LA 168 24.96 30.91 55.10
CA TYR LA 168 24.94 32.31 54.69
C TYR LA 168 25.01 32.37 53.17
N ALA LA 169 24.67 33.51 52.59
CA ALA LA 169 24.66 33.66 51.14
C ALA LA 169 24.94 35.10 50.74
N ILE LA 170 25.41 35.32 49.52
CA ILE LA 170 25.61 36.65 48.97
C ILE LA 170 24.95 36.78 47.61
N ARG LA 171 24.24 37.88 47.37
CA ARG LA 171 23.65 38.23 46.07
C ARG LA 171 24.38 39.45 45.55
N ALA LA 172 25.08 39.32 44.44
CA ALA LA 172 26.01 40.34 43.97
C ALA LA 172 25.81 40.63 42.49
N ILE LA 173 25.77 41.91 42.14
CA ILE LA 173 25.28 42.37 40.84
C ILE LA 173 26.39 43.14 40.14
N TYR LA 174 26.76 42.76 38.92
CA TYR LA 174 27.71 43.51 38.10
C TYR LA 174 27.05 44.73 37.46
N GLY LA 175 27.86 45.68 37.00
CA GLY LA 175 27.39 46.82 36.20
C GLY LA 175 26.92 46.42 34.80
N ALA LA 176 26.66 47.41 33.95
CA ALA LA 176 26.40 47.16 32.54
C ALA LA 176 27.60 46.45 31.88
N ASP LA 177 28.81 46.93 32.17
CA ASP LA 177 30.04 46.15 32.02
C ASP LA 177 30.13 45.10 33.12
N GLY LA 178 30.39 43.84 32.77
CA GLY LA 178 30.63 42.76 33.73
C GLY LA 178 31.93 42.90 34.53
N ASN LA 179 32.62 44.04 34.42
CA ASN LA 179 33.99 44.25 34.88
C ASN LA 179 34.08 44.73 36.34
N GLU LA 180 32.98 45.18 36.94
CA GLU LA 180 32.92 45.52 38.38
C GLU LA 180 31.54 45.24 38.98
N ILE LA 181 31.52 44.90 40.27
CA ILE LA 181 30.30 44.75 41.04
C ILE LA 181 29.73 46.14 41.40
N VAL LA 182 28.44 46.36 41.19
CA VAL LA 182 27.77 47.62 41.53
C VAL LA 182 27.03 47.57 42.85
N SER LA 183 26.68 46.40 43.37
CA SER LA 183 26.23 46.23 44.76
C SER LA 183 26.26 44.77 45.18
N ALA LA 184 26.31 44.49 46.47
CA ALA LA 184 26.17 43.15 47.02
C ALA LA 184 25.39 43.14 48.34
N THR LA 185 24.56 42.13 48.52
CA THR LA 185 23.74 41.88 49.70
C THR LA 185 24.17 40.59 50.36
N LEU LA 186 24.48 40.62 51.65
CA LEU LA 186 24.84 39.45 52.45
C LEU LA 186 23.64 39.08 53.32
N TYR LA 187 23.25 37.82 53.29
CA TYR LA 187 22.19 37.26 54.10
C TYR LA 187 22.78 36.37 55.19
N LEU LA 188 22.43 36.63 56.45
CA LEU LA 188 22.84 35.87 57.63
C LEU LA 188 21.61 35.30 58.32
N PRO LA 189 21.72 34.21 59.10
CA PRO LA 189 20.57 33.55 59.69
C PRO LA 189 19.61 34.46 60.46
N ASP LA 190 20.09 35.58 60.99
CA ASP LA 190 19.32 36.52 61.82
C ASP LA 190 19.29 37.97 61.29
N THR LA 191 20.00 38.31 60.21
CA THR LA 191 20.01 39.67 59.65
C THR LA 191 20.45 39.72 58.19
N THR LA 192 20.12 40.81 57.50
CA THR LA 192 20.52 41.10 56.12
C THR LA 192 21.20 42.46 56.05
N MET LA 193 22.19 42.61 55.16
CA MET LA 193 22.83 43.90 54.91
C MET LA 193 23.25 44.05 53.45
N THR LA 194 23.23 45.29 52.95
CA THR LA 194 23.59 45.60 51.58
C THR LA 194 24.51 46.80 51.54
N TRP LA 195 25.66 46.64 50.87
CA TRP LA 195 26.54 47.74 50.53
C TRP LA 195 26.15 48.25 49.15
N LEU LA 196 25.61 49.46 49.09
CA LEU LA 196 24.81 49.92 47.95
C LEU LA 196 25.66 50.51 46.81
N ARG LA 197 26.77 51.19 47.10
CA ARG LA 197 27.69 51.74 46.10
C ARG LA 197 28.58 50.66 45.49
N ALA LA 198 29.16 50.96 44.34
CA ALA LA 198 29.99 50.04 43.58
C ALA LA 198 31.25 49.58 44.31
N GLU LA 199 31.82 48.48 43.83
CA GLU LA 199 32.94 47.74 44.41
C GLU LA 199 34.20 48.56 44.64
N GLY LA 200 34.46 49.55 43.79
CA GLY LA 200 35.59 50.47 43.97
C GLY LA 200 35.36 51.55 45.04
N GLU LA 201 34.14 51.71 45.54
CA GLU LA 201 33.72 52.87 46.35
C GLU LA 201 32.62 52.54 47.40
N TRP LA 202 32.61 51.34 48.00
CA TRP LA 202 31.56 50.93 48.96
C TRP LA 202 31.30 51.99 50.04
N GLU LA 203 30.03 52.26 50.38
CA GLU LA 203 29.69 53.03 51.58
C GLU LA 203 29.12 52.13 52.70
N ALA LA 204 28.84 52.71 53.86
CA ALA LA 204 28.29 51.98 55.00
C ALA LA 204 26.97 51.27 54.63
N PRO LA 205 26.77 50.01 55.03
CA PRO LA 205 25.66 49.21 54.56
C PRO LA 205 24.34 49.67 55.16
N THR LA 206 23.26 49.56 54.40
CA THR LA 206 21.92 49.45 55.00
C THR LA 206 21.75 48.05 55.57
N SER LA 207 20.99 47.86 56.64
CA SER LA 207 20.79 46.56 57.26
C SER LA 207 19.47 46.43 58.02
N THR LA 208 18.95 45.21 58.17
CA THR LA 208 17.77 44.92 59.01
C THR LA 208 17.86 43.53 59.61
N PRO LA 209 17.34 43.28 60.82
CA PRO LA 209 16.99 41.95 61.27
C PRO LA 209 15.71 41.48 60.55
N HIS LA 210 15.35 40.22 60.75
CA HIS LA 210 14.11 39.65 60.21
C HIS LA 210 13.46 38.58 61.11
N GLY LA 211 14.00 38.31 62.29
CA GLY LA 211 13.37 37.46 63.31
C GLY LA 211 13.32 35.96 62.99
N LEU LA 212 13.59 35.56 61.76
CA LEU LA 212 13.70 34.16 61.35
C LEU LA 212 14.83 33.45 62.09
N GLU LA 213 14.69 32.14 62.22
CA GLU LA 213 15.75 31.26 62.70
C GLU LA 213 16.89 31.10 61.67
N MET LA 214 16.58 31.26 60.38
CA MET LA 214 17.42 30.78 59.26
C MET LA 214 17.45 31.74 58.08
N VAL LA 215 18.46 31.59 57.22
CA VAL LA 215 18.73 32.49 56.09
C VAL LA 215 17.56 32.51 55.09
N PRO LA 216 17.07 33.68 54.64
CA PRO LA 216 15.93 33.80 53.74
C PRO LA 216 16.24 33.49 52.26
N VAL LA 217 17.16 32.56 52.00
CA VAL LA 217 17.48 32.06 50.66
C VAL LA 217 17.24 30.56 50.61
N ILE LA 218 16.44 30.11 49.65
CA ILE LA 218 16.11 28.69 49.44
C ILE LA 218 16.65 28.24 48.09
N PRO LA 219 17.51 27.22 48.02
CA PRO LA 219 18.03 26.73 46.76
C PRO LA 219 17.04 25.78 46.07
N ILE LA 220 16.57 26.14 44.88
CA ILE LA 220 16.08 25.18 43.89
C ILE LA 220 17.29 24.48 43.31
N SER LA 221 17.37 23.16 43.34
CA SER LA 221 18.50 22.45 42.75
C SER LA 221 18.06 21.24 41.96
N ASN LA 222 18.67 21.01 40.82
CA ASN LA 222 18.36 19.87 39.97
C ASN LA 222 19.13 18.64 40.45
N ARG LA 223 18.47 17.52 40.71
CA ARG LA 223 19.09 16.35 41.34
C ARG LA 223 18.64 15.04 40.67
N THR LA 224 19.56 14.09 40.63
CA THR LA 224 19.31 12.71 40.16
C THR LA 224 19.46 11.69 41.28
N ARG LA 225 20.25 12.00 42.31
CA ARG LA 225 20.62 11.11 43.42
C ARG LA 225 20.64 11.86 44.72
N LEU LA 226 20.50 11.18 45.84
CA LEU LA 226 20.85 11.74 47.14
C LEU LA 226 22.35 12.02 47.22
N SER LA 227 23.15 11.23 46.51
CA SER LA 227 24.59 11.44 46.35
C SER LA 227 24.93 12.73 45.60
N ASP LA 228 23.99 13.39 44.93
CA ASP LA 228 24.19 14.76 44.41
C ASP LA 228 23.99 15.77 45.54
N LEU LA 229 25.02 16.04 46.35
CA LEU LA 229 24.90 16.94 47.50
C LEU LA 229 24.68 18.41 47.10
N TYR LA 230 24.90 18.73 45.83
CA TYR LA 230 24.62 20.00 45.18
C TYR LA 230 24.11 19.72 43.76
N GLY LA 231 23.29 20.59 43.19
CA GLY LA 231 22.59 20.29 41.96
C GLY LA 231 23.48 20.27 40.71
N THR LA 232 23.04 19.57 39.66
CA THR LA 232 23.80 19.35 38.41
C THR LA 232 23.00 19.70 37.17
N SER LA 233 23.67 20.18 36.12
CA SER LA 233 23.00 20.54 34.86
C SER LA 233 22.26 19.38 34.20
N GLU LA 234 21.17 19.67 33.49
CA GLU LA 234 20.54 18.70 32.59
C GLU LA 234 21.32 18.45 31.31
N ILE LA 235 22.21 19.36 30.91
CA ILE LA 235 23.00 19.21 29.70
C ILE LA 235 24.17 18.26 30.00
N SER LA 236 23.84 16.99 30.19
CA SER LA 236 24.73 15.92 30.67
C SER LA 236 25.77 15.52 29.61
N PRO LA 237 26.90 14.91 29.99
CA PRO LA 237 28.05 14.83 29.10
C PRO LA 237 27.84 13.94 27.87
N GLU LA 238 26.85 13.05 27.88
CA GLU LA 238 26.41 12.32 26.69
C GLU LA 238 25.78 13.28 25.69
N LEU LA 239 24.88 14.14 26.14
CA LEU LA 239 24.24 15.12 25.27
C LEU LA 239 25.25 16.18 24.80
N ARG LA 240 26.22 16.56 25.64
CA ARG LA 240 27.36 17.38 25.18
C ARG LA 240 28.14 16.68 24.09
N SER LA 241 28.48 15.41 24.30
CA SER LA 241 29.25 14.64 23.32
C SER LA 241 28.53 14.55 21.99
N VAL LA 242 27.24 14.22 21.98
CA VAL LA 242 26.49 14.13 20.72
C VAL LA 242 26.31 15.49 20.07
N THR LA 243 26.18 16.56 20.85
CA THR LA 243 26.12 17.91 20.31
C THR LA 243 27.42 18.27 19.60
N ASP LA 244 28.56 18.04 20.25
CA ASP LA 244 29.86 18.39 19.68
C ASP LA 244 30.24 17.45 18.53
N ALA LA 245 29.92 16.16 18.63
CA ALA LA 245 30.12 15.21 17.54
C ALA LA 245 29.35 15.62 16.28
N ALA LA 246 28.06 15.95 16.40
CA ALA LA 246 27.27 16.40 15.27
C ALA LA 246 27.77 17.72 14.69
N ALA LA 247 28.31 18.64 15.50
CA ALA LA 247 28.85 19.88 15.01
C ALA LA 247 30.04 19.64 14.06
N GLN LA 248 30.92 18.69 14.39
CA GLN LA 248 32.02 18.35 13.49
C GLN LA 248 31.51 17.78 12.17
N ILE LA 249 30.53 16.87 12.20
CA ILE LA 249 30.01 16.28 10.96
C ILE LA 249 29.40 17.36 10.08
N LEU LA 250 28.65 18.30 10.67
CA LEU LA 250 28.05 19.39 9.90
C LEU LA 250 29.15 20.23 9.26
N MET LA 251 30.18 20.58 10.01
CA MET LA 251 31.25 21.44 9.50
C MET LA 251 32.08 20.77 8.42
N ASN LA 252 32.42 19.49 8.56
CA ASN LA 252 33.12 18.76 7.51
C ASN LA 252 32.24 18.61 6.26
N MET LA 253 30.94 18.37 6.41
CA MET LA 253 30.02 18.36 5.27
C MET LA 253 30.06 19.70 4.57
N GLN LA 254 29.97 20.80 5.32
CA GLN LA 254 29.96 22.15 4.75
C GLN LA 254 31.23 22.44 3.96
N GLY LA 255 32.41 22.16 4.52
CA GLY LA 255 33.66 22.34 3.81
C GLY LA 255 33.72 21.49 2.55
N THR LA 256 33.22 20.25 2.62
CA THR LA 256 33.19 19.37 1.44
C THR LA 256 32.34 19.99 0.34
N ALA LA 257 31.20 20.60 0.68
CA ALA LA 257 30.35 21.24 -0.31
C ALA LA 257 30.97 22.49 -0.96
N ASN LA 258 32.00 23.10 -0.36
CA ASN LA 258 32.74 24.21 -0.97
C ASN LA 258 33.96 23.77 -1.80
N LEU LA 259 34.43 22.52 -1.68
CA LEU LA 259 35.73 22.09 -2.23
C LEU LA 259 35.69 20.82 -3.06
N MET LA 260 34.78 19.89 -2.75
CA MET LA 260 34.84 18.49 -3.20
C MET LA 260 33.53 17.96 -3.79
N ALA LA 261 32.39 18.62 -3.61
CA ALA LA 261 31.12 18.11 -4.11
C ALA LA 261 31.01 18.11 -5.64
N ILE LA 262 31.94 18.77 -6.31
CA ILE LA 262 32.03 18.92 -7.76
C ILE LA 262 33.21 18.08 -8.29
N PRO LA 263 33.09 17.34 -9.40
CA PRO LA 263 34.23 16.67 -10.03
C PRO LA 263 35.37 17.66 -10.34
N GLN LA 264 36.62 17.19 -10.36
CA GLN LA 264 37.77 18.03 -10.77
C GLN LA 264 38.38 17.52 -12.08
N ARG LA 265 38.53 18.40 -13.07
CA ARG LA 265 38.81 18.06 -14.47
C ARG LA 265 40.28 18.28 -14.82
N LEU LA 266 40.96 17.27 -15.34
CA LEU LA 266 42.39 17.27 -15.62
C LEU LA 266 42.67 16.92 -17.08
N ILE LA 267 43.73 17.48 -17.66
CA ILE LA 267 44.28 17.05 -18.95
C ILE LA 267 45.76 16.76 -18.76
N PHE LA 268 46.21 15.58 -19.18
CA PHE LA 268 47.60 15.18 -19.09
C PHE LA 268 48.28 15.19 -20.46
N GLY LA 269 49.45 15.80 -20.54
CA GLY LA 269 50.36 15.73 -21.69
C GLY LA 269 50.32 16.95 -22.61
N ALA LA 270 49.28 17.77 -22.54
CA ALA LA 270 49.18 18.97 -23.34
C ALA LA 270 50.20 20.04 -22.92
N LYS LA 271 50.97 20.54 -23.89
CA LYS LA 271 51.98 21.60 -23.71
C LYS LA 271 51.30 22.96 -23.56
N PRO LA 272 51.46 23.67 -22.43
CA PRO LA 272 50.79 24.95 -22.17
C PRO LA 272 50.94 25.99 -23.28
N GLU LA 273 52.09 26.04 -23.94
CA GLU LA 273 52.32 26.99 -25.02
C GLU LA 273 51.50 26.67 -26.28
N GLU LA 274 51.17 25.40 -26.52
CA GLU LA 274 50.28 24.99 -27.62
C GLU LA 274 48.81 25.28 -27.30
N LEU LA 275 48.42 25.04 -26.04
CA LEU LA 275 47.11 25.46 -25.55
C LEU LA 275 46.94 26.98 -25.53
N GLY LA 276 48.03 27.76 -25.58
CA GLY LA 276 47.97 29.21 -25.55
C GLY LA 276 47.76 29.78 -24.15
N ILE LA 277 48.24 29.09 -23.12
CA ILE LA 277 48.25 29.60 -21.75
C ILE LA 277 49.08 30.88 -21.68
N ASN LA 278 48.54 31.97 -21.13
CA ASN LA 278 49.28 33.22 -20.91
C ASN LA 278 50.33 33.05 -19.82
N ALA LA 279 51.61 33.13 -20.15
CA ALA LA 279 52.70 32.89 -19.20
C ALA LA 279 52.71 33.85 -18.01
N GLU LA 280 52.17 35.06 -18.18
CA GLU LA 280 52.06 36.07 -17.12
C GLU LA 280 51.07 35.69 -16.01
N THR LA 281 50.03 34.92 -16.33
CA THR LA 281 48.87 34.69 -15.45
C THR LA 281 48.53 33.22 -15.26
N GLY LA 282 49.15 32.32 -16.02
CA GLY LA 282 49.03 30.87 -15.88
C GLY LA 282 47.72 30.26 -16.39
N GLN LA 283 46.90 31.00 -17.15
CA GLN LA 283 45.58 30.52 -17.60
C GLN LA 283 45.12 31.11 -18.93
N ARG LA 284 44.25 30.38 -19.63
CA ARG LA 284 43.52 30.83 -20.82
C ARG LA 284 42.02 30.73 -20.56
N MET LA 285 41.29 31.83 -20.70
CA MET LA 285 39.82 31.82 -20.62
C MET LA 285 39.23 31.38 -21.96
N PHE LA 286 38.05 30.77 -21.96
CA PHE LA 286 37.32 30.42 -23.19
C PHE LA 286 35.80 30.43 -22.99
N ASP LA 287 35.03 30.60 -24.06
CA ASP LA 287 33.56 30.64 -24.00
C ASP LA 287 32.97 29.26 -23.75
N ALA LA 288 32.38 29.08 -22.57
CA ALA LA 288 31.97 27.79 -22.03
C ALA LA 288 30.51 27.38 -22.31
N TYR LA 289 29.82 27.98 -23.26
CA TYR LA 289 28.41 27.67 -23.52
C TYR LA 289 28.16 26.22 -23.95
N MET LA 290 26.92 25.77 -23.91
CA MET LA 290 26.53 24.39 -24.25
C MET LA 290 27.07 23.88 -25.59
N ALA LA 291 27.34 22.57 -25.65
CA ALA LA 291 27.65 21.80 -26.85
C ALA LA 291 28.86 22.26 -27.69
N ARG LA 292 29.61 23.28 -27.27
CA ARG LA 292 30.85 23.71 -27.94
C ARG LA 292 31.92 22.65 -27.73
N ILE LA 293 32.21 21.86 -28.75
CA ILE LA 293 33.19 20.77 -28.69
C ILE LA 293 34.60 21.37 -28.67
N LEU LA 294 35.38 21.10 -27.63
CA LEU LA 294 36.79 21.51 -27.57
C LEU LA 294 37.65 20.53 -28.37
N ALA LA 295 38.72 21.00 -29.01
CA ALA LA 295 39.62 20.15 -29.77
C ALA LA 295 41.09 20.47 -29.45
N PHE LA 296 41.92 19.44 -29.33
CA PHE LA 296 43.33 19.53 -28.96
C PHE LA 296 44.24 18.70 -29.86
N GLU LA 297 45.41 19.25 -30.17
CA GLU LA 297 46.53 18.53 -30.78
C GLU LA 297 47.16 17.55 -29.76
N GLY LA 298 47.18 16.26 -30.10
CA GLY LA 298 47.48 15.15 -29.18
C GLY LA 298 48.96 14.89 -28.96
N GLY LA 299 49.74 15.93 -28.66
CA GLY LA 299 51.16 15.80 -28.31
C GLY LA 299 51.36 14.90 -27.09
N GLU LA 300 52.46 14.16 -27.02
CA GLU LA 300 52.75 13.21 -25.92
C GLU LA 300 51.67 12.14 -25.70
N GLY LA 301 50.77 11.90 -26.65
CA GLY LA 301 49.60 11.05 -26.45
C GLY LA 301 48.63 11.60 -25.40
N ALA LA 302 48.49 12.93 -25.31
CA ALA LA 302 47.67 13.59 -24.30
C ALA LA 302 46.20 13.14 -24.30
N HIS LA 303 45.59 13.17 -23.12
CA HIS LA 303 44.19 12.80 -22.90
C HIS LA 303 43.64 13.44 -21.61
N ALA LA 304 42.32 13.45 -21.46
CA ALA LA 304 41.67 13.94 -20.25
C ALA LA 304 41.56 12.83 -19.20
N GLU LA 305 41.37 13.21 -17.94
CA GLU LA 305 40.78 12.39 -16.88
C GLU LA 305 40.31 13.28 -15.73
N GLN LA 306 39.53 12.76 -14.78
CA GLN LA 306 38.95 13.58 -13.72
C GLN LA 306 39.00 12.88 -12.37
N PHE LA 307 39.13 13.64 -11.30
CA PHE LA 307 38.80 13.14 -9.98
C PHE LA 307 37.28 13.22 -9.79
N SER LA 308 36.69 12.21 -9.17
CA SER LA 308 35.26 12.22 -8.86
C SER LA 308 34.91 13.30 -7.84
N ALA LA 309 33.63 13.62 -7.72
CA ALA LA 309 33.11 14.29 -6.55
C ALA LA 309 33.26 13.42 -5.30
N ALA LA 310 33.23 14.04 -4.13
CA ALA LA 310 32.91 13.36 -2.88
C ALA LA 310 31.39 13.29 -2.71
N GLU LA 311 30.84 12.13 -2.35
CA GLU LA 311 29.41 11.98 -2.12
C GLU LA 311 29.01 12.54 -0.75
N LEU LA 312 28.25 13.64 -0.69
CA LEU LA 312 27.88 14.25 0.59
C LEU LA 312 27.01 13.32 1.45
N ARG LA 313 26.29 12.37 0.85
CA ARG LA 313 25.51 11.38 1.61
C ARG LA 313 26.35 10.55 2.56
N ASN LA 314 27.65 10.38 2.30
CA ASN LA 314 28.55 9.68 3.20
C ASN LA 314 28.72 10.40 4.55
N PHE LA 315 28.42 11.70 4.64
CA PHE LA 315 28.25 12.41 5.91
C PHE LA 315 26.78 12.40 6.35
N VAL LA 316 25.83 12.60 5.43
CA VAL LA 316 24.43 12.76 5.82
C VAL LA 316 23.86 11.50 6.46
N ASP LA 317 24.18 10.31 5.96
CA ASP LA 317 23.74 9.10 6.63
C ASP LA 317 24.60 8.73 7.85
N ALA LA 318 25.50 9.60 8.29
CA ALA LA 318 26.04 9.62 9.65
C ALA LA 318 25.36 10.67 10.55
N LEU LA 319 24.99 11.85 10.04
CA LEU LA 319 24.13 12.78 10.79
C LEU LA 319 22.82 12.09 11.20
N ASP LA 320 22.23 11.28 10.34
CA ASP LA 320 21.03 10.50 10.65
C ASP LA 320 21.27 9.34 11.63
N ALA LA 321 22.51 9.07 12.05
CA ALA LA 321 22.78 8.25 13.22
C ALA LA 321 22.84 9.11 14.48
N LEU LA 322 23.57 10.23 14.46
CA LEU LA 322 23.65 11.09 15.64
C LEU LA 322 22.30 11.70 16.02
N ASP LA 323 21.39 12.01 15.09
CA ASP LA 323 20.03 12.41 15.47
C ASP LA 323 19.33 11.33 16.29
N ARG LA 324 19.55 10.05 16.00
CA ARG LA 324 18.95 8.97 16.77
C ARG LA 324 19.59 8.85 18.14
N LYS LA 325 20.91 9.08 18.27
CA LYS LA 325 21.54 9.17 19.59
C LYS LA 325 21.06 10.39 20.38
N ALA LA 326 20.89 11.54 19.74
CA ALA LA 326 20.37 12.73 20.41
C ALA LA 326 18.95 12.48 20.94
N ALA LA 327 18.07 11.85 20.16
CA ALA LA 327 16.76 11.43 20.63
C ALA LA 327 16.87 10.45 21.79
N SER LA 328 17.64 9.38 21.64
CA SER LA 328 17.81 8.33 22.64
C SER LA 328 18.35 8.85 23.98
N TYR LA 329 19.38 9.69 23.99
CA TYR LA 329 20.00 10.16 25.23
C TYR LA 329 19.16 11.24 25.92
N SER LA 330 18.51 12.12 25.16
CA SER LA 330 17.65 13.16 25.72
C SER LA 330 16.28 12.63 26.18
N GLY LA 331 15.73 11.61 25.52
CA GLY LA 331 14.40 11.08 25.82
C GLY LA 331 13.25 11.92 25.26
N LEU LA 332 13.53 12.83 24.33
CA LEU LA 332 12.49 13.48 23.54
C LEU LA 332 11.71 12.47 22.70
N PRO LA 333 10.48 12.79 22.27
CA PRO LA 333 9.85 12.05 21.19
C PRO LA 333 10.75 12.08 19.96
N PRO LA 334 11.06 10.95 19.30
CA PRO LA 334 11.94 10.95 18.13
C PRO LA 334 11.55 11.95 17.04
N GLN LA 335 10.27 12.30 16.94
CA GLN LA 335 9.74 13.27 15.99
C GLN LA 335 10.29 14.70 16.19
N TYR LA 336 10.77 15.06 17.38
CA TYR LA 336 11.44 16.37 17.60
C TYR LA 336 12.81 16.44 16.91
N LEU LA 337 13.45 15.30 16.66
CA LEU LA 337 14.77 15.23 16.03
C LEU LA 337 14.63 14.87 14.54
N SER LA 338 14.27 13.63 14.25
CA SER LA 338 14.35 13.05 12.91
C SER LA 338 13.03 13.17 12.17
N SER LA 339 12.90 14.19 11.32
CA SER LA 339 11.68 14.46 10.56
C SER LA 339 11.26 13.26 9.69
N SER LA 340 9.98 12.90 9.70
CA SER LA 340 9.41 11.69 9.08
C SER LA 340 10.02 10.35 9.55
N SER LA 341 10.73 10.30 10.68
CA SER LA 341 11.00 9.02 11.34
C SER LA 341 9.72 8.37 11.87
N ASP LA 342 8.74 9.17 12.31
CA ASP LA 342 7.34 8.79 12.53
C ASP LA 342 6.45 10.05 12.63
N ASN LA 343 5.13 9.87 12.59
CA ASN LA 343 4.13 10.89 12.90
C ASN LA 343 2.87 10.20 13.50
N PRO LA 344 2.43 10.54 14.72
CA PRO LA 344 1.39 9.78 15.41
C PRO LA 344 -0.02 10.05 14.86
N ALA LA 345 -0.78 8.99 14.56
CA ALA LA 345 -2.13 9.11 14.00
C ALA LA 345 -3.27 9.12 15.04
N SER LA 346 -2.99 8.81 16.29
CA SER LA 346 -4.00 8.37 17.28
C SER LA 346 -3.73 8.95 18.66
N ALA LA 347 -4.72 8.98 19.56
CA ALA LA 347 -4.52 9.44 20.93
C ALA LA 347 -3.49 8.59 21.67
N GLU LA 348 -3.58 7.27 21.64
CA GLU LA 348 -2.59 6.41 22.30
C GLU LA 348 -1.20 6.52 21.66
N ALA LA 349 -1.12 6.78 20.35
CA ALA LA 349 0.15 7.01 19.68
C ALA LA 349 0.87 8.26 20.20
N ILE LA 350 0.12 9.29 20.60
CA ILE LA 350 0.71 10.43 21.30
C ILE LA 350 1.22 10.00 22.68
N LYS LA 351 0.41 9.26 23.45
CA LYS LA 351 0.83 8.79 24.78
C LYS LA 351 2.03 7.86 24.73
N ALA LA 352 2.25 7.15 23.63
CA ALA LA 352 3.50 6.43 23.42
C ALA LA 352 4.67 7.40 23.26
N ALA LA 353 4.61 8.24 22.22
CA ALA LA 353 5.72 9.08 21.80
C ALA LA 353 6.17 10.02 22.92
N GLU LA 354 5.22 10.58 23.66
CA GLU LA 354 5.49 11.54 24.71
C GLU LA 354 5.96 10.92 26.03
N SER LA 355 5.89 9.59 26.19
CA SER LA 355 5.97 8.94 27.50
C SER LA 355 7.20 9.32 28.32
N ARG LA 356 8.40 9.20 27.75
CA ARG LA 356 9.64 9.51 28.48
C ARG LA 356 9.66 10.96 28.90
N LEU LA 357 9.40 11.88 27.98
CA LEU LA 357 9.42 13.31 28.25
C LEU LA 357 8.41 13.67 29.34
N VAL LA 358 7.16 13.24 29.23
CA VAL LA 358 6.13 13.48 30.25
C VAL LA 358 6.56 13.00 31.61
N LYS LA 359 7.06 11.77 31.69
CA LYS LA 359 7.39 11.20 33.00
C LYS LA 359 8.60 11.87 33.62
N LYS LA 360 9.55 12.32 32.82
CA LYS LA 360 10.68 13.10 33.31
C LYS LA 360 10.24 14.46 33.83
N VAL LA 361 9.37 15.18 33.12
CA VAL LA 361 8.83 16.45 33.62
C VAL LA 361 8.09 16.22 34.94
N GLU LA 362 7.27 15.18 35.02
CA GLU LA 362 6.54 14.87 36.24
C GLU LA 362 7.46 14.63 37.44
N ARG LA 363 8.65 14.06 37.22
CA ARG LA 363 9.66 13.93 38.28
C ARG LA 363 10.33 15.25 38.63
N LYS LA 364 10.67 16.10 37.67
CA LYS LA 364 11.21 17.43 38.01
C LYS LA 364 10.20 18.28 38.77
N ASN LA 365 8.90 18.13 38.52
CA ASN LA 365 7.88 18.81 39.31
C ASN LA 365 7.96 18.43 40.79
N LYS LA 366 8.33 17.20 41.14
CA LYS LA 366 8.56 16.84 42.55
C LYS LA 366 9.73 17.62 43.10
N ILE LA 367 10.89 17.53 42.46
CA ILE LA 367 12.14 18.08 43.01
C ILE LA 367 12.09 19.60 43.13
N PHE LA 368 11.46 20.32 42.19
CA PHE LA 368 11.26 21.77 42.34
C PHE LA 368 10.11 22.11 43.28
N GLY LA 369 9.06 21.29 43.33
CA GLY LA 369 7.98 21.47 44.31
C GLY LA 369 8.51 21.48 45.74
N GLY LA 370 9.49 20.63 46.03
CA GLY LA 370 10.20 20.60 47.30
C GLY LA 370 11.02 21.84 47.64
N ALA LA 371 11.27 22.73 46.69
CA ALA LA 371 11.81 24.04 46.99
C ALA LA 371 10.68 25.02 47.27
N TRP LA 372 9.68 25.10 46.39
CA TRP LA 372 8.61 26.08 46.57
C TRP LA 372 7.82 25.85 47.85
N GLU LA 373 7.47 24.63 48.21
CA GLU LA 373 6.78 24.38 49.47
C GLU LA 373 7.62 24.83 50.67
N GLN LA 374 8.94 24.75 50.58
CA GLN LA 374 9.82 25.24 51.63
C GLN LA 374 9.87 26.76 51.65
N ALA LA 375 9.90 27.41 50.50
CA ALA LA 375 9.95 28.86 50.40
C ALA LA 375 8.65 29.51 50.89
N MET LA 376 7.47 29.00 50.50
CA MET LA 376 6.22 29.60 50.94
C MET LA 376 6.08 29.51 52.46
N ARG LA 377 6.42 28.38 53.07
CA ARG LA 377 6.37 28.22 54.52
C ARG LA 377 7.31 29.19 55.23
N LEU LA 378 8.49 29.45 54.68
CA LEU LA 378 9.39 30.47 55.21
C LEU LA 378 8.80 31.87 55.04
N ALA LA 379 8.27 32.20 53.87
CA ALA LA 379 7.64 33.51 53.64
C ALA LA 379 6.46 33.77 54.58
N TYR LA 380 5.66 32.75 54.89
CA TYR LA 380 4.61 32.84 55.89
C TYR LA 380 5.18 33.23 57.26
N LYS LA 381 6.24 32.56 57.70
CA LYS LA 381 6.87 32.86 58.99
C LYS LA 381 7.42 34.28 59.02
N MET LA 382 7.90 34.79 57.89
CA MET LA 382 8.31 36.18 57.78
C MET LA 382 7.13 37.14 57.88
N VAL LA 383 6.11 37.03 57.04
CA VAL LA 383 5.06 38.06 56.95
C VAL LA 383 4.02 37.97 58.06
N LYS LA 384 3.58 36.77 58.46
CA LYS LA 384 2.63 36.61 59.56
C LYS LA 384 3.30 36.70 60.93
N GLY LA 385 4.62 36.51 60.99
CA GLY LA 385 5.34 36.38 62.25
C GLY LA 385 4.93 35.11 63.00
N GLY LA 386 5.23 35.06 64.29
CA GLY LA 386 4.85 33.93 65.14
C GLY LA 386 5.56 32.65 64.73
N ASP LA 387 4.80 31.60 64.43
CA ASP LA 387 5.33 30.28 64.05
C ASP LA 387 4.38 29.53 63.12
N ILE LA 388 4.88 28.51 62.45
CA ILE LA 388 4.12 27.71 61.49
C ILE LA 388 2.98 26.94 62.16
N PRO LA 389 1.73 26.99 61.67
CA PRO LA 389 0.69 26.06 62.07
C PRO LA 389 1.01 24.70 61.46
N THR LA 390 1.18 23.66 62.27
CA THR LA 390 1.97 22.48 61.89
C THR LA 390 1.49 21.75 60.64
N GLU LA 391 0.24 21.90 60.24
CA GLU LA 391 -0.27 21.36 58.98
C GLU LA 391 0.52 21.86 57.77
N TYR LA 392 1.10 23.05 57.82
CA TYR LA 392 1.91 23.58 56.73
C TYR LA 392 3.15 22.72 56.44
N TYR LA 393 3.63 21.90 57.39
CA TYR LA 393 4.72 20.98 57.08
C TYR LA 393 4.29 19.88 56.11
N ARG LA 394 2.99 19.66 55.91
CA ARG LA 394 2.41 18.69 54.96
C ARG LA 394 1.97 19.33 53.64
N MET LA 395 2.29 20.59 53.40
CA MET LA 395 1.89 21.28 52.19
C MET LA 395 2.43 20.60 50.92
N GLU LA 396 1.59 20.47 49.90
CA GLU LA 396 1.93 19.88 48.60
C GLU LA 396 1.80 20.93 47.49
N THR LA 397 2.79 21.07 46.61
CA THR LA 397 2.60 21.77 45.33
C THR LA 397 1.77 20.94 44.38
N VAL LA 398 0.88 21.55 43.60
CA VAL LA 398 0.09 20.87 42.57
C VAL LA 398 0.42 21.45 41.20
N TRP LA 399 0.77 20.59 40.24
CA TRP LA 399 1.29 20.99 38.93
C TRP LA 399 0.41 20.50 37.79
N ARG LA 400 0.38 21.20 36.66
CA ARG LA 400 -0.33 20.76 35.45
C ARG LA 400 0.13 19.37 35.03
N ASP LA 401 -0.72 18.59 34.37
CA ASP LA 401 -0.29 17.38 33.71
C ASP LA 401 0.61 17.73 32.51
N PRO LA 402 1.86 17.24 32.40
CA PRO LA 402 2.75 17.58 31.29
C PRO LA 402 2.32 17.06 29.91
N SER LA 403 1.32 16.18 29.83
CA SER LA 403 0.83 15.63 28.56
C SER LA 403 0.22 16.70 27.66
N THR LA 404 0.31 16.53 26.34
CA THR LA 404 -0.47 17.36 25.40
C THR LA 404 -1.96 17.03 25.58
N PRO LA 405 -2.85 18.01 25.74
CA PRO LA 405 -4.22 17.74 26.18
C PRO LA 405 -5.06 17.12 25.06
N THR LA 406 -5.46 15.87 25.24
CA THR LA 406 -6.32 15.10 24.34
C THR LA 406 -7.81 15.40 24.58
N TYR LA 407 -8.17 16.68 24.62
CA TYR LA 407 -9.45 17.13 25.20
C TYR LA 407 -10.70 16.42 24.66
N ALA LA 408 -10.77 16.10 23.38
CA ALA LA 408 -11.90 15.34 22.85
C ALA LA 408 -12.01 13.95 23.48
N ALA LA 409 -10.91 13.20 23.60
CA ALA LA 409 -10.91 11.90 24.24
C ALA LA 409 -11.22 11.99 25.74
N LYS LA 410 -10.67 12.98 26.44
CA LYS LA 410 -10.96 13.20 27.86
C LYS LA 410 -12.44 13.51 28.08
N ALA LA 411 -13.02 14.41 27.29
CA ALA LA 411 -14.42 14.79 27.41
C ALA LA 411 -15.39 13.61 27.19
N ASP LA 412 -15.15 12.78 26.17
CA ASP LA 412 -15.97 11.59 25.93
C ASP LA 412 -15.85 10.55 27.05
N ALA LA 413 -14.68 10.45 27.68
CA ALA LA 413 -14.49 9.56 28.81
C ALA LA 413 -15.15 10.08 30.08
N ALA LA 414 -14.91 11.33 30.46
CA ALA LA 414 -15.47 11.90 31.68
C ALA LA 414 -16.99 11.88 31.67
N ALA LA 415 -17.63 12.11 30.53
CA ALA LA 415 -19.08 11.97 30.43
C ALA LA 415 -19.54 10.54 30.73
N LYS LA 416 -18.90 9.53 30.13
CA LYS LA 416 -19.25 8.12 30.38
C LYS LA 416 -19.00 7.70 31.82
N LEU LA 417 -18.07 8.33 32.52
CA LEU LA 417 -17.88 8.15 33.96
C LEU LA 417 -19.03 8.74 34.79
N PHE LA 418 -19.46 9.97 34.49
CA PHE LA 418 -20.42 10.70 35.32
C PHE LA 418 -21.88 10.32 35.04
N ALA LA 419 -22.23 9.96 33.81
CA ALA LA 419 -23.56 9.45 33.41
C ALA LA 419 -24.74 10.28 33.96
N ASN LA 420 -24.71 11.59 33.69
CA ASN LA 420 -25.74 12.55 34.11
C ASN LA 420 -26.03 12.53 35.63
N GLY LA 421 -25.02 12.23 36.43
CA GLY LA 421 -25.09 12.18 37.90
C GLY LA 421 -25.39 10.80 38.48
N ALA LA 422 -25.79 9.82 37.67
CA ALA LA 422 -26.02 8.45 38.14
C ALA LA 422 -24.74 7.61 38.23
N GLY LA 423 -23.63 8.12 37.72
CA GLY LA 423 -22.45 7.33 37.39
C GLY LA 423 -21.50 7.04 38.56
N LEU LA 424 -20.29 6.65 38.20
CA LEU LA 424 -19.31 6.10 39.12
C LEU LA 424 -18.64 7.16 40.00
N ILE LA 425 -18.50 8.41 39.56
CA ILE LA 425 -17.73 9.45 40.27
C ILE LA 425 -18.54 10.69 40.63
N PRO LA 426 -18.20 11.41 41.72
CA PRO LA 426 -18.78 12.70 42.04
C PRO LA 426 -18.34 13.74 41.01
N ARG LA 427 -19.12 14.81 40.83
CA ARG LA 427 -18.85 15.84 39.83
C ARG LA 427 -17.46 16.43 39.99
N GLU LA 428 -17.02 16.71 41.22
CA GLU LA 428 -15.74 17.39 41.42
C GLU LA 428 -14.55 16.59 40.87
N ARG LA 429 -14.45 15.28 41.10
CA ARG LA 429 -13.39 14.48 40.47
C ARG LA 429 -13.57 14.44 38.96
N GLY LA 430 -14.78 14.47 38.43
CA GLY LA 430 -14.96 14.67 37.00
C GLY LA 430 -14.25 15.93 36.50
N TRP LA 431 -14.38 17.07 37.20
CA TRP LA 431 -13.67 18.29 36.85
C TRP LA 431 -12.15 18.14 36.99
N VAL LA 432 -11.66 17.45 38.01
CA VAL LA 432 -10.22 17.21 38.14
C VAL LA 432 -9.69 16.35 37.01
N ASP LA 433 -10.41 15.31 36.58
CA ASP LA 433 -9.96 14.45 35.48
C ASP LA 433 -9.92 15.20 34.14
N MET LA 434 -10.80 16.17 33.92
CA MET LA 434 -10.70 17.08 32.78
C MET LA 434 -9.53 18.06 32.88
N GLY LA 435 -8.88 18.17 34.03
CA GLY LA 435 -7.66 18.95 34.20
C GLY LA 435 -7.87 20.44 34.46
N TYR LA 436 -9.07 20.87 34.85
CA TYR LA 436 -9.30 22.26 35.23
C TYR LA 436 -8.50 22.62 36.49
N THR LA 437 -7.77 23.75 36.48
CA THR LA 437 -6.94 24.18 37.62
C THR LA 437 -7.79 24.57 38.84
N ILE LA 438 -7.17 24.70 40.02
CA ILE LA 438 -7.88 25.09 41.25
C ILE LA 438 -8.72 26.35 41.03
N VAL LA 439 -8.13 27.41 40.50
CA VAL LA 439 -8.86 28.67 40.31
C VAL LA 439 -9.97 28.52 39.29
N GLU LA 440 -9.77 27.74 38.23
CA GLU LA 440 -10.81 27.55 37.22
C GLU LA 440 -11.95 26.67 37.75
N ARG LA 441 -11.67 25.72 38.64
CA ARG LA 441 -12.74 24.98 39.33
C ARG LA 441 -13.48 25.85 40.32
N GLU LA 442 -12.82 26.79 40.99
CA GLU LA 442 -13.54 27.72 41.84
C GLU LA 442 -14.47 28.62 41.04
N GLN LA 443 -14.09 29.10 39.85
CA GLN LA 443 -15.03 29.79 38.97
C GLN LA 443 -16.23 28.90 38.67
N MET LA 444 -16.01 27.67 38.20
CA MET LA 444 -17.11 26.79 37.84
C MET LA 444 -18.04 26.50 39.01
N ARG LA 445 -17.54 26.40 40.23
CA ARG LA 445 -18.38 26.19 41.42
C ARG LA 445 -19.36 27.32 41.66
N GLN LA 446 -19.07 28.54 41.19
CA GLN LA 446 -20.00 29.66 41.24
C GLN LA 446 -20.95 29.63 40.04
N TRP LA 447 -20.46 29.36 38.84
CA TRP LA 447 -21.32 29.26 37.65
C TRP LA 447 -22.33 28.12 37.75
N LEU LA 448 -21.94 26.99 38.34
CA LEU LA 448 -22.83 25.87 38.61
C LEU LA 448 -23.97 26.29 39.53
N GLU LA 449 -23.68 27.07 40.57
CA GLU LA 449 -24.70 27.57 41.46
C GLU LA 449 -25.67 28.51 40.72
N GLN LA 450 -25.19 29.40 39.86
CA GLN LA 450 -26.07 30.25 39.05
C GLN LA 450 -26.96 29.43 38.12
N ASP LA 451 -26.41 28.40 37.46
CA ASP LA 451 -27.18 27.54 36.57
C ASP LA 451 -28.23 26.75 37.36
N GLN LA 452 -27.90 26.19 38.52
CA GLN LA 452 -28.87 25.48 39.36
C GLN LA 452 -29.95 26.43 39.91
N LYS LA 453 -29.60 27.67 40.25
CA LYS LA 453 -30.57 28.71 40.62
C LYS LA 453 -31.56 28.99 39.49
N GLN LA 454 -31.09 29.04 38.24
CA GLN LA 454 -31.92 29.33 37.08
C GLN LA 454 -32.85 28.16 36.69
N GLY LA 455 -32.31 26.93 36.69
CA GLY LA 455 -33.05 25.70 36.37
C GLY LA 455 -33.29 25.48 34.88
N SER MA 6 31.59 -7.72 75.08
CA SER MA 6 31.34 -6.27 74.95
C SER MA 6 32.15 -5.72 73.78
N ILE MA 7 32.14 -4.40 73.55
CA ILE MA 7 32.86 -3.71 72.46
C ILE MA 7 33.27 -2.28 72.86
N ASP MA 8 34.25 -1.71 72.16
CA ASP MA 8 34.83 -0.39 72.43
C ASP MA 8 34.34 0.64 71.39
N PRO MA 9 33.69 1.75 71.78
CA PRO MA 9 33.09 2.70 70.84
C PRO MA 9 34.12 3.55 70.10
N GLU MA 10 35.25 3.88 70.71
CA GLU MA 10 36.37 4.51 70.01
C GLU MA 10 36.95 3.54 68.98
N LYS MA 11 37.06 2.25 69.32
CA LYS MA 11 37.57 1.28 68.36
C LYS MA 11 36.61 1.04 67.20
N LEU MA 12 35.30 1.07 67.44
CA LEU MA 12 34.33 1.04 66.35
C LEU MA 12 34.44 2.30 65.50
N ARG MA 13 34.60 3.49 66.09
CA ARG MA 13 34.81 4.73 65.34
C ARG MA 13 36.00 4.63 64.39
N ASP MA 14 37.09 3.98 64.81
CA ASP MA 14 38.19 3.63 63.89
C ASP MA 14 37.76 2.61 62.85
N GLN MA 15 37.28 1.45 63.29
CA GLN MA 15 37.11 0.28 62.44
C GLN MA 15 36.08 0.51 61.33
N LEU MA 16 34.98 1.19 61.63
CA LEU MA 16 33.95 1.46 60.66
C LEU MA 16 34.43 2.43 59.59
N LEU MA 17 35.23 3.43 59.93
CA LEU MA 17 35.73 4.37 58.92
C LEU MA 17 36.69 3.69 57.95
N ASP MA 18 37.44 2.67 58.38
CA ASP MA 18 38.18 1.84 57.42
C ASP MA 18 37.24 1.09 56.48
N ALA MA 19 36.21 0.44 56.99
CA ALA MA 19 35.29 -0.33 56.14
C ALA MA 19 34.52 0.57 55.16
N PHE MA 20 34.10 1.75 55.62
CA PHE MA 20 33.44 2.75 54.79
C PHE MA 20 34.36 3.26 53.68
N GLU MA 21 35.60 3.60 53.98
CA GLU MA 21 36.56 4.02 52.96
C GLU MA 21 36.86 2.89 51.99
N ASN MA 22 37.10 1.68 52.48
CA ASN MA 22 37.34 0.49 51.66
C ASN MA 22 36.23 0.29 50.62
N LYS MA 23 34.97 0.52 51.00
CA LYS MA 23 33.82 0.34 50.12
C LYS MA 23 33.80 1.29 48.92
N GLN MA 24 34.39 2.47 49.00
CA GLN MA 24 34.20 3.49 47.97
C GLN MA 24 34.66 3.07 46.57
N ASN MA 25 35.75 2.31 46.45
CA ASN MA 25 36.20 1.88 45.13
C ASN MA 25 35.27 0.85 44.49
N GLU MA 26 34.47 0.13 45.26
CA GLU MA 26 33.49 -0.80 44.70
C GLU MA 26 32.32 -0.06 44.03
N LEU MA 27 31.98 1.12 44.56
CA LEU MA 27 30.96 1.98 43.99
C LEU MA 27 31.49 2.75 42.80
N LYS MA 28 32.75 3.19 42.87
CA LYS MA 28 33.35 4.15 41.92
C LYS MA 28 33.15 3.79 40.46
N SER MA 29 33.28 2.51 40.10
CA SER MA 29 33.09 2.07 38.72
C SER MA 29 31.63 2.23 38.28
N SER MA 30 30.67 1.75 39.05
CA SER MA 30 29.24 1.88 38.71
C SER MA 30 28.80 3.32 38.59
N LYS MA 31 29.35 4.24 39.39
CA LYS MA 31 29.12 5.68 39.23
C LYS MA 31 29.54 6.14 37.83
N ALA MA 32 30.70 5.73 37.35
CA ALA MA 32 31.24 6.21 36.08
C ALA MA 32 30.32 5.91 34.91
N TYR MA 33 29.64 4.76 34.91
CA TYR MA 33 28.66 4.43 33.89
C TYR MA 33 27.43 5.34 33.95
N TYR MA 34 26.91 5.68 35.12
CA TYR MA 34 25.74 6.55 35.21
C TYR MA 34 26.07 8.01 34.95
N ASP MA 35 27.20 8.51 35.46
CA ASP MA 35 27.66 9.87 35.14
C ASP MA 35 28.08 10.02 33.67
N ALA MA 36 28.41 8.91 33.01
CA ALA MA 36 29.12 8.88 31.73
C ALA MA 36 30.47 9.59 31.79
N GLU MA 37 31.27 9.29 32.82
CA GLU MA 37 32.65 9.73 32.93
C GLU MA 37 33.57 8.96 31.97
N ARG MA 38 34.78 9.47 31.71
CA ARG MA 38 35.83 8.77 30.97
C ARG MA 38 36.09 7.37 31.54
N ARG MA 39 36.12 6.35 30.69
CA ARG MA 39 36.52 4.98 31.03
C ARG MA 39 37.50 4.47 29.97
N PRO MA 40 38.60 3.80 30.33
CA PRO MA 40 39.56 3.30 29.35
C PRO MA 40 38.93 2.42 28.28
N ASP MA 41 38.04 1.49 28.65
CA ASP MA 41 37.50 0.51 27.69
C ASP MA 41 36.62 1.15 26.60
N ALA MA 42 36.09 2.34 26.82
CA ALA MA 42 35.27 3.04 25.85
C ALA MA 42 36.06 3.60 24.66
N ILE MA 43 37.38 3.74 24.77
CA ILE MA 43 38.18 4.50 23.82
C ILE MA 43 38.32 3.76 22.49
N GLY MA 44 38.04 4.44 21.38
CA GLY MA 44 38.08 3.84 20.04
C GLY MA 44 39.50 3.57 19.58
N LEU MA 45 39.89 2.30 19.47
CA LEU MA 45 41.29 1.93 19.30
C LEU MA 45 41.89 2.40 17.97
N ALA MA 46 41.08 2.62 16.93
CA ALA MA 46 41.56 3.10 15.65
C ALA MA 46 41.93 4.59 15.66
N VAL MA 47 41.48 5.37 16.64
CA VAL MA 47 41.65 6.82 16.61
C VAL MA 47 43.09 7.22 16.95
N PRO MA 48 43.75 8.07 16.15
CA PRO MA 48 45.11 8.55 16.42
C PRO MA 48 45.28 9.21 17.78
N LEU MA 49 46.45 9.10 18.41
CA LEU MA 49 46.64 9.51 19.80
C LEU MA 49 46.34 10.98 20.07
N ASP MA 50 46.53 11.86 19.10
CA ASP MA 50 46.22 13.28 19.26
C ASP MA 50 44.70 13.51 19.22
N MET MA 51 43.95 12.76 18.42
CA MET MA 51 42.49 12.84 18.39
C MET MA 51 41.82 12.10 19.55
N ARG MA 52 42.52 11.19 20.22
CA ARG MA 52 41.97 10.37 21.30
C ARG MA 52 41.44 11.16 22.51
N LYS MA 53 41.69 12.48 22.54
CA LYS MA 53 41.04 13.44 23.45
C LYS MA 53 39.53 13.57 23.25
N TYR MA 54 39.04 13.42 22.02
CA TYR MA 54 37.64 13.59 21.66
C TYR MA 54 36.79 12.36 21.99
N LEU MA 55 36.48 12.17 23.27
CA LEU MA 55 35.66 11.04 23.73
C LEU MA 55 34.23 11.10 23.17
N ALA MA 56 33.52 9.98 23.26
CA ALA MA 56 32.19 9.79 22.69
C ALA MA 56 31.29 9.01 23.67
N HIS MA 57 30.78 9.71 24.68
CA HIS MA 57 30.01 9.11 25.78
C HIS MA 57 28.66 8.53 25.33
N VAL MA 58 28.21 7.46 25.98
CA VAL MA 58 27.01 6.68 25.62
C VAL MA 58 26.01 6.64 26.75
N GLY MA 59 24.74 6.94 26.48
CA GLY MA 59 23.70 7.18 27.48
C GLY MA 59 22.82 5.99 27.88
N TYR MA 60 23.12 4.75 27.50
CA TYR MA 60 22.27 3.61 27.88
C TYR MA 60 22.10 3.43 29.39
N PRO MA 61 23.14 3.44 30.23
CA PRO MA 61 22.97 3.18 31.65
C PRO MA 61 22.09 4.21 32.34
N ARG MA 62 22.28 5.50 32.07
CA ARG MA 62 21.39 6.54 32.59
C ARG MA 62 19.97 6.30 32.12
N THR MA 63 19.79 6.03 30.84
CA THR MA 63 18.46 5.79 30.26
C THR MA 63 17.77 4.62 30.92
N TYR MA 64 18.46 3.51 31.16
CA TYR MA 64 17.85 2.36 31.81
C TYR MA 64 17.53 2.61 33.28
N VAL MA 65 18.46 3.13 34.08
CA VAL MA 65 18.17 3.33 35.51
C VAL MA 65 17.10 4.37 35.71
N ASP MA 66 17.10 5.46 34.94
CA ASP MA 66 16.03 6.44 35.04
C ASP MA 66 14.69 5.84 34.62
N ALA MA 67 14.63 5.11 33.51
CA ALA MA 67 13.37 4.50 33.06
C ALA MA 67 12.79 3.46 34.03
N ILE MA 68 13.49 3.08 35.09
CA ILE MA 68 12.89 2.40 36.25
C ILE MA 68 12.55 3.40 37.34
N ALA MA 69 13.52 4.12 37.89
CA ALA MA 69 13.30 4.93 39.10
C ALA MA 69 12.31 6.07 38.88
N GLU MA 70 12.18 6.54 37.65
CA GLU MA 70 11.26 7.61 37.26
C GLU MA 70 9.79 7.13 37.21
N ARG MA 71 9.51 5.85 37.47
CA ARG MA 71 8.20 5.21 37.26
C ARG MA 71 7.65 4.45 38.46
N GLN MA 72 8.13 4.74 39.67
CA GLN MA 72 7.58 4.19 40.90
C GLN MA 72 7.30 5.29 41.92
N GLU MA 73 6.09 5.30 42.49
CA GLU MA 73 5.69 6.20 43.58
C GLU MA 73 4.86 5.44 44.61
N LEU MA 74 5.12 5.65 45.89
CA LEU MA 74 4.31 5.05 46.93
C LEU MA 74 2.97 5.77 47.02
N GLU MA 75 1.84 5.05 47.05
CA GLU MA 75 0.55 5.65 47.36
C GLU MA 75 0.27 5.67 48.86
N GLY MA 76 0.67 4.61 49.56
CA GLY MA 76 0.43 4.50 51.01
C GLY MA 76 0.66 3.09 51.52
N PHE MA 77 -0.01 2.76 52.62
CA PHE MA 77 0.15 1.50 53.35
C PHE MA 77 -1.22 0.90 53.65
N ARG MA 78 -1.27 -0.39 53.95
CA ARG MA 78 -2.52 -1.12 54.18
C ARG MA 78 -2.41 -2.04 55.39
N ILE MA 79 -2.23 -1.45 56.56
CA ILE MA 79 -2.27 -2.18 57.85
C ILE MA 79 -3.68 -2.75 58.03
N PRO MA 80 -3.89 -4.06 58.18
CA PRO MA 80 -5.21 -4.62 58.40
C PRO MA 80 -5.70 -4.35 59.83
N SER MA 81 -6.99 -4.10 60.03
CA SER MA 81 -7.56 -3.97 61.36
C SER MA 81 -7.59 -5.31 62.11
N ALA MA 82 -7.47 -5.29 63.43
CA ALA MA 82 -7.64 -6.47 64.27
C ALA MA 82 -9.07 -7.06 64.24
N ASN MA 83 -10.07 -6.23 63.93
CA ASN MA 83 -11.47 -6.62 63.75
C ASN MA 83 -12.20 -5.67 62.78
N GLY MA 84 -13.19 -6.17 62.05
CA GLY MA 84 -14.10 -5.36 61.23
C GLY MA 84 -13.42 -4.62 60.08
N GLU MA 85 -12.48 -5.26 59.40
CA GLU MA 85 -11.54 -4.63 58.46
C GLU MA 85 -12.22 -3.78 57.38
N GLU MA 86 -11.95 -2.48 57.40
CA GLU MA 86 -12.48 -1.52 56.43
C GLU MA 86 -11.60 -0.26 56.40
N PRO MA 87 -10.67 -0.11 55.43
CA PRO MA 87 -9.79 1.06 55.35
C PRO MA 87 -10.54 2.35 54.96
N GLU MA 88 -11.77 2.23 54.46
CA GLU MA 88 -12.63 3.39 54.17
C GLU MA 88 -13.30 3.98 55.43
N SER MA 89 -13.24 3.29 56.59
CA SER MA 89 -14.11 3.60 57.74
C SER MA 89 -13.63 4.74 58.65
N GLY MA 90 -12.37 4.75 59.10
CA GLY MA 90 -11.92 5.62 60.20
C GLY MA 90 -11.11 6.84 59.80
N GLY MA 91 -10.65 6.93 58.54
CA GLY MA 91 -9.94 8.11 58.02
C GLY MA 91 -8.71 8.47 58.85
N GLU MA 92 -8.67 9.69 59.40
CA GLU MA 92 -7.57 10.21 60.23
C GLU MA 92 -7.37 9.45 61.56
N ASN MA 93 -8.35 8.65 61.97
CA ASN MA 93 -8.25 7.80 63.16
C ASN MA 93 -7.52 6.48 62.88
N ASP MA 94 -7.47 6.03 61.63
CA ASP MA 94 -6.88 4.73 61.27
C ASP MA 94 -5.34 4.77 61.22
N PRO MA 95 -4.67 3.67 61.59
CA PRO MA 95 -3.21 3.64 61.65
C PRO MA 95 -2.55 3.77 60.29
N ALA MA 96 -3.20 3.36 59.20
CA ALA MA 96 -2.68 3.58 57.85
C ALA MA 96 -2.50 5.08 57.55
N SER MA 97 -3.30 5.97 58.15
CA SER MA 97 -3.13 7.42 57.99
C SER MA 97 -2.04 7.99 58.89
N GLU MA 98 -1.80 7.41 60.07
CA GLU MA 98 -0.69 7.79 60.94
C GLU MA 98 0.63 7.64 60.18
N LEU MA 99 0.86 6.48 59.56
CA LEU MA 99 2.05 6.25 58.75
C LEU MA 99 2.13 7.24 57.59
N TRP MA 100 1.04 7.50 56.91
CA TRP MA 100 1.09 8.38 55.75
C TRP MA 100 1.40 9.82 56.12
N ASP MA 101 0.97 10.29 57.28
CA ASP MA 101 1.30 11.64 57.73
C ASP MA 101 2.82 11.83 57.85
N TRP MA 102 3.53 10.86 58.43
CA TRP MA 102 4.98 10.92 58.51
C TRP MA 102 5.65 10.83 57.15
N TRP MA 103 5.02 10.20 56.15
CA TRP MA 103 5.54 10.16 54.80
C TRP MA 103 5.47 11.55 54.15
N GLN MA 104 4.33 12.23 54.26
CA GLN MA 104 4.21 13.61 53.76
C GLN MA 104 5.11 14.56 54.55
N ALA MA 105 5.09 14.53 55.87
CA ALA MA 105 5.78 15.53 56.70
C ALA MA 105 7.31 15.48 56.59
N ASN MA 106 7.90 14.31 56.35
CA ASN MA 106 9.33 14.18 56.07
C ASN MA 106 9.68 14.48 54.59
N ASN MA 107 8.72 14.87 53.75
CA ASN MA 107 8.87 14.96 52.30
C ASN MA 107 9.37 13.66 51.65
N LEU MA 108 9.05 12.49 52.20
CA LEU MA 108 9.54 11.25 51.60
C LEU MA 108 9.03 11.03 50.19
N ASP MA 109 7.93 11.65 49.76
CA ASP MA 109 7.48 11.52 48.37
C ASP MA 109 8.45 12.18 47.37
N ILE MA 110 9.38 13.01 47.84
CA ILE MA 110 10.51 13.54 47.08
C ILE MA 110 11.77 12.73 47.37
N GLU MA 111 12.15 12.56 48.63
CA GLU MA 111 13.43 11.93 48.95
C GLU MA 111 13.46 10.43 48.65
N ALA MA 112 12.34 9.71 48.69
CA ALA MA 112 12.34 8.32 48.27
C ALA MA 112 12.66 8.20 46.78
N THR MA 113 12.06 9.02 45.90
CA THR MA 113 12.35 8.90 44.46
C THR MA 113 13.79 9.28 44.10
N LEU MA 114 14.51 9.98 44.97
CA LEU MA 114 15.96 10.13 44.84
C LEU MA 114 16.69 8.92 45.43
N GLY MA 115 16.36 8.48 46.63
CA GLY MA 115 17.02 7.35 47.26
C GLY MA 115 16.92 6.05 46.46
N HIS MA 116 15.78 5.79 45.83
CA HIS MA 116 15.64 4.64 44.97
C HIS MA 116 16.61 4.69 43.79
N THR MA 117 16.94 5.86 43.25
CA THR MA 117 17.96 5.94 42.19
C THR MA 117 19.33 5.52 42.68
N ASP MA 118 19.78 5.99 43.85
CA ASP MA 118 21.03 5.49 44.44
C ASP MA 118 20.96 4.01 44.76
N ALA MA 119 19.84 3.49 45.27
CA ALA MA 119 19.71 2.07 45.53
C ALA MA 119 19.83 1.24 44.26
N LEU MA 120 19.44 1.75 43.09
CA LEU MA 120 19.65 1.07 41.82
C LEU MA 120 21.07 1.26 41.31
N ILE MA 121 21.64 2.46 41.35
CA ILE MA 121 22.99 2.69 40.84
C ILE MA 121 24.00 1.91 41.67
N TYR MA 122 24.03 2.11 42.98
CA TYR MA 122 25.00 1.51 43.87
C TYR MA 122 24.56 0.18 44.49
N GLY MA 123 23.39 -0.32 44.14
CA GLY MA 123 22.84 -1.56 44.68
C GLY MA 123 22.26 -1.46 46.08
N THR MA 124 22.53 -0.40 46.84
CA THR MA 124 21.90 -0.18 48.16
C THR MA 124 21.89 1.29 48.57
N ALA MA 125 20.97 1.69 49.44
CA ALA MA 125 20.90 2.99 50.10
C ALA MA 125 20.18 2.81 51.43
N TYR MA 126 20.35 3.71 52.38
CA TYR MA 126 19.95 3.44 53.76
C TYR MA 126 18.88 4.41 54.28
N ILE MA 127 17.75 3.89 54.74
CA ILE MA 127 16.78 4.67 55.50
C ILE MA 127 17.32 4.83 56.92
N THR MA 128 17.20 5.99 57.53
CA THR MA 128 17.66 6.25 58.90
C THR MA 128 16.56 6.92 59.71
N ILE MA 129 16.32 6.46 60.93
CA ILE MA 129 15.23 6.91 61.79
C ILE MA 129 15.78 7.62 63.02
N SER MA 130 15.13 8.70 63.46
CA SER MA 130 15.59 9.49 64.62
C SER MA 130 14.46 10.35 65.18
N MET MA 131 14.64 10.92 66.37
CA MET MA 131 13.79 12.01 66.87
C MET MA 131 14.50 13.35 66.72
N PRO MA 132 13.80 14.42 66.31
CA PRO MA 132 14.40 15.73 66.09
C PRO MA 132 14.76 16.44 67.40
N ASP MA 133 15.80 17.28 67.35
CA ASP MA 133 16.34 17.99 68.52
C ASP MA 133 16.18 19.51 68.37
N PRO MA 134 15.39 20.20 69.20
CA PRO MA 134 15.16 21.64 69.08
C PRO MA 134 16.39 22.50 69.46
N GLU MA 135 17.44 21.94 70.06
CA GLU MA 135 18.72 22.66 70.21
C GLU MA 135 19.48 22.76 68.88
N VAL MA 136 18.97 22.13 67.83
CA VAL MA 136 19.45 22.19 66.44
C VAL MA 136 18.30 22.65 65.54
N ASP MA 137 18.61 23.23 64.39
CA ASP MA 137 17.66 23.82 63.44
C ASP MA 137 16.82 22.78 62.65
N PHE MA 138 16.29 21.76 63.33
CA PHE MA 138 15.29 20.84 62.78
C PHE MA 138 13.94 21.56 62.59
N ASP MA 139 13.81 22.37 61.54
CA ASP MA 139 12.56 23.01 61.14
C ASP MA 139 11.58 21.98 60.53
N VAL MA 140 10.99 21.15 61.40
CA VAL MA 140 9.99 20.12 61.14
C VAL MA 140 9.03 20.03 62.32
N ASP MA 141 7.87 19.40 62.16
CA ASP MA 141 6.98 19.11 63.29
C ASP MA 141 7.70 18.23 64.33
N PRO MA 142 7.94 18.69 65.56
CA PRO MA 142 8.78 17.98 66.52
C PRO MA 142 8.14 16.73 67.12
N GLU MA 143 6.84 16.49 66.92
CA GLU MA 143 6.17 15.24 67.33
C GLU MA 143 6.20 14.16 66.24
N VAL MA 144 6.89 14.39 65.13
CA VAL MA 144 7.04 13.44 64.02
C VAL MA 144 8.44 12.85 64.01
N PRO MA 145 8.62 11.52 63.88
CA PRO MA 145 9.95 10.94 63.80
C PRO MA 145 10.63 11.42 62.53
N LEU MA 146 11.85 11.90 62.67
CA LEU MA 146 12.67 12.46 61.62
C LEU MA 146 13.34 11.32 60.86
N ILE MA 147 12.84 11.03 59.66
CA ILE MA 147 13.26 9.94 58.80
C ILE MA 147 14.02 10.52 57.63
N ARG MA 148 15.22 10.01 57.34
CA ARG MA 148 16.08 10.46 56.24
C ARG MA 148 16.51 9.27 55.41
N VAL MA 149 16.87 9.47 54.15
CA VAL MA 149 17.55 8.45 53.35
C VAL MA 149 18.97 8.92 53.05
N GLU MA 150 19.95 8.05 53.20
CA GLU MA 150 21.37 8.32 53.04
C GLU MA 150 21.96 7.45 51.93
N PRO MA 151 22.73 7.99 50.98
CA PRO MA 151 23.36 7.22 49.93
C PRO MA 151 24.54 6.43 50.49
N PRO MA 152 24.97 5.33 49.86
CA PRO MA 152 26.08 4.54 50.38
C PRO MA 152 27.43 5.27 50.22
N THR MA 153 27.49 6.34 49.43
CA THR MA 153 28.64 7.26 49.42
C THR MA 153 28.77 8.09 50.71
N ALA MA 154 27.88 7.91 51.68
CA ALA MA 154 27.92 8.59 52.96
C ALA MA 154 27.57 7.70 54.16
N LEU MA 155 27.29 6.41 53.96
CA LEU MA 155 26.94 5.50 55.05
C LEU MA 155 27.41 4.07 54.76
N TYR MA 156 27.89 3.36 55.78
CA TYR MA 156 28.20 1.93 55.73
C TYR MA 156 27.52 1.23 56.89
N ALA MA 157 26.93 0.06 56.66
CA ALA MA 157 26.29 -0.74 57.70
C ALA MA 157 26.78 -2.18 57.65
N GLU MA 158 27.21 -2.71 58.79
CA GLU MA 158 27.60 -4.10 58.91
C GLU MA 158 26.36 -4.99 59.01
N VAL MA 159 26.22 -6.01 58.17
CA VAL MA 159 25.06 -6.90 58.15
C VAL MA 159 25.42 -8.28 58.68
N ASP MA 160 24.66 -8.82 59.63
CA ASP MA 160 24.81 -10.21 60.09
C ASP MA 160 24.32 -11.17 59.00
N PRO MA 161 25.20 -11.97 58.38
CA PRO MA 161 24.78 -12.83 57.29
C PRO MA 161 23.85 -13.96 57.74
N ARG MA 162 23.81 -14.28 59.04
CA ARG MA 162 22.89 -15.29 59.60
C ARG MA 162 21.42 -14.84 59.55
N THR MA 163 21.16 -13.54 59.68
CA THR MA 163 19.81 -13.00 59.96
C THR MA 163 19.41 -11.80 59.12
N ARG MA 164 20.31 -11.19 58.35
CA ARG MA 164 20.11 -9.93 57.59
C ARG MA 164 19.87 -8.69 58.47
N LYS MA 165 19.87 -8.83 59.80
CA LYS MA 165 19.86 -7.72 60.76
C LYS MA 165 21.12 -6.87 60.62
N VAL MA 166 21.02 -5.54 60.76
CA VAL MA 166 22.19 -4.67 60.84
C VAL MA 166 22.81 -4.76 62.23
N LEU MA 167 24.13 -4.92 62.30
CA LEU MA 167 24.86 -5.02 63.56
C LEU MA 167 25.24 -3.65 64.12
N TYR MA 168 25.79 -2.78 63.28
CA TYR MA 168 26.16 -1.40 63.59
C TYR MA 168 26.48 -0.66 62.29
N ALA MA 169 26.46 0.67 62.30
CA ALA MA 169 26.65 1.45 61.09
C ALA MA 169 27.31 2.80 61.35
N ILE MA 170 28.08 3.31 60.39
CA ILE MA 170 28.64 4.64 60.43
C ILE MA 170 28.07 5.47 59.29
N ARG MA 171 27.65 6.69 59.59
CA ARG MA 171 27.38 7.74 58.61
C ARG MA 171 28.53 8.73 58.69
N ALA MA 172 29.09 9.14 57.56
CA ALA MA 172 30.19 10.07 57.53
C ALA MA 172 29.94 11.21 56.56
N ILE MA 173 30.26 12.42 56.97
CA ILE MA 173 30.10 13.63 56.17
C ILE MA 173 31.47 14.19 55.84
N TYR MA 174 31.82 14.18 54.56
CA TYR MA 174 32.96 14.94 54.07
C TYR MA 174 32.62 16.43 54.01
N GLY MA 175 33.63 17.27 54.22
CA GLY MA 175 33.50 18.70 54.02
C GLY MA 175 33.39 19.09 52.54
N ALA MA 176 33.59 20.37 52.25
CA ALA MA 176 33.65 20.88 50.88
C ALA MA 176 34.82 20.33 50.05
N ASP MA 177 35.84 19.77 50.70
CA ASP MA 177 37.19 19.68 50.15
C ASP MA 177 38.00 18.51 50.71
N GLY MA 178 39.06 18.12 50.00
CA GLY MA 178 40.11 17.20 50.46
C GLY MA 178 39.69 15.81 50.93
N ASN MA 179 38.42 15.43 50.76
CA ASN MA 179 37.80 14.33 51.50
C ASN MA 179 38.07 14.41 53.02
N GLU MA 180 38.13 15.62 53.61
CA GLU MA 180 38.22 15.74 55.06
C GLU MA 180 36.88 15.34 55.71
N ILE MA 181 36.91 14.44 56.69
CA ILE MA 181 35.68 13.95 57.34
C ILE MA 181 35.27 14.98 58.40
N VAL MA 182 34.38 15.90 58.02
CA VAL MA 182 33.92 16.96 58.91
C VAL MA 182 33.15 16.39 60.09
N SER MA 183 32.33 15.36 59.90
CA SER MA 183 31.58 14.75 61.00
C SER MA 183 31.33 13.27 60.76
N ALA MA 184 31.26 12.48 61.83
CA ALA MA 184 30.93 11.07 61.77
C ALA MA 184 29.90 10.73 62.85
N THR MA 185 28.98 9.83 62.53
CA THR MA 185 27.92 9.37 63.41
C THR MA 185 27.91 7.85 63.46
N LEU MA 186 27.89 7.27 64.64
CA LEU MA 186 27.87 5.83 64.86
C LEU MA 186 26.51 5.42 65.43
N TYR MA 187 25.84 4.48 64.77
CA TYR MA 187 24.58 3.89 65.22
C TYR MA 187 24.85 2.50 65.77
N LEU MA 188 24.46 2.26 67.01
CA LEU MA 188 24.62 1.00 67.73
C LEU MA 188 23.25 0.45 68.11
N PRO MA 189 23.13 -0.85 68.44
CA PRO MA 189 21.88 -1.39 68.94
C PRO MA 189 21.33 -0.61 70.14
N ASP MA 190 22.20 -0.10 71.01
CA ASP MA 190 21.82 0.56 72.26
C ASP MA 190 21.69 2.10 72.18
N THR MA 191 22.44 2.76 71.29
CA THR MA 191 22.66 4.22 71.32
C THR MA 191 23.05 4.77 69.96
N THR MA 192 23.00 6.10 69.82
CA THR MA 192 23.62 6.84 68.71
C THR MA 192 24.68 7.80 69.25
N MET MA 193 25.82 7.95 68.57
CA MET MA 193 26.91 8.85 68.95
C MET MA 193 27.36 9.71 67.77
N THR MA 194 27.69 10.98 67.98
CA THR MA 194 28.19 11.87 66.91
C THR MA 194 29.37 12.73 67.34
N TRP MA 195 30.38 12.80 66.48
CA TRP MA 195 31.63 13.53 66.70
C TRP MA 195 31.63 14.74 65.75
N LEU MA 196 31.72 15.96 66.29
CA LEU MA 196 31.30 17.18 65.58
C LEU MA 196 32.38 17.87 64.73
N ARG MA 197 33.65 17.45 64.83
CA ARG MA 197 34.78 17.83 63.97
C ARG MA 197 35.68 16.60 63.86
N ALA MA 198 35.53 15.84 62.78
CA ALA MA 198 35.95 14.43 62.76
C ALA MA 198 37.23 14.12 61.98
N GLU MA 199 37.99 15.13 61.52
CA GLU MA 199 39.24 14.93 60.77
C GLU MA 199 40.40 14.54 61.71
N GLY MA 200 40.35 13.30 62.21
CA GLY MA 200 41.09 12.84 63.39
C GLY MA 200 40.30 12.93 64.72
N GLU MA 201 38.99 13.24 64.66
CA GLU MA 201 38.04 13.19 65.78
C GLU MA 201 38.53 13.80 67.09
N TRP MA 202 39.15 14.97 67.02
CA TRP MA 202 39.60 15.73 68.20
C TRP MA 202 38.45 16.37 68.99
N GLU MA 203 37.21 16.32 68.48
CA GLU MA 203 36.00 16.61 69.25
C GLU MA 203 35.60 15.48 70.21
N ALA MA 204 34.87 15.84 71.26
CA ALA MA 204 34.26 14.89 72.19
C ALA MA 204 32.92 14.37 71.64
N PRO MA 205 32.49 13.15 72.00
CA PRO MA 205 31.26 12.57 71.47
C PRO MA 205 30.04 13.22 72.09
N THR MA 206 29.13 13.72 71.26
CA THR MA 206 27.73 13.82 71.67
C THR MA 206 27.10 12.43 71.63
N SER MA 207 26.05 12.18 72.41
CA SER MA 207 25.42 10.87 72.50
C SER MA 207 23.92 11.01 72.70
N THR MA 208 23.15 10.00 72.31
CA THR MA 208 21.71 9.90 72.55
C THR MA 208 21.32 8.42 72.57
N PRO MA 209 20.81 7.89 73.68
CA PRO MA 209 20.27 6.54 73.71
C PRO MA 209 18.92 6.48 72.98
N HIS MA 210 18.52 5.29 72.56
CA HIS MA 210 17.20 5.02 71.98
C HIS MA 210 16.65 3.71 72.54
N GLY MA 211 15.34 3.59 72.61
CA GLY MA 211 14.67 2.43 73.20
C GLY MA 211 14.80 1.17 72.36
N LEU MA 212 14.97 1.30 71.04
CA LEU MA 212 14.99 0.17 70.13
C LEU MA 212 16.06 -0.86 70.51
N GLU MA 213 15.72 -2.13 70.44
CA GLU MA 213 16.67 -3.25 70.49
C GLU MA 213 17.41 -3.47 69.16
N MET MA 214 17.18 -2.62 68.16
CA MET MA 214 17.71 -2.72 66.80
C MET MA 214 18.37 -1.40 66.38
N VAL MA 215 19.39 -1.46 65.53
CA VAL MA 215 20.05 -0.25 65.02
C VAL MA 215 19.05 0.55 64.18
N PRO MA 216 18.91 1.87 64.35
CA PRO MA 216 17.90 2.69 63.68
C PRO MA 216 18.23 3.02 62.23
N VAL MA 217 18.78 2.07 61.47
CA VAL MA 217 19.11 2.21 60.05
C VAL MA 217 18.67 0.96 59.30
N ILE MA 218 18.12 1.10 58.10
CA ILE MA 218 17.60 -0.02 57.31
C ILE MA 218 18.11 0.07 55.88
N PRO MA 219 18.72 -0.98 55.34
CA PRO MA 219 19.16 -0.99 53.96
C PRO MA 219 18.00 -1.27 53.01
N ILE MA 220 17.69 -0.31 52.14
CA ILE MA 220 17.08 -0.61 50.84
C ILE MA 220 18.18 -1.26 50.00
N SER MA 221 17.91 -2.36 49.30
CA SER MA 221 18.93 -2.98 48.46
C SER MA 221 18.34 -3.69 47.26
N ASN MA 222 18.90 -3.46 46.08
CA ASN MA 222 18.49 -4.09 44.85
C ASN MA 222 18.95 -5.56 44.80
N ARG MA 223 18.17 -6.49 45.37
CA ARG MA 223 18.40 -7.94 45.27
C ARG MA 223 18.03 -8.42 43.87
N THR MA 224 18.98 -8.96 43.11
CA THR MA 224 18.65 -9.65 41.84
C THR MA 224 18.25 -11.11 42.05
N ARG MA 225 18.71 -11.73 43.15
CA ARG MA 225 18.62 -13.16 43.47
C ARG MA 225 18.51 -13.34 44.97
N LEU MA 226 18.08 -14.51 45.42
CA LEU MA 226 18.13 -14.87 46.84
C LEU MA 226 19.56 -14.93 47.39
N SER MA 227 20.53 -15.48 46.65
CA SER MA 227 21.96 -15.50 46.99
C SER MA 227 22.61 -14.12 47.13
N ASP MA 228 21.98 -13.07 46.62
CA ASP MA 228 22.56 -11.75 46.39
C ASP MA 228 22.63 -10.87 47.65
N LEU MA 229 23.11 -11.42 48.76
CA LEU MA 229 22.72 -11.00 50.11
C LEU MA 229 23.00 -9.54 50.50
N TYR MA 230 23.92 -8.85 49.83
CA TYR MA 230 24.22 -7.43 50.07
C TYR MA 230 23.67 -6.47 49.00
N GLY MA 231 22.88 -6.96 48.05
CA GLY MA 231 22.36 -6.18 46.93
C GLY MA 231 23.41 -5.88 45.88
N THR MA 232 22.99 -5.51 44.67
CA THR MA 232 23.91 -5.30 43.54
C THR MA 232 23.45 -4.19 42.61
N SER MA 233 24.37 -3.57 41.89
CA SER MA 233 24.05 -2.49 40.96
C SER MA 233 23.10 -2.99 39.88
N GLU MA 234 22.09 -2.18 39.55
CA GLU MA 234 21.16 -2.47 38.47
C GLU MA 234 21.79 -2.34 37.09
N ILE MA 235 22.90 -1.59 36.96
CA ILE MA 235 23.62 -1.44 35.69
C ILE MA 235 24.41 -2.72 35.44
N SER MA 236 23.75 -3.71 34.87
CA SER MA 236 24.25 -5.08 34.73
C SER MA 236 25.48 -5.19 33.84
N PRO MA 237 26.34 -6.20 34.03
CA PRO MA 237 27.52 -6.40 33.22
C PRO MA 237 27.24 -6.40 31.71
N GLU MA 238 26.14 -6.97 31.26
CA GLU MA 238 25.77 -6.96 29.85
C GLU MA 238 25.46 -5.55 29.37
N LEU MA 239 24.77 -4.75 30.16
CA LEU MA 239 24.49 -3.37 29.80
C LEU MA 239 25.76 -2.51 29.82
N ARG MA 240 26.71 -2.77 30.72
CA ARG MA 240 28.03 -2.12 30.68
C ARG MA 240 28.78 -2.50 29.42
N SER MA 241 28.82 -3.79 29.13
CA SER MA 241 29.54 -4.31 27.98
C SER MA 241 29.06 -3.71 26.67
N VAL MA 242 27.75 -3.66 26.41
CA VAL MA 242 27.23 -3.00 25.20
C VAL MA 242 27.40 -1.49 25.24
N THR MA 243 27.39 -0.85 26.41
CA THR MA 243 27.66 0.59 26.52
C THR MA 243 29.07 0.93 26.08
N ASP MA 244 30.07 0.20 26.57
CA ASP MA 244 31.46 0.42 26.17
C ASP MA 244 31.70 -0.01 24.73
N ALA MA 245 31.18 -1.16 24.30
CA ALA MA 245 31.29 -1.60 22.92
C ALA MA 245 30.76 -0.55 21.94
N ALA MA 246 29.59 0.04 22.19
CA ALA MA 246 29.04 1.09 21.35
C ALA MA 246 29.88 2.36 21.36
N ALA MA 247 30.51 2.71 22.50
CA ALA MA 247 31.34 3.90 22.57
C ALA MA 247 32.54 3.82 21.60
N GLN MA 248 33.18 2.65 21.52
CA GLN MA 248 34.29 2.48 20.58
C GLN MA 248 33.83 2.70 19.13
N ILE MA 249 32.64 2.22 18.74
CA ILE MA 249 32.14 2.40 17.38
C ILE MA 249 31.91 3.87 17.08
N LEU MA 250 31.32 4.61 18.02
CA LEU MA 250 31.10 6.04 17.82
C LEU MA 250 32.43 6.76 17.68
N MET MA 251 33.41 6.47 18.52
CA MET MA 251 34.69 7.16 18.46
C MET MA 251 35.49 6.83 17.21
N ASN MA 252 35.47 5.58 16.75
CA ASN MA 252 36.06 5.20 15.47
C ASN MA 252 35.38 5.91 14.31
N MET MA 253 34.06 6.02 14.33
CA MET MA 253 33.35 6.79 13.31
C MET MA 253 33.68 8.27 13.39
N GLN MA 254 33.84 8.84 14.58
CA GLN MA 254 34.16 10.25 14.73
C GLN MA 254 35.53 10.59 14.13
N GLY MA 255 36.51 9.71 14.30
CA GLY MA 255 37.77 9.82 13.58
C GLY MA 255 37.55 9.68 12.08
N THR MA 256 36.80 8.67 11.65
CA THR MA 256 36.55 8.39 10.23
C THR MA 256 35.93 9.58 9.51
N ALA MA 257 35.00 10.30 10.14
CA ALA MA 257 34.39 11.49 9.58
C ALA MA 257 35.36 12.65 9.38
N ASN MA 258 36.48 12.68 10.09
CA ASN MA 258 37.54 13.68 9.91
C ASN MA 258 38.62 13.20 8.95
N LEU MA 259 39.09 11.97 9.09
CA LEU MA 259 40.29 11.49 8.42
C LEU MA 259 40.04 10.80 7.06
N MET MA 260 38.85 10.22 6.86
CA MET MA 260 38.62 9.23 5.80
C MET MA 260 37.37 9.44 4.96
N ALA MA 261 36.46 10.32 5.34
CA ALA MA 261 35.19 10.49 4.65
C ALA MA 261 35.33 11.15 3.26
N ILE MA 262 36.47 11.77 2.99
CA ILE MA 262 36.77 12.47 1.74
C ILE MA 262 37.77 11.62 0.94
N PRO MA 263 37.55 11.34 -0.35
CA PRO MA 263 38.49 10.59 -1.17
C PRO MA 263 39.77 11.40 -1.38
N GLN MA 264 40.93 10.87 -0.97
CA GLN MA 264 42.23 11.53 -1.15
C GLN MA 264 42.71 11.46 -2.60
N ARG MA 265 42.98 12.62 -3.21
CA ARG MA 265 43.40 12.76 -4.61
C ARG MA 265 44.92 12.65 -4.76
N LEU MA 266 45.40 11.97 -5.79
CA LEU MA 266 46.81 11.69 -6.06
C LEU MA 266 47.17 11.98 -7.52
N ILE MA 267 48.39 12.46 -7.78
CA ILE MA 267 48.97 12.50 -9.13
C ILE MA 267 50.34 11.85 -9.10
N PHE MA 268 50.61 10.93 -10.00
CA PHE MA 268 51.89 10.23 -10.12
C PHE MA 268 52.62 10.64 -11.40
N GLY MA 269 53.95 10.70 -11.33
CA GLY MA 269 54.80 11.10 -12.46
C GLY MA 269 54.99 12.62 -12.58
N ALA MA 270 54.67 13.36 -11.53
CA ALA MA 270 54.89 14.80 -11.49
C ALA MA 270 56.38 15.14 -11.37
N LYS MA 271 56.82 16.24 -11.98
CA LYS MA 271 58.10 16.88 -11.69
C LYS MA 271 57.84 18.14 -10.86
N PRO MA 272 58.01 18.13 -9.53
CA PRO MA 272 57.60 19.23 -8.66
C PRO MA 272 58.05 20.62 -9.11
N GLU MA 273 59.20 20.72 -9.76
CA GLU MA 273 59.72 21.97 -10.33
C GLU MA 273 58.83 22.53 -11.44
N GLU MA 274 58.22 21.65 -12.24
CA GLU MA 274 57.33 22.04 -13.33
C GLU MA 274 55.89 22.29 -12.87
N LEU MA 275 55.43 21.58 -11.84
CA LEU MA 275 54.17 21.90 -11.15
C LEU MA 275 54.25 23.23 -10.40
N GLY MA 276 55.44 23.79 -10.21
CA GLY MA 276 55.65 25.03 -9.47
C GLY MA 276 55.53 24.83 -7.95
N ILE MA 277 55.73 23.62 -7.45
CA ILE MA 277 55.72 23.35 -6.03
C ILE MA 277 56.99 23.94 -5.43
N ASN MA 278 56.90 25.09 -4.77
CA ASN MA 278 58.05 25.74 -4.16
C ASN MA 278 58.67 24.85 -3.06
N ALA MA 279 59.99 24.72 -3.03
CA ALA MA 279 60.66 23.79 -2.12
C ALA MA 279 60.53 24.17 -0.64
N GLU MA 280 60.75 25.43 -0.26
CA GLU MA 280 60.77 25.84 1.14
C GLU MA 280 59.40 25.82 1.83
N THR MA 281 58.30 25.95 1.06
CA THR MA 281 56.92 25.81 1.55
C THR MA 281 56.30 24.46 1.27
N GLY MA 282 56.81 23.72 0.27
CA GLY MA 282 56.29 22.42 -0.16
C GLY MA 282 54.91 22.45 -0.83
N GLN MA 283 54.42 23.61 -1.24
CA GLN MA 283 53.03 23.79 -1.68
C GLN MA 283 52.91 24.65 -2.95
N ARG MA 284 52.05 24.23 -3.88
CA ARG MA 284 51.58 25.04 -5.00
C ARG MA 284 50.17 25.52 -4.70
N MET MA 285 49.88 26.79 -4.92
CA MET MA 285 48.58 27.37 -4.61
C MET MA 285 47.60 27.27 -5.79
N PHE MA 286 46.92 26.13 -5.90
CA PHE MA 286 45.80 25.91 -6.81
C PHE MA 286 44.69 26.96 -6.59
N ASP MA 287 43.84 27.21 -7.59
CA ASP MA 287 42.55 27.88 -7.40
C ASP MA 287 41.41 26.86 -7.48
N ALA MA 288 40.49 26.91 -6.51
CA ALA MA 288 39.45 25.89 -6.34
C ALA MA 288 38.09 26.21 -7.00
N TYR MA 289 37.96 27.30 -7.75
CA TYR MA 289 36.71 27.65 -8.41
C TYR MA 289 36.23 26.55 -9.37
N MET MA 290 34.92 26.35 -9.46
CA MET MA 290 34.40 25.04 -9.87
C MET MA 290 34.66 24.63 -11.33
N ALA MA 291 34.53 25.56 -12.28
CA ALA MA 291 34.51 25.18 -13.70
C ALA MA 291 35.88 24.82 -14.29
N ARG MA 292 36.97 25.21 -13.62
CA ARG MA 292 38.32 25.24 -14.19
C ARG MA 292 38.87 23.85 -14.46
N ILE MA 293 39.72 23.73 -15.48
CA ILE MA 293 40.39 22.48 -15.87
C ILE MA 293 41.88 22.60 -15.58
N LEU MA 294 42.48 21.64 -14.90
CA LEU MA 294 43.94 21.59 -14.72
C LEU MA 294 44.59 21.00 -15.97
N ALA MA 295 45.36 21.80 -16.71
CA ALA MA 295 46.25 21.27 -17.73
C ALA MA 295 47.61 20.98 -17.11
N PHE MA 296 48.03 19.71 -17.11
CA PHE MA 296 49.34 19.29 -16.64
C PHE MA 296 50.23 18.88 -17.81
N GLU MA 297 51.46 19.37 -17.77
CA GLU MA 297 52.48 19.17 -18.79
C GLU MA 297 52.78 17.67 -19.02
N GLY MA 298 52.65 16.87 -17.97
CA GLY MA 298 52.44 15.42 -18.08
C GLY MA 298 53.53 14.67 -18.83
N GLY MA 299 53.12 13.70 -19.65
CA GLY MA 299 54.03 12.79 -20.34
C GLY MA 299 54.69 11.77 -19.39
N GLU MA 300 55.57 10.93 -19.94
CA GLU MA 300 56.34 9.91 -19.21
C GLU MA 300 55.47 8.97 -18.33
N GLY MA 301 54.22 8.75 -18.72
CA GLY MA 301 53.27 7.92 -17.98
C GLY MA 301 52.60 8.60 -16.78
N ALA MA 302 52.69 9.93 -16.64
CA ALA MA 302 52.01 10.64 -15.56
C ALA MA 302 50.49 10.44 -15.60
N HIS MA 303 49.85 10.19 -14.46
CA HIS MA 303 48.41 9.96 -14.36
C HIS MA 303 47.85 10.26 -12.97
N ALA MA 304 46.53 10.43 -12.88
CA ALA MA 304 45.80 10.85 -11.69
C ALA MA 304 44.85 9.77 -11.18
N GLU MA 305 44.77 9.61 -9.87
CA GLU MA 305 43.99 8.56 -9.22
C GLU MA 305 43.65 8.90 -7.76
N GLN MA 306 42.70 8.19 -7.15
CA GLN MA 306 42.18 8.49 -5.81
C GLN MA 306 42.26 7.29 -4.90
N PHE MA 307 42.59 7.49 -3.63
CA PHE MA 307 42.12 6.55 -2.62
C PHE MA 307 40.63 6.77 -2.39
N SER MA 308 39.86 5.71 -2.10
CA SER MA 308 38.44 5.90 -1.82
C SER MA 308 38.22 6.58 -0.48
N ALA MA 309 37.03 7.14 -0.28
CA ALA MA 309 36.54 7.40 1.06
C ALA MA 309 36.30 6.08 1.80
N ALA MA 310 36.34 6.09 3.13
CA ALA MA 310 35.68 5.07 3.92
C ALA MA 310 34.17 5.29 3.89
N GLU MA 311 33.38 4.23 3.80
CA GLU MA 311 31.93 4.35 3.73
C GLU MA 311 31.33 4.30 5.14
N LEU MA 312 30.86 5.43 5.68
CA LEU MA 312 30.41 5.48 7.08
C LEU MA 312 29.21 4.57 7.35
N ARG MA 313 28.46 4.19 6.31
CA ARG MA 313 27.41 3.15 6.39
C ARG MA 313 27.90 1.90 7.08
N ASN MA 314 29.16 1.54 6.88
CA ASN MA 314 29.73 0.34 7.48
C ASN MA 314 29.74 0.40 9.01
N PHE MA 315 29.96 1.56 9.60
CA PHE MA 315 29.83 1.75 11.04
C PHE MA 315 28.38 1.93 11.47
N VAL MA 316 27.59 2.71 10.72
CA VAL MA 316 26.21 3.00 11.09
C VAL MA 316 25.38 1.71 11.14
N ASP MA 317 25.57 0.83 10.17
CA ASP MA 317 24.91 -0.48 10.16
C ASP MA 317 25.43 -1.45 11.23
N ALA MA 318 26.52 -1.12 11.94
CA ALA MA 318 26.94 -1.83 13.14
C ALA MA 318 26.44 -1.19 14.43
N LEU MA 319 26.29 0.14 14.51
CA LEU MA 319 25.62 0.80 15.62
C LEU MA 319 24.18 0.30 15.77
N ASP MA 320 23.45 0.12 14.67
CA ASP MA 320 22.05 -0.31 14.73
C ASP MA 320 21.89 -1.69 15.38
N ALA MA 321 22.84 -2.62 15.21
CA ALA MA 321 22.80 -3.88 15.93
C ALA MA 321 22.96 -3.70 17.44
N LEU MA 322 23.80 -2.77 17.87
CA LEU MA 322 23.97 -2.47 19.29
C LEU MA 322 22.78 -1.69 19.87
N ASP MA 323 22.12 -0.83 19.10
CA ASP MA 323 20.82 -0.27 19.52
C ASP MA 323 19.80 -1.38 19.79
N ARG MA 324 19.82 -2.47 19.01
CA ARG MA 324 18.91 -3.60 19.26
C ARG MA 324 19.31 -4.39 20.50
N LYS MA 325 20.60 -4.64 20.73
CA LYS MA 325 21.00 -5.39 21.93
C LYS MA 325 20.92 -4.59 23.21
N ALA MA 326 21.06 -3.28 23.16
CA ALA MA 326 20.73 -2.43 24.30
C ALA MA 326 19.26 -2.59 24.70
N ALA MA 327 18.34 -2.71 23.73
CA ALA MA 327 16.94 -3.03 24.03
C ALA MA 327 16.79 -4.43 24.62
N SER MA 328 17.32 -5.45 23.95
CA SER MA 328 17.22 -6.84 24.39
C SER MA 328 17.67 -7.03 25.83
N TYR MA 329 18.85 -6.50 26.20
CA TYR MA 329 19.40 -6.77 27.53
C TYR MA 329 18.77 -5.93 28.64
N SER MA 330 18.16 -4.78 28.32
CA SER MA 330 17.52 -3.90 29.30
C SER MA 330 16.02 -4.12 29.45
N GLY MA 331 15.36 -4.62 28.42
CA GLY MA 331 13.90 -4.76 28.39
C GLY MA 331 13.13 -3.47 28.19
N LEU MA 332 13.78 -2.33 27.90
CA LEU MA 332 13.05 -1.13 27.56
C LEU MA 332 12.16 -1.34 26.32
N PRO MA 333 11.04 -0.63 26.21
CA PRO MA 333 10.34 -0.47 24.94
C PRO MA 333 11.34 -0.03 23.86
N PRO MA 334 11.36 -0.63 22.67
CA PRO MA 334 12.44 -0.41 21.73
C PRO MA 334 12.49 1.04 21.24
N GLN MA 335 11.36 1.72 21.15
CA GLN MA 335 11.33 3.12 20.78
C GLN MA 335 11.98 4.02 21.84
N TYR MA 336 12.17 3.61 23.10
CA TYR MA 336 12.89 4.43 24.08
C TYR MA 336 14.37 4.56 23.71
N LEU MA 337 14.94 3.55 23.04
CA LEU MA 337 16.28 3.61 22.47
C LEU MA 337 16.27 4.05 21.00
N SER MA 338 15.10 4.33 20.43
CA SER MA 338 14.87 4.58 19.00
C SER MA 338 15.34 3.43 18.08
N SER MA 339 15.48 2.21 18.62
CA SER MA 339 15.90 1.02 17.88
C SER MA 339 14.91 0.64 16.76
N SER MA 340 13.67 1.12 16.87
CA SER MA 340 12.75 1.41 15.76
C SER MA 340 11.92 2.65 16.13
N SER MA 341 11.39 3.37 15.13
CA SER MA 341 10.69 4.64 15.34
C SER MA 341 9.16 4.55 15.31
N ASP MA 342 8.58 3.55 14.66
CA ASP MA 342 7.13 3.44 14.42
C ASP MA 342 6.33 3.17 15.71
N ASN MA 343 5.47 4.10 16.10
CA ASN MA 343 4.72 4.05 17.35
C ASN MA 343 3.79 2.83 17.50
N PRO MA 344 3.51 2.38 18.73
CA PRO MA 344 2.38 1.51 19.00
C PRO MA 344 1.06 2.30 18.91
N ALA MA 345 0.18 1.94 17.98
CA ALA MA 345 -0.96 2.77 17.60
C ALA MA 345 -2.18 2.76 18.53
N SER MA 346 -2.24 1.82 19.49
CA SER MA 346 -3.46 1.48 20.25
C SER MA 346 -3.17 1.28 21.74
N ALA MA 347 -4.19 1.38 22.60
CA ALA MA 347 -4.07 1.11 24.04
C ALA MA 347 -3.58 -0.31 24.35
N GLU MA 348 -3.81 -1.25 23.44
CA GLU MA 348 -3.26 -2.59 23.49
C GLU MA 348 -1.79 -2.62 23.06
N ALA MA 349 -1.40 -1.99 21.95
CA ALA MA 349 -0.01 -1.99 21.52
C ALA MA 349 0.91 -1.24 22.50
N ILE MA 350 0.37 -0.25 23.21
CA ILE MA 350 1.02 0.39 24.37
C ILE MA 350 1.37 -0.67 25.39
N LYS MA 351 0.42 -1.51 25.81
CA LYS MA 351 0.66 -2.54 26.82
C LYS MA 351 1.67 -3.57 26.33
N ALA MA 352 1.64 -3.94 25.06
CA ALA MA 352 2.60 -4.86 24.48
C ALA MA 352 4.04 -4.32 24.58
N ALA MA 353 4.27 -3.07 24.17
CA ALA MA 353 5.59 -2.47 24.22
C ALA MA 353 6.10 -2.30 25.67
N GLU MA 354 5.23 -1.84 26.57
CA GLU MA 354 5.58 -1.57 27.96
C GLU MA 354 5.75 -2.83 28.80
N SER MA 355 5.33 -4.00 28.32
CA SER MA 355 5.22 -5.23 29.11
C SER MA 355 6.44 -5.56 29.96
N ARG MA 356 7.65 -5.62 29.38
CA ARG MA 356 8.87 -5.97 30.12
C ARG MA 356 9.22 -4.94 31.18
N LEU MA 357 9.20 -3.67 30.83
CA LEU MA 357 9.49 -2.60 31.78
C LEU MA 357 8.48 -2.61 32.92
N VAL MA 358 7.19 -2.74 32.64
CA VAL MA 358 6.17 -2.79 33.68
C VAL MA 358 6.40 -3.93 34.65
N LYS MA 359 6.63 -5.15 34.18
CA LYS MA 359 6.87 -6.25 35.13
C LYS MA 359 8.17 -6.10 35.89
N LYS MA 360 9.19 -5.46 35.32
CA LYS MA 360 10.43 -5.15 36.03
C LYS MA 360 10.19 -4.13 37.13
N VAL MA 361 9.39 -3.09 36.91
CA VAL MA 361 9.08 -2.12 37.97
C VAL MA 361 8.20 -2.73 39.05
N GLU MA 362 7.18 -3.52 38.72
CA GLU MA 362 6.40 -4.21 39.74
C GLU MA 362 7.28 -5.08 40.65
N ARG MA 363 8.30 -5.75 40.08
CA ARG MA 363 9.30 -6.50 40.83
C ARG MA 363 10.11 -5.61 41.76
N LYS MA 364 10.64 -4.47 41.31
CA LYS MA 364 11.36 -3.55 42.22
C LYS MA 364 10.45 -3.05 43.33
N ASN MA 365 9.22 -2.64 43.02
CA ASN MA 365 8.28 -2.14 44.01
C ASN MA 365 8.05 -3.19 45.10
N LYS MA 366 7.92 -4.48 44.78
CA LYS MA 366 7.79 -5.51 45.82
C LYS MA 366 8.98 -5.49 46.77
N ILE MA 367 10.21 -5.45 46.26
CA ILE MA 367 11.43 -5.53 47.08
C ILE MA 367 11.70 -4.23 47.84
N PHE MA 368 11.58 -3.06 47.23
CA PHE MA 368 11.74 -1.78 47.96
C PHE MA 368 10.60 -1.54 48.95
N GLY MA 369 9.40 -2.04 48.68
CA GLY MA 369 8.33 -2.07 49.66
C GLY MA 369 8.75 -2.76 50.94
N GLY MA 370 9.52 -3.84 50.86
CA GLY MA 370 10.02 -4.56 52.01
C GLY MA 370 10.94 -3.76 52.93
N ALA MA 371 11.57 -2.70 52.43
CA ALA MA 371 12.33 -1.80 53.29
C ALA MA 371 11.40 -0.83 54.01
N TRP MA 372 10.49 -0.17 53.33
CA TRP MA 372 9.60 0.80 53.98
C TRP MA 372 8.60 0.12 54.92
N GLU MA 373 8.07 -1.06 54.58
CA GLU MA 373 7.25 -1.88 55.46
C GLU MA 373 7.95 -2.24 56.75
N GLN MA 374 9.29 -2.28 56.74
CA GLN MA 374 10.10 -2.51 57.92
C GLN MA 374 10.35 -1.20 58.64
N ALA MA 375 10.89 -0.19 57.96
CA ALA MA 375 11.31 1.05 58.57
C ALA MA 375 10.16 1.77 59.30
N MET MA 376 8.95 1.72 58.78
CA MET MA 376 7.82 2.33 59.47
C MET MA 376 7.54 1.68 60.82
N ARG MA 377 7.83 0.39 61.02
CA ARG MA 377 7.72 -0.26 62.33
C ARG MA 377 8.71 0.36 63.31
N LEU MA 378 9.95 0.60 62.89
CA LEU MA 378 10.93 1.25 63.76
C LEU MA 378 10.51 2.68 64.05
N ALA MA 379 10.06 3.45 63.06
CA ALA MA 379 9.60 4.81 63.29
C ALA MA 379 8.47 4.84 64.31
N TYR MA 380 7.48 3.94 64.17
CA TYR MA 380 6.39 3.81 65.12
C TYR MA 380 6.88 3.44 66.52
N LYS MA 381 7.67 2.37 66.63
CA LYS MA 381 8.18 1.85 67.91
C LYS MA 381 9.07 2.87 68.62
N MET MA 382 9.74 3.75 67.89
CA MET MA 382 10.50 4.85 68.45
C MET MA 382 9.59 5.96 68.98
N VAL MA 383 8.74 6.56 68.14
CA VAL MA 383 7.98 7.76 68.53
C VAL MA 383 6.83 7.44 69.49
N LYS MA 384 6.09 6.34 69.27
CA LYS MA 384 4.99 5.92 70.16
C LYS MA 384 5.48 5.11 71.36
N GLY MA 385 6.73 4.68 71.37
CA GLY MA 385 7.30 3.84 72.42
C GLY MA 385 6.61 2.48 72.54
N GLY MA 386 6.74 1.87 73.72
CA GLY MA 386 6.03 0.63 74.05
C GLY MA 386 6.49 -0.54 73.21
N ASP MA 387 5.57 -1.17 72.49
CA ASP MA 387 5.81 -2.32 71.62
C ASP MA 387 4.90 -2.27 70.38
N ILE MA 388 5.28 -2.92 69.28
CA ILE MA 388 4.53 -2.90 68.03
C ILE MA 388 3.17 -3.59 68.20
N PRO MA 389 2.04 -2.93 67.86
CA PRO MA 389 0.75 -3.60 67.78
C PRO MA 389 0.79 -4.67 66.69
N THR MA 390 0.38 -5.89 66.99
CA THR MA 390 0.69 -7.09 66.19
C THR MA 390 0.33 -6.98 64.71
N GLU MA 391 -0.74 -6.27 64.38
CA GLU MA 391 -1.18 -6.13 63.00
C GLU MA 391 -0.13 -5.47 62.10
N TYR MA 392 0.76 -4.64 62.64
CA TYR MA 392 1.70 -3.91 61.82
C TYR MA 392 2.68 -4.85 61.11
N TYR MA 393 2.95 -6.04 61.65
CA TYR MA 393 3.79 -7.03 60.99
C TYR MA 393 3.22 -7.52 59.67
N ARG MA 394 1.95 -7.25 59.38
CA ARG MA 394 1.26 -7.72 58.18
C ARG MA 394 0.97 -6.61 57.18
N MET MA 395 1.49 -5.40 57.40
CA MET MA 395 1.18 -4.29 56.52
C MET MA 395 1.76 -4.49 55.12
N GLU MA 396 1.00 -4.13 54.10
CA GLU MA 396 1.50 -4.00 52.73
C GLU MA 396 1.80 -2.54 52.45
N THR MA 397 2.90 -2.25 51.76
CA THR MA 397 3.00 -1.02 50.98
C THR MA 397 2.16 -1.09 49.72
N VAL MA 398 1.67 0.04 49.23
CA VAL MA 398 0.86 0.12 48.02
C VAL MA 398 1.46 1.17 47.11
N TRP MA 399 1.71 0.83 45.85
CA TRP MA 399 2.42 1.67 44.87
C TRP MA 399 1.54 2.00 43.68
N ARG MA 400 1.75 3.14 43.04
CA ARG MA 400 1.06 3.48 41.79
C ARG MA 400 1.35 2.45 40.71
N ASP MA 401 0.41 2.20 39.82
CA ASP MA 401 0.58 1.30 38.69
C ASP MA 401 1.68 1.83 37.75
N PRO MA 402 2.78 1.09 37.50
CA PRO MA 402 3.87 1.56 36.65
C PRO MA 402 3.47 1.78 35.19
N SER MA 403 2.34 1.25 34.74
CA SER MA 403 1.88 1.38 33.35
C SER MA 403 1.72 2.84 32.93
N THR MA 404 1.94 3.15 31.65
CA THR MA 404 1.63 4.51 31.17
C THR MA 404 0.12 4.75 31.31
N PRO MA 405 -0.32 5.88 31.88
CA PRO MA 405 -1.72 6.07 32.16
C PRO MA 405 -2.49 6.32 30.87
N THR MA 406 -3.37 5.38 30.53
CA THR MA 406 -4.41 5.57 29.52
C THR MA 406 -5.76 5.69 30.21
N TYR MA 407 -6.49 6.76 29.92
CA TYR MA 407 -7.71 7.12 30.63
C TYR MA 407 -8.94 6.68 29.85
N ALA MA 408 -9.05 7.09 28.60
CA ALA MA 408 -10.24 6.86 27.80
C ALA MA 408 -10.57 5.38 27.57
N ALA MA 409 -9.58 4.50 27.55
CA ALA MA 409 -9.81 3.06 27.48
C ALA MA 409 -10.40 2.50 28.79
N LYS MA 410 -9.86 2.90 29.95
CA LYS MA 410 -10.35 2.42 31.24
C LYS MA 410 -11.69 3.01 31.61
N ALA MA 411 -11.99 4.22 31.16
CA ALA MA 411 -13.28 4.86 31.40
C ALA MA 411 -14.45 4.06 30.84
N ASP MA 412 -14.38 3.62 29.58
CA ASP MA 412 -15.46 2.85 28.98
C ASP MA 412 -15.56 1.45 29.58
N ALA MA 413 -14.46 0.90 30.10
CA ALA MA 413 -14.48 -0.35 30.84
C ALA MA 413 -15.19 -0.19 32.20
N ALA MA 414 -14.69 0.69 33.07
CA ALA MA 414 -15.24 0.87 34.40
C ALA MA 414 -16.70 1.34 34.39
N ALA MA 415 -17.09 2.18 33.42
CA ALA MA 415 -18.48 2.56 33.26
C ALA MA 415 -19.37 1.34 32.98
N LYS MA 416 -18.96 0.45 32.07
CA LYS MA 416 -19.72 -0.74 31.69
C LYS MA 416 -19.74 -1.79 32.81
N LEU MA 417 -18.71 -1.85 33.65
CA LEU MA 417 -18.71 -2.67 34.86
C LEU MA 417 -19.75 -2.19 35.87
N PHE MA 418 -19.77 -0.89 36.17
CA PHE MA 418 -20.61 -0.36 37.25
C PHE MA 418 -22.08 -0.15 36.87
N ALA MA 419 -22.39 0.10 35.59
CA ALA MA 419 -23.75 0.13 35.04
C ALA MA 419 -24.78 0.95 35.87
N ASN MA 420 -24.41 2.17 36.25
CA ASN MA 420 -25.22 3.06 37.09
C ASN MA 420 -25.67 2.40 38.41
N GLY MA 421 -24.82 1.58 39.02
CA GLY MA 421 -25.08 0.95 40.32
C GLY MA 421 -25.73 -0.42 40.26
N ALA MA 422 -26.25 -0.84 39.11
CA ALA MA 422 -26.78 -2.18 38.91
C ALA MA 422 -25.72 -3.22 38.51
N GLY MA 423 -24.46 -2.80 38.38
CA GLY MA 423 -23.42 -3.55 37.70
C GLY MA 423 -22.71 -4.63 38.52
N LEU MA 424 -21.59 -5.10 37.97
CA LEU MA 424 -20.86 -6.24 38.50
C LEU MA 424 -20.02 -5.93 39.74
N ILE MA 425 -19.54 -4.70 39.95
CA ILE MA 425 -18.67 -4.33 41.08
C ILE MA 425 -19.20 -3.12 41.87
N PRO MA 426 -18.90 -3.00 43.17
CA PRO MA 426 -19.27 -1.82 43.96
C PRO MA 426 -18.44 -0.59 43.61
N ARG MA 427 -18.97 0.60 43.88
CA ARG MA 427 -18.37 1.89 43.52
C ARG MA 427 -16.90 1.98 43.89
N GLU MA 428 -16.53 1.72 45.14
CA GLU MA 428 -15.13 1.88 45.56
C GLU MA 428 -14.16 1.02 44.75
N ARG MA 429 -14.56 -0.15 44.22
CA ARG MA 429 -13.65 -0.92 43.36
C ARG MA 429 -13.49 -0.26 42.02
N GLY MA 430 -14.55 0.28 41.46
CA GLY MA 430 -14.46 1.04 40.22
C GLY MA 430 -13.46 2.20 40.35
N TRP MA 431 -13.38 2.84 41.51
CA TRP MA 431 -12.39 3.88 41.75
C TRP MA 431 -10.96 3.35 41.78
N VAL MA 432 -10.72 2.17 42.33
CA VAL MA 432 -9.39 1.57 42.27
C VAL MA 432 -9.02 1.25 40.83
N ASP MA 433 -9.92 0.64 40.05
CA ASP MA 433 -9.60 0.25 38.68
C ASP MA 433 -9.37 1.43 37.75
N MET MA 434 -10.08 2.54 37.91
CA MET MA 434 -9.73 3.78 37.20
C MET MA 434 -8.38 4.36 37.64
N GLY MA 435 -7.84 3.94 38.78
CA GLY MA 435 -6.50 4.29 39.22
C GLY MA 435 -6.41 5.48 40.16
N TYR MA 436 -7.51 5.94 40.74
CA TYR MA 436 -7.45 7.00 41.76
C TYR MA 436 -6.70 6.51 43.00
N THR MA 437 -5.90 7.37 43.63
CA THR MA 437 -4.98 6.95 44.69
C THR MA 437 -5.66 6.70 46.02
N ILE MA 438 -5.00 5.98 46.93
CA ILE MA 438 -5.53 5.66 48.26
C ILE MA 438 -5.94 6.89 49.08
N VAL MA 439 -5.34 8.07 48.84
CA VAL MA 439 -5.80 9.34 49.42
C VAL MA 439 -6.86 10.05 48.58
N GLU MA 440 -6.78 10.03 47.26
CA GLU MA 440 -7.79 10.68 46.43
C GLU MA 440 -9.16 10.04 46.62
N ARG MA 441 -9.19 8.73 46.83
CA ARG MA 441 -10.42 8.01 47.12
C ARG MA 441 -11.10 8.51 48.40
N GLU MA 442 -10.37 9.09 49.34
CA GLU MA 442 -10.99 9.77 50.49
C GLU MA 442 -11.55 11.14 50.12
N GLN MA 443 -10.84 11.93 49.33
CA GLN MA 443 -11.36 13.20 48.82
C GLN MA 443 -12.67 12.98 48.08
N MET MA 444 -12.75 11.96 47.23
CA MET MA 444 -14.02 11.60 46.59
C MET MA 444 -15.06 11.14 47.58
N ARG MA 445 -14.72 10.38 48.61
CA ARG MA 445 -15.76 9.79 49.45
C ARG MA 445 -16.44 10.88 50.29
N GLN MA 446 -15.79 12.03 50.49
CA GLN MA 446 -16.43 13.25 50.98
C GLN MA 446 -17.30 13.93 49.93
N TRP MA 447 -16.78 14.23 48.74
CA TRP MA 447 -17.55 14.91 47.69
C TRP MA 447 -18.79 14.14 47.27
N LEU MA 448 -18.73 12.80 47.29
CA LEU MA 448 -19.85 11.95 46.97
C LEU MA 448 -21.01 12.20 47.94
N GLU MA 449 -20.74 12.27 49.24
CA GLU MA 449 -21.77 12.56 50.23
C GLU MA 449 -22.37 13.95 50.06
N GLN MA 450 -21.57 14.94 49.67
CA GLN MA 450 -22.07 16.28 49.41
C GLN MA 450 -22.97 16.31 48.18
N ASP MA 451 -22.59 15.67 47.07
CA ASP MA 451 -23.45 15.57 45.87
C ASP MA 451 -24.76 14.82 46.19
N GLN MA 452 -24.74 13.80 47.04
CA GLN MA 452 -25.96 13.10 47.45
C GLN MA 452 -26.93 13.96 48.28
N LYS MA 453 -26.53 15.14 48.79
CA LYS MA 453 -27.47 16.13 49.34
C LYS MA 453 -28.18 16.97 48.28
N GLN MA 454 -27.77 16.89 47.01
CA GLN MA 454 -28.32 17.65 45.89
C GLN MA 454 -29.09 16.78 44.87
N GLY MA 455 -28.63 15.56 44.56
CA GLY MA 455 -29.31 14.64 43.64
C GLY MA 455 -28.42 13.56 43.06
N SER NA 6 21.32 -45.25 65.94
CA SER NA 6 21.72 -43.84 66.14
C SER NA 6 22.68 -43.39 65.03
N ILE NA 7 22.85 -42.08 64.87
CA ILE NA 7 23.89 -41.45 64.04
C ILE NA 7 24.57 -40.34 64.87
N ASP NA 8 25.90 -40.23 64.81
CA ASP NA 8 26.65 -39.19 65.51
C ASP NA 8 26.47 -37.80 64.86
N PRO NA 9 25.95 -36.79 65.55
CA PRO NA 9 25.86 -35.44 65.01
C PRO NA 9 27.18 -34.86 64.54
N GLU NA 10 28.30 -35.18 65.18
CA GLU NA 10 29.59 -34.58 64.83
C GLU NA 10 30.10 -35.13 63.49
N LYS NA 11 30.15 -36.45 63.33
CA LYS NA 11 30.49 -37.07 62.04
C LYS NA 11 29.54 -36.58 60.95
N LEU NA 12 28.26 -36.51 61.24
CA LEU NA 12 27.26 -36.07 60.27
C LEU NA 12 27.44 -34.59 59.87
N ARG NA 13 27.85 -33.70 60.78
CA ARG NA 13 28.15 -32.30 60.45
C ARG NA 13 29.24 -32.23 59.39
N ASP NA 14 30.35 -32.95 59.57
CA ASP NA 14 31.41 -32.99 58.58
C ASP NA 14 30.97 -33.68 57.28
N GLN NA 15 30.25 -34.80 57.37
CA GLN NA 15 29.77 -35.51 56.19
C GLN NA 15 28.93 -34.63 55.27
N LEU NA 16 28.05 -33.80 55.84
CA LEU NA 16 27.21 -32.89 55.05
C LEU NA 16 27.97 -31.65 54.62
N LEU NA 17 28.90 -31.11 55.43
CA LEU NA 17 29.77 -30.03 54.96
C LEU NA 17 30.56 -30.47 53.72
N ASP NA 18 30.98 -31.72 53.65
CA ASP NA 18 31.63 -32.25 52.46
C ASP NA 18 30.70 -32.25 51.25
N ALA NA 19 29.55 -32.91 51.34
CA ALA NA 19 28.66 -33.03 50.20
C ALA NA 19 28.22 -31.65 49.69
N PHE NA 20 27.94 -30.72 50.61
CA PHE NA 20 27.64 -29.35 50.24
C PHE NA 20 28.82 -28.66 49.58
N GLU NA 21 29.96 -28.57 50.26
CA GLU NA 21 31.05 -27.73 49.76
C GLU NA 21 31.69 -28.33 48.51
N ASN NA 22 31.52 -29.62 48.29
CA ASN NA 22 31.76 -30.26 47.00
C ASN NA 22 30.78 -29.75 45.94
N LYS NA 23 29.47 -29.87 46.18
CA LYS NA 23 28.41 -29.56 45.20
C LYS NA 23 28.41 -28.13 44.71
N GLN NA 24 28.99 -27.19 45.46
CA GLN NA 24 29.15 -25.82 44.98
C GLN NA 24 29.93 -25.74 43.67
N ASN NA 25 30.87 -26.64 43.40
CA ASN NA 25 31.67 -26.58 42.18
C ASN NA 25 30.85 -26.82 40.91
N GLU NA 26 29.84 -27.68 40.94
CA GLU NA 26 28.95 -27.88 39.79
C GLU NA 26 28.15 -26.61 39.49
N LEU NA 27 27.43 -26.10 40.49
CA LEU NA 27 26.47 -25.01 40.27
C LEU NA 27 27.13 -23.67 39.97
N LYS NA 28 28.43 -23.48 40.24
CA LYS NA 28 29.19 -22.31 39.79
C LYS NA 28 29.11 -22.12 38.28
N SER NA 29 29.09 -23.20 37.51
CA SER NA 29 28.96 -23.13 36.05
C SER NA 29 27.66 -22.46 35.62
N SER NA 30 26.54 -22.80 36.28
CA SER NA 30 25.24 -22.23 35.94
C SER NA 30 25.15 -20.76 36.31
N LYS NA 31 25.73 -20.33 37.45
CA LYS NA 31 25.66 -18.93 37.85
C LYS NA 31 26.34 -18.02 36.83
N ALA NA 32 27.43 -18.49 36.23
CA ALA NA 32 28.23 -17.70 35.30
C ALA NA 32 27.41 -17.17 34.12
N TYR NA 33 26.33 -17.83 33.74
CA TYR NA 33 25.45 -17.36 32.68
C TYR NA 33 24.52 -16.22 33.12
N TYR NA 34 23.98 -16.25 34.34
CA TYR NA 34 23.07 -15.19 34.79
C TYR NA 34 23.82 -13.95 35.28
N ASP NA 35 24.95 -14.11 35.95
CA ASP NA 35 25.84 -13.00 36.32
C ASP NA 35 26.71 -12.50 35.15
N ALA NA 36 26.64 -13.14 33.99
CA ALA NA 36 27.48 -12.85 32.83
C ALA NA 36 28.97 -12.77 33.19
N GLU NA 37 29.44 -13.71 34.00
CA GLU NA 37 30.87 -13.87 34.27
C GLU NA 37 31.61 -14.27 33.00
N ARG NA 38 32.93 -14.06 32.95
CA ARG NA 38 33.76 -14.54 31.85
C ARG NA 38 33.68 -16.07 31.75
N ARG NA 39 33.21 -16.60 30.62
CA ARG NA 39 33.42 -17.99 30.20
C ARG NA 39 34.52 -18.03 29.14
N PRO NA 40 35.49 -18.94 29.20
CA PRO NA 40 36.48 -19.10 28.13
C PRO NA 40 35.83 -19.27 26.74
N ASP NA 41 34.78 -20.06 26.64
CA ASP NA 41 34.11 -20.36 25.38
C ASP NA 41 33.46 -19.15 24.71
N ALA NA 42 33.17 -18.09 25.46
CA ALA NA 42 32.56 -16.89 24.92
C ALA NA 42 33.52 -16.07 24.02
N ILE NA 43 34.83 -16.28 24.16
CA ILE NA 43 35.84 -15.36 23.67
C ILE NA 43 36.09 -15.56 22.19
N GLY NA 44 35.84 -14.53 21.37
CA GLY NA 44 35.90 -14.64 19.92
C GLY NA 44 37.33 -14.81 19.40
N LEU NA 45 37.59 -15.84 18.58
CA LEU NA 45 38.96 -16.24 18.27
C LEU NA 45 39.72 -15.29 17.36
N ALA NA 46 39.04 -14.56 16.47
CA ALA NA 46 39.73 -13.69 15.52
C ALA NA 46 40.38 -12.47 16.20
N VAL NA 47 39.91 -12.05 17.37
CA VAL NA 47 40.44 -10.88 18.08
C VAL NA 47 41.92 -11.10 18.44
N PRO NA 48 42.85 -10.18 18.10
CA PRO NA 48 44.26 -10.27 18.46
C PRO NA 48 44.53 -10.43 19.96
N LEU NA 49 45.59 -11.14 20.32
CA LEU NA 49 45.73 -11.70 21.66
C LEU NA 49 45.79 -10.65 22.77
N ASP NA 50 46.41 -9.49 22.54
CA ASP NA 50 46.43 -8.41 23.54
C ASP NA 50 45.07 -7.72 23.70
N MET NA 51 44.19 -7.83 22.70
CA MET NA 51 42.85 -7.24 22.67
C MET NA 51 41.78 -8.15 23.26
N ARG NA 52 42.08 -9.43 23.51
CA ARG NA 52 41.13 -10.42 24.06
C ARG NA 52 40.49 -10.00 25.40
N LYS NA 53 41.09 -9.06 26.14
CA LYS NA 53 40.52 -8.56 27.40
C LYS NA 53 39.28 -7.69 27.21
N TYR NA 54 39.01 -7.14 26.03
CA TYR NA 54 37.81 -6.33 25.78
C TYR NA 54 36.61 -7.21 25.43
N LEU NA 55 36.15 -7.98 26.41
CA LEU NA 55 35.07 -8.96 26.29
C LEU NA 55 33.74 -8.33 25.83
N ALA NA 56 32.94 -9.11 25.10
CA ALA NA 56 31.52 -8.86 24.93
C ALA NA 56 30.70 -9.86 25.76
N HIS NA 57 29.84 -9.35 26.63
CA HIS NA 57 28.89 -10.15 27.42
C HIS NA 57 27.52 -10.23 26.73
N VAL NA 58 26.75 -11.28 27.00
CA VAL NA 58 25.46 -11.54 26.33
C VAL NA 58 24.38 -11.91 27.34
N GLY NA 59 23.17 -11.37 27.16
CA GLY NA 59 22.11 -11.38 28.17
C GLY NA 59 20.91 -12.29 27.93
N TYR NA 60 20.95 -13.29 27.04
CA TYR NA 60 19.80 -14.18 26.89
C TYR NA 60 19.41 -14.90 28.19
N PRO NA 61 20.32 -15.48 28.99
CA PRO NA 61 19.95 -16.18 30.21
C PRO NA 61 19.37 -15.26 31.27
N ARG NA 62 19.90 -14.05 31.41
CA ARG NA 62 19.34 -13.01 32.30
C ARG NA 62 17.93 -12.67 31.88
N THR NA 63 17.70 -12.49 30.59
CA THR NA 63 16.39 -12.16 30.05
C THR NA 63 15.39 -13.29 30.30
N TYR NA 64 15.78 -14.53 30.06
CA TYR NA 64 14.88 -15.66 30.19
C TYR NA 64 14.45 -15.94 31.63
N VAL NA 65 15.40 -16.03 32.57
CA VAL NA 65 15.02 -16.29 33.96
C VAL NA 65 14.24 -15.13 34.57
N ASP NA 66 14.53 -13.90 34.19
CA ASP NA 66 13.68 -12.78 34.61
C ASP NA 66 12.28 -12.91 34.02
N ALA NA 67 12.13 -13.18 32.72
CA ALA NA 67 10.82 -13.19 32.09
C ALA NA 67 9.87 -14.20 32.71
N ILE NA 68 10.37 -15.29 33.28
CA ILE NA 68 9.56 -16.22 34.06
C ILE NA 68 9.31 -15.67 35.47
N ALA NA 69 10.35 -15.36 36.24
CA ALA NA 69 10.19 -14.99 37.65
C ALA NA 69 9.42 -13.67 37.84
N GLU NA 70 9.36 -12.81 36.83
CA GLU NA 70 8.47 -11.65 36.79
C GLU NA 70 6.98 -12.00 36.97
N ARG NA 71 6.54 -13.19 36.55
CA ARG NA 71 5.12 -13.51 36.36
C ARG NA 71 4.52 -14.43 37.42
N GLN NA 72 5.29 -14.83 38.42
CA GLN NA 72 4.82 -15.74 39.46
C GLN NA 72 4.46 -14.99 40.74
N GLU NA 73 3.23 -15.11 41.22
CA GLU NA 73 2.84 -14.77 42.60
C GLU NA 73 1.60 -15.55 43.03
N LEU NA 74 1.42 -15.79 44.32
CA LEU NA 74 0.21 -16.39 44.85
C LEU NA 74 -0.86 -15.31 45.04
N GLU NA 75 -2.09 -15.60 44.64
CA GLU NA 75 -3.28 -14.90 45.11
C GLU NA 75 -3.71 -15.42 46.48
N GLY NA 76 -3.43 -16.68 46.79
CA GLY NA 76 -3.79 -17.28 48.07
C GLY NA 76 -3.75 -18.80 48.09
N PHE NA 77 -4.40 -19.40 49.08
CA PHE NA 77 -4.58 -20.84 49.22
C PHE NA 77 -6.06 -21.17 49.17
N ARG NA 78 -6.42 -22.32 48.61
CA ARG NA 78 -7.80 -22.82 48.54
C ARG NA 78 -7.85 -24.23 49.08
N ILE NA 79 -8.71 -24.49 50.06
CA ILE NA 79 -8.75 -25.75 50.83
C ILE NA 79 -10.17 -26.32 50.76
N PRO NA 80 -10.37 -27.65 50.65
CA PRO NA 80 -11.70 -28.23 50.56
C PRO NA 80 -12.62 -27.85 51.72
N SER NA 81 -13.92 -27.75 51.46
CA SER NA 81 -14.91 -27.59 52.52
C SER NA 81 -14.86 -28.81 53.46
N ALA NA 82 -14.72 -28.58 54.76
CA ALA NA 82 -14.67 -29.65 55.74
C ALA NA 82 -16.01 -30.39 55.85
N ASN NA 83 -17.09 -29.62 56.04
CA ASN NA 83 -18.48 -30.05 56.05
C ASN NA 83 -19.34 -28.86 55.58
N GLY NA 84 -20.51 -29.14 55.02
CA GLY NA 84 -21.35 -28.11 54.42
C GLY NA 84 -20.80 -27.54 53.12
N GLU NA 85 -21.43 -26.50 52.61
CA GLU NA 85 -21.26 -26.05 51.22
C GLU NA 85 -19.87 -25.46 50.94
N GLU NA 86 -19.47 -24.41 51.66
CA GLU NA 86 -18.23 -23.67 51.40
C GLU NA 86 -17.59 -23.11 52.68
N PRO NA 87 -16.25 -22.98 52.73
CA PRO NA 87 -15.58 -22.10 53.70
C PRO NA 87 -15.54 -20.63 53.24
N GLU NA 88 -15.79 -20.35 51.95
CA GLU NA 88 -15.33 -19.14 51.25
C GLU NA 88 -15.77 -17.81 51.88
N SER NA 89 -17.05 -17.66 52.24
CA SER NA 89 -17.56 -16.45 52.92
C SER NA 89 -17.32 -16.44 54.44
N GLY NA 90 -16.61 -17.45 54.97
CA GLY NA 90 -16.29 -17.62 56.40
C GLY NA 90 -15.17 -16.69 56.92
N GLY NA 91 -14.46 -16.00 56.04
CA GLY NA 91 -13.50 -14.95 56.40
C GLY NA 91 -12.33 -15.44 57.27
N GLU NA 92 -11.87 -14.56 58.15
CA GLU NA 92 -10.68 -14.73 59.02
C GLU NA 92 -10.68 -15.96 59.94
N ASN NA 93 -11.81 -16.63 60.15
CA ASN NA 93 -11.91 -17.89 60.88
C ASN NA 93 -11.50 -19.12 60.03
N ASP NA 94 -11.47 -19.01 58.70
CA ASP NA 94 -11.30 -20.17 57.82
C ASP NA 94 -9.83 -20.63 57.71
N PRO NA 95 -9.55 -21.85 57.25
CA PRO NA 95 -8.18 -22.34 57.20
C PRO NA 95 -7.38 -21.69 56.06
N ALA NA 96 -8.02 -21.22 54.99
CA ALA NA 96 -7.32 -20.55 53.91
C ALA NA 96 -6.71 -19.20 54.35
N SER NA 97 -7.41 -18.44 55.18
CA SER NA 97 -6.91 -17.17 55.70
C SER NA 97 -5.90 -17.35 56.81
N GLU NA 98 -5.94 -18.44 57.59
CA GLU NA 98 -4.85 -18.78 58.51
C GLU NA 98 -3.51 -18.87 57.76
N LEU NA 99 -3.44 -19.70 56.72
CA LEU NA 99 -2.21 -19.90 55.98
C LEU NA 99 -1.77 -18.64 55.24
N TRP NA 100 -2.71 -17.82 54.78
CA TRP NA 100 -2.35 -16.55 54.17
C TRP NA 100 -1.85 -15.53 55.20
N ASP NA 101 -2.28 -15.63 56.45
CA ASP NA 101 -1.80 -14.74 57.49
C ASP NA 101 -0.31 -14.93 57.78
N TRP NA 102 0.16 -16.17 57.88
CA TRP NA 102 1.57 -16.46 58.03
C TRP NA 102 2.37 -16.03 56.81
N TRP NA 103 1.83 -16.21 55.60
CA TRP NA 103 2.50 -15.79 54.37
C TRP NA 103 2.74 -14.29 54.38
N GLN NA 104 1.73 -13.48 54.68
CA GLN NA 104 1.93 -12.04 54.82
C GLN NA 104 2.89 -11.69 55.95
N ALA NA 105 2.74 -12.28 57.14
CA ALA NA 105 3.56 -11.89 58.29
C ALA NA 105 5.06 -12.16 58.07
N ASN NA 106 5.41 -13.21 57.35
CA ASN NA 106 6.79 -13.53 56.96
C ASN NA 106 7.30 -12.69 55.78
N ASN NA 107 6.46 -11.86 55.17
CA ASN NA 107 6.74 -11.23 53.87
C ASN NA 107 7.19 -12.24 52.80
N LEU NA 108 6.63 -13.44 52.79
CA LEU NA 108 6.94 -14.41 51.72
C LEU NA 108 6.50 -13.90 50.36
N ASP NA 109 5.61 -12.91 50.30
CA ASP NA 109 5.24 -12.26 49.04
C ASP NA 109 6.43 -11.57 48.36
N ILE NA 110 7.43 -11.15 49.13
CA ILE NA 110 8.70 -10.68 48.61
C ILE NA 110 9.64 -11.87 48.39
N GLU NA 111 10.10 -12.50 49.45
CA GLU NA 111 11.24 -13.41 49.34
C GLU NA 111 10.92 -14.76 48.73
N ALA NA 112 9.66 -15.20 48.61
CA ALA NA 112 9.36 -16.32 47.74
C ALA NA 112 9.67 -16.00 46.28
N THR NA 113 9.58 -14.73 45.84
CA THR NA 113 9.91 -14.35 44.46
C THR NA 113 11.40 -14.52 44.20
N LEU NA 114 12.24 -14.24 45.19
CA LEU NA 114 13.66 -14.53 45.12
C LEU NA 114 13.93 -16.04 45.15
N GLY NA 115 13.24 -16.79 46.01
CA GLY NA 115 13.32 -18.24 46.01
C GLY NA 115 12.93 -18.89 44.67
N HIS NA 116 11.87 -18.43 44.03
CA HIS NA 116 11.53 -18.86 42.69
C HIS NA 116 12.65 -18.53 41.72
N THR NA 117 13.22 -17.33 41.80
CA THR NA 117 14.30 -16.95 40.88
C THR NA 117 15.46 -17.92 41.01
N ASP NA 118 15.98 -18.13 42.20
CA ASP NA 118 17.16 -18.97 42.36
C ASP NA 118 16.87 -20.45 42.10
N ALA NA 119 15.63 -20.92 42.29
CA ALA NA 119 15.24 -22.25 41.86
C ALA NA 119 15.36 -22.41 40.34
N LEU NA 120 15.17 -21.34 39.56
CA LEU NA 120 15.35 -21.37 38.11
C LEU NA 120 16.83 -21.18 37.73
N ILE NA 121 17.62 -20.42 38.48
CA ILE NA 121 19.07 -20.32 38.25
C ILE NA 121 19.72 -21.68 38.47
N TYR NA 122 19.73 -22.19 39.70
CA TYR NA 122 20.52 -23.36 40.09
C TYR NA 122 19.77 -24.67 39.96
N GLY NA 123 18.45 -24.64 39.80
CA GLY NA 123 17.58 -25.81 39.73
C GLY NA 123 16.93 -26.20 41.05
N THR NA 124 17.34 -25.65 42.19
CA THR NA 124 16.75 -25.95 43.51
C THR NA 124 16.88 -24.78 44.47
N ALA NA 125 15.96 -24.64 45.42
CA ALA NA 125 16.05 -23.78 46.59
C ALA NA 125 15.36 -24.49 47.76
N TYR NA 126 15.52 -24.06 49.00
CA TYR NA 126 14.98 -24.83 50.13
C TYR NA 126 14.20 -23.95 51.10
N ILE NA 127 13.00 -24.37 51.46
CA ILE NA 127 12.15 -23.68 52.43
C ILE NA 127 12.42 -24.28 53.78
N THR NA 128 12.82 -23.48 54.75
CA THR NA 128 13.03 -23.89 56.14
C THR NA 128 11.87 -23.40 56.98
N ILE NA 129 11.30 -24.28 57.79
CA ILE NA 129 10.24 -23.94 58.74
C ILE NA 129 10.81 -24.00 60.16
N SER NA 130 10.61 -22.98 60.97
CA SER NA 130 11.16 -22.96 62.33
C SER NA 130 10.46 -21.94 63.21
N MET NA 131 9.86 -22.37 64.32
CA MET NA 131 9.22 -21.46 65.28
C MET NA 131 10.25 -20.46 65.82
N PRO NA 132 9.98 -19.15 65.88
CA PRO NA 132 11.01 -18.18 66.19
C PRO NA 132 11.45 -18.29 67.64
N ASP NA 133 12.75 -18.10 67.86
CA ASP NA 133 13.34 -17.91 69.18
C ASP NA 133 13.12 -16.46 69.62
N PRO NA 134 12.37 -16.19 70.70
CA PRO NA 134 12.07 -14.82 71.12
C PRO NA 134 13.29 -14.07 71.65
N GLU NA 135 14.44 -14.74 71.82
CA GLU NA 135 15.69 -14.10 72.22
C GLU NA 135 16.51 -13.50 71.07
N VAL NA 136 16.06 -13.61 69.80
CA VAL NA 136 16.75 -13.01 68.64
C VAL NA 136 15.79 -12.63 67.50
N ASP NA 137 16.22 -11.72 66.62
CA ASP NA 137 15.48 -11.28 65.43
C ASP NA 137 14.07 -10.75 65.76
N PHE NA 138 14.02 -9.74 66.63
CA PHE NA 138 12.81 -9.24 67.30
C PHE NA 138 11.73 -8.62 66.39
N ASP NA 139 12.04 -8.36 65.12
CA ASP NA 139 11.08 -7.90 64.13
C ASP NA 139 10.20 -9.06 63.59
N VAL NA 140 9.51 -9.76 64.48
CA VAL NA 140 8.62 -10.87 64.13
C VAL NA 140 7.43 -10.94 65.07
N ASP NA 141 6.34 -11.55 64.61
CA ASP NA 141 5.27 -11.98 65.50
C ASP NA 141 5.60 -13.35 66.11
N PRO NA 142 5.88 -13.46 67.42
CA PRO NA 142 6.28 -14.74 68.01
C PRO NA 142 5.17 -15.79 68.02
N GLU NA 143 3.92 -15.45 67.70
CA GLU NA 143 2.83 -16.41 67.55
C GLU NA 143 2.88 -17.17 66.20
N VAL NA 144 3.67 -16.70 65.23
CA VAL NA 144 3.71 -17.18 63.84
C VAL NA 144 4.97 -18.01 63.59
N PRO NA 145 4.91 -19.17 62.90
CA PRO NA 145 6.10 -19.94 62.60
C PRO NA 145 6.94 -19.18 61.59
N LEU NA 146 8.23 -19.01 61.85
CA LEU NA 146 9.10 -18.35 60.89
C LEU NA 146 9.31 -19.28 59.70
N ILE NA 147 9.21 -18.74 58.49
CA ILE NA 147 9.48 -19.48 57.26
C ILE NA 147 10.53 -18.71 56.48
N ARG NA 148 11.61 -19.38 56.10
CA ARG NA 148 12.76 -18.77 55.44
C ARG NA 148 13.05 -19.58 54.19
N VAL NA 149 13.27 -18.94 53.06
CA VAL NA 149 13.68 -19.64 51.83
C VAL NA 149 15.16 -19.39 51.61
N GLU NA 150 15.92 -20.43 51.29
CA GLU NA 150 17.38 -20.43 51.22
C GLU NA 150 17.88 -20.90 49.85
N PRO NA 151 18.97 -20.35 49.31
CA PRO NA 151 19.55 -20.79 48.07
C PRO NA 151 20.42 -22.03 48.28
N PRO NA 152 20.75 -22.79 47.23
CA PRO NA 152 21.64 -23.93 47.32
C PRO NA 152 23.10 -23.53 47.50
N THR NA 153 23.40 -22.23 47.50
CA THR NA 153 24.68 -21.66 47.94
C THR NA 153 24.76 -21.49 49.46
N ALA NA 154 23.76 -21.92 50.24
CA ALA NA 154 23.75 -21.76 51.69
C ALA NA 154 23.04 -22.88 52.45
N LEU NA 155 22.15 -23.64 51.83
CA LEU NA 155 21.49 -24.81 52.41
C LEU NA 155 21.64 -25.99 51.47
N TYR NA 156 21.93 -27.17 51.99
CA TYR NA 156 22.01 -28.39 51.22
C TYR NA 156 21.30 -29.54 51.92
N ALA NA 157 20.59 -30.38 51.18
CA ALA NA 157 19.75 -31.43 51.76
C ALA NA 157 19.82 -32.72 50.96
N GLU NA 158 19.96 -33.86 51.63
CA GLU NA 158 20.03 -35.15 50.97
C GLU NA 158 18.67 -35.81 50.92
N VAL NA 159 18.06 -35.93 49.74
CA VAL NA 159 16.84 -36.72 49.60
C VAL NA 159 17.18 -38.19 49.60
N ASP NA 160 16.42 -39.00 50.31
CA ASP NA 160 16.41 -40.45 50.13
C ASP NA 160 15.75 -40.77 48.78
N PRO NA 161 16.41 -41.47 47.85
CA PRO NA 161 15.80 -41.79 46.57
C PRO NA 161 14.74 -42.91 46.64
N ARG NA 162 14.68 -43.71 47.72
CA ARG NA 162 13.69 -44.81 47.85
C ARG NA 162 12.30 -44.28 48.18
N THR NA 163 12.19 -43.41 49.17
CA THR NA 163 11.06 -42.47 49.27
C THR NA 163 11.35 -41.27 48.34
N ARG NA 164 10.83 -40.08 48.63
CA ARG NA 164 11.43 -38.81 48.17
C ARG NA 164 11.62 -37.80 49.30
N LYS NA 165 11.64 -38.25 50.56
CA LYS NA 165 11.81 -37.39 51.75
C LYS NA 165 13.25 -36.92 51.88
N VAL NA 166 13.48 -35.80 52.56
CA VAL NA 166 14.82 -35.40 53.01
C VAL NA 166 15.27 -36.25 54.21
N LEU NA 167 16.49 -36.76 54.19
CA LEU NA 167 17.07 -37.54 55.30
C LEU NA 167 17.61 -36.63 56.40
N TYR NA 168 18.39 -35.65 56.02
CA TYR NA 168 19.04 -34.65 56.86
C TYR NA 168 19.52 -33.51 55.96
N ALA NA 169 19.83 -32.36 56.54
CA ALA NA 169 20.22 -31.18 55.78
C ALA NA 169 21.13 -30.25 56.57
N ILE NA 170 21.92 -29.44 55.89
CA ILE NA 170 22.85 -28.50 56.53
C ILE NA 170 22.69 -27.11 55.96
N ARG NA 171 22.62 -26.08 56.81
CA ARG NA 171 22.62 -24.67 56.42
C ARG NA 171 23.90 -24.06 56.92
N ALA NA 172 24.74 -23.56 56.04
CA ALA NA 172 26.04 -23.01 56.42
C ALA NA 172 26.22 -21.65 55.79
N ILE NA 173 26.72 -20.69 56.56
CA ILE NA 173 26.78 -19.29 56.16
C ILE NA 173 28.19 -18.74 56.30
N TYR NA 174 28.64 -18.04 55.26
CA TYR NA 174 30.02 -17.56 55.14
C TYR NA 174 30.18 -16.17 55.75
N GLY NA 175 31.42 -15.83 56.12
CA GLY NA 175 31.79 -14.47 56.52
C GLY NA 175 31.61 -13.48 55.37
N ALA NA 176 31.65 -12.18 55.66
CA ALA NA 176 31.26 -11.13 54.71
C ALA NA 176 32.09 -11.13 53.40
N ASP NA 177 33.37 -11.54 53.47
CA ASP NA 177 34.24 -11.68 52.30
C ASP NA 177 34.08 -13.02 51.55
N GLY NA 178 33.26 -13.94 52.07
CA GLY NA 178 32.97 -15.22 51.42
C GLY NA 178 34.11 -16.26 51.48
N ASN NA 179 35.18 -15.98 52.20
CA ASN NA 179 36.36 -16.84 52.28
C ASN NA 179 36.23 -17.99 53.29
N GLU NA 180 35.34 -17.91 54.27
CA GLU NA 180 35.28 -18.87 55.38
C GLU NA 180 33.83 -19.12 55.84
N ILE NA 181 33.50 -20.35 56.22
CA ILE NA 181 32.25 -20.64 56.94
C ILE NA 181 32.37 -20.09 58.35
N VAL NA 182 31.37 -19.35 58.82
CA VAL NA 182 31.35 -18.79 60.19
C VAL NA 182 30.31 -19.43 61.09
N SER NA 183 29.28 -20.07 60.55
CA SER NA 183 28.34 -20.87 61.34
C SER NA 183 27.64 -21.92 60.49
N ALA NA 184 27.36 -23.07 61.07
CA ALA NA 184 26.69 -24.19 60.42
C ALA NA 184 25.55 -24.70 61.29
N THR NA 185 24.47 -25.17 60.66
CA THR NA 185 23.29 -25.72 61.32
C THR NA 185 22.91 -27.03 60.68
N LEU NA 186 22.67 -28.07 61.48
CA LEU NA 186 22.28 -29.40 61.04
C LEU NA 186 20.83 -29.65 61.40
N TYR NA 187 19.99 -30.02 60.45
CA TYR NA 187 18.61 -30.42 60.69
C TYR NA 187 18.51 -31.93 60.62
N LEU NA 188 17.88 -32.53 61.61
CA LEU NA 188 17.61 -33.96 61.71
C LEU NA 188 16.11 -34.18 61.90
N PRO NA 189 15.57 -35.37 61.62
CA PRO NA 189 14.13 -35.64 61.67
C PRO NA 189 13.40 -35.26 62.96
N ASP NA 190 14.10 -35.18 64.10
CA ASP NA 190 13.54 -34.91 65.43
C ASP NA 190 14.27 -33.79 66.20
N THR NA 191 15.30 -33.15 65.61
CA THR NA 191 16.08 -32.10 66.28
C THR NA 191 16.80 -31.18 65.28
N THR NA 192 17.18 -29.98 65.70
CA THR NA 192 18.01 -29.05 64.94
C THR NA 192 19.15 -28.55 65.81
N MET NA 193 20.34 -28.35 65.26
CA MET NA 193 21.55 -28.01 66.02
C MET NA 193 22.37 -26.94 65.31
N THR NA 194 23.01 -26.02 66.01
CA THR NA 194 23.85 -24.98 65.39
C THR NA 194 25.18 -24.83 66.11
N TRP NA 195 26.27 -24.70 65.36
CA TRP NA 195 27.60 -24.36 65.87
C TRP NA 195 27.98 -22.95 65.43
N LEU NA 196 28.47 -22.13 66.37
CA LEU NA 196 28.31 -20.66 66.28
C LEU NA 196 29.54 -19.87 65.79
N ARG NA 197 30.67 -20.53 65.54
CA ARG NA 197 31.93 -19.91 65.08
C ARG NA 197 32.61 -20.80 64.03
N ALA NA 198 33.58 -20.24 63.30
CA ALA NA 198 34.26 -20.85 62.17
C ALA NA 198 34.87 -22.23 62.44
N GLU NA 199 35.18 -22.96 61.36
CA GLU NA 199 35.47 -24.39 61.38
C GLU NA 199 36.72 -24.80 62.18
N GLY NA 200 37.72 -23.92 62.29
CA GLY NA 200 38.91 -24.15 63.13
C GLY NA 200 38.68 -23.81 64.61
N GLU NA 201 37.50 -23.30 64.96
CA GLU NA 201 37.19 -22.63 66.22
C GLU NA 201 35.76 -22.96 66.70
N TRP NA 202 35.26 -24.17 66.41
CA TRP NA 202 33.93 -24.63 66.84
C TRP NA 202 33.72 -24.53 68.34
N GLU NA 203 32.46 -24.45 68.75
CA GLU NA 203 32.05 -24.52 70.15
C GLU NA 203 30.74 -25.32 70.27
N ALA NA 204 30.44 -25.85 71.47
CA ALA NA 204 29.37 -26.80 71.66
C ALA NA 204 28.03 -26.27 71.13
N PRO NA 205 27.20 -27.10 70.48
CA PRO NA 205 26.09 -26.60 69.70
C PRO NA 205 24.95 -26.11 70.57
N THR NA 206 24.29 -25.01 70.17
CA THR NA 206 22.92 -24.76 70.62
C THR NA 206 21.99 -25.74 69.91
N SER NA 207 21.14 -26.44 70.66
CA SER NA 207 20.39 -27.59 70.18
C SER NA 207 18.92 -27.49 70.61
N THR NA 208 18.00 -27.85 69.73
CA THR NA 208 16.57 -27.91 70.02
C THR NA 208 15.95 -29.20 69.50
N PRO NA 209 15.05 -29.84 70.25
CA PRO NA 209 14.16 -30.83 69.67
C PRO NA 209 13.11 -30.14 68.79
N HIS NA 210 12.38 -30.91 67.99
CA HIS NA 210 11.11 -30.51 67.41
C HIS NA 210 10.23 -31.76 67.21
N GLY NA 211 8.92 -31.60 67.19
CA GLY NA 211 7.99 -32.72 67.22
C GLY NA 211 7.55 -33.26 65.86
N LEU NA 212 8.09 -32.74 64.74
CA LEU NA 212 7.49 -33.01 63.43
C LEU NA 212 7.72 -34.46 62.94
N GLU NA 213 8.72 -35.15 63.48
CA GLU NA 213 9.14 -36.48 63.02
C GLU NA 213 9.49 -36.55 61.52
N MET NA 214 9.85 -35.42 60.93
CA MET NA 214 10.43 -35.30 59.59
C MET NA 214 11.26 -34.02 59.52
N VAL NA 215 12.22 -33.94 58.61
CA VAL NA 215 13.15 -32.81 58.56
C VAL NA 215 12.39 -31.54 58.17
N PRO NA 216 12.54 -30.42 58.88
CA PRO NA 216 11.75 -29.22 58.64
C PRO NA 216 12.32 -28.38 57.50
N VAL NA 217 12.69 -29.02 56.41
CA VAL NA 217 13.13 -28.37 55.17
C VAL NA 217 12.45 -28.99 53.95
N ILE NA 218 11.97 -28.18 53.03
CA ILE NA 218 11.28 -28.62 51.82
C ILE NA 218 12.06 -28.15 50.60
N PRO NA 219 12.48 -29.02 49.68
CA PRO NA 219 13.17 -28.58 48.48
C PRO NA 219 12.18 -28.07 47.44
N ILE NA 220 12.19 -26.77 47.16
CA ILE NA 220 11.63 -26.24 45.91
C ILE NA 220 12.56 -26.69 44.78
N SER NA 221 12.10 -27.46 43.81
CA SER NA 221 12.98 -27.91 42.73
C SER NA 221 12.36 -27.70 41.36
N ASN NA 222 13.09 -27.06 40.47
CA ASN NA 222 12.69 -26.93 39.09
C ASN NA 222 12.93 -28.25 38.39
N ARG NA 223 11.90 -28.82 37.76
CA ARG NA 223 12.01 -30.09 37.04
C ARG NA 223 11.03 -30.14 35.87
N THR NA 224 11.36 -30.94 34.87
CA THR NA 224 10.60 -31.08 33.62
C THR NA 224 10.08 -32.49 33.41
N ARG NA 225 10.76 -33.47 33.99
CA ARG NA 225 10.48 -34.90 33.89
C ARG NA 225 10.42 -35.50 35.27
N LEU NA 226 9.75 -36.63 35.42
CA LEU NA 226 9.94 -37.50 36.57
C LEU NA 226 11.40 -37.96 36.68
N SER NA 227 12.11 -38.08 35.55
CA SER NA 227 13.52 -38.42 35.51
C SER NA 227 14.47 -37.36 36.11
N ASP NA 228 14.05 -36.10 36.30
CA ASP NA 228 14.93 -35.05 36.85
C ASP NA 228 14.99 -35.11 38.38
N LEU NA 229 15.39 -36.25 38.94
CA LEU NA 229 15.08 -36.62 40.33
C LEU NA 229 15.58 -35.65 41.41
N TYR NA 230 16.64 -34.86 41.15
CA TYR NA 230 17.13 -33.81 42.05
C TYR NA 230 17.01 -32.39 41.46
N GLY NA 231 16.13 -32.17 40.49
CA GLY NA 231 15.94 -30.87 39.86
C GLY NA 231 16.97 -30.55 38.77
N THR NA 232 16.84 -29.39 38.12
CA THR NA 232 17.57 -29.03 36.89
C THR NA 232 17.55 -27.52 36.66
N SER NA 233 18.69 -26.90 36.32
CA SER NA 233 18.74 -25.47 36.01
C SER NA 233 17.84 -25.13 34.83
N GLU NA 234 17.10 -24.04 34.89
CA GLU NA 234 16.25 -23.65 33.76
C GLU NA 234 17.06 -23.16 32.56
N ILE NA 235 18.28 -22.67 32.78
CA ILE NA 235 19.18 -22.20 31.71
C ILE NA 235 19.79 -23.44 31.03
N SER NA 236 19.04 -24.05 30.12
CA SER NA 236 19.38 -25.27 29.39
C SER NA 236 20.68 -25.15 28.57
N PRO NA 237 21.41 -26.25 28.31
CA PRO NA 237 22.56 -26.24 27.42
C PRO NA 237 22.22 -25.68 26.04
N GLU NA 238 21.00 -25.88 25.54
CA GLU NA 238 20.54 -25.26 24.29
C GLU NA 238 20.74 -23.75 24.34
N LEU NA 239 20.28 -23.12 25.42
CA LEU NA 239 20.34 -21.68 25.58
C LEU NA 239 21.74 -21.19 25.94
N ARG NA 240 22.53 -21.99 26.65
CA ARG NA 240 23.93 -21.65 26.89
C ARG NA 240 24.68 -21.55 25.58
N SER NA 241 24.52 -22.53 24.69
CA SER NA 241 25.29 -22.55 23.45
C SER NA 241 25.07 -21.29 22.63
N VAL NA 242 23.84 -20.80 22.45
CA VAL NA 242 23.59 -19.57 21.69
C VAL NA 242 24.01 -18.32 22.45
N THR NA 243 24.05 -18.35 23.78
CA THR NA 243 24.61 -17.26 24.56
C THR NA 243 26.09 -17.09 24.30
N ASP NA 244 26.83 -18.19 24.28
CA ASP NA 244 28.27 -18.17 24.01
C ASP NA 244 28.56 -17.91 22.54
N ALA NA 245 27.79 -18.49 21.62
CA ALA NA 245 27.95 -18.21 20.21
C ALA NA 245 27.76 -16.73 19.90
N ALA NA 246 26.75 -16.07 20.43
CA ALA NA 246 26.56 -14.64 20.20
C ALA NA 246 27.74 -13.82 20.74
N ALA NA 247 28.32 -14.20 21.87
CA ALA NA 247 29.49 -13.52 22.38
C ALA NA 247 30.68 -13.64 21.42
N GLN NA 248 30.92 -14.83 20.86
CA GLN NA 248 32.00 -14.99 19.89
C GLN NA 248 31.79 -14.12 18.68
N ILE NA 249 30.56 -14.01 18.16
CA ILE NA 249 30.29 -13.11 17.04
C ILE NA 249 30.54 -11.67 17.46
N LEU NA 250 30.01 -11.23 18.60
CA LEU NA 250 30.12 -9.84 19.01
C LEU NA 250 31.57 -9.43 19.20
N MET NA 251 32.41 -10.24 19.82
CA MET NA 251 33.84 -9.92 19.92
C MET NA 251 34.50 -9.83 18.54
N ASN NA 252 34.24 -10.77 17.64
CA ASN NA 252 34.85 -10.72 16.31
C ASN NA 252 34.39 -9.48 15.53
N MET NA 253 33.11 -9.11 15.61
CA MET NA 253 32.64 -7.88 15.00
C MET NA 253 33.24 -6.65 15.66
N GLN NA 254 33.34 -6.63 16.99
CA GLN NA 254 33.95 -5.50 17.70
C GLN NA 254 35.41 -5.30 17.33
N GLY NA 255 36.20 -6.38 17.28
CA GLY NA 255 37.58 -6.32 16.79
C GLY NA 255 37.61 -5.81 15.35
N THR NA 256 36.76 -6.33 14.47
CA THR NA 256 36.70 -5.87 13.08
C THR NA 256 36.45 -4.37 13.00
N ALA NA 257 35.59 -3.82 13.85
CA ALA NA 257 35.31 -2.39 13.85
C ALA NA 257 36.52 -1.54 14.30
N ASN NA 258 37.45 -2.10 15.07
CA ASN NA 258 38.70 -1.42 15.44
C ASN NA 258 39.82 -1.59 14.41
N LEU NA 259 39.73 -2.56 13.50
CA LEU NA 259 40.90 -3.02 12.72
C LEU NA 259 40.68 -3.07 11.21
N MET NA 260 39.45 -3.25 10.71
CA MET NA 260 39.18 -3.46 9.28
C MET NA 260 37.97 -2.73 8.71
N ALA NA 261 37.20 -1.99 9.50
CA ALA NA 261 35.99 -1.33 9.02
C ALA NA 261 36.26 -0.18 8.02
N ILE NA 262 37.52 0.16 7.78
CA ILE NA 262 37.97 1.19 6.84
C ILE NA 262 39.06 0.62 5.93
N PRO NA 263 39.24 1.11 4.68
CA PRO NA 263 40.25 0.59 3.79
C PRO NA 263 41.65 0.90 4.30
N GLN NA 264 42.64 0.08 3.92
CA GLN NA 264 44.05 0.33 4.19
C GLN NA 264 44.75 0.72 2.91
N ARG NA 265 45.51 1.82 2.92
CA ARG NA 265 45.97 2.51 1.71
C ARG NA 265 47.45 2.22 1.44
N LEU NA 266 47.81 1.76 0.25
CA LEU NA 266 49.18 1.38 -0.11
C LEU NA 266 49.69 2.22 -1.27
N ILE NA 267 50.99 2.53 -1.29
CA ILE NA 267 51.70 3.07 -2.46
C ILE NA 267 52.94 2.22 -2.72
N PHE NA 268 53.09 1.77 -3.95
CA PHE NA 268 54.23 0.97 -4.41
C PHE NA 268 55.19 1.78 -5.28
N GLY NA 269 56.42 1.28 -5.47
CA GLY NA 269 57.36 1.75 -6.50
C GLY NA 269 58.06 3.08 -6.20
N ALA NA 270 57.48 3.96 -5.39
CA ALA NA 270 58.07 5.23 -5.03
C ALA NA 270 58.99 5.10 -3.82
N LYS NA 271 60.27 5.45 -3.96
CA LYS NA 271 61.32 5.18 -2.98
C LYS NA 271 61.13 5.99 -1.68
N PRO NA 272 61.29 5.40 -0.48
CA PRO NA 272 61.19 6.13 0.78
C PRO NA 272 62.02 7.43 0.85
N GLU NA 273 63.24 7.45 0.33
CA GLU NA 273 64.06 8.66 0.29
C GLU NA 273 63.44 9.74 -0.60
N GLU NA 274 62.77 9.35 -1.67
CA GLU NA 274 62.13 10.26 -2.62
C GLU NA 274 60.80 10.80 -2.09
N LEU NA 275 60.09 10.01 -1.30
CA LEU NA 275 59.00 10.48 -0.45
C LEU NA 275 59.52 11.37 0.70
N GLY NA 276 60.83 11.38 0.97
CA GLY NA 276 61.41 12.17 2.05
C GLY NA 276 61.08 11.64 3.44
N ILE NA 277 60.79 10.35 3.57
CA ILE NA 277 60.45 9.71 4.84
C ILE NA 277 61.62 9.85 5.82
N ASN NA 278 61.37 10.24 7.06
CA ASN NA 278 62.43 10.37 8.07
C ASN NA 278 63.05 9.00 8.37
N ALA NA 279 64.35 8.86 8.09
CA ALA NA 279 65.02 7.56 8.08
C ALA NA 279 65.06 6.85 9.45
N GLU NA 280 65.05 7.59 10.55
CA GLU NA 280 65.09 7.03 11.90
C GLU NA 280 63.71 6.50 12.33
N THR NA 281 62.63 7.19 11.96
CA THR NA 281 61.26 6.91 12.43
C THR NA 281 60.36 6.22 11.40
N GLY NA 282 60.78 6.14 10.14
CA GLY NA 282 60.05 5.43 9.07
C GLY NA 282 58.71 6.06 8.68
N GLN NA 283 58.46 7.32 9.00
CA GLN NA 283 57.18 8.00 8.76
C GLN NA 283 57.35 9.49 8.44
N ARG NA 284 56.32 10.09 7.83
CA ARG NA 284 56.29 11.49 7.36
C ARG NA 284 54.93 12.11 7.68
N MET NA 285 54.91 13.38 8.05
CA MET NA 285 53.65 14.09 8.32
C MET NA 285 52.97 14.58 7.04
N PHE NA 286 51.65 14.69 7.12
CA PHE NA 286 50.73 15.11 6.08
C PHE NA 286 49.71 16.07 6.70
N ASP NA 287 49.38 17.18 6.05
CA ASP NA 287 48.34 18.09 6.53
C ASP NA 287 46.95 17.55 6.21
N ALA NA 288 46.75 17.03 4.99
CA ALA NA 288 45.62 16.20 4.59
C ALA NA 288 44.21 16.82 4.75
N TYR NA 289 44.10 18.15 4.84
CA TYR NA 289 42.81 18.83 4.73
C TYR NA 289 42.18 18.61 3.35
N MET NA 290 40.89 18.92 3.19
CA MET NA 290 40.17 18.69 1.93
C MET NA 290 40.86 19.29 0.70
N ALA NA 291 40.71 18.61 -0.44
CA ALA NA 291 41.18 19.04 -1.75
C ALA NA 291 42.71 19.26 -1.91
N ARG NA 292 43.55 18.93 -0.92
CA ARG NA 292 44.97 18.68 -1.16
C ARG NA 292 45.11 17.58 -2.19
N ILE NA 293 45.95 17.77 -3.20
CA ILE NA 293 46.34 16.71 -4.14
C ILE NA 293 47.77 16.31 -3.81
N LEU NA 294 48.03 15.05 -3.51
CA LEU NA 294 49.41 14.56 -3.31
C LEU NA 294 50.06 14.31 -4.66
N ALA NA 295 51.07 15.10 -5.02
CA ALA NA 295 51.85 14.91 -6.24
C ALA NA 295 53.12 14.12 -5.93
N PHE NA 296 53.31 12.99 -6.60
CA PHE NA 296 54.49 12.12 -6.47
C PHE NA 296 55.31 12.06 -7.74
N GLU NA 297 56.62 12.00 -7.55
CA GLU NA 297 57.61 11.81 -8.61
C GLU NA 297 57.41 10.49 -9.36
N GLY NA 298 56.90 9.45 -8.70
CA GLY NA 298 56.51 8.20 -9.36
C GLY NA 298 57.69 7.49 -10.00
N GLY NA 299 57.56 7.14 -11.28
CA GLY NA 299 58.54 6.31 -12.00
C GLY NA 299 58.50 4.85 -11.57
N GLU NA 300 59.27 3.97 -12.22
CA GLU NA 300 59.41 2.54 -11.88
C GLU NA 300 58.09 1.74 -11.87
N GLY NA 301 57.01 2.26 -12.46
CA GLY NA 301 55.66 1.68 -12.35
C GLY NA 301 54.93 1.96 -11.03
N ALA NA 302 55.35 2.97 -10.27
CA ALA NA 302 54.72 3.37 -9.02
C ALA NA 302 53.25 3.73 -9.20
N HIS NA 303 52.43 3.33 -8.22
CA HIS NA 303 50.98 3.53 -8.24
C HIS NA 303 50.41 3.33 -6.83
N ALA NA 304 49.17 3.77 -6.62
CA ALA NA 304 48.44 3.57 -5.38
C ALA NA 304 47.36 2.50 -5.52
N GLU NA 305 47.22 1.60 -4.54
CA GLU NA 305 46.07 0.72 -4.44
C GLU NA 305 45.80 0.35 -2.98
N GLN NA 306 44.61 -0.17 -2.68
CA GLN NA 306 44.11 -0.28 -1.32
C GLN NA 306 43.48 -1.64 -1.04
N PHE NA 307 43.64 -2.15 0.17
CA PHE NA 307 42.78 -3.23 0.66
C PHE NA 307 41.42 -2.66 1.04
N SER NA 308 40.33 -3.31 0.64
CA SER NA 308 38.99 -2.84 1.00
C SER NA 308 38.72 -2.96 2.49
N ALA NA 309 37.69 -2.26 2.96
CA ALA NA 309 37.10 -2.50 4.26
C ALA NA 309 36.47 -3.90 4.31
N ALA NA 310 36.31 -4.46 5.52
CA ALA NA 310 35.43 -5.58 5.78
C ALA NA 310 34.00 -5.07 6.03
N GLU NA 311 32.96 -5.63 5.39
CA GLU NA 311 31.58 -5.23 5.69
C GLU NA 311 31.15 -5.75 7.06
N LEU NA 312 30.86 -4.88 8.01
CA LEU NA 312 30.29 -5.30 9.29
C LEU NA 312 28.90 -5.88 9.13
N ARG NA 313 28.18 -5.56 8.06
CA ARG NA 313 26.95 -6.24 7.68
C ARG NA 313 27.10 -7.76 7.64
N ASN NA 314 28.27 -8.28 7.25
CA ASN NA 314 28.47 -9.71 7.16
C ASN NA 314 28.31 -10.38 8.54
N PHE NA 315 28.84 -9.78 9.60
CA PHE NA 315 28.61 -10.27 10.95
C PHE NA 315 27.18 -10.02 11.41
N VAL NA 316 26.58 -8.89 11.06
CA VAL NA 316 25.22 -8.57 11.49
C VAL NA 316 24.21 -9.57 10.95
N ASP NA 317 24.37 -10.07 9.71
CA ASP NA 317 23.51 -11.13 9.17
C ASP NA 317 23.53 -12.39 10.05
N ALA NA 318 24.66 -12.73 10.68
CA ALA NA 318 24.73 -13.84 11.60
C ALA NA 318 24.02 -13.54 12.92
N LEU NA 319 24.15 -12.33 13.46
CA LEU NA 319 23.46 -11.98 14.71
C LEU NA 319 21.94 -11.95 14.52
N ASP NA 320 21.43 -11.42 13.41
CA ASP NA 320 20.00 -11.47 13.12
C ASP NA 320 19.48 -12.90 13.09
N ALA NA 321 20.23 -13.84 12.50
CA ALA NA 321 19.87 -15.24 12.47
C ALA NA 321 19.98 -15.90 13.84
N LEU NA 322 20.95 -15.51 14.65
CA LEU NA 322 21.14 -16.11 15.96
C LEU NA 322 20.11 -15.62 16.97
N ASP NA 323 19.66 -14.36 16.91
CA ASP NA 323 18.52 -13.92 17.71
C ASP NA 323 17.26 -14.72 17.39
N ARG NA 324 17.00 -14.97 16.10
CA ARG NA 324 15.87 -15.82 15.67
C ARG NA 324 15.97 -17.24 16.23
N LYS NA 325 17.19 -17.71 16.55
CA LYS NA 325 17.40 -18.97 17.27
C LYS NA 325 17.17 -18.79 18.77
N ALA NA 326 17.72 -17.77 19.41
CA ALA NA 326 17.57 -17.55 20.83
C ALA NA 326 16.11 -17.36 21.24
N ALA NA 327 15.30 -16.69 20.41
CA ALA NA 327 13.86 -16.59 20.63
C ALA NA 327 13.21 -17.99 20.63
N SER NA 328 13.37 -18.74 19.54
CA SER NA 328 12.70 -20.01 19.38
C SER NA 328 13.14 -21.07 20.39
N TYR NA 329 14.41 -21.08 20.81
CA TYR NA 329 14.85 -21.99 21.87
C TYR NA 329 14.24 -21.61 23.22
N SER NA 330 14.34 -20.35 23.63
CA SER NA 330 13.87 -19.93 24.96
C SER NA 330 12.35 -19.95 25.07
N GLY NA 331 11.63 -19.65 23.99
CA GLY NA 331 10.18 -19.48 24.01
C GLY NA 331 9.72 -18.10 24.46
N LEU NA 332 10.62 -17.13 24.60
CA LEU NA 332 10.22 -15.74 24.80
C LEU NA 332 9.41 -15.23 23.59
N PRO NA 333 8.46 -14.30 23.76
CA PRO NA 333 7.86 -13.56 22.66
C PRO NA 333 8.92 -12.88 21.80
N PRO NA 334 8.71 -12.68 20.50
CA PRO NA 334 9.78 -12.22 19.61
C PRO NA 334 10.16 -10.76 19.86
N GLN NA 335 9.24 -9.94 20.34
CA GLN NA 335 9.52 -8.55 20.71
C GLN NA 335 10.51 -8.46 21.88
N TYR NA 336 10.59 -9.47 22.76
CA TYR NA 336 11.55 -9.45 23.87
C TYR NA 336 12.99 -9.41 23.36
N LEU NA 337 13.28 -10.06 22.24
CA LEU NA 337 14.60 -10.05 21.60
C LEU NA 337 14.63 -9.13 20.36
N SER NA 338 13.77 -8.11 20.32
CA SER NA 338 13.75 -7.02 19.34
C SER NA 338 13.63 -7.43 17.86
N SER NA 339 13.20 -8.66 17.59
CA SER NA 339 13.33 -9.32 16.28
C SER NA 339 12.04 -9.41 15.46
N SER NA 340 10.92 -8.92 15.98
CA SER NA 340 9.62 -8.99 15.32
C SER NA 340 9.54 -8.06 14.11
N SER NA 341 8.79 -8.46 13.09
CA SER NA 341 8.43 -7.58 11.96
C SER NA 341 7.51 -6.42 12.39
N ASP NA 342 6.76 -6.58 13.48
CA ASP NA 342 5.84 -5.57 14.02
C ASP NA 342 5.53 -5.76 15.52
N ASN NA 343 4.97 -4.72 16.13
CA ASN NA 343 4.22 -4.83 17.38
C ASN NA 343 2.89 -5.57 17.15
N PRO NA 344 2.28 -6.17 18.19
CA PRO NA 344 0.86 -6.50 18.21
C PRO NA 344 -0.04 -5.31 17.83
N ALA NA 345 -1.22 -5.59 17.28
CA ALA NA 345 -2.20 -4.56 16.89
C ALA NA 345 -3.68 -4.95 17.15
N SER NA 346 -3.96 -5.95 18.00
CA SER NA 346 -5.31 -6.30 18.47
C SER NA 346 -5.25 -6.99 19.83
N ALA NA 347 -6.32 -6.93 20.62
CA ALA NA 347 -6.35 -7.42 22.00
C ALA NA 347 -5.89 -8.88 22.18
N GLU NA 348 -6.23 -9.75 21.24
CA GLU NA 348 -5.80 -11.14 21.23
C GLU NA 348 -4.51 -11.38 20.43
N ALA NA 349 -4.07 -10.45 19.59
CA ALA NA 349 -2.78 -10.57 18.91
C ALA NA 349 -1.61 -10.53 19.91
N ILE NA 350 -1.80 -9.92 21.08
CA ILE NA 350 -0.92 -10.10 22.23
C ILE NA 350 -0.93 -11.56 22.69
N LYS NA 351 -2.12 -12.09 22.98
CA LYS NA 351 -2.27 -13.45 23.53
C LYS NA 351 -1.64 -14.50 22.63
N ALA NA 352 -1.64 -14.30 21.32
CA ALA NA 352 -0.90 -15.13 20.38
C ALA NA 352 0.60 -15.17 20.69
N ALA NA 353 1.27 -14.02 20.71
CA ALA NA 353 2.71 -13.92 20.95
C ALA NA 353 3.09 -14.42 22.35
N GLU NA 354 2.26 -14.13 23.33
CA GLU NA 354 2.49 -14.47 24.72
C GLU NA 354 2.31 -15.97 25.02
N SER NA 355 1.45 -16.66 24.26
CA SER NA 355 0.96 -18.01 24.55
C SER NA 355 2.04 -19.06 24.78
N ARG NA 356 3.19 -18.93 24.14
CA ARG NA 356 4.32 -19.86 24.30
C ARG NA 356 5.00 -19.71 25.64
N LEU NA 357 5.06 -18.50 26.18
CA LEU NA 357 5.63 -18.23 27.49
C LEU NA 357 4.63 -18.52 28.61
N VAL NA 358 3.41 -18.02 28.53
CA VAL NA 358 2.49 -18.09 29.69
C VAL NA 358 2.10 -19.50 30.05
N LYS NA 359 2.09 -20.44 29.11
CA LYS NA 359 1.88 -21.83 29.47
C LYS NA 359 3.06 -22.41 30.25
N LYS NA 360 4.30 -21.98 29.96
CA LYS NA 360 5.48 -22.38 30.73
C LYS NA 360 5.39 -21.83 32.14
N VAL NA 361 5.10 -20.55 32.28
CA VAL NA 361 4.94 -19.93 33.60
C VAL NA 361 3.89 -20.68 34.40
N GLU NA 362 2.77 -21.07 33.79
CA GLU NA 362 1.75 -21.80 34.52
C GLU NA 362 2.27 -23.14 35.04
N ARG NA 363 3.09 -23.88 34.29
CA ARG NA 363 3.67 -25.11 34.83
C ARG NA 363 4.69 -24.85 35.92
N LYS NA 364 5.46 -23.77 35.90
CA LYS NA 364 6.29 -23.43 37.07
C LYS NA 364 5.42 -23.19 38.29
N ASN NA 365 4.29 -22.49 38.15
CA ASN NA 365 3.35 -22.35 39.25
C ASN NA 365 2.87 -23.73 39.72
N LYS NA 366 2.51 -24.63 38.81
CA LYS NA 366 2.05 -25.98 39.18
C LYS NA 366 3.10 -26.73 40.00
N ILE NA 367 4.35 -26.72 39.54
CA ILE NA 367 5.42 -27.51 40.14
C ILE NA 367 5.92 -26.90 41.45
N PHE NA 368 5.98 -25.58 41.60
CA PHE NA 368 6.29 -24.96 42.89
C PHE NA 368 5.11 -24.96 43.83
N GLY NA 369 3.88 -24.99 43.35
CA GLY NA 369 2.71 -25.22 44.19
C GLY NA 369 2.88 -26.46 45.05
N GLY NA 370 3.41 -27.54 44.48
CA GLY NA 370 3.71 -28.75 45.23
C GLY NA 370 4.69 -28.57 46.38
N ALA NA 371 5.56 -27.56 46.35
CA ALA NA 371 6.44 -27.26 47.47
C ALA NA 371 5.67 -26.50 48.54
N TRP NA 372 5.02 -25.39 48.20
CA TRP NA 372 4.33 -24.59 49.21
C TRP NA 372 3.19 -25.34 49.90
N GLU NA 373 2.46 -26.18 49.17
CA GLU NA 373 1.42 -27.02 49.76
C GLU NA 373 1.97 -28.07 50.71
N GLN NA 374 3.29 -28.38 50.69
CA GLN NA 374 3.95 -29.11 51.78
C GLN NA 374 4.41 -28.16 52.86
N ALA NA 375 5.02 -27.05 52.51
CA ALA NA 375 5.53 -26.10 53.50
C ALA NA 375 4.45 -25.68 54.50
N MET NA 376 3.22 -25.47 54.05
CA MET NA 376 2.14 -25.12 54.95
C MET NA 376 1.63 -26.28 55.78
N ARG NA 377 1.69 -27.52 55.30
CA ARG NA 377 1.43 -28.69 56.17
C ARG NA 377 2.47 -28.79 57.28
N LEU NA 378 3.75 -28.61 56.96
CA LEU NA 378 4.82 -28.62 57.96
C LEU NA 378 4.60 -27.50 58.98
N ALA NA 379 4.34 -26.27 58.53
CA ALA NA 379 4.13 -25.15 59.45
C ALA NA 379 2.92 -25.37 60.34
N TYR NA 380 1.83 -25.93 59.82
CA TYR NA 380 0.68 -26.27 60.65
C TYR NA 380 1.07 -27.27 61.73
N LYS NA 381 1.71 -28.38 61.36
CA LYS NA 381 2.07 -29.42 62.31
C LYS NA 381 3.03 -28.93 63.38
N MET NA 382 3.92 -28.02 63.06
CA MET NA 382 4.79 -27.38 64.06
C MET NA 382 4.01 -26.51 65.05
N VAL NA 383 3.08 -25.67 64.56
CA VAL NA 383 2.37 -24.72 65.40
C VAL NA 383 1.35 -25.41 66.29
N LYS NA 384 0.56 -26.32 65.73
CA LYS NA 384 -0.57 -26.92 66.42
C LYS NA 384 -0.24 -28.26 67.07
N GLY NA 385 0.76 -28.98 66.58
CA GLY NA 385 1.01 -30.36 66.97
C GLY NA 385 -0.06 -31.32 66.45
N GLY NA 386 0.13 -32.61 66.73
CA GLY NA 386 -0.83 -33.66 66.38
C GLY NA 386 -1.03 -33.89 64.89
N ASP NA 387 -2.12 -34.57 64.53
CA ASP NA 387 -2.48 -34.81 63.14
C ASP NA 387 -2.97 -33.53 62.45
N ILE NA 388 -2.61 -33.34 61.19
CA ILE NA 388 -3.13 -32.27 60.34
C ILE NA 388 -4.58 -32.60 59.95
N PRO NA 389 -5.54 -31.66 60.00
CA PRO NA 389 -6.90 -31.89 59.52
C PRO NA 389 -6.89 -32.39 58.08
N THR NA 390 -7.50 -33.55 57.82
CA THR NA 390 -7.26 -34.25 56.55
C THR NA 390 -7.69 -33.49 55.29
N GLU NA 391 -8.47 -32.42 55.42
CA GLU NA 391 -8.72 -31.50 54.31
C GLU NA 391 -7.43 -30.91 53.75
N TYR NA 392 -6.42 -30.67 54.59
CA TYR NA 392 -5.22 -29.96 54.16
C TYR NA 392 -4.42 -30.76 53.14
N TYR NA 393 -4.51 -32.10 53.13
CA TYR NA 393 -3.82 -32.91 52.12
C TYR NA 393 -4.31 -32.64 50.70
N ARG NA 394 -5.40 -31.90 50.53
CA ARG NA 394 -6.06 -31.64 49.26
C ARG NA 394 -6.13 -30.17 48.90
N MET NA 395 -5.39 -29.30 49.61
CA MET NA 395 -5.37 -27.90 49.24
C MET NA 395 -4.75 -27.70 47.86
N GLU NA 396 -5.02 -26.55 47.25
CA GLU NA 396 -4.29 -26.06 46.07
C GLU NA 396 -3.91 -24.60 46.32
N THR NA 397 -2.69 -24.24 46.00
CA THR NA 397 -2.29 -22.84 45.88
C THR NA 397 -2.98 -22.20 44.70
N VAL NA 398 -3.35 -20.92 44.82
CA VAL NA 398 -4.01 -20.15 43.77
C VAL NA 398 -3.08 -19.04 43.31
N TRP NA 399 -2.82 -18.96 42.00
CA TRP NA 399 -1.77 -18.10 41.44
C TRP NA 399 -2.35 -17.04 40.52
N ARG NA 400 -1.69 -15.89 40.44
CA ARG NA 400 -2.00 -14.82 39.48
C ARG NA 400 -2.07 -15.38 38.07
N ASP NA 401 -3.01 -14.96 37.22
CA ASP NA 401 -3.02 -15.37 35.82
C ASP NA 401 -1.81 -14.79 35.09
N PRO NA 402 -0.89 -15.59 34.54
CA PRO NA 402 0.44 -15.10 34.22
C PRO NA 402 0.50 -14.17 33.01
N SER NA 403 -0.53 -14.12 32.17
CA SER NA 403 -0.57 -13.25 30.99
C SER NA 403 -0.70 -11.77 31.35
N THR NA 404 -0.38 -10.86 30.42
CA THR NA 404 -0.55 -9.42 30.69
C THR NA 404 -2.02 -9.09 30.93
N PRO NA 405 -2.33 -8.21 31.88
CA PRO NA 405 -3.70 -7.81 32.13
C PRO NA 405 -4.22 -6.98 30.96
N THR NA 406 -5.46 -7.23 30.54
CA THR NA 406 -6.11 -6.51 29.45
C THR NA 406 -7.52 -6.08 29.87
N TYR NA 407 -7.56 -5.30 30.94
CA TYR NA 407 -8.79 -4.94 31.65
C TYR NA 407 -9.91 -4.44 30.74
N ALA NA 408 -9.62 -3.58 29.77
CA ALA NA 408 -10.64 -3.05 28.89
C ALA NA 408 -11.32 -4.10 28.00
N ALA NA 409 -10.62 -5.18 27.62
CA ALA NA 409 -11.19 -6.28 26.84
C ALA NA 409 -11.85 -7.35 27.73
N LYS NA 410 -11.42 -7.49 28.98
CA LYS NA 410 -12.13 -8.32 29.97
C LYS NA 410 -13.44 -7.68 30.40
N ALA NA 411 -13.47 -6.36 30.50
CA ALA NA 411 -14.63 -5.62 30.97
C ALA NA 411 -15.87 -5.84 30.13
N ASP NA 412 -15.83 -5.54 28.84
CA ASP NA 412 -17.05 -5.66 28.03
C ASP NA 412 -17.50 -7.11 27.86
N ALA NA 413 -16.62 -8.11 28.07
CA ALA NA 413 -17.03 -9.50 28.17
C ALA NA 413 -17.76 -9.79 29.48
N ALA NA 414 -17.17 -9.46 30.63
CA ALA NA 414 -17.76 -9.80 31.92
C ALA NA 414 -19.15 -9.18 32.09
N ALA NA 415 -19.30 -7.90 31.76
CA ALA NA 415 -20.60 -7.25 31.81
C ALA NA 415 -21.62 -7.91 30.88
N LYS NA 416 -21.23 -8.40 29.69
CA LYS NA 416 -22.14 -9.11 28.78
C LYS NA 416 -22.56 -10.47 29.33
N LEU NA 417 -21.74 -11.12 30.15
CA LEU NA 417 -22.12 -12.35 30.83
C LEU NA 417 -22.97 -12.13 32.06
N PHE NA 418 -22.72 -11.09 32.85
CA PHE NA 418 -23.48 -10.87 34.08
C PHE NA 418 -24.85 -10.21 33.84
N ALA NA 419 -24.96 -9.34 32.84
CA ALA NA 419 -26.20 -8.69 32.40
C ALA NA 419 -27.08 -8.14 33.54
N ASN NA 420 -26.46 -7.42 34.48
CA ASN NA 420 -27.13 -6.85 35.64
C ASN NA 420 -27.91 -7.88 36.48
N GLY NA 421 -27.37 -9.10 36.60
CA GLY NA 421 -27.95 -10.19 37.40
C GLY NA 421 -28.91 -11.09 36.64
N ALA NA 422 -29.42 -10.68 35.48
CA ALA NA 422 -30.19 -11.54 34.61
C ALA NA 422 -29.32 -12.59 33.86
N GLY NA 423 -28.01 -12.45 33.91
CA GLY NA 423 -27.09 -13.10 32.97
C GLY NA 423 -26.71 -14.54 33.28
N LEU NA 424 -25.76 -15.04 32.51
CA LEU NA 424 -25.33 -16.44 32.53
C LEU NA 424 -24.62 -16.83 33.82
N ILE NA 425 -23.87 -15.93 34.47
CA ILE NA 425 -22.99 -16.25 35.60
C ILE NA 425 -23.37 -15.52 36.89
N PRO NA 426 -23.15 -16.11 38.08
CA PRO NA 426 -23.35 -15.42 39.34
C PRO NA 426 -22.27 -14.37 39.54
N ARG NA 427 -22.56 -13.31 40.32
CA ARG NA 427 -21.69 -12.15 40.50
C ARG NA 427 -20.27 -12.54 40.84
N GLU NA 428 -20.07 -13.43 41.81
CA GLU NA 428 -18.71 -13.70 42.28
C GLU NA 428 -17.84 -14.41 41.24
N ARG NA 429 -18.40 -15.21 40.33
CA ARG NA 429 -17.60 -15.74 39.21
C ARG NA 429 -17.18 -14.64 38.25
N GLY NA 430 -17.98 -13.59 38.11
CA GLY NA 430 -17.57 -12.40 37.36
C GLY NA 430 -16.39 -11.71 38.03
N TRP NA 431 -16.33 -11.66 39.36
CA TRP NA 431 -15.17 -11.11 40.07
C TRP NA 431 -13.93 -11.96 39.85
N VAL NA 432 -14.04 -13.29 39.93
CA VAL NA 432 -12.93 -14.18 39.62
C VAL NA 432 -12.47 -13.95 38.19
N ASP NA 433 -13.40 -13.78 37.26
CA ASP NA 433 -13.07 -13.64 35.85
C ASP NA 433 -12.36 -12.34 35.51
N MET NA 434 -12.75 -11.23 36.13
CA MET NA 434 -12.02 -9.97 36.00
C MET NA 434 -10.62 -10.03 36.61
N GLY NA 435 -10.28 -11.11 37.31
CA GLY NA 435 -8.95 -11.36 37.85
C GLY NA 435 -8.68 -10.72 39.20
N TYR NA 436 -9.71 -10.30 39.93
CA TYR NA 436 -9.51 -9.79 41.29
C TYR NA 436 -9.08 -10.92 42.21
N THR NA 437 -8.03 -10.68 43.00
CA THR NA 437 -7.43 -11.70 43.87
C THR NA 437 -8.33 -12.05 45.05
N ILE NA 438 -8.17 -13.23 45.65
CA ILE NA 438 -8.98 -13.69 46.79
C ILE NA 438 -9.02 -12.63 47.89
N VAL NA 439 -7.84 -12.15 48.28
CA VAL NA 439 -7.67 -11.14 49.34
C VAL NA 439 -8.40 -9.86 49.00
N GLU NA 440 -8.54 -9.52 47.71
CA GLU NA 440 -9.28 -8.35 47.28
C GLU NA 440 -10.79 -8.62 47.29
N ARG NA 441 -11.26 -9.77 46.78
CA ARG NA 441 -12.69 -10.07 46.82
C ARG NA 441 -13.22 -10.08 48.24
N GLU NA 442 -12.44 -10.52 49.22
CA GLU NA 442 -12.84 -10.48 50.62
C GLU NA 442 -13.06 -9.05 51.17
N GLN NA 443 -12.40 -8.02 50.66
CA GLN NA 443 -12.77 -6.65 50.99
C GLN NA 443 -13.92 -6.17 50.11
N MET NA 444 -13.93 -6.54 48.83
CA MET NA 444 -14.95 -6.05 47.90
C MET NA 444 -16.36 -6.51 48.26
N ARG NA 445 -16.50 -7.69 48.86
CA ARG NA 445 -17.79 -8.12 49.41
C ARG NA 445 -18.28 -7.23 50.56
N GLN NA 446 -17.40 -6.61 51.32
CA GLN NA 446 -17.82 -5.63 52.34
C GLN NA 446 -18.34 -4.37 51.66
N TRP NA 447 -17.61 -3.84 50.66
CA TRP NA 447 -18.05 -2.66 49.93
C TRP NA 447 -19.37 -2.89 49.22
N LEU NA 448 -19.63 -4.09 48.73
CA LEU NA 448 -20.92 -4.40 48.13
C LEU NA 448 -22.04 -4.25 49.15
N GLU NA 449 -21.88 -4.76 50.36
CA GLU NA 449 -22.89 -4.60 51.40
C GLU NA 449 -23.09 -3.13 51.75
N GLN NA 450 -22.02 -2.35 51.90
CA GLN NA 450 -22.13 -0.91 52.17
C GLN NA 450 -22.86 -0.16 51.05
N ASP NA 451 -22.82 -0.64 49.81
CA ASP NA 451 -23.55 -0.05 48.68
C ASP NA 451 -25.02 -0.52 48.69
N GLN NA 452 -25.26 -1.82 48.82
CA GLN NA 452 -26.59 -2.41 48.86
C GLN NA 452 -27.42 -1.94 50.07
N LYS NA 453 -26.78 -1.35 51.07
CA LYS NA 453 -27.42 -0.64 52.19
C LYS NA 453 -28.25 0.58 51.75
N GLN NA 454 -27.90 1.20 50.62
CA GLN NA 454 -28.66 2.29 49.98
C GLN NA 454 -29.32 1.88 48.66
N GLY NA 455 -28.71 0.95 47.90
CA GLY NA 455 -29.24 0.36 46.66
C GLY NA 455 -28.98 1.20 45.41
N SER OA 6 5.10 -71.74 37.60
CA SER OA 6 5.40 -70.55 38.44
C SER OA 6 6.89 -70.52 38.79
N ILE OA 7 7.43 -69.34 39.12
CA ILE OA 7 8.86 -69.12 39.41
C ILE OA 7 9.03 -68.57 40.82
N ASP OA 8 10.08 -69.02 41.52
CA ASP OA 8 10.49 -68.51 42.83
C ASP OA 8 10.87 -67.02 42.74
N PRO OA 9 10.19 -66.09 43.43
CA PRO OA 9 10.36 -64.66 43.23
C PRO OA 9 11.79 -64.17 43.30
N GLU OA 10 12.61 -64.69 44.21
CA GLU OA 10 14.03 -64.31 44.32
C GLU OA 10 14.84 -64.67 43.06
N LYS OA 11 14.37 -65.61 42.23
CA LYS OA 11 14.93 -65.88 40.91
C LYS OA 11 14.39 -64.88 39.89
N LEU OA 12 13.10 -64.58 39.98
CA LEU OA 12 12.41 -63.72 39.04
C LEU OA 12 12.95 -62.29 39.06
N ARG OA 13 13.25 -61.72 40.24
CA ARG OA 13 13.82 -60.36 40.33
C ARG OA 13 15.07 -60.21 39.50
N ASP OA 14 16.01 -61.14 39.55
CA ASP OA 14 17.24 -61.02 38.77
C ASP OA 14 16.94 -61.08 37.27
N GLN OA 15 16.03 -61.96 36.86
CA GLN OA 15 15.62 -62.05 35.46
C GLN OA 15 15.02 -60.72 34.97
N LEU OA 16 14.23 -60.05 35.80
CA LEU OA 16 13.67 -58.75 35.51
C LEU OA 16 14.76 -57.67 35.52
N LEU OA 17 15.67 -57.66 36.50
CA LEU OA 17 16.70 -56.63 36.56
C LEU OA 17 17.65 -56.68 35.37
N ASP OA 18 17.94 -57.85 34.79
CA ASP OA 18 18.67 -57.91 33.53
C ASP OA 18 17.90 -57.22 32.40
N ALA OA 19 16.62 -57.52 32.23
CA ALA OA 19 15.83 -56.89 31.18
C ALA OA 19 15.72 -55.37 31.37
N PHE OA 20 15.54 -54.92 32.62
CA PHE OA 20 15.52 -53.51 32.96
C PHE OA 20 16.86 -52.84 32.66
N GLU OA 21 17.99 -53.44 33.06
CA GLU OA 21 19.32 -52.92 32.77
C GLU OA 21 19.58 -52.84 31.27
N ASN OA 22 19.18 -53.87 30.53
CA ASN OA 22 19.27 -53.86 29.08
C ASN OA 22 18.47 -52.72 28.45
N LYS OA 23 17.26 -52.44 28.96
CA LYS OA 23 16.39 -51.41 28.39
C LYS OA 23 17.02 -50.02 28.41
N GLN OA 24 17.82 -49.71 29.42
CA GLN OA 24 18.35 -48.36 29.59
C GLN OA 24 19.10 -47.88 28.36
N ASN OA 25 19.90 -48.74 27.74
CA ASN OA 25 20.72 -48.36 26.60
C ASN OA 25 19.89 -48.00 25.36
N GLU OA 26 18.67 -48.53 25.23
CA GLU OA 26 17.77 -48.15 24.15
C GLU OA 26 17.18 -46.76 24.40
N LEU OA 27 16.51 -46.56 25.53
CA LEU OA 27 15.80 -45.30 25.79
C LEU OA 27 16.74 -44.10 25.94
N LYS OA 28 18.00 -44.32 26.30
CA LYS OA 28 19.08 -43.31 26.32
C LYS OA 28 19.28 -42.62 24.97
N SER OA 29 18.90 -43.24 23.85
CA SER OA 29 18.99 -42.59 22.53
C SER OA 29 18.10 -41.36 22.42
N SER OA 30 16.82 -41.50 22.79
CA SER OA 30 15.84 -40.40 22.76
C SER OA 30 16.17 -39.28 23.76
N LYS OA 31 16.66 -39.64 24.95
CA LYS OA 31 17.14 -38.72 25.99
C LYS OA 31 18.09 -37.67 25.44
N ALA OA 32 18.99 -38.06 24.54
CA ALA OA 32 20.01 -37.21 23.96
C ALA OA 32 19.50 -36.12 23.00
N TYR OA 33 18.19 -36.05 22.77
CA TYR OA 33 17.56 -34.97 22.03
C TYR OA 33 16.78 -34.02 22.93
N TYR OA 34 16.18 -34.50 24.02
CA TYR OA 34 15.46 -33.62 24.95
C TYR OA 34 16.43 -32.83 25.82
N ASP OA 35 17.41 -33.48 26.44
CA ASP OA 35 18.65 -32.80 26.77
C ASP OA 35 19.47 -32.68 25.50
N ALA OA 36 20.06 -31.52 25.23
CA ALA OA 36 20.96 -31.36 24.10
C ALA OA 36 22.35 -31.91 24.45
N GLU OA 37 22.46 -33.22 24.61
CA GLU OA 37 23.76 -33.87 24.79
C GLU OA 37 24.65 -33.77 23.55
N ARG OA 38 25.95 -34.00 23.70
CA ARG OA 38 26.86 -34.15 22.56
C ARG OA 38 26.47 -35.39 21.75
N ARG OA 39 25.95 -35.19 20.54
CA ARG OA 39 25.71 -36.25 19.55
C ARG OA 39 26.75 -36.13 18.44
N PRO OA 40 27.42 -37.20 18.01
CA PRO OA 40 28.50 -37.06 17.04
C PRO OA 40 27.98 -36.61 15.67
N ASP OA 41 26.78 -37.02 15.27
CA ASP OA 41 26.15 -36.56 14.04
C ASP OA 41 25.79 -35.08 14.04
N ALA OA 42 25.76 -34.41 15.19
CA ALA OA 42 25.48 -32.98 15.26
C ALA OA 42 26.69 -32.10 14.91
N ILE OA 43 27.90 -32.66 14.91
CA ILE OA 43 29.14 -31.87 14.85
C ILE OA 43 29.44 -31.49 13.40
N GLY OA 44 29.51 -30.20 13.10
CA GLY OA 44 29.67 -29.71 11.73
C GLY OA 44 31.07 -30.00 11.18
N LEU OA 45 31.17 -30.56 9.97
CA LEU OA 45 32.41 -31.17 9.52
C LEU OA 45 33.50 -30.18 9.10
N ALA OA 46 33.14 -28.98 8.66
CA ALA OA 46 34.11 -28.07 8.07
C ALA OA 46 35.07 -27.42 9.07
N VAL OA 47 34.69 -27.33 10.35
CA VAL OA 47 35.53 -26.67 11.34
C VAL OA 47 36.74 -27.55 11.70
N PRO OA 48 37.96 -27.00 11.83
CA PRO OA 48 39.16 -27.79 12.10
C PRO OA 48 39.09 -28.53 13.43
N LEU OA 49 39.88 -29.59 13.60
CA LEU OA 49 39.75 -30.52 14.72
C LEU OA 49 39.93 -29.90 16.11
N ASP OA 50 40.52 -28.72 16.24
CA ASP OA 50 40.62 -28.03 17.54
C ASP OA 50 39.36 -27.23 17.87
N MET OA 51 38.66 -26.67 16.89
CA MET OA 51 37.42 -25.92 17.11
C MET OA 51 36.20 -26.82 17.32
N ARG OA 52 36.29 -28.13 17.07
CA ARG OA 52 35.19 -29.07 17.25
C ARG OA 52 34.60 -29.06 18.66
N LYS OA 53 35.33 -28.60 19.69
CA LYS OA 53 34.81 -28.51 21.06
C LYS OA 53 33.66 -27.52 21.24
N TYR OA 54 33.56 -26.49 20.41
CA TYR OA 54 32.54 -25.43 20.54
C TYR OA 54 31.21 -25.87 19.94
N LEU OA 55 30.64 -26.96 20.43
CA LEU OA 55 29.42 -27.58 19.92
C LEU OA 55 28.28 -26.58 19.84
N ALA OA 56 27.55 -26.56 18.74
CA ALA OA 56 26.21 -25.97 18.72
C ALA OA 56 25.20 -26.99 19.24
N HIS OA 57 24.12 -26.50 19.84
CA HIS OA 57 22.97 -27.31 20.25
C HIS OA 57 21.70 -26.76 19.61
N VAL OA 58 20.71 -27.60 19.39
CA VAL OA 58 19.49 -27.23 18.66
C VAL OA 58 18.23 -27.63 19.43
N GLY OA 59 17.31 -26.68 19.58
CA GLY OA 59 16.21 -26.79 20.54
C GLY OA 59 14.91 -27.39 20.02
N TYR OA 60 14.81 -27.82 18.76
CA TYR OA 60 13.51 -28.26 18.23
C TYR OA 60 12.88 -29.42 19.02
N PRO OA 61 13.56 -30.51 19.38
CA PRO OA 61 12.91 -31.63 20.03
C PRO OA 61 12.32 -31.25 21.37
N ARG OA 62 13.03 -30.47 22.20
CA ARG OA 62 12.51 -30.03 23.48
C ARG OA 62 11.37 -29.04 23.33
N THR OA 63 11.49 -28.14 22.36
CA THR OA 63 10.40 -27.22 22.00
C THR OA 63 9.13 -27.99 21.68
N TYR OA 64 9.22 -29.05 20.90
CA TYR OA 64 8.06 -29.84 20.51
C TYR OA 64 7.49 -30.66 21.65
N VAL OA 65 8.32 -31.43 22.36
CA VAL OA 65 7.80 -32.30 23.42
C VAL OA 65 7.26 -31.49 24.59
N ASP OA 66 7.80 -30.32 24.89
CA ASP OA 66 7.13 -29.41 25.81
C ASP OA 66 5.84 -28.88 25.21
N ALA OA 67 5.84 -28.30 24.02
CA ALA OA 67 4.66 -27.64 23.45
C ALA OA 67 3.42 -28.55 23.38
N ILE OA 68 3.57 -29.87 23.33
CA ILE OA 68 2.47 -30.80 23.56
C ILE OA 68 2.13 -30.88 25.05
N ALA OA 69 3.03 -31.36 25.90
CA ALA OA 69 2.71 -31.65 27.30
C ALA OA 69 2.21 -30.42 28.07
N GLU OA 70 2.68 -29.23 27.72
CA GLU OA 70 2.29 -27.95 28.29
C GLU OA 70 0.78 -27.72 28.22
N ARG OA 71 0.08 -28.25 27.21
CA ARG OA 71 -1.36 -28.03 26.99
C ARG OA 71 -2.26 -29.00 27.76
N GLN OA 72 -1.75 -30.13 28.21
CA GLN OA 72 -2.59 -31.21 28.78
C GLN OA 72 -2.91 -30.97 30.27
N GLU OA 73 -4.17 -31.11 30.65
CA GLU OA 73 -4.62 -31.11 32.06
C GLU OA 73 -5.94 -31.85 32.20
N LEU OA 74 -6.03 -32.81 33.12
CA LEU OA 74 -7.27 -33.50 33.45
C LEU OA 74 -8.14 -32.61 34.34
N GLU OA 75 -9.42 -32.46 34.02
CA GLU OA 75 -10.37 -31.64 34.78
C GLU OA 75 -11.32 -32.43 35.66
N GLY OA 76 -11.43 -33.75 35.48
CA GLY OA 76 -12.30 -34.61 36.25
C GLY OA 76 -12.61 -35.92 35.54
N PHE OA 77 -13.64 -36.62 36.02
CA PHE OA 77 -14.13 -37.86 35.44
C PHE OA 77 -15.64 -37.79 35.16
N ARG OA 78 -16.10 -38.55 34.17
CA ARG OA 78 -17.50 -38.76 33.82
C ARG OA 78 -17.87 -40.20 34.11
N ILE OA 79 -18.93 -40.46 34.87
CA ILE OA 79 -19.51 -41.81 35.00
C ILE OA 79 -21.02 -41.72 34.77
N PRO OA 80 -21.61 -42.56 33.91
CA PRO OA 80 -23.04 -42.56 33.65
C PRO OA 80 -23.81 -43.33 34.73
N SER OA 81 -25.15 -43.23 34.73
CA SER OA 81 -26.01 -44.13 35.52
C SER OA 81 -27.43 -44.24 34.96
N ALA OA 82 -28.18 -45.25 35.39
CA ALA OA 82 -29.58 -45.46 35.03
C ALA OA 82 -30.55 -44.37 35.54
N ASN OA 83 -30.09 -43.48 36.45
CA ASN OA 83 -30.84 -42.31 36.91
C ASN OA 83 -30.87 -41.16 35.87
N GLY OA 84 -30.09 -41.23 34.80
CA GLY OA 84 -30.00 -40.21 33.74
C GLY OA 84 -29.07 -39.03 34.08
N GLU OA 85 -28.94 -38.67 35.35
CA GLU OA 85 -27.94 -37.74 35.86
C GLU OA 85 -27.58 -38.08 37.31
N GLU OA 86 -26.33 -37.85 37.71
CA GLU OA 86 -25.93 -37.86 39.13
C GLU OA 86 -25.77 -36.42 39.62
N PRO OA 87 -26.35 -36.05 40.78
CA PRO OA 87 -26.28 -34.69 41.28
C PRO OA 87 -24.84 -34.34 41.66
N GLU OA 88 -24.44 -33.10 41.40
CA GLU OA 88 -23.05 -32.65 41.50
C GLU OA 88 -22.45 -32.83 42.91
N SER OA 89 -23.27 -32.57 43.94
CA SER OA 89 -23.22 -33.15 45.29
C SER OA 89 -21.83 -33.34 45.92
N GLY OA 90 -20.97 -32.32 45.87
CA GLY OA 90 -19.72 -32.28 46.64
C GLY OA 90 -18.74 -33.41 46.34
N GLY OA 91 -18.01 -33.84 47.36
CA GLY OA 91 -16.78 -34.65 47.25
C GLY OA 91 -16.90 -36.18 47.18
N GLU OA 92 -18.09 -36.79 47.18
CA GLU OA 92 -18.21 -38.27 47.21
C GLU OA 92 -19.49 -38.88 46.61
N ASN OA 93 -20.64 -38.19 46.65
CA ASN OA 93 -21.93 -38.84 46.37
C ASN OA 93 -22.13 -39.19 44.89
N ASP OA 94 -21.73 -38.30 43.97
CA ASP OA 94 -21.37 -38.74 42.63
C ASP OA 94 -20.04 -39.49 42.73
N PRO OA 95 -19.94 -40.76 42.32
CA PRO OA 95 -18.71 -41.52 42.40
C PRO OA 95 -17.53 -40.84 41.66
N ALA OA 96 -17.78 -40.04 40.63
CA ALA OA 96 -16.71 -39.30 39.97
C ALA OA 96 -15.99 -38.34 40.93
N SER OA 97 -16.66 -37.83 41.94
CA SER OA 97 -16.04 -36.95 42.93
C SER OA 97 -15.19 -37.71 43.91
N GLU OA 98 -15.45 -38.99 44.18
CA GLU OA 98 -14.51 -39.79 44.97
C GLU OA 98 -13.21 -39.99 44.20
N LEU OA 99 -13.27 -40.27 42.91
CA LEU OA 99 -12.07 -40.40 42.10
C LEU OA 99 -11.30 -39.10 42.08
N TRP OA 100 -11.98 -37.97 41.92
CA TRP OA 100 -11.30 -36.67 41.96
C TRP OA 100 -10.76 -36.34 43.35
N ASP OA 101 -11.36 -36.85 44.41
CA ASP OA 101 -10.81 -36.69 45.75
C ASP OA 101 -9.46 -37.41 45.88
N TRP OA 102 -9.35 -38.66 45.38
CA TRP OA 102 -8.07 -39.36 45.34
C TRP OA 102 -7.07 -38.65 44.44
N TRP OA 103 -7.52 -38.05 43.34
CA TRP OA 103 -6.70 -37.28 42.42
C TRP OA 103 -6.12 -36.01 43.04
N GLN OA 104 -6.55 -35.59 44.22
CA GLN OA 104 -5.93 -34.47 44.93
C GLN OA 104 -5.24 -34.91 46.21
N ALA OA 105 -5.70 -35.97 46.88
CA ALA OA 105 -5.03 -36.47 48.08
C ALA OA 105 -3.64 -37.04 47.74
N ASN OA 106 -3.51 -37.61 46.54
CA ASN OA 106 -2.27 -37.70 45.79
C ASN OA 106 -2.18 -36.45 44.93
N ASN OA 107 -1.03 -35.77 44.80
CA ASN OA 107 -0.92 -34.60 43.93
C ASN OA 107 -0.81 -34.97 42.44
N LEU OA 108 -1.72 -35.78 41.93
CA LEU OA 108 -1.66 -36.22 40.54
C LEU OA 108 -1.82 -35.07 39.55
N ASP OA 109 -2.36 -33.93 39.96
CA ASP OA 109 -2.33 -32.72 39.13
C ASP OA 109 -0.92 -32.22 38.84
N ILE OA 110 0.05 -32.53 39.70
CA ILE OA 110 1.48 -32.25 39.49
C ILE OA 110 2.15 -33.45 38.82
N GLU OA 111 2.05 -34.63 39.41
CA GLU OA 111 2.77 -35.78 38.90
C GLU OA 111 2.31 -36.24 37.52
N ALA OA 112 1.06 -36.00 37.10
CA ALA OA 112 0.68 -36.28 35.74
C ALA OA 112 1.39 -35.36 34.73
N THR OA 113 1.47 -34.05 34.98
CA THR OA 113 2.07 -33.11 34.02
C THR OA 113 3.58 -33.27 33.89
N LEU OA 114 4.24 -33.88 34.87
CA LEU OA 114 5.57 -34.44 34.67
C LEU OA 114 5.47 -35.76 33.90
N GLY OA 115 4.67 -36.70 34.36
CA GLY OA 115 4.65 -38.05 33.83
C GLY OA 115 4.36 -38.13 32.34
N HIS OA 116 3.49 -37.27 31.82
CA HIS OA 116 3.27 -37.21 30.38
C HIS OA 116 4.52 -36.78 29.62
N THR OA 117 5.38 -35.95 30.19
CA THR OA 117 6.61 -35.56 29.52
C THR OA 117 7.55 -36.76 29.38
N ASP OA 118 7.79 -37.54 30.43
CA ASP OA 118 8.54 -38.79 30.27
C ASP OA 118 7.82 -39.76 29.33
N ALA OA 119 6.49 -39.83 29.37
CA ALA OA 119 5.74 -40.71 28.49
C ALA OA 119 5.86 -40.32 27.02
N LEU OA 120 6.00 -39.04 26.70
CA LEU OA 120 6.30 -38.61 25.33
C LEU OA 120 7.76 -38.83 24.98
N ILE OA 121 8.71 -38.50 25.85
CA ILE OA 121 10.14 -38.63 25.52
C ILE OA 121 10.50 -40.08 25.25
N TYR OA 122 10.34 -40.95 26.24
CA TYR OA 122 10.76 -42.34 26.11
C TYR OA 122 9.72 -43.22 25.40
N GLY OA 123 8.47 -42.76 25.34
CA GLY OA 123 7.35 -43.49 24.77
C GLY OA 123 6.43 -44.17 25.79
N THR OA 124 6.81 -44.27 27.06
CA THR OA 124 6.00 -44.92 28.10
C THR OA 124 6.26 -44.33 29.47
N ALA OA 125 5.31 -44.45 30.39
CA ALA OA 125 5.48 -44.21 31.83
C ALA OA 125 4.49 -45.10 32.59
N TYR OA 126 4.71 -45.38 33.86
CA TYR OA 126 3.94 -46.40 34.56
C TYR OA 126 3.20 -45.85 35.77
N ILE OA 127 1.89 -46.06 35.85
CA ILE OA 127 1.03 -45.66 36.96
C ILE OA 127 0.98 -46.81 37.94
N THR OA 128 1.39 -46.59 39.18
CA THR OA 128 1.51 -47.60 40.23
C THR OA 128 0.49 -47.36 41.32
N ILE OA 129 -0.25 -48.39 41.74
CA ILE OA 129 -1.29 -48.28 42.77
C ILE OA 129 -0.89 -49.13 43.97
N SER OA 130 -1.06 -48.61 45.18
CA SER OA 130 -0.84 -49.37 46.42
C SER OA 130 -1.62 -48.77 47.57
N MET OA 131 -1.91 -49.53 48.62
CA MET OA 131 -2.35 -48.92 49.89
C MET OA 131 -1.15 -48.35 50.64
N PRO OA 132 -1.27 -47.21 51.34
CA PRO OA 132 -0.13 -46.55 51.95
C PRO OA 132 0.40 -47.32 53.15
N ASP OA 133 1.70 -47.20 53.40
CA ASP OA 133 2.40 -47.84 54.53
C ASP OA 133 2.44 -46.90 55.75
N PRO OA 134 1.74 -47.22 56.85
CA PRO OA 134 1.66 -46.32 58.00
C PRO OA 134 3.01 -46.13 58.71
N GLU OA 135 4.00 -47.00 58.47
CA GLU OA 135 5.34 -46.85 59.06
C GLU OA 135 6.24 -45.89 58.28
N VAL OA 136 5.89 -45.55 57.03
CA VAL OA 136 6.78 -44.84 56.08
C VAL OA 136 6.10 -43.65 55.40
N ASP OA 137 4.83 -43.75 55.06
CA ASP OA 137 4.10 -42.71 54.34
C ASP OA 137 3.53 -41.67 55.31
N PHE OA 138 4.40 -40.80 55.82
CA PHE OA 138 4.03 -39.79 56.83
C PHE OA 138 3.05 -38.72 56.31
N ASP OA 139 3.10 -38.41 55.02
CA ASP OA 139 2.52 -37.20 54.44
C ASP OA 139 1.45 -37.53 53.40
N VAL OA 140 0.53 -38.42 53.77
CA VAL OA 140 -0.67 -38.77 53.00
C VAL OA 140 -1.82 -39.03 53.96
N ASP OA 141 -3.06 -38.82 53.50
CA ASP OA 141 -4.21 -39.39 54.22
C ASP OA 141 -4.13 -40.92 54.16
N PRO OA 142 -4.17 -41.63 55.29
CA PRO OA 142 -3.91 -43.06 55.29
C PRO OA 142 -5.04 -43.91 54.71
N GLU OA 143 -6.20 -43.35 54.34
CA GLU OA 143 -7.34 -44.12 53.84
C GLU OA 143 -7.51 -44.09 52.32
N VAL OA 144 -6.90 -43.12 51.62
CA VAL OA 144 -6.90 -43.08 50.16
C VAL OA 144 -5.83 -44.01 49.56
N PRO OA 145 -5.98 -44.52 48.33
CA PRO OA 145 -4.95 -45.31 47.68
C PRO OA 145 -3.80 -44.40 47.28
N LEU OA 146 -2.58 -44.87 47.45
CA LEU OA 146 -1.38 -44.23 46.95
C LEU OA 146 -1.21 -44.57 45.48
N ILE OA 147 -1.64 -43.66 44.60
CA ILE OA 147 -1.51 -43.76 43.15
C ILE OA 147 -0.37 -42.83 42.74
N ARG OA 148 0.64 -43.33 42.02
CA ARG OA 148 1.86 -42.55 41.70
C ARG OA 148 2.49 -42.97 40.38
N VAL OA 149 3.19 -42.06 39.72
CA VAL OA 149 3.76 -42.30 38.38
C VAL OA 149 5.26 -42.53 38.48
N GLU OA 150 5.78 -43.52 37.75
CA GLU OA 150 7.19 -43.84 37.69
C GLU OA 150 7.66 -43.85 36.22
N PRO OA 151 8.82 -43.26 35.88
CA PRO OA 151 9.32 -43.23 34.52
C PRO OA 151 9.95 -44.57 34.14
N PRO OA 152 10.18 -44.85 32.85
CA PRO OA 152 10.76 -46.11 32.42
C PRO OA 152 12.26 -46.22 32.74
N THR OA 153 12.90 -45.14 33.18
CA THR OA 153 14.24 -45.18 33.78
C THR OA 153 14.24 -45.75 35.21
N ALA OA 154 13.08 -46.06 35.79
CA ALA OA 154 12.95 -46.60 37.14
C ALA OA 154 11.98 -47.79 37.25
N LEU OA 155 11.13 -48.04 36.27
CA LEU OA 155 10.19 -49.16 36.26
C LEU OA 155 10.21 -49.86 34.91
N TYR OA 156 10.15 -51.19 34.90
CA TYR OA 156 9.99 -52.01 33.70
C TYR OA 156 8.91 -53.06 33.92
N ALA OA 157 8.07 -53.31 32.92
CA ALA OA 157 6.97 -54.25 32.99
C ALA OA 157 6.94 -55.13 31.73
N GLU OA 158 6.92 -56.46 31.88
CA GLU OA 158 6.72 -57.35 30.74
C GLU OA 158 5.22 -57.44 30.42
N VAL OA 159 4.84 -57.06 29.20
CA VAL OA 159 3.45 -57.12 28.73
C VAL OA 159 3.28 -58.30 27.80
N ASP OA 160 2.30 -59.16 28.04
CA ASP OA 160 2.05 -60.34 27.22
C ASP OA 160 1.42 -59.95 25.87
N PRO OA 161 2.01 -60.30 24.72
CA PRO OA 161 1.49 -59.87 23.43
C PRO OA 161 0.11 -60.49 23.10
N ARG OA 162 -0.27 -61.59 23.74
CA ARG OA 162 -1.58 -62.25 23.54
C ARG OA 162 -2.74 -61.43 24.10
N THR OA 163 -2.49 -60.67 25.17
CA THR OA 163 -3.56 -60.06 25.99
C THR OA 163 -3.37 -58.57 26.25
N ARG OA 164 -2.15 -58.06 26.10
CA ARG OA 164 -1.71 -56.73 26.53
C ARG OA 164 -1.82 -56.46 28.04
N LYS OA 165 -2.02 -57.50 28.88
CA LYS OA 165 -1.86 -57.39 30.33
C LYS OA 165 -0.38 -57.37 30.71
N VAL OA 166 -0.01 -56.67 31.77
CA VAL OA 166 1.31 -56.82 32.41
C VAL OA 166 1.38 -58.19 33.09
N LEU OA 167 2.41 -58.98 32.84
CA LEU OA 167 2.65 -60.26 33.52
C LEU OA 167 3.26 -60.07 34.90
N TYR OA 168 4.28 -59.24 34.98
CA TYR OA 168 4.93 -58.81 36.20
C TYR OA 168 5.78 -57.58 35.87
N ALA OA 169 6.14 -56.82 36.90
CA ALA OA 169 6.89 -55.59 36.72
C ALA OA 169 7.81 -55.34 37.91
N ILE OA 170 8.89 -54.63 37.67
CA ILE OA 170 9.90 -54.32 38.68
C ILE OA 170 10.16 -52.84 38.69
N ARG OA 171 10.29 -52.25 39.87
CA ARG OA 171 10.66 -50.85 40.07
C ARG OA 171 11.96 -50.85 40.85
N ALA OA 172 13.04 -50.36 40.25
CA ALA OA 172 14.39 -50.43 40.81
C ALA OA 172 15.00 -49.04 40.93
N ILE OA 173 15.44 -48.69 42.13
CA ILE OA 173 15.92 -47.34 42.42
C ILE OA 173 17.43 -47.36 42.55
N TYR OA 174 18.15 -46.61 41.74
CA TYR OA 174 19.59 -46.43 41.91
C TYR OA 174 19.89 -45.47 43.06
N GLY OA 175 21.04 -45.62 43.71
CA GLY OA 175 21.52 -44.72 44.75
C GLY OA 175 21.80 -43.29 44.26
N ALA OA 176 22.21 -42.41 45.17
CA ALA OA 176 22.45 -41.00 44.86
C ALA OA 176 23.56 -40.75 43.82
N ASP OA 177 24.55 -41.65 43.73
CA ASP OA 177 25.59 -41.66 42.69
C ASP OA 177 25.13 -42.30 41.37
N GLY OA 178 23.94 -42.88 41.31
CA GLY OA 178 23.39 -43.53 40.13
C GLY OA 178 23.96 -44.91 39.84
N ASN OA 179 24.78 -45.50 40.72
CA ASN OA 179 25.49 -46.74 40.44
C ASN OA 179 24.77 -47.99 40.96
N GLU OA 180 24.69 -48.21 42.27
CA GLU OA 180 24.08 -49.42 42.85
C GLU OA 180 22.54 -49.33 42.92
N ILE OA 181 21.82 -50.43 42.69
CA ILE OA 181 20.37 -50.51 42.90
C ILE OA 181 20.06 -50.63 44.39
N VAL OA 182 19.76 -49.53 45.05
CA VAL OA 182 19.53 -49.48 46.50
C VAL OA 182 18.19 -50.06 46.93
N SER OA 183 17.24 -50.33 46.04
CA SER OA 183 16.10 -51.21 46.33
C SER OA 183 15.42 -51.70 45.07
N ALA OA 184 14.69 -52.80 45.16
CA ALA OA 184 13.85 -53.30 44.09
C ALA OA 184 12.48 -53.70 44.64
N THR OA 185 11.42 -53.29 43.97
CA THR OA 185 10.04 -53.70 44.25
C THR OA 185 9.55 -54.51 43.07
N LEU OA 186 9.07 -55.72 43.31
CA LEU OA 186 8.57 -56.63 42.30
C LEU OA 186 7.08 -56.84 42.50
N TYR OA 187 6.29 -56.55 41.48
CA TYR OA 187 4.83 -56.70 41.52
C TYR OA 187 4.41 -57.97 40.79
N LEU OA 188 3.75 -58.87 41.49
CA LEU OA 188 3.11 -60.07 40.94
C LEU OA 188 1.59 -59.84 40.85
N PRO OA 189 0.84 -60.68 40.11
CA PRO OA 189 -0.59 -60.55 39.96
C PRO OA 189 -1.37 -60.40 41.27
N ASP OA 190 -0.91 -61.02 42.36
CA ASP OA 190 -1.63 -61.04 43.64
C ASP OA 190 -0.84 -60.47 44.83
N THR OA 191 0.39 -60.03 44.61
CA THR OA 191 1.33 -59.70 45.70
C THR OA 191 2.30 -58.59 45.30
N THR OA 192 2.63 -57.69 46.21
CA THR OA 192 3.76 -56.74 46.08
C THR OA 192 4.89 -57.12 47.04
N MET OA 193 6.14 -57.12 46.58
CA MET OA 193 7.32 -57.47 47.38
C MET OA 193 8.43 -56.43 47.22
N THR OA 194 9.18 -56.09 48.27
CA THR OA 194 10.31 -55.15 48.17
C THR OA 194 11.52 -55.58 48.98
N TRP OA 195 12.73 -55.45 48.43
CA TRP OA 195 14.01 -55.60 49.13
C TRP OA 195 14.66 -54.23 49.35
N LEU OA 196 15.01 -53.88 50.60
CA LEU OA 196 15.03 -52.46 51.02
C LEU OA 196 16.37 -51.71 51.13
N ARG OA 197 17.53 -52.38 51.16
CA ARG OA 197 18.82 -51.69 51.39
C ARG OA 197 19.83 -51.71 50.24
N ALA OA 198 19.96 -52.84 49.55
CA ALA OA 198 20.71 -52.96 48.30
C ALA OA 198 20.42 -54.34 47.71
N GLU OA 199 19.92 -54.42 46.48
CA GLU OA 199 19.78 -55.64 45.66
C GLU OA 199 19.26 -56.91 46.37
N GLY OA 200 18.51 -56.80 47.46
CA GLY OA 200 18.25 -57.93 48.39
C GLY OA 200 19.48 -58.57 49.04
N GLU OA 201 20.66 -58.01 48.84
CA GLU OA 201 21.89 -58.37 49.53
C GLU OA 201 21.86 -57.91 50.98
N TRP OA 202 21.35 -56.70 51.22
CA TRP OA 202 21.40 -56.07 52.55
C TRP OA 202 20.08 -56.18 53.33
N GLU OA 203 19.01 -56.75 52.79
CA GLU OA 203 17.77 -57.07 53.54
C GLU OA 203 16.97 -58.22 52.94
N ALA OA 204 16.16 -58.88 53.77
CA ALA OA 204 15.10 -59.78 53.34
C ALA OA 204 13.83 -59.00 52.90
N PRO OA 205 12.99 -59.56 52.01
CA PRO OA 205 11.90 -58.80 51.41
C PRO OA 205 10.74 -58.57 52.38
N THR OA 206 10.20 -57.36 52.39
CA THR OA 206 8.83 -57.13 52.87
C THR OA 206 7.83 -57.53 51.79
N SER OA 207 6.61 -57.91 52.18
CA SER OA 207 5.57 -58.40 51.26
C SER OA 207 4.17 -57.92 51.67
N THR OA 208 3.24 -57.89 50.72
CA THR OA 208 1.82 -57.60 50.96
C THR OA 208 0.96 -58.23 49.87
N PRO OA 209 -0.02 -59.08 50.20
CA PRO OA 209 -0.99 -59.56 49.23
C PRO OA 209 -1.95 -58.43 48.87
N HIS OA 210 -2.56 -58.48 47.70
CA HIS OA 210 -3.58 -57.52 47.28
C HIS OA 210 -4.74 -58.21 46.56
N GLY OA 211 -5.93 -57.64 46.66
CA GLY OA 211 -7.17 -58.21 46.12
C GLY OA 211 -7.40 -57.87 44.65
N LEU OA 212 -6.56 -58.38 43.76
CA LEU OA 212 -6.68 -58.19 42.32
C LEU OA 212 -6.37 -59.48 41.57
N GLU OA 213 -6.84 -59.57 40.32
CA GLU OA 213 -6.34 -60.58 39.38
C GLU OA 213 -5.12 -60.08 38.60
N MET OA 214 -4.82 -58.78 38.63
CA MET OA 214 -3.85 -58.12 37.75
C MET OA 214 -2.74 -57.46 38.55
N VAL OA 215 -1.55 -57.38 37.94
CA VAL OA 215 -0.43 -56.61 38.48
C VAL OA 215 -0.86 -55.14 38.64
N PRO OA 216 -0.65 -54.51 39.80
CA PRO OA 216 -1.13 -53.16 40.09
C PRO OA 216 -0.31 -52.04 39.44
N VAL OA 217 0.07 -52.22 38.17
CA VAL OA 217 0.79 -51.23 37.37
C VAL OA 217 0.14 -51.09 36.00
N ILE OA 218 -0.12 -49.87 35.55
CA ILE OA 218 -0.71 -49.61 34.23
C ILE OA 218 0.27 -48.80 33.38
N PRO OA 219 0.58 -49.22 32.15
CA PRO OA 219 1.42 -48.45 31.26
C PRO OA 219 0.66 -47.30 30.60
N ILE OA 220 1.06 -46.05 30.87
CA ILE OA 220 0.83 -44.96 29.93
C ILE OA 220 1.74 -45.25 28.74
N SER OA 221 1.22 -45.29 27.51
CA SER OA 221 2.06 -45.54 26.34
C SER OA 221 1.71 -44.62 25.19
N ASN OA 222 2.71 -44.02 24.58
CA ASN OA 222 2.55 -43.16 23.42
C ASN OA 222 2.44 -44.05 22.17
N ARG OA 223 1.23 -44.36 21.74
CA ARG OA 223 0.96 -45.19 20.56
C ARG OA 223 0.44 -44.31 19.44
N THR OA 224 1.10 -44.30 18.30
CA THR OA 224 0.64 -43.51 17.14
C THR OA 224 -0.44 -44.23 16.34
N ARG OA 225 -0.35 -45.57 16.30
CA ARG OA 225 -1.19 -46.52 15.56
C ARG OA 225 -1.17 -47.86 16.30
N LEU OA 226 -2.10 -48.77 16.05
CA LEU OA 226 -2.17 -50.05 16.76
C LEU OA 226 -0.85 -50.80 16.72
N SER OA 227 -0.17 -50.76 15.57
CA SER OA 227 1.11 -51.45 15.36
C SER OA 227 2.24 -51.02 16.32
N ASP OA 228 2.15 -49.88 17.01
CA ASP OA 228 3.00 -49.58 18.17
C ASP OA 228 2.53 -50.40 19.37
N LEU OA 229 2.82 -51.70 19.35
CA LEU OA 229 2.29 -52.65 20.32
C LEU OA 229 2.77 -52.36 21.76
N TYR OA 230 3.93 -51.72 21.92
CA TYR OA 230 4.53 -51.31 23.19
C TYR OA 230 4.77 -49.80 23.32
N GLY OA 231 4.31 -48.99 22.37
CA GLY OA 231 4.50 -47.53 22.38
C GLY OA 231 5.89 -47.08 21.98
N THR OA 232 6.04 -45.81 21.61
CA THR OA 232 7.23 -45.27 20.93
C THR OA 232 7.50 -43.82 21.26
N SER OA 233 8.76 -43.37 21.15
CA SER OA 233 9.14 -41.99 21.45
C SER OA 233 8.44 -40.97 20.56
N GLU OA 234 8.04 -39.84 21.13
CA GLU OA 234 7.46 -38.72 20.40
C GLU OA 234 8.49 -37.93 19.60
N ILE OA 235 9.77 -38.01 19.93
CA ILE OA 235 10.84 -37.33 19.19
C ILE OA 235 11.12 -38.12 17.91
N SER OA 236 10.33 -37.87 16.87
CA SER OA 236 10.26 -38.69 15.67
C SER OA 236 11.55 -38.64 14.83
N PRO OA 237 11.85 -39.66 14.01
CA PRO OA 237 13.03 -39.68 13.17
C PRO OA 237 13.19 -38.45 12.29
N GLU OA 238 12.11 -37.87 11.81
CA GLU OA 238 12.14 -36.62 11.06
C GLU OA 238 12.63 -35.45 11.91
N LEU OA 239 12.18 -35.31 13.15
CA LEU OA 239 12.67 -34.27 14.04
C LEU OA 239 14.12 -34.51 14.44
N ARG OA 240 14.56 -35.75 14.67
CA ARG OA 240 15.98 -36.03 14.89
C ARG OA 240 16.80 -35.62 13.67
N SER OA 241 16.32 -35.94 12.47
CA SER OA 241 17.01 -35.58 11.23
C SER OA 241 17.19 -34.08 11.07
N VAL OA 242 16.12 -33.29 11.16
CA VAL OA 242 16.23 -31.85 10.94
C VAL OA 242 17.00 -31.17 12.07
N THR OA 243 16.92 -31.70 13.29
CA THR OA 243 17.71 -31.20 14.43
C THR OA 243 19.20 -31.35 14.20
N ASP OA 244 19.65 -32.54 13.82
CA ASP OA 244 21.07 -32.76 13.58
C ASP OA 244 21.56 -32.02 12.34
N ALA OA 245 20.75 -31.94 11.28
CA ALA OA 245 21.08 -31.15 10.11
C ALA OA 245 21.29 -29.68 10.47
N ALA OA 246 20.40 -29.09 11.26
CA ALA OA 246 20.57 -27.71 11.69
C ALA OA 246 21.79 -27.56 12.60
N ALA OA 247 22.11 -28.54 13.44
CA ALA OA 247 23.27 -28.44 14.29
C ALA OA 247 24.58 -28.38 13.49
N GLN OA 248 24.69 -29.16 12.41
CA GLN OA 248 25.85 -29.07 11.53
C GLN OA 248 25.97 -27.69 10.88
N ILE OA 249 24.89 -27.18 10.27
CA ILE OA 249 24.97 -25.90 9.55
C ILE OA 249 25.26 -24.76 10.52
N LEU OA 250 24.73 -24.79 11.74
CA LEU OA 250 25.01 -23.78 12.75
C LEU OA 250 26.47 -23.81 13.20
N MET OA 251 27.09 -24.98 13.39
CA MET OA 251 28.53 -25.05 13.67
C MET OA 251 29.38 -24.52 12.52
N ASN OA 252 29.13 -24.92 11.28
CA ASN OA 252 29.94 -24.45 10.15
C ASN OA 252 29.85 -22.93 10.02
N MET OA 253 28.69 -22.33 10.29
CA MET OA 253 28.57 -20.88 10.30
C MET OA 253 29.37 -20.25 11.44
N GLN OA 254 29.31 -20.78 12.66
CA GLN OA 254 30.11 -20.28 13.78
C GLN OA 254 31.60 -20.36 13.46
N GLY OA 255 32.07 -21.48 12.93
CA GLY OA 255 33.48 -21.63 12.55
C GLY OA 255 33.88 -20.61 11.49
N THR OA 256 33.01 -20.34 10.52
CA THR OA 256 33.27 -19.32 9.51
C THR OA 256 33.48 -17.96 10.17
N ALA OA 257 32.63 -17.59 11.12
CA ALA OA 257 32.78 -16.30 11.80
C ALA OA 257 34.06 -16.20 12.63
N ASN OA 258 34.64 -17.31 13.08
CA ASN OA 258 35.92 -17.32 13.78
C ASN OA 258 37.14 -17.27 12.85
N LEU OA 259 36.99 -17.46 11.55
CA LEU OA 259 38.13 -17.61 10.64
C LEU OA 259 38.09 -16.74 9.37
N MET OA 260 36.91 -16.33 8.91
CA MET OA 260 36.73 -16.06 7.48
C MET OA 260 35.55 -15.14 7.13
N ALA OA 261 34.94 -14.50 8.13
CA ALA OA 261 33.95 -13.46 7.90
C ALA OA 261 34.57 -12.13 7.40
N ILE OA 262 35.90 -12.08 7.27
CA ILE OA 262 36.68 -10.91 6.86
C ILE OA 262 37.66 -11.30 5.75
N PRO OA 263 38.06 -10.35 4.89
CA PRO OA 263 39.12 -10.60 3.92
C PRO OA 263 40.42 -11.03 4.58
N GLN OA 264 41.26 -11.79 3.86
CA GLN OA 264 42.65 -12.01 4.23
C GLN OA 264 43.53 -11.25 3.24
N ARG OA 265 44.34 -10.32 3.72
CA ARG OA 265 45.14 -9.39 2.91
C ARG OA 265 46.51 -9.97 2.55
N LEU OA 266 47.04 -9.64 1.38
CA LEU OA 266 48.28 -10.19 0.81
C LEU OA 266 49.06 -9.13 0.03
N ILE OA 267 50.39 -9.26 -0.01
CA ILE OA 267 51.27 -8.52 -0.93
C ILE OA 267 52.26 -9.48 -1.61
N PHE OA 268 52.58 -9.25 -2.88
CA PHE OA 268 53.64 -9.96 -3.60
C PHE OA 268 54.58 -8.97 -4.28
N GLY OA 269 55.88 -9.29 -4.36
CA GLY OA 269 56.90 -8.48 -5.03
C GLY OA 269 57.80 -7.66 -4.10
N ALA OA 270 57.93 -8.05 -2.85
CA ALA OA 270 58.87 -7.48 -1.88
C ALA OA 270 59.28 -8.54 -0.86
N LYS OA 271 60.55 -8.97 -0.89
CA LYS OA 271 61.07 -9.99 0.04
C LYS OA 271 60.99 -9.52 1.49
N PRO OA 272 60.89 -10.41 2.49
CA PRO OA 272 60.80 -10.00 3.89
C PRO OA 272 61.87 -9.01 4.37
N GLU OA 273 63.10 -9.15 3.89
CA GLU OA 273 64.18 -8.18 4.16
C GLU OA 273 63.87 -6.75 3.68
N GLU OA 274 63.11 -6.60 2.60
CA GLU OA 274 62.73 -5.30 2.04
C GLU OA 274 61.63 -4.60 2.85
N LEU OA 275 60.87 -5.37 3.65
CA LEU OA 275 59.88 -4.84 4.60
C LEU OA 275 60.49 -4.54 5.97
N GLY OA 276 61.72 -4.97 6.23
CA GLY OA 276 62.32 -4.89 7.56
C GLY OA 276 61.68 -5.87 8.54
N ILE OA 277 61.14 -6.99 8.05
CA ILE OA 277 60.62 -8.06 8.90
C ILE OA 277 61.74 -8.63 9.76
N ASN OA 278 61.51 -8.83 11.05
CA ASN OA 278 62.46 -9.51 11.93
C ASN OA 278 62.60 -10.99 11.54
N ALA OA 279 63.83 -11.45 11.33
CA ALA OA 279 64.09 -12.80 10.83
C ALA OA 279 63.63 -13.92 11.79
N GLU OA 280 63.71 -13.72 13.11
CA GLU OA 280 63.31 -14.77 14.07
C GLU OA 280 61.79 -14.96 14.17
N THR OA 281 60.99 -13.95 13.85
CA THR OA 281 59.54 -13.94 14.14
C THR OA 281 58.66 -13.65 12.93
N GLY OA 282 59.23 -13.36 11.76
CA GLY OA 282 58.48 -13.24 10.51
C GLY OA 282 57.47 -12.08 10.45
N GLN OA 283 57.60 -11.07 11.31
CA GLN OA 283 56.65 -9.96 11.41
C GLN OA 283 57.32 -8.62 11.74
N ARG OA 284 56.58 -7.54 11.52
CA ARG OA 284 56.93 -6.17 11.91
C ARG OA 284 55.68 -5.48 12.44
N MET OA 285 55.82 -4.63 13.45
CA MET OA 285 54.68 -3.96 14.07
C MET OA 285 54.23 -2.76 13.23
N PHE OA 286 53.30 -2.99 12.33
CA PHE OA 286 52.60 -1.97 11.57
C PHE OA 286 52.01 -0.92 12.51
N ASP OA 287 52.08 0.37 12.15
CA ASP OA 287 51.49 1.46 12.93
C ASP OA 287 49.99 1.57 12.64
N ALA OA 288 49.18 0.83 13.40
CA ALA OA 288 47.84 0.41 12.97
C ALA OA 288 46.75 1.50 12.89
N TYR OA 289 47.01 2.73 13.33
CA TYR OA 289 45.98 3.77 13.42
C TYR OA 289 45.37 4.16 12.07
N MET OA 290 44.20 4.77 12.12
CA MET OA 290 43.42 5.18 10.97
C MET OA 290 44.15 6.17 10.06
N ALA OA 291 43.91 6.07 8.74
CA ALA OA 291 44.38 6.99 7.70
C ALA OA 291 45.91 7.11 7.47
N ARG OA 292 46.74 6.21 8.02
CA ARG OA 292 48.10 6.00 7.52
C ARG OA 292 48.07 5.59 6.05
N ILE OA 293 49.17 5.81 5.33
CA ILE OA 293 49.40 5.28 3.98
C ILE OA 293 50.68 4.45 4.03
N LEU OA 294 50.64 3.17 3.69
CA LEU OA 294 51.83 2.32 3.69
C LEU OA 294 52.64 2.53 2.41
N ALA OA 295 53.88 2.98 2.53
CA ALA OA 295 54.81 3.12 1.40
C ALA OA 295 55.80 1.97 1.34
N PHE OA 296 55.92 1.34 0.17
CA PHE OA 296 56.87 0.26 -0.12
C PHE OA 296 57.72 0.58 -1.35
N GLU OA 297 58.95 0.09 -1.41
CA GLU OA 297 59.69 0.07 -2.67
C GLU OA 297 59.05 -0.90 -3.67
N GLY OA 298 58.59 -2.07 -3.23
CA GLY OA 298 57.93 -3.04 -4.12
C GLY OA 298 58.82 -3.50 -5.28
N GLY OA 299 60.10 -3.71 -5.00
CA GLY OA 299 61.20 -3.71 -5.98
C GLY OA 299 61.12 -4.73 -7.10
N GLU OA 300 60.32 -5.78 -7.00
CA GLU OA 300 60.08 -6.73 -8.11
C GLU OA 300 59.08 -6.20 -9.16
N GLY OA 301 58.38 -5.10 -8.89
CA GLY OA 301 57.11 -4.81 -9.56
C GLY OA 301 55.94 -5.43 -8.79
N ALA OA 302 55.80 -5.03 -7.53
CA ALA OA 302 54.84 -5.59 -6.57
C ALA OA 302 53.36 -5.32 -6.91
N HIS OA 303 52.47 -6.05 -6.23
CA HIS OA 303 51.03 -5.80 -6.21
C HIS OA 303 50.37 -6.36 -4.95
N ALA OA 304 49.17 -5.88 -4.63
CA ALA OA 304 48.39 -6.26 -3.47
C ALA OA 304 47.12 -7.00 -3.85
N GLU OA 305 46.74 -7.99 -3.06
CA GLU OA 305 45.49 -8.75 -3.26
C GLU OA 305 44.89 -9.21 -1.94
N GLN OA 306 43.61 -9.57 -1.96
CA GLN OA 306 42.95 -10.15 -0.79
C GLN OA 306 42.05 -11.31 -1.17
N PHE OA 307 42.05 -12.38 -0.40
CA PHE OA 307 40.98 -13.37 -0.51
C PHE OA 307 39.68 -12.77 0.00
N SER OA 308 38.54 -13.13 -0.56
CA SER OA 308 37.25 -12.61 -0.09
C SER OA 308 36.88 -13.17 1.27
N ALA OA 309 36.11 -12.41 2.05
CA ALA OA 309 35.32 -12.97 3.13
C ALA OA 309 34.32 -14.00 2.58
N ALA OA 310 33.95 -14.99 3.38
CA ALA OA 310 32.76 -15.79 3.09
C ALA OA 310 31.49 -14.98 3.41
N GLU OA 311 30.49 -15.02 2.54
CA GLU OA 311 29.18 -14.40 2.80
C GLU OA 311 28.42 -15.21 3.85
N LEU OA 312 28.25 -14.73 5.08
CA LEU OA 312 27.49 -15.47 6.08
C LEU OA 312 26.01 -15.61 5.71
N ARG OA 313 25.44 -14.72 4.89
CA ARG OA 313 24.09 -14.91 4.37
C ARG OA 313 23.89 -16.25 3.66
N ASN OA 314 24.96 -16.80 3.07
CA ASN OA 314 24.91 -18.05 2.33
C ASN OA 314 24.69 -19.27 3.24
N PHE OA 315 25.04 -19.19 4.53
CA PHE OA 315 24.59 -20.18 5.51
C PHE OA 315 23.19 -19.85 6.01
N VAL OA 316 22.91 -18.58 6.26
CA VAL OA 316 21.67 -18.15 6.91
C VAL OA 316 20.46 -18.50 6.09
N ASP OA 317 20.45 -18.28 4.78
CA ASP OA 317 19.28 -18.68 3.97
C ASP OA 317 19.22 -20.19 3.65
N ALA OA 318 20.16 -21.00 4.14
CA ALA OA 318 19.95 -22.43 4.30
C ALA OA 318 19.28 -22.77 5.64
N LEU OA 319 19.68 -22.13 6.75
CA LEU OA 319 19.03 -22.32 8.05
C LEU OA 319 17.54 -21.94 8.02
N ASP OA 320 17.16 -20.93 7.24
CA ASP OA 320 15.74 -20.63 7.00
C ASP OA 320 14.94 -21.87 6.57
N ALA OA 321 15.45 -22.61 5.58
CA ALA OA 321 14.74 -23.78 5.08
C ALA OA 321 14.64 -24.88 6.14
N LEU OA 322 15.66 -25.08 6.97
CA LEU OA 322 15.61 -26.09 8.03
C LEU OA 322 14.63 -25.72 9.14
N ASP OA 323 14.53 -24.45 9.54
CA ASP OA 323 13.48 -24.04 10.47
C ASP OA 323 12.09 -24.25 9.87
N ARG OA 324 11.90 -23.92 8.60
CA ARG OA 324 10.62 -24.14 7.92
C ARG OA 324 10.29 -25.62 7.76
N LYS OA 325 11.28 -26.50 7.59
CA LYS OA 325 11.06 -27.95 7.66
C LYS OA 325 10.63 -28.36 9.05
N ALA OA 326 11.34 -27.97 10.10
CA ALA OA 326 11.00 -28.33 11.47
C ALA OA 326 9.58 -27.91 11.84
N ALA OA 327 9.13 -26.73 11.38
CA ALA OA 327 7.74 -26.32 11.53
C ALA OA 327 6.78 -27.32 10.87
N SER OA 328 6.95 -27.63 9.59
CA SER OA 328 6.03 -28.54 8.91
C SER OA 328 6.01 -29.95 9.51
N TYR OA 329 7.15 -30.48 9.98
CA TYR OA 329 7.23 -31.84 10.52
C TYR OA 329 6.58 -31.94 11.89
N SER OA 330 6.88 -31.01 12.78
CA SER OA 330 6.30 -30.99 14.13
C SER OA 330 4.84 -30.54 14.13
N GLY OA 331 4.45 -29.70 13.19
CA GLY OA 331 3.12 -29.09 13.20
C GLY OA 331 2.96 -27.99 14.24
N LEU OA 332 4.03 -27.51 14.87
CA LEU OA 332 3.92 -26.33 15.71
C LEU OA 332 3.47 -25.12 14.89
N PRO OA 333 2.77 -24.14 15.48
CA PRO OA 333 2.46 -22.89 14.80
C PRO OA 333 3.76 -22.25 14.29
N PRO OA 334 3.84 -21.72 13.06
CA PRO OA 334 5.07 -21.13 12.56
C PRO OA 334 5.74 -20.13 13.51
N GLN OA 335 4.94 -19.40 14.28
CA GLN OA 335 5.36 -18.41 15.27
C GLN OA 335 6.15 -19.01 16.45
N TYR OA 336 6.14 -20.33 16.63
CA TYR OA 336 6.98 -21.03 17.62
C TYR OA 336 8.44 -21.16 17.15
N LEU OA 337 8.73 -21.04 15.85
CA LEU OA 337 10.05 -21.35 15.31
C LEU OA 337 10.66 -20.24 14.46
N SER OA 338 9.85 -19.42 13.78
CA SER OA 338 10.32 -18.32 12.94
C SER OA 338 9.75 -16.97 13.39
N SER OA 339 10.62 -16.02 13.73
CA SER OA 339 10.20 -14.64 14.03
C SER OA 339 9.72 -13.87 12.79
N SER OA 340 10.12 -14.30 11.58
CA SER OA 340 9.71 -13.71 10.30
C SER OA 340 8.34 -14.19 9.80
N SER OA 341 7.71 -15.17 10.45
CA SER OA 341 6.31 -15.54 10.18
C SER OA 341 5.34 -14.56 10.82
N ASP OA 342 4.22 -14.26 10.15
CA ASP OA 342 3.27 -13.22 10.58
C ASP OA 342 2.57 -13.58 11.90
N ASN OA 343 2.50 -12.65 12.86
CA ASN OA 343 1.76 -12.83 14.10
C ASN OA 343 0.24 -12.70 13.82
N PRO OA 344 -0.61 -13.66 14.21
CA PRO OA 344 -2.02 -13.63 13.86
C PRO OA 344 -2.77 -12.49 14.54
N ALA OA 345 -3.53 -11.73 13.75
CA ALA OA 345 -4.16 -10.48 14.16
C ALA OA 345 -5.51 -10.63 14.89
N SER OA 346 -6.17 -11.79 14.83
CA SER OA 346 -7.56 -11.97 15.29
C SER OA 346 -7.80 -13.38 15.84
N ALA OA 347 -8.80 -13.57 16.70
CA ALA OA 347 -9.06 -14.86 17.34
C ALA OA 347 -9.29 -16.00 16.33
N GLU OA 348 -9.98 -15.72 15.22
CA GLU OA 348 -10.12 -16.66 14.11
C GLU OA 348 -8.77 -17.09 13.54
N ALA OA 349 -7.84 -16.16 13.32
CA ALA OA 349 -6.50 -16.46 12.83
C ALA OA 349 -5.68 -17.27 13.84
N ILE OA 350 -5.91 -17.09 15.14
CA ILE OA 350 -5.29 -17.93 16.17
C ILE OA 350 -5.85 -19.34 16.11
N LYS OA 351 -7.17 -19.55 15.93
CA LYS OA 351 -7.72 -20.90 15.72
C LYS OA 351 -7.16 -21.54 14.46
N ALA OA 352 -6.86 -20.77 13.42
CA ALA OA 352 -6.17 -21.29 12.24
C ALA OA 352 -4.76 -21.77 12.59
N ALA OA 353 -3.94 -20.91 13.19
CA ALA OA 353 -2.54 -21.22 13.46
C ALA OA 353 -2.34 -22.33 14.50
N GLU OA 354 -3.15 -22.38 15.56
CA GLU OA 354 -3.06 -23.43 16.57
C GLU OA 354 -3.61 -24.78 16.10
N SER OA 355 -4.45 -24.83 15.07
CA SER OA 355 -5.24 -26.02 14.73
C SER OA 355 -4.41 -27.30 14.59
N ARG OA 356 -3.28 -27.23 13.89
CA ARG OA 356 -2.39 -28.36 13.63
C ARG OA 356 -1.84 -28.97 14.92
N LEU OA 357 -1.49 -28.15 15.91
CA LEU OA 357 -1.08 -28.63 17.22
C LEU OA 357 -2.26 -29.09 18.06
N VAL OA 358 -3.32 -28.29 18.18
CA VAL OA 358 -4.47 -28.55 19.07
C VAL OA 358 -5.09 -29.91 18.84
N LYS OA 359 -5.22 -30.33 17.58
CA LYS OA 359 -5.75 -31.65 17.25
C LYS OA 359 -4.82 -32.75 17.78
N LYS OA 360 -3.50 -32.60 17.61
CA LYS OA 360 -2.53 -33.58 18.09
C LYS OA 360 -2.51 -33.66 19.61
N VAL OA 361 -2.62 -32.55 20.32
CA VAL OA 361 -2.79 -32.58 21.78
C VAL OA 361 -4.03 -33.36 22.15
N GLU OA 362 -5.15 -33.13 21.46
CA GLU OA 362 -6.36 -33.87 21.79
C GLU OA 362 -6.22 -35.38 21.52
N ARG OA 363 -5.37 -35.80 20.59
CA ARG OA 363 -5.00 -37.22 20.46
C ARG OA 363 -4.28 -37.74 21.69
N LYS OA 364 -3.28 -37.02 22.19
CA LYS OA 364 -2.60 -37.43 23.43
C LYS OA 364 -3.59 -37.46 24.59
N ASN OA 365 -4.54 -36.54 24.68
CA ASN OA 365 -5.58 -36.62 25.69
C ASN OA 365 -6.38 -37.92 25.55
N LYS OA 366 -6.84 -38.22 24.33
CA LYS OA 366 -7.62 -39.43 24.08
C LYS OA 366 -6.85 -40.70 24.48
N ILE OA 367 -5.58 -40.80 24.10
CA ILE OA 367 -4.75 -42.00 24.30
C ILE OA 367 -4.25 -42.13 25.75
N PHE OA 368 -3.84 -41.07 26.43
CA PHE OA 368 -3.45 -41.15 27.84
C PHE OA 368 -4.64 -41.28 28.77
N GLY OA 369 -5.81 -40.77 28.39
CA GLY OA 369 -7.04 -40.94 29.16
C GLY OA 369 -7.33 -42.40 29.48
N GLY OA 370 -7.17 -43.29 28.50
CA GLY OA 370 -7.36 -44.74 28.70
C GLY OA 370 -6.44 -45.35 29.75
N ALA OA 371 -5.25 -44.80 29.96
CA ALA OA 371 -4.37 -45.27 31.03
C ALA OA 371 -4.89 -44.84 32.40
N TRP OA 372 -5.19 -43.56 32.59
CA TRP OA 372 -5.71 -43.07 33.86
C TRP OA 372 -7.05 -43.68 34.21
N GLU OA 373 -7.94 -43.78 33.24
CA GLU OA 373 -9.24 -44.43 33.37
C GLU OA 373 -9.08 -45.85 33.91
N GLN OA 374 -8.19 -46.66 33.34
CA GLN OA 374 -7.97 -48.01 33.85
C GLN OA 374 -7.27 -48.01 35.21
N ALA OA 375 -6.38 -47.07 35.48
CA ALA OA 375 -5.77 -46.96 36.80
C ALA OA 375 -6.84 -46.68 37.88
N MET OA 376 -7.81 -45.82 37.62
CA MET OA 376 -8.86 -45.57 38.60
C MET OA 376 -9.72 -46.80 38.85
N ARG OA 377 -10.14 -47.55 37.83
CA ARG OA 377 -10.85 -48.81 38.03
C ARG OA 377 -10.06 -49.76 38.89
N LEU OA 378 -8.75 -49.87 38.67
CA LEU OA 378 -7.90 -50.75 39.48
C LEU OA 378 -7.76 -50.23 40.91
N ALA OA 379 -7.65 -48.93 41.11
CA ALA OA 379 -7.64 -48.35 42.45
C ALA OA 379 -8.94 -48.64 43.20
N TYR OA 380 -10.09 -48.59 42.53
CA TYR OA 380 -11.36 -48.88 43.17
C TYR OA 380 -11.41 -50.29 43.72
N LYS OA 381 -10.93 -51.31 42.98
CA LYS OA 381 -10.84 -52.66 43.50
C LYS OA 381 -9.88 -52.77 44.68
N MET OA 382 -8.74 -52.07 44.65
CA MET OA 382 -7.78 -52.18 45.75
C MET OA 382 -8.29 -51.54 47.04
N VAL OA 383 -8.96 -50.39 46.97
CA VAL OA 383 -9.47 -49.72 48.18
C VAL OA 383 -10.67 -50.46 48.76
N LYS OA 384 -11.68 -50.78 47.94
CA LYS OA 384 -12.98 -51.26 48.40
C LYS OA 384 -13.17 -52.78 48.41
N GLY OA 385 -12.29 -53.55 47.79
CA GLY OA 385 -12.24 -55.02 47.87
C GLY OA 385 -13.31 -55.77 47.07
N GLY OA 386 -14.51 -55.22 46.94
CA GLY OA 386 -15.58 -55.79 46.13
C GLY OA 386 -15.35 -55.60 44.63
N ASP OA 387 -16.16 -56.29 43.82
CA ASP OA 387 -16.21 -56.08 42.38
C ASP OA 387 -16.64 -54.64 42.03
N ILE OA 388 -16.23 -54.10 40.88
CA ILE OA 388 -16.56 -52.74 40.47
C ILE OA 388 -18.01 -52.66 40.00
N PRO OA 389 -18.79 -51.64 40.36
CA PRO OA 389 -20.06 -51.37 39.70
C PRO OA 389 -19.87 -51.21 38.20
N THR OA 390 -20.66 -51.91 37.38
CA THR OA 390 -20.39 -52.01 35.95
C THR OA 390 -20.49 -50.69 35.18
N GLU OA 391 -21.02 -49.63 35.78
CA GLU OA 391 -20.99 -48.28 35.22
C GLU OA 391 -19.57 -47.76 35.04
N TYR OA 392 -18.62 -48.17 35.87
CA TYR OA 392 -17.25 -47.67 35.76
C TYR OA 392 -16.57 -48.11 34.46
N TYR OA 393 -17.00 -49.20 33.83
CA TYR OA 393 -16.50 -49.57 32.51
C TYR OA 393 -16.86 -48.54 31.44
N ARG OA 394 -17.93 -47.77 31.64
CA ARG OA 394 -18.36 -46.72 30.72
C ARG OA 394 -17.72 -45.38 31.04
N MET OA 395 -16.91 -45.26 32.10
CA MET OA 395 -16.37 -43.97 32.54
C MET OA 395 -15.46 -43.36 31.49
N GLU OA 396 -15.35 -42.04 31.47
CA GLU OA 396 -14.44 -41.34 30.57
C GLU OA 396 -13.81 -40.15 31.27
N THR OA 397 -12.65 -39.73 30.80
CA THR OA 397 -11.95 -38.55 31.31
C THR OA 397 -12.45 -37.29 30.63
N VAL OA 398 -12.27 -36.14 31.26
CA VAL OA 398 -12.49 -34.83 30.63
C VAL OA 398 -11.27 -33.94 30.83
N TRP OA 399 -10.87 -33.23 29.79
CA TRP OA 399 -9.60 -32.53 29.74
C TRP OA 399 -9.80 -31.07 29.39
N ARG OA 400 -8.84 -30.25 29.77
CA ARG OA 400 -8.75 -28.85 29.36
C ARG OA 400 -8.82 -28.72 27.85
N ASP OA 401 -9.61 -27.76 27.35
CA ASP OA 401 -9.53 -27.31 25.96
C ASP OA 401 -8.08 -26.93 25.63
N PRO OA 402 -7.38 -27.63 24.73
CA PRO OA 402 -5.97 -27.34 24.48
C PRO OA 402 -5.71 -25.95 23.90
N SER OA 403 -6.71 -25.30 23.30
CA SER OA 403 -6.50 -24.05 22.58
C SER OA 403 -6.44 -22.84 23.52
N THR OA 404 -5.80 -21.75 23.09
CA THR OA 404 -5.70 -20.53 23.91
C THR OA 404 -7.07 -19.94 24.27
N PRO OA 405 -7.23 -19.41 25.49
CA PRO OA 405 -8.53 -18.95 26.00
C PRO OA 405 -8.93 -17.59 25.42
N THR OA 406 -9.55 -17.57 24.25
CA THR OA 406 -10.02 -16.36 23.58
C THR OA 406 -11.30 -15.82 24.23
N TYR OA 407 -11.21 -15.41 25.49
CA TYR OA 407 -12.34 -15.16 26.36
C TYR OA 407 -13.32 -14.12 25.80
N ALA OA 408 -12.84 -12.99 25.30
CA ALA OA 408 -13.72 -11.95 24.79
C ALA OA 408 -14.54 -12.40 23.57
N ALA OA 409 -14.06 -13.35 22.78
CA ALA OA 409 -14.82 -13.94 21.68
C ALA OA 409 -15.85 -14.95 22.20
N LYS OA 410 -15.50 -15.75 23.21
CA LYS OA 410 -16.39 -16.75 23.81
C LYS OA 410 -17.52 -16.12 24.61
N ALA OA 411 -17.24 -15.05 25.33
CA ALA OA 411 -18.24 -14.37 26.13
C ALA OA 411 -19.37 -13.78 25.28
N ASP OA 412 -19.06 -13.05 24.20
CA ASP OA 412 -20.12 -12.50 23.34
C ASP OA 412 -20.96 -13.61 22.71
N ALA OA 413 -20.34 -14.73 22.34
CA ALA OA 413 -21.05 -15.90 21.83
C ALA OA 413 -21.96 -16.56 22.88
N ALA OA 414 -21.45 -16.83 24.09
CA ALA OA 414 -22.27 -17.43 25.15
C ALA OA 414 -23.38 -16.47 25.60
N ALA OA 415 -23.12 -15.17 25.67
CA ALA OA 415 -24.16 -14.20 25.96
C ALA OA 415 -25.27 -14.23 24.91
N LYS OA 416 -24.92 -14.26 23.63
CA LYS OA 416 -25.90 -14.34 22.53
C LYS OA 416 -26.76 -15.59 22.60
N LEU OA 417 -26.17 -16.74 22.92
CA LEU OA 417 -26.93 -17.99 22.97
C LEU OA 417 -27.82 -18.10 24.20
N PHE OA 418 -27.39 -17.65 25.38
CA PHE OA 418 -28.24 -17.76 26.57
C PHE OA 418 -29.34 -16.69 26.63
N ALA OA 419 -29.05 -15.47 26.16
CA ALA OA 419 -30.00 -14.35 26.09
C ALA OA 419 -30.90 -14.21 27.32
N ASN OA 420 -30.28 -14.14 28.50
CA ASN OA 420 -30.95 -13.94 29.78
C ASN OA 420 -32.10 -14.93 30.03
N GLY OA 421 -31.89 -16.20 29.66
CA GLY OA 421 -32.84 -17.30 29.87
C GLY OA 421 -33.85 -17.48 28.73
N ALA OA 422 -34.06 -16.48 27.89
CA ALA OA 422 -34.95 -16.59 26.74
C ALA OA 422 -34.31 -17.32 25.54
N GLY OA 423 -32.98 -17.50 25.56
CA GLY OA 423 -32.21 -17.94 24.41
C GLY OA 423 -32.24 -19.44 24.13
N LEU OA 424 -31.32 -19.89 23.29
CA LEU OA 424 -31.21 -21.27 22.87
C LEU OA 424 -30.83 -22.20 24.03
N ILE OA 425 -29.65 -22.03 24.61
CA ILE OA 425 -29.06 -22.99 25.57
C ILE OA 425 -29.62 -22.90 26.99
N PRO OA 426 -29.62 -23.99 27.77
CA PRO OA 426 -29.76 -23.95 29.21
C PRO OA 426 -28.51 -23.37 29.85
N ARG OA 427 -28.61 -22.87 31.08
CA ARG OA 427 -27.51 -22.19 31.77
C ARG OA 427 -26.28 -23.07 31.86
N GLU OA 428 -26.44 -24.32 32.23
CA GLU OA 428 -25.31 -25.23 32.40
C GLU OA 428 -24.47 -25.37 31.12
N ARG OA 429 -25.09 -25.48 29.93
CA ARG OA 429 -24.31 -25.58 28.69
C ARG OA 429 -23.49 -24.33 28.46
N GLY OA 430 -23.99 -23.15 28.83
CA GLY OA 430 -23.21 -21.93 28.73
C GLY OA 430 -21.97 -21.99 29.62
N TRP OA 431 -22.06 -22.59 30.81
CA TRP OA 431 -20.90 -22.74 31.68
C TRP OA 431 -19.86 -23.69 31.11
N VAL OA 432 -20.23 -24.81 30.49
CA VAL OA 432 -19.23 -25.65 29.83
C VAL OA 432 -18.68 -25.03 28.56
N ASP OA 433 -19.46 -24.30 27.78
CA ASP OA 433 -18.95 -23.62 26.58
C ASP OA 433 -17.95 -22.51 26.92
N MET OA 434 -18.06 -21.87 28.07
CA MET OA 434 -17.01 -20.98 28.58
C MET OA 434 -15.77 -21.71 29.08
N GLY OA 435 -15.82 -23.03 29.24
CA GLY OA 435 -14.67 -23.84 29.65
C GLY OA 435 -14.43 -23.89 31.16
N TYR OA 436 -15.42 -23.58 32.00
CA TYR OA 436 -15.27 -23.74 33.44
C TYR OA 436 -15.18 -25.23 33.83
N THR OA 437 -14.24 -25.59 34.70
CA THR OA 437 -13.99 -26.98 35.11
C THR OA 437 -15.17 -27.58 35.87
N ILE OA 438 -15.24 -28.91 35.98
CA ILE OA 438 -16.23 -29.56 36.85
C ILE OA 438 -16.05 -29.10 38.30
N VAL OA 439 -14.81 -28.91 38.75
CA VAL OA 439 -14.51 -28.43 40.11
C VAL OA 439 -15.09 -27.04 40.34
N GLU OA 440 -14.96 -26.11 39.40
CA GLU OA 440 -15.57 -24.78 39.51
C GLU OA 440 -17.08 -24.82 39.39
N ARG OA 441 -17.66 -25.77 38.67
CA ARG OA 441 -19.11 -25.81 38.45
C ARG OA 441 -19.88 -25.87 39.77
N GLU OA 442 -19.37 -26.59 40.77
CA GLU OA 442 -20.02 -26.67 42.06
C GLU OA 442 -19.97 -25.33 42.81
N GLN OA 443 -18.88 -24.56 42.70
CA GLN OA 443 -18.86 -23.19 43.21
C GLN OA 443 -19.90 -22.34 42.51
N MET OA 444 -20.05 -22.49 41.20
CA MET OA 444 -21.08 -21.81 40.43
C MET OA 444 -22.47 -22.10 40.98
N ARG OA 445 -22.75 -23.36 41.32
CA ARG OA 445 -24.01 -23.79 41.91
C ARG OA 445 -24.30 -23.01 43.20
N GLN OA 446 -23.36 -23.01 44.12
CA GLN OA 446 -23.50 -22.35 45.42
C GLN OA 446 -23.65 -20.83 45.27
N TRP OA 447 -22.80 -20.20 44.49
CA TRP OA 447 -22.86 -18.76 44.26
C TRP OA 447 -24.13 -18.34 43.54
N LEU OA 448 -24.72 -19.19 42.70
CA LEU OA 448 -26.01 -18.89 42.09
C LEU OA 448 -27.14 -18.98 43.11
N GLU OA 449 -27.19 -20.01 43.95
CA GLU OA 449 -28.22 -20.11 44.99
C GLU OA 449 -28.17 -18.91 45.94
N GLN OA 450 -26.98 -18.52 46.38
CA GLN OA 450 -26.77 -17.39 47.27
C GLN OA 450 -27.08 -16.03 46.60
N ASP OA 451 -27.26 -15.98 45.29
CA ASP OA 451 -27.73 -14.79 44.57
C ASP OA 451 -29.25 -14.85 44.39
N GLN OA 452 -29.79 -15.99 43.95
CA GLN OA 452 -31.24 -16.23 43.83
C GLN OA 452 -31.98 -16.14 45.18
N LYS OA 453 -31.28 -16.30 46.30
CA LYS OA 453 -31.81 -15.98 47.64
C LYS OA 453 -32.29 -14.53 47.75
N GLN OA 454 -31.64 -13.57 47.08
CA GLN OA 454 -32.11 -12.19 47.00
C GLN OA 454 -32.96 -11.94 45.75
N GLY OA 455 -32.46 -12.35 44.58
CA GLY OA 455 -33.05 -12.07 43.26
C GLY OA 455 -32.53 -10.78 42.61
N SER PA 6 -15.91 -79.51 2.77
CA SER PA 6 -15.30 -79.17 4.07
C SER PA 6 -13.81 -79.50 4.09
N ILE PA 7 -13.05 -78.93 5.03
CA ILE PA 7 -11.60 -79.14 5.19
C ILE PA 7 -11.16 -79.00 6.65
N ASP PA 8 -10.04 -79.63 7.02
CA ASP PA 8 -9.54 -79.62 8.38
C ASP PA 8 -8.87 -78.28 8.78
N PRO PA 9 -8.92 -77.90 10.06
CA PRO PA 9 -8.39 -76.63 10.53
C PRO PA 9 -6.86 -76.59 10.56
N GLU PA 10 -6.17 -77.73 10.63
CA GLU PA 10 -4.69 -77.76 10.62
C GLU PA 10 -4.14 -77.31 9.26
N LYS PA 11 -4.69 -77.82 8.15
CA LYS PA 11 -4.40 -77.33 6.80
C LYS PA 11 -4.65 -75.84 6.73
N LEU PA 12 -5.83 -75.39 7.15
CA LEU PA 12 -6.19 -73.98 7.07
C LEU PA 12 -5.20 -73.12 7.84
N ARG PA 13 -4.82 -73.49 9.07
CA ARG PA 13 -3.84 -72.72 9.85
C ARG PA 13 -2.55 -72.57 9.07
N ASP PA 14 -1.94 -73.67 8.66
CA ASP PA 14 -0.63 -73.60 8.03
C ASP PA 14 -0.69 -72.84 6.71
N GLN PA 15 -1.73 -73.04 5.92
CA GLN PA 15 -1.93 -72.39 4.63
C GLN PA 15 -2.29 -70.90 4.77
N LEU PA 16 -2.90 -70.49 5.88
CA LEU PA 16 -3.20 -69.08 6.13
C LEU PA 16 -2.02 -68.36 6.81
N LEU PA 17 -1.30 -68.99 7.74
CA LEU PA 17 -0.06 -68.41 8.26
C LEU PA 17 0.95 -68.20 7.14
N ASP PA 18 0.92 -69.03 6.09
CA ASP PA 18 1.66 -68.78 4.85
C ASP PA 18 1.21 -67.48 4.17
N ALA PA 19 -0.07 -67.36 3.80
CA ALA PA 19 -0.56 -66.15 3.14
C ALA PA 19 -0.34 -64.89 3.98
N PHE PA 20 -0.54 -64.98 5.29
CA PHE PA 20 -0.30 -63.92 6.23
C PHE PA 20 1.17 -63.48 6.26
N GLU PA 21 2.12 -64.40 6.36
CA GLU PA 21 3.54 -64.04 6.39
C GLU PA 21 4.00 -63.52 5.02
N ASN PA 22 3.45 -64.03 3.93
CA ASN PA 22 3.70 -63.49 2.60
C ASN PA 22 3.28 -62.02 2.50
N LYS PA 23 2.09 -61.68 2.98
CA LYS PA 23 1.53 -60.32 2.94
C LYS PA 23 2.47 -59.30 3.58
N GLN PA 24 3.23 -59.66 4.60
CA GLN PA 24 4.11 -58.72 5.28
C GLN PA 24 5.15 -58.10 4.34
N ASN PA 25 5.62 -58.83 3.32
CA ASN PA 25 6.57 -58.25 2.36
C ASN PA 25 5.97 -57.12 1.54
N GLU PA 26 4.65 -57.08 1.37
CA GLU PA 26 3.97 -55.95 0.75
C GLU PA 26 3.90 -54.77 1.71
N LEU PA 27 3.42 -54.99 2.94
CA LEU PA 27 3.14 -53.92 3.89
C LEU PA 27 4.37 -53.10 4.25
N LYS PA 28 5.53 -53.76 4.41
CA LYS PA 28 6.81 -53.12 4.76
C LYS PA 28 7.18 -51.96 3.84
N SER PA 29 6.76 -51.99 2.59
CA SER PA 29 7.00 -50.90 1.63
C SER PA 29 6.35 -49.58 2.05
N SER PA 30 5.18 -49.62 2.71
CA SER PA 30 4.46 -48.42 3.18
C SER PA 30 4.83 -48.02 4.60
N LYS PA 31 5.07 -48.99 5.50
CA LYS PA 31 5.67 -48.78 6.82
C LYS PA 31 6.94 -47.93 6.74
N ALA PA 32 7.79 -48.17 5.75
CA ALA PA 32 9.01 -47.41 5.55
C ALA PA 32 8.78 -45.92 5.29
N TYR PA 33 7.65 -45.53 4.71
CA TYR PA 33 7.30 -44.12 4.53
C TYR PA 33 6.71 -43.50 5.79
N TYR PA 34 5.67 -44.09 6.40
CA TYR PA 34 5.09 -43.49 7.60
C TYR PA 34 6.12 -43.37 8.71
N ASP PA 35 6.87 -44.44 8.96
CA ASP PA 35 7.84 -44.49 10.04
C ASP PA 35 9.20 -43.89 9.69
N ALA PA 36 9.33 -43.29 8.51
CA ALA PA 36 10.53 -42.61 8.03
C ALA PA 36 11.82 -43.44 8.19
N GLU PA 37 11.80 -44.71 7.78
CA GLU PA 37 13.00 -45.56 7.72
C GLU PA 37 13.96 -45.10 6.61
N ARG PA 38 15.19 -45.63 6.59
CA ARG PA 38 16.06 -45.57 5.41
C ARG PA 38 15.34 -46.15 4.18
N ARG PA 39 15.46 -45.49 3.02
CA ARG PA 39 14.99 -45.99 1.72
C ARG PA 39 16.09 -45.80 0.67
N PRO PA 40 16.38 -46.79 -0.19
CA PRO PA 40 17.45 -46.66 -1.17
C PRO PA 40 17.33 -45.41 -2.04
N ASP PA 41 16.14 -45.11 -2.53
CA ASP PA 41 15.90 -43.99 -3.45
C ASP PA 41 15.95 -42.60 -2.78
N ALA PA 42 16.09 -42.52 -1.47
CA ALA PA 42 16.18 -41.25 -0.76
C ALA PA 42 17.61 -40.68 -0.67
N ILE PA 43 18.65 -41.47 -0.93
CA ILE PA 43 20.04 -41.04 -0.75
C ILE PA 43 20.44 -39.95 -1.76
N GLY PA 44 21.14 -38.91 -1.32
CA GLY PA 44 21.55 -37.80 -2.19
C GLY PA 44 22.84 -38.09 -2.95
N LEU PA 45 22.80 -38.13 -4.28
CA LEU PA 45 23.90 -38.67 -5.07
C LEU PA 45 25.09 -37.73 -5.20
N ALA PA 46 24.97 -36.45 -4.87
CA ALA PA 46 26.13 -35.56 -4.81
C ALA PA 46 27.01 -35.83 -3.59
N VAL PA 47 26.44 -36.40 -2.51
CA VAL PA 47 27.13 -36.62 -1.25
C VAL PA 47 28.13 -37.77 -1.41
N PRO PA 48 29.42 -37.61 -1.08
CA PRO PA 48 30.43 -38.63 -1.26
C PRO PA 48 30.24 -39.79 -0.29
N LEU PA 49 30.80 -40.95 -0.61
CA LEU PA 49 30.38 -42.23 -0.02
C LEU PA 49 30.54 -42.34 1.49
N ASP PA 50 31.50 -41.64 2.10
CA ASP PA 50 31.68 -41.67 3.56
C ASP PA 50 30.73 -40.73 4.30
N MET PA 51 30.13 -39.75 3.63
CA MET PA 51 29.11 -38.87 4.21
C MET PA 51 27.70 -39.40 4.03
N ARG PA 52 27.44 -40.40 3.19
CA ARG PA 52 26.07 -40.91 2.95
C ARG PA 52 25.38 -41.53 4.16
N LYS PA 53 26.10 -41.80 5.24
CA LYS PA 53 25.53 -42.18 6.54
C LYS PA 53 24.66 -41.08 7.16
N TYR PA 54 24.85 -39.82 6.80
CA TYR PA 54 24.06 -38.69 7.31
C TYR PA 54 22.73 -38.53 6.54
N LEU PA 55 21.85 -39.52 6.63
CA LEU PA 55 20.54 -39.46 5.98
C LEU PA 55 19.72 -38.25 6.43
N ALA PA 56 18.83 -37.77 5.56
CA ALA PA 56 17.81 -36.79 5.91
C ALA PA 56 16.42 -37.37 5.63
N HIS PA 57 15.59 -37.52 6.64
CA HIS PA 57 14.20 -37.97 6.49
C HIS PA 57 13.24 -36.80 6.27
N VAL PA 58 12.11 -37.03 5.59
CA VAL PA 58 11.11 -36.01 5.26
C VAL PA 58 9.72 -36.43 5.73
N GLY PA 59 9.00 -35.51 6.38
CA GLY PA 59 7.77 -35.80 7.14
C GLY PA 59 6.44 -35.75 6.40
N TYR PA 60 6.41 -35.63 5.06
CA TYR PA 60 5.13 -35.54 4.35
C TYR PA 60 4.20 -36.74 4.58
N PRO PA 61 4.65 -38.01 4.52
CA PRO PA 61 3.76 -39.14 4.70
C PRO PA 61 3.12 -39.15 6.08
N ARG PA 62 3.89 -38.95 7.15
CA ARG PA 62 3.34 -38.92 8.51
C ARG PA 62 2.35 -37.78 8.67
N THR PA 63 2.67 -36.61 8.13
CA THR PA 63 1.80 -35.44 8.21
C THR PA 63 0.48 -35.68 7.53
N TYR PA 64 0.47 -36.22 6.31
CA TYR PA 64 -0.76 -36.41 5.56
C TYR PA 64 -1.65 -37.49 6.17
N VAL PA 65 -1.09 -38.60 6.65
CA VAL PA 65 -1.88 -39.60 7.36
C VAL PA 65 -2.42 -39.02 8.67
N ASP PA 66 -1.60 -38.38 9.50
CA ASP PA 66 -2.11 -37.82 10.76
C ASP PA 66 -3.20 -36.77 10.52
N ALA PA 67 -3.03 -35.89 9.54
CA ALA PA 67 -3.96 -34.81 9.28
C ALA PA 67 -5.33 -35.28 8.82
N ILE PA 68 -5.46 -36.50 8.31
CA ILE PA 68 -6.75 -37.15 8.12
C ILE PA 68 -7.20 -37.76 9.44
N ALA PA 69 -6.35 -38.57 10.06
CA ALA PA 69 -6.78 -39.43 11.16
C ALA PA 69 -7.28 -38.64 12.36
N GLU PA 70 -6.56 -37.61 12.79
CA GLU PA 70 -6.98 -36.80 13.93
C GLU PA 70 -7.94 -35.68 13.53
N ARG PA 71 -9.02 -36.02 12.83
CA ARG PA 71 -10.16 -35.14 12.56
C ARG PA 71 -11.51 -35.81 12.73
N GLN PA 72 -11.55 -37.10 13.00
CA GLN PA 72 -12.76 -37.90 12.90
C GLN PA 72 -12.99 -38.72 14.17
N GLU PA 73 -14.22 -38.70 14.67
CA GLU PA 73 -14.66 -39.56 15.76
C GLU PA 73 -16.17 -39.81 15.66
N LEU PA 74 -16.59 -41.01 16.06
CA LEU PA 74 -17.98 -41.44 15.99
C LEU PA 74 -18.77 -40.76 17.11
N GLU PA 75 -20.04 -40.44 16.89
CA GLU PA 75 -20.90 -39.84 17.91
C GLU PA 75 -22.16 -40.65 18.21
N GLY PA 76 -22.41 -41.74 17.50
CA GLY PA 76 -23.59 -42.57 17.70
C GLY PA 76 -24.05 -43.29 16.44
N PHE PA 77 -25.14 -44.03 16.54
CA PHE PA 77 -25.74 -44.77 15.43
C PHE PA 77 -27.21 -44.37 15.30
N ARG PA 78 -27.65 -43.85 14.16
CA ARG PA 78 -29.05 -43.46 13.95
C ARG PA 78 -29.88 -44.60 13.38
N ILE PA 79 -30.30 -45.54 14.22
CA ILE PA 79 -31.34 -46.51 13.83
C ILE PA 79 -32.65 -45.72 13.75
N PRO PA 80 -33.38 -45.70 12.63
CA PRO PA 80 -34.67 -45.02 12.58
C PRO PA 80 -35.74 -45.83 13.33
N SER PA 81 -36.70 -45.15 13.96
CA SER PA 81 -37.86 -45.81 14.57
C SER PA 81 -38.79 -46.44 13.51
N ALA PA 82 -39.24 -47.68 13.73
CA ALA PA 82 -40.25 -48.31 12.89
C ALA PA 82 -41.65 -47.70 13.13
N ASN PA 83 -42.50 -47.66 12.10
CA ASN PA 83 -43.84 -47.08 12.15
C ASN PA 83 -43.83 -45.61 12.63
N GLY PA 84 -43.11 -44.75 11.91
CA GLY PA 84 -42.92 -43.34 12.22
C GLY PA 84 -41.65 -43.07 13.03
N GLU PA 85 -40.95 -41.98 12.69
CA GLU PA 85 -39.70 -41.61 13.35
C GLU PA 85 -39.93 -41.12 14.81
N GLU PA 86 -39.02 -41.46 15.72
CA GLU PA 86 -39.13 -41.12 17.15
C GLU PA 86 -37.77 -40.78 17.76
N PRO PA 87 -37.30 -39.51 17.63
CA PRO PA 87 -36.18 -39.01 18.41
C PRO PA 87 -36.54 -38.90 19.90
N GLU PA 88 -35.57 -38.57 20.75
CA GLU PA 88 -35.75 -38.44 22.21
C GLU PA 88 -36.18 -39.74 22.93
N SER PA 89 -36.32 -40.87 22.22
CA SER PA 89 -36.52 -42.20 22.79
C SER PA 89 -35.19 -42.77 23.29
N GLY PA 90 -35.18 -43.30 24.52
CA GLY PA 90 -33.93 -43.56 25.26
C GLY PA 90 -34.02 -44.71 26.27
N GLY PA 91 -32.88 -45.10 26.82
CA GLY PA 91 -32.75 -46.21 27.77
C GLY PA 91 -33.07 -47.57 27.17
N GLU PA 92 -33.70 -48.45 27.95
CA GLU PA 92 -34.08 -49.81 27.54
C GLU PA 92 -34.97 -49.86 26.28
N ASN PA 93 -35.67 -48.77 25.96
CA ASN PA 93 -36.52 -48.64 24.79
C ASN PA 93 -35.74 -48.52 23.48
N ASP PA 94 -34.48 -48.11 23.54
CA ASP PA 94 -33.82 -47.46 22.41
C ASP PA 94 -32.75 -48.34 21.75
N PRO PA 95 -32.88 -48.70 20.46
CA PRO PA 95 -31.90 -49.52 19.77
C PRO PA 95 -30.56 -48.80 19.52
N ALA PA 96 -30.49 -47.48 19.62
CA ALA PA 96 -29.27 -46.73 19.34
C ALA PA 96 -28.34 -46.67 20.55
N SER PA 97 -28.83 -46.28 21.72
CA SER PA 97 -27.98 -46.19 22.91
C SER PA 97 -27.50 -47.55 23.43
N GLU PA 98 -28.13 -48.66 23.06
CA GLU PA 98 -27.53 -49.99 23.24
C GLU PA 98 -26.18 -50.08 22.51
N LEU PA 99 -26.14 -49.75 21.22
CA LEU PA 99 -24.89 -49.82 20.47
C LEU PA 99 -23.87 -48.85 21.06
N TRP PA 100 -24.30 -47.66 21.46
CA TRP PA 100 -23.39 -46.74 22.08
C TRP PA 100 -22.86 -47.25 23.42
N ASP PA 101 -23.65 -47.95 24.21
CA ASP PA 101 -23.14 -48.56 25.44
C ASP PA 101 -22.02 -49.57 25.13
N TRP PA 102 -22.17 -50.42 24.12
CA TRP PA 102 -21.12 -51.35 23.74
C TRP PA 102 -19.91 -50.64 23.16
N TRP PA 103 -20.08 -49.55 22.41
CA TRP PA 103 -18.96 -48.76 21.94
C TRP PA 103 -18.15 -48.22 23.12
N GLN PA 104 -18.84 -47.62 24.07
CA GLN PA 104 -18.22 -46.96 25.20
C GLN PA 104 -17.56 -47.98 26.13
N ALA PA 105 -18.23 -49.08 26.44
CA ALA PA 105 -17.73 -50.09 27.38
C ALA PA 105 -16.45 -50.80 26.91
N ASN PA 106 -16.20 -50.82 25.60
CA ASN PA 106 -14.98 -51.34 24.99
C ASN PA 106 -13.87 -50.28 24.82
N ASN PA 107 -14.11 -49.04 25.20
CA ASN PA 107 -13.24 -47.90 24.90
C ASN PA 107 -12.90 -47.78 23.40
N LEU PA 108 -13.85 -48.08 22.51
CA LEU PA 108 -13.63 -47.89 21.09
C LEU PA 108 -13.34 -46.43 20.73
N ASP PA 109 -13.66 -45.46 21.58
CA ASP PA 109 -13.21 -44.08 21.36
C ASP PA 109 -11.68 -43.94 21.28
N ILE PA 110 -10.93 -44.89 21.86
CA ILE PA 110 -9.48 -44.97 21.75
C ILE PA 110 -9.08 -45.97 20.67
N GLU PA 111 -9.58 -47.20 20.74
CA GLU PA 111 -9.13 -48.26 19.85
C GLU PA 111 -9.54 -48.05 18.40
N ALA PA 112 -10.65 -47.37 18.12
CA ALA PA 112 -10.99 -47.00 16.75
C ALA PA 112 -10.02 -45.96 16.18
N THR PA 113 -9.71 -44.89 16.91
CA THR PA 113 -8.89 -43.82 16.33
C THR PA 113 -7.44 -44.25 16.08
N LEU PA 114 -6.96 -45.29 16.77
CA LEU PA 114 -5.74 -46.00 16.39
C LEU PA 114 -6.01 -46.88 15.16
N GLY PA 115 -7.00 -47.76 15.21
CA GLY PA 115 -7.28 -48.69 14.10
C GLY PA 115 -7.56 -48.01 12.77
N HIS PA 116 -8.09 -46.79 12.78
CA HIS PA 116 -8.25 -46.02 11.56
C HIS PA 116 -6.91 -45.66 10.93
N THR PA 117 -5.89 -45.27 11.70
CA THR PA 117 -4.62 -44.89 11.08
C THR PA 117 -3.84 -46.09 10.57
N ASP PA 118 -3.88 -47.27 11.21
CA ASP PA 118 -3.38 -48.46 10.53
C ASP PA 118 -4.13 -48.72 9.21
N ALA PA 119 -5.44 -48.47 9.14
CA ALA PA 119 -6.15 -48.62 7.87
C ALA PA 119 -5.74 -47.58 6.82
N LEU PA 120 -5.33 -46.37 7.21
CA LEU PA 120 -4.83 -45.37 6.27
C LEU PA 120 -3.39 -45.65 5.86
N ILE PA 121 -2.55 -46.20 6.74
CA ILE PA 121 -1.18 -46.55 6.43
C ILE PA 121 -1.12 -47.77 5.53
N TYR PA 122 -1.66 -48.91 5.96
CA TYR PA 122 -1.57 -50.18 5.25
C TYR PA 122 -2.68 -50.40 4.22
N GLY PA 123 -3.70 -49.57 4.24
CA GLY PA 123 -4.89 -49.71 3.39
C GLY PA 123 -6.01 -50.53 4.02
N THR PA 124 -5.78 -51.24 5.11
CA THR PA 124 -6.83 -52.02 5.76
C THR PA 124 -6.50 -52.31 7.23
N ALA PA 125 -7.51 -52.65 8.02
CA ALA PA 125 -7.42 -53.14 9.38
C ALA PA 125 -8.68 -53.97 9.66
N TYR PA 126 -8.73 -54.77 10.71
CA TYR PA 126 -9.84 -55.70 10.90
C TYR PA 126 -10.52 -55.53 12.24
N ILE PA 127 -11.84 -55.41 12.25
CA ILE PA 127 -12.67 -55.50 13.45
C ILE PA 127 -12.83 -56.97 13.81
N THR PA 128 -12.85 -57.32 15.09
CA THR PA 128 -13.17 -58.67 15.59
C THR PA 128 -14.16 -58.56 16.74
N ILE PA 129 -15.13 -59.49 16.82
CA ILE PA 129 -16.16 -59.51 17.86
C ILE PA 129 -16.18 -60.86 18.54
N SER PA 130 -16.35 -60.91 19.86
CA SER PA 130 -16.62 -62.14 20.60
C SER PA 130 -17.38 -61.86 21.88
N MET PA 131 -18.10 -62.84 22.43
CA MET PA 131 -18.43 -62.81 23.84
C MET PA 131 -17.15 -63.01 24.65
N PRO PA 132 -16.98 -62.35 25.80
CA PRO PA 132 -15.84 -62.58 26.69
C PRO PA 132 -15.95 -63.94 27.38
N ASP PA 133 -14.89 -64.36 28.06
CA ASP PA 133 -14.86 -65.59 28.86
C ASP PA 133 -14.16 -65.32 30.20
N PRO PA 134 -14.90 -65.24 31.31
CA PRO PA 134 -14.36 -64.98 32.65
C PRO PA 134 -13.27 -65.95 33.14
N GLU PA 135 -13.05 -67.09 32.49
CA GLU PA 135 -11.87 -67.92 32.78
C GLU PA 135 -10.55 -67.26 32.32
N VAL PA 136 -10.64 -66.21 31.50
CA VAL PA 136 -9.58 -65.22 31.30
C VAL PA 136 -9.94 -63.96 32.08
N ASP PA 137 -8.98 -63.40 32.80
CA ASP PA 137 -9.16 -62.26 33.71
C ASP PA 137 -9.28 -60.91 32.97
N PHE PA 138 -10.31 -60.77 32.14
CA PHE PA 138 -10.45 -59.65 31.21
C PHE PA 138 -10.53 -58.27 31.88
N ASP PA 139 -11.23 -58.13 33.01
CA ASP PA 139 -11.72 -56.85 33.51
C ASP PA 139 -12.55 -56.07 32.46
N VAL PA 140 -13.54 -56.77 31.90
CA VAL PA 140 -14.57 -56.24 31.00
C VAL PA 140 -15.92 -56.74 31.50
N ASP PA 141 -16.98 -55.94 31.39
CA ASP PA 141 -18.33 -56.35 31.76
C ASP PA 141 -18.71 -57.63 30.98
N PRO PA 142 -18.91 -58.79 31.63
CA PRO PA 142 -19.11 -60.03 30.91
C PRO PA 142 -20.46 -60.10 30.15
N GLU PA 143 -21.34 -59.13 30.33
CA GLU PA 143 -22.57 -59.00 29.54
C GLU PA 143 -22.35 -58.27 28.21
N VAL PA 144 -21.24 -57.56 28.06
CA VAL PA 144 -20.92 -56.73 26.87
C VAL PA 144 -20.14 -57.55 25.84
N PRO PA 145 -20.39 -57.43 24.54
CA PRO PA 145 -19.58 -58.07 23.52
C PRO PA 145 -18.18 -57.44 23.52
N LEU PA 146 -17.14 -58.27 23.61
CA LEU PA 146 -15.76 -57.84 23.52
C LEU PA 146 -15.44 -57.54 22.04
N ILE PA 147 -15.32 -56.28 21.70
CA ILE PA 147 -15.03 -55.81 20.34
C ILE PA 147 -13.61 -55.30 20.29
N ARG PA 148 -12.81 -55.75 19.32
CA ARG PA 148 -11.40 -55.37 19.17
C ARG PA 148 -11.08 -55.02 17.74
N VAL PA 149 -10.01 -54.28 17.51
CA VAL PA 149 -9.50 -53.94 16.18
C VAL PA 149 -8.05 -54.36 16.08
N GLU PA 150 -7.64 -54.95 14.96
CA GLU PA 150 -6.27 -55.46 14.75
C GLU PA 150 -5.68 -54.94 13.45
N PRO PA 151 -4.38 -54.63 13.42
CA PRO PA 151 -3.71 -54.22 12.20
C PRO PA 151 -3.45 -55.43 11.30
N PRO PA 152 -3.22 -55.23 9.99
CA PRO PA 152 -2.94 -56.31 9.06
C PRO PA 152 -1.55 -56.93 9.28
N THR PA 153 -0.75 -56.36 10.18
CA THR PA 153 0.48 -57.00 10.68
C THR PA 153 0.20 -58.12 11.68
N ALA PA 154 -1.05 -58.37 12.10
CA ALA PA 154 -1.39 -59.40 13.08
C ALA PA 154 -2.69 -60.18 12.79
N LEU PA 155 -3.47 -59.81 11.78
CA LEU PA 155 -4.66 -60.53 11.35
C LEU PA 155 -4.76 -60.47 9.82
N TYR PA 156 -5.06 -61.59 9.17
CA TYR PA 156 -5.28 -61.66 7.73
C TYR PA 156 -6.58 -62.40 7.43
N ALA PA 157 -7.34 -61.96 6.44
CA ALA PA 157 -8.61 -62.55 6.07
C ALA PA 157 -8.73 -62.80 4.57
N GLU PA 158 -9.14 -64.00 4.20
CA GLU PA 158 -9.43 -64.36 2.81
C GLU PA 158 -10.82 -63.89 2.43
N VAL PA 159 -11.01 -63.29 1.25
CA VAL PA 159 -12.29 -62.69 0.83
C VAL PA 159 -12.78 -63.29 -0.49
N ASP PA 160 -14.07 -63.55 -0.60
CA ASP PA 160 -14.67 -63.91 -1.89
C ASP PA 160 -14.65 -62.71 -2.85
N PRO PA 161 -14.02 -62.79 -4.02
CA PRO PA 161 -14.24 -61.77 -5.05
C PRO PA 161 -15.65 -61.89 -5.66
N ARG PA 162 -16.27 -63.07 -5.49
CA ARG PA 162 -17.61 -63.47 -5.96
C ARG PA 162 -18.71 -62.57 -5.37
N THR PA 163 -18.61 -62.29 -4.08
CA THR PA 163 -19.67 -61.69 -3.25
C THR PA 163 -19.16 -60.74 -2.15
N ARG PA 164 -17.83 -60.57 -2.03
CA ARG PA 164 -17.16 -59.63 -1.12
C ARG PA 164 -17.33 -59.93 0.39
N LYS PA 165 -17.84 -61.12 0.75
CA LYS PA 165 -17.85 -61.63 2.13
C LYS PA 165 -16.53 -62.33 2.49
N VAL PA 166 -16.14 -62.31 3.76
CA VAL PA 166 -14.94 -63.03 4.25
C VAL PA 166 -15.19 -64.54 4.28
N LEU PA 167 -14.22 -65.32 3.81
CA LEU PA 167 -14.25 -66.78 3.80
C LEU PA 167 -13.81 -67.39 5.13
N TYR PA 168 -12.61 -67.02 5.57
CA TYR PA 168 -11.99 -67.41 6.82
C TYR PA 168 -10.77 -66.52 7.07
N ALA PA 169 -10.29 -66.48 8.30
CA ALA PA 169 -9.24 -65.54 8.67
C ALA PA 169 -8.36 -66.09 9.79
N ILE PA 170 -7.12 -65.63 9.84
CA ILE PA 170 -6.13 -66.07 10.82
C ILE PA 170 -5.59 -64.86 11.56
N ARG PA 171 -5.54 -64.93 12.89
CA ARG PA 171 -4.85 -63.99 13.75
C ARG PA 171 -3.55 -64.64 14.20
N ALA PA 172 -2.44 -63.92 14.24
CA ALA PA 172 -1.17 -64.47 14.72
C ALA PA 172 -0.46 -63.54 15.70
N ILE PA 173 0.04 -64.09 16.79
CA ILE PA 173 0.71 -63.34 17.85
C ILE PA 173 2.17 -63.78 17.93
N TYR PA 174 3.10 -62.88 17.67
CA TYR PA 174 4.53 -63.12 17.88
C TYR PA 174 4.95 -62.88 19.33
N GLY PA 175 5.97 -63.59 19.80
CA GLY PA 175 6.80 -63.08 20.90
C GLY PA 175 7.43 -61.76 20.44
N ALA PA 176 7.19 -60.66 21.14
CA ALA PA 176 7.20 -59.33 20.54
C ALA PA 176 8.52 -58.94 19.84
N ASP PA 177 9.63 -58.96 20.56
CA ASP PA 177 10.98 -58.80 19.97
C ASP PA 177 11.49 -60.13 19.38
N GLY PA 178 11.03 -61.27 19.93
CA GLY PA 178 11.44 -62.60 19.50
C GLY PA 178 11.12 -62.92 18.03
N ASN PA 179 10.04 -62.35 17.49
CA ASN PA 179 9.60 -62.50 16.10
C ASN PA 179 9.39 -63.97 15.67
N GLU PA 180 8.81 -64.77 16.55
CA GLU PA 180 8.37 -66.15 16.33
C GLU PA 180 6.99 -66.36 16.98
N ILE PA 181 6.07 -67.06 16.30
CA ILE PA 181 4.64 -67.09 16.68
C ILE PA 181 4.42 -67.89 17.97
N VAL PA 182 3.78 -67.26 18.95
CA VAL PA 182 3.43 -67.83 20.26
C VAL PA 182 2.00 -68.35 20.30
N SER PA 183 1.08 -67.74 19.55
CA SER PA 183 -0.29 -68.23 19.43
C SER PA 183 -0.92 -67.79 18.12
N ALA PA 184 -1.86 -68.57 17.60
CA ALA PA 184 -2.61 -68.21 16.41
C ALA PA 184 -4.05 -68.66 16.54
N THR PA 185 -4.98 -67.92 15.94
CA THR PA 185 -6.42 -68.19 16.01
C THR PA 185 -7.00 -68.23 14.61
N LEU PA 186 -7.81 -69.22 14.31
CA LEU PA 186 -8.50 -69.39 13.04
C LEU PA 186 -10.00 -69.16 13.25
N TYR PA 187 -10.58 -68.23 12.49
CA TYR PA 187 -12.01 -67.95 12.51
C TYR PA 187 -12.67 -68.66 11.32
N LEU PA 188 -13.42 -69.72 11.61
CA LEU PA 188 -14.26 -70.41 10.62
C LEU PA 188 -15.65 -69.76 10.59
N PRO PA 189 -16.46 -70.01 9.55
CA PRO PA 189 -17.82 -69.53 9.48
C PRO PA 189 -18.68 -69.81 10.72
N ASP PA 190 -18.47 -70.92 11.45
CA ASP PA 190 -19.31 -71.29 12.59
C ASP PA 190 -18.56 -71.65 13.89
N THR PA 191 -17.23 -71.52 13.92
CA THR PA 191 -16.45 -71.65 15.16
C THR PA 191 -15.12 -70.93 15.09
N THR PA 192 -14.54 -70.61 16.23
CA THR PA 192 -13.22 -70.01 16.35
C THR PA 192 -12.29 -70.96 17.09
N MET PA 193 -11.08 -71.19 16.58
CA MET PA 193 -10.12 -72.13 17.15
C MET PA 193 -8.80 -71.42 17.46
N THR PA 194 -8.12 -71.77 18.54
CA THR PA 194 -6.82 -71.18 18.89
C THR PA 194 -5.81 -72.22 19.28
N TRP PA 195 -4.60 -72.12 18.75
CA TRP PA 195 -3.45 -72.88 19.21
C TRP PA 195 -2.46 -71.97 19.93
N LEU PA 196 -1.61 -72.56 20.75
CA LEU PA 196 -0.48 -71.90 21.41
C LEU PA 196 0.75 -72.76 21.16
N ARG PA 197 1.97 -72.20 21.16
CA ARG PA 197 3.17 -73.04 21.00
C ARG PA 197 4.38 -72.61 21.80
N ALA PA 198 5.11 -73.62 22.24
CA ALA PA 198 6.43 -73.56 22.86
C ALA PA 198 7.20 -74.81 22.43
N GLU PA 199 8.53 -74.77 22.38
CA GLU PA 199 9.36 -75.82 21.75
C GLU PA 199 9.00 -76.06 20.26
N GLY PA 200 8.24 -75.16 19.64
CA GLY PA 200 7.62 -75.33 18.32
C GLY PA 200 6.41 -76.29 18.28
N GLU PA 201 6.07 -76.97 19.37
CA GLU PA 201 4.89 -77.83 19.45
C GLU PA 201 3.61 -76.97 19.56
N TRP PA 202 2.72 -77.02 18.56
CA TRP PA 202 1.36 -76.52 18.72
C TRP PA 202 0.58 -77.37 19.70
N GLU PA 203 0.19 -76.80 20.83
CA GLU PA 203 -0.75 -77.42 21.77
C GLU PA 203 -2.11 -77.70 21.08
N ALA PA 204 -2.90 -78.62 21.62
CA ALA PA 204 -4.19 -78.95 21.03
C ALA PA 204 -5.12 -77.72 20.98
N PRO PA 205 -5.89 -77.51 19.90
CA PRO PA 205 -6.67 -76.30 19.73
C PRO PA 205 -7.82 -76.21 20.72
N THR PA 206 -7.84 -75.15 21.53
CA THR PA 206 -9.07 -74.70 22.19
C THR PA 206 -10.01 -74.09 21.15
N SER PA 207 -11.30 -74.04 21.42
CA SER PA 207 -12.26 -73.50 20.46
C SER PA 207 -13.53 -72.94 21.10
N THR PA 208 -14.30 -72.20 20.32
CA THR PA 208 -15.57 -71.59 20.73
C THR PA 208 -16.49 -71.46 19.51
N PRO PA 209 -17.52 -72.30 19.38
CA PRO PA 209 -18.55 -72.13 18.37
C PRO PA 209 -19.27 -70.79 18.45
N HIS PA 210 -19.92 -70.36 17.37
CA HIS PA 210 -20.82 -69.20 17.35
C HIS PA 210 -21.99 -69.43 16.40
N GLY PA 211 -23.12 -68.77 16.65
CA GLY PA 211 -24.37 -69.06 15.95
C GLY PA 211 -24.54 -68.41 14.57
N LEU PA 212 -23.62 -67.53 14.19
CA LEU PA 212 -23.65 -66.77 12.95
C LEU PA 212 -23.51 -67.67 11.70
N GLU PA 213 -23.99 -67.22 10.55
CA GLU PA 213 -23.49 -67.73 9.26
C GLU PA 213 -22.09 -67.18 8.95
N MET PA 214 -21.73 -66.06 9.59
CA MET PA 214 -20.68 -65.15 9.17
C MET PA 214 -19.42 -65.32 10.01
N VAL PA 215 -18.25 -65.23 9.38
CA VAL PA 215 -16.98 -65.13 10.10
C VAL PA 215 -17.00 -63.87 10.97
N PRO PA 216 -16.64 -63.92 12.26
CA PRO PA 216 -16.76 -62.80 13.17
C PRO PA 216 -15.63 -61.77 13.03
N VAL PA 217 -15.27 -61.43 11.79
CA VAL PA 217 -14.24 -60.45 11.45
C VAL PA 217 -14.73 -59.56 10.32
N ILE PA 218 -14.44 -58.25 10.34
CA ILE PA 218 -14.89 -57.30 9.32
C ILE PA 218 -13.72 -56.42 8.90
N PRO PA 219 -13.45 -56.22 7.60
CA PRO PA 219 -12.38 -55.34 7.18
C PRO PA 219 -12.80 -53.87 7.17
N ILE PA 220 -12.09 -53.01 7.91
CA ILE PA 220 -11.96 -51.60 7.53
C ILE PA 220 -11.09 -51.59 6.28
N SER PA 221 -11.50 -50.91 5.22
CA SER PA 221 -10.74 -50.88 3.99
C SER PA 221 -10.71 -49.48 3.41
N ASN PA 222 -9.52 -48.96 3.11
CA ASN PA 222 -9.36 -47.66 2.48
C ASN PA 222 -9.62 -47.78 0.96
N ARG PA 223 -10.88 -48.00 0.57
CA ARG PA 223 -11.27 -48.08 -0.84
C ARG PA 223 -11.05 -46.73 -1.52
N THR PA 224 -10.33 -46.69 -2.62
CA THR PA 224 -10.21 -45.46 -3.44
C THR PA 224 -11.22 -45.45 -4.59
N ARG PA 225 -11.65 -46.64 -5.00
CA ARG PA 225 -12.45 -46.98 -6.19
C ARG PA 225 -13.22 -48.25 -5.90
N LEU PA 226 -14.28 -48.56 -6.65
CA LEU PA 226 -14.89 -49.89 -6.61
C LEU PA 226 -13.92 -50.97 -7.07
N SER PA 227 -13.04 -50.66 -8.03
CA SER PA 227 -12.06 -51.60 -8.54
C SER PA 227 -10.99 -52.05 -7.53
N ASP PA 228 -10.86 -51.41 -6.37
CA ASP PA 228 -10.07 -51.99 -5.26
C ASP PA 228 -10.84 -53.13 -4.58
N LEU PA 229 -10.24 -54.32 -4.50
CA LEU PA 229 -10.75 -55.40 -3.66
C LEU PA 229 -10.36 -55.17 -2.18
N TYR PA 230 -9.07 -55.05 -1.91
CA TYR PA 230 -8.57 -54.92 -0.54
C TYR PA 230 -8.49 -53.47 -0.05
N GLY PA 231 -8.47 -52.49 -0.96
CA GLY PA 231 -8.09 -51.11 -0.62
C GLY PA 231 -6.57 -50.94 -0.51
N THR PA 232 -6.09 -49.70 -0.43
CA THR PA 232 -4.67 -49.38 -0.60
C THR PA 232 -4.19 -48.32 0.39
N SER PA 233 -2.88 -48.26 0.61
CA SER PA 233 -2.29 -47.21 1.44
C SER PA 233 -2.72 -45.82 0.99
N GLU PA 234 -3.01 -44.93 1.93
CA GLU PA 234 -3.30 -43.54 1.64
C GLU PA 234 -2.04 -42.77 1.24
N ILE PA 235 -0.85 -43.28 1.55
CA ILE PA 235 0.42 -42.67 1.17
C ILE PA 235 0.68 -42.96 -0.31
N SER PA 236 0.03 -42.17 -1.18
CA SER PA 236 -0.06 -42.40 -2.63
C SER PA 236 1.31 -42.39 -3.32
N PRO PA 237 1.46 -43.02 -4.50
CA PRO PA 237 2.74 -43.04 -5.20
C PRO PA 237 3.20 -41.65 -5.65
N GLU PA 238 2.29 -40.71 -5.84
CA GLU PA 238 2.63 -39.30 -6.02
C GLU PA 238 3.31 -38.74 -4.78
N LEU PA 239 2.71 -38.92 -3.60
CA LEU PA 239 3.27 -38.39 -2.36
C LEU PA 239 4.57 -39.09 -1.99
N ARG PA 240 4.72 -40.38 -2.27
CA ARG PA 240 6.01 -41.06 -2.12
C ARG PA 240 7.05 -40.42 -2.99
N SER PA 241 6.76 -40.18 -4.26
CA SER PA 241 7.76 -39.63 -5.18
C SER PA 241 8.27 -38.27 -4.73
N VAL PA 242 7.39 -37.35 -4.35
CA VAL PA 242 7.83 -36.03 -3.85
C VAL PA 242 8.49 -36.13 -2.47
N THR PA 243 8.13 -37.10 -1.63
CA THR PA 243 8.84 -37.35 -0.37
C THR PA 243 10.30 -37.69 -0.63
N ASP PA 244 10.57 -38.60 -1.54
CA ASP PA 244 11.95 -38.99 -1.83
C ASP PA 244 12.70 -37.90 -2.58
N ALA PA 245 12.06 -37.20 -3.51
CA ALA PA 245 12.68 -36.07 -4.17
C ALA PA 245 13.14 -35.01 -3.17
N ALA PA 246 12.31 -34.69 -2.18
CA ALA PA 246 12.71 -33.76 -1.13
C ALA PA 246 13.84 -34.32 -0.27
N ALA PA 247 13.86 -35.62 0.02
CA ALA PA 247 14.93 -36.22 0.81
C ALA PA 247 16.29 -36.14 0.10
N GLN PA 248 16.34 -36.43 -1.19
CA GLN PA 248 17.59 -36.28 -1.94
C GLN PA 248 18.10 -34.85 -1.89
N ILE PA 249 17.23 -33.85 -2.07
CA ILE PA 249 17.69 -32.45 -2.07
C ILE PA 249 18.14 -32.02 -0.69
N LEU PA 250 17.51 -32.50 0.39
CA LEU PA 250 18.06 -32.27 1.74
C LEU PA 250 19.45 -32.87 1.89
N MET PA 251 19.71 -34.09 1.41
CA MET PA 251 21.05 -34.63 1.50
C MET PA 251 22.04 -33.84 0.66
N ASN PA 252 21.73 -33.53 -0.60
CA ASN PA 252 22.66 -32.76 -1.42
C ASN PA 252 22.92 -31.38 -0.83
N MET PA 253 21.92 -30.77 -0.18
CA MET PA 253 22.10 -29.53 0.57
C MET PA 253 23.02 -29.73 1.77
N GLN PA 254 22.66 -30.61 2.71
CA GLN PA 254 23.43 -30.86 3.92
C GLN PA 254 24.87 -31.29 3.62
N GLY PA 255 25.10 -32.06 2.55
CA GLY PA 255 26.43 -32.33 2.04
C GLY PA 255 27.12 -31.06 1.57
N THR PA 256 26.53 -30.30 0.65
CA THR PA 256 27.13 -29.07 0.13
C THR PA 256 27.47 -28.09 1.24
N ALA PA 257 26.62 -27.96 2.26
CA ALA PA 257 26.87 -27.07 3.39
C ALA PA 257 28.04 -27.50 4.28
N ASN PA 258 28.52 -28.73 4.18
CA ASN PA 258 29.74 -29.19 4.83
C ASN PA 258 31.02 -29.03 4.01
N LEU PA 259 30.96 -28.80 2.69
CA LEU PA 259 32.16 -28.72 1.85
C LEU PA 259 32.30 -27.46 1.01
N MET PA 260 31.22 -26.90 0.46
CA MET PA 260 31.30 -25.84 -0.54
C MET PA 260 30.66 -24.52 -0.15
N ALA PA 261 30.04 -24.41 1.02
CA ALA PA 261 29.46 -23.15 1.48
C ALA PA 261 30.52 -22.05 1.67
N ILE PA 262 31.78 -22.44 1.80
CA ILE PA 262 32.96 -21.62 1.98
C ILE PA 262 33.77 -21.59 0.66
N PRO PA 263 34.29 -20.46 0.18
CA PRO PA 263 35.17 -20.46 -0.98
C PRO PA 263 36.47 -21.22 -0.65
N GLN PA 264 37.12 -21.83 -1.63
CA GLN PA 264 38.42 -22.47 -1.42
C GLN PA 264 39.53 -21.58 -1.96
N ARG PA 265 40.52 -21.27 -1.14
CA ARG PA 265 41.60 -20.32 -1.43
C ARG PA 265 42.82 -21.04 -2.01
N LEU PA 266 43.48 -20.46 -3.01
CA LEU PA 266 44.61 -21.04 -3.74
C LEU PA 266 45.74 -20.02 -3.89
N ILE PA 267 46.99 -20.47 -3.90
CA ILE PA 267 48.14 -19.68 -4.31
C ILE PA 267 48.88 -20.44 -5.40
N PHE PA 268 49.27 -19.76 -6.47
CA PHE PA 268 50.06 -20.32 -7.55
C PHE PA 268 51.37 -19.54 -7.73
N GLY PA 269 52.43 -20.23 -8.11
CA GLY PA 269 53.72 -19.61 -8.47
C GLY PA 269 54.65 -19.35 -7.30
N ALA PA 270 54.26 -19.75 -6.09
CA ALA PA 270 55.14 -19.84 -4.95
C ALA PA 270 55.61 -21.28 -4.79
N LYS PA 271 56.92 -21.53 -4.84
CA LYS PA 271 57.49 -22.84 -4.53
C LYS PA 271 57.33 -23.09 -3.02
N PRO PA 272 57.07 -24.32 -2.55
CA PRO PA 272 56.77 -24.55 -1.14
C PRO PA 272 57.90 -24.12 -0.20
N GLU PA 273 59.14 -24.10 -0.67
CA GLU PA 273 60.28 -23.62 0.09
C GLU PA 273 60.37 -22.10 0.20
N GLU PA 274 59.75 -21.33 -0.70
CA GLU PA 274 59.58 -19.88 -0.55
C GLU PA 274 58.59 -19.57 0.59
N LEU PA 275 57.57 -20.41 0.72
CA LEU PA 275 56.54 -20.31 1.77
C LEU PA 275 56.98 -20.93 3.09
N GLY PA 276 57.98 -21.80 3.10
CA GLY PA 276 58.43 -22.51 4.29
C GLY PA 276 57.53 -23.69 4.68
N ILE PA 277 56.82 -24.29 3.73
CA ILE PA 277 55.95 -25.43 3.98
C ILE PA 277 56.77 -26.65 4.36
N ASN PA 278 56.65 -27.08 5.61
CA ASN PA 278 57.39 -28.22 6.15
C ASN PA 278 57.11 -29.51 5.36
N ALA PA 279 58.11 -30.05 4.69
CA ALA PA 279 57.93 -31.15 3.73
C ALA PA 279 57.40 -32.44 4.36
N GLU PA 280 57.67 -32.68 5.65
CA GLU PA 280 57.19 -33.85 6.37
C GLU PA 280 55.67 -33.83 6.61
N THR PA 281 55.06 -32.64 6.62
CA THR PA 281 53.67 -32.44 7.09
C THR PA 281 52.77 -31.69 6.10
N GLY PA 282 53.33 -30.96 5.14
CA GLY PA 282 52.61 -30.41 4.00
C GLY PA 282 51.87 -29.10 4.23
N GLN PA 283 51.89 -28.49 5.43
CA GLN PA 283 51.34 -27.16 5.65
C GLN PA 283 51.99 -26.44 6.85
N ARG PA 284 52.55 -25.24 6.63
CA ARG PA 284 53.04 -24.32 7.66
C ARG PA 284 51.89 -23.60 8.32
N MET PA 285 51.97 -23.34 9.63
CA MET PA 285 50.92 -22.61 10.35
C MET PA 285 50.95 -21.11 10.09
N PHE PA 286 49.91 -20.59 9.43
CA PHE PA 286 49.46 -19.21 9.49
C PHE PA 286 49.09 -18.82 10.94
N ASP PA 287 48.96 -17.53 11.26
CA ASP PA 287 48.33 -17.08 12.53
C ASP PA 287 46.86 -16.70 12.37
N ALA PA 288 46.49 -15.93 11.36
CA ALA PA 288 45.12 -15.49 11.07
C ALA PA 288 44.39 -14.66 12.16
N TYR PA 289 45.08 -14.10 13.16
CA TYR PA 289 44.48 -13.18 14.12
C TYR PA 289 44.19 -11.80 13.49
N MET PA 290 43.10 -11.73 12.74
CA MET PA 290 42.51 -10.53 12.12
C MET PA 290 43.43 -9.80 11.14
N ALA PA 291 43.68 -8.51 11.35
CA ALA PA 291 44.35 -7.65 10.39
C ALA PA 291 45.86 -7.93 10.34
N ARG PA 292 46.24 -8.89 9.50
CA ARG PA 292 47.62 -9.20 9.16
C ARG PA 292 47.75 -9.34 7.67
N ILE PA 293 48.81 -8.80 7.09
CA ILE PA 293 49.05 -8.83 5.65
C ILE PA 293 50.19 -9.83 5.43
N LEU PA 294 49.97 -10.90 4.67
CA LEU PA 294 51.03 -11.86 4.39
C LEU PA 294 51.93 -11.36 3.25
N ALA PA 295 53.24 -11.33 3.45
CA ALA PA 295 54.21 -10.88 2.46
C ALA PA 295 54.81 -12.01 1.58
N PHE PA 296 54.62 -13.27 1.95
CA PHE PA 296 55.48 -14.37 1.50
C PHE PA 296 55.42 -14.60 -0.02
N GLU PA 297 56.60 -14.86 -0.58
CA GLU PA 297 56.96 -14.54 -1.98
C GLU PA 297 56.70 -15.59 -3.07
N GLY PA 298 56.80 -15.13 -4.33
CA GLY PA 298 56.71 -15.95 -5.54
C GLY PA 298 57.36 -15.30 -6.77
N GLY PA 299 57.44 -16.04 -7.87
CA GLY PA 299 57.95 -15.53 -9.14
C GLY PA 299 57.02 -14.51 -9.80
N GLU PA 300 57.41 -13.95 -10.95
CA GLU PA 300 56.59 -12.96 -11.67
C GLU PA 300 55.25 -13.53 -12.17
N GLY PA 301 55.18 -14.84 -12.38
CA GLY PA 301 53.93 -15.55 -12.70
C GLY PA 301 53.05 -15.88 -11.48
N ALA PA 302 53.47 -15.53 -10.26
CA ALA PA 302 52.73 -15.85 -9.05
C ALA PA 302 51.53 -14.93 -8.83
N HIS PA 303 50.44 -15.52 -8.33
CA HIS PA 303 49.21 -14.81 -7.96
C HIS PA 303 48.32 -15.68 -7.07
N ALA PA 304 47.34 -15.05 -6.43
CA ALA PA 304 46.35 -15.70 -5.60
C ALA PA 304 45.02 -15.85 -6.34
N GLU PA 305 44.36 -16.98 -6.17
CA GLU PA 305 43.08 -17.30 -6.82
C GLU PA 305 42.16 -18.02 -5.83
N GLN PA 306 40.86 -18.06 -6.07
CA GLN PA 306 39.96 -18.84 -5.22
C GLN PA 306 38.78 -19.39 -6.01
N PHE PA 307 38.35 -20.59 -5.68
CA PHE PA 307 37.06 -21.10 -6.16
C PHE PA 307 35.95 -20.49 -5.31
N SER PA 308 34.82 -20.09 -5.92
CA SER PA 308 33.71 -19.50 -5.17
C SER PA 308 33.03 -20.51 -4.25
N ALA PA 309 32.25 -20.02 -3.31
CA ALA PA 309 31.27 -20.83 -2.62
C ALA PA 309 30.23 -21.41 -3.60
N ALA PA 310 29.60 -22.51 -3.24
CA ALA PA 310 28.30 -22.89 -3.79
C ALA PA 310 27.23 -21.94 -3.26
N GLU PA 311 26.30 -21.50 -4.11
CA GLU PA 311 25.20 -20.64 -3.70
C GLU PA 311 24.05 -21.50 -3.16
N LEU PA 312 23.91 -21.64 -1.85
CA LEU PA 312 22.96 -22.61 -1.27
C LEU PA 312 21.51 -22.30 -1.62
N ARG PA 313 21.18 -21.03 -1.86
CA ARG PA 313 19.92 -20.57 -2.47
C ARG PA 313 19.54 -21.39 -3.70
N ASN PA 314 20.50 -21.81 -4.51
CA ASN PA 314 20.26 -22.57 -5.73
C ASN PA 314 19.66 -23.96 -5.47
N PHE PA 315 19.74 -24.48 -4.25
CA PHE PA 315 18.98 -25.66 -3.85
C PHE PA 315 17.67 -25.27 -3.19
N VAL PA 316 17.66 -24.21 -2.38
CA VAL PA 316 16.48 -23.86 -1.59
C VAL PA 316 15.29 -23.54 -2.47
N ASP PA 317 15.47 -22.88 -3.61
CA ASP PA 317 14.34 -22.64 -4.51
C ASP PA 317 13.82 -23.92 -5.21
N ALA PA 318 14.57 -25.02 -5.22
CA ALA PA 318 14.01 -26.31 -5.58
C ALA PA 318 13.19 -26.90 -4.43
N LEU PA 319 13.66 -26.82 -3.18
CA LEU PA 319 12.86 -27.29 -2.04
C LEU PA 319 11.54 -26.54 -1.93
N ASP PA 320 11.52 -25.24 -2.17
CA ASP PA 320 10.26 -24.48 -2.21
C ASP PA 320 9.31 -25.03 -3.27
N ALA PA 321 9.81 -25.37 -4.45
CA ALA PA 321 8.97 -25.95 -5.49
C ALA PA 321 8.42 -27.32 -5.06
N LEU PA 322 9.21 -28.17 -4.41
CA LEU PA 322 8.71 -29.46 -3.96
C LEU PA 322 7.69 -29.32 -2.83
N ASP PA 323 7.81 -28.37 -1.92
CA ASP PA 323 6.72 -28.10 -0.98
C ASP PA 323 5.44 -27.73 -1.72
N ARG PA 324 5.50 -26.85 -2.72
CA ARG PA 324 4.32 -26.49 -3.51
C ARG PA 324 3.77 -27.66 -4.32
N LYS PA 325 4.56 -28.68 -4.64
CA LYS PA 325 4.03 -29.96 -5.17
C LYS PA 325 3.31 -30.71 -4.06
N ALA PA 326 3.97 -30.97 -2.94
CA ALA PA 326 3.40 -31.80 -1.88
C ALA PA 326 2.10 -31.22 -1.33
N ALA PA 327 2.01 -29.90 -1.21
CA ALA PA 327 0.80 -29.20 -0.79
C ALA PA 327 -0.38 -29.35 -1.77
N SER PA 328 -0.14 -29.77 -3.01
CA SER PA 328 -1.20 -30.04 -3.98
C SER PA 328 -1.50 -31.53 -4.12
N TYR PA 329 -0.48 -32.38 -4.22
CA TYR PA 329 -0.69 -33.82 -4.36
C TYR PA 329 -1.38 -34.40 -3.13
N SER PA 330 -1.07 -33.88 -1.94
CA SER PA 330 -1.84 -34.12 -0.72
C SER PA 330 -2.97 -33.11 -0.61
N GLY PA 331 -3.99 -33.39 0.18
CA GLY PA 331 -5.11 -32.46 0.35
C GLY PA 331 -4.81 -31.20 1.17
N LEU PA 332 -3.63 -31.10 1.77
CA LEU PA 332 -3.44 -30.29 2.98
C LEU PA 332 -3.61 -28.78 2.79
N PRO PA 333 -4.07 -28.04 3.82
CA PRO PA 333 -4.01 -26.59 3.86
C PRO PA 333 -2.59 -26.11 3.59
N PRO PA 334 -2.39 -25.00 2.85
CA PRO PA 334 -1.05 -24.62 2.40
C PRO PA 334 -0.03 -24.49 3.52
N GLN PA 335 -0.42 -23.94 4.66
CA GLN PA 335 0.48 -23.67 5.78
C GLN PA 335 0.92 -24.90 6.58
N TYR PA 336 0.40 -26.10 6.31
CA TYR PA 336 0.96 -27.30 6.95
C TYR PA 336 2.32 -27.65 6.36
N LEU PA 337 2.51 -27.47 5.05
CA LEU PA 337 3.70 -27.87 4.32
C LEU PA 337 4.46 -26.64 3.84
N SER PA 338 3.85 -25.84 2.96
CA SER PA 338 4.42 -24.59 2.44
C SER PA 338 4.28 -23.49 3.49
N SER PA 339 5.16 -23.53 4.50
CA SER PA 339 5.16 -22.59 5.63
C SER PA 339 5.63 -21.18 5.20
N SER PA 340 4.86 -20.51 4.35
CA SER PA 340 5.29 -19.37 3.54
C SER PA 340 4.15 -18.41 3.20
N SER PA 341 4.16 -17.21 3.79
CA SER PA 341 3.33 -16.03 3.43
C SER PA 341 1.80 -16.19 3.44
N ASP PA 342 1.26 -17.34 3.85
CA ASP PA 342 -0.19 -17.57 3.87
C ASP PA 342 -0.89 -16.82 5.02
N ASN PA 343 -2.13 -16.42 4.80
CA ASN PA 343 -2.86 -15.45 5.62
C ASN PA 343 -4.32 -15.90 5.86
N PRO PA 344 -4.55 -16.96 6.66
CA PRO PA 344 -5.88 -17.53 6.90
C PRO PA 344 -6.71 -16.72 7.89
N ALA PA 345 -6.55 -15.40 7.94
CA ALA PA 345 -6.97 -14.54 9.04
C ALA PA 345 -8.45 -14.07 9.00
N SER PA 346 -9.38 -14.91 8.58
CA SER PA 346 -10.82 -14.68 8.79
C SER PA 346 -11.59 -16.00 8.92
N ALA PA 347 -12.69 -16.05 9.67
CA ALA PA 347 -13.50 -17.27 9.83
C ALA PA 347 -14.02 -17.82 8.50
N GLU PA 348 -14.35 -16.98 7.51
CA GLU PA 348 -14.64 -17.48 6.17
C GLU PA 348 -13.39 -17.99 5.46
N ALA PA 349 -12.26 -17.29 5.59
CA ALA PA 349 -11.03 -17.67 4.90
C ALA PA 349 -10.54 -19.05 5.32
N ILE PA 350 -10.72 -19.37 6.61
CA ILE PA 350 -10.36 -20.68 7.16
C ILE PA 350 -11.15 -21.75 6.42
N LYS PA 351 -12.46 -21.59 6.28
CA LYS PA 351 -13.30 -22.55 5.55
C LYS PA 351 -12.88 -22.73 4.10
N ALA PA 352 -12.29 -21.71 3.47
CA ALA PA 352 -11.74 -21.82 2.12
C ALA PA 352 -10.49 -22.70 2.10
N ALA PA 353 -9.46 -22.31 2.85
CA ALA PA 353 -8.17 -23.01 2.84
C ALA PA 353 -8.27 -24.44 3.36
N GLU PA 354 -9.15 -24.69 4.32
CA GLU PA 354 -9.37 -26.01 4.90
C GLU PA 354 -10.16 -26.95 3.98
N SER PA 355 -10.87 -26.42 3.00
CA SER PA 355 -11.98 -27.12 2.32
C SER PA 355 -11.61 -28.48 1.78
N ARG PA 356 -10.49 -28.62 1.08
CA ARG PA 356 -10.13 -29.88 0.41
C ARG PA 356 -9.75 -30.97 1.40
N LEU PA 357 -9.17 -30.63 2.54
CA LEU PA 357 -8.94 -31.60 3.61
C LEU PA 357 -10.23 -31.95 4.35
N VAL PA 358 -11.06 -30.97 4.70
CA VAL PA 358 -12.34 -31.22 5.38
C VAL PA 358 -13.21 -32.17 4.59
N LYS PA 359 -13.26 -31.99 3.27
CA LYS PA 359 -14.03 -32.82 2.36
C LYS PA 359 -13.43 -34.21 2.18
N LYS PA 360 -12.10 -34.38 2.20
CA LYS PA 360 -11.50 -35.73 2.18
C LYS PA 360 -11.89 -36.51 3.42
N VAL PA 361 -11.80 -35.91 4.59
CA VAL PA 361 -12.18 -36.60 5.84
C VAL PA 361 -13.64 -36.98 5.83
N GLU PA 362 -14.52 -36.08 5.37
CA GLU PA 362 -15.94 -36.39 5.20
C GLU PA 362 -16.18 -37.60 4.29
N ARG PA 363 -15.41 -37.80 3.20
CA ARG PA 363 -15.51 -39.06 2.45
C ARG PA 363 -14.98 -40.24 3.25
N LYS PA 364 -13.83 -40.14 3.91
CA LYS PA 364 -13.32 -41.28 4.69
C LYS PA 364 -14.32 -41.71 5.77
N ASN PA 365 -15.01 -40.76 6.40
CA ASN PA 365 -16.01 -41.07 7.40
C ASN PA 365 -17.09 -42.01 6.86
N LYS PA 366 -17.56 -41.81 5.62
CA LYS PA 366 -18.53 -42.73 5.01
C LYS PA 366 -17.94 -44.12 4.86
N ILE PA 367 -16.75 -44.21 4.27
CA ILE PA 367 -16.07 -45.49 4.00
C ILE PA 367 -15.87 -46.31 5.27
N PHE PA 368 -15.36 -45.71 6.35
CA PHE PA 368 -15.19 -46.40 7.63
C PHE PA 368 -16.51 -46.63 8.34
N GLY PA 369 -17.48 -45.73 8.20
CA GLY PA 369 -18.82 -45.90 8.75
C GLY PA 369 -19.50 -47.16 8.27
N GLY PA 370 -19.37 -47.50 6.98
CA GLY PA 370 -19.92 -48.74 6.43
C GLY PA 370 -19.38 -50.00 7.11
N ALA PA 371 -18.12 -50.01 7.55
CA ALA PA 371 -17.56 -51.14 8.28
C ALA PA 371 -18.08 -51.17 9.73
N TRP PA 372 -18.05 -50.04 10.43
CA TRP PA 372 -18.50 -50.00 11.83
C TRP PA 372 -19.97 -50.35 11.98
N GLU PA 373 -20.82 -49.86 11.09
CA GLU PA 373 -22.21 -50.25 11.00
C GLU PA 373 -22.36 -51.77 10.96
N GLN PA 374 -21.66 -52.43 10.05
CA GLN PA 374 -21.75 -53.88 9.92
C GLN PA 374 -21.25 -54.57 11.18
N ALA PA 375 -20.16 -54.11 11.77
CA ALA PA 375 -19.62 -54.71 13.00
C ALA PA 375 -20.63 -54.67 14.15
N MET PA 376 -21.36 -53.57 14.33
CA MET PA 376 -22.39 -53.52 15.36
C MET PA 376 -23.57 -54.45 15.07
N ARG PA 377 -23.91 -54.69 13.80
CA ARG PA 377 -24.90 -55.73 13.48
C ARG PA 377 -24.43 -57.10 13.93
N LEU PA 378 -23.18 -57.49 13.66
CA LEU PA 378 -22.67 -58.75 14.17
C LEU PA 378 -22.74 -58.78 15.70
N ALA PA 379 -22.34 -57.71 16.37
CA ALA PA 379 -22.37 -57.68 17.83
C ALA PA 379 -23.78 -57.96 18.35
N TYR PA 380 -24.80 -57.31 17.80
CA TYR PA 380 -26.17 -57.57 18.23
C TYR PA 380 -26.59 -59.00 17.94
N LYS PA 381 -26.34 -59.48 16.73
CA LYS PA 381 -26.72 -60.82 16.28
C LYS PA 381 -26.07 -61.90 17.15
N MET PA 382 -24.89 -61.63 17.68
CA MET PA 382 -24.22 -62.50 18.63
C MET PA 382 -24.83 -62.41 20.03
N VAL PA 383 -24.95 -61.22 20.61
CA VAL PA 383 -25.34 -61.04 22.02
C VAL PA 383 -26.81 -61.41 22.24
N LYS PA 384 -27.70 -60.84 21.43
CA LYS PA 384 -29.14 -61.04 21.54
C LYS PA 384 -29.59 -62.34 20.86
N GLY PA 385 -28.74 -62.95 20.04
CA GLY PA 385 -28.89 -64.30 19.48
C GLY PA 385 -29.89 -64.46 18.34
N GLY PA 386 -30.97 -63.68 18.33
CA GLY PA 386 -32.01 -63.75 17.31
C GLY PA 386 -31.56 -63.17 15.96
N ASP PA 387 -32.40 -63.35 14.94
CA ASP PA 387 -32.28 -62.65 13.68
C ASP PA 387 -32.38 -61.14 13.89
N ILE PA 388 -31.61 -60.37 13.12
CA ILE PA 388 -31.49 -58.92 13.33
C ILE PA 388 -32.84 -58.24 13.11
N PRO PA 389 -33.34 -57.44 14.08
CA PRO PA 389 -34.49 -56.58 13.87
C PRO PA 389 -34.27 -55.69 12.65
N THR PA 390 -35.20 -55.68 11.70
CA THR PA 390 -34.96 -55.16 10.36
C THR PA 390 -34.67 -53.66 10.30
N GLU PA 391 -34.92 -52.92 11.37
CA GLU PA 391 -34.50 -51.54 11.54
C GLU PA 391 -32.97 -51.39 11.40
N TYR PA 392 -32.18 -52.33 11.90
CA TYR PA 392 -30.73 -52.23 11.92
C TYR PA 392 -30.08 -52.29 10.53
N TYR PA 393 -30.78 -52.69 9.47
CA TYR PA 393 -30.25 -52.54 8.12
C TYR PA 393 -30.22 -51.08 7.64
N ARG PA 394 -31.07 -50.21 8.20
CA ARG PA 394 -31.23 -48.82 7.73
C ARG PA 394 -30.27 -47.83 8.37
N MET PA 395 -29.55 -48.21 9.42
CA MET PA 395 -28.85 -47.25 10.27
C MET PA 395 -27.70 -46.54 9.57
N GLU PA 396 -27.30 -45.38 10.10
CA GLU PA 396 -26.00 -44.78 9.81
C GLU PA 396 -25.21 -44.53 11.09
N THR PA 397 -23.89 -44.65 11.01
CA THR PA 397 -23.00 -43.98 11.96
C THR PA 397 -23.09 -42.47 11.77
N VAL PA 398 -23.06 -41.69 12.84
CA VAL PA 398 -22.97 -40.22 12.75
C VAL PA 398 -21.62 -39.74 13.27
N TRP PA 399 -20.96 -38.84 12.55
CA TRP PA 399 -19.58 -38.44 12.81
C TRP PA 399 -19.46 -36.96 13.15
N ARG PA 400 -18.48 -36.62 13.98
CA ARG PA 400 -18.04 -35.25 14.27
C ARG PA 400 -17.77 -34.46 12.99
N ASP PA 401 -18.16 -33.18 12.94
CA ASP PA 401 -17.75 -32.26 11.88
C ASP PA 401 -16.21 -32.07 11.89
N PRO PA 402 -15.48 -32.41 10.82
CA PRO PA 402 -14.03 -32.41 10.83
C PRO PA 402 -13.40 -31.03 10.70
N SER PA 403 -14.16 -29.96 10.50
CA SER PA 403 -13.62 -28.61 10.37
C SER PA 403 -13.23 -27.98 11.72
N THR PA 404 -12.48 -26.88 11.71
CA THR PA 404 -12.17 -26.11 12.93
C THR PA 404 -13.46 -25.60 13.60
N PRO PA 405 -13.63 -25.72 14.93
CA PRO PA 405 -14.80 -25.21 15.62
C PRO PA 405 -14.74 -23.68 15.79
N THR PA 406 -15.17 -22.94 14.77
CA THR PA 406 -15.23 -21.46 14.78
C THR PA 406 -16.41 -20.95 15.61
N TYR PA 407 -16.43 -21.27 16.91
CA TYR PA 407 -17.60 -21.18 17.77
C TYR PA 407 -18.30 -19.82 17.80
N ALA PA 408 -17.58 -18.71 17.80
CA ALA PA 408 -18.22 -17.39 17.83
C ALA PA 408 -19.10 -17.15 16.59
N ALA PA 409 -18.62 -17.55 15.41
CA ALA PA 409 -19.38 -17.44 14.17
C ALA PA 409 -20.57 -18.41 14.11
N LYS PA 410 -20.45 -19.58 14.75
CA LYS PA 410 -21.57 -20.53 14.88
C LYS PA 410 -22.66 -19.97 15.79
N ALA PA 411 -22.28 -19.38 16.91
CA ALA PA 411 -23.21 -18.87 17.90
C ALA PA 411 -24.01 -17.67 17.42
N ASP PA 412 -23.35 -16.65 16.85
CA ASP PA 412 -24.07 -15.48 16.36
C ASP PA 412 -25.07 -15.86 15.26
N ALA PA 413 -24.69 -16.78 14.38
CA ALA PA 413 -25.58 -17.29 13.35
C ALA PA 413 -26.76 -18.05 13.95
N ALA PA 414 -26.54 -19.04 14.80
CA ALA PA 414 -27.62 -19.84 15.37
C ALA PA 414 -28.59 -18.99 16.21
N ALA PA 415 -28.11 -17.99 16.95
CA ALA PA 415 -28.99 -17.10 17.70
C ALA PA 415 -29.95 -16.34 16.79
N LYS PA 416 -29.51 -15.87 15.62
CA LYS PA 416 -30.36 -15.18 14.65
C LYS PA 416 -31.45 -16.09 14.09
N LEU PA 417 -31.18 -17.39 13.90
CA LEU PA 417 -32.19 -18.34 13.41
C LEU PA 417 -33.24 -18.66 14.47
N PHE PA 418 -32.84 -18.86 15.71
CA PHE PA 418 -33.78 -19.22 16.77
C PHE PA 418 -34.64 -18.05 17.25
N ALA PA 419 -34.09 -16.83 17.28
CA ALA PA 419 -34.78 -15.59 17.65
C ALA PA 419 -35.64 -15.71 18.94
N ASN PA 420 -35.05 -16.30 20.00
CA ASN PA 420 -35.68 -16.57 21.29
C ASN PA 420 -37.01 -17.35 21.17
N GLY PA 421 -37.06 -18.33 20.27
CA GLY PA 421 -38.20 -19.24 20.06
C GLY PA 421 -39.21 -18.77 19.03
N ALA PA 422 -39.21 -17.48 18.67
CA ALA PA 422 -40.08 -16.95 17.63
C ALA PA 422 -39.60 -17.28 16.19
N GLY PA 423 -38.38 -17.79 16.06
CA GLY PA 423 -37.65 -17.87 14.80
C GLY PA 423 -37.95 -19.06 13.91
N LEU PA 424 -37.03 -19.30 13.00
CA LEU PA 424 -37.14 -20.22 11.87
C LEU PA 424 -36.88 -21.68 12.27
N ILE PA 425 -36.09 -21.91 13.30
CA ILE PA 425 -35.56 -23.22 13.69
C ILE PA 425 -36.14 -23.67 15.04
N PRO PA 426 -36.63 -24.91 15.17
CA PRO PA 426 -36.98 -25.46 16.47
C PRO PA 426 -35.72 -25.76 17.25
N ARG PA 427 -35.77 -25.65 18.59
CA ARG PA 427 -34.57 -25.57 19.43
C ARG PA 427 -33.54 -26.65 19.13
N GLU PA 428 -33.96 -27.88 18.87
CA GLU PA 428 -33.06 -28.98 18.60
C GLU PA 428 -32.12 -28.74 17.41
N ARG PA 429 -32.57 -28.24 16.25
CA ARG PA 429 -31.61 -28.00 15.15
C ARG PA 429 -30.65 -26.88 15.50
N GLY PA 430 -31.00 -25.99 16.42
CA GLY PA 430 -30.04 -25.05 16.97
C GLY PA 430 -28.89 -25.77 17.69
N TRP PA 431 -29.16 -26.87 18.42
CA TRP PA 431 -28.08 -27.65 18.99
C TRP PA 431 -27.22 -28.31 17.92
N VAL PA 432 -27.85 -28.95 16.94
CA VAL PA 432 -27.12 -29.72 15.93
C VAL PA 432 -26.28 -28.80 15.06
N ASP PA 433 -26.74 -27.60 14.74
CA ASP PA 433 -25.93 -26.60 14.06
C ASP PA 433 -24.79 -26.08 14.94
N MET PA 434 -24.98 -25.94 16.25
CA MET PA 434 -23.88 -25.69 17.19
C MET PA 434 -22.95 -26.89 17.37
N GLY PA 435 -23.33 -28.07 16.89
CA GLY PA 435 -22.48 -29.25 16.85
C GLY PA 435 -22.37 -30.02 18.16
N TYR PA 436 -23.28 -29.84 19.12
CA TYR PA 436 -23.27 -30.65 20.34
C TYR PA 436 -23.59 -32.13 20.02
N THR PA 437 -22.83 -33.07 20.58
CA THR PA 437 -22.88 -34.49 20.20
C THR PA 437 -24.15 -35.19 20.69
N ILE PA 438 -24.60 -36.23 19.99
CA ILE PA 438 -25.81 -37.01 20.35
C ILE PA 438 -25.78 -37.47 21.80
N VAL PA 439 -24.60 -37.87 22.28
CA VAL PA 439 -24.37 -38.30 23.68
C VAL PA 439 -24.64 -37.17 24.65
N GLU PA 440 -24.23 -35.96 24.30
CA GLU PA 440 -24.32 -34.80 25.15
C GLU PA 440 -25.69 -34.15 25.13
N ARG PA 441 -26.36 -34.10 23.97
CA ARG PA 441 -27.68 -33.46 23.87
C ARG PA 441 -28.77 -34.14 24.68
N GLU PA 442 -28.53 -35.34 25.18
CA GLU PA 442 -29.39 -35.98 26.15
C GLU PA 442 -29.26 -35.34 27.54
N GLN PA 443 -28.10 -34.81 27.91
CA GLN PA 443 -27.94 -34.00 29.12
C GLN PA 443 -28.63 -32.66 28.98
N MET PA 444 -28.53 -32.02 27.83
CA MET PA 444 -29.25 -30.77 27.62
C MET PA 444 -30.76 -30.95 27.69
N ARG PA 445 -31.29 -32.16 27.46
CA ARG PA 445 -32.68 -32.46 27.80
C ARG PA 445 -32.95 -32.21 29.27
N GLN PA 446 -32.10 -32.74 30.14
CA GLN PA 446 -32.22 -32.60 31.58
C GLN PA 446 -32.05 -31.13 32.00
N TRP PA 447 -31.00 -30.46 31.55
CA TRP PA 447 -30.70 -29.10 32.00
C TRP PA 447 -31.73 -28.09 31.51
N LEU PA 448 -32.30 -28.30 30.33
CA LEU PA 448 -33.38 -27.46 29.85
C LEU PA 448 -34.61 -27.68 30.74
N GLU PA 449 -34.96 -28.92 31.03
CA GLU PA 449 -36.09 -29.23 31.92
C GLU PA 449 -35.91 -28.66 33.33
N GLN PA 450 -34.69 -28.73 33.89
CA GLN PA 450 -34.33 -28.14 35.17
C GLN PA 450 -34.48 -26.61 35.17
N ASP PA 451 -34.19 -25.95 34.06
CA ASP PA 451 -34.35 -24.50 33.93
C ASP PA 451 -35.81 -24.08 33.79
N GLN PA 452 -36.67 -24.90 33.17
CA GLN PA 452 -38.11 -24.58 33.04
C GLN PA 452 -38.81 -24.44 34.40
N LYS PA 453 -38.31 -25.11 35.45
CA LYS PA 453 -38.80 -24.96 36.83
C LYS PA 453 -38.39 -23.63 37.47
N GLN PA 454 -37.35 -22.97 36.98
CA GLN PA 454 -36.88 -21.68 37.52
C GLN PA 454 -37.58 -20.49 36.84
N GLY PA 455 -37.69 -20.52 35.51
CA GLY PA 455 -38.34 -19.50 34.68
C GLY PA 455 -37.41 -18.43 34.13
#